data_2KR0
#
_entry.id   2KR0
#
_entity_poly.entity_id   1
_entity_poly.type   'polypeptide(L)'
_entity_poly.pdbx_seq_one_letter_code
;GPGSMTTSGALFPSLVPGSRGASNKYLVEFRAGKMSLKGTTVTPDKRKGLVYIQQTDDSLIHFCWKDRTSGNVEDDLIIF
PDDCEFKRVPQCPSGRVYVLKFKAGSKRLFFWMQEPKTDQDEEHCRKVNEYLNNPPMPGALGASGSSGHELSALGGEGGL
QSLLGNMSHSQLMQLIGPAGLGGLGGLGALTGPGLASLLGSSGPPGSSSSSSSRSQSAAVTPSSTTSSTRATPAPSAPAA
ASATSPSPAPSSGNGASTAASPTQPIQLSDLQSILATMNVPAGPAGGQQVDLASVLTPEIMAPILANADVQERLLPYLPS
GESLPQTADEIQNTLTSPQFQQALGMFSAALASGQLGPLMCQFGLPAEAVEAANKGDVEAFAKAMQNNAKPEQKEGDTKD
KKDEEEDMSLD
;
_entity_poly.pdbx_strand_id   A
#
# COMPACT_ATOMS: atom_id res chain seq x y z
N MET A 5 57.84 41.90 24.58
CA MET A 5 56.99 42.35 23.47
C MET A 5 57.15 41.40 22.27
N THR A 6 56.14 41.33 21.39
CA THR A 6 56.15 40.58 20.13
C THR A 6 55.55 41.41 18.98
N THR A 7 54.52 42.20 19.25
CA THR A 7 53.83 43.09 18.34
C THR A 7 53.19 44.26 19.13
N SER A 8 52.26 44.98 18.51
CA SER A 8 51.46 46.07 19.07
C SER A 8 50.28 45.50 19.89
N GLY A 9 49.43 46.39 20.39
CA GLY A 9 48.17 46.09 21.09
C GLY A 9 46.95 46.53 20.27
N ALA A 10 47.16 47.19 19.12
CA ALA A 10 46.13 47.58 18.15
C ALA A 10 45.84 46.40 17.20
N LEU A 11 45.44 45.26 17.76
CA LEU A 11 45.15 44.02 17.04
C LEU A 11 43.70 44.04 16.54
N PHE A 12 43.50 43.60 15.30
CA PHE A 12 42.23 43.51 14.59
C PHE A 12 42.05 42.17 13.83
N PRO A 13 43.03 41.64 13.06
CA PRO A 13 42.86 40.40 12.30
C PRO A 13 43.01 39.13 13.18
N SER A 14 42.14 39.01 14.19
CA SER A 14 42.01 37.88 15.11
C SER A 14 40.51 37.55 15.36
N LEU A 15 39.61 38.21 14.62
CA LEU A 15 38.18 37.94 14.54
C LEU A 15 37.95 37.41 13.11
N VAL A 16 37.29 36.26 12.99
CA VAL A 16 37.17 35.49 11.74
C VAL A 16 36.14 36.12 10.76
N PRO A 17 36.36 36.02 9.43
CA PRO A 17 35.37 36.41 8.41
C PRO A 17 34.25 35.36 8.25
N GLY A 18 33.26 35.67 7.41
CA GLY A 18 32.12 34.81 7.08
C GLY A 18 32.16 34.40 5.61
N SER A 19 30.99 34.17 5.01
CA SER A 19 30.82 33.76 3.62
C SER A 19 29.52 34.38 3.08
N ARG A 20 28.63 33.62 2.44
CA ARG A 20 27.34 34.01 1.84
C ARG A 20 27.48 34.54 0.40
N GLY A 21 28.60 34.22 -0.27
CA GLY A 21 28.94 34.62 -1.63
C GLY A 21 28.97 33.38 -2.53
N ALA A 22 27.79 32.73 -2.65
CA ALA A 22 27.51 31.50 -3.41
C ALA A 22 27.78 30.20 -2.63
N SER A 23 28.03 30.30 -1.33
CA SER A 23 28.29 29.19 -0.41
C SER A 23 26.94 28.68 0.17
N ASN A 24 26.19 27.93 -0.64
CA ASN A 24 24.91 27.30 -0.28
C ASN A 24 25.13 26.08 0.65
N LYS A 25 24.21 25.86 1.59
CA LYS A 25 24.24 24.75 2.54
C LYS A 25 23.60 23.48 1.95
N TYR A 26 22.49 23.63 1.22
CA TYR A 26 21.61 22.55 0.79
C TYR A 26 21.62 22.46 -0.74
N LEU A 27 21.26 21.27 -1.26
CA LEU A 27 21.07 21.00 -2.68
C LEU A 27 19.60 21.30 -3.06
N VAL A 28 18.65 20.92 -2.21
CA VAL A 28 17.20 21.13 -2.34
C VAL A 28 16.65 21.45 -0.94
N GLU A 29 15.64 22.31 -0.85
CA GLU A 29 14.87 22.62 0.35
C GLU A 29 13.43 23.02 -0.06
N PHE A 30 12.41 22.48 0.62
CA PHE A 30 10.99 22.76 0.37
C PHE A 30 10.13 22.45 1.60
N ARG A 31 8.99 23.16 1.74
CA ARG A 31 8.03 22.97 2.83
C ARG A 31 7.14 21.76 2.50
N ALA A 32 7.21 20.73 3.33
CA ALA A 32 6.42 19.51 3.25
C ALA A 32 6.35 18.86 4.63
N GLY A 33 5.26 18.10 4.86
CA GLY A 33 5.03 17.26 6.02
C GLY A 33 5.01 15.81 5.56
N LYS A 34 4.71 14.88 6.49
CA LYS A 34 4.72 13.44 6.26
C LYS A 34 3.59 12.73 7.02
N MET A 35 3.41 11.45 6.72
CA MET A 35 2.47 10.54 7.36
C MET A 35 3.26 9.51 8.18
N SER A 36 2.66 9.01 9.24
CA SER A 36 3.25 8.07 10.18
C SER A 36 2.17 7.11 10.71
N LEU A 37 2.59 5.94 11.17
CA LEU A 37 1.77 4.94 11.84
C LEU A 37 1.49 5.43 13.28
N LYS A 38 0.21 5.49 13.66
CA LYS A 38 -0.29 5.80 15.00
C LYS A 38 -0.72 4.47 15.68
N GLY A 39 -0.12 3.37 15.25
CA GLY A 39 -0.52 1.98 15.44
C GLY A 39 -0.79 1.42 14.04
N THR A 40 -1.79 0.55 13.88
CA THR A 40 -2.23 -0.04 12.60
C THR A 40 -2.78 1.04 11.62
N THR A 41 -3.29 2.15 12.16
CA THR A 41 -3.81 3.29 11.43
C THR A 41 -2.63 4.21 11.06
N VAL A 42 -2.57 4.64 9.79
CA VAL A 42 -1.66 5.67 9.30
C VAL A 42 -2.39 7.02 9.41
N THR A 43 -1.70 8.06 9.87
CA THR A 43 -2.21 9.41 10.13
C THR A 43 -1.18 10.44 9.60
N PRO A 44 -1.61 11.61 9.07
CA PRO A 44 -0.70 12.72 8.75
C PRO A 44 -0.20 13.40 10.04
N ASP A 45 1.10 13.71 10.11
CA ASP A 45 1.70 14.47 11.21
C ASP A 45 1.55 15.95 10.84
N LYS A 46 0.43 16.55 11.27
CA LYS A 46 -0.05 17.90 10.94
C LYS A 46 0.73 19.02 11.67
N ARG A 47 2.06 18.92 11.66
CA ARG A 47 3.01 19.98 11.98
C ARG A 47 3.40 20.68 10.67
N LYS A 48 3.90 21.91 10.76
CA LYS A 48 4.61 22.58 9.69
C LYS A 48 6.03 21.95 9.65
N GLY A 49 6.47 21.49 8.48
CA GLY A 49 7.75 20.82 8.28
C GLY A 49 8.56 21.43 7.13
N LEU A 50 9.79 20.95 6.97
CA LEU A 50 10.68 21.22 5.85
C LEU A 50 11.39 19.91 5.49
N VAL A 51 11.39 19.53 4.21
CA VAL A 51 12.28 18.53 3.64
C VAL A 51 13.49 19.32 3.10
N TYR A 52 14.70 18.79 3.29
CA TYR A 52 15.91 19.29 2.66
C TYR A 52 16.83 18.13 2.25
N ILE A 53 17.65 18.38 1.23
CA ILE A 53 18.60 17.45 0.66
C ILE A 53 19.96 18.16 0.67
N GLN A 54 21.01 17.45 1.09
CA GLN A 54 22.39 17.90 1.26
C GLN A 54 23.32 16.79 0.74
N GLN A 55 24.60 17.10 0.52
CA GLN A 55 25.62 16.13 0.11
C GLN A 55 26.46 15.76 1.36
N THR A 56 26.84 14.49 1.52
CA THR A 56 27.81 14.04 2.51
C THR A 56 29.25 14.36 2.02
N ASP A 57 30.23 14.30 2.92
CA ASP A 57 31.66 14.45 2.60
C ASP A 57 32.20 13.21 1.83
N ASP A 58 31.48 12.09 1.86
CA ASP A 58 31.76 10.87 1.10
C ASP A 58 31.14 10.94 -0.32
N SER A 59 30.32 11.98 -0.59
CA SER A 59 29.74 12.39 -1.87
C SER A 59 28.39 11.71 -2.21
N LEU A 60 27.70 11.17 -1.20
CA LEU A 60 26.36 10.60 -1.29
C LEU A 60 25.33 11.69 -0.94
N ILE A 61 24.05 11.39 -1.17
CA ILE A 61 22.92 12.29 -0.93
C ILE A 61 22.44 12.06 0.51
N HIS A 62 22.42 13.11 1.34
CA HIS A 62 21.85 13.13 2.68
C HIS A 62 20.47 13.78 2.55
N PHE A 63 19.42 13.01 2.84
CA PHE A 63 18.02 13.44 2.81
C PHE A 63 17.62 13.67 4.28
N CYS A 64 16.86 14.73 4.57
CA CYS A 64 16.45 15.11 5.92
C CYS A 64 15.04 15.74 5.91
N TRP A 65 14.25 15.47 6.96
CA TRP A 65 13.01 16.17 7.30
C TRP A 65 13.19 16.78 8.70
N LYS A 66 12.76 18.03 8.85
CA LYS A 66 12.79 18.78 10.09
C LYS A 66 11.43 19.45 10.36
N ASP A 67 11.19 19.73 11.63
CA ASP A 67 10.03 20.41 12.19
C ASP A 67 10.18 21.94 12.02
N ARG A 68 9.06 22.67 12.04
CA ARG A 68 8.96 24.13 12.11
C ARG A 68 8.01 24.61 13.23
N THR A 69 7.60 23.74 14.18
CA THR A 69 6.84 24.12 15.37
C THR A 69 7.83 24.72 16.40
N SER A 70 9.02 24.10 16.54
CA SER A 70 10.11 24.51 17.41
C SER A 70 11.42 24.62 16.62
N GLY A 71 11.59 23.82 15.56
CA GLY A 71 12.68 23.92 14.59
C GLY A 71 13.60 22.70 14.59
N ASN A 72 13.20 21.60 15.25
CA ASN A 72 14.04 20.42 15.50
C ASN A 72 14.21 19.58 14.23
N VAL A 73 15.38 18.92 14.09
CA VAL A 73 15.57 17.81 13.17
C VAL A 73 14.81 16.58 13.72
N GLU A 74 14.10 15.84 12.84
CA GLU A 74 13.19 14.77 13.22
C GLU A 74 13.57 13.44 12.55
N ASP A 75 13.97 13.44 11.27
CA ASP A 75 14.42 12.24 10.54
C ASP A 75 15.47 12.61 9.50
N ASP A 76 16.50 11.77 9.32
CA ASP A 76 17.58 11.95 8.36
C ASP A 76 18.12 10.58 7.94
N LEU A 77 18.47 10.43 6.65
CA LEU A 77 18.98 9.22 6.01
C LEU A 77 19.99 9.63 4.92
N ILE A 78 21.09 8.89 4.80
CA ILE A 78 22.01 8.97 3.66
C ILE A 78 21.53 7.91 2.66
N ILE A 79 21.29 8.34 1.42
CA ILE A 79 20.71 7.58 0.33
C ILE A 79 21.81 7.39 -0.73
N PHE A 80 21.94 6.17 -1.23
CA PHE A 80 22.88 5.81 -2.30
C PHE A 80 22.23 6.09 -3.67
N PRO A 81 23.02 6.38 -4.74
CA PRO A 81 22.53 6.58 -6.12
C PRO A 81 21.58 5.47 -6.62
N ASP A 82 20.39 5.86 -7.07
CA ASP A 82 19.32 5.03 -7.64
C ASP A 82 18.50 4.24 -6.60
N ASP A 83 18.85 4.33 -5.31
CA ASP A 83 18.30 3.49 -4.24
C ASP A 83 16.85 3.88 -3.86
N CYS A 84 16.48 5.14 -4.10
CA CYS A 84 15.15 5.70 -3.92
C CYS A 84 14.64 6.34 -5.22
N GLU A 85 13.32 6.49 -5.32
CA GLU A 85 12.60 7.22 -6.36
C GLU A 85 11.45 8.00 -5.68
N PHE A 86 11.32 9.29 -6.02
CA PHE A 86 10.31 10.20 -5.50
C PHE A 86 9.26 10.43 -6.60
N LYS A 87 7.97 10.24 -6.28
CA LYS A 87 6.86 10.34 -7.22
C LYS A 87 5.60 10.89 -6.51
N ARG A 88 4.71 11.53 -7.27
CA ARG A 88 3.42 12.05 -6.81
C ARG A 88 2.41 10.89 -6.73
N VAL A 89 1.55 10.88 -5.71
CA VAL A 89 0.52 9.85 -5.52
C VAL A 89 -0.67 10.18 -6.45
N PRO A 90 -1.09 9.27 -7.36
CA PRO A 90 -2.17 9.53 -8.32
C PRO A 90 -3.58 9.44 -7.71
N GLN A 91 -3.74 8.83 -6.53
CA GLN A 91 -5.00 8.71 -5.79
C GLN A 91 -5.34 10.00 -5.00
N CYS A 92 -4.44 10.99 -5.00
CA CYS A 92 -4.62 12.28 -4.34
C CYS A 92 -5.54 13.17 -5.21
N PRO A 93 -6.56 13.86 -4.64
CA PRO A 93 -7.45 14.73 -5.41
C PRO A 93 -6.81 16.08 -5.78
N SER A 94 -5.96 16.65 -4.92
CA SER A 94 -5.28 17.93 -5.16
C SER A 94 -3.97 17.72 -5.95
N GLY A 95 -3.19 16.71 -5.56
CA GLY A 95 -1.89 16.35 -6.11
C GLY A 95 -0.76 16.57 -5.10
N ARG A 96 -1.03 17.16 -3.93
CA ARG A 96 -0.02 17.60 -2.97
C ARG A 96 0.65 16.43 -2.20
N VAL A 97 0.05 15.23 -2.17
CA VAL A 97 0.63 14.05 -1.53
C VAL A 97 1.62 13.37 -2.49
N TYR A 98 2.78 13.00 -1.96
CA TYR A 98 3.95 12.45 -2.61
C TYR A 98 4.43 11.20 -1.86
N VAL A 99 5.25 10.38 -2.50
CA VAL A 99 5.84 9.17 -1.92
C VAL A 99 7.31 9.05 -2.38
N LEU A 100 8.21 8.84 -1.41
CA LEU A 100 9.59 8.40 -1.62
C LEU A 100 9.56 6.89 -1.40
N LYS A 101 9.72 6.12 -2.49
CA LYS A 101 9.81 4.67 -2.48
C LYS A 101 11.29 4.31 -2.45
N PHE A 102 11.70 3.44 -1.52
CA PHE A 102 13.02 2.85 -1.41
C PHE A 102 12.95 1.53 -2.17
N LYS A 103 13.82 1.33 -3.18
CA LYS A 103 13.79 0.18 -4.07
C LYS A 103 14.38 -1.07 -3.38
N ALA A 104 15.38 -0.89 -2.51
CA ALA A 104 15.86 -1.92 -1.59
C ALA A 104 15.11 -1.74 -0.26
N GLY A 105 14.42 -2.80 0.19
CA GLY A 105 13.75 -2.88 1.49
C GLY A 105 12.23 -2.83 1.35
N SER A 106 11.73 -2.10 0.35
CA SER A 106 10.33 -1.91 -0.07
C SER A 106 9.57 -0.83 0.74
N LYS A 107 10.32 -0.08 1.57
CA LYS A 107 9.86 1.04 2.38
C LYS A 107 9.32 2.17 1.50
N ARG A 108 8.22 2.79 1.94
CA ARG A 108 7.56 3.92 1.31
C ARG A 108 7.30 4.97 2.40
N LEU A 109 7.93 6.15 2.30
CA LEU A 109 7.63 7.30 3.15
C LEU A 109 6.72 8.20 2.31
N PHE A 110 5.48 8.39 2.78
CA PHE A 110 4.48 9.26 2.17
C PHE A 110 4.63 10.66 2.77
N PHE A 111 4.87 11.64 1.89
CA PHE A 111 5.07 13.05 2.16
C PHE A 111 3.85 13.82 1.63
N TRP A 112 3.66 15.06 2.08
CA TRP A 112 2.62 15.96 1.58
C TRP A 112 3.15 17.40 1.56
N MET A 113 3.02 18.06 0.40
CA MET A 113 3.55 19.39 0.10
C MET A 113 2.79 20.46 0.91
N GLN A 114 3.54 21.37 1.54
CA GLN A 114 3.04 22.48 2.35
C GLN A 114 3.41 23.83 1.71
N GLU A 115 3.90 23.82 0.47
CA GLU A 115 4.04 25.01 -0.37
C GLU A 115 2.63 25.42 -0.85
N PRO A 116 2.27 26.73 -0.85
CA PRO A 116 0.91 27.18 -1.18
C PRO A 116 0.59 27.06 -2.69
N LYS A 117 1.48 27.55 -3.55
CA LYS A 117 1.33 27.53 -5.00
C LYS A 117 1.75 26.16 -5.54
N THR A 118 0.86 25.49 -6.27
CA THR A 118 1.06 24.19 -6.90
C THR A 118 1.81 24.31 -8.25
N ASP A 119 2.25 25.51 -8.64
CA ASP A 119 3.03 25.79 -9.85
C ASP A 119 4.46 25.20 -9.77
N GLN A 120 4.98 25.03 -8.54
CA GLN A 120 6.32 24.49 -8.26
C GLN A 120 6.31 22.97 -8.04
N ASP A 121 5.14 22.31 -8.11
CA ASP A 121 4.91 20.90 -7.74
C ASP A 121 5.86 19.91 -8.44
N GLU A 122 5.85 19.92 -9.79
CA GLU A 122 6.68 19.08 -10.64
C GLU A 122 8.15 19.52 -10.62
N GLU A 123 8.40 20.82 -10.39
CA GLU A 123 9.73 21.45 -10.36
C GLU A 123 10.54 20.96 -9.15
N HIS A 124 9.89 20.86 -7.97
CA HIS A 124 10.48 20.29 -6.75
C HIS A 124 10.74 18.79 -6.93
N CYS A 125 9.77 18.04 -7.46
CA CYS A 125 9.85 16.62 -7.76
C CYS A 125 11.05 16.28 -8.67
N ARG A 126 11.20 17.03 -9.78
CA ARG A 126 12.27 16.89 -10.75
C ARG A 126 13.65 17.13 -10.09
N LYS A 127 13.81 18.23 -9.34
CA LYS A 127 15.02 18.55 -8.58
C LYS A 127 15.42 17.47 -7.57
N VAL A 128 14.46 16.97 -6.77
CA VAL A 128 14.66 15.86 -5.84
C VAL A 128 15.12 14.58 -6.58
N ASN A 129 14.32 14.12 -7.55
CA ASN A 129 14.49 12.83 -8.20
C ASN A 129 15.75 12.80 -9.10
N GLU A 130 16.17 13.95 -9.66
CA GLU A 130 17.44 14.07 -10.39
C GLU A 130 18.66 13.83 -9.48
N TYR A 131 18.64 14.26 -8.21
CA TYR A 131 19.73 14.01 -7.27
C TYR A 131 19.73 12.55 -6.77
N LEU A 132 18.55 11.91 -6.64
CA LEU A 132 18.44 10.48 -6.31
C LEU A 132 18.98 9.60 -7.46
N ASN A 133 18.77 10.02 -8.71
CA ASN A 133 19.26 9.37 -9.92
C ASN A 133 20.77 9.67 -10.11
N ASN A 134 21.14 10.94 -10.27
CA ASN A 134 22.48 11.40 -10.64
C ASN A 134 23.12 12.11 -9.43
N PRO A 135 24.15 11.50 -8.78
CA PRO A 135 24.87 12.14 -7.67
C PRO A 135 25.89 13.19 -8.18
N PRO A 136 26.35 14.14 -7.34
CA PRO A 136 27.29 15.22 -7.74
C PRO A 136 28.76 14.75 -7.92
N MET A 137 28.97 13.72 -8.75
CA MET A 137 30.25 13.17 -9.23
C MET A 137 31.10 12.53 -8.11
N PRO A 138 30.64 11.43 -7.46
CA PRO A 138 31.38 10.74 -6.40
C PRO A 138 32.49 9.84 -6.98
N GLY A 139 33.50 9.54 -6.14
CA GLY A 139 34.57 8.57 -6.41
C GLY A 139 34.58 7.42 -5.39
N ALA A 140 33.61 7.40 -4.46
CA ALA A 140 33.49 6.46 -3.34
C ALA A 140 32.62 5.23 -3.70
N LEU A 141 32.18 5.12 -4.96
CA LEU A 141 31.29 4.07 -5.47
C LEU A 141 31.92 2.67 -5.44
N GLY A 142 33.24 2.59 -5.68
CA GLY A 142 34.03 1.36 -5.72
C GLY A 142 34.49 1.06 -7.14
N ALA A 143 34.97 -0.16 -7.37
CA ALA A 143 35.35 -0.72 -8.66
C ALA A 143 35.22 -2.24 -8.61
N SER A 144 34.92 -2.88 -9.74
CA SER A 144 34.86 -4.32 -9.95
C SER A 144 35.20 -4.57 -11.43
N GLY A 145 36.30 -5.26 -11.69
CA GLY A 145 36.78 -5.63 -13.03
C GLY A 145 36.90 -7.15 -13.16
N SER A 146 37.61 -7.78 -12.23
CA SER A 146 37.84 -9.23 -12.16
C SER A 146 37.86 -9.74 -10.70
N SER A 147 37.29 -8.97 -9.76
CA SER A 147 37.18 -9.30 -8.34
C SER A 147 35.95 -8.60 -7.73
N GLY A 148 35.50 -9.07 -6.56
CA GLY A 148 34.32 -8.60 -5.84
C GLY A 148 33.38 -9.79 -5.63
N HIS A 149 33.58 -10.53 -4.54
CA HIS A 149 32.84 -11.72 -4.14
C HIS A 149 32.87 -11.84 -2.61
N GLU A 150 31.71 -12.10 -1.99
CA GLU A 150 31.59 -12.42 -0.57
C GLU A 150 31.54 -13.95 -0.44
N LEU A 151 32.33 -14.51 0.48
CA LEU A 151 32.57 -15.95 0.61
C LEU A 151 31.45 -16.68 1.40
N SER A 152 30.50 -15.95 1.98
CA SER A 152 29.31 -16.49 2.65
C SER A 152 28.15 -15.47 2.65
N ALA A 153 28.43 -14.21 3.01
CA ALA A 153 27.48 -13.08 3.08
C ALA A 153 26.52 -13.20 4.28
N LEU A 154 27.05 -13.71 5.41
CA LEU A 154 26.39 -14.05 6.67
C LEU A 154 25.80 -15.48 6.64
N GLY A 155 25.14 -15.89 7.73
CA GLY A 155 24.50 -17.19 7.91
C GLY A 155 23.00 -17.05 8.14
N GLY A 156 22.34 -18.16 8.52
CA GLY A 156 20.91 -18.21 8.85
C GLY A 156 20.09 -19.11 7.90
N GLU A 157 20.75 -19.78 6.95
CA GLU A 157 20.24 -20.71 5.94
C GLU A 157 19.82 -19.96 4.64
N GLY A 158 20.05 -20.59 3.49
CA GLY A 158 19.68 -20.11 2.16
C GLY A 158 18.80 -21.13 1.45
N GLY A 159 18.06 -20.69 0.42
CA GLY A 159 17.05 -21.47 -0.31
C GLY A 159 17.45 -21.71 -1.77
N LEU A 160 18.76 -21.80 -2.03
CA LEU A 160 19.35 -22.10 -3.35
C LEU A 160 19.14 -23.59 -3.74
N GLN A 161 18.82 -24.44 -2.77
CA GLN A 161 18.48 -25.85 -2.88
C GLN A 161 17.33 -26.17 -1.91
N SER A 162 16.56 -27.22 -2.19
CA SER A 162 15.49 -27.71 -1.30
C SER A 162 16.07 -28.74 -0.30
N LEU A 163 16.95 -29.62 -0.77
CA LEU A 163 17.75 -30.59 -0.03
C LEU A 163 19.11 -30.68 -0.73
N LEU A 164 20.17 -31.01 0.02
CA LEU A 164 21.53 -31.13 -0.49
C LEU A 164 21.69 -32.43 -1.31
N GLY A 165 21.11 -33.53 -0.83
CA GLY A 165 20.92 -34.79 -1.54
C GLY A 165 19.47 -35.24 -1.36
N ASN A 166 18.81 -35.70 -2.43
CA ASN A 166 17.47 -36.28 -2.38
C ASN A 166 17.63 -37.81 -2.38
N MET A 167 16.96 -38.50 -1.44
CA MET A 167 16.97 -39.96 -1.34
C MET A 167 15.81 -40.49 -2.19
N SER A 168 16.13 -40.98 -3.39
CA SER A 168 15.18 -41.49 -4.39
C SER A 168 15.89 -42.47 -5.32
N HIS A 169 15.47 -43.74 -5.32
CA HIS A 169 15.93 -44.77 -6.25
C HIS A 169 15.22 -44.61 -7.61
N SER A 170 13.91 -44.38 -7.57
CA SER A 170 13.06 -44.10 -8.72
C SER A 170 13.11 -42.59 -9.02
N GLN A 171 14.08 -42.18 -9.86
CA GLN A 171 14.37 -40.79 -10.21
C GLN A 171 14.70 -40.65 -11.71
N LEU A 172 14.43 -41.70 -12.51
CA LEU A 172 14.74 -41.77 -13.95
C LEU A 172 13.56 -41.29 -14.80
N MET A 173 12.34 -41.30 -14.27
CA MET A 173 11.11 -40.95 -14.97
C MET A 173 10.87 -39.43 -14.88
N GLN A 174 10.43 -38.82 -15.98
CA GLN A 174 10.08 -37.41 -16.10
C GLN A 174 8.60 -37.20 -15.70
N LEU A 175 8.25 -35.98 -15.29
CA LEU A 175 6.88 -35.56 -14.95
C LEU A 175 6.04 -35.50 -16.23
N ILE A 176 4.87 -36.15 -16.21
CA ILE A 176 3.91 -36.23 -17.31
C ILE A 176 3.02 -34.98 -17.23
N GLY A 177 2.78 -34.32 -18.37
CA GLY A 177 1.96 -33.13 -18.53
C GLY A 177 0.77 -33.37 -19.47
N PRO A 178 -0.20 -32.44 -19.55
CA PRO A 178 -1.42 -32.58 -20.36
C PRO A 178 -1.21 -32.31 -21.87
N ALA A 179 -0.10 -31.68 -22.26
CA ALA A 179 0.26 -31.35 -23.64
C ALA A 179 1.78 -31.42 -23.83
N GLY A 180 2.51 -30.54 -23.14
CA GLY A 180 3.96 -30.43 -23.18
C GLY A 180 4.37 -29.05 -23.73
N LEU A 181 5.59 -28.96 -24.26
CA LEU A 181 6.18 -27.78 -24.91
C LEU A 181 7.17 -28.26 -25.97
N GLY A 182 7.52 -27.41 -26.93
CA GLY A 182 8.43 -27.66 -28.03
C GLY A 182 9.71 -26.84 -27.87
N GLY A 183 10.11 -26.11 -28.92
CA GLY A 183 11.38 -25.36 -29.01
C GLY A 183 11.18 -23.85 -28.99
N LEU A 184 9.99 -23.38 -28.55
CA LEU A 184 9.62 -21.98 -28.39
C LEU A 184 10.45 -21.38 -27.24
N GLY A 185 11.33 -20.43 -27.58
CA GLY A 185 12.33 -19.83 -26.68
C GLY A 185 13.76 -20.14 -27.13
N GLY A 186 13.94 -21.07 -28.06
CA GLY A 186 15.21 -21.48 -28.67
C GLY A 186 15.21 -21.17 -30.17
N LEU A 187 14.69 -20.00 -30.54
CA LEU A 187 14.47 -19.57 -31.92
C LEU A 187 15.79 -19.20 -32.64
N GLY A 188 16.84 -18.87 -31.89
CA GLY A 188 18.21 -18.66 -32.35
C GLY A 188 18.70 -17.22 -32.08
N ALA A 189 17.77 -16.26 -32.02
CA ALA A 189 17.98 -14.82 -31.78
C ALA A 189 18.62 -14.10 -32.98
N LEU A 190 18.97 -12.83 -32.82
CA LEU A 190 19.71 -12.03 -33.79
C LEU A 190 21.21 -12.35 -33.62
N THR A 191 21.88 -12.71 -34.71
CA THR A 191 23.32 -13.00 -34.75
C THR A 191 24.14 -11.77 -35.21
N GLY A 192 23.48 -10.75 -35.75
CA GLY A 192 24.06 -9.52 -36.28
C GLY A 192 23.83 -9.42 -37.79
N PRO A 193 22.70 -8.85 -38.25
CA PRO A 193 22.41 -8.71 -39.69
C PRO A 193 23.25 -7.59 -40.33
N GLY A 194 23.53 -7.73 -41.63
CA GLY A 194 24.22 -6.74 -42.45
C GLY A 194 23.39 -6.31 -43.65
N LEU A 195 22.75 -7.28 -44.32
CA LEU A 195 22.00 -7.10 -45.57
C LEU A 195 20.61 -6.48 -45.35
N ALA A 196 20.10 -6.47 -44.11
CA ALA A 196 18.79 -5.98 -43.73
C ALA A 196 18.79 -5.29 -42.36
N SER A 197 19.93 -4.76 -41.92
CA SER A 197 20.13 -4.07 -40.64
C SER A 197 19.30 -2.77 -40.62
N LEU A 198 18.17 -2.80 -39.90
CA LEU A 198 17.20 -1.71 -39.69
C LEU A 198 16.28 -1.49 -40.91
N LEU A 199 16.23 -2.46 -41.84
CA LEU A 199 15.45 -2.39 -43.09
C LEU A 199 13.97 -2.76 -42.84
N GLY A 200 13.72 -3.69 -41.91
CA GLY A 200 12.38 -4.15 -41.51
C GLY A 200 12.06 -5.57 -42.00
N SER A 201 13.01 -6.19 -42.72
CA SER A 201 13.03 -7.56 -43.26
C SER A 201 12.24 -7.71 -44.58
N SER A 202 12.03 -6.61 -45.31
CA SER A 202 11.40 -6.57 -46.63
C SER A 202 12.33 -7.15 -47.73
N GLY A 203 11.75 -7.57 -48.86
CA GLY A 203 12.43 -8.17 -50.01
C GLY A 203 12.26 -7.33 -51.29
N PRO A 204 12.86 -7.77 -52.42
CA PRO A 204 12.80 -7.05 -53.71
C PRO A 204 11.42 -7.20 -54.41
N PRO A 205 11.09 -6.33 -55.39
CA PRO A 205 9.88 -6.42 -56.24
C PRO A 205 9.62 -7.80 -56.89
N GLY A 206 8.34 -8.09 -57.17
CA GLY A 206 7.87 -9.35 -57.75
C GLY A 206 7.37 -9.18 -59.19
N SER A 207 7.53 -7.99 -59.77
CA SER A 207 7.19 -7.64 -61.14
C SER A 207 8.29 -8.04 -62.14
N SER A 208 9.52 -8.30 -61.66
CA SER A 208 10.70 -8.66 -62.45
C SER A 208 10.61 -10.12 -62.97
N SER A 209 9.95 -11.01 -62.21
CA SER A 209 9.57 -12.36 -62.61
C SER A 209 8.22 -12.27 -63.35
N SER A 210 8.21 -12.62 -64.63
CA SER A 210 7.09 -12.46 -65.57
C SER A 210 7.04 -13.62 -66.58
N SER A 211 7.27 -14.85 -66.12
CA SER A 211 7.42 -16.07 -66.93
C SER A 211 6.13 -16.43 -67.70
N SER A 212 4.94 -16.25 -67.08
CA SER A 212 3.61 -16.38 -67.67
C SER A 212 3.20 -17.87 -67.83
N SER A 213 3.76 -18.76 -66.99
CA SER A 213 3.59 -20.21 -67.07
C SER A 213 2.21 -20.67 -66.55
N ARG A 214 1.59 -19.89 -65.65
CA ARG A 214 0.26 -20.09 -65.08
C ARG A 214 -0.45 -18.73 -65.03
N SER A 215 -1.78 -18.72 -65.12
CA SER A 215 -2.66 -17.55 -65.10
C SER A 215 -4.05 -17.90 -64.54
N GLN A 216 -4.08 -18.75 -63.50
CA GLN A 216 -5.29 -19.20 -62.81
C GLN A 216 -5.78 -18.07 -61.87
N SER A 217 -7.09 -17.79 -61.87
CA SER A 217 -7.74 -16.81 -61.01
C SER A 217 -9.22 -17.10 -60.71
N ALA A 218 -9.77 -18.21 -61.22
CA ALA A 218 -11.14 -18.67 -61.02
C ALA A 218 -11.25 -20.18 -61.23
N ALA A 219 -12.15 -20.82 -60.49
CA ALA A 219 -12.51 -22.24 -60.60
C ALA A 219 -14.02 -22.48 -60.34
N VAL A 220 -14.81 -21.39 -60.27
CA VAL A 220 -16.24 -21.36 -59.95
C VAL A 220 -17.08 -21.55 -61.24
N THR A 221 -16.73 -22.54 -62.05
CA THR A 221 -17.22 -22.77 -63.41
C THR A 221 -17.75 -24.21 -63.62
N PRO A 222 -18.79 -24.67 -62.89
CA PRO A 222 -19.30 -26.06 -62.99
C PRO A 222 -20.06 -26.36 -64.29
N SER A 223 -20.69 -25.37 -64.90
CA SER A 223 -21.38 -25.46 -66.20
C SER A 223 -20.44 -25.07 -67.37
N SER A 224 -19.16 -24.80 -67.08
CA SER A 224 -18.10 -24.36 -67.99
C SER A 224 -18.26 -22.86 -68.28
N THR A 225 -19.26 -22.50 -69.09
CA THR A 225 -19.61 -21.14 -69.47
C THR A 225 -20.59 -20.60 -68.40
N THR A 226 -20.20 -19.53 -67.71
CA THR A 226 -21.00 -18.82 -66.70
C THR A 226 -20.59 -17.33 -66.67
N SER A 227 -20.16 -16.78 -67.81
CA SER A 227 -19.63 -15.44 -68.01
C SER A 227 -20.77 -14.38 -68.11
N SER A 228 -21.57 -14.27 -67.05
CA SER A 228 -22.72 -13.37 -66.95
C SER A 228 -22.30 -11.91 -66.67
N THR A 229 -21.07 -11.68 -66.20
CA THR A 229 -20.47 -10.38 -65.95
C THR A 229 -20.02 -9.77 -67.31
N ARG A 230 -20.78 -8.80 -67.82
CA ARG A 230 -20.56 -8.18 -69.13
C ARG A 230 -19.41 -7.15 -69.05
N ALA A 231 -19.59 -6.07 -68.28
CA ALA A 231 -18.69 -4.93 -68.18
C ALA A 231 -18.93 -4.14 -66.87
N THR A 232 -18.90 -4.83 -65.73
CA THR A 232 -19.11 -4.24 -64.39
C THR A 232 -18.00 -4.72 -63.41
N PRO A 233 -16.85 -4.02 -63.32
CA PRO A 233 -15.81 -4.25 -62.30
C PRO A 233 -16.31 -4.20 -60.85
N ALA A 234 -15.56 -4.84 -59.93
CA ALA A 234 -15.77 -4.83 -58.49
C ALA A 234 -14.39 -4.73 -57.79
N PRO A 235 -13.82 -3.52 -57.61
CA PRO A 235 -12.48 -3.29 -57.01
C PRO A 235 -12.15 -4.05 -55.72
N SER A 236 -13.12 -4.18 -54.80
CA SER A 236 -13.07 -4.95 -53.56
C SER A 236 -12.17 -4.29 -52.47
N ALA A 237 -11.92 -2.98 -52.61
CA ALA A 237 -11.04 -2.11 -51.81
C ALA A 237 -10.91 -2.38 -50.30
N PRO A 238 -12.01 -2.37 -49.49
CA PRO A 238 -11.93 -2.68 -48.05
C PRO A 238 -11.79 -4.20 -47.84
N ALA A 239 -10.55 -4.64 -47.56
CA ALA A 239 -10.19 -6.03 -47.30
C ALA A 239 -10.36 -6.38 -45.81
N ALA A 240 -10.33 -5.36 -44.93
CA ALA A 240 -10.46 -5.44 -43.49
C ALA A 240 -10.99 -4.11 -42.95
N ALA A 241 -11.67 -4.15 -41.80
CA ALA A 241 -12.13 -2.99 -41.04
C ALA A 241 -11.03 -2.61 -40.03
N SER A 242 -10.78 -1.32 -39.86
CA SER A 242 -9.75 -0.74 -38.99
C SER A 242 -10.18 0.69 -38.59
N ALA A 243 -9.63 1.21 -37.50
CA ALA A 243 -9.79 2.57 -36.99
C ALA A 243 -8.44 3.10 -36.52
N THR A 244 -8.19 4.40 -36.70
CA THR A 244 -6.95 5.08 -36.34
C THR A 244 -6.90 5.43 -34.83
N SER A 245 -8.05 5.62 -34.18
CA SER A 245 -8.20 6.03 -32.80
C SER A 245 -9.35 5.24 -32.13
N PRO A 246 -9.16 3.93 -31.80
CA PRO A 246 -10.18 3.14 -31.09
C PRO A 246 -10.24 3.53 -29.60
N SER A 247 -11.44 3.47 -29.01
CA SER A 247 -11.70 3.84 -27.61
C SER A 247 -12.80 2.92 -27.04
N PRO A 248 -12.47 1.76 -26.45
CA PRO A 248 -13.41 0.87 -25.74
C PRO A 248 -14.27 1.57 -24.66
N ALA A 249 -15.46 1.04 -24.41
CA ALA A 249 -16.42 1.48 -23.40
C ALA A 249 -17.12 0.32 -22.66
N PRO A 250 -17.57 -0.78 -23.32
CA PRO A 250 -18.09 -2.00 -22.66
C PRO A 250 -17.16 -2.74 -21.66
N SER A 251 -15.91 -2.28 -21.48
CA SER A 251 -14.80 -2.80 -20.68
C SER A 251 -15.22 -3.49 -19.36
N SER A 252 -15.06 -4.82 -19.32
CA SER A 252 -15.46 -5.70 -18.24
C SER A 252 -14.27 -6.60 -17.85
N GLY A 253 -14.17 -6.98 -16.58
CA GLY A 253 -13.09 -7.80 -16.02
C GLY A 253 -13.61 -9.07 -15.34
N ASN A 254 -14.76 -9.57 -15.81
CA ASN A 254 -15.66 -10.58 -15.19
C ASN A 254 -16.65 -9.84 -14.29
N GLY A 255 -17.46 -8.98 -14.92
CA GLY A 255 -18.30 -7.95 -14.32
C GLY A 255 -17.93 -6.59 -14.93
N ALA A 256 -18.93 -5.71 -15.07
CA ALA A 256 -18.85 -4.42 -15.77
C ALA A 256 -18.22 -3.28 -14.93
N SER A 257 -17.57 -3.62 -13.82
CA SER A 257 -16.79 -2.74 -12.95
C SER A 257 -15.71 -3.54 -12.22
N THR A 258 -16.06 -4.74 -11.73
CA THR A 258 -15.21 -5.70 -11.04
C THR A 258 -13.99 -6.08 -11.91
N ALA A 259 -12.82 -5.54 -11.56
CA ALA A 259 -11.51 -5.72 -12.22
C ALA A 259 -11.44 -5.08 -13.62
N ALA A 260 -12.34 -4.14 -13.93
CA ALA A 260 -12.36 -3.40 -15.20
C ALA A 260 -11.32 -2.26 -15.17
N SER A 261 -11.03 -1.73 -13.97
CA SER A 261 -9.90 -0.85 -13.68
C SER A 261 -8.64 -1.69 -13.37
N PRO A 262 -7.42 -1.15 -13.55
CA PRO A 262 -6.17 -1.85 -13.22
C PRO A 262 -5.93 -1.88 -11.70
N THR A 263 -5.89 -3.08 -11.12
CA THR A 263 -5.77 -3.35 -9.68
C THR A 263 -4.60 -4.31 -9.37
N GLN A 264 -3.74 -4.59 -10.37
CA GLN A 264 -2.61 -5.51 -10.30
C GLN A 264 -1.46 -4.87 -9.49
N PRO A 265 -0.96 -5.50 -8.40
CA PRO A 265 0.10 -4.95 -7.55
C PRO A 265 1.49 -5.19 -8.20
N ILE A 266 2.43 -4.24 -8.04
CA ILE A 266 3.78 -4.32 -8.59
C ILE A 266 4.66 -5.06 -7.54
N GLN A 267 4.29 -6.32 -7.28
CA GLN A 267 4.81 -7.26 -6.26
C GLN A 267 4.37 -6.90 -4.83
N LEU A 268 3.63 -5.79 -4.66
CA LEU A 268 3.26 -5.13 -3.40
C LEU A 268 2.58 -6.05 -2.38
N SER A 269 1.81 -7.04 -2.85
CA SER A 269 1.14 -8.05 -2.03
C SER A 269 2.13 -8.89 -1.21
N ASP A 270 3.29 -9.26 -1.80
CA ASP A 270 4.36 -10.00 -1.14
C ASP A 270 5.19 -9.07 -0.25
N LEU A 271 5.48 -7.85 -0.73
CA LEU A 271 6.29 -6.85 -0.06
C LEU A 271 5.62 -6.33 1.23
N GLN A 272 4.31 -6.03 1.19
CA GLN A 272 3.53 -5.61 2.36
C GLN A 272 3.34 -6.75 3.37
N SER A 273 3.32 -8.02 2.91
CA SER A 273 3.21 -9.21 3.75
C SER A 273 4.48 -9.37 4.62
N ILE A 274 5.69 -9.30 4.05
CA ILE A 274 6.93 -9.42 4.82
C ILE A 274 7.12 -8.19 5.75
N LEU A 275 6.76 -6.97 5.32
CA LEU A 275 6.79 -5.76 6.16
C LEU A 275 5.90 -5.85 7.40
N ALA A 276 4.72 -6.50 7.28
CA ALA A 276 3.78 -6.74 8.37
C ALA A 276 4.32 -7.75 9.41
N THR A 277 5.14 -8.71 8.98
CA THR A 277 5.82 -9.65 9.87
C THR A 277 7.06 -8.97 10.51
N MET A 278 7.79 -8.13 9.76
CA MET A 278 9.07 -7.58 10.17
C MET A 278 8.96 -6.36 11.09
N ASN A 279 8.11 -5.36 10.79
CA ASN A 279 8.06 -4.11 11.56
C ASN A 279 6.74 -3.34 11.56
N VAL A 280 5.92 -3.43 10.52
CA VAL A 280 4.67 -2.66 10.41
C VAL A 280 3.61 -3.36 11.30
N PRO A 281 2.87 -2.63 12.16
CA PRO A 281 1.85 -3.18 13.07
C PRO A 281 0.54 -3.51 12.32
N ALA A 282 0.62 -4.42 11.34
CA ALA A 282 -0.45 -4.88 10.47
C ALA A 282 -0.45 -6.41 10.44
N GLY A 283 -1.39 -7.00 9.70
CA GLY A 283 -1.53 -8.45 9.52
C GLY A 283 -1.22 -8.81 8.06
N PRO A 284 -0.39 -9.84 7.78
CA PRO A 284 0.01 -10.22 6.42
C PRO A 284 -1.12 -10.90 5.61
N ALA A 285 -2.08 -11.52 6.32
CA ALA A 285 -3.29 -12.15 5.76
C ALA A 285 -4.45 -11.14 5.60
N GLY A 286 -4.21 -9.84 5.84
CA GLY A 286 -5.22 -8.79 5.92
C GLY A 286 -5.04 -7.72 4.84
N GLY A 287 -5.32 -6.47 5.19
CA GLY A 287 -5.33 -5.29 4.33
C GLY A 287 -6.74 -4.67 4.34
N GLN A 288 -7.74 -5.49 3.96
CA GLN A 288 -9.17 -5.19 4.01
C GLN A 288 -9.67 -4.86 5.44
N GLN A 289 -9.01 -5.47 6.45
CA GLN A 289 -9.23 -5.31 7.88
C GLN A 289 -9.13 -3.84 8.36
N VAL A 290 -8.22 -3.08 7.73
CA VAL A 290 -7.92 -1.70 8.02
C VAL A 290 -8.97 -0.78 7.35
N ASP A 291 -9.46 -1.18 6.16
CA ASP A 291 -10.38 -0.41 5.33
C ASP A 291 -11.83 -0.49 5.83
N LEU A 292 -12.31 -1.70 6.18
CA LEU A 292 -13.70 -1.96 6.58
C LEU A 292 -14.16 -1.23 7.85
N ALA A 293 -13.22 -0.80 8.70
CA ALA A 293 -13.46 0.03 9.87
C ALA A 293 -13.99 1.44 9.53
N SER A 294 -13.77 1.91 8.29
CA SER A 294 -14.28 3.17 7.77
C SER A 294 -15.73 2.99 7.23
N VAL A 295 -16.14 1.75 6.94
CA VAL A 295 -17.44 1.40 6.36
C VAL A 295 -18.38 0.95 7.50
N LEU A 296 -17.98 -0.05 8.29
CA LEU A 296 -18.69 -0.55 9.45
C LEU A 296 -18.12 0.21 10.67
N THR A 297 -18.62 1.44 10.87
CA THR A 297 -18.12 2.38 11.88
C THR A 297 -18.60 2.01 13.31
N PRO A 298 -17.91 2.51 14.37
CA PRO A 298 -18.20 2.19 15.79
C PRO A 298 -19.66 2.27 16.26
N GLU A 299 -20.47 3.19 15.70
CA GLU A 299 -21.86 3.42 16.06
C GLU A 299 -22.77 2.19 15.83
N ILE A 300 -22.48 1.39 14.78
CA ILE A 300 -23.24 0.19 14.44
C ILE A 300 -22.59 -1.03 15.11
N MET A 301 -21.26 -1.05 15.28
CA MET A 301 -20.51 -2.21 15.76
C MET A 301 -20.45 -2.30 17.30
N ALA A 302 -20.67 -1.19 18.03
CA ALA A 302 -20.75 -1.10 19.49
C ALA A 302 -21.52 -2.23 20.21
N PRO A 303 -22.83 -2.49 19.93
CA PRO A 303 -23.56 -3.60 20.56
C PRO A 303 -23.19 -4.99 20.03
N ILE A 304 -22.57 -5.09 18.85
CA ILE A 304 -22.15 -6.33 18.21
C ILE A 304 -20.88 -6.85 18.92
N LEU A 305 -19.83 -6.02 18.99
CA LEU A 305 -18.54 -6.35 19.60
C LEU A 305 -18.60 -6.38 21.14
N ALA A 306 -19.67 -5.84 21.75
CA ALA A 306 -19.95 -5.90 23.18
C ALA A 306 -20.61 -7.23 23.60
N ASN A 307 -21.02 -8.08 22.64
CA ASN A 307 -21.62 -9.38 22.93
C ASN A 307 -20.50 -10.43 23.08
N ALA A 308 -20.64 -11.29 24.09
CA ALA A 308 -19.67 -12.30 24.50
C ALA A 308 -19.42 -13.38 23.42
N ASP A 309 -20.44 -13.75 22.64
CA ASP A 309 -20.35 -14.79 21.61
C ASP A 309 -19.42 -14.39 20.45
N VAL A 310 -19.29 -13.08 20.19
CA VAL A 310 -18.35 -12.52 19.21
C VAL A 310 -16.94 -12.47 19.85
N GLN A 311 -16.82 -11.98 21.10
CA GLN A 311 -15.57 -11.87 21.86
C GLN A 311 -14.84 -13.22 22.00
N GLU A 312 -15.59 -14.30 22.25
CA GLU A 312 -15.09 -15.67 22.36
C GLU A 312 -14.58 -16.26 21.01
N ARG A 313 -14.86 -15.61 19.87
CA ARG A 313 -14.29 -15.97 18.56
C ARG A 313 -13.11 -15.05 18.22
N LEU A 314 -13.11 -13.79 18.70
CA LEU A 314 -12.03 -12.83 18.53
C LEU A 314 -10.81 -13.20 19.39
N LEU A 315 -11.00 -13.28 20.73
CA LEU A 315 -9.97 -13.54 21.75
C LEU A 315 -8.97 -14.69 21.49
N PRO A 316 -9.38 -15.92 21.09
CA PRO A 316 -8.42 -17.00 20.79
C PRO A 316 -7.70 -16.86 19.43
N TYR A 317 -8.21 -16.05 18.50
CA TYR A 317 -7.60 -15.79 17.19
C TYR A 317 -6.68 -14.55 17.23
N LEU A 318 -6.58 -13.88 18.39
CA LEU A 318 -5.75 -12.70 18.64
C LEU A 318 -4.27 -13.14 18.68
N PRO A 319 -3.35 -12.49 17.91
CA PRO A 319 -1.95 -12.93 17.79
C PRO A 319 -1.03 -12.61 18.98
N SER A 320 -1.54 -11.92 20.01
CA SER A 320 -0.86 -11.41 21.22
C SER A 320 -0.34 -9.98 20.96
N GLY A 321 -0.51 -9.08 21.94
CA GLY A 321 -0.06 -7.69 21.87
C GLY A 321 -1.22 -6.68 21.77
N GLU A 322 -2.47 -7.14 21.94
CA GLU A 322 -3.71 -6.38 21.85
C GLU A 322 -4.70 -6.90 22.89
N SER A 323 -5.67 -6.06 23.27
CA SER A 323 -6.76 -6.33 24.19
C SER A 323 -7.97 -5.47 23.82
N LEU A 324 -8.95 -6.04 23.11
CA LEU A 324 -10.15 -5.34 22.64
C LEU A 324 -11.09 -4.92 23.80
N PRO A 325 -11.85 -3.80 23.66
CA PRO A 325 -12.99 -3.42 24.54
C PRO A 325 -14.03 -4.53 24.73
N GLN A 326 -14.89 -4.44 25.76
CA GLN A 326 -15.83 -5.49 26.15
C GLN A 326 -17.29 -5.01 26.32
N THR A 327 -17.54 -3.70 26.33
CA THR A 327 -18.85 -3.07 26.52
C THR A 327 -19.07 -1.95 25.48
N ALA A 328 -20.33 -1.72 25.07
CA ALA A 328 -20.70 -0.85 23.95
C ALA A 328 -20.39 0.63 24.20
N ASP A 329 -20.49 1.07 25.46
CA ASP A 329 -20.20 2.43 25.92
C ASP A 329 -18.68 2.67 26.07
N GLU A 330 -17.82 1.65 25.88
CA GLU A 330 -16.41 1.84 25.58
C GLU A 330 -16.32 2.11 24.06
N ILE A 331 -16.73 1.14 23.23
CA ILE A 331 -16.59 1.11 21.76
C ILE A 331 -17.16 2.37 21.08
N GLN A 332 -18.29 2.90 21.55
CA GLN A 332 -18.97 4.04 20.94
C GLN A 332 -18.36 5.40 21.38
N ASN A 333 -17.53 5.44 22.42
CA ASN A 333 -17.08 6.70 23.07
C ASN A 333 -15.57 6.80 23.30
N THR A 334 -14.91 5.70 23.64
CA THR A 334 -13.53 5.64 24.13
C THR A 334 -12.75 4.72 23.16
N LEU A 335 -12.10 5.33 22.18
CA LEU A 335 -11.35 4.68 21.10
C LEU A 335 -10.19 5.57 20.64
N THR A 336 -9.22 4.96 19.94
CA THR A 336 -8.23 5.64 19.11
C THR A 336 -8.62 5.26 17.65
N SER A 337 -8.06 4.19 17.09
CA SER A 337 -8.39 3.61 15.80
C SER A 337 -7.86 2.16 15.64
N PRO A 338 -6.55 1.85 15.89
CA PRO A 338 -5.96 0.52 15.68
C PRO A 338 -6.69 -0.67 16.33
N GLN A 339 -7.16 -0.50 17.57
CA GLN A 339 -7.90 -1.49 18.37
C GLN A 339 -9.23 -1.90 17.70
N PHE A 340 -9.88 -0.95 17.02
CA PHE A 340 -11.14 -1.17 16.31
C PHE A 340 -10.87 -1.89 14.98
N GLN A 341 -9.76 -1.56 14.28
CA GLN A 341 -9.33 -2.22 13.05
C GLN A 341 -8.90 -3.68 13.30
N GLN A 342 -8.26 -3.96 14.45
CA GLN A 342 -7.96 -5.31 14.93
C GLN A 342 -9.25 -6.10 15.23
N ALA A 343 -10.23 -5.48 15.91
CA ALA A 343 -11.54 -6.07 16.20
C ALA A 343 -12.32 -6.39 14.90
N LEU A 344 -12.39 -5.43 13.95
CA LEU A 344 -13.02 -5.59 12.63
C LEU A 344 -12.34 -6.70 11.81
N GLY A 345 -11.03 -6.90 11.97
CA GLY A 345 -10.26 -7.81 11.14
C GLY A 345 -10.34 -9.25 11.64
N MET A 346 -10.38 -9.46 12.96
CA MET A 346 -10.64 -10.76 13.58
C MET A 346 -12.12 -11.16 13.40
N PHE A 347 -13.04 -10.18 13.42
CA PHE A 347 -14.46 -10.32 13.08
C PHE A 347 -14.64 -10.80 11.63
N SER A 348 -14.03 -10.11 10.65
CA SER A 348 -14.08 -10.46 9.23
C SER A 348 -13.49 -11.86 8.91
N ALA A 349 -12.50 -12.34 9.67
CA ALA A 349 -11.91 -13.67 9.51
C ALA A 349 -12.89 -14.78 9.92
N ALA A 350 -13.60 -14.59 11.04
CA ALA A 350 -14.63 -15.51 11.53
C ALA A 350 -15.91 -15.44 10.67
N LEU A 351 -16.23 -14.25 10.15
CA LEU A 351 -17.35 -14.00 9.25
C LEU A 351 -17.10 -14.67 7.89
N ALA A 352 -15.90 -14.50 7.30
CA ALA A 352 -15.50 -15.08 6.01
C ALA A 352 -15.45 -16.61 6.02
N SER A 353 -15.20 -17.21 7.20
CA SER A 353 -15.22 -18.66 7.40
C SER A 353 -16.67 -19.20 7.50
N GLY A 354 -17.65 -18.35 7.84
CA GLY A 354 -19.08 -18.64 7.80
C GLY A 354 -19.67 -18.88 9.19
N GLN A 355 -18.81 -19.18 10.17
CA GLN A 355 -19.14 -19.68 11.51
C GLN A 355 -19.71 -18.59 12.44
N LEU A 356 -19.51 -17.30 12.13
CA LEU A 356 -20.02 -16.18 12.91
C LEU A 356 -21.49 -15.90 12.54
N GLY A 357 -21.84 -16.11 11.25
CA GLY A 357 -23.16 -16.15 10.60
C GLY A 357 -24.41 -16.16 11.50
N PRO A 358 -24.68 -17.25 12.26
CA PRO A 358 -25.79 -17.38 13.21
C PRO A 358 -26.03 -16.20 14.19
N LEU A 359 -24.99 -15.47 14.58
CA LEU A 359 -25.08 -14.33 15.50
C LEU A 359 -25.71 -13.11 14.81
N MET A 360 -25.46 -12.91 13.50
CA MET A 360 -26.01 -11.82 12.70
C MET A 360 -27.54 -11.92 12.57
N CYS A 361 -28.06 -13.16 12.54
CA CYS A 361 -29.48 -13.49 12.56
C CYS A 361 -30.12 -13.13 13.92
N GLN A 362 -29.36 -13.28 15.01
CA GLN A 362 -29.80 -13.06 16.39
C GLN A 362 -29.80 -11.56 16.73
N PHE A 363 -28.84 -10.77 16.22
CA PHE A 363 -28.74 -9.33 16.43
C PHE A 363 -29.87 -8.55 15.71
N GLY A 364 -30.26 -8.98 14.51
CA GLY A 364 -31.38 -8.41 13.78
C GLY A 364 -30.95 -7.52 12.61
N LEU A 365 -29.79 -7.80 12.02
CA LEU A 365 -29.20 -7.08 10.89
C LEU A 365 -30.00 -7.31 9.58
N PRO A 366 -29.83 -6.47 8.53
CA PRO A 366 -30.52 -6.61 7.22
C PRO A 366 -30.45 -8.02 6.62
N ALA A 367 -31.55 -8.50 6.01
CA ALA A 367 -31.69 -9.87 5.50
C ALA A 367 -30.64 -10.25 4.44
N GLU A 368 -30.22 -9.28 3.62
CA GLU A 368 -29.18 -9.44 2.59
C GLU A 368 -27.78 -9.56 3.23
N ALA A 369 -27.55 -8.90 4.39
CA ALA A 369 -26.32 -9.00 5.16
C ALA A 369 -26.30 -10.33 5.92
N VAL A 370 -27.41 -10.73 6.56
CA VAL A 370 -27.58 -12.00 7.27
C VAL A 370 -27.37 -13.22 6.34
N GLU A 371 -27.83 -13.15 5.09
CA GLU A 371 -27.58 -14.15 4.04
C GLU A 371 -26.07 -14.22 3.71
N ALA A 372 -25.44 -13.08 3.45
CA ALA A 372 -24.02 -12.92 3.13
C ALA A 372 -23.09 -13.40 4.27
N ALA A 373 -23.48 -13.15 5.53
CA ALA A 373 -22.74 -13.50 6.75
C ALA A 373 -22.66 -15.03 6.98
N ASN A 374 -23.72 -15.75 6.61
CA ASN A 374 -23.81 -17.21 6.74
C ASN A 374 -23.11 -17.94 5.58
N LYS A 375 -22.97 -17.28 4.42
CA LYS A 375 -22.19 -17.78 3.29
C LYS A 375 -20.69 -17.49 3.52
N GLY A 376 -20.36 -16.27 3.94
CA GLY A 376 -19.00 -15.78 4.17
C GLY A 376 -18.60 -14.67 3.18
N ASP A 377 -19.57 -14.01 2.53
CA ASP A 377 -19.37 -12.97 1.53
C ASP A 377 -19.27 -11.62 2.27
N VAL A 378 -18.09 -11.32 2.84
CA VAL A 378 -17.79 -10.10 3.60
C VAL A 378 -17.97 -8.82 2.75
N GLU A 379 -17.67 -8.91 1.44
CA GLU A 379 -17.87 -7.85 0.45
C GLU A 379 -19.35 -7.46 0.31
N ALA A 380 -20.23 -8.46 0.24
CA ALA A 380 -21.68 -8.30 0.14
C ALA A 380 -22.28 -7.85 1.48
N PHE A 381 -21.76 -8.35 2.60
CA PHE A 381 -22.11 -7.94 3.97
C PHE A 381 -21.83 -6.44 4.19
N ALA A 382 -20.63 -5.98 3.81
CA ALA A 382 -20.19 -4.60 3.89
C ALA A 382 -21.03 -3.68 2.97
N LYS A 383 -21.30 -4.12 1.73
CA LYS A 383 -22.17 -3.41 0.79
C LYS A 383 -23.63 -3.31 1.28
N ALA A 384 -24.19 -4.41 1.82
CA ALA A 384 -25.54 -4.45 2.36
C ALA A 384 -25.72 -3.51 3.55
N MET A 385 -24.76 -3.49 4.49
CA MET A 385 -24.81 -2.64 5.68
C MET A 385 -24.51 -1.17 5.33
N GLN A 386 -23.77 -0.89 4.24
CA GLN A 386 -23.49 0.45 3.74
C GLN A 386 -24.71 1.01 2.98
N ASN A 387 -25.33 0.21 2.11
CA ASN A 387 -26.52 0.61 1.35
C ASN A 387 -27.76 0.72 2.26
N ASN A 388 -27.97 -0.24 3.17
CA ASN A 388 -29.05 -0.27 4.15
C ASN A 388 -28.51 0.23 5.52
N ALA A 389 -27.77 1.34 5.51
CA ALA A 389 -27.28 2.03 6.72
C ALA A 389 -28.38 2.89 7.38
N LYS A 390 -29.52 3.04 6.71
CA LYS A 390 -30.69 3.80 7.12
C LYS A 390 -31.58 2.97 8.08
N PRO A 391 -32.52 3.63 8.81
CA PRO A 391 -33.68 2.98 9.45
C PRO A 391 -34.74 2.57 8.39
N GLU A 392 -35.99 2.35 8.79
CA GLU A 392 -37.17 2.00 7.96
C GLU A 392 -37.60 3.17 7.03
N GLN A 393 -36.65 3.60 6.18
CA GLN A 393 -36.63 4.76 5.28
C GLN A 393 -36.31 6.06 6.04
N LYS A 394 -35.57 6.95 5.38
CA LYS A 394 -35.14 8.26 5.86
C LYS A 394 -35.24 9.33 4.76
N GLU A 395 -35.27 8.93 3.48
CA GLU A 395 -35.42 9.74 2.28
C GLU A 395 -36.87 10.23 2.09
N GLY A 396 -37.39 10.95 3.10
CA GLY A 396 -38.71 11.54 3.17
C GLY A 396 -39.47 11.06 4.40
N ASP A 397 -40.15 11.98 5.10
CA ASP A 397 -40.94 11.73 6.31
C ASP A 397 -42.40 11.36 6.00
N THR A 398 -42.78 11.37 4.71
CA THR A 398 -44.13 11.16 4.19
C THR A 398 -44.57 9.67 4.15
N LYS A 399 -43.73 8.74 4.63
CA LYS A 399 -44.05 7.33 4.84
C LYS A 399 -44.73 7.19 6.23
N ASP A 400 -45.95 7.72 6.36
CA ASP A 400 -46.82 7.66 7.54
C ASP A 400 -48.29 7.73 7.09
N LYS A 401 -48.68 6.85 6.16
CA LYS A 401 -49.96 6.89 5.45
C LYS A 401 -51.09 6.27 6.29
N LYS A 402 -51.49 6.98 7.35
CA LYS A 402 -52.62 6.67 8.22
C LYS A 402 -53.89 7.28 7.59
N ASP A 403 -55.01 6.56 7.65
CA ASP A 403 -56.29 6.91 7.01
C ASP A 403 -57.48 6.60 7.94
N GLU A 404 -57.30 6.88 9.24
CA GLU A 404 -58.26 6.76 10.35
C GLU A 404 -58.33 5.32 10.91
N GLU A 405 -58.96 5.17 12.08
CA GLU A 405 -59.17 3.92 12.81
C GLU A 405 -60.59 3.96 13.42
N GLU A 406 -61.30 2.84 13.38
CA GLU A 406 -62.69 2.68 13.83
C GLU A 406 -62.83 1.49 14.79
N ASP A 407 -61.73 1.09 15.44
CA ASP A 407 -61.57 -0.01 16.42
C ASP A 407 -61.48 -1.36 15.71
N MET A 408 -62.50 -1.67 14.88
CA MET A 408 -62.58 -2.79 13.96
C MET A 408 -61.75 -2.47 12.70
N SER A 409 -60.45 -2.25 12.88
CA SER A 409 -59.47 -1.82 11.88
C SER A 409 -58.19 -2.67 11.91
N LEU A 410 -58.15 -3.73 12.75
CA LEU A 410 -56.98 -4.57 12.99
C LEU A 410 -56.99 -5.86 12.13
N ASP A 411 -58.09 -6.14 11.43
CA ASP A 411 -58.29 -7.24 10.49
C ASP A 411 -59.33 -6.76 9.46
N MET A 5 21.93 32.74 26.60
CA MET A 5 23.11 32.43 27.43
C MET A 5 23.13 30.93 27.73
N THR A 6 24.33 30.35 27.92
CA THR A 6 24.57 28.94 28.21
C THR A 6 24.26 28.61 29.69
N THR A 7 22.98 28.74 30.07
CA THR A 7 22.45 28.52 31.41
C THR A 7 21.06 27.81 31.38
N SER A 8 20.52 27.58 30.17
CA SER A 8 19.27 26.86 29.92
C SER A 8 19.36 26.23 28.51
N GLY A 9 18.61 25.16 28.28
CA GLY A 9 18.44 24.49 26.99
C GLY A 9 16.97 24.52 26.57
N ALA A 10 16.67 23.91 25.41
CA ALA A 10 15.35 23.69 24.81
C ALA A 10 14.78 24.89 24.03
N LEU A 11 15.45 26.05 24.10
CA LEU A 11 15.09 27.29 23.42
C LEU A 11 15.45 27.21 21.92
N PHE A 12 16.60 26.61 21.61
CA PHE A 12 17.22 26.46 20.28
C PHE A 12 17.63 27.84 19.69
N PRO A 13 18.53 28.61 20.36
CA PRO A 13 18.90 29.97 19.92
C PRO A 13 19.86 29.97 18.73
N SER A 14 19.78 31.00 17.90
CA SER A 14 20.65 31.25 16.75
C SER A 14 21.85 32.09 17.25
N LEU A 15 22.83 31.42 17.87
CA LEU A 15 24.01 32.03 18.50
C LEU A 15 25.09 32.41 17.46
N VAL A 16 25.04 31.82 16.26
CA VAL A 16 25.99 32.01 15.17
C VAL A 16 25.20 32.25 13.85
N PRO A 17 24.99 33.51 13.41
CA PRO A 17 24.30 33.87 12.15
C PRO A 17 24.85 33.17 10.88
N GLY A 18 26.17 33.02 10.79
CA GLY A 18 26.89 32.37 9.69
C GLY A 18 27.87 33.35 9.02
N SER A 19 28.76 32.81 8.18
CA SER A 19 29.79 33.55 7.43
C SER A 19 29.23 34.07 6.08
N ARG A 20 28.02 33.63 5.69
CA ARG A 20 27.24 33.96 4.48
C ARG A 20 27.52 33.01 3.30
N GLY A 21 28.61 32.23 3.38
CA GLY A 21 28.95 31.12 2.50
C GLY A 21 29.22 29.89 3.37
N ALA A 22 28.88 28.69 2.88
CA ALA A 22 29.09 27.40 3.53
C ALA A 22 29.17 26.29 2.48
N SER A 23 29.93 25.23 2.78
CA SER A 23 30.01 24.01 1.97
C SER A 23 28.91 23.00 2.35
N ASN A 24 28.29 23.16 3.53
CA ASN A 24 27.20 22.32 4.08
C ASN A 24 25.84 22.87 3.60
N LYS A 25 25.72 23.12 2.30
CA LYS A 25 24.51 23.57 1.63
C LYS A 25 23.63 22.36 1.28
N TYR A 26 22.31 22.56 1.22
CA TYR A 26 21.34 21.55 0.87
C TYR A 26 21.18 21.53 -0.67
N LEU A 27 20.94 20.35 -1.24
CA LEU A 27 20.77 20.14 -2.68
C LEU A 27 19.32 20.46 -3.08
N VAL A 28 18.35 20.11 -2.23
CA VAL A 28 16.94 20.44 -2.32
C VAL A 28 16.48 20.74 -0.88
N GLU A 29 15.53 21.66 -0.72
CA GLU A 29 14.85 22.01 0.52
C GLU A 29 13.43 22.47 0.20
N PHE A 30 12.41 21.94 0.88
CA PHE A 30 11.01 22.28 0.71
C PHE A 30 10.18 22.01 1.97
N ARG A 31 9.11 22.79 2.19
CA ARG A 31 8.18 22.64 3.31
C ARG A 31 7.16 21.54 2.98
N ALA A 32 7.30 20.38 3.64
CA ALA A 32 6.43 19.23 3.54
C ALA A 32 6.41 18.46 4.86
N GLY A 33 5.25 17.86 5.16
CA GLY A 33 4.97 17.13 6.38
C GLY A 33 4.74 15.67 6.02
N LYS A 34 5.16 14.76 6.90
CA LYS A 34 5.08 13.32 6.71
C LYS A 34 3.72 12.76 7.19
N MET A 35 3.56 11.43 7.09
CA MET A 35 2.49 10.65 7.68
C MET A 35 3.14 9.67 8.68
N SER A 36 2.39 9.24 9.69
CA SER A 36 2.83 8.33 10.75
C SER A 36 1.64 7.54 11.31
N LEU A 37 1.89 6.33 11.82
CA LEU A 37 0.86 5.44 12.33
C LEU A 37 0.76 5.55 13.86
N LYS A 38 -0.47 5.47 14.39
CA LYS A 38 -0.76 5.36 15.83
C LYS A 38 -0.97 3.86 16.19
N GLY A 39 -0.35 2.95 15.45
CA GLY A 39 -0.53 1.51 15.51
C GLY A 39 -0.95 1.02 14.12
N THR A 40 -2.26 0.80 13.93
CA THR A 40 -2.83 0.37 12.65
C THR A 40 -3.21 1.59 11.78
N THR A 41 -3.66 2.68 12.41
CA THR A 41 -4.28 3.83 11.74
C THR A 41 -3.17 4.80 11.29
N VAL A 42 -3.01 4.99 9.98
CA VAL A 42 -2.12 5.97 9.35
C VAL A 42 -2.76 7.36 9.53
N THR A 43 -2.03 8.30 10.12
CA THR A 43 -2.45 9.65 10.46
C THR A 43 -1.49 10.65 9.78
N PRO A 44 -1.96 11.81 9.27
CA PRO A 44 -1.08 12.87 8.77
C PRO A 44 -0.42 13.62 9.93
N ASP A 45 0.87 13.96 9.81
CA ASP A 45 1.59 14.80 10.77
C ASP A 45 1.20 16.25 10.48
N LYS A 46 0.70 16.94 11.51
CA LYS A 46 0.12 18.27 11.42
C LYS A 46 1.09 19.35 11.91
N ARG A 47 2.32 18.98 12.28
CA ARG A 47 3.41 19.93 12.52
C ARG A 47 3.92 20.43 11.17
N LYS A 48 4.32 21.71 11.09
CA LYS A 48 4.97 22.26 9.92
C LYS A 48 6.40 21.70 9.85
N GLY A 49 6.69 20.97 8.77
CA GLY A 49 7.92 20.25 8.56
C GLY A 49 8.71 20.84 7.40
N LEU A 50 9.96 20.39 7.26
CA LEU A 50 10.88 20.73 6.20
C LEU A 50 11.54 19.41 5.76
N VAL A 51 11.35 19.02 4.50
CA VAL A 51 12.09 17.97 3.82
C VAL A 51 13.33 18.68 3.21
N TYR A 52 14.50 18.05 3.32
CA TYR A 52 15.74 18.54 2.74
C TYR A 52 16.65 17.38 2.35
N ILE A 53 17.53 17.63 1.38
CA ILE A 53 18.47 16.66 0.80
C ILE A 53 19.86 17.31 0.89
N GLN A 54 20.87 16.54 1.30
CA GLN A 54 22.26 16.95 1.47
C GLN A 54 23.18 15.79 1.02
N GLN A 55 24.48 16.04 0.87
CA GLN A 55 25.50 15.08 0.49
C GLN A 55 26.74 15.31 1.37
N THR A 56 27.31 14.24 1.93
CA THR A 56 28.52 14.26 2.74
C THR A 56 29.75 13.95 1.86
N ASP A 57 30.95 14.11 2.43
CA ASP A 57 32.27 13.88 1.81
C ASP A 57 32.46 12.46 1.23
N ASP A 58 31.68 11.50 1.74
CA ASP A 58 31.58 10.10 1.29
C ASP A 58 30.98 9.99 -0.12
N SER A 59 30.24 11.02 -0.57
CA SER A 59 29.52 11.15 -1.84
C SER A 59 28.16 10.43 -1.81
N LEU A 60 27.67 10.08 -0.61
CA LEU A 60 26.36 9.50 -0.35
C LEU A 60 25.36 10.66 -0.15
N ILE A 61 24.15 10.51 -0.70
CA ILE A 61 23.07 11.49 -0.55
C ILE A 61 22.28 11.10 0.71
N HIS A 62 22.01 12.07 1.57
CA HIS A 62 21.12 11.95 2.74
C HIS A 62 19.83 12.70 2.40
N PHE A 63 18.69 12.02 2.51
CA PHE A 63 17.35 12.60 2.52
C PHE A 63 16.98 12.69 4.00
N CYS A 64 16.48 13.84 4.47
CA CYS A 64 16.23 14.13 5.87
C CYS A 64 15.02 15.04 6.09
N TRP A 65 14.43 14.99 7.29
CA TRP A 65 13.24 15.73 7.70
C TRP A 65 13.44 16.32 9.09
N LYS A 66 13.02 17.58 9.26
CA LYS A 66 13.03 18.33 10.51
C LYS A 66 11.68 19.03 10.71
N ASP A 67 11.28 19.17 11.97
CA ASP A 67 10.09 19.93 12.39
C ASP A 67 10.51 21.40 12.54
N ARG A 68 9.68 22.32 12.05
CA ARG A 68 9.87 23.77 12.14
C ARG A 68 9.20 24.34 13.41
N THR A 69 8.42 23.55 14.16
CA THR A 69 7.75 23.98 15.39
C THR A 69 8.78 23.98 16.54
N SER A 70 9.49 22.87 16.76
CA SER A 70 10.49 22.71 17.83
C SER A 70 11.88 23.10 17.30
N GLY A 71 12.20 22.76 16.04
CA GLY A 71 13.44 23.10 15.35
C GLY A 71 14.31 21.88 15.05
N ASN A 72 14.05 20.75 15.72
CA ASN A 72 14.85 19.51 15.70
C ASN A 72 14.64 18.67 14.43
N VAL A 73 15.71 17.96 14.03
CA VAL A 73 15.72 16.92 12.99
C VAL A 73 15.20 15.62 13.65
N GLU A 74 14.27 14.92 12.97
CA GLU A 74 13.59 13.74 13.51
C GLU A 74 13.79 12.49 12.64
N ASP A 75 14.24 12.62 11.38
CA ASP A 75 14.52 11.49 10.48
C ASP A 75 15.62 11.85 9.47
N ASP A 76 16.44 10.85 9.10
CA ASP A 76 17.51 10.92 8.11
C ASP A 76 17.72 9.50 7.55
N LEU A 77 17.80 9.39 6.21
CA LEU A 77 17.99 8.16 5.45
C LEU A 77 19.03 8.41 4.36
N ILE A 78 20.00 7.50 4.22
CA ILE A 78 20.99 7.50 3.14
C ILE A 78 20.31 6.89 1.89
N ILE A 79 20.40 7.59 0.75
CA ILE A 79 19.90 7.16 -0.54
C ILE A 79 21.14 6.86 -1.41
N PHE A 80 21.18 5.66 -1.99
CA PHE A 80 22.15 5.23 -2.99
C PHE A 80 21.57 5.54 -4.40
N PRO A 81 22.40 5.70 -5.46
CA PRO A 81 21.96 6.04 -6.83
C PRO A 81 20.79 5.19 -7.36
N ASP A 82 19.61 5.80 -7.49
CA ASP A 82 18.37 5.23 -8.06
C ASP A 82 17.58 4.32 -7.08
N ASP A 83 18.12 4.09 -5.88
CA ASP A 83 17.57 3.19 -4.85
C ASP A 83 16.24 3.68 -4.26
N CYS A 84 15.97 4.98 -4.36
CA CYS A 84 14.74 5.64 -3.93
C CYS A 84 14.20 6.51 -5.07
N GLU A 85 12.89 6.42 -5.32
CA GLU A 85 12.10 7.23 -6.24
C GLU A 85 11.26 8.21 -5.40
N PHE A 86 10.92 9.37 -5.98
CA PHE A 86 9.98 10.35 -5.43
C PHE A 86 8.99 10.67 -6.56
N LYS A 87 7.69 10.56 -6.28
CA LYS A 87 6.61 10.71 -7.25
C LYS A 87 5.35 11.27 -6.57
N ARG A 88 4.51 11.96 -7.33
CA ARG A 88 3.21 12.47 -6.91
C ARG A 88 2.19 11.30 -6.92
N VAL A 89 1.28 11.26 -5.94
CA VAL A 89 0.17 10.32 -5.89
C VAL A 89 -0.92 10.82 -6.87
N PRO A 90 -1.37 9.99 -7.86
CA PRO A 90 -2.33 10.40 -8.88
C PRO A 90 -3.80 10.41 -8.38
N GLN A 91 -4.08 9.76 -7.25
CA GLN A 91 -5.39 9.70 -6.60
C GLN A 91 -5.65 10.94 -5.71
N CYS A 92 -4.68 11.85 -5.58
CA CYS A 92 -4.77 13.08 -4.80
C CYS A 92 -5.65 14.11 -5.55
N PRO A 93 -6.60 14.80 -4.87
CA PRO A 93 -7.46 15.80 -5.52
C PRO A 93 -6.76 17.15 -5.80
N SER A 94 -5.85 17.59 -4.93
CA SER A 94 -5.09 18.83 -5.11
C SER A 94 -3.82 18.58 -5.94
N GLY A 95 -3.11 17.48 -5.63
CA GLY A 95 -1.83 17.09 -6.22
C GLY A 95 -0.68 17.19 -5.20
N ARG A 96 -0.95 17.67 -3.96
CA ARG A 96 0.07 18.00 -2.98
C ARG A 96 0.54 16.80 -2.12
N VAL A 97 -0.04 15.60 -2.28
CA VAL A 97 0.44 14.38 -1.62
C VAL A 97 1.41 13.69 -2.59
N TYR A 98 2.61 13.38 -2.09
CA TYR A 98 3.72 12.74 -2.78
C TYR A 98 4.12 11.49 -1.98
N VAL A 99 4.77 10.54 -2.66
CA VAL A 99 5.26 9.28 -2.12
C VAL A 99 6.76 9.16 -2.41
N LEU A 100 7.55 8.93 -1.37
CA LEU A 100 8.95 8.56 -1.40
C LEU A 100 8.96 7.04 -1.32
N LYS A 101 9.38 6.37 -2.40
CA LYS A 101 9.26 4.94 -2.63
C LYS A 101 10.68 4.37 -2.79
N PHE A 102 11.11 3.49 -1.89
CA PHE A 102 12.36 2.74 -2.03
C PHE A 102 12.10 1.55 -2.96
N LYS A 103 12.99 1.37 -3.96
CA LYS A 103 12.86 0.35 -5.00
C LYS A 103 13.25 -1.04 -4.46
N ALA A 104 14.25 -1.10 -3.58
CA ALA A 104 14.64 -2.28 -2.82
C ALA A 104 14.26 -2.03 -1.34
N GLY A 105 13.66 -3.03 -0.69
CA GLY A 105 13.37 -3.04 0.74
C GLY A 105 11.88 -2.89 1.06
N SER A 106 11.08 -2.44 0.07
CA SER A 106 9.62 -2.33 0.05
C SER A 106 9.06 -1.21 0.95
N LYS A 107 9.92 -0.28 1.40
CA LYS A 107 9.57 0.85 2.25
C LYS A 107 9.01 1.98 1.38
N ARG A 108 7.90 2.58 1.80
CA ARG A 108 7.19 3.65 1.11
C ARG A 108 6.67 4.62 2.17
N LEU A 109 7.10 5.88 2.12
CA LEU A 109 6.69 6.96 3.02
C LEU A 109 5.93 7.99 2.18
N PHE A 110 4.76 8.41 2.67
CA PHE A 110 3.92 9.43 2.06
C PHE A 110 4.15 10.77 2.78
N PHE A 111 4.19 11.85 2.01
CA PHE A 111 4.43 13.22 2.44
C PHE A 111 3.36 14.13 1.82
N TRP A 112 2.96 15.20 2.51
CA TRP A 112 2.06 16.24 2.02
C TRP A 112 2.81 17.57 1.97
N MET A 113 2.77 18.25 0.82
CA MET A 113 3.42 19.54 0.56
C MET A 113 2.61 20.65 1.25
N GLN A 114 3.29 21.54 2.00
CA GLN A 114 2.67 22.59 2.81
C GLN A 114 2.63 23.95 2.08
N GLU A 115 3.08 24.01 0.81
CA GLU A 115 3.04 25.20 -0.03
C GLU A 115 1.67 25.26 -0.75
N PRO A 116 1.11 26.48 -0.99
CA PRO A 116 -0.11 26.65 -1.78
C PRO A 116 0.16 26.68 -3.30
N LYS A 117 1.36 27.09 -3.73
CA LYS A 117 1.75 27.27 -5.13
C LYS A 117 2.19 25.91 -5.72
N THR A 118 1.23 25.10 -6.15
CA THR A 118 1.39 23.74 -6.69
C THR A 118 2.37 23.61 -7.88
N ASP A 119 2.65 24.71 -8.59
CA ASP A 119 3.66 24.84 -9.65
C ASP A 119 5.09 24.57 -9.12
N GLN A 120 5.38 24.94 -7.86
CA GLN A 120 6.68 24.76 -7.24
C GLN A 120 6.89 23.31 -6.77
N ASP A 121 5.81 22.59 -6.44
CA ASP A 121 5.83 21.19 -5.98
C ASP A 121 6.38 20.26 -7.07
N GLU A 122 6.13 20.60 -8.33
CA GLU A 122 6.63 19.92 -9.51
C GLU A 122 8.12 20.21 -9.74
N GLU A 123 8.54 21.46 -9.52
CA GLU A 123 9.92 21.92 -9.62
C GLU A 123 10.79 21.26 -8.53
N HIS A 124 10.26 21.14 -7.30
CA HIS A 124 10.86 20.42 -6.19
C HIS A 124 10.97 18.91 -6.48
N CYS A 125 9.89 18.28 -6.96
CA CYS A 125 9.87 16.87 -7.37
C CYS A 125 10.90 16.58 -8.48
N ARG A 126 11.02 17.46 -9.48
CA ARG A 126 12.02 17.41 -10.55
C ARG A 126 13.45 17.49 -9.98
N LYS A 127 13.71 18.40 -9.02
CA LYS A 127 14.98 18.52 -8.32
C LYS A 127 15.36 17.26 -7.54
N VAL A 128 14.43 16.68 -6.76
CA VAL A 128 14.61 15.38 -6.08
C VAL A 128 14.90 14.25 -7.09
N ASN A 129 14.10 14.14 -8.17
CA ASN A 129 14.26 13.18 -9.26
C ASN A 129 15.65 13.27 -9.91
N GLU A 130 16.14 14.48 -10.21
CA GLU A 130 17.49 14.73 -10.74
C GLU A 130 18.57 14.22 -9.77
N TYR A 131 18.52 14.61 -8.49
CA TYR A 131 19.55 14.27 -7.51
C TYR A 131 19.52 12.80 -7.04
N LEU A 132 18.34 12.20 -6.78
CA LEU A 132 18.27 10.84 -6.22
C LEU A 132 18.47 9.76 -7.29
N ASN A 133 17.98 9.95 -8.52
CA ASN A 133 18.10 8.95 -9.59
C ASN A 133 19.40 9.13 -10.38
N ASN A 134 20.07 10.29 -10.28
CA ASN A 134 21.35 10.58 -10.95
C ASN A 134 22.22 11.50 -10.07
N PRO A 135 22.80 11.02 -8.94
CA PRO A 135 23.73 11.79 -8.13
C PRO A 135 25.12 11.88 -8.78
N PRO A 136 25.99 12.82 -8.38
CA PRO A 136 27.41 12.91 -8.78
C PRO A 136 28.18 11.59 -8.64
N MET A 137 29.04 11.28 -9.62
CA MET A 137 29.77 10.01 -9.75
C MET A 137 31.28 10.28 -9.86
N PRO A 138 32.02 10.34 -8.72
CA PRO A 138 33.47 10.58 -8.73
C PRO A 138 34.31 9.32 -9.06
N GLY A 139 33.76 8.11 -8.81
CA GLY A 139 34.42 6.82 -9.02
C GLY A 139 33.66 5.96 -10.02
N ALA A 140 33.71 4.64 -9.83
CA ALA A 140 33.05 3.61 -10.64
C ALA A 140 32.28 2.66 -9.73
N LEU A 141 31.23 2.02 -10.25
CA LEU A 141 30.38 1.08 -9.53
C LEU A 141 31.03 -0.31 -9.54
N GLY A 142 30.95 -1.03 -8.41
CA GLY A 142 31.60 -2.32 -8.17
C GLY A 142 32.46 -2.25 -6.91
N ALA A 143 33.51 -3.09 -6.85
CA ALA A 143 34.40 -3.26 -5.70
C ALA A 143 35.88 -3.39 -6.13
N SER A 144 36.24 -2.77 -7.26
CA SER A 144 37.56 -2.83 -7.91
C SER A 144 38.71 -2.28 -7.03
N GLY A 145 38.39 -1.43 -6.04
CA GLY A 145 39.30 -0.86 -5.05
C GLY A 145 39.00 -1.38 -3.63
N SER A 146 38.30 -2.51 -3.52
CA SER A 146 37.85 -3.21 -2.32
C SER A 146 36.48 -2.71 -1.83
N SER A 147 35.81 -3.52 -1.01
CA SER A 147 34.58 -3.20 -0.28
C SER A 147 34.69 -3.66 1.20
N GLY A 148 35.91 -3.85 1.71
CA GLY A 148 36.19 -4.16 3.11
C GLY A 148 36.78 -5.57 3.21
N HIS A 149 35.93 -6.55 3.51
CA HIS A 149 36.24 -7.98 3.60
C HIS A 149 35.18 -8.81 2.86
N GLU A 150 34.57 -8.20 1.84
CA GLU A 150 33.57 -8.77 0.92
C GLU A 150 33.82 -8.17 -0.46
N LEU A 151 33.53 -8.94 -1.52
CA LEU A 151 33.60 -8.59 -2.95
C LEU A 151 35.03 -8.29 -3.46
N SER A 152 36.05 -8.50 -2.61
CA SER A 152 37.43 -8.05 -2.78
C SER A 152 38.38 -9.22 -3.11
N ALA A 153 37.85 -10.44 -3.25
CA ALA A 153 38.59 -11.66 -3.58
C ALA A 153 38.90 -11.72 -5.08
N LEU A 154 40.08 -12.25 -5.42
CA LEU A 154 40.59 -12.35 -6.79
C LEU A 154 40.16 -13.67 -7.47
N GLY A 155 39.62 -14.62 -6.70
CA GLY A 155 39.13 -15.93 -7.17
C GLY A 155 37.64 -16.10 -6.84
N GLY A 156 36.96 -16.96 -7.60
CA GLY A 156 35.53 -17.24 -7.52
C GLY A 156 34.82 -16.97 -8.85
N GLU A 157 33.50 -17.14 -8.86
CA GLU A 157 32.56 -16.91 -9.97
C GLU A 157 32.58 -18.05 -11.01
N GLY A 158 31.80 -17.91 -12.08
CA GLY A 158 31.57 -18.89 -13.14
C GLY A 158 30.07 -19.16 -13.30
N GLY A 159 29.72 -20.30 -13.91
CA GLY A 159 28.35 -20.76 -14.13
C GLY A 159 27.99 -20.89 -15.62
N LEU A 160 28.87 -20.44 -16.52
CA LEU A 160 28.70 -20.40 -17.98
C LEU A 160 28.97 -21.78 -18.63
N GLN A 161 28.52 -22.86 -17.98
CA GLN A 161 28.74 -24.25 -18.39
C GLN A 161 27.77 -24.67 -19.51
N SER A 162 26.58 -24.06 -19.56
CA SER A 162 25.56 -24.21 -20.60
C SER A 162 24.70 -22.94 -20.65
N LEU A 163 24.08 -22.67 -21.81
CA LEU A 163 23.21 -21.51 -22.06
C LEU A 163 21.99 -21.89 -22.95
N LEU A 164 21.85 -23.17 -23.29
CA LEU A 164 20.79 -23.78 -24.10
C LEU A 164 20.71 -25.27 -23.73
N GLY A 165 19.99 -26.05 -24.54
CA GLY A 165 19.78 -27.49 -24.41
C GLY A 165 18.30 -27.86 -24.41
N ASN A 166 17.43 -26.92 -23.98
CA ASN A 166 15.97 -27.01 -24.00
C ASN A 166 15.41 -25.58 -23.94
N MET A 167 14.09 -25.41 -24.11
CA MET A 167 13.36 -24.15 -24.02
C MET A 167 11.93 -24.37 -23.52
N SER A 168 11.27 -23.32 -23.04
CA SER A 168 9.86 -23.31 -22.67
C SER A 168 9.01 -23.15 -23.95
N HIS A 169 8.25 -24.18 -24.33
CA HIS A 169 7.42 -24.24 -25.53
C HIS A 169 6.07 -24.94 -25.28
N SER A 170 5.73 -25.19 -24.01
CA SER A 170 4.52 -25.80 -23.45
C SER A 170 4.58 -27.34 -23.46
N GLN A 171 5.02 -27.93 -22.34
CA GLN A 171 5.07 -29.38 -22.11
C GLN A 171 3.79 -29.90 -21.43
N LEU A 172 2.91 -29.00 -20.96
CA LEU A 172 1.65 -29.22 -20.26
C LEU A 172 1.92 -29.56 -18.79
N MET A 173 1.78 -30.84 -18.41
CA MET A 173 1.98 -31.41 -17.07
C MET A 173 0.83 -31.01 -16.12
N GLN A 174 -0.35 -30.74 -16.69
CA GLN A 174 -1.55 -30.27 -16.00
C GLN A 174 -2.34 -31.42 -15.33
N LEU A 175 -2.05 -32.67 -15.69
CA LEU A 175 -2.60 -33.87 -15.09
C LEU A 175 -1.73 -34.24 -13.87
N ILE A 176 -2.37 -34.62 -12.77
CA ILE A 176 -1.73 -34.92 -11.48
C ILE A 176 -0.92 -36.23 -11.52
N GLY A 177 0.23 -36.24 -10.84
CA GLY A 177 1.06 -37.41 -10.54
C GLY A 177 1.35 -37.50 -9.04
N PRO A 178 2.05 -38.55 -8.55
CA PRO A 178 2.49 -38.73 -7.15
C PRO A 178 3.17 -37.49 -6.51
N ALA A 179 4.10 -36.88 -7.24
CA ALA A 179 4.75 -35.59 -6.96
C ALA A 179 5.39 -35.11 -8.27
N GLY A 180 6.23 -35.99 -8.83
CA GLY A 180 6.69 -35.98 -10.22
C GLY A 180 6.28 -37.31 -10.85
N LEU A 181 7.14 -37.90 -11.68
CA LEU A 181 7.00 -39.24 -12.22
C LEU A 181 7.47 -40.24 -11.15
N GLY A 182 6.53 -40.95 -10.53
CA GLY A 182 6.76 -41.94 -9.48
C GLY A 182 6.13 -43.29 -9.86
N GLY A 183 5.73 -44.06 -8.84
CA GLY A 183 5.06 -45.35 -8.95
C GLY A 183 3.66 -45.30 -8.30
N LEU A 184 3.10 -46.46 -7.95
CA LEU A 184 1.78 -46.63 -7.35
C LEU A 184 1.84 -47.76 -6.30
N GLY A 185 2.88 -47.74 -5.46
CA GLY A 185 3.22 -48.76 -4.47
C GLY A 185 4.62 -49.32 -4.73
N GLY A 186 5.00 -50.37 -4.00
CA GLY A 186 6.25 -51.09 -4.12
C GLY A 186 6.01 -52.58 -4.42
N LEU A 187 7.12 -53.34 -4.51
CA LEU A 187 7.23 -54.79 -4.72
C LEU A 187 7.12 -55.18 -6.22
N GLY A 188 7.66 -56.34 -6.57
CA GLY A 188 7.75 -56.89 -7.93
C GLY A 188 9.22 -57.10 -8.32
N ALA A 189 9.48 -58.00 -9.28
CA ALA A 189 10.81 -58.39 -9.73
C ALA A 189 10.93 -58.56 -11.26
N LEU A 190 9.84 -58.36 -12.01
CA LEU A 190 9.75 -58.35 -13.48
C LEU A 190 9.99 -59.76 -14.07
N THR A 191 9.06 -60.68 -13.81
CA THR A 191 9.05 -62.05 -14.32
C THR A 191 8.73 -62.04 -15.83
N GLY A 192 9.36 -62.93 -16.61
CA GLY A 192 9.34 -62.99 -18.07
C GLY A 192 10.77 -63.00 -18.63
N PRO A 193 10.99 -62.64 -19.91
CA PRO A 193 12.32 -62.55 -20.57
C PRO A 193 13.38 -61.75 -19.79
N GLY A 194 14.66 -62.08 -20.02
CA GLY A 194 15.83 -61.53 -19.35
C GLY A 194 16.67 -60.71 -20.32
N LEU A 195 17.87 -61.20 -20.64
CA LEU A 195 18.87 -60.60 -21.54
C LEU A 195 19.68 -59.48 -20.85
N ALA A 196 19.79 -59.55 -19.51
CA ALA A 196 20.42 -58.58 -18.62
C ALA A 196 21.96 -58.46 -18.77
N SER A 197 22.57 -59.33 -19.59
CA SER A 197 23.95 -59.24 -20.05
C SER A 197 24.15 -58.06 -21.05
N LEU A 198 23.08 -57.67 -21.76
CA LEU A 198 22.95 -56.55 -22.69
C LEU A 198 23.58 -56.84 -24.07
N LEU A 199 23.19 -56.07 -25.09
CA LEU A 199 23.75 -56.13 -26.44
C LEU A 199 24.99 -55.22 -26.57
N GLY A 200 25.17 -54.28 -25.64
CA GLY A 200 26.32 -53.37 -25.55
C GLY A 200 25.91 -51.90 -25.73
N SER A 201 24.70 -51.63 -26.24
CA SER A 201 24.18 -50.32 -26.63
C SER A 201 23.98 -49.36 -25.42
N SER A 202 23.83 -49.91 -24.21
CA SER A 202 23.64 -49.18 -22.95
C SER A 202 24.83 -49.39 -21.99
N GLY A 203 25.92 -50.01 -22.46
CA GLY A 203 27.22 -50.34 -21.85
C GLY A 203 27.54 -49.78 -20.46
N PRO A 204 27.22 -50.51 -19.36
CA PRO A 204 27.57 -50.14 -17.97
C PRO A 204 29.06 -49.81 -17.76
N PRO A 205 29.42 -48.80 -16.92
CA PRO A 205 30.82 -48.42 -16.69
C PRO A 205 31.57 -49.37 -15.74
N GLY A 206 30.86 -50.07 -14.84
CA GLY A 206 31.40 -50.95 -13.81
C GLY A 206 31.08 -50.42 -12.41
N SER A 207 31.06 -51.30 -11.41
CA SER A 207 30.82 -51.00 -10.01
C SER A 207 31.48 -52.11 -9.16
N SER A 208 31.91 -51.79 -7.94
CA SER A 208 32.42 -52.70 -6.91
C SER A 208 33.88 -53.18 -7.19
N SER A 209 34.65 -52.40 -7.94
CA SER A 209 36.04 -52.72 -8.35
C SER A 209 37.02 -52.58 -7.17
N SER A 210 36.67 -51.79 -6.14
CA SER A 210 37.36 -51.57 -4.87
C SER A 210 38.43 -50.48 -4.98
N SER A 211 38.57 -49.65 -3.94
CA SER A 211 39.62 -48.66 -3.74
C SER A 211 39.84 -48.49 -2.23
N SER A 212 40.13 -47.27 -1.76
CA SER A 212 40.09 -46.88 -0.35
C SER A 212 38.65 -46.49 0.08
N SER A 213 37.71 -46.36 -0.86
CA SER A 213 36.30 -46.07 -0.60
C SER A 213 35.56 -47.29 -0.04
N ARG A 214 34.47 -47.04 0.70
CA ARG A 214 33.57 -48.05 1.27
C ARG A 214 32.09 -47.63 1.16
N SER A 215 31.82 -46.35 0.88
CA SER A 215 30.50 -45.77 0.64
C SER A 215 30.69 -44.49 -0.20
N GLN A 216 29.59 -43.80 -0.48
CA GLN A 216 29.50 -42.49 -1.15
C GLN A 216 28.48 -41.57 -0.46
N SER A 217 28.06 -41.91 0.76
CA SER A 217 27.14 -41.17 1.63
C SER A 217 27.35 -41.61 3.09
N ALA A 218 27.00 -40.76 4.05
CA ALA A 218 27.08 -41.02 5.49
C ALA A 218 25.95 -40.33 6.27
N ALA A 219 25.61 -39.10 5.88
CA ALA A 219 24.53 -38.23 6.40
C ALA A 219 24.96 -37.42 7.63
N VAL A 220 24.19 -36.37 7.95
CA VAL A 220 24.35 -35.49 9.10
C VAL A 220 22.99 -34.93 9.56
N THR A 221 22.09 -34.64 8.60
CA THR A 221 20.71 -34.15 8.71
C THR A 221 20.66 -32.61 8.83
N PRO A 222 20.83 -31.84 7.72
CA PRO A 222 20.73 -30.36 7.70
C PRO A 222 19.43 -29.80 8.30
N SER A 223 19.51 -28.58 8.84
CA SER A 223 18.40 -27.79 9.34
C SER A 223 18.73 -26.30 9.13
N SER A 224 19.89 -25.86 9.65
CA SER A 224 20.52 -24.58 9.37
C SER A 224 21.24 -24.65 8.01
N THR A 225 21.14 -23.59 7.20
CA THR A 225 21.79 -23.44 5.91
C THR A 225 23.30 -23.13 6.13
N THR A 226 24.19 -23.94 5.56
CA THR A 226 25.64 -23.87 5.73
C THR A 226 26.29 -22.74 4.89
N SER A 227 25.58 -22.22 3.89
CA SER A 227 25.94 -21.05 3.08
C SER A 227 24.64 -20.41 2.56
N SER A 228 24.72 -19.11 2.23
CA SER A 228 23.67 -18.30 1.60
C SER A 228 24.23 -17.53 0.39
N THR A 229 25.42 -17.93 -0.12
CA THR A 229 26.11 -17.36 -1.27
C THR A 229 25.27 -17.50 -2.56
N ARG A 230 25.25 -16.43 -3.37
CA ARG A 230 24.43 -16.29 -4.58
C ARG A 230 25.02 -15.27 -5.56
N ALA A 231 25.69 -14.22 -5.04
CA ALA A 231 26.46 -13.18 -5.73
C ALA A 231 25.56 -12.13 -6.39
N THR A 232 25.32 -11.01 -5.69
CA THR A 232 24.47 -9.91 -6.11
C THR A 232 25.13 -8.51 -5.92
N PRO A 233 26.31 -8.23 -6.52
CA PRO A 233 26.92 -6.88 -6.46
C PRO A 233 26.20 -5.86 -7.37
N ALA A 234 25.79 -6.29 -8.58
CA ALA A 234 25.01 -5.58 -9.59
C ALA A 234 25.59 -4.20 -9.99
N PRO A 235 26.83 -4.11 -10.53
CA PRO A 235 27.45 -2.83 -10.90
C PRO A 235 26.87 -2.22 -12.19
N SER A 236 26.59 -3.03 -13.21
CA SER A 236 25.98 -2.64 -14.47
C SER A 236 25.20 -3.84 -15.02
N ALA A 237 23.96 -3.63 -15.48
CA ALA A 237 23.10 -4.60 -16.13
C ALA A 237 22.11 -3.85 -17.05
N PRO A 238 22.54 -3.38 -18.25
CA PRO A 238 21.70 -2.54 -19.12
C PRO A 238 20.63 -3.38 -19.85
N ALA A 239 19.39 -2.87 -19.85
CA ALA A 239 18.24 -3.39 -20.59
C ALA A 239 18.09 -2.60 -21.91
N ALA A 240 17.20 -3.06 -22.80
CA ALA A 240 16.80 -2.36 -24.02
C ALA A 240 15.87 -1.20 -23.66
N ALA A 241 16.04 -0.05 -24.32
CA ALA A 241 15.36 1.22 -24.04
C ALA A 241 13.94 1.29 -24.67
N SER A 242 13.25 0.15 -24.78
CA SER A 242 11.89 0.01 -25.28
C SER A 242 10.95 0.30 -24.08
N ALA A 243 10.44 1.53 -24.01
CA ALA A 243 9.50 2.03 -23.01
C ALA A 243 8.72 3.21 -23.60
N THR A 244 7.51 3.47 -23.08
CA THR A 244 6.52 4.49 -23.48
C THR A 244 5.71 4.03 -24.71
N SER A 245 4.45 4.44 -24.80
CA SER A 245 3.53 4.11 -25.90
C SER A 245 3.98 4.79 -27.22
N PRO A 246 3.91 4.11 -28.39
CA PRO A 246 4.22 4.68 -29.72
C PRO A 246 3.51 6.02 -30.03
N SER A 247 4.19 6.91 -30.76
CA SER A 247 3.68 8.20 -31.21
C SER A 247 2.54 8.19 -32.26
N PRO A 248 2.38 7.21 -33.20
CA PRO A 248 1.21 7.11 -34.09
C PRO A 248 -0.15 7.07 -33.37
N ALA A 249 -1.20 7.55 -34.05
CA ALA A 249 -2.61 7.64 -33.64
C ALA A 249 -2.91 8.92 -32.84
N PRO A 250 -4.18 9.43 -32.82
CA PRO A 250 -4.62 10.56 -31.97
C PRO A 250 -4.24 10.45 -30.48
N SER A 251 -4.09 11.60 -29.81
CA SER A 251 -3.77 11.71 -28.39
C SER A 251 -5.01 11.44 -27.50
N SER A 252 -6.22 11.42 -28.08
CA SER A 252 -7.48 11.09 -27.43
C SER A 252 -7.61 9.56 -27.33
N GLY A 253 -7.99 9.05 -26.16
CA GLY A 253 -8.23 7.64 -25.86
C GLY A 253 -9.66 7.42 -25.37
N ASN A 254 -10.18 6.19 -25.55
CA ASN A 254 -11.50 5.74 -25.12
C ASN A 254 -11.40 4.31 -24.59
N GLY A 255 -12.29 3.93 -23.66
CA GLY A 255 -12.36 2.63 -23.00
C GLY A 255 -12.15 2.81 -21.51
N ALA A 256 -13.11 2.35 -20.69
CA ALA A 256 -13.07 2.41 -19.24
C ALA A 256 -12.42 1.14 -18.68
N SER A 257 -11.44 1.29 -17.78
CA SER A 257 -10.80 0.21 -17.03
C SER A 257 -11.83 -0.39 -16.07
N THR A 258 -12.23 -1.65 -16.29
CA THR A 258 -13.33 -2.33 -15.62
C THR A 258 -12.81 -3.67 -15.05
N ALA A 259 -12.49 -4.63 -15.92
CA ALA A 259 -11.96 -5.95 -15.52
C ALA A 259 -10.42 -5.92 -15.50
N ALA A 260 -9.80 -5.28 -16.51
CA ALA A 260 -8.36 -5.10 -16.61
C ALA A 260 -8.00 -3.75 -15.96
N SER A 261 -7.39 -3.81 -14.78
CA SER A 261 -6.98 -2.65 -13.98
C SER A 261 -5.56 -2.89 -13.39
N PRO A 262 -4.48 -2.82 -14.21
CA PRO A 262 -3.08 -3.02 -13.74
C PRO A 262 -2.52 -1.75 -13.05
N THR A 263 -3.29 -1.13 -12.15
CA THR A 263 -2.98 0.14 -11.49
C THR A 263 -2.01 -0.04 -10.31
N GLN A 264 -1.96 -1.23 -9.71
CA GLN A 264 -0.99 -1.64 -8.68
C GLN A 264 -0.09 -2.75 -9.26
N PRO A 265 1.19 -2.84 -8.86
CA PRO A 265 2.12 -3.88 -9.34
C PRO A 265 1.85 -5.23 -8.64
N ILE A 266 2.07 -6.33 -9.35
CA ILE A 266 1.80 -7.70 -8.91
C ILE A 266 3.02 -8.20 -8.08
N GLN A 267 3.28 -7.51 -6.97
CA GLN A 267 4.35 -7.78 -6.01
C GLN A 267 3.92 -7.52 -4.55
N LEU A 268 2.76 -6.88 -4.33
CA LEU A 268 2.28 -6.49 -3.00
C LEU A 268 1.67 -7.67 -2.23
N SER A 269 1.46 -8.81 -2.90
CA SER A 269 0.82 -10.03 -2.39
C SER A 269 1.62 -10.77 -1.30
N ASP A 270 2.90 -10.43 -1.09
CA ASP A 270 3.78 -10.97 -0.06
C ASP A 270 4.55 -9.86 0.67
N LEU A 271 5.07 -8.85 -0.05
CA LEU A 271 5.82 -7.70 0.50
C LEU A 271 5.09 -6.96 1.65
N GLN A 272 3.77 -6.82 1.55
CA GLN A 272 2.92 -6.18 2.56
C GLN A 272 2.84 -7.00 3.87
N SER A 273 3.03 -8.32 3.81
CA SER A 273 3.08 -9.18 4.99
C SER A 273 4.51 -9.24 5.55
N ILE A 274 5.54 -9.16 4.70
CA ILE A 274 6.96 -9.14 5.08
C ILE A 274 7.29 -7.88 5.91
N LEU A 275 6.83 -6.69 5.47
CA LEU A 275 7.03 -5.44 6.22
C LEU A 275 6.15 -5.35 7.48
N ALA A 276 5.07 -6.13 7.57
CA ALA A 276 4.17 -6.15 8.72
C ALA A 276 4.84 -6.84 9.94
N THR A 277 5.65 -7.87 9.69
CA THR A 277 6.48 -8.56 10.68
C THR A 277 7.55 -7.63 11.30
N MET A 278 7.97 -6.59 10.57
CA MET A 278 9.00 -5.63 10.98
C MET A 278 8.41 -4.41 11.71
N ASN A 279 7.12 -4.07 11.52
CA ASN A 279 6.50 -2.89 12.12
C ASN A 279 4.98 -3.05 12.34
N VAL A 280 4.18 -2.66 11.34
CA VAL A 280 2.73 -2.42 11.45
C VAL A 280 1.96 -3.76 11.55
N PRO A 281 0.92 -3.91 12.40
CA PRO A 281 0.07 -5.10 12.46
C PRO A 281 -0.90 -5.20 11.25
N ALA A 282 -0.34 -5.32 10.05
CA ALA A 282 -1.00 -5.38 8.75
C ALA A 282 -0.90 -6.79 8.12
N GLY A 283 -0.61 -7.81 8.94
CA GLY A 283 -0.30 -9.17 8.51
C GLY A 283 -1.39 -10.16 8.95
N PRO A 284 -1.20 -10.96 10.03
CA PRO A 284 -2.06 -12.09 10.44
C PRO A 284 -3.60 -11.92 10.38
N ALA A 285 -4.11 -10.73 10.73
CA ALA A 285 -5.52 -10.34 10.66
C ALA A 285 -5.66 -8.89 10.19
N GLY A 286 -4.79 -8.48 9.24
CA GLY A 286 -4.68 -7.12 8.74
C GLY A 286 -4.96 -7.04 7.23
N GLY A 287 -4.88 -5.82 6.69
CA GLY A 287 -5.12 -5.48 5.29
C GLY A 287 -6.48 -4.82 5.15
N GLN A 288 -7.53 -5.59 5.45
CA GLN A 288 -8.94 -5.24 5.33
C GLN A 288 -9.42 -4.31 6.49
N GLN A 289 -8.63 -4.29 7.57
CA GLN A 289 -8.75 -3.56 8.84
C GLN A 289 -9.32 -2.12 8.75
N VAL A 290 -8.78 -1.29 7.86
CA VAL A 290 -9.15 0.11 7.68
C VAL A 290 -10.37 0.26 6.76
N ASP A 291 -10.57 -0.67 5.82
CA ASP A 291 -11.54 -0.57 4.73
C ASP A 291 -12.95 -0.86 5.23
N LEU A 292 -13.13 -1.94 6.00
CA LEU A 292 -14.41 -2.31 6.59
C LEU A 292 -14.82 -1.36 7.72
N ALA A 293 -13.86 -0.87 8.52
CA ALA A 293 -14.10 0.04 9.64
C ALA A 293 -14.65 1.41 9.21
N SER A 294 -14.50 1.77 7.93
CA SER A 294 -15.05 2.98 7.32
C SER A 294 -16.52 2.79 6.86
N VAL A 295 -17.00 1.54 6.77
CA VAL A 295 -18.34 1.17 6.31
C VAL A 295 -19.14 0.63 7.51
N LEU A 296 -18.59 -0.39 8.19
CA LEU A 296 -19.08 -0.99 9.42
C LEU A 296 -18.50 -0.14 10.57
N THR A 297 -19.02 1.08 10.72
CA THR A 297 -18.62 2.10 11.69
C THR A 297 -18.86 1.63 13.15
N PRO A 298 -18.18 2.23 14.17
CA PRO A 298 -18.36 1.85 15.57
C PRO A 298 -19.76 2.13 16.14
N GLU A 299 -20.55 3.01 15.50
CA GLU A 299 -21.95 3.25 15.82
C GLU A 299 -22.85 2.05 15.44
N ILE A 300 -22.45 1.25 14.44
CA ILE A 300 -23.14 0.04 13.99
C ILE A 300 -22.59 -1.16 14.78
N MET A 301 -21.27 -1.25 14.95
CA MET A 301 -20.57 -2.44 15.45
C MET A 301 -20.50 -2.53 16.98
N ALA A 302 -20.75 -1.43 17.72
CA ALA A 302 -20.80 -1.35 19.19
C ALA A 302 -21.42 -2.54 19.95
N PRO A 303 -22.70 -2.91 19.73
CA PRO A 303 -23.32 -4.05 20.42
C PRO A 303 -22.88 -5.43 19.86
N ILE A 304 -22.36 -5.48 18.63
CA ILE A 304 -21.92 -6.71 17.96
C ILE A 304 -20.59 -7.16 18.59
N LEU A 305 -19.62 -6.27 18.69
CA LEU A 305 -18.28 -6.54 19.23
C LEU A 305 -18.27 -6.66 20.77
N ALA A 306 -19.36 -6.26 21.45
CA ALA A 306 -19.54 -6.38 22.90
C ALA A 306 -20.08 -7.76 23.30
N ASN A 307 -20.43 -8.63 22.34
CA ASN A 307 -20.98 -9.97 22.59
C ASN A 307 -19.81 -10.95 22.79
N ALA A 308 -19.90 -11.79 23.83
CA ALA A 308 -18.90 -12.78 24.22
C ALA A 308 -18.61 -13.82 23.13
N ASP A 309 -19.62 -14.22 22.36
CA ASP A 309 -19.52 -15.22 21.28
C ASP A 309 -18.84 -14.67 20.02
N VAL A 310 -18.66 -13.34 19.93
CA VAL A 310 -17.81 -12.67 18.94
C VAL A 310 -16.41 -12.51 19.56
N GLN A 311 -16.31 -11.94 20.78
CA GLN A 311 -15.06 -11.65 21.50
C GLN A 311 -14.11 -12.85 21.62
N GLU A 312 -14.62 -14.01 22.03
CA GLU A 312 -13.84 -15.23 22.26
C GLU A 312 -13.34 -15.88 20.95
N ARG A 313 -13.88 -15.50 19.79
CA ARG A 313 -13.37 -15.91 18.48
C ARG A 313 -12.36 -14.87 17.98
N LEU A 314 -12.65 -13.57 18.14
CA LEU A 314 -11.79 -12.47 17.70
C LEU A 314 -10.47 -12.41 18.50
N LEU A 315 -10.53 -12.17 19.82
CA LEU A 315 -9.39 -11.96 20.72
C LEU A 315 -8.14 -12.86 20.54
N PRO A 316 -8.24 -14.20 20.43
CA PRO A 316 -7.06 -15.05 20.18
C PRO A 316 -6.46 -14.96 18.76
N TYR A 317 -7.09 -14.25 17.80
CA TYR A 317 -6.55 -14.01 16.45
C TYR A 317 -5.72 -12.71 16.41
N LEU A 318 -5.51 -12.00 17.53
CA LEU A 318 -4.68 -10.79 17.61
C LEU A 318 -3.21 -11.10 17.29
N PRO A 319 -2.49 -10.22 16.55
CA PRO A 319 -1.05 -10.38 16.30
C PRO A 319 -0.20 -10.00 17.53
N SER A 320 -0.69 -9.09 18.37
CA SER A 320 -0.10 -8.61 19.61
C SER A 320 -0.63 -9.42 20.82
N GLY A 321 -0.29 -9.00 22.04
CA GLY A 321 -0.74 -9.54 23.31
C GLY A 321 -1.59 -8.53 24.09
N GLU A 322 -2.19 -7.56 23.39
CA GLU A 322 -3.08 -6.53 23.92
C GLU A 322 -4.54 -7.05 23.94
N SER A 323 -5.51 -6.15 24.16
CA SER A 323 -6.94 -6.42 24.17
C SER A 323 -7.68 -5.16 23.70
N LEU A 324 -9.02 -5.16 23.78
CA LEU A 324 -9.94 -4.12 23.36
C LEU A 324 -11.12 -3.99 24.34
N PRO A 325 -11.84 -2.84 24.41
CA PRO A 325 -13.07 -2.66 25.21
C PRO A 325 -14.14 -3.75 24.97
N GLN A 326 -14.96 -4.03 26.00
CA GLN A 326 -15.88 -5.18 26.04
C GLN A 326 -17.34 -4.79 26.35
N THR A 327 -17.68 -3.50 26.27
CA THR A 327 -19.03 -2.96 26.42
C THR A 327 -19.27 -1.89 25.36
N ALA A 328 -20.49 -1.83 24.79
CA ALA A 328 -20.88 -1.03 23.62
C ALA A 328 -20.51 0.45 23.69
N ASP A 329 -20.70 1.08 24.86
CA ASP A 329 -20.40 2.49 25.13
C ASP A 329 -18.89 2.78 25.10
N GLU A 330 -18.07 1.83 25.56
CA GLU A 330 -16.62 1.95 25.63
C GLU A 330 -15.99 1.60 24.27
N ILE A 331 -16.57 0.69 23.49
CA ILE A 331 -16.20 0.38 22.10
C ILE A 331 -16.41 1.61 21.18
N GLN A 332 -17.42 2.43 21.48
CA GLN A 332 -17.72 3.65 20.73
C GLN A 332 -16.83 4.83 21.15
N ASN A 333 -16.39 4.91 22.42
CA ASN A 333 -15.83 6.14 23.01
C ASN A 333 -14.40 6.01 23.57
N THR A 334 -13.92 4.81 23.90
CA THR A 334 -12.70 4.56 24.69
C THR A 334 -11.65 3.83 23.81
N LEU A 335 -11.54 4.27 22.56
CA LEU A 335 -10.53 3.93 21.57
C LEU A 335 -10.37 5.12 20.61
N THR A 336 -9.22 5.25 19.94
CA THR A 336 -9.02 6.26 18.90
C THR A 336 -9.55 5.67 17.57
N SER A 337 -9.01 4.51 17.16
CA SER A 337 -9.26 3.81 15.91
C SER A 337 -8.54 2.44 15.85
N PRO A 338 -7.22 2.30 16.18
CA PRO A 338 -6.46 1.05 16.00
C PRO A 338 -7.10 -0.22 16.60
N GLN A 339 -7.64 -0.09 17.82
CA GLN A 339 -8.28 -1.15 18.60
C GLN A 339 -9.56 -1.66 17.92
N PHE A 340 -10.28 -0.77 17.23
CA PHE A 340 -11.48 -1.07 16.46
C PHE A 340 -11.09 -1.62 15.07
N GLN A 341 -10.08 -1.04 14.41
CA GLN A 341 -9.61 -1.47 13.09
C GLN A 341 -9.03 -2.89 13.11
N GLN A 342 -8.34 -3.29 14.19
CA GLN A 342 -7.92 -4.68 14.41
C GLN A 342 -9.12 -5.62 14.62
N ALA A 343 -10.17 -5.18 15.34
CA ALA A 343 -11.43 -5.91 15.51
C ALA A 343 -12.09 -6.16 14.14
N LEU A 344 -12.22 -5.12 13.32
CA LEU A 344 -12.73 -5.14 11.95
C LEU A 344 -11.72 -5.70 10.92
N GLY A 345 -10.65 -6.35 11.38
CA GLY A 345 -9.72 -7.16 10.59
C GLY A 345 -9.77 -8.63 11.02
N MET A 346 -9.99 -8.91 12.31
CA MET A 346 -10.19 -10.24 12.86
C MET A 346 -11.63 -10.75 12.57
N PHE A 347 -12.60 -9.83 12.52
CA PHE A 347 -14.00 -10.04 12.13
C PHE A 347 -14.09 -10.62 10.71
N SER A 348 -13.24 -10.13 9.79
CA SER A 348 -13.18 -10.50 8.37
C SER A 348 -12.86 -11.99 8.17
N ALA A 349 -11.93 -12.54 8.98
CA ALA A 349 -11.51 -13.93 8.94
C ALA A 349 -12.63 -14.86 9.44
N ALA A 350 -13.27 -14.50 10.57
CA ALA A 350 -14.36 -15.25 11.18
C ALA A 350 -15.63 -15.23 10.31
N LEU A 351 -15.88 -14.12 9.61
CA LEU A 351 -16.97 -13.93 8.67
C LEU A 351 -16.69 -14.69 7.36
N ALA A 352 -15.45 -14.66 6.84
CA ALA A 352 -15.04 -15.32 5.60
C ALA A 352 -15.07 -16.85 5.70
N SER A 353 -14.62 -17.42 6.82
CA SER A 353 -14.68 -18.86 7.10
C SER A 353 -16.13 -19.33 7.38
N GLY A 354 -16.99 -18.43 7.87
CA GLY A 354 -18.44 -18.61 7.97
C GLY A 354 -18.91 -18.82 9.42
N GLN A 355 -17.97 -18.98 10.36
CA GLN A 355 -18.23 -19.31 11.76
C GLN A 355 -18.97 -18.20 12.53
N LEU A 356 -18.80 -16.94 12.13
CA LEU A 356 -19.45 -15.79 12.76
C LEU A 356 -20.90 -15.63 12.23
N GLY A 357 -21.13 -16.00 10.96
CA GLY A 357 -22.41 -16.17 10.24
C GLY A 357 -23.67 -16.33 11.08
N PRO A 358 -23.87 -17.48 11.78
CA PRO A 358 -24.99 -17.76 12.69
C PRO A 358 -25.33 -16.70 13.75
N LEU A 359 -24.37 -15.87 14.20
CA LEU A 359 -24.59 -14.84 15.20
C LEU A 359 -25.32 -13.62 14.59
N MET A 360 -25.10 -13.34 13.30
CA MET A 360 -25.67 -12.20 12.57
C MET A 360 -27.20 -12.30 12.48
N CYS A 361 -27.72 -13.53 12.48
CA CYS A 361 -29.14 -13.88 12.49
C CYS A 361 -29.82 -13.50 13.81
N GLN A 362 -29.06 -13.47 14.92
CA GLN A 362 -29.56 -13.24 16.28
C GLN A 362 -29.56 -11.74 16.62
N PHE A 363 -28.63 -10.96 16.05
CA PHE A 363 -28.51 -9.51 16.29
C PHE A 363 -29.61 -8.71 15.56
N GLY A 364 -30.12 -9.22 14.43
CA GLY A 364 -31.26 -8.63 13.71
C GLY A 364 -30.83 -7.87 12.45
N LEU A 365 -29.63 -8.14 11.94
CA LEU A 365 -29.00 -7.49 10.79
C LEU A 365 -29.70 -7.87 9.46
N PRO A 366 -29.57 -7.07 8.37
CA PRO A 366 -30.24 -7.27 7.07
C PRO A 366 -30.14 -8.70 6.50
N ALA A 367 -31.23 -9.22 5.92
CA ALA A 367 -31.33 -10.58 5.38
C ALA A 367 -30.29 -10.87 4.28
N GLU A 368 -30.00 -9.88 3.43
CA GLU A 368 -28.99 -9.90 2.39
C GLU A 368 -27.56 -9.95 2.97
N ALA A 369 -27.35 -9.33 4.14
CA ALA A 369 -26.06 -9.35 4.85
C ALA A 369 -25.89 -10.69 5.57
N VAL A 370 -26.93 -11.17 6.27
CA VAL A 370 -26.98 -12.46 6.96
C VAL A 370 -26.76 -13.64 5.98
N GLU A 371 -27.34 -13.57 4.78
CA GLU A 371 -27.13 -14.52 3.67
C GLU A 371 -25.66 -14.55 3.24
N ALA A 372 -25.03 -13.37 3.08
CA ALA A 372 -23.62 -13.21 2.70
C ALA A 372 -22.66 -13.66 3.81
N ALA A 373 -23.00 -13.40 5.08
CA ALA A 373 -22.19 -13.71 6.26
C ALA A 373 -22.05 -15.22 6.49
N ASN A 374 -23.11 -15.99 6.20
CA ASN A 374 -23.13 -17.44 6.31
C ASN A 374 -22.50 -18.13 5.09
N LYS A 375 -22.45 -17.44 3.94
CA LYS A 375 -21.84 -17.94 2.70
C LYS A 375 -20.32 -17.64 2.69
N GLY A 376 -19.91 -16.49 3.24
CA GLY A 376 -18.50 -16.09 3.42
C GLY A 376 -18.11 -14.86 2.61
N ASP A 377 -19.07 -14.12 2.03
CA ASP A 377 -18.82 -12.95 1.17
C ASP A 377 -18.78 -11.69 2.06
N VAL A 378 -17.56 -11.28 2.43
CA VAL A 378 -17.26 -10.13 3.29
C VAL A 378 -17.66 -8.79 2.61
N GLU A 379 -17.47 -8.68 1.29
CA GLU A 379 -17.89 -7.53 0.47
C GLU A 379 -19.42 -7.35 0.51
N ALA A 380 -20.17 -8.42 0.25
CA ALA A 380 -21.62 -8.41 0.15
C ALA A 380 -22.30 -8.12 1.51
N PHE A 381 -21.67 -8.55 2.62
CA PHE A 381 -22.06 -8.19 3.98
C PHE A 381 -21.97 -6.66 4.20
N ALA A 382 -20.81 -6.07 3.90
CA ALA A 382 -20.55 -4.64 4.06
C ALA A 382 -21.42 -3.78 3.12
N LYS A 383 -21.62 -4.24 1.87
CA LYS A 383 -22.44 -3.60 0.85
C LYS A 383 -23.94 -3.61 1.24
N ALA A 384 -24.44 -4.73 1.78
CA ALA A 384 -25.80 -4.85 2.29
C ALA A 384 -26.02 -4.03 3.57
N MET A 385 -25.00 -3.89 4.41
CA MET A 385 -25.03 -3.04 5.60
C MET A 385 -25.02 -1.55 5.20
N GLN A 386 -24.21 -1.16 4.21
CA GLN A 386 -24.12 0.21 3.67
C GLN A 386 -25.43 0.67 3.02
N ASN A 387 -26.19 -0.28 2.44
CA ASN A 387 -27.52 -0.06 1.86
C ASN A 387 -28.59 0.20 2.95
N ASN A 388 -28.31 -0.16 4.21
CA ASN A 388 -29.22 -0.11 5.37
C ASN A 388 -28.71 0.82 6.48
N ALA A 389 -27.59 1.53 6.26
CA ALA A 389 -26.94 2.39 7.26
C ALA A 389 -27.64 3.75 7.39
N LYS A 390 -28.39 4.18 6.36
CA LYS A 390 -29.25 5.35 6.38
C LYS A 390 -30.63 4.98 6.99
N PRO A 391 -31.30 5.89 7.73
CA PRO A 391 -32.53 5.59 8.46
C PRO A 391 -33.78 5.49 7.55
N GLU A 392 -33.91 6.39 6.55
CA GLU A 392 -34.96 6.44 5.54
C GLU A 392 -36.37 6.73 6.11
N GLN A 393 -36.46 7.35 7.28
CA GLN A 393 -37.69 7.77 7.98
C GLN A 393 -38.32 6.61 8.77
N LYS A 394 -37.48 5.77 9.40
CA LYS A 394 -37.87 4.67 10.28
C LYS A 394 -38.67 5.14 11.53
N GLU A 395 -38.39 6.34 12.03
CA GLU A 395 -39.24 7.08 12.94
C GLU A 395 -40.01 8.10 12.08
N GLY A 396 -41.34 8.01 12.08
CA GLY A 396 -42.28 8.93 11.45
C GLY A 396 -43.32 9.41 12.47
N ASP A 397 -43.99 10.52 12.15
CA ASP A 397 -45.08 11.16 12.90
C ASP A 397 -44.52 11.91 14.12
N THR A 398 -45.09 11.73 15.30
CA THR A 398 -44.65 12.23 16.60
C THR A 398 -45.10 11.21 17.64
N LYS A 399 -44.15 10.72 18.45
CA LYS A 399 -44.27 9.74 19.54
C LYS A 399 -44.26 8.30 18.99
N ASP A 400 -43.34 7.47 19.51
CA ASP A 400 -43.15 6.05 19.16
C ASP A 400 -43.12 5.18 20.43
N LYS A 401 -43.47 5.76 21.59
CA LYS A 401 -43.46 5.13 22.91
C LYS A 401 -44.58 4.10 23.02
N LYS A 402 -44.23 2.87 23.40
CA LYS A 402 -45.15 1.75 23.60
C LYS A 402 -45.46 1.63 25.10
N ASP A 403 -46.73 1.40 25.45
CA ASP A 403 -47.21 1.26 26.83
C ASP A 403 -46.98 -0.16 27.36
N GLU A 404 -46.90 -1.16 26.46
CA GLU A 404 -46.65 -2.58 26.72
C GLU A 404 -47.91 -3.31 27.26
N GLU A 405 -49.09 -2.72 27.05
CA GLU A 405 -50.39 -3.25 27.46
C GLU A 405 -50.83 -4.34 26.46
N GLU A 406 -51.41 -5.42 26.97
CA GLU A 406 -51.89 -6.58 26.21
C GLU A 406 -53.28 -6.29 25.59
N ASP A 407 -53.56 -6.96 24.47
CA ASP A 407 -54.83 -6.99 23.73
C ASP A 407 -55.10 -8.44 23.31
N MET A 408 -56.37 -8.76 23.03
CA MET A 408 -56.84 -10.09 22.63
C MET A 408 -57.94 -9.99 21.55
N SER A 409 -57.87 -8.94 20.72
CA SER A 409 -58.79 -8.65 19.63
C SER A 409 -58.01 -7.88 18.54
N LEU A 410 -57.45 -8.63 17.57
CA LEU A 410 -56.88 -8.08 16.34
C LEU A 410 -58.00 -7.85 15.29
N ASP A 411 -59.11 -8.60 15.43
CA ASP A 411 -60.40 -8.46 14.76
C ASP A 411 -61.45 -8.56 15.86
N MET A 5 60.28 40.23 12.15
CA MET A 5 59.06 39.42 12.04
C MET A 5 59.29 37.94 12.40
N THR A 6 60.04 37.65 13.47
CA THR A 6 60.32 36.29 13.95
C THR A 6 59.03 35.64 14.53
N THR A 7 58.66 34.46 14.03
CA THR A 7 57.50 33.65 14.35
C THR A 7 57.77 32.26 13.74
N SER A 8 57.24 31.19 14.34
CA SER A 8 57.26 29.83 13.79
C SER A 8 56.08 29.72 12.80
N GLY A 9 56.38 29.62 11.50
CA GLY A 9 55.41 29.60 10.40
C GLY A 9 55.53 28.35 9.54
N ALA A 10 54.79 28.34 8.42
CA ALA A 10 54.68 27.29 7.41
C ALA A 10 53.76 26.15 7.89
N LEU A 11 54.25 25.36 8.85
CA LEU A 11 53.55 24.34 9.64
C LEU A 11 53.24 23.04 8.85
N PHE A 12 53.80 22.90 7.64
CA PHE A 12 53.67 21.79 6.68
C PHE A 12 53.54 20.37 7.28
N PRO A 13 54.49 19.86 8.10
CA PRO A 13 54.36 18.57 8.78
C PRO A 13 53.41 18.69 10.01
N SER A 14 52.11 18.56 9.76
CA SER A 14 51.01 18.46 10.73
C SER A 14 50.56 19.88 11.18
N LEU A 15 49.83 20.58 10.31
CA LEU A 15 49.18 21.86 10.61
C LEU A 15 47.79 21.61 11.24
N VAL A 16 47.16 22.68 11.76
CA VAL A 16 45.87 22.67 12.46
C VAL A 16 44.74 22.18 11.52
N PRO A 17 43.93 21.14 11.91
CA PRO A 17 42.80 20.62 11.11
C PRO A 17 41.72 21.67 10.75
N GLY A 18 40.97 21.39 9.68
CA GLY A 18 39.76 22.11 9.28
C GLY A 18 39.88 22.74 7.88
N SER A 19 38.75 23.25 7.37
CA SER A 19 38.61 24.06 6.15
C SER A 19 38.54 23.20 4.87
N ARG A 20 38.25 21.89 5.00
CA ARG A 20 38.24 20.92 3.90
C ARG A 20 36.88 20.84 3.18
N GLY A 21 35.83 21.45 3.73
CA GLY A 21 34.48 21.51 3.17
C GLY A 21 33.48 20.86 4.12
N ALA A 22 33.07 21.61 5.16
CA ALA A 22 32.00 21.29 6.09
C ALA A 22 30.95 22.41 6.01
N SER A 23 29.66 22.04 6.09
CA SER A 23 28.49 22.92 5.97
C SER A 23 28.29 23.32 4.49
N ASN A 24 28.24 22.31 3.61
CA ASN A 24 28.31 22.44 2.15
C ASN A 24 26.97 22.88 1.52
N LYS A 25 25.88 22.82 2.30
CA LYS A 25 24.52 23.29 2.02
C LYS A 25 23.69 22.28 1.22
N TYR A 26 22.38 22.49 1.18
CA TYR A 26 21.37 21.56 0.66
C TYR A 26 21.45 21.45 -0.87
N LEU A 27 21.15 20.26 -1.41
CA LEU A 27 20.91 20.00 -2.83
C LEU A 27 19.46 20.40 -3.17
N VAL A 28 18.52 20.07 -2.29
CA VAL A 28 17.11 20.47 -2.32
C VAL A 28 16.69 20.75 -0.86
N GLU A 29 15.79 21.72 -0.67
CA GLU A 29 15.08 21.99 0.57
C GLU A 29 13.68 22.51 0.21
N PHE A 30 12.63 22.00 0.85
CA PHE A 30 11.24 22.34 0.58
C PHE A 30 10.35 22.13 1.81
N ARG A 31 9.31 22.97 1.95
CA ARG A 31 8.31 22.91 3.00
C ARG A 31 7.35 21.75 2.70
N ALA A 32 7.25 20.78 3.61
CA ALA A 32 6.35 19.64 3.52
C ALA A 32 6.14 18.98 4.88
N GLY A 33 4.98 18.36 5.05
CA GLY A 33 4.60 17.51 6.17
C GLY A 33 4.53 16.06 5.67
N LYS A 34 4.33 15.11 6.58
CA LYS A 34 4.36 13.68 6.29
C LYS A 34 3.27 12.92 7.06
N MET A 35 3.01 11.67 6.63
CA MET A 35 2.14 10.73 7.31
C MET A 35 2.97 9.81 8.21
N SER A 36 2.32 9.24 9.23
CA SER A 36 2.88 8.28 10.17
C SER A 36 1.76 7.37 10.70
N LEU A 37 2.12 6.21 11.25
CA LEU A 37 1.20 5.23 11.83
C LEU A 37 0.93 5.59 13.29
N LYS A 38 -0.34 5.50 13.71
CA LYS A 38 -0.78 5.57 15.11
C LYS A 38 -0.99 4.13 15.65
N GLY A 39 -0.39 3.13 14.99
CA GLY A 39 -0.59 1.71 15.19
C GLY A 39 -0.99 1.10 13.85
N THR A 40 -2.25 0.68 13.72
CA THR A 40 -2.82 0.09 12.50
C THR A 40 -3.30 1.20 11.53
N THR A 41 -3.65 2.38 12.04
CA THR A 41 -4.20 3.49 11.27
C THR A 41 -3.04 4.43 10.86
N VAL A 42 -2.98 4.82 9.58
CA VAL A 42 -2.10 5.86 9.05
C VAL A 42 -2.81 7.21 9.27
N THR A 43 -2.08 8.24 9.69
CA THR A 43 -2.59 9.59 9.98
C THR A 43 -1.60 10.64 9.41
N PRO A 44 -2.08 11.72 8.74
CA PRO A 44 -1.22 12.84 8.32
C PRO A 44 -0.90 13.77 9.51
N ASP A 45 0.33 14.28 9.58
CA ASP A 45 0.72 15.33 10.52
C ASP A 45 0.24 16.70 9.98
N LYS A 46 -0.05 17.62 10.91
CA LYS A 46 -0.57 18.96 10.69
C LYS A 46 0.50 20.04 10.99
N ARG A 47 1.66 19.66 11.52
CA ARG A 47 2.77 20.57 11.84
C ARG A 47 3.49 21.08 10.57
N LYS A 48 4.13 22.26 10.69
CA LYS A 48 4.94 22.89 9.65
C LYS A 48 6.32 22.20 9.67
N GLY A 49 6.68 21.53 8.57
CA GLY A 49 7.91 20.76 8.41
C GLY A 49 8.70 21.21 7.18
N LEU A 50 9.97 20.80 7.11
CA LEU A 50 10.88 21.04 6.01
C LEU A 50 11.60 19.72 5.71
N VAL A 51 11.52 19.24 4.46
CA VAL A 51 12.36 18.18 3.93
C VAL A 51 13.63 18.88 3.40
N TYR A 52 14.80 18.27 3.59
CA TYR A 52 16.08 18.78 3.11
C TYR A 52 17.01 17.61 2.74
N ILE A 53 17.78 17.80 1.66
CA ILE A 53 18.61 16.79 1.02
C ILE A 53 20.03 17.35 0.88
N GLN A 54 21.04 16.55 1.21
CA GLN A 54 22.47 16.82 1.06
C GLN A 54 23.16 15.50 0.63
N GLN A 55 24.49 15.44 0.65
CA GLN A 55 25.29 14.27 0.29
C GLN A 55 26.33 14.01 1.38
N THR A 56 26.56 12.73 1.70
CA THR A 56 27.55 12.26 2.67
C THR A 56 28.97 12.22 2.04
N ASP A 57 30.00 12.09 2.88
CA ASP A 57 31.41 11.87 2.48
C ASP A 57 31.61 10.58 1.65
N ASP A 58 30.77 9.57 1.91
CA ASP A 58 30.73 8.27 1.22
C ASP A 58 30.09 8.37 -0.18
N SER A 59 29.45 9.49 -0.50
CA SER A 59 28.82 9.90 -1.77
C SER A 59 27.33 9.54 -1.87
N LEU A 60 26.77 8.90 -0.85
CA LEU A 60 25.36 8.56 -0.70
C LEU A 60 24.57 9.81 -0.32
N ILE A 61 23.29 9.87 -0.69
CA ILE A 61 22.43 11.03 -0.52
C ILE A 61 21.89 11.02 0.92
N HIS A 62 22.12 12.11 1.66
CA HIS A 62 21.65 12.32 3.03
C HIS A 62 20.28 13.02 2.90
N PHE A 63 19.21 12.36 3.33
CA PHE A 63 17.82 12.81 3.19
C PHE A 63 17.27 12.98 4.61
N CYS A 64 16.77 14.17 4.96
CA CYS A 64 16.32 14.51 6.31
C CYS A 64 14.98 15.27 6.25
N TRP A 65 14.27 15.30 7.39
CA TRP A 65 13.09 16.10 7.64
C TRP A 65 13.19 16.70 9.05
N LYS A 66 12.83 17.98 9.18
CA LYS A 66 12.89 18.76 10.42
C LYS A 66 11.61 19.58 10.61
N ASP A 67 11.28 19.88 11.87
CA ASP A 67 10.16 20.72 12.26
C ASP A 67 10.55 22.18 12.08
N ARG A 68 9.67 22.98 11.46
CA ARG A 68 9.74 24.44 11.41
C ARG A 68 8.98 25.05 12.61
N THR A 69 8.19 24.22 13.32
CA THR A 69 7.39 24.60 14.49
C THR A 69 8.30 24.62 15.74
N SER A 70 8.98 23.49 16.04
CA SER A 70 9.81 23.33 17.23
C SER A 70 11.29 23.64 16.93
N GLY A 71 11.79 23.31 15.73
CA GLY A 71 13.14 23.59 15.26
C GLY A 71 14.03 22.33 15.15
N ASN A 72 13.56 21.20 15.68
CA ASN A 72 14.33 19.95 15.82
C ASN A 72 14.32 19.15 14.50
N VAL A 73 15.42 18.45 14.24
CA VAL A 73 15.51 17.38 13.24
C VAL A 73 15.11 16.09 13.97
N GLU A 74 14.11 15.37 13.45
CA GLU A 74 13.53 14.17 14.05
C GLU A 74 13.40 13.01 13.05
N ASP A 75 13.96 13.16 11.82
CA ASP A 75 13.95 12.16 10.76
C ASP A 75 15.22 12.29 9.92
N ASP A 76 16.04 11.24 9.88
CA ASP A 76 17.35 11.15 9.23
C ASP A 76 17.42 9.85 8.43
N LEU A 77 17.81 9.90 7.16
CA LEU A 77 18.06 8.77 6.27
C LEU A 77 19.32 9.02 5.44
N ILE A 78 20.02 7.95 5.05
CA ILE A 78 21.10 7.95 4.07
C ILE A 78 20.66 6.94 3.00
N ILE A 79 20.48 7.41 1.76
CA ILE A 79 19.90 6.69 0.65
C ILE A 79 21.01 6.45 -0.39
N PHE A 80 21.10 5.21 -0.89
CA PHE A 80 21.93 4.84 -2.04
C PHE A 80 21.17 5.25 -3.32
N PRO A 81 21.80 5.94 -4.30
CA PRO A 81 21.18 6.34 -5.57
C PRO A 81 20.45 5.18 -6.30
N ASP A 82 19.14 5.34 -6.50
CA ASP A 82 18.21 4.42 -7.18
C ASP A 82 17.66 3.31 -6.25
N ASP A 83 17.81 3.46 -4.93
CA ASP A 83 17.18 2.59 -3.92
C ASP A 83 15.77 3.11 -3.54
N CYS A 84 15.48 4.39 -3.83
CA CYS A 84 14.22 5.08 -3.60
C CYS A 84 13.76 5.80 -4.87
N GLU A 85 12.49 6.21 -4.92
CA GLU A 85 11.88 7.02 -5.96
C GLU A 85 10.83 7.92 -5.30
N PHE A 86 10.93 9.24 -5.48
CA PHE A 86 9.98 10.25 -4.99
C PHE A 86 9.09 10.66 -6.17
N LYS A 87 7.78 10.45 -6.07
CA LYS A 87 6.78 10.72 -7.11
C LYS A 87 5.49 11.30 -6.50
N ARG A 88 4.64 11.90 -7.33
CA ARG A 88 3.32 12.40 -6.95
C ARG A 88 2.32 11.24 -6.91
N VAL A 89 1.35 11.29 -5.97
CA VAL A 89 0.27 10.31 -5.86
C VAL A 89 -0.80 10.64 -6.94
N PRO A 90 -1.16 9.69 -7.84
CA PRO A 90 -2.07 9.96 -8.96
C PRO A 90 -3.55 10.06 -8.54
N GLN A 91 -3.91 9.55 -7.35
CA GLN A 91 -5.25 9.61 -6.76
C GLN A 91 -5.51 10.95 -6.03
N CYS A 92 -4.51 11.84 -5.97
CA CYS A 92 -4.60 13.16 -5.33
C CYS A 92 -5.38 14.12 -6.26
N PRO A 93 -6.44 14.81 -5.78
CA PRO A 93 -7.23 15.72 -6.62
C PRO A 93 -6.58 17.10 -6.82
N SER A 94 -5.84 17.61 -5.83
CA SER A 94 -5.20 18.91 -5.83
C SER A 94 -3.81 18.84 -6.50
N GLY A 95 -3.04 17.79 -6.18
CA GLY A 95 -1.69 17.53 -6.67
C GLY A 95 -0.62 17.74 -5.60
N ARG A 96 -1.02 17.92 -4.33
CA ARG A 96 -0.16 18.32 -3.23
C ARG A 96 0.44 17.14 -2.44
N VAL A 97 -0.04 15.90 -2.63
CA VAL A 97 0.41 14.71 -1.92
C VAL A 97 1.40 13.94 -2.82
N TYR A 98 2.55 13.57 -2.25
CA TYR A 98 3.69 12.91 -2.87
C TYR A 98 4.08 11.70 -2.00
N VAL A 99 4.87 10.78 -2.56
CA VAL A 99 5.31 9.56 -1.90
C VAL A 99 6.77 9.27 -2.25
N LEU A 100 7.58 9.00 -1.23
CA LEU A 100 8.92 8.43 -1.33
C LEU A 100 8.72 6.92 -1.16
N LYS A 101 8.80 6.18 -2.27
CA LYS A 101 8.75 4.72 -2.30
C LYS A 101 10.20 4.22 -2.22
N PHE A 102 10.43 3.25 -1.33
CA PHE A 102 11.68 2.54 -1.12
C PHE A 102 11.54 1.25 -1.94
N LYS A 103 12.45 1.02 -2.90
CA LYS A 103 12.37 -0.10 -3.85
C LYS A 103 12.73 -1.43 -3.18
N ALA A 104 13.53 -1.40 -2.12
CA ALA A 104 13.81 -2.53 -1.24
C ALA A 104 12.74 -2.54 -0.13
N GLY A 105 11.79 -3.47 -0.23
CA GLY A 105 10.80 -3.79 0.80
C GLY A 105 9.38 -3.40 0.42
N SER A 106 9.23 -2.41 -0.47
CA SER A 106 7.99 -1.80 -0.98
C SER A 106 7.44 -0.68 -0.06
N LYS A 107 8.16 -0.34 1.02
CA LYS A 107 7.84 0.71 1.99
C LYS A 107 7.65 2.08 1.31
N ARG A 108 6.67 2.85 1.77
CA ARG A 108 6.23 4.11 1.20
C ARG A 108 6.00 5.13 2.33
N LEU A 109 6.79 6.20 2.38
CA LEU A 109 6.56 7.36 3.23
C LEU A 109 5.85 8.40 2.36
N PHE A 110 4.62 8.77 2.75
CA PHE A 110 3.79 9.75 2.06
C PHE A 110 4.04 11.13 2.68
N PHE A 111 4.20 12.12 1.82
CA PHE A 111 4.50 13.53 2.11
C PHE A 111 3.38 14.41 1.53
N TRP A 112 3.15 15.58 2.10
CA TRP A 112 2.23 16.59 1.60
C TRP A 112 2.92 17.96 1.61
N MET A 113 2.87 18.67 0.48
CA MET A 113 3.59 19.92 0.23
C MET A 113 2.96 21.09 1.00
N GLN A 114 3.82 21.97 1.54
CA GLN A 114 3.48 23.17 2.30
C GLN A 114 4.08 24.43 1.62
N GLU A 115 4.49 24.30 0.35
CA GLU A 115 4.95 25.39 -0.51
C GLU A 115 3.71 26.09 -1.13
N PRO A 116 3.73 27.43 -1.33
CA PRO A 116 2.56 28.19 -1.79
C PRO A 116 2.14 27.90 -3.24
N LYS A 117 3.01 28.14 -4.23
CA LYS A 117 2.68 28.06 -5.65
C LYS A 117 2.94 26.64 -6.15
N THR A 118 1.92 25.95 -6.66
CA THR A 118 1.94 24.56 -7.14
C THR A 118 3.03 24.23 -8.20
N ASP A 119 3.52 25.26 -8.92
CA ASP A 119 4.65 25.22 -9.85
C ASP A 119 5.97 24.81 -9.15
N GLN A 120 6.14 25.19 -7.88
CA GLN A 120 7.30 24.86 -7.06
C GLN A 120 7.32 23.37 -6.71
N ASP A 121 6.15 22.80 -6.37
CA ASP A 121 5.93 21.39 -6.02
C ASP A 121 6.44 20.43 -7.10
N GLU A 122 6.08 20.70 -8.36
CA GLU A 122 6.49 19.90 -9.52
C GLU A 122 8.00 20.02 -9.78
N GLU A 123 8.55 21.22 -9.68
CA GLU A 123 9.98 21.52 -9.85
C GLU A 123 10.81 20.84 -8.75
N HIS A 124 10.39 20.94 -7.48
CA HIS A 124 11.01 20.28 -6.34
C HIS A 124 10.97 18.75 -6.49
N CYS A 125 9.80 18.18 -6.85
CA CYS A 125 9.61 16.76 -7.13
C CYS A 125 10.61 16.23 -8.19
N ARG A 126 10.83 16.99 -9.28
CA ARG A 126 11.84 16.69 -10.29
C ARG A 126 13.26 16.63 -9.69
N LYS A 127 13.68 17.65 -8.92
CA LYS A 127 15.01 17.71 -8.30
C LYS A 127 15.26 16.53 -7.34
N VAL A 128 14.29 16.23 -6.47
CA VAL A 128 14.32 15.11 -5.52
C VAL A 128 14.40 13.76 -6.26
N ASN A 129 13.56 13.55 -7.28
CA ASN A 129 13.54 12.33 -8.12
C ASN A 129 14.87 12.15 -8.87
N GLU A 130 15.45 13.24 -9.40
CA GLU A 130 16.75 13.22 -10.08
C GLU A 130 17.88 12.86 -9.10
N TYR A 131 18.08 13.61 -8.00
CA TYR A 131 19.19 13.42 -7.07
C TYR A 131 19.19 12.05 -6.36
N LEU A 132 18.01 11.47 -6.07
CA LEU A 132 17.88 10.14 -5.45
C LEU A 132 18.04 9.00 -6.47
N ASN A 133 18.23 9.27 -7.77
CA ASN A 133 18.37 8.28 -8.83
C ASN A 133 19.72 8.45 -9.56
N ASN A 134 20.00 9.66 -10.05
CA ASN A 134 21.23 10.03 -10.73
C ASN A 134 22.09 10.83 -9.73
N PRO A 135 23.22 10.29 -9.23
CA PRO A 135 24.05 10.97 -8.24
C PRO A 135 24.95 12.06 -8.88
N PRO A 136 25.39 13.09 -8.11
CA PRO A 136 26.39 14.09 -8.54
C PRO A 136 27.70 13.55 -9.15
N MET A 137 28.16 12.36 -8.71
CA MET A 137 29.34 11.64 -9.21
C MET A 137 29.07 10.13 -9.23
N PRO A 138 29.76 9.34 -10.10
CA PRO A 138 29.57 7.88 -10.21
C PRO A 138 30.26 7.10 -9.06
N GLY A 139 30.41 5.78 -9.23
CA GLY A 139 30.94 4.84 -8.24
C GLY A 139 30.06 3.59 -8.07
N ALA A 140 28.95 3.50 -8.79
CA ALA A 140 28.09 2.34 -8.95
C ALA A 140 27.59 2.29 -10.40
N LEU A 141 27.34 1.08 -10.93
CA LEU A 141 26.87 0.87 -12.31
C LEU A 141 25.35 1.09 -12.41
N GLY A 142 24.61 0.81 -11.34
CA GLY A 142 23.15 0.83 -11.25
C GLY A 142 22.64 -0.60 -11.04
N ALA A 143 21.51 -0.93 -11.65
CA ALA A 143 20.99 -2.30 -11.77
C ALA A 143 21.60 -2.98 -13.00
N SER A 144 21.43 -4.30 -13.13
CA SER A 144 21.88 -5.11 -14.24
C SER A 144 20.90 -6.27 -14.46
N GLY A 145 21.00 -6.92 -15.63
CA GLY A 145 20.37 -8.19 -15.97
C GLY A 145 21.43 -9.28 -16.22
N SER A 146 22.73 -8.96 -16.06
CA SER A 146 23.85 -9.90 -16.21
C SER A 146 24.03 -10.72 -14.90
N SER A 147 23.54 -10.21 -13.77
CA SER A 147 23.42 -10.86 -12.48
C SER A 147 22.24 -10.19 -11.75
N GLY A 148 21.51 -10.95 -10.93
CA GLY A 148 20.38 -10.48 -10.12
C GLY A 148 19.05 -11.14 -10.49
N HIS A 149 18.99 -11.84 -11.64
CA HIS A 149 17.80 -12.48 -12.20
C HIS A 149 17.77 -13.99 -11.84
N GLU A 150 18.39 -14.37 -10.71
CA GLU A 150 18.38 -15.74 -10.18
C GLU A 150 17.09 -15.92 -9.37
N LEU A 151 16.23 -16.84 -9.80
CA LEU A 151 15.01 -17.28 -9.11
C LEU A 151 15.38 -18.46 -8.19
N SER A 152 14.62 -18.64 -7.10
CA SER A 152 14.76 -19.69 -6.07
C SER A 152 15.80 -19.29 -5.00
N ALA A 153 15.99 -20.16 -4.01
CA ALA A 153 17.07 -20.10 -3.01
C ALA A 153 18.38 -20.65 -3.61
N LEU A 154 18.28 -21.64 -4.51
CA LEU A 154 19.40 -22.22 -5.26
C LEU A 154 19.03 -22.78 -6.64
N GLY A 155 17.75 -23.09 -6.88
CA GLY A 155 17.24 -23.72 -8.10
C GLY A 155 16.77 -25.13 -7.75
N GLY A 156 17.55 -26.14 -8.16
CA GLY A 156 17.41 -27.53 -7.75
C GLY A 156 18.71 -27.97 -7.05
N GLU A 157 18.60 -28.81 -6.02
CA GLU A 157 19.72 -29.25 -5.18
C GLU A 157 20.64 -30.25 -5.91
N GLY A 158 20.08 -31.07 -6.80
CA GLY A 158 20.77 -32.09 -7.59
C GLY A 158 20.28 -33.49 -7.21
N GLY A 159 20.96 -34.52 -7.72
CA GLY A 159 20.76 -35.93 -7.38
C GLY A 159 22.08 -36.51 -6.87
N LEU A 160 22.04 -37.30 -5.79
CA LEU A 160 23.20 -37.90 -5.15
C LEU A 160 23.52 -39.30 -5.72
N GLN A 161 22.63 -39.86 -6.56
CA GLN A 161 22.77 -41.13 -7.26
C GLN A 161 22.03 -41.04 -8.61
N SER A 162 22.35 -41.95 -9.54
CA SER A 162 21.79 -42.05 -10.88
C SER A 162 21.71 -43.53 -11.29
N LEU A 163 20.72 -44.24 -10.73
CA LEU A 163 20.38 -45.66 -10.85
C LEU A 163 21.19 -46.51 -9.85
N LEU A 164 20.51 -47.42 -9.13
CA LEU A 164 21.09 -48.30 -8.13
C LEU A 164 21.61 -49.61 -8.76
N GLY A 165 21.08 -49.98 -9.93
CA GLY A 165 21.50 -51.13 -10.74
C GLY A 165 20.39 -52.17 -10.90
N ASN A 166 19.59 -52.38 -9.85
CA ASN A 166 18.44 -53.29 -9.78
C ASN A 166 18.91 -54.76 -9.84
N MET A 167 19.96 -55.08 -9.07
CA MET A 167 20.71 -56.34 -9.13
C MET A 167 20.00 -57.49 -8.37
N SER A 168 19.06 -57.17 -7.48
CA SER A 168 18.22 -58.11 -6.75
C SER A 168 16.86 -57.46 -6.45
N HIS A 169 16.53 -57.31 -5.16
CA HIS A 169 15.35 -56.63 -4.63
C HIS A 169 15.80 -55.22 -4.19
N SER A 170 15.34 -54.75 -3.02
CA SER A 170 15.66 -53.46 -2.42
C SER A 170 15.71 -53.63 -0.88
N GLN A 171 16.58 -52.86 -0.21
CA GLN A 171 16.81 -52.87 1.23
C GLN A 171 17.18 -51.45 1.70
N LEU A 172 16.86 -51.13 2.95
CA LEU A 172 17.07 -49.84 3.61
C LEU A 172 18.51 -49.76 4.18
N MET A 173 18.96 -48.53 4.46
CA MET A 173 20.27 -48.13 5.02
C MET A 173 21.30 -47.84 3.91
N GLN A 174 22.16 -46.84 4.13
CA GLN A 174 23.24 -46.43 3.25
C GLN A 174 24.48 -47.33 3.46
N LEU A 175 25.28 -47.52 2.39
CA LEU A 175 26.65 -48.04 2.47
C LEU A 175 27.62 -46.88 2.79
N ILE A 176 27.23 -45.64 2.44
CA ILE A 176 27.95 -44.38 2.69
C ILE A 176 27.71 -43.99 4.16
N GLY A 177 28.71 -43.39 4.80
CA GLY A 177 28.74 -43.04 6.22
C GLY A 177 30.09 -43.40 6.86
N PRO A 178 30.22 -43.22 8.20
CA PRO A 178 31.51 -43.33 8.90
C PRO A 178 31.98 -44.76 9.20
N ALA A 179 31.09 -45.76 9.12
CA ALA A 179 31.30 -47.18 9.46
C ALA A 179 31.28 -47.36 10.99
N GLY A 180 32.29 -48.01 11.57
CA GLY A 180 32.48 -48.16 13.01
C GLY A 180 32.42 -49.62 13.50
N LEU A 181 32.37 -50.59 12.60
CA LEU A 181 32.37 -52.02 12.90
C LEU A 181 33.84 -52.43 13.20
N GLY A 182 34.10 -52.84 14.44
CA GLY A 182 35.40 -53.26 14.95
C GLY A 182 35.88 -52.32 16.05
N GLY A 183 36.37 -52.88 17.16
CA GLY A 183 36.97 -52.15 18.28
C GLY A 183 36.18 -52.26 19.59
N LEU A 184 34.94 -52.78 19.52
CA LEU A 184 33.96 -52.98 20.60
C LEU A 184 33.16 -51.69 20.90
N GLY A 185 31.95 -51.85 21.44
CA GLY A 185 30.98 -50.79 21.71
C GLY A 185 29.71 -51.07 20.90
N GLY A 186 29.21 -50.05 20.20
CA GLY A 186 28.06 -50.14 19.28
C GLY A 186 26.88 -49.25 19.69
N LEU A 187 26.95 -48.61 20.86
CA LEU A 187 25.95 -47.68 21.40
C LEU A 187 26.20 -46.27 20.80
N GLY A 188 25.95 -46.15 19.48
CA GLY A 188 26.07 -44.92 18.69
C GLY A 188 24.80 -44.65 17.89
N ALA A 189 24.87 -43.67 16.99
CA ALA A 189 23.82 -43.32 16.02
C ALA A 189 23.89 -44.27 14.80
N LEU A 190 22.83 -44.27 13.98
CA LEU A 190 22.69 -45.12 12.79
C LEU A 190 23.70 -44.73 11.69
N THR A 191 23.92 -43.43 11.48
CA THR A 191 24.92 -42.85 10.59
C THR A 191 25.36 -41.50 11.19
N GLY A 192 24.65 -40.41 10.87
CA GLY A 192 24.86 -39.07 11.42
C GLY A 192 23.54 -38.53 11.97
N PRO A 193 23.44 -38.11 13.26
CA PRO A 193 22.24 -37.48 13.84
C PRO A 193 21.76 -36.21 13.11
N GLY A 194 22.68 -35.40 12.59
CA GLY A 194 22.45 -34.08 12.01
C GLY A 194 23.25 -33.04 12.80
N LEU A 195 22.82 -31.77 12.76
CA LEU A 195 23.45 -30.64 13.45
C LEU A 195 22.43 -29.64 14.06
N ALA A 196 21.14 -29.97 14.03
CA ALA A 196 20.06 -29.17 14.60
C ALA A 196 19.84 -29.61 16.06
N SER A 197 19.68 -28.64 16.97
CA SER A 197 19.40 -28.83 18.39
C SER A 197 18.57 -27.64 18.91
N LEU A 198 17.67 -27.11 18.06
CA LEU A 198 16.83 -25.94 18.35
C LEU A 198 15.59 -26.31 19.19
N LEU A 199 15.17 -27.57 19.14
CA LEU A 199 14.05 -28.16 19.87
C LEU A 199 14.50 -29.51 20.44
N GLY A 200 13.82 -29.97 21.50
CA GLY A 200 14.01 -31.26 22.16
C GLY A 200 12.70 -32.05 22.18
N SER A 201 12.56 -32.96 23.15
CA SER A 201 11.34 -33.71 23.45
C SER A 201 10.34 -32.85 24.24
N SER A 202 9.10 -33.34 24.41
CA SER A 202 7.97 -32.67 25.07
C SER A 202 8.28 -32.34 26.55
N GLY A 203 8.20 -31.06 26.90
CA GLY A 203 8.43 -30.49 28.23
C GLY A 203 7.19 -29.74 28.73
N PRO A 204 7.36 -28.72 29.61
CA PRO A 204 6.29 -27.82 30.09
C PRO A 204 5.39 -27.23 28.98
N PRO A 205 4.10 -26.94 29.24
CA PRO A 205 3.15 -26.44 28.23
C PRO A 205 3.41 -24.98 27.82
N GLY A 206 2.88 -24.60 26.65
CA GLY A 206 2.98 -23.27 26.05
C GLY A 206 1.59 -22.64 25.94
N SER A 207 1.31 -21.99 24.80
CA SER A 207 0.04 -21.34 24.47
C SER A 207 -0.23 -21.47 22.96
N SER A 208 -1.41 -21.03 22.52
CA SER A 208 -1.92 -20.99 21.14
C SER A 208 -2.54 -22.34 20.70
N SER A 209 -2.86 -23.21 21.67
CA SER A 209 -3.49 -24.54 21.57
C SER A 209 -2.55 -25.63 21.04
N SER A 210 -1.80 -25.31 19.96
CA SER A 210 -0.78 -26.10 19.26
C SER A 210 -1.32 -27.00 18.14
N SER A 211 -2.65 -27.14 18.07
CA SER A 211 -3.40 -27.84 17.03
C SER A 211 -4.82 -27.24 16.97
N SER A 212 -5.60 -27.62 15.94
CA SER A 212 -6.96 -27.18 15.70
C SER A 212 -7.93 -28.04 16.55
N SER A 213 -8.85 -27.38 17.25
CA SER A 213 -9.87 -27.96 18.13
C SER A 213 -11.16 -28.34 17.36
N ARG A 214 -11.04 -28.65 16.06
CA ARG A 214 -12.13 -28.96 15.13
C ARG A 214 -12.81 -30.33 15.39
N SER A 215 -12.23 -31.16 16.25
CA SER A 215 -12.73 -32.45 16.68
C SER A 215 -12.54 -32.56 18.21
N GLN A 216 -13.34 -33.40 18.88
CA GLN A 216 -13.31 -33.61 20.34
C GLN A 216 -12.12 -34.50 20.77
N SER A 217 -11.48 -35.19 19.82
CA SER A 217 -10.25 -35.94 19.98
C SER A 217 -9.45 -35.83 18.66
N ALA A 218 -8.11 -35.84 18.76
CA ALA A 218 -7.19 -35.73 17.62
C ALA A 218 -6.92 -37.10 16.97
N ALA A 219 -7.23 -38.20 17.68
CA ALA A 219 -7.03 -39.61 17.33
C ALA A 219 -5.58 -40.08 17.60
N VAL A 220 -5.39 -41.39 17.75
CA VAL A 220 -4.12 -42.04 18.05
C VAL A 220 -3.35 -42.25 16.72
N THR A 221 -2.92 -41.14 16.11
CA THR A 221 -2.16 -41.09 14.86
C THR A 221 -1.24 -39.84 14.89
N PRO A 222 0.07 -39.97 15.17
CA PRO A 222 1.05 -38.87 15.10
C PRO A 222 1.10 -38.19 13.71
N SER A 223 1.17 -36.86 13.66
CA SER A 223 1.31 -36.08 12.43
C SER A 223 2.78 -36.07 11.99
N SER A 224 3.70 -35.71 12.90
CA SER A 224 5.15 -35.58 12.73
C SER A 224 5.52 -34.35 11.87
N THR A 225 6.75 -34.31 11.35
CA THR A 225 7.27 -33.34 10.38
C THR A 225 8.03 -34.12 9.30
N THR A 226 9.02 -34.90 9.72
CA THR A 226 9.73 -35.93 8.96
C THR A 226 9.85 -37.16 9.87
N SER A 227 9.71 -38.36 9.30
CA SER A 227 9.79 -39.65 9.97
C SER A 227 10.29 -40.68 8.94
N SER A 228 9.68 -41.86 8.86
CA SER A 228 9.83 -42.84 7.79
C SER A 228 8.99 -42.35 6.58
N THR A 229 9.40 -41.22 6.01
CA THR A 229 8.70 -40.40 5.03
C THR A 229 9.55 -40.15 3.76
N ARG A 230 10.64 -40.92 3.60
CA ARG A 230 11.64 -40.84 2.54
C ARG A 230 11.88 -42.21 1.88
N ALA A 231 10.87 -43.09 1.92
CA ALA A 231 10.87 -44.38 1.24
C ALA A 231 10.72 -44.18 -0.28
N THR A 232 9.75 -43.33 -0.68
CA THR A 232 9.54 -42.76 -2.02
C THR A 232 9.23 -43.87 -3.07
N PRO A 233 7.96 -44.33 -3.20
CA PRO A 233 7.52 -45.39 -4.13
C PRO A 233 7.97 -45.24 -5.59
N ALA A 234 8.00 -44.01 -6.12
CA ALA A 234 8.55 -43.63 -7.41
C ALA A 234 9.19 -42.23 -7.28
N PRO A 235 10.34 -41.94 -7.93
CA PRO A 235 11.00 -40.63 -7.83
C PRO A 235 10.31 -39.54 -8.68
N SER A 236 9.64 -39.94 -9.77
CA SER A 236 8.83 -39.08 -10.63
C SER A 236 7.49 -38.72 -9.97
N ALA A 237 6.81 -39.73 -9.42
CA ALA A 237 5.53 -39.73 -8.70
C ALA A 237 4.31 -39.79 -9.65
N PRO A 238 3.19 -40.44 -9.25
CA PRO A 238 1.98 -40.52 -10.09
C PRO A 238 1.17 -39.22 -10.11
N ALA A 239 1.21 -38.43 -9.02
CA ALA A 239 0.57 -37.12 -8.89
C ALA A 239 1.52 -36.02 -9.38
N ALA A 240 0.96 -34.88 -9.79
CA ALA A 240 1.63 -33.68 -10.27
C ALA A 240 0.82 -32.44 -9.91
N ALA A 241 1.46 -31.26 -9.93
CA ALA A 241 0.88 -29.97 -9.57
C ALA A 241 0.06 -29.31 -10.70
N SER A 242 0.09 -29.90 -11.90
CA SER A 242 -0.35 -29.34 -13.19
C SER A 242 -1.86 -29.02 -13.30
N ALA A 243 -2.69 -29.43 -12.35
CA ALA A 243 -4.12 -29.12 -12.26
C ALA A 243 -4.61 -28.95 -10.82
N THR A 244 -3.71 -28.70 -9.86
CA THR A 244 -4.02 -28.59 -8.44
C THR A 244 -4.60 -27.19 -8.11
N SER A 245 -4.24 -26.16 -8.87
CA SER A 245 -4.69 -24.77 -8.69
C SER A 245 -5.30 -24.26 -10.01
N PRO A 246 -6.56 -23.78 -10.05
CA PRO A 246 -7.18 -23.14 -11.24
C PRO A 246 -6.40 -21.93 -11.79
N SER A 247 -5.85 -21.10 -10.88
CA SER A 247 -5.08 -19.87 -11.06
C SER A 247 -5.98 -18.61 -11.02
N PRO A 248 -5.44 -17.42 -10.65
CA PRO A 248 -6.15 -16.12 -10.69
C PRO A 248 -6.75 -15.68 -12.05
N ALA A 249 -6.34 -16.29 -13.18
CA ALA A 249 -6.66 -15.83 -14.54
C ALA A 249 -8.17 -15.90 -14.87
N PRO A 250 -8.77 -14.85 -15.46
CA PRO A 250 -10.18 -14.84 -15.88
C PRO A 250 -10.35 -15.52 -17.26
N SER A 251 -10.97 -14.85 -18.23
CA SER A 251 -11.24 -15.37 -19.58
C SER A 251 -10.03 -15.20 -20.54
N SER A 252 -8.96 -14.51 -20.10
CA SER A 252 -7.67 -14.35 -20.79
C SER A 252 -7.73 -13.32 -21.94
N GLY A 253 -8.55 -12.27 -21.77
CA GLY A 253 -8.76 -11.19 -22.73
C GLY A 253 -8.30 -9.83 -22.15
N ASN A 254 -8.45 -8.77 -22.94
CA ASN A 254 -8.12 -7.39 -22.57
C ASN A 254 -9.29 -6.79 -21.76
N GLY A 255 -8.96 -5.98 -20.76
CA GLY A 255 -9.89 -5.37 -19.81
C GLY A 255 -9.55 -5.88 -18.41
N ALA A 256 -9.07 -4.99 -17.54
CA ALA A 256 -8.46 -5.25 -16.23
C ALA A 256 -7.02 -5.81 -16.35
N SER A 257 -6.48 -5.80 -17.57
CA SER A 257 -5.15 -6.21 -17.99
C SER A 257 -4.18 -5.02 -17.79
N THR A 258 -4.01 -4.61 -16.52
CA THR A 258 -3.17 -3.53 -16.00
C THR A 258 -3.85 -2.14 -16.18
N ALA A 259 -4.61 -1.95 -17.26
CA ALA A 259 -5.44 -0.79 -17.59
C ALA A 259 -4.65 0.40 -18.18
N ALA A 260 -3.39 0.16 -18.56
CA ALA A 260 -2.43 1.09 -19.16
C ALA A 260 -1.89 2.13 -18.16
N SER A 261 -1.92 1.82 -16.85
CA SER A 261 -1.55 2.69 -15.74
C SER A 261 -0.88 1.84 -14.63
N PRO A 262 0.12 2.34 -13.87
CA PRO A 262 0.78 1.57 -12.80
C PRO A 262 -0.05 1.48 -11.50
N THR A 263 -1.22 2.11 -11.44
CA THR A 263 -2.19 2.17 -10.37
C THR A 263 -2.81 0.81 -9.98
N GLN A 264 -2.69 -0.21 -10.83
CA GLN A 264 -3.05 -1.59 -10.55
C GLN A 264 -1.74 -2.40 -10.32
N PRO A 265 -1.38 -2.75 -9.06
CA PRO A 265 -0.26 -3.67 -8.78
C PRO A 265 -0.68 -5.13 -9.01
N ILE A 266 0.30 -6.02 -9.17
CA ILE A 266 0.15 -7.46 -9.46
C ILE A 266 1.13 -8.26 -8.57
N GLN A 267 1.52 -7.72 -7.41
CA GLN A 267 2.57 -8.24 -6.54
C GLN A 267 2.26 -8.16 -5.03
N LEU A 268 1.03 -7.78 -4.66
CA LEU A 268 0.61 -7.64 -3.26
C LEU A 268 0.31 -9.03 -2.66
N SER A 269 1.31 -9.59 -2.00
CA SER A 269 1.30 -10.87 -1.31
C SER A 269 2.32 -10.76 -0.15
N ASP A 270 3.42 -11.49 -0.26
CA ASP A 270 4.50 -11.73 0.71
C ASP A 270 5.24 -10.45 1.16
N LEU A 271 5.06 -9.33 0.43
CA LEU A 271 5.52 -7.99 0.78
C LEU A 271 4.91 -7.49 2.10
N GLN A 272 3.66 -7.86 2.38
CA GLN A 272 2.96 -7.50 3.60
C GLN A 272 3.47 -8.32 4.80
N SER A 273 3.93 -9.55 4.56
CA SER A 273 4.41 -10.48 5.58
C SER A 273 5.80 -10.06 6.12
N ILE A 274 6.68 -9.49 5.28
CA ILE A 274 7.98 -8.96 5.71
C ILE A 274 7.80 -7.59 6.40
N LEU A 275 6.88 -6.72 5.92
CA LEU A 275 6.58 -5.42 6.54
C LEU A 275 5.97 -5.57 7.94
N ALA A 276 5.22 -6.66 8.20
CA ALA A 276 4.71 -7.04 9.51
C ALA A 276 5.81 -7.29 10.55
N THR A 277 6.99 -7.77 10.13
CA THR A 277 8.15 -7.99 10.98
C THR A 277 8.90 -6.66 11.25
N MET A 278 8.73 -5.63 10.41
CA MET A 278 9.44 -4.35 10.52
C MET A 278 8.78 -3.44 11.58
N ASN A 279 7.45 -3.27 11.52
CA ASN A 279 6.72 -2.32 12.37
C ASN A 279 5.28 -2.69 12.74
N VAL A 280 4.67 -3.68 12.04
CA VAL A 280 3.26 -4.09 12.16
C VAL A 280 2.35 -2.94 11.62
N PRO A 281 2.28 -2.71 10.29
CA PRO A 281 1.57 -1.55 9.72
C PRO A 281 0.05 -1.71 9.69
N ALA A 282 -0.47 -2.95 9.64
CA ALA A 282 -1.89 -3.27 9.64
C ALA A 282 -2.21 -4.55 10.43
N GLY A 283 -1.22 -5.14 11.10
CA GLY A 283 -1.29 -6.47 11.72
C GLY A 283 -0.35 -7.42 10.96
N PRO A 284 -0.52 -8.76 11.09
CA PRO A 284 0.23 -9.77 10.32
C PRO A 284 -0.31 -9.88 8.87
N ALA A 285 -0.24 -8.77 8.12
CA ALA A 285 -0.82 -8.46 6.82
C ALA A 285 -2.28 -7.96 6.95
N GLY A 286 -2.68 -7.03 6.08
CA GLY A 286 -4.02 -6.46 6.01
C GLY A 286 -4.57 -6.61 4.59
N GLY A 287 -5.76 -7.20 4.44
CA GLY A 287 -6.47 -7.41 3.18
C GLY A 287 -7.87 -6.77 3.16
N GLN A 288 -8.28 -6.08 4.22
CA GLN A 288 -9.54 -5.37 4.38
C GLN A 288 -9.34 -4.28 5.45
N GLN A 289 -10.29 -4.14 6.38
CA GLN A 289 -10.27 -3.40 7.66
C GLN A 289 -10.19 -1.87 7.54
N VAL A 290 -9.20 -1.33 6.82
CA VAL A 290 -8.89 0.11 6.69
C VAL A 290 -9.79 0.76 5.60
N ASP A 291 -11.03 0.29 5.50
CA ASP A 291 -12.13 0.75 4.64
C ASP A 291 -13.44 0.62 5.40
N LEU A 292 -13.63 -0.54 6.06
CA LEU A 292 -14.85 -0.93 6.79
C LEU A 292 -15.25 0.06 7.88
N ALA A 293 -14.29 0.56 8.66
CA ALA A 293 -14.50 1.44 9.82
C ALA A 293 -15.18 2.79 9.50
N SER A 294 -15.16 3.20 8.23
CA SER A 294 -15.81 4.42 7.72
C SER A 294 -17.31 4.18 7.45
N VAL A 295 -17.74 2.92 7.26
CA VAL A 295 -19.09 2.51 6.89
C VAL A 295 -19.73 1.76 8.09
N LEU A 296 -19.04 0.74 8.61
CA LEU A 296 -19.37 -0.04 9.79
C LEU A 296 -18.71 0.69 10.98
N THR A 297 -19.28 1.82 11.37
CA THR A 297 -18.77 2.73 12.40
C THR A 297 -18.97 2.18 13.83
N PRO A 298 -18.21 2.65 14.84
CA PRO A 298 -18.32 2.22 16.25
C PRO A 298 -19.73 2.22 16.84
N GLU A 299 -20.58 3.19 16.48
CA GLU A 299 -21.96 3.32 16.93
C GLU A 299 -22.86 2.14 16.51
N ILE A 300 -22.52 1.46 15.41
CA ILE A 300 -23.22 0.28 14.89
C ILE A 300 -22.53 -0.99 15.42
N MET A 301 -21.19 -1.00 15.46
CA MET A 301 -20.39 -2.20 15.70
C MET A 301 -20.14 -2.50 17.20
N ALA A 302 -20.08 -1.49 18.07
CA ALA A 302 -19.81 -1.63 19.51
C ALA A 302 -20.57 -2.76 20.26
N PRO A 303 -21.91 -2.89 20.16
CA PRO A 303 -22.64 -4.00 20.80
C PRO A 303 -22.47 -5.37 20.10
N ILE A 304 -22.01 -5.41 18.84
CA ILE A 304 -21.71 -6.65 18.11
C ILE A 304 -20.35 -7.19 18.63
N LEU A 305 -19.34 -6.32 18.69
CA LEU A 305 -17.98 -6.64 19.13
C LEU A 305 -17.89 -6.93 20.64
N ALA A 306 -18.86 -6.47 21.43
CA ALA A 306 -18.97 -6.69 22.87
C ALA A 306 -19.59 -8.06 23.23
N ASN A 307 -20.06 -8.84 22.24
CA ASN A 307 -20.66 -10.15 22.45
C ASN A 307 -19.57 -11.21 22.62
N ALA A 308 -19.76 -12.11 23.59
CA ALA A 308 -18.85 -13.22 23.96
C ALA A 308 -18.46 -14.12 22.79
N ASP A 309 -19.40 -14.44 21.90
CA ASP A 309 -19.20 -15.33 20.74
C ASP A 309 -18.33 -14.70 19.65
N VAL A 310 -18.11 -13.38 19.69
CA VAL A 310 -17.22 -12.62 18.84
C VAL A 310 -15.88 -12.42 19.59
N GLN A 311 -15.92 -12.08 20.89
CA GLN A 311 -14.74 -11.88 21.74
C GLN A 311 -13.84 -13.12 21.83
N GLU A 312 -14.43 -14.32 21.95
CA GLU A 312 -13.74 -15.61 22.01
C GLU A 312 -13.13 -16.03 20.66
N ARG A 313 -13.33 -15.24 19.60
CA ARG A 313 -12.62 -15.36 18.32
C ARG A 313 -11.57 -14.23 18.28
N LEU A 314 -11.97 -12.97 18.50
CA LEU A 314 -11.13 -11.76 18.47
C LEU A 314 -9.90 -11.83 19.40
N LEU A 315 -10.12 -12.04 20.70
CA LEU A 315 -9.08 -12.05 21.74
C LEU A 315 -7.95 -13.09 21.55
N PRO A 316 -8.20 -14.36 21.19
CA PRO A 316 -7.12 -15.29 20.81
C PRO A 316 -6.52 -15.06 19.40
N TYR A 317 -7.23 -14.41 18.46
CA TYR A 317 -6.75 -14.22 17.08
C TYR A 317 -5.79 -13.01 16.93
N LEU A 318 -5.85 -11.99 17.80
CA LEU A 318 -4.88 -10.87 17.81
C LEU A 318 -3.44 -11.35 18.14
N PRO A 319 -2.37 -10.71 17.63
CA PRO A 319 -0.95 -11.09 17.83
C PRO A 319 -0.51 -11.42 19.27
N SER A 320 -1.03 -10.70 20.27
CA SER A 320 -0.80 -10.78 21.72
C SER A 320 0.21 -9.70 22.14
N GLY A 321 -0.16 -8.92 23.16
CA GLY A 321 0.52 -7.69 23.60
C GLY A 321 -0.40 -6.47 23.50
N GLU A 322 -1.55 -6.63 22.82
CA GLU A 322 -2.65 -5.68 22.70
C GLU A 322 -3.94 -6.37 23.19
N SER A 323 -4.96 -5.58 23.51
CA SER A 323 -6.28 -5.98 23.99
C SER A 323 -7.27 -4.85 23.65
N LEU A 324 -8.58 -5.13 23.74
CA LEU A 324 -9.69 -4.22 23.48
C LEU A 324 -10.71 -4.26 24.63
N PRO A 325 -11.47 -3.16 24.91
CA PRO A 325 -12.52 -3.15 25.94
C PRO A 325 -13.63 -4.20 25.71
N GLN A 326 -14.31 -4.61 26.79
CA GLN A 326 -15.36 -5.64 26.76
C GLN A 326 -16.76 -5.05 26.50
N THR A 327 -17.06 -3.88 27.06
CA THR A 327 -18.38 -3.25 27.03
C THR A 327 -18.46 -2.21 25.89
N ALA A 328 -19.61 -2.15 25.21
CA ALA A 328 -19.90 -1.32 24.04
C ALA A 328 -19.60 0.17 24.25
N ASP A 329 -19.94 0.68 25.44
CA ASP A 329 -19.71 2.06 25.89
C ASP A 329 -18.23 2.45 25.86
N GLU A 330 -17.35 1.51 26.23
CA GLU A 330 -15.91 1.71 26.26
C GLU A 330 -15.30 1.46 24.86
N ILE A 331 -15.77 0.45 24.11
CA ILE A 331 -15.37 0.16 22.71
C ILE A 331 -15.55 1.40 21.81
N GLN A 332 -16.64 2.15 22.02
CA GLN A 332 -16.99 3.34 21.26
C GLN A 332 -16.17 4.59 21.65
N ASN A 333 -15.42 4.57 22.77
CA ASN A 333 -14.82 5.75 23.40
C ASN A 333 -13.33 5.66 23.75
N THR A 334 -12.76 4.45 23.93
CA THR A 334 -11.40 4.25 24.50
C THR A 334 -10.37 4.01 23.38
N LEU A 335 -10.66 4.43 22.14
CA LEU A 335 -9.81 4.27 20.96
C LEU A 335 -10.02 5.44 19.99
N THR A 336 -9.02 5.70 19.13
CA THR A 336 -9.16 6.59 17.97
C THR A 336 -9.74 5.75 16.82
N SER A 337 -9.04 4.66 16.43
CA SER A 337 -9.35 3.78 15.32
C SER A 337 -8.55 2.44 15.36
N PRO A 338 -7.22 2.40 15.70
CA PRO A 338 -6.37 1.19 15.57
C PRO A 338 -6.93 -0.15 16.06
N GLN A 339 -7.42 -0.22 17.31
CA GLN A 339 -7.91 -1.46 17.92
C GLN A 339 -9.28 -1.88 17.32
N PHE A 340 -10.06 -0.92 16.84
CA PHE A 340 -11.35 -1.11 16.18
C PHE A 340 -11.14 -1.65 14.76
N GLN A 341 -10.11 -1.16 14.05
CA GLN A 341 -9.69 -1.69 12.75
C GLN A 341 -9.16 -3.13 12.87
N GLN A 342 -8.39 -3.44 13.93
CA GLN A 342 -8.00 -4.81 14.27
C GLN A 342 -9.23 -5.70 14.58
N ALA A 343 -10.18 -5.22 15.37
CA ALA A 343 -11.47 -5.87 15.67
C ALA A 343 -12.23 -6.24 14.39
N LEU A 344 -12.40 -5.28 13.47
CA LEU A 344 -12.98 -5.46 12.14
C LEU A 344 -12.18 -6.41 11.22
N GLY A 345 -10.90 -6.68 11.52
CA GLY A 345 -10.00 -7.49 10.71
C GLY A 345 -10.01 -8.94 11.19
N MET A 346 -10.05 -9.16 12.52
CA MET A 346 -10.33 -10.46 13.13
C MET A 346 -11.78 -10.92 12.83
N PHE A 347 -12.73 -9.98 12.81
CA PHE A 347 -14.12 -10.17 12.38
C PHE A 347 -14.18 -10.60 10.90
N SER A 348 -13.47 -9.88 10.00
CA SER A 348 -13.40 -10.17 8.56
C SER A 348 -12.88 -11.58 8.26
N ALA A 349 -11.91 -12.10 9.04
CA ALA A 349 -11.36 -13.44 8.88
C ALA A 349 -12.40 -14.55 9.16
N ALA A 350 -13.21 -14.37 10.21
CA ALA A 350 -14.29 -15.28 10.58
C ALA A 350 -15.49 -15.13 9.64
N LEU A 351 -15.80 -13.90 9.23
CA LEU A 351 -16.88 -13.54 8.30
C LEU A 351 -16.58 -14.10 6.89
N ALA A 352 -15.35 -13.98 6.40
CA ALA A 352 -14.91 -14.46 5.09
C ALA A 352 -14.87 -16.00 5.01
N SER A 353 -14.59 -16.66 6.14
CA SER A 353 -14.60 -18.13 6.25
C SER A 353 -16.05 -18.66 6.29
N GLY A 354 -16.99 -17.88 6.83
CA GLY A 354 -18.44 -18.13 6.81
C GLY A 354 -18.97 -18.52 8.20
N GLN A 355 -18.07 -18.79 9.14
CA GLN A 355 -18.34 -19.35 10.47
C GLN A 355 -18.90 -18.32 11.46
N LEU A 356 -18.84 -17.03 11.15
CA LEU A 356 -19.41 -15.96 11.97
C LEU A 356 -20.90 -15.79 11.65
N GLY A 357 -21.27 -15.95 10.36
CA GLY A 357 -22.61 -16.07 9.75
C GLY A 357 -23.82 -16.26 10.67
N PRO A 358 -23.94 -17.41 11.37
CA PRO A 358 -25.01 -17.70 12.35
C PRO A 358 -25.29 -16.64 13.44
N LEU A 359 -24.30 -15.80 13.82
CA LEU A 359 -24.45 -14.78 14.86
C LEU A 359 -25.28 -13.58 14.36
N MET A 360 -25.26 -13.27 13.06
CA MET A 360 -25.96 -12.15 12.44
C MET A 360 -27.50 -12.28 12.61
N CYS A 361 -27.98 -13.52 12.67
CA CYS A 361 -29.38 -13.91 12.90
C CYS A 361 -29.79 -13.68 14.36
N GLN A 362 -28.84 -13.67 15.30
CA GLN A 362 -29.08 -13.50 16.74
C GLN A 362 -29.09 -12.00 17.09
N PHE A 363 -28.22 -11.20 16.44
CA PHE A 363 -28.18 -9.75 16.58
C PHE A 363 -29.38 -9.09 15.88
N GLY A 364 -29.79 -9.61 14.72
CA GLY A 364 -30.98 -9.17 13.99
C GLY A 364 -30.61 -8.35 12.76
N LEU A 365 -29.42 -8.58 12.19
CA LEU A 365 -28.88 -7.85 11.03
C LEU A 365 -29.60 -8.27 9.72
N PRO A 366 -29.56 -7.43 8.65
CA PRO A 366 -30.29 -7.64 7.37
C PRO A 366 -30.17 -9.05 6.76
N ALA A 367 -31.19 -9.51 6.04
CA ALA A 367 -31.24 -10.82 5.37
C ALA A 367 -30.13 -10.99 4.32
N GLU A 368 -29.80 -9.90 3.62
CA GLU A 368 -28.72 -9.79 2.64
C GLU A 368 -27.34 -9.86 3.32
N ALA A 369 -27.23 -9.30 4.53
CA ALA A 369 -26.01 -9.34 5.35
C ALA A 369 -25.83 -10.73 5.98
N VAL A 370 -26.91 -11.34 6.50
CA VAL A 370 -26.96 -12.73 6.97
C VAL A 370 -26.52 -13.72 5.88
N GLU A 371 -27.00 -13.56 4.64
CA GLU A 371 -26.58 -14.33 3.47
C GLU A 371 -25.07 -14.16 3.19
N ALA A 372 -24.62 -12.91 3.07
CA ALA A 372 -23.22 -12.55 2.78
C ALA A 372 -22.23 -13.04 3.85
N ALA A 373 -22.62 -12.96 5.13
CA ALA A 373 -21.83 -13.38 6.29
C ALA A 373 -21.69 -14.89 6.42
N ASN A 374 -22.64 -15.66 5.86
CA ASN A 374 -22.60 -17.12 5.80
C ASN A 374 -21.84 -17.59 4.55
N LYS A 375 -22.05 -16.93 3.40
CA LYS A 375 -21.43 -17.30 2.12
C LYS A 375 -19.95 -16.86 2.03
N GLY A 376 -19.57 -15.77 2.71
CA GLY A 376 -18.17 -15.35 2.87
C GLY A 376 -17.82 -14.04 2.15
N ASP A 377 -18.82 -13.30 1.66
CA ASP A 377 -18.64 -12.09 0.84
C ASP A 377 -18.64 -10.87 1.78
N VAL A 378 -17.44 -10.49 2.25
CA VAL A 378 -17.20 -9.35 3.15
C VAL A 378 -17.61 -8.01 2.48
N GLU A 379 -17.34 -7.88 1.17
CA GLU A 379 -17.72 -6.72 0.35
C GLU A 379 -19.24 -6.57 0.24
N ALA A 380 -19.98 -7.68 0.09
CA ALA A 380 -21.44 -7.70 -0.01
C ALA A 380 -22.08 -7.41 1.36
N PHE A 381 -21.48 -7.89 2.45
CA PHE A 381 -21.88 -7.59 3.83
C PHE A 381 -21.78 -6.08 4.13
N ALA A 382 -20.65 -5.46 3.74
CA ALA A 382 -20.39 -4.03 3.88
C ALA A 382 -21.34 -3.19 2.99
N LYS A 383 -21.54 -3.61 1.73
CA LYS A 383 -22.42 -2.97 0.76
C LYS A 383 -23.91 -3.03 1.19
N ALA A 384 -24.34 -4.16 1.78
CA ALA A 384 -25.69 -4.34 2.33
C ALA A 384 -25.93 -3.43 3.54
N MET A 385 -24.95 -3.30 4.45
CA MET A 385 -25.03 -2.42 5.61
C MET A 385 -24.96 -0.94 5.21
N GLN A 386 -24.19 -0.60 4.17
CA GLN A 386 -24.14 0.71 3.51
C GLN A 386 -25.51 1.12 2.92
N ASN A 387 -26.25 0.16 2.37
CA ASN A 387 -27.59 0.39 1.81
C ASN A 387 -28.62 0.52 2.94
N ASN A 388 -28.52 -0.31 3.98
CA ASN A 388 -29.39 -0.34 5.16
C ASN A 388 -29.20 0.90 6.07
N ALA A 389 -28.09 1.64 5.92
CA ALA A 389 -27.81 2.88 6.63
C ALA A 389 -28.70 4.05 6.19
N LYS A 390 -29.31 3.97 4.99
CA LYS A 390 -30.33 4.90 4.51
C LYS A 390 -31.69 4.44 5.07
N PRO A 391 -32.60 5.37 5.46
CA PRO A 391 -33.92 5.04 6.04
C PRO A 391 -34.90 4.53 4.97
N GLU A 392 -35.75 5.42 4.42
CA GLU A 392 -36.72 5.17 3.35
C GLU A 392 -37.86 4.25 3.83
N GLN A 393 -38.69 4.74 4.76
CA GLN A 393 -39.83 4.08 5.41
C GLN A 393 -41.03 3.89 4.43
N LYS A 394 -40.75 3.37 3.23
CA LYS A 394 -41.67 3.18 2.11
C LYS A 394 -42.37 1.80 2.16
N GLU A 395 -41.91 0.90 3.05
CA GLU A 395 -42.42 -0.46 3.24
C GLU A 395 -42.31 -0.80 4.73
N GLY A 396 -41.23 -1.49 5.13
CA GLY A 396 -40.91 -1.87 6.51
C GLY A 396 -40.80 -3.40 6.66
N ASP A 397 -40.59 -3.86 7.90
CA ASP A 397 -40.42 -5.28 8.27
C ASP A 397 -41.76 -6.04 8.31
N THR A 398 -42.89 -5.32 8.33
CA THR A 398 -44.27 -5.78 8.31
C THR A 398 -45.11 -4.63 7.71
N LYS A 399 -46.31 -4.94 7.19
CA LYS A 399 -47.30 -4.01 6.62
C LYS A 399 -47.05 -3.78 5.12
N ASP A 400 -46.59 -4.82 4.42
CA ASP A 400 -46.30 -4.92 2.98
C ASP A 400 -47.60 -5.08 2.17
N LYS A 401 -48.61 -4.25 2.46
CA LYS A 401 -49.92 -4.22 1.83
C LYS A 401 -49.86 -3.48 0.48
N LYS A 402 -50.76 -3.84 -0.43
CA LYS A 402 -50.99 -3.17 -1.71
C LYS A 402 -51.95 -1.98 -1.50
N ASP A 403 -51.84 -0.96 -2.35
CA ASP A 403 -52.73 0.21 -2.38
C ASP A 403 -53.96 -0.15 -3.24
N GLU A 404 -55.16 0.03 -2.69
CA GLU A 404 -56.46 -0.22 -3.29
C GLU A 404 -57.44 0.87 -2.84
N GLU A 405 -58.54 1.04 -3.57
CA GLU A 405 -59.60 2.04 -3.34
C GLU A 405 -60.99 1.37 -3.29
N GLU A 406 -61.06 0.11 -2.83
CA GLU A 406 -62.25 -0.73 -2.78
C GLU A 406 -63.26 -0.34 -1.67
N ASP A 407 -62.98 0.72 -0.89
CA ASP A 407 -63.79 1.22 0.23
C ASP A 407 -65.05 1.99 -0.21
N MET A 408 -65.22 2.24 -1.52
CA MET A 408 -66.37 2.93 -2.11
C MET A 408 -67.66 2.15 -1.88
N SER A 409 -68.68 2.81 -1.32
CA SER A 409 -70.02 2.31 -1.00
C SER A 409 -70.93 3.53 -0.73
N LEU A 410 -72.25 3.30 -0.71
CA LEU A 410 -73.29 4.28 -0.39
C LEU A 410 -74.48 3.60 0.31
N ASP A 411 -75.37 4.41 0.90
CA ASP A 411 -76.59 4.01 1.58
C ASP A 411 -77.62 5.13 1.35
N MET A 5 46.37 45.58 31.89
CA MET A 5 46.93 44.22 31.78
C MET A 5 45.80 43.20 31.89
N THR A 6 45.99 41.99 31.36
CA THR A 6 45.04 40.87 31.40
C THR A 6 45.02 40.24 32.81
N THR A 7 43.83 40.00 33.34
CA THR A 7 43.55 39.47 34.68
C THR A 7 43.41 37.94 34.67
N SER A 8 43.37 37.31 33.50
CA SER A 8 43.16 35.87 33.28
C SER A 8 44.01 35.42 32.08
N GLY A 9 43.52 35.68 30.87
CA GLY A 9 44.11 35.23 29.60
C GLY A 9 43.20 34.25 28.85
N ALA A 10 42.08 33.83 29.46
CA ALA A 10 41.08 32.92 28.91
C ALA A 10 40.26 33.59 27.78
N LEU A 11 39.49 32.75 27.06
CA LEU A 11 38.63 33.06 25.90
C LEU A 11 39.44 32.97 24.59
N PHE A 12 40.22 31.89 24.44
CA PHE A 12 40.93 31.50 23.22
C PHE A 12 40.02 31.43 21.96
N PRO A 13 38.85 30.75 21.98
CA PRO A 13 37.85 30.87 20.90
C PRO A 13 37.07 32.19 21.04
N SER A 14 37.69 33.30 20.63
CA SER A 14 37.11 34.64 20.63
C SER A 14 36.22 34.89 19.41
N LEU A 15 36.38 34.09 18.33
CA LEU A 15 35.50 34.03 17.17
C LEU A 15 34.50 32.89 17.47
N VAL A 16 33.20 33.19 17.42
CA VAL A 16 32.08 32.29 17.68
C VAL A 16 30.96 32.55 16.64
N PRO A 17 30.97 31.87 15.46
CA PRO A 17 29.96 32.00 14.40
C PRO A 17 28.50 31.79 14.85
N GLY A 18 27.57 32.36 14.08
CA GLY A 18 26.13 32.14 14.16
C GLY A 18 25.64 31.55 12.84
N SER A 19 24.43 31.92 12.40
CA SER A 19 23.88 31.64 11.07
C SER A 19 23.00 32.81 10.63
N ARG A 20 22.80 32.93 9.32
CA ARG A 20 22.01 33.95 8.64
C ARG A 20 21.18 33.33 7.49
N GLY A 21 21.09 32.00 7.45
CA GLY A 21 20.42 31.22 6.42
C GLY A 21 21.41 30.32 5.68
N ALA A 22 22.26 29.57 6.42
CA ALA A 22 23.26 28.66 5.88
C ALA A 22 22.57 27.45 5.24
N SER A 23 22.30 27.57 3.94
CA SER A 23 21.47 26.68 3.13
C SER A 23 22.21 26.24 1.85
N ASN A 24 23.38 26.81 1.57
CA ASN A 24 24.28 26.48 0.45
C ASN A 24 24.89 25.08 0.58
N LYS A 25 24.90 24.51 1.80
CA LYS A 25 25.31 23.14 2.09
C LYS A 25 24.27 22.09 1.63
N TYR A 26 22.99 22.49 1.47
CA TYR A 26 21.91 21.60 1.07
C TYR A 26 21.69 21.71 -0.45
N LEU A 27 21.32 20.59 -1.08
CA LEU A 27 21.07 20.46 -2.51
C LEU A 27 19.59 20.79 -2.83
N VAL A 28 18.67 20.43 -1.93
CA VAL A 28 17.24 20.68 -2.01
C VAL A 28 16.76 21.06 -0.60
N GLU A 29 15.75 21.94 -0.53
CA GLU A 29 15.03 22.38 0.66
C GLU A 29 13.59 22.68 0.24
N PHE A 30 12.59 22.09 0.91
CA PHE A 30 11.16 22.36 0.68
C PHE A 30 10.33 22.11 1.94
N ARG A 31 9.25 22.87 2.13
CA ARG A 31 8.34 22.76 3.26
C ARG A 31 7.27 21.70 2.96
N ALA A 32 7.18 20.66 3.78
CA ALA A 32 6.28 19.52 3.62
C ALA A 32 5.96 18.86 4.96
N GLY A 33 4.76 18.29 5.06
CA GLY A 33 4.28 17.45 6.15
C GLY A 33 4.22 16.00 5.65
N LYS A 34 3.75 15.08 6.49
CA LYS A 34 3.76 13.66 6.22
C LYS A 34 2.59 12.92 6.87
N MET A 35 2.31 11.72 6.36
CA MET A 35 1.44 10.72 6.97
C MET A 35 2.34 9.84 7.84
N SER A 36 1.89 9.44 9.02
CA SER A 36 2.63 8.64 9.99
C SER A 36 1.67 7.74 10.79
N LEU A 37 2.18 6.62 11.33
CA LEU A 37 1.41 5.66 12.11
C LEU A 37 1.17 6.21 13.53
N LYS A 38 -0.04 5.96 14.05
CA LYS A 38 -0.53 6.33 15.38
C LYS A 38 -1.12 5.07 16.03
N GLY A 39 -0.42 3.93 15.86
CA GLY A 39 -0.85 2.58 16.22
C GLY A 39 -0.95 1.78 14.92
N THR A 40 -2.08 1.09 14.72
CA THR A 40 -2.43 0.43 13.45
C THR A 40 -2.94 1.48 12.42
N THR A 41 -3.47 2.61 12.91
CA THR A 41 -4.04 3.71 12.13
C THR A 41 -2.91 4.60 11.60
N VAL A 42 -3.00 5.03 10.34
CA VAL A 42 -2.16 6.07 9.73
C VAL A 42 -2.93 7.40 9.86
N THR A 43 -2.22 8.47 10.25
CA THR A 43 -2.76 9.79 10.55
C THR A 43 -1.83 10.86 9.91
N PRO A 44 -2.35 11.99 9.39
CA PRO A 44 -1.52 13.11 8.91
C PRO A 44 -0.96 13.90 10.11
N ASP A 45 0.34 14.24 10.09
CA ASP A 45 1.00 15.03 11.13
C ASP A 45 0.65 16.52 10.92
N LYS A 46 0.14 17.18 11.97
CA LYS A 46 -0.39 18.54 11.92
C LYS A 46 0.70 19.62 12.11
N ARG A 47 1.93 19.23 12.47
CA ARG A 47 3.09 20.11 12.55
C ARG A 47 3.61 20.42 11.13
N LYS A 48 4.08 21.65 10.92
CA LYS A 48 4.71 22.10 9.69
C LYS A 48 6.17 21.61 9.68
N GLY A 49 6.61 20.99 8.60
CA GLY A 49 7.92 20.38 8.46
C GLY A 49 8.69 20.93 7.27
N LEU A 50 9.97 20.57 7.19
CA LEU A 50 10.92 20.93 6.15
C LEU A 50 11.68 19.64 5.79
N VAL A 51 11.64 19.24 4.52
CA VAL A 51 12.51 18.22 3.94
C VAL A 51 13.76 18.97 3.44
N TYR A 52 14.93 18.36 3.62
CA TYR A 52 16.21 18.86 3.15
C TYR A 52 17.12 17.69 2.73
N ILE A 53 17.95 17.92 1.71
CA ILE A 53 18.78 16.92 1.04
C ILE A 53 20.21 17.47 0.96
N GLN A 54 21.21 16.62 1.25
CA GLN A 54 22.63 16.92 1.22
C GLN A 54 23.40 15.68 0.72
N GLN A 55 24.61 15.85 0.15
CA GLN A 55 25.51 14.76 -0.21
C GLN A 55 26.58 14.65 0.87
N THR A 56 26.78 13.43 1.39
CA THR A 56 27.84 13.05 2.32
C THR A 56 29.09 12.72 1.45
N ASP A 57 30.29 13.02 1.97
CA ASP A 57 31.61 12.93 1.32
C ASP A 57 31.94 11.57 0.68
N ASP A 58 31.27 10.49 1.11
CA ASP A 58 31.37 9.14 0.55
C ASP A 58 30.63 8.98 -0.79
N SER A 59 29.87 10.01 -1.22
CA SER A 59 29.10 10.18 -2.47
C SER A 59 27.61 9.79 -2.35
N LEU A 60 27.20 9.36 -1.16
CA LEU A 60 25.82 8.99 -0.83
C LEU A 60 25.05 10.28 -0.48
N ILE A 61 23.77 10.32 -0.84
CA ILE A 61 22.84 11.40 -0.48
C ILE A 61 22.28 11.09 0.91
N HIS A 62 22.20 12.11 1.76
CA HIS A 62 21.54 12.11 3.06
C HIS A 62 20.22 12.86 2.85
N PHE A 63 19.10 12.17 3.06
CA PHE A 63 17.75 12.72 3.01
C PHE A 63 17.28 12.84 4.47
N CYS A 64 16.73 13.98 4.86
CA CYS A 64 16.31 14.27 6.23
C CYS A 64 15.10 15.21 6.27
N TRP A 65 14.36 15.16 7.39
CA TRP A 65 13.18 15.95 7.66
C TRP A 65 13.28 16.50 9.09
N LYS A 66 12.91 17.77 9.24
CA LYS A 66 12.85 18.49 10.50
C LYS A 66 11.50 19.16 10.64
N ASP A 67 11.01 19.27 11.88
CA ASP A 67 9.83 20.05 12.26
C ASP A 67 10.23 21.54 12.29
N ARG A 68 9.37 22.44 11.81
CA ARG A 68 9.58 23.88 11.81
C ARG A 68 9.00 24.53 13.08
N THR A 69 8.20 23.81 13.89
CA THR A 69 7.54 24.34 15.08
C THR A 69 8.55 24.47 16.23
N SER A 70 9.31 23.39 16.54
CA SER A 70 10.36 23.38 17.55
C SER A 70 11.74 23.59 16.90
N GLY A 71 11.96 23.04 15.70
CA GLY A 71 13.19 23.11 14.92
C GLY A 71 13.89 21.75 14.80
N ASN A 72 13.46 20.74 15.58
CA ASN A 72 14.13 19.44 15.75
C ASN A 72 14.10 18.59 14.47
N VAL A 73 15.21 17.88 14.19
CA VAL A 73 15.35 16.89 13.13
C VAL A 73 14.84 15.56 13.71
N GLU A 74 13.78 15.02 13.10
CA GLU A 74 13.03 13.87 13.62
C GLU A 74 13.23 12.62 12.75
N ASP A 75 13.77 12.75 11.52
CA ASP A 75 14.05 11.65 10.60
C ASP A 75 15.26 11.97 9.71
N ASP A 76 16.11 10.96 9.46
CA ASP A 76 17.27 11.02 8.57
C ASP A 76 17.55 9.60 8.03
N LEU A 77 17.78 9.47 6.72
CA LEU A 77 18.12 8.24 6.00
C LEU A 77 19.18 8.55 4.93
N ILE A 78 20.15 7.64 4.75
CA ILE A 78 21.21 7.74 3.74
C ILE A 78 20.76 6.89 2.53
N ILE A 79 20.87 7.48 1.34
CA ILE A 79 20.40 6.99 0.06
C ILE A 79 21.62 6.56 -0.78
N PHE A 80 21.53 5.38 -1.40
CA PHE A 80 22.47 4.84 -2.37
C PHE A 80 21.93 5.07 -3.81
N PRO A 81 22.79 5.12 -4.85
CA PRO A 81 22.39 5.23 -6.27
C PRO A 81 21.27 4.25 -6.70
N ASP A 82 20.28 4.74 -7.45
CA ASP A 82 19.11 4.04 -8.02
C ASP A 82 18.05 3.61 -6.99
N ASP A 83 18.48 3.30 -5.75
CA ASP A 83 17.79 2.50 -4.73
C ASP A 83 16.58 3.18 -4.06
N CYS A 84 16.46 4.51 -4.19
CA CYS A 84 15.34 5.29 -3.68
C CYS A 84 14.86 6.24 -4.79
N GLU A 85 13.56 6.52 -4.81
CA GLU A 85 12.87 7.34 -5.81
C GLU A 85 11.67 8.04 -5.15
N PHE A 86 11.28 9.20 -5.72
CA PHE A 86 10.24 10.10 -5.22
C PHE A 86 9.29 10.43 -6.37
N LYS A 87 7.98 10.38 -6.15
CA LYS A 87 6.94 10.61 -7.13
C LYS A 87 5.71 11.28 -6.48
N ARG A 88 5.00 12.13 -7.23
CA ARG A 88 3.74 12.77 -6.83
C ARG A 88 2.59 11.77 -7.10
N VAL A 89 1.61 11.70 -6.21
CA VAL A 89 0.43 10.83 -6.32
C VAL A 89 -0.65 11.64 -7.08
N PRO A 90 -1.05 11.23 -8.31
CA PRO A 90 -2.05 11.97 -9.10
C PRO A 90 -3.51 11.67 -8.68
N GLN A 91 -3.76 10.57 -7.95
CA GLN A 91 -5.08 10.06 -7.61
C GLN A 91 -5.72 10.80 -6.41
N CYS A 92 -4.96 11.66 -5.71
CA CYS A 92 -5.43 12.45 -4.58
C CYS A 92 -6.22 13.68 -5.10
N PRO A 93 -7.41 14.01 -4.53
CA PRO A 93 -8.21 15.19 -4.87
C PRO A 93 -7.48 16.54 -4.95
N SER A 94 -6.56 16.82 -4.02
CA SER A 94 -5.75 18.05 -3.98
C SER A 94 -4.61 17.95 -5.01
N GLY A 95 -3.80 16.88 -4.90
CA GLY A 95 -2.78 16.46 -5.86
C GLY A 95 -1.35 16.65 -5.35
N ARG A 96 -1.17 17.33 -4.21
CA ARG A 96 0.14 17.69 -3.63
C ARG A 96 0.63 16.63 -2.63
N VAL A 97 0.12 15.39 -2.69
CA VAL A 97 0.59 14.24 -1.93
C VAL A 97 1.65 13.53 -2.79
N TYR A 98 2.71 13.07 -2.12
CA TYR A 98 3.91 12.47 -2.66
C TYR A 98 4.20 11.17 -1.92
N VAL A 99 4.95 10.27 -2.57
CA VAL A 99 5.48 9.05 -1.99
C VAL A 99 6.98 8.98 -2.34
N LEU A 100 7.81 8.86 -1.31
CA LEU A 100 9.19 8.43 -1.37
C LEU A 100 9.14 6.90 -1.17
N LYS A 101 9.88 6.13 -1.96
CA LYS A 101 9.93 4.68 -1.87
C LYS A 101 11.37 4.18 -2.01
N PHE A 102 11.81 3.37 -1.04
CA PHE A 102 13.06 2.61 -1.07
C PHE A 102 12.75 1.26 -1.73
N LYS A 103 13.53 0.89 -2.75
CA LYS A 103 13.30 -0.28 -3.60
C LYS A 103 13.83 -1.57 -2.95
N ALA A 104 14.76 -1.47 -1.99
CA ALA A 104 15.20 -2.55 -1.13
C ALA A 104 14.37 -2.49 0.16
N GLY A 105 13.49 -3.49 0.35
CA GLY A 105 12.71 -3.70 1.58
C GLY A 105 11.27 -3.24 1.43
N SER A 106 11.03 -2.26 0.55
CA SER A 106 9.74 -1.74 0.11
C SER A 106 9.17 -0.64 1.03
N LYS A 107 10.00 0.04 1.84
CA LYS A 107 9.59 1.14 2.71
C LYS A 107 9.07 2.31 1.87
N ARG A 108 7.76 2.61 1.99
CA ARG A 108 7.11 3.79 1.44
C ARG A 108 6.98 4.81 2.57
N LEU A 109 7.30 6.08 2.31
CA LEU A 109 7.08 7.22 3.21
C LEU A 109 6.29 8.26 2.40
N PHE A 110 5.08 8.58 2.87
CA PHE A 110 4.14 9.45 2.17
C PHE A 110 4.23 10.87 2.77
N PHE A 111 4.57 11.84 1.92
CA PHE A 111 4.76 13.26 2.24
C PHE A 111 3.68 14.08 1.52
N TRP A 112 3.46 15.32 1.95
CA TRP A 112 2.57 16.28 1.31
C TRP A 112 3.08 17.72 1.50
N MET A 113 3.13 18.50 0.42
CA MET A 113 3.75 19.83 0.38
C MET A 113 2.90 20.87 1.12
N GLN A 114 3.55 21.72 1.92
CA GLN A 114 2.94 22.84 2.65
C GLN A 114 2.98 24.13 1.80
N GLU A 115 3.79 24.16 0.73
CA GLU A 115 4.00 25.31 -0.15
C GLU A 115 2.79 25.49 -1.10
N PRO A 116 2.19 26.69 -1.20
CA PRO A 116 0.96 26.92 -2.00
C PRO A 116 1.23 27.08 -3.50
N LYS A 117 2.47 27.38 -3.91
CA LYS A 117 2.87 27.58 -5.30
C LYS A 117 3.04 26.20 -5.97
N THR A 118 2.02 25.78 -6.72
CA THR A 118 1.96 24.52 -7.48
C THR A 118 2.81 24.57 -8.78
N ASP A 119 3.51 25.68 -9.00
CA ASP A 119 4.65 25.80 -9.92
C ASP A 119 5.87 25.03 -9.36
N GLN A 120 6.08 25.08 -8.05
CA GLN A 120 7.33 24.70 -7.40
C GLN A 120 7.34 23.25 -6.90
N ASP A 121 6.20 22.64 -6.54
CA ASP A 121 6.17 21.24 -6.10
C ASP A 121 6.53 20.30 -7.27
N GLU A 122 6.04 20.58 -8.50
CA GLU A 122 6.43 19.89 -9.73
C GLU A 122 7.89 20.18 -10.14
N GLU A 123 8.51 21.26 -9.64
CA GLU A 123 9.95 21.53 -9.79
C GLU A 123 10.73 20.68 -8.77
N HIS A 124 10.28 20.64 -7.50
CA HIS A 124 10.85 19.83 -6.42
C HIS A 124 10.81 18.33 -6.77
N CYS A 125 9.67 17.85 -7.29
CA CYS A 125 9.40 16.49 -7.78
C CYS A 125 10.55 15.96 -8.66
N ARG A 126 10.87 16.71 -9.71
CA ARG A 126 11.89 16.39 -10.71
C ARG A 126 13.31 16.45 -10.10
N LYS A 127 13.60 17.49 -9.31
CA LYS A 127 14.89 17.69 -8.64
C LYS A 127 15.23 16.54 -7.66
N VAL A 128 14.29 16.18 -6.77
CA VAL A 128 14.46 15.11 -5.80
C VAL A 128 14.56 13.73 -6.50
N ASN A 129 13.72 13.45 -7.50
CA ASN A 129 13.73 12.22 -8.31
C ASN A 129 15.10 11.99 -9.00
N GLU A 130 15.71 13.05 -9.55
CA GLU A 130 17.04 13.03 -10.14
C GLU A 130 18.12 12.76 -9.07
N TYR A 131 18.15 13.54 -7.97
CA TYR A 131 19.16 13.44 -6.91
C TYR A 131 19.19 12.09 -6.19
N LEU A 132 18.03 11.47 -5.93
CA LEU A 132 17.95 10.18 -5.24
C LEU A 132 18.45 9.03 -6.12
N ASN A 133 18.10 9.03 -7.42
CA ASN A 133 18.47 7.98 -8.36
C ASN A 133 19.92 8.15 -8.82
N ASN A 134 20.31 9.37 -9.22
CA ASN A 134 21.65 9.71 -9.71
C ASN A 134 22.26 10.73 -8.73
N PRO A 135 22.95 10.29 -7.66
CA PRO A 135 23.63 11.20 -6.71
C PRO A 135 24.94 11.76 -7.32
N PRO A 136 25.48 12.89 -6.81
CA PRO A 136 26.76 13.48 -7.23
C PRO A 136 27.92 12.47 -7.27
N MET A 137 28.57 12.34 -8.44
CA MET A 137 29.61 11.37 -8.81
C MET A 137 28.98 9.98 -9.09
N PRO A 138 28.47 9.72 -10.32
CA PRO A 138 27.97 8.40 -10.76
C PRO A 138 28.94 7.22 -10.54
N GLY A 139 28.37 6.01 -10.40
CA GLY A 139 28.93 4.68 -10.17
C GLY A 139 30.46 4.55 -10.04
N ALA A 140 30.95 4.37 -8.82
CA ALA A 140 32.37 4.30 -8.44
C ALA A 140 32.69 2.98 -7.71
N LEU A 141 32.07 1.89 -8.17
CA LEU A 141 32.27 0.51 -7.76
C LEU A 141 33.64 -0.04 -8.21
N GLY A 142 34.00 -1.24 -7.76
CA GLY A 142 35.28 -1.90 -7.98
C GLY A 142 35.85 -2.40 -6.66
N ALA A 143 37.15 -2.16 -6.41
CA ALA A 143 37.91 -2.71 -5.28
C ALA A 143 37.58 -2.07 -3.92
N SER A 144 36.89 -0.92 -3.92
CA SER A 144 36.24 -0.25 -2.78
C SER A 144 37.24 0.37 -1.78
N GLY A 145 38.44 0.73 -2.26
CA GLY A 145 39.60 1.15 -1.49
C GLY A 145 40.82 0.37 -1.97
N SER A 146 41.75 0.06 -1.07
CA SER A 146 43.03 -0.59 -1.38
C SER A 146 43.35 -1.77 -0.43
N SER A 147 42.34 -2.26 0.31
CA SER A 147 42.31 -3.49 1.13
C SER A 147 42.86 -3.33 2.56
N GLY A 148 43.24 -2.10 2.95
CA GLY A 148 43.76 -1.72 4.26
C GLY A 148 42.87 -0.69 4.92
N HIS A 149 42.80 -0.73 6.27
CA HIS A 149 42.03 0.10 7.20
C HIS A 149 40.60 -0.42 7.37
N GLU A 150 40.00 -0.13 8.54
CA GLU A 150 38.61 -0.37 8.94
C GLU A 150 38.30 -1.83 9.32
N LEU A 151 38.91 -2.80 8.64
CA LEU A 151 38.81 -4.23 8.87
C LEU A 151 40.15 -4.89 8.50
N SER A 152 40.51 -5.95 9.21
CA SER A 152 41.70 -6.77 9.01
C SER A 152 41.39 -8.21 9.46
N ALA A 153 41.62 -9.21 8.60
CA ALA A 153 41.40 -10.64 8.78
C ALA A 153 39.92 -11.04 8.61
N LEU A 154 39.66 -12.36 8.59
CA LEU A 154 38.32 -12.94 8.45
C LEU A 154 37.59 -12.97 9.82
N GLY A 155 38.34 -12.89 10.93
CA GLY A 155 37.86 -12.91 12.31
C GLY A 155 38.45 -14.12 13.03
N GLY A 156 38.88 -13.93 14.28
CA GLY A 156 39.49 -14.95 15.13
C GLY A 156 38.67 -15.28 16.39
N GLU A 157 37.58 -14.54 16.62
CA GLU A 157 36.64 -14.71 17.74
C GLU A 157 35.24 -14.28 17.28
N GLY A 158 34.19 -14.88 17.87
CA GLY A 158 32.78 -14.65 17.59
C GLY A 158 32.07 -15.95 17.23
N GLY A 159 30.76 -15.87 17.01
CA GLY A 159 29.87 -16.99 16.71
C GLY A 159 28.87 -17.14 17.85
N LEU A 160 29.27 -17.90 18.87
CA LEU A 160 28.53 -18.11 20.12
C LEU A 160 28.74 -16.91 21.07
N GLN A 161 27.91 -16.84 22.12
CA GLN A 161 27.92 -15.83 23.18
C GLN A 161 29.26 -15.76 23.94
N SER A 162 29.62 -14.57 24.41
CA SER A 162 30.83 -14.28 25.18
C SER A 162 30.54 -13.14 26.18
N LEU A 163 30.54 -11.90 25.68
CA LEU A 163 30.23 -10.64 26.36
C LEU A 163 31.45 -10.15 27.16
N LEU A 164 31.23 -9.64 28.38
CA LEU A 164 32.23 -9.06 29.29
C LEU A 164 32.08 -9.70 30.68
N GLY A 165 33.07 -9.46 31.54
CA GLY A 165 33.19 -10.01 32.89
C GLY A 165 34.55 -10.73 33.05
N ASN A 166 35.09 -10.74 34.27
CA ASN A 166 36.42 -11.30 34.59
C ASN A 166 36.40 -12.83 34.68
N MET A 167 35.24 -13.41 35.06
CA MET A 167 34.96 -14.84 35.25
C MET A 167 35.45 -15.35 36.63
N SER A 168 34.88 -16.45 37.12
CA SER A 168 35.36 -17.21 38.27
C SER A 168 36.52 -18.12 37.79
N HIS A 169 37.59 -18.25 38.58
CA HIS A 169 38.82 -18.96 38.23
C HIS A 169 39.23 -19.93 39.34
N SER A 170 39.86 -21.04 38.94
CA SER A 170 40.45 -22.08 39.76
C SER A 170 41.48 -22.80 38.89
N GLN A 171 42.48 -23.45 39.51
CA GLN A 171 43.49 -24.31 38.90
C GLN A 171 42.89 -25.66 38.46
N LEU A 172 41.88 -25.63 37.58
CA LEU A 172 41.09 -26.77 37.12
C LEU A 172 41.87 -27.72 36.20
N MET A 173 42.98 -27.24 35.61
CA MET A 173 43.95 -28.00 34.85
C MET A 173 45.35 -27.57 35.29
N GLN A 174 46.34 -28.47 35.14
CA GLN A 174 47.75 -28.26 35.44
C GLN A 174 48.54 -27.78 34.20
N LEU A 175 47.83 -27.32 33.15
CA LEU A 175 48.39 -26.81 31.89
C LEU A 175 49.22 -25.55 32.12
N ILE A 176 50.43 -25.53 31.52
CA ILE A 176 51.41 -24.45 31.62
C ILE A 176 51.01 -23.23 30.76
N GLY A 177 51.60 -22.07 31.08
CA GLY A 177 51.42 -20.80 30.39
C GLY A 177 50.90 -19.71 31.34
N PRO A 178 50.97 -18.42 30.95
CA PRO A 178 50.45 -17.30 31.73
C PRO A 178 48.92 -17.16 31.58
N ALA A 179 48.29 -16.41 32.50
CA ALA A 179 46.84 -16.14 32.48
C ALA A 179 46.50 -14.93 31.56
N GLY A 180 47.46 -14.05 31.30
CA GLY A 180 47.37 -12.89 30.40
C GLY A 180 48.45 -12.96 29.33
N LEU A 181 48.83 -11.80 28.78
CA LEU A 181 49.92 -11.66 27.80
C LEU A 181 51.29 -11.86 28.49
N GLY A 182 51.44 -11.33 29.71
CA GLY A 182 52.61 -11.44 30.57
C GLY A 182 53.21 -10.05 30.84
N GLY A 183 54.45 -10.04 31.36
CA GLY A 183 55.23 -8.83 31.66
C GLY A 183 55.64 -8.78 33.14
N LEU A 184 54.71 -9.12 34.03
CA LEU A 184 54.89 -9.17 35.48
C LEU A 184 53.89 -10.14 36.13
N GLY A 185 54.17 -10.55 37.36
CA GLY A 185 53.34 -11.39 38.21
C GLY A 185 53.05 -10.69 39.54
N GLY A 186 53.01 -11.45 40.63
CA GLY A 186 52.84 -10.98 42.01
C GLY A 186 51.64 -11.63 42.71
N LEU A 187 50.64 -12.08 41.95
CA LEU A 187 49.47 -12.83 42.39
C LEU A 187 49.17 -13.93 41.36
N GLY A 188 48.59 -15.05 41.82
CA GLY A 188 48.05 -16.15 41.03
C GLY A 188 46.58 -16.34 41.41
N ALA A 189 46.14 -17.61 41.53
CA ALA A 189 44.86 -17.98 42.12
C ALA A 189 45.02 -18.04 43.66
N LEU A 190 44.07 -17.46 44.38
CA LEU A 190 44.06 -17.34 45.85
C LEU A 190 42.66 -17.55 46.44
N THR A 191 41.85 -18.39 45.78
CA THR A 191 40.53 -18.85 46.19
C THR A 191 40.62 -19.68 47.50
N GLY A 192 39.56 -19.66 48.32
CA GLY A 192 39.49 -20.29 49.64
C GLY A 192 39.14 -19.24 50.70
N PRO A 193 40.11 -18.48 51.26
CA PRO A 193 39.91 -17.41 52.25
C PRO A 193 38.81 -16.39 51.88
N GLY A 194 38.06 -15.92 52.88
CA GLY A 194 36.93 -15.01 52.77
C GLY A 194 35.67 -15.63 53.39
N LEU A 195 34.62 -14.82 53.56
CA LEU A 195 33.33 -15.21 54.12
C LEU A 195 32.46 -15.81 53.00
N ALA A 196 31.76 -16.90 53.29
CA ALA A 196 30.76 -17.52 52.42
C ALA A 196 29.37 -16.92 52.72
N SER A 197 28.43 -17.07 51.78
CA SER A 197 27.05 -16.65 51.90
C SER A 197 26.20 -17.67 51.10
N LEU A 198 25.34 -18.41 51.78
CA LEU A 198 24.49 -19.46 51.22
C LEU A 198 23.10 -18.86 50.90
N LEU A 199 22.46 -19.36 49.84
CA LEU A 199 21.10 -18.99 49.42
C LEU A 199 20.08 -19.84 50.18
N GLY A 200 18.86 -19.29 50.36
CA GLY A 200 17.74 -19.95 51.03
C GLY A 200 17.32 -19.17 52.27
N SER A 201 16.91 -17.91 52.10
CA SER A 201 16.57 -16.96 53.16
C SER A 201 15.36 -16.07 52.82
N SER A 202 14.51 -16.53 51.88
CA SER A 202 13.32 -15.87 51.30
C SER A 202 13.69 -14.95 50.11
N GLY A 203 12.69 -14.44 49.39
CA GLY A 203 12.86 -13.53 48.26
C GLY A 203 12.21 -14.10 46.99
N PRO A 204 12.93 -14.89 46.16
CA PRO A 204 12.45 -15.48 44.89
C PRO A 204 11.06 -16.18 44.94
N PRO A 205 10.26 -16.10 43.87
CA PRO A 205 8.93 -16.75 43.81
C PRO A 205 8.97 -18.26 43.54
N GLY A 206 10.14 -18.82 43.20
CA GLY A 206 10.37 -20.25 42.95
C GLY A 206 11.33 -20.82 43.99
N SER A 207 11.29 -22.15 44.17
CA SER A 207 12.06 -22.90 45.16
C SER A 207 13.56 -23.02 44.78
N SER A 208 13.89 -22.83 43.50
CA SER A 208 15.25 -22.81 42.95
C SER A 208 15.31 -21.84 41.76
N SER A 209 16.51 -21.36 41.40
CA SER A 209 16.76 -20.55 40.22
C SER A 209 16.98 -21.48 39.02
N SER A 210 16.39 -21.13 37.86
CA SER A 210 16.48 -21.84 36.58
C SER A 210 15.54 -23.06 36.52
N SER A 211 14.43 -23.02 37.27
CA SER A 211 13.43 -24.08 37.39
C SER A 211 12.57 -24.24 36.11
N SER A 212 12.38 -23.15 35.35
CA SER A 212 11.66 -23.11 34.07
C SER A 212 12.65 -23.45 32.94
N SER A 213 12.21 -24.25 31.96
CA SER A 213 12.96 -24.66 30.78
C SER A 213 11.99 -24.90 29.62
N ARG A 214 12.29 -24.34 28.43
CA ARG A 214 11.47 -24.49 27.22
C ARG A 214 11.76 -25.82 26.50
N SER A 215 13.01 -26.32 26.61
CA SER A 215 13.57 -27.55 26.02
C SER A 215 14.06 -27.39 24.57
N GLN A 216 13.99 -26.16 24.05
CA GLN A 216 14.32 -25.75 22.68
C GLN A 216 15.85 -25.75 22.48
N SER A 217 16.30 -26.15 21.28
CA SER A 217 17.68 -26.14 20.83
C SER A 217 17.72 -25.93 19.30
N ALA A 218 18.82 -25.38 18.77
CA ALA A 218 19.06 -25.15 17.35
C ALA A 218 19.60 -26.43 16.68
N ALA A 219 19.36 -26.57 15.38
CA ALA A 219 19.86 -27.65 14.54
C ALA A 219 21.33 -27.41 14.20
N VAL A 220 22.15 -28.47 14.23
CA VAL A 220 23.60 -28.43 14.03
C VAL A 220 23.98 -28.43 12.53
N THR A 221 23.03 -28.71 11.62
CA THR A 221 23.23 -28.68 10.17
C THR A 221 22.89 -27.25 9.67
N PRO A 222 23.82 -26.53 8.98
CA PRO A 222 23.56 -25.22 8.37
C PRO A 222 22.43 -25.24 7.32
N SER A 223 21.80 -24.08 7.12
CA SER A 223 20.87 -23.72 6.03
C SER A 223 19.43 -24.20 6.27
N SER A 224 18.46 -23.48 5.71
CA SER A 224 17.03 -23.75 5.77
C SER A 224 16.35 -23.06 4.56
N THR A 225 15.21 -23.59 4.14
CA THR A 225 14.19 -22.94 3.30
C THR A 225 14.64 -22.90 1.83
N THR A 226 14.44 -24.02 1.11
CA THR A 226 14.71 -24.19 -0.31
C THR A 226 13.65 -23.45 -1.18
N SER A 227 13.91 -23.35 -2.49
CA SER A 227 13.16 -22.65 -3.54
C SER A 227 11.77 -23.28 -3.85
N SER A 228 11.03 -23.64 -2.79
CA SER A 228 9.68 -24.22 -2.65
C SER A 228 8.53 -23.44 -3.31
N THR A 229 8.80 -22.78 -4.44
CA THR A 229 7.87 -22.09 -5.32
C THR A 229 6.98 -23.12 -6.05
N ARG A 230 5.69 -22.81 -6.26
CA ARG A 230 4.68 -23.63 -6.95
C ARG A 230 4.18 -24.82 -6.08
N ALA A 231 4.50 -24.84 -4.79
CA ALA A 231 4.10 -25.87 -3.82
C ALA A 231 2.66 -25.64 -3.28
N THR A 232 1.99 -24.59 -3.73
CA THR A 232 0.61 -24.23 -3.44
C THR A 232 -0.04 -23.71 -4.74
N PRO A 233 -1.33 -24.02 -5.03
CA PRO A 233 -2.01 -23.52 -6.23
C PRO A 233 -2.48 -22.06 -6.07
N ALA A 234 -2.97 -21.47 -7.16
CA ALA A 234 -3.63 -20.16 -7.20
C ALA A 234 -5.06 -20.27 -6.60
N PRO A 235 -5.63 -19.18 -6.04
CA PRO A 235 -6.98 -19.20 -5.44
C PRO A 235 -8.10 -19.28 -6.50
N SER A 236 -7.90 -18.68 -7.68
CA SER A 236 -8.72 -18.81 -8.87
C SER A 236 -7.84 -18.58 -10.11
N ALA A 237 -8.20 -19.19 -11.24
CA ALA A 237 -7.55 -19.09 -12.55
C ALA A 237 -8.57 -19.46 -13.64
N PRO A 238 -8.42 -18.99 -14.90
CA PRO A 238 -9.29 -19.34 -16.05
C PRO A 238 -9.51 -20.86 -16.24
N ALA A 239 -10.78 -21.27 -16.37
CA ALA A 239 -11.22 -22.64 -16.62
C ALA A 239 -12.65 -22.58 -17.19
N ALA A 240 -12.95 -23.46 -18.16
CA ALA A 240 -14.26 -23.68 -18.77
C ALA A 240 -14.76 -22.48 -19.60
N ALA A 241 -13.83 -21.76 -20.26
CA ALA A 241 -14.06 -20.52 -20.98
C ALA A 241 -14.87 -20.74 -22.27
N SER A 242 -15.72 -19.76 -22.60
CA SER A 242 -16.56 -19.70 -23.79
C SER A 242 -15.76 -19.17 -25.01
N ALA A 243 -16.34 -19.29 -26.21
CA ALA A 243 -15.80 -18.75 -27.46
C ALA A 243 -15.86 -17.21 -27.49
N THR A 244 -15.01 -16.60 -28.33
CA THR A 244 -14.84 -15.16 -28.55
C THR A 244 -16.18 -14.39 -28.70
N SER A 245 -16.44 -13.45 -27.78
CA SER A 245 -17.66 -12.68 -27.65
C SER A 245 -17.37 -11.37 -26.88
N PRO A 246 -18.16 -10.28 -27.06
CA PRO A 246 -17.97 -8.98 -26.39
C PRO A 246 -17.83 -9.04 -24.86
N SER A 247 -16.89 -8.27 -24.30
CA SER A 247 -16.67 -8.09 -22.86
C SER A 247 -17.92 -7.69 -22.04
N PRO A 248 -18.83 -6.78 -22.50
CA PRO A 248 -20.12 -6.49 -21.85
C PRO A 248 -21.07 -7.69 -21.56
N ALA A 249 -20.86 -8.87 -22.14
CA ALA A 249 -21.68 -10.08 -21.95
C ALA A 249 -21.65 -10.57 -20.48
N PRO A 250 -22.74 -11.17 -19.96
CA PRO A 250 -22.82 -11.62 -18.56
C PRO A 250 -21.98 -12.89 -18.30
N SER A 251 -21.64 -13.11 -17.03
CA SER A 251 -20.84 -14.23 -16.53
C SER A 251 -21.35 -14.60 -15.12
N SER A 252 -20.43 -14.71 -14.16
CA SER A 252 -20.66 -14.83 -12.73
C SER A 252 -19.64 -13.97 -11.96
N GLY A 253 -19.06 -12.95 -12.62
CA GLY A 253 -18.12 -11.99 -12.04
C GLY A 253 -16.73 -12.05 -12.70
N ASN A 254 -16.64 -12.43 -13.99
CA ASN A 254 -15.38 -12.53 -14.73
C ASN A 254 -14.88 -11.11 -15.11
N GLY A 255 -13.64 -10.81 -14.73
CA GLY A 255 -12.82 -9.59 -14.89
C GLY A 255 -13.48 -8.33 -15.47
N ALA A 256 -14.44 -7.76 -14.74
CA ALA A 256 -15.19 -6.55 -15.09
C ALA A 256 -14.85 -5.36 -14.17
N SER A 257 -14.08 -5.59 -13.10
CA SER A 257 -13.79 -4.62 -12.04
C SER A 257 -12.78 -3.52 -12.47
N THR A 258 -12.13 -3.69 -13.63
CA THR A 258 -11.14 -2.79 -14.22
C THR A 258 -11.82 -1.55 -14.86
N ALA A 259 -13.14 -1.58 -15.06
CA ALA A 259 -13.94 -0.51 -15.64
C ALA A 259 -13.94 0.73 -14.73
N ALA A 260 -13.30 1.81 -15.20
CA ALA A 260 -13.06 3.10 -14.55
C ALA A 260 -11.81 3.13 -13.66
N SER A 261 -11.03 2.05 -13.63
CA SER A 261 -9.80 1.90 -12.84
C SER A 261 -8.78 0.98 -13.56
N PRO A 262 -8.14 1.43 -14.66
CA PRO A 262 -7.19 0.62 -15.46
C PRO A 262 -5.79 0.49 -14.80
N THR A 263 -5.75 0.15 -13.51
CA THR A 263 -4.55 0.01 -12.69
C THR A 263 -3.89 -1.35 -13.02
N GLN A 264 -2.57 -1.36 -13.16
CA GLN A 264 -1.74 -2.56 -13.34
C GLN A 264 -0.78 -2.62 -12.14
N PRO A 265 -1.06 -3.42 -11.08
CA PRO A 265 -0.19 -3.61 -9.90
C PRO A 265 1.27 -3.97 -10.26
N ILE A 266 2.22 -3.18 -9.77
CA ILE A 266 3.66 -3.28 -10.02
C ILE A 266 4.26 -4.26 -8.98
N GLN A 267 3.70 -5.47 -8.89
CA GLN A 267 4.06 -6.59 -7.99
C GLN A 267 3.63 -6.33 -6.53
N LEU A 268 2.66 -5.42 -6.32
CA LEU A 268 2.21 -4.87 -5.04
C LEU A 268 1.84 -5.92 -3.97
N SER A 269 1.27 -7.05 -4.41
CA SER A 269 0.92 -8.24 -3.62
C SER A 269 2.09 -8.84 -2.81
N ASP A 270 3.32 -8.63 -3.30
CA ASP A 270 4.55 -9.22 -2.79
C ASP A 270 5.48 -8.12 -2.23
N LEU A 271 5.04 -6.87 -2.25
CA LEU A 271 5.76 -5.69 -1.75
C LEU A 271 5.06 -5.10 -0.52
N GLN A 272 3.72 -5.02 -0.52
CA GLN A 272 2.93 -4.42 0.56
C GLN A 272 2.81 -5.32 1.79
N SER A 273 3.20 -6.60 1.68
CA SER A 273 3.29 -7.57 2.75
C SER A 273 4.59 -7.34 3.56
N ILE A 274 5.76 -7.48 2.91
CA ILE A 274 7.10 -7.43 3.50
C ILE A 274 7.42 -6.12 4.25
N LEU A 275 6.87 -4.98 3.81
CA LEU A 275 7.02 -3.69 4.50
C LEU A 275 6.25 -3.62 5.84
N ALA A 276 5.22 -4.46 6.03
CA ALA A 276 4.43 -4.51 7.26
C ALA A 276 5.12 -5.42 8.28
N THR A 277 5.69 -6.55 7.84
CA THR A 277 6.41 -7.58 8.61
C THR A 277 7.55 -7.04 9.51
N MET A 278 7.99 -5.80 9.28
CA MET A 278 8.92 -5.04 10.10
C MET A 278 8.38 -4.74 11.51
N ASN A 279 7.05 -4.52 11.67
CA ASN A 279 6.41 -4.24 12.96
C ASN A 279 4.88 -4.37 12.91
N VAL A 280 4.25 -3.82 11.86
CA VAL A 280 2.81 -3.52 11.77
C VAL A 280 2.00 -4.81 11.46
N PRO A 281 0.80 -5.01 12.06
CA PRO A 281 -0.06 -6.19 11.84
C PRO A 281 -0.91 -6.13 10.54
N ALA A 282 -0.71 -5.13 9.67
CA ALA A 282 -1.41 -4.92 8.41
C ALA A 282 -1.11 -6.07 7.42
N GLY A 283 -2.09 -6.95 7.23
CA GLY A 283 -1.94 -8.23 6.55
C GLY A 283 -2.34 -9.35 7.52
N PRO A 284 -1.45 -9.78 8.44
CA PRO A 284 -1.72 -10.76 9.50
C PRO A 284 -3.07 -10.63 10.24
N ALA A 285 -3.44 -9.40 10.67
CA ALA A 285 -4.68 -9.12 11.39
C ALA A 285 -5.88 -8.85 10.44
N GLY A 286 -5.78 -9.23 9.16
CA GLY A 286 -6.88 -9.31 8.21
C GLY A 286 -6.61 -8.55 6.91
N GLY A 287 -6.02 -7.35 6.98
CA GLY A 287 -5.57 -6.57 5.82
C GLY A 287 -6.53 -5.43 5.51
N GLN A 288 -7.81 -5.76 5.27
CA GLN A 288 -8.91 -4.84 4.97
C GLN A 288 -9.44 -4.14 6.25
N GLN A 289 -8.86 -4.52 7.41
CA GLN A 289 -9.10 -4.08 8.78
C GLN A 289 -9.32 -2.57 8.98
N VAL A 290 -8.54 -1.73 8.30
CA VAL A 290 -8.56 -0.28 8.41
C VAL A 290 -9.62 0.37 7.49
N ASP A 291 -10.07 -0.33 6.42
CA ASP A 291 -10.98 0.22 5.41
C ASP A 291 -12.44 0.04 5.86
N LEU A 292 -12.79 -1.13 6.40
CA LEU A 292 -14.14 -1.50 6.79
C LEU A 292 -14.66 -0.71 8.01
N ALA A 293 -13.77 -0.21 8.87
CA ALA A 293 -14.10 0.57 10.06
C ALA A 293 -14.74 1.93 9.75
N SER A 294 -14.60 2.42 8.51
CA SER A 294 -15.23 3.64 8.01
C SER A 294 -16.66 3.37 7.47
N VAL A 295 -17.01 2.11 7.20
CA VAL A 295 -18.32 1.69 6.70
C VAL A 295 -19.12 1.14 7.90
N LEU A 296 -18.55 0.16 8.61
CA LEU A 296 -19.08 -0.48 9.79
C LEU A 296 -18.47 0.26 10.99
N THR A 297 -19.00 1.46 11.27
CA THR A 297 -18.53 2.40 12.28
C THR A 297 -18.90 1.93 13.71
N PRO A 298 -18.25 2.47 14.77
CA PRO A 298 -18.49 2.09 16.18
C PRO A 298 -19.94 1.96 16.63
N GLU A 299 -20.85 2.85 16.19
CA GLU A 299 -22.28 2.82 16.52
C GLU A 299 -23.03 1.60 15.92
N ILE A 300 -22.51 1.01 14.84
CA ILE A 300 -23.05 -0.19 14.20
C ILE A 300 -22.50 -1.44 14.91
N MET A 301 -21.19 -1.46 15.21
CA MET A 301 -20.47 -2.64 15.67
C MET A 301 -20.50 -2.82 17.19
N ALA A 302 -20.69 -1.73 17.96
CA ALA A 302 -20.79 -1.70 19.43
C ALA A 302 -21.55 -2.85 20.12
N PRO A 303 -22.84 -3.13 19.83
CA PRO A 303 -23.57 -4.24 20.46
C PRO A 303 -23.14 -5.63 19.96
N ILE A 304 -22.57 -5.72 18.75
CA ILE A 304 -22.09 -6.95 18.13
C ILE A 304 -20.79 -7.37 18.83
N LEU A 305 -19.83 -6.45 18.96
CA LEU A 305 -18.52 -6.67 19.57
C LEU A 305 -18.57 -6.71 21.12
N ALA A 306 -19.71 -6.37 21.74
CA ALA A 306 -19.91 -6.42 23.19
C ALA A 306 -20.37 -7.82 23.66
N ASN A 307 -20.78 -8.70 22.74
CA ASN A 307 -21.29 -10.04 23.04
C ASN A 307 -20.14 -11.06 23.04
N ALA A 308 -20.07 -11.86 24.11
CA ALA A 308 -19.01 -12.83 24.43
C ALA A 308 -18.73 -13.84 23.31
N ASP A 309 -19.79 -14.26 22.59
CA ASP A 309 -19.76 -15.21 21.47
C ASP A 309 -18.92 -14.71 20.29
N VAL A 310 -18.82 -13.39 20.12
CA VAL A 310 -17.95 -12.74 19.14
C VAL A 310 -16.56 -12.54 19.80
N GLN A 311 -16.50 -11.97 21.01
CA GLN A 311 -15.26 -11.61 21.72
C GLN A 311 -14.26 -12.77 21.89
N GLU A 312 -14.75 -13.98 22.23
CA GLU A 312 -13.93 -15.19 22.40
C GLU A 312 -13.29 -15.68 21.08
N ARG A 313 -13.67 -15.13 19.92
CA ARG A 313 -13.07 -15.41 18.62
C ARG A 313 -12.02 -14.34 18.27
N LEU A 314 -12.10 -13.13 18.86
CA LEU A 314 -11.15 -12.04 18.67
C LEU A 314 -9.96 -12.22 19.64
N LEU A 315 -10.25 -12.47 20.93
CA LEU A 315 -9.30 -12.69 22.03
C LEU A 315 -8.06 -13.59 21.75
N PRO A 316 -8.18 -14.78 21.10
CA PRO A 316 -7.01 -15.58 20.72
C PRO A 316 -6.29 -15.12 19.43
N TYR A 317 -6.91 -14.29 18.58
CA TYR A 317 -6.39 -13.94 17.25
C TYR A 317 -5.51 -12.67 17.29
N LEU A 318 -5.68 -11.77 18.28
CA LEU A 318 -4.90 -10.54 18.45
C LEU A 318 -3.41 -10.83 18.75
N PRO A 319 -2.46 -9.92 18.41
CA PRO A 319 -1.02 -10.17 18.56
C PRO A 319 -0.49 -10.12 20.01
N SER A 320 -1.33 -9.79 20.99
CA SER A 320 -1.11 -9.75 22.44
C SER A 320 -0.66 -8.35 22.89
N GLY A 321 -1.27 -7.84 23.96
CA GLY A 321 -1.02 -6.54 24.57
C GLY A 321 -2.26 -5.64 24.52
N GLU A 322 -3.04 -5.76 23.43
CA GLU A 322 -4.33 -5.09 23.24
C GLU A 322 -5.47 -6.03 23.70
N SER A 323 -6.62 -5.43 24.02
CA SER A 323 -7.89 -6.10 24.26
C SER A 323 -8.98 -5.04 24.02
N LEU A 324 -10.08 -5.39 23.34
CA LEU A 324 -11.21 -4.49 23.09
C LEU A 324 -12.02 -4.25 24.39
N PRO A 325 -12.64 -3.06 24.59
CA PRO A 325 -13.52 -2.77 25.73
C PRO A 325 -14.67 -3.79 25.95
N GLN A 326 -15.16 -3.89 27.19
CA GLN A 326 -16.06 -4.94 27.63
C GLN A 326 -17.52 -4.70 27.16
N THR A 327 -18.05 -3.49 27.37
CA THR A 327 -19.46 -3.15 27.11
C THR A 327 -19.56 -2.23 25.87
N ALA A 328 -20.73 -2.25 25.21
CA ALA A 328 -21.04 -1.54 23.95
C ALA A 328 -20.80 -0.03 24.02
N ASP A 329 -21.13 0.59 25.16
CA ASP A 329 -20.93 2.01 25.46
C ASP A 329 -19.44 2.42 25.37
N GLU A 330 -18.54 1.55 25.83
CA GLU A 330 -17.09 1.77 25.82
C GLU A 330 -16.53 1.54 24.40
N ILE A 331 -17.03 0.55 23.67
CA ILE A 331 -16.64 0.27 22.28
C ILE A 331 -17.07 1.43 21.36
N GLN A 332 -18.24 2.04 21.63
CA GLN A 332 -18.76 3.17 20.88
C GLN A 332 -18.00 4.48 21.18
N ASN A 333 -17.69 4.75 22.46
CA ASN A 333 -17.30 6.10 22.94
C ASN A 333 -15.89 6.19 23.51
N THR A 334 -15.20 5.07 23.79
CA THR A 334 -14.00 5.02 24.63
C THR A 334 -12.87 4.20 23.96
N LEU A 335 -12.63 4.44 22.67
CA LEU A 335 -11.47 3.97 21.91
C LEU A 335 -11.08 5.01 20.86
N THR A 336 -9.79 5.09 20.51
CA THR A 336 -9.23 6.11 19.62
C THR A 336 -9.47 5.69 18.15
N SER A 337 -8.92 4.54 17.73
CA SER A 337 -9.05 3.92 16.40
C SER A 337 -8.38 2.53 16.30
N PRO A 338 -7.08 2.35 16.66
CA PRO A 338 -6.29 1.12 16.43
C PRO A 338 -6.98 -0.22 16.74
N GLN A 339 -7.43 -0.44 17.99
CA GLN A 339 -8.02 -1.71 18.41
C GLN A 339 -9.41 -1.95 17.79
N PHE A 340 -10.14 -0.89 17.40
CA PHE A 340 -11.40 -1.02 16.68
C PHE A 340 -11.15 -1.53 15.24
N GLN A 341 -10.10 -1.02 14.58
CA GLN A 341 -9.65 -1.49 13.26
C GLN A 341 -9.12 -2.92 13.35
N GLN A 342 -8.33 -3.27 14.38
CA GLN A 342 -7.90 -4.64 14.70
C GLN A 342 -9.10 -5.60 14.86
N ALA A 343 -10.08 -5.21 15.70
CA ALA A 343 -11.33 -5.92 15.92
C ALA A 343 -12.12 -6.17 14.63
N LEU A 344 -12.22 -5.16 13.76
CA LEU A 344 -12.85 -5.22 12.43
C LEU A 344 -12.20 -6.28 11.51
N GLY A 345 -10.89 -6.53 11.66
CA GLY A 345 -10.14 -7.42 10.80
C GLY A 345 -10.16 -8.87 11.33
N MET A 346 -10.19 -9.03 12.66
CA MET A 346 -10.39 -10.31 13.34
C MET A 346 -11.85 -10.77 13.18
N PHE A 347 -12.81 -9.83 13.18
CA PHE A 347 -14.21 -10.02 12.82
C PHE A 347 -14.33 -10.48 11.36
N SER A 348 -13.63 -9.81 10.43
CA SER A 348 -13.62 -10.13 9.00
C SER A 348 -13.03 -11.53 8.70
N ALA A 349 -12.03 -12.00 9.47
CA ALA A 349 -11.45 -13.33 9.34
C ALA A 349 -12.46 -14.44 9.66
N ALA A 350 -13.27 -14.25 10.71
CA ALA A 350 -14.33 -15.17 11.12
C ALA A 350 -15.55 -15.09 10.18
N LEU A 351 -15.86 -13.89 9.68
CA LEU A 351 -16.93 -13.61 8.73
C LEU A 351 -16.60 -14.20 7.34
N ALA A 352 -15.34 -14.12 6.90
CA ALA A 352 -14.85 -14.65 5.63
C ALA A 352 -14.78 -16.19 5.64
N SER A 353 -14.43 -16.78 6.79
CA SER A 353 -14.46 -18.22 7.02
C SER A 353 -15.91 -18.74 7.00
N GLY A 354 -16.84 -18.00 7.61
CA GLY A 354 -18.28 -18.26 7.59
C GLY A 354 -18.80 -18.71 8.95
N GLN A 355 -17.90 -19.02 9.89
CA GLN A 355 -18.15 -19.51 11.25
C GLN A 355 -18.90 -18.50 12.13
N LEU A 356 -18.81 -17.21 11.81
CA LEU A 356 -19.45 -16.12 12.55
C LEU A 356 -20.93 -15.96 12.12
N GLY A 357 -21.24 -16.27 10.84
CA GLY A 357 -22.54 -16.45 10.19
C GLY A 357 -23.76 -16.62 11.11
N PRO A 358 -23.89 -17.77 11.81
CA PRO A 358 -24.96 -18.06 12.80
C PRO A 358 -25.27 -16.98 13.85
N LEU A 359 -24.32 -16.14 14.26
CA LEU A 359 -24.54 -15.08 15.25
C LEU A 359 -25.25 -13.88 14.61
N MET A 360 -24.99 -13.60 13.33
CA MET A 360 -25.54 -12.46 12.58
C MET A 360 -27.06 -12.59 12.38
N CYS A 361 -27.56 -13.84 12.38
CA CYS A 361 -28.96 -14.21 12.32
C CYS A 361 -29.73 -13.83 13.60
N GLN A 362 -29.03 -13.71 14.75
CA GLN A 362 -29.65 -13.48 16.06
C GLN A 362 -29.83 -11.99 16.34
N PHE A 363 -28.91 -11.14 15.84
CA PHE A 363 -28.86 -9.70 16.11
C PHE A 363 -29.94 -8.91 15.37
N GLY A 364 -30.41 -9.41 14.22
CA GLY A 364 -31.53 -8.81 13.46
C GLY A 364 -31.05 -8.03 12.23
N LEU A 365 -29.81 -8.29 11.78
CA LEU A 365 -29.13 -7.62 10.67
C LEU A 365 -29.78 -7.97 9.31
N PRO A 366 -29.61 -7.14 8.25
CA PRO A 366 -30.22 -7.34 6.92
C PRO A 366 -30.05 -8.75 6.33
N ALA A 367 -31.11 -9.32 5.74
CA ALA A 367 -31.17 -10.69 5.21
C ALA A 367 -30.09 -10.99 4.15
N GLU A 368 -29.76 -10.00 3.32
CA GLU A 368 -28.72 -10.06 2.29
C GLU A 368 -27.32 -10.15 2.94
N ALA A 369 -27.10 -9.43 4.05
CA ALA A 369 -25.85 -9.41 4.80
C ALA A 369 -25.69 -10.69 5.62
N VAL A 370 -26.77 -11.17 6.26
CA VAL A 370 -26.81 -12.43 7.01
C VAL A 370 -26.56 -13.65 6.09
N GLU A 371 -27.07 -13.65 4.85
CA GLU A 371 -26.73 -14.64 3.83
C GLU A 371 -25.24 -14.58 3.46
N ALA A 372 -24.71 -13.38 3.20
CA ALA A 372 -23.31 -13.12 2.87
C ALA A 372 -22.34 -13.57 3.99
N ALA A 373 -22.70 -13.33 5.25
CA ALA A 373 -21.94 -13.70 6.45
C ALA A 373 -21.86 -15.23 6.65
N ASN A 374 -22.89 -15.96 6.23
CA ASN A 374 -22.95 -17.43 6.30
C ASN A 374 -22.23 -18.06 5.09
N LYS A 375 -22.33 -17.45 3.90
CA LYS A 375 -21.65 -17.91 2.69
C LYS A 375 -20.14 -17.60 2.69
N GLY A 376 -19.73 -16.47 3.30
CA GLY A 376 -18.33 -16.11 3.55
C GLY A 376 -17.86 -14.85 2.80
N ASP A 377 -18.78 -13.94 2.44
CA ASP A 377 -18.50 -12.72 1.69
C ASP A 377 -18.58 -11.50 2.63
N VAL A 378 -17.45 -10.81 2.80
CA VAL A 378 -17.29 -9.65 3.67
C VAL A 378 -17.72 -8.36 2.92
N GLU A 379 -17.51 -8.31 1.60
CA GLU A 379 -17.86 -7.22 0.70
C GLU A 379 -19.39 -7.05 0.63
N ALA A 380 -20.13 -8.13 0.36
CA ALA A 380 -21.59 -8.13 0.28
C ALA A 380 -22.26 -7.88 1.64
N PHE A 381 -21.65 -8.31 2.75
CA PHE A 381 -22.06 -7.98 4.12
C PHE A 381 -22.02 -6.46 4.36
N ALA A 382 -20.85 -5.83 4.15
CA ALA A 382 -20.62 -4.40 4.38
C ALA A 382 -21.47 -3.53 3.44
N LYS A 383 -21.59 -3.93 2.17
CA LYS A 383 -22.39 -3.24 1.15
C LYS A 383 -23.89 -3.29 1.46
N ALA A 384 -24.41 -4.44 1.91
CA ALA A 384 -25.80 -4.60 2.31
C ALA A 384 -26.11 -3.84 3.62
N MET A 385 -25.15 -3.76 4.55
CA MET A 385 -25.26 -2.99 5.79
C MET A 385 -25.29 -1.48 5.47
N GLN A 386 -24.39 -1.02 4.59
CA GLN A 386 -24.30 0.37 4.13
C GLN A 386 -25.57 0.80 3.37
N ASN A 387 -26.13 -0.08 2.53
CA ASN A 387 -27.36 0.15 1.76
C ASN A 387 -28.57 0.38 2.69
N ASN A 388 -28.66 -0.38 3.78
CA ASN A 388 -29.75 -0.30 4.77
C ASN A 388 -29.53 0.84 5.78
N ALA A 389 -28.29 1.30 5.98
CA ALA A 389 -27.96 2.44 6.84
C ALA A 389 -28.24 3.78 6.14
N LYS A 390 -28.10 3.83 4.80
CA LYS A 390 -28.35 5.01 3.98
C LYS A 390 -29.87 5.22 3.76
N PRO A 391 -30.33 6.47 3.59
CA PRO A 391 -31.72 6.78 3.22
C PRO A 391 -32.02 6.48 1.74
N GLU A 392 -33.27 6.69 1.35
CA GLU A 392 -33.83 6.54 -0.01
C GLU A 392 -33.40 7.71 -0.93
N GLN A 393 -32.22 8.30 -0.69
CA GLN A 393 -31.47 9.28 -1.47
C GLN A 393 -32.00 10.73 -1.39
N LYS A 394 -33.08 10.94 -0.62
CA LYS A 394 -33.74 12.23 -0.38
C LYS A 394 -34.29 12.27 1.06
N GLU A 395 -33.61 11.58 1.99
CA GLU A 395 -33.81 11.55 3.45
C GLU A 395 -35.09 10.78 3.89
N GLY A 396 -36.04 10.57 2.98
CA GLY A 396 -37.36 10.00 3.21
C GLY A 396 -38.48 11.04 3.06
N ASP A 397 -38.12 12.26 2.61
CA ASP A 397 -38.91 13.50 2.51
C ASP A 397 -38.92 14.23 3.86
N THR A 398 -38.67 15.55 3.83
CA THR A 398 -38.71 16.43 5.00
C THR A 398 -40.13 17.06 5.07
N LYS A 399 -40.69 17.13 6.28
CA LYS A 399 -41.94 17.80 6.62
C LYS A 399 -41.86 18.30 8.07
N ASP A 400 -42.73 19.25 8.44
CA ASP A 400 -42.90 19.76 9.80
C ASP A 400 -43.72 18.74 10.62
N LYS A 401 -43.43 18.66 11.92
CA LYS A 401 -44.02 17.76 12.90
C LYS A 401 -43.80 18.34 14.31
N LYS A 402 -44.41 17.69 15.32
CA LYS A 402 -44.39 18.01 16.76
C LYS A 402 -45.52 19.00 17.13
N ASP A 403 -46.04 18.87 18.35
CA ASP A 403 -47.05 19.75 18.96
C ASP A 403 -46.69 19.93 20.45
N GLU A 404 -47.15 21.03 21.06
CA GLU A 404 -46.82 21.44 22.42
C GLU A 404 -47.59 20.60 23.45
N GLU A 405 -46.88 20.08 24.46
CA GLU A 405 -47.37 19.22 25.53
C GLU A 405 -47.90 20.04 26.73
N GLU A 406 -47.93 21.38 26.63
CA GLU A 406 -48.32 22.32 27.66
C GLU A 406 -49.85 22.26 27.98
N ASP A 407 -50.66 21.84 27.01
CA ASP A 407 -52.12 21.75 27.11
C ASP A 407 -52.53 20.46 27.87
N MET A 408 -52.47 20.52 29.21
CA MET A 408 -52.82 19.49 30.18
C MET A 408 -51.77 18.34 30.17
N SER A 409 -52.19 17.13 30.52
CA SER A 409 -51.39 15.89 30.47
C SER A 409 -52.29 14.72 30.00
N LEU A 410 -53.28 15.04 29.15
CA LEU A 410 -54.32 14.20 28.55
C LEU A 410 -55.47 13.94 29.55
N ASP A 411 -56.70 14.30 29.16
CA ASP A 411 -57.93 14.09 29.92
C ASP A 411 -58.50 12.69 29.62
N MET A 5 42.51 49.42 13.19
CA MET A 5 41.27 49.33 12.40
C MET A 5 40.36 50.51 12.77
N THR A 6 39.49 50.93 11.84
CA THR A 6 38.50 52.01 12.02
C THR A 6 37.10 51.60 11.50
N THR A 7 36.90 50.30 11.24
CA THR A 7 35.66 49.70 10.72
C THR A 7 34.63 49.62 11.88
N SER A 8 33.37 49.96 11.59
CA SER A 8 32.25 49.95 12.54
C SER A 8 31.80 48.52 12.87
N GLY A 9 31.34 47.77 11.86
CA GLY A 9 30.89 46.37 11.95
C GLY A 9 31.57 45.53 10.87
N ALA A 10 32.16 44.40 11.28
CA ALA A 10 32.73 43.35 10.43
C ALA A 10 32.72 42.00 11.20
N LEU A 11 31.64 41.78 11.97
CA LEU A 11 31.46 40.81 13.05
C LEU A 11 32.02 41.35 14.38
N PHE A 12 31.47 40.90 15.51
CA PHE A 12 31.88 41.34 16.84
C PHE A 12 33.13 40.55 17.26
N PRO A 13 34.25 41.22 17.67
CA PRO A 13 35.48 40.55 18.14
C PRO A 13 35.23 39.55 19.29
N SER A 14 35.86 38.36 19.21
CA SER A 14 35.86 37.31 20.22
C SER A 14 37.00 36.34 19.89
N LEU A 15 37.72 35.86 20.91
CA LEU A 15 38.68 34.78 20.80
C LEU A 15 37.89 33.48 21.02
N VAL A 16 37.79 32.66 19.97
CA VAL A 16 36.93 31.48 19.80
C VAL A 16 35.49 31.95 19.46
N PRO A 17 35.02 31.87 18.20
CA PRO A 17 33.73 32.46 17.80
C PRO A 17 32.50 31.62 18.21
N GLY A 18 32.63 30.29 18.18
CA GLY A 18 31.57 29.35 18.59
C GLY A 18 30.92 28.63 17.41
N SER A 19 31.43 28.85 16.18
CA SER A 19 30.91 28.31 14.92
C SER A 19 32.07 28.20 13.91
N ARG A 20 31.74 28.01 12.63
CA ARG A 20 32.64 27.88 11.49
C ARG A 20 32.13 28.83 10.38
N GLY A 21 32.06 28.37 9.13
CA GLY A 21 31.81 29.21 7.94
C GLY A 21 30.50 28.92 7.22
N ALA A 22 29.70 27.95 7.71
CA ALA A 22 28.35 27.61 7.25
C ALA A 22 28.32 26.90 5.87
N SER A 23 29.37 26.13 5.57
CA SER A 23 29.50 25.33 4.36
C SER A 23 28.80 23.96 4.56
N ASN A 24 28.72 23.16 3.49
CA ASN A 24 28.07 21.84 3.41
C ASN A 24 26.54 21.99 3.35
N LYS A 25 26.08 22.97 2.58
CA LYS A 25 24.69 23.40 2.45
C LYS A 25 23.80 22.34 1.77
N TYR A 26 22.48 22.52 1.87
CA TYR A 26 21.46 21.60 1.36
C TYR A 26 21.43 21.63 -0.17
N LEU A 27 21.22 20.46 -0.79
CA LEU A 27 21.18 20.25 -2.23
C LEU A 27 19.76 20.50 -2.76
N VAL A 28 18.74 20.16 -1.97
CA VAL A 28 17.32 20.39 -2.20
C VAL A 28 16.71 20.80 -0.85
N GLU A 29 15.68 21.66 -0.87
CA GLU A 29 14.90 22.12 0.27
C GLU A 29 13.50 22.51 -0.21
N PHE A 30 12.44 22.02 0.43
CA PHE A 30 11.03 22.37 0.16
C PHE A 30 10.18 22.19 1.42
N ARG A 31 9.17 23.04 1.62
CA ARG A 31 8.26 23.00 2.76
C ARG A 31 7.22 21.90 2.51
N ALA A 32 7.35 20.80 3.25
CA ALA A 32 6.50 19.62 3.16
C ALA A 32 6.44 18.91 4.51
N GLY A 33 5.36 18.16 4.70
CA GLY A 33 5.06 17.32 5.84
C GLY A 33 4.98 15.85 5.39
N LYS A 34 4.70 14.96 6.33
CA LYS A 34 4.61 13.53 6.14
C LYS A 34 3.52 12.92 7.05
N MET A 35 3.55 11.60 7.24
CA MET A 35 2.59 10.82 8.01
C MET A 35 3.37 9.83 8.88
N SER A 36 2.84 9.50 10.07
CA SER A 36 3.39 8.56 11.04
C SER A 36 2.27 7.70 11.63
N LEU A 37 2.63 6.56 12.22
CA LEU A 37 1.73 5.67 12.94
C LEU A 37 1.46 6.22 14.35
N LYS A 38 0.18 6.32 14.72
CA LYS A 38 -0.34 6.65 16.05
C LYS A 38 -1.06 5.39 16.57
N GLY A 39 -0.32 4.28 16.62
CA GLY A 39 -0.82 2.94 16.92
C GLY A 39 -0.78 2.14 15.62
N THR A 40 -1.89 1.49 15.27
CA THR A 40 -2.09 0.78 14.02
C THR A 40 -2.67 1.75 12.94
N THR A 41 -2.97 3.00 13.31
CA THR A 41 -3.57 4.03 12.46
C THR A 41 -2.47 5.00 12.01
N VAL A 42 -2.34 5.21 10.69
CA VAL A 42 -1.46 6.23 10.10
C VAL A 42 -2.19 7.59 10.19
N THR A 43 -1.51 8.60 10.73
CA THR A 43 -2.00 9.96 10.95
C THR A 43 -1.02 10.93 10.25
N PRO A 44 -1.46 12.06 9.66
CA PRO A 44 -0.56 13.09 9.11
C PRO A 44 0.15 13.86 10.24
N ASP A 45 1.44 14.17 10.03
CA ASP A 45 2.28 14.92 10.97
C ASP A 45 2.04 16.40 10.70
N LYS A 46 1.10 17.00 11.43
CA LYS A 46 0.57 18.35 11.23
C LYS A 46 1.49 19.48 11.77
N ARG A 47 2.67 19.14 12.30
CA ARG A 47 3.75 20.08 12.57
C ARG A 47 4.35 20.52 11.22
N LYS A 48 4.48 21.84 10.99
CA LYS A 48 4.94 22.40 9.73
C LYS A 48 6.47 22.19 9.61
N GLY A 49 6.90 21.46 8.58
CA GLY A 49 8.27 21.02 8.39
C GLY A 49 8.90 21.50 7.09
N LEU A 50 10.10 20.99 6.83
CA LEU A 50 10.91 21.17 5.63
C LEU A 50 11.54 19.80 5.34
N VAL A 51 11.33 19.28 4.12
CA VAL A 51 12.04 18.12 3.58
C VAL A 51 13.26 18.71 2.85
N TYR A 52 14.44 18.12 3.05
CA TYR A 52 15.71 18.56 2.51
C TYR A 52 16.64 17.40 2.21
N ILE A 53 17.65 17.65 1.37
CA ILE A 53 18.65 16.70 0.92
C ILE A 53 20.03 17.35 1.17
N GLN A 54 20.99 16.55 1.66
CA GLN A 54 22.33 16.94 2.04
C GLN A 54 23.30 15.78 1.70
N GLN A 55 24.60 15.94 1.98
CA GLN A 55 25.67 14.97 1.72
C GLN A 55 26.70 15.03 2.84
N THR A 56 27.23 13.88 3.27
CA THR A 56 28.28 13.75 4.27
C THR A 56 29.66 13.65 3.58
N ASP A 57 30.75 13.77 4.33
CA ASP A 57 32.16 13.70 3.89
C ASP A 57 32.55 12.37 3.23
N ASP A 58 31.79 11.30 3.48
CA ASP A 58 31.95 9.97 2.87
C ASP A 58 31.33 9.90 1.46
N SER A 59 30.46 10.86 1.13
CA SER A 59 29.91 11.17 -0.20
C SER A 59 28.64 10.40 -0.60
N LEU A 60 27.97 9.76 0.37
CA LEU A 60 26.60 9.27 0.23
C LEU A 60 25.64 10.44 0.53
N ILE A 61 24.50 10.45 -0.16
CA ILE A 61 23.44 11.43 -0.01
C ILE A 61 22.62 11.09 1.25
N HIS A 62 22.19 12.12 1.97
CA HIS A 62 21.32 12.04 3.14
C HIS A 62 20.03 12.80 2.78
N PHE A 63 18.89 12.15 2.95
CA PHE A 63 17.55 12.75 2.88
C PHE A 63 17.11 12.93 4.34
N CYS A 64 16.48 14.05 4.67
CA CYS A 64 16.10 14.41 6.03
C CYS A 64 14.87 15.32 6.06
N TRP A 65 14.14 15.29 7.18
CA TRP A 65 12.97 16.10 7.47
C TRP A 65 13.21 16.79 8.81
N LYS A 66 12.93 18.09 8.89
CA LYS A 66 13.00 18.89 10.10
C LYS A 66 11.69 19.65 10.29
N ASP A 67 11.27 19.81 11.54
CA ASP A 67 10.12 20.60 11.96
C ASP A 67 10.58 22.06 12.10
N ARG A 68 9.75 23.00 11.64
CA ARG A 68 10.00 24.45 11.75
C ARG A 68 9.34 25.02 13.02
N THR A 69 8.52 24.26 13.76
CA THR A 69 7.83 24.72 14.97
C THR A 69 8.85 24.76 16.14
N SER A 70 9.56 23.66 16.40
CA SER A 70 10.63 23.58 17.39
C SER A 70 12.00 23.95 16.79
N GLY A 71 12.30 23.45 15.58
CA GLY A 71 13.59 23.56 14.90
C GLY A 71 14.31 22.21 14.79
N ASN A 72 13.74 21.14 15.36
CA ASN A 72 14.33 19.80 15.48
C ASN A 72 14.31 19.05 14.13
N VAL A 73 15.39 18.29 13.85
CA VAL A 73 15.47 17.31 12.76
C VAL A 73 14.73 16.06 13.25
N GLU A 74 13.57 15.78 12.64
CA GLU A 74 12.62 14.78 13.09
C GLU A 74 12.94 13.40 12.49
N ASP A 75 13.53 13.33 11.29
CA ASP A 75 13.90 12.09 10.60
C ASP A 75 15.09 12.29 9.64
N ASP A 76 15.88 11.24 9.40
CA ASP A 76 17.04 11.19 8.51
C ASP A 76 17.21 9.77 7.94
N LEU A 77 17.56 9.67 6.64
CA LEU A 77 17.86 8.44 5.92
C LEU A 77 19.07 8.64 5.01
N ILE A 78 19.97 7.66 4.96
CA ILE A 78 21.07 7.55 3.99
C ILE A 78 20.44 6.99 2.69
N ILE A 79 20.72 7.64 1.57
CA ILE A 79 20.21 7.30 0.25
C ILE A 79 21.36 6.67 -0.55
N PHE A 80 21.10 5.47 -1.08
CA PHE A 80 21.95 4.79 -2.07
C PHE A 80 21.24 4.91 -3.44
N PRO A 81 21.98 5.13 -4.56
CA PRO A 81 21.45 5.26 -5.93
C PRO A 81 20.40 4.21 -6.37
N ASP A 82 19.41 4.64 -7.15
CA ASP A 82 18.40 3.87 -7.89
C ASP A 82 17.22 3.34 -7.06
N ASP A 83 17.39 3.19 -5.74
CA ASP A 83 16.43 2.57 -4.84
C ASP A 83 15.26 3.52 -4.55
N CYS A 84 15.58 4.73 -4.08
CA CYS A 84 14.64 5.71 -3.57
C CYS A 84 14.10 6.49 -4.78
N GLU A 85 12.81 6.30 -5.09
CA GLU A 85 12.11 6.84 -6.25
C GLU A 85 10.98 7.71 -5.71
N PHE A 86 11.04 9.02 -5.95
CA PHE A 86 10.06 10.01 -5.53
C PHE A 86 9.12 10.29 -6.72
N LYS A 87 7.81 10.29 -6.47
CA LYS A 87 6.75 10.50 -7.44
C LYS A 87 5.59 11.24 -6.79
N ARG A 88 4.83 12.03 -7.57
CA ARG A 88 3.58 12.68 -7.16
C ARG A 88 2.45 11.64 -7.27
N VAL A 89 1.55 11.56 -6.29
CA VAL A 89 0.50 10.54 -6.22
C VAL A 89 -0.58 10.84 -7.29
N PRO A 90 -0.90 9.90 -8.23
CA PRO A 90 -1.91 10.13 -9.27
C PRO A 90 -3.37 10.11 -8.76
N GLN A 91 -3.64 9.50 -7.60
CA GLN A 91 -4.94 9.48 -6.93
C GLN A 91 -5.24 10.82 -6.22
N CYS A 92 -4.25 11.71 -6.08
CA CYS A 92 -4.39 13.03 -5.47
C CYS A 92 -5.07 13.98 -6.48
N PRO A 93 -6.17 14.68 -6.13
CA PRO A 93 -6.90 15.55 -7.05
C PRO A 93 -6.20 16.90 -7.29
N SER A 94 -5.55 17.46 -6.25
CA SER A 94 -4.84 18.74 -6.29
C SER A 94 -3.40 18.55 -6.81
N GLY A 95 -2.72 17.49 -6.34
CA GLY A 95 -1.34 17.16 -6.69
C GLY A 95 -0.38 17.38 -5.51
N ARG A 96 -0.91 17.71 -4.32
CA ARG A 96 -0.13 18.10 -3.14
C ARG A 96 0.58 16.92 -2.47
N VAL A 97 0.08 15.69 -2.61
CA VAL A 97 0.63 14.49 -1.96
C VAL A 97 1.62 13.81 -2.94
N TYR A 98 2.77 13.42 -2.40
CA TYR A 98 3.87 12.73 -3.06
C TYR A 98 4.20 11.45 -2.29
N VAL A 99 4.88 10.50 -2.93
CA VAL A 99 5.28 9.22 -2.37
C VAL A 99 6.76 8.95 -2.73
N LEU A 100 7.53 8.52 -1.73
CA LEU A 100 8.90 8.06 -1.84
C LEU A 100 8.83 6.53 -1.72
N LYS A 101 8.97 5.85 -2.86
CA LYS A 101 8.99 4.40 -3.04
C LYS A 101 10.45 3.95 -2.90
N PHE A 102 10.69 2.96 -2.04
CA PHE A 102 11.94 2.23 -1.90
C PHE A 102 11.70 0.85 -2.53
N LYS A 103 12.70 0.33 -3.23
CA LYS A 103 12.65 -0.95 -3.94
C LYS A 103 13.38 -1.99 -3.09
N ALA A 104 14.51 -1.62 -2.48
CA ALA A 104 15.23 -2.43 -1.50
C ALA A 104 14.58 -2.19 -0.12
N GLY A 105 13.66 -3.10 0.26
CA GLY A 105 12.98 -3.11 1.55
C GLY A 105 11.47 -2.85 1.44
N SER A 106 10.99 -2.44 0.25
CA SER A 106 9.61 -2.35 -0.22
C SER A 106 8.80 -1.15 0.29
N LYS A 107 9.39 -0.33 1.17
CA LYS A 107 8.82 0.83 1.87
C LYS A 107 8.25 1.88 0.90
N ARG A 108 7.12 2.49 1.26
CA ARG A 108 6.42 3.54 0.51
C ARG A 108 6.00 4.60 1.53
N LEU A 109 6.80 5.67 1.68
CA LEU A 109 6.54 6.79 2.60
C LEU A 109 5.81 7.89 1.81
N PHE A 110 4.71 8.40 2.36
CA PHE A 110 3.90 9.47 1.77
C PHE A 110 4.26 10.81 2.42
N PHE A 111 4.44 11.83 1.58
CA PHE A 111 4.78 13.21 1.92
C PHE A 111 3.69 14.13 1.33
N TRP A 112 3.53 15.33 1.86
CA TRP A 112 2.54 16.31 1.40
C TRP A 112 3.11 17.73 1.45
N MET A 113 2.89 18.50 0.38
CA MET A 113 3.40 19.86 0.16
C MET A 113 2.67 20.88 1.06
N GLN A 114 3.42 21.74 1.74
CA GLN A 114 2.93 22.91 2.47
C GLN A 114 3.13 24.19 1.64
N GLU A 115 3.83 24.12 0.50
CA GLU A 115 4.14 25.24 -0.40
C GLU A 115 2.84 25.88 -0.94
N PRO A 116 2.67 27.22 -0.88
CA PRO A 116 1.44 27.89 -1.37
C PRO A 116 1.39 27.97 -2.90
N LYS A 117 2.55 28.10 -3.56
CA LYS A 117 2.72 28.01 -4.99
C LYS A 117 2.91 26.52 -5.35
N THR A 118 2.28 26.08 -6.45
CA THR A 118 2.27 24.69 -6.92
C THR A 118 2.56 24.59 -8.44
N ASP A 119 3.16 25.66 -9.01
CA ASP A 119 3.63 25.72 -10.40
C ASP A 119 4.94 24.91 -10.58
N GLN A 120 5.68 24.75 -9.48
CA GLN A 120 6.96 24.06 -9.35
C GLN A 120 6.78 22.54 -9.06
N ASP A 121 5.57 22.00 -9.24
CA ASP A 121 5.17 20.60 -8.97
C ASP A 121 6.11 19.54 -9.59
N GLU A 122 6.32 19.60 -10.91
CA GLU A 122 7.23 18.70 -11.64
C GLU A 122 8.70 19.08 -11.41
N GLU A 123 9.00 20.36 -11.18
CA GLU A 123 10.34 20.87 -10.89
C GLU A 123 10.86 20.27 -9.57
N HIS A 124 10.07 20.34 -8.49
CA HIS A 124 10.40 19.75 -7.18
C HIS A 124 10.52 18.22 -7.25
N CYS A 125 9.67 17.57 -8.06
CA CYS A 125 9.69 16.13 -8.31
C CYS A 125 11.03 15.70 -8.95
N ARG A 126 11.48 16.46 -9.97
CA ARG A 126 12.77 16.27 -10.62
C ARG A 126 13.96 16.62 -9.70
N LYS A 127 13.91 17.75 -8.97
CA LYS A 127 14.95 18.17 -8.03
C LYS A 127 15.31 17.06 -7.02
N VAL A 128 14.30 16.51 -6.35
CA VAL A 128 14.43 15.37 -5.45
C VAL A 128 14.94 14.13 -6.21
N ASN A 129 14.19 13.62 -7.21
CA ASN A 129 14.43 12.30 -7.79
C ASN A 129 15.77 12.19 -8.54
N GLU A 130 16.23 13.27 -9.19
CA GLU A 130 17.52 13.30 -9.86
C GLU A 130 18.69 13.28 -8.84
N TYR A 131 18.56 13.96 -7.69
CA TYR A 131 19.56 13.91 -6.62
C TYR A 131 19.52 12.58 -5.83
N LEU A 132 18.35 11.94 -5.70
CA LEU A 132 18.22 10.61 -5.11
C LEU A 132 18.88 9.53 -5.98
N ASN A 133 18.77 9.65 -7.31
CA ASN A 133 19.38 8.71 -8.26
C ASN A 133 20.87 9.02 -8.43
N ASN A 134 21.23 10.27 -8.76
CA ASN A 134 22.60 10.68 -9.08
C ASN A 134 23.11 11.66 -8.01
N PRO A 135 24.02 11.25 -7.11
CA PRO A 135 24.88 12.17 -6.33
C PRO A 135 25.62 13.17 -7.25
N PRO A 136 25.95 14.41 -6.79
CA PRO A 136 26.64 15.40 -7.62
C PRO A 136 28.09 14.97 -7.87
N MET A 137 28.38 14.61 -9.13
CA MET A 137 29.58 13.92 -9.62
C MET A 137 29.51 12.43 -9.18
N PRO A 138 28.73 11.56 -9.87
CA PRO A 138 28.56 10.14 -9.56
C PRO A 138 29.89 9.35 -9.41
N GLY A 139 29.91 8.37 -8.49
CA GLY A 139 31.06 7.53 -8.19
C GLY A 139 31.46 7.68 -6.74
N ALA A 140 30.65 7.13 -5.82
CA ALA A 140 30.84 7.17 -4.37
C ALA A 140 30.56 5.81 -3.70
N LEU A 141 30.52 4.73 -4.51
CA LEU A 141 30.31 3.35 -4.09
C LEU A 141 31.64 2.58 -4.26
N GLY A 142 31.59 1.33 -4.74
CA GLY A 142 32.73 0.44 -4.94
C GLY A 142 32.92 0.13 -6.43
N ALA A 143 33.25 -1.13 -6.75
CA ALA A 143 33.49 -1.59 -8.13
C ALA A 143 32.18 -1.71 -8.93
N SER A 144 31.09 -2.15 -8.28
CA SER A 144 29.71 -2.11 -8.76
C SER A 144 29.43 -3.10 -9.93
N GLY A 145 30.16 -4.22 -9.97
CA GLY A 145 30.07 -5.25 -11.00
C GLY A 145 29.65 -6.59 -10.41
N SER A 146 28.86 -7.36 -11.16
CA SER A 146 28.31 -8.68 -10.85
C SER A 146 29.37 -9.80 -11.03
N SER A 147 30.51 -9.66 -10.34
CA SER A 147 31.68 -10.52 -10.43
C SER A 147 31.52 -11.83 -9.59
N GLY A 148 30.43 -11.98 -8.85
CA GLY A 148 30.05 -13.18 -8.10
C GLY A 148 28.68 -13.67 -8.57
N HIS A 149 28.51 -14.99 -8.67
CA HIS A 149 27.27 -15.65 -9.11
C HIS A 149 26.29 -15.84 -7.94
N GLU A 150 26.79 -15.81 -6.69
CA GLU A 150 26.01 -15.82 -5.45
C GLU A 150 25.32 -14.46 -5.26
N LEU A 151 24.17 -14.46 -4.54
CA LEU A 151 23.25 -13.34 -4.29
C LEU A 151 22.30 -13.14 -5.49
N SER A 152 21.21 -12.40 -5.30
CA SER A 152 20.27 -11.97 -6.35
C SER A 152 20.89 -10.79 -7.15
N ALA A 153 22.09 -11.01 -7.70
CA ALA A 153 22.98 -10.10 -8.44
C ALA A 153 23.53 -8.97 -7.57
N LEU A 154 22.64 -8.09 -7.11
CA LEU A 154 22.86 -6.98 -6.19
C LEU A 154 21.71 -6.79 -5.19
N GLY A 155 20.61 -7.53 -5.34
CA GLY A 155 19.33 -7.32 -4.69
C GLY A 155 18.25 -7.02 -5.75
N GLY A 156 18.26 -7.76 -6.86
CA GLY A 156 17.52 -7.49 -8.09
C GLY A 156 18.49 -7.46 -9.27
N GLU A 157 17.99 -7.72 -10.49
CA GLU A 157 18.78 -7.77 -11.72
C GLU A 157 19.24 -6.36 -12.16
N GLY A 158 20.42 -6.28 -12.78
CA GLY A 158 21.02 -5.06 -13.30
C GLY A 158 21.22 -5.17 -14.82
N GLY A 159 22.34 -4.68 -15.33
CA GLY A 159 22.69 -4.62 -16.75
C GLY A 159 23.06 -3.19 -17.15
N LEU A 160 22.82 -2.84 -18.43
CA LEU A 160 23.08 -1.54 -19.06
C LEU A 160 24.56 -1.34 -19.43
N GLN A 161 25.30 -2.44 -19.60
CA GLN A 161 26.71 -2.49 -19.97
C GLN A 161 26.89 -1.96 -21.41
N SER A 162 27.35 -0.72 -21.52
CA SER A 162 27.54 0.01 -22.77
C SER A 162 28.98 -0.25 -23.27
N LEU A 163 29.16 -0.39 -24.60
CA LEU A 163 30.43 -0.70 -25.24
C LEU A 163 31.35 0.54 -25.40
N LEU A 164 30.77 1.75 -25.32
CA LEU A 164 31.44 3.04 -25.48
C LEU A 164 31.04 4.00 -24.35
N GLY A 165 29.73 4.09 -24.06
CA GLY A 165 29.14 4.97 -23.06
C GLY A 165 28.10 5.87 -23.71
N ASN A 166 26.91 5.96 -23.11
CA ASN A 166 25.79 6.81 -23.54
C ASN A 166 25.80 8.10 -22.72
N MET A 167 25.45 9.22 -23.36
CA MET A 167 25.40 10.56 -22.74
C MET A 167 24.06 10.75 -22.03
N SER A 168 24.09 11.44 -20.88
CA SER A 168 22.91 11.83 -20.08
C SER A 168 22.46 13.27 -20.45
N HIS A 169 22.48 13.59 -21.75
CA HIS A 169 22.16 14.90 -22.32
C HIS A 169 20.64 15.14 -22.36
N SER A 170 20.26 16.43 -22.33
CA SER A 170 18.90 16.89 -22.60
C SER A 170 18.80 17.15 -24.11
N GLN A 171 17.78 16.58 -24.77
CA GLN A 171 17.62 16.62 -26.23
C GLN A 171 17.20 18.01 -26.73
N LEU A 172 16.21 18.62 -26.07
CA LEU A 172 15.63 19.95 -26.35
C LEU A 172 14.88 19.95 -27.71
N MET A 173 14.31 18.78 -28.07
CA MET A 173 13.77 18.33 -29.35
C MET A 173 14.90 17.70 -30.18
N GLN A 174 14.77 16.41 -30.49
CA GLN A 174 15.76 15.57 -31.18
C GLN A 174 15.78 15.77 -32.72
N LEU A 175 15.27 16.90 -33.21
CA LEU A 175 15.20 17.29 -34.61
C LEU A 175 15.37 18.82 -34.68
N ILE A 176 16.23 19.29 -35.60
CA ILE A 176 16.40 20.70 -35.94
C ILE A 176 15.43 20.98 -37.10
N GLY A 177 14.61 22.03 -36.99
CA GLY A 177 13.65 22.47 -37.99
C GLY A 177 13.89 23.92 -38.42
N PRO A 178 13.19 24.40 -39.48
CA PRO A 178 13.33 25.78 -40.00
C PRO A 178 12.57 26.85 -39.18
N ALA A 179 11.76 26.45 -38.20
CA ALA A 179 10.84 27.23 -37.38
C ALA A 179 9.46 27.37 -38.07
N GLY A 180 8.76 28.47 -37.83
CA GLY A 180 7.43 28.78 -38.36
C GLY A 180 7.53 29.99 -39.29
N LEU A 181 7.52 31.19 -38.71
CA LEU A 181 7.65 32.48 -39.40
C LEU A 181 8.44 33.42 -38.50
N GLY A 182 9.71 33.68 -38.84
CA GLY A 182 10.60 34.62 -38.16
C GLY A 182 11.68 33.85 -37.39
N GLY A 183 11.26 33.17 -36.32
CA GLY A 183 12.09 32.38 -35.41
C GLY A 183 12.09 32.95 -33.98
N LEU A 184 11.61 34.20 -33.82
CA LEU A 184 11.43 34.93 -32.57
C LEU A 184 10.27 35.91 -32.79
N GLY A 185 9.56 36.27 -31.72
CA GLY A 185 8.38 37.12 -31.72
C GLY A 185 7.22 36.42 -31.03
N GLY A 186 5.98 36.70 -31.47
CA GLY A 186 4.74 36.13 -30.93
C GLY A 186 3.84 37.19 -30.28
N LEU A 187 4.23 38.47 -30.33
CA LEU A 187 3.58 39.60 -29.66
C LEU A 187 2.38 40.16 -30.46
N GLY A 188 2.10 39.63 -31.65
CA GLY A 188 0.98 39.99 -32.53
C GLY A 188 1.43 40.49 -33.92
N ALA A 189 2.74 40.70 -34.11
CA ALA A 189 3.45 40.95 -35.37
C ALA A 189 3.31 42.39 -35.89
N LEU A 190 2.06 42.85 -36.09
CA LEU A 190 1.69 44.13 -36.69
C LEU A 190 0.39 44.65 -36.06
N THR A 191 0.36 44.71 -34.72
CA THR A 191 -0.76 45.19 -33.92
C THR A 191 -0.83 46.73 -34.01
N GLY A 192 -2.01 47.26 -34.35
CA GLY A 192 -2.34 48.68 -34.38
C GLY A 192 -3.59 48.98 -33.53
N PRO A 193 -3.99 50.27 -33.41
CA PRO A 193 -5.19 50.65 -32.64
C PRO A 193 -6.49 50.36 -33.42
N GLY A 194 -7.58 50.13 -32.69
CA GLY A 194 -8.93 49.93 -33.20
C GLY A 194 -9.90 50.95 -32.61
N LEU A 195 -11.19 50.85 -32.97
CA LEU A 195 -12.27 51.66 -32.43
C LEU A 195 -12.67 51.13 -31.03
N ALA A 196 -13.06 52.04 -30.14
CA ALA A 196 -13.58 51.77 -28.80
C ALA A 196 -14.69 52.76 -28.47
N SER A 197 -15.55 52.41 -27.51
CA SER A 197 -16.66 53.19 -26.99
C SER A 197 -16.90 52.78 -25.52
N LEU A 198 -17.97 53.31 -24.92
CA LEU A 198 -18.43 52.97 -23.57
C LEU A 198 -19.16 51.61 -23.69
N LEU A 199 -18.62 50.58 -23.03
CA LEU A 199 -19.06 49.19 -23.13
C LEU A 199 -20.17 48.90 -22.09
N GLY A 200 -20.97 47.86 -22.36
CA GLY A 200 -22.02 47.34 -21.49
C GLY A 200 -21.70 45.90 -21.07
N SER A 201 -22.43 45.38 -20.08
CA SER A 201 -22.24 44.06 -19.48
C SER A 201 -23.61 43.46 -19.09
N SER A 202 -24.63 43.69 -19.92
CA SER A 202 -26.00 43.19 -19.80
C SER A 202 -26.69 43.22 -21.17
N GLY A 203 -27.77 42.46 -21.32
CA GLY A 203 -28.60 42.36 -22.54
C GLY A 203 -30.00 42.93 -22.23
N PRO A 204 -30.90 42.17 -21.56
CA PRO A 204 -32.19 42.66 -21.04
C PRO A 204 -32.10 43.97 -20.21
N PRO A 205 -33.15 44.82 -20.19
CA PRO A 205 -33.15 46.09 -19.44
C PRO A 205 -33.33 45.90 -17.91
N GLY A 206 -33.86 44.77 -17.46
CA GLY A 206 -34.11 44.42 -16.06
C GLY A 206 -35.61 44.24 -15.77
N SER A 207 -36.47 44.77 -16.66
CA SER A 207 -37.92 44.60 -16.63
C SER A 207 -38.28 43.31 -17.39
N SER A 208 -39.18 42.51 -16.82
CA SER A 208 -39.89 41.35 -17.39
C SER A 208 -39.07 40.04 -17.46
N SER A 209 -37.74 40.12 -17.34
CA SER A 209 -36.80 39.03 -17.52
C SER A 209 -36.53 38.21 -16.24
N SER A 210 -37.05 38.64 -15.08
CA SER A 210 -36.83 38.02 -13.77
C SER A 210 -38.06 38.16 -12.83
N SER A 211 -39.27 37.99 -13.37
CA SER A 211 -40.53 37.96 -12.63
C SER A 211 -41.46 36.93 -13.29
N SER A 212 -41.65 35.78 -12.66
CA SER A 212 -42.34 34.59 -13.20
C SER A 212 -43.35 33.95 -12.23
N SER A 213 -43.50 34.47 -11.01
CA SER A 213 -44.56 34.13 -10.06
C SER A 213 -45.68 35.16 -10.29
N ARG A 214 -46.61 34.83 -11.20
CA ARG A 214 -47.60 35.73 -11.77
C ARG A 214 -48.87 34.96 -12.18
N SER A 215 -49.41 34.17 -11.25
CA SER A 215 -50.61 33.33 -11.40
C SER A 215 -51.92 34.12 -11.60
N GLN A 216 -51.87 35.46 -11.50
CA GLN A 216 -52.95 36.43 -11.71
C GLN A 216 -53.22 36.62 -13.22
N SER A 217 -53.58 35.53 -13.90
CA SER A 217 -53.97 35.48 -15.31
C SER A 217 -55.09 34.45 -15.56
N ALA A 218 -55.76 33.96 -14.50
CA ALA A 218 -56.72 32.86 -14.54
C ALA A 218 -58.15 33.29 -14.95
N ALA A 219 -58.41 34.59 -15.07
CA ALA A 219 -59.68 35.18 -15.48
C ALA A 219 -59.44 36.43 -16.34
N VAL A 220 -60.41 36.76 -17.19
CA VAL A 220 -60.52 37.95 -18.05
C VAL A 220 -59.58 37.85 -19.27
N THR A 221 -58.27 37.71 -19.02
CA THR A 221 -57.23 37.49 -20.02
C THR A 221 -57.06 35.95 -20.19
N PRO A 222 -56.75 35.45 -21.41
CA PRO A 222 -56.51 34.02 -21.64
C PRO A 222 -55.12 33.61 -21.12
N SER A 223 -55.02 32.41 -20.54
CA SER A 223 -53.79 31.82 -20.01
C SER A 223 -53.96 30.29 -20.08
N SER A 224 -52.89 29.58 -20.47
CA SER A 224 -52.82 28.12 -20.62
C SER A 224 -53.52 27.65 -21.92
N THR A 225 -53.86 26.35 -22.00
CA THR A 225 -54.63 25.62 -23.02
C THR A 225 -53.76 25.02 -24.16
N THR A 226 -52.43 25.11 -24.02
CA THR A 226 -51.42 24.61 -24.97
C THR A 226 -51.42 23.07 -24.98
N SER A 227 -51.27 22.46 -26.16
CA SER A 227 -51.19 21.02 -26.40
C SER A 227 -49.87 20.45 -25.84
N SER A 228 -49.90 19.23 -25.29
CA SER A 228 -48.79 18.54 -24.62
C SER A 228 -47.66 18.07 -25.57
N THR A 229 -47.80 18.29 -26.89
CA THR A 229 -46.82 18.02 -27.94
C THR A 229 -45.55 18.91 -27.80
N ARG A 230 -45.68 20.08 -27.16
CA ARG A 230 -44.60 20.99 -26.78
C ARG A 230 -44.72 21.19 -25.25
N ALA A 231 -43.72 20.74 -24.49
CA ALA A 231 -43.74 20.67 -23.03
C ALA A 231 -42.37 20.96 -22.39
N THR A 232 -41.47 21.63 -23.12
CA THR A 232 -40.14 22.04 -22.68
C THR A 232 -40.28 23.17 -21.61
N PRO A 233 -39.46 23.19 -20.53
CA PRO A 233 -39.49 24.22 -19.46
C PRO A 233 -39.52 25.68 -19.96
N ALA A 234 -38.63 26.01 -20.90
CA ALA A 234 -38.53 27.28 -21.62
C ALA A 234 -37.75 27.01 -22.93
N PRO A 235 -38.00 27.71 -24.06
CA PRO A 235 -37.32 27.54 -25.36
C PRO A 235 -35.77 27.46 -25.28
N SER A 236 -35.23 26.24 -25.38
CA SER A 236 -33.81 25.93 -25.40
C SER A 236 -33.64 24.46 -25.84
N ALA A 237 -34.22 23.53 -25.06
CA ALA A 237 -34.15 22.07 -25.17
C ALA A 237 -32.69 21.54 -25.29
N PRO A 238 -31.85 21.65 -24.23
CA PRO A 238 -30.42 21.26 -24.24
C PRO A 238 -30.12 19.84 -24.78
N ALA A 239 -29.21 19.74 -25.75
CA ALA A 239 -28.69 18.51 -26.34
C ALA A 239 -27.37 18.85 -27.04
N ALA A 240 -26.23 18.44 -26.45
CA ALA A 240 -24.88 18.73 -26.96
C ALA A 240 -23.86 17.61 -26.66
N ALA A 241 -24.31 16.47 -26.11
CA ALA A 241 -23.53 15.29 -25.71
C ALA A 241 -22.73 15.52 -24.42
N SER A 242 -21.98 14.51 -23.98
CA SER A 242 -21.05 14.53 -22.85
C SER A 242 -20.05 13.38 -23.02
N ALA A 243 -18.80 13.57 -22.59
CA ALA A 243 -17.65 12.66 -22.72
C ALA A 243 -17.72 11.51 -21.69
N THR A 244 -18.85 10.79 -21.69
CA THR A 244 -19.16 9.63 -20.87
C THR A 244 -18.52 8.36 -21.47
N SER A 245 -18.24 7.35 -20.65
CA SER A 245 -17.65 6.07 -21.04
C SER A 245 -18.21 4.92 -20.16
N PRO A 246 -18.71 3.81 -20.73
CA PRO A 246 -19.07 2.57 -19.98
C PRO A 246 -17.92 1.96 -19.16
N SER A 247 -18.25 0.94 -18.37
CA SER A 247 -17.32 0.01 -17.70
C SER A 247 -16.43 -0.76 -18.71
N PRO A 248 -15.22 -1.23 -18.32
CA PRO A 248 -14.26 -1.85 -19.25
C PRO A 248 -14.65 -3.26 -19.73
N ALA A 249 -15.52 -3.97 -18.99
CA ALA A 249 -16.15 -5.23 -19.38
C ALA A 249 -17.65 -5.10 -19.10
N PRO A 250 -18.47 -4.56 -20.04
CA PRO A 250 -19.90 -4.29 -19.81
C PRO A 250 -20.74 -5.58 -19.93
N SER A 251 -20.68 -6.43 -18.90
CA SER A 251 -21.41 -7.67 -18.75
C SER A 251 -21.64 -7.90 -17.25
N SER A 252 -22.81 -8.45 -16.88
CA SER A 252 -23.23 -8.74 -15.51
C SER A 252 -22.57 -10.04 -15.01
N GLY A 253 -21.23 -10.06 -14.99
CA GLY A 253 -20.38 -11.18 -14.58
C GLY A 253 -19.58 -10.82 -13.33
N ASN A 254 -19.39 -11.79 -12.44
CA ASN A 254 -18.79 -11.65 -11.11
C ASN A 254 -17.26 -11.35 -11.17
N GLY A 255 -16.61 -11.65 -12.29
CA GLY A 255 -15.16 -11.46 -12.52
C GLY A 255 -14.85 -10.42 -13.58
N ALA A 256 -15.83 -9.60 -14.00
CA ALA A 256 -15.72 -8.56 -15.02
C ALA A 256 -15.12 -7.25 -14.47
N SER A 257 -14.15 -7.34 -13.55
CA SER A 257 -13.49 -6.21 -12.89
C SER A 257 -12.12 -6.61 -12.33
N THR A 258 -12.01 -7.82 -11.74
CA THR A 258 -10.82 -8.37 -11.10
C THR A 258 -9.67 -8.63 -12.11
N ALA A 259 -8.43 -8.29 -11.72
CA ALA A 259 -7.20 -8.48 -12.48
C ALA A 259 -5.99 -8.62 -11.54
N ALA A 260 -4.92 -9.25 -12.03
CA ALA A 260 -3.66 -9.46 -11.31
C ALA A 260 -2.79 -8.19 -11.37
N SER A 261 -2.11 -7.89 -10.26
CA SER A 261 -1.25 -6.73 -9.98
C SER A 261 -2.12 -5.49 -9.62
N PRO A 262 -2.73 -5.43 -8.41
CA PRO A 262 -3.64 -4.36 -7.97
C PRO A 262 -3.10 -2.93 -8.19
N THR A 263 -3.79 -2.13 -8.99
CA THR A 263 -3.50 -0.75 -9.36
C THR A 263 -2.34 -0.68 -10.36
N GLN A 264 -1.14 -1.08 -9.94
CA GLN A 264 0.13 -1.08 -10.67
C GLN A 264 0.99 -2.28 -10.21
N PRO A 265 2.00 -2.73 -11.00
CA PRO A 265 2.96 -3.78 -10.59
C PRO A 265 4.02 -3.31 -9.57
N ILE A 266 3.99 -2.04 -9.14
CA ILE A 266 4.85 -1.39 -8.14
C ILE A 266 4.84 -2.08 -6.75
N GLN A 267 3.85 -2.95 -6.49
CA GLN A 267 3.63 -3.68 -5.24
C GLN A 267 3.52 -5.20 -5.47
N LEU A 268 3.75 -5.67 -6.71
CA LEU A 268 3.95 -7.06 -7.17
C LEU A 268 2.66 -7.92 -7.14
N SER A 269 1.78 -7.66 -6.16
CA SER A 269 0.67 -8.47 -5.64
C SER A 269 1.12 -9.29 -4.40
N ASP A 270 2.33 -9.02 -3.87
CA ASP A 270 2.96 -9.74 -2.75
C ASP A 270 3.58 -8.76 -1.75
N LEU A 271 4.30 -7.74 -2.20
CA LEU A 271 5.03 -6.78 -1.35
C LEU A 271 4.11 -6.01 -0.41
N GLN A 272 2.88 -5.72 -0.87
CA GLN A 272 1.76 -5.15 -0.13
C GLN A 272 1.33 -5.96 1.11
N SER A 273 1.52 -7.29 1.08
CA SER A 273 1.22 -8.19 2.18
C SER A 273 2.48 -8.36 3.05
N ILE A 274 3.66 -8.51 2.45
CA ILE A 274 4.95 -8.72 3.11
C ILE A 274 5.31 -7.57 4.07
N LEU A 275 5.04 -6.31 3.68
CA LEU A 275 5.32 -5.13 4.51
C LEU A 275 4.52 -5.11 5.84
N ALA A 276 3.38 -5.81 5.91
CA ALA A 276 2.56 -5.93 7.12
C ALA A 276 3.11 -7.00 8.09
N THR A 277 3.95 -7.91 7.61
CA THR A 277 4.56 -8.99 8.39
C THR A 277 5.87 -8.50 9.06
N MET A 278 6.40 -7.32 8.67
CA MET A 278 7.67 -6.77 9.16
C MET A 278 7.55 -6.25 10.61
N ASN A 279 6.39 -5.73 10.99
CA ASN A 279 6.04 -5.27 12.33
C ASN A 279 4.51 -5.39 12.46
N VAL A 280 3.81 -4.30 12.81
CA VAL A 280 2.36 -4.18 12.86
C VAL A 280 1.93 -2.77 12.40
N PRO A 281 2.09 -2.41 11.10
CA PRO A 281 1.71 -1.10 10.57
C PRO A 281 0.18 -0.95 10.46
N ALA A 282 -0.43 -1.43 9.36
CA ALA A 282 -1.88 -1.35 9.12
C ALA A 282 -2.66 -2.46 9.85
N GLY A 283 -1.98 -3.56 10.19
CA GLY A 283 -2.51 -4.73 10.91
C GLY A 283 -2.48 -5.96 10.00
N PRO A 284 -1.80 -7.07 10.36
CA PRO A 284 -1.75 -8.30 9.55
C PRO A 284 -3.06 -9.11 9.73
N ALA A 285 -4.16 -8.62 9.15
CA ALA A 285 -5.51 -9.17 9.27
C ALA A 285 -6.24 -9.25 7.92
N GLY A 286 -5.48 -9.25 6.82
CA GLY A 286 -5.93 -9.53 5.46
C GLY A 286 -5.84 -8.33 4.51
N GLY A 287 -5.79 -7.11 5.06
CA GLY A 287 -5.67 -5.85 4.32
C GLY A 287 -6.97 -5.05 4.28
N GLN A 288 -8.07 -5.65 4.75
CA GLN A 288 -9.43 -5.12 4.70
C GLN A 288 -9.79 -4.32 5.98
N GLN A 289 -8.99 -4.52 7.05
CA GLN A 289 -9.04 -3.93 8.39
C GLN A 289 -9.47 -2.45 8.48
N VAL A 290 -8.61 -1.55 7.98
CA VAL A 290 -8.81 -0.10 8.03
C VAL A 290 -9.87 0.37 7.01
N ASP A 291 -10.12 -0.40 5.94
CA ASP A 291 -11.07 -0.07 4.88
C ASP A 291 -12.52 -0.26 5.37
N LEU A 292 -12.82 -1.39 6.03
CA LEU A 292 -14.14 -1.70 6.56
C LEU A 292 -14.53 -0.83 7.76
N ALA A 293 -13.56 -0.32 8.52
CA ALA A 293 -13.75 0.56 9.68
C ALA A 293 -14.49 1.87 9.34
N SER A 294 -14.39 2.34 8.10
CA SER A 294 -15.07 3.54 7.58
C SER A 294 -16.48 3.20 7.04
N VAL A 295 -16.78 1.93 6.75
CA VAL A 295 -18.07 1.46 6.22
C VAL A 295 -18.94 1.05 7.41
N LEU A 296 -18.42 0.16 8.25
CA LEU A 296 -19.05 -0.43 9.42
C LEU A 296 -18.49 0.32 10.64
N THR A 297 -18.95 1.56 10.84
CA THR A 297 -18.51 2.48 11.89
C THR A 297 -18.98 2.03 13.30
N PRO A 298 -18.42 2.55 14.41
CA PRO A 298 -18.79 2.19 15.80
C PRO A 298 -20.30 2.14 16.12
N GLU A 299 -21.11 3.01 15.51
CA GLU A 299 -22.57 3.04 15.65
C GLU A 299 -23.26 1.79 15.07
N ILE A 300 -22.62 1.08 14.14
CA ILE A 300 -23.09 -0.15 13.52
C ILE A 300 -22.62 -1.38 14.33
N MET A 301 -21.50 -1.28 15.06
CA MET A 301 -20.75 -2.45 15.57
C MET A 301 -20.39 -2.48 17.05
N ALA A 302 -20.51 -1.38 17.81
CA ALA A 302 -20.32 -1.33 19.26
C ALA A 302 -21.07 -2.42 20.07
N PRO A 303 -22.39 -2.67 19.88
CA PRO A 303 -23.08 -3.77 20.56
C PRO A 303 -22.79 -5.16 19.97
N ILE A 304 -22.33 -5.25 18.72
CA ILE A 304 -21.97 -6.50 18.04
C ILE A 304 -20.65 -7.02 18.65
N LEU A 305 -19.64 -6.15 18.78
CA LEU A 305 -18.31 -6.47 19.31
C LEU A 305 -18.28 -6.58 20.85
N ALA A 306 -19.36 -6.17 21.53
CA ALA A 306 -19.56 -6.29 22.97
C ALA A 306 -20.19 -7.65 23.37
N ASN A 307 -20.60 -8.46 22.39
CA ASN A 307 -21.19 -9.79 22.61
C ASN A 307 -20.08 -10.76 23.07
N ALA A 308 -20.38 -11.57 24.10
CA ALA A 308 -19.47 -12.52 24.73
C ALA A 308 -18.88 -13.55 23.75
N ASP A 309 -19.68 -14.00 22.78
CA ASP A 309 -19.30 -15.03 21.81
C ASP A 309 -18.44 -14.46 20.66
N VAL A 310 -18.48 -13.14 20.44
CA VAL A 310 -17.61 -12.40 19.53
C VAL A 310 -16.30 -12.06 20.29
N GLN A 311 -16.38 -11.64 21.55
CA GLN A 311 -15.24 -11.39 22.45
C GLN A 311 -14.33 -12.63 22.60
N GLU A 312 -14.91 -13.81 22.81
CA GLU A 312 -14.21 -15.10 22.91
C GLU A 312 -13.63 -15.60 21.56
N ARG A 313 -13.84 -14.88 20.45
CA ARG A 313 -13.12 -15.07 19.19
C ARG A 313 -12.05 -13.99 19.06
N LEU A 314 -12.39 -12.71 19.27
CA LEU A 314 -11.48 -11.57 19.18
C LEU A 314 -10.27 -11.69 20.14
N LEU A 315 -10.50 -11.97 21.43
CA LEU A 315 -9.49 -12.12 22.48
C LEU A 315 -8.37 -13.15 22.20
N PRO A 316 -8.66 -14.40 21.75
CA PRO A 316 -7.61 -15.31 21.27
C PRO A 316 -7.07 -15.00 19.84
N TYR A 317 -7.88 -14.45 18.91
CA TYR A 317 -7.48 -14.33 17.50
C TYR A 317 -6.59 -13.09 17.23
N LEU A 318 -6.56 -12.08 18.11
CA LEU A 318 -5.66 -10.93 18.00
C LEU A 318 -4.16 -11.32 18.10
N PRO A 319 -3.20 -10.52 17.55
CA PRO A 319 -1.75 -10.80 17.53
C PRO A 319 -1.07 -11.24 18.85
N SER A 320 -1.64 -10.85 20.01
CA SER A 320 -1.26 -11.24 21.38
C SER A 320 -0.28 -10.22 22.01
N GLY A 321 -0.41 -10.00 23.32
CA GLY A 321 0.41 -9.10 24.12
C GLY A 321 -0.36 -7.91 24.71
N GLU A 322 -1.68 -7.82 24.46
CA GLU A 322 -2.57 -6.77 24.92
C GLU A 322 -3.99 -7.33 25.16
N SER A 323 -4.73 -6.70 26.08
CA SER A 323 -6.14 -6.94 26.39
C SER A 323 -6.97 -5.77 25.83
N LEU A 324 -8.30 -5.90 25.78
CA LEU A 324 -9.24 -4.90 25.24
C LEU A 324 -10.54 -4.80 26.06
N PRO A 325 -11.26 -3.65 26.04
CA PRO A 325 -12.62 -3.45 26.60
C PRO A 325 -13.69 -4.51 26.26
N GLN A 326 -14.82 -4.48 26.99
CA GLN A 326 -15.84 -5.53 26.96
C GLN A 326 -17.28 -5.00 26.78
N THR A 327 -17.61 -3.80 27.26
CA THR A 327 -18.95 -3.23 27.12
C THR A 327 -19.04 -2.41 25.81
N ALA A 328 -20.25 -2.26 25.27
CA ALA A 328 -20.54 -1.45 24.08
C ALA A 328 -20.21 0.02 24.30
N ASP A 329 -20.42 0.52 25.52
CA ASP A 329 -20.12 1.88 25.99
C ASP A 329 -18.63 2.22 25.86
N GLU A 330 -17.73 1.27 26.20
CA GLU A 330 -16.29 1.43 26.06
C GLU A 330 -15.89 1.36 24.57
N ILE A 331 -16.38 0.38 23.82
CA ILE A 331 -16.06 0.17 22.40
C ILE A 331 -16.54 1.34 21.52
N GLN A 332 -17.65 2.00 21.90
CA GLN A 332 -18.19 3.17 21.21
C GLN A 332 -17.37 4.45 21.51
N ASN A 333 -16.93 4.66 22.77
CA ASN A 333 -16.51 5.97 23.27
C ASN A 333 -15.05 6.03 23.77
N THR A 334 -14.39 4.89 24.02
CA THR A 334 -13.11 4.79 24.72
C THR A 334 -12.06 4.08 23.83
N LEU A 335 -12.06 4.41 22.54
CA LEU A 335 -11.02 4.08 21.57
C LEU A 335 -10.87 5.23 20.56
N THR A 336 -9.68 5.38 19.97
CA THR A 336 -9.41 6.37 18.92
C THR A 336 -9.73 5.72 17.56
N SER A 337 -8.99 4.67 17.17
CA SER A 337 -9.14 3.93 15.93
C SER A 337 -8.44 2.54 15.93
N PRO A 338 -7.16 2.37 16.38
CA PRO A 338 -6.36 1.13 16.24
C PRO A 338 -7.05 -0.20 16.57
N GLN A 339 -7.72 -0.28 17.73
CA GLN A 339 -8.48 -1.44 18.21
C GLN A 339 -9.62 -1.81 17.24
N PHE A 340 -10.29 -0.80 16.67
CA PHE A 340 -11.44 -0.95 15.81
C PHE A 340 -11.03 -1.43 14.40
N GLN A 341 -9.83 -1.06 13.93
CA GLN A 341 -9.24 -1.59 12.70
C GLN A 341 -8.97 -3.10 12.82
N GLN A 342 -8.41 -3.52 13.96
CA GLN A 342 -8.15 -4.93 14.27
C GLN A 342 -9.45 -5.71 14.52
N ALA A 343 -10.48 -5.10 15.15
CA ALA A 343 -11.82 -5.67 15.32
C ALA A 343 -12.46 -6.03 13.97
N LEU A 344 -12.41 -5.12 13.00
CA LEU A 344 -12.77 -5.31 11.59
C LEU A 344 -11.71 -6.10 10.78
N GLY A 345 -10.83 -6.83 11.47
CA GLY A 345 -9.90 -7.81 10.94
C GLY A 345 -10.25 -9.18 11.52
N MET A 346 -10.29 -9.30 12.85
CA MET A 346 -10.66 -10.52 13.59
C MET A 346 -12.11 -10.97 13.31
N PHE A 347 -13.05 -10.02 13.20
CA PHE A 347 -14.45 -10.26 12.82
C PHE A 347 -14.49 -10.84 11.39
N SER A 348 -13.88 -10.14 10.43
CA SER A 348 -13.89 -10.48 9.01
C SER A 348 -13.17 -11.80 8.69
N ALA A 349 -12.14 -12.18 9.46
CA ALA A 349 -11.45 -13.47 9.35
C ALA A 349 -12.36 -14.63 9.79
N ALA A 350 -13.13 -14.46 10.86
CA ALA A 350 -14.10 -15.43 11.35
C ALA A 350 -15.34 -15.50 10.43
N LEU A 351 -15.74 -14.36 9.85
CA LEU A 351 -16.81 -14.24 8.86
C LEU A 351 -16.42 -14.96 7.55
N ALA A 352 -15.19 -14.74 7.05
CA ALA A 352 -14.63 -15.35 5.85
C ALA A 352 -14.41 -16.86 5.99
N SER A 353 -14.20 -17.35 7.22
CA SER A 353 -14.12 -18.78 7.54
C SER A 353 -15.53 -19.41 7.56
N GLY A 354 -16.57 -18.62 7.86
CA GLY A 354 -17.98 -18.98 7.78
C GLY A 354 -18.63 -19.11 9.17
N GLN A 355 -17.81 -19.34 10.20
CA GLN A 355 -18.22 -19.74 11.55
C GLN A 355 -18.78 -18.62 12.42
N LEU A 356 -18.67 -17.35 12.00
CA LEU A 356 -19.27 -16.21 12.69
C LEU A 356 -20.73 -16.04 12.25
N GLY A 357 -21.01 -16.27 10.95
CA GLY A 357 -22.30 -16.37 10.26
C GLY A 357 -23.56 -16.49 11.13
N PRO A 358 -23.77 -17.63 11.84
CA PRO A 358 -24.88 -17.86 12.78
C PRO A 358 -25.15 -16.77 13.85
N LEU A 359 -24.16 -15.94 14.22
CA LEU A 359 -24.34 -14.85 15.19
C LEU A 359 -25.04 -13.65 14.55
N MET A 360 -24.81 -13.38 13.26
CA MET A 360 -25.38 -12.23 12.53
C MET A 360 -26.92 -12.30 12.45
N CYS A 361 -27.46 -13.51 12.49
CA CYS A 361 -28.89 -13.83 12.50
C CYS A 361 -29.56 -13.40 13.83
N GLN A 362 -28.80 -13.28 14.92
CA GLN A 362 -29.34 -13.10 16.28
C GLN A 362 -29.49 -11.60 16.62
N PHE A 363 -28.66 -10.74 16.04
CA PHE A 363 -28.57 -9.32 16.38
C PHE A 363 -29.67 -8.47 15.71
N GLY A 364 -30.26 -8.94 14.60
CA GLY A 364 -31.36 -8.26 13.91
C GLY A 364 -30.93 -7.58 12.60
N LEU A 365 -29.76 -7.97 12.05
CA LEU A 365 -29.14 -7.37 10.87
C LEU A 365 -29.92 -7.71 9.57
N PRO A 366 -29.80 -6.91 8.49
CA PRO A 366 -30.47 -7.12 7.19
C PRO A 366 -30.24 -8.54 6.60
N ALA A 367 -31.30 -9.16 6.05
CA ALA A 367 -31.28 -10.53 5.52
C ALA A 367 -30.24 -10.74 4.41
N GLU A 368 -30.04 -9.70 3.57
CA GLU A 368 -29.03 -9.65 2.51
C GLU A 368 -27.59 -9.64 3.04
N ALA A 369 -27.37 -9.09 4.24
CA ALA A 369 -26.08 -9.08 4.92
C ALA A 369 -25.88 -10.42 5.65
N VAL A 370 -26.91 -10.92 6.34
CA VAL A 370 -26.92 -12.19 7.08
C VAL A 370 -26.67 -13.40 6.15
N GLU A 371 -27.22 -13.38 4.92
CA GLU A 371 -26.99 -14.40 3.90
C GLU A 371 -25.51 -14.41 3.45
N ALA A 372 -24.94 -13.21 3.21
CA ALA A 372 -23.55 -13.01 2.84
C ALA A 372 -22.57 -13.39 3.98
N ALA A 373 -22.96 -13.12 5.23
CA ALA A 373 -22.21 -13.45 6.45
C ALA A 373 -22.09 -14.97 6.67
N ASN A 374 -23.16 -15.72 6.38
CA ASN A 374 -23.20 -17.19 6.50
C ASN A 374 -22.47 -17.88 5.35
N LYS A 375 -22.43 -17.28 4.16
CA LYS A 375 -21.63 -17.76 3.02
C LYS A 375 -20.14 -17.41 3.22
N GLY A 376 -19.85 -16.20 3.71
CA GLY A 376 -18.52 -15.72 4.07
C GLY A 376 -18.02 -14.60 3.15
N ASP A 377 -18.91 -13.98 2.37
CA ASP A 377 -18.61 -12.89 1.43
C ASP A 377 -18.66 -11.58 2.21
N VAL A 378 -17.51 -11.15 2.72
CA VAL A 378 -17.31 -9.98 3.58
C VAL A 378 -17.69 -8.67 2.84
N GLU A 379 -17.38 -8.57 1.54
CA GLU A 379 -17.73 -7.42 0.71
C GLU A 379 -19.25 -7.30 0.52
N ALA A 380 -19.95 -8.42 0.28
CA ALA A 380 -21.40 -8.45 0.09
C ALA A 380 -22.15 -8.14 1.40
N PHE A 381 -21.62 -8.59 2.54
CA PHE A 381 -22.03 -8.20 3.89
C PHE A 381 -21.90 -6.68 4.09
N ALA A 382 -20.73 -6.12 3.76
CA ALA A 382 -20.43 -4.69 3.86
C ALA A 382 -21.31 -3.83 2.94
N LYS A 383 -21.50 -4.24 1.67
CA LYS A 383 -22.37 -3.58 0.68
C LYS A 383 -23.85 -3.56 1.14
N ALA A 384 -24.35 -4.69 1.65
CA ALA A 384 -25.72 -4.83 2.16
C ALA A 384 -25.94 -3.98 3.43
N MET A 385 -24.95 -3.91 4.33
CA MET A 385 -25.02 -3.08 5.54
C MET A 385 -24.93 -1.59 5.18
N GLN A 386 -24.11 -1.22 4.19
CA GLN A 386 -23.94 0.15 3.70
C GLN A 386 -25.22 0.69 3.04
N ASN A 387 -25.97 -0.17 2.33
CA ASN A 387 -27.24 0.17 1.68
C ASN A 387 -28.33 0.47 2.74
N ASN A 388 -28.30 -0.27 3.86
CA ASN A 388 -29.27 -0.20 4.96
C ASN A 388 -28.79 0.71 6.11
N ALA A 389 -27.66 1.43 5.93
CA ALA A 389 -27.05 2.29 6.95
C ALA A 389 -27.79 3.64 7.10
N LYS A 390 -28.56 4.04 6.09
CA LYS A 390 -29.37 5.25 6.11
C LYS A 390 -30.69 4.97 6.88
N PRO A 391 -31.22 5.95 7.66
CA PRO A 391 -32.49 5.81 8.38
C PRO A 391 -33.69 5.89 7.42
N GLU A 392 -34.84 5.37 7.83
CA GLU A 392 -36.10 5.39 7.06
C GLU A 392 -36.75 6.79 7.20
N GLN A 393 -36.08 7.79 6.61
CA GLN A 393 -36.37 9.22 6.69
C GLN A 393 -37.67 9.62 5.97
N LYS A 394 -38.17 8.75 5.09
CA LYS A 394 -39.42 8.87 4.34
C LYS A 394 -40.67 8.67 5.24
N GLU A 395 -40.50 8.15 6.47
CA GLU A 395 -41.56 7.98 7.47
C GLU A 395 -41.74 9.34 8.20
N GLY A 396 -42.27 10.33 7.46
CA GLY A 396 -42.70 11.64 7.92
C GLY A 396 -44.13 11.92 7.43
N ASP A 397 -44.56 13.18 7.50
CA ASP A 397 -45.83 13.67 6.97
C ASP A 397 -45.61 15.11 6.46
N THR A 398 -46.24 15.43 5.32
CA THR A 398 -46.23 16.73 4.65
C THR A 398 -47.50 16.80 3.76
N LYS A 399 -48.65 16.44 4.34
CA LYS A 399 -49.93 16.24 3.66
C LYS A 399 -51.11 16.87 4.44
N ASP A 400 -50.81 17.95 5.21
CA ASP A 400 -51.73 18.82 5.95
C ASP A 400 -52.15 18.23 7.31
N LYS A 401 -52.65 19.10 8.20
CA LYS A 401 -53.19 18.75 9.53
C LYS A 401 -54.66 18.26 9.42
N LYS A 402 -55.17 17.65 10.50
CA LYS A 402 -56.55 17.20 10.67
C LYS A 402 -57.40 18.42 11.09
N ASP A 403 -58.45 18.76 10.33
CA ASP A 403 -59.39 19.88 10.53
C ASP A 403 -60.67 19.41 11.26
N GLU A 404 -61.52 20.34 11.72
CA GLU A 404 -62.79 20.11 12.43
C GLU A 404 -63.76 19.20 11.67
N GLU A 405 -64.56 18.44 12.43
CA GLU A 405 -65.36 17.30 11.98
C GLU A 405 -66.68 17.72 11.29
N GLU A 406 -67.17 18.94 11.60
CA GLU A 406 -68.35 19.57 11.04
C GLU A 406 -68.01 20.14 9.64
N ASP A 407 -68.89 19.88 8.65
CA ASP A 407 -68.75 20.35 7.26
C ASP A 407 -70.14 20.58 6.64
N MET A 408 -70.91 19.50 6.50
CA MET A 408 -72.21 19.46 5.83
C MET A 408 -73.28 20.14 6.70
N SER A 409 -73.77 21.30 6.23
CA SER A 409 -74.75 22.15 6.89
C SER A 409 -76.20 21.87 6.42
N LEU A 410 -76.39 21.08 5.36
CA LEU A 410 -77.69 20.82 4.73
C LEU A 410 -78.49 19.70 5.45
N ASP A 411 -77.83 18.94 6.33
CA ASP A 411 -78.32 17.81 7.14
C ASP A 411 -78.26 16.50 6.33
N MET A 5 47.88 32.48 10.12
CA MET A 5 46.93 31.35 10.01
C MET A 5 47.52 30.00 10.49
N THR A 6 48.83 29.91 10.77
CA THR A 6 49.54 28.68 11.14
C THR A 6 49.53 28.37 12.65
N THR A 7 49.00 29.28 13.49
CA THR A 7 48.96 29.17 14.94
C THR A 7 47.80 28.22 15.35
N SER A 8 48.14 26.97 15.67
CA SER A 8 47.20 25.94 16.14
C SER A 8 46.98 26.03 17.67
N GLY A 9 47.88 26.72 18.38
CA GLY A 9 47.93 26.83 19.84
C GLY A 9 49.28 26.35 20.38
N ALA A 10 49.46 26.39 21.70
CA ALA A 10 50.67 25.94 22.40
C ALA A 10 50.72 24.41 22.53
N LEU A 11 49.55 23.76 22.51
CA LEU A 11 49.30 22.32 22.51
C LEU A 11 48.21 22.03 21.46
N PHE A 12 47.96 20.75 21.19
CA PHE A 12 46.90 20.24 20.33
C PHE A 12 45.88 19.46 21.19
N PRO A 13 44.86 20.11 21.80
CA PRO A 13 43.79 19.40 22.52
C PRO A 13 42.77 18.79 21.54
N SER A 14 42.30 19.60 20.59
CA SER A 14 41.43 19.30 19.47
C SER A 14 41.50 20.49 18.52
N LEU A 15 41.04 20.30 17.27
CA LEU A 15 40.70 21.39 16.35
C LEU A 15 39.29 21.92 16.66
N VAL A 16 38.41 21.06 17.22
CA VAL A 16 36.97 21.21 17.43
C VAL A 16 36.27 21.43 16.05
N PRO A 17 36.25 20.41 15.15
CA PRO A 17 35.78 20.53 13.75
C PRO A 17 34.39 21.19 13.58
N GLY A 18 34.36 22.35 12.92
CA GLY A 18 33.16 23.08 12.53
C GLY A 18 33.11 23.39 11.03
N SER A 19 34.18 23.09 10.29
CA SER A 19 34.44 23.36 8.88
C SER A 19 34.85 24.84 8.67
N ARG A 20 34.97 25.25 7.40
CA ARG A 20 35.03 26.64 6.95
C ARG A 20 34.12 26.85 5.72
N GLY A 21 33.21 25.90 5.45
CA GLY A 21 32.29 25.89 4.32
C GLY A 21 30.81 25.74 4.71
N ALA A 22 30.53 25.15 5.89
CA ALA A 22 29.20 24.97 6.51
C ALA A 22 28.36 23.84 5.87
N SER A 23 28.98 23.05 4.98
CA SER A 23 28.43 21.89 4.26
C SER A 23 27.55 22.29 3.04
N ASN A 24 27.73 23.52 2.55
CA ASN A 24 27.08 24.15 1.39
C ASN A 24 25.74 24.78 1.79
N LYS A 25 24.72 24.71 0.91
CA LYS A 25 23.40 25.30 1.08
C LYS A 25 22.27 24.39 0.56
N TYR A 26 22.52 23.07 0.54
CA TYR A 26 21.60 21.98 0.21
C TYR A 26 21.45 21.78 -1.31
N LEU A 27 21.07 20.57 -1.75
CA LEU A 27 20.73 20.28 -3.14
C LEU A 27 19.26 20.69 -3.39
N VAL A 28 18.36 20.35 -2.46
CA VAL A 28 16.96 20.73 -2.42
C VAL A 28 16.61 21.08 -0.97
N GLU A 29 15.68 22.02 -0.77
CA GLU A 29 15.08 22.40 0.49
C GLU A 29 13.65 22.87 0.23
N PHE A 30 12.65 22.29 0.92
CA PHE A 30 11.23 22.57 0.74
C PHE A 30 10.43 22.24 2.01
N ARG A 31 9.31 22.92 2.23
CA ARG A 31 8.44 22.75 3.38
C ARG A 31 7.46 21.61 3.03
N ALA A 32 7.45 20.56 3.84
CA ALA A 32 6.61 19.38 3.67
C ALA A 32 6.43 18.63 4.99
N GLY A 33 5.27 18.00 5.13
CA GLY A 33 4.90 17.08 6.18
C GLY A 33 4.82 15.67 5.60
N LYS A 34 4.45 14.70 6.43
CA LYS A 34 4.37 13.29 6.07
C LYS A 34 3.16 12.62 6.72
N MET A 35 3.03 11.32 6.54
CA MET A 35 1.99 10.47 7.11
C MET A 35 2.67 9.29 7.79
N SER A 36 2.16 8.86 8.95
CA SER A 36 2.69 7.76 9.74
C SER A 36 1.55 6.97 10.38
N LEU A 37 1.79 5.68 10.65
CA LEU A 37 0.88 4.76 11.34
C LEU A 37 1.00 5.00 12.86
N LYS A 38 -0.10 5.44 13.48
CA LYS A 38 -0.22 5.74 14.92
C LYS A 38 -0.91 4.53 15.60
N GLY A 39 -0.52 3.33 15.18
CA GLY A 39 -1.24 2.08 15.37
C GLY A 39 -1.68 1.64 13.98
N THR A 40 -2.83 0.97 13.85
CA THR A 40 -3.40 0.52 12.58
C THR A 40 -4.00 1.70 11.75
N THR A 41 -4.17 2.88 12.36
CA THR A 41 -4.67 4.09 11.69
C THR A 41 -3.46 4.91 11.17
N VAL A 42 -3.45 5.22 9.86
CA VAL A 42 -2.52 6.16 9.24
C VAL A 42 -3.02 7.58 9.58
N THR A 43 -2.15 8.39 10.18
CA THR A 43 -2.42 9.76 10.63
C THR A 43 -1.46 10.69 9.87
N PRO A 44 -1.89 11.91 9.46
CA PRO A 44 -0.99 12.93 8.90
C PRO A 44 -0.19 13.61 10.02
N ASP A 45 1.11 13.79 9.82
CA ASP A 45 2.00 14.52 10.71
C ASP A 45 1.89 16.01 10.36
N LYS A 46 0.89 16.67 10.98
CA LYS A 46 0.51 18.08 10.82
C LYS A 46 1.48 19.06 11.53
N ARG A 47 2.68 18.61 11.85
CA ARG A 47 3.81 19.39 12.32
C ARG A 47 4.40 20.16 11.14
N LYS A 48 4.90 21.38 11.38
CA LYS A 48 5.54 22.20 10.36
C LYS A 48 6.94 21.64 10.13
N GLY A 49 7.16 21.00 8.97
CA GLY A 49 8.36 20.24 8.64
C GLY A 49 9.05 20.80 7.40
N LEU A 50 10.39 20.73 7.37
CA LEU A 50 11.25 21.06 6.24
C LEU A 50 11.94 19.77 5.82
N VAL A 51 11.77 19.35 4.56
CA VAL A 51 12.51 18.27 3.91
C VAL A 51 13.67 18.97 3.19
N TYR A 52 14.85 18.35 3.21
CA TYR A 52 16.06 18.83 2.54
C TYR A 52 16.95 17.66 2.13
N ILE A 53 17.73 17.88 1.08
CA ILE A 53 18.58 16.90 0.43
C ILE A 53 19.99 17.50 0.37
N GLN A 54 21.01 16.70 0.71
CA GLN A 54 22.43 17.06 0.83
C GLN A 54 23.27 15.87 0.32
N GLN A 55 24.61 15.97 0.35
CA GLN A 55 25.54 14.92 -0.07
C GLN A 55 26.62 14.75 1.01
N THR A 56 26.95 13.50 1.35
CA THR A 56 27.93 13.14 2.38
C THR A 56 29.36 13.11 1.78
N ASP A 57 30.38 12.96 2.63
CA ASP A 57 31.80 12.80 2.27
C ASP A 57 32.08 11.47 1.54
N ASP A 58 31.15 10.51 1.61
CA ASP A 58 31.16 9.24 0.87
C ASP A 58 30.73 9.45 -0.60
N SER A 59 30.17 10.62 -0.92
CA SER A 59 29.60 11.05 -2.19
C SER A 59 28.15 10.55 -2.41
N LEU A 60 27.54 9.95 -1.38
CA LEU A 60 26.18 9.46 -1.39
C LEU A 60 25.24 10.60 -0.95
N ILE A 61 24.00 10.58 -1.44
CA ILE A 61 23.02 11.65 -1.23
C ILE A 61 22.30 11.36 0.10
N HIS A 62 22.17 12.38 0.94
CA HIS A 62 21.51 12.35 2.24
C HIS A 62 20.15 13.03 2.10
N PHE A 63 19.08 12.36 2.50
CA PHE A 63 17.72 12.88 2.61
C PHE A 63 17.45 13.08 4.11
N CYS A 64 16.86 14.22 4.50
CA CYS A 64 16.65 14.61 5.88
C CYS A 64 15.33 15.40 6.02
N TRP A 65 14.64 15.23 7.15
CA TRP A 65 13.43 15.95 7.54
C TRP A 65 13.64 16.51 8.96
N LYS A 66 13.37 17.81 9.15
CA LYS A 66 13.48 18.52 10.41
C LYS A 66 12.26 19.43 10.65
N ASP A 67 11.93 19.68 11.91
CA ASP A 67 10.81 20.53 12.33
C ASP A 67 11.19 21.99 12.15
N ARG A 68 10.28 22.81 11.61
CA ARG A 68 10.47 24.24 11.37
C ARG A 68 10.21 25.07 12.66
N THR A 69 9.51 24.48 13.65
CA THR A 69 9.24 25.10 14.94
C THR A 69 10.44 24.86 15.89
N SER A 70 10.81 23.60 16.12
CA SER A 70 11.81 23.22 17.12
C SER A 70 13.25 23.25 16.55
N GLY A 71 13.44 22.88 15.27
CA GLY A 71 14.70 22.99 14.55
C GLY A 71 15.42 21.64 14.37
N ASN A 72 15.02 20.61 15.13
CA ASN A 72 15.71 19.33 15.25
C ASN A 72 15.22 18.34 14.18
N VAL A 73 16.08 17.40 13.81
CA VAL A 73 15.84 16.29 12.89
C VAL A 73 15.11 15.15 13.65
N GLU A 74 14.18 14.48 12.96
CA GLU A 74 13.45 13.31 13.46
C GLU A 74 13.46 12.14 12.45
N ASP A 75 13.94 12.36 11.21
CA ASP A 75 13.98 11.37 10.14
C ASP A 75 15.10 11.76 9.16
N ASP A 76 16.05 10.84 8.90
CA ASP A 76 17.16 11.02 7.95
C ASP A 76 17.58 9.65 7.41
N LEU A 77 17.94 9.58 6.13
CA LEU A 77 18.44 8.39 5.43
C LEU A 77 19.50 8.81 4.40
N ILE A 78 20.49 7.95 4.15
CA ILE A 78 21.42 8.04 3.03
C ILE A 78 20.76 7.22 1.90
N ILE A 79 20.66 7.82 0.71
CA ILE A 79 20.02 7.29 -0.48
C ILE A 79 21.12 6.98 -1.50
N PHE A 80 21.07 5.78 -2.08
CA PHE A 80 21.95 5.33 -3.15
C PHE A 80 21.21 5.52 -4.50
N PRO A 81 21.85 6.08 -5.54
CA PRO A 81 21.29 6.18 -6.91
C PRO A 81 20.67 4.88 -7.44
N ASP A 82 19.47 4.98 -8.04
CA ASP A 82 18.63 3.94 -8.66
C ASP A 82 17.75 3.19 -7.66
N ASP A 83 18.02 3.31 -6.36
CA ASP A 83 17.43 2.49 -5.30
C ASP A 83 16.12 3.08 -4.74
N CYS A 84 15.88 4.38 -4.95
CA CYS A 84 14.73 5.13 -4.49
C CYS A 84 14.20 6.01 -5.62
N GLU A 85 12.89 6.27 -5.63
CA GLU A 85 12.20 7.08 -6.63
C GLU A 85 11.06 7.86 -5.96
N PHE A 86 10.94 9.15 -6.30
CA PHE A 86 9.96 10.09 -5.75
C PHE A 86 8.96 10.45 -6.86
N LYS A 87 7.67 10.51 -6.54
CA LYS A 87 6.58 10.80 -7.47
C LYS A 87 5.40 11.44 -6.74
N ARG A 88 4.48 12.07 -7.49
CA ARG A 88 3.19 12.57 -7.02
C ARG A 88 2.20 11.38 -7.00
N VAL A 89 1.29 11.34 -6.03
CA VAL A 89 0.21 10.35 -5.97
C VAL A 89 -0.92 10.85 -6.92
N PRO A 90 -1.32 10.06 -7.94
CA PRO A 90 -2.28 10.50 -8.97
C PRO A 90 -3.74 10.54 -8.48
N GLN A 91 -4.05 9.87 -7.36
CA GLN A 91 -5.38 9.79 -6.76
C GLN A 91 -5.66 10.97 -5.80
N CYS A 92 -4.69 11.87 -5.60
CA CYS A 92 -4.84 13.08 -4.79
C CYS A 92 -5.66 14.13 -5.58
N PRO A 93 -6.79 14.66 -5.03
CA PRO A 93 -7.62 15.68 -5.70
C PRO A 93 -6.87 16.95 -6.15
N SER A 94 -6.05 17.53 -5.26
CA SER A 94 -5.33 18.77 -5.52
C SER A 94 -3.93 18.51 -6.11
N GLY A 95 -3.27 17.40 -5.73
CA GLY A 95 -1.95 17.00 -6.25
C GLY A 95 -0.83 17.15 -5.22
N ARG A 96 -1.16 17.56 -3.98
CA ARG A 96 -0.22 17.99 -2.96
C ARG A 96 0.42 16.83 -2.16
N VAL A 97 -0.02 15.59 -2.35
CA VAL A 97 0.55 14.39 -1.74
C VAL A 97 1.51 13.73 -2.76
N TYR A 98 2.68 13.33 -2.27
CA TYR A 98 3.80 12.73 -2.98
C TYR A 98 4.22 11.47 -2.22
N VAL A 99 4.98 10.58 -2.86
CA VAL A 99 5.45 9.32 -2.30
C VAL A 99 6.92 9.11 -2.71
N LEU A 100 7.77 8.80 -1.73
CA LEU A 100 9.14 8.31 -1.90
C LEU A 100 9.04 6.79 -1.71
N LYS A 101 9.28 6.03 -2.78
CA LYS A 101 9.27 4.57 -2.79
C LYS A 101 10.74 4.09 -2.77
N PHE A 102 11.04 3.18 -1.86
CA PHE A 102 12.34 2.53 -1.67
C PHE A 102 12.22 1.15 -2.32
N LYS A 103 13.01 0.86 -3.34
CA LYS A 103 12.87 -0.34 -4.18
C LYS A 103 13.53 -1.56 -3.51
N ALA A 104 14.63 -1.36 -2.78
CA ALA A 104 15.17 -2.32 -1.82
C ALA A 104 14.57 -1.95 -0.46
N GLY A 105 13.84 -2.89 0.14
CA GLY A 105 13.14 -2.74 1.41
C GLY A 105 11.62 -2.72 1.22
N SER A 106 11.18 -2.21 0.06
CA SER A 106 9.80 -2.22 -0.45
C SER A 106 8.87 -1.24 0.29
N LYS A 107 9.46 -0.25 0.97
CA LYS A 107 8.81 0.76 1.78
C LYS A 107 8.33 1.91 0.88
N ARG A 108 7.25 2.57 1.28
CA ARG A 108 6.74 3.82 0.73
C ARG A 108 6.55 4.79 1.89
N LEU A 109 7.19 5.96 1.85
CA LEU A 109 6.91 7.09 2.73
C LEU A 109 6.11 8.11 1.90
N PHE A 110 4.91 8.45 2.37
CA PHE A 110 4.03 9.43 1.76
C PHE A 110 4.30 10.79 2.43
N PHE A 111 4.63 11.79 1.60
CA PHE A 111 4.95 13.16 1.97
C PHE A 111 3.87 14.08 1.38
N TRP A 112 3.69 15.28 1.94
CA TRP A 112 2.76 16.29 1.45
C TRP A 112 3.32 17.70 1.66
N MET A 113 3.17 18.57 0.66
CA MET A 113 3.78 19.89 0.60
C MET A 113 3.10 20.88 1.58
N GLN A 114 3.91 21.75 2.18
CA GLN A 114 3.52 22.84 3.08
C GLN A 114 3.96 24.20 2.51
N GLU A 115 4.31 24.25 1.21
CA GLU A 115 4.70 25.45 0.48
C GLU A 115 3.48 26.40 0.32
N PRO A 116 3.67 27.74 0.34
CA PRO A 116 2.56 28.70 0.26
C PRO A 116 1.93 28.83 -1.14
N LYS A 117 2.73 28.65 -2.20
CA LYS A 117 2.32 28.68 -3.60
C LYS A 117 2.49 27.26 -4.15
N THR A 118 1.48 26.76 -4.88
CA THR A 118 1.42 25.38 -5.41
C THR A 118 2.18 25.20 -6.75
N ASP A 119 2.70 26.28 -7.34
CA ASP A 119 3.46 26.26 -8.60
C ASP A 119 4.89 25.76 -8.38
N GLN A 120 5.45 25.97 -7.19
CA GLN A 120 6.79 25.59 -6.75
C GLN A 120 7.00 24.07 -6.71
N ASP A 121 5.92 23.30 -6.50
CA ASP A 121 5.85 21.83 -6.49
C ASP A 121 6.53 21.19 -7.71
N GLU A 122 6.28 21.75 -8.90
CA GLU A 122 6.76 21.27 -10.19
C GLU A 122 8.28 21.48 -10.38
N GLU A 123 8.89 22.43 -9.63
CA GLU A 123 10.33 22.58 -9.56
C GLU A 123 10.89 21.60 -8.51
N HIS A 124 10.24 21.50 -7.34
CA HIS A 124 10.67 20.67 -6.20
C HIS A 124 10.69 19.17 -6.54
N CYS A 125 9.56 18.57 -6.94
CA CYS A 125 9.46 17.12 -7.19
C CYS A 125 10.36 16.65 -8.35
N ARG A 126 10.60 17.54 -9.32
CA ARG A 126 11.49 17.39 -10.46
C ARG A 126 12.97 17.39 -10.01
N LYS A 127 13.34 18.32 -9.10
CA LYS A 127 14.67 18.39 -8.50
C LYS A 127 14.95 17.17 -7.60
N VAL A 128 14.01 16.80 -6.72
CA VAL A 128 14.10 15.65 -5.81
C VAL A 128 14.44 14.34 -6.54
N ASN A 129 13.60 13.89 -7.48
CA ASN A 129 13.79 12.60 -8.16
C ASN A 129 15.07 12.55 -9.02
N GLU A 130 15.55 13.72 -9.48
CA GLU A 130 16.81 13.88 -10.20
C GLU A 130 18.00 13.81 -9.24
N TYR A 131 18.06 14.67 -8.21
CA TYR A 131 19.20 14.74 -7.27
C TYR A 131 19.41 13.45 -6.46
N LEU A 132 18.35 12.68 -6.18
CA LEU A 132 18.45 11.38 -5.51
C LEU A 132 19.00 10.26 -6.42
N ASN A 133 19.08 10.48 -7.74
CA ASN A 133 19.45 9.47 -8.75
C ASN A 133 20.59 9.89 -9.68
N ASN A 134 20.90 11.18 -9.74
CA ASN A 134 21.99 11.79 -10.49
C ASN A 134 22.62 12.86 -9.59
N PRO A 135 23.69 12.53 -8.82
CA PRO A 135 24.50 13.49 -8.05
C PRO A 135 25.02 14.69 -8.88
N PRO A 136 25.37 15.84 -8.25
CA PRO A 136 25.97 17.00 -8.94
C PRO A 136 27.46 16.83 -9.30
N MET A 137 27.96 15.60 -9.37
CA MET A 137 29.34 15.19 -9.65
C MET A 137 29.30 13.81 -10.36
N PRO A 138 30.37 13.38 -11.08
CA PRO A 138 30.40 12.12 -11.85
C PRO A 138 29.96 10.84 -11.10
N GLY A 139 30.31 10.70 -9.82
CA GLY A 139 30.00 9.57 -8.95
C GLY A 139 31.26 8.90 -8.43
N ALA A 140 31.09 7.74 -7.78
CA ALA A 140 32.12 6.81 -7.29
C ALA A 140 32.72 7.22 -5.93
N LEU A 141 33.49 6.30 -5.35
CA LEU A 141 34.29 6.47 -4.13
C LEU A 141 35.58 5.64 -4.25
N GLY A 142 35.43 4.38 -4.67
CA GLY A 142 36.48 3.49 -5.16
C GLY A 142 36.12 3.07 -6.59
N ALA A 143 37.12 2.58 -7.34
CA ALA A 143 37.00 2.12 -8.73
C ALA A 143 37.92 0.91 -8.96
N SER A 144 37.53 0.05 -9.91
CA SER A 144 38.25 -1.15 -10.35
C SER A 144 37.87 -1.47 -11.81
N GLY A 145 38.60 -2.39 -12.44
CA GLY A 145 38.35 -2.89 -13.80
C GLY A 145 38.10 -4.40 -13.75
N SER A 146 37.08 -4.86 -14.47
CA SER A 146 36.70 -6.26 -14.71
C SER A 146 35.91 -6.90 -13.54
N SER A 147 35.47 -6.09 -12.56
CA SER A 147 34.66 -6.50 -11.41
C SER A 147 33.17 -6.46 -11.82
N GLY A 148 32.40 -7.47 -11.39
CA GLY A 148 30.96 -7.59 -11.59
C GLY A 148 30.26 -7.75 -10.24
N HIS A 149 28.95 -7.43 -10.20
CA HIS A 149 28.08 -7.48 -9.02
C HIS A 149 26.68 -8.02 -9.38
N GLU A 150 26.63 -8.93 -10.37
CA GLU A 150 25.45 -9.63 -10.87
C GLU A 150 25.87 -11.04 -11.30
N LEU A 151 25.00 -12.03 -11.13
CA LEU A 151 25.26 -13.45 -11.41
C LEU A 151 25.22 -13.75 -12.93
N SER A 152 24.41 -12.97 -13.68
CA SER A 152 24.36 -12.86 -15.14
C SER A 152 23.89 -14.15 -15.84
N ALA A 153 23.00 -14.92 -15.19
CA ALA A 153 22.48 -16.19 -15.68
C ALA A 153 21.37 -15.97 -16.73
N LEU A 154 20.46 -15.01 -16.47
CA LEU A 154 19.32 -14.59 -17.28
C LEU A 154 18.14 -15.60 -17.21
N GLY A 155 16.94 -15.15 -17.60
CA GLY A 155 15.72 -15.94 -17.74
C GLY A 155 15.11 -15.77 -19.13
N GLY A 156 14.13 -16.61 -19.45
CA GLY A 156 13.40 -16.64 -20.72
C GLY A 156 13.41 -18.04 -21.35
N GLU A 157 14.53 -18.76 -21.23
CA GLU A 157 14.71 -20.16 -21.66
C GLU A 157 13.96 -21.11 -20.70
N GLY A 158 13.67 -22.33 -21.18
CA GLY A 158 12.91 -23.35 -20.47
C GLY A 158 13.76 -24.55 -20.03
N GLY A 159 15.08 -24.49 -20.29
CA GLY A 159 16.18 -25.43 -20.03
C GLY A 159 15.87 -26.76 -19.33
N LEU A 160 15.55 -26.71 -18.03
CA LEU A 160 15.26 -27.87 -17.18
C LEU A 160 14.02 -27.60 -16.31
N GLN A 161 12.99 -26.98 -16.87
CA GLN A 161 11.65 -26.89 -16.27
C GLN A 161 10.90 -28.18 -16.62
N SER A 162 10.31 -28.84 -15.62
CA SER A 162 9.53 -30.07 -15.78
C SER A 162 8.10 -29.75 -16.31
N LEU A 163 7.62 -28.52 -16.09
CA LEU A 163 6.40 -27.94 -16.61
C LEU A 163 6.62 -26.43 -16.71
N LEU A 164 6.16 -25.83 -17.82
CA LEU A 164 6.18 -24.38 -18.07
C LEU A 164 4.91 -23.92 -18.82
N GLY A 165 3.92 -24.80 -18.96
CA GLY A 165 2.62 -24.58 -19.57
C GLY A 165 1.55 -24.89 -18.54
N ASN A 166 1.57 -24.15 -17.43
CA ASN A 166 0.82 -24.37 -16.18
C ASN A 166 -0.67 -23.98 -16.32
N MET A 167 -1.35 -24.53 -17.34
CA MET A 167 -2.78 -24.42 -17.60
C MET A 167 -3.54 -25.42 -16.70
N SER A 168 -4.81 -25.14 -16.42
CA SER A 168 -5.74 -25.99 -15.68
C SER A 168 -7.17 -25.85 -16.22
N HIS A 169 -8.10 -26.69 -15.73
CA HIS A 169 -9.52 -26.71 -16.10
C HIS A 169 -10.40 -26.76 -14.83
N SER A 170 -9.92 -26.13 -13.75
CA SER A 170 -10.64 -25.94 -12.49
C SER A 170 -11.48 -24.64 -12.58
N GLN A 171 -12.15 -24.27 -11.49
CA GLN A 171 -12.94 -23.05 -11.37
C GLN A 171 -12.03 -21.85 -11.08
N LEU A 172 -12.42 -20.67 -11.55
CA LEU A 172 -11.70 -19.40 -11.39
C LEU A 172 -12.04 -18.76 -10.03
N MET A 173 -13.19 -19.10 -9.45
CA MET A 173 -13.64 -18.69 -8.12
C MET A 173 -13.01 -19.62 -7.07
N GLN A 174 -12.71 -19.09 -5.87
CA GLN A 174 -12.03 -19.80 -4.79
C GLN A 174 -12.91 -20.92 -4.17
N LEU A 175 -14.23 -20.67 -4.10
CA LEU A 175 -15.26 -21.65 -3.78
C LEU A 175 -15.83 -22.17 -5.12
N ILE A 176 -16.14 -23.46 -5.21
CA ILE A 176 -16.74 -24.08 -6.40
C ILE A 176 -18.21 -23.61 -6.50
N GLY A 177 -18.99 -23.82 -5.43
CA GLY A 177 -20.31 -23.24 -5.21
C GLY A 177 -21.45 -24.24 -5.47
N PRO A 178 -22.62 -24.09 -4.80
CA PRO A 178 -23.86 -24.80 -5.16
C PRO A 178 -24.28 -24.59 -6.63
N ALA A 179 -24.79 -25.65 -7.27
CA ALA A 179 -25.30 -25.62 -8.65
C ALA A 179 -26.33 -26.72 -8.86
N GLY A 180 -26.03 -27.94 -8.40
CA GLY A 180 -26.90 -29.10 -8.39
C GLY A 180 -27.13 -29.52 -6.94
N LEU A 181 -27.76 -28.60 -6.17
CA LEU A 181 -27.97 -28.62 -4.72
C LEU A 181 -26.73 -28.09 -3.96
N GLY A 182 -26.81 -28.06 -2.63
CA GLY A 182 -25.78 -27.58 -1.72
C GLY A 182 -26.35 -26.47 -0.83
N GLY A 183 -26.42 -26.72 0.48
CA GLY A 183 -26.84 -25.76 1.51
C GLY A 183 -28.20 -26.09 2.13
N LEU A 184 -29.00 -26.92 1.45
CA LEU A 184 -30.33 -27.36 1.84
C LEU A 184 -30.25 -28.70 2.60
N GLY A 185 -31.38 -29.13 3.17
CA GLY A 185 -31.55 -30.40 3.86
C GLY A 185 -32.56 -31.26 3.09
N GLY A 186 -33.67 -31.62 3.71
CA GLY A 186 -34.78 -32.35 3.09
C GLY A 186 -36.00 -31.43 3.06
N LEU A 187 -36.45 -31.08 1.85
CA LEU A 187 -37.54 -30.15 1.56
C LEU A 187 -38.47 -30.78 0.51
N GLY A 188 -39.76 -30.45 0.57
CA GLY A 188 -40.80 -30.90 -0.36
C GLY A 188 -41.86 -31.73 0.36
N ALA A 189 -43.14 -31.48 0.04
CA ALA A 189 -44.31 -32.19 0.59
C ALA A 189 -44.70 -33.40 -0.28
N LEU A 190 -44.01 -33.61 -1.42
CA LEU A 190 -44.31 -34.63 -2.44
C LEU A 190 -44.00 -36.06 -1.96
N THR A 191 -43.26 -36.22 -0.87
CA THR A 191 -42.99 -37.49 -0.17
C THR A 191 -44.25 -37.97 0.59
N GLY A 192 -45.16 -37.05 0.93
CA GLY A 192 -46.36 -37.27 1.74
C GLY A 192 -46.28 -36.46 3.05
N PRO A 193 -47.26 -36.62 3.97
CA PRO A 193 -47.23 -35.99 5.30
C PRO A 193 -46.23 -36.67 6.26
N GLY A 194 -45.89 -37.94 6.00
CA GLY A 194 -44.83 -38.71 6.63
C GLY A 194 -43.82 -39.16 5.56
N LEU A 195 -43.21 -40.33 5.77
CA LEU A 195 -42.28 -40.95 4.82
C LEU A 195 -43.04 -41.64 3.68
N ALA A 196 -42.41 -41.78 2.52
CA ALA A 196 -42.89 -42.56 1.39
C ALA A 196 -42.53 -44.04 1.63
N SER A 197 -43.45 -44.95 1.25
CA SER A 197 -43.36 -46.40 1.44
C SER A 197 -43.72 -46.78 2.90
N LEU A 198 -44.75 -46.12 3.45
CA LEU A 198 -45.22 -46.20 4.82
C LEU A 198 -46.75 -46.37 4.85
N LEU A 199 -47.29 -47.06 3.83
CA LEU A 199 -48.71 -47.35 3.57
C LEU A 199 -49.41 -46.17 2.85
N GLY A 200 -50.64 -46.39 2.39
CA GLY A 200 -51.47 -45.44 1.66
C GLY A 200 -51.86 -46.04 0.31
N SER A 201 -53.14 -46.37 0.14
CA SER A 201 -53.72 -46.95 -1.07
C SER A 201 -55.17 -46.44 -1.29
N SER A 202 -55.56 -45.34 -0.61
CA SER A 202 -56.88 -44.72 -0.66
C SER A 202 -57.10 -43.93 -1.97
N GLY A 203 -56.04 -43.33 -2.52
CA GLY A 203 -56.02 -42.67 -3.83
C GLY A 203 -54.91 -43.30 -4.69
N PRO A 204 -55.19 -44.38 -5.47
CA PRO A 204 -54.18 -45.02 -6.33
C PRO A 204 -53.92 -44.20 -7.62
N PRO A 205 -52.75 -44.35 -8.26
CA PRO A 205 -52.43 -43.63 -9.51
C PRO A 205 -53.20 -44.24 -10.71
N GLY A 206 -53.72 -43.37 -11.58
CA GLY A 206 -54.47 -43.73 -12.79
C GLY A 206 -53.80 -43.22 -14.07
N SER A 207 -52.60 -42.64 -13.97
CA SER A 207 -51.79 -42.08 -15.05
C SER A 207 -50.31 -42.40 -14.79
N SER A 208 -49.49 -42.36 -15.85
CA SER A 208 -48.03 -42.47 -15.82
C SER A 208 -47.43 -41.76 -17.04
N SER A 209 -47.98 -42.05 -18.24
CA SER A 209 -47.78 -41.26 -19.45
C SER A 209 -48.92 -40.23 -19.52
N SER A 210 -48.59 -38.96 -19.80
CA SER A 210 -49.50 -37.82 -19.78
C SER A 210 -49.29 -36.87 -20.97
N SER A 211 -48.64 -37.34 -22.04
CA SER A 211 -48.31 -36.64 -23.28
C SER A 211 -47.07 -35.74 -23.06
N SER A 212 -46.95 -34.64 -23.82
CA SER A 212 -45.90 -33.63 -23.72
C SER A 212 -46.54 -32.26 -24.02
N SER A 213 -46.02 -31.19 -23.39
CA SER A 213 -46.49 -29.82 -23.49
C SER A 213 -45.32 -28.84 -23.34
N ARG A 214 -45.48 -27.61 -23.84
CA ARG A 214 -44.48 -26.54 -23.84
C ARG A 214 -44.51 -25.81 -22.47
N SER A 215 -44.23 -26.56 -21.39
CA SER A 215 -44.14 -26.13 -19.99
C SER A 215 -45.53 -25.82 -19.38
N GLN A 216 -45.55 -25.29 -18.14
CA GLN A 216 -46.74 -24.85 -17.42
C GLN A 216 -46.36 -23.65 -16.53
N SER A 217 -47.34 -22.80 -16.20
CA SER A 217 -47.17 -21.61 -15.37
C SER A 217 -48.43 -21.36 -14.50
N ALA A 218 -49.15 -22.43 -14.15
CA ALA A 218 -50.37 -22.50 -13.33
C ALA A 218 -51.66 -22.15 -14.10
N ALA A 219 -51.53 -21.83 -15.38
CA ALA A 219 -52.56 -21.55 -16.37
C ALA A 219 -52.00 -21.92 -17.75
N VAL A 220 -52.88 -22.06 -18.75
CA VAL A 220 -52.55 -22.43 -20.13
C VAL A 220 -53.47 -21.75 -21.16
N THR A 221 -54.75 -21.55 -20.82
CA THR A 221 -55.81 -21.08 -21.71
C THR A 221 -55.53 -19.62 -22.19
N PRO A 222 -55.40 -19.36 -23.51
CA PRO A 222 -55.07 -18.02 -24.04
C PRO A 222 -56.31 -17.11 -24.22
N SER A 223 -57.53 -17.65 -24.16
CA SER A 223 -58.79 -16.99 -24.48
C SER A 223 -59.09 -15.83 -23.50
N SER A 224 -59.40 -14.65 -24.07
CA SER A 224 -59.72 -13.39 -23.41
C SER A 224 -60.73 -12.63 -24.29
N THR A 225 -61.26 -11.50 -23.80
CA THR A 225 -62.22 -10.63 -24.50
C THR A 225 -61.80 -9.14 -24.39
N THR A 226 -60.50 -8.89 -24.19
CA THR A 226 -59.84 -7.60 -24.19
C THR A 226 -59.53 -7.14 -25.63
N SER A 227 -59.06 -5.90 -25.81
CA SER A 227 -58.66 -5.27 -27.07
C SER A 227 -57.31 -5.85 -27.57
N SER A 228 -57.27 -7.16 -27.80
CA SER A 228 -56.22 -8.02 -28.36
C SER A 228 -55.07 -8.30 -27.37
N THR A 229 -54.50 -7.24 -26.78
CA THR A 229 -53.53 -7.18 -25.67
C THR A 229 -52.38 -8.21 -25.80
N ARG A 230 -51.55 -8.03 -26.84
CA ARG A 230 -50.41 -8.86 -27.26
C ARG A 230 -50.89 -10.07 -28.07
N ALA A 231 -51.00 -9.90 -29.40
CA ALA A 231 -51.61 -10.85 -30.33
C ALA A 231 -50.84 -10.96 -31.66
N THR A 232 -49.51 -10.86 -31.61
CA THR A 232 -48.60 -11.03 -32.75
C THR A 232 -47.44 -11.97 -32.36
N PRO A 233 -47.13 -13.04 -33.13
CA PRO A 233 -45.95 -13.91 -32.95
C PRO A 233 -44.61 -13.15 -32.96
N ALA A 234 -43.57 -13.76 -32.36
CA ALA A 234 -42.17 -13.34 -32.39
C ALA A 234 -41.27 -14.59 -32.34
N PRO A 235 -40.06 -14.59 -32.94
CA PRO A 235 -39.08 -15.69 -32.89
C PRO A 235 -38.77 -16.22 -31.46
N SER A 236 -38.60 -17.54 -31.33
CA SER A 236 -38.24 -18.24 -30.09
C SER A 236 -36.71 -18.20 -29.89
N ALA A 237 -36.11 -17.00 -29.94
CA ALA A 237 -34.69 -16.72 -29.83
C ALA A 237 -34.47 -15.42 -29.05
N PRO A 238 -34.52 -15.43 -27.70
CA PRO A 238 -34.34 -14.23 -26.87
C PRO A 238 -32.87 -13.80 -26.78
N ALA A 239 -32.63 -12.49 -26.74
CA ALA A 239 -31.30 -11.86 -26.64
C ALA A 239 -30.92 -11.56 -25.17
N ALA A 240 -31.72 -12.02 -24.20
CA ALA A 240 -31.60 -11.71 -22.76
C ALA A 240 -30.40 -12.39 -22.07
N ALA A 241 -29.88 -13.48 -22.67
CA ALA A 241 -28.67 -14.21 -22.27
C ALA A 241 -28.89 -15.16 -21.08
N SER A 242 -30.16 -15.52 -20.80
CA SER A 242 -30.68 -16.35 -19.72
C SER A 242 -30.98 -15.48 -18.49
N ALA A 243 -32.25 -15.44 -18.06
CA ALA A 243 -32.77 -14.64 -16.96
C ALA A 243 -33.92 -15.35 -16.23
N THR A 244 -33.84 -16.69 -16.11
CA THR A 244 -34.86 -17.56 -15.52
C THR A 244 -35.04 -17.34 -14.00
N SER A 245 -34.07 -16.71 -13.33
CA SER A 245 -34.09 -16.33 -11.91
C SER A 245 -33.65 -14.85 -11.80
N PRO A 246 -34.54 -13.86 -12.01
CA PRO A 246 -34.18 -12.44 -11.98
C PRO A 246 -33.98 -11.94 -10.54
N SER A 247 -32.96 -11.11 -10.32
CA SER A 247 -32.62 -10.49 -9.04
C SER A 247 -31.99 -9.10 -9.25
N PRO A 248 -32.81 -8.03 -9.48
CA PRO A 248 -32.34 -6.64 -9.66
C PRO A 248 -31.38 -6.14 -8.57
N ALA A 249 -30.31 -5.45 -8.97
CA ALA A 249 -29.30 -4.83 -8.12
C ALA A 249 -28.75 -3.56 -8.79
N PRO A 250 -29.48 -2.42 -8.78
CA PRO A 250 -29.05 -1.19 -9.46
C PRO A 250 -27.89 -0.52 -8.71
N SER A 251 -26.74 -0.42 -9.37
CA SER A 251 -25.51 0.15 -8.86
C SER A 251 -25.27 1.55 -9.46
N SER A 252 -24.54 2.41 -8.73
CA SER A 252 -24.07 3.72 -9.19
C SER A 252 -22.77 3.55 -10.01
N GLY A 253 -22.29 4.63 -10.62
CA GLY A 253 -21.10 4.67 -11.47
C GLY A 253 -20.00 5.46 -10.76
N ASN A 254 -19.35 4.82 -9.78
CA ASN A 254 -18.30 5.37 -8.93
C ASN A 254 -16.91 5.36 -9.58
N GLY A 255 -16.78 4.72 -10.76
CA GLY A 255 -15.52 4.38 -11.42
C GLY A 255 -15.55 2.87 -11.67
N ALA A 256 -14.50 2.15 -11.26
CA ALA A 256 -14.38 0.69 -11.24
C ALA A 256 -14.06 0.11 -12.64
N SER A 257 -13.15 0.74 -13.37
CA SER A 257 -12.72 0.37 -14.71
C SER A 257 -11.19 0.46 -14.77
N THR A 258 -10.52 -0.68 -14.98
CA THR A 258 -9.07 -0.78 -15.18
C THR A 258 -8.67 -0.37 -16.61
N ALA A 259 -9.60 -0.43 -17.57
CA ALA A 259 -9.49 0.20 -18.88
C ALA A 259 -9.80 1.69 -18.70
N ALA A 260 -8.90 2.54 -19.22
CA ALA A 260 -8.89 4.01 -19.16
C ALA A 260 -8.24 4.58 -17.89
N SER A 261 -7.98 3.74 -16.88
CA SER A 261 -7.24 4.06 -15.67
C SER A 261 -6.52 2.78 -15.15
N PRO A 262 -5.45 2.29 -15.84
CA PRO A 262 -4.77 1.06 -15.45
C PRO A 262 -3.82 1.29 -14.26
N THR A 263 -4.13 0.67 -13.12
CA THR A 263 -3.29 0.61 -11.93
C THR A 263 -3.69 -0.66 -11.15
N GLN A 264 -2.73 -1.56 -10.91
CA GLN A 264 -2.87 -2.78 -10.11
C GLN A 264 -1.48 -3.20 -9.58
N PRO A 265 -0.98 -2.65 -8.44
CA PRO A 265 0.29 -3.03 -7.82
C PRO A 265 0.40 -4.55 -7.56
N ILE A 266 1.21 -5.25 -8.35
CA ILE A 266 1.30 -6.71 -8.36
C ILE A 266 2.36 -7.21 -7.34
N GLN A 267 3.43 -6.44 -7.13
CA GLN A 267 4.52 -6.78 -6.20
C GLN A 267 4.09 -6.44 -4.76
N LEU A 268 3.44 -5.28 -4.58
CA LEU A 268 2.85 -4.80 -3.33
C LEU A 268 1.52 -5.51 -3.05
N SER A 269 1.58 -6.85 -3.05
CA SER A 269 0.52 -7.81 -2.78
C SER A 269 1.16 -8.97 -1.99
N ASP A 270 2.33 -9.46 -2.42
CA ASP A 270 3.12 -10.49 -1.74
C ASP A 270 4.05 -9.89 -0.69
N LEU A 271 4.59 -8.67 -0.92
CA LEU A 271 5.60 -8.04 -0.07
C LEU A 271 4.98 -7.37 1.16
N GLN A 272 3.78 -6.82 1.01
CA GLN A 272 3.08 -5.99 2.00
C GLN A 272 2.63 -6.78 3.25
N SER A 273 2.29 -8.07 3.09
CA SER A 273 1.91 -8.96 4.18
C SER A 273 3.14 -9.38 5.01
N ILE A 274 4.31 -9.54 4.37
CA ILE A 274 5.59 -9.84 5.03
C ILE A 274 6.01 -8.64 5.88
N LEU A 275 5.95 -7.41 5.34
CA LEU A 275 6.22 -6.17 6.06
C LEU A 275 5.28 -5.97 7.26
N ALA A 276 4.00 -6.33 7.11
CA ALA A 276 2.99 -6.26 8.16
C ALA A 276 3.08 -7.39 9.20
N THR A 277 3.85 -8.46 8.91
CA THR A 277 4.18 -9.52 9.88
C THR A 277 5.47 -9.11 10.62
N MET A 278 6.46 -8.53 9.92
CA MET A 278 7.79 -8.23 10.45
C MET A 278 7.82 -6.95 11.28
N ASN A 279 7.05 -5.91 10.95
CA ASN A 279 7.13 -4.60 11.61
C ASN A 279 5.82 -3.80 11.59
N VAL A 280 5.21 -3.60 10.41
CA VAL A 280 4.20 -2.57 10.17
C VAL A 280 2.87 -2.92 10.88
N PRO A 281 2.31 -2.02 11.74
CA PRO A 281 1.12 -2.31 12.57
C PRO A 281 -0.24 -2.30 11.84
N ALA A 282 -0.27 -2.57 10.52
CA ALA A 282 -1.50 -2.70 9.73
C ALA A 282 -2.19 -4.05 9.98
N GLY A 283 -1.42 -5.07 10.39
CA GLY A 283 -1.87 -6.42 10.73
C GLY A 283 -1.31 -7.43 9.70
N PRO A 284 -0.76 -8.60 10.12
CA PRO A 284 -0.13 -9.62 9.23
C PRO A 284 -0.85 -10.00 7.92
N ALA A 285 -2.19 -9.94 7.89
CA ALA A 285 -3.01 -10.19 6.70
C ALA A 285 -2.85 -9.12 5.60
N GLY A 286 -2.39 -7.91 5.96
CA GLY A 286 -2.07 -6.82 5.04
C GLY A 286 -3.02 -5.63 5.15
N GLY A 287 -4.09 -5.77 5.92
CA GLY A 287 -5.21 -4.83 6.01
C GLY A 287 -6.54 -5.59 5.90
N GLN A 288 -7.59 -4.88 5.47
CA GLN A 288 -9.04 -5.16 5.51
C GLN A 288 -9.68 -4.29 6.62
N GLN A 289 -9.18 -4.44 7.86
CA GLN A 289 -9.47 -3.62 9.04
C GLN A 289 -9.44 -2.11 8.78
N VAL A 290 -8.41 -1.67 8.05
CA VAL A 290 -8.13 -0.29 7.66
C VAL A 290 -9.16 0.33 6.69
N ASP A 291 -10.00 -0.49 6.05
CA ASP A 291 -10.99 -0.06 5.05
C ASP A 291 -12.42 -0.21 5.60
N LEU A 292 -12.73 -1.36 6.22
CA LEU A 292 -14.07 -1.71 6.68
C LEU A 292 -14.58 -0.83 7.83
N ALA A 293 -13.69 -0.34 8.71
CA ALA A 293 -14.07 0.46 9.89
C ALA A 293 -14.66 1.85 9.53
N SER A 294 -14.44 2.32 8.29
CA SER A 294 -15.01 3.55 7.75
C SER A 294 -16.40 3.29 7.13
N VAL A 295 -16.77 2.03 6.86
CA VAL A 295 -18.04 1.61 6.28
C VAL A 295 -18.95 1.09 7.42
N LEU A 296 -18.45 0.13 8.20
CA LEU A 296 -19.09 -0.43 9.39
C LEU A 296 -18.51 0.34 10.59
N THR A 297 -19.05 1.53 10.84
CA THR A 297 -18.63 2.44 11.92
C THR A 297 -19.20 1.99 13.28
N PRO A 298 -18.72 2.54 14.42
CA PRO A 298 -19.18 2.18 15.79
C PRO A 298 -20.70 2.23 16.00
N GLU A 299 -21.42 3.10 15.28
CA GLU A 299 -22.87 3.24 15.30
C GLU A 299 -23.64 1.94 14.96
N ILE A 300 -23.06 1.09 14.09
CA ILE A 300 -23.58 -0.24 13.78
C ILE A 300 -22.89 -1.26 14.72
N MET A 301 -21.56 -1.18 14.86
CA MET A 301 -20.74 -2.28 15.38
C MET A 301 -20.67 -2.36 16.92
N ALA A 302 -20.79 -1.24 17.65
CA ALA A 302 -20.70 -1.18 19.13
C ALA A 302 -21.51 -2.24 19.91
N PRO A 303 -22.83 -2.43 19.68
CA PRO A 303 -23.61 -3.48 20.35
C PRO A 303 -23.36 -4.91 19.82
N ILE A 304 -22.79 -5.07 18.62
CA ILE A 304 -22.45 -6.37 18.02
C ILE A 304 -21.14 -6.87 18.68
N LEU A 305 -20.15 -5.99 18.82
CA LEU A 305 -18.86 -6.27 19.45
C LEU A 305 -18.93 -6.34 20.98
N ALA A 306 -20.07 -5.96 21.59
CA ALA A 306 -20.32 -6.02 23.03
C ALA A 306 -20.82 -7.40 23.48
N ASN A 307 -21.11 -8.32 22.54
CA ASN A 307 -21.50 -9.70 22.80
C ASN A 307 -20.23 -10.54 23.11
N ALA A 308 -20.33 -11.38 24.14
CA ALA A 308 -19.26 -12.26 24.61
C ALA A 308 -18.90 -13.38 23.60
N ASP A 309 -19.88 -13.90 22.85
CA ASP A 309 -19.70 -14.99 21.88
C ASP A 309 -18.84 -14.53 20.68
N VAL A 310 -18.92 -13.25 20.31
CA VAL A 310 -18.02 -12.57 19.37
C VAL A 310 -16.65 -12.36 20.06
N GLN A 311 -16.60 -11.74 21.25
CA GLN A 311 -15.36 -11.43 21.98
C GLN A 311 -14.43 -12.63 22.21
N GLU A 312 -14.98 -13.79 22.56
CA GLU A 312 -14.25 -15.05 22.74
C GLU A 312 -13.65 -15.62 21.43
N ARG A 313 -14.07 -15.13 20.25
CA ARG A 313 -13.48 -15.47 18.96
C ARG A 313 -12.46 -14.39 18.55
N LEU A 314 -12.69 -13.12 18.92
CA LEU A 314 -11.77 -12.01 18.67
C LEU A 314 -10.49 -12.14 19.51
N LEU A 315 -10.63 -12.41 20.82
CA LEU A 315 -9.54 -12.61 21.80
C LEU A 315 -8.37 -13.53 21.39
N PRO A 316 -8.57 -14.77 20.89
CA PRO A 316 -7.48 -15.61 20.38
C PRO A 316 -6.98 -15.25 18.97
N TYR A 317 -7.78 -14.54 18.14
CA TYR A 317 -7.47 -14.32 16.72
C TYR A 317 -6.65 -13.04 16.49
N LEU A 318 -6.48 -12.17 17.49
CA LEU A 318 -5.64 -10.96 17.40
C LEU A 318 -4.14 -11.34 17.33
N PRO A 319 -3.32 -10.61 16.55
CA PRO A 319 -1.94 -11.02 16.25
C PRO A 319 -0.91 -10.81 17.39
N SER A 320 -1.14 -9.98 18.41
CA SER A 320 -0.15 -9.66 19.44
C SER A 320 -0.74 -9.68 20.87
N GLY A 321 -0.87 -8.54 21.54
CA GLY A 321 -1.18 -8.42 22.97
C GLY A 321 -2.39 -7.54 23.31
N GLU A 322 -2.92 -6.81 22.32
CA GLU A 322 -4.12 -5.98 22.31
C GLU A 322 -5.40 -6.70 22.76
N SER A 323 -6.47 -5.94 23.01
CA SER A 323 -7.80 -6.38 23.40
C SER A 323 -8.82 -5.29 23.07
N LEU A 324 -10.13 -5.59 23.18
CA LEU A 324 -11.25 -4.67 22.96
C LEU A 324 -12.09 -4.57 24.26
N PRO A 325 -12.81 -3.44 24.52
CA PRO A 325 -13.70 -3.28 25.68
C PRO A 325 -14.84 -4.32 25.78
N GLN A 326 -15.47 -4.41 26.95
CA GLN A 326 -16.49 -5.41 27.27
C GLN A 326 -17.89 -4.97 26.80
N THR A 327 -18.30 -3.73 27.07
CA THR A 327 -19.66 -3.24 26.85
C THR A 327 -19.72 -2.26 25.66
N ALA A 328 -20.92 -2.07 25.08
CA ALA A 328 -21.16 -1.25 23.89
C ALA A 328 -20.83 0.23 24.12
N ASP A 329 -21.11 0.72 25.34
CA ASP A 329 -20.85 2.09 25.80
C ASP A 329 -19.37 2.46 25.70
N GLU A 330 -18.48 1.53 26.06
CA GLU A 330 -17.03 1.70 26.03
C GLU A 330 -16.49 1.68 24.59
N ILE A 331 -17.06 0.84 23.72
CA ILE A 331 -16.68 0.71 22.30
C ILE A 331 -17.19 1.94 21.50
N GLN A 332 -18.31 2.54 21.93
CA GLN A 332 -18.89 3.73 21.31
C GLN A 332 -18.13 5.00 21.77
N ASN A 333 -17.78 5.12 23.05
CA ASN A 333 -17.23 6.33 23.67
C ASN A 333 -15.69 6.29 23.74
N THR A 334 -15.11 5.28 24.38
CA THR A 334 -13.82 5.36 25.07
C THR A 334 -12.70 4.76 24.20
N LEU A 335 -12.63 5.15 22.92
CA LEU A 335 -11.57 4.81 21.99
C LEU A 335 -11.36 5.92 20.94
N THR A 336 -10.13 6.05 20.42
CA THR A 336 -9.75 7.07 19.45
C THR A 336 -10.04 6.53 18.03
N SER A 337 -9.26 5.54 17.55
CA SER A 337 -9.42 4.89 16.24
C SER A 337 -8.84 3.46 16.23
N PRO A 338 -7.51 3.23 16.41
CA PRO A 338 -6.86 1.90 16.35
C PRO A 338 -7.54 0.75 17.15
N GLN A 339 -8.02 1.04 18.36
CA GLN A 339 -8.68 0.09 19.25
C GLN A 339 -10.08 -0.33 18.75
N PHE A 340 -10.70 0.43 17.84
CA PHE A 340 -11.90 0.03 17.10
C PHE A 340 -11.49 -0.72 15.82
N GLN A 341 -10.52 -0.17 15.05
CA GLN A 341 -10.08 -0.67 13.74
C GLN A 341 -9.75 -2.17 13.73
N GLN A 342 -9.04 -2.65 14.76
CA GLN A 342 -8.67 -4.05 15.00
C GLN A 342 -9.83 -5.06 14.89
N ALA A 343 -11.02 -4.67 15.35
CA ALA A 343 -12.21 -5.53 15.43
C ALA A 343 -12.66 -6.00 14.04
N LEU A 344 -12.61 -5.10 13.04
CA LEU A 344 -12.90 -5.34 11.63
C LEU A 344 -11.75 -6.09 10.90
N GLY A 345 -10.85 -6.72 11.65
CA GLY A 345 -9.84 -7.66 11.18
C GLY A 345 -10.14 -9.03 11.78
N MET A 346 -10.22 -9.10 13.13
CA MET A 346 -10.50 -10.34 13.86
C MET A 346 -11.93 -10.87 13.65
N PHE A 347 -12.93 -9.98 13.50
CA PHE A 347 -14.32 -10.31 13.14
C PHE A 347 -14.34 -10.91 11.72
N SER A 348 -13.70 -10.23 10.77
CA SER A 348 -13.63 -10.59 9.37
C SER A 348 -12.87 -11.92 9.13
N ALA A 349 -11.89 -12.26 9.99
CA ALA A 349 -11.17 -13.53 9.97
C ALA A 349 -12.09 -14.73 10.30
N ALA A 350 -13.01 -14.56 11.25
CA ALA A 350 -14.02 -15.57 11.61
C ALA A 350 -15.15 -15.60 10.57
N LEU A 351 -15.54 -14.42 10.06
CA LEU A 351 -16.58 -14.24 9.05
C LEU A 351 -16.18 -14.91 7.72
N ALA A 352 -14.95 -14.65 7.24
CA ALA A 352 -14.41 -15.18 5.98
C ALA A 352 -14.27 -16.70 5.95
N SER A 353 -14.03 -17.31 7.13
CA SER A 353 -13.96 -18.76 7.31
C SER A 353 -15.38 -19.38 7.40
N GLY A 354 -16.41 -18.58 7.63
CA GLY A 354 -17.82 -18.99 7.63
C GLY A 354 -18.35 -19.24 9.05
N GLN A 355 -17.53 -19.01 10.08
CA GLN A 355 -17.75 -19.46 11.45
C GLN A 355 -18.70 -18.51 12.20
N LEU A 356 -18.62 -17.21 11.91
CA LEU A 356 -19.32 -16.16 12.64
C LEU A 356 -20.80 -16.07 12.21
N GLY A 357 -21.06 -16.26 10.90
CA GLY A 357 -22.35 -16.40 10.19
C GLY A 357 -23.63 -16.54 11.04
N PRO A 358 -23.84 -17.67 11.73
CA PRO A 358 -24.98 -17.91 12.64
C PRO A 358 -25.30 -16.81 13.67
N LEU A 359 -24.31 -16.02 14.13
CA LEU A 359 -24.52 -14.95 15.09
C LEU A 359 -25.18 -13.73 14.43
N MET A 360 -24.94 -13.46 13.14
CA MET A 360 -25.52 -12.33 12.41
C MET A 360 -27.06 -12.46 12.30
N CYS A 361 -27.56 -13.70 12.31
CA CYS A 361 -28.98 -14.08 12.36
C CYS A 361 -29.59 -13.78 13.74
N GLN A 362 -28.79 -13.75 14.82
CA GLN A 362 -29.25 -13.54 16.19
C GLN A 362 -29.37 -12.03 16.47
N PHE A 363 -28.46 -11.21 15.92
CA PHE A 363 -28.41 -9.77 16.16
C PHE A 363 -29.54 -9.03 15.41
N GLY A 364 -29.90 -9.48 14.21
CA GLY A 364 -31.01 -8.92 13.43
C GLY A 364 -30.52 -8.03 12.28
N LEU A 365 -29.29 -8.24 11.82
CA LEU A 365 -28.63 -7.50 10.74
C LEU A 365 -29.29 -7.76 9.37
N PRO A 366 -29.10 -6.88 8.34
CA PRO A 366 -29.71 -7.00 7.00
C PRO A 366 -29.65 -8.39 6.36
N ALA A 367 -30.76 -8.86 5.76
CA ALA A 367 -30.91 -10.20 5.21
C ALA A 367 -29.86 -10.57 4.14
N GLU A 368 -29.47 -9.59 3.32
CA GLU A 368 -28.43 -9.72 2.29
C GLU A 368 -27.02 -9.80 2.91
N ALA A 369 -26.81 -9.20 4.10
CA ALA A 369 -25.56 -9.28 4.84
C ALA A 369 -25.48 -10.62 5.58
N VAL A 370 -26.57 -11.07 6.20
CA VAL A 370 -26.71 -12.38 6.85
C VAL A 370 -26.48 -13.55 5.85
N GLU A 371 -27.02 -13.44 4.62
CA GLU A 371 -26.81 -14.38 3.52
C GLU A 371 -25.33 -14.46 3.11
N ALA A 372 -24.64 -13.32 3.05
CA ALA A 372 -23.22 -13.21 2.71
C ALA A 372 -22.30 -13.69 3.85
N ALA A 373 -22.67 -13.41 5.11
CA ALA A 373 -21.92 -13.74 6.32
C ALA A 373 -21.81 -15.25 6.57
N ASN A 374 -22.85 -16.01 6.19
CA ASN A 374 -22.90 -17.46 6.32
C ASN A 374 -22.14 -18.18 5.21
N LYS A 375 -21.90 -17.53 4.06
CA LYS A 375 -21.05 -18.03 2.99
C LYS A 375 -19.59 -17.62 3.24
N GLY A 376 -19.36 -16.39 3.69
CA GLY A 376 -18.06 -15.83 4.04
C GLY A 376 -17.63 -14.71 3.10
N ASP A 377 -18.56 -14.10 2.36
CA ASP A 377 -18.31 -13.00 1.42
C ASP A 377 -18.31 -11.68 2.20
N VAL A 378 -17.14 -11.31 2.75
CA VAL A 378 -16.90 -10.12 3.58
C VAL A 378 -17.25 -8.82 2.82
N GLU A 379 -16.93 -8.78 1.51
CA GLU A 379 -17.22 -7.66 0.62
C GLU A 379 -18.73 -7.46 0.43
N ALA A 380 -19.47 -8.55 0.19
CA ALA A 380 -20.93 -8.53 0.01
C ALA A 380 -21.65 -8.19 1.32
N PHE A 381 -21.14 -8.69 2.46
CA PHE A 381 -21.55 -8.32 3.82
C PHE A 381 -21.40 -6.81 4.07
N ALA A 382 -20.23 -6.24 3.74
CA ALA A 382 -19.93 -4.82 3.89
C ALA A 382 -20.79 -3.94 2.95
N LYS A 383 -20.97 -4.35 1.70
CA LYS A 383 -21.80 -3.66 0.71
C LYS A 383 -23.30 -3.69 1.10
N ALA A 384 -23.80 -4.80 1.66
CA ALA A 384 -25.15 -4.93 2.17
C ALA A 384 -25.37 -4.06 3.42
N MET A 385 -24.36 -3.94 4.28
CA MET A 385 -24.39 -3.06 5.45
C MET A 385 -24.37 -1.57 5.01
N GLN A 386 -23.53 -1.23 4.02
CA GLN A 386 -23.41 0.10 3.44
C GLN A 386 -24.73 0.55 2.75
N ASN A 387 -25.40 -0.38 2.06
CA ASN A 387 -26.70 -0.20 1.40
C ASN A 387 -27.80 0.16 2.43
N ASN A 388 -27.88 -0.61 3.52
CA ASN A 388 -28.96 -0.52 4.50
C ASN A 388 -28.69 0.51 5.62
N ALA A 389 -27.45 1.01 5.75
CA ALA A 389 -27.07 2.04 6.72
C ALA A 389 -27.65 3.42 6.36
N LYS A 390 -27.76 3.72 5.06
CA LYS A 390 -28.46 4.88 4.53
C LYS A 390 -29.93 4.46 4.25
N PRO A 391 -30.95 5.13 4.83
CA PRO A 391 -32.38 4.84 4.57
C PRO A 391 -32.74 4.84 3.07
N GLU A 392 -32.45 5.96 2.38
CA GLU A 392 -32.51 6.19 0.93
C GLU A 392 -33.95 6.29 0.38
N GLN A 393 -34.75 5.24 0.61
CA GLN A 393 -36.15 5.14 0.21
C GLN A 393 -37.01 5.87 1.27
N LYS A 394 -37.94 6.71 0.80
CA LYS A 394 -38.86 7.53 1.59
C LYS A 394 -40.30 7.38 1.06
N GLU A 395 -40.59 6.26 0.39
CA GLU A 395 -41.79 5.99 -0.39
C GLU A 395 -42.91 5.31 0.43
N GLY A 396 -42.80 5.30 1.76
CA GLY A 396 -43.77 4.74 2.71
C GLY A 396 -44.37 5.85 3.56
N ASP A 397 -45.70 5.95 3.57
CA ASP A 397 -46.48 6.95 4.32
C ASP A 397 -46.59 6.51 5.79
N THR A 398 -46.60 7.49 6.70
CA THR A 398 -46.61 7.32 8.15
C THR A 398 -47.73 8.22 8.73
N LYS A 399 -48.97 7.96 8.31
CA LYS A 399 -50.21 8.65 8.70
C LYS A 399 -50.43 9.96 7.90
N ASP A 400 -49.72 10.12 6.79
CA ASP A 400 -49.72 11.27 5.90
C ASP A 400 -51.01 11.28 5.04
N LYS A 401 -51.48 12.47 4.67
CA LYS A 401 -52.59 12.69 3.74
C LYS A 401 -52.02 12.62 2.31
N LYS A 402 -52.46 11.63 1.53
CA LYS A 402 -52.01 11.36 0.17
C LYS A 402 -52.87 12.20 -0.81
N ASP A 403 -52.23 12.81 -1.80
CA ASP A 403 -52.86 13.54 -2.91
C ASP A 403 -53.19 12.55 -4.05
N GLU A 404 -54.01 12.99 -5.02
CA GLU A 404 -54.42 12.21 -6.20
C GLU A 404 -53.22 11.88 -7.10
N GLU A 405 -53.20 10.66 -7.67
CA GLU A 405 -52.11 10.06 -8.42
C GLU A 405 -52.02 10.59 -9.87
N GLU A 406 -51.91 11.91 -10.03
CA GLU A 406 -51.72 12.66 -11.27
C GLU A 406 -52.98 12.54 -12.17
N ASP A 407 -52.81 12.19 -13.45
CA ASP A 407 -53.90 11.97 -14.41
C ASP A 407 -54.58 10.60 -14.19
N MET A 408 -53.88 9.66 -13.53
CA MET A 408 -54.38 8.37 -13.04
C MET A 408 -54.66 7.39 -14.20
N SER A 409 -53.69 7.25 -15.11
CA SER A 409 -53.73 6.35 -16.26
C SER A 409 -52.32 5.78 -16.52
N LEU A 410 -52.24 4.71 -17.32
CA LEU A 410 -51.04 3.90 -17.52
C LEU A 410 -50.09 4.52 -18.58
N ASP A 411 -50.57 5.43 -19.42
CA ASP A 411 -49.83 6.13 -20.47
C ASP A 411 -50.39 7.55 -20.60
N MET A 5 51.50 51.81 8.19
CA MET A 5 51.17 50.38 8.05
C MET A 5 49.72 50.11 8.46
N THR A 6 49.15 48.98 8.04
CA THR A 6 47.80 48.53 8.37
C THR A 6 47.72 47.00 8.45
N THR A 7 48.06 46.32 7.35
CA THR A 7 47.69 44.93 7.07
C THR A 7 48.95 44.15 6.59
N SER A 8 50.12 44.46 7.19
CA SER A 8 51.42 43.89 6.85
C SER A 8 51.59 42.48 7.46
N GLY A 9 50.95 42.22 8.61
CA GLY A 9 50.89 40.93 9.28
C GLY A 9 49.41 40.50 9.33
N ALA A 10 49.09 39.39 8.68
CA ALA A 10 47.76 38.82 8.41
C ALA A 10 47.07 39.61 7.29
N LEU A 11 46.86 38.98 6.12
CA LEU A 11 46.27 39.60 4.92
C LEU A 11 44.75 39.79 5.08
N PHE A 12 44.11 38.98 5.93
CA PHE A 12 42.71 39.09 6.34
C PHE A 12 42.59 38.58 7.78
N PRO A 13 42.69 39.45 8.82
CA PRO A 13 42.46 39.09 10.23
C PRO A 13 41.10 38.41 10.47
N SER A 14 41.05 37.43 11.39
CA SER A 14 39.85 36.66 11.72
C SER A 14 38.84 37.54 12.49
N LEU A 15 39.15 37.88 13.75
CA LEU A 15 38.41 38.82 14.62
C LEU A 15 36.96 38.37 14.89
N VAL A 16 36.74 37.04 14.97
CA VAL A 16 35.49 36.26 14.91
C VAL A 16 34.13 37.01 14.95
N PRO A 17 33.64 37.55 13.82
CA PRO A 17 32.34 38.26 13.74
C PRO A 17 31.16 37.28 13.62
N GLY A 18 29.98 37.79 13.25
CA GLY A 18 28.78 37.03 12.90
C GLY A 18 28.51 37.17 11.40
N SER A 19 27.81 36.19 10.81
CA SER A 19 27.47 36.08 9.39
C SER A 19 26.21 35.21 9.22
N ARG A 20 25.67 35.16 8.00
CA ARG A 20 24.41 34.47 7.65
C ARG A 20 24.51 32.93 7.78
N GLY A 21 25.69 32.37 7.54
CA GLY A 21 26.02 30.97 7.82
C GLY A 21 26.23 30.11 6.57
N ALA A 22 26.00 30.68 5.39
CA ALA A 22 26.11 30.05 4.06
C ALA A 22 24.90 29.14 3.81
N SER A 23 25.08 27.82 3.98
CA SER A 23 24.07 26.75 4.01
C SER A 23 23.70 26.17 2.63
N ASN A 24 24.31 26.67 1.56
CA ASN A 24 24.06 26.34 0.14
C ASN A 24 24.59 24.95 -0.30
N LYS A 25 24.89 24.06 0.65
CA LYS A 25 25.38 22.70 0.43
C LYS A 25 24.25 21.69 0.16
N TYR A 26 22.98 22.08 0.39
CA TYR A 26 21.80 21.24 0.17
C TYR A 26 21.48 21.22 -1.32
N LEU A 27 21.14 20.04 -1.84
CA LEU A 27 20.88 19.77 -3.25
C LEU A 27 19.42 20.12 -3.58
N VAL A 28 18.49 19.81 -2.66
CA VAL A 28 17.09 20.23 -2.66
C VAL A 28 16.72 20.55 -1.21
N GLU A 29 15.80 21.48 -1.00
CA GLU A 29 15.12 21.74 0.25
C GLU A 29 13.67 22.17 -0.05
N PHE A 30 12.69 21.61 0.65
CA PHE A 30 11.26 21.89 0.49
C PHE A 30 10.52 21.72 1.82
N ARG A 31 9.42 22.46 1.98
CA ARG A 31 8.63 22.50 3.21
C ARG A 31 7.44 21.53 3.03
N ALA A 32 7.46 20.44 3.80
CA ALA A 32 6.51 19.34 3.74
C ALA A 32 6.41 18.62 5.09
N GLY A 33 5.21 18.10 5.39
CA GLY A 33 4.88 17.38 6.60
C GLY A 33 4.62 15.92 6.22
N LYS A 34 5.11 14.99 7.05
CA LYS A 34 5.01 13.55 6.84
C LYS A 34 3.62 13.02 7.21
N MET A 35 3.31 11.79 6.77
CA MET A 35 2.21 10.96 7.25
C MET A 35 2.83 9.69 7.81
N SER A 36 2.29 9.16 8.91
CA SER A 36 2.80 8.00 9.63
C SER A 36 1.66 7.21 10.29
N LEU A 37 1.94 5.95 10.65
CA LEU A 37 1.06 5.08 11.41
C LEU A 37 1.09 5.52 12.89
N LYS A 38 -0.08 5.85 13.43
CA LYS A 38 -0.34 6.24 14.81
C LYS A 38 -1.01 5.04 15.52
N GLY A 39 -0.46 3.84 15.30
CA GLY A 39 -1.03 2.55 15.67
C GLY A 39 -1.31 1.80 14.36
N THR A 40 -2.54 1.32 14.19
CA THR A 40 -3.02 0.68 12.96
C THR A 40 -3.67 1.73 12.02
N THR A 41 -3.91 2.95 12.50
CA THR A 41 -4.50 4.08 11.76
C THR A 41 -3.33 4.97 11.27
N VAL A 42 -3.36 5.42 10.01
CA VAL A 42 -2.43 6.40 9.45
C VAL A 42 -2.98 7.80 9.74
N THR A 43 -2.11 8.73 10.11
CA THR A 43 -2.43 10.12 10.45
C THR A 43 -1.40 11.07 9.79
N PRO A 44 -1.80 12.23 9.23
CA PRO A 44 -0.86 13.26 8.76
C PRO A 44 -0.30 14.06 9.95
N ASP A 45 1.00 14.39 9.91
CA ASP A 45 1.70 15.20 10.91
C ASP A 45 1.31 16.68 10.78
N LYS A 46 1.35 17.39 11.90
CA LYS A 46 0.90 18.77 12.08
C LYS A 46 2.04 19.69 12.54
N ARG A 47 3.26 19.14 12.72
CA ARG A 47 4.49 19.92 12.83
C ARG A 47 4.88 20.42 11.42
N LYS A 48 5.34 21.67 11.34
CA LYS A 48 5.89 22.28 10.14
C LYS A 48 7.30 21.71 9.93
N GLY A 49 7.51 21.02 8.82
CA GLY A 49 8.72 20.28 8.52
C GLY A 49 9.44 20.86 7.31
N LEU A 50 10.77 20.85 7.37
CA LEU A 50 11.66 21.04 6.23
C LEU A 50 12.16 19.64 5.87
N VAL A 51 11.97 19.22 4.62
CA VAL A 51 12.68 18.12 3.98
C VAL A 51 13.91 18.77 3.32
N TYR A 52 15.08 18.14 3.42
CA TYR A 52 16.27 18.53 2.69
C TYR A 52 17.08 17.32 2.25
N ILE A 53 17.72 17.47 1.08
CA ILE A 53 18.55 16.48 0.40
C ILE A 53 19.97 17.07 0.40
N GLN A 54 20.93 16.31 0.90
CA GLN A 54 22.31 16.70 1.14
C GLN A 54 23.24 15.64 0.54
N GLN A 55 24.45 16.03 0.16
CA GLN A 55 25.50 15.15 -0.36
C GLN A 55 26.39 14.72 0.81
N THR A 56 26.64 13.41 0.95
CA THR A 56 27.57 12.84 1.93
C THR A 56 29.02 12.92 1.40
N ASP A 57 30.03 12.74 2.28
CA ASP A 57 31.46 12.69 1.96
C ASP A 57 31.80 11.52 1.00
N ASP A 58 31.06 10.41 1.09
CA ASP A 58 31.18 9.22 0.23
C ASP A 58 30.50 9.42 -1.14
N SER A 59 29.69 10.47 -1.29
CA SER A 59 29.05 10.99 -2.51
C SER A 59 27.64 10.41 -2.77
N LEU A 60 27.09 9.66 -1.79
CA LEU A 60 25.69 9.23 -1.76
C LEU A 60 24.80 10.39 -1.29
N ILE A 61 23.50 10.30 -1.55
CA ILE A 61 22.48 11.26 -1.14
C ILE A 61 22.06 10.93 0.31
N HIS A 62 22.05 11.94 1.17
CA HIS A 62 21.43 11.94 2.49
C HIS A 62 20.08 12.66 2.36
N PHE A 63 19.00 12.03 2.82
CA PHE A 63 17.64 12.57 2.89
C PHE A 63 17.34 12.79 4.39
N CYS A 64 16.79 13.95 4.75
CA CYS A 64 16.56 14.37 6.13
C CYS A 64 15.24 15.13 6.23
N TRP A 65 14.41 14.82 7.24
CA TRP A 65 13.23 15.59 7.64
C TRP A 65 13.55 16.21 9.01
N LYS A 66 13.28 17.51 9.16
CA LYS A 66 13.57 18.31 10.35
C LYS A 66 12.38 19.23 10.65
N ASP A 67 11.89 19.20 11.89
CA ASP A 67 10.79 20.05 12.37
C ASP A 67 11.32 21.48 12.58
N ARG A 68 10.53 22.47 12.18
CA ARG A 68 10.82 23.90 12.31
C ARG A 68 10.30 24.47 13.65
N THR A 69 9.48 23.73 14.41
CA THR A 69 8.93 24.19 15.69
C THR A 69 10.01 24.09 16.79
N SER A 70 10.60 22.90 16.99
CA SER A 70 11.67 22.65 17.96
C SER A 70 13.05 22.97 17.34
N GLY A 71 13.26 22.55 16.09
CA GLY A 71 14.52 22.62 15.35
C GLY A 71 15.18 21.25 15.20
N ASN A 72 14.60 20.19 15.79
CA ASN A 72 15.17 18.85 15.88
C ASN A 72 14.83 18.03 14.62
N VAL A 73 15.83 17.23 14.17
CA VAL A 73 15.69 16.17 13.19
C VAL A 73 15.01 14.97 13.87
N GLU A 74 14.07 14.33 13.16
CA GLU A 74 13.27 13.20 13.66
C GLU A 74 13.43 11.95 12.78
N ASP A 75 13.84 12.09 11.52
CA ASP A 75 14.09 10.99 10.59
C ASP A 75 15.10 11.43 9.54
N ASP A 76 16.12 10.60 9.29
CA ASP A 76 17.16 10.81 8.29
C ASP A 76 17.66 9.44 7.78
N LEU A 77 17.93 9.35 6.48
CA LEU A 77 18.35 8.14 5.76
C LEU A 77 19.36 8.50 4.66
N ILE A 78 20.24 7.56 4.30
CA ILE A 78 21.15 7.66 3.15
C ILE A 78 20.57 6.75 2.05
N ILE A 79 20.53 7.27 0.82
CA ILE A 79 19.90 6.68 -0.36
C ILE A 79 21.00 6.25 -1.34
N PHE A 80 20.84 5.06 -1.93
CA PHE A 80 21.67 4.52 -3.01
C PHE A 80 21.02 4.79 -4.39
N PRO A 81 21.80 4.86 -5.50
CA PRO A 81 21.30 5.20 -6.85
C PRO A 81 20.10 4.36 -7.32
N ASP A 82 18.94 5.01 -7.55
CA ASP A 82 17.72 4.47 -8.15
C ASP A 82 16.90 3.55 -7.22
N ASP A 83 17.40 3.30 -6.00
CA ASP A 83 16.83 2.36 -5.03
C ASP A 83 15.57 2.94 -4.34
N CYS A 84 15.42 4.27 -4.40
CA CYS A 84 14.26 5.02 -3.97
C CYS A 84 13.77 5.88 -5.15
N GLU A 85 12.47 6.16 -5.19
CA GLU A 85 11.81 6.96 -6.21
C GLU A 85 10.72 7.82 -5.55
N PHE A 86 10.72 9.13 -5.82
CA PHE A 86 9.73 10.09 -5.34
C PHE A 86 8.72 10.33 -6.48
N LYS A 87 7.42 10.27 -6.17
CA LYS A 87 6.31 10.42 -7.10
C LYS A 87 5.14 11.14 -6.40
N ARG A 88 4.23 11.73 -7.17
CA ARG A 88 2.98 12.31 -6.70
C ARG A 88 1.92 11.19 -6.57
N VAL A 89 1.06 11.28 -5.55
CA VAL A 89 -0.05 10.34 -5.35
C VAL A 89 -1.19 10.73 -6.32
N PRO A 90 -1.68 9.82 -7.19
CA PRO A 90 -2.72 10.12 -8.19
C PRO A 90 -4.14 10.21 -7.60
N GLN A 91 -4.36 9.69 -6.39
CA GLN A 91 -5.63 9.74 -5.66
C GLN A 91 -5.81 11.09 -4.94
N CYS A 92 -4.80 11.97 -4.95
CA CYS A 92 -4.83 13.30 -4.34
C CYS A 92 -5.65 14.25 -5.25
N PRO A 93 -6.62 15.02 -4.72
CA PRO A 93 -7.46 15.91 -5.53
C PRO A 93 -6.75 17.22 -5.94
N SER A 94 -5.95 17.81 -5.03
CA SER A 94 -5.16 19.02 -5.27
C SER A 94 -3.87 18.68 -6.05
N GLY A 95 -3.15 17.66 -5.58
CA GLY A 95 -1.88 17.18 -6.09
C GLY A 95 -0.75 17.35 -5.06
N ARG A 96 -1.03 17.96 -3.90
CA ARG A 96 -0.04 18.37 -2.90
C ARG A 96 0.52 17.21 -2.04
N VAL A 97 -0.01 15.99 -2.16
CA VAL A 97 0.51 14.80 -1.46
C VAL A 97 1.40 14.02 -2.44
N TYR A 98 2.63 13.74 -2.00
CA TYR A 98 3.69 13.02 -2.69
C TYR A 98 4.15 11.85 -1.80
N VAL A 99 4.89 10.90 -2.38
CA VAL A 99 5.36 9.69 -1.73
C VAL A 99 6.77 9.35 -2.21
N LEU A 100 7.67 9.06 -1.26
CA LEU A 100 8.98 8.48 -1.48
C LEU A 100 8.81 6.97 -1.28
N LYS A 101 8.86 6.20 -2.38
CA LYS A 101 8.81 4.75 -2.39
C LYS A 101 10.26 4.24 -2.36
N PHE A 102 10.55 3.31 -1.45
CA PHE A 102 11.81 2.60 -1.33
C PHE A 102 11.56 1.22 -1.98
N LYS A 103 12.32 0.87 -3.01
CA LYS A 103 12.09 -0.35 -3.82
C LYS A 103 12.59 -1.61 -3.07
N ALA A 104 13.66 -1.47 -2.29
CA ALA A 104 14.11 -2.45 -1.31
C ALA A 104 13.56 -2.02 0.06
N GLY A 105 12.91 -2.95 0.78
CA GLY A 105 12.49 -2.79 2.17
C GLY A 105 10.97 -2.67 2.35
N SER A 106 10.26 -2.26 1.29
CA SER A 106 8.80 -2.12 1.15
C SER A 106 8.22 -0.79 1.68
N LYS A 107 9.09 0.11 2.17
CA LYS A 107 8.73 1.38 2.81
C LYS A 107 8.18 2.38 1.77
N ARG A 108 7.13 3.10 2.14
CA ARG A 108 6.48 4.17 1.38
C ARG A 108 6.23 5.31 2.37
N LEU A 109 7.06 6.37 2.33
CA LEU A 109 6.91 7.54 3.18
C LEU A 109 6.15 8.59 2.37
N PHE A 110 4.92 8.89 2.80
CA PHE A 110 4.02 9.88 2.21
C PHE A 110 4.25 11.23 2.90
N PHE A 111 4.25 12.31 2.13
CA PHE A 111 4.49 13.69 2.55
C PHE A 111 3.44 14.60 1.90
N TRP A 112 2.93 15.59 2.63
CA TRP A 112 2.06 16.65 2.12
C TRP A 112 2.86 17.96 2.10
N MET A 113 2.86 18.68 0.97
CA MET A 113 3.57 19.93 0.75
C MET A 113 2.85 21.08 1.48
N GLN A 114 3.60 21.86 2.27
CA GLN A 114 3.09 22.97 3.07
C GLN A 114 3.02 24.27 2.27
N GLU A 115 3.71 24.35 1.13
CA GLU A 115 3.71 25.49 0.22
C GLU A 115 2.36 25.54 -0.53
N PRO A 116 1.64 26.68 -0.54
CA PRO A 116 0.32 26.79 -1.19
C PRO A 116 0.40 26.99 -2.72
N LYS A 117 1.57 27.38 -3.25
CA LYS A 117 1.80 27.64 -4.66
C LYS A 117 2.13 26.31 -5.36
N THR A 118 1.10 25.68 -5.94
CA THR A 118 1.11 24.40 -6.66
C THR A 118 1.81 24.47 -8.04
N ASP A 119 2.96 25.15 -8.08
CA ASP A 119 3.91 25.23 -9.20
C ASP A 119 5.33 24.87 -8.74
N GLN A 120 5.63 25.05 -7.45
CA GLN A 120 6.94 24.80 -6.86
C GLN A 120 7.16 23.30 -6.61
N ASP A 121 6.09 22.58 -6.26
CA ASP A 121 6.06 21.16 -5.92
C ASP A 121 6.34 20.29 -7.16
N GLU A 122 5.92 20.74 -8.35
CA GLU A 122 6.23 20.16 -9.66
C GLU A 122 7.75 20.21 -9.93
N GLU A 123 8.38 21.37 -9.68
CA GLU A 123 9.83 21.55 -9.82
C GLU A 123 10.60 20.70 -8.80
N HIS A 124 10.19 20.73 -7.53
CA HIS A 124 10.77 19.95 -6.43
C HIS A 124 10.73 18.44 -6.73
N CYS A 125 9.56 17.90 -7.10
CA CYS A 125 9.34 16.50 -7.46
C CYS A 125 10.33 15.98 -8.51
N ARG A 126 10.55 16.75 -9.59
CA ARG A 126 11.47 16.42 -10.67
C ARG A 126 12.94 16.50 -10.21
N LYS A 127 13.31 17.57 -9.47
CA LYS A 127 14.64 17.74 -8.89
C LYS A 127 15.02 16.60 -7.92
N VAL A 128 14.11 16.24 -7.00
CA VAL A 128 14.22 15.11 -6.08
C VAL A 128 14.38 13.79 -6.87
N ASN A 129 13.46 13.47 -7.78
CA ASN A 129 13.45 12.27 -8.61
C ASN A 129 14.75 12.08 -9.41
N GLU A 130 15.28 13.16 -10.02
CA GLU A 130 16.55 13.17 -10.74
C GLU A 130 17.74 12.87 -9.81
N TYR A 131 17.80 13.46 -8.61
CA TYR A 131 18.87 13.21 -7.63
C TYR A 131 18.82 11.80 -7.03
N LEU A 132 17.63 11.22 -6.82
CA LEU A 132 17.47 9.85 -6.32
C LEU A 132 17.84 8.81 -7.41
N ASN A 133 17.52 9.09 -8.68
CA ASN A 133 17.84 8.27 -9.84
C ASN A 133 19.34 8.38 -10.17
N ASN A 134 19.89 9.60 -10.23
CA ASN A 134 21.28 9.90 -10.57
C ASN A 134 21.89 10.77 -9.46
N PRO A 135 22.57 10.18 -8.45
CA PRO A 135 23.26 10.93 -7.39
C PRO A 135 24.57 11.56 -7.91
N PRO A 136 25.21 12.52 -7.19
CA PRO A 136 26.42 13.19 -7.64
C PRO A 136 27.64 12.23 -7.67
N MET A 137 28.41 12.31 -8.76
CA MET A 137 29.58 11.48 -9.12
C MET A 137 29.23 9.96 -9.13
N PRO A 138 28.37 9.49 -10.06
CA PRO A 138 27.94 8.09 -10.11
C PRO A 138 29.06 7.18 -10.65
N GLY A 139 29.16 5.96 -10.10
CA GLY A 139 30.14 4.93 -10.45
C GLY A 139 29.41 3.66 -10.89
N ALA A 140 29.63 2.57 -10.15
CA ALA A 140 28.98 1.27 -10.33
C ALA A 140 28.50 0.78 -8.95
N LEU A 141 27.37 0.06 -8.92
CA LEU A 141 26.73 -0.45 -7.71
C LEU A 141 27.21 -1.87 -7.36
N GLY A 142 28.11 -2.45 -8.16
CA GLY A 142 28.75 -3.75 -7.97
C GLY A 142 30.26 -3.58 -7.81
N ALA A 143 30.94 -4.66 -7.41
CA ALA A 143 32.39 -4.71 -7.17
C ALA A 143 33.17 -4.65 -8.48
N SER A 144 34.34 -4.00 -8.45
CA SER A 144 35.28 -3.84 -9.57
C SER A 144 36.73 -3.87 -9.03
N GLY A 145 36.96 -4.67 -7.97
CA GLY A 145 38.24 -4.89 -7.31
C GLY A 145 38.57 -6.39 -7.32
N SER A 146 39.10 -6.90 -6.20
CA SER A 146 39.45 -8.32 -6.03
C SER A 146 38.23 -9.17 -5.59
N SER A 147 37.14 -8.53 -5.15
CA SER A 147 35.87 -9.17 -4.82
C SER A 147 35.04 -9.36 -6.10
N GLY A 148 34.20 -10.40 -6.13
CA GLY A 148 33.24 -10.70 -7.19
C GLY A 148 31.81 -10.61 -6.67
N HIS A 149 30.86 -11.22 -7.38
CA HIS A 149 29.42 -11.16 -7.07
C HIS A 149 29.05 -12.09 -5.91
N GLU A 150 29.76 -13.22 -5.76
CA GLU A 150 29.64 -14.19 -4.69
C GLU A 150 31.03 -14.82 -4.45
N LEU A 151 31.51 -14.80 -3.21
CA LEU A 151 32.78 -15.40 -2.81
C LEU A 151 32.53 -16.81 -2.26
N SER A 152 31.62 -16.93 -1.28
CA SER A 152 31.18 -18.19 -0.66
C SER A 152 29.87 -17.92 0.11
N ALA A 153 29.90 -16.90 0.99
CA ALA A 153 28.88 -16.47 1.94
C ALA A 153 28.94 -17.27 3.26
N LEU A 154 28.49 -16.67 4.36
CA LEU A 154 28.49 -17.23 5.72
C LEU A 154 27.19 -18.02 5.98
N GLY A 155 26.89 -18.97 5.08
CA GLY A 155 25.66 -19.76 5.02
C GLY A 155 24.95 -19.52 3.70
N GLY A 156 23.62 -19.64 3.68
CA GLY A 156 22.74 -19.38 2.54
C GLY A 156 21.72 -18.30 2.88
N GLU A 157 21.11 -17.71 1.85
CA GLU A 157 20.06 -16.69 1.92
C GLU A 157 19.09 -16.88 0.75
N GLY A 158 17.79 -16.71 1.00
CA GLY A 158 16.70 -16.90 0.05
C GLY A 158 15.78 -18.03 0.53
N GLY A 159 15.27 -18.83 -0.40
CA GLY A 159 14.34 -19.94 -0.17
C GLY A 159 13.05 -19.76 -0.98
N LEU A 160 12.31 -20.86 -1.18
CA LEU A 160 11.01 -20.97 -1.84
C LEU A 160 11.12 -20.98 -3.38
N GLN A 161 12.33 -21.23 -3.90
CA GLN A 161 12.64 -21.38 -5.32
C GLN A 161 12.26 -22.81 -5.77
N SER A 162 11.84 -22.96 -7.03
CA SER A 162 11.54 -24.23 -7.67
C SER A 162 12.75 -24.66 -8.52
N LEU A 163 12.58 -24.82 -9.85
CA LEU A 163 13.61 -25.20 -10.84
C LEU A 163 13.93 -26.70 -10.76
N LEU A 164 12.91 -27.54 -10.47
CA LEU A 164 13.01 -28.99 -10.32
C LEU A 164 13.28 -29.67 -11.67
N GLY A 165 12.69 -29.14 -12.75
CA GLY A 165 12.97 -29.47 -14.14
C GLY A 165 13.26 -28.18 -14.91
N ASN A 166 14.09 -28.25 -15.95
CA ASN A 166 14.40 -27.11 -16.83
C ASN A 166 13.29 -26.92 -17.87
N MET A 167 12.82 -28.04 -18.44
CA MET A 167 11.71 -28.13 -19.41
C MET A 167 10.97 -29.48 -19.30
N SER A 168 11.05 -30.11 -18.11
CA SER A 168 10.60 -31.45 -17.76
C SER A 168 11.67 -32.52 -18.09
N HIS A 169 11.41 -33.77 -17.71
CA HIS A 169 12.23 -34.95 -17.95
C HIS A 169 11.29 -36.17 -18.08
N SER A 170 11.54 -37.23 -17.31
CA SER A 170 10.70 -38.43 -17.24
C SER A 170 9.48 -38.16 -16.34
N GLN A 171 8.32 -38.73 -16.71
CA GLN A 171 7.06 -38.63 -15.97
C GLN A 171 6.53 -40.05 -15.73
N LEU A 172 6.22 -40.39 -14.48
CA LEU A 172 5.66 -41.67 -14.04
C LEU A 172 4.12 -41.60 -14.12
N MET A 173 3.60 -41.31 -15.31
CA MET A 173 2.18 -41.17 -15.63
C MET A 173 1.45 -42.53 -15.61
N GLN A 174 0.14 -42.50 -15.29
CA GLN A 174 -0.75 -43.65 -15.29
C GLN A 174 -1.18 -43.96 -16.74
N LEU A 175 -1.43 -45.25 -17.04
CA LEU A 175 -1.84 -45.72 -18.36
C LEU A 175 -3.32 -45.38 -18.63
N ILE A 176 -4.17 -45.47 -17.60
CA ILE A 176 -5.58 -45.08 -17.60
C ILE A 176 -6.05 -44.79 -16.17
N GLY A 177 -5.67 -45.68 -15.23
CA GLY A 177 -6.11 -45.72 -13.84
C GLY A 177 -6.80 -47.06 -13.59
N PRO A 178 -6.06 -48.14 -13.23
CA PRO A 178 -6.56 -49.52 -13.12
C PRO A 178 -7.85 -49.74 -12.29
N ALA A 179 -7.97 -49.06 -11.13
CA ALA A 179 -9.09 -49.23 -10.20
C ALA A 179 -10.35 -48.46 -10.67
N GLY A 180 -10.16 -47.25 -11.18
CA GLY A 180 -11.20 -46.35 -11.68
C GLY A 180 -11.37 -45.15 -10.73
N LEU A 181 -11.68 -43.97 -11.29
CA LEU A 181 -11.91 -42.72 -10.56
C LEU A 181 -13.30 -42.13 -10.87
N GLY A 182 -14.12 -42.83 -11.66
CA GLY A 182 -15.42 -42.39 -12.18
C GLY A 182 -15.37 -42.30 -13.71
N GLY A 183 -16.51 -42.05 -14.35
CA GLY A 183 -16.63 -41.80 -15.79
C GLY A 183 -17.27 -42.96 -16.56
N LEU A 184 -17.95 -43.89 -15.85
CA LEU A 184 -18.56 -45.11 -16.39
C LEU A 184 -19.68 -44.81 -17.42
N GLY A 185 -20.51 -43.80 -17.13
CA GLY A 185 -21.55 -43.29 -18.01
C GLY A 185 -22.93 -43.63 -17.43
N GLY A 186 -23.34 -44.88 -17.60
CA GLY A 186 -24.66 -45.42 -17.25
C GLY A 186 -25.32 -46.04 -18.49
N LEU A 187 -26.62 -46.33 -18.41
CA LEU A 187 -27.39 -46.98 -19.49
C LEU A 187 -27.85 -45.96 -20.55
N GLY A 188 -28.20 -44.74 -20.14
CA GLY A 188 -28.62 -43.64 -20.99
C GLY A 188 -30.06 -43.20 -20.71
N ALA A 189 -30.51 -42.14 -21.39
CA ALA A 189 -31.86 -41.57 -21.33
C ALA A 189 -32.37 -41.17 -22.72
N LEU A 190 -31.85 -41.80 -23.78
CA LEU A 190 -32.17 -41.53 -25.18
C LEU A 190 -33.37 -42.37 -25.67
N THR A 191 -33.74 -43.44 -24.96
CA THR A 191 -34.76 -44.43 -25.32
C THR A 191 -36.18 -43.87 -25.01
N GLY A 192 -36.52 -42.77 -25.66
CA GLY A 192 -37.76 -42.00 -25.52
C GLY A 192 -37.45 -40.60 -24.96
N PRO A 193 -38.17 -39.54 -25.38
CA PRO A 193 -37.98 -38.17 -24.89
C PRO A 193 -38.57 -37.97 -23.49
N GLY A 194 -38.05 -36.98 -22.76
CA GLY A 194 -38.56 -36.49 -21.47
C GLY A 194 -38.88 -35.00 -21.59
N LEU A 195 -38.75 -34.26 -20.48
CA LEU A 195 -38.89 -32.81 -20.43
C LEU A 195 -37.58 -32.16 -20.93
N ALA A 196 -37.70 -31.05 -21.67
CA ALA A 196 -36.60 -30.31 -22.28
C ALA A 196 -36.70 -28.79 -22.02
N SER A 197 -37.52 -28.40 -21.03
CA SER A 197 -37.82 -27.01 -20.64
C SER A 197 -36.74 -26.44 -19.68
N LEU A 198 -35.53 -27.02 -19.70
CA LEU A 198 -34.41 -26.79 -18.76
C LEU A 198 -33.77 -25.41 -18.88
N LEU A 199 -34.13 -24.64 -19.91
CA LEU A 199 -33.74 -23.25 -20.13
C LEU A 199 -34.60 -22.28 -19.28
N GLY A 200 -35.71 -22.76 -18.72
CA GLY A 200 -36.59 -22.06 -17.79
C GLY A 200 -36.70 -22.84 -16.46
N SER A 201 -37.56 -22.36 -15.56
CA SER A 201 -37.83 -22.95 -14.25
C SER A 201 -38.83 -24.12 -14.38
N SER A 202 -38.74 -25.10 -13.46
CA SER A 202 -39.66 -26.23 -13.34
C SER A 202 -41.00 -25.76 -12.72
N GLY A 203 -42.11 -26.42 -13.08
CA GLY A 203 -43.47 -26.12 -12.62
C GLY A 203 -44.10 -27.28 -11.84
N PRO A 204 -45.32 -27.10 -11.26
CA PRO A 204 -46.08 -28.13 -10.52
C PRO A 204 -46.30 -29.46 -11.26
N PRO A 205 -46.48 -30.59 -10.54
CA PRO A 205 -46.80 -31.90 -11.14
C PRO A 205 -48.28 -32.06 -11.56
N GLY A 206 -49.14 -31.08 -11.24
CA GLY A 206 -50.58 -31.10 -11.40
C GLY A 206 -51.26 -30.67 -10.09
N SER A 207 -52.50 -30.18 -10.17
CA SER A 207 -53.31 -29.67 -9.07
C SER A 207 -54.81 -29.84 -9.33
N SER A 208 -55.21 -30.88 -10.07
CA SER A 208 -56.60 -31.22 -10.42
C SER A 208 -57.49 -31.56 -9.21
N SER A 209 -56.89 -31.87 -8.06
CA SER A 209 -57.50 -32.12 -6.76
C SER A 209 -57.87 -30.81 -6.02
N SER A 210 -57.48 -29.65 -6.55
CA SER A 210 -57.56 -28.29 -5.99
C SER A 210 -56.27 -27.96 -5.21
N SER A 211 -56.00 -26.66 -5.00
CA SER A 211 -54.90 -26.14 -4.20
C SER A 211 -55.41 -24.91 -3.43
N SER A 212 -54.90 -23.71 -3.70
CA SER A 212 -55.30 -22.47 -3.04
C SER A 212 -56.60 -21.92 -3.68
N SER A 213 -57.43 -21.26 -2.87
CA SER A 213 -58.50 -20.37 -3.31
C SER A 213 -57.92 -18.95 -3.52
N ARG A 214 -58.66 -18.06 -4.19
CA ARG A 214 -58.28 -16.68 -4.49
C ARG A 214 -59.52 -15.78 -4.42
N SER A 215 -60.25 -15.89 -3.31
CA SER A 215 -61.54 -15.25 -2.96
C SER A 215 -62.74 -16.04 -3.51
N GLN A 216 -63.79 -16.22 -2.70
CA GLN A 216 -65.02 -16.93 -3.05
C GLN A 216 -66.24 -16.39 -2.28
N SER A 217 -66.06 -15.98 -1.03
CA SER A 217 -67.11 -15.46 -0.13
C SER A 217 -67.34 -13.95 -0.32
N ALA A 218 -66.47 -13.26 -1.07
CA ALA A 218 -66.52 -11.84 -1.37
C ALA A 218 -65.80 -11.59 -2.70
N ALA A 219 -65.95 -10.37 -3.24
CA ALA A 219 -65.34 -9.87 -4.47
C ALA A 219 -64.88 -8.41 -4.30
N VAL A 220 -64.38 -8.09 -3.10
CA VAL A 220 -63.92 -6.78 -2.63
C VAL A 220 -62.56 -6.40 -3.27
N THR A 221 -62.55 -6.20 -4.58
CA THR A 221 -61.40 -5.79 -5.39
C THR A 221 -61.86 -4.73 -6.43
N PRO A 222 -61.86 -3.42 -6.09
CA PRO A 222 -62.27 -2.33 -7.00
C PRO A 222 -61.54 -2.26 -8.35
N SER A 223 -60.25 -2.64 -8.39
CA SER A 223 -59.37 -2.62 -9.55
C SER A 223 -59.75 -3.73 -10.56
N SER A 224 -60.41 -3.36 -11.65
CA SER A 224 -60.87 -4.24 -12.72
C SER A 224 -59.81 -4.45 -13.82
N THR A 225 -58.74 -3.65 -13.83
CA THR A 225 -57.60 -3.76 -14.74
C THR A 225 -56.68 -4.93 -14.31
N THR A 226 -55.90 -5.47 -15.27
CA THR A 226 -54.99 -6.61 -15.09
C THR A 226 -53.53 -6.14 -14.95
N SER A 227 -53.30 -4.87 -14.60
CA SER A 227 -51.98 -4.27 -14.43
C SER A 227 -51.43 -4.66 -13.04
N SER A 228 -50.20 -5.17 -12.99
CA SER A 228 -49.50 -5.64 -11.79
C SER A 228 -48.00 -5.33 -11.86
N THR A 229 -47.58 -4.42 -12.76
CA THR A 229 -46.19 -4.10 -13.09
C THR A 229 -45.57 -3.17 -12.02
N ARG A 230 -45.39 -3.72 -10.80
CA ARG A 230 -44.77 -3.06 -9.65
C ARG A 230 -43.23 -3.21 -9.67
N ALA A 231 -42.66 -3.84 -10.71
CA ALA A 231 -41.23 -4.05 -10.91
C ALA A 231 -40.49 -2.75 -11.30
N THR A 232 -41.18 -1.80 -11.92
CA THR A 232 -40.74 -0.45 -12.24
C THR A 232 -41.98 0.46 -12.20
N PRO A 233 -42.38 1.00 -11.02
CA PRO A 233 -43.58 1.84 -10.90
C PRO A 233 -43.28 3.27 -11.38
N ALA A 234 -43.69 3.58 -12.62
CA ALA A 234 -43.50 4.88 -13.28
C ALA A 234 -44.68 5.13 -14.24
N PRO A 235 -45.78 5.78 -13.79
CA PRO A 235 -47.02 6.02 -14.55
C PRO A 235 -46.86 6.59 -15.98
N SER A 236 -45.92 7.52 -16.19
CA SER A 236 -45.66 8.19 -17.47
C SER A 236 -44.15 8.51 -17.62
N ALA A 237 -43.28 7.65 -17.06
CA ALA A 237 -41.82 7.74 -16.95
C ALA A 237 -41.37 8.64 -15.78
N PRO A 238 -40.18 8.41 -15.16
CA PRO A 238 -39.63 9.27 -14.09
C PRO A 238 -39.58 10.77 -14.45
N ALA A 239 -40.09 11.62 -13.55
CA ALA A 239 -40.36 13.04 -13.79
C ALA A 239 -39.09 13.93 -13.77
N ALA A 240 -37.97 13.43 -13.25
CA ALA A 240 -36.70 14.15 -13.12
C ALA A 240 -35.50 13.30 -13.56
N ALA A 241 -35.59 11.97 -13.44
CA ALA A 241 -34.53 11.01 -13.76
C ALA A 241 -34.67 10.44 -15.18
N SER A 242 -35.68 10.85 -15.95
CA SER A 242 -35.94 10.44 -17.32
C SER A 242 -36.44 11.64 -18.13
N ALA A 243 -37.53 12.28 -17.68
CA ALA A 243 -38.04 13.53 -18.25
C ALA A 243 -37.18 14.69 -17.75
N THR A 244 -36.87 15.64 -18.65
CA THR A 244 -36.19 16.92 -18.44
C THR A 244 -34.67 16.74 -18.24
N SER A 245 -34.28 15.98 -17.21
CA SER A 245 -32.94 15.67 -16.71
C SER A 245 -32.38 16.81 -15.82
N PRO A 246 -31.47 16.53 -14.86
CA PRO A 246 -30.83 17.56 -14.05
C PRO A 246 -29.74 18.32 -14.84
N SER A 247 -28.96 17.60 -15.65
CA SER A 247 -27.87 18.06 -16.49
C SER A 247 -27.59 17.00 -17.58
N PRO A 248 -27.04 17.35 -18.75
CA PRO A 248 -26.75 16.41 -19.86
C PRO A 248 -25.52 15.49 -19.61
N ALA A 249 -25.36 15.01 -18.38
CA ALA A 249 -24.38 14.04 -17.90
C ALA A 249 -25.02 13.31 -16.71
N PRO A 250 -25.94 12.35 -16.94
CA PRO A 250 -26.72 11.72 -15.87
C PRO A 250 -25.87 10.76 -15.02
N SER A 251 -25.41 11.24 -13.87
CA SER A 251 -24.60 10.53 -12.87
C SER A 251 -25.52 9.67 -11.98
N SER A 252 -26.31 8.83 -12.63
CA SER A 252 -27.34 7.95 -12.07
C SER A 252 -27.25 6.59 -12.79
N GLY A 253 -26.02 6.06 -12.92
CA GLY A 253 -25.71 4.79 -13.57
C GLY A 253 -24.74 4.92 -14.75
N ASN A 254 -24.24 6.13 -15.05
CA ASN A 254 -23.30 6.40 -16.15
C ASN A 254 -22.38 7.57 -15.82
N GLY A 255 -22.91 8.79 -15.89
CA GLY A 255 -22.16 10.05 -15.91
C GLY A 255 -22.15 10.55 -17.35
N ALA A 256 -20.97 10.90 -17.87
CA ALA A 256 -20.73 11.16 -19.29
C ALA A 256 -19.30 10.78 -19.67
N SER A 257 -18.32 11.45 -19.06
CA SER A 257 -16.89 11.34 -19.34
C SER A 257 -16.18 10.41 -18.33
N THR A 258 -16.93 9.50 -17.68
CA THR A 258 -16.47 8.63 -16.60
C THR A 258 -15.39 7.64 -17.10
N ALA A 259 -15.70 6.88 -18.17
CA ALA A 259 -14.82 5.97 -18.91
C ALA A 259 -14.44 4.69 -18.14
N ALA A 260 -15.16 4.38 -17.04
CA ALA A 260 -14.93 3.31 -16.06
C ALA A 260 -13.79 3.67 -15.09
N SER A 261 -13.43 2.76 -14.17
CA SER A 261 -12.33 2.90 -13.23
C SER A 261 -11.69 1.55 -12.85
N PRO A 262 -11.02 0.84 -13.79
CA PRO A 262 -10.26 -0.38 -13.48
C PRO A 262 -8.93 -0.05 -12.78
N THR A 263 -8.45 -0.94 -11.91
CA THR A 263 -7.20 -0.82 -11.18
C THR A 263 -6.65 -2.22 -10.87
N GLN A 264 -5.33 -2.35 -10.75
CA GLN A 264 -4.58 -3.56 -10.42
C GLN A 264 -3.54 -3.20 -9.34
N PRO A 265 -3.18 -4.14 -8.43
CA PRO A 265 -2.14 -3.90 -7.41
C PRO A 265 -0.74 -3.93 -8.05
N ILE A 266 -0.02 -2.80 -8.02
CA ILE A 266 1.32 -2.63 -8.59
C ILE A 266 2.33 -3.09 -7.52
N GLN A 267 2.34 -4.41 -7.26
CA GLN A 267 3.10 -5.16 -6.24
C GLN A 267 2.48 -5.07 -4.84
N LEU A 268 1.37 -4.34 -4.71
CA LEU A 268 0.57 -4.09 -3.51
C LEU A 268 -0.32 -5.32 -3.18
N SER A 269 0.29 -6.49 -3.19
CA SER A 269 -0.25 -7.80 -2.86
C SER A 269 0.78 -8.52 -1.98
N ASP A 270 2.06 -8.47 -2.39
CA ASP A 270 3.22 -8.92 -1.60
C ASP A 270 3.63 -7.82 -0.61
N LEU A 271 3.74 -6.57 -1.09
CA LEU A 271 4.20 -5.41 -0.31
C LEU A 271 3.03 -4.80 0.51
N GLN A 272 2.31 -5.66 1.26
CA GLN A 272 1.26 -5.29 2.21
C GLN A 272 1.12 -6.33 3.34
N SER A 273 1.20 -7.63 3.03
CA SER A 273 1.11 -8.72 4.00
C SER A 273 2.39 -8.85 4.86
N ILE A 274 3.52 -8.32 4.35
CA ILE A 274 4.80 -8.18 5.04
C ILE A 274 4.69 -7.21 6.25
N LEU A 275 3.74 -6.27 6.24
CA LEU A 275 3.48 -5.27 7.28
C LEU A 275 2.65 -5.91 8.41
N ALA A 276 3.24 -6.95 9.00
CA ALA A 276 2.81 -7.77 10.13
C ALA A 276 3.96 -8.74 10.49
N THR A 277 4.75 -9.18 9.50
CA THR A 277 5.92 -10.04 9.62
C THR A 277 7.15 -9.23 10.14
N MET A 278 7.16 -7.91 9.92
CA MET A 278 8.13 -6.94 10.41
C MET A 278 7.76 -6.51 11.85
N ASN A 279 8.02 -5.26 12.24
CA ASN A 279 7.75 -4.68 13.56
C ASN A 279 6.89 -3.42 13.41
N VAL A 280 6.06 -3.37 12.35
CA VAL A 280 5.13 -2.31 12.01
C VAL A 280 3.85 -2.94 11.40
N PRO A 281 2.76 -3.14 12.16
CA PRO A 281 1.51 -3.71 11.63
C PRO A 281 0.71 -2.65 10.86
N ALA A 282 0.35 -2.94 9.61
CA ALA A 282 -0.62 -2.14 8.83
C ALA A 282 -2.05 -2.61 9.15
N GLY A 283 -2.22 -3.92 9.32
CA GLY A 283 -3.38 -4.59 9.91
C GLY A 283 -2.89 -5.78 10.73
N PRO A 284 -3.79 -6.66 11.22
CA PRO A 284 -3.43 -7.91 11.92
C PRO A 284 -2.52 -8.86 11.11
N ALA A 285 -2.74 -8.94 9.78
CA ALA A 285 -1.98 -9.74 8.82
C ALA A 285 -1.77 -8.99 7.49
N GLY A 286 -1.79 -7.65 7.54
CA GLY A 286 -1.70 -6.74 6.40
C GLY A 286 -2.95 -5.87 6.29
N GLY A 287 -4.12 -6.45 6.57
CA GLY A 287 -5.43 -5.78 6.60
C GLY A 287 -6.42 -6.37 5.61
N GLN A 288 -7.70 -6.09 5.80
CA GLN A 288 -8.81 -6.46 4.92
C GLN A 288 -9.93 -5.41 5.00
N GLN A 289 -10.76 -5.45 6.06
CA GLN A 289 -11.83 -4.47 6.32
C GLN A 289 -11.33 -3.26 7.13
N VAL A 290 -10.00 -3.07 7.25
CA VAL A 290 -9.30 -1.99 7.95
C VAL A 290 -9.31 -0.70 7.07
N ASP A 291 -10.49 -0.38 6.53
CA ASP A 291 -10.89 0.73 5.66
C ASP A 291 -12.42 0.86 5.74
N LEU A 292 -13.12 -0.28 5.61
CA LEU A 292 -14.57 -0.45 5.67
C LEU A 292 -15.18 -0.22 7.07
N ALA A 293 -14.35 0.10 8.08
CA ALA A 293 -14.76 0.66 9.37
C ALA A 293 -15.46 2.02 9.24
N SER A 294 -15.31 2.71 8.09
CA SER A 294 -16.04 3.91 7.71
C SER A 294 -17.49 3.62 7.26
N VAL A 295 -17.81 2.37 6.90
CA VAL A 295 -19.15 1.88 6.60
C VAL A 295 -19.67 1.19 7.88
N LEU A 296 -18.91 0.21 8.38
CA LEU A 296 -19.17 -0.60 9.57
C LEU A 296 -18.72 0.18 10.81
N THR A 297 -19.34 1.35 11.02
CA THR A 297 -19.04 2.30 12.08
C THR A 297 -19.39 1.74 13.49
N PRO A 298 -18.80 2.27 14.59
CA PRO A 298 -19.07 1.85 15.97
C PRO A 298 -20.55 1.72 16.37
N GLU A 299 -21.43 2.57 15.85
CA GLU A 299 -22.87 2.54 16.12
C GLU A 299 -23.58 1.30 15.54
N ILE A 300 -23.01 0.69 14.48
CA ILE A 300 -23.50 -0.54 13.87
C ILE A 300 -22.85 -1.74 14.60
N MET A 301 -21.55 -1.66 14.92
CA MET A 301 -20.75 -2.79 15.38
C MET A 301 -20.82 -3.01 16.90
N ALA A 302 -20.99 -1.95 17.71
CA ALA A 302 -21.06 -2.00 19.18
C ALA A 302 -21.90 -3.13 19.82
N PRO A 303 -23.18 -3.36 19.44
CA PRO A 303 -23.97 -4.45 20.01
C PRO A 303 -23.59 -5.85 19.46
N ILE A 304 -22.87 -5.93 18.34
CA ILE A 304 -22.38 -7.18 17.74
C ILE A 304 -21.10 -7.59 18.49
N LEU A 305 -20.18 -6.64 18.70
CA LEU A 305 -18.90 -6.82 19.39
C LEU A 305 -19.06 -6.95 20.92
N ALA A 306 -20.23 -6.63 21.48
CA ALA A 306 -20.56 -6.76 22.90
C ALA A 306 -20.89 -8.22 23.30
N ASN A 307 -20.99 -9.14 22.35
CA ASN A 307 -21.20 -10.57 22.57
C ASN A 307 -19.85 -11.21 22.92
N ALA A 308 -19.84 -12.03 23.97
CA ALA A 308 -18.64 -12.67 24.52
C ALA A 308 -18.03 -13.72 23.56
N ASP A 309 -18.84 -14.40 22.74
CA ASP A 309 -18.35 -15.42 21.80
C ASP A 309 -17.65 -14.78 20.58
N VAL A 310 -18.08 -13.57 20.19
CA VAL A 310 -17.41 -12.72 19.21
C VAL A 310 -16.09 -12.21 19.80
N GLN A 311 -16.06 -11.77 21.06
CA GLN A 311 -14.84 -11.35 21.76
C GLN A 311 -13.80 -12.49 21.87
N GLU A 312 -14.25 -13.74 22.14
CA GLU A 312 -13.40 -14.93 22.16
C GLU A 312 -12.89 -15.34 20.75
N ARG A 313 -13.45 -14.82 19.66
CA ARG A 313 -12.89 -14.96 18.31
C ARG A 313 -11.83 -13.87 18.08
N LEU A 314 -12.10 -12.63 18.49
CA LEU A 314 -11.22 -11.47 18.30
C LEU A 314 -9.99 -11.52 19.21
N LEU A 315 -10.16 -11.64 20.54
CA LEU A 315 -9.11 -11.62 21.57
C LEU A 315 -7.82 -12.43 21.29
N PRO A 316 -7.87 -13.72 20.90
CA PRO A 316 -6.66 -14.49 20.60
C PRO A 316 -5.98 -14.15 19.24
N TYR A 317 -6.60 -13.33 18.39
CA TYR A 317 -6.03 -12.92 17.10
C TYR A 317 -5.24 -11.60 17.26
N LEU A 318 -5.21 -10.99 18.46
CA LEU A 318 -4.52 -9.71 18.74
C LEU A 318 -2.99 -9.83 18.60
N PRO A 319 -2.29 -8.80 18.06
CA PRO A 319 -0.82 -8.76 17.94
C PRO A 319 -0.08 -8.36 19.23
N SER A 320 -0.80 -8.09 20.33
CA SER A 320 -0.27 -7.61 21.61
C SER A 320 -1.05 -8.28 22.77
N GLY A 321 -0.81 -7.81 23.99
CA GLY A 321 -1.34 -8.34 25.25
C GLY A 321 -2.36 -7.40 25.90
N GLU A 322 -2.84 -6.39 25.17
CA GLU A 322 -3.98 -5.52 25.49
C GLU A 322 -5.31 -6.27 25.27
N SER A 323 -6.45 -5.58 25.41
CA SER A 323 -7.80 -6.13 25.26
C SER A 323 -8.79 -5.05 24.81
N LEU A 324 -9.81 -5.45 24.04
CA LEU A 324 -10.92 -4.62 23.56
C LEU A 324 -11.91 -4.24 24.69
N PRO A 325 -12.72 -3.17 24.53
CA PRO A 325 -13.86 -2.87 25.41
C PRO A 325 -14.96 -3.95 25.28
N GLN A 326 -15.60 -4.30 26.41
CA GLN A 326 -16.37 -5.54 26.55
C GLN A 326 -17.89 -5.35 26.37
N THR A 327 -18.40 -4.12 26.41
CA THR A 327 -19.83 -3.79 26.42
C THR A 327 -20.11 -2.62 25.47
N ALA A 328 -21.26 -2.64 24.77
CA ALA A 328 -21.64 -1.73 23.67
C ALA A 328 -21.47 -0.24 23.97
N ASP A 329 -21.82 0.17 25.20
CA ASP A 329 -21.70 1.54 25.71
C ASP A 329 -20.24 2.05 25.74
N GLU A 330 -19.28 1.14 25.99
CA GLU A 330 -17.84 1.42 25.96
C GLU A 330 -17.32 1.31 24.52
N ILE A 331 -17.76 0.31 23.73
CA ILE A 331 -17.30 0.06 22.36
C ILE A 331 -17.69 1.22 21.41
N GLN A 332 -18.87 1.83 21.62
CA GLN A 332 -19.36 2.94 20.79
C GLN A 332 -18.69 4.29 21.13
N ASN A 333 -18.19 4.46 22.36
CA ASN A 333 -17.84 5.78 22.92
C ASN A 333 -16.40 5.90 23.44
N THR A 334 -15.72 4.79 23.77
CA THR A 334 -14.52 4.76 24.60
C THR A 334 -13.41 3.94 23.91
N LEU A 335 -13.22 4.17 22.61
CA LEU A 335 -12.05 3.83 21.82
C LEU A 335 -11.79 4.96 20.80
N THR A 336 -10.52 5.17 20.43
CA THR A 336 -10.07 6.26 19.57
C THR A 336 -10.24 5.82 18.10
N SER A 337 -9.31 5.03 17.54
CA SER A 337 -9.39 4.43 16.21
C SER A 337 -8.59 3.12 16.04
N PRO A 338 -7.29 3.01 16.41
CA PRO A 338 -6.47 1.77 16.27
C PRO A 338 -7.09 0.45 16.75
N GLN A 339 -7.70 0.44 17.96
CA GLN A 339 -8.35 -0.73 18.55
C GLN A 339 -9.58 -1.17 17.73
N PHE A 340 -10.33 -0.22 17.16
CA PHE A 340 -11.51 -0.49 16.35
C PHE A 340 -11.09 -0.99 14.94
N GLN A 341 -10.02 -0.42 14.37
CA GLN A 341 -9.42 -0.84 13.10
C GLN A 341 -8.82 -2.26 13.22
N GLN A 342 -8.20 -2.60 14.36
CA GLN A 342 -7.78 -3.97 14.69
C GLN A 342 -8.99 -4.90 14.88
N ALA A 343 -10.02 -4.48 15.62
CA ALA A 343 -11.26 -5.24 15.83
C ALA A 343 -11.93 -5.61 14.50
N LEU A 344 -12.09 -4.64 13.58
CA LEU A 344 -12.61 -4.84 12.23
C LEU A 344 -11.74 -5.79 11.37
N GLY A 345 -10.44 -5.89 11.64
CA GLY A 345 -9.53 -6.73 10.88
C GLY A 345 -9.55 -8.16 11.40
N MET A 346 -9.66 -8.35 12.71
CA MET A 346 -9.81 -9.65 13.36
C MET A 346 -11.22 -10.22 13.13
N PHE A 347 -12.25 -9.36 13.10
CA PHE A 347 -13.65 -9.65 12.75
C PHE A 347 -13.76 -10.16 11.31
N SER A 348 -13.01 -9.56 10.36
CA SER A 348 -13.01 -9.93 8.95
C SER A 348 -12.54 -11.37 8.68
N ALA A 349 -11.69 -11.94 9.56
CA ALA A 349 -11.19 -13.30 9.44
C ALA A 349 -12.28 -14.33 9.83
N ALA A 350 -13.05 -14.04 10.89
CA ALA A 350 -14.19 -14.86 11.33
C ALA A 350 -15.35 -14.77 10.33
N LEU A 351 -15.54 -13.59 9.72
CA LEU A 351 -16.49 -13.32 8.64
C LEU A 351 -16.08 -14.09 7.36
N ALA A 352 -14.79 -14.05 6.97
CA ALA A 352 -14.25 -14.69 5.78
C ALA A 352 -14.30 -16.22 5.87
N SER A 353 -14.00 -16.78 7.04
CA SER A 353 -13.99 -18.22 7.30
C SER A 353 -15.43 -18.78 7.40
N GLY A 354 -16.42 -17.94 7.76
CA GLY A 354 -17.85 -18.28 7.77
C GLY A 354 -18.39 -18.52 9.18
N GLN A 355 -17.51 -18.47 10.18
CA GLN A 355 -17.76 -18.86 11.58
C GLN A 355 -18.58 -17.81 12.33
N LEU A 356 -18.54 -16.54 11.89
CA LEU A 356 -19.31 -15.44 12.45
C LEU A 356 -20.79 -15.56 12.01
N GLY A 357 -21.02 -15.85 10.72
CA GLY A 357 -22.26 -16.20 10.02
C GLY A 357 -23.51 -16.48 10.87
N PRO A 358 -23.60 -17.66 11.53
CA PRO A 358 -24.71 -18.06 12.41
C PRO A 358 -25.18 -17.05 13.48
N LEU A 359 -24.30 -16.18 13.98
CA LEU A 359 -24.62 -15.20 15.02
C LEU A 359 -25.31 -13.97 14.42
N MET A 360 -25.05 -13.65 13.14
CA MET A 360 -25.59 -12.50 12.41
C MET A 360 -27.13 -12.60 12.28
N CYS A 361 -27.64 -13.84 12.21
CA CYS A 361 -29.04 -14.23 12.19
C CYS A 361 -29.74 -13.93 13.52
N GLN A 362 -29.01 -14.00 14.65
CA GLN A 362 -29.52 -13.81 16.00
C GLN A 362 -29.48 -12.33 16.40
N PHE A 363 -28.51 -11.56 15.90
CA PHE A 363 -28.40 -10.12 16.14
C PHE A 363 -29.47 -9.34 15.35
N GLY A 364 -29.77 -9.77 14.12
CA GLY A 364 -30.88 -9.23 13.32
C GLY A 364 -30.39 -8.35 12.16
N LEU A 365 -29.18 -8.58 11.66
CA LEU A 365 -28.55 -7.84 10.57
C LEU A 365 -29.25 -8.12 9.20
N PRO A 366 -29.10 -7.25 8.18
CA PRO A 366 -29.69 -7.42 6.83
C PRO A 366 -29.48 -8.79 6.20
N ALA A 367 -30.51 -9.34 5.53
CA ALA A 367 -30.54 -10.70 4.97
C ALA A 367 -29.39 -10.99 3.99
N GLU A 368 -29.00 -10.00 3.18
CA GLU A 368 -27.89 -10.09 2.23
C GLU A 368 -26.52 -10.07 2.94
N ALA A 369 -26.41 -9.36 4.07
CA ALA A 369 -25.20 -9.31 4.89
C ALA A 369 -25.04 -10.63 5.67
N VAL A 370 -26.14 -11.16 6.21
CA VAL A 370 -26.22 -12.48 6.87
C VAL A 370 -25.85 -13.60 5.89
N GLU A 371 -26.38 -13.55 4.65
CA GLU A 371 -26.05 -14.50 3.57
C GLU A 371 -24.55 -14.44 3.22
N ALA A 372 -24.00 -13.23 3.02
CA ALA A 372 -22.59 -12.96 2.75
C ALA A 372 -21.67 -13.51 3.86
N ALA A 373 -22.04 -13.28 5.13
CA ALA A 373 -21.29 -13.71 6.31
C ALA A 373 -21.31 -15.23 6.54
N ASN A 374 -22.37 -15.92 6.10
CA ASN A 374 -22.48 -17.37 6.16
C ASN A 374 -21.75 -18.05 4.98
N LYS A 375 -21.73 -17.41 3.80
CA LYS A 375 -21.00 -17.88 2.62
C LYS A 375 -19.49 -17.65 2.75
N GLY A 376 -19.09 -16.51 3.33
CA GLY A 376 -17.70 -16.13 3.59
C GLY A 376 -17.25 -14.91 2.77
N ASP A 377 -18.17 -14.13 2.21
CA ASP A 377 -17.87 -12.92 1.44
C ASP A 377 -17.76 -11.72 2.40
N VAL A 378 -16.59 -11.07 2.35
CA VAL A 378 -16.19 -9.97 3.22
C VAL A 378 -16.60 -8.60 2.60
N GLU A 379 -16.81 -8.55 1.28
CA GLU A 379 -17.07 -7.32 0.52
C GLU A 379 -18.59 -7.06 0.49
N ALA A 380 -19.39 -8.10 0.21
CA ALA A 380 -20.85 -8.04 0.12
C ALA A 380 -21.52 -7.76 1.47
N PHE A 381 -20.85 -8.10 2.59
CA PHE A 381 -21.25 -7.77 3.95
C PHE A 381 -21.37 -6.24 4.15
N ALA A 382 -20.30 -5.51 3.82
CA ALA A 382 -20.23 -4.05 3.90
C ALA A 382 -21.12 -3.39 2.83
N LYS A 383 -21.23 -3.99 1.63
CA LYS A 383 -22.08 -3.51 0.55
C LYS A 383 -23.58 -3.54 0.93
N ALA A 384 -24.02 -4.62 1.57
CA ALA A 384 -25.38 -4.78 2.10
C ALA A 384 -25.65 -3.81 3.25
N MET A 385 -24.67 -3.62 4.15
CA MET A 385 -24.76 -2.72 5.30
C MET A 385 -24.80 -1.24 4.86
N GLN A 386 -24.02 -0.86 3.85
CA GLN A 386 -24.00 0.50 3.25
C GLN A 386 -25.35 0.87 2.64
N ASN A 387 -26.01 -0.08 1.96
CA ASN A 387 -27.32 0.11 1.34
C ASN A 387 -28.45 0.19 2.38
N ASN A 388 -28.38 -0.62 3.45
CA ASN A 388 -29.38 -0.69 4.51
C ASN A 388 -29.16 0.36 5.62
N ALA A 389 -28.05 1.11 5.59
CA ALA A 389 -27.78 2.23 6.49
C ALA A 389 -28.63 3.46 6.13
N LYS A 390 -29.06 3.58 4.87
CA LYS A 390 -30.03 4.56 4.38
C LYS A 390 -31.43 3.93 4.53
N PRO A 391 -32.44 4.66 5.05
CA PRO A 391 -33.80 4.13 5.22
C PRO A 391 -34.59 4.09 3.90
N GLU A 392 -34.33 5.05 2.99
CA GLU A 392 -34.89 5.19 1.65
C GLU A 392 -36.35 5.71 1.64
N GLN A 393 -36.84 6.17 2.80
CA GLN A 393 -38.18 6.68 3.06
C GLN A 393 -38.12 7.62 4.29
N LYS A 394 -39.08 8.55 4.41
CA LYS A 394 -39.23 9.48 5.53
C LYS A 394 -40.72 9.61 5.93
N GLU A 395 -41.48 8.52 5.77
CA GLU A 395 -42.90 8.35 6.10
C GLU A 395 -43.16 6.96 6.73
N GLY A 396 -42.13 6.41 7.39
CA GLY A 396 -42.19 5.22 8.24
C GLY A 396 -41.78 5.63 9.67
N ASP A 397 -41.29 4.68 10.47
CA ASP A 397 -40.72 4.91 11.81
C ASP A 397 -39.37 5.66 11.66
N THR A 398 -39.46 6.98 11.45
CA THR A 398 -38.40 7.87 10.99
C THR A 398 -38.42 9.24 11.69
N LYS A 399 -39.44 9.51 12.53
CA LYS A 399 -39.76 10.79 13.13
C LYS A 399 -40.62 10.60 14.38
N ASP A 400 -40.60 11.59 15.28
CA ASP A 400 -41.34 11.67 16.53
C ASP A 400 -41.56 13.16 16.86
N LYS A 401 -42.15 13.45 18.04
CA LYS A 401 -42.44 14.79 18.54
C LYS A 401 -41.11 15.49 18.92
N LYS A 402 -40.73 16.53 18.18
CA LYS A 402 -39.47 17.24 18.31
C LYS A 402 -39.66 18.38 19.33
N ASP A 403 -38.75 18.49 20.32
CA ASP A 403 -38.78 19.47 21.40
C ASP A 403 -38.10 20.76 20.94
N GLU A 404 -38.70 21.44 19.95
CA GLU A 404 -38.23 22.67 19.32
C GLU A 404 -39.36 23.71 19.21
N GLU A 405 -40.31 23.67 20.15
CA GLU A 405 -41.38 24.65 20.33
C GLU A 405 -40.87 25.89 21.08
N GLU A 406 -39.78 25.75 21.86
CA GLU A 406 -39.05 26.76 22.64
C GLU A 406 -39.82 27.21 23.88
N ASP A 407 -41.01 27.76 23.68
CA ASP A 407 -41.95 28.26 24.70
C ASP A 407 -43.39 28.29 24.15
N MET A 408 -43.53 28.66 22.87
CA MET A 408 -44.79 28.84 22.14
C MET A 408 -45.54 27.50 21.96
N SER A 409 -46.87 27.57 21.90
CA SER A 409 -47.76 26.44 21.66
C SER A 409 -48.97 26.90 20.83
N LEU A 410 -50.18 26.85 21.40
CA LEU A 410 -51.41 27.38 20.85
C LEU A 410 -51.48 28.85 21.31
N ASP A 411 -51.03 29.76 20.45
CA ASP A 411 -50.87 31.20 20.69
C ASP A 411 -51.44 31.94 19.48
N MET A 5 35.17 47.27 -6.16
CA MET A 5 36.62 47.06 -5.97
C MET A 5 36.96 46.69 -4.51
N THR A 6 36.29 47.29 -3.51
CA THR A 6 36.42 47.00 -2.08
C THR A 6 37.76 47.54 -1.53
N THR A 7 38.16 48.74 -1.97
CA THR A 7 39.44 49.41 -1.68
C THR A 7 39.45 49.87 -0.22
N SER A 8 40.11 49.11 0.66
CA SER A 8 40.29 49.40 2.10
C SER A 8 41.59 48.81 2.66
N GLY A 9 42.53 48.40 1.79
CA GLY A 9 43.75 47.68 2.10
C GLY A 9 43.78 46.33 1.38
N ALA A 10 44.89 45.59 1.52
CA ALA A 10 45.14 44.32 0.84
C ALA A 10 44.47 43.11 1.54
N LEU A 11 44.03 43.28 2.78
CA LEU A 11 43.35 42.26 3.60
C LEU A 11 41.90 41.99 3.16
N PHE A 12 41.27 42.89 2.38
CA PHE A 12 39.93 42.73 1.82
C PHE A 12 39.93 41.82 0.55
N PRO A 13 40.77 42.02 -0.50
CA PRO A 13 40.98 41.03 -1.58
C PRO A 13 41.81 39.81 -1.11
N SER A 14 42.20 38.97 -2.08
CA SER A 14 42.88 37.65 -1.98
C SER A 14 41.87 36.50 -2.12
N LEU A 15 42.25 35.27 -1.72
CA LEU A 15 41.51 34.01 -1.85
C LEU A 15 40.08 34.06 -1.25
N VAL A 16 39.13 33.46 -1.97
CA VAL A 16 37.78 33.15 -1.53
C VAL A 16 37.52 31.70 -2.02
N PRO A 17 37.54 30.67 -1.14
CA PRO A 17 37.54 29.25 -1.56
C PRO A 17 36.12 28.74 -1.94
N GLY A 18 35.57 29.29 -3.01
CA GLY A 18 34.26 28.96 -3.56
C GLY A 18 33.29 30.12 -3.30
N SER A 19 32.11 29.81 -2.77
CA SER A 19 31.14 30.77 -2.25
C SER A 19 31.61 31.38 -0.92
N ARG A 20 32.26 30.57 -0.07
CA ARG A 20 32.89 30.86 1.23
C ARG A 20 31.85 30.84 2.35
N GLY A 21 32.18 30.20 3.48
CA GLY A 21 31.29 29.95 4.62
C GLY A 21 31.28 28.45 4.93
N ALA A 22 30.13 27.94 5.38
CA ALA A 22 29.93 26.53 5.73
C ALA A 22 29.75 25.67 4.46
N SER A 23 30.27 24.44 4.48
CA SER A 23 30.26 23.50 3.37
C SER A 23 28.92 22.71 3.30
N ASN A 24 28.10 22.77 4.35
CA ASN A 24 26.83 22.05 4.50
C ASN A 24 25.70 22.81 3.77
N LYS A 25 25.84 22.93 2.45
CA LYS A 25 24.80 23.41 1.54
C LYS A 25 23.84 22.25 1.21
N TYR A 26 22.55 22.53 1.14
CA TYR A 26 21.49 21.57 0.83
C TYR A 26 21.28 21.55 -0.70
N LEU A 27 20.96 20.38 -1.25
CA LEU A 27 20.69 20.17 -2.67
C LEU A 27 19.24 20.55 -2.99
N VAL A 28 18.30 20.22 -2.10
CA VAL A 28 16.90 20.68 -2.10
C VAL A 28 16.51 20.95 -0.63
N GLU A 29 15.55 21.85 -0.43
CA GLU A 29 14.92 22.22 0.83
C GLU A 29 13.49 22.67 0.48
N PHE A 30 12.45 22.06 1.08
CA PHE A 30 11.05 22.38 0.85
C PHE A 30 10.18 22.07 2.07
N ARG A 31 9.11 22.85 2.30
CA ARG A 31 8.20 22.71 3.41
C ARG A 31 7.15 21.63 3.07
N ALA A 32 7.17 20.51 3.81
CA ALA A 32 6.29 19.37 3.65
C ALA A 32 6.20 18.58 4.95
N GLY A 33 5.01 18.03 5.23
CA GLY A 33 4.69 17.24 6.41
C GLY A 33 4.45 15.79 5.99
N LYS A 34 4.68 14.85 6.91
CA LYS A 34 4.56 13.42 6.65
C LYS A 34 3.11 12.93 6.87
N MET A 35 2.77 11.80 6.24
CA MET A 35 1.71 10.90 6.67
C MET A 35 2.44 9.67 7.25
N SER A 36 1.99 9.16 8.39
CA SER A 36 2.66 8.10 9.14
C SER A 36 1.65 7.25 9.91
N LEU A 37 2.09 6.06 10.34
CA LEU A 37 1.36 5.16 11.24
C LEU A 37 1.32 5.77 12.66
N LYS A 38 0.17 5.65 13.31
CA LYS A 38 -0.11 6.07 14.68
C LYS A 38 -0.70 4.86 15.44
N GLY A 39 -0.11 3.69 15.20
CA GLY A 39 -0.59 2.38 15.57
C GLY A 39 -0.90 1.63 14.28
N THR A 40 -2.01 0.88 14.24
CA THR A 40 -2.52 0.21 13.04
C THR A 40 -3.13 1.25 12.05
N THR A 41 -3.59 2.40 12.55
CA THR A 41 -4.16 3.51 11.79
C THR A 41 -3.02 4.36 11.19
N VAL A 42 -3.15 4.76 9.92
CA VAL A 42 -2.29 5.74 9.24
C VAL A 42 -3.00 7.11 9.38
N THR A 43 -2.25 8.14 9.75
CA THR A 43 -2.74 9.49 10.05
C THR A 43 -1.85 10.53 9.31
N PRO A 44 -2.42 11.61 8.75
CA PRO A 44 -1.65 12.77 8.25
C PRO A 44 -1.21 13.63 9.44
N ASP A 45 0.08 13.98 9.52
CA ASP A 45 0.64 14.79 10.60
C ASP A 45 0.22 16.27 10.45
N LYS A 46 0.25 17.00 11.56
CA LYS A 46 -0.19 18.38 11.72
C LYS A 46 0.92 19.27 12.30
N ARG A 47 2.08 18.68 12.68
CA ARG A 47 3.32 19.41 12.90
C ARG A 47 3.88 19.91 11.56
N LYS A 48 4.49 21.10 11.57
CA LYS A 48 5.08 21.74 10.40
C LYS A 48 6.46 21.12 10.14
N GLY A 49 6.70 20.64 8.92
CA GLY A 49 7.92 19.94 8.54
C GLY A 49 8.67 20.63 7.41
N LEU A 50 9.97 20.36 7.33
CA LEU A 50 10.87 20.67 6.22
C LEU A 50 11.47 19.34 5.76
N VAL A 51 11.32 19.00 4.49
CA VAL A 51 12.07 17.94 3.81
C VAL A 51 13.29 18.64 3.18
N TYR A 52 14.46 18.00 3.25
CA TYR A 52 15.71 18.51 2.71
C TYR A 52 16.62 17.36 2.27
N ILE A 53 17.52 17.64 1.33
CA ILE A 53 18.46 16.69 0.74
C ILE A 53 19.85 17.34 0.79
N GLN A 54 20.87 16.56 1.12
CA GLN A 54 22.26 16.95 1.32
C GLN A 54 23.16 15.80 0.82
N GLN A 55 24.49 16.00 0.84
CA GLN A 55 25.51 15.03 0.44
C GLN A 55 26.50 14.84 1.60
N THR A 56 26.99 13.62 1.81
CA THR A 56 28.01 13.25 2.79
C THR A 56 29.41 13.60 2.24
N ASP A 57 30.44 13.57 3.11
CA ASP A 57 31.85 13.73 2.75
C ASP A 57 32.42 12.45 2.07
N ASP A 58 31.68 11.33 2.10
CA ASP A 58 31.97 10.12 1.31
C ASP A 58 31.42 10.27 -0.13
N SER A 59 30.55 11.25 -0.37
CA SER A 59 29.99 11.66 -1.66
C SER A 59 28.70 10.89 -2.02
N LEU A 60 28.02 10.33 -1.02
CA LEU A 60 26.69 9.72 -1.14
C LEU A 60 25.65 10.80 -0.80
N ILE A 61 24.46 10.71 -1.38
CA ILE A 61 23.34 11.62 -1.14
C ILE A 61 22.59 11.14 0.11
N HIS A 62 22.03 12.06 0.91
CA HIS A 62 21.19 11.76 2.07
C HIS A 62 19.97 12.67 2.09
N PHE A 63 18.80 12.04 2.24
CA PHE A 63 17.48 12.63 2.33
C PHE A 63 17.13 12.68 3.83
N CYS A 64 16.58 13.79 4.30
CA CYS A 64 16.26 14.02 5.70
C CYS A 64 14.98 14.85 5.85
N TRP A 65 14.31 14.71 7.01
CA TRP A 65 13.12 15.43 7.40
C TRP A 65 13.34 16.00 8.80
N LYS A 66 12.94 17.27 8.96
CA LYS A 66 13.10 18.07 10.16
C LYS A 66 11.76 18.72 10.47
N ASP A 67 11.37 18.69 11.75
CA ASP A 67 10.19 19.34 12.28
C ASP A 67 10.56 20.81 12.55
N ARG A 68 9.66 21.74 12.20
CA ARG A 68 9.81 23.17 12.42
C ARG A 68 9.06 23.62 13.68
N THR A 69 8.31 22.74 14.35
CA THR A 69 7.44 23.07 15.48
C THR A 69 8.28 23.15 16.78
N SER A 70 9.20 22.19 17.01
CA SER A 70 10.22 22.21 18.05
C SER A 70 11.59 22.54 17.44
N GLY A 71 11.88 22.07 16.21
CA GLY A 71 13.09 22.41 15.46
C GLY A 71 14.02 21.21 15.20
N ASN A 72 13.66 20.01 15.65
CA ASN A 72 14.51 18.82 15.64
C ASN A 72 14.47 18.10 14.28
N VAL A 73 15.60 17.51 13.86
CA VAL A 73 15.68 16.54 12.78
C VAL A 73 15.03 15.22 13.27
N GLU A 74 14.15 14.63 12.45
CA GLU A 74 13.25 13.55 12.85
C GLU A 74 13.46 12.29 11.99
N ASP A 75 13.99 12.40 10.77
CA ASP A 75 14.48 11.27 9.96
C ASP A 75 15.65 11.68 9.07
N ASP A 76 16.53 10.73 8.76
CA ASP A 76 17.77 10.88 8.00
C ASP A 76 18.17 9.52 7.43
N LEU A 77 18.23 9.37 6.10
CA LEU A 77 18.61 8.16 5.38
C LEU A 77 19.54 8.53 4.21
N ILE A 78 20.64 7.79 4.07
CA ILE A 78 21.55 7.85 2.93
C ILE A 78 20.88 7.10 1.77
N ILE A 79 20.86 7.71 0.57
CA ILE A 79 20.28 7.17 -0.64
C ILE A 79 21.44 6.96 -1.63
N PHE A 80 21.60 5.75 -2.13
CA PHE A 80 22.53 5.43 -3.22
C PHE A 80 21.81 5.69 -4.57
N PRO A 81 22.53 6.06 -5.65
CA PRO A 81 22.00 6.30 -7.00
C PRO A 81 20.92 5.30 -7.50
N ASP A 82 19.66 5.74 -7.52
CA ASP A 82 18.46 5.05 -8.02
C ASP A 82 17.97 3.93 -7.08
N ASP A 83 18.37 3.96 -5.79
CA ASP A 83 17.93 3.01 -4.76
C ASP A 83 16.52 3.38 -4.24
N CYS A 84 16.10 4.62 -4.46
CA CYS A 84 14.86 5.24 -4.00
C CYS A 84 14.34 6.18 -5.09
N GLU A 85 13.01 6.29 -5.23
CA GLU A 85 12.32 7.08 -6.25
C GLU A 85 11.09 7.78 -5.66
N PHE A 86 10.95 9.07 -5.96
CA PHE A 86 9.92 9.97 -5.49
C PHE A 86 8.86 10.11 -6.61
N LYS A 87 7.57 10.04 -6.28
CA LYS A 87 6.45 10.06 -7.21
C LYS A 87 5.24 10.73 -6.55
N ARG A 88 4.32 11.26 -7.36
CA ARG A 88 3.04 11.82 -6.92
C ARG A 88 2.03 10.68 -6.70
N VAL A 89 1.18 10.80 -5.68
CA VAL A 89 0.08 9.86 -5.41
C VAL A 89 -1.10 10.26 -6.35
N PRO A 90 -1.52 9.40 -7.30
CA PRO A 90 -2.55 9.76 -8.30
C PRO A 90 -3.99 9.81 -7.76
N GLN A 91 -4.25 9.25 -6.57
CA GLN A 91 -5.54 9.30 -5.88
C GLN A 91 -5.77 10.67 -5.18
N CYS A 92 -4.76 11.54 -5.13
CA CYS A 92 -4.83 12.88 -4.55
C CYS A 92 -5.66 13.81 -5.46
N PRO A 93 -6.71 14.50 -4.96
CA PRO A 93 -7.52 15.48 -5.72
C PRO A 93 -6.70 16.60 -6.38
N SER A 94 -5.79 17.24 -5.62
CA SER A 94 -4.97 18.37 -6.05
C SER A 94 -3.69 17.91 -6.76
N GLY A 95 -2.99 16.94 -6.17
CA GLY A 95 -1.70 16.41 -6.61
C GLY A 95 -0.56 16.71 -5.64
N ARG A 96 -0.86 17.34 -4.48
CA ARG A 96 0.13 17.85 -3.52
C ARG A 96 0.61 16.79 -2.51
N VAL A 97 0.09 15.56 -2.56
CA VAL A 97 0.54 14.42 -1.77
C VAL A 97 1.46 13.56 -2.67
N TYR A 98 2.62 13.19 -2.13
CA TYR A 98 3.72 12.50 -2.80
C TYR A 98 4.16 11.30 -1.96
N VAL A 99 4.83 10.33 -2.60
CA VAL A 99 5.34 9.10 -2.03
C VAL A 99 6.79 8.91 -2.49
N LEU A 100 7.65 8.47 -1.57
CA LEU A 100 9.06 8.15 -1.77
C LEU A 100 9.22 6.65 -1.46
N LYS A 101 9.41 5.83 -2.50
CA LYS A 101 9.49 4.37 -2.44
C LYS A 101 10.94 3.93 -2.62
N PHE A 102 11.47 3.18 -1.65
CA PHE A 102 12.77 2.51 -1.70
C PHE A 102 12.58 1.19 -2.47
N LYS A 103 13.42 0.95 -3.48
CA LYS A 103 13.27 -0.16 -4.42
C LYS A 103 13.85 -1.47 -3.84
N ALA A 104 14.81 -1.37 -2.92
CA ALA A 104 15.26 -2.45 -2.06
C ALA A 104 14.57 -2.27 -0.70
N GLY A 105 13.78 -3.26 -0.28
CA GLY A 105 13.17 -3.34 1.06
C GLY A 105 11.66 -3.09 1.02
N SER A 106 11.21 -2.19 0.13
CA SER A 106 9.84 -1.78 -0.16
C SER A 106 9.32 -0.64 0.73
N LYS A 107 10.20 -0.01 1.52
CA LYS A 107 9.91 1.10 2.44
C LYS A 107 9.32 2.29 1.66
N ARG A 108 8.21 2.84 2.15
CA ARG A 108 7.41 3.87 1.50
C ARG A 108 7.10 4.97 2.53
N LEU A 109 7.70 6.15 2.34
CA LEU A 109 7.40 7.37 3.09
C LEU A 109 6.42 8.18 2.23
N PHE A 110 5.37 8.71 2.85
CA PHE A 110 4.34 9.54 2.24
C PHE A 110 4.43 10.94 2.84
N PHE A 111 4.37 11.97 1.99
CA PHE A 111 4.51 13.38 2.34
C PHE A 111 3.42 14.22 1.68
N TRP A 112 3.06 15.35 2.28
CA TRP A 112 2.13 16.35 1.76
C TRP A 112 2.81 17.73 1.78
N MET A 113 2.72 18.45 0.66
CA MET A 113 3.35 19.76 0.45
C MET A 113 2.64 20.86 1.25
N GLN A 114 3.42 21.69 1.98
CA GLN A 114 2.94 22.87 2.69
C GLN A 114 3.18 24.14 1.86
N GLU A 115 3.92 24.06 0.74
CA GLU A 115 4.27 25.19 -0.13
C GLU A 115 3.01 25.73 -0.84
N PRO A 116 2.76 27.06 -0.85
CA PRO A 116 1.54 27.65 -1.43
C PRO A 116 1.56 27.73 -2.97
N LYS A 117 2.71 28.05 -3.57
CA LYS A 117 2.88 28.20 -5.01
C LYS A 117 3.19 26.83 -5.63
N THR A 118 2.35 26.40 -6.58
CA THR A 118 2.49 25.18 -7.35
C THR A 118 3.74 25.20 -8.25
N ASP A 119 4.15 26.39 -8.73
CA ASP A 119 5.34 26.66 -9.52
C ASP A 119 6.62 26.25 -8.79
N GLN A 120 6.65 26.40 -7.46
CA GLN A 120 7.74 25.98 -6.59
C GLN A 120 7.62 24.47 -6.30
N ASP A 121 6.41 23.99 -5.93
CA ASP A 121 6.10 22.58 -5.63
C ASP A 121 6.51 21.62 -6.77
N GLU A 122 6.16 21.95 -8.02
CA GLU A 122 6.48 21.17 -9.21
C GLU A 122 8.00 21.15 -9.50
N GLU A 123 8.69 22.28 -9.30
CA GLU A 123 10.13 22.41 -9.50
C GLU A 123 10.93 21.66 -8.42
N HIS A 124 10.48 21.71 -7.15
CA HIS A 124 11.07 21.00 -6.02
C HIS A 124 11.03 19.49 -6.25
N CYS A 125 9.84 18.94 -6.51
CA CYS A 125 9.61 17.50 -6.68
C CYS A 125 10.28 16.91 -7.93
N ARG A 126 10.61 17.74 -8.92
CA ARG A 126 11.42 17.37 -10.09
C ARG A 126 12.88 17.19 -9.62
N LYS A 127 13.46 18.21 -8.98
CA LYS A 127 14.84 18.23 -8.49
C LYS A 127 15.14 17.11 -7.48
N VAL A 128 14.21 16.86 -6.54
CA VAL A 128 14.22 15.78 -5.55
C VAL A 128 14.58 14.42 -6.19
N ASN A 129 13.76 13.95 -7.14
CA ASN A 129 13.91 12.64 -7.76
C ASN A 129 15.22 12.56 -8.57
N GLU A 130 15.58 13.62 -9.31
CA GLU A 130 16.79 13.70 -10.12
C GLU A 130 18.07 13.58 -9.29
N TYR A 131 18.13 14.15 -8.08
CA TYR A 131 19.26 13.98 -7.17
C TYR A 131 19.37 12.56 -6.59
N LEU A 132 18.24 11.84 -6.43
CA LEU A 132 18.25 10.46 -5.94
C LEU A 132 18.53 9.46 -7.08
N ASN A 133 18.04 9.70 -8.30
CA ASN A 133 18.30 8.81 -9.45
C ASN A 133 19.68 9.03 -10.08
N ASN A 134 20.31 10.20 -9.91
CA ASN A 134 21.59 10.58 -10.51
C ASN A 134 22.40 11.48 -9.56
N PRO A 135 23.63 11.12 -9.16
CA PRO A 135 24.49 11.97 -8.32
C PRO A 135 25.16 13.09 -9.15
N PRO A 136 25.73 14.14 -8.52
CA PRO A 136 26.50 15.24 -9.17
C PRO A 136 27.54 14.80 -10.21
N MET A 137 28.31 13.74 -9.92
CA MET A 137 29.19 13.03 -10.84
C MET A 137 28.89 11.52 -10.65
N PRO A 138 28.70 10.72 -11.72
CA PRO A 138 28.50 9.25 -11.65
C PRO A 138 29.49 8.49 -10.76
N GLY A 139 28.98 7.55 -9.96
CA GLY A 139 29.74 6.67 -9.07
C GLY A 139 29.45 5.21 -9.42
N ALA A 140 29.29 4.35 -8.40
CA ALA A 140 28.92 2.95 -8.54
C ALA A 140 27.40 2.86 -8.81
N LEU A 141 27.03 2.94 -10.09
CA LEU A 141 25.66 3.02 -10.61
C LEU A 141 25.06 1.61 -10.85
N GLY A 142 25.82 0.55 -10.56
CA GLY A 142 25.44 -0.86 -10.76
C GLY A 142 26.47 -1.60 -11.62
N ALA A 143 27.76 -1.42 -11.32
CA ALA A 143 28.88 -2.08 -11.98
C ALA A 143 29.15 -3.45 -11.33
N SER A 144 29.68 -4.40 -12.11
CA SER A 144 30.08 -5.73 -11.69
C SER A 144 31.24 -6.24 -12.59
N GLY A 145 31.93 -7.30 -12.16
CA GLY A 145 32.99 -7.98 -12.92
C GLY A 145 34.35 -7.98 -12.21
N SER A 146 34.47 -7.26 -11.08
CA SER A 146 35.68 -7.16 -10.25
C SER A 146 35.24 -6.97 -8.79
N SER A 147 36.08 -7.44 -7.85
CA SER A 147 36.04 -7.22 -6.40
C SER A 147 34.87 -7.93 -5.67
N GLY A 148 34.28 -8.95 -6.28
CA GLY A 148 33.22 -9.80 -5.75
C GLY A 148 33.62 -11.27 -5.80
N HIS A 149 32.99 -12.09 -4.96
CA HIS A 149 33.17 -13.55 -4.87
C HIS A 149 31.81 -14.21 -4.55
N GLU A 150 30.79 -13.85 -5.34
CA GLU A 150 29.40 -14.31 -5.19
C GLU A 150 29.26 -15.75 -5.72
N LEU A 151 28.42 -16.55 -5.04
CA LEU A 151 28.03 -17.92 -5.38
C LEU A 151 29.16 -18.92 -5.06
N SER A 152 29.59 -18.95 -3.80
CA SER A 152 30.63 -19.84 -3.28
C SER A 152 30.14 -20.60 -2.03
N ALA A 153 29.21 -20.01 -1.26
CA ALA A 153 28.51 -20.62 -0.13
C ALA A 153 27.20 -19.85 0.07
N LEU A 154 26.13 -20.56 0.45
CA LEU A 154 24.76 -20.03 0.64
C LEU A 154 24.17 -20.45 2.01
N GLY A 155 25.02 -20.94 2.93
CA GLY A 155 24.68 -21.37 4.28
C GLY A 155 25.05 -22.83 4.54
N GLY A 156 25.11 -23.65 3.48
CA GLY A 156 25.60 -25.04 3.49
C GLY A 156 24.51 -26.07 3.18
N GLU A 157 23.23 -25.65 3.18
CA GLU A 157 22.01 -26.40 2.86
C GLU A 157 21.56 -27.35 3.97
N GLY A 158 22.50 -28.13 4.51
CA GLY A 158 22.29 -29.19 5.48
C GLY A 158 22.78 -30.51 4.85
N GLY A 159 21.85 -31.36 4.46
CA GLY A 159 22.06 -32.58 3.67
C GLY A 159 21.29 -32.48 2.35
N LEU A 160 21.84 -33.06 1.28
CA LEU A 160 21.26 -33.00 -0.08
C LEU A 160 20.06 -33.95 -0.20
N GLN A 161 20.10 -35.10 0.48
CA GLN A 161 19.01 -36.06 0.61
C GLN A 161 18.20 -35.74 1.89
N SER A 162 16.89 -35.97 1.85
CA SER A 162 15.97 -35.89 2.99
C SER A 162 14.74 -36.76 2.70
N LEU A 163 13.74 -36.19 1.99
CA LEU A 163 12.47 -36.78 1.55
C LEU A 163 11.41 -36.81 2.66
N LEU A 164 10.14 -36.65 2.28
CA LEU A 164 8.99 -36.64 3.19
C LEU A 164 8.54 -38.09 3.52
N GLY A 165 8.77 -39.03 2.60
CA GLY A 165 8.23 -40.38 2.61
C GLY A 165 7.34 -40.53 1.37
N ASN A 166 6.05 -40.77 1.57
CA ASN A 166 5.03 -40.76 0.52
C ASN A 166 4.74 -39.32 0.10
N MET A 167 4.72 -39.05 -1.21
CA MET A 167 4.58 -37.71 -1.81
C MET A 167 3.79 -37.71 -3.14
N SER A 168 2.91 -38.71 -3.33
CA SER A 168 2.10 -38.89 -4.54
C SER A 168 1.08 -37.74 -4.72
N HIS A 169 0.98 -37.22 -5.97
CA HIS A 169 0.11 -36.11 -6.38
C HIS A 169 -0.36 -36.32 -7.83
N SER A 170 -0.56 -37.57 -8.23
CA SER A 170 -0.95 -38.03 -9.57
C SER A 170 0.27 -37.92 -10.53
N GLN A 171 0.04 -37.57 -11.82
CA GLN A 171 1.00 -37.40 -12.89
C GLN A 171 1.27 -38.77 -13.55
N LEU A 172 0.43 -39.14 -14.52
CA LEU A 172 0.50 -40.38 -15.29
C LEU A 172 1.38 -40.14 -16.53
N MET A 173 2.03 -41.20 -17.03
CA MET A 173 2.89 -41.18 -18.22
C MET A 173 2.10 -41.07 -19.54
N GLN A 174 0.81 -41.43 -19.52
CA GLN A 174 -0.17 -41.44 -20.61
C GLN A 174 -0.05 -42.69 -21.50
N LEU A 175 -1.14 -43.07 -22.14
CA LEU A 175 -1.23 -44.21 -23.06
C LEU A 175 -0.98 -43.73 -24.51
N ILE A 176 -0.54 -44.65 -25.36
CA ILE A 176 -0.31 -44.52 -26.80
C ILE A 176 1.05 -43.84 -27.05
N GLY A 177 1.06 -42.54 -27.33
CA GLY A 177 2.23 -41.71 -27.61
C GLY A 177 2.18 -41.27 -29.08
N PRO A 178 1.55 -40.12 -29.42
CA PRO A 178 1.41 -39.66 -30.82
C PRO A 178 2.68 -39.01 -31.38
N ALA A 179 3.59 -38.52 -30.51
CA ALA A 179 4.87 -37.91 -30.82
C ALA A 179 5.84 -38.13 -29.66
N GLY A 180 7.12 -37.87 -29.89
CA GLY A 180 8.20 -37.91 -28.90
C GLY A 180 8.81 -36.51 -28.84
N LEU A 181 9.72 -36.22 -29.78
CA LEU A 181 10.24 -34.88 -30.07
C LEU A 181 9.19 -34.08 -30.88
N GLY A 182 9.27 -32.74 -30.82
CA GLY A 182 8.34 -31.82 -31.47
C GLY A 182 7.68 -30.95 -30.40
N GLY A 183 6.38 -31.14 -30.18
CA GLY A 183 5.52 -30.34 -29.32
C GLY A 183 4.26 -29.90 -30.07
N LEU A 184 3.57 -28.89 -29.55
CA LEU A 184 2.28 -28.41 -30.08
C LEU A 184 2.46 -27.54 -31.34
N GLY A 185 3.56 -26.79 -31.41
CA GLY A 185 3.88 -25.85 -32.50
C GLY A 185 3.86 -24.43 -31.93
N GLY A 186 3.00 -23.58 -32.49
CA GLY A 186 2.79 -22.18 -32.10
C GLY A 186 3.01 -21.26 -33.30
N LEU A 187 2.07 -20.34 -33.53
CA LEU A 187 2.08 -19.32 -34.57
C LEU A 187 1.24 -18.14 -34.06
N GLY A 188 1.71 -16.91 -34.26
CA GLY A 188 1.02 -15.68 -33.85
C GLY A 188 1.72 -14.93 -32.70
N ALA A 189 2.82 -15.48 -32.19
CA ALA A 189 3.63 -14.97 -31.10
C ALA A 189 5.12 -15.21 -31.41
N LEU A 190 5.85 -15.83 -30.47
CA LEU A 190 7.28 -16.13 -30.43
C LEU A 190 8.06 -14.97 -29.79
N THR A 191 8.97 -15.28 -28.88
CA THR A 191 9.77 -14.32 -28.10
C THR A 191 10.92 -13.81 -28.99
N GLY A 192 10.64 -12.76 -29.79
CA GLY A 192 11.56 -12.08 -30.70
C GLY A 192 11.71 -10.60 -30.33
N PRO A 193 12.46 -9.80 -31.12
CA PRO A 193 12.72 -8.38 -30.82
C PRO A 193 11.48 -7.49 -31.06
N GLY A 194 10.98 -7.40 -32.30
CA GLY A 194 9.78 -6.65 -32.67
C GLY A 194 10.09 -5.29 -33.29
N LEU A 195 11.38 -4.99 -33.53
CA LEU A 195 11.92 -3.68 -33.90
C LEU A 195 11.74 -3.42 -35.41
N ALA A 196 10.50 -3.24 -35.83
CA ALA A 196 10.06 -2.85 -37.17
C ALA A 196 8.90 -1.88 -37.03
N SER A 197 9.21 -0.57 -36.95
CA SER A 197 8.27 0.52 -36.67
C SER A 197 7.30 0.79 -37.85
N LEU A 198 7.73 0.52 -39.09
CA LEU A 198 6.97 0.48 -40.34
C LEU A 198 6.57 1.89 -40.85
N LEU A 199 5.68 2.55 -40.10
CA LEU A 199 5.00 3.79 -40.49
C LEU A 199 5.83 5.04 -40.10
N GLY A 200 6.77 4.89 -39.18
CA GLY A 200 7.75 5.90 -38.77
C GLY A 200 9.16 5.32 -38.94
N SER A 201 10.14 6.17 -39.23
CA SER A 201 11.55 5.82 -39.42
C SER A 201 12.49 6.87 -38.79
N SER A 202 12.18 8.16 -38.97
CA SER A 202 12.93 9.30 -38.48
C SER A 202 12.01 10.52 -38.30
N GLY A 203 12.48 11.52 -37.55
CA GLY A 203 11.86 12.84 -37.37
C GLY A 203 12.85 13.89 -37.87
N PRO A 204 13.86 14.30 -37.06
CA PRO A 204 15.01 15.12 -37.49
C PRO A 204 15.75 14.58 -38.76
N PRO A 205 16.38 15.46 -39.56
CA PRO A 205 17.11 15.05 -40.78
C PRO A 205 18.45 14.35 -40.45
N GLY A 206 19.02 13.66 -41.45
CA GLY A 206 20.22 12.84 -41.34
C GLY A 206 19.91 11.44 -41.88
N SER A 207 19.61 11.36 -43.19
CA SER A 207 19.27 10.15 -43.91
C SER A 207 20.55 9.32 -44.22
N SER A 208 20.38 8.03 -44.55
CA SER A 208 21.43 7.05 -44.83
C SER A 208 21.99 7.19 -46.27
N SER A 209 22.15 8.42 -46.77
CA SER A 209 22.71 8.79 -48.06
C SER A 209 23.30 10.22 -47.97
N SER A 210 24.19 10.58 -48.90
CA SER A 210 24.80 11.89 -49.04
C SER A 210 25.05 12.15 -50.54
N SER A 211 25.09 13.43 -50.94
CA SER A 211 25.23 13.96 -52.30
C SER A 211 23.90 13.86 -53.09
N SER A 212 23.86 14.43 -54.30
CA SER A 212 22.73 14.36 -55.24
C SER A 212 22.61 12.94 -55.83
N SER A 213 21.38 12.44 -55.97
CA SER A 213 21.03 11.14 -56.52
C SER A 213 19.61 11.23 -57.08
N ARG A 214 19.32 10.47 -58.14
CA ARG A 214 18.01 10.33 -58.75
C ARG A 214 17.22 9.25 -57.98
N SER A 215 15.93 9.51 -57.71
CA SER A 215 15.03 8.61 -56.96
C SER A 215 14.29 7.62 -57.88
N GLN A 216 14.40 7.81 -59.20
CA GLN A 216 13.82 7.04 -60.32
C GLN A 216 12.36 7.44 -60.59
N SER A 217 12.04 7.68 -61.87
CA SER A 217 10.72 8.03 -62.38
C SER A 217 9.90 6.74 -62.59
N ALA A 218 9.32 6.21 -61.51
CA ALA A 218 8.49 5.00 -61.49
C ALA A 218 7.10 5.30 -62.07
N ALA A 219 6.48 4.29 -62.70
CA ALA A 219 5.14 4.38 -63.30
C ALA A 219 4.03 4.36 -62.22
N VAL A 220 4.29 3.68 -61.10
CA VAL A 220 3.44 3.67 -59.91
C VAL A 220 3.61 5.02 -59.18
N THR A 221 2.56 5.85 -59.21
CA THR A 221 2.50 7.15 -58.54
C THR A 221 2.33 7.04 -56.99
N PRO A 222 1.50 6.13 -56.41
CA PRO A 222 1.41 5.92 -54.95
C PRO A 222 2.76 5.75 -54.24
N SER A 223 3.06 6.62 -53.27
CA SER A 223 4.36 6.77 -52.62
C SER A 223 4.27 6.72 -51.08
N SER A 224 3.09 6.42 -50.52
CA SER A 224 2.80 6.23 -49.10
C SER A 224 2.90 7.55 -48.29
N THR A 225 2.36 8.64 -48.85
CA THR A 225 2.33 9.99 -48.28
C THR A 225 1.57 10.02 -46.93
N THR A 226 2.05 10.85 -45.98
CA THR A 226 1.52 11.02 -44.64
C THR A 226 0.22 11.86 -44.69
N SER A 227 -0.93 11.18 -44.73
CA SER A 227 -2.27 11.75 -44.77
C SER A 227 -3.27 10.84 -44.01
N SER A 228 -2.77 10.06 -43.05
CA SER A 228 -3.50 9.03 -42.31
C SER A 228 -4.43 9.68 -41.26
N THR A 229 -5.65 9.17 -41.15
CA THR A 229 -6.68 9.57 -40.19
C THR A 229 -7.34 8.29 -39.63
N ARG A 230 -8.11 7.61 -40.48
CA ARG A 230 -8.70 6.28 -40.30
C ARG A 230 -8.83 5.64 -41.70
N ALA A 231 -9.55 4.52 -41.81
CA ALA A 231 -9.73 3.72 -43.03
C ALA A 231 -11.19 3.74 -43.53
N THR A 232 -12.00 4.71 -43.08
CA THR A 232 -13.39 4.89 -43.47
C THR A 232 -13.76 6.40 -43.52
N PRO A 233 -13.19 7.21 -44.44
CA PRO A 233 -13.51 8.64 -44.55
C PRO A 233 -14.88 8.89 -45.21
N ALA A 234 -15.27 8.03 -46.16
CA ALA A 234 -16.58 7.95 -46.82
C ALA A 234 -16.76 6.50 -47.32
N PRO A 235 -18.01 5.99 -47.48
CA PRO A 235 -18.30 4.66 -48.05
C PRO A 235 -17.62 4.43 -49.42
N SER A 236 -16.66 3.49 -49.45
CA SER A 236 -15.88 3.08 -50.61
C SER A 236 -15.47 1.60 -50.46
N ALA A 237 -14.90 1.25 -49.31
CA ALA A 237 -14.55 -0.13 -48.92
C ALA A 237 -15.80 -0.86 -48.40
N PRO A 238 -15.86 -2.21 -48.48
CA PRO A 238 -16.98 -3.02 -47.97
C PRO A 238 -16.94 -3.18 -46.42
N ALA A 239 -17.01 -2.06 -45.69
CA ALA A 239 -17.01 -1.94 -44.24
C ALA A 239 -17.77 -0.67 -43.85
N ALA A 240 -18.32 -0.64 -42.62
CA ALA A 240 -19.09 0.48 -42.07
C ALA A 240 -18.76 0.80 -40.61
N ALA A 241 -18.01 -0.08 -39.91
CA ALA A 241 -17.49 0.07 -38.54
C ALA A 241 -18.57 -0.07 -37.44
N SER A 242 -19.74 -0.63 -37.79
CA SER A 242 -20.92 -0.75 -36.94
C SER A 242 -20.70 -1.84 -35.86
N ALA A 243 -20.89 -1.47 -34.59
CA ALA A 243 -20.67 -2.31 -33.41
C ALA A 243 -21.67 -2.03 -32.27
N THR A 244 -22.82 -1.42 -32.58
CA THR A 244 -23.85 -0.99 -31.62
C THR A 244 -25.27 -1.47 -32.03
N SER A 245 -25.36 -2.47 -32.91
CA SER A 245 -26.60 -3.19 -33.21
C SER A 245 -27.06 -4.09 -32.03
N PRO A 246 -26.18 -4.84 -31.29
CA PRO A 246 -26.60 -5.66 -30.13
C PRO A 246 -27.28 -4.87 -28.99
N SER A 247 -26.73 -3.70 -28.64
CA SER A 247 -27.17 -2.83 -27.56
C SER A 247 -28.34 -1.91 -27.99
N PRO A 248 -29.21 -1.48 -27.05
CA PRO A 248 -30.33 -0.57 -27.35
C PRO A 248 -29.87 0.89 -27.50
N ALA A 249 -28.93 1.33 -26.63
CA ALA A 249 -28.29 2.64 -26.68
C ALA A 249 -27.04 2.56 -27.59
N PRO A 250 -26.59 3.68 -28.21
CA PRO A 250 -25.41 3.71 -29.08
C PRO A 250 -24.09 3.71 -28.26
N SER A 251 -23.82 2.60 -27.56
CA SER A 251 -22.63 2.34 -26.76
C SER A 251 -22.36 0.82 -26.70
N SER A 252 -21.14 0.44 -26.31
CA SER A 252 -20.68 -0.96 -26.21
C SER A 252 -19.81 -1.19 -24.96
N GLY A 253 -19.85 -0.27 -23.99
CA GLY A 253 -19.04 -0.25 -22.78
C GLY A 253 -18.14 0.99 -22.79
N ASN A 254 -18.17 1.80 -21.72
CA ASN A 254 -17.44 3.06 -21.63
C ASN A 254 -15.98 2.85 -21.17
N GLY A 255 -15.70 1.74 -20.48
CA GLY A 255 -14.37 1.32 -20.05
C GLY A 255 -14.08 -0.07 -20.60
N ALA A 256 -13.02 -0.21 -21.40
CA ALA A 256 -12.57 -1.46 -22.01
C ALA A 256 -11.03 -1.58 -22.11
N SER A 257 -10.30 -0.62 -21.54
CA SER A 257 -8.84 -0.54 -21.52
C SER A 257 -8.44 0.28 -20.27
N THR A 258 -8.86 -0.21 -19.10
CA THR A 258 -8.65 0.43 -17.80
C THR A 258 -7.20 0.24 -17.31
N ALA A 259 -6.70 1.21 -16.53
CA ALA A 259 -5.37 1.33 -15.93
C ALA A 259 -4.33 1.94 -16.89
N ALA A 260 -3.54 2.89 -16.39
CA ALA A 260 -2.48 3.60 -17.10
C ALA A 260 -1.34 3.99 -16.15
N SER A 261 -1.12 3.21 -15.09
CA SER A 261 -0.16 3.46 -14.01
C SER A 261 0.31 2.12 -13.43
N PRO A 262 1.58 1.99 -12.95
CA PRO A 262 2.04 0.81 -12.22
C PRO A 262 1.48 0.84 -10.77
N THR A 263 0.27 0.27 -10.59
CA THR A 263 -0.49 0.27 -9.34
C THR A 263 -1.22 -1.08 -9.15
N GLN A 264 -0.78 -2.11 -9.90
CA GLN A 264 -1.37 -3.44 -9.94
C GLN A 264 -0.73 -4.34 -8.85
N PRO A 265 -1.44 -5.38 -8.35
CA PRO A 265 -0.98 -6.28 -7.28
C PRO A 265 0.10 -7.30 -7.70
N ILE A 266 1.03 -6.91 -8.59
CA ILE A 266 2.14 -7.73 -9.08
C ILE A 266 3.23 -7.73 -7.98
N GLN A 267 3.69 -6.53 -7.58
CA GLN A 267 4.55 -6.32 -6.41
C GLN A 267 3.68 -6.09 -5.16
N LEU A 268 2.62 -5.29 -5.32
CA LEU A 268 1.79 -4.70 -4.27
C LEU A 268 0.74 -5.71 -3.74
N SER A 269 1.22 -6.90 -3.39
CA SER A 269 0.48 -8.01 -2.79
C SER A 269 1.38 -8.75 -1.80
N ASP A 270 2.63 -9.06 -2.21
CA ASP A 270 3.62 -9.73 -1.36
C ASP A 270 4.26 -8.70 -0.41
N LEU A 271 4.75 -7.57 -0.95
CA LEU A 271 5.55 -6.58 -0.22
C LEU A 271 4.77 -5.94 0.95
N GLN A 272 3.49 -5.60 0.71
CA GLN A 272 2.56 -5.05 1.70
C GLN A 272 2.22 -6.05 2.82
N SER A 273 2.33 -7.36 2.56
CA SER A 273 2.11 -8.41 3.54
C SER A 273 3.41 -8.65 4.34
N ILE A 274 4.59 -8.59 3.69
CA ILE A 274 5.91 -8.74 4.30
C ILE A 274 6.15 -7.65 5.36
N LEU A 275 5.96 -6.36 5.03
CA LEU A 275 6.13 -5.25 5.99
C LEU A 275 5.15 -5.31 7.17
N ALA A 276 3.95 -5.87 6.95
CA ALA A 276 2.92 -6.06 7.98
C ALA A 276 3.20 -7.29 8.86
N THR A 277 4.11 -8.18 8.45
CA THR A 277 4.60 -9.30 9.25
C THR A 277 5.88 -8.86 10.00
N MET A 278 6.72 -8.02 9.38
CA MET A 278 7.99 -7.51 9.89
C MET A 278 7.79 -6.46 11.00
N ASN A 279 6.73 -5.64 10.90
CA ASN A 279 6.39 -4.55 11.81
C ASN A 279 4.96 -4.78 12.35
N VAL A 280 4.21 -3.70 12.61
CA VAL A 280 2.81 -3.67 13.07
C VAL A 280 1.88 -4.43 12.08
N PRO A 281 0.84 -5.16 12.54
CA PRO A 281 -0.10 -5.85 11.65
C PRO A 281 -1.03 -4.87 10.91
N ALA A 282 -0.51 -4.24 9.85
CA ALA A 282 -1.18 -3.33 8.93
C ALA A 282 -1.93 -4.10 7.81
N GLY A 283 -1.99 -5.43 7.91
CA GLY A 283 -2.75 -6.32 7.05
C GLY A 283 -1.90 -7.37 6.33
N PRO A 284 -1.36 -8.41 7.03
CA PRO A 284 -0.81 -9.61 6.39
C PRO A 284 -1.89 -10.28 5.50
N ALA A 285 -1.57 -10.52 4.22
CA ALA A 285 -2.43 -11.07 3.17
C ALA A 285 -3.48 -10.08 2.62
N GLY A 286 -3.38 -8.79 2.99
CA GLY A 286 -4.33 -7.73 2.63
C GLY A 286 -4.89 -7.04 3.88
N GLY A 287 -5.26 -5.77 3.76
CA GLY A 287 -5.68 -4.91 4.87
C GLY A 287 -7.13 -4.49 4.72
N GLN A 288 -8.06 -5.36 5.14
CA GLN A 288 -9.51 -5.10 5.17
C GLN A 288 -9.86 -4.22 6.40
N GLN A 289 -9.06 -4.35 7.46
CA GLN A 289 -9.01 -3.61 8.73
C GLN A 289 -9.07 -2.07 8.62
N VAL A 290 -8.65 -1.51 7.48
CA VAL A 290 -8.54 -0.07 7.23
C VAL A 290 -9.53 0.40 6.15
N ASP A 291 -10.43 -0.48 5.68
CA ASP A 291 -11.48 -0.15 4.70
C ASP A 291 -12.85 -0.06 5.39
N LEU A 292 -13.24 -1.10 6.15
CA LEU A 292 -14.59 -1.24 6.70
C LEU A 292 -14.87 -0.30 7.88
N ALA A 293 -13.83 0.17 8.59
CA ALA A 293 -13.93 1.02 9.78
C ALA A 293 -14.57 2.40 9.50
N SER A 294 -14.51 2.88 8.24
CA SER A 294 -15.12 4.12 7.79
C SER A 294 -16.58 3.91 7.30
N VAL A 295 -17.00 2.66 7.06
CA VAL A 295 -18.35 2.30 6.64
C VAL A 295 -19.13 1.88 7.90
N LEU A 296 -18.59 0.93 8.65
CA LEU A 296 -19.15 0.35 9.86
C LEU A 296 -18.44 1.02 11.04
N THR A 297 -18.86 2.24 11.38
CA THR A 297 -18.36 3.06 12.47
C THR A 297 -18.87 2.52 13.84
N PRO A 298 -18.26 2.93 14.99
CA PRO A 298 -18.59 2.42 16.34
C PRO A 298 -20.07 2.31 16.73
N GLU A 299 -20.94 3.20 16.23
CA GLU A 299 -22.39 3.21 16.50
C GLU A 299 -23.11 1.94 15.98
N ILE A 300 -22.59 1.30 14.93
CA ILE A 300 -23.11 0.05 14.38
C ILE A 300 -22.42 -1.14 15.08
N MET A 301 -21.11 -1.04 15.34
CA MET A 301 -20.27 -2.17 15.75
C MET A 301 -20.24 -2.38 17.27
N ALA A 302 -20.40 -1.34 18.09
CA ALA A 302 -20.43 -1.39 19.56
C ALA A 302 -21.30 -2.49 20.21
N PRO A 303 -22.59 -2.67 19.86
CA PRO A 303 -23.41 -3.76 20.40
C PRO A 303 -23.03 -5.16 19.88
N ILE A 304 -22.33 -5.26 18.74
CA ILE A 304 -21.82 -6.51 18.20
C ILE A 304 -20.55 -6.91 18.99
N LEU A 305 -19.61 -5.97 19.16
CA LEU A 305 -18.35 -6.14 19.88
C LEU A 305 -18.53 -6.25 21.41
N ALA A 306 -19.72 -5.94 21.93
CA ALA A 306 -20.11 -6.10 23.33
C ALA A 306 -20.68 -7.50 23.63
N ASN A 307 -20.94 -8.32 22.60
CA ASN A 307 -21.52 -9.66 22.74
C ASN A 307 -20.39 -10.65 23.08
N ALA A 308 -20.62 -11.49 24.09
CA ALA A 308 -19.68 -12.48 24.60
C ALA A 308 -19.22 -13.50 23.54
N ASP A 309 -20.10 -13.91 22.62
CA ASP A 309 -19.79 -14.90 21.57
C ASP A 309 -18.93 -14.29 20.45
N VAL A 310 -18.88 -12.96 20.33
CA VAL A 310 -17.95 -12.23 19.46
C VAL A 310 -16.64 -12.02 20.24
N GLN A 311 -16.70 -11.57 21.51
CA GLN A 311 -15.53 -11.31 22.36
C GLN A 311 -14.64 -12.55 22.59
N GLU A 312 -15.25 -13.70 22.88
CA GLU A 312 -14.56 -14.98 23.10
C GLU A 312 -13.95 -15.57 21.82
N ARG A 313 -14.25 -14.99 20.64
CA ARG A 313 -13.55 -15.25 19.39
C ARG A 313 -12.46 -14.19 19.20
N LEU A 314 -12.81 -12.89 19.25
CA LEU A 314 -11.90 -11.77 18.98
C LEU A 314 -10.70 -11.69 19.94
N LEU A 315 -10.90 -11.87 21.26
CA LEU A 315 -9.84 -11.88 22.26
C LEU A 315 -8.68 -12.88 21.98
N PRO A 316 -8.91 -14.19 21.77
CA PRO A 316 -7.86 -15.14 21.34
C PRO A 316 -7.39 -14.99 19.87
N TYR A 317 -8.10 -14.28 18.98
CA TYR A 317 -7.61 -13.96 17.64
C TYR A 317 -6.57 -12.82 17.67
N LEU A 318 -6.56 -12.01 18.73
CA LEU A 318 -5.69 -10.85 18.92
C LEU A 318 -4.27 -11.34 19.29
N PRO A 319 -3.19 -10.85 18.64
CA PRO A 319 -1.80 -11.30 18.90
C PRO A 319 -1.16 -10.77 20.21
N SER A 320 -1.93 -10.09 21.07
CA SER A 320 -1.60 -9.48 22.37
C SER A 320 -1.19 -7.99 22.25
N GLY A 321 -1.41 -7.22 23.31
CA GLY A 321 -1.28 -5.77 23.35
C GLY A 321 -2.61 -5.17 23.81
N GLU A 322 -3.26 -4.40 22.93
CA GLU A 322 -4.61 -3.87 23.02
C GLU A 322 -5.70 -4.96 23.23
N SER A 323 -6.91 -4.54 23.60
CA SER A 323 -8.12 -5.35 23.76
C SER A 323 -9.33 -4.42 23.67
N LEU A 324 -10.48 -4.92 23.20
CA LEU A 324 -11.75 -4.20 23.14
C LEU A 324 -12.33 -3.96 24.56
N PRO A 325 -12.99 -2.82 24.84
CA PRO A 325 -13.79 -2.60 26.07
C PRO A 325 -14.91 -3.66 26.25
N GLN A 326 -15.42 -3.81 27.47
CA GLN A 326 -16.32 -4.88 27.87
C GLN A 326 -17.75 -4.71 27.34
N THR A 327 -18.27 -3.47 27.28
CA THR A 327 -19.68 -3.16 27.03
C THR A 327 -19.82 -1.99 26.02
N ALA A 328 -20.94 -1.96 25.29
CA ALA A 328 -21.21 -1.10 24.14
C ALA A 328 -21.20 0.41 24.45
N ASP A 329 -21.49 0.77 25.71
CA ASP A 329 -21.49 2.14 26.22
C ASP A 329 -20.05 2.69 26.34
N GLU A 330 -19.04 1.83 26.47
CA GLU A 330 -17.64 2.21 26.38
C GLU A 330 -17.23 2.23 24.90
N ILE A 331 -17.43 1.12 24.17
CA ILE A 331 -16.99 0.90 22.78
C ILE A 331 -17.47 2.01 21.81
N GLN A 332 -18.72 2.48 21.96
CA GLN A 332 -19.31 3.50 21.10
C GLN A 332 -18.75 4.90 21.36
N ASN A 333 -18.24 5.17 22.57
CA ASN A 333 -17.86 6.50 23.04
C ASN A 333 -16.33 6.66 23.20
N THR A 334 -15.62 5.62 23.63
CA THR A 334 -14.19 5.65 23.98
C THR A 334 -13.50 4.42 23.39
N LEU A 335 -12.61 4.63 22.42
CA LEU A 335 -11.60 3.70 21.93
C LEU A 335 -10.41 4.49 21.37
N THR A 336 -9.24 3.85 21.27
CA THR A 336 -7.96 4.48 20.95
C THR A 336 -7.82 4.79 19.45
N SER A 337 -8.58 4.08 18.59
CA SER A 337 -8.58 4.07 17.13
C SER A 337 -7.94 2.80 16.51
N PRO A 338 -6.61 2.53 16.62
CA PRO A 338 -5.95 1.27 16.16
C PRO A 338 -6.67 -0.04 16.53
N GLN A 339 -7.18 -0.14 17.77
CA GLN A 339 -7.97 -1.25 18.30
C GLN A 339 -9.26 -1.51 17.49
N PHE A 340 -9.86 -0.47 16.88
CA PHE A 340 -11.06 -0.59 16.05
C PHE A 340 -10.70 -1.12 14.65
N GLN A 341 -9.49 -0.84 14.14
CA GLN A 341 -8.99 -1.40 12.89
C GLN A 341 -8.78 -2.92 13.08
N GLN A 342 -8.16 -3.30 14.20
CA GLN A 342 -7.96 -4.68 14.63
C GLN A 342 -9.29 -5.42 14.80
N ALA A 343 -10.28 -4.80 15.46
CA ALA A 343 -11.65 -5.31 15.64
C ALA A 343 -12.32 -5.67 14.32
N LEU A 344 -12.33 -4.75 13.34
CA LEU A 344 -12.86 -4.96 11.99
C LEU A 344 -12.07 -6.02 11.19
N GLY A 345 -10.79 -6.26 11.51
CA GLY A 345 -9.93 -7.19 10.78
C GLY A 345 -10.03 -8.61 11.34
N MET A 346 -10.16 -8.75 12.67
CA MET A 346 -10.45 -10.00 13.35
C MET A 346 -11.89 -10.46 13.05
N PHE A 347 -12.83 -9.50 12.92
CA PHE A 347 -14.19 -9.71 12.44
C PHE A 347 -14.17 -10.22 10.98
N SER A 348 -13.41 -9.56 10.09
CA SER A 348 -13.25 -9.93 8.68
C SER A 348 -12.68 -11.35 8.48
N ALA A 349 -11.75 -11.79 9.33
CA ALA A 349 -11.12 -13.11 9.29
C ALA A 349 -12.14 -14.23 9.57
N ALA A 350 -13.02 -14.03 10.56
CA ALA A 350 -14.08 -14.97 10.92
C ALA A 350 -15.25 -14.90 9.92
N LEU A 351 -15.54 -13.71 9.40
CA LEU A 351 -16.56 -13.45 8.39
C LEU A 351 -16.17 -14.08 7.04
N ALA A 352 -14.87 -14.07 6.68
CA ALA A 352 -14.34 -14.70 5.47
C ALA A 352 -14.31 -16.24 5.59
N SER A 353 -14.08 -16.76 6.80
CA SER A 353 -14.15 -18.19 7.13
C SER A 353 -15.60 -18.68 7.05
N GLY A 354 -16.54 -17.91 7.59
CA GLY A 354 -17.99 -18.14 7.53
C GLY A 354 -18.57 -18.54 8.89
N GLN A 355 -17.68 -18.85 9.85
CA GLN A 355 -17.97 -19.31 11.22
C GLN A 355 -18.75 -18.29 12.07
N LEU A 356 -18.65 -17.01 11.72
CA LEU A 356 -19.29 -15.90 12.42
C LEU A 356 -20.77 -15.75 12.01
N GLY A 357 -21.10 -16.12 10.75
CA GLY A 357 -22.42 -16.31 10.14
C GLY A 357 -23.61 -16.49 11.09
N PRO A 358 -23.73 -17.63 11.81
CA PRO A 358 -24.77 -17.93 12.80
C PRO A 358 -25.05 -16.86 13.88
N LEU A 359 -24.07 -16.01 14.24
CA LEU A 359 -24.23 -14.96 15.24
C LEU A 359 -25.02 -13.76 14.67
N MET A 360 -24.88 -13.50 13.36
CA MET A 360 -25.51 -12.37 12.65
C MET A 360 -27.04 -12.50 12.63
N CYS A 361 -27.53 -13.74 12.66
CA CYS A 361 -28.94 -14.13 12.73
C CYS A 361 -29.57 -13.78 14.09
N GLN A 362 -28.77 -13.68 15.16
CA GLN A 362 -29.23 -13.49 16.53
C GLN A 362 -29.41 -11.98 16.83
N PHE A 363 -28.57 -11.12 16.23
CA PHE A 363 -28.62 -9.67 16.40
C PHE A 363 -29.80 -9.05 15.64
N GLY A 364 -30.17 -9.62 14.49
CA GLY A 364 -31.33 -9.19 13.70
C GLY A 364 -30.90 -8.40 12.45
N LEU A 365 -29.67 -8.59 11.98
CA LEU A 365 -29.07 -7.88 10.84
C LEU A 365 -29.75 -8.27 9.50
N PRO A 366 -29.68 -7.42 8.45
CA PRO A 366 -30.27 -7.65 7.12
C PRO A 366 -30.01 -9.05 6.53
N ALA A 367 -31.04 -9.67 5.94
CA ALA A 367 -31.00 -11.03 5.38
C ALA A 367 -29.93 -11.21 4.29
N GLU A 368 -29.67 -10.16 3.51
CA GLU A 368 -28.64 -10.08 2.48
C GLU A 368 -27.22 -10.18 3.07
N ALA A 369 -27.01 -9.54 4.24
CA ALA A 369 -25.74 -9.56 4.97
C ALA A 369 -25.59 -10.88 5.71
N VAL A 370 -26.65 -11.38 6.37
CA VAL A 370 -26.71 -12.67 7.05
C VAL A 370 -26.38 -13.84 6.09
N GLU A 371 -26.92 -13.83 4.86
CA GLU A 371 -26.62 -14.81 3.82
C GLU A 371 -25.14 -14.74 3.41
N ALA A 372 -24.62 -13.53 3.15
CA ALA A 372 -23.24 -13.26 2.77
C ALA A 372 -22.22 -13.68 3.86
N ALA A 373 -22.57 -13.47 5.14
CA ALA A 373 -21.74 -13.82 6.29
C ALA A 373 -21.68 -15.35 6.51
N ASN A 374 -22.74 -16.08 6.18
CA ASN A 374 -22.79 -17.55 6.25
C ASN A 374 -22.08 -18.18 5.04
N LYS A 375 -22.18 -17.56 3.85
CA LYS A 375 -21.46 -17.98 2.65
C LYS A 375 -19.95 -17.70 2.74
N GLY A 376 -19.57 -16.52 3.27
CA GLY A 376 -18.20 -16.11 3.55
C GLY A 376 -17.73 -14.91 2.73
N ASP A 377 -18.66 -14.14 2.15
CA ASP A 377 -18.38 -13.02 1.25
C ASP A 377 -18.39 -11.71 2.04
N VAL A 378 -17.20 -11.24 2.43
CA VAL A 378 -16.98 -9.99 3.19
C VAL A 378 -17.43 -8.76 2.39
N GLU A 379 -17.07 -8.69 1.09
CA GLU A 379 -17.44 -7.61 0.17
C GLU A 379 -18.96 -7.44 0.03
N ALA A 380 -19.69 -8.56 -0.09
CA ALA A 380 -21.13 -8.61 -0.28
C ALA A 380 -21.85 -8.26 1.03
N PHE A 381 -21.32 -8.71 2.18
CA PHE A 381 -21.76 -8.32 3.53
C PHE A 381 -21.66 -6.80 3.71
N ALA A 382 -20.49 -6.22 3.43
CA ALA A 382 -20.19 -4.80 3.60
C ALA A 382 -21.06 -3.91 2.68
N LYS A 383 -21.21 -4.30 1.41
CA LYS A 383 -22.03 -3.62 0.40
C LYS A 383 -23.53 -3.67 0.76
N ALA A 384 -24.02 -4.82 1.26
CA ALA A 384 -25.40 -5.01 1.73
C ALA A 384 -25.69 -4.14 2.96
N MET A 385 -24.77 -4.13 3.94
CA MET A 385 -24.90 -3.34 5.16
C MET A 385 -24.82 -1.83 4.88
N GLN A 386 -23.92 -1.40 3.98
CA GLN A 386 -23.78 -0.03 3.47
C GLN A 386 -25.10 0.49 2.85
N ASN A 387 -25.77 -0.35 2.03
CA ASN A 387 -27.03 -0.03 1.38
C ASN A 387 -28.19 -0.01 2.40
N ASN A 388 -28.29 -1.04 3.24
CA ASN A 388 -29.40 -1.23 4.20
C ASN A 388 -29.38 -0.25 5.38
N ALA A 389 -28.24 0.41 5.65
CA ALA A 389 -28.10 1.46 6.65
C ALA A 389 -28.72 2.80 6.21
N LYS A 390 -29.00 2.99 4.92
CA LYS A 390 -29.66 4.18 4.37
C LYS A 390 -31.19 3.97 4.43
N PRO A 391 -32.01 5.03 4.60
CA PRO A 391 -33.48 4.92 4.70
C PRO A 391 -34.14 4.55 3.36
N GLU A 392 -34.15 5.49 2.40
CA GLU A 392 -34.57 5.32 1.00
C GLU A 392 -36.06 4.95 0.85
N GLN A 393 -36.91 5.40 1.78
CA GLN A 393 -38.31 5.01 1.97
C GLN A 393 -39.28 5.64 0.93
N LYS A 394 -38.88 5.62 -0.34
CA LYS A 394 -39.67 5.97 -1.52
C LYS A 394 -39.29 5.07 -2.72
N GLU A 395 -38.68 3.90 -2.44
CA GLU A 395 -38.38 2.77 -3.32
C GLU A 395 -37.20 3.05 -4.29
N GLY A 396 -37.19 4.21 -4.93
CA GLY A 396 -36.12 4.72 -5.79
C GLY A 396 -36.53 4.83 -7.26
N ASP A 397 -37.65 4.20 -7.64
CA ASP A 397 -38.20 4.21 -9.00
C ASP A 397 -39.04 5.50 -9.22
N THR A 398 -39.67 5.98 -8.14
CA THR A 398 -40.61 7.08 -8.09
C THR A 398 -39.83 8.40 -8.08
N LYS A 399 -40.14 9.31 -9.01
CA LYS A 399 -39.57 10.65 -9.12
C LYS A 399 -40.38 11.61 -8.24
N ASP A 400 -39.72 12.65 -7.71
CA ASP A 400 -40.35 13.74 -6.96
C ASP A 400 -40.99 14.71 -7.97
N LYS A 401 -42.32 14.66 -8.09
CA LYS A 401 -43.21 15.40 -8.99
C LYS A 401 -43.34 14.74 -10.37
N LYS A 402 -44.53 14.82 -10.96
CA LYS A 402 -44.85 14.43 -12.33
C LYS A 402 -44.82 15.69 -13.22
N ASP A 403 -44.76 15.49 -14.54
CA ASP A 403 -44.81 16.53 -15.57
C ASP A 403 -45.71 16.08 -16.74
N GLU A 404 -46.45 17.01 -17.33
CA GLU A 404 -47.23 16.83 -18.56
C GLU A 404 -47.22 18.16 -19.34
N GLU A 405 -46.05 18.82 -19.46
CA GLU A 405 -45.90 20.15 -20.06
C GLU A 405 -44.63 20.23 -20.91
N GLU A 406 -44.78 20.17 -22.24
CA GLU A 406 -43.70 20.26 -23.22
C GLU A 406 -43.23 21.72 -23.41
N ASP A 407 -44.10 22.70 -23.11
CA ASP A 407 -43.85 24.14 -23.17
C ASP A 407 -42.78 24.57 -22.15
N MET A 408 -41.96 25.56 -22.52
CA MET A 408 -40.88 26.10 -21.70
C MET A 408 -41.42 27.16 -20.72
N SER A 409 -40.72 27.35 -19.60
CA SER A 409 -41.02 28.32 -18.55
C SER A 409 -39.73 28.85 -17.90
N LEU A 410 -39.81 29.97 -17.18
CA LEU A 410 -38.70 30.61 -16.46
C LEU A 410 -38.48 29.89 -15.12
N ASP A 411 -37.21 29.80 -14.69
CA ASP A 411 -36.78 29.25 -13.40
C ASP A 411 -36.88 30.35 -12.32
N MET A 5 18.34 41.42 -19.85
CA MET A 5 18.51 42.45 -20.88
C MET A 5 18.78 41.89 -22.30
N THR A 6 19.14 40.62 -22.45
CA THR A 6 19.33 39.92 -23.73
C THR A 6 17.96 39.61 -24.38
N THR A 7 17.98 39.42 -25.71
CA THR A 7 16.87 38.97 -26.54
C THR A 7 17.40 37.95 -27.58
N SER A 8 18.46 37.22 -27.23
CA SER A 8 19.16 36.25 -28.09
C SER A 8 19.54 34.95 -27.35
N GLY A 9 18.88 34.67 -26.23
CA GLY A 9 19.10 33.53 -25.34
C GLY A 9 19.51 34.02 -23.97
N ALA A 10 18.85 33.53 -22.91
CA ALA A 10 19.02 33.97 -21.53
C ALA A 10 20.23 33.32 -20.84
N LEU A 11 20.54 32.07 -21.21
CA LEU A 11 21.55 31.22 -20.57
C LEU A 11 22.81 31.07 -21.44
N PHE A 12 22.81 31.64 -22.66
CA PHE A 12 23.92 31.66 -23.61
C PHE A 12 25.10 32.53 -23.12
N PRO A 13 24.90 33.81 -22.72
CA PRO A 13 25.92 34.57 -21.97
C PRO A 13 25.94 34.10 -20.49
N SER A 14 27.08 34.28 -19.80
CA SER A 14 27.31 33.77 -18.44
C SER A 14 26.45 34.54 -17.41
N LEU A 15 26.77 35.82 -17.14
CA LEU A 15 26.00 36.80 -16.35
C LEU A 15 25.74 36.35 -14.89
N VAL A 16 26.65 35.56 -14.31
CA VAL A 16 26.53 34.99 -12.96
C VAL A 16 26.61 36.12 -11.90
N PRO A 17 25.68 36.19 -10.92
CA PRO A 17 25.68 37.16 -9.81
C PRO A 17 27.05 37.30 -9.09
N GLY A 18 27.52 38.54 -8.94
CA GLY A 18 28.72 38.93 -8.21
C GLY A 18 28.38 39.99 -7.18
N SER A 19 29.20 40.13 -6.13
CA SER A 19 29.07 41.09 -5.02
C SER A 19 27.86 40.76 -4.13
N ARG A 20 27.78 39.49 -3.69
CA ARG A 20 26.71 38.79 -2.97
C ARG A 20 25.83 37.99 -3.95
N GLY A 21 25.39 36.80 -3.54
CA GLY A 21 24.62 35.85 -4.33
C GLY A 21 25.30 34.48 -4.36
N ALA A 22 24.49 33.41 -4.40
CA ALA A 22 24.86 31.99 -4.49
C ALA A 22 25.21 31.34 -3.13
N SER A 23 25.34 30.01 -3.13
CA SER A 23 25.71 29.10 -2.05
C SER A 23 24.50 28.54 -1.26
N ASN A 24 24.50 27.23 -1.00
CA ASN A 24 23.58 26.47 -0.15
C ASN A 24 24.35 25.24 0.35
N LYS A 25 24.04 24.74 1.54
CA LYS A 25 24.56 23.48 2.09
C LYS A 25 23.74 22.28 1.58
N TYR A 26 22.46 22.48 1.30
CA TYR A 26 21.51 21.47 0.87
C TYR A 26 21.49 21.44 -0.66
N LEU A 27 21.21 20.26 -1.22
CA LEU A 27 21.13 20.03 -2.66
C LEU A 27 19.72 20.40 -3.18
N VAL A 28 18.68 20.10 -2.38
CA VAL A 28 17.28 20.46 -2.58
C VAL A 28 16.69 20.79 -1.20
N GLU A 29 15.70 21.70 -1.13
CA GLU A 29 14.90 22.03 0.05
C GLU A 29 13.49 22.44 -0.42
N PHE A 30 12.44 22.04 0.31
CA PHE A 30 11.04 22.43 0.09
C PHE A 30 10.25 22.28 1.39
N ARG A 31 9.23 23.14 1.62
CA ARG A 31 8.40 23.08 2.83
C ARG A 31 7.30 22.03 2.62
N ALA A 32 7.30 21.00 3.46
CA ALA A 32 6.40 19.86 3.38
C ALA A 32 6.35 19.12 4.73
N GLY A 33 5.21 18.47 4.98
CA GLY A 33 4.95 17.62 6.14
C GLY A 33 4.80 16.17 5.68
N LYS A 34 4.60 15.24 6.61
CA LYS A 34 4.58 13.80 6.34
C LYS A 34 3.49 13.07 7.12
N MET A 35 3.23 11.82 6.71
CA MET A 35 2.38 10.85 7.40
C MET A 35 3.25 9.97 8.31
N SER A 36 2.66 9.42 9.36
CA SER A 36 3.27 8.50 10.32
C SER A 36 2.20 7.52 10.82
N LEU A 37 2.62 6.33 11.28
CA LEU A 37 1.77 5.34 11.92
C LEU A 37 1.46 5.81 13.37
N LYS A 38 0.21 5.61 13.79
CA LYS A 38 -0.32 5.92 15.13
C LYS A 38 -0.89 4.63 15.75
N GLY A 39 -0.29 3.49 15.40
CA GLY A 39 -0.77 2.14 15.65
C GLY A 39 -1.04 1.50 14.29
N THR A 40 -2.22 0.90 14.09
CA THR A 40 -2.63 0.30 12.83
C THR A 40 -3.04 1.40 11.81
N THR A 41 -3.50 2.56 12.28
CA THR A 41 -3.94 3.69 11.48
C THR A 41 -2.71 4.57 11.14
N VAL A 42 -2.59 5.00 9.87
CA VAL A 42 -1.65 6.01 9.41
C VAL A 42 -2.34 7.37 9.56
N THR A 43 -1.65 8.36 10.14
CA THR A 43 -2.16 9.70 10.44
C THR A 43 -1.22 10.75 9.81
N PRO A 44 -1.75 11.85 9.21
CA PRO A 44 -0.94 12.97 8.73
C PRO A 44 -0.51 13.87 9.92
N ASP A 45 0.75 14.34 9.94
CA ASP A 45 1.20 15.37 10.87
C ASP A 45 0.73 16.75 10.36
N LYS A 46 0.51 17.68 11.31
CA LYS A 46 0.00 19.03 11.12
C LYS A 46 1.04 20.09 11.53
N ARG A 47 2.23 19.70 12.03
CA ARG A 47 3.37 20.59 12.22
C ARG A 47 3.91 21.06 10.86
N LYS A 48 4.47 22.27 10.84
CA LYS A 48 5.11 22.86 9.67
C LYS A 48 6.52 22.24 9.57
N GLY A 49 6.86 21.66 8.41
CA GLY A 49 8.09 20.93 8.17
C GLY A 49 8.85 21.43 6.94
N LEU A 50 10.11 21.03 6.83
CA LEU A 50 11.01 21.22 5.69
C LEU A 50 11.59 19.84 5.35
N VAL A 51 11.42 19.39 4.10
CA VAL A 51 12.13 18.27 3.51
C VAL A 51 13.36 18.87 2.81
N TYR A 52 14.51 18.21 2.94
CA TYR A 52 15.78 18.63 2.36
C TYR A 52 16.69 17.44 2.02
N ILE A 53 17.52 17.60 1.00
CA ILE A 53 18.51 16.62 0.55
C ILE A 53 19.90 17.25 0.80
N GLN A 54 20.84 16.44 1.29
CA GLN A 54 22.21 16.79 1.61
C GLN A 54 23.13 15.63 1.19
N GLN A 55 24.42 15.68 1.53
CA GLN A 55 25.45 14.70 1.21
C GLN A 55 26.40 14.60 2.42
N THR A 56 26.71 13.38 2.86
CA THR A 56 27.67 13.11 3.93
C THR A 56 29.09 13.00 3.34
N ASP A 57 30.12 13.17 4.18
CA ASP A 57 31.56 13.22 3.88
C ASP A 57 32.09 12.02 3.07
N ASP A 58 31.44 10.85 3.19
CA ASP A 58 31.73 9.62 2.44
C ASP A 58 31.27 9.69 0.97
N SER A 59 30.48 10.71 0.60
CA SER A 59 29.98 11.08 -0.73
C SER A 59 28.59 10.50 -1.07
N LEU A 60 27.96 9.79 -0.12
CA LEU A 60 26.60 9.28 -0.22
C LEU A 60 25.60 10.44 0.02
N ILE A 61 24.48 10.40 -0.70
CA ILE A 61 23.37 11.34 -0.60
C ILE A 61 22.56 11.01 0.68
N HIS A 62 22.08 12.05 1.37
CA HIS A 62 21.31 11.95 2.61
C HIS A 62 20.02 12.73 2.42
N PHE A 63 18.88 12.10 2.70
CA PHE A 63 17.55 12.69 2.70
C PHE A 63 17.18 12.94 4.17
N CYS A 64 16.57 14.08 4.48
CA CYS A 64 16.21 14.48 5.83
C CYS A 64 14.95 15.35 5.86
N TRP A 65 14.24 15.31 7.00
CA TRP A 65 13.05 16.08 7.30
C TRP A 65 13.20 16.66 8.71
N LYS A 66 12.87 17.95 8.84
CA LYS A 66 12.90 18.69 10.09
C LYS A 66 11.59 19.47 10.25
N ASP A 67 11.21 19.70 11.50
CA ASP A 67 10.13 20.58 11.92
C ASP A 67 10.62 22.06 11.83
N ARG A 68 9.67 22.98 11.61
CA ARG A 68 9.89 24.43 11.55
C ARG A 68 9.19 25.17 12.71
N THR A 69 8.32 24.52 13.49
CA THR A 69 7.54 25.16 14.54
C THR A 69 8.37 25.24 15.85
N SER A 70 9.28 24.29 16.10
CA SER A 70 10.30 24.38 17.15
C SER A 70 11.71 24.43 16.52
N GLY A 71 11.95 23.67 15.45
CA GLY A 71 13.16 23.68 14.62
C GLY A 71 13.92 22.34 14.65
N ASN A 72 13.32 21.27 15.18
CA ASN A 72 13.98 20.00 15.48
C ASN A 72 14.06 19.12 14.22
N VAL A 73 15.21 18.46 14.00
CA VAL A 73 15.40 17.46 12.95
C VAL A 73 14.87 16.13 13.53
N GLU A 74 13.83 15.58 12.90
CA GLU A 74 13.08 14.42 13.40
C GLU A 74 13.35 13.16 12.56
N ASP A 75 13.83 13.29 11.31
CA ASP A 75 13.94 12.18 10.36
C ASP A 75 15.14 12.39 9.42
N ASP A 76 15.98 11.37 9.22
CA ASP A 76 17.16 11.38 8.35
C ASP A 76 17.44 9.95 7.87
N LEU A 77 17.76 9.78 6.58
CA LEU A 77 18.03 8.52 5.90
C LEU A 77 19.18 8.69 4.89
N ILE A 78 20.04 7.66 4.76
CA ILE A 78 21.07 7.55 3.72
C ILE A 78 20.36 7.00 2.47
N ILE A 79 20.58 7.66 1.32
CA ILE A 79 19.99 7.34 0.03
C ILE A 79 21.03 6.59 -0.82
N PHE A 80 20.55 5.66 -1.65
CA PHE A 80 21.30 4.91 -2.65
C PHE A 80 20.53 4.99 -3.98
N PRO A 81 21.21 5.12 -5.14
CA PRO A 81 20.55 5.28 -6.44
C PRO A 81 19.83 4.00 -6.91
N ASP A 82 18.79 4.17 -7.74
CA ASP A 82 17.92 3.16 -8.35
C ASP A 82 16.80 2.70 -7.40
N ASP A 83 17.11 2.50 -6.12
CA ASP A 83 16.20 2.04 -5.06
C ASP A 83 15.23 3.16 -4.63
N CYS A 84 15.76 4.34 -4.26
CA CYS A 84 14.99 5.47 -3.77
C CYS A 84 14.39 6.23 -4.97
N GLU A 85 13.07 6.27 -5.07
CA GLU A 85 12.33 6.89 -6.17
C GLU A 85 11.17 7.72 -5.59
N PHE A 86 11.06 8.98 -6.01
CA PHE A 86 10.09 9.96 -5.53
C PHE A 86 9.07 10.21 -6.65
N LYS A 87 7.78 10.24 -6.32
CA LYS A 87 6.69 10.47 -7.26
C LYS A 87 5.48 11.15 -6.61
N ARG A 88 4.59 11.66 -7.44
CA ARG A 88 3.30 12.27 -7.11
C ARG A 88 2.28 11.14 -6.96
N VAL A 89 1.36 11.24 -5.99
CA VAL A 89 0.30 10.25 -5.79
C VAL A 89 -0.83 10.59 -6.81
N PRO A 90 -1.17 9.67 -7.76
CA PRO A 90 -2.14 9.96 -8.83
C PRO A 90 -3.61 9.91 -8.36
N GLN A 91 -3.89 9.21 -7.26
CA GLN A 91 -5.22 9.06 -6.66
C GLN A 91 -5.63 10.33 -5.87
N CYS A 92 -4.69 11.24 -5.58
CA CYS A 92 -4.94 12.51 -4.90
C CYS A 92 -5.68 13.47 -5.87
N PRO A 93 -6.85 14.05 -5.49
CA PRO A 93 -7.59 14.97 -6.36
C PRO A 93 -6.98 16.38 -6.41
N SER A 94 -6.27 16.82 -5.36
CA SER A 94 -5.55 18.08 -5.33
C SER A 94 -4.20 17.92 -6.06
N GLY A 95 -3.42 16.89 -5.71
CA GLY A 95 -2.17 16.50 -6.36
C GLY A 95 -0.93 16.84 -5.52
N ARG A 96 -1.14 17.46 -4.35
CA ARG A 96 -0.10 18.01 -3.47
C ARG A 96 0.51 16.97 -2.52
N VAL A 97 0.02 15.72 -2.54
CA VAL A 97 0.60 14.59 -1.81
C VAL A 97 1.57 13.87 -2.77
N TYR A 98 2.78 13.62 -2.27
CA TYR A 98 3.91 12.98 -2.94
C TYR A 98 4.40 11.83 -2.05
N VAL A 99 5.14 10.87 -2.62
CA VAL A 99 5.62 9.68 -1.94
C VAL A 99 7.08 9.39 -2.35
N LEU A 100 7.95 9.13 -1.37
CA LEU A 100 9.26 8.55 -1.54
C LEU A 100 9.09 7.05 -1.30
N LYS A 101 9.29 6.24 -2.34
CA LYS A 101 9.23 4.77 -2.28
C LYS A 101 10.66 4.24 -2.32
N PHE A 102 10.96 3.30 -1.43
CA PHE A 102 12.16 2.46 -1.40
C PHE A 102 11.69 1.07 -1.85
N LYS A 103 12.47 0.42 -2.70
CA LYS A 103 12.15 -0.85 -3.33
C LYS A 103 12.80 -1.99 -2.52
N ALA A 104 13.98 -1.76 -1.94
CA ALA A 104 14.64 -2.64 -1.00
C ALA A 104 14.04 -2.42 0.40
N GLY A 105 12.96 -3.14 0.71
CA GLY A 105 12.27 -3.15 2.01
C GLY A 105 10.81 -2.70 1.93
N SER A 106 10.41 -2.04 0.84
CA SER A 106 9.03 -1.69 0.48
C SER A 106 8.47 -0.46 1.22
N LYS A 107 9.33 0.30 1.90
CA LYS A 107 9.01 1.53 2.64
C LYS A 107 8.48 2.60 1.66
N ARG A 108 7.33 3.19 1.98
CA ARG A 108 6.69 4.29 1.25
C ARG A 108 6.43 5.38 2.29
N LEU A 109 7.18 6.47 2.23
CA LEU A 109 7.02 7.63 3.09
C LEU A 109 6.26 8.68 2.27
N PHE A 110 5.02 8.98 2.69
CA PHE A 110 4.13 9.93 2.04
C PHE A 110 4.34 11.31 2.68
N PHE A 111 4.49 12.32 1.82
CA PHE A 111 4.76 13.72 2.12
C PHE A 111 3.65 14.58 1.50
N TRP A 112 3.37 15.74 2.08
CA TRP A 112 2.39 16.71 1.59
C TRP A 112 2.99 18.12 1.61
N MET A 113 2.83 18.85 0.50
CA MET A 113 3.41 20.18 0.24
C MET A 113 2.73 21.25 1.11
N GLN A 114 3.52 22.09 1.79
CA GLN A 114 3.07 23.09 2.76
C GLN A 114 3.39 24.53 2.33
N GLU A 115 3.91 24.74 1.12
CA GLU A 115 4.24 26.06 0.56
C GLU A 115 2.95 26.79 0.14
N PRO A 116 2.85 28.13 0.30
CA PRO A 116 1.61 28.87 0.06
C PRO A 116 1.26 29.04 -1.44
N LYS A 117 2.26 28.99 -2.32
CA LYS A 117 2.11 28.95 -3.77
C LYS A 117 2.03 27.48 -4.23
N THR A 118 1.43 27.25 -5.41
CA THR A 118 1.00 25.95 -5.92
C THR A 118 1.49 25.70 -7.36
N ASP A 119 2.77 25.99 -7.64
CA ASP A 119 3.41 25.84 -8.95
C ASP A 119 4.72 25.03 -8.89
N GLN A 120 5.39 25.07 -7.74
CA GLN A 120 6.75 24.59 -7.51
C GLN A 120 6.82 23.07 -7.36
N ASP A 121 5.71 22.40 -7.03
CA ASP A 121 5.65 20.99 -6.61
C ASP A 121 6.10 20.02 -7.72
N GLU A 122 5.84 20.35 -8.99
CA GLU A 122 6.32 19.59 -10.15
C GLU A 122 7.85 19.74 -10.32
N GLU A 123 8.37 20.97 -10.16
CA GLU A 123 9.80 21.28 -10.24
C GLU A 123 10.57 20.66 -9.06
N HIS A 124 10.00 20.67 -7.84
CA HIS A 124 10.53 20.04 -6.64
C HIS A 124 10.68 18.53 -6.84
N CYS A 125 9.62 17.86 -7.32
CA CYS A 125 9.59 16.42 -7.62
C CYS A 125 10.68 16.00 -8.61
N ARG A 126 10.88 16.77 -9.69
CA ARG A 126 11.94 16.56 -10.67
C ARG A 126 13.32 16.72 -10.03
N LYS A 127 13.57 17.83 -9.33
CA LYS A 127 14.81 18.12 -8.61
C LYS A 127 15.18 17.04 -7.60
N VAL A 128 14.23 16.62 -6.75
CA VAL A 128 14.35 15.53 -5.80
C VAL A 128 14.74 14.20 -6.50
N ASN A 129 13.89 13.72 -7.44
CA ASN A 129 14.05 12.40 -8.05
C ASN A 129 15.33 12.28 -8.89
N GLU A 130 15.80 13.38 -9.50
CA GLU A 130 17.10 13.47 -10.17
C GLU A 130 18.25 13.34 -9.16
N TYR A 131 18.24 14.12 -8.07
CA TYR A 131 19.31 14.11 -7.05
C TYR A 131 19.40 12.78 -6.27
N LEU A 132 18.28 12.08 -6.03
CA LEU A 132 18.26 10.78 -5.36
C LEU A 132 18.87 9.67 -6.22
N ASN A 133 18.67 9.72 -7.55
CA ASN A 133 19.09 8.67 -8.49
C ASN A 133 20.41 8.99 -9.19
N ASN A 134 20.84 10.26 -9.22
CA ASN A 134 22.08 10.72 -9.85
C ASN A 134 22.74 11.76 -8.93
N PRO A 135 23.73 11.36 -8.09
CA PRO A 135 24.60 12.28 -7.32
C PRO A 135 25.27 13.39 -8.19
N PRO A 136 25.66 14.54 -7.61
CA PRO A 136 26.22 15.68 -8.37
C PRO A 136 27.64 15.47 -8.92
N MET A 137 28.39 14.47 -8.43
CA MET A 137 29.72 14.08 -8.91
C MET A 137 29.96 12.55 -8.88
N PRO A 138 29.65 11.81 -7.79
CA PRO A 138 29.77 10.33 -7.73
C PRO A 138 29.05 9.60 -8.88
N GLY A 139 29.65 8.50 -9.36
CA GLY A 139 29.15 7.69 -10.48
C GLY A 139 28.74 6.27 -10.06
N ALA A 140 28.83 5.95 -8.76
CA ALA A 140 28.46 4.68 -8.12
C ALA A 140 29.41 3.54 -8.52
N LEU A 141 30.70 3.86 -8.67
CA LEU A 141 31.77 3.01 -9.22
C LEU A 141 32.29 2.00 -8.17
N GLY A 142 31.38 1.22 -7.59
CA GLY A 142 31.63 0.14 -6.63
C GLY A 142 31.16 -1.18 -7.26
N ALA A 143 32.10 -2.08 -7.55
CA ALA A 143 31.89 -3.38 -8.17
C ALA A 143 32.98 -4.37 -7.73
N SER A 144 33.19 -4.48 -6.42
CA SER A 144 34.19 -5.36 -5.79
C SER A 144 33.65 -5.94 -4.47
N GLY A 145 34.36 -6.93 -3.92
CA GLY A 145 34.01 -7.68 -2.72
C GLY A 145 33.99 -9.17 -3.04
N SER A 146 33.22 -9.56 -4.06
CA SER A 146 33.20 -10.89 -4.70
C SER A 146 32.37 -11.92 -3.89
N SER A 147 31.48 -11.46 -3.00
CA SER A 147 30.72 -12.28 -2.06
C SER A 147 29.57 -13.07 -2.73
N GLY A 148 29.09 -12.59 -3.89
CA GLY A 148 28.00 -13.17 -4.66
C GLY A 148 26.84 -12.17 -4.74
N HIS A 149 26.28 -11.97 -5.95
CA HIS A 149 25.16 -11.07 -6.22
C HIS A 149 24.33 -11.55 -7.41
N GLU A 150 25.00 -11.73 -8.56
CA GLU A 150 24.40 -12.06 -9.86
C GLU A 150 23.65 -13.40 -9.80
N LEU A 151 22.31 -13.32 -9.79
CA LEU A 151 21.34 -14.43 -9.74
C LEU A 151 21.39 -15.17 -8.37
N SER A 152 21.98 -14.55 -7.35
CA SER A 152 22.20 -15.04 -5.98
C SER A 152 23.30 -16.13 -5.92
N ALA A 153 24.17 -16.23 -6.93
CA ALA A 153 25.22 -17.23 -7.05
C ALA A 153 26.40 -16.88 -6.15
N LEU A 154 26.84 -17.85 -5.33
CA LEU A 154 28.00 -17.76 -4.45
C LEU A 154 29.31 -18.13 -5.18
N GLY A 155 29.20 -18.77 -6.36
CA GLY A 155 30.30 -19.34 -7.14
C GLY A 155 30.03 -20.82 -7.42
N GLY A 156 31.08 -21.59 -7.71
CA GLY A 156 31.02 -23.00 -8.06
C GLY A 156 31.75 -23.83 -7.00
N GLU A 157 31.16 -23.91 -5.81
CA GLU A 157 31.68 -24.58 -4.62
C GLU A 157 31.41 -26.11 -4.63
N GLY A 158 30.69 -26.63 -5.62
CA GLY A 158 30.21 -28.00 -5.71
C GLY A 158 28.69 -27.96 -5.89
N GLY A 159 27.94 -28.59 -4.97
CA GLY A 159 26.48 -28.66 -4.98
C GLY A 159 26.02 -30.11 -4.99
N LEU A 160 26.27 -30.84 -3.89
CA LEU A 160 25.85 -32.22 -3.60
C LEU A 160 26.76 -33.26 -4.30
N GLN A 161 27.95 -32.83 -4.74
CA GLN A 161 28.94 -33.65 -5.45
C GLN A 161 29.77 -34.49 -4.47
N SER A 162 29.89 -34.04 -3.22
CA SER A 162 30.55 -34.65 -2.06
C SER A 162 32.09 -34.53 -2.14
N LEU A 163 32.67 -35.01 -3.24
CA LEU A 163 34.10 -34.91 -3.57
C LEU A 163 34.25 -33.78 -4.58
N LEU A 164 35.03 -32.75 -4.23
CA LEU A 164 35.43 -31.67 -5.14
C LEU A 164 36.67 -32.11 -5.96
N GLY A 165 37.57 -32.89 -5.34
CA GLY A 165 38.81 -33.38 -5.91
C GLY A 165 40.05 -32.79 -5.21
N ASN A 166 39.85 -31.72 -4.43
CA ASN A 166 40.79 -30.93 -3.65
C ASN A 166 41.49 -29.84 -4.47
N MET A 167 41.72 -28.70 -3.82
CA MET A 167 42.55 -27.60 -4.30
C MET A 167 43.69 -27.40 -3.28
N SER A 168 43.33 -27.17 -2.01
CA SER A 168 44.24 -27.18 -0.87
C SER A 168 44.40 -28.64 -0.36
N HIS A 169 45.56 -28.95 0.21
CA HIS A 169 45.90 -30.23 0.84
C HIS A 169 46.65 -29.94 2.16
N SER A 170 47.85 -29.37 2.04
CA SER A 170 48.74 -28.90 3.11
C SER A 170 49.61 -30.02 3.69
N GLN A 171 50.75 -29.65 4.30
CA GLN A 171 51.70 -30.51 5.03
C GLN A 171 52.54 -31.39 4.07
N LEU A 172 52.70 -30.94 2.82
CA LEU A 172 53.20 -31.68 1.64
C LEU A 172 54.61 -32.28 1.82
N MET A 173 55.45 -31.62 2.61
CA MET A 173 56.72 -32.12 3.12
C MET A 173 56.96 -31.52 4.51
N GLN A 174 55.96 -31.67 5.39
CA GLN A 174 55.83 -31.12 6.74
C GLN A 174 55.35 -29.66 6.70
N LEU A 175 55.26 -29.02 7.86
CA LEU A 175 54.97 -27.60 8.08
C LEU A 175 56.12 -26.99 8.89
N ILE A 176 56.27 -25.65 8.83
CA ILE A 176 57.28 -24.89 9.56
C ILE A 176 57.04 -24.95 11.09
N GLY A 177 58.13 -25.10 11.86
CA GLY A 177 58.17 -25.12 13.32
C GLY A 177 59.20 -24.13 13.88
N PRO A 178 59.45 -24.14 15.20
CA PRO A 178 60.46 -23.28 15.84
C PRO A 178 61.90 -23.80 15.64
N ALA A 179 62.09 -25.09 15.38
CA ALA A 179 63.36 -25.74 15.06
C ALA A 179 63.65 -25.61 13.55
N GLY A 180 64.94 -25.71 13.18
CA GLY A 180 65.45 -25.55 11.82
C GLY A 180 66.07 -26.82 11.26
N LEU A 181 65.76 -27.99 11.86
CA LEU A 181 66.25 -29.31 11.48
C LEU A 181 65.47 -29.80 10.24
N GLY A 182 65.84 -29.27 9.07
CA GLY A 182 65.30 -29.61 7.75
C GLY A 182 66.43 -30.08 6.82
N GLY A 183 67.42 -29.21 6.59
CA GLY A 183 68.61 -29.47 5.79
C GLY A 183 68.71 -28.52 4.58
N LEU A 184 67.55 -28.14 4.02
CA LEU A 184 67.34 -27.18 2.92
C LEU A 184 67.68 -27.76 1.53
N GLY A 185 67.29 -27.05 0.47
CA GLY A 185 67.55 -27.38 -0.94
C GLY A 185 66.27 -27.51 -1.77
N GLY A 186 65.12 -27.78 -1.13
CA GLY A 186 63.81 -27.94 -1.75
C GLY A 186 63.25 -29.34 -1.48
N LEU A 187 62.15 -29.69 -2.18
CA LEU A 187 61.46 -30.98 -2.06
C LEU A 187 62.09 -32.06 -2.97
N GLY A 188 63.03 -31.67 -3.85
CA GLY A 188 63.82 -32.54 -4.70
C GLY A 188 65.31 -32.34 -4.43
N ALA A 189 66.12 -33.36 -4.69
CA ALA A 189 67.58 -33.36 -4.51
C ALA A 189 68.32 -34.19 -5.56
N LEU A 190 67.71 -35.31 -6.01
CA LEU A 190 68.24 -36.21 -7.02
C LEU A 190 67.75 -35.75 -8.40
N THR A 191 66.78 -36.46 -9.01
CA THR A 191 66.23 -36.19 -10.34
C THR A 191 65.06 -35.17 -10.31
N GLY A 192 64.76 -34.62 -9.13
CA GLY A 192 63.60 -33.77 -8.84
C GLY A 192 62.77 -34.33 -7.68
N PRO A 193 61.55 -33.82 -7.44
CA PRO A 193 60.64 -34.32 -6.39
C PRO A 193 59.94 -35.65 -6.82
N GLY A 194 59.02 -36.15 -5.99
CA GLY A 194 58.28 -37.39 -6.20
C GLY A 194 56.81 -37.11 -6.51
N LEU A 195 56.20 -37.94 -7.36
CA LEU A 195 54.81 -37.86 -7.81
C LEU A 195 53.89 -38.46 -6.73
N ALA A 196 52.67 -37.92 -6.64
CA ALA A 196 51.54 -38.45 -5.88
C ALA A 196 50.31 -38.40 -6.80
N SER A 197 49.50 -39.47 -6.77
CA SER A 197 48.34 -39.76 -7.64
C SER A 197 48.77 -40.41 -8.97
N LEU A 198 47.93 -41.30 -9.51
CA LEU A 198 48.21 -42.05 -10.75
C LEU A 198 47.91 -41.21 -12.01
N LEU A 199 47.06 -40.18 -11.88
CA LEU A 199 46.64 -39.26 -12.93
C LEU A 199 47.00 -37.83 -12.51
N GLY A 200 47.23 -36.96 -13.50
CA GLY A 200 47.45 -35.52 -13.35
C GLY A 200 46.37 -34.77 -14.15
N SER A 201 46.71 -33.60 -14.70
CA SER A 201 45.86 -32.81 -15.59
C SER A 201 46.73 -32.10 -16.65
N SER A 202 46.28 -32.10 -17.91
CA SER A 202 46.94 -31.52 -19.08
C SER A 202 45.86 -30.90 -20.00
N GLY A 203 45.91 -31.14 -21.31
CA GLY A 203 44.98 -30.63 -22.32
C GLY A 203 44.17 -31.76 -22.98
N PRO A 204 43.49 -31.50 -24.13
CA PRO A 204 42.70 -32.47 -24.91
C PRO A 204 43.41 -33.81 -25.22
N PRO A 205 42.67 -34.93 -25.36
CA PRO A 205 43.25 -36.27 -25.56
C PRO A 205 43.85 -36.54 -26.96
N GLY A 206 43.68 -35.63 -27.92
CA GLY A 206 44.20 -35.73 -29.28
C GLY A 206 45.33 -34.72 -29.56
N SER A 207 45.68 -33.89 -28.58
CA SER A 207 46.79 -32.94 -28.63
C SER A 207 48.06 -33.61 -28.04
N SER A 208 49.24 -33.22 -28.53
CA SER A 208 50.55 -33.68 -28.07
C SER A 208 51.56 -32.54 -28.17
N SER A 209 51.80 -32.06 -29.40
CA SER A 209 52.67 -30.94 -29.78
C SER A 209 54.16 -31.37 -29.88
N SER A 210 54.42 -32.68 -30.00
CA SER A 210 55.75 -33.25 -30.12
C SER A 210 56.25 -33.07 -31.57
N SER A 211 57.25 -32.19 -31.74
CA SER A 211 57.92 -31.89 -33.02
C SER A 211 59.43 -31.69 -32.81
N SER A 212 59.93 -31.85 -31.57
CA SER A 212 61.34 -31.79 -31.19
C SER A 212 61.57 -32.55 -29.86
N SER A 213 60.72 -32.30 -28.87
CA SER A 213 60.69 -32.92 -27.54
C SER A 213 61.78 -32.37 -26.60
N ARG A 214 62.18 -31.11 -26.80
CA ARG A 214 63.23 -30.40 -26.06
C ARG A 214 62.86 -30.24 -24.56
N SER A 215 61.62 -29.85 -24.28
CA SER A 215 61.03 -29.77 -22.95
C SER A 215 60.26 -31.08 -22.72
N GLN A 216 60.74 -31.92 -21.80
CA GLN A 216 60.10 -33.16 -21.39
C GLN A 216 59.31 -32.87 -20.10
N SER A 217 57.99 -33.06 -20.15
CA SER A 217 57.01 -32.81 -19.08
C SER A 217 56.65 -31.31 -19.01
N ALA A 218 55.97 -30.90 -17.92
CA ALA A 218 55.56 -29.55 -17.55
C ALA A 218 54.30 -29.06 -18.27
N ALA A 219 53.52 -29.99 -18.85
CA ALA A 219 52.29 -29.74 -19.61
C ALA A 219 51.10 -29.53 -18.67
N VAL A 220 51.15 -28.45 -17.88
CA VAL A 220 50.12 -27.99 -16.95
C VAL A 220 50.11 -26.46 -16.98
N THR A 221 48.95 -25.87 -17.31
CA THR A 221 48.67 -24.41 -17.38
C THR A 221 49.57 -23.74 -18.47
N PRO A 222 49.33 -23.99 -19.77
CA PRO A 222 50.17 -23.49 -20.87
C PRO A 222 49.92 -21.99 -21.17
N SER A 223 50.27 -21.13 -20.22
CA SER A 223 50.17 -19.67 -20.30
C SER A 223 51.25 -19.02 -19.42
N SER A 224 51.22 -19.30 -18.11
CA SER A 224 52.18 -18.85 -17.11
C SER A 224 52.15 -19.82 -15.91
N THR A 225 52.91 -19.50 -14.86
CA THR A 225 53.01 -20.22 -13.59
C THR A 225 51.64 -20.54 -12.96
N THR A 226 51.42 -21.81 -12.57
CA THR A 226 50.15 -22.31 -12.07
C THR A 226 49.97 -21.88 -10.60
N SER A 227 48.81 -21.28 -10.27
CA SER A 227 48.40 -20.86 -8.94
C SER A 227 46.87 -20.78 -8.89
N SER A 228 46.27 -21.04 -7.72
CA SER A 228 44.84 -20.92 -7.45
C SER A 228 44.59 -20.80 -5.93
N THR A 229 45.38 -21.53 -5.12
CA THR A 229 45.32 -21.59 -3.67
C THR A 229 45.92 -20.33 -3.00
N ARG A 230 45.65 -20.16 -1.70
CA ARG A 230 46.21 -19.16 -0.80
C ARG A 230 46.58 -19.87 0.51
N ALA A 231 47.52 -19.30 1.28
CA ALA A 231 47.98 -19.84 2.56
C ALA A 231 46.92 -19.66 3.67
N THR A 232 46.22 -18.52 3.65
CA THR A 232 45.13 -18.16 4.57
C THR A 232 44.01 -17.50 3.74
N PRO A 233 43.09 -18.27 3.08
CA PRO A 233 41.98 -17.75 2.26
C PRO A 233 41.10 -16.68 2.95
N ALA A 234 40.66 -16.98 4.19
CA ALA A 234 39.90 -16.16 5.14
C ALA A 234 38.79 -15.26 4.50
N PRO A 235 37.65 -15.84 4.05
CA PRO A 235 36.53 -15.13 3.38
C PRO A 235 36.03 -13.85 4.08
N SER A 236 35.76 -13.92 5.39
CA SER A 236 35.46 -12.84 6.33
C SER A 236 34.17 -12.04 5.98
N ALA A 237 33.17 -12.71 5.40
CA ALA A 237 31.93 -12.12 4.92
C ALA A 237 30.71 -12.90 5.45
N PRO A 238 30.13 -12.52 6.62
CA PRO A 238 28.87 -13.07 7.14
C PRO A 238 27.69 -13.01 6.14
N ALA A 239 26.77 -13.97 6.22
CA ALA A 239 25.56 -14.05 5.41
C ALA A 239 24.44 -14.70 6.23
N ALA A 240 23.19 -14.31 5.97
CA ALA A 240 21.98 -14.86 6.58
C ALA A 240 20.77 -14.63 5.66
N ALA A 241 20.51 -13.37 5.33
CA ALA A 241 19.42 -12.94 4.45
C ALA A 241 19.88 -12.96 2.98
N SER A 242 18.96 -13.26 2.07
CA SER A 242 19.15 -13.30 0.62
C SER A 242 17.90 -12.85 -0.15
N ALA A 243 17.03 -12.03 0.49
CA ALA A 243 15.79 -11.53 -0.07
C ALA A 243 16.06 -10.28 -0.93
N THR A 244 15.32 -10.17 -2.04
CA THR A 244 15.28 -9.06 -3.02
C THR A 244 16.44 -9.16 -4.02
N SER A 245 16.17 -8.91 -5.31
CA SER A 245 17.13 -8.81 -6.41
C SER A 245 16.50 -8.04 -7.58
N PRO A 246 17.30 -7.37 -8.46
CA PRO A 246 16.82 -6.72 -9.70
C PRO A 246 16.00 -7.66 -10.61
N SER A 247 15.01 -7.11 -11.32
CA SER A 247 14.22 -7.79 -12.35
C SER A 247 13.71 -6.78 -13.41
N PRO A 248 13.52 -7.19 -14.69
CA PRO A 248 12.91 -6.36 -15.75
C PRO A 248 11.52 -5.78 -15.40
N ALA A 249 11.15 -4.67 -16.05
CA ALA A 249 9.82 -4.05 -15.98
C ALA A 249 9.37 -3.50 -17.35
N PRO A 250 9.12 -4.37 -18.36
CA PRO A 250 8.68 -3.92 -19.70
C PRO A 250 7.20 -3.53 -19.73
N SER A 251 6.81 -2.69 -20.71
CA SER A 251 5.43 -2.29 -21.05
C SER A 251 4.91 -1.17 -20.12
N SER A 252 5.79 -0.53 -19.35
CA SER A 252 5.49 0.45 -18.31
C SER A 252 4.94 1.79 -18.87
N GLY A 253 5.10 2.04 -20.17
CA GLY A 253 4.68 3.26 -20.87
C GLY A 253 3.54 3.02 -21.87
N ASN A 254 2.96 1.81 -21.92
CA ASN A 254 1.79 1.48 -22.73
C ASN A 254 0.52 1.67 -21.88
N GLY A 255 -0.59 2.01 -22.53
CA GLY A 255 -1.90 2.27 -21.94
C GLY A 255 -2.41 3.67 -22.30
N ALA A 256 -3.64 3.98 -21.86
CA ALA A 256 -4.31 5.27 -22.06
C ALA A 256 -5.21 5.63 -20.87
N SER A 257 -5.98 4.66 -20.36
CA SER A 257 -6.97 4.86 -19.28
C SER A 257 -6.95 3.75 -18.20
N THR A 258 -6.00 2.79 -18.32
CA THR A 258 -5.56 1.82 -17.30
C THR A 258 -6.64 0.78 -16.90
N ALA A 259 -7.67 0.58 -17.73
CA ALA A 259 -8.86 -0.23 -17.44
C ALA A 259 -8.59 -1.75 -17.41
N ALA A 260 -7.42 -2.18 -17.88
CA ALA A 260 -6.96 -3.58 -17.82
C ALA A 260 -6.35 -3.92 -16.44
N SER A 261 -5.90 -2.91 -15.68
CA SER A 261 -5.24 -3.06 -14.38
C SER A 261 -5.45 -1.83 -13.46
N PRO A 262 -6.70 -1.42 -13.13
CA PRO A 262 -6.96 -0.17 -12.40
C PRO A 262 -6.66 -0.26 -10.89
N THR A 263 -6.86 -1.43 -10.29
CA THR A 263 -6.75 -1.72 -8.85
C THR A 263 -5.94 -3.01 -8.60
N GLN A 264 -5.15 -3.46 -9.59
CA GLN A 264 -4.43 -4.71 -9.60
C GLN A 264 -3.08 -4.56 -8.85
N PRO A 265 -2.80 -5.34 -7.77
CA PRO A 265 -1.46 -5.40 -7.16
C PRO A 265 -0.50 -6.24 -8.01
N ILE A 266 0.80 -5.91 -7.96
CA ILE A 266 1.88 -6.59 -8.69
C ILE A 266 2.94 -7.02 -7.66
N GLN A 267 3.68 -6.05 -7.10
CA GLN A 267 4.77 -6.27 -6.14
C GLN A 267 4.23 -6.51 -4.72
N LEU A 268 3.10 -5.89 -4.37
CA LEU A 268 2.54 -5.79 -3.02
C LEU A 268 2.18 -7.14 -2.40
N SER A 269 1.78 -8.12 -3.21
CA SER A 269 1.40 -9.48 -2.80
C SER A 269 2.54 -10.18 -1.99
N ASP A 270 3.79 -10.02 -2.45
CA ASP A 270 4.99 -10.51 -1.76
C ASP A 270 5.39 -9.52 -0.66
N LEU A 271 5.52 -8.22 -0.99
CA LEU A 271 6.15 -7.24 -0.12
C LEU A 271 5.33 -6.87 1.13
N GLN A 272 3.99 -6.91 1.07
CA GLN A 272 3.14 -6.63 2.23
C GLN A 272 3.17 -7.78 3.25
N SER A 273 3.49 -9.01 2.82
CA SER A 273 3.67 -10.16 3.71
C SER A 273 5.00 -10.04 4.51
N ILE A 274 6.01 -9.36 3.94
CA ILE A 274 7.26 -8.99 4.61
C ILE A 274 6.95 -7.87 5.62
N LEU A 275 6.34 -6.75 5.19
CA LEU A 275 5.98 -5.60 6.02
C LEU A 275 5.12 -5.96 7.25
N ALA A 276 4.14 -6.86 7.07
CA ALA A 276 3.28 -7.42 8.12
C ALA A 276 4.05 -8.28 9.14
N THR A 277 5.26 -8.74 8.82
CA THR A 277 6.10 -9.53 9.71
C THR A 277 7.18 -8.62 10.36
N MET A 278 7.61 -7.52 9.72
CA MET A 278 8.70 -6.65 10.17
C MET A 278 8.33 -5.87 11.45
N ASN A 279 7.21 -5.14 11.43
CA ASN A 279 6.81 -4.20 12.50
C ASN A 279 5.30 -4.23 12.77
N VAL A 280 4.50 -4.90 11.91
CA VAL A 280 3.04 -5.04 11.97
C VAL A 280 2.33 -3.66 11.80
N PRO A 281 2.53 -2.95 10.66
CA PRO A 281 1.86 -1.66 10.40
C PRO A 281 0.38 -1.88 10.03
N ALA A 282 0.13 -2.85 9.14
CA ALA A 282 -1.15 -3.49 8.90
C ALA A 282 -1.12 -4.86 9.62
N GLY A 283 -2.25 -5.57 9.62
CA GLY A 283 -2.40 -6.88 10.26
C GLY A 283 -2.37 -8.01 9.23
N PRO A 284 -2.69 -9.26 9.63
CA PRO A 284 -2.69 -10.48 8.80
C PRO A 284 -3.37 -10.32 7.42
N ALA A 285 -2.72 -10.86 6.37
CA ALA A 285 -3.23 -10.87 5.00
C ALA A 285 -4.41 -11.87 4.90
N GLY A 286 -5.47 -11.48 4.19
CA GLY A 286 -6.68 -12.29 3.98
C GLY A 286 -7.95 -11.66 4.58
N GLY A 287 -7.82 -10.51 5.25
CA GLY A 287 -8.91 -9.70 5.79
C GLY A 287 -9.00 -8.37 5.06
N GLN A 288 -9.70 -7.38 5.64
CA GLN A 288 -9.89 -6.06 5.05
C GLN A 288 -9.62 -4.93 6.06
N GLN A 289 -10.14 -5.07 7.29
CA GLN A 289 -9.93 -4.21 8.46
C GLN A 289 -10.18 -2.70 8.24
N VAL A 290 -9.12 -1.94 7.96
CA VAL A 290 -9.05 -0.48 7.94
C VAL A 290 -10.04 0.18 6.95
N ASP A 291 -10.35 -0.49 5.84
CA ASP A 291 -11.31 -0.02 4.83
C ASP A 291 -12.77 -0.28 5.26
N LEU A 292 -13.02 -1.21 6.18
CA LEU A 292 -14.37 -1.52 6.67
C LEU A 292 -14.80 -0.52 7.77
N ALA A 293 -13.85 0.00 8.56
CA ALA A 293 -14.08 0.87 9.72
C ALA A 293 -14.80 2.19 9.40
N SER A 294 -14.72 2.65 8.14
CA SER A 294 -15.38 3.85 7.64
C SER A 294 -16.85 3.58 7.25
N VAL A 295 -17.22 2.32 7.01
CA VAL A 295 -18.56 1.87 6.63
C VAL A 295 -19.25 1.32 7.90
N LEU A 296 -18.58 0.37 8.57
CA LEU A 296 -19.00 -0.29 9.79
C LEU A 296 -18.37 0.49 10.94
N THR A 297 -18.98 1.63 11.30
CA THR A 297 -18.45 2.60 12.26
C THR A 297 -18.69 2.14 13.73
N PRO A 298 -17.97 2.69 14.73
CA PRO A 298 -18.12 2.38 16.16
C PRO A 298 -19.56 2.35 16.72
N GLU A 299 -20.44 3.25 16.25
CA GLU A 299 -21.83 3.35 16.67
C GLU A 299 -22.70 2.18 16.17
N ILE A 300 -22.29 1.51 15.07
CA ILE A 300 -22.95 0.33 14.51
C ILE A 300 -22.34 -0.93 15.17
N MET A 301 -21.01 -0.97 15.32
CA MET A 301 -20.27 -2.18 15.70
C MET A 301 -20.19 -2.39 17.22
N ALA A 302 -20.35 -1.34 18.04
CA ALA A 302 -20.38 -1.38 19.51
C ALA A 302 -21.12 -2.56 20.17
N PRO A 303 -22.44 -2.79 19.92
CA PRO A 303 -23.16 -3.93 20.49
C PRO A 303 -22.82 -5.29 19.86
N ILE A 304 -22.23 -5.30 18.65
CA ILE A 304 -21.81 -6.50 17.93
C ILE A 304 -20.49 -7.02 18.56
N LEU A 305 -19.51 -6.12 18.73
CA LEU A 305 -18.20 -6.42 19.32
C LEU A 305 -18.26 -6.60 20.86
N ALA A 306 -19.37 -6.22 21.50
CA ALA A 306 -19.64 -6.44 22.92
C ALA A 306 -20.23 -7.83 23.19
N ASN A 307 -20.57 -8.61 22.16
CA ASN A 307 -21.20 -9.93 22.27
C ASN A 307 -20.12 -10.99 22.49
N ALA A 308 -20.32 -11.85 23.51
CA ALA A 308 -19.38 -12.87 23.97
C ALA A 308 -18.96 -13.87 22.87
N ASP A 309 -19.90 -14.26 22.00
CA ASP A 309 -19.70 -15.20 20.91
C ASP A 309 -18.87 -14.62 19.76
N VAL A 310 -18.65 -13.31 19.71
CA VAL A 310 -17.67 -12.65 18.86
C VAL A 310 -16.34 -12.57 19.65
N GLN A 311 -16.38 -12.07 20.90
CA GLN A 311 -15.20 -11.85 21.76
C GLN A 311 -14.34 -13.11 22.00
N GLU A 312 -14.97 -14.28 22.18
CA GLU A 312 -14.30 -15.58 22.37
C GLU A 312 -13.57 -16.07 21.11
N ARG A 313 -13.79 -15.44 19.94
CA ARG A 313 -13.03 -15.68 18.72
C ARG A 313 -11.86 -14.68 18.66
N LEU A 314 -12.10 -13.41 19.03
CA LEU A 314 -11.11 -12.34 19.03
C LEU A 314 -9.99 -12.56 20.07
N LEU A 315 -10.35 -12.92 21.31
CA LEU A 315 -9.45 -13.24 22.43
C LEU A 315 -8.24 -14.15 22.10
N PRO A 316 -8.40 -15.33 21.46
CA PRO A 316 -7.28 -16.14 20.98
C PRO A 316 -6.65 -15.66 19.64
N TYR A 317 -7.37 -14.93 18.79
CA TYR A 317 -6.89 -14.56 17.44
C TYR A 317 -5.93 -13.35 17.45
N LEU A 318 -6.01 -12.45 18.45
CA LEU A 318 -5.15 -11.26 18.57
C LEU A 318 -3.64 -11.61 18.72
N PRO A 319 -2.70 -10.77 18.24
CA PRO A 319 -1.26 -11.07 18.21
C PRO A 319 -0.52 -10.95 19.56
N SER A 320 -1.21 -10.64 20.67
CA SER A 320 -0.75 -10.55 22.06
C SER A 320 -0.26 -9.15 22.48
N GLY A 321 -0.33 -8.18 21.55
CA GLY A 321 -0.05 -6.76 21.75
C GLY A 321 -1.31 -5.90 21.50
N GLU A 322 -2.48 -6.48 21.77
CA GLU A 322 -3.81 -5.93 21.56
C GLU A 322 -4.74 -6.45 22.68
N SER A 323 -5.74 -5.65 23.03
CA SER A 323 -6.82 -5.97 23.96
C SER A 323 -7.96 -4.98 23.68
N LEU A 324 -9.08 -5.47 23.14
CA LEU A 324 -10.29 -4.69 22.88
C LEU A 324 -11.08 -4.46 24.18
N PRO A 325 -11.81 -3.33 24.34
CA PRO A 325 -12.71 -3.10 25.48
C PRO A 325 -13.95 -4.01 25.40
N GLN A 326 -14.48 -4.42 26.56
CA GLN A 326 -15.46 -5.50 26.67
C GLN A 326 -16.92 -5.01 26.46
N THR A 327 -17.23 -3.79 26.86
CA THR A 327 -18.58 -3.23 26.93
C THR A 327 -18.81 -2.21 25.80
N ALA A 328 -19.99 -2.26 25.16
CA ALA A 328 -20.44 -1.43 24.04
C ALA A 328 -20.25 0.09 24.26
N ASP A 329 -20.49 0.54 25.49
CA ASP A 329 -20.32 1.92 25.98
C ASP A 329 -18.90 2.45 25.74
N GLU A 330 -17.89 1.60 25.96
CA GLU A 330 -16.48 1.92 25.82
C GLU A 330 -16.01 1.68 24.38
N ILE A 331 -16.53 0.66 23.68
CA ILE A 331 -16.23 0.40 22.25
C ILE A 331 -16.70 1.57 21.37
N GLN A 332 -17.83 2.20 21.71
CA GLN A 332 -18.42 3.32 20.97
C GLN A 332 -17.68 4.64 21.25
N ASN A 333 -17.26 4.89 22.49
CA ASN A 333 -16.87 6.23 22.97
C ASN A 333 -15.40 6.38 23.36
N THR A 334 -14.76 5.30 23.84
CA THR A 334 -13.47 5.35 24.52
C THR A 334 -12.44 4.62 23.64
N LEU A 335 -12.00 5.30 22.57
CA LEU A 335 -11.07 4.79 21.57
C LEU A 335 -10.26 5.93 20.94
N THR A 336 -9.10 5.56 20.37
CA THR A 336 -8.37 6.36 19.38
C THR A 336 -8.82 5.79 18.02
N SER A 337 -8.22 4.68 17.56
CA SER A 337 -8.66 3.85 16.44
C SER A 337 -8.07 2.42 16.39
N PRO A 338 -6.75 2.17 16.62
CA PRO A 338 -6.08 0.88 16.36
C PRO A 338 -6.77 -0.42 16.80
N GLN A 339 -7.37 -0.46 18.00
CA GLN A 339 -8.06 -1.64 18.52
C GLN A 339 -9.34 -1.97 17.72
N PHE A 340 -9.95 -0.95 17.09
CA PHE A 340 -11.11 -1.09 16.23
C PHE A 340 -10.68 -1.67 14.87
N GLN A 341 -9.49 -1.29 14.37
CA GLN A 341 -8.89 -1.81 13.13
C GLN A 341 -8.50 -3.29 13.31
N GLN A 342 -7.98 -3.66 14.50
CA GLN A 342 -7.66 -5.04 14.86
C GLN A 342 -8.95 -5.86 15.08
N ALA A 343 -9.97 -5.31 15.74
CA ALA A 343 -11.30 -5.91 15.91
C ALA A 343 -11.95 -6.24 14.57
N LEU A 344 -12.04 -5.26 13.65
CA LEU A 344 -12.57 -5.44 12.29
C LEU A 344 -11.71 -6.36 11.41
N GLY A 345 -10.48 -6.72 11.82
CA GLY A 345 -9.58 -7.60 11.08
C GLY A 345 -9.70 -9.05 11.56
N MET A 346 -9.91 -9.25 12.86
CA MET A 346 -10.30 -10.53 13.44
C MET A 346 -11.76 -10.88 13.06
N PHE A 347 -12.62 -9.87 12.93
CA PHE A 347 -13.96 -9.98 12.36
C PHE A 347 -13.88 -10.35 10.86
N SER A 348 -13.00 -9.71 10.07
CA SER A 348 -12.76 -10.02 8.65
C SER A 348 -12.39 -11.50 8.44
N ALA A 349 -11.49 -12.05 9.27
CA ALA A 349 -11.00 -13.42 9.19
C ALA A 349 -12.12 -14.45 9.45
N ALA A 350 -13.00 -14.19 10.42
CA ALA A 350 -14.13 -15.06 10.77
C ALA A 350 -15.26 -14.93 9.74
N LEU A 351 -15.54 -13.70 9.28
CA LEU A 351 -16.56 -13.37 8.29
C LEU A 351 -16.21 -13.93 6.91
N ALA A 352 -14.93 -13.89 6.51
CA ALA A 352 -14.44 -14.40 5.22
C ALA A 352 -14.42 -15.94 5.19
N SER A 353 -14.22 -16.60 6.34
CA SER A 353 -14.26 -18.04 6.47
C SER A 353 -15.72 -18.54 6.47
N GLY A 354 -16.65 -17.77 7.05
CA GLY A 354 -18.10 -18.01 7.02
C GLY A 354 -18.62 -18.51 8.38
N GLN A 355 -17.72 -18.73 9.35
CA GLN A 355 -18.00 -19.30 10.67
C GLN A 355 -18.76 -18.35 11.60
N LEU A 356 -18.77 -17.05 11.28
CA LEU A 356 -19.38 -15.99 12.09
C LEU A 356 -20.90 -15.92 11.82
N GLY A 357 -21.31 -16.19 10.57
CA GLY A 357 -22.66 -16.34 10.00
C GLY A 357 -23.86 -16.38 10.96
N PRO A 358 -24.05 -17.48 11.73
CA PRO A 358 -25.14 -17.66 12.71
C PRO A 358 -25.41 -16.50 13.69
N LEU A 359 -24.40 -15.67 14.02
CA LEU A 359 -24.55 -14.55 14.94
C LEU A 359 -25.33 -13.38 14.30
N MET A 360 -25.19 -13.18 12.97
CA MET A 360 -25.88 -12.12 12.22
C MET A 360 -27.41 -12.30 12.27
N CYS A 361 -27.86 -13.56 12.32
CA CYS A 361 -29.25 -13.98 12.48
C CYS A 361 -29.77 -13.64 13.90
N GLN A 362 -28.90 -13.68 14.92
CA GLN A 362 -29.24 -13.47 16.33
C GLN A 362 -29.26 -11.96 16.66
N PHE A 363 -28.46 -11.14 15.98
CA PHE A 363 -28.44 -9.68 16.13
C PHE A 363 -29.66 -9.04 15.44
N GLY A 364 -30.00 -9.49 14.22
CA GLY A 364 -31.17 -9.02 13.48
C GLY A 364 -30.79 -8.06 12.34
N LEU A 365 -29.58 -8.21 11.79
CA LEU A 365 -29.02 -7.39 10.72
C LEU A 365 -29.74 -7.65 9.36
N PRO A 366 -29.61 -6.76 8.34
CA PRO A 366 -30.21 -6.93 7.00
C PRO A 366 -30.00 -8.31 6.37
N ALA A 367 -31.06 -8.89 5.78
CA ALA A 367 -31.12 -10.29 5.31
C ALA A 367 -30.03 -10.67 4.29
N GLU A 368 -29.62 -9.72 3.43
CA GLU A 368 -28.54 -9.90 2.47
C GLU A 368 -27.15 -9.97 3.17
N ALA A 369 -26.97 -9.26 4.29
CA ALA A 369 -25.76 -9.31 5.11
C ALA A 369 -25.70 -10.61 5.90
N VAL A 370 -26.84 -11.07 6.42
CA VAL A 370 -27.01 -12.37 7.10
C VAL A 370 -26.67 -13.53 6.15
N GLU A 371 -27.17 -13.47 4.91
CA GLU A 371 -26.89 -14.42 3.83
C GLU A 371 -25.39 -14.41 3.46
N ALA A 372 -24.82 -13.21 3.24
CA ALA A 372 -23.41 -12.99 2.90
C ALA A 372 -22.44 -13.53 3.95
N ALA A 373 -22.73 -13.30 5.24
CA ALA A 373 -21.90 -13.72 6.37
C ALA A 373 -21.91 -15.24 6.57
N ASN A 374 -23.01 -15.93 6.22
CA ASN A 374 -23.13 -17.38 6.27
C ASN A 374 -22.46 -18.05 5.05
N LYS A 375 -22.45 -17.39 3.88
CA LYS A 375 -21.76 -17.85 2.68
C LYS A 375 -20.23 -17.61 2.79
N GLY A 376 -19.82 -16.48 3.37
CA GLY A 376 -18.43 -16.11 3.61
C GLY A 376 -17.98 -14.88 2.83
N ASP A 377 -18.92 -14.04 2.37
CA ASP A 377 -18.66 -12.85 1.55
C ASP A 377 -18.62 -11.61 2.47
N VAL A 378 -17.51 -10.87 2.44
CA VAL A 378 -17.29 -9.66 3.23
C VAL A 378 -17.79 -8.41 2.47
N GLU A 379 -17.81 -8.44 1.13
CA GLU A 379 -18.16 -7.31 0.28
C GLU A 379 -19.69 -7.11 0.30
N ALA A 380 -20.44 -8.21 0.13
CA ALA A 380 -21.91 -8.23 0.18
C ALA A 380 -22.45 -7.93 1.60
N PHE A 381 -21.68 -8.29 2.65
CA PHE A 381 -21.97 -7.95 4.04
C PHE A 381 -21.87 -6.43 4.24
N ALA A 382 -20.75 -5.82 3.82
CA ALA A 382 -20.50 -4.38 3.93
C ALA A 382 -21.49 -3.57 3.09
N LYS A 383 -21.70 -3.93 1.82
CA LYS A 383 -22.59 -3.25 0.88
C LYS A 383 -24.07 -3.27 1.30
N ALA A 384 -24.54 -4.38 1.88
CA ALA A 384 -25.92 -4.52 2.37
C ALA A 384 -26.19 -3.59 3.57
N MET A 385 -25.23 -3.48 4.50
CA MET A 385 -25.35 -2.64 5.68
C MET A 385 -25.11 -1.15 5.34
N GLN A 386 -24.22 -0.87 4.37
CA GLN A 386 -23.88 0.46 3.88
C GLN A 386 -25.08 1.17 3.21
N ASN A 387 -25.96 0.40 2.55
CA ASN A 387 -27.20 0.88 1.94
C ASN A 387 -28.29 1.09 3.01
N ASN A 388 -28.44 0.15 3.95
CA ASN A 388 -29.45 0.21 5.02
C ASN A 388 -29.15 1.28 6.09
N ALA A 389 -27.91 1.77 6.16
CA ALA A 389 -27.46 2.86 7.02
C ALA A 389 -27.88 4.25 6.49
N LYS A 390 -28.32 4.36 5.23
CA LYS A 390 -28.81 5.59 4.62
C LYS A 390 -30.33 5.70 4.88
N PRO A 391 -30.91 6.93 4.92
CA PRO A 391 -32.36 7.11 4.96
C PRO A 391 -33.02 6.79 3.60
N GLU A 392 -32.38 7.17 2.49
CA GLU A 392 -32.79 6.96 1.09
C GLU A 392 -34.03 7.80 0.71
N GLN A 393 -34.30 8.84 1.52
CA GLN A 393 -35.38 9.80 1.42
C GLN A 393 -34.84 11.04 2.16
N LYS A 394 -33.99 11.82 1.47
CA LYS A 394 -33.26 12.97 1.99
C LYS A 394 -33.04 14.10 0.96
N GLU A 395 -33.07 13.78 -0.34
CA GLU A 395 -33.02 14.73 -1.45
C GLU A 395 -34.41 14.87 -2.11
N GLY A 396 -35.31 13.90 -1.87
CA GLY A 396 -36.64 13.78 -2.45
C GLY A 396 -36.76 12.43 -3.15
N ASP A 397 -35.69 12.02 -3.84
CA ASP A 397 -35.22 10.64 -4.08
C ASP A 397 -36.04 9.82 -5.09
N THR A 398 -37.33 10.11 -5.25
CA THR A 398 -38.24 9.52 -6.22
C THR A 398 -38.00 10.22 -7.58
N LYS A 399 -37.64 9.43 -8.60
CA LYS A 399 -37.29 9.88 -9.94
C LYS A 399 -37.55 8.74 -10.94
N ASP A 400 -38.02 9.08 -12.15
CA ASP A 400 -38.38 8.15 -13.24
C ASP A 400 -38.16 8.79 -14.63
N LYS A 401 -37.41 9.89 -14.69
CA LYS A 401 -37.28 10.75 -15.88
C LYS A 401 -36.17 10.29 -16.86
N LYS A 402 -35.28 9.40 -16.41
CA LYS A 402 -34.13 8.87 -17.15
C LYS A 402 -34.03 7.35 -16.94
N ASP A 403 -33.24 6.67 -17.79
CA ASP A 403 -32.90 5.24 -17.77
C ASP A 403 -33.92 4.38 -18.53
N GLU A 404 -34.21 4.75 -19.78
CA GLU A 404 -35.11 4.03 -20.69
C GLU A 404 -34.44 2.74 -21.20
N GLU A 405 -35.27 1.75 -21.57
CA GLU A 405 -34.86 0.43 -22.06
C GLU A 405 -35.49 0.13 -23.43
N GLU A 406 -35.97 1.16 -24.14
CA GLU A 406 -36.53 1.07 -25.48
C GLU A 406 -35.38 0.94 -26.51
N ASP A 407 -35.58 0.09 -27.53
CA ASP A 407 -34.61 -0.18 -28.59
C ASP A 407 -34.84 0.71 -29.82
N MET A 408 -35.99 1.40 -29.89
CA MET A 408 -36.42 2.15 -31.08
C MET A 408 -35.79 3.55 -31.17
N SER A 409 -35.27 4.08 -30.06
CA SER A 409 -34.57 5.36 -29.97
C SER A 409 -33.09 5.18 -30.38
N LEU A 410 -32.66 5.90 -31.43
CA LEU A 410 -31.32 5.92 -32.00
C LEU A 410 -31.07 4.63 -32.84
N ASP A 411 -29.82 4.17 -32.92
CA ASP A 411 -29.37 2.95 -33.59
C ASP A 411 -28.10 2.50 -32.85
N MET A 5 39.94 52.07 -4.60
CA MET A 5 40.76 53.30 -4.48
C MET A 5 41.50 53.52 -5.81
N THR A 6 41.85 54.77 -6.13
CA THR A 6 42.52 55.17 -7.37
C THR A 6 44.03 54.86 -7.33
N THR A 7 44.61 54.72 -6.13
CA THR A 7 46.02 54.41 -5.90
C THR A 7 46.23 52.89 -6.05
N SER A 8 46.94 52.48 -7.11
CA SER A 8 47.26 51.12 -7.55
C SER A 8 46.13 50.50 -8.40
N GLY A 9 46.40 49.38 -9.07
CA GLY A 9 45.44 48.60 -9.85
C GLY A 9 45.32 47.21 -9.23
N ALA A 10 44.10 46.74 -9.03
CA ALA A 10 43.76 45.43 -8.44
C ALA A 10 42.38 45.00 -8.94
N LEU A 11 42.07 43.70 -8.81
CA LEU A 11 40.81 43.07 -9.16
C LEU A 11 40.25 42.40 -7.89
N PHE A 12 40.24 41.07 -7.85
CA PHE A 12 39.91 40.20 -6.70
C PHE A 12 38.40 40.24 -6.36
N PRO A 13 37.49 39.76 -7.25
CA PRO A 13 36.04 39.82 -7.03
C PRO A 13 35.61 38.89 -5.88
N SER A 14 35.13 39.48 -4.79
CA SER A 14 34.89 38.83 -3.50
C SER A 14 33.40 38.89 -3.09
N LEU A 15 32.50 39.17 -4.04
CA LEU A 15 31.04 39.22 -3.91
C LEU A 15 30.57 40.48 -3.17
N VAL A 16 31.32 41.58 -3.34
CA VAL A 16 31.09 42.93 -2.80
C VAL A 16 29.72 43.55 -3.19
N PRO A 17 29.26 43.55 -4.46
CA PRO A 17 27.96 44.16 -4.82
C PRO A 17 26.76 43.27 -4.46
N GLY A 18 25.55 43.79 -4.67
CA GLY A 18 24.29 43.14 -4.29
C GLY A 18 23.97 42.01 -5.29
N SER A 19 24.01 40.78 -4.79
CA SER A 19 24.05 39.54 -5.56
C SER A 19 23.29 38.42 -4.83
N ARG A 20 22.19 38.77 -4.16
CA ARG A 20 21.32 37.87 -3.40
C ARG A 20 20.53 36.94 -4.34
N GLY A 21 20.44 35.66 -3.99
CA GLY A 21 19.65 34.63 -4.66
C GLY A 21 18.72 33.92 -3.67
N ALA A 22 17.82 33.06 -4.18
CA ALA A 22 16.96 32.20 -3.39
C ALA A 22 17.71 30.90 -3.05
N SER A 23 17.44 30.34 -1.86
CA SER A 23 17.98 29.11 -1.25
C SER A 23 19.28 29.39 -0.46
N ASN A 24 19.51 28.65 0.63
CA ASN A 24 20.71 28.75 1.47
C ASN A 24 21.05 27.40 2.11
N LYS A 25 22.07 26.73 1.56
CA LYS A 25 22.58 25.39 1.87
C LYS A 25 21.75 24.29 1.18
N TYR A 26 22.28 23.05 1.17
CA TYR A 26 21.62 21.80 0.78
C TYR A 26 21.57 21.61 -0.74
N LEU A 27 21.24 20.39 -1.20
CA LEU A 27 21.01 20.09 -2.62
C LEU A 27 19.57 20.49 -2.98
N VAL A 28 18.60 20.21 -2.09
CA VAL A 28 17.21 20.62 -2.15
C VAL A 28 16.77 21.02 -0.72
N GLU A 29 15.84 21.96 -0.60
CA GLU A 29 15.08 22.32 0.58
C GLU A 29 13.68 22.78 0.13
N PHE A 30 12.61 22.21 0.70
CA PHE A 30 11.22 22.58 0.43
C PHE A 30 10.37 22.34 1.70
N ARG A 31 9.37 23.20 1.94
CA ARG A 31 8.56 23.13 3.15
C ARG A 31 7.39 22.18 2.90
N ALA A 32 7.35 21.09 3.65
CA ALA A 32 6.42 19.99 3.52
C ALA A 32 6.33 19.24 4.85
N GLY A 33 5.17 18.62 5.08
CA GLY A 33 4.88 17.77 6.23
C GLY A 33 4.81 16.31 5.73
N LYS A 34 4.59 15.37 6.65
CA LYS A 34 4.60 13.93 6.38
C LYS A 34 3.42 13.23 7.05
N MET A 35 3.39 11.91 6.94
CA MET A 35 2.39 11.02 7.54
C MET A 35 3.13 9.88 8.25
N SER A 36 2.55 9.40 9.36
CA SER A 36 3.05 8.33 10.21
C SER A 36 1.90 7.39 10.57
N LEU A 37 2.22 6.16 11.00
CA LEU A 37 1.25 5.18 11.48
C LEU A 37 1.09 5.33 13.00
N LYS A 38 -0.15 5.20 13.47
CA LYS A 38 -0.58 5.18 14.87
C LYS A 38 -0.60 3.73 15.41
N GLY A 39 -0.24 2.75 14.57
CA GLY A 39 -0.55 1.34 14.68
C GLY A 39 -1.13 0.94 13.32
N THR A 40 -2.41 0.57 13.27
CA THR A 40 -3.10 0.22 12.01
C THR A 40 -3.58 1.50 11.26
N THR A 41 -3.85 2.60 11.98
CA THR A 41 -4.38 3.84 11.44
C THR A 41 -3.20 4.72 10.95
N VAL A 42 -3.34 5.38 9.80
CA VAL A 42 -2.40 6.37 9.27
C VAL A 42 -2.88 7.75 9.78
N THR A 43 -1.94 8.62 10.17
CA THR A 43 -2.21 9.97 10.69
C THR A 43 -1.19 10.95 10.05
N PRO A 44 -1.61 12.15 9.59
CA PRO A 44 -0.68 13.20 9.11
C PRO A 44 0.01 13.89 10.30
N ASP A 45 1.29 14.22 10.16
CA ASP A 45 2.09 14.95 11.14
C ASP A 45 1.94 16.44 10.79
N LYS A 46 1.02 17.11 11.49
CA LYS A 46 0.45 18.43 11.18
C LYS A 46 1.34 19.63 11.60
N ARG A 47 2.60 19.39 11.98
CA ARG A 47 3.59 20.43 12.28
C ARG A 47 4.13 21.04 10.97
N LYS A 48 4.70 22.25 11.05
CA LYS A 48 5.36 22.92 9.94
C LYS A 48 6.75 22.28 9.77
N GLY A 49 7.02 21.69 8.61
CA GLY A 49 8.21 20.89 8.34
C GLY A 49 9.00 21.39 7.14
N LEU A 50 10.26 20.95 7.03
CA LEU A 50 11.14 21.14 5.89
C LEU A 50 11.71 19.76 5.52
N VAL A 51 11.49 19.33 4.27
CA VAL A 51 12.18 18.20 3.65
C VAL A 51 13.42 18.81 2.98
N TYR A 52 14.57 18.15 3.13
CA TYR A 52 15.85 18.61 2.61
C TYR A 52 16.74 17.43 2.21
N ILE A 53 17.67 17.67 1.29
CA ILE A 53 18.55 16.67 0.68
C ILE A 53 19.98 17.19 0.78
N GLN A 54 20.90 16.35 1.25
CA GLN A 54 22.33 16.59 1.39
C GLN A 54 23.10 15.36 0.86
N GLN A 55 24.41 15.32 1.04
CA GLN A 55 25.31 14.25 0.59
C GLN A 55 26.28 13.88 1.73
N THR A 56 26.63 12.60 1.85
CA THR A 56 27.56 12.06 2.85
C THR A 56 29.01 12.16 2.36
N ASP A 57 29.97 11.84 3.24
CA ASP A 57 31.41 11.73 2.95
C ASP A 57 31.73 10.57 1.99
N ASP A 58 30.85 9.56 1.91
CA ASP A 58 30.94 8.41 1.00
C ASP A 58 30.37 8.75 -0.38
N SER A 59 29.64 9.87 -0.51
CA SER A 59 29.05 10.42 -1.74
C SER A 59 27.66 9.82 -2.04
N LEU A 60 27.00 9.28 -1.02
CA LEU A 60 25.61 8.82 -1.06
C LEU A 60 24.72 10.01 -0.67
N ILE A 61 23.45 9.98 -1.09
CA ILE A 61 22.48 11.05 -0.85
C ILE A 61 21.92 10.88 0.57
N HIS A 62 21.89 11.95 1.36
CA HIS A 62 21.31 11.99 2.69
C HIS A 62 19.96 12.73 2.57
N PHE A 63 18.85 12.00 2.64
CA PHE A 63 17.49 12.53 2.55
C PHE A 63 16.98 12.67 4.00
N CYS A 64 16.39 13.82 4.34
CA CYS A 64 16.05 14.18 5.71
C CYS A 64 14.83 15.12 5.83
N TRP A 65 14.19 15.11 7.00
CA TRP A 65 13.04 15.95 7.36
C TRP A 65 13.24 16.50 8.77
N LYS A 66 12.94 17.80 8.96
CA LYS A 66 13.00 18.52 10.23
C LYS A 66 11.76 19.36 10.44
N ASP A 67 11.38 19.56 11.71
CA ASP A 67 10.28 20.43 12.14
C ASP A 67 10.81 21.86 12.18
N ARG A 68 10.08 22.80 11.57
CA ARG A 68 10.35 24.25 11.61
C ARG A 68 9.86 24.86 12.94
N THR A 69 9.01 24.13 13.68
CA THR A 69 8.49 24.44 15.01
C THR A 69 9.56 24.19 16.10
N SER A 70 10.72 23.60 15.77
CA SER A 70 11.81 23.27 16.69
C SER A 70 13.19 23.58 16.05
N GLY A 71 13.47 23.01 14.88
CA GLY A 71 14.74 23.11 14.15
C GLY A 71 15.47 21.75 14.10
N ASN A 72 15.04 20.79 14.93
CA ASN A 72 15.62 19.46 15.09
C ASN A 72 15.17 18.53 13.95
N VAL A 73 16.11 17.77 13.39
CA VAL A 73 15.88 16.68 12.45
C VAL A 73 15.49 15.43 13.27
N GLU A 74 14.40 14.78 12.87
CA GLU A 74 13.78 13.65 13.56
C GLU A 74 13.52 12.48 12.61
N ASP A 75 13.86 12.62 11.32
CA ASP A 75 13.73 11.59 10.29
C ASP A 75 14.84 11.83 9.25
N ASP A 76 15.75 10.88 9.07
CA ASP A 76 16.88 10.95 8.13
C ASP A 76 17.32 9.53 7.75
N LEU A 77 17.67 9.32 6.47
CA LEU A 77 18.21 8.09 5.90
C LEU A 77 19.25 8.43 4.82
N ILE A 78 20.26 7.58 4.67
CA ILE A 78 21.25 7.64 3.60
C ILE A 78 20.73 6.70 2.48
N ILE A 79 20.62 7.24 1.27
CA ILE A 79 19.98 6.63 0.11
C ILE A 79 21.05 6.44 -0.98
N PHE A 80 21.05 5.27 -1.62
CA PHE A 80 21.90 4.90 -2.76
C PHE A 80 21.26 5.43 -4.08
N PRO A 81 22.04 5.62 -5.17
CA PRO A 81 21.54 6.24 -6.40
C PRO A 81 20.44 5.41 -7.09
N ASP A 82 19.25 6.01 -7.20
CA ASP A 82 17.99 5.51 -7.78
C ASP A 82 17.19 4.63 -6.81
N ASP A 83 17.73 4.29 -5.63
CA ASP A 83 17.16 3.36 -4.65
C ASP A 83 15.81 3.82 -4.06
N CYS A 84 15.56 5.13 -4.05
CA CYS A 84 14.25 5.72 -3.87
C CYS A 84 13.79 6.32 -5.20
N GLU A 85 12.53 6.07 -5.58
CA GLU A 85 11.79 6.88 -6.53
C GLU A 85 11.01 7.92 -5.72
N PHE A 86 10.73 9.07 -6.34
CA PHE A 86 9.86 10.12 -5.81
C PHE A 86 8.82 10.44 -6.88
N LYS A 87 7.53 10.45 -6.51
CA LYS A 87 6.39 10.61 -7.41
C LYS A 87 5.24 11.29 -6.64
N ARG A 88 4.28 11.88 -7.37
CA ARG A 88 3.04 12.45 -6.83
C ARG A 88 2.03 11.30 -6.58
N VAL A 89 1.17 11.43 -5.56
CA VAL A 89 0.03 10.53 -5.36
C VAL A 89 -1.09 11.01 -6.31
N PRO A 90 -1.52 10.21 -7.30
CA PRO A 90 -2.44 10.68 -8.37
C PRO A 90 -3.91 10.78 -7.92
N GLN A 91 -4.26 10.18 -6.78
CA GLN A 91 -5.62 10.10 -6.24
C GLN A 91 -5.98 11.38 -5.43
N CYS A 92 -5.02 12.27 -5.16
CA CYS A 92 -5.19 13.49 -4.39
C CYS A 92 -5.99 14.54 -5.22
N PRO A 93 -7.12 15.08 -4.72
CA PRO A 93 -7.91 16.13 -5.39
C PRO A 93 -7.11 17.41 -5.72
N SER A 94 -6.30 17.90 -4.76
CA SER A 94 -5.55 19.14 -4.86
C SER A 94 -4.22 18.90 -5.61
N GLY A 95 -3.54 17.79 -5.32
CA GLY A 95 -2.31 17.34 -5.99
C GLY A 95 -1.07 17.43 -5.09
N ARG A 96 -1.22 17.97 -3.88
CA ARG A 96 -0.14 18.40 -2.98
C ARG A 96 0.56 17.24 -2.25
N VAL A 97 0.01 16.02 -2.28
CA VAL A 97 0.56 14.83 -1.62
C VAL A 97 1.49 14.11 -2.61
N TYR A 98 2.69 13.80 -2.14
CA TYR A 98 3.79 13.13 -2.84
C TYR A 98 4.26 11.94 -2.00
N VAL A 99 4.97 10.99 -2.62
CA VAL A 99 5.46 9.78 -1.99
C VAL A 99 6.89 9.48 -2.48
N LEU A 100 7.79 9.23 -1.52
CA LEU A 100 9.10 8.62 -1.71
C LEU A 100 8.86 7.10 -1.54
N LYS A 101 9.23 6.30 -2.53
CA LYS A 101 9.03 4.85 -2.59
C LYS A 101 10.41 4.21 -2.69
N PHE A 102 10.77 3.38 -1.72
CA PHE A 102 12.07 2.71 -1.60
C PHE A 102 11.96 1.39 -2.40
N LYS A 103 12.85 1.19 -3.39
CA LYS A 103 12.80 0.08 -4.34
C LYS A 103 13.28 -1.23 -3.69
N ALA A 104 14.19 -1.14 -2.71
CA ALA A 104 14.54 -2.22 -1.80
C ALA A 104 13.90 -1.92 -0.45
N GLY A 105 13.24 -2.92 0.16
CA GLY A 105 12.76 -2.89 1.54
C GLY A 105 11.23 -2.86 1.64
N SER A 106 10.54 -2.34 0.61
CA SER A 106 9.08 -2.21 0.45
C SER A 106 8.49 -0.96 1.14
N LYS A 107 9.35 -0.13 1.73
CA LYS A 107 9.01 1.05 2.52
C LYS A 107 8.54 2.21 1.62
N ARG A 108 7.73 3.11 2.19
CA ARG A 108 7.30 4.37 1.63
C ARG A 108 7.44 5.46 2.69
N LEU A 109 7.58 6.72 2.26
CA LEU A 109 7.38 7.92 3.06
C LEU A 109 6.49 8.86 2.24
N PHE A 110 5.29 9.16 2.76
CA PHE A 110 4.33 10.06 2.16
C PHE A 110 4.58 11.47 2.73
N PHE A 111 4.64 12.46 1.85
CA PHE A 111 4.91 13.86 2.12
C PHE A 111 3.78 14.71 1.53
N TRP A 112 3.53 15.90 2.08
CA TRP A 112 2.52 16.85 1.62
C TRP A 112 3.05 18.27 1.70
N MET A 113 2.91 19.01 0.60
CA MET A 113 3.48 20.34 0.38
C MET A 113 2.79 21.40 1.26
N GLN A 114 3.58 22.24 1.94
CA GLN A 114 3.12 23.28 2.88
C GLN A 114 3.44 24.71 2.36
N GLU A 115 3.82 24.85 1.08
CA GLU A 115 4.05 26.14 0.44
C GLU A 115 2.69 26.81 0.13
N PRO A 116 2.50 28.13 0.42
CA PRO A 116 1.21 28.81 0.26
C PRO A 116 0.86 29.06 -1.22
N LYS A 117 1.85 29.42 -2.04
CA LYS A 117 1.85 29.25 -3.49
C LYS A 117 2.36 27.83 -3.70
N THR A 118 1.57 26.94 -4.31
CA THR A 118 1.85 25.50 -4.40
C THR A 118 2.54 25.12 -5.73
N ASP A 119 2.63 26.07 -6.68
CA ASP A 119 2.99 25.89 -8.09
C ASP A 119 4.41 25.32 -8.35
N GLN A 120 5.28 25.33 -7.34
CA GLN A 120 6.67 24.85 -7.43
C GLN A 120 6.76 23.32 -7.20
N ASP A 121 5.65 22.64 -6.83
CA ASP A 121 5.58 21.21 -6.52
C ASP A 121 6.16 20.30 -7.63
N GLU A 122 5.83 20.57 -8.90
CA GLU A 122 6.35 19.86 -10.07
C GLU A 122 7.83 20.19 -10.36
N GLU A 123 8.35 21.33 -9.90
CA GLU A 123 9.77 21.67 -10.00
C GLU A 123 10.54 20.95 -8.88
N HIS A 124 9.99 20.93 -7.65
CA HIS A 124 10.54 20.25 -6.48
C HIS A 124 10.65 18.74 -6.73
N CYS A 125 9.58 18.11 -7.23
CA CYS A 125 9.52 16.68 -7.58
C CYS A 125 10.63 16.27 -8.55
N ARG A 126 10.86 17.06 -9.61
CA ARG A 126 11.92 16.83 -10.60
C ARG A 126 13.32 17.01 -9.98
N LYS A 127 13.55 18.08 -9.19
CA LYS A 127 14.80 18.32 -8.48
C LYS A 127 15.15 17.19 -7.49
N VAL A 128 14.18 16.75 -6.68
CA VAL A 128 14.28 15.61 -5.77
C VAL A 128 14.65 14.32 -6.53
N ASN A 129 13.88 13.98 -7.58
CA ASN A 129 14.08 12.77 -8.39
C ASN A 129 15.47 12.75 -9.05
N GLU A 130 15.93 13.88 -9.62
CA GLU A 130 17.22 14.02 -10.29
C GLU A 130 18.39 13.77 -9.33
N TYR A 131 18.41 14.40 -8.15
CA TYR A 131 19.45 14.17 -7.15
C TYR A 131 19.43 12.74 -6.59
N LEU A 132 18.25 12.13 -6.46
CA LEU A 132 18.08 10.73 -6.05
C LEU A 132 18.55 9.75 -7.16
N ASN A 133 18.22 9.98 -8.43
CA ASN A 133 18.61 9.08 -9.53
C ASN A 133 20.09 9.26 -9.94
N ASN A 134 20.67 10.47 -9.79
CA ASN A 134 22.03 10.80 -10.19
C ASN A 134 22.62 11.89 -9.27
N PRO A 135 23.47 11.54 -8.27
CA PRO A 135 24.30 12.47 -7.48
C PRO A 135 25.14 13.45 -8.34
N PRO A 136 25.50 14.64 -7.82
CA PRO A 136 26.19 15.69 -8.60
C PRO A 136 27.66 15.36 -8.90
N MET A 137 28.38 14.74 -7.95
CA MET A 137 29.71 14.19 -8.16
C MET A 137 29.56 12.77 -8.74
N PRO A 138 30.37 12.36 -9.74
CA PRO A 138 30.31 11.00 -10.31
C PRO A 138 30.96 9.97 -9.36
N GLY A 139 30.39 8.77 -9.30
CA GLY A 139 30.87 7.63 -8.53
C GLY A 139 31.01 6.39 -9.43
N ALA A 140 31.33 5.25 -8.80
CA ALA A 140 31.37 3.92 -9.39
C ALA A 140 30.91 2.91 -8.34
N LEU A 141 30.19 1.87 -8.77
CA LEU A 141 29.62 0.83 -7.91
C LEU A 141 29.62 -0.50 -8.66
N GLY A 142 28.73 -0.65 -9.64
CA GLY A 142 28.47 -1.89 -10.36
C GLY A 142 28.78 -1.81 -11.87
N ALA A 143 29.24 -0.65 -12.36
CA ALA A 143 29.73 -0.39 -13.72
C ALA A 143 28.66 -0.54 -14.82
N SER A 144 27.38 -0.43 -14.44
CA SER A 144 26.21 -0.69 -15.26
C SER A 144 25.01 0.15 -14.77
N GLY A 145 23.96 0.25 -15.59
CA GLY A 145 22.75 1.03 -15.33
C GLY A 145 21.54 0.09 -15.24
N SER A 146 20.60 0.21 -16.17
CA SER A 146 19.36 -0.57 -16.25
C SER A 146 19.14 -1.06 -17.71
N SER A 147 18.41 -2.16 -17.86
CA SER A 147 18.15 -2.85 -19.13
C SER A 147 17.21 -2.05 -20.07
N GLY A 148 16.31 -1.26 -19.48
CA GLY A 148 15.48 -0.26 -20.14
C GLY A 148 15.66 1.08 -19.44
N HIS A 149 15.45 2.18 -20.17
CA HIS A 149 15.45 3.56 -19.67
C HIS A 149 14.02 3.90 -19.24
N GLU A 150 13.59 3.36 -18.10
CA GLU A 150 12.26 3.43 -17.48
C GLU A 150 11.23 2.46 -18.08
N LEU A 151 11.54 1.91 -19.27
CA LEU A 151 10.70 1.00 -20.05
C LEU A 151 10.72 -0.44 -19.51
N SER A 152 11.58 -0.72 -18.52
CA SER A 152 11.78 -1.96 -17.78
C SER A 152 10.66 -2.20 -16.73
N ALA A 153 9.40 -1.99 -17.14
CA ALA A 153 8.18 -2.12 -16.35
C ALA A 153 7.23 -3.13 -17.02
N LEU A 154 6.26 -3.63 -16.24
CA LEU A 154 5.20 -4.55 -16.65
C LEU A 154 3.90 -4.01 -16.06
N GLY A 155 3.15 -3.23 -16.85
CA GLY A 155 1.88 -2.61 -16.48
C GLY A 155 1.96 -1.08 -16.33
N GLY A 156 3.14 -0.50 -16.52
CA GLY A 156 3.45 0.91 -16.35
C GLY A 156 3.93 1.54 -17.66
N GLU A 157 5.11 2.15 -17.63
CA GLU A 157 5.74 2.85 -18.75
C GLU A 157 6.18 1.86 -19.85
N GLY A 158 6.01 2.26 -21.12
CA GLY A 158 6.24 1.44 -22.31
C GLY A 158 4.94 1.36 -23.13
N GLY A 159 4.65 0.19 -23.70
CA GLY A 159 3.50 -0.07 -24.55
C GLY A 159 3.91 -0.70 -25.89
N LEU A 160 2.94 -0.83 -26.80
CA LEU A 160 3.08 -1.49 -28.10
C LEU A 160 3.69 -0.52 -29.14
N GLN A 161 4.28 -1.10 -30.19
CA GLN A 161 4.86 -0.44 -31.36
C GLN A 161 3.78 0.38 -32.09
N SER A 162 3.94 1.70 -32.10
CA SER A 162 2.93 2.67 -32.51
C SER A 162 3.55 3.89 -33.21
N LEU A 163 4.58 3.67 -34.03
CA LEU A 163 5.30 4.61 -34.92
C LEU A 163 6.31 5.48 -34.16
N LEU A 164 5.91 6.03 -33.01
CA LEU A 164 6.71 6.83 -32.09
C LEU A 164 7.46 5.90 -31.10
N GLY A 165 8.00 4.78 -31.61
CA GLY A 165 8.78 3.78 -30.90
C GLY A 165 10.17 3.64 -31.53
N ASN A 166 11.02 2.79 -30.93
CA ASN A 166 12.40 2.55 -31.37
C ASN A 166 12.44 1.55 -32.55
N MET A 167 11.44 0.66 -32.64
CA MET A 167 11.26 -0.30 -33.73
C MET A 167 10.38 0.34 -34.81
N SER A 168 10.76 0.15 -36.09
CA SER A 168 10.03 0.63 -37.27
C SER A 168 9.65 -0.52 -38.21
N HIS A 169 10.48 -1.59 -38.28
CA HIS A 169 10.26 -2.76 -39.13
C HIS A 169 9.12 -3.66 -38.61
N SER A 170 8.82 -3.59 -37.30
CA SER A 170 7.79 -4.37 -36.63
C SER A 170 6.36 -3.90 -37.00
N GLN A 171 6.22 -2.69 -37.58
CA GLN A 171 4.94 -2.10 -37.96
C GLN A 171 4.39 -2.75 -39.26
N LEU A 172 5.27 -3.20 -40.15
CA LEU A 172 4.97 -3.94 -41.37
C LEU A 172 6.22 -4.73 -41.77
N MET A 173 6.23 -6.04 -41.49
CA MET A 173 7.34 -6.96 -41.79
C MET A 173 7.13 -7.59 -43.20
N GLN A 174 6.88 -6.73 -44.20
CA GLN A 174 6.68 -7.06 -45.61
C GLN A 174 7.17 -5.87 -46.45
N LEU A 175 7.59 -6.15 -47.70
CA LEU A 175 8.14 -5.18 -48.64
C LEU A 175 7.03 -4.26 -49.16
N ILE A 176 6.22 -4.75 -50.10
CA ILE A 176 5.01 -4.14 -50.65
C ILE A 176 4.18 -5.29 -51.23
N GLY A 177 2.86 -5.31 -50.95
CA GLY A 177 1.85 -6.36 -51.19
C GLY A 177 2.38 -7.81 -51.32
N PRO A 178 1.91 -8.62 -52.31
CA PRO A 178 2.43 -9.96 -52.55
C PRO A 178 3.78 -9.90 -53.30
N ALA A 179 4.75 -10.73 -52.88
CA ALA A 179 6.04 -10.89 -53.54
C ALA A 179 5.93 -11.99 -54.61
N GLY A 180 6.46 -11.73 -55.81
CA GLY A 180 6.43 -12.64 -56.96
C GLY A 180 7.82 -13.04 -57.46
N LEU A 181 8.89 -12.56 -56.80
CA LEU A 181 10.29 -12.86 -57.09
C LEU A 181 10.67 -14.18 -56.37
N GLY A 182 11.55 -14.97 -57.00
CA GLY A 182 11.99 -16.28 -56.51
C GLY A 182 13.45 -16.30 -56.04
N GLY A 183 14.19 -15.19 -56.26
CA GLY A 183 15.53 -14.94 -55.72
C GLY A 183 16.58 -14.79 -56.82
N LEU A 184 16.39 -15.46 -57.96
CA LEU A 184 17.21 -15.41 -59.16
C LEU A 184 16.37 -15.75 -60.40
N GLY A 185 16.94 -15.52 -61.58
CA GLY A 185 16.38 -15.85 -62.89
C GLY A 185 17.31 -16.80 -63.66
N GLY A 186 16.95 -17.10 -64.91
CA GLY A 186 17.69 -17.95 -65.84
C GLY A 186 18.10 -17.13 -67.06
N LEU A 187 17.72 -17.59 -68.27
CA LEU A 187 17.98 -16.97 -69.55
C LEU A 187 16.68 -16.94 -70.37
N GLY A 188 15.61 -16.48 -69.74
CA GLY A 188 14.26 -16.31 -70.28
C GLY A 188 13.85 -14.83 -70.19
N ALA A 189 12.67 -14.57 -69.60
CA ALA A 189 12.08 -13.25 -69.34
C ALA A 189 11.47 -12.60 -70.60
N LEU A 190 10.99 -13.44 -71.54
CA LEU A 190 10.51 -13.04 -72.86
C LEU A 190 9.04 -12.56 -72.82
N THR A 191 8.29 -12.91 -71.77
CA THR A 191 6.92 -12.47 -71.52
C THR A 191 6.93 -11.05 -70.92
N GLY A 192 5.92 -10.24 -71.26
CA GLY A 192 5.67 -8.91 -70.71
C GLY A 192 4.27 -8.84 -70.07
N PRO A 193 3.75 -7.64 -69.76
CA PRO A 193 2.37 -7.41 -69.29
C PRO A 193 1.29 -8.00 -70.23
N GLY A 194 1.50 -7.85 -71.54
CA GLY A 194 0.80 -8.54 -72.62
C GLY A 194 1.81 -9.24 -73.53
N LEU A 195 1.34 -9.79 -74.65
CA LEU A 195 2.12 -10.39 -75.74
C LEU A 195 2.63 -11.81 -75.40
N ALA A 196 2.02 -12.45 -74.40
CA ALA A 196 2.30 -13.83 -73.98
C ALA A 196 1.61 -14.83 -74.93
N SER A 197 2.11 -16.06 -74.98
CA SER A 197 1.63 -17.16 -75.83
C SER A 197 0.27 -17.66 -75.32
N LEU A 198 -0.69 -17.89 -76.23
CA LEU A 198 -2.07 -18.26 -75.95
C LEU A 198 -2.64 -19.27 -76.96
N LEU A 199 -1.76 -19.97 -77.70
CA LEU A 199 -2.09 -20.88 -78.79
C LEU A 199 -2.77 -22.16 -78.27
N GLY A 200 -2.31 -22.69 -77.13
CA GLY A 200 -2.87 -23.85 -76.43
C GLY A 200 -1.96 -25.07 -76.52
N SER A 201 -1.26 -25.22 -77.65
CA SER A 201 -0.34 -26.28 -78.06
C SER A 201 -1.10 -27.52 -78.59
N SER A 202 -0.62 -28.10 -79.71
CA SER A 202 -1.07 -29.34 -80.35
C SER A 202 -2.33 -29.10 -81.22
N GLY A 203 -3.44 -28.68 -80.60
CA GLY A 203 -4.71 -28.37 -81.24
C GLY A 203 -5.23 -26.98 -80.85
N PRO A 204 -6.22 -26.41 -81.58
CA PRO A 204 -6.82 -25.12 -81.25
C PRO A 204 -7.83 -25.24 -80.09
N PRO A 205 -8.01 -24.21 -79.25
CA PRO A 205 -9.01 -24.20 -78.17
C PRO A 205 -10.42 -23.96 -78.73
N GLY A 206 -11.17 -25.03 -78.97
CA GLY A 206 -12.55 -25.02 -79.46
C GLY A 206 -13.44 -25.76 -78.47
N SER A 207 -14.37 -25.05 -77.84
CA SER A 207 -15.30 -25.55 -76.82
C SER A 207 -16.68 -24.87 -76.89
N SER A 208 -16.99 -24.18 -77.99
CA SER A 208 -18.29 -23.61 -78.37
C SER A 208 -18.73 -22.43 -77.47
N SER A 209 -17.83 -21.91 -76.62
CA SER A 209 -18.06 -20.87 -75.62
C SER A 209 -18.92 -21.41 -74.44
N SER A 210 -18.75 -22.71 -74.10
CA SER A 210 -19.62 -23.45 -73.17
C SER A 210 -18.85 -24.13 -72.01
N SER A 211 -17.55 -23.87 -71.88
CA SER A 211 -16.67 -24.45 -70.86
C SER A 211 -15.66 -23.42 -70.30
N SER A 212 -15.88 -22.12 -70.54
CA SER A 212 -15.04 -21.03 -70.07
C SER A 212 -15.48 -20.55 -68.68
N SER A 213 -16.80 -20.41 -68.48
CA SER A 213 -17.46 -19.85 -67.30
C SER A 213 -17.41 -20.80 -66.09
N ARG A 214 -17.95 -22.02 -66.23
CA ARG A 214 -17.97 -23.09 -65.23
C ARG A 214 -16.63 -23.86 -65.28
N SER A 215 -15.53 -23.11 -65.14
CA SER A 215 -14.14 -23.54 -65.16
C SER A 215 -13.31 -22.47 -64.43
N GLN A 216 -12.05 -22.27 -64.82
CA GLN A 216 -11.07 -21.36 -64.25
C GLN A 216 -11.33 -19.88 -64.62
N SER A 217 -12.38 -19.58 -65.40
CA SER A 217 -12.92 -18.27 -65.76
C SER A 217 -12.24 -17.61 -66.98
N ALA A 218 -11.33 -18.35 -67.64
CA ALA A 218 -10.57 -18.02 -68.85
C ALA A 218 -9.33 -17.15 -68.58
N ALA A 219 -8.37 -17.19 -69.51
CA ALA A 219 -7.15 -16.39 -69.52
C ALA A 219 -7.39 -15.04 -70.22
N VAL A 220 -6.38 -14.16 -70.17
CA VAL A 220 -6.26 -12.84 -70.82
C VAL A 220 -6.93 -11.75 -69.98
N THR A 221 -6.13 -10.91 -69.32
CA THR A 221 -6.57 -9.78 -68.49
C THR A 221 -5.58 -8.58 -68.58
N PRO A 222 -5.32 -7.99 -69.78
CA PRO A 222 -4.33 -6.91 -69.94
C PRO A 222 -4.80 -5.52 -69.45
N SER A 223 -6.07 -5.36 -69.05
CA SER A 223 -6.66 -4.13 -68.53
C SER A 223 -6.38 -3.92 -67.01
N SER A 224 -5.49 -4.72 -66.42
CA SER A 224 -5.01 -4.65 -65.05
C SER A 224 -3.52 -5.02 -65.03
N THR A 225 -2.74 -4.45 -64.11
CA THR A 225 -1.32 -4.70 -63.91
C THR A 225 -1.10 -6.08 -63.23
N THR A 226 -2.03 -6.49 -62.35
CA THR A 226 -2.05 -7.77 -61.68
C THR A 226 -3.51 -8.06 -61.26
N SER A 227 -4.04 -9.23 -61.64
CA SER A 227 -5.37 -9.73 -61.29
C SER A 227 -5.32 -11.27 -61.31
N SER A 228 -6.04 -11.92 -60.38
CA SER A 228 -6.27 -13.36 -60.30
C SER A 228 -5.08 -14.14 -59.70
N THR A 229 -4.22 -13.46 -58.91
CA THR A 229 -3.07 -14.05 -58.23
C THR A 229 -3.54 -15.03 -57.12
N ARG A 230 -2.91 -16.21 -57.04
CA ARG A 230 -3.23 -17.27 -56.08
C ARG A 230 -2.37 -17.07 -54.83
N ALA A 231 -2.98 -17.20 -53.65
CA ALA A 231 -2.35 -17.22 -52.33
C ALA A 231 -3.27 -18.01 -51.40
N THR A 232 -2.71 -18.90 -50.58
CA THR A 232 -3.45 -19.81 -49.69
C THR A 232 -2.77 -19.89 -48.31
N PRO A 233 -2.99 -18.93 -47.38
CA PRO A 233 -2.52 -18.99 -45.98
C PRO A 233 -2.96 -20.28 -45.26
N ALA A 234 -2.06 -20.88 -44.48
CA ALA A 234 -2.31 -22.10 -43.70
C ALA A 234 -1.47 -22.11 -42.41
N PRO A 235 -1.79 -21.29 -41.39
CA PRO A 235 -1.06 -21.29 -40.11
C PRO A 235 -1.44 -22.53 -39.26
N SER A 236 -0.44 -23.29 -38.82
CA SER A 236 -0.58 -24.54 -38.07
C SER A 236 0.58 -24.74 -37.09
N ALA A 237 1.23 -23.66 -36.64
CA ALA A 237 2.32 -23.67 -35.67
C ALA A 237 1.78 -23.80 -34.23
N PRO A 238 2.45 -24.54 -33.32
CA PRO A 238 1.98 -24.72 -31.93
C PRO A 238 2.21 -23.49 -31.03
N ALA A 239 3.08 -22.55 -31.44
CA ALA A 239 3.40 -21.32 -30.72
C ALA A 239 2.42 -20.17 -31.05
N ALA A 240 1.52 -20.36 -32.03
CA ALA A 240 0.50 -19.41 -32.45
C ALA A 240 -0.73 -19.51 -31.52
N ALA A 241 -1.58 -18.47 -31.55
CA ALA A 241 -2.83 -18.35 -30.81
C ALA A 241 -3.87 -17.64 -31.68
N SER A 242 -5.16 -17.79 -31.35
CA SER A 242 -6.32 -17.20 -32.02
C SER A 242 -7.46 -17.00 -31.00
N ALA A 243 -7.14 -16.42 -29.84
CA ALA A 243 -8.01 -16.19 -28.67
C ALA A 243 -9.05 -15.07 -28.91
N THR A 244 -9.77 -15.16 -30.03
CA THR A 244 -10.87 -14.31 -30.45
C THR A 244 -12.07 -14.40 -29.46
N SER A 245 -12.67 -13.25 -29.14
CA SER A 245 -13.73 -13.06 -28.15
C SER A 245 -13.25 -13.34 -26.70
N PRO A 246 -12.24 -12.61 -26.17
CA PRO A 246 -11.66 -12.88 -24.84
C PRO A 246 -12.54 -12.40 -23.67
N SER A 247 -13.48 -11.48 -23.91
CA SER A 247 -14.42 -10.95 -22.92
C SER A 247 -15.78 -10.65 -23.60
N PRO A 248 -16.68 -11.65 -23.79
CA PRO A 248 -17.98 -11.44 -24.45
C PRO A 248 -18.96 -10.72 -23.49
N ALA A 249 -19.21 -9.43 -23.74
CA ALA A 249 -20.10 -8.57 -22.99
C ALA A 249 -20.73 -7.51 -23.93
N PRO A 250 -21.76 -7.87 -24.74
CA PRO A 250 -22.40 -6.92 -25.66
C PRO A 250 -23.37 -5.95 -24.94
N SER A 251 -23.95 -6.37 -23.81
CA SER A 251 -24.83 -5.58 -22.96
C SER A 251 -24.00 -4.61 -22.09
N SER A 252 -24.56 -3.44 -21.76
CA SER A 252 -23.95 -2.43 -20.90
C SER A 252 -24.01 -2.91 -19.43
N GLY A 253 -22.91 -2.71 -18.69
CA GLY A 253 -22.74 -3.07 -17.28
C GLY A 253 -22.37 -1.86 -16.43
N ASN A 254 -22.02 -2.09 -15.16
CA ASN A 254 -21.62 -1.09 -14.17
C ASN A 254 -20.52 -1.68 -13.26
N GLY A 255 -19.52 -2.34 -13.87
CA GLY A 255 -18.42 -3.01 -13.20
C GLY A 255 -18.42 -4.50 -13.56
N ALA A 256 -18.38 -5.37 -12.54
CA ALA A 256 -18.37 -6.84 -12.58
C ALA A 256 -16.96 -7.40 -12.83
N SER A 257 -16.34 -6.99 -13.94
CA SER A 257 -14.98 -7.32 -14.33
C SER A 257 -14.05 -6.25 -13.72
N THR A 258 -13.78 -6.37 -12.41
CA THR A 258 -13.10 -5.38 -11.57
C THR A 258 -11.93 -6.00 -10.77
N ALA A 259 -11.33 -7.09 -11.28
CA ALA A 259 -10.22 -7.80 -10.65
C ALA A 259 -8.86 -7.10 -10.91
N ALA A 260 -8.72 -6.36 -12.02
CA ALA A 260 -7.50 -5.67 -12.43
C ALA A 260 -7.72 -4.28 -13.03
N SER A 261 -8.97 -3.86 -13.23
CA SER A 261 -9.33 -2.53 -13.75
C SER A 261 -9.16 -1.36 -12.74
N PRO A 262 -9.53 -1.46 -11.44
CA PRO A 262 -9.39 -0.33 -10.51
C PRO A 262 -7.93 -0.11 -10.07
N THR A 263 -7.22 -1.21 -9.76
CA THR A 263 -5.81 -1.28 -9.40
C THR A 263 -5.23 -2.56 -10.03
N GLN A 264 -4.00 -2.48 -10.56
CA GLN A 264 -3.28 -3.61 -11.16
C GLN A 264 -2.36 -4.22 -10.06
N PRO A 265 -2.49 -5.53 -9.73
CA PRO A 265 -1.54 -6.24 -8.84
C PRO A 265 -0.09 -6.23 -9.37
N ILE A 266 0.88 -6.21 -8.48
CA ILE A 266 2.31 -6.40 -8.73
C ILE A 266 2.82 -7.40 -7.66
N GLN A 267 4.08 -7.25 -7.22
CA GLN A 267 4.75 -8.03 -6.17
C GLN A 267 4.23 -7.73 -4.74
N LEU A 268 3.25 -6.82 -4.61
CA LEU A 268 2.59 -6.39 -3.37
C LEU A 268 2.00 -7.56 -2.55
N SER A 269 1.56 -8.61 -3.23
CA SER A 269 0.99 -9.84 -2.65
C SER A 269 2.01 -10.65 -1.82
N ASP A 270 3.32 -10.45 -2.06
CA ASP A 270 4.40 -11.03 -1.25
C ASP A 270 4.83 -10.02 -0.17
N LEU A 271 4.94 -8.74 -0.52
CA LEU A 271 5.52 -7.69 0.33
C LEU A 271 4.57 -7.23 1.46
N GLN A 272 3.26 -7.47 1.35
CA GLN A 272 2.28 -7.14 2.39
C GLN A 272 2.43 -8.03 3.65
N SER A 273 2.98 -9.24 3.50
CA SER A 273 2.99 -10.29 4.52
C SER A 273 4.09 -10.06 5.57
N ILE A 274 5.25 -9.52 5.18
CA ILE A 274 6.40 -9.31 6.08
C ILE A 274 6.16 -8.09 7.00
N LEU A 275 5.37 -7.10 6.55
CA LEU A 275 5.01 -5.90 7.33
C LEU A 275 4.11 -6.25 8.53
N ALA A 276 3.32 -7.32 8.43
CA ALA A 276 2.46 -7.84 9.49
C ALA A 276 3.27 -8.55 10.61
N THR A 277 4.55 -8.87 10.36
CA THR A 277 5.49 -9.36 11.36
C THR A 277 6.33 -8.18 11.89
N MET A 278 6.79 -7.29 11.00
CA MET A 278 7.78 -6.25 11.32
C MET A 278 7.18 -5.01 12.01
N ASN A 279 5.94 -4.61 11.69
CA ASN A 279 5.41 -3.28 12.05
C ASN A 279 3.92 -3.32 12.42
N VAL A 280 3.12 -4.14 11.72
CA VAL A 280 1.68 -4.35 11.92
C VAL A 280 0.85 -3.14 11.42
N PRO A 281 0.89 -2.78 10.11
CA PRO A 281 0.04 -1.71 9.54
C PRO A 281 -1.40 -2.18 9.25
N ALA A 282 -1.63 -3.50 9.29
CA ALA A 282 -2.87 -4.24 9.15
C ALA A 282 -2.68 -5.55 9.91
N GLY A 283 -3.71 -6.41 9.94
CA GLY A 283 -3.67 -7.68 10.66
C GLY A 283 -3.33 -8.85 9.70
N PRO A 284 -2.78 -9.98 10.22
CA PRO A 284 -2.26 -11.08 9.39
C PRO A 284 -3.33 -11.91 8.65
N ALA A 285 -4.61 -11.72 8.97
CA ALA A 285 -5.77 -12.31 8.29
C ALA A 285 -6.85 -11.25 8.00
N GLY A 286 -6.48 -9.96 8.01
CA GLY A 286 -7.35 -8.81 7.83
C GLY A 286 -6.98 -8.06 6.55
N GLY A 287 -6.91 -6.73 6.61
CA GLY A 287 -6.55 -5.84 5.50
C GLY A 287 -7.71 -4.94 5.07
N GLN A 288 -8.95 -5.47 5.14
CA GLN A 288 -10.18 -4.76 4.75
C GLN A 288 -10.65 -3.79 5.85
N GLN A 289 -10.23 -4.06 7.09
CA GLN A 289 -10.57 -3.43 8.37
C GLN A 289 -10.62 -1.89 8.38
N VAL A 290 -9.71 -1.23 7.66
CA VAL A 290 -9.57 0.23 7.60
C VAL A 290 -10.69 0.84 6.72
N ASP A 291 -11.11 0.13 5.67
CA ASP A 291 -12.19 0.54 4.76
C ASP A 291 -13.54 0.16 5.38
N LEU A 292 -13.63 -1.02 6.00
CA LEU A 292 -14.79 -1.52 6.74
C LEU A 292 -15.21 -0.58 7.89
N ALA A 293 -14.25 0.04 8.59
CA ALA A 293 -14.46 0.99 9.69
C ALA A 293 -15.25 2.25 9.29
N SER A 294 -15.30 2.59 7.98
CA SER A 294 -16.04 3.73 7.45
C SER A 294 -17.52 3.35 7.16
N VAL A 295 -17.86 2.04 7.13
CA VAL A 295 -19.20 1.51 6.91
C VAL A 295 -19.72 0.97 8.26
N LEU A 296 -18.98 0.02 8.84
CA LEU A 296 -19.23 -0.63 10.11
C LEU A 296 -18.64 0.25 11.23
N THR A 297 -19.21 1.44 11.40
CA THR A 297 -18.82 2.43 12.40
C THR A 297 -19.25 1.96 13.83
N PRO A 298 -18.67 2.50 14.92
CA PRO A 298 -19.01 2.16 16.32
C PRO A 298 -20.50 2.14 16.68
N GLU A 299 -21.32 2.97 16.01
CA GLU A 299 -22.77 3.05 16.14
C GLU A 299 -23.48 1.73 15.80
N ILE A 300 -22.92 0.95 14.85
CA ILE A 300 -23.37 -0.40 14.52
C ILE A 300 -22.58 -1.40 15.38
N MET A 301 -21.25 -1.27 15.42
CA MET A 301 -20.34 -2.35 15.83
C MET A 301 -20.19 -2.53 17.35
N ALA A 302 -20.36 -1.49 18.17
CA ALA A 302 -20.19 -1.52 19.63
C ALA A 302 -20.82 -2.73 20.37
N PRO A 303 -22.13 -3.03 20.22
CA PRO A 303 -22.76 -4.22 20.85
C PRO A 303 -22.41 -5.56 20.16
N ILE A 304 -21.86 -5.55 18.95
CA ILE A 304 -21.45 -6.74 18.21
C ILE A 304 -20.09 -7.19 18.75
N LEU A 305 -19.10 -6.28 18.78
CA LEU A 305 -17.72 -6.54 19.21
C LEU A 305 -17.63 -6.83 20.73
N ALA A 306 -18.57 -6.30 21.51
CA ALA A 306 -18.67 -6.51 22.95
C ALA A 306 -19.40 -7.82 23.33
N ASN A 307 -20.00 -8.53 22.36
CA ASN A 307 -20.72 -9.78 22.63
C ASN A 307 -19.72 -10.91 22.91
N ALA A 308 -19.99 -11.75 23.92
CA ALA A 308 -19.16 -12.85 24.37
C ALA A 308 -18.80 -13.86 23.27
N ASP A 309 -19.75 -14.17 22.37
CA ASP A 309 -19.56 -15.11 21.25
C ASP A 309 -18.70 -14.52 20.13
N VAL A 310 -18.43 -13.22 20.15
CA VAL A 310 -17.50 -12.52 19.26
C VAL A 310 -16.17 -12.28 20.01
N GLN A 311 -16.20 -11.87 21.29
CA GLN A 311 -15.02 -11.66 22.14
C GLN A 311 -14.11 -12.89 22.23
N GLU A 312 -14.69 -14.08 22.44
CA GLU A 312 -13.98 -15.35 22.55
C GLU A 312 -13.47 -15.88 21.19
N ARG A 313 -13.73 -15.19 20.08
CA ARG A 313 -13.06 -15.39 18.79
C ARG A 313 -11.95 -14.33 18.67
N LEU A 314 -12.30 -13.04 18.83
CA LEU A 314 -11.41 -11.89 18.71
C LEU A 314 -10.15 -11.95 19.59
N LEU A 315 -10.32 -12.14 20.91
CA LEU A 315 -9.24 -12.18 21.90
C LEU A 315 -8.15 -13.24 21.62
N PRO A 316 -8.44 -14.54 21.39
CA PRO A 316 -7.42 -15.52 21.00
C PRO A 316 -6.90 -15.38 19.56
N TYR A 317 -7.65 -14.78 18.62
CA TYR A 317 -7.19 -14.54 17.24
C TYR A 317 -6.30 -13.27 17.13
N LEU A 318 -6.23 -12.45 18.18
CA LEU A 318 -5.41 -11.23 18.28
C LEU A 318 -3.92 -11.63 18.33
N PRO A 319 -3.01 -10.94 17.59
CA PRO A 319 -1.58 -11.29 17.55
C PRO A 319 -0.76 -10.97 18.82
N SER A 320 -1.38 -10.41 19.86
CA SER A 320 -0.90 -10.08 21.21
C SER A 320 -0.36 -8.64 21.33
N GLY A 321 -0.50 -8.03 22.51
CA GLY A 321 0.05 -6.72 22.85
C GLY A 321 -1.03 -5.66 23.17
N GLU A 322 -2.31 -5.97 22.92
CA GLU A 322 -3.47 -5.14 23.19
C GLU A 322 -4.69 -6.05 23.36
N SER A 323 -5.86 -5.46 23.60
CA SER A 323 -7.13 -6.10 23.86
C SER A 323 -8.28 -5.25 23.29
N LEU A 324 -9.50 -5.41 23.81
CA LEU A 324 -10.69 -4.61 23.56
C LEU A 324 -11.59 -4.64 24.82
N PRO A 325 -12.37 -3.56 25.13
CA PRO A 325 -13.28 -3.50 26.29
C PRO A 325 -14.29 -4.66 26.36
N GLN A 326 -14.72 -4.99 27.59
CA GLN A 326 -15.69 -6.03 27.90
C GLN A 326 -17.16 -5.57 27.73
N THR A 327 -17.38 -4.30 27.35
CA THR A 327 -18.69 -3.66 27.28
C THR A 327 -18.76 -2.71 26.07
N ALA A 328 -19.95 -2.56 25.50
CA ALA A 328 -20.25 -1.74 24.33
C ALA A 328 -20.27 -0.24 24.69
N ASP A 329 -20.58 0.10 25.95
CA ASP A 329 -20.72 1.47 26.44
C ASP A 329 -19.39 2.24 26.38
N GLU A 330 -18.27 1.54 26.50
CA GLU A 330 -16.93 2.10 26.34
C GLU A 330 -16.63 2.34 24.85
N ILE A 331 -16.79 1.30 24.02
CA ILE A 331 -16.50 1.27 22.57
C ILE A 331 -17.31 2.34 21.80
N GLN A 332 -18.58 2.55 22.18
CA GLN A 332 -19.50 3.50 21.57
C GLN A 332 -19.10 4.96 21.87
N ASN A 333 -18.53 5.24 23.05
CA ASN A 333 -18.18 6.58 23.50
C ASN A 333 -16.72 6.94 23.21
N THR A 334 -15.79 6.00 23.29
CA THR A 334 -14.34 6.20 23.14
C THR A 334 -13.72 5.05 22.32
N LEU A 335 -12.83 5.38 21.38
CA LEU A 335 -11.97 4.45 20.66
C LEU A 335 -10.64 5.15 20.33
N THR A 336 -9.52 4.45 20.52
CA THR A 336 -8.15 4.94 20.32
C THR A 336 -7.75 4.94 18.82
N SER A 337 -8.54 4.23 17.98
CA SER A 337 -8.41 3.96 16.55
C SER A 337 -7.89 2.54 16.21
N PRO A 338 -6.57 2.21 16.37
CA PRO A 338 -6.04 0.86 16.15
C PRO A 338 -6.79 -0.29 16.85
N GLN A 339 -7.25 -0.07 18.08
CA GLN A 339 -8.07 -0.99 18.89
C GLN A 339 -9.38 -1.43 18.19
N PHE A 340 -10.01 -0.53 17.45
CA PHE A 340 -11.27 -0.79 16.74
C PHE A 340 -10.95 -1.46 15.38
N GLN A 341 -9.89 -1.01 14.72
CA GLN A 341 -9.47 -1.55 13.42
C GLN A 341 -8.87 -2.96 13.55
N GLN A 342 -8.16 -3.32 14.64
CA GLN A 342 -7.71 -4.70 14.87
C GLN A 342 -8.93 -5.62 15.13
N ALA A 343 -9.94 -5.16 15.87
CA ALA A 343 -11.20 -5.88 16.13
C ALA A 343 -11.93 -6.20 14.82
N LEU A 344 -12.01 -5.22 13.90
CA LEU A 344 -12.52 -5.39 12.54
C LEU A 344 -11.66 -6.31 11.65
N GLY A 345 -10.44 -6.67 12.07
CA GLY A 345 -9.50 -7.50 11.32
C GLY A 345 -9.67 -8.97 11.71
N MET A 346 -9.81 -9.26 13.01
CA MET A 346 -10.19 -10.58 13.49
C MET A 346 -11.66 -10.90 13.16
N PHE A 347 -12.53 -9.89 13.09
CA PHE A 347 -13.92 -9.99 12.61
C PHE A 347 -13.93 -10.37 11.13
N SER A 348 -13.28 -9.59 10.24
CA SER A 348 -13.20 -9.86 8.80
C SER A 348 -12.52 -11.20 8.46
N ALA A 349 -11.57 -11.68 9.28
CA ALA A 349 -10.94 -13.00 9.17
C ALA A 349 -11.96 -14.14 9.36
N ALA A 350 -12.79 -14.04 10.42
CA ALA A 350 -13.83 -15.02 10.74
C ALA A 350 -15.03 -14.92 9.79
N LEU A 351 -15.36 -13.70 9.36
CA LEU A 351 -16.41 -13.38 8.39
C LEU A 351 -16.08 -13.95 7.01
N ALA A 352 -14.82 -13.80 6.54
CA ALA A 352 -14.33 -14.32 5.27
C ALA A 352 -14.25 -15.85 5.25
N SER A 353 -14.01 -16.46 6.42
CA SER A 353 -14.00 -17.92 6.59
C SER A 353 -15.43 -18.49 6.58
N GLY A 354 -16.41 -17.73 7.08
CA GLY A 354 -17.85 -18.00 6.98
C GLY A 354 -18.47 -18.40 8.32
N GLN A 355 -17.63 -18.73 9.31
CA GLN A 355 -18.01 -19.29 10.61
C GLN A 355 -18.62 -18.26 11.57
N LEU A 356 -18.51 -16.96 11.26
CA LEU A 356 -19.08 -15.87 12.05
C LEU A 356 -20.56 -15.65 11.68
N GLY A 357 -20.93 -15.89 10.41
CA GLY A 357 -22.26 -16.02 9.81
C GLY A 357 -23.46 -16.26 10.75
N PRO A 358 -23.54 -17.43 11.43
CA PRO A 358 -24.58 -17.78 12.40
C PRO A 358 -24.89 -16.76 13.51
N LEU A 359 -23.95 -15.89 13.91
CA LEU A 359 -24.16 -14.88 14.94
C LEU A 359 -24.95 -13.68 14.39
N MET A 360 -24.80 -13.38 13.10
CA MET A 360 -25.40 -12.22 12.42
C MET A 360 -26.94 -12.34 12.36
N CYS A 361 -27.43 -13.58 12.36
CA CYS A 361 -28.84 -13.98 12.42
C CYS A 361 -29.45 -13.68 13.80
N GLN A 362 -28.63 -13.65 14.87
CA GLN A 362 -29.08 -13.47 16.25
C GLN A 362 -29.16 -11.97 16.58
N PHE A 363 -28.21 -11.17 16.07
CA PHE A 363 -28.14 -9.72 16.29
C PHE A 363 -29.27 -8.98 15.54
N GLY A 364 -29.67 -9.47 14.36
CA GLY A 364 -30.81 -8.96 13.61
C GLY A 364 -30.38 -8.15 12.39
N LEU A 365 -29.16 -8.37 11.87
CA LEU A 365 -28.56 -7.65 10.75
C LEU A 365 -29.27 -7.98 9.41
N PRO A 366 -29.17 -7.12 8.36
CA PRO A 366 -29.83 -7.28 7.05
C PRO A 366 -29.68 -8.67 6.41
N ALA A 367 -30.74 -9.18 5.75
CA ALA A 367 -30.79 -10.51 5.15
C ALA A 367 -29.70 -10.75 4.09
N GLU A 368 -29.36 -9.69 3.31
CA GLU A 368 -28.30 -9.71 2.32
C GLU A 368 -26.89 -9.69 2.95
N ALA A 369 -26.76 -9.15 4.18
CA ALA A 369 -25.52 -9.21 4.95
C ALA A 369 -25.37 -10.60 5.58
N VAL A 370 -26.44 -11.14 6.18
CA VAL A 370 -26.50 -12.50 6.75
C VAL A 370 -26.18 -13.59 5.70
N GLU A 371 -26.72 -13.46 4.47
CA GLU A 371 -26.45 -14.30 3.30
C GLU A 371 -24.94 -14.29 2.94
N ALA A 372 -24.36 -13.09 2.85
CA ALA A 372 -22.96 -12.85 2.52
C ALA A 372 -21.99 -13.32 3.62
N ALA A 373 -22.36 -13.14 4.90
CA ALA A 373 -21.55 -13.47 6.07
C ALA A 373 -21.37 -14.97 6.28
N ASN A 374 -22.35 -15.77 5.86
CA ASN A 374 -22.31 -17.23 5.92
C ASN A 374 -21.50 -17.82 4.75
N LYS A 375 -21.54 -17.18 3.57
CA LYS A 375 -20.83 -17.64 2.37
C LYS A 375 -19.40 -17.10 2.29
N GLY A 376 -19.10 -15.95 2.89
CA GLY A 376 -17.75 -15.42 3.09
C GLY A 376 -17.47 -14.11 2.33
N ASP A 377 -18.49 -13.46 1.77
CA ASP A 377 -18.36 -12.29 0.90
C ASP A 377 -18.37 -11.01 1.75
N VAL A 378 -17.20 -10.62 2.28
CA VAL A 378 -16.96 -9.42 3.08
C VAL A 378 -17.34 -8.13 2.32
N GLU A 379 -17.10 -8.11 0.99
CA GLU A 379 -17.39 -7.01 0.08
C GLU A 379 -18.92 -6.79 -0.03
N ALA A 380 -19.70 -7.87 -0.13
CA ALA A 380 -21.16 -7.84 -0.20
C ALA A 380 -21.81 -7.56 1.16
N PHE A 381 -21.19 -8.03 2.26
CA PHE A 381 -21.56 -7.76 3.64
C PHE A 381 -21.53 -6.25 3.94
N ALA A 382 -20.46 -5.57 3.50
CA ALA A 382 -20.30 -4.13 3.60
C ALA A 382 -21.30 -3.39 2.70
N LYS A 383 -21.53 -3.88 1.46
CA LYS A 383 -22.44 -3.29 0.47
C LYS A 383 -23.89 -3.17 0.97
N ALA A 384 -24.35 -4.18 1.72
CA ALA A 384 -25.66 -4.24 2.37
C ALA A 384 -25.80 -3.13 3.43
N MET A 385 -24.94 -3.13 4.45
CA MET A 385 -24.97 -2.14 5.53
C MET A 385 -24.63 -0.71 5.06
N GLN A 386 -23.92 -0.55 3.93
CA GLN A 386 -23.70 0.69 3.21
C GLN A 386 -24.99 1.36 2.69
N ASN A 387 -26.09 0.59 2.48
CA ASN A 387 -27.38 1.11 2.02
C ASN A 387 -28.49 0.94 3.06
N ASN A 388 -28.45 -0.13 3.88
CA ASN A 388 -29.37 -0.37 4.99
C ASN A 388 -29.15 0.58 6.19
N ALA A 389 -28.08 1.39 6.17
CA ALA A 389 -27.84 2.50 7.10
C ALA A 389 -28.79 3.68 6.85
N LYS A 390 -29.33 3.81 5.63
CA LYS A 390 -30.38 4.78 5.28
C LYS A 390 -31.75 4.13 5.60
N PRO A 391 -32.75 4.90 6.11
CA PRO A 391 -34.04 4.34 6.52
C PRO A 391 -34.96 3.99 5.34
N GLU A 392 -34.92 4.77 4.25
CA GLU A 392 -35.68 4.59 3.00
C GLU A 392 -37.20 4.76 3.22
N GLN A 393 -37.57 5.65 4.15
CA GLN A 393 -38.93 5.88 4.66
C GLN A 393 -39.24 7.39 4.73
N LYS A 394 -38.51 8.20 3.95
CA LYS A 394 -38.62 9.67 3.87
C LYS A 394 -39.98 10.18 3.36
N GLU A 395 -40.76 9.31 2.73
CA GLU A 395 -42.12 9.56 2.23
C GLU A 395 -43.18 9.27 3.32
N GLY A 396 -42.78 8.81 4.51
CA GLY A 396 -43.66 8.38 5.60
C GLY A 396 -43.62 9.42 6.72
N ASP A 397 -44.30 10.55 6.48
CA ASP A 397 -44.53 11.64 7.44
C ASP A 397 -45.66 11.26 8.43
N THR A 398 -45.77 12.00 9.52
CA THR A 398 -46.81 11.89 10.55
C THR A 398 -47.16 13.29 11.08
N LYS A 399 -48.31 13.39 11.76
CA LYS A 399 -48.79 14.62 12.42
C LYS A 399 -48.18 14.76 13.83
N ASP A 400 -47.59 13.68 14.38
CA ASP A 400 -46.88 13.65 15.65
C ASP A 400 -45.49 14.28 15.49
N LYS A 401 -45.05 15.01 16.52
CA LYS A 401 -43.74 15.67 16.59
C LYS A 401 -42.71 14.70 17.18
N LYS A 402 -41.42 14.93 16.90
CA LYS A 402 -40.30 14.19 17.49
C LYS A 402 -40.05 14.76 18.89
N ASP A 403 -40.10 13.89 19.92
CA ASP A 403 -39.91 14.25 21.33
C ASP A 403 -38.42 14.18 21.68
N GLU A 404 -37.95 15.18 22.43
CA GLU A 404 -36.63 15.26 23.03
C GLU A 404 -36.56 14.38 24.30
N GLU A 405 -35.36 14.24 24.88
CA GLU A 405 -35.13 13.58 26.17
C GLU A 405 -35.70 14.43 27.32
N GLU A 406 -36.23 13.78 28.37
CA GLU A 406 -36.92 14.39 29.51
C GLU A 406 -36.02 15.39 30.29
N ASP A 407 -36.55 16.59 30.54
CA ASP A 407 -35.92 17.70 31.25
C ASP A 407 -37.05 18.57 31.86
N MET A 408 -36.82 19.12 33.06
CA MET A 408 -37.74 19.99 33.80
C MET A 408 -36.96 20.86 34.78
N SER A 409 -37.45 22.06 35.06
CA SER A 409 -36.95 22.99 36.08
C SER A 409 -37.38 22.51 37.48
N LEU A 410 -36.40 22.21 38.34
CA LEU A 410 -36.59 21.70 39.71
C LEU A 410 -36.46 22.83 40.75
N ASP A 411 -36.05 24.04 40.35
CA ASP A 411 -35.91 25.25 41.14
C ASP A 411 -36.28 26.42 40.23
N MET A 5 48.67 45.03 -9.96
CA MET A 5 48.26 45.82 -8.79
C MET A 5 46.92 45.28 -8.25
N THR A 6 46.61 45.59 -6.97
CA THR A 6 45.32 45.42 -6.28
C THR A 6 44.78 43.98 -6.24
N THR A 7 45.66 42.97 -6.33
CA THR A 7 45.31 41.56 -6.32
C THR A 7 45.35 41.10 -4.85
N SER A 8 44.18 41.17 -4.20
CA SER A 8 43.90 40.77 -2.82
C SER A 8 42.39 40.49 -2.70
N GLY A 9 41.92 40.14 -1.50
CA GLY A 9 40.53 39.81 -1.20
C GLY A 9 40.44 38.41 -0.60
N ALA A 10 39.56 37.57 -1.16
CA ALA A 10 39.33 36.19 -0.75
C ALA A 10 40.53 35.27 -1.10
N LEU A 11 40.63 34.14 -0.38
CA LEU A 11 41.64 33.10 -0.59
C LEU A 11 41.37 32.41 -1.94
N PHE A 12 42.42 32.28 -2.76
CA PHE A 12 42.45 31.77 -4.13
C PHE A 12 41.80 32.78 -5.11
N PRO A 13 42.51 33.86 -5.54
CA PRO A 13 41.99 34.93 -6.41
C PRO A 13 41.18 34.50 -7.66
N SER A 14 41.58 33.40 -8.31
CA SER A 14 40.78 32.73 -9.34
C SER A 14 39.84 31.75 -8.62
N LEU A 15 38.63 32.22 -8.28
CA LEU A 15 37.61 31.52 -7.49
C LEU A 15 36.83 30.51 -8.37
N VAL A 16 37.56 29.55 -8.93
CA VAL A 16 37.08 28.48 -9.81
C VAL A 16 37.74 27.14 -9.40
N PRO A 17 37.19 26.40 -8.39
CA PRO A 17 37.68 25.08 -7.96
C PRO A 17 37.78 24.01 -9.06
N GLY A 18 36.91 24.08 -10.07
CA GLY A 18 36.69 23.08 -11.11
C GLY A 18 35.21 22.69 -11.14
N SER A 19 34.77 22.06 -12.24
CA SER A 19 33.40 21.58 -12.51
C SER A 19 32.47 22.73 -12.95
N ARG A 20 32.49 23.84 -12.20
CA ARG A 20 31.80 25.12 -12.40
C ARG A 20 30.37 25.15 -11.83
N GLY A 21 29.90 24.04 -11.26
CA GLY A 21 28.69 23.91 -10.47
C GLY A 21 29.05 23.24 -9.15
N ALA A 22 28.57 23.76 -8.02
CA ALA A 22 28.76 23.25 -6.66
C ALA A 22 27.67 23.82 -5.74
N SER A 23 27.52 23.26 -4.55
CA SER A 23 26.65 23.72 -3.48
C SER A 23 27.29 23.34 -2.14
N ASN A 24 27.53 24.33 -1.28
CA ASN A 24 27.96 24.14 0.11
C ASN A 24 26.72 23.89 1.00
N LYS A 25 25.58 24.51 0.65
CA LYS A 25 24.30 24.33 1.31
C LYS A 25 23.55 23.10 0.74
N TYR A 26 22.27 22.98 1.09
CA TYR A 26 21.33 21.96 0.66
C TYR A 26 21.11 22.00 -0.87
N LEU A 27 21.05 20.83 -1.49
CA LEU A 27 20.86 20.61 -2.94
C LEU A 27 19.40 20.88 -3.33
N VAL A 28 18.46 20.48 -2.47
CA VAL A 28 17.03 20.74 -2.55
C VAL A 28 16.58 21.07 -1.11
N GLU A 29 15.59 21.97 -0.96
CA GLU A 29 14.99 22.38 0.29
C GLU A 29 13.55 22.85 -0.05
N PHE A 30 12.54 22.30 0.62
CA PHE A 30 11.13 22.63 0.41
C PHE A 30 10.28 22.36 1.66
N ARG A 31 9.25 23.17 1.89
CA ARG A 31 8.36 23.05 3.05
C ARG A 31 7.29 21.99 2.75
N ALA A 32 7.39 20.84 3.43
CA ALA A 32 6.51 19.70 3.31
C ALA A 32 6.45 18.93 4.62
N GLY A 33 5.30 18.29 4.88
CA GLY A 33 5.00 17.48 6.05
C GLY A 33 4.90 16.01 5.63
N LYS A 34 4.80 15.11 6.62
CA LYS A 34 4.93 13.67 6.45
C LYS A 34 3.64 12.95 6.90
N MET A 35 3.53 11.68 6.52
CA MET A 35 2.56 10.72 7.05
C MET A 35 3.35 9.66 7.83
N SER A 36 2.77 9.14 8.91
CA SER A 36 3.34 8.12 9.78
C SER A 36 2.25 7.18 10.30
N LEU A 37 2.64 5.99 10.77
CA LEU A 37 1.77 5.00 11.37
C LEU A 37 1.53 5.35 12.85
N LYS A 38 0.29 5.20 13.31
CA LYS A 38 -0.17 5.42 14.68
C LYS A 38 -0.76 4.10 15.23
N GLY A 39 -0.23 2.97 14.76
CA GLY A 39 -0.75 1.62 14.95
C GLY A 39 -1.07 1.08 13.56
N THR A 40 -2.25 0.47 13.39
CA THR A 40 -2.78 -0.02 12.11
C THR A 40 -3.12 1.16 11.17
N THR A 41 -3.45 2.33 11.73
CA THR A 41 -3.87 3.55 11.06
C THR A 41 -2.62 4.33 10.60
N VAL A 42 -2.64 4.84 9.36
CA VAL A 42 -1.69 5.82 8.83
C VAL A 42 -2.34 7.21 9.07
N THR A 43 -1.58 8.16 9.60
CA THR A 43 -2.03 9.48 10.04
C THR A 43 -1.08 10.56 9.47
N PRO A 44 -1.58 11.71 8.96
CA PRO A 44 -0.73 12.85 8.59
C PRO A 44 -0.31 13.65 9.83
N ASP A 45 0.85 14.30 9.81
CA ASP A 45 1.34 15.15 10.89
C ASP A 45 0.55 16.49 10.98
N LYS A 46 0.77 17.25 12.05
CA LYS A 46 0.24 18.58 12.32
C LYS A 46 1.37 19.62 12.50
N ARG A 47 2.63 19.19 12.63
CA ARG A 47 3.81 20.07 12.63
C ARG A 47 4.08 20.57 11.20
N LYS A 48 4.59 21.80 11.08
CA LYS A 48 5.09 22.39 9.84
C LYS A 48 6.54 21.88 9.67
N GLY A 49 6.83 21.28 8.52
CA GLY A 49 8.10 20.62 8.24
C GLY A 49 8.88 21.26 7.10
N LEU A 50 10.12 20.82 6.93
CA LEU A 50 11.01 21.11 5.81
C LEU A 50 11.68 19.78 5.43
N VAL A 51 11.54 19.38 4.17
CA VAL A 51 12.33 18.32 3.53
C VAL A 51 13.57 19.03 2.97
N TYR A 52 14.74 18.43 3.12
CA TYR A 52 16.02 18.95 2.62
C TYR A 52 16.94 17.79 2.23
N ILE A 53 17.85 18.05 1.28
CA ILE A 53 18.78 17.08 0.70
C ILE A 53 20.16 17.74 0.66
N GLN A 54 21.22 17.00 1.02
CA GLN A 54 22.61 17.45 1.00
C GLN A 54 23.51 16.27 0.60
N GLN A 55 24.83 16.48 0.54
CA GLN A 55 25.85 15.50 0.21
C GLN A 55 26.76 15.30 1.43
N THR A 56 27.10 14.04 1.74
CA THR A 56 28.05 13.62 2.75
C THR A 56 29.45 13.55 2.09
N ASP A 57 30.51 13.77 2.88
CA ASP A 57 31.94 13.83 2.50
C ASP A 57 32.46 12.66 1.65
N ASP A 58 31.84 11.47 1.79
CA ASP A 58 32.13 10.25 1.03
C ASP A 58 31.60 10.32 -0.42
N SER A 59 30.86 11.39 -0.78
CA SER A 59 30.28 11.73 -2.08
C SER A 59 28.89 11.10 -2.30
N LEU A 60 28.27 10.59 -1.22
CA LEU A 60 26.93 10.03 -1.18
C LEU A 60 25.95 11.16 -0.83
N ILE A 61 24.76 11.12 -1.44
CA ILE A 61 23.67 12.06 -1.19
C ILE A 61 22.90 11.56 0.05
N HIS A 62 22.31 12.48 0.83
CA HIS A 62 21.47 12.17 1.98
C HIS A 62 20.24 13.08 2.00
N PHE A 63 19.09 12.48 2.27
CA PHE A 63 17.76 13.07 2.38
C PHE A 63 17.46 13.19 3.88
N CYS A 64 16.85 14.30 4.31
CA CYS A 64 16.53 14.60 5.71
C CYS A 64 15.24 15.42 5.85
N TRP A 65 14.63 15.37 7.04
CA TRP A 65 13.43 16.13 7.41
C TRP A 65 13.61 16.70 8.81
N LYS A 66 13.20 17.97 8.98
CA LYS A 66 13.22 18.73 10.22
C LYS A 66 11.83 19.34 10.47
N ASP A 67 11.44 19.42 11.74
CA ASP A 67 10.25 20.12 12.21
C ASP A 67 10.66 21.61 12.38
N ARG A 68 9.85 22.53 11.87
CA ARG A 68 10.07 23.97 11.95
C ARG A 68 9.57 24.56 13.28
N THR A 69 8.78 23.83 14.09
CA THR A 69 8.34 24.28 15.41
C THR A 69 9.49 24.09 16.42
N SER A 70 10.09 22.90 16.53
CA SER A 70 11.20 22.62 17.46
C SER A 70 12.54 23.10 16.86
N GLY A 71 12.78 22.84 15.57
CA GLY A 71 13.93 23.32 14.81
C GLY A 71 14.93 22.21 14.45
N ASN A 72 14.85 21.05 15.12
CA ASN A 72 15.78 19.93 15.01
C ASN A 72 15.37 18.99 13.86
N VAL A 73 16.34 18.22 13.35
CA VAL A 73 16.13 17.14 12.38
C VAL A 73 15.59 15.91 13.13
N GLU A 74 14.59 15.23 12.57
CA GLU A 74 13.99 14.03 13.12
C GLU A 74 14.35 12.79 12.28
N ASP A 75 14.58 12.95 10.96
CA ASP A 75 14.91 11.89 10.02
C ASP A 75 16.08 12.33 9.15
N ASP A 76 17.04 11.42 8.93
CA ASP A 76 18.16 11.54 8.00
C ASP A 76 18.46 10.12 7.47
N LEU A 77 18.56 9.98 6.15
CA LEU A 77 18.80 8.73 5.41
C LEU A 77 19.75 9.03 4.25
N ILE A 78 20.79 8.20 4.07
CA ILE A 78 21.73 8.25 2.95
C ILE A 78 21.05 7.57 1.74
N ILE A 79 21.17 8.17 0.55
CA ILE A 79 20.56 7.72 -0.69
C ILE A 79 21.70 7.39 -1.68
N PHE A 80 21.69 6.17 -2.22
CA PHE A 80 22.53 5.73 -3.34
C PHE A 80 21.79 6.01 -4.66
N PRO A 81 22.50 6.19 -5.80
CA PRO A 81 21.89 6.64 -7.06
C PRO A 81 20.92 5.61 -7.65
N ASP A 82 19.65 6.01 -7.82
CA ASP A 82 18.49 5.27 -8.35
C ASP A 82 17.81 4.36 -7.30
N ASP A 83 18.51 4.04 -6.20
CA ASP A 83 18.06 3.15 -5.12
C ASP A 83 16.78 3.63 -4.42
N CYS A 84 16.61 4.96 -4.33
CA CYS A 84 15.37 5.64 -3.96
C CYS A 84 15.03 6.63 -5.08
N GLU A 85 13.74 6.92 -5.28
CA GLU A 85 13.24 7.89 -6.23
C GLU A 85 11.99 8.58 -5.66
N PHE A 86 11.88 9.89 -5.88
CA PHE A 86 10.77 10.74 -5.43
C PHE A 86 9.84 10.97 -6.63
N LYS A 87 8.52 10.84 -6.42
CA LYS A 87 7.47 10.96 -7.42
C LYS A 87 6.18 11.48 -6.76
N ARG A 88 5.25 12.04 -7.55
CA ARG A 88 3.92 12.48 -7.10
C ARG A 88 3.02 11.25 -6.95
N VAL A 89 2.09 11.26 -5.98
CA VAL A 89 1.03 10.25 -5.87
C VAL A 89 -0.05 10.59 -6.94
N PRO A 90 -0.38 9.67 -7.87
CA PRO A 90 -1.32 9.97 -8.98
C PRO A 90 -2.80 9.94 -8.54
N GLN A 91 -3.11 9.27 -7.42
CA GLN A 91 -4.45 9.13 -6.86
C GLN A 91 -4.85 10.34 -5.98
N CYS A 92 -3.97 11.34 -5.83
CA CYS A 92 -4.19 12.56 -5.06
C CYS A 92 -5.16 13.49 -5.83
N PRO A 93 -6.29 13.95 -5.24
CA PRO A 93 -7.21 14.92 -5.86
C PRO A 93 -6.55 16.23 -6.30
N SER A 94 -5.79 16.87 -5.40
CA SER A 94 -5.23 18.20 -5.60
C SER A 94 -3.87 18.14 -6.31
N GLY A 95 -3.05 17.11 -6.02
CA GLY A 95 -1.78 16.83 -6.68
C GLY A 95 -0.55 17.10 -5.81
N ARG A 96 -0.76 17.54 -4.56
CA ARG A 96 0.27 18.07 -3.65
C ARG A 96 0.90 17.00 -2.74
N VAL A 97 0.47 15.73 -2.84
CA VAL A 97 1.02 14.60 -2.08
C VAL A 97 2.04 13.87 -2.99
N TYR A 98 3.20 13.58 -2.42
CA TYR A 98 4.38 13.00 -3.04
C TYR A 98 4.86 11.81 -2.20
N VAL A 99 5.69 10.94 -2.79
CA VAL A 99 6.22 9.74 -2.17
C VAL A 99 7.69 9.58 -2.56
N LEU A 100 8.56 9.32 -1.57
CA LEU A 100 9.90 8.81 -1.74
C LEU A 100 9.74 7.29 -1.67
N LYS A 101 9.91 6.61 -2.81
CA LYS A 101 9.87 5.16 -2.94
C LYS A 101 11.32 4.67 -2.87
N PHE A 102 11.57 3.67 -2.03
CA PHE A 102 12.83 2.95 -1.86
C PHE A 102 12.65 1.67 -2.68
N LYS A 103 13.45 1.47 -3.73
CA LYS A 103 13.20 0.43 -4.74
C LYS A 103 13.67 -0.96 -4.26
N ALA A 104 14.65 -1.01 -3.35
CA ALA A 104 15.10 -2.22 -2.67
C ALA A 104 14.21 -2.41 -1.41
N GLY A 105 13.15 -3.20 -1.56
CA GLY A 105 12.25 -3.62 -0.49
C GLY A 105 10.83 -3.06 -0.63
N SER A 106 10.65 -2.01 -1.45
CA SER A 106 9.40 -1.38 -1.88
C SER A 106 8.77 -0.43 -0.83
N LYS A 107 9.53 -0.06 0.20
CA LYS A 107 9.21 0.94 1.23
C LYS A 107 8.88 2.30 0.58
N ARG A 108 7.91 3.01 1.14
CA ARG A 108 7.36 4.27 0.66
C ARG A 108 7.20 5.21 1.86
N LEU A 109 7.90 6.35 1.86
CA LEU A 109 7.66 7.45 2.79
C LEU A 109 6.87 8.51 2.01
N PHE A 110 5.62 8.75 2.43
CA PHE A 110 4.69 9.71 1.81
C PHE A 110 4.85 11.06 2.49
N PHE A 111 4.85 12.13 1.68
CA PHE A 111 5.02 13.53 2.07
C PHE A 111 3.94 14.36 1.39
N TRP A 112 3.59 15.52 1.96
CA TRP A 112 2.58 16.44 1.48
C TRP A 112 3.12 17.88 1.54
N MET A 113 3.04 18.60 0.42
CA MET A 113 3.60 19.94 0.23
C MET A 113 2.76 20.98 0.99
N GLN A 114 3.43 21.87 1.73
CA GLN A 114 2.81 22.97 2.49
C GLN A 114 2.77 24.26 1.64
N GLU A 115 3.68 24.40 0.67
CA GLU A 115 3.83 25.54 -0.24
C GLU A 115 2.56 25.74 -1.12
N PRO A 116 2.00 26.98 -1.22
CA PRO A 116 0.69 27.20 -1.84
C PRO A 116 0.70 27.23 -3.39
N LYS A 117 1.79 27.73 -4.00
CA LYS A 117 1.90 27.91 -5.44
C LYS A 117 2.10 26.55 -6.14
N THR A 118 1.12 26.15 -6.96
CA THR A 118 1.03 24.87 -7.67
C THR A 118 2.00 24.76 -8.88
N ASP A 119 2.92 25.72 -9.02
CA ASP A 119 4.05 25.69 -9.95
C ASP A 119 5.30 25.15 -9.24
N GLN A 120 5.42 25.30 -7.92
CA GLN A 120 6.68 25.12 -7.19
C GLN A 120 6.91 23.67 -6.79
N ASP A 121 5.87 22.90 -6.46
CA ASP A 121 5.96 21.48 -6.12
C ASP A 121 6.47 20.66 -7.33
N GLU A 122 6.10 21.07 -8.53
CA GLU A 122 6.50 20.50 -9.80
C GLU A 122 7.95 20.85 -10.17
N GLU A 123 8.49 21.97 -9.65
CA GLU A 123 9.89 22.35 -9.78
C GLU A 123 10.73 21.52 -8.79
N HIS A 124 10.25 21.37 -7.54
CA HIS A 124 10.93 20.68 -6.45
C HIS A 124 11.09 19.19 -6.74
N CYS A 125 10.01 18.50 -7.16
CA CYS A 125 10.01 17.06 -7.37
C CYS A 125 10.99 16.61 -8.47
N ARG A 126 11.14 17.42 -9.53
CA ARG A 126 12.10 17.23 -10.61
C ARG A 126 13.53 17.31 -10.09
N LYS A 127 13.87 18.33 -9.28
CA LYS A 127 15.17 18.49 -8.64
C LYS A 127 15.57 17.25 -7.80
N VAL A 128 14.67 16.74 -6.95
CA VAL A 128 14.87 15.51 -6.19
C VAL A 128 15.03 14.30 -7.14
N ASN A 129 14.11 14.11 -8.09
CA ASN A 129 14.07 13.00 -9.05
C ASN A 129 15.36 12.92 -9.88
N GLU A 130 15.91 14.05 -10.31
CA GLU A 130 17.20 14.14 -11.00
C GLU A 130 18.36 13.79 -10.04
N TYR A 131 18.44 14.42 -8.86
CA TYR A 131 19.53 14.22 -7.89
C TYR A 131 19.59 12.79 -7.33
N LEU A 132 18.47 12.18 -6.95
CA LEU A 132 18.48 10.84 -6.36
C LEU A 132 18.64 9.74 -7.44
N ASN A 133 18.47 10.07 -8.73
CA ASN A 133 18.73 9.17 -9.85
C ASN A 133 20.20 9.29 -10.30
N ASN A 134 20.64 10.50 -10.69
CA ASN A 134 21.95 10.74 -11.29
C ASN A 134 22.95 11.16 -10.18
N PRO A 135 24.06 10.42 -9.96
CA PRO A 135 25.06 10.75 -8.93
C PRO A 135 25.96 11.95 -9.33
N PRO A 136 26.77 12.51 -8.40
CA PRO A 136 27.75 13.58 -8.69
C PRO A 136 28.75 13.26 -9.81
N MET A 137 29.21 12.00 -9.89
CA MET A 137 30.09 11.47 -10.93
C MET A 137 29.26 11.01 -12.15
N PRO A 138 29.84 10.91 -13.37
CA PRO A 138 29.16 10.39 -14.56
C PRO A 138 28.99 8.86 -14.53
N GLY A 139 28.17 8.37 -13.59
CA GLY A 139 27.96 6.97 -13.25
C GLY A 139 28.31 6.71 -11.79
N ALA A 140 27.93 5.55 -11.25
CA ALA A 140 28.19 5.18 -9.85
C ALA A 140 29.61 4.62 -9.68
N LEU A 141 30.05 3.73 -10.59
CA LEU A 141 31.39 3.13 -10.69
C LEU A 141 31.70 2.14 -9.54
N GLY A 142 30.67 1.56 -8.93
CA GLY A 142 30.77 0.68 -7.77
C GLY A 142 30.48 -0.80 -8.11
N ALA A 143 29.97 -1.06 -9.32
CA ALA A 143 29.82 -2.40 -9.90
C ALA A 143 31.02 -2.65 -10.83
N SER A 144 31.58 -3.86 -10.79
CA SER A 144 32.64 -4.37 -11.68
C SER A 144 34.05 -3.87 -11.29
N GLY A 145 34.23 -3.43 -10.04
CA GLY A 145 35.47 -2.87 -9.50
C GLY A 145 36.09 -3.73 -8.40
N SER A 146 35.46 -4.87 -8.07
CA SER A 146 35.84 -5.86 -7.07
C SER A 146 36.96 -6.80 -7.56
N SER A 147 38.01 -6.23 -8.18
CA SER A 147 39.12 -6.94 -8.79
C SER A 147 40.15 -7.44 -7.74
N GLY A 148 40.13 -6.89 -6.52
CA GLY A 148 40.89 -7.33 -5.36
C GLY A 148 39.91 -7.65 -4.23
N HIS A 149 40.13 -8.77 -3.52
CA HIS A 149 39.31 -9.24 -2.41
C HIS A 149 40.18 -9.19 -1.14
N GLU A 150 40.18 -8.03 -0.47
CA GLU A 150 40.89 -7.80 0.80
C GLU A 150 39.99 -8.33 1.93
N LEU A 151 40.24 -9.59 2.35
CA LEU A 151 39.52 -10.40 3.31
C LEU A 151 38.27 -11.06 2.69
N SER A 152 37.91 -12.26 3.17
CA SER A 152 36.73 -13.01 2.73
C SER A 152 35.46 -12.46 3.43
N ALA A 153 35.59 -12.03 4.70
CA ALA A 153 34.59 -11.45 5.59
C ALA A 153 33.67 -12.51 6.24
N LEU A 154 33.11 -12.17 7.41
CA LEU A 154 32.12 -12.98 8.13
C LEU A 154 30.73 -12.49 7.71
N GLY A 155 29.82 -13.44 7.42
CA GLY A 155 28.41 -13.19 7.08
C GLY A 155 27.44 -13.73 8.13
N GLY A 156 27.96 -14.34 9.20
CA GLY A 156 27.24 -14.86 10.36
C GLY A 156 27.34 -16.38 10.46
N GLU A 157 27.26 -17.05 9.30
CA GLU A 157 27.37 -18.48 9.10
C GLU A 157 27.87 -18.72 7.65
N GLY A 158 28.64 -19.79 7.43
CA GLY A 158 29.10 -20.24 6.13
C GLY A 158 28.61 -21.66 5.88
N GLY A 159 28.00 -21.91 4.71
CA GLY A 159 27.59 -23.21 4.21
C GLY A 159 28.17 -23.41 2.80
N LEU A 160 28.52 -24.65 2.45
CA LEU A 160 29.02 -25.03 1.13
C LEU A 160 27.80 -25.26 0.22
N GLN A 161 27.63 -24.39 -0.78
CA GLN A 161 26.53 -24.36 -1.74
C GLN A 161 27.05 -23.97 -3.12
N SER A 162 26.22 -24.14 -4.16
CA SER A 162 26.51 -23.81 -5.56
C SER A 162 25.36 -23.07 -6.27
N LEU A 163 24.29 -22.73 -5.52
CA LEU A 163 23.16 -21.89 -5.91
C LEU A 163 22.18 -22.63 -6.87
N LEU A 164 21.23 -21.88 -7.45
CA LEU A 164 20.23 -22.38 -8.40
C LEU A 164 20.90 -22.51 -9.79
N GLY A 165 20.74 -23.68 -10.41
CA GLY A 165 21.18 -23.99 -11.77
C GLY A 165 20.03 -24.57 -12.60
N ASN A 166 20.31 -24.91 -13.87
CA ASN A 166 19.36 -25.51 -14.84
C ASN A 166 19.28 -27.04 -14.71
N MET A 167 20.02 -27.64 -13.76
CA MET A 167 20.07 -29.06 -13.46
C MET A 167 18.72 -29.53 -12.89
N SER A 168 17.96 -30.28 -13.67
CA SER A 168 16.57 -30.65 -13.41
C SER A 168 16.43 -32.08 -12.82
N HIS A 169 17.56 -32.77 -12.60
CA HIS A 169 17.75 -34.12 -12.04
C HIS A 169 17.64 -35.21 -13.10
N SER A 170 18.56 -36.18 -13.08
CA SER A 170 18.58 -37.35 -13.96
C SER A 170 17.87 -38.53 -13.25
N GLN A 171 17.08 -39.31 -13.98
CA GLN A 171 16.38 -40.49 -13.48
C GLN A 171 17.36 -41.68 -13.54
N LEU A 172 18.19 -41.80 -12.50
CA LEU A 172 19.23 -42.82 -12.34
C LEU A 172 18.69 -44.07 -11.59
N MET A 173 17.41 -44.07 -11.21
CA MET A 173 16.74 -45.15 -10.48
C MET A 173 16.41 -46.31 -11.44
N GLN A 174 16.80 -47.53 -11.05
CA GLN A 174 16.52 -48.79 -11.73
C GLN A 174 16.53 -49.90 -10.67
N LEU A 175 15.66 -50.90 -10.81
CA LEU A 175 15.60 -52.08 -9.95
C LEU A 175 16.56 -53.13 -10.53
N ILE A 176 17.56 -53.54 -9.74
CA ILE A 176 18.57 -54.53 -10.11
C ILE A 176 18.00 -55.95 -9.86
N GLY A 177 17.17 -56.11 -8.82
CA GLY A 177 16.55 -57.36 -8.39
C GLY A 177 17.04 -57.73 -6.98
N PRO A 178 16.48 -57.12 -5.91
CA PRO A 178 16.95 -57.34 -4.53
C PRO A 178 16.44 -58.66 -3.91
N ALA A 179 15.27 -59.17 -4.36
CA ALA A 179 14.66 -60.40 -3.88
C ALA A 179 15.18 -61.58 -4.72
N GLY A 180 15.45 -62.71 -4.05
CA GLY A 180 15.78 -64.01 -4.63
C GLY A 180 14.84 -65.08 -4.07
N LEU A 181 14.67 -66.18 -4.81
CA LEU A 181 13.89 -67.36 -4.39
C LEU A 181 14.71 -68.23 -3.41
N GLY A 182 14.00 -69.07 -2.64
CA GLY A 182 14.60 -69.97 -1.64
C GLY A 182 14.47 -71.45 -2.00
N GLY A 183 13.65 -71.80 -3.00
CA GLY A 183 13.53 -73.14 -3.58
C GLY A 183 12.21 -73.83 -3.27
N LEU A 184 11.41 -73.29 -2.34
CA LEU A 184 10.15 -73.88 -1.85
C LEU A 184 9.01 -73.67 -2.86
N GLY A 185 9.00 -72.53 -3.57
CA GLY A 185 8.06 -72.18 -4.63
C GLY A 185 7.13 -71.02 -4.26
N GLY A 186 7.14 -70.59 -3.00
CA GLY A 186 6.24 -69.59 -2.42
C GLY A 186 5.50 -70.18 -1.24
N LEU A 187 4.25 -69.75 -1.02
CA LEU A 187 3.38 -70.14 0.10
C LEU A 187 1.92 -70.39 -0.33
N GLY A 188 1.69 -70.55 -1.64
CA GLY A 188 0.38 -70.67 -2.28
C GLY A 188 0.18 -69.55 -3.31
N ALA A 189 -0.75 -69.76 -4.25
CA ALA A 189 -1.09 -68.81 -5.32
C ALA A 189 -2.25 -67.88 -4.94
N LEU A 190 -2.95 -68.16 -3.83
CA LEU A 190 -4.18 -67.51 -3.40
C LEU A 190 -3.95 -66.72 -2.09
N THR A 191 -2.85 -65.97 -2.05
CA THR A 191 -2.46 -65.07 -0.95
C THR A 191 -3.42 -63.85 -0.87
N GLY A 192 -3.81 -63.46 0.35
CA GLY A 192 -4.78 -62.41 0.65
C GLY A 192 -5.92 -63.00 1.48
N PRO A 193 -5.87 -62.91 2.84
CA PRO A 193 -6.85 -63.53 3.77
C PRO A 193 -8.34 -63.28 3.47
N GLY A 194 -8.76 -62.01 3.38
CA GLY A 194 -10.15 -61.60 3.17
C GLY A 194 -10.37 -60.78 1.89
N LEU A 195 -9.30 -60.22 1.32
CA LEU A 195 -9.27 -59.46 0.08
C LEU A 195 -7.86 -59.52 -0.52
N ALA A 196 -7.72 -59.10 -1.78
CA ALA A 196 -6.46 -58.94 -2.50
C ALA A 196 -6.56 -57.79 -3.51
N SER A 197 -7.68 -57.73 -4.24
CA SER A 197 -7.99 -56.73 -5.27
C SER A 197 -9.46 -56.29 -5.14
N LEU A 198 -9.86 -55.91 -3.92
CA LEU A 198 -11.21 -55.49 -3.55
C LEU A 198 -11.10 -54.23 -2.67
N LEU A 199 -10.50 -53.18 -3.23
CA LEU A 199 -10.19 -51.91 -2.56
C LEU A 199 -11.36 -50.90 -2.66
N GLY A 200 -12.38 -51.19 -3.47
CA GLY A 200 -13.52 -50.33 -3.78
C GLY A 200 -13.61 -50.11 -5.29
N SER A 201 -14.27 -49.03 -5.73
CA SER A 201 -14.44 -48.63 -7.13
C SER A 201 -14.46 -47.10 -7.35
N SER A 202 -14.14 -46.32 -6.31
CA SER A 202 -13.94 -44.86 -6.26
C SER A 202 -15.22 -44.07 -6.59
N GLY A 203 -15.40 -43.74 -7.88
CA GLY A 203 -16.49 -42.96 -8.47
C GLY A 203 -15.91 -41.78 -9.25
N PRO A 204 -15.51 -41.96 -10.54
CA PRO A 204 -14.98 -40.91 -11.41
C PRO A 204 -15.87 -39.64 -11.56
N PRO A 205 -15.30 -38.47 -11.93
CA PRO A 205 -16.03 -37.25 -12.34
C PRO A 205 -17.11 -37.46 -13.42
N GLY A 206 -17.99 -36.46 -13.57
CA GLY A 206 -19.16 -36.49 -14.45
C GLY A 206 -19.00 -35.59 -15.67
N SER A 207 -17.76 -35.31 -16.08
CA SER A 207 -17.32 -34.52 -17.22
C SER A 207 -17.18 -33.02 -16.87
N SER A 208 -16.76 -32.23 -17.87
CA SER A 208 -16.69 -30.77 -17.89
C SER A 208 -17.32 -30.23 -19.20
N SER A 209 -17.82 -31.12 -20.07
CA SER A 209 -18.56 -30.81 -21.28
C SER A 209 -20.06 -30.64 -20.92
N SER A 210 -20.84 -30.05 -21.83
CA SER A 210 -22.29 -29.86 -21.73
C SER A 210 -22.86 -29.79 -23.16
N SER A 211 -23.86 -30.61 -23.47
CA SER A 211 -24.49 -30.72 -24.80
C SER A 211 -25.78 -29.86 -24.88
N SER A 212 -26.15 -29.16 -23.79
CA SER A 212 -27.35 -28.33 -23.67
C SER A 212 -27.21 -26.97 -24.40
N SER A 213 -25.98 -26.47 -24.58
CA SER A 213 -25.65 -25.25 -25.31
C SER A 213 -24.22 -25.37 -25.86
N ARG A 214 -24.05 -25.25 -27.18
CA ARG A 214 -22.77 -25.21 -27.86
C ARG A 214 -22.30 -23.75 -28.01
N SER A 215 -20.98 -23.54 -28.10
CA SER A 215 -20.33 -22.24 -28.28
C SER A 215 -19.17 -22.29 -29.29
N GLN A 216 -18.92 -23.46 -29.91
CA GLN A 216 -17.95 -23.68 -30.98
C GLN A 216 -18.67 -23.50 -32.32
N SER A 217 -17.98 -22.92 -33.31
CA SER A 217 -18.46 -22.72 -34.68
C SER A 217 -18.52 -24.06 -35.42
N ALA A 218 -19.70 -24.45 -35.91
CA ALA A 218 -19.97 -25.75 -36.53
C ALA A 218 -19.51 -25.82 -38.00
N ALA A 219 -19.27 -24.66 -38.63
CA ALA A 219 -18.86 -24.50 -40.03
C ALA A 219 -17.92 -23.31 -40.15
N VAL A 220 -16.82 -23.33 -39.37
CA VAL A 220 -15.74 -22.34 -39.35
C VAL A 220 -15.14 -22.12 -40.76
N THR A 221 -15.13 -20.86 -41.21
CA THR A 221 -14.78 -20.39 -42.56
C THR A 221 -15.82 -20.91 -43.59
N PRO A 222 -17.05 -20.35 -43.65
CA PRO A 222 -18.15 -20.78 -44.54
C PRO A 222 -17.77 -20.93 -46.02
N SER A 223 -18.30 -21.98 -46.67
CA SER A 223 -18.08 -22.31 -48.08
C SER A 223 -19.36 -22.92 -48.71
N SER A 224 -20.53 -22.53 -48.23
CA SER A 224 -21.86 -22.96 -48.67
C SER A 224 -22.91 -21.85 -48.44
N THR A 225 -22.56 -20.62 -48.82
CA THR A 225 -23.38 -19.42 -48.74
C THR A 225 -24.60 -19.55 -49.69
N THR A 226 -25.78 -19.13 -49.24
CA THR A 226 -27.07 -19.23 -49.94
C THR A 226 -27.20 -18.15 -51.05
N SER A 227 -26.25 -18.15 -51.99
CA SER A 227 -26.08 -17.24 -53.13
C SER A 227 -25.42 -15.91 -52.74
N SER A 228 -24.84 -15.22 -53.73
CA SER A 228 -24.22 -13.90 -53.62
C SER A 228 -24.60 -13.03 -54.84
N THR A 229 -25.82 -13.25 -55.36
CA THR A 229 -26.47 -12.49 -56.42
C THR A 229 -27.01 -11.17 -55.83
N ARG A 230 -26.90 -10.07 -56.60
CA ARG A 230 -27.32 -8.70 -56.30
C ARG A 230 -26.18 -7.93 -55.59
N ALA A 231 -26.29 -7.78 -54.27
CA ALA A 231 -25.39 -6.99 -53.42
C ALA A 231 -25.47 -7.49 -51.97
N THR A 232 -25.08 -8.74 -51.72
CA THR A 232 -25.09 -9.35 -50.39
C THR A 232 -23.96 -8.75 -49.51
N PRO A 233 -24.24 -8.17 -48.32
CA PRO A 233 -23.23 -7.60 -47.44
C PRO A 233 -22.48 -8.68 -46.63
N ALA A 234 -21.38 -8.30 -45.99
CA ALA A 234 -20.59 -9.13 -45.07
C ALA A 234 -20.08 -8.28 -43.87
N PRO A 235 -20.96 -7.87 -42.93
CA PRO A 235 -20.60 -6.99 -41.80
C PRO A 235 -19.87 -7.73 -40.66
N SER A 236 -18.91 -8.59 -40.99
CA SER A 236 -18.26 -9.56 -40.11
C SER A 236 -16.76 -9.74 -40.41
N ALA A 237 -16.21 -9.02 -41.40
CA ALA A 237 -14.81 -9.06 -41.82
C ALA A 237 -14.37 -7.69 -42.35
N PRO A 238 -14.14 -6.67 -41.50
CA PRO A 238 -13.73 -5.32 -41.94
C PRO A 238 -12.25 -5.27 -42.38
N ALA A 239 -11.36 -5.95 -41.65
CA ALA A 239 -9.94 -6.11 -41.93
C ALA A 239 -9.40 -7.31 -41.16
N ALA A 240 -9.59 -7.31 -39.85
CA ALA A 240 -9.22 -8.35 -38.89
C ALA A 240 -10.17 -8.31 -37.68
N ALA A 241 -10.15 -9.38 -36.88
CA ALA A 241 -10.96 -9.54 -35.66
C ALA A 241 -10.18 -10.34 -34.60
N SER A 242 -8.89 -10.02 -34.44
CA SER A 242 -7.93 -10.66 -33.53
C SER A 242 -8.18 -10.29 -32.05
N ALA A 243 -9.32 -10.76 -31.50
CA ALA A 243 -9.78 -10.66 -30.12
C ALA A 243 -10.44 -9.30 -29.79
N THR A 244 -10.86 -8.57 -30.83
CA THR A 244 -11.43 -7.22 -30.79
C THR A 244 -12.74 -7.11 -29.97
N SER A 245 -13.48 -8.23 -29.83
CA SER A 245 -14.59 -8.47 -28.90
C SER A 245 -15.82 -7.56 -29.14
N PRO A 246 -16.62 -7.79 -30.22
CA PRO A 246 -17.89 -7.08 -30.47
C PRO A 246 -18.89 -7.12 -29.30
N SER A 247 -19.60 -6.01 -29.06
CA SER A 247 -20.65 -5.87 -28.06
C SER A 247 -21.81 -5.05 -28.67
N PRO A 248 -22.88 -5.70 -29.21
CA PRO A 248 -24.06 -5.02 -29.78
C PRO A 248 -24.77 -4.01 -28.83
N ALA A 249 -24.84 -4.36 -27.54
CA ALA A 249 -25.45 -3.63 -26.43
C ALA A 249 -27.00 -3.65 -26.51
N PRO A 250 -27.66 -4.81 -26.25
CA PRO A 250 -29.11 -4.96 -26.45
C PRO A 250 -29.96 -4.28 -25.36
N SER A 251 -29.49 -4.26 -24.10
CA SER A 251 -30.16 -3.64 -22.95
C SER A 251 -29.19 -3.04 -21.92
N SER A 252 -27.88 -3.15 -22.16
CA SER A 252 -26.79 -2.55 -21.39
C SER A 252 -26.54 -1.10 -21.86
N GLY A 253 -25.75 -0.35 -21.07
CA GLY A 253 -25.43 1.05 -21.31
C GLY A 253 -23.95 1.22 -21.64
N ASN A 254 -23.32 2.30 -21.14
CA ASN A 254 -21.93 2.69 -21.41
C ASN A 254 -20.90 1.86 -20.62
N GLY A 255 -21.35 1.04 -19.66
CA GLY A 255 -20.56 0.19 -18.79
C GLY A 255 -20.85 0.53 -17.33
N ALA A 256 -19.80 0.51 -16.49
CA ALA A 256 -19.81 0.83 -15.07
C ALA A 256 -18.51 1.59 -14.76
N SER A 257 -17.76 1.18 -13.73
CA SER A 257 -16.40 1.68 -13.46
C SER A 257 -15.42 1.29 -14.59
N THR A 258 -15.57 0.06 -15.12
CA THR A 258 -14.98 -0.45 -16.36
C THR A 258 -13.45 -0.66 -16.23
N ALA A 259 -12.96 -0.83 -15.00
CA ALA A 259 -11.53 -0.93 -14.66
C ALA A 259 -10.96 -2.35 -14.87
N ALA A 260 -11.84 -3.37 -14.88
CA ALA A 260 -11.57 -4.78 -15.23
C ALA A 260 -10.75 -5.54 -14.16
N SER A 261 -10.71 -5.01 -12.94
CA SER A 261 -9.90 -5.41 -11.78
C SER A 261 -8.48 -4.80 -11.92
N PRO A 262 -8.25 -3.55 -11.46
CA PRO A 262 -6.97 -2.84 -11.64
C PRO A 262 -5.90 -3.28 -10.62
N THR A 263 -6.29 -3.93 -9.51
CA THR A 263 -5.44 -4.39 -8.42
C THR A 263 -4.69 -5.67 -8.90
N GLN A 264 -3.55 -5.47 -9.56
CA GLN A 264 -2.69 -6.51 -10.13
C GLN A 264 -1.23 -6.20 -9.72
N PRO A 265 -0.81 -6.49 -8.47
CA PRO A 265 0.52 -6.17 -7.97
C PRO A 265 1.60 -7.11 -8.53
N ILE A 266 2.80 -6.56 -8.80
CA ILE A 266 3.96 -7.27 -9.33
C ILE A 266 4.82 -7.66 -8.10
N GLN A 267 4.30 -8.62 -7.31
CA GLN A 267 4.88 -9.21 -6.09
C GLN A 267 4.69 -8.33 -4.84
N LEU A 268 4.19 -7.10 -4.99
CA LEU A 268 4.03 -6.09 -3.95
C LEU A 268 3.13 -6.55 -2.78
N SER A 269 2.15 -7.42 -3.08
CA SER A 269 1.29 -8.14 -2.16
C SER A 269 2.05 -8.97 -1.12
N ASP A 270 3.14 -9.60 -1.57
CA ASP A 270 3.94 -10.57 -0.83
C ASP A 270 5.12 -9.85 -0.17
N LEU A 271 5.69 -8.83 -0.83
CA LEU A 271 6.79 -8.01 -0.31
C LEU A 271 6.35 -7.14 0.88
N GLN A 272 5.13 -6.57 0.85
CA GLN A 272 4.58 -5.78 1.95
C GLN A 272 4.05 -6.68 3.08
N SER A 273 3.76 -7.97 2.81
CA SER A 273 3.32 -8.93 3.82
C SER A 273 4.44 -9.25 4.83
N ILE A 274 5.71 -9.11 4.43
CA ILE A 274 6.88 -9.24 5.31
C ILE A 274 6.90 -8.05 6.28
N LEU A 275 6.75 -6.82 5.78
CA LEU A 275 6.72 -5.58 6.56
C LEU A 275 5.51 -5.55 7.53
N ALA A 276 4.38 -6.12 7.10
CA ALA A 276 3.15 -6.27 7.86
C ALA A 276 3.20 -7.43 8.88
N THR A 277 4.26 -8.25 8.88
CA THR A 277 4.53 -9.27 9.90
C THR A 277 5.64 -8.75 10.84
N MET A 278 6.70 -8.13 10.29
CA MET A 278 7.91 -7.74 11.02
C MET A 278 7.75 -6.42 11.80
N ASN A 279 6.93 -5.47 11.31
CA ASN A 279 6.86 -4.10 11.82
C ASN A 279 5.43 -3.60 12.00
N VAL A 280 4.68 -3.47 10.91
CA VAL A 280 3.40 -2.76 10.89
C VAL A 280 2.27 -3.72 11.35
N PRO A 281 1.44 -3.38 12.36
CA PRO A 281 0.35 -4.25 12.85
C PRO A 281 -0.88 -4.12 11.93
N ALA A 282 -0.76 -4.62 10.68
CA ALA A 282 -1.78 -4.57 9.64
C ALA A 282 -1.69 -5.77 8.68
N GLY A 283 -1.16 -6.90 9.14
CA GLY A 283 -0.91 -8.12 8.37
C GLY A 283 -1.75 -9.32 8.84
N PRO A 284 -1.13 -10.46 9.21
CA PRO A 284 -1.86 -11.72 9.48
C PRO A 284 -2.74 -11.71 10.73
N ALA A 285 -2.50 -10.81 11.69
CA ALA A 285 -3.38 -10.58 12.84
C ALA A 285 -4.38 -9.43 12.57
N GLY A 286 -4.46 -8.92 11.33
CA GLY A 286 -5.14 -7.68 10.96
C GLY A 286 -6.39 -7.87 10.08
N GLY A 287 -6.60 -9.06 9.49
CA GLY A 287 -7.84 -9.43 8.83
C GLY A 287 -7.85 -9.13 7.32
N GLN A 288 -9.05 -8.97 6.76
CA GLN A 288 -9.33 -8.68 5.35
C GLN A 288 -10.46 -7.63 5.24
N GLN A 289 -10.45 -6.62 6.12
CA GLN A 289 -11.38 -5.47 6.12
C GLN A 289 -10.57 -4.18 6.25
N VAL A 290 -10.21 -3.82 7.49
CA VAL A 290 -9.33 -2.73 7.97
C VAL A 290 -9.83 -1.30 7.62
N ASP A 291 -10.04 -1.01 6.33
CA ASP A 291 -10.50 0.27 5.80
C ASP A 291 -12.01 0.43 6.00
N LEU A 292 -12.76 -0.66 5.90
CA LEU A 292 -14.22 -0.75 6.00
C LEU A 292 -14.77 -0.37 7.39
N ALA A 293 -13.90 -0.25 8.40
CA ALA A 293 -14.20 0.28 9.74
C ALA A 293 -14.66 1.76 9.72
N SER A 294 -14.35 2.50 8.63
CA SER A 294 -14.85 3.85 8.38
C SER A 294 -16.28 3.86 7.81
N VAL A 295 -16.80 2.72 7.32
CA VAL A 295 -18.15 2.53 6.79
C VAL A 295 -18.98 1.83 7.89
N LEU A 296 -18.46 0.73 8.45
CA LEU A 296 -19.03 -0.05 9.54
C LEU A 296 -18.54 0.58 10.86
N THR A 297 -18.99 1.80 11.14
CA THR A 297 -18.57 2.64 12.27
C THR A 297 -19.01 2.07 13.65
N PRO A 298 -18.30 2.41 14.75
CA PRO A 298 -18.51 1.87 16.12
C PRO A 298 -19.95 1.74 16.62
N GLU A 299 -20.83 2.70 16.31
CA GLU A 299 -22.24 2.73 16.73
C GLU A 299 -23.07 1.52 16.26
N ILE A 300 -22.69 0.88 15.14
CA ILE A 300 -23.36 -0.31 14.60
C ILE A 300 -22.65 -1.58 15.13
N MET A 301 -21.33 -1.56 15.29
CA MET A 301 -20.52 -2.74 15.62
C MET A 301 -20.45 -2.99 17.13
N ALA A 302 -20.44 -1.95 17.97
CA ALA A 302 -20.43 -2.00 19.43
C ALA A 302 -21.42 -2.99 20.10
N PRO A 303 -22.73 -3.01 19.78
CA PRO A 303 -23.66 -4.00 20.34
C PRO A 303 -23.49 -5.44 19.80
N ILE A 304 -22.79 -5.64 18.68
CA ILE A 304 -22.45 -6.96 18.14
C ILE A 304 -21.21 -7.47 18.91
N LEU A 305 -20.17 -6.63 19.02
CA LEU A 305 -18.91 -6.89 19.72
C LEU A 305 -19.07 -7.03 21.25
N ALA A 306 -20.21 -6.58 21.81
CA ALA A 306 -20.57 -6.67 23.22
C ALA A 306 -21.09 -8.08 23.62
N ASN A 307 -21.29 -8.98 22.65
CA ASN A 307 -21.72 -10.37 22.89
C ASN A 307 -20.48 -11.20 23.23
N ALA A 308 -20.58 -12.02 24.29
CA ALA A 308 -19.51 -12.87 24.81
C ALA A 308 -19.07 -13.97 23.83
N ASP A 309 -19.98 -14.49 23.00
CA ASP A 309 -19.66 -15.54 22.01
C ASP A 309 -18.81 -14.97 20.86
N VAL A 310 -19.05 -13.72 20.46
CA VAL A 310 -18.24 -12.95 19.52
C VAL A 310 -16.84 -12.68 20.14
N GLN A 311 -16.77 -12.24 21.40
CA GLN A 311 -15.52 -12.01 22.13
C GLN A 311 -14.63 -13.28 22.24
N GLU A 312 -15.23 -14.44 22.56
CA GLU A 312 -14.56 -15.74 22.64
C GLU A 312 -14.01 -16.21 21.28
N ARG A 313 -14.57 -15.76 20.15
CA ARG A 313 -14.07 -16.03 18.80
C ARG A 313 -12.97 -15.02 18.44
N LEU A 314 -13.22 -13.72 18.65
CA LEU A 314 -12.38 -12.61 18.21
C LEU A 314 -11.06 -12.51 18.99
N LEU A 315 -11.11 -12.49 20.33
CA LEU A 315 -9.95 -12.31 21.22
C LEU A 315 -8.72 -13.22 20.96
N PRO A 316 -8.84 -14.55 20.78
CA PRO A 316 -7.68 -15.40 20.42
C PRO A 316 -7.09 -15.19 19.01
N TYR A 317 -7.64 -14.31 18.16
CA TYR A 317 -7.03 -13.92 16.88
C TYR A 317 -6.14 -12.66 17.03
N LEU A 318 -6.01 -12.09 18.25
CA LEU A 318 -5.06 -11.01 18.56
C LEU A 318 -3.61 -11.52 18.58
N PRO A 319 -2.59 -10.65 18.39
CA PRO A 319 -1.17 -11.02 18.49
C PRO A 319 -0.67 -11.21 19.94
N SER A 320 -1.48 -10.84 20.95
CA SER A 320 -1.28 -10.90 22.40
C SER A 320 -0.69 -9.58 22.92
N GLY A 321 -1.22 -9.09 24.06
CA GLY A 321 -0.77 -7.87 24.74
C GLY A 321 -1.84 -6.78 24.77
N GLU A 322 -2.96 -6.97 24.06
CA GLU A 322 -4.11 -6.07 23.96
C GLU A 322 -5.40 -6.89 24.13
N SER A 323 -6.55 -6.19 24.16
CA SER A 323 -7.91 -6.71 24.29
C SER A 323 -8.89 -5.63 23.80
N LEU A 324 -10.20 -5.87 23.93
CA LEU A 324 -11.29 -4.92 23.66
C LEU A 324 -12.30 -4.96 24.83
N PRO A 325 -13.07 -3.87 25.11
CA PRO A 325 -14.07 -3.82 26.20
C PRO A 325 -15.15 -4.92 26.12
N GLN A 326 -15.78 -5.21 27.26
CA GLN A 326 -16.72 -6.33 27.41
C GLN A 326 -18.16 -5.95 27.00
N THR A 327 -18.51 -4.67 27.00
CA THR A 327 -19.85 -4.14 26.73
C THR A 327 -19.78 -2.87 25.84
N ALA A 328 -20.87 -2.59 25.10
CA ALA A 328 -20.95 -1.68 23.96
C ALA A 328 -20.60 -0.22 24.26
N ASP A 329 -20.92 0.25 25.48
CA ASP A 329 -20.76 1.63 25.96
C ASP A 329 -19.33 2.17 25.80
N GLU A 330 -18.33 1.33 26.06
CA GLU A 330 -16.91 1.65 25.92
C GLU A 330 -16.46 1.42 24.46
N ILE A 331 -16.94 0.39 23.76
CA ILE A 331 -16.55 0.05 22.38
C ILE A 331 -16.98 1.16 21.40
N GLN A 332 -18.14 1.79 21.64
CA GLN A 332 -18.71 2.85 20.83
C GLN A 332 -17.97 4.19 21.02
N ASN A 333 -17.38 4.43 22.20
CA ASN A 333 -16.99 5.77 22.67
C ASN A 333 -15.52 5.92 23.09
N THR A 334 -14.85 4.83 23.51
CA THR A 334 -13.57 4.85 24.23
C THR A 334 -12.53 4.01 23.47
N LEU A 335 -12.31 4.35 22.18
CA LEU A 335 -11.21 3.87 21.34
C LEU A 335 -10.82 4.94 20.32
N THR A 336 -9.56 4.94 19.88
CA THR A 336 -8.98 5.94 18.99
C THR A 336 -9.26 5.52 17.52
N SER A 337 -8.65 4.43 17.04
CA SER A 337 -8.81 3.84 15.71
C SER A 337 -8.21 2.43 15.60
N PRO A 338 -6.89 2.20 15.87
CA PRO A 338 -6.23 0.89 15.73
C PRO A 338 -6.93 -0.32 16.39
N GLN A 339 -7.43 -0.14 17.62
CA GLN A 339 -8.16 -1.17 18.39
C GLN A 339 -9.44 -1.62 17.66
N PHE A 340 -10.15 -0.68 17.03
CA PHE A 340 -11.37 -0.93 16.29
C PHE A 340 -11.05 -1.55 14.91
N GLN A 341 -9.97 -1.11 14.25
CA GLN A 341 -9.48 -1.70 13.00
C GLN A 341 -8.95 -3.12 13.20
N GLN A 342 -8.37 -3.41 14.37
CA GLN A 342 -8.06 -4.75 14.85
C GLN A 342 -9.35 -5.56 15.11
N ALA A 343 -10.33 -5.01 15.85
CA ALA A 343 -11.61 -5.67 16.16
C ALA A 343 -12.40 -6.08 14.90
N LEU A 344 -12.50 -5.17 13.92
CA LEU A 344 -13.07 -5.39 12.58
C LEU A 344 -12.21 -6.36 11.73
N GLY A 345 -10.99 -6.68 12.17
CA GLY A 345 -10.04 -7.55 11.49
C GLY A 345 -10.04 -8.95 12.12
N MET A 346 -10.27 -9.04 13.42
CA MET A 346 -10.56 -10.27 14.17
C MET A 346 -11.96 -10.79 13.77
N PHE A 347 -12.92 -9.88 13.55
CA PHE A 347 -14.28 -10.14 13.05
C PHE A 347 -14.26 -10.73 11.63
N SER A 348 -13.40 -10.19 10.76
CA SER A 348 -13.19 -10.59 9.37
C SER A 348 -12.93 -12.10 9.19
N ALA A 349 -12.17 -12.73 10.10
CA ALA A 349 -11.82 -14.14 10.06
C ALA A 349 -13.04 -15.07 10.27
N ALA A 350 -13.93 -14.71 11.19
CA ALA A 350 -15.14 -15.46 11.50
C ALA A 350 -16.24 -15.21 10.46
N LEU A 351 -16.27 -14.00 9.88
CA LEU A 351 -17.22 -13.60 8.86
C LEU A 351 -16.88 -14.25 7.51
N ALA A 352 -15.59 -14.28 7.11
CA ALA A 352 -15.13 -14.77 5.81
C ALA A 352 -15.18 -16.31 5.71
N SER A 353 -14.95 -17.02 6.81
CA SER A 353 -15.09 -18.47 6.90
C SER A 353 -16.58 -18.88 6.97
N GLY A 354 -17.45 -18.03 7.56
CA GLY A 354 -18.90 -18.13 7.49
C GLY A 354 -19.54 -18.54 8.82
N GLN A 355 -18.71 -18.94 9.80
CA GLN A 355 -19.11 -19.48 11.10
C GLN A 355 -19.77 -18.46 12.03
N LEU A 356 -19.64 -17.15 11.76
CA LEU A 356 -20.32 -16.07 12.48
C LEU A 356 -21.85 -16.09 12.18
N GLY A 357 -22.21 -16.47 10.94
CA GLY A 357 -23.53 -16.78 10.37
C GLY A 357 -24.71 -16.87 11.35
N PRO A 358 -24.85 -17.98 12.12
CA PRO A 358 -25.91 -18.19 13.14
C PRO A 358 -26.18 -17.03 14.12
N LEU A 359 -25.17 -16.26 14.51
CA LEU A 359 -25.33 -15.13 15.44
C LEU A 359 -25.95 -13.93 14.73
N MET A 360 -25.66 -13.71 13.44
CA MET A 360 -26.18 -12.60 12.64
C MET A 360 -27.70 -12.71 12.44
N CYS A 361 -28.22 -13.95 12.41
CA CYS A 361 -29.63 -14.30 12.40
C CYS A 361 -30.32 -13.95 13.75
N GLN A 362 -29.57 -13.95 14.86
CA GLN A 362 -30.06 -13.71 16.22
C GLN A 362 -29.99 -12.21 16.55
N PHE A 363 -28.95 -11.50 16.07
CA PHE A 363 -28.78 -10.05 16.23
C PHE A 363 -29.83 -9.27 15.41
N GLY A 364 -30.16 -9.73 14.20
CA GLY A 364 -31.30 -9.23 13.43
C GLY A 364 -30.88 -8.36 12.24
N LEU A 365 -29.73 -8.64 11.63
CA LEU A 365 -29.22 -7.93 10.45
C LEU A 365 -30.08 -8.20 9.19
N PRO A 366 -30.04 -7.35 8.13
CA PRO A 366 -30.72 -7.56 6.84
C PRO A 366 -30.49 -8.95 6.22
N ALA A 367 -31.50 -9.53 5.56
CA ALA A 367 -31.47 -10.87 4.97
C ALA A 367 -30.32 -11.08 3.97
N GLU A 368 -29.99 -10.03 3.19
CA GLU A 368 -28.89 -9.99 2.23
C GLU A 368 -27.52 -10.01 2.94
N ALA A 369 -27.42 -9.37 4.11
CA ALA A 369 -26.21 -9.31 4.93
C ALA A 369 -26.02 -10.63 5.69
N VAL A 370 -27.10 -11.19 6.27
CA VAL A 370 -27.11 -12.46 6.97
C VAL A 370 -26.74 -13.63 6.03
N GLU A 371 -27.25 -13.65 4.79
CA GLU A 371 -26.87 -14.62 3.77
C GLU A 371 -25.37 -14.51 3.42
N ALA A 372 -24.88 -13.28 3.21
CA ALA A 372 -23.48 -12.97 2.91
C ALA A 372 -22.53 -13.36 4.06
N ALA A 373 -22.94 -13.13 5.32
CA ALA A 373 -22.19 -13.47 6.52
C ALA A 373 -22.15 -14.98 6.81
N ASN A 374 -23.11 -15.75 6.29
CA ASN A 374 -23.13 -17.21 6.36
C ASN A 374 -22.30 -17.81 5.21
N LYS A 375 -22.40 -17.26 4.00
CA LYS A 375 -21.70 -17.77 2.81
C LYS A 375 -20.22 -17.34 2.76
N GLY A 376 -19.87 -16.16 3.29
CA GLY A 376 -18.49 -15.69 3.45
C GLY A 376 -18.15 -14.46 2.62
N ASP A 377 -19.14 -13.79 2.02
CA ASP A 377 -18.96 -12.65 1.11
C ASP A 377 -18.91 -11.35 1.95
N VAL A 378 -17.71 -11.01 2.41
CA VAL A 378 -17.38 -9.84 3.23
C VAL A 378 -17.80 -8.52 2.54
N GLU A 379 -17.56 -8.41 1.22
CA GLU A 379 -17.90 -7.25 0.39
C GLU A 379 -19.43 -7.05 0.31
N ALA A 380 -20.19 -8.13 0.12
CA ALA A 380 -21.65 -8.10 0.01
C ALA A 380 -22.31 -7.77 1.36
N PHE A 381 -21.75 -8.29 2.47
CA PHE A 381 -22.11 -7.95 3.84
C PHE A 381 -21.95 -6.43 4.11
N ALA A 382 -20.77 -5.89 3.77
CA ALA A 382 -20.44 -4.48 3.96
C ALA A 382 -21.33 -3.56 3.11
N LYS A 383 -21.56 -3.91 1.84
CA LYS A 383 -22.44 -3.18 0.92
C LYS A 383 -23.92 -3.23 1.35
N ALA A 384 -24.41 -4.38 1.84
CA ALA A 384 -25.76 -4.54 2.35
C ALA A 384 -26.00 -3.70 3.61
N MET A 385 -25.02 -3.65 4.52
CA MET A 385 -25.06 -2.84 5.73
C MET A 385 -24.97 -1.34 5.40
N GLN A 386 -24.11 -0.94 4.45
CA GLN A 386 -23.97 0.43 3.95
C GLN A 386 -25.28 0.93 3.31
N ASN A 387 -25.94 0.07 2.50
CA ASN A 387 -27.21 0.36 1.85
C ASN A 387 -28.35 0.51 2.89
N ASN A 388 -28.34 -0.32 3.95
CA ASN A 388 -29.34 -0.30 5.03
C ASN A 388 -29.13 0.90 5.97
N ALA A 389 -27.88 1.36 6.16
CA ALA A 389 -27.51 2.47 7.04
C ALA A 389 -28.01 3.83 6.52
N LYS A 390 -28.18 3.98 5.20
CA LYS A 390 -28.77 5.15 4.55
C LYS A 390 -30.31 4.94 4.51
N PRO A 391 -31.14 5.88 5.02
CA PRO A 391 -32.60 5.71 5.07
C PRO A 391 -33.32 5.94 3.74
N GLU A 392 -32.74 6.76 2.84
CA GLU A 392 -33.21 7.09 1.48
C GLU A 392 -34.28 8.21 1.46
N GLN A 393 -34.52 8.86 2.61
CA GLN A 393 -35.44 9.96 2.89
C GLN A 393 -36.87 9.43 3.09
N LYS A 394 -37.17 8.99 4.31
CA LYS A 394 -38.47 8.44 4.71
C LYS A 394 -39.46 9.53 5.16
N GLU A 395 -38.99 10.78 5.29
CA GLU A 395 -39.76 11.97 5.70
C GLU A 395 -40.60 12.49 4.51
N GLY A 396 -41.63 11.74 4.14
CA GLY A 396 -42.54 11.99 3.01
C GLY A 396 -44.00 12.13 3.45
N ASP A 397 -44.25 12.43 4.73
CA ASP A 397 -45.55 12.61 5.40
C ASP A 397 -46.15 11.26 5.77
N THR A 398 -45.64 10.65 6.85
CA THR A 398 -45.94 9.30 7.31
C THR A 398 -47.35 9.18 7.94
N LYS A 399 -47.89 10.28 8.47
CA LYS A 399 -49.20 10.38 9.12
C LYS A 399 -49.98 11.58 8.56
N ASP A 400 -51.31 11.47 8.53
CA ASP A 400 -52.27 12.48 8.06
C ASP A 400 -53.32 12.68 9.15
N LYS A 401 -52.89 13.12 10.34
CA LYS A 401 -53.70 13.41 11.54
C LYS A 401 -54.16 12.12 12.26
N LYS A 402 -53.29 11.10 12.28
CA LYS A 402 -53.49 9.80 12.92
C LYS A 402 -53.51 9.95 14.46
N ASP A 403 -52.59 10.77 15.00
CA ASP A 403 -52.40 11.10 16.41
C ASP A 403 -51.83 9.91 17.20
N GLU A 404 -51.96 9.93 18.53
CA GLU A 404 -51.58 8.85 19.44
C GLU A 404 -52.77 7.90 19.62
N GLU A 405 -52.48 6.61 19.85
CA GLU A 405 -53.43 5.52 20.10
C GLU A 405 -54.08 5.03 18.79
N GLU A 406 -55.35 4.59 18.85
CA GLU A 406 -56.13 4.08 17.73
C GLU A 406 -56.49 5.21 16.76
N ASP A 407 -57.59 5.94 17.02
CA ASP A 407 -58.08 7.07 16.24
C ASP A 407 -59.04 7.90 17.11
N MET A 408 -60.01 7.24 17.76
CA MET A 408 -60.99 7.82 18.66
C MET A 408 -60.34 8.22 20.01
N SER A 409 -60.96 9.19 20.70
CA SER A 409 -60.64 9.68 22.04
C SER A 409 -61.89 10.33 22.64
N LEU A 410 -62.01 10.33 23.97
CA LEU A 410 -63.17 10.87 24.69
C LEU A 410 -63.06 12.39 24.90
N ASP A 411 -61.84 12.95 24.82
CA ASP A 411 -61.55 14.38 24.87
C ASP A 411 -61.65 14.94 23.45
N MET A 5 54.88 40.88 6.12
CA MET A 5 53.48 41.31 6.15
C MET A 5 52.72 40.60 5.03
N THR A 6 51.44 40.28 5.24
CA THR A 6 50.53 39.67 4.28
C THR A 6 49.09 40.13 4.60
N THR A 7 48.21 40.06 3.60
CA THR A 7 46.75 40.09 3.79
C THR A 7 46.32 38.65 4.13
N SER A 8 45.27 38.49 4.95
CA SER A 8 44.64 37.21 5.28
C SER A 8 43.52 36.99 4.24
N GLY A 9 43.89 36.45 3.08
CA GLY A 9 43.07 36.31 1.88
C GLY A 9 43.75 37.04 0.72
N ALA A 10 42.96 37.47 -0.27
CA ALA A 10 43.36 38.20 -1.47
C ALA A 10 43.98 37.25 -2.51
N LEU A 11 45.28 37.40 -2.79
CA LEU A 11 46.09 36.62 -3.73
C LEU A 11 45.76 37.02 -5.18
N PHE A 12 45.87 38.32 -5.47
CA PHE A 12 45.63 38.99 -6.75
C PHE A 12 44.14 39.02 -7.15
N PRO A 13 43.22 39.60 -6.32
CA PRO A 13 41.78 39.61 -6.60
C PRO A 13 41.41 40.68 -7.64
N SER A 14 40.23 40.55 -8.27
CA SER A 14 39.63 41.52 -9.17
C SER A 14 38.10 41.40 -9.08
N LEU A 15 37.57 40.21 -9.40
CA LEU A 15 36.17 39.81 -9.26
C LEU A 15 36.14 38.29 -9.12
N VAL A 16 35.15 37.76 -8.41
CA VAL A 16 34.89 36.33 -8.22
C VAL A 16 33.35 36.10 -8.17
N PRO A 17 32.69 35.77 -9.30
CA PRO A 17 31.26 35.41 -9.36
C PRO A 17 30.87 34.26 -8.41
N GLY A 18 29.62 34.26 -7.92
CA GLY A 18 29.03 33.21 -7.08
C GLY A 18 28.54 33.78 -5.74
N SER A 19 28.39 32.91 -4.74
CA SER A 19 27.94 33.24 -3.38
C SER A 19 29.13 33.77 -2.54
N ARG A 20 28.83 34.55 -1.50
CA ARG A 20 29.81 35.15 -0.59
C ARG A 20 30.36 34.12 0.42
N GLY A 21 29.55 33.12 0.80
CA GLY A 21 29.90 32.00 1.65
C GLY A 21 29.51 30.68 0.98
N ALA A 22 29.80 29.55 1.66
CA ALA A 22 29.47 28.19 1.23
C ALA A 22 27.98 27.90 1.48
N SER A 23 27.11 28.56 0.72
CA SER A 23 25.64 28.53 0.85
C SER A 23 25.03 27.29 0.17
N ASN A 24 25.81 26.55 -0.64
CA ASN A 24 25.40 25.32 -1.35
C ASN A 24 25.53 24.13 -0.37
N LYS A 25 24.78 24.17 0.73
CA LYS A 25 24.78 23.18 1.80
C LYS A 25 23.87 21.99 1.45
N TYR A 26 22.72 22.26 0.81
CA TYR A 26 21.67 21.31 0.51
C TYR A 26 21.41 21.30 -1.00
N LEU A 27 21.02 20.13 -1.52
CA LEU A 27 20.70 19.88 -2.91
C LEU A 27 19.22 20.24 -3.19
N VAL A 28 18.33 19.92 -2.25
CA VAL A 28 16.90 20.25 -2.25
C VAL A 28 16.50 20.62 -0.81
N GLU A 29 15.48 21.47 -0.65
CA GLU A 29 14.94 21.99 0.60
C GLU A 29 13.49 22.42 0.31
N PHE A 30 12.49 21.78 0.94
CA PHE A 30 11.07 22.09 0.75
C PHE A 30 10.24 21.77 1.99
N ARG A 31 9.19 22.57 2.25
CA ARG A 31 8.34 22.46 3.43
C ARG A 31 7.22 21.44 3.16
N ALA A 32 7.31 20.27 3.82
CA ALA A 32 6.39 19.15 3.69
C ALA A 32 6.37 18.33 4.98
N GLY A 33 5.23 17.68 5.25
CA GLY A 33 4.98 16.85 6.42
C GLY A 33 4.77 15.41 5.96
N LYS A 34 5.37 14.44 6.68
CA LYS A 34 5.29 13.02 6.37
C LYS A 34 3.98 12.41 6.90
N MET A 35 3.63 11.23 6.38
CA MET A 35 2.58 10.35 6.87
C MET A 35 3.25 9.09 7.41
N SER A 36 2.76 8.57 8.54
CA SER A 36 3.31 7.41 9.22
C SER A 36 2.18 6.68 9.97
N LEU A 37 2.53 5.62 10.71
CA LEU A 37 1.63 4.81 11.51
C LEU A 37 1.49 5.41 12.92
N LYS A 38 0.28 5.33 13.48
CA LYS A 38 -0.11 5.67 14.84
C LYS A 38 -0.69 4.41 15.52
N GLY A 39 -0.11 3.25 15.20
CA GLY A 39 -0.59 1.92 15.58
C GLY A 39 -0.88 1.17 14.28
N THR A 40 -2.11 0.65 14.11
CA THR A 40 -2.59 0.09 12.85
C THR A 40 -3.10 1.22 11.92
N THR A 41 -3.50 2.36 12.50
CA THR A 41 -4.01 3.56 11.84
C THR A 41 -2.84 4.32 11.19
N VAL A 42 -2.98 4.70 9.92
CA VAL A 42 -2.05 5.59 9.21
C VAL A 42 -2.57 7.03 9.44
N THR A 43 -1.68 7.96 9.77
CA THR A 43 -1.98 9.34 10.12
C THR A 43 -0.98 10.29 9.43
N PRO A 44 -1.43 11.42 8.83
CA PRO A 44 -0.53 12.49 8.38
C PRO A 44 -0.09 13.34 9.60
N ASP A 45 1.20 13.68 9.70
CA ASP A 45 1.73 14.54 10.75
C ASP A 45 1.37 15.99 10.42
N LYS A 46 0.76 16.68 11.40
CA LYS A 46 0.20 18.02 11.27
C LYS A 46 1.14 19.11 11.82
N ARG A 47 2.36 18.74 12.22
CA ARG A 47 3.45 19.68 12.54
C ARG A 47 4.02 20.22 11.23
N LYS A 48 4.43 21.51 11.22
CA LYS A 48 5.14 22.11 10.10
C LYS A 48 6.57 21.53 10.00
N GLY A 49 6.81 20.78 8.93
CA GLY A 49 8.05 20.05 8.68
C GLY A 49 8.80 20.61 7.47
N LEU A 50 10.02 20.13 7.27
CA LEU A 50 10.92 20.47 6.18
C LEU A 50 11.62 19.17 5.76
N VAL A 51 11.49 18.80 4.48
CA VAL A 51 12.31 17.78 3.82
C VAL A 51 13.51 18.56 3.26
N TYR A 52 14.72 18.01 3.42
CA TYR A 52 15.95 18.56 2.90
C TYR A 52 16.89 17.42 2.49
N ILE A 53 17.68 17.64 1.44
CA ILE A 53 18.54 16.64 0.82
C ILE A 53 19.95 17.25 0.77
N GLN A 54 20.93 16.47 1.23
CA GLN A 54 22.34 16.80 1.40
C GLN A 54 23.18 15.67 0.76
N GLN A 55 24.50 15.74 0.86
CA GLN A 55 25.45 14.71 0.46
C GLN A 55 26.53 14.62 1.55
N THR A 56 26.80 13.41 2.04
CA THR A 56 27.86 13.10 3.01
C THR A 56 29.22 12.94 2.28
N ASP A 57 30.33 12.96 3.05
CA ASP A 57 31.72 13.02 2.58
C ASP A 57 32.19 11.70 1.92
N ASP A 58 31.40 10.63 2.01
CA ASP A 58 31.57 9.37 1.28
C ASP A 58 31.02 9.48 -0.17
N SER A 59 30.26 10.54 -0.47
CA SER A 59 29.72 10.98 -1.76
C SER A 59 28.31 10.46 -2.06
N LEU A 60 27.64 9.79 -1.11
CA LEU A 60 26.26 9.35 -1.23
C LEU A 60 25.31 10.48 -0.79
N ILE A 61 24.09 10.49 -1.35
CA ILE A 61 23.03 11.46 -1.05
C ILE A 61 22.46 11.12 0.34
N HIS A 62 22.20 12.15 1.14
CA HIS A 62 21.68 12.07 2.49
C HIS A 62 20.32 12.79 2.48
N PHE A 63 19.23 12.04 2.57
CA PHE A 63 17.85 12.55 2.61
C PHE A 63 17.48 12.67 4.11
N CYS A 64 16.90 13.79 4.53
CA CYS A 64 16.58 14.09 5.93
C CYS A 64 15.31 14.95 6.09
N TRP A 65 14.71 14.90 7.29
CA TRP A 65 13.47 15.59 7.63
C TRP A 65 13.55 16.15 9.06
N LYS A 66 13.07 17.38 9.26
CA LYS A 66 13.08 18.12 10.52
C LYS A 66 11.73 18.82 10.77
N ASP A 67 11.40 19.07 12.05
CA ASP A 67 10.27 19.91 12.49
C ASP A 67 10.74 21.37 12.50
N ARG A 68 9.97 22.29 11.91
CA ARG A 68 10.29 23.72 11.86
C ARG A 68 9.92 24.44 13.17
N THR A 69 9.01 23.86 13.97
CA THR A 69 8.57 24.39 15.26
C THR A 69 9.71 24.28 16.30
N SER A 70 10.33 23.10 16.40
CA SER A 70 11.35 22.77 17.40
C SER A 70 12.77 23.03 16.85
N GLY A 71 13.02 22.70 15.57
CA GLY A 71 14.28 22.96 14.87
C GLY A 71 15.15 21.71 14.69
N ASN A 72 14.76 20.59 15.31
CA ASN A 72 15.49 19.33 15.37
C ASN A 72 15.14 18.40 14.19
N VAL A 73 16.15 17.69 13.66
CA VAL A 73 16.02 16.61 12.69
C VAL A 73 15.44 15.37 13.39
N GLU A 74 14.50 14.69 12.73
CA GLU A 74 13.71 13.57 13.27
C GLU A 74 13.81 12.32 12.37
N ASP A 75 14.35 12.43 11.15
CA ASP A 75 14.62 11.32 10.24
C ASP A 75 15.81 11.68 9.33
N ASP A 76 16.69 10.72 9.04
CA ASP A 76 17.84 10.84 8.15
C ASP A 76 18.15 9.45 7.56
N LEU A 77 18.39 9.39 6.25
CA LEU A 77 18.68 8.18 5.48
C LEU A 77 19.77 8.49 4.42
N ILE A 78 20.78 7.63 4.30
CA ILE A 78 21.79 7.68 3.26
C ILE A 78 21.23 6.85 2.08
N ILE A 79 21.20 7.44 0.89
CA ILE A 79 20.58 6.94 -0.32
C ILE A 79 21.69 6.65 -1.34
N PHE A 80 21.70 5.43 -1.91
CA PHE A 80 22.55 5.04 -3.04
C PHE A 80 21.90 5.49 -4.37
N PRO A 81 22.66 5.65 -5.47
CA PRO A 81 22.13 6.19 -6.74
C PRO A 81 21.14 5.21 -7.40
N ASP A 82 19.86 5.58 -7.40
CA ASP A 82 18.69 4.86 -7.92
C ASP A 82 18.12 3.83 -6.91
N ASP A 83 18.41 4.02 -5.62
CA ASP A 83 17.88 3.20 -4.51
C ASP A 83 16.44 3.63 -4.15
N CYS A 84 16.14 4.92 -4.30
CA CYS A 84 14.83 5.53 -4.10
C CYS A 84 14.42 6.33 -5.36
N GLU A 85 13.14 6.68 -5.45
CA GLU A 85 12.57 7.64 -6.41
C GLU A 85 11.35 8.32 -5.77
N PHE A 86 11.06 9.56 -6.19
CA PHE A 86 10.01 10.40 -5.64
C PHE A 86 9.00 10.70 -6.76
N LYS A 87 7.71 10.49 -6.49
CA LYS A 87 6.63 10.50 -7.48
C LYS A 87 5.36 11.10 -6.84
N ARG A 88 4.43 11.62 -7.65
CA ARG A 88 3.18 12.20 -7.18
C ARG A 88 2.11 11.09 -7.10
N VAL A 89 1.17 11.18 -6.16
CA VAL A 89 0.00 10.31 -6.08
C VAL A 89 -1.03 10.83 -7.12
N PRO A 90 -1.45 10.02 -8.12
CA PRO A 90 -2.32 10.48 -9.22
C PRO A 90 -3.79 10.66 -8.83
N GLN A 91 -4.22 10.07 -7.69
CA GLN A 91 -5.56 10.18 -7.13
C GLN A 91 -5.73 11.46 -6.29
N CYS A 92 -4.67 12.25 -6.07
CA CYS A 92 -4.70 13.52 -5.35
C CYS A 92 -5.35 14.59 -6.27
N PRO A 93 -6.39 15.32 -5.82
CA PRO A 93 -7.11 16.29 -6.66
C PRO A 93 -6.33 17.61 -6.85
N SER A 94 -5.64 18.08 -5.81
CA SER A 94 -4.80 19.28 -5.82
C SER A 94 -3.43 18.98 -6.47
N GLY A 95 -2.84 17.83 -6.12
CA GLY A 95 -1.53 17.36 -6.54
C GLY A 95 -0.52 17.35 -5.39
N ARG A 96 -0.88 17.87 -4.22
CA ARG A 96 0.04 18.22 -3.13
C ARG A 96 0.56 17.03 -2.30
N VAL A 97 0.07 15.81 -2.53
CA VAL A 97 0.57 14.58 -1.91
C VAL A 97 1.53 13.91 -2.91
N TYR A 98 2.76 13.69 -2.46
CA TYR A 98 3.83 13.00 -3.18
C TYR A 98 4.33 11.85 -2.29
N VAL A 99 5.08 10.91 -2.87
CA VAL A 99 5.53 9.68 -2.23
C VAL A 99 6.97 9.36 -2.67
N LEU A 100 7.83 9.03 -1.69
CA LEU A 100 9.15 8.45 -1.87
C LEU A 100 8.94 6.93 -1.87
N LYS A 101 9.29 6.27 -2.97
CA LYS A 101 9.32 4.82 -3.12
C LYS A 101 10.78 4.38 -2.95
N PHE A 102 11.00 3.34 -2.13
CA PHE A 102 12.25 2.63 -1.98
C PHE A 102 12.19 1.43 -2.95
N LYS A 103 13.08 1.37 -3.94
CA LYS A 103 13.02 0.39 -5.03
C LYS A 103 13.51 -0.99 -4.57
N ALA A 104 14.51 -1.01 -3.68
CA ALA A 104 14.89 -2.17 -2.87
C ALA A 104 14.22 -1.99 -1.51
N GLY A 105 13.51 -3.03 -1.04
CA GLY A 105 12.90 -3.10 0.30
C GLY A 105 11.37 -3.07 0.24
N SER A 106 10.79 -2.39 -0.76
CA SER A 106 9.37 -2.26 -1.11
C SER A 106 8.62 -1.17 -0.33
N LYS A 107 9.32 -0.48 0.59
CA LYS A 107 8.84 0.58 1.46
C LYS A 107 8.40 1.83 0.66
N ARG A 108 7.44 2.58 1.22
CA ARG A 108 6.95 3.87 0.73
C ARG A 108 6.82 4.82 1.92
N LEU A 109 7.15 6.10 1.72
CA LEU A 109 6.91 7.20 2.65
C LEU A 109 6.18 8.30 1.86
N PHE A 110 4.94 8.59 2.24
CA PHE A 110 4.09 9.62 1.63
C PHE A 110 4.30 10.94 2.39
N PHE A 111 4.29 12.06 1.66
CA PHE A 111 4.52 13.42 2.16
C PHE A 111 3.44 14.34 1.57
N TRP A 112 2.86 15.24 2.38
CA TRP A 112 1.98 16.31 1.93
C TRP A 112 2.78 17.63 1.99
N MET A 113 2.75 18.41 0.90
CA MET A 113 3.46 19.69 0.78
C MET A 113 2.66 20.80 1.48
N GLN A 114 3.35 21.64 2.26
CA GLN A 114 2.76 22.72 3.05
C GLN A 114 2.78 24.07 2.29
N GLU A 115 3.58 24.18 1.22
CA GLU A 115 3.73 25.36 0.38
C GLU A 115 2.48 25.54 -0.51
N PRO A 116 1.93 26.77 -0.68
CA PRO A 116 0.62 26.98 -1.30
C PRO A 116 0.61 26.91 -2.84
N LYS A 117 1.67 27.38 -3.52
CA LYS A 117 1.77 27.44 -4.97
C LYS A 117 2.25 26.09 -5.52
N THR A 118 1.31 25.30 -6.06
CA THR A 118 1.51 23.94 -6.56
C THR A 118 2.48 23.85 -7.76
N ASP A 119 2.73 24.97 -8.45
CA ASP A 119 3.74 25.11 -9.51
C ASP A 119 5.17 24.92 -8.97
N GLN A 120 5.41 25.29 -7.71
CA GLN A 120 6.71 25.14 -7.06
C GLN A 120 6.89 23.71 -6.52
N ASP A 121 5.80 23.02 -6.17
CA ASP A 121 5.82 21.60 -5.74
C ASP A 121 6.28 20.69 -6.89
N GLU A 122 5.81 20.99 -8.11
CA GLU A 122 6.18 20.29 -9.35
C GLU A 122 7.64 20.61 -9.77
N GLU A 123 8.20 21.76 -9.36
CA GLU A 123 9.62 22.09 -9.52
C GLU A 123 10.45 21.34 -8.46
N HIS A 124 10.00 21.30 -7.21
CA HIS A 124 10.67 20.64 -6.08
C HIS A 124 10.83 19.13 -6.33
N CYS A 125 9.72 18.43 -6.64
CA CYS A 125 9.68 16.98 -6.80
C CYS A 125 10.63 16.45 -7.90
N ARG A 126 10.85 17.24 -8.96
CA ARG A 126 11.76 16.93 -10.05
C ARG A 126 13.21 16.94 -9.57
N LYS A 127 13.61 17.94 -8.76
CA LYS A 127 14.96 18.06 -8.21
C LYS A 127 15.28 16.85 -7.31
N VAL A 128 14.31 16.40 -6.51
CA VAL A 128 14.37 15.18 -5.72
C VAL A 128 14.61 13.94 -6.63
N ASN A 129 13.66 13.58 -7.50
CA ASN A 129 13.78 12.36 -8.32
C ASN A 129 14.95 12.36 -9.32
N GLU A 130 15.46 13.52 -9.74
CA GLU A 130 16.73 13.62 -10.48
C GLU A 130 17.90 13.21 -9.57
N TYR A 131 18.06 13.82 -8.38
CA TYR A 131 19.19 13.54 -7.48
C TYR A 131 19.15 12.14 -6.85
N LEU A 132 17.98 11.55 -6.60
CA LEU A 132 17.86 10.19 -6.07
C LEU A 132 18.31 9.14 -7.12
N ASN A 133 18.06 9.41 -8.40
CA ASN A 133 18.44 8.55 -9.53
C ASN A 133 19.90 8.81 -9.93
N ASN A 134 20.31 10.08 -10.08
CA ASN A 134 21.58 10.51 -10.64
C ASN A 134 22.17 11.64 -9.77
N PRO A 135 23.20 11.38 -8.92
CA PRO A 135 23.92 12.38 -8.11
C PRO A 135 24.49 13.59 -8.90
N PRO A 136 25.00 14.65 -8.23
CA PRO A 136 25.75 15.77 -8.84
C PRO A 136 26.92 15.42 -9.80
N MET A 137 27.39 14.17 -9.80
CA MET A 137 28.40 13.57 -10.67
C MET A 137 27.89 12.17 -11.10
N PRO A 138 28.34 11.61 -12.24
CA PRO A 138 27.91 10.27 -12.67
C PRO A 138 28.55 9.15 -11.81
N GLY A 139 27.74 8.21 -11.34
CA GLY A 139 28.13 7.04 -10.56
C GLY A 139 27.66 5.76 -11.24
N ALA A 140 28.30 4.63 -10.93
CA ALA A 140 27.98 3.30 -11.46
C ALA A 140 28.32 2.18 -10.47
N LEU A 141 29.35 2.37 -9.62
CA LEU A 141 29.90 1.43 -8.64
C LEU A 141 30.80 0.39 -9.34
N GLY A 142 31.15 -0.70 -8.65
CA GLY A 142 31.95 -1.81 -9.17
C GLY A 142 31.12 -3.09 -9.08
N ALA A 143 30.51 -3.49 -10.21
CA ALA A 143 29.75 -4.73 -10.37
C ALA A 143 30.64 -5.78 -11.04
N SER A 144 30.50 -7.04 -10.60
CA SER A 144 31.12 -8.26 -11.13
C SER A 144 32.57 -8.48 -10.65
N GLY A 145 33.03 -9.73 -10.62
CA GLY A 145 34.40 -10.14 -10.31
C GLY A 145 34.52 -10.98 -9.03
N SER A 146 33.44 -11.06 -8.23
CA SER A 146 33.37 -11.79 -6.98
C SER A 146 33.19 -13.30 -7.25
N SER A 147 34.08 -14.13 -6.70
CA SER A 147 34.12 -15.59 -6.91
C SER A 147 34.48 -16.38 -5.63
N GLY A 148 34.56 -15.71 -4.48
CA GLY A 148 34.82 -16.30 -3.16
C GLY A 148 33.68 -15.93 -2.21
N HIS A 149 33.37 -16.85 -1.27
CA HIS A 149 32.30 -16.83 -0.27
C HIS A 149 30.97 -17.33 -0.85
N GLU A 150 30.06 -17.76 0.03
CA GLU A 150 28.73 -18.28 -0.28
C GLU A 150 27.79 -17.16 -0.78
N LEU A 151 27.98 -15.94 -0.25
CA LEU A 151 27.33 -14.71 -0.68
C LEU A 151 28.27 -14.00 -1.67
N SER A 152 27.71 -13.33 -2.67
CA SER A 152 28.33 -12.51 -3.72
C SER A 152 28.64 -13.27 -5.03
N ALA A 153 28.40 -14.59 -5.05
CA ALA A 153 28.47 -15.44 -6.24
C ALA A 153 27.24 -15.22 -7.12
N LEU A 154 27.39 -15.34 -8.45
CA LEU A 154 26.34 -15.15 -9.44
C LEU A 154 25.40 -16.38 -9.44
N GLY A 155 25.86 -17.51 -9.98
CA GLY A 155 25.21 -18.81 -9.90
C GLY A 155 26.28 -19.89 -9.71
N GLY A 156 26.34 -20.52 -8.53
CA GLY A 156 27.19 -21.69 -8.25
C GLY A 156 26.41 -22.84 -7.60
N GLU A 157 25.28 -22.52 -6.95
CA GLU A 157 24.45 -23.41 -6.15
C GLU A 157 23.51 -24.26 -7.03
N GLY A 158 23.12 -23.73 -8.19
CA GLY A 158 22.21 -24.34 -9.16
C GLY A 158 22.88 -24.39 -10.53
N GLY A 159 22.21 -23.82 -11.54
CA GLY A 159 22.64 -23.75 -12.94
C GLY A 159 21.63 -24.42 -13.88
N LEU A 160 20.74 -25.26 -13.34
CA LEU A 160 19.60 -25.85 -14.05
C LEU A 160 18.40 -24.93 -13.84
N GLN A 161 17.83 -24.41 -14.93
CA GLN A 161 16.64 -23.57 -14.92
C GLN A 161 15.42 -24.49 -14.70
N SER A 162 14.71 -24.29 -13.59
CA SER A 162 13.63 -25.16 -13.09
C SER A 162 12.51 -24.34 -12.42
N LEU A 163 12.32 -23.10 -12.89
CA LEU A 163 11.34 -22.13 -12.38
C LEU A 163 9.96 -22.31 -13.04
N LEU A 164 9.89 -23.06 -14.16
CA LEU A 164 8.73 -23.24 -15.03
C LEU A 164 7.87 -24.44 -14.56
N GLY A 165 7.60 -24.50 -13.26
CA GLY A 165 6.98 -25.61 -12.54
C GLY A 165 7.95 -26.12 -11.47
N ASN A 166 7.90 -27.41 -11.17
CA ASN A 166 8.85 -28.09 -10.26
C ASN A 166 10.04 -28.63 -11.09
N MET A 167 9.76 -29.18 -12.28
CA MET A 167 10.72 -29.82 -13.17
C MET A 167 11.29 -28.79 -14.17
N SER A 168 12.43 -29.10 -14.79
CA SER A 168 13.09 -28.28 -15.81
C SER A 168 12.40 -28.46 -17.19
N HIS A 169 11.79 -29.63 -17.43
CA HIS A 169 11.09 -30.01 -18.65
C HIS A 169 9.94 -30.97 -18.30
N SER A 170 8.92 -31.02 -19.16
CA SER A 170 7.77 -31.92 -19.04
C SER A 170 8.16 -33.35 -19.44
N GLN A 171 7.42 -34.34 -18.92
CA GLN A 171 7.67 -35.78 -19.01
C GLN A 171 7.65 -36.31 -20.45
N LEU A 172 8.35 -37.43 -20.66
CA LEU A 172 8.51 -38.13 -21.94
C LEU A 172 7.19 -38.81 -22.37
N MET A 173 7.07 -39.04 -23.68
CA MET A 173 5.85 -39.42 -24.42
C MET A 173 4.95 -38.18 -24.63
N GLN A 174 5.60 -37.02 -24.82
CA GLN A 174 5.00 -35.70 -24.98
C GLN A 174 4.24 -35.61 -26.32
N LEU A 175 4.91 -35.97 -27.42
CA LEU A 175 4.38 -36.01 -28.78
C LEU A 175 5.28 -36.92 -29.65
N ILE A 176 5.70 -38.08 -29.13
CA ILE A 176 6.61 -39.01 -29.80
C ILE A 176 5.83 -39.79 -30.88
N GLY A 177 6.43 -39.88 -32.07
CA GLY A 177 5.98 -40.63 -33.24
C GLY A 177 7.10 -41.57 -33.71
N PRO A 178 7.38 -41.66 -35.04
CA PRO A 178 8.50 -42.44 -35.63
C PRO A 178 9.88 -42.24 -34.97
N ALA A 179 10.75 -43.26 -35.11
CA ALA A 179 12.05 -43.47 -34.46
C ALA A 179 11.86 -44.24 -33.15
N GLY A 180 11.21 -45.41 -33.27
CA GLY A 180 10.66 -46.21 -32.18
C GLY A 180 9.18 -46.52 -32.48
N LEU A 181 8.52 -47.25 -31.58
CA LEU A 181 7.12 -47.71 -31.66
C LEU A 181 6.98 -48.82 -32.71
N GLY A 182 5.84 -48.89 -33.41
CA GLY A 182 5.54 -49.82 -34.50
C GLY A 182 4.32 -50.68 -34.16
N GLY A 183 3.46 -50.91 -35.16
CA GLY A 183 2.25 -51.70 -35.07
C GLY A 183 1.02 -50.80 -35.26
N LEU A 184 0.15 -51.14 -36.21
CA LEU A 184 -1.11 -50.46 -36.52
C LEU A 184 -2.20 -51.52 -36.72
N GLY A 185 -2.26 -52.10 -37.92
CA GLY A 185 -3.12 -53.21 -38.30
C GLY A 185 -2.27 -54.35 -38.86
N GLY A 186 -2.63 -55.59 -38.54
CA GLY A 186 -1.94 -56.82 -38.92
C GLY A 186 -1.41 -57.56 -37.69
N LEU A 187 -0.68 -58.65 -37.93
CA LEU A 187 0.01 -59.47 -36.93
C LEU A 187 1.32 -59.98 -37.53
N GLY A 188 2.21 -59.04 -37.88
CA GLY A 188 3.53 -59.30 -38.47
C GLY A 188 3.68 -58.73 -39.89
N ALA A 189 2.63 -58.09 -40.43
CA ALA A 189 2.61 -57.44 -41.75
C ALA A 189 3.29 -56.06 -41.67
N LEU A 190 3.96 -55.67 -42.76
CA LEU A 190 4.65 -54.38 -42.91
C LEU A 190 3.61 -53.32 -43.31
N THR A 191 3.72 -52.12 -42.73
CA THR A 191 2.88 -50.95 -43.00
C THR A 191 3.71 -49.64 -43.00
N GLY A 192 5.04 -49.75 -42.86
CA GLY A 192 6.04 -48.69 -43.02
C GLY A 192 7.15 -49.16 -43.98
N PRO A 193 8.13 -48.30 -44.31
CA PRO A 193 9.24 -48.65 -45.20
C PRO A 193 10.25 -49.58 -44.48
N GLY A 194 10.59 -50.70 -45.11
CA GLY A 194 11.55 -51.70 -44.63
C GLY A 194 12.68 -51.94 -45.63
N LEU A 195 12.96 -50.94 -46.48
CA LEU A 195 13.90 -50.99 -47.61
C LEU A 195 15.36 -51.14 -47.17
N ALA A 196 15.73 -50.53 -46.02
CA ALA A 196 17.03 -50.64 -45.37
C ALA A 196 16.85 -50.44 -43.86
N SER A 197 17.70 -51.11 -43.06
CA SER A 197 17.81 -50.97 -41.60
C SER A 197 19.14 -51.57 -41.11
N LEU A 198 19.57 -52.69 -41.72
CA LEU A 198 20.79 -53.44 -41.37
C LEU A 198 22.06 -52.74 -41.90
N LEU A 199 21.90 -51.83 -42.86
CA LEU A 199 22.94 -51.01 -43.48
C LEU A 199 23.16 -49.70 -42.69
N GLY A 200 22.28 -49.39 -41.72
CA GLY A 200 22.30 -48.20 -40.88
C GLY A 200 21.01 -47.40 -41.06
N SER A 201 21.06 -46.09 -40.76
CA SER A 201 20.03 -45.06 -40.93
C SER A 201 18.91 -45.10 -39.87
N SER A 202 18.52 -46.30 -39.43
CA SER A 202 17.49 -46.57 -38.42
C SER A 202 18.05 -46.37 -36.99
N GLY A 203 18.46 -45.14 -36.68
CA GLY A 203 18.97 -44.68 -35.40
C GLY A 203 20.41 -44.14 -35.52
N PRO A 204 20.77 -43.05 -34.81
CA PRO A 204 22.14 -42.48 -34.83
C PRO A 204 23.10 -43.26 -33.89
N PRO A 205 24.44 -43.10 -34.05
CA PRO A 205 25.46 -43.62 -33.12
C PRO A 205 25.21 -43.24 -31.64
N GLY A 206 25.05 -44.24 -30.77
CA GLY A 206 24.92 -44.08 -29.32
C GLY A 206 25.83 -45.06 -28.58
N SER A 207 25.94 -44.92 -27.25
CA SER A 207 26.65 -45.85 -26.37
C SER A 207 25.77 -47.09 -26.03
N SER A 208 24.44 -46.96 -26.15
CA SER A 208 23.41 -47.97 -25.99
C SER A 208 23.00 -48.17 -24.50
N SER A 209 21.97 -48.99 -24.31
CA SER A 209 21.42 -49.49 -23.05
C SER A 209 20.96 -50.94 -23.31
N SER A 210 20.06 -51.49 -22.49
CA SER A 210 19.42 -52.79 -22.72
C SER A 210 18.52 -52.73 -23.99
N SER A 211 19.10 -53.00 -25.17
CA SER A 211 18.41 -53.03 -26.46
C SER A 211 17.66 -54.35 -26.68
N SER A 212 17.92 -55.35 -25.83
CA SER A 212 17.30 -56.67 -25.78
C SER A 212 17.10 -57.05 -24.30
N SER A 213 16.24 -58.05 -24.04
CA SER A 213 16.03 -58.74 -22.76
C SER A 213 15.10 -57.94 -21.81
N ARG A 214 15.36 -56.64 -21.65
CA ARG A 214 14.68 -55.70 -20.75
C ARG A 214 14.30 -54.41 -21.48
N SER A 215 14.13 -54.48 -22.81
CA SER A 215 13.60 -53.40 -23.64
C SER A 215 12.06 -53.50 -23.56
N GLN A 216 11.38 -52.41 -23.18
CA GLN A 216 9.94 -52.34 -22.99
C GLN A 216 9.27 -52.02 -24.34
N SER A 217 9.03 -53.06 -25.14
CA SER A 217 8.44 -52.99 -26.48
C SER A 217 6.89 -52.87 -26.43
N ALA A 218 6.28 -53.11 -25.27
CA ALA A 218 4.85 -52.98 -25.00
C ALA A 218 4.65 -52.59 -23.52
N ALA A 219 3.54 -51.91 -23.22
CA ALA A 219 3.12 -51.50 -21.89
C ALA A 219 1.59 -51.30 -21.90
N VAL A 220 0.95 -51.43 -20.73
CA VAL A 220 -0.46 -51.10 -20.52
C VAL A 220 -0.58 -49.60 -20.19
N THR A 221 -1.66 -48.96 -20.64
CA THR A 221 -1.97 -47.55 -20.41
C THR A 221 -2.63 -47.36 -19.02
N PRO A 222 -2.28 -46.30 -18.25
CA PRO A 222 -2.97 -45.92 -17.00
C PRO A 222 -4.49 -45.70 -17.16
N SER A 223 -5.26 -45.96 -16.09
CA SER A 223 -6.68 -45.64 -15.93
C SER A 223 -7.55 -46.49 -16.89
N SER A 224 -8.60 -45.91 -17.48
CA SER A 224 -9.47 -46.48 -18.52
C SER A 224 -10.48 -47.51 -17.98
N THR A 225 -10.71 -47.51 -16.65
CA THR A 225 -11.57 -48.43 -15.93
C THR A 225 -13.05 -48.03 -16.10
N THR A 226 -13.88 -48.95 -16.62
CA THR A 226 -15.31 -48.84 -16.89
C THR A 226 -16.14 -48.96 -15.59
N SER A 227 -15.78 -48.16 -14.58
CA SER A 227 -16.22 -48.29 -13.19
C SER A 227 -17.66 -47.79 -12.97
N SER A 228 -18.12 -46.76 -13.71
CA SER A 228 -19.46 -46.18 -13.58
C SER A 228 -19.98 -45.48 -14.85
N THR A 229 -19.10 -44.81 -15.62
CA THR A 229 -19.47 -44.03 -16.81
C THR A 229 -19.88 -44.97 -17.96
N ARG A 230 -18.94 -45.77 -18.48
CA ARG A 230 -19.12 -46.82 -19.50
C ARG A 230 -19.57 -46.24 -20.86
N ALA A 231 -20.10 -47.08 -21.75
CA ALA A 231 -20.78 -46.67 -22.98
C ALA A 231 -22.25 -46.39 -22.62
N THR A 232 -22.71 -45.16 -22.81
CA THR A 232 -24.04 -44.68 -22.41
C THR A 232 -24.54 -43.62 -23.41
N PRO A 233 -25.12 -44.02 -24.57
CA PRO A 233 -25.69 -43.08 -25.55
C PRO A 233 -27.06 -42.56 -25.07
N ALA A 234 -27.34 -41.26 -25.27
CA ALA A 234 -28.58 -40.59 -24.90
C ALA A 234 -28.94 -39.47 -25.90
N PRO A 235 -29.35 -39.80 -27.15
CA PRO A 235 -29.72 -38.80 -28.16
C PRO A 235 -31.14 -38.22 -27.96
N SER A 236 -32.01 -38.93 -27.23
CA SER A 236 -33.45 -38.71 -27.08
C SER A 236 -33.83 -37.50 -26.19
N ALA A 237 -32.93 -36.53 -26.00
CA ALA A 237 -33.13 -35.30 -25.24
C ALA A 237 -32.41 -34.11 -25.89
N PRO A 238 -32.83 -33.63 -27.09
CA PRO A 238 -32.22 -32.46 -27.73
C PRO A 238 -32.68 -31.15 -27.05
N ALA A 239 -31.72 -30.34 -26.60
CA ALA A 239 -31.93 -29.03 -25.98
C ALA A 239 -30.64 -28.21 -26.08
N ALA A 240 -30.77 -26.88 -26.15
CA ALA A 240 -29.66 -25.92 -26.18
C ALA A 240 -30.00 -24.62 -25.43
N ALA A 241 -31.04 -24.63 -24.58
CA ALA A 241 -31.55 -23.46 -23.85
C ALA A 241 -30.60 -23.02 -22.71
N SER A 242 -29.78 -23.93 -22.20
CA SER A 242 -28.79 -23.69 -21.14
C SER A 242 -27.38 -23.48 -21.73
N ALA A 243 -27.20 -23.60 -23.06
CA ALA A 243 -25.90 -23.54 -23.73
C ALA A 243 -25.44 -22.09 -23.99
N THR A 244 -26.34 -21.11 -23.90
CA THR A 244 -26.15 -19.69 -24.17
C THR A 244 -25.44 -18.95 -22.99
N SER A 245 -24.42 -19.59 -22.41
CA SER A 245 -23.53 -19.06 -21.38
C SER A 245 -22.74 -17.80 -21.83
N PRO A 246 -22.02 -17.78 -22.98
CA PRO A 246 -21.31 -16.57 -23.44
C PRO A 246 -22.25 -15.54 -24.08
N SER A 247 -21.80 -14.28 -24.13
CA SER A 247 -22.51 -13.14 -24.72
C SER A 247 -21.50 -12.18 -25.40
N PRO A 248 -20.97 -12.53 -26.60
CA PRO A 248 -19.92 -11.74 -27.28
C PRO A 248 -20.45 -10.53 -28.08
N ALA A 249 -21.76 -10.42 -28.31
CA ALA A 249 -22.38 -9.44 -29.20
C ALA A 249 -22.33 -8.00 -28.63
N PRO A 250 -22.06 -6.96 -29.46
CA PRO A 250 -22.12 -5.54 -29.08
C PRO A 250 -23.41 -5.09 -28.36
N SER A 251 -23.31 -4.03 -27.54
CA SER A 251 -24.39 -3.40 -26.82
C SER A 251 -24.09 -1.89 -26.69
N SER A 252 -24.97 -1.14 -26.01
CA SER A 252 -24.88 0.30 -25.76
C SER A 252 -23.74 0.63 -24.78
N GLY A 253 -23.43 -0.30 -23.86
CA GLY A 253 -22.31 -0.26 -22.92
C GLY A 253 -21.38 -1.45 -23.17
N ASN A 254 -20.16 -1.39 -22.62
CA ASN A 254 -19.08 -2.38 -22.78
C ASN A 254 -18.32 -2.54 -21.46
N GLY A 255 -19.06 -2.56 -20.34
CA GLY A 255 -18.54 -2.69 -18.98
C GLY A 255 -19.12 -3.93 -18.31
N ALA A 256 -18.23 -4.78 -17.78
CA ALA A 256 -18.55 -5.99 -17.01
C ALA A 256 -18.41 -5.75 -15.49
N SER A 257 -18.05 -4.53 -15.09
CA SER A 257 -17.85 -4.06 -13.74
C SER A 257 -18.10 -2.55 -13.72
N THR A 258 -18.46 -2.01 -12.56
CA THR A 258 -18.53 -0.57 -12.30
C THR A 258 -17.14 -0.03 -11.86
N ALA A 259 -16.21 -0.90 -11.43
CA ALA A 259 -14.82 -0.54 -11.13
C ALA A 259 -13.98 -0.76 -12.39
N ALA A 260 -13.95 -2.00 -12.90
CA ALA A 260 -13.32 -2.43 -14.17
C ALA A 260 -11.81 -2.15 -14.26
N SER A 261 -11.14 -1.99 -13.11
CA SER A 261 -9.78 -1.47 -12.99
C SER A 261 -8.87 -2.50 -12.32
N PRO A 262 -8.15 -3.37 -13.07
CA PRO A 262 -7.14 -4.29 -12.54
C PRO A 262 -5.77 -3.57 -12.34
N THR A 263 -5.79 -2.33 -11.84
CA THR A 263 -4.70 -1.35 -11.85
C THR A 263 -3.72 -1.51 -10.67
N GLN A 264 -3.69 -2.67 -10.01
CA GLN A 264 -2.76 -3.01 -8.93
C GLN A 264 -1.64 -3.92 -9.48
N PRO A 265 -0.38 -3.45 -9.58
CA PRO A 265 0.81 -4.30 -9.76
C PRO A 265 0.95 -5.37 -8.65
N ILE A 266 1.66 -6.48 -8.92
CA ILE A 266 2.01 -7.53 -7.97
C ILE A 266 2.77 -6.97 -6.74
N GLN A 267 3.70 -6.03 -7.00
CA GLN A 267 4.50 -5.32 -6.00
C GLN A 267 3.68 -4.38 -5.08
N LEU A 268 2.44 -4.05 -5.46
CA LEU A 268 1.48 -3.26 -4.70
C LEU A 268 0.24 -4.10 -4.34
N SER A 269 0.34 -5.43 -4.42
CA SER A 269 -0.70 -6.37 -4.02
C SER A 269 -0.18 -7.27 -2.88
N ASP A 270 1.01 -7.87 -3.04
CA ASP A 270 1.57 -8.85 -2.09
C ASP A 270 2.48 -8.17 -1.07
N LEU A 271 3.47 -7.38 -1.54
CA LEU A 271 4.60 -6.91 -0.73
C LEU A 271 4.17 -5.92 0.38
N GLN A 272 3.09 -5.17 0.12
CA GLN A 272 2.42 -4.26 1.06
C GLN A 272 1.96 -4.95 2.37
N SER A 273 1.57 -6.22 2.31
CA SER A 273 1.15 -6.99 3.47
C SER A 273 2.40 -7.57 4.18
N ILE A 274 3.42 -7.98 3.41
CA ILE A 274 4.68 -8.56 3.89
C ILE A 274 5.46 -7.52 4.71
N LEU A 275 5.61 -6.29 4.20
CA LEU A 275 6.29 -5.20 4.91
C LEU A 275 5.48 -4.69 6.13
N ALA A 276 4.14 -4.83 6.12
CA ALA A 276 3.27 -4.47 7.24
C ALA A 276 3.43 -5.50 8.38
N THR A 277 3.53 -6.80 8.06
CA THR A 277 3.65 -7.92 9.01
C THR A 277 4.95 -7.88 9.85
N MET A 278 5.89 -6.99 9.51
CA MET A 278 7.08 -6.66 10.27
C MET A 278 6.75 -5.93 11.59
N ASN A 279 5.55 -5.35 11.72
CA ASN A 279 5.07 -4.68 12.94
C ASN A 279 3.59 -4.94 13.20
N VAL A 280 2.74 -4.91 12.16
CA VAL A 280 1.28 -4.99 12.25
C VAL A 280 0.76 -5.97 11.18
N PRO A 281 0.52 -7.27 11.50
CA PRO A 281 -0.14 -8.25 10.61
C PRO A 281 -1.45 -7.78 9.96
N ALA A 282 -2.33 -7.13 10.75
CA ALA A 282 -3.55 -6.43 10.32
C ALA A 282 -4.69 -7.37 9.93
N GLY A 283 -4.67 -8.62 10.42
CA GLY A 283 -5.58 -9.70 10.06
C GLY A 283 -4.79 -10.96 9.69
N PRO A 284 -5.41 -11.94 8.99
CA PRO A 284 -4.82 -13.28 8.79
C PRO A 284 -3.70 -13.30 7.73
N ALA A 285 -3.95 -12.75 6.55
CA ALA A 285 -3.01 -12.72 5.41
C ALA A 285 -3.21 -11.48 4.52
N GLY A 286 -3.89 -10.46 5.03
CA GLY A 286 -4.36 -9.28 4.30
C GLY A 286 -5.89 -9.17 4.42
N GLY A 287 -6.52 -8.45 3.49
CA GLY A 287 -7.96 -8.20 3.44
C GLY A 287 -8.26 -6.69 3.43
N GLN A 288 -9.56 -6.34 3.40
CA GLN A 288 -10.07 -4.98 3.21
C GLN A 288 -10.46 -4.28 4.53
N GLN A 289 -10.33 -4.96 5.68
CA GLN A 289 -10.74 -4.54 7.04
C GLN A 289 -10.48 -3.07 7.43
N VAL A 290 -9.33 -2.50 7.04
CA VAL A 290 -8.93 -1.14 7.36
C VAL A 290 -9.78 -0.09 6.60
N ASP A 291 -10.29 -0.44 5.41
CA ASP A 291 -11.23 0.38 4.63
C ASP A 291 -12.66 0.14 5.14
N LEU A 292 -13.02 -1.12 5.44
CA LEU A 292 -14.33 -1.54 5.95
C LEU A 292 -14.65 -0.94 7.32
N ALA A 293 -13.65 -0.56 8.11
CA ALA A 293 -13.77 0.17 9.38
C ALA A 293 -14.44 1.55 9.24
N SER A 294 -14.49 2.12 8.03
CA SER A 294 -15.21 3.35 7.73
C SER A 294 -16.71 3.04 7.50
N VAL A 295 -17.02 1.94 6.81
CA VAL A 295 -18.37 1.50 6.46
C VAL A 295 -19.06 0.91 7.71
N LEU A 296 -18.36 0.02 8.40
CA LEU A 296 -18.76 -0.65 9.62
C LEU A 296 -18.10 0.11 10.79
N THR A 297 -18.40 1.40 10.91
CA THR A 297 -17.92 2.33 11.94
C THR A 297 -18.48 1.95 13.35
N PRO A 298 -17.86 2.43 14.45
CA PRO A 298 -18.16 2.06 15.85
C PRO A 298 -19.62 1.97 16.27
N GLU A 299 -20.50 2.87 15.80
CA GLU A 299 -21.91 2.92 16.18
C GLU A 299 -22.74 1.75 15.62
N ILE A 300 -22.27 1.12 14.52
CA ILE A 300 -22.88 -0.06 13.91
C ILE A 300 -22.32 -1.33 14.59
N MET A 301 -21.03 -1.34 14.93
CA MET A 301 -20.34 -2.49 15.51
C MET A 301 -20.50 -2.60 17.03
N ALA A 302 -20.89 -1.51 17.72
CA ALA A 302 -21.20 -1.39 19.15
C ALA A 302 -21.92 -2.58 19.81
N PRO A 303 -23.14 -2.97 19.39
CA PRO A 303 -23.84 -4.12 19.98
C PRO A 303 -23.31 -5.48 19.50
N ILE A 304 -22.58 -5.52 18.37
CA ILE A 304 -22.08 -6.73 17.73
C ILE A 304 -20.81 -7.19 18.49
N LEU A 305 -19.85 -6.29 18.70
CA LEU A 305 -18.60 -6.57 19.40
C LEU A 305 -18.80 -6.66 20.93
N ALA A 306 -19.96 -6.24 21.45
CA ALA A 306 -20.35 -6.36 22.86
C ALA A 306 -20.98 -7.74 23.16
N ASN A 307 -21.27 -8.56 22.14
CA ASN A 307 -21.91 -9.87 22.28
C ASN A 307 -20.84 -10.87 22.74
N ALA A 308 -21.12 -11.63 23.81
CA ALA A 308 -20.18 -12.51 24.50
C ALA A 308 -19.55 -13.58 23.60
N ASP A 309 -20.35 -14.16 22.69
CA ASP A 309 -19.90 -15.16 21.71
C ASP A 309 -19.00 -14.58 20.62
N VAL A 310 -19.03 -13.27 20.37
CA VAL A 310 -18.09 -12.58 19.49
C VAL A 310 -16.83 -12.25 20.32
N GLN A 311 -16.99 -11.68 21.53
CA GLN A 311 -15.90 -11.35 22.46
C GLN A 311 -14.95 -12.52 22.72
N GLU A 312 -15.49 -13.68 23.12
CA GLU A 312 -14.73 -14.90 23.46
C GLU A 312 -14.01 -15.55 22.26
N ARG A 313 -14.31 -15.13 21.02
CA ARG A 313 -13.61 -15.57 19.81
C ARG A 313 -12.60 -14.50 19.34
N LEU A 314 -12.74 -13.23 19.75
CA LEU A 314 -11.78 -12.16 19.46
C LEU A 314 -10.68 -12.12 20.55
N LEU A 315 -11.04 -12.21 21.84
CA LEU A 315 -10.16 -12.22 23.02
C LEU A 315 -8.89 -13.10 22.95
N PRO A 316 -8.92 -14.38 22.49
CA PRO A 316 -7.71 -15.18 22.34
C PRO A 316 -6.87 -14.85 21.08
N TYR A 317 -7.42 -14.13 20.10
CA TYR A 317 -6.75 -13.85 18.81
C TYR A 317 -5.98 -12.51 18.87
N LEU A 318 -6.45 -11.52 19.64
CA LEU A 318 -5.76 -10.23 19.81
C LEU A 318 -4.40 -10.36 20.54
N PRO A 319 -3.43 -9.43 20.35
CA PRO A 319 -2.08 -9.46 20.95
C PRO A 319 -1.94 -9.72 22.46
N SER A 320 -2.96 -9.43 23.28
CA SER A 320 -3.08 -9.74 24.71
C SER A 320 -2.51 -8.61 25.61
N GLY A 321 -1.97 -7.55 25.01
CA GLY A 321 -1.50 -6.31 25.66
C GLY A 321 -2.44 -5.14 25.37
N GLU A 322 -3.48 -5.39 24.58
CA GLU A 322 -4.69 -4.60 24.38
C GLU A 322 -5.87 -5.55 24.72
N SER A 323 -7.08 -5.00 24.82
CA SER A 323 -8.34 -5.73 24.99
C SER A 323 -9.48 -4.84 24.50
N LEU A 324 -10.58 -5.45 24.04
CA LEU A 324 -11.81 -4.76 23.66
C LEU A 324 -12.57 -4.26 24.93
N PRO A 325 -13.26 -3.10 24.88
CA PRO A 325 -14.19 -2.68 25.94
C PRO A 325 -15.44 -3.59 25.96
N GLN A 326 -15.99 -3.86 27.15
CA GLN A 326 -16.94 -4.95 27.39
C GLN A 326 -18.42 -4.50 27.34
N THR A 327 -18.71 -3.25 26.97
CA THR A 327 -20.05 -2.69 26.84
C THR A 327 -20.14 -1.88 25.53
N ALA A 328 -21.31 -1.91 24.87
CA ALA A 328 -21.60 -1.26 23.58
C ALA A 328 -21.36 0.26 23.60
N ASP A 329 -21.67 0.90 24.73
CA ASP A 329 -21.50 2.33 24.99
C ASP A 329 -20.03 2.76 24.90
N GLU A 330 -19.11 1.93 25.41
CA GLU A 330 -17.68 2.19 25.42
C GLU A 330 -17.03 1.77 24.08
N ILE A 331 -17.58 0.78 23.36
CA ILE A 331 -17.19 0.45 21.99
C ILE A 331 -17.57 1.61 21.04
N GLN A 332 -18.72 2.26 21.28
CA GLN A 332 -19.20 3.40 20.50
C GLN A 332 -18.40 4.69 20.79
N ASN A 333 -18.10 4.98 22.07
CA ASN A 333 -17.65 6.31 22.52
C ASN A 333 -16.22 6.35 23.07
N THR A 334 -15.59 5.22 23.41
CA THR A 334 -14.41 5.16 24.30
C THR A 334 -13.31 4.27 23.69
N LEU A 335 -13.04 4.45 22.39
CA LEU A 335 -11.89 3.88 21.70
C LEU A 335 -11.36 4.89 20.65
N THR A 336 -10.05 4.86 20.38
CA THR A 336 -9.36 5.78 19.48
C THR A 336 -9.50 5.23 18.03
N SER A 337 -8.59 4.34 17.59
CA SER A 337 -8.65 3.68 16.29
C SER A 337 -7.95 2.29 16.28
N PRO A 338 -6.64 2.15 16.62
CA PRO A 338 -5.85 0.92 16.44
C PRO A 338 -6.50 -0.43 16.84
N GLN A 339 -7.08 -0.50 18.05
CA GLN A 339 -7.76 -1.70 18.56
C GLN A 339 -9.02 -2.03 17.74
N PHE A 340 -9.74 -1.01 17.24
CA PHE A 340 -10.93 -1.16 16.40
C PHE A 340 -10.54 -1.65 14.99
N GLN A 341 -9.39 -1.22 14.46
CA GLN A 341 -8.86 -1.69 13.17
C GLN A 341 -8.51 -3.20 13.24
N GLN A 342 -7.99 -3.67 14.38
CA GLN A 342 -7.70 -5.07 14.64
C GLN A 342 -9.01 -5.87 14.88
N ALA A 343 -9.99 -5.29 15.62
CA ALA A 343 -11.31 -5.87 15.84
C ALA A 343 -12.05 -6.13 14.52
N LEU A 344 -12.00 -5.18 13.59
CA LEU A 344 -12.54 -5.29 12.23
C LEU A 344 -11.84 -6.39 11.41
N GLY A 345 -10.59 -6.75 11.72
CA GLY A 345 -9.80 -7.73 10.98
C GLY A 345 -10.02 -9.14 11.54
N MET A 346 -10.16 -9.26 12.87
CA MET A 346 -10.60 -10.49 13.53
C MET A 346 -12.06 -10.83 13.16
N PHE A 347 -12.92 -9.81 13.06
CA PHE A 347 -14.29 -9.88 12.54
C PHE A 347 -14.31 -10.33 11.08
N SER A 348 -13.57 -9.64 10.19
CA SER A 348 -13.50 -9.95 8.75
C SER A 348 -12.92 -11.35 8.46
N ALA A 349 -12.00 -11.87 9.30
CA ALA A 349 -11.45 -13.22 9.19
C ALA A 349 -12.51 -14.30 9.51
N ALA A 350 -13.30 -14.09 10.58
CA ALA A 350 -14.38 -14.99 10.98
C ALA A 350 -15.55 -14.92 10.00
N LEU A 351 -15.83 -13.72 9.47
CA LEU A 351 -16.80 -13.42 8.42
C LEU A 351 -16.43 -14.14 7.11
N ALA A 352 -15.17 -14.03 6.69
CA ALA A 352 -14.63 -14.65 5.47
C ALA A 352 -14.57 -16.18 5.56
N SER A 353 -14.25 -16.72 6.74
CA SER A 353 -14.27 -18.15 7.05
C SER A 353 -15.71 -18.70 6.99
N GLY A 354 -16.68 -17.97 7.55
CA GLY A 354 -18.11 -18.26 7.49
C GLY A 354 -18.66 -18.67 8.86
N GLN A 355 -17.76 -18.95 9.82
CA GLN A 355 -18.04 -19.43 11.17
C GLN A 355 -18.70 -18.38 12.08
N LEU A 356 -18.63 -17.10 11.69
CA LEU A 356 -19.30 -15.98 12.37
C LEU A 356 -20.81 -16.01 12.06
N GLY A 357 -21.17 -16.36 10.80
CA GLY A 357 -22.49 -16.69 10.25
C GLY A 357 -23.64 -16.95 11.23
N PRO A 358 -23.67 -18.11 11.93
CA PRO A 358 -24.67 -18.45 12.97
C PRO A 358 -24.94 -17.38 14.04
N LEU A 359 -23.93 -16.59 14.43
CA LEU A 359 -24.04 -15.53 15.43
C LEU A 359 -24.57 -14.23 14.81
N MET A 360 -24.58 -14.10 13.47
CA MET A 360 -25.12 -12.93 12.77
C MET A 360 -26.66 -12.98 12.75
N CYS A 361 -27.24 -14.19 12.82
CA CYS A 361 -28.67 -14.47 12.73
C CYS A 361 -29.46 -13.96 13.95
N GLN A 362 -28.83 -13.94 15.14
CA GLN A 362 -29.51 -13.70 16.42
C GLN A 362 -29.68 -12.19 16.73
N PHE A 363 -28.98 -11.30 16.00
CA PHE A 363 -29.04 -9.85 16.23
C PHE A 363 -30.28 -9.22 15.56
N GLY A 364 -30.70 -9.75 14.39
CA GLY A 364 -31.84 -9.24 13.63
C GLY A 364 -31.42 -8.49 12.35
N LEU A 365 -30.16 -8.63 11.94
CA LEU A 365 -29.53 -7.94 10.80
C LEU A 365 -30.13 -8.38 9.44
N PRO A 366 -30.01 -7.56 8.36
CA PRO A 366 -30.48 -7.86 6.99
C PRO A 366 -30.13 -9.27 6.47
N ALA A 367 -31.07 -9.92 5.79
CA ALA A 367 -30.96 -11.29 5.29
C ALA A 367 -29.79 -11.50 4.32
N GLU A 368 -29.45 -10.47 3.53
CA GLU A 368 -28.33 -10.46 2.60
C GLU A 368 -26.98 -10.41 3.35
N ALA A 369 -26.93 -9.73 4.51
CA ALA A 369 -25.75 -9.67 5.37
C ALA A 369 -25.59 -10.99 6.14
N VAL A 370 -26.69 -11.56 6.64
CA VAL A 370 -26.72 -12.88 7.29
C VAL A 370 -26.31 -14.00 6.31
N GLU A 371 -26.75 -13.94 5.04
CA GLU A 371 -26.26 -14.81 3.95
C GLU A 371 -24.75 -14.65 3.76
N ALA A 372 -24.29 -13.41 3.55
CA ALA A 372 -22.92 -13.04 3.26
C ALA A 372 -21.93 -13.50 4.34
N ALA A 373 -22.33 -13.36 5.61
CA ALA A 373 -21.56 -13.74 6.80
C ALA A 373 -21.44 -15.25 7.00
N ASN A 374 -22.34 -16.04 6.40
CA ASN A 374 -22.31 -17.51 6.42
C ASN A 374 -21.48 -18.04 5.24
N LYS A 375 -21.57 -17.42 4.05
CA LYS A 375 -20.88 -17.86 2.84
C LYS A 375 -19.41 -17.40 2.80
N GLY A 376 -19.13 -16.16 3.24
CA GLY A 376 -17.81 -15.55 3.19
C GLY A 376 -17.74 -14.34 2.25
N ASP A 377 -18.88 -13.75 1.88
CA ASP A 377 -18.99 -12.67 0.90
C ASP A 377 -18.78 -11.32 1.62
N VAL A 378 -17.55 -11.04 2.06
CA VAL A 378 -17.14 -9.86 2.84
C VAL A 378 -17.58 -8.52 2.20
N GLU A 379 -17.44 -8.41 0.86
CA GLU A 379 -17.87 -7.24 0.09
C GLU A 379 -19.41 -7.08 0.09
N ALA A 380 -20.15 -8.19 -0.08
CA ALA A 380 -21.62 -8.20 -0.13
C ALA A 380 -22.21 -7.87 1.24
N PHE A 381 -21.56 -8.30 2.34
CA PHE A 381 -21.90 -7.96 3.72
C PHE A 381 -21.87 -6.43 3.92
N ALA A 382 -20.74 -5.81 3.55
CA ALA A 382 -20.50 -4.38 3.68
C ALA A 382 -21.44 -3.57 2.78
N LYS A 383 -21.60 -3.96 1.51
CA LYS A 383 -22.49 -3.31 0.53
C LYS A 383 -23.97 -3.42 0.93
N ALA A 384 -24.43 -4.57 1.46
CA ALA A 384 -25.79 -4.77 1.95
C ALA A 384 -26.10 -3.88 3.15
N MET A 385 -25.16 -3.79 4.11
CA MET A 385 -25.33 -3.00 5.32
C MET A 385 -25.20 -1.48 5.03
N GLN A 386 -24.36 -1.08 4.07
CA GLN A 386 -24.19 0.30 3.60
C GLN A 386 -25.44 0.83 2.87
N ASN A 387 -26.15 -0.02 2.13
CA ASN A 387 -27.41 0.33 1.44
C ASN A 387 -28.60 0.46 2.40
N ASN A 388 -28.54 -0.23 3.55
CA ASN A 388 -29.58 -0.22 4.59
C ASN A 388 -29.25 0.75 5.74
N ALA A 389 -28.15 1.51 5.64
CA ALA A 389 -27.69 2.49 6.64
C ALA A 389 -28.47 3.82 6.59
N LYS A 390 -29.37 3.98 5.62
CA LYS A 390 -30.23 5.14 5.39
C LYS A 390 -31.57 4.65 4.80
N PRO A 391 -32.68 5.40 4.94
CA PRO A 391 -33.99 4.99 4.40
C PRO A 391 -34.12 5.09 2.88
N GLU A 392 -33.39 6.02 2.21
CA GLU A 392 -33.14 6.06 0.76
C GLU A 392 -34.41 6.35 -0.09
N GLN A 393 -35.50 6.78 0.57
CA GLN A 393 -36.87 6.92 0.07
C GLN A 393 -37.40 5.60 -0.53
N LYS A 394 -37.03 4.46 0.08
CA LYS A 394 -37.28 3.08 -0.34
C LYS A 394 -38.78 2.72 -0.41
N GLU A 395 -39.63 3.36 0.40
CA GLU A 395 -41.08 3.22 0.38
C GLU A 395 -41.68 3.87 -0.90
N GLY A 396 -41.39 5.16 -1.10
CA GLY A 396 -41.75 5.94 -2.28
C GLY A 396 -42.86 6.94 -1.94
N ASP A 397 -42.68 8.22 -2.31
CA ASP A 397 -43.66 9.30 -2.16
C ASP A 397 -43.39 10.40 -3.20
N THR A 398 -42.29 11.12 -3.00
CA THR A 398 -41.78 12.16 -3.90
C THR A 398 -40.88 11.51 -4.97
N LYS A 399 -40.98 11.97 -6.22
CA LYS A 399 -40.17 11.53 -7.35
C LYS A 399 -39.00 12.52 -7.51
N ASP A 400 -37.78 12.07 -7.20
CA ASP A 400 -36.51 12.82 -7.33
C ASP A 400 -35.41 11.98 -7.99
N LYS A 401 -35.74 10.77 -8.46
CA LYS A 401 -34.84 9.87 -9.20
C LYS A 401 -35.07 10.05 -10.71
N LYS A 402 -34.03 9.81 -11.51
CA LYS A 402 -34.01 9.96 -12.97
C LYS A 402 -34.64 8.73 -13.67
N ASP A 403 -34.81 8.83 -15.00
CA ASP A 403 -35.31 7.81 -15.94
C ASP A 403 -36.83 7.79 -16.00
N GLU A 404 -37.44 8.94 -16.33
CA GLU A 404 -38.88 9.16 -16.41
C GLU A 404 -39.50 8.62 -17.72
N GLU A 405 -38.65 8.27 -18.71
CA GLU A 405 -38.95 7.70 -20.04
C GLU A 405 -39.31 8.78 -21.08
N GLU A 406 -38.98 8.51 -22.35
CA GLU A 406 -39.21 9.40 -23.49
C GLU A 406 -40.73 9.59 -23.73
N ASP A 407 -41.18 10.83 -23.55
CA ASP A 407 -42.58 11.31 -23.63
C ASP A 407 -43.40 10.99 -22.36
N MET A 408 -42.75 10.42 -21.34
CA MET A 408 -43.28 10.02 -20.03
C MET A 408 -44.10 8.72 -20.17
N SER A 409 -45.43 8.82 -20.11
CA SER A 409 -46.38 7.73 -20.27
C SER A 409 -47.73 8.30 -20.76
N LEU A 410 -48.71 7.43 -21.01
CA LEU A 410 -50.06 7.75 -21.44
C LEU A 410 -50.91 8.15 -20.22
N ASP A 411 -51.86 9.06 -20.43
CA ASP A 411 -52.84 9.53 -19.45
C ASP A 411 -54.15 9.79 -20.21
N MET A 5 44.30 30.62 -5.32
CA MET A 5 44.95 29.30 -5.42
C MET A 5 44.78 28.51 -4.12
N THR A 6 45.28 29.04 -2.99
CA THR A 6 45.22 28.46 -1.65
C THR A 6 43.76 28.37 -1.14
N THR A 7 43.14 27.19 -1.33
CA THR A 7 41.74 26.91 -1.05
C THR A 7 41.57 26.32 0.38
N SER A 8 42.67 25.92 1.04
CA SER A 8 42.76 25.38 2.40
C SER A 8 42.43 23.86 2.39
N GLY A 9 43.11 23.11 1.54
CA GLY A 9 42.88 21.69 1.26
C GLY A 9 44.07 20.80 1.64
N ALA A 10 45.01 21.32 2.45
CA ALA A 10 46.12 20.57 3.03
C ALA A 10 45.62 19.83 4.29
N LEU A 11 46.02 18.56 4.43
CA LEU A 11 45.64 17.60 5.49
C LEU A 11 44.24 17.03 5.27
N PHE A 12 43.86 16.02 6.07
CA PHE A 12 42.53 15.43 6.20
C PHE A 12 42.14 14.56 4.98
N PRO A 13 42.82 13.42 4.71
CA PRO A 13 42.55 12.56 3.56
C PRO A 13 41.26 11.72 3.75
N SER A 14 40.10 12.35 3.54
CA SER A 14 38.76 11.74 3.63
C SER A 14 37.75 12.38 2.65
N LEU A 15 38.23 13.24 1.73
CA LEU A 15 37.41 13.91 0.70
C LEU A 15 37.51 13.06 -0.57
N VAL A 16 36.42 12.38 -0.94
CA VAL A 16 36.27 11.58 -2.16
C VAL A 16 36.46 12.42 -3.45
N PRO A 17 35.65 13.48 -3.73
CA PRO A 17 35.86 14.34 -4.90
C PRO A 17 37.02 15.34 -4.69
N GLY A 18 37.81 15.56 -5.73
CA GLY A 18 38.85 16.60 -5.80
C GLY A 18 38.61 17.45 -7.04
N SER A 19 38.21 18.71 -6.85
CA SER A 19 37.98 19.69 -7.91
C SER A 19 38.08 21.11 -7.32
N ARG A 20 37.30 21.40 -6.27
CA ARG A 20 37.27 22.67 -5.55
C ARG A 20 36.89 22.41 -4.08
N GLY A 21 35.61 22.09 -3.86
CA GLY A 21 35.01 21.85 -2.55
C GLY A 21 33.94 22.91 -2.30
N ALA A 22 32.67 22.52 -2.31
CA ALA A 22 31.50 23.39 -2.14
C ALA A 22 30.34 22.69 -1.41
N SER A 23 30.61 21.60 -0.68
CA SER A 23 29.64 20.82 0.08
C SER A 23 29.36 21.51 1.44
N ASN A 24 28.70 22.67 1.39
CA ASN A 24 28.37 23.53 2.53
C ASN A 24 26.95 24.13 2.39
N LYS A 25 26.10 23.50 1.57
CA LYS A 25 24.70 23.87 1.31
C LYS A 25 23.92 22.60 0.96
N TYR A 26 22.59 22.65 1.14
CA TYR A 26 21.66 21.58 0.82
C TYR A 26 21.38 21.57 -0.70
N LEU A 27 21.11 20.39 -1.24
CA LEU A 27 20.84 20.16 -2.66
C LEU A 27 19.39 20.53 -2.99
N VAL A 28 18.45 20.17 -2.09
CA VAL A 28 17.02 20.49 -2.13
C VAL A 28 16.59 20.83 -0.70
N GLU A 29 15.58 21.70 -0.57
CA GLU A 29 14.90 22.08 0.66
C GLU A 29 13.48 22.53 0.29
N PHE A 30 12.44 21.95 0.90
CA PHE A 30 11.03 22.33 0.70
C PHE A 30 10.21 22.03 1.96
N ARG A 31 9.18 22.83 2.23
CA ARG A 31 8.28 22.68 3.36
C ARG A 31 7.31 21.52 3.08
N ALA A 32 7.39 20.46 3.88
CA ALA A 32 6.56 19.28 3.79
C ALA A 32 6.51 18.58 5.15
N GLY A 33 5.44 17.83 5.38
CA GLY A 33 5.23 16.98 6.56
C GLY A 33 5.12 15.54 6.08
N LYS A 34 5.61 14.60 6.89
CA LYS A 34 5.55 13.16 6.63
C LYS A 34 4.18 12.59 7.07
N MET A 35 4.06 11.26 7.06
CA MET A 35 2.96 10.49 7.62
C MET A 35 3.54 9.41 8.54
N SER A 36 2.84 9.10 9.63
CA SER A 36 3.24 8.17 10.68
C SER A 36 2.09 7.20 10.98
N LEU A 37 2.41 6.05 11.58
CA LEU A 37 1.44 5.12 12.16
C LEU A 37 1.07 5.62 13.56
N LYS A 38 -0.23 5.72 13.84
CA LYS A 38 -0.82 6.11 15.13
C LYS A 38 -1.39 4.85 15.82
N GLY A 39 -0.90 3.67 15.43
CA GLY A 39 -1.44 2.34 15.70
C GLY A 39 -1.69 1.70 14.35
N THR A 40 -2.82 1.03 14.16
CA THR A 40 -3.28 0.47 12.88
C THR A 40 -3.59 1.58 11.85
N THR A 41 -3.97 2.78 12.33
CA THR A 41 -4.32 3.95 11.54
C THR A 41 -3.02 4.66 11.11
N VAL A 42 -2.90 5.01 9.82
CA VAL A 42 -1.88 5.91 9.28
C VAL A 42 -2.48 7.33 9.39
N THR A 43 -1.68 8.29 9.86
CA THR A 43 -2.08 9.68 10.11
C THR A 43 -0.98 10.61 9.57
N PRO A 44 -1.31 11.76 8.92
CA PRO A 44 -0.31 12.74 8.50
C PRO A 44 0.21 13.55 9.70
N ASP A 45 1.50 13.89 9.70
CA ASP A 45 2.12 14.74 10.71
C ASP A 45 1.79 16.19 10.37
N LYS A 46 1.02 16.83 11.25
CA LYS A 46 0.52 18.20 11.11
C LYS A 46 1.49 19.24 11.72
N ARG A 47 2.66 18.79 12.16
CA ARG A 47 3.81 19.60 12.57
C ARG A 47 4.41 20.30 11.33
N LYS A 48 4.88 21.54 11.49
CA LYS A 48 5.52 22.32 10.44
C LYS A 48 6.91 21.71 10.19
N GLY A 49 7.14 21.18 8.98
CA GLY A 49 8.32 20.40 8.64
C GLY A 49 9.07 20.97 7.45
N LEU A 50 10.28 20.45 7.23
CA LEU A 50 11.10 20.69 6.05
C LEU A 50 11.72 19.35 5.64
N VAL A 51 11.48 18.92 4.40
CA VAL A 51 12.23 17.85 3.73
C VAL A 51 13.41 18.57 3.07
N TYR A 52 14.62 17.99 3.20
CA TYR A 52 15.86 18.52 2.69
C TYR A 52 16.82 17.40 2.31
N ILE A 53 17.76 17.68 1.39
CA ILE A 53 18.69 16.73 0.82
C ILE A 53 20.10 17.35 0.90
N GLN A 54 21.09 16.55 1.31
CA GLN A 54 22.51 16.88 1.39
C GLN A 54 23.31 15.71 0.78
N GLN A 55 24.63 15.68 0.97
CA GLN A 55 25.55 14.67 0.46
C GLN A 55 26.65 14.43 1.51
N THR A 56 27.04 13.18 1.73
CA THR A 56 28.06 12.76 2.69
C THR A 56 29.48 12.96 2.11
N ASP A 57 30.51 12.90 2.96
CA ASP A 57 31.94 12.93 2.60
C ASP A 57 32.35 11.76 1.69
N ASP A 58 31.60 10.64 1.77
CA ASP A 58 31.73 9.44 0.94
C ASP A 58 31.09 9.64 -0.45
N SER A 59 30.33 10.72 -0.66
CA SER A 59 29.73 11.18 -1.91
C SER A 59 28.31 10.62 -2.15
N LEU A 60 27.72 9.95 -1.15
CA LEU A 60 26.35 9.40 -1.21
C LEU A 60 25.37 10.51 -0.80
N ILE A 61 24.17 10.52 -1.39
CA ILE A 61 23.14 11.54 -1.19
C ILE A 61 22.42 11.22 0.15
N HIS A 62 22.15 12.23 0.96
CA HIS A 62 21.61 12.12 2.31
C HIS A 62 20.26 12.85 2.34
N PHE A 63 19.16 12.10 2.34
CA PHE A 63 17.78 12.60 2.36
C PHE A 63 17.33 12.65 3.83
N CYS A 64 16.68 13.74 4.25
CA CYS A 64 16.30 13.97 5.65
C CYS A 64 15.04 14.84 5.79
N TRP A 65 14.37 14.70 6.94
CA TRP A 65 13.20 15.49 7.36
C TRP A 65 13.44 15.99 8.79
N LYS A 66 13.12 17.26 9.04
CA LYS A 66 13.17 17.90 10.34
C LYS A 66 11.84 18.60 10.63
N ASP A 67 11.45 18.62 11.89
CA ASP A 67 10.34 19.41 12.41
C ASP A 67 10.91 20.81 12.71
N ARG A 68 10.18 21.87 12.35
CA ARG A 68 10.55 23.26 12.56
C ARG A 68 10.01 23.79 13.91
N THR A 69 9.17 23.04 14.62
CA THR A 69 8.60 23.44 15.91
C THR A 69 9.67 23.28 17.00
N SER A 70 10.33 22.11 17.08
CA SER A 70 11.46 21.85 17.96
C SER A 70 12.79 22.28 17.29
N GLY A 71 12.97 21.92 16.02
CA GLY A 71 14.19 22.13 15.23
C GLY A 71 14.94 20.81 14.98
N ASN A 72 14.45 19.69 15.53
CA ASN A 72 15.12 18.39 15.53
C ASN A 72 14.89 17.66 14.18
N VAL A 73 15.95 17.02 13.66
CA VAL A 73 15.91 16.11 12.52
C VAL A 73 15.36 14.76 13.02
N GLU A 74 14.19 14.37 12.51
CA GLU A 74 13.41 13.24 13.02
C GLU A 74 13.70 11.97 12.19
N ASP A 75 13.98 12.10 10.89
CA ASP A 75 14.36 11.02 9.98
C ASP A 75 15.51 11.50 9.10
N ASP A 76 16.50 10.64 8.86
CA ASP A 76 17.64 10.85 7.97
C ASP A 76 18.04 9.48 7.41
N LEU A 77 18.24 9.37 6.09
CA LEU A 77 18.60 8.17 5.36
C LEU A 77 19.58 8.51 4.23
N ILE A 78 20.63 7.69 4.07
CA ILE A 78 21.61 7.81 2.99
C ILE A 78 21.06 6.97 1.82
N ILE A 79 20.94 7.61 0.65
CA ILE A 79 20.32 7.09 -0.56
C ILE A 79 21.43 6.85 -1.58
N PHE A 80 21.44 5.67 -2.21
CA PHE A 80 22.30 5.33 -3.34
C PHE A 80 21.55 5.72 -4.64
N PRO A 81 22.24 6.22 -5.70
CA PRO A 81 21.63 6.61 -6.99
C PRO A 81 20.64 5.58 -7.58
N ASP A 82 19.37 5.98 -7.72
CA ASP A 82 18.23 5.26 -8.31
C ASP A 82 17.50 4.34 -7.31
N ASP A 83 18.11 4.04 -6.15
CA ASP A 83 17.61 3.10 -5.14
C ASP A 83 16.29 3.54 -4.48
N CYS A 84 16.03 4.86 -4.49
CA CYS A 84 14.76 5.49 -4.18
C CYS A 84 14.31 6.31 -5.39
N GLU A 85 12.99 6.39 -5.63
CA GLU A 85 12.35 7.13 -6.71
C GLU A 85 11.07 7.79 -6.18
N PHE A 86 10.83 9.05 -6.53
CA PHE A 86 9.82 9.93 -5.99
C PHE A 86 8.72 10.17 -7.04
N LYS A 87 7.45 10.14 -6.64
CA LYS A 87 6.28 10.38 -7.49
C LYS A 87 5.15 11.03 -6.68
N ARG A 88 4.17 11.64 -7.37
CA ARG A 88 2.93 12.13 -6.79
C ARG A 88 2.00 10.92 -6.53
N VAL A 89 1.20 10.96 -5.46
CA VAL A 89 0.12 9.99 -5.24
C VAL A 89 -1.05 10.46 -6.11
N PRO A 90 -1.49 9.67 -7.13
CA PRO A 90 -2.44 10.15 -8.16
C PRO A 90 -3.89 10.26 -7.67
N GLN A 91 -4.22 9.62 -6.54
CA GLN A 91 -5.55 9.62 -5.94
C GLN A 91 -5.83 10.91 -5.13
N CYS A 92 -4.80 11.74 -4.89
CA CYS A 92 -4.92 13.05 -4.24
C CYS A 92 -5.46 14.06 -5.30
N PRO A 93 -6.60 14.74 -5.05
CA PRO A 93 -7.17 15.71 -5.99
C PRO A 93 -6.50 17.10 -5.93
N SER A 94 -5.95 17.51 -4.78
CA SER A 94 -5.34 18.83 -4.58
C SER A 94 -3.90 18.88 -5.11
N GLY A 95 -3.19 17.75 -5.13
CA GLY A 95 -1.92 17.54 -5.81
C GLY A 95 -0.75 17.31 -4.85
N ARG A 96 -0.83 17.86 -3.63
CA ARG A 96 0.32 18.07 -2.75
C ARG A 96 0.80 16.83 -1.96
N VAL A 97 0.14 15.66 -2.08
CA VAL A 97 0.60 14.41 -1.48
C VAL A 97 1.53 13.70 -2.49
N TYR A 98 2.74 13.38 -2.03
CA TYR A 98 3.83 12.74 -2.77
C TYR A 98 4.35 11.54 -1.97
N VAL A 99 5.03 10.61 -2.64
CA VAL A 99 5.58 9.40 -2.08
C VAL A 99 6.99 9.16 -2.65
N LEU A 100 7.94 8.84 -1.77
CA LEU A 100 9.24 8.28 -2.10
C LEU A 100 9.08 6.77 -1.93
N LYS A 101 9.33 6.00 -3.01
CA LYS A 101 9.33 4.55 -3.02
C LYS A 101 10.80 4.10 -3.00
N PHE A 102 11.12 3.11 -2.15
CA PHE A 102 12.42 2.47 -2.03
C PHE A 102 12.34 1.19 -2.87
N LYS A 103 13.26 0.99 -3.82
CA LYS A 103 13.24 -0.14 -4.75
C LYS A 103 13.81 -1.41 -4.09
N ALA A 104 14.83 -1.27 -3.24
CA ALA A 104 15.32 -2.33 -2.37
C ALA A 104 14.58 -2.22 -1.03
N GLY A 105 13.81 -3.26 -0.68
CA GLY A 105 13.14 -3.42 0.61
C GLY A 105 11.63 -3.18 0.53
N SER A 106 11.16 -2.54 -0.54
CA SER A 106 9.77 -2.27 -0.95
C SER A 106 9.03 -1.27 -0.04
N LYS A 107 9.79 -0.53 0.77
CA LYS A 107 9.35 0.51 1.71
C LYS A 107 8.91 1.77 0.93
N ARG A 108 8.08 2.60 1.56
CA ARG A 108 7.61 3.89 1.09
C ARG A 108 7.67 4.91 2.24
N LEU A 109 7.94 6.17 1.92
CA LEU A 109 7.72 7.34 2.78
C LEU A 109 6.76 8.26 2.02
N PHE A 110 5.59 8.51 2.60
CA PHE A 110 4.57 9.42 2.08
C PHE A 110 4.75 10.78 2.77
N PHE A 111 4.63 11.87 2.00
CA PHE A 111 4.77 13.26 2.43
C PHE A 111 3.60 14.08 1.88
N TRP A 112 3.19 15.12 2.60
CA TRP A 112 2.28 16.15 2.15
C TRP A 112 3.05 17.48 2.13
N MET A 113 3.03 18.20 1.00
CA MET A 113 3.72 19.47 0.83
C MET A 113 2.95 20.58 1.57
N GLN A 114 3.68 21.37 2.36
CA GLN A 114 3.20 22.48 3.18
C GLN A 114 3.55 23.84 2.53
N GLU A 115 4.10 23.82 1.31
CA GLU A 115 4.32 25.00 0.46
C GLU A 115 2.93 25.50 -0.03
N PRO A 116 2.56 26.78 0.21
CA PRO A 116 1.21 27.28 -0.09
C PRO A 116 0.99 27.56 -1.59
N LYS A 117 2.04 27.97 -2.31
CA LYS A 117 2.02 28.21 -3.74
C LYS A 117 2.32 26.87 -4.45
N THR A 118 1.29 26.33 -5.13
CA THR A 118 1.36 25.05 -5.84
C THR A 118 2.20 25.13 -7.15
N ASP A 119 2.52 26.33 -7.63
CA ASP A 119 3.35 26.63 -8.82
C ASP A 119 4.72 25.91 -8.82
N GLN A 120 5.30 25.72 -7.63
CA GLN A 120 6.61 25.11 -7.42
C GLN A 120 6.56 23.57 -7.26
N ASP A 121 5.38 22.94 -7.15
CA ASP A 121 5.24 21.52 -6.78
C ASP A 121 5.89 20.58 -7.82
N GLU A 122 5.81 20.93 -9.12
CA GLU A 122 6.45 20.22 -10.22
C GLU A 122 7.99 20.36 -10.15
N GLU A 123 8.49 21.56 -9.82
CA GLU A 123 9.91 21.84 -9.64
C GLU A 123 10.50 21.08 -8.45
N HIS A 124 9.78 21.04 -7.31
CA HIS A 124 10.20 20.33 -6.10
C HIS A 124 10.29 18.81 -6.35
N CYS A 125 9.28 18.24 -7.01
CA CYS A 125 9.26 16.83 -7.46
C CYS A 125 10.43 16.53 -8.42
N ARG A 126 10.66 17.40 -9.42
CA ARG A 126 11.73 17.29 -10.41
C ARG A 126 13.12 17.35 -9.74
N LYS A 127 13.35 18.34 -8.85
CA LYS A 127 14.56 18.51 -8.06
C LYS A 127 14.90 17.26 -7.23
N VAL A 128 13.97 16.77 -6.39
CA VAL A 128 14.11 15.57 -5.58
C VAL A 128 14.44 14.34 -6.45
N ASN A 129 13.59 14.03 -7.44
CA ASN A 129 13.70 12.80 -8.21
C ASN A 129 14.94 12.80 -9.12
N GLU A 130 15.40 13.96 -9.61
CA GLU A 130 16.65 14.10 -10.36
C GLU A 130 17.86 13.79 -9.46
N TYR A 131 17.99 14.45 -8.30
CA TYR A 131 19.11 14.27 -7.36
C TYR A 131 19.23 12.83 -6.82
N LEU A 132 18.12 12.17 -6.48
CA LEU A 132 18.14 10.81 -5.94
C LEU A 132 18.36 9.73 -7.02
N ASN A 133 18.14 10.04 -8.31
CA ASN A 133 18.47 9.13 -9.43
C ASN A 133 19.85 9.41 -10.00
N ASN A 134 20.27 10.68 -10.11
CA ASN A 134 21.45 11.11 -10.85
C ASN A 134 22.15 12.28 -10.11
N PRO A 135 23.21 12.01 -9.30
CA PRO A 135 24.15 13.03 -8.80
C PRO A 135 24.74 13.89 -9.96
N PRO A 136 24.80 15.24 -9.84
CA PRO A 136 25.22 16.17 -10.91
C PRO A 136 26.54 15.87 -11.65
N MET A 137 27.62 15.54 -10.93
CA MET A 137 28.97 15.36 -11.47
C MET A 137 29.77 14.29 -10.68
N PRO A 138 30.03 14.44 -9.36
CA PRO A 138 30.74 13.41 -8.58
C PRO A 138 29.83 12.19 -8.30
N GLY A 139 30.42 11.00 -8.28
CA GLY A 139 29.76 9.71 -8.15
C GLY A 139 30.05 8.86 -9.39
N ALA A 140 30.58 7.65 -9.18
CA ALA A 140 30.95 6.67 -10.19
C ALA A 140 31.00 5.28 -9.56
N LEU A 141 31.42 4.26 -10.31
CA LEU A 141 31.64 2.89 -9.84
C LEU A 141 32.90 2.85 -8.94
N GLY A 142 32.82 2.12 -7.83
CA GLY A 142 33.90 1.92 -6.86
C GLY A 142 34.25 0.44 -6.84
N ALA A 143 35.19 0.03 -7.70
CA ALA A 143 35.67 -1.33 -7.97
C ALA A 143 34.68 -2.10 -8.88
N SER A 144 34.95 -3.40 -9.08
CA SER A 144 34.12 -4.36 -9.80
C SER A 144 34.25 -5.77 -9.20
N GLY A 145 34.52 -5.84 -7.89
CA GLY A 145 34.59 -7.05 -7.08
C GLY A 145 33.67 -6.94 -5.86
N SER A 146 33.48 -8.05 -5.14
CA SER A 146 32.72 -8.15 -3.89
C SER A 146 33.27 -9.27 -2.96
N SER A 147 34.59 -9.51 -3.00
CA SER A 147 35.37 -10.43 -2.16
C SER A 147 35.27 -11.90 -2.63
N GLY A 148 34.06 -12.36 -2.94
CA GLY A 148 33.70 -13.71 -3.36
C GLY A 148 32.69 -14.30 -2.38
N HIS A 149 31.61 -14.88 -2.90
CA HIS A 149 30.54 -15.56 -2.16
C HIS A 149 30.02 -16.71 -3.03
N GLU A 150 28.71 -16.75 -3.31
CA GLU A 150 28.07 -17.68 -4.22
C GLU A 150 28.18 -17.09 -5.63
N LEU A 151 29.07 -17.65 -6.45
CA LEU A 151 29.41 -17.19 -7.81
C LEU A 151 28.37 -17.75 -8.81
N SER A 152 27.10 -17.34 -8.62
CA SER A 152 25.88 -17.79 -9.28
C SER A 152 25.28 -19.00 -8.53
N ALA A 153 24.04 -19.38 -8.88
CA ALA A 153 23.29 -20.49 -8.31
C ALA A 153 22.29 -21.04 -9.33
N LEU A 154 21.96 -22.32 -9.21
CA LEU A 154 20.92 -23.01 -9.97
C LEU A 154 19.59 -22.92 -9.19
N GLY A 155 18.46 -22.96 -9.90
CA GLY A 155 17.11 -22.90 -9.36
C GLY A 155 16.34 -24.18 -9.69
N GLY A 156 15.47 -24.61 -8.78
CA GLY A 156 14.56 -25.75 -8.94
C GLY A 156 13.10 -25.31 -8.80
N GLU A 157 12.79 -24.43 -7.84
CA GLU A 157 11.47 -23.85 -7.61
C GLU A 157 11.18 -22.67 -8.57
N GLY A 158 12.20 -22.18 -9.28
CA GLY A 158 12.14 -21.25 -10.40
C GLY A 158 12.77 -21.94 -11.61
N GLY A 159 12.22 -21.72 -12.81
CA GLY A 159 12.57 -22.41 -14.04
C GLY A 159 11.32 -23.09 -14.60
N LEU A 160 11.43 -24.37 -14.97
CA LEU A 160 10.34 -25.23 -15.42
C LEU A 160 10.50 -26.60 -14.77
N GLN A 161 9.45 -27.07 -14.10
CA GLN A 161 9.37 -28.35 -13.38
C GLN A 161 8.67 -29.40 -14.28
N SER A 162 8.43 -30.60 -13.74
CA SER A 162 7.69 -31.67 -14.42
C SER A 162 6.19 -31.30 -14.51
N LEU A 163 5.66 -31.28 -15.73
CA LEU A 163 4.34 -30.72 -16.08
C LEU A 163 3.18 -31.65 -15.68
N LEU A 164 3.43 -32.96 -15.54
CA LEU A 164 2.42 -33.99 -15.24
C LEU A 164 1.95 -33.92 -13.77
N GLY A 165 2.87 -33.57 -12.86
CA GLY A 165 2.60 -33.36 -11.44
C GLY A 165 3.21 -34.49 -10.61
N ASN A 166 4.03 -34.15 -9.60
CA ASN A 166 4.68 -35.11 -8.70
C ASN A 166 3.78 -35.48 -7.51
N MET A 167 2.77 -34.64 -7.21
CA MET A 167 1.84 -34.79 -6.09
C MET A 167 0.70 -35.77 -6.47
N SER A 168 1.05 -37.06 -6.61
CA SER A 168 0.14 -38.14 -6.96
C SER A 168 -0.50 -38.80 -5.71
N HIS A 169 0.02 -38.50 -4.51
CA HIS A 169 -0.49 -38.99 -3.23
C HIS A 169 -1.56 -38.00 -2.70
N SER A 170 -2.66 -38.55 -2.19
CA SER A 170 -3.79 -37.83 -1.61
C SER A 170 -4.34 -38.65 -0.42
N GLN A 171 -4.94 -37.96 0.56
CA GLN A 171 -5.65 -38.51 1.73
C GLN A 171 -4.67 -39.02 2.80
N LEU A 172 -3.90 -38.10 3.38
CA LEU A 172 -3.00 -38.37 4.51
C LEU A 172 -3.82 -38.50 5.81
N MET A 173 -3.39 -39.40 6.71
CA MET A 173 -4.06 -39.73 7.97
C MET A 173 -3.07 -39.92 9.13
N GLN A 174 -1.85 -39.37 9.00
CA GLN A 174 -0.75 -39.45 9.97
C GLN A 174 -0.97 -38.42 11.11
N LEU A 175 -2.13 -38.52 11.77
CA LEU A 175 -2.59 -37.65 12.85
C LEU A 175 -3.48 -38.45 13.82
N ILE A 176 -4.49 -39.16 13.27
CA ILE A 176 -5.46 -39.95 14.03
C ILE A 176 -4.84 -41.26 14.55
N GLY A 177 -5.33 -41.75 15.69
CA GLY A 177 -4.83 -42.91 16.43
C GLY A 177 -4.34 -42.49 17.82
N PRO A 178 -3.66 -43.40 18.56
CA PRO A 178 -3.03 -43.11 19.87
C PRO A 178 -2.09 -41.88 19.87
N ALA A 179 -2.07 -41.14 20.98
CA ALA A 179 -1.22 -39.96 21.18
C ALA A 179 0.24 -40.39 21.46
N GLY A 180 1.19 -39.72 20.81
CA GLY A 180 2.63 -39.93 20.96
C GLY A 180 3.31 -38.64 21.38
N LEU A 181 3.43 -37.70 20.42
CA LEU A 181 4.09 -36.39 20.53
C LEU A 181 5.63 -36.56 20.39
N GLY A 182 6.40 -35.50 20.61
CA GLY A 182 7.85 -35.48 20.64
C GLY A 182 8.30 -35.00 22.02
N GLY A 183 9.14 -35.79 22.69
CA GLY A 183 9.64 -35.56 24.05
C GLY A 183 9.14 -36.66 24.99
N LEU A 184 9.08 -36.34 26.29
CA LEU A 184 8.63 -37.22 27.36
C LEU A 184 7.81 -36.48 28.44
N GLY A 185 7.23 -35.32 28.08
CA GLY A 185 6.40 -34.47 28.91
C GLY A 185 5.01 -34.29 28.28
N GLY A 186 4.38 -33.14 28.54
CA GLY A 186 3.06 -32.76 28.02
C GLY A 186 3.15 -31.50 27.16
N LEU A 187 1.98 -30.96 26.79
CA LEU A 187 1.82 -29.74 25.99
C LEU A 187 0.56 -28.97 26.43
N GLY A 188 -0.55 -29.71 26.64
CA GLY A 188 -1.87 -29.35 27.15
C GLY A 188 -2.08 -27.94 27.75
N ALA A 189 -1.43 -27.68 28.90
CA ALA A 189 -1.40 -26.42 29.63
C ALA A 189 -2.78 -26.09 30.24
N LEU A 190 -3.54 -25.23 29.56
CA LEU A 190 -4.90 -24.85 29.92
C LEU A 190 -5.93 -25.88 29.40
N THR A 191 -5.53 -26.80 28.49
CA THR A 191 -6.38 -27.85 27.96
C THR A 191 -6.40 -29.00 29.00
N GLY A 192 -7.57 -29.24 29.60
CA GLY A 192 -7.85 -30.31 30.55
C GLY A 192 -9.05 -31.16 30.08
N PRO A 193 -9.52 -32.12 30.91
CA PRO A 193 -10.69 -32.96 30.57
C PRO A 193 -11.99 -32.14 30.67
N GLY A 194 -12.72 -32.06 29.55
CA GLY A 194 -14.01 -31.39 29.39
C GLY A 194 -15.04 -32.38 28.86
N LEU A 195 -15.97 -31.88 28.03
CA LEU A 195 -16.99 -32.65 27.32
C LEU A 195 -16.30 -33.42 26.17
N ALA A 196 -16.48 -34.74 26.12
CA ALA A 196 -15.83 -35.68 25.20
C ALA A 196 -16.19 -35.37 23.74
N SER A 197 -15.23 -34.84 22.99
CA SER A 197 -15.38 -34.32 21.63
C SER A 197 -14.04 -34.40 20.88
N LEU A 198 -14.09 -34.33 19.55
CA LEU A 198 -12.97 -34.24 18.62
C LEU A 198 -13.25 -33.11 17.62
N LEU A 199 -12.21 -32.61 16.96
CA LEU A 199 -12.29 -31.58 15.93
C LEU A 199 -12.82 -32.16 14.61
N GLY A 200 -13.46 -31.31 13.80
CA GLY A 200 -14.14 -31.50 12.50
C GLY A 200 -14.24 -32.92 11.94
N SER A 201 -15.32 -33.62 12.29
CA SER A 201 -15.63 -34.99 11.86
C SER A 201 -16.01 -35.07 10.37
N SER A 202 -15.76 -36.22 9.74
CA SER A 202 -15.99 -36.46 8.31
C SER A 202 -17.48 -36.71 8.00
N GLY A 203 -18.31 -36.95 9.02
CA GLY A 203 -19.77 -37.02 8.96
C GLY A 203 -20.39 -35.99 9.91
N PRO A 204 -21.71 -35.70 9.79
CA PRO A 204 -22.40 -34.71 10.63
C PRO A 204 -22.72 -35.28 12.04
N PRO A 205 -22.99 -34.40 13.03
CA PRO A 205 -23.44 -34.81 14.38
C PRO A 205 -24.92 -35.27 14.38
N GLY A 206 -25.33 -35.96 15.45
CA GLY A 206 -26.66 -36.56 15.59
C GLY A 206 -27.49 -35.92 16.72
N SER A 207 -27.02 -34.83 17.31
CA SER A 207 -27.74 -34.05 18.31
C SER A 207 -28.64 -33.01 17.60
N SER A 208 -29.83 -32.77 18.15
CA SER A 208 -30.78 -31.74 17.72
C SER A 208 -30.37 -30.35 18.26
N SER A 209 -30.96 -29.28 17.70
CA SER A 209 -30.66 -27.89 18.02
C SER A 209 -31.36 -27.39 19.31
N SER A 210 -32.38 -28.13 19.78
CA SER A 210 -33.23 -27.88 20.96
C SER A 210 -34.33 -26.84 20.68
N SER A 211 -35.40 -26.84 21.49
CA SER A 211 -36.48 -25.85 21.53
C SER A 211 -37.53 -26.06 20.41
N SER A 212 -37.60 -27.27 19.84
CA SER A 212 -38.43 -27.63 18.71
C SER A 212 -38.88 -29.10 18.86
N SER A 213 -39.72 -29.37 19.87
CA SER A 213 -40.30 -30.68 20.14
C SER A 213 -41.74 -30.56 20.68
N ARG A 214 -41.93 -29.82 21.77
CA ARG A 214 -43.21 -29.58 22.45
C ARG A 214 -43.30 -28.09 22.80
N SER A 215 -44.44 -27.46 22.49
CA SER A 215 -44.74 -26.05 22.73
C SER A 215 -45.28 -25.88 24.17
N GLN A 216 -44.43 -25.40 25.09
CA GLN A 216 -44.80 -25.12 26.48
C GLN A 216 -45.36 -23.67 26.61
N SER A 217 -45.08 -22.80 25.62
CA SER A 217 -45.57 -21.43 25.55
C SER A 217 -47.05 -21.38 25.13
N ALA A 218 -47.72 -20.28 25.46
CA ALA A 218 -49.11 -19.98 25.09
C ALA A 218 -49.21 -19.41 23.66
N ALA A 219 -48.07 -19.12 23.00
CA ALA A 219 -48.00 -18.65 21.62
C ALA A 219 -48.19 -19.85 20.67
N VAL A 220 -49.43 -20.02 20.19
CA VAL A 220 -49.87 -21.10 19.30
C VAL A 220 -49.80 -20.68 17.81
N THR A 221 -49.26 -19.48 17.52
CA THR A 221 -49.10 -18.79 16.24
C THR A 221 -48.77 -19.73 15.04
N PRO A 222 -49.71 -19.99 14.11
CA PRO A 222 -49.50 -20.93 12.99
C PRO A 222 -48.64 -20.30 11.87
N SER A 223 -47.75 -21.08 11.28
CA SER A 223 -46.86 -20.71 10.17
C SER A 223 -46.52 -21.94 9.30
N SER A 224 -47.36 -22.98 9.32
CA SER A 224 -47.20 -24.27 8.66
C SER A 224 -47.30 -24.15 7.12
N THR A 225 -46.21 -23.69 6.49
CA THR A 225 -46.07 -23.48 5.05
C THR A 225 -45.49 -24.76 4.38
N THR A 226 -44.86 -25.65 5.15
CA THR A 226 -44.30 -26.93 4.74
C THR A 226 -45.42 -27.97 4.47
N SER A 227 -45.20 -28.85 3.50
CA SER A 227 -46.10 -29.96 3.16
C SER A 227 -45.94 -31.10 4.19
N SER A 228 -47.04 -31.83 4.46
CA SER A 228 -47.08 -32.97 5.38
C SER A 228 -46.53 -34.22 4.68
N THR A 229 -45.94 -35.14 5.45
CA THR A 229 -45.71 -36.53 5.07
C THR A 229 -47.06 -37.26 4.97
N ARG A 230 -47.15 -38.25 4.07
CA ARG A 230 -48.35 -39.03 3.68
C ARG A 230 -49.18 -38.36 2.57
N ALA A 231 -48.71 -37.21 2.06
CA ALA A 231 -49.19 -36.56 0.84
C ALA A 231 -48.44 -37.15 -0.37
N THR A 232 -48.58 -36.53 -1.55
CA THR A 232 -47.83 -36.85 -2.76
C THR A 232 -46.32 -36.54 -2.59
N PRO A 233 -45.40 -37.34 -3.21
CA PRO A 233 -43.93 -37.16 -3.12
C PRO A 233 -43.39 -35.74 -3.43
N ALA A 234 -42.25 -35.42 -2.82
CA ALA A 234 -41.40 -34.27 -3.13
C ALA A 234 -39.92 -34.69 -2.95
N PRO A 235 -39.34 -35.47 -3.89
CA PRO A 235 -37.99 -36.08 -3.78
C PRO A 235 -36.85 -35.15 -3.34
N SER A 236 -36.82 -33.92 -3.88
CA SER A 236 -35.87 -32.83 -3.60
C SER A 236 -34.50 -33.10 -4.27
N ALA A 237 -33.54 -32.18 -4.11
CA ALA A 237 -32.19 -32.26 -4.66
C ALA A 237 -31.17 -31.72 -3.65
N PRO A 238 -30.61 -32.56 -2.73
CA PRO A 238 -29.56 -32.17 -1.78
C PRO A 238 -28.32 -31.52 -2.42
N ALA A 239 -27.90 -32.03 -3.59
CA ALA A 239 -26.88 -31.50 -4.47
C ALA A 239 -27.22 -31.91 -5.91
N ALA A 240 -26.93 -31.04 -6.88
CA ALA A 240 -27.18 -31.23 -8.31
C ALA A 240 -26.13 -30.49 -9.17
N ALA A 241 -24.90 -30.38 -8.64
CA ALA A 241 -23.73 -29.66 -9.14
C ALA A 241 -23.73 -28.19 -8.67
N SER A 242 -22.55 -27.68 -8.31
CA SER A 242 -22.34 -26.34 -7.76
C SER A 242 -22.25 -25.30 -8.89
N ALA A 243 -23.37 -25.05 -9.57
CA ALA A 243 -23.50 -24.05 -10.63
C ALA A 243 -23.64 -22.64 -10.02
N THR A 244 -24.52 -22.51 -9.02
CA THR A 244 -24.73 -21.38 -8.10
C THR A 244 -24.89 -20.00 -8.81
N SER A 245 -25.62 -20.00 -9.95
CA SER A 245 -25.81 -18.89 -10.89
C SER A 245 -24.48 -18.57 -11.64
N PRO A 246 -24.09 -19.35 -12.67
CA PRO A 246 -22.83 -19.20 -13.43
C PRO A 246 -22.54 -17.78 -13.95
N SER A 247 -21.27 -17.34 -13.83
CA SER A 247 -20.68 -16.07 -14.26
C SER A 247 -20.85 -14.93 -13.20
N PRO A 248 -19.95 -13.91 -13.15
CA PRO A 248 -20.07 -12.75 -12.25
C PRO A 248 -21.42 -12.01 -12.30
N ALA A 249 -21.95 -11.79 -13.52
CA ALA A 249 -23.26 -11.24 -13.90
C ALA A 249 -23.73 -10.01 -13.06
N PRO A 250 -23.12 -8.81 -13.24
CA PRO A 250 -23.58 -7.54 -12.64
C PRO A 250 -25.09 -7.27 -12.84
N SER A 251 -25.79 -6.84 -11.79
CA SER A 251 -27.25 -6.70 -11.75
C SER A 251 -27.73 -5.51 -10.88
N SER A 252 -26.85 -4.53 -10.63
CA SER A 252 -27.17 -3.36 -9.80
C SER A 252 -28.12 -2.37 -10.51
N GLY A 253 -27.99 -2.24 -11.83
CA GLY A 253 -28.74 -1.33 -12.68
C GLY A 253 -27.86 -0.19 -13.24
N ASN A 254 -26.61 -0.08 -12.78
CA ASN A 254 -25.63 0.95 -13.12
C ASN A 254 -24.33 0.31 -13.61
N GLY A 255 -23.45 1.11 -14.23
CA GLY A 255 -22.12 0.74 -14.70
C GLY A 255 -21.04 1.60 -14.03
N ALA A 256 -19.77 1.18 -14.15
CA ALA A 256 -18.61 1.84 -13.55
C ALA A 256 -18.06 3.01 -14.38
N SER A 257 -18.66 3.27 -15.57
CA SER A 257 -18.33 4.32 -16.53
C SER A 257 -17.09 3.92 -17.37
N THR A 258 -16.96 2.61 -17.63
CA THR A 258 -15.97 1.89 -18.45
C THR A 258 -14.61 1.71 -17.75
N ALA A 259 -14.54 2.02 -16.45
CA ALA A 259 -13.38 1.82 -15.59
C ALA A 259 -13.26 0.33 -15.18
N ALA A 260 -12.03 -0.15 -15.02
CA ALA A 260 -11.72 -1.50 -14.55
C ALA A 260 -11.72 -1.50 -13.02
N SER A 261 -12.88 -1.79 -12.43
CA SER A 261 -13.12 -1.89 -10.99
C SER A 261 -12.20 -2.88 -10.20
N PRO A 262 -12.01 -4.15 -10.62
CA PRO A 262 -11.16 -5.09 -9.87
C PRO A 262 -9.66 -4.84 -10.12
N THR A 263 -8.87 -4.91 -9.04
CA THR A 263 -7.41 -4.80 -9.03
C THR A 263 -6.90 -5.92 -8.11
N GLN A 264 -5.95 -6.73 -8.59
CA GLN A 264 -5.25 -7.78 -7.84
C GLN A 264 -3.80 -7.89 -8.38
N PRO A 265 -2.79 -7.31 -7.69
CA PRO A 265 -1.37 -7.36 -8.11
C PRO A 265 -0.78 -8.77 -8.35
N ILE A 266 0.27 -8.82 -9.17
CA ILE A 266 1.03 -10.04 -9.48
C ILE A 266 2.19 -10.21 -8.46
N GLN A 267 2.63 -9.13 -7.78
CA GLN A 267 3.71 -9.17 -6.80
C GLN A 267 3.54 -8.17 -5.63
N LEU A 268 2.89 -7.02 -5.87
CA LEU A 268 2.71 -5.95 -4.87
C LEU A 268 1.82 -6.37 -3.69
N SER A 269 1.09 -7.48 -3.83
CA SER A 269 0.28 -8.18 -2.84
C SER A 269 1.08 -8.66 -1.62
N ASP A 270 2.36 -9.00 -1.84
CA ASP A 270 3.27 -9.62 -0.87
C ASP A 270 4.27 -8.57 -0.36
N LEU A 271 4.62 -7.59 -1.21
CA LEU A 271 5.59 -6.53 -0.92
C LEU A 271 5.02 -5.43 0.00
N GLN A 272 3.70 -5.44 0.25
CA GLN A 272 3.03 -4.64 1.27
C GLN A 272 2.92 -5.39 2.61
N SER A 273 3.13 -6.72 2.63
CA SER A 273 3.01 -7.54 3.84
C SER A 273 4.32 -7.52 4.62
N ILE A 274 5.47 -7.63 3.93
CA ILE A 274 6.82 -7.75 4.50
C ILE A 274 7.21 -6.56 5.41
N LEU A 275 6.79 -5.34 5.05
CA LEU A 275 7.04 -4.12 5.81
C LEU A 275 6.12 -3.97 7.03
N ALA A 276 5.01 -4.72 7.10
CA ALA A 276 4.09 -4.75 8.24
C ALA A 276 4.59 -5.74 9.31
N THR A 277 5.36 -6.76 8.91
CA THR A 277 6.02 -7.72 9.82
C THR A 277 7.11 -7.02 10.68
N MET A 278 7.66 -5.90 10.20
CA MET A 278 8.69 -5.10 10.85
C MET A 278 8.07 -4.04 11.80
N ASN A 279 6.77 -3.79 11.71
CA ASN A 279 6.03 -2.72 12.41
C ASN A 279 4.73 -3.30 12.97
N VAL A 280 3.58 -2.66 12.72
CA VAL A 280 2.25 -3.10 13.15
C VAL A 280 1.77 -4.16 12.12
N PRO A 281 1.35 -5.37 12.56
CA PRO A 281 0.97 -6.49 11.66
C PRO A 281 -0.43 -6.30 11.04
N ALA A 282 -0.60 -5.24 10.23
CA ALA A 282 -1.82 -4.92 9.48
C ALA A 282 -1.93 -5.73 8.16
N GLY A 283 -0.87 -6.46 7.80
CA GLY A 283 -0.74 -7.26 6.59
C GLY A 283 -0.85 -8.76 6.93
N PRO A 284 0.17 -9.37 7.57
CA PRO A 284 0.14 -10.77 8.07
C PRO A 284 -1.12 -11.10 8.90
N ALA A 285 -2.05 -11.87 8.30
CA ALA A 285 -3.35 -12.29 8.85
C ALA A 285 -4.37 -11.13 8.95
N GLY A 286 -4.13 -10.02 8.25
CA GLY A 286 -4.90 -8.79 8.26
C GLY A 286 -5.43 -8.50 6.85
N GLY A 287 -4.84 -7.49 6.20
CA GLY A 287 -5.12 -6.89 4.88
C GLY A 287 -6.50 -7.17 4.25
N GLN A 288 -7.56 -6.67 4.89
CA GLN A 288 -8.94 -6.73 4.42
C GLN A 288 -9.77 -5.62 5.09
N GLN A 289 -9.55 -5.44 6.40
CA GLN A 289 -10.15 -4.44 7.27
C GLN A 289 -9.43 -3.09 7.13
N VAL A 290 -9.47 -2.24 8.18
CA VAL A 290 -8.91 -0.89 8.29
C VAL A 290 -9.87 0.12 7.65
N ASP A 291 -10.15 -0.07 6.35
CA ASP A 291 -11.11 0.71 5.55
C ASP A 291 -12.57 0.37 5.93
N LEU A 292 -12.85 -0.91 6.21
CA LEU A 292 -14.19 -1.43 6.54
C LEU A 292 -14.76 -0.86 7.85
N ALA A 293 -13.91 -0.34 8.75
CA ALA A 293 -14.28 0.35 9.97
C ALA A 293 -15.00 1.69 9.71
N SER A 294 -14.87 2.26 8.50
CA SER A 294 -15.59 3.44 8.05
C SER A 294 -16.95 3.07 7.42
N VAL A 295 -17.24 1.77 7.22
CA VAL A 295 -18.48 1.24 6.65
C VAL A 295 -19.27 0.58 7.79
N LEU A 296 -18.63 -0.36 8.51
CA LEU A 296 -19.11 -1.03 9.72
C LEU A 296 -18.63 -0.16 10.90
N THR A 297 -19.30 0.99 11.10
CA THR A 297 -18.96 2.03 12.06
C THR A 297 -19.31 1.62 13.51
N PRO A 298 -18.69 2.25 14.54
CA PRO A 298 -18.89 1.85 15.94
C PRO A 298 -20.30 2.09 16.50
N GLU A 299 -21.08 3.00 15.92
CA GLU A 299 -22.49 3.23 16.25
C GLU A 299 -23.38 2.02 15.89
N ILE A 300 -22.98 1.23 14.89
CA ILE A 300 -23.67 0.02 14.43
C ILE A 300 -23.02 -1.21 15.09
N MET A 301 -21.69 -1.24 15.24
CA MET A 301 -20.95 -2.43 15.68
C MET A 301 -20.85 -2.55 17.21
N ALA A 302 -20.95 -1.48 18.00
CA ALA A 302 -20.95 -1.49 19.47
C ALA A 302 -21.82 -2.57 20.16
N PRO A 303 -23.13 -2.72 19.83
CA PRO A 303 -23.97 -3.80 20.37
C PRO A 303 -23.68 -5.20 19.79
N ILE A 304 -23.00 -5.31 18.63
CA ILE A 304 -22.58 -6.59 18.04
C ILE A 304 -21.32 -7.07 18.80
N LEU A 305 -20.36 -6.16 19.00
CA LEU A 305 -19.10 -6.40 19.70
C LEU A 305 -19.26 -6.50 21.23
N ALA A 306 -20.46 -6.20 21.76
CA ALA A 306 -20.83 -6.38 23.17
C ALA A 306 -21.28 -7.82 23.49
N ASN A 307 -21.41 -8.69 22.47
CA ASN A 307 -21.79 -10.10 22.62
C ASN A 307 -20.52 -10.91 22.95
N ALA A 308 -20.61 -11.75 23.98
CA ALA A 308 -19.51 -12.58 24.47
C ALA A 308 -19.02 -13.63 23.45
N ASP A 309 -19.92 -14.13 22.58
CA ASP A 309 -19.60 -15.15 21.58
C ASP A 309 -18.78 -14.56 20.40
N VAL A 310 -18.90 -13.24 20.16
CA VAL A 310 -18.05 -12.49 19.24
C VAL A 310 -16.70 -12.22 19.94
N GLN A 311 -16.72 -11.74 21.19
CA GLN A 311 -15.53 -11.41 21.99
C GLN A 311 -14.58 -12.60 22.17
N GLU A 312 -15.10 -13.80 22.43
CA GLU A 312 -14.34 -15.04 22.58
C GLU A 312 -13.80 -15.60 21.24
N ARG A 313 -14.07 -14.93 20.10
CA ARG A 313 -13.37 -15.15 18.83
C ARG A 313 -12.30 -14.05 18.70
N LEU A 314 -12.67 -12.78 18.89
CA LEU A 314 -11.79 -11.61 18.75
C LEU A 314 -10.59 -11.63 19.72
N LEU A 315 -10.82 -11.83 21.02
CA LEU A 315 -9.80 -11.85 22.09
C LEU A 315 -8.65 -12.88 21.91
N PRO A 316 -8.88 -14.18 21.56
CA PRO A 316 -7.79 -15.11 21.25
C PRO A 316 -7.19 -15.00 19.83
N TYR A 317 -7.91 -14.50 18.81
CA TYR A 317 -7.47 -14.55 17.41
C TYR A 317 -6.40 -13.48 17.06
N LEU A 318 -6.22 -12.44 17.86
CA LEU A 318 -5.17 -11.42 17.70
C LEU A 318 -3.75 -12.01 17.85
N PRO A 319 -2.68 -11.41 17.27
CA PRO A 319 -1.34 -12.02 17.23
C PRO A 319 -0.54 -12.00 18.57
N SER A 320 -1.09 -11.41 19.63
CA SER A 320 -0.62 -11.31 21.02
C SER A 320 0.16 -9.99 21.26
N GLY A 321 -0.07 -9.37 22.42
CA GLY A 321 0.47 -8.06 22.81
C GLY A 321 -0.60 -6.97 22.80
N GLU A 322 -1.84 -7.32 22.43
CA GLU A 322 -2.99 -6.46 22.20
C GLU A 322 -4.22 -7.02 22.95
N SER A 323 -5.25 -6.21 23.10
CA SER A 323 -6.54 -6.52 23.70
C SER A 323 -7.60 -5.60 23.07
N LEU A 324 -8.86 -5.72 23.48
CA LEU A 324 -10.00 -4.92 23.03
C LEU A 324 -11.04 -4.75 24.16
N PRO A 325 -11.81 -3.64 24.20
CA PRO A 325 -12.90 -3.44 25.17
C PRO A 325 -14.13 -4.33 24.87
N GLN A 326 -14.99 -4.51 25.89
CA GLN A 326 -16.03 -5.55 25.94
C GLN A 326 -17.43 -5.00 26.27
N THR A 327 -17.61 -3.67 26.32
CA THR A 327 -18.89 -3.01 26.60
C THR A 327 -19.14 -1.90 25.57
N ALA A 328 -20.42 -1.72 25.19
CA ALA A 328 -20.86 -0.88 24.08
C ALA A 328 -20.49 0.61 24.24
N ASP A 329 -20.50 1.13 25.47
CA ASP A 329 -20.16 2.52 25.78
C ASP A 329 -18.66 2.80 25.52
N GLU A 330 -17.78 1.88 25.91
CA GLU A 330 -16.33 1.96 25.68
C GLU A 330 -16.02 1.90 24.17
N ILE A 331 -16.68 0.98 23.44
CA ILE A 331 -16.56 0.81 21.99
C ILE A 331 -17.12 2.03 21.22
N GLN A 332 -18.19 2.66 21.71
CA GLN A 332 -18.82 3.80 21.06
C GLN A 332 -18.10 5.12 21.38
N ASN A 333 -17.81 5.39 22.65
CA ASN A 333 -17.51 6.73 23.18
C ASN A 333 -16.07 6.88 23.69
N THR A 334 -15.25 5.82 23.70
CA THR A 334 -13.93 5.80 24.35
C THR A 334 -12.87 5.11 23.47
N LEU A 335 -12.90 5.34 22.15
CA LEU A 335 -11.83 5.00 21.22
C LEU A 335 -11.77 6.01 20.07
N THR A 336 -10.59 6.14 19.44
CA THR A 336 -10.35 7.02 18.30
C THR A 336 -10.56 6.20 17.01
N SER A 337 -9.68 5.23 16.72
CA SER A 337 -9.74 4.36 15.54
C SER A 337 -8.94 3.04 15.70
N PRO A 338 -7.64 3.03 16.10
CA PRO A 338 -6.75 1.85 16.08
C PRO A 338 -7.30 0.53 16.62
N GLN A 339 -7.77 0.50 17.88
CA GLN A 339 -8.24 -0.71 18.54
C GLN A 339 -9.60 -1.20 17.98
N PHE A 340 -10.36 -0.33 17.30
CA PHE A 340 -11.58 -0.68 16.58
C PHE A 340 -11.21 -1.28 15.21
N GLN A 341 -10.25 -0.70 14.47
CA GLN A 341 -9.70 -1.24 13.23
C GLN A 341 -9.03 -2.61 13.43
N GLN A 342 -8.39 -2.82 14.59
CA GLN A 342 -7.86 -4.08 15.09
C GLN A 342 -8.99 -5.09 15.32
N ALA A 343 -10.01 -4.73 16.12
CA ALA A 343 -11.18 -5.55 16.44
C ALA A 343 -11.95 -6.03 15.20
N LEU A 344 -12.08 -5.15 14.19
CA LEU A 344 -12.63 -5.43 12.87
C LEU A 344 -11.84 -6.49 12.06
N GLY A 345 -10.62 -6.87 12.46
CA GLY A 345 -9.73 -7.72 11.69
C GLY A 345 -9.90 -9.19 12.04
N MET A 346 -10.04 -9.51 13.33
CA MET A 346 -10.41 -10.85 13.79
C MET A 346 -11.91 -11.13 13.50
N PHE A 347 -12.73 -10.07 13.47
CA PHE A 347 -14.12 -10.09 13.00
C PHE A 347 -14.17 -10.43 11.50
N SER A 348 -13.34 -9.77 10.67
CA SER A 348 -13.20 -10.07 9.24
C SER A 348 -12.70 -11.50 8.97
N ALA A 349 -11.81 -12.05 9.81
CA ALA A 349 -11.31 -13.41 9.72
C ALA A 349 -12.41 -14.46 9.97
N ALA A 350 -13.24 -14.25 11.00
CA ALA A 350 -14.38 -15.11 11.34
C ALA A 350 -15.48 -15.00 10.26
N LEU A 351 -15.73 -13.78 9.77
CA LEU A 351 -16.67 -13.45 8.70
C LEU A 351 -16.26 -14.08 7.35
N ALA A 352 -14.95 -14.07 7.03
CA ALA A 352 -14.39 -14.65 5.81
C ALA A 352 -14.40 -16.19 5.85
N SER A 353 -14.20 -16.78 7.03
CA SER A 353 -14.23 -18.23 7.24
C SER A 353 -15.69 -18.76 7.17
N GLY A 354 -16.67 -17.96 7.61
CA GLY A 354 -18.11 -18.21 7.46
C GLY A 354 -18.78 -18.60 8.79
N GLN A 355 -17.98 -18.81 9.84
CA GLN A 355 -18.39 -19.31 11.15
C GLN A 355 -19.12 -18.24 11.99
N LEU A 356 -19.03 -16.96 11.61
CA LEU A 356 -19.65 -15.83 12.29
C LEU A 356 -21.16 -15.76 11.96
N GLY A 357 -21.52 -16.10 10.71
CA GLY A 357 -22.85 -16.35 10.13
C GLY A 357 -24.02 -16.53 11.12
N PRO A 358 -24.11 -17.66 11.84
CA PRO A 358 -25.13 -17.95 12.87
C PRO A 358 -25.47 -16.85 13.89
N LEU A 359 -24.50 -16.01 14.29
CA LEU A 359 -24.73 -14.93 15.25
C LEU A 359 -25.43 -13.75 14.57
N MET A 360 -25.17 -13.51 13.29
CA MET A 360 -25.74 -12.41 12.49
C MET A 360 -27.27 -12.57 12.34
N CYS A 361 -27.73 -13.84 12.32
CA CYS A 361 -29.14 -14.25 12.34
C CYS A 361 -29.81 -13.93 13.70
N GLN A 362 -29.04 -13.88 14.79
CA GLN A 362 -29.54 -13.73 16.17
C GLN A 362 -29.68 -12.24 16.54
N PHE A 363 -28.84 -11.36 15.98
CA PHE A 363 -28.90 -9.91 16.21
C PHE A 363 -30.05 -9.28 15.40
N GLY A 364 -30.27 -9.74 14.16
CA GLY A 364 -31.35 -9.28 13.28
C GLY A 364 -30.83 -8.40 12.14
N LEU A 365 -29.58 -8.62 11.70
CA LEU A 365 -28.92 -7.88 10.61
C LEU A 365 -29.59 -8.17 9.24
N PRO A 366 -29.39 -7.31 8.20
CA PRO A 366 -29.99 -7.45 6.86
C PRO A 366 -29.83 -8.85 6.23
N ALA A 367 -30.89 -9.39 5.61
CA ALA A 367 -30.97 -10.77 5.10
C ALA A 367 -29.86 -11.12 4.09
N GLU A 368 -29.53 -10.17 3.20
CA GLU A 368 -28.47 -10.29 2.21
C GLU A 368 -27.06 -10.30 2.87
N ALA A 369 -26.89 -9.55 3.97
CA ALA A 369 -25.66 -9.50 4.74
C ALA A 369 -25.48 -10.78 5.57
N VAL A 370 -26.55 -11.27 6.19
CA VAL A 370 -26.60 -12.54 6.93
C VAL A 370 -26.29 -13.74 6.01
N GLU A 371 -26.82 -13.74 4.77
CA GLU A 371 -26.52 -14.74 3.75
C GLU A 371 -25.04 -14.69 3.35
N ALA A 372 -24.48 -13.49 3.11
CA ALA A 372 -23.08 -13.26 2.80
C ALA A 372 -22.13 -13.73 3.94
N ALA A 373 -22.50 -13.49 5.19
CA ALA A 373 -21.73 -13.87 6.38
C ALA A 373 -21.73 -15.39 6.63
N ASN A 374 -22.80 -16.09 6.21
CA ASN A 374 -22.90 -17.55 6.27
C ASN A 374 -22.17 -18.21 5.07
N LYS A 375 -22.12 -17.55 3.91
CA LYS A 375 -21.35 -17.99 2.75
C LYS A 375 -19.84 -17.78 2.96
N GLY A 376 -19.45 -16.62 3.51
CA GLY A 376 -18.08 -16.26 3.84
C GLY A 376 -17.57 -15.04 3.07
N ASP A 377 -18.46 -14.15 2.61
CA ASP A 377 -18.10 -12.93 1.86
C ASP A 377 -18.12 -11.73 2.81
N VAL A 378 -16.99 -11.03 2.90
CA VAL A 378 -16.78 -9.86 3.76
C VAL A 378 -17.30 -8.57 3.09
N GLU A 379 -17.32 -8.49 1.75
CA GLU A 379 -17.71 -7.29 1.02
C GLU A 379 -19.24 -7.21 0.95
N ALA A 380 -19.91 -8.32 0.58
CA ALA A 380 -21.36 -8.39 0.44
C ALA A 380 -22.10 -8.25 1.79
N PHE A 381 -21.42 -8.54 2.90
CA PHE A 381 -21.85 -8.23 4.26
C PHE A 381 -21.93 -6.70 4.48
N ALA A 382 -20.80 -6.01 4.29
CA ALA A 382 -20.65 -4.59 4.55
C ALA A 382 -21.42 -3.74 3.52
N LYS A 383 -21.44 -4.14 2.25
CA LYS A 383 -22.10 -3.45 1.15
C LYS A 383 -23.63 -3.49 1.27
N ALA A 384 -24.19 -4.62 1.77
CA ALA A 384 -25.62 -4.75 2.05
C ALA A 384 -26.04 -3.91 3.27
N MET A 385 -25.20 -3.88 4.32
CA MET A 385 -25.42 -3.08 5.53
C MET A 385 -25.29 -1.57 5.24
N GLN A 386 -24.34 -1.19 4.36
CA GLN A 386 -24.15 0.18 3.87
C GLN A 386 -25.35 0.65 3.04
N ASN A 387 -25.96 -0.23 2.23
CA ASN A 387 -27.16 0.05 1.43
C ASN A 387 -28.39 0.19 2.34
N ASN A 388 -28.53 -0.67 3.36
CA ASN A 388 -29.65 -0.69 4.31
C ASN A 388 -29.61 0.51 5.28
N ALA A 389 -28.46 1.20 5.42
CA ALA A 389 -28.29 2.38 6.26
C ALA A 389 -28.98 3.63 5.66
N LYS A 390 -29.27 3.63 4.36
CA LYS A 390 -30.10 4.64 3.68
C LYS A 390 -31.57 4.14 3.69
N PRO A 391 -32.57 5.03 3.82
CA PRO A 391 -34.00 4.66 3.81
C PRO A 391 -34.48 4.36 2.36
N GLU A 392 -35.14 5.33 1.72
CA GLU A 392 -35.60 5.30 0.33
C GLU A 392 -35.49 6.73 -0.26
N GLN A 393 -34.45 7.46 0.15
CA GLN A 393 -34.20 8.87 -0.14
C GLN A 393 -32.69 9.12 -0.10
N LYS A 394 -32.16 9.84 -1.09
CA LYS A 394 -30.74 10.21 -1.22
C LYS A 394 -30.46 11.59 -0.58
N GLU A 395 -31.51 12.34 -0.22
CA GLU A 395 -31.54 13.62 0.51
C GLU A 395 -31.32 14.85 -0.40
N GLY A 396 -30.37 14.74 -1.34
CA GLY A 396 -30.03 15.61 -2.48
C GLY A 396 -31.06 16.66 -2.88
N ASP A 397 -30.79 17.94 -2.57
CA ASP A 397 -31.72 19.06 -2.78
C ASP A 397 -31.83 19.42 -4.26
N THR A 398 -33.06 19.58 -4.76
CA THR A 398 -33.41 19.93 -6.13
C THR A 398 -33.32 21.47 -6.35
N LYS A 399 -33.31 22.28 -5.27
CA LYS A 399 -33.25 23.75 -5.32
C LYS A 399 -31.78 24.20 -5.22
N ASP A 400 -30.91 23.68 -6.10
CA ASP A 400 -29.50 24.04 -6.24
C ASP A 400 -29.38 25.30 -7.15
N LYS A 401 -28.15 25.77 -7.34
CA LYS A 401 -27.79 26.92 -8.17
C LYS A 401 -26.55 26.60 -9.02
N LYS A 402 -26.37 27.32 -10.13
CA LYS A 402 -25.30 27.13 -11.11
C LYS A 402 -24.00 27.78 -10.60
N ASP A 403 -22.89 27.04 -10.67
CA ASP A 403 -21.54 27.52 -10.37
C ASP A 403 -20.85 27.83 -11.71
N GLU A 404 -19.99 28.86 -11.72
CA GLU A 404 -19.24 29.31 -12.90
C GLU A 404 -18.03 28.41 -13.22
N GLU A 405 -17.69 27.46 -12.34
CA GLU A 405 -16.59 26.51 -12.46
C GLU A 405 -16.98 25.26 -13.30
N GLU A 406 -18.26 25.12 -13.68
CA GLU A 406 -18.79 24.04 -14.50
C GLU A 406 -18.33 24.20 -15.97
N ASP A 407 -18.13 23.08 -16.68
CA ASP A 407 -17.74 23.01 -18.09
C ASP A 407 -18.34 21.73 -18.69
N MET A 408 -18.88 21.83 -19.91
CA MET A 408 -19.57 20.76 -20.63
C MET A 408 -19.22 20.82 -22.12
N SER A 409 -20.07 21.45 -22.93
CA SER A 409 -19.96 21.52 -24.39
C SER A 409 -19.02 22.65 -24.86
N LEU A 410 -18.56 23.51 -23.93
CA LEU A 410 -17.61 24.60 -24.14
C LEU A 410 -16.82 24.78 -22.84
N ASP A 411 -15.58 25.28 -22.96
CA ASP A 411 -14.65 25.56 -21.85
C ASP A 411 -15.06 26.85 -21.13
N MET A 5 26.25 56.69 5.74
CA MET A 5 25.55 57.89 5.21
C MET A 5 26.02 58.30 3.81
N THR A 6 27.27 57.97 3.40
CA THR A 6 27.84 58.32 2.10
C THR A 6 27.29 57.45 0.94
N THR A 7 26.76 56.26 1.27
CA THR A 7 25.96 55.38 0.42
C THR A 7 24.80 54.85 1.27
N SER A 8 23.67 54.50 0.63
CA SER A 8 22.48 53.94 1.29
C SER A 8 21.76 52.90 0.39
N GLY A 9 22.41 52.45 -0.69
CA GLY A 9 21.89 51.50 -1.67
C GLY A 9 21.71 52.18 -3.04
N ALA A 10 21.89 51.41 -4.12
CA ALA A 10 21.63 51.84 -5.49
C ALA A 10 20.19 51.43 -5.86
N LEU A 11 19.44 52.36 -6.47
CA LEU A 11 18.06 52.12 -6.92
C LEU A 11 18.05 51.49 -8.33
N PHE A 12 19.03 51.85 -9.17
CA PHE A 12 19.27 51.38 -10.56
C PHE A 12 19.06 49.87 -10.84
N PRO A 13 19.65 48.92 -10.06
CA PRO A 13 19.38 47.47 -10.17
C PRO A 13 17.90 47.03 -10.14
N SER A 14 17.03 47.77 -9.44
CA SER A 14 15.59 47.58 -9.27
C SER A 14 15.28 46.67 -8.07
N LEU A 15 14.74 45.47 -8.34
CA LEU A 15 14.37 44.45 -7.36
C LEU A 15 15.61 43.73 -6.80
N VAL A 16 15.47 43.15 -5.61
CA VAL A 16 16.45 42.37 -4.83
C VAL A 16 17.47 43.34 -4.17
N PRO A 17 17.17 43.93 -2.98
CA PRO A 17 18.06 44.90 -2.33
C PRO A 17 19.28 44.24 -1.64
N GLY A 18 19.14 43.00 -1.17
CA GLY A 18 20.21 42.15 -0.64
C GLY A 18 20.22 40.84 -1.40
N SER A 19 21.33 40.50 -2.05
CA SER A 19 21.52 39.27 -2.83
C SER A 19 22.10 38.14 -1.94
N ARG A 20 22.73 38.49 -0.81
CA ARG A 20 23.30 37.56 0.16
C ARG A 20 22.15 36.95 1.00
N GLY A 21 22.06 35.61 0.99
CA GLY A 21 21.05 34.82 1.70
C GLY A 21 20.06 34.11 0.75
N ALA A 22 20.19 34.34 -0.56
CA ALA A 22 19.29 33.83 -1.61
C ALA A 22 19.54 32.35 -1.97
N SER A 23 20.64 31.76 -1.50
CA SER A 23 21.05 30.38 -1.73
C SER A 23 21.61 29.81 -0.42
N ASN A 24 21.27 28.55 -0.09
CA ASN A 24 21.82 27.78 1.03
C ASN A 24 22.80 26.73 0.50
N LYS A 25 23.46 25.99 1.40
CA LYS A 25 24.43 24.93 1.09
C LYS A 25 23.76 23.60 0.67
N TYR A 26 22.44 23.48 0.86
CA TYR A 26 21.63 22.30 0.57
C TYR A 26 21.35 22.18 -0.94
N LEU A 27 21.00 20.97 -1.39
CA LEU A 27 20.71 20.66 -2.79
C LEU A 27 19.25 21.00 -3.11
N VAL A 28 18.31 20.67 -2.21
CA VAL A 28 16.89 21.03 -2.27
C VAL A 28 16.41 21.30 -0.84
N GLU A 29 15.43 22.19 -0.67
CA GLU A 29 14.61 22.42 0.50
C GLU A 29 13.17 22.66 0.03
N PHE A 30 12.17 22.00 0.62
CA PHE A 30 10.75 22.17 0.31
C PHE A 30 9.88 21.87 1.53
N ARG A 31 8.75 22.57 1.66
CA ARG A 31 7.79 22.41 2.76
C ARG A 31 6.91 21.19 2.46
N ALA A 32 6.97 20.17 3.33
CA ALA A 32 6.14 18.97 3.25
C ALA A 32 6.03 18.33 4.64
N GLY A 33 4.91 17.68 4.88
CA GLY A 33 4.58 16.94 6.10
C GLY A 33 4.50 15.47 5.74
N LYS A 34 5.02 14.61 6.63
CA LYS A 34 5.03 13.16 6.49
C LYS A 34 3.66 12.58 6.85
N MET A 35 3.36 11.37 6.38
CA MET A 35 2.29 10.53 6.90
C MET A 35 2.98 9.45 7.74
N SER A 36 2.43 9.18 8.93
CA SER A 36 3.06 8.36 9.96
C SER A 36 2.04 7.46 10.66
N LEU A 37 2.51 6.32 11.18
CA LEU A 37 1.69 5.32 11.86
C LEU A 37 1.52 5.71 13.33
N LYS A 38 0.29 5.57 13.84
CA LYS A 38 -0.14 5.79 15.21
C LYS A 38 -0.71 4.47 15.77
N GLY A 39 -0.18 3.33 15.30
CA GLY A 39 -0.70 1.98 15.45
C GLY A 39 -1.06 1.50 14.05
N THR A 40 -2.24 0.89 13.90
CA THR A 40 -2.82 0.47 12.63
C THR A 40 -3.26 1.70 11.79
N THR A 41 -3.60 2.81 12.46
CA THR A 41 -4.04 4.08 11.87
C THR A 41 -2.80 4.83 11.31
N VAL A 42 -2.83 5.18 10.02
CA VAL A 42 -1.91 6.13 9.41
C VAL A 42 -2.53 7.52 9.59
N THR A 43 -1.76 8.49 10.09
CA THR A 43 -2.16 9.88 10.30
C THR A 43 -1.25 10.80 9.47
N PRO A 44 -1.78 11.83 8.75
CA PRO A 44 -0.96 12.87 8.13
C PRO A 44 -0.49 13.87 9.20
N ASP A 45 0.80 14.23 9.20
CA ASP A 45 1.38 15.17 10.17
C ASP A 45 0.90 16.60 9.83
N LYS A 46 0.29 17.27 10.81
CA LYS A 46 -0.33 18.57 10.68
C LYS A 46 0.66 19.72 11.00
N ARG A 47 1.86 19.40 11.50
CA ARG A 47 2.90 20.37 11.85
C ARG A 47 3.61 20.84 10.57
N LYS A 48 4.15 22.07 10.60
CA LYS A 48 4.86 22.68 9.49
C LYS A 48 6.26 22.05 9.40
N GLY A 49 6.50 21.28 8.33
CA GLY A 49 7.69 20.48 8.13
C GLY A 49 8.46 20.96 6.91
N LEU A 50 9.78 20.74 6.91
CA LEU A 50 10.68 20.97 5.80
C LEU A 50 11.39 19.65 5.51
N VAL A 51 11.30 19.15 4.28
CA VAL A 51 12.21 18.15 3.72
C VAL A 51 13.38 18.96 3.13
N TYR A 52 14.61 18.49 3.33
CA TYR A 52 15.80 19.06 2.72
C TYR A 52 16.82 17.98 2.40
N ILE A 53 17.64 18.22 1.37
CA ILE A 53 18.57 17.26 0.78
C ILE A 53 19.97 17.92 0.72
N GLN A 54 21.02 17.16 1.04
CA GLN A 54 22.41 17.59 1.09
C GLN A 54 23.33 16.47 0.55
N GLN A 55 24.55 16.82 0.15
CA GLN A 55 25.61 15.90 -0.26
C GLN A 55 26.48 15.58 0.97
N THR A 56 26.77 14.30 1.23
CA THR A 56 27.71 13.85 2.26
C THR A 56 29.15 13.88 1.69
N ASP A 57 30.17 13.85 2.58
CA ASP A 57 31.59 13.74 2.23
C ASP A 57 31.95 12.41 1.54
N ASP A 58 31.10 11.38 1.70
CA ASP A 58 31.20 10.07 1.05
C ASP A 58 30.64 10.10 -0.38
N SER A 59 29.95 11.19 -0.78
CA SER A 59 29.35 11.45 -2.09
C SER A 59 27.94 10.85 -2.24
N LEU A 60 27.36 10.36 -1.14
CA LEU A 60 25.99 9.87 -1.04
C LEU A 60 25.07 11.05 -0.69
N ILE A 61 23.77 10.88 -0.92
CA ILE A 61 22.75 11.91 -0.75
C ILE A 61 22.20 11.78 0.68
N HIS A 62 22.27 12.84 1.47
CA HIS A 62 21.69 12.92 2.81
C HIS A 62 20.30 13.55 2.65
N PHE A 63 19.25 12.79 2.97
CA PHE A 63 17.85 13.20 2.93
C PHE A 63 17.43 13.43 4.38
N CYS A 64 16.93 14.62 4.71
CA CYS A 64 16.56 15.07 6.05
C CYS A 64 15.11 15.58 6.08
N TRP A 65 14.44 15.46 7.23
CA TRP A 65 13.17 16.13 7.54
C TRP A 65 13.29 16.77 8.92
N LYS A 66 12.80 18.02 9.06
CA LYS A 66 12.73 18.76 10.31
C LYS A 66 11.39 19.51 10.43
N ASP A 67 10.98 19.79 11.67
CA ASP A 67 9.86 20.68 11.99
C ASP A 67 10.37 22.12 11.87
N ARG A 68 9.62 22.98 11.17
CA ARG A 68 9.85 24.43 11.15
C ARG A 68 9.31 25.08 12.43
N THR A 69 8.42 24.37 13.16
CA THR A 69 7.82 24.72 14.44
C THR A 69 8.82 24.53 15.62
N SER A 70 10.00 23.95 15.38
CA SER A 70 11.02 23.67 16.41
C SER A 70 12.44 23.88 15.87
N GLY A 71 12.80 23.23 14.77
CA GLY A 71 14.12 23.28 14.13
C GLY A 71 14.87 21.94 14.23
N ASN A 72 14.37 20.99 15.04
CA ASN A 72 15.00 19.70 15.32
C ASN A 72 14.72 18.73 14.15
N VAL A 73 15.76 18.01 13.73
CA VAL A 73 15.73 17.03 12.65
C VAL A 73 15.30 15.69 13.28
N GLU A 74 14.02 15.34 13.14
CA GLU A 74 13.40 14.17 13.74
C GLU A 74 13.64 12.91 12.88
N ASP A 75 14.01 13.05 11.60
CA ASP A 75 14.33 11.95 10.69
C ASP A 75 15.39 12.38 9.67
N ASP A 76 16.39 11.53 9.42
CA ASP A 76 17.41 11.70 8.40
C ASP A 76 17.93 10.31 7.97
N LEU A 77 18.22 10.15 6.68
CA LEU A 77 18.77 8.95 6.05
C LEU A 77 19.81 9.36 5.01
N ILE A 78 20.90 8.59 4.90
CA ILE A 78 21.88 8.69 3.83
C ILE A 78 21.47 7.63 2.78
N ILE A 79 21.21 8.10 1.55
CA ILE A 79 20.63 7.37 0.44
C ILE A 79 21.72 7.22 -0.63
N PHE A 80 21.85 6.00 -1.19
CA PHE A 80 22.72 5.66 -2.31
C PHE A 80 21.99 5.98 -3.63
N PRO A 81 22.71 6.24 -4.75
CA PRO A 81 22.08 6.66 -6.02
C PRO A 81 21.20 5.56 -6.64
N ASP A 82 19.90 5.85 -6.78
CA ASP A 82 18.83 5.00 -7.32
C ASP A 82 18.35 3.93 -6.32
N ASP A 83 18.61 4.15 -5.02
CA ASP A 83 18.14 3.30 -3.92
C ASP A 83 16.69 3.66 -3.54
N CYS A 84 16.32 4.93 -3.76
CA CYS A 84 14.99 5.50 -3.57
C CYS A 84 14.55 6.25 -4.84
N GLU A 85 13.24 6.46 -4.98
CA GLU A 85 12.58 7.22 -6.04
C GLU A 85 11.37 7.95 -5.44
N PHE A 86 11.10 9.18 -5.89
CA PHE A 86 10.08 10.09 -5.37
C PHE A 86 9.09 10.40 -6.51
N LYS A 87 7.79 10.28 -6.26
CA LYS A 87 6.73 10.45 -7.26
C LYS A 87 5.46 11.01 -6.61
N ARG A 88 4.60 11.65 -7.41
CA ARG A 88 3.28 12.13 -7.04
C ARG A 88 2.29 10.95 -7.08
N VAL A 89 1.37 10.88 -6.11
CA VAL A 89 0.39 9.78 -6.01
C VAL A 89 -0.78 10.07 -6.99
N PRO A 90 -1.13 9.13 -7.90
CA PRO A 90 -2.17 9.36 -8.93
C PRO A 90 -3.62 9.27 -8.40
N GLN A 91 -3.86 8.65 -7.24
CA GLN A 91 -5.17 8.57 -6.59
C GLN A 91 -5.54 9.87 -5.83
N CYS A 92 -4.62 10.85 -5.75
CA CYS A 92 -4.86 12.16 -5.17
C CYS A 92 -5.62 13.03 -6.21
N PRO A 93 -6.73 13.71 -5.84
CA PRO A 93 -7.48 14.57 -6.76
C PRO A 93 -6.78 15.92 -7.01
N SER A 94 -6.22 16.53 -5.97
CA SER A 94 -5.58 17.85 -6.01
C SER A 94 -4.12 17.75 -6.50
N GLY A 95 -3.39 16.69 -6.11
CA GLY A 95 -2.04 16.38 -6.56
C GLY A 95 -0.97 16.61 -5.48
N ARG A 96 -1.35 17.06 -4.29
CA ARG A 96 -0.43 17.50 -3.24
C ARG A 96 0.14 16.34 -2.41
N VAL A 97 -0.39 15.11 -2.53
CA VAL A 97 0.14 13.92 -1.87
C VAL A 97 1.22 13.31 -2.78
N TYR A 98 2.38 13.03 -2.19
CA TYR A 98 3.58 12.49 -2.79
C TYR A 98 4.03 11.24 -2.03
N VAL A 99 4.87 10.42 -2.64
CA VAL A 99 5.39 9.18 -2.08
C VAL A 99 6.87 9.02 -2.44
N LEU A 100 7.68 8.70 -1.43
CA LEU A 100 9.04 8.20 -1.58
C LEU A 100 8.92 6.68 -1.43
N LYS A 101 9.49 5.92 -2.36
CA LYS A 101 9.58 4.47 -2.31
C LYS A 101 11.06 4.07 -2.34
N PHE A 102 11.42 3.07 -1.54
CA PHE A 102 12.73 2.43 -1.50
C PHE A 102 12.66 1.25 -2.49
N LYS A 103 13.73 1.03 -3.26
CA LYS A 103 13.83 -0.06 -4.24
C LYS A 103 14.50 -1.29 -3.63
N ALA A 104 15.32 -1.12 -2.58
CA ALA A 104 15.83 -2.19 -1.74
C ALA A 104 14.84 -2.37 -0.58
N GLY A 105 14.22 -3.55 -0.46
CA GLY A 105 13.34 -3.95 0.65
C GLY A 105 11.87 -3.81 0.25
N SER A 106 11.54 -2.66 -0.36
CA SER A 106 10.24 -2.24 -0.87
C SER A 106 9.42 -1.43 0.14
N LYS A 107 10.10 -0.78 1.10
CA LYS A 107 9.57 0.21 2.03
C LYS A 107 9.04 1.44 1.25
N ARG A 108 8.04 2.13 1.83
CA ARG A 108 7.32 3.23 1.21
C ARG A 108 6.93 4.25 2.29
N LEU A 109 7.16 5.55 2.04
CA LEU A 109 6.84 6.67 2.92
C LEU A 109 6.03 7.69 2.11
N PHE A 110 4.80 7.98 2.54
CA PHE A 110 3.92 8.98 1.94
C PHE A 110 4.12 10.33 2.64
N PHE A 111 3.98 11.41 1.87
CA PHE A 111 4.15 12.81 2.26
C PHE A 111 2.99 13.62 1.66
N TRP A 112 2.73 14.80 2.23
CA TRP A 112 1.84 15.82 1.67
C TRP A 112 2.61 17.15 1.59
N MET A 113 2.55 17.81 0.42
CA MET A 113 3.22 19.07 0.13
C MET A 113 2.54 20.22 0.86
N GLN A 114 3.33 21.05 1.54
CA GLN A 114 2.90 22.21 2.31
C GLN A 114 3.41 23.52 1.64
N GLU A 115 3.90 23.42 0.40
CA GLU A 115 4.37 24.54 -0.43
C GLU A 115 3.15 25.37 -0.88
N PRO A 116 3.20 26.72 -0.85
CA PRO A 116 2.04 27.55 -1.17
C PRO A 116 1.71 27.54 -2.68
N LYS A 117 2.63 28.03 -3.51
CA LYS A 117 2.46 28.20 -4.95
C LYS A 117 2.68 26.86 -5.66
N THR A 118 1.75 26.51 -6.56
CA THR A 118 1.79 25.29 -7.38
C THR A 118 3.00 25.27 -8.36
N ASP A 119 3.55 26.45 -8.69
CA ASP A 119 4.79 26.65 -9.46
C ASP A 119 6.02 26.02 -8.76
N GLN A 120 6.08 26.15 -7.43
CA GLN A 120 7.15 25.58 -6.59
C GLN A 120 6.90 24.08 -6.40
N ASP A 121 5.65 23.71 -6.11
CA ASP A 121 5.11 22.35 -5.93
C ASP A 121 5.51 21.38 -7.06
N GLU A 122 5.39 21.84 -8.31
CA GLU A 122 5.73 21.10 -9.54
C GLU A 122 7.24 21.06 -9.80
N GLU A 123 8.03 22.02 -9.29
CA GLU A 123 9.45 22.16 -9.61
C GLU A 123 10.33 21.29 -8.71
N HIS A 124 10.01 21.20 -7.40
CA HIS A 124 10.90 20.59 -6.40
C HIS A 124 11.06 19.07 -6.62
N CYS A 125 9.95 18.37 -6.86
CA CYS A 125 9.88 16.91 -6.94
C CYS A 125 10.76 16.32 -8.07
N ARG A 126 10.97 17.07 -9.15
CA ARG A 126 11.86 16.72 -10.25
C ARG A 126 13.32 16.76 -9.79
N LYS A 127 13.72 17.84 -9.08
CA LYS A 127 15.06 18.04 -8.54
C LYS A 127 15.39 16.98 -7.46
N VAL A 128 14.44 16.70 -6.56
CA VAL A 128 14.49 15.65 -5.55
C VAL A 128 14.80 14.28 -6.19
N ASN A 129 13.94 13.84 -7.14
CA ASN A 129 14.08 12.55 -7.81
C ASN A 129 15.34 12.47 -8.67
N GLU A 130 15.74 13.59 -9.31
CA GLU A 130 16.99 13.75 -10.04
C GLU A 130 18.22 13.50 -9.15
N TYR A 131 18.31 14.13 -7.96
CA TYR A 131 19.39 13.92 -7.01
C TYR A 131 19.37 12.52 -6.36
N LEU A 132 18.18 11.94 -6.10
CA LEU A 132 18.04 10.57 -5.58
C LEU A 132 18.50 9.51 -6.60
N ASN A 133 18.35 9.79 -7.90
CA ASN A 133 18.77 8.94 -9.01
C ASN A 133 20.26 9.17 -9.33
N ASN A 134 20.64 10.41 -9.69
CA ASN A 134 21.94 10.76 -10.25
C ASN A 134 22.85 11.36 -9.14
N PRO A 135 24.01 10.74 -8.82
CA PRO A 135 24.95 11.26 -7.81
C PRO A 135 25.86 12.37 -8.39
N PRO A 136 26.54 13.17 -7.54
CA PRO A 136 27.48 14.21 -8.00
C PRO A 136 28.75 13.62 -8.68
N MET A 137 29.70 13.07 -7.91
CA MET A 137 30.89 12.38 -8.45
C MET A 137 31.46 11.40 -7.40
N PRO A 138 30.90 10.16 -7.27
CA PRO A 138 31.40 9.11 -6.37
C PRO A 138 32.91 8.83 -6.47
N GLY A 139 33.67 9.19 -5.42
CA GLY A 139 35.11 8.96 -5.27
C GLY A 139 35.46 8.21 -3.98
N ALA A 140 34.46 7.76 -3.22
CA ALA A 140 34.57 7.15 -1.91
C ALA A 140 33.47 6.09 -1.71
N LEU A 141 33.21 5.28 -2.75
CA LEU A 141 32.14 4.30 -2.80
C LEU A 141 32.66 2.98 -3.39
N GLY A 142 32.84 2.92 -4.71
CA GLY A 142 33.30 1.75 -5.46
C GLY A 142 34.55 2.05 -6.27
N ALA A 143 35.34 1.02 -6.58
CA ALA A 143 36.48 1.04 -7.49
C ALA A 143 36.00 0.66 -8.91
N SER A 144 36.83 0.95 -9.93
CA SER A 144 36.58 0.62 -11.32
C SER A 144 36.85 -0.88 -11.54
N GLY A 145 35.93 -1.58 -12.20
CA GLY A 145 36.00 -3.01 -12.51
C GLY A 145 34.90 -3.78 -11.78
N SER A 146 33.64 -3.48 -12.09
CA SER A 146 32.44 -3.99 -11.41
C SER A 146 31.28 -4.25 -12.39
N SER A 147 31.61 -4.65 -13.63
CA SER A 147 30.67 -4.79 -14.75
C SER A 147 30.81 -6.16 -15.45
N GLY A 148 31.27 -7.19 -14.72
CA GLY A 148 31.52 -8.54 -15.25
C GLY A 148 30.53 -9.58 -14.69
N HIS A 149 29.79 -9.25 -13.64
CA HIS A 149 28.70 -10.01 -13.03
C HIS A 149 27.67 -9.00 -12.50
N GLU A 150 26.41 -9.14 -12.91
CA GLU A 150 25.29 -8.29 -12.54
C GLU A 150 24.04 -9.17 -12.35
N LEU A 151 23.37 -9.06 -11.20
CA LEU A 151 22.21 -9.88 -10.82
C LEU A 151 20.92 -9.30 -11.46
N SER A 152 20.82 -7.97 -11.56
CA SER A 152 19.66 -7.22 -12.06
C SER A 152 19.55 -7.21 -13.60
N ALA A 153 20.50 -7.80 -14.32
CA ALA A 153 20.61 -7.84 -15.78
C ALA A 153 19.71 -8.94 -16.39
N LEU A 154 18.46 -9.06 -15.91
CA LEU A 154 17.50 -10.11 -16.27
C LEU A 154 16.91 -9.91 -17.68
N GLY A 155 16.84 -8.66 -18.16
CA GLY A 155 16.26 -8.26 -19.44
C GLY A 155 17.25 -7.55 -20.37
N GLY A 156 18.55 -7.59 -20.05
CA GLY A 156 19.62 -6.89 -20.76
C GLY A 156 20.23 -5.89 -19.78
N GLU A 157 20.05 -4.58 -20.03
CA GLU A 157 20.48 -3.50 -19.15
C GLU A 157 19.66 -3.41 -17.85
N GLY A 158 18.48 -4.06 -17.81
CA GLY A 158 17.66 -4.30 -16.63
C GLY A 158 16.30 -3.60 -16.69
N GLY A 159 16.12 -2.63 -17.60
CA GLY A 159 14.92 -1.81 -17.73
C GLY A 159 14.25 -1.91 -19.11
N LEU A 160 14.74 -2.78 -20.00
CA LEU A 160 14.32 -2.91 -21.40
C LEU A 160 13.04 -3.79 -21.52
N GLN A 161 11.99 -3.44 -20.78
CA GLN A 161 10.68 -4.10 -20.70
C GLN A 161 10.79 -5.43 -19.93
N SER A 162 11.54 -5.42 -18.82
CA SER A 162 11.88 -6.54 -17.93
C SER A 162 10.71 -7.04 -17.05
N LEU A 163 9.49 -7.08 -17.63
CA LEU A 163 8.27 -7.60 -17.01
C LEU A 163 8.29 -9.13 -17.18
N LEU A 164 8.15 -9.85 -16.07
CA LEU A 164 8.17 -11.31 -16.01
C LEU A 164 6.74 -11.87 -16.24
N GLY A 165 6.66 -13.10 -16.73
CA GLY A 165 5.43 -13.80 -17.10
C GLY A 165 5.48 -14.25 -18.57
N ASN A 166 4.37 -14.83 -19.06
CA ASN A 166 4.23 -15.36 -20.43
C ASN A 166 2.80 -15.10 -20.96
N MET A 167 2.11 -14.10 -20.43
CA MET A 167 0.73 -13.72 -20.79
C MET A 167 0.70 -12.88 -22.09
N SER A 168 1.81 -12.23 -22.45
CA SER A 168 1.99 -11.43 -23.66
C SER A 168 2.37 -12.37 -24.82
N HIS A 169 1.40 -13.16 -25.28
CA HIS A 169 1.50 -14.10 -26.40
C HIS A 169 0.19 -14.10 -27.19
N SER A 170 0.28 -14.09 -28.52
CA SER A 170 -0.81 -14.11 -29.48
C SER A 170 -0.27 -14.65 -30.82
N GLN A 171 -1.15 -15.18 -31.66
CA GLN A 171 -0.85 -15.67 -33.01
C GLN A 171 -2.05 -15.36 -33.91
N LEU A 172 -1.84 -14.59 -34.98
CA LEU A 172 -2.82 -14.29 -36.02
C LEU A 172 -2.55 -15.24 -37.20
N MET A 173 -3.60 -15.90 -37.70
CA MET A 173 -3.57 -16.72 -38.91
C MET A 173 -4.05 -15.79 -40.04
N GLN A 174 -3.13 -15.40 -40.93
CA GLN A 174 -3.34 -14.43 -42.00
C GLN A 174 -2.44 -14.75 -43.20
N LEU A 175 -2.86 -14.34 -44.39
CA LEU A 175 -2.14 -14.48 -45.66
C LEU A 175 -1.25 -13.24 -45.89
N ILE A 176 -0.31 -13.36 -46.83
CA ILE A 176 0.58 -12.28 -47.29
C ILE A 176 -0.20 -11.29 -48.20
N GLY A 177 -1.28 -11.74 -48.84
CA GLY A 177 -2.08 -11.02 -49.81
C GLY A 177 -2.27 -11.87 -51.08
N PRO A 178 -3.07 -11.40 -52.06
CA PRO A 178 -3.41 -12.18 -53.27
C PRO A 178 -2.29 -12.24 -54.32
N ALA A 179 -1.42 -11.22 -54.39
CA ALA A 179 -0.35 -11.11 -55.38
C ALA A 179 0.86 -11.99 -55.00
N GLY A 180 1.18 -12.05 -53.70
CA GLY A 180 2.26 -12.87 -53.13
C GLY A 180 3.44 -12.03 -52.64
N LEU A 181 3.50 -10.76 -53.03
CA LEU A 181 4.54 -9.79 -52.69
C LEU A 181 4.20 -9.10 -51.36
N GLY A 182 5.23 -8.65 -50.64
CA GLY A 182 5.15 -7.96 -49.36
C GLY A 182 5.98 -8.71 -48.32
N GLY A 183 6.98 -8.02 -47.74
CA GLY A 183 7.91 -8.54 -46.74
C GLY A 183 7.85 -7.75 -45.43
N LEU A 184 6.81 -6.92 -45.24
CA LEU A 184 6.48 -6.07 -44.09
C LEU A 184 7.30 -4.77 -44.05
N GLY A 185 8.60 -4.86 -44.39
CA GLY A 185 9.52 -3.75 -44.62
C GLY A 185 10.14 -3.84 -46.01
N GLY A 186 11.05 -2.92 -46.33
CA GLY A 186 11.74 -2.79 -47.60
C GLY A 186 11.50 -1.41 -48.23
N LEU A 187 12.49 -0.90 -48.97
CA LEU A 187 12.44 0.36 -49.71
C LEU A 187 11.92 0.12 -51.13
N GLY A 188 11.38 1.17 -51.76
CA GLY A 188 10.89 1.21 -53.14
C GLY A 188 11.69 2.20 -54.00
N ALA A 189 12.98 2.41 -53.67
CA ALA A 189 13.97 3.27 -54.33
C ALA A 189 13.91 4.73 -53.87
N LEU A 190 13.28 5.00 -52.72
CA LEU A 190 13.18 6.32 -52.09
C LEU A 190 14.49 6.58 -51.32
N THR A 191 15.28 7.53 -51.81
CA THR A 191 16.58 7.94 -51.27
C THR A 191 16.84 9.41 -51.63
N GLY A 192 15.89 10.29 -51.33
CA GLY A 192 15.88 11.70 -51.72
C GLY A 192 16.18 12.67 -50.56
N PRO A 193 16.24 13.99 -50.83
CA PRO A 193 16.61 15.01 -49.84
C PRO A 193 15.46 15.38 -48.88
N GLY A 194 15.73 16.32 -47.97
CA GLY A 194 14.79 16.88 -46.99
C GLY A 194 15.32 16.79 -45.56
N LEU A 195 16.18 15.81 -45.27
CA LEU A 195 16.88 15.62 -43.99
C LEU A 195 18.25 14.96 -44.25
N ALA A 196 18.89 15.31 -45.38
CA ALA A 196 20.19 14.81 -45.80
C ALA A 196 21.30 15.71 -45.23
N SER A 197 22.47 15.12 -44.96
CA SER A 197 23.69 15.78 -44.50
C SER A 197 24.91 15.00 -45.00
N LEU A 198 25.82 15.64 -45.72
CA LEU A 198 27.07 15.06 -46.21
C LEU A 198 28.18 15.30 -45.16
N LEU A 199 29.09 14.34 -45.01
CA LEU A 199 30.26 14.43 -44.16
C LEU A 199 31.40 15.07 -44.98
N GLY A 200 32.02 16.13 -44.45
CA GLY A 200 33.08 16.91 -45.10
C GLY A 200 34.40 16.90 -44.34
N SER A 201 34.46 16.22 -43.19
CA SER A 201 35.62 16.00 -42.29
C SER A 201 35.83 17.10 -41.23
N SER A 202 34.93 18.09 -41.18
CA SER A 202 34.90 19.25 -40.29
C SER A 202 35.74 20.39 -40.90
N GLY A 203 36.92 20.67 -40.35
CA GLY A 203 37.81 21.76 -40.74
C GLY A 203 37.96 22.79 -39.62
N PRO A 204 38.61 23.95 -39.87
CA PRO A 204 38.74 25.07 -38.93
C PRO A 204 37.47 25.56 -38.19
N PRO A 205 36.26 25.67 -38.82
CA PRO A 205 34.99 26.02 -38.15
C PRO A 205 34.65 25.18 -36.90
N GLY A 206 33.86 25.74 -35.98
CA GLY A 206 33.49 25.13 -34.71
C GLY A 206 32.05 24.62 -34.69
N SER A 207 31.31 24.80 -35.79
CA SER A 207 29.98 24.26 -36.08
C SER A 207 29.78 24.24 -37.60
N SER A 208 29.09 23.24 -38.13
CA SER A 208 28.81 23.06 -39.56
C SER A 208 27.44 22.40 -39.83
N SER A 209 26.51 22.46 -38.87
CA SER A 209 25.17 21.85 -38.95
C SER A 209 24.19 22.73 -39.76
N SER A 210 24.53 24.01 -39.97
CA SER A 210 23.82 24.97 -40.81
C SER A 210 24.80 26.06 -41.29
N SER A 211 25.81 26.39 -40.48
CA SER A 211 26.88 27.34 -40.77
C SER A 211 27.76 26.86 -41.93
N SER A 212 28.12 27.77 -42.84
CA SER A 212 28.98 27.60 -44.02
C SER A 212 28.19 27.22 -45.30
N SER A 213 27.00 26.60 -45.14
CA SER A 213 26.10 26.23 -46.22
C SER A 213 25.26 27.44 -46.64
N ARG A 214 25.05 27.61 -47.96
CA ARG A 214 24.25 28.68 -48.58
C ARG A 214 23.44 28.09 -49.74
N SER A 215 22.23 28.61 -49.96
CA SER A 215 21.35 28.32 -51.10
C SER A 215 20.68 29.65 -51.49
N GLN A 216 20.78 30.05 -52.76
CA GLN A 216 20.37 31.37 -53.24
C GLN A 216 18.84 31.45 -53.46
N SER A 217 18.24 30.42 -54.08
CA SER A 217 16.82 30.37 -54.39
C SER A 217 16.01 29.64 -53.29
N ALA A 218 16.64 28.68 -52.59
CA ALA A 218 16.07 27.79 -51.57
C ALA A 218 15.14 26.72 -52.19
N ALA A 219 14.45 25.95 -51.36
CA ALA A 219 13.44 24.98 -51.76
C ALA A 219 12.10 25.71 -51.93
N VAL A 220 11.49 25.58 -53.12
CA VAL A 220 10.20 26.16 -53.49
C VAL A 220 9.15 25.03 -53.41
N THR A 221 7.99 25.32 -52.81
CA THR A 221 6.86 24.41 -52.67
C THR A 221 5.63 25.10 -53.31
N PRO A 222 5.20 24.73 -54.54
CA PRO A 222 4.12 25.41 -55.28
C PRO A 222 2.70 25.02 -54.80
N SER A 223 2.42 25.14 -53.50
CA SER A 223 1.14 24.80 -52.86
C SER A 223 0.14 25.98 -53.01
N SER A 224 -0.07 26.42 -54.24
CA SER A 224 -1.06 27.41 -54.70
C SER A 224 -1.21 27.29 -56.22
N THR A 225 -0.09 27.38 -56.94
CA THR A 225 0.06 27.26 -58.39
C THR A 225 -0.01 25.78 -58.84
N THR A 226 -1.08 25.10 -58.43
CA THR A 226 -1.39 23.70 -58.66
C THR A 226 -2.90 23.51 -58.94
N SER A 227 -3.60 24.59 -59.35
CA SER A 227 -5.02 24.72 -59.66
C SER A 227 -5.88 24.75 -58.38
N SER A 228 -5.92 23.63 -57.65
CA SER A 228 -6.67 23.43 -56.42
C SER A 228 -5.88 24.06 -55.25
N THR A 229 -6.28 25.26 -54.84
CA THR A 229 -5.64 26.04 -53.79
C THR A 229 -6.30 25.63 -52.46
N ARG A 230 -5.87 24.49 -51.91
CA ARG A 230 -6.39 23.86 -50.68
C ARG A 230 -5.52 24.21 -49.45
N ALA A 231 -4.61 25.19 -49.58
CA ALA A 231 -3.70 25.63 -48.52
C ALA A 231 -4.34 26.67 -47.58
N THR A 232 -5.43 27.32 -48.01
CA THR A 232 -6.15 28.39 -47.31
C THR A 232 -6.68 28.04 -45.90
N PRO A 233 -7.32 26.86 -45.63
CA PRO A 233 -7.77 26.45 -44.28
C PRO A 233 -6.67 26.49 -43.20
N ALA A 234 -7.04 26.84 -41.96
CA ALA A 234 -6.18 26.88 -40.79
C ALA A 234 -6.99 26.49 -39.53
N PRO A 235 -6.37 25.88 -38.50
CA PRO A 235 -7.06 25.50 -37.25
C PRO A 235 -7.26 26.68 -36.27
N SER A 236 -6.58 27.80 -36.50
CA SER A 236 -6.63 29.03 -35.73
C SER A 236 -6.46 30.23 -36.67
N ALA A 237 -7.13 31.35 -36.40
CA ALA A 237 -6.94 32.61 -37.11
C ALA A 237 -5.75 33.37 -36.49
N PRO A 238 -4.93 34.09 -37.28
CA PRO A 238 -3.72 34.79 -36.80
C PRO A 238 -4.01 36.12 -36.07
N ALA A 239 -4.95 36.13 -35.12
CA ALA A 239 -5.34 37.28 -34.31
C ALA A 239 -5.86 36.82 -32.93
N ALA A 240 -7.08 36.27 -32.91
CA ALA A 240 -7.81 35.78 -31.75
C ALA A 240 -8.82 34.72 -32.19
N ALA A 241 -9.81 34.42 -31.34
CA ALA A 241 -10.94 33.49 -31.51
C ALA A 241 -10.59 32.05 -31.09
N SER A 242 -11.58 31.17 -31.17
CA SER A 242 -11.52 29.75 -30.79
C SER A 242 -10.65 28.94 -31.78
N ALA A 243 -10.11 27.81 -31.30
CA ALA A 243 -9.28 26.88 -32.04
C ALA A 243 -9.55 25.44 -31.55
N THR A 244 -9.08 24.44 -32.31
CA THR A 244 -9.21 23.01 -32.02
C THR A 244 -7.99 22.28 -32.61
N SER A 245 -7.70 21.07 -32.11
CA SER A 245 -6.65 20.17 -32.58
C SER A 245 -7.12 18.71 -32.43
N PRO A 246 -6.62 17.74 -33.23
CA PRO A 246 -7.08 16.34 -33.24
C PRO A 246 -6.54 15.51 -32.05
N SER A 247 -6.83 15.95 -30.82
CA SER A 247 -6.56 15.23 -29.57
C SER A 247 -7.66 15.58 -28.53
N PRO A 248 -8.92 15.12 -28.71
CA PRO A 248 -10.02 15.42 -27.79
C PRO A 248 -9.93 14.54 -26.52
N ALA A 249 -10.26 15.13 -25.36
CA ALA A 249 -10.40 14.51 -24.03
C ALA A 249 -9.12 13.75 -23.58
N PRO A 250 -8.00 14.46 -23.30
CA PRO A 250 -6.73 13.82 -22.91
C PRO A 250 -6.76 13.25 -21.48
N SER A 251 -7.39 13.96 -20.53
CA SER A 251 -7.53 13.59 -19.12
C SER A 251 -8.97 13.83 -18.61
N SER A 252 -9.90 14.17 -19.51
CA SER A 252 -11.28 14.55 -19.21
C SER A 252 -12.16 13.28 -19.13
N GLY A 253 -12.95 13.15 -18.06
CA GLY A 253 -13.90 12.05 -17.84
C GLY A 253 -13.49 11.19 -16.63
N ASN A 254 -14.29 10.16 -16.34
CA ASN A 254 -14.02 9.13 -15.34
C ASN A 254 -14.69 7.81 -15.72
N GLY A 255 -15.97 7.85 -16.10
CA GLY A 255 -16.78 6.73 -16.55
C GLY A 255 -17.89 6.41 -15.55
N ALA A 256 -18.34 5.16 -15.54
CA ALA A 256 -19.24 4.59 -14.53
C ALA A 256 -18.42 4.08 -13.33
N SER A 257 -19.11 3.68 -12.25
CA SER A 257 -18.49 3.09 -11.05
C SER A 257 -17.96 1.65 -11.30
N THR A 258 -18.65 0.90 -12.17
CA THR A 258 -18.36 -0.43 -12.72
C THR A 258 -18.58 -1.58 -11.71
N ALA A 259 -18.83 -2.80 -12.21
CA ALA A 259 -19.16 -3.99 -11.42
C ALA A 259 -17.93 -4.59 -10.70
N ALA A 260 -16.73 -4.25 -11.16
CA ALA A 260 -15.44 -4.55 -10.56
C ALA A 260 -14.48 -3.38 -10.85
N SER A 261 -13.36 -3.30 -10.13
CA SER A 261 -12.28 -2.34 -10.33
C SER A 261 -10.92 -2.97 -9.94
N PRO A 262 -10.40 -3.96 -10.70
CA PRO A 262 -9.16 -4.67 -10.34
C PRO A 262 -7.90 -3.84 -10.63
N THR A 263 -6.92 -3.93 -9.74
CA THR A 263 -5.57 -3.36 -9.86
C THR A 263 -4.64 -4.37 -10.56
N GLN A 264 -3.48 -3.90 -11.03
CA GLN A 264 -2.43 -4.70 -11.67
C GLN A 264 -1.11 -4.52 -10.88
N PRO A 265 -0.88 -5.26 -9.78
CA PRO A 265 0.36 -5.16 -8.98
C PRO A 265 1.52 -5.92 -9.65
N ILE A 266 2.75 -5.64 -9.18
CA ILE A 266 4.01 -6.23 -9.65
C ILE A 266 4.69 -6.89 -8.43
N GLN A 267 3.89 -7.61 -7.62
CA GLN A 267 4.25 -8.34 -6.39
C GLN A 267 4.44 -7.42 -5.17
N LEU A 268 4.18 -6.11 -5.34
CA LEU A 268 4.44 -5.04 -4.37
C LEU A 268 3.59 -5.18 -3.10
N SER A 269 2.38 -5.76 -3.23
CA SER A 269 1.48 -6.08 -2.14
C SER A 269 2.06 -7.16 -1.20
N ASP A 270 2.68 -8.20 -1.75
CA ASP A 270 3.35 -9.27 -1.00
C ASP A 270 4.62 -8.73 -0.31
N LEU A 271 5.38 -7.89 -1.02
CA LEU A 271 6.60 -7.24 -0.54
C LEU A 271 6.32 -6.19 0.55
N GLN A 272 5.12 -5.61 0.61
CA GLN A 272 4.64 -4.77 1.72
C GLN A 272 4.17 -5.65 2.89
N SER A 273 3.44 -6.74 2.62
CA SER A 273 2.83 -7.60 3.64
C SER A 273 3.90 -8.36 4.47
N ILE A 274 5.03 -8.76 3.87
CA ILE A 274 6.14 -9.40 4.59
C ILE A 274 6.88 -8.39 5.52
N LEU A 275 6.92 -7.10 5.17
CA LEU A 275 7.46 -6.04 6.03
C LEU A 275 6.47 -5.72 7.17
N ALA A 276 5.16 -5.71 6.88
CA ALA A 276 4.09 -5.52 7.87
C ALA A 276 4.03 -6.66 8.90
N THR A 277 4.37 -7.89 8.50
CA THR A 277 4.49 -9.06 9.39
C THR A 277 5.64 -8.87 10.43
N MET A 278 6.60 -7.97 10.17
CA MET A 278 7.71 -7.60 11.04
C MET A 278 7.52 -6.19 11.64
N ASN A 279 6.33 -5.58 11.49
CA ASN A 279 6.01 -4.21 11.87
C ASN A 279 4.54 -4.14 12.34
N VAL A 280 3.79 -3.09 11.97
CA VAL A 280 2.38 -2.87 12.30
C VAL A 280 1.46 -3.87 11.55
N PRO A 281 0.30 -4.26 12.11
CA PRO A 281 -0.59 -5.24 11.50
C PRO A 281 -1.37 -4.67 10.30
N ALA A 282 -0.90 -4.99 9.08
CA ALA A 282 -1.67 -4.81 7.83
C ALA A 282 -2.44 -6.10 7.48
N GLY A 283 -2.10 -7.22 8.11
CA GLY A 283 -2.52 -8.58 7.79
C GLY A 283 -1.31 -9.43 7.40
N PRO A 284 -1.40 -10.78 7.41
CA PRO A 284 -0.27 -11.67 7.12
C PRO A 284 0.01 -11.80 5.61
N ALA A 285 -1.03 -11.85 4.77
CA ALA A 285 -0.97 -12.04 3.32
C ALA A 285 -2.11 -11.28 2.62
N GLY A 286 -2.36 -10.04 3.05
CA GLY A 286 -3.47 -9.19 2.64
C GLY A 286 -4.32 -8.78 3.85
N GLY A 287 -5.02 -7.65 3.74
CA GLY A 287 -5.86 -7.05 4.78
C GLY A 287 -7.29 -6.78 4.31
N GLN A 288 -8.19 -6.48 5.27
CA GLN A 288 -9.61 -6.17 5.06
C GLN A 288 -10.11 -5.10 6.05
N GLN A 289 -9.49 -5.04 7.24
CA GLN A 289 -9.70 -4.17 8.40
C GLN A 289 -10.23 -2.75 8.14
N VAL A 290 -9.37 -1.86 7.62
CA VAL A 290 -9.64 -0.45 7.40
C VAL A 290 -10.71 -0.19 6.31
N ASP A 291 -10.86 -1.10 5.34
CA ASP A 291 -11.91 -1.04 4.32
C ASP A 291 -13.30 -1.30 4.91
N LEU A 292 -13.39 -2.13 5.97
CA LEU A 292 -14.63 -2.36 6.70
C LEU A 292 -14.85 -1.26 7.75
N ALA A 293 -13.83 -0.94 8.56
CA ALA A 293 -13.96 -0.10 9.75
C ALA A 293 -14.42 1.35 9.48
N SER A 294 -14.14 1.89 8.29
CA SER A 294 -14.59 3.22 7.86
C SER A 294 -16.04 3.21 7.29
N VAL A 295 -16.60 2.03 7.01
CA VAL A 295 -17.98 1.84 6.55
C VAL A 295 -18.81 1.41 7.78
N LEU A 296 -18.40 0.32 8.42
CA LEU A 296 -18.99 -0.29 9.60
C LEU A 296 -18.33 0.36 10.82
N THR A 297 -18.64 1.65 11.03
CA THR A 297 -18.14 2.49 12.12
C THR A 297 -18.67 2.03 13.50
N PRO A 298 -18.02 2.42 14.62
CA PRO A 298 -18.35 1.95 15.99
C PRO A 298 -19.83 1.98 16.41
N GLU A 299 -20.64 2.93 15.92
CA GLU A 299 -22.06 3.05 16.22
C GLU A 299 -22.91 1.85 15.75
N ILE A 300 -22.47 1.14 14.70
CA ILE A 300 -23.13 -0.06 14.19
C ILE A 300 -22.53 -1.30 14.86
N MET A 301 -21.20 -1.35 15.06
CA MET A 301 -20.47 -2.55 15.45
C MET A 301 -20.37 -2.75 16.98
N ALA A 302 -20.41 -1.68 17.79
CA ALA A 302 -20.35 -1.71 19.26
C ALA A 302 -21.19 -2.78 19.99
N PRO A 303 -22.51 -2.93 19.74
CA PRO A 303 -23.32 -3.98 20.38
C PRO A 303 -23.06 -5.39 19.83
N ILE A 304 -22.46 -5.54 18.65
CA ILE A 304 -22.07 -6.82 18.06
C ILE A 304 -20.77 -7.27 18.76
N LEU A 305 -19.78 -6.37 18.86
CA LEU A 305 -18.46 -6.61 19.45
C LEU A 305 -18.51 -6.79 20.98
N ALA A 306 -19.57 -6.30 21.65
CA ALA A 306 -19.79 -6.42 23.09
C ALA A 306 -20.41 -7.77 23.50
N ASN A 307 -20.76 -8.64 22.54
CA ASN A 307 -21.36 -9.95 22.78
C ASN A 307 -20.24 -10.97 23.08
N ALA A 308 -20.40 -11.75 24.15
CA ALA A 308 -19.45 -12.75 24.64
C ALA A 308 -19.10 -13.83 23.60
N ASP A 309 -20.07 -14.28 22.79
CA ASP A 309 -19.89 -15.33 21.78
C ASP A 309 -19.12 -14.81 20.55
N VAL A 310 -19.07 -13.49 20.34
CA VAL A 310 -18.23 -12.84 19.33
C VAL A 310 -16.84 -12.60 19.95
N GLN A 311 -16.75 -12.10 21.19
CA GLN A 311 -15.50 -11.82 21.92
C GLN A 311 -14.58 -13.04 22.04
N GLU A 312 -15.13 -14.21 22.42
CA GLU A 312 -14.39 -15.46 22.58
C GLU A 312 -13.85 -16.03 21.25
N ARG A 313 -14.35 -15.56 20.10
CA ARG A 313 -13.84 -15.90 18.78
C ARG A 313 -12.79 -14.87 18.32
N LEU A 314 -13.00 -13.58 18.60
CA LEU A 314 -12.09 -12.49 18.23
C LEU A 314 -10.81 -12.51 19.07
N LEU A 315 -10.93 -12.45 20.41
CA LEU A 315 -9.81 -12.35 21.38
C LEU A 315 -8.59 -13.28 21.19
N PRO A 316 -8.71 -14.59 20.82
CA PRO A 316 -7.54 -15.43 20.53
C PRO A 316 -6.91 -15.24 19.13
N TYR A 317 -7.51 -14.49 18.20
CA TYR A 317 -7.06 -14.41 16.80
C TYR A 317 -5.97 -13.33 16.58
N LEU A 318 -5.73 -12.44 17.55
CA LEU A 318 -4.69 -11.41 17.47
C LEU A 318 -3.28 -12.02 17.67
N PRO A 319 -2.24 -11.53 16.96
CA PRO A 319 -0.88 -12.11 16.99
C PRO A 319 0.00 -11.66 18.17
N SER A 320 -0.51 -10.88 19.13
CA SER A 320 0.24 -10.25 20.22
C SER A 320 -0.57 -10.30 21.54
N GLY A 321 -0.32 -9.37 22.45
CA GLY A 321 -0.93 -9.23 23.78
C GLY A 321 -1.79 -7.96 23.90
N GLU A 322 -2.10 -7.33 22.75
CA GLU A 322 -3.04 -6.21 22.57
C GLU A 322 -4.49 -6.67 22.80
N SER A 323 -5.43 -5.72 22.93
CA SER A 323 -6.84 -5.95 23.26
C SER A 323 -7.75 -4.78 22.85
N LEU A 324 -9.06 -5.01 22.87
CA LEU A 324 -10.15 -4.08 22.59
C LEU A 324 -11.09 -4.00 23.83
N PRO A 325 -11.92 -2.95 23.99
CA PRO A 325 -12.94 -2.87 25.05
C PRO A 325 -14.10 -3.88 24.84
N GLN A 326 -14.92 -4.08 25.88
CA GLN A 326 -15.83 -5.23 26.02
C GLN A 326 -17.26 -4.86 26.41
N THR A 327 -17.63 -3.58 26.36
CA THR A 327 -18.96 -3.04 26.61
C THR A 327 -19.26 -2.00 25.52
N ALA A 328 -20.49 -2.00 24.98
CA ALA A 328 -20.90 -1.19 23.83
C ALA A 328 -20.78 0.32 24.08
N ASP A 329 -20.97 0.74 25.34
CA ASP A 329 -20.78 2.10 25.84
C ASP A 329 -19.35 2.61 25.65
N GLU A 330 -18.35 1.74 25.86
CA GLU A 330 -16.94 2.04 25.73
C GLU A 330 -16.50 1.87 24.27
N ILE A 331 -16.91 0.79 23.58
CA ILE A 331 -16.55 0.49 22.18
C ILE A 331 -17.02 1.60 21.22
N GLN A 332 -18.21 2.17 21.45
CA GLN A 332 -18.79 3.21 20.60
C GLN A 332 -18.09 4.57 20.78
N ASN A 333 -17.57 4.86 21.98
CA ASN A 333 -17.22 6.23 22.41
C ASN A 333 -15.74 6.42 22.78
N THR A 334 -15.06 5.37 23.26
CA THR A 334 -13.79 5.47 23.98
C THR A 334 -12.85 4.33 23.53
N LEU A 335 -12.26 4.48 22.34
CA LEU A 335 -11.14 3.70 21.84
C LEU A 335 -10.22 4.59 20.99
N THR A 336 -8.94 4.24 20.90
CA THR A 336 -7.87 5.06 20.31
C THR A 336 -7.87 5.00 18.76
N SER A 337 -8.60 4.02 18.19
CA SER A 337 -8.77 3.66 16.77
C SER A 337 -8.11 2.34 16.32
N PRO A 338 -6.79 2.09 16.50
CA PRO A 338 -6.13 0.82 16.10
C PRO A 338 -6.81 -0.47 16.58
N GLN A 339 -7.25 -0.50 17.84
CA GLN A 339 -7.91 -1.64 18.48
C GLN A 339 -9.32 -1.93 17.90
N PHE A 340 -9.99 -0.93 17.29
CA PHE A 340 -11.25 -1.12 16.58
C PHE A 340 -10.97 -1.75 15.19
N GLN A 341 -9.95 -1.27 14.48
CA GLN A 341 -9.54 -1.78 13.17
C GLN A 341 -9.01 -3.22 13.27
N GLN A 342 -8.28 -3.52 14.35
CA GLN A 342 -7.85 -4.85 14.79
C GLN A 342 -9.06 -5.79 14.97
N ALA A 343 -10.06 -5.39 15.75
CA ALA A 343 -11.32 -6.11 15.95
C ALA A 343 -12.05 -6.37 14.63
N LEU A 344 -12.22 -5.33 13.80
CA LEU A 344 -12.80 -5.38 12.46
C LEU A 344 -11.93 -6.10 11.41
N GLY A 345 -10.77 -6.65 11.80
CA GLY A 345 -9.89 -7.46 10.97
C GLY A 345 -9.88 -8.92 11.43
N MET A 346 -10.02 -9.16 12.74
CA MET A 346 -10.23 -10.49 13.33
C MET A 346 -11.67 -10.99 13.05
N PHE A 347 -12.63 -10.06 12.96
CA PHE A 347 -14.01 -10.27 12.54
C PHE A 347 -14.09 -10.86 11.12
N SER A 348 -13.24 -10.38 10.20
CA SER A 348 -13.17 -10.79 8.80
C SER A 348 -12.79 -12.27 8.65
N ALA A 349 -11.94 -12.81 9.53
CA ALA A 349 -11.46 -14.19 9.50
C ALA A 349 -12.60 -15.18 9.82
N ALA A 350 -13.47 -14.83 10.77
CA ALA A 350 -14.65 -15.62 11.14
C ALA A 350 -15.78 -15.44 10.11
N LEU A 351 -15.97 -14.20 9.64
CA LEU A 351 -17.00 -13.82 8.68
C LEU A 351 -16.73 -14.44 7.29
N ALA A 352 -15.48 -14.44 6.81
CA ALA A 352 -15.09 -14.99 5.51
C ALA A 352 -15.14 -16.52 5.48
N SER A 353 -14.87 -17.17 6.61
CA SER A 353 -14.95 -18.63 6.77
C SER A 353 -16.42 -19.08 6.83
N GLY A 354 -17.31 -18.24 7.36
CA GLY A 354 -18.77 -18.43 7.35
C GLY A 354 -19.32 -18.79 8.73
N GLN A 355 -18.44 -19.06 9.70
CA GLN A 355 -18.76 -19.55 11.05
C GLN A 355 -19.48 -18.50 11.90
N LEU A 356 -19.29 -17.20 11.60
CA LEU A 356 -19.86 -16.08 12.34
C LEU A 356 -21.35 -15.87 11.96
N GLY A 357 -21.71 -16.17 10.70
CA GLY A 357 -23.04 -16.31 10.11
C GLY A 357 -24.22 -16.48 11.09
N PRO A 358 -24.36 -17.66 11.74
CA PRO A 358 -25.37 -17.95 12.78
C PRO A 358 -25.57 -16.91 13.90
N LEU A 359 -24.54 -16.13 14.27
CA LEU A 359 -24.63 -15.10 15.32
C LEU A 359 -25.25 -13.82 14.73
N MET A 360 -24.99 -13.50 13.46
CA MET A 360 -25.49 -12.31 12.77
C MET A 360 -27.01 -12.32 12.62
N CYS A 361 -27.61 -13.52 12.60
CA CYS A 361 -29.05 -13.77 12.60
C CYS A 361 -29.75 -13.32 13.89
N GLN A 362 -29.02 -13.23 15.01
CA GLN A 362 -29.58 -13.02 16.35
C GLN A 362 -29.70 -11.52 16.68
N PHE A 363 -28.83 -10.67 16.13
CA PHE A 363 -28.74 -9.25 16.47
C PHE A 363 -29.80 -8.39 15.75
N GLY A 364 -30.22 -8.80 14.55
CA GLY A 364 -31.25 -8.09 13.77
C GLY A 364 -30.68 -7.33 12.57
N LEU A 365 -29.48 -7.71 12.11
CA LEU A 365 -28.78 -7.13 10.95
C LEU A 365 -29.54 -7.40 9.62
N PRO A 366 -29.33 -6.60 8.55
CA PRO A 366 -29.99 -6.76 7.23
C PRO A 366 -29.95 -8.19 6.68
N ALA A 367 -31.08 -8.70 6.16
CA ALA A 367 -31.25 -10.09 5.71
C ALA A 367 -30.26 -10.51 4.61
N GLU A 368 -29.92 -9.57 3.70
CA GLU A 368 -28.93 -9.73 2.65
C GLU A 368 -27.51 -9.89 3.24
N ALA A 369 -27.19 -9.14 4.31
CA ALA A 369 -25.91 -9.19 5.01
C ALA A 369 -25.80 -10.48 5.83
N VAL A 370 -26.87 -10.87 6.52
CA VAL A 370 -26.98 -12.12 7.30
C VAL A 370 -26.81 -13.35 6.40
N GLU A 371 -27.45 -13.37 5.22
CA GLU A 371 -27.25 -14.40 4.20
C GLU A 371 -25.79 -14.43 3.70
N ALA A 372 -25.22 -13.26 3.37
CA ALA A 372 -23.83 -13.10 2.93
C ALA A 372 -22.81 -13.60 3.95
N ALA A 373 -23.05 -13.34 5.25
CA ALA A 373 -22.21 -13.77 6.37
C ALA A 373 -22.26 -15.30 6.58
N ASN A 374 -23.34 -15.96 6.17
CA ASN A 374 -23.49 -17.42 6.24
C ASN A 374 -22.85 -18.10 5.02
N LYS A 375 -22.79 -17.44 3.85
CA LYS A 375 -22.06 -17.94 2.68
C LYS A 375 -20.55 -17.69 2.83
N GLY A 376 -20.16 -16.53 3.36
CA GLY A 376 -18.78 -16.12 3.62
C GLY A 376 -18.36 -14.88 2.80
N ASP A 377 -19.31 -14.10 2.28
CA ASP A 377 -19.08 -12.94 1.42
C ASP A 377 -19.02 -11.68 2.31
N VAL A 378 -17.80 -11.26 2.67
CA VAL A 378 -17.50 -10.08 3.49
C VAL A 378 -17.90 -8.78 2.75
N GLU A 379 -17.70 -8.75 1.44
CA GLU A 379 -18.02 -7.63 0.54
C GLU A 379 -19.52 -7.31 0.55
N ALA A 380 -20.37 -8.35 0.41
CA ALA A 380 -21.82 -8.24 0.38
C ALA A 380 -22.39 -7.94 1.78
N PHE A 381 -21.77 -8.46 2.85
CA PHE A 381 -22.07 -8.12 4.25
C PHE A 381 -21.90 -6.61 4.51
N ALA A 382 -20.76 -6.06 4.11
CA ALA A 382 -20.42 -4.65 4.27
C ALA A 382 -21.30 -3.76 3.37
N LYS A 383 -21.43 -4.10 2.08
CA LYS A 383 -22.12 -3.28 1.09
C LYS A 383 -23.64 -3.20 1.34
N ALA A 384 -24.25 -4.25 1.91
CA ALA A 384 -25.66 -4.27 2.30
C ALA A 384 -25.97 -3.26 3.42
N MET A 385 -25.05 -3.10 4.38
CA MET A 385 -25.17 -2.10 5.45
C MET A 385 -24.74 -0.71 4.95
N GLN A 386 -23.78 -0.63 4.01
CA GLN A 386 -23.31 0.61 3.37
C GLN A 386 -24.43 1.29 2.57
N ASN A 387 -25.22 0.50 1.81
CA ASN A 387 -26.32 0.99 0.98
C ASN A 387 -27.51 1.47 1.83
N ASN A 388 -27.72 0.86 2.99
CA ASN A 388 -28.81 1.15 3.94
C ASN A 388 -28.36 2.15 5.04
N ALA A 389 -27.19 2.79 4.89
CA ALA A 389 -26.61 3.69 5.89
C ALA A 389 -27.27 5.08 5.91
N LYS A 390 -28.00 5.45 4.84
CA LYS A 390 -28.76 6.69 4.74
C LYS A 390 -30.17 6.47 5.33
N PRO A 391 -30.81 7.50 5.93
CA PRO A 391 -32.21 7.43 6.36
C PRO A 391 -33.14 7.50 5.12
N GLU A 392 -33.68 6.35 4.70
CA GLU A 392 -34.43 6.18 3.45
C GLU A 392 -35.91 6.66 3.59
N GLN A 393 -36.25 7.30 4.70
CA GLN A 393 -37.53 7.98 4.96
C GLN A 393 -37.58 9.37 4.31
N LYS A 394 -36.44 9.87 3.83
CA LYS A 394 -36.23 11.24 3.35
C LYS A 394 -36.83 11.50 1.94
N GLU A 395 -37.15 10.46 1.16
CA GLU A 395 -37.71 10.56 -0.19
C GLU A 395 -39.23 10.88 -0.18
N GLY A 396 -39.59 12.02 0.39
CA GLY A 396 -40.90 12.64 0.32
C GLY A 396 -40.73 13.99 -0.38
N ASP A 397 -41.45 14.20 -1.49
CA ASP A 397 -41.40 15.40 -2.34
C ASP A 397 -42.59 15.36 -3.31
N THR A 398 -42.59 14.37 -4.21
CA THR A 398 -43.59 14.18 -5.25
C THR A 398 -43.97 12.70 -5.50
N LYS A 399 -43.47 11.75 -4.69
CA LYS A 399 -43.91 10.36 -4.72
C LYS A 399 -45.17 10.17 -3.86
N ASP A 400 -45.40 11.12 -2.94
CA ASP A 400 -46.41 11.22 -1.89
C ASP A 400 -47.85 11.22 -2.42
N LYS A 401 -48.06 11.71 -3.65
CA LYS A 401 -49.35 11.75 -4.34
C LYS A 401 -49.71 10.38 -4.95
N LYS A 402 -48.71 9.51 -5.18
CA LYS A 402 -48.81 8.08 -5.50
C LYS A 402 -49.35 7.80 -6.92
N ASP A 403 -49.45 8.84 -7.76
CA ASP A 403 -49.97 8.85 -9.14
C ASP A 403 -51.52 8.86 -9.19
N GLU A 404 -52.19 9.04 -8.04
CA GLU A 404 -53.63 9.06 -7.90
C GLU A 404 -54.15 10.48 -8.23
N GLU A 405 -54.91 10.60 -9.33
CA GLU A 405 -55.42 11.87 -9.85
C GLU A 405 -56.82 12.20 -9.30
N GLU A 406 -57.63 11.18 -8.97
CA GLU A 406 -58.99 11.31 -8.50
C GLU A 406 -58.98 11.44 -6.96
N ASP A 407 -59.59 12.51 -6.44
CA ASP A 407 -59.73 12.77 -5.00
C ASP A 407 -61.05 12.18 -4.47
N MET A 408 -61.16 12.02 -3.16
CA MET A 408 -62.29 11.48 -2.42
C MET A 408 -63.26 12.60 -2.00
N SER A 409 -64.36 12.23 -1.34
CA SER A 409 -65.42 13.05 -0.72
C SER A 409 -66.63 13.33 -1.62
N LEU A 410 -66.56 12.97 -2.91
CA LEU A 410 -67.65 12.88 -3.90
C LEU A 410 -68.11 14.26 -4.45
N ASP A 411 -67.41 15.34 -4.13
CA ASP A 411 -67.68 16.72 -4.54
C ASP A 411 -66.34 17.45 -4.66
N MET A 5 33.97 36.26 -31.28
CA MET A 5 35.43 36.13 -31.15
C MET A 5 35.76 35.02 -30.14
N THR A 6 37.01 34.55 -30.13
CA THR A 6 37.63 33.65 -29.14
C THR A 6 37.05 32.22 -29.19
N THR A 7 36.87 31.70 -30.41
CA THR A 7 36.50 30.33 -30.79
C THR A 7 34.99 30.05 -30.58
N SER A 8 34.59 28.77 -30.50
CA SER A 8 33.21 28.32 -30.58
C SER A 8 32.44 28.47 -29.25
N GLY A 9 33.10 28.87 -28.16
CA GLY A 9 32.55 29.14 -26.84
C GLY A 9 33.38 28.37 -25.80
N ALA A 10 32.72 27.62 -24.92
CA ALA A 10 33.38 26.66 -24.02
C ALA A 10 33.57 25.29 -24.71
N LEU A 11 32.89 25.08 -25.84
CA LEU A 11 32.86 23.91 -26.74
C LEU A 11 31.98 22.79 -26.17
N PHE A 12 32.17 22.48 -24.90
CA PHE A 12 31.50 21.46 -24.10
C PHE A 12 31.02 22.09 -22.78
N PRO A 13 30.06 21.47 -22.04
CA PRO A 13 29.62 21.96 -20.72
C PRO A 13 30.71 21.76 -19.65
N SER A 14 30.71 22.59 -18.62
CA SER A 14 31.66 22.63 -17.52
C SER A 14 30.97 23.12 -16.23
N LEU A 15 31.76 23.48 -15.23
CA LEU A 15 31.37 24.06 -13.94
C LEU A 15 30.87 25.50 -14.21
N VAL A 16 29.62 25.78 -13.87
CA VAL A 16 28.94 27.05 -14.17
C VAL A 16 29.33 28.15 -13.15
N PRO A 17 29.29 29.46 -13.54
CA PRO A 17 29.45 30.62 -12.64
C PRO A 17 28.54 30.59 -11.39
N GLY A 18 29.01 31.22 -10.29
CA GLY A 18 28.28 31.33 -9.03
C GLY A 18 28.06 32.81 -8.68
N SER A 19 26.89 33.13 -8.14
CA SER A 19 26.49 34.46 -7.65
C SER A 19 26.87 34.53 -6.16
N ARG A 20 28.17 34.43 -5.87
CA ARG A 20 28.85 34.34 -4.56
C ARG A 20 28.84 32.90 -4.02
N GLY A 21 27.74 32.17 -4.25
CA GLY A 21 27.56 30.75 -3.96
C GLY A 21 27.25 29.99 -5.25
N ALA A 22 27.43 28.67 -5.23
CA ALA A 22 27.28 27.75 -6.36
C ALA A 22 26.65 26.42 -5.91
N SER A 23 25.51 26.51 -5.20
CA SER A 23 24.71 25.41 -4.66
C SER A 23 25.27 24.94 -3.30
N ASN A 24 25.65 25.91 -2.46
CA ASN A 24 26.23 25.71 -1.12
C ASN A 24 25.13 25.36 -0.12
N LYS A 25 25.42 24.42 0.79
CA LYS A 25 24.54 23.87 1.83
C LYS A 25 23.61 22.81 1.24
N TYR A 26 22.31 23.09 1.16
CA TYR A 26 21.29 22.17 0.67
C TYR A 26 21.25 22.22 -0.87
N LEU A 27 20.99 21.07 -1.50
CA LEU A 27 20.78 20.92 -2.94
C LEU A 27 19.32 21.23 -3.30
N VAL A 28 18.37 20.85 -2.44
CA VAL A 28 16.94 21.14 -2.52
C VAL A 28 16.43 21.43 -1.10
N GLU A 29 15.39 22.26 -0.97
CA GLU A 29 14.76 22.70 0.26
C GLU A 29 13.27 22.98 -0.05
N PHE A 30 12.33 22.35 0.67
CA PHE A 30 10.88 22.60 0.54
C PHE A 30 10.15 22.25 1.84
N ARG A 31 9.02 22.92 2.12
CA ARG A 31 8.21 22.68 3.31
C ARG A 31 7.16 21.59 2.97
N ALA A 32 7.24 20.46 3.67
CA ALA A 32 6.39 19.29 3.48
C ALA A 32 6.28 18.49 4.78
N GLY A 33 5.12 17.86 4.98
CA GLY A 33 4.77 17.03 6.12
C GLY A 33 4.76 15.57 5.68
N LYS A 34 4.52 14.66 6.62
CA LYS A 34 4.65 13.20 6.45
C LYS A 34 3.43 12.46 7.01
N MET A 35 3.35 11.17 6.70
CA MET A 35 2.38 10.21 7.20
C MET A 35 3.16 9.07 7.86
N SER A 36 2.64 8.52 8.96
CA SER A 36 3.24 7.42 9.71
C SER A 36 2.12 6.57 10.36
N LEU A 37 2.47 5.37 10.81
CA LEU A 37 1.56 4.41 11.44
C LEU A 37 1.47 4.70 12.95
N LYS A 38 0.24 4.81 13.46
CA LYS A 38 -0.10 5.00 14.87
C LYS A 38 -0.56 3.65 15.48
N GLY A 39 -0.16 2.53 14.85
CA GLY A 39 -0.67 1.19 15.06
C GLY A 39 -1.17 0.71 13.71
N THR A 40 -2.42 0.24 13.63
CA THR A 40 -3.11 -0.20 12.42
C THR A 40 -3.40 1.00 11.48
N THR A 41 -3.62 2.19 12.05
CA THR A 41 -4.07 3.40 11.38
C THR A 41 -2.84 4.18 10.89
N VAL A 42 -2.82 4.54 9.59
CA VAL A 42 -1.88 5.50 9.01
C VAL A 42 -2.45 6.90 9.32
N THR A 43 -1.66 7.77 9.94
CA THR A 43 -2.03 9.10 10.42
C THR A 43 -1.06 10.14 9.84
N PRO A 44 -1.53 11.34 9.41
CA PRO A 44 -0.65 12.46 9.03
C PRO A 44 -0.07 13.13 10.29
N ASP A 45 1.24 13.41 10.29
CA ASP A 45 1.94 14.10 11.38
C ASP A 45 1.81 15.60 11.10
N LYS A 46 1.08 16.30 11.98
CA LYS A 46 0.54 17.64 11.75
C LYS A 46 1.51 18.77 12.17
N ARG A 47 2.67 18.44 12.74
CA ARG A 47 3.77 19.37 12.99
C ARG A 47 4.42 19.72 11.63
N LYS A 48 4.72 21.01 11.43
CA LYS A 48 5.21 21.56 10.17
C LYS A 48 6.67 21.13 9.92
N GLY A 49 6.95 20.57 8.74
CA GLY A 49 8.22 19.99 8.38
C GLY A 49 8.91 20.73 7.25
N LEU A 50 10.24 20.70 7.24
CA LEU A 50 11.11 21.05 6.13
C LEU A 50 11.73 19.73 5.63
N VAL A 51 11.62 19.45 4.34
CA VAL A 51 12.43 18.45 3.66
C VAL A 51 13.60 19.21 3.05
N TYR A 52 14.80 18.66 3.14
CA TYR A 52 15.99 19.13 2.46
C TYR A 52 16.83 17.96 1.97
N ILE A 53 17.59 18.20 0.89
CA ILE A 53 18.52 17.26 0.28
C ILE A 53 19.91 17.90 0.41
N GLN A 54 20.89 17.11 0.81
CA GLN A 54 22.29 17.44 1.01
C GLN A 54 23.13 16.31 0.39
N GLN A 55 24.46 16.35 0.58
CA GLN A 55 25.41 15.36 0.08
C GLN A 55 26.46 15.10 1.18
N THR A 56 26.88 13.84 1.33
CA THR A 56 27.87 13.41 2.32
C THR A 56 29.30 13.59 1.75
N ASP A 57 30.32 13.44 2.61
CA ASP A 57 31.75 13.45 2.25
C ASP A 57 32.12 12.32 1.27
N ASP A 58 31.37 11.22 1.30
CA ASP A 58 31.47 10.04 0.41
C ASP A 58 31.00 10.35 -1.02
N SER A 59 30.26 11.46 -1.21
CA SER A 59 29.69 11.96 -2.46
C SER A 59 28.26 11.43 -2.71
N LEU A 60 27.71 10.65 -1.75
CA LEU A 60 26.35 10.12 -1.77
C LEU A 60 25.38 11.20 -1.29
N ILE A 61 24.13 11.15 -1.76
CA ILE A 61 23.06 12.08 -1.39
C ILE A 61 22.58 11.76 0.05
N HIS A 62 22.22 12.80 0.80
CA HIS A 62 21.63 12.73 2.11
C HIS A 62 20.25 13.39 2.03
N PHE A 63 19.18 12.63 2.24
CA PHE A 63 17.81 13.10 2.32
C PHE A 63 17.50 13.29 3.82
N CYS A 64 16.81 14.38 4.18
CA CYS A 64 16.52 14.75 5.56
C CYS A 64 15.14 15.42 5.65
N TRP A 65 14.31 14.99 6.62
CA TRP A 65 13.12 15.68 7.07
C TRP A 65 13.43 16.21 8.48
N LYS A 66 13.12 17.48 8.75
CA LYS A 66 13.29 18.15 10.02
C LYS A 66 12.01 18.90 10.37
N ASP A 67 11.54 18.77 11.62
CA ASP A 67 10.38 19.47 12.16
C ASP A 67 10.77 20.94 12.42
N ARG A 68 9.91 21.87 12.04
CA ARG A 68 10.05 23.31 12.26
C ARG A 68 9.25 23.75 13.51
N THR A 69 8.46 22.87 14.14
CA THR A 69 7.62 23.17 15.30
C THR A 69 8.48 23.02 16.57
N SER A 70 9.04 21.83 16.84
CA SER A 70 9.87 21.54 18.01
C SER A 70 11.35 21.67 17.67
N GLY A 71 11.75 21.44 16.40
CA GLY A 71 13.11 21.58 15.89
C GLY A 71 13.79 20.23 15.61
N ASN A 72 13.07 19.12 15.79
CA ASN A 72 13.60 17.75 15.83
C ASN A 72 13.91 17.25 14.41
N VAL A 73 15.12 16.72 14.20
CA VAL A 73 15.57 16.06 12.98
C VAL A 73 15.30 14.55 13.17
N GLU A 74 14.07 14.14 12.85
CA GLU A 74 13.56 12.81 13.19
C GLU A 74 13.96 11.74 12.17
N ASP A 75 13.99 12.08 10.88
CA ASP A 75 14.16 11.15 9.77
C ASP A 75 15.23 11.70 8.82
N ASP A 76 16.36 11.01 8.69
CA ASP A 76 17.46 11.34 7.79
C ASP A 76 18.10 10.04 7.30
N LEU A 77 18.42 9.96 6.00
CA LEU A 77 18.86 8.77 5.29
C LEU A 77 19.91 9.17 4.24
N ILE A 78 20.98 8.37 4.09
CA ILE A 78 21.94 8.46 2.98
C ILE A 78 21.36 7.60 1.84
N ILE A 79 21.34 8.17 0.63
CA ILE A 79 20.71 7.65 -0.57
C ILE A 79 21.83 7.33 -1.58
N PHE A 80 21.81 6.11 -2.14
CA PHE A 80 22.70 5.66 -3.20
C PHE A 80 22.07 6.00 -4.58
N PRO A 81 22.88 6.28 -5.62
CA PRO A 81 22.42 6.56 -7.00
C PRO A 81 21.42 5.54 -7.55
N ASP A 82 20.27 6.03 -8.05
CA ASP A 82 19.18 5.31 -8.74
C ASP A 82 18.23 4.53 -7.80
N ASP A 83 18.67 4.25 -6.57
CA ASP A 83 18.04 3.34 -5.61
C ASP A 83 16.71 3.87 -5.02
N CYS A 84 16.50 5.19 -5.06
CA CYS A 84 15.30 5.87 -4.61
C CYS A 84 14.67 6.66 -5.77
N GLU A 85 13.34 6.74 -5.78
CA GLU A 85 12.52 7.43 -6.76
C GLU A 85 11.39 8.18 -6.03
N PHE A 86 11.10 9.41 -6.44
CA PHE A 86 10.12 10.30 -5.84
C PHE A 86 9.07 10.64 -6.91
N LYS A 87 7.79 10.43 -6.60
CA LYS A 87 6.66 10.62 -7.51
C LYS A 87 5.43 11.15 -6.76
N ARG A 88 4.53 11.81 -7.48
CA ARG A 88 3.22 12.28 -7.03
C ARG A 88 2.27 11.07 -6.94
N VAL A 89 1.44 10.99 -5.90
CA VAL A 89 0.40 9.95 -5.78
C VAL A 89 -0.73 10.31 -6.76
N PRO A 90 -1.10 9.44 -7.74
CA PRO A 90 -2.11 9.76 -8.75
C PRO A 90 -3.55 9.67 -8.25
N GLN A 91 -3.78 8.98 -7.13
CA GLN A 91 -5.08 8.82 -6.46
C GLN A 91 -5.41 10.03 -5.57
N CYS A 92 -4.50 10.99 -5.41
CA CYS A 92 -4.72 12.26 -4.72
C CYS A 92 -5.53 13.19 -5.66
N PRO A 93 -6.65 13.80 -5.22
CA PRO A 93 -7.48 14.65 -6.07
C PRO A 93 -6.86 16.03 -6.33
N SER A 94 -6.19 16.63 -5.34
CA SER A 94 -5.57 17.95 -5.45
C SER A 94 -4.14 17.83 -6.00
N GLY A 95 -3.42 16.75 -5.65
CA GLY A 95 -2.08 16.42 -6.17
C GLY A 95 -0.97 16.65 -5.13
N ARG A 96 -1.33 17.03 -3.89
CA ARG A 96 -0.41 17.52 -2.87
C ARG A 96 0.41 16.40 -2.18
N VAL A 97 -0.03 15.14 -2.28
CA VAL A 97 0.62 13.98 -1.66
C VAL A 97 1.62 13.37 -2.67
N TYR A 98 2.82 13.10 -2.18
CA TYR A 98 3.96 12.51 -2.88
C TYR A 98 4.45 11.29 -2.11
N VAL A 99 5.23 10.43 -2.76
CA VAL A 99 5.82 9.23 -2.19
C VAL A 99 7.27 9.10 -2.64
N LEU A 100 8.18 8.89 -1.68
CA LEU A 100 9.56 8.47 -1.88
C LEU A 100 9.54 6.94 -1.77
N LYS A 101 9.78 6.24 -2.88
CA LYS A 101 9.85 4.79 -2.97
C LYS A 101 11.32 4.39 -2.99
N PHE A 102 11.69 3.42 -2.15
CA PHE A 102 13.01 2.81 -2.06
C PHE A 102 12.91 1.48 -2.83
N LYS A 103 13.73 1.30 -3.87
CA LYS A 103 13.67 0.13 -4.76
C LYS A 103 14.22 -1.12 -4.07
N ALA A 104 15.26 -0.98 -3.25
CA ALA A 104 15.77 -2.03 -2.35
C ALA A 104 14.94 -1.98 -1.07
N GLY A 105 14.13 -3.02 -0.84
CA GLY A 105 13.36 -3.24 0.38
C GLY A 105 11.85 -3.13 0.15
N SER A 106 11.44 -2.26 -0.80
CA SER A 106 10.07 -1.96 -1.24
C SER A 106 9.36 -0.91 -0.37
N LYS A 107 10.10 -0.26 0.55
CA LYS A 107 9.65 0.78 1.47
C LYS A 107 9.14 2.01 0.71
N ARG A 108 8.08 2.63 1.24
CA ARG A 108 7.45 3.85 0.75
C ARG A 108 7.30 4.81 1.94
N LEU A 109 7.88 6.00 1.86
CA LEU A 109 7.60 7.11 2.78
C LEU A 109 6.72 8.10 2.01
N PHE A 110 5.50 8.31 2.49
CA PHE A 110 4.52 9.23 1.91
C PHE A 110 4.67 10.60 2.60
N PHE A 111 4.71 11.65 1.78
CA PHE A 111 4.89 13.05 2.15
C PHE A 111 3.77 13.88 1.54
N TRP A 112 3.53 15.09 2.06
CA TRP A 112 2.50 16.01 1.58
C TRP A 112 3.01 17.45 1.62
N MET A 113 2.79 18.20 0.53
CA MET A 113 3.26 19.57 0.32
C MET A 113 2.47 20.55 1.22
N GLN A 114 3.16 21.36 2.02
CA GLN A 114 2.56 22.37 2.89
C GLN A 114 2.45 23.73 2.20
N GLU A 115 3.24 23.98 1.15
CA GLU A 115 3.34 25.27 0.45
C GLU A 115 2.08 25.54 -0.39
N PRO A 116 1.34 26.65 -0.14
CA PRO A 116 0.05 26.93 -0.81
C PRO A 116 0.23 27.48 -2.25
N LYS A 117 1.38 28.08 -2.56
CA LYS A 117 1.77 28.48 -3.91
C LYS A 117 2.37 27.23 -4.59
N THR A 118 1.49 26.37 -5.11
CA THR A 118 1.79 25.06 -5.68
C THR A 118 2.48 25.13 -7.06
N ASP A 119 2.68 26.33 -7.62
CA ASP A 119 3.44 26.62 -8.85
C ASP A 119 4.85 26.01 -8.87
N GLN A 120 5.46 25.88 -7.68
CA GLN A 120 6.79 25.32 -7.47
C GLN A 120 6.76 23.81 -7.16
N ASP A 121 5.61 23.18 -6.89
CA ASP A 121 5.53 21.78 -6.43
C ASP A 121 6.02 20.78 -7.51
N GLU A 122 5.75 21.08 -8.78
CA GLU A 122 6.21 20.33 -9.95
C GLU A 122 7.72 20.54 -10.20
N GLU A 123 8.28 21.70 -9.80
CA GLU A 123 9.69 22.02 -9.92
C GLU A 123 10.47 21.34 -8.77
N HIS A 124 9.86 21.28 -7.57
CA HIS A 124 10.40 20.60 -6.39
C HIS A 124 10.57 19.11 -6.68
N CYS A 125 9.48 18.40 -7.02
CA CYS A 125 9.49 16.95 -7.24
C CYS A 125 10.44 16.50 -8.37
N ARG A 126 10.59 17.35 -9.40
CA ARG A 126 11.55 17.23 -10.50
C ARG A 126 12.99 17.23 -9.95
N LYS A 127 13.38 18.31 -9.26
CA LYS A 127 14.71 18.48 -8.67
C LYS A 127 15.04 17.40 -7.64
N VAL A 128 14.08 17.06 -6.76
CA VAL A 128 14.15 15.96 -5.79
C VAL A 128 14.50 14.63 -6.49
N ASN A 129 13.67 14.20 -7.45
CA ASN A 129 13.83 12.93 -8.15
C ASN A 129 15.14 12.88 -8.98
N GLU A 130 15.52 13.99 -9.63
CA GLU A 130 16.77 14.13 -10.38
C GLU A 130 18.00 13.99 -9.46
N TYR A 131 18.05 14.69 -8.32
CA TYR A 131 19.15 14.61 -7.36
C TYR A 131 19.22 13.24 -6.66
N LEU A 132 18.09 12.65 -6.28
CA LEU A 132 18.03 11.32 -5.66
C LEU A 132 18.51 10.21 -6.62
N ASN A 133 18.19 10.34 -7.91
CA ASN A 133 18.61 9.38 -8.94
C ASN A 133 20.09 9.61 -9.28
N ASN A 134 20.51 10.85 -9.55
CA ASN A 134 21.83 11.20 -10.09
C ASN A 134 22.44 12.34 -9.24
N PRO A 135 23.35 12.05 -8.28
CA PRO A 135 24.09 13.08 -7.54
C PRO A 135 25.01 13.95 -8.42
N PRO A 136 25.56 15.07 -7.89
CA PRO A 136 26.59 15.92 -8.54
C PRO A 136 27.76 15.16 -9.20
N MET A 137 28.27 14.11 -8.56
CA MET A 137 29.07 13.05 -9.20
C MET A 137 28.07 11.90 -9.47
N PRO A 138 27.79 11.53 -10.74
CA PRO A 138 26.80 10.49 -11.12
C PRO A 138 26.88 9.16 -10.33
N GLY A 139 28.08 8.60 -10.19
CA GLY A 139 28.36 7.40 -9.40
C GLY A 139 28.58 6.19 -10.30
N ALA A 140 28.28 5.00 -9.77
CA ALA A 140 28.22 3.72 -10.47
C ALA A 140 27.18 2.84 -9.77
N LEU A 141 26.45 2.02 -10.52
CA LEU A 141 25.40 1.14 -10.00
C LEU A 141 26.04 -0.13 -9.39
N GLY A 142 27.06 -0.68 -10.05
CA GLY A 142 27.91 -1.77 -9.59
C GLY A 142 29.37 -1.34 -9.72
N ALA A 143 30.21 -1.71 -8.75
CA ALA A 143 31.66 -1.46 -8.66
C ALA A 143 31.98 -0.02 -8.25
N SER A 144 33.29 0.29 -8.18
CA SER A 144 33.91 1.58 -7.86
C SER A 144 34.03 1.84 -6.34
N GLY A 145 35.03 2.62 -5.95
CA GLY A 145 35.35 2.97 -4.56
C GLY A 145 36.76 2.48 -4.19
N SER A 146 37.12 2.62 -2.92
CA SER A 146 38.39 2.20 -2.33
C SER A 146 38.19 1.84 -0.86
N SER A 147 38.88 0.79 -0.38
CA SER A 147 38.83 0.32 1.01
C SER A 147 39.75 1.19 1.90
N GLY A 148 39.44 1.25 3.20
CA GLY A 148 40.23 1.90 4.24
C GLY A 148 40.70 0.86 5.25
N HIS A 149 40.46 1.11 6.55
CA HIS A 149 40.69 0.14 7.64
C HIS A 149 39.69 -1.03 7.58
N GLU A 150 39.97 -2.09 8.35
CA GLU A 150 39.20 -3.33 8.42
C GLU A 150 38.93 -3.71 9.89
N LEU A 151 38.82 -2.71 10.76
CA LEU A 151 38.36 -2.83 12.14
C LEU A 151 36.83 -2.70 12.13
N SER A 152 36.13 -3.58 12.87
CA SER A 152 34.68 -3.66 13.04
C SER A 152 33.94 -3.80 11.68
N ALA A 153 34.28 -4.87 10.94
CA ALA A 153 33.87 -5.19 9.58
C ALA A 153 34.61 -4.28 8.59
N LEU A 154 33.87 -3.55 7.74
CA LEU A 154 34.41 -2.53 6.83
C LEU A 154 34.51 -1.15 7.52
N GLY A 155 34.07 -1.04 8.78
CA GLY A 155 34.04 0.17 9.58
C GLY A 155 32.60 0.46 10.02
N GLY A 156 32.43 0.95 11.26
CA GLY A 156 31.15 1.32 11.84
C GLY A 156 30.82 0.35 12.99
N GLU A 157 30.23 -0.79 12.64
CA GLU A 157 29.84 -1.88 13.52
C GLU A 157 29.92 -3.20 12.73
N GLY A 158 30.32 -4.29 13.40
CA GLY A 158 30.39 -5.64 12.86
C GLY A 158 29.57 -6.62 13.71
N GLY A 159 29.86 -7.92 13.57
CA GLY A 159 29.23 -9.01 14.33
C GLY A 159 28.56 -10.05 13.42
N LEU A 160 28.27 -9.70 12.16
CA LEU A 160 27.80 -10.56 11.08
C LEU A 160 26.29 -10.89 11.18
N GLN A 161 25.52 -9.97 11.80
CA GLN A 161 24.06 -10.01 12.02
C GLN A 161 23.69 -10.88 13.25
N SER A 162 22.39 -10.97 13.55
CA SER A 162 21.81 -11.80 14.59
C SER A 162 20.42 -12.27 14.15
N LEU A 163 20.04 -13.52 14.48
CA LEU A 163 18.78 -14.16 14.08
C LEU A 163 18.04 -14.79 15.27
N LEU A 164 18.63 -14.82 16.47
CA LEU A 164 18.06 -15.41 17.68
C LEU A 164 17.10 -14.43 18.37
N GLY A 165 17.32 -13.13 18.19
CA GLY A 165 16.44 -12.03 18.58
C GLY A 165 16.23 -11.10 17.38
N ASN A 166 15.33 -10.12 17.54
CA ASN A 166 15.06 -9.07 16.55
C ASN A 166 16.09 -7.92 16.59
N MET A 167 16.92 -7.89 17.65
CA MET A 167 17.98 -6.92 17.92
C MET A 167 19.17 -7.64 18.55
N SER A 168 20.38 -7.10 18.36
CA SER A 168 21.63 -7.58 18.94
C SER A 168 21.83 -6.98 20.35
N HIS A 169 20.91 -7.29 21.26
CA HIS A 169 20.91 -6.84 22.66
C HIS A 169 21.97 -7.60 23.46
N SER A 170 22.81 -6.86 24.19
CA SER A 170 23.92 -7.35 25.01
C SER A 170 24.06 -6.53 26.31
N GLN A 171 22.95 -5.98 26.78
CA GLN A 171 22.84 -5.02 27.89
C GLN A 171 21.73 -5.41 28.89
N LEU A 172 21.45 -6.72 28.99
CA LEU A 172 20.44 -7.31 29.87
C LEU A 172 20.90 -7.21 31.35
N MET A 173 22.18 -7.48 31.60
CA MET A 173 22.93 -7.24 32.84
C MET A 173 22.44 -8.19 33.96
N GLN A 174 22.59 -7.78 35.24
CA GLN A 174 22.12 -8.50 36.42
C GLN A 174 21.74 -7.49 37.53
N LEU A 175 21.14 -6.37 37.13
CA LEU A 175 20.73 -5.27 38.00
C LEU A 175 19.40 -5.62 38.68
N ILE A 176 19.26 -5.26 39.96
CA ILE A 176 18.12 -5.55 40.85
C ILE A 176 17.64 -4.31 41.61
N GLY A 177 18.06 -3.11 41.18
CA GLY A 177 17.75 -1.81 41.76
C GLY A 177 17.01 -0.92 40.77
N PRO A 178 17.69 -0.35 39.74
CA PRO A 178 17.10 0.48 38.67
C PRO A 178 15.80 -0.06 38.07
N ALA A 179 14.74 0.74 38.13
CA ALA A 179 13.36 0.49 37.68
C ALA A 179 12.52 -0.37 38.66
N GLY A 180 13.07 -0.69 39.83
CA GLY A 180 12.44 -1.48 40.89
C GLY A 180 12.30 -0.68 42.20
N LEU A 181 12.32 0.65 42.12
CA LEU A 181 12.28 1.58 43.26
C LEU A 181 10.87 1.61 43.90
N GLY A 182 9.81 1.49 43.10
CA GLY A 182 8.42 1.38 43.56
C GLY A 182 7.58 2.64 43.28
N GLY A 183 8.17 3.66 42.63
CA GLY A 183 7.59 5.00 42.46
C GLY A 183 7.34 5.37 40.99
N LEU A 184 7.32 4.39 40.09
CA LEU A 184 7.01 4.57 38.67
C LEU A 184 5.49 4.65 38.47
N GLY A 185 5.05 5.47 37.52
CA GLY A 185 3.66 5.74 37.18
C GLY A 185 3.32 7.21 37.39
N GLY A 186 2.31 7.72 36.67
CA GLY A 186 1.85 9.11 36.71
C GLY A 186 0.40 9.25 37.20
N LEU A 187 -0.28 8.14 37.49
CA LEU A 187 -1.64 8.10 38.01
C LEU A 187 -1.55 8.13 39.56
N GLY A 188 -2.00 9.23 40.16
CA GLY A 188 -2.12 9.44 41.60
C GLY A 188 -3.55 9.86 41.95
N ALA A 189 -3.75 10.40 43.16
CA ALA A 189 -5.00 11.02 43.59
C ALA A 189 -5.03 12.48 43.12
N LEU A 190 -6.20 12.94 42.65
CA LEU A 190 -6.42 14.31 42.20
C LEU A 190 -6.64 15.19 43.45
N THR A 191 -5.91 16.31 43.51
CA THR A 191 -5.97 17.28 44.61
C THR A 191 -5.90 18.74 44.09
N GLY A 192 -5.30 18.97 42.91
CA GLY A 192 -5.28 20.26 42.21
C GLY A 192 -5.91 20.09 40.83
N PRO A 193 -7.19 20.50 40.63
CA PRO A 193 -7.87 20.39 39.32
C PRO A 193 -7.38 21.44 38.32
N GLY A 194 -7.39 22.73 38.71
CA GLY A 194 -6.91 23.87 37.93
C GLY A 194 -5.76 24.61 38.62
N LEU A 195 -5.42 24.21 39.86
CA LEU A 195 -4.33 24.75 40.66
C LEU A 195 -3.07 23.93 40.31
N ALA A 196 -2.07 24.58 39.73
CA ALA A 196 -0.84 23.96 39.21
C ALA A 196 0.39 24.86 39.36
N SER A 197 0.38 25.78 40.35
CA SER A 197 1.52 26.61 40.71
C SER A 197 2.39 25.87 41.74
N LEU A 198 3.71 25.85 41.52
CA LEU A 198 4.69 25.10 42.34
C LEU A 198 5.14 25.98 43.52
N LEU A 199 5.43 27.27 43.26
CA LEU A 199 5.85 28.28 44.24
C LEU A 199 5.54 29.66 43.64
N GLY A 200 6.12 29.94 42.47
CA GLY A 200 6.01 31.19 41.72
C GLY A 200 7.38 31.85 41.49
N SER A 201 8.35 31.56 42.36
CA SER A 201 9.77 31.87 42.18
C SER A 201 10.48 30.65 41.54
N SER A 202 11.61 30.87 40.88
CA SER A 202 12.45 29.84 40.27
C SER A 202 13.92 30.23 40.47
N GLY A 203 14.58 30.76 39.44
CA GLY A 203 15.99 31.21 39.46
C GLY A 203 16.12 32.67 39.02
N PRO A 204 17.36 33.23 39.03
CA PRO A 204 17.63 34.60 38.59
C PRO A 204 17.57 34.76 37.05
N PRO A 205 17.36 35.98 36.51
CA PRO A 205 17.29 36.21 35.07
C PRO A 205 18.67 36.14 34.39
N GLY A 206 18.72 35.52 33.20
CA GLY A 206 19.89 35.40 32.34
C GLY A 206 19.56 35.99 30.98
N SER A 207 19.06 35.16 30.06
CA SER A 207 18.59 35.53 28.73
C SER A 207 17.39 34.66 28.34
N SER A 208 17.65 33.36 28.09
CA SER A 208 16.67 32.31 27.84
C SER A 208 16.17 32.30 26.37
N SER A 209 17.00 32.77 25.44
CA SER A 209 16.76 32.87 23.99
C SER A 209 15.94 34.12 23.64
N SER A 210 16.13 35.22 24.39
CA SER A 210 15.53 36.53 24.20
C SER A 210 16.06 37.25 22.94
N SER A 211 15.33 38.27 22.48
CA SER A 211 15.66 39.14 21.36
C SER A 211 15.06 40.53 21.65
N SER A 212 15.39 41.55 20.83
CA SER A 212 14.95 42.92 20.97
C SER A 212 13.48 43.08 20.50
N SER A 213 12.57 43.34 21.44
CA SER A 213 11.13 43.50 21.24
C SER A 213 10.84 44.91 20.67
N ARG A 214 11.21 45.15 19.40
CA ARG A 214 11.04 46.42 18.70
C ARG A 214 9.58 46.68 18.29
N SER A 215 8.82 45.61 18.02
CA SER A 215 7.41 45.56 17.65
C SER A 215 7.18 46.15 16.25
N GLN A 216 6.38 47.22 16.14
CA GLN A 216 6.18 48.03 14.94
C GLN A 216 7.00 49.33 15.09
N SER A 217 7.54 49.81 13.97
CA SER A 217 8.49 50.92 13.80
C SER A 217 9.94 50.43 13.94
N ALA A 218 10.81 50.82 13.00
CA ALA A 218 12.23 50.45 12.88
C ALA A 218 12.42 49.00 12.35
N ALA A 219 11.38 48.45 11.71
CA ALA A 219 11.35 47.10 11.14
C ALA A 219 12.04 47.07 9.77
N VAL A 220 12.47 45.89 9.37
CA VAL A 220 13.09 45.56 8.08
C VAL A 220 12.66 44.13 7.71
N THR A 221 12.72 43.79 6.42
CA THR A 221 12.42 42.47 5.86
C THR A 221 13.43 42.19 4.73
N PRO A 222 13.92 40.93 4.55
CA PRO A 222 14.82 40.54 3.44
C PRO A 222 14.29 40.91 2.04
N SER A 223 15.19 41.35 1.15
CA SER A 223 14.94 41.68 -0.24
C SER A 223 16.24 41.49 -1.04
N SER A 224 16.14 40.91 -2.25
CA SER A 224 17.23 40.77 -3.23
C SER A 224 16.60 40.60 -4.63
N THR A 225 16.21 39.37 -4.98
CA THR A 225 15.51 39.01 -6.20
C THR A 225 14.02 39.39 -6.09
N THR A 226 13.45 39.98 -7.14
CA THR A 226 12.05 40.39 -7.25
C THR A 226 11.54 40.01 -8.65
N SER A 227 10.24 39.72 -8.77
CA SER A 227 9.54 39.36 -10.01
C SER A 227 8.06 39.73 -9.84
N SER A 228 7.38 40.01 -10.95
CA SER A 228 5.93 40.21 -11.02
C SER A 228 5.20 38.86 -10.88
N THR A 229 4.08 38.85 -10.12
CA THR A 229 3.18 37.72 -9.95
C THR A 229 2.31 37.55 -11.23
N ARG A 230 1.83 36.33 -11.49
CA ARG A 230 0.97 35.98 -12.61
C ARG A 230 -0.07 34.93 -12.19
N ALA A 231 -1.23 34.93 -12.85
CA ALA A 231 -2.31 33.97 -12.69
C ALA A 231 -2.19 32.86 -13.75
N THR A 232 -3.11 31.89 -13.72
CA THR A 232 -3.28 30.80 -14.69
C THR A 232 -4.72 30.86 -15.25
N PRO A 233 -4.96 30.44 -16.53
CA PRO A 233 -6.26 30.57 -17.21
C PRO A 233 -7.28 29.48 -16.78
N ALA A 234 -7.50 29.31 -15.48
CA ALA A 234 -8.43 28.34 -14.89
C ALA A 234 -9.05 28.89 -13.59
N PRO A 235 -10.11 29.74 -13.66
CA PRO A 235 -10.87 30.21 -12.48
C PRO A 235 -11.39 29.07 -11.59
N SER A 236 -11.37 29.27 -10.26
CA SER A 236 -11.91 28.31 -9.28
C SER A 236 -13.45 28.31 -9.32
N ALA A 237 -14.06 29.49 -9.52
CA ALA A 237 -15.48 29.72 -9.75
C ALA A 237 -15.62 31.11 -10.40
N PRO A 238 -16.03 31.24 -11.69
CA PRO A 238 -16.30 32.53 -12.35
C PRO A 238 -17.29 33.44 -11.58
N ALA A 239 -18.36 32.86 -11.04
CA ALA A 239 -19.34 33.46 -10.14
C ALA A 239 -20.00 32.34 -9.32
N ALA A 240 -20.50 32.68 -8.13
CA ALA A 240 -21.26 31.83 -7.20
C ALA A 240 -20.38 30.83 -6.43
N ALA A 241 -20.98 30.12 -5.46
CA ALA A 241 -20.42 29.05 -4.66
C ALA A 241 -21.54 28.12 -4.18
N SER A 242 -21.19 26.92 -3.72
CA SER A 242 -22.09 25.91 -3.17
C SER A 242 -21.37 25.14 -2.05
N ALA A 243 -20.67 25.89 -1.18
CA ALA A 243 -19.82 25.46 -0.06
C ALA A 243 -18.39 25.10 -0.50
N THR A 244 -17.47 25.12 0.46
CA THR A 244 -16.04 24.79 0.28
C THR A 244 -15.77 23.29 0.50
N SER A 245 -16.75 22.51 0.96
CA SER A 245 -16.67 21.07 1.17
C SER A 245 -16.75 20.35 -0.21
N PRO A 246 -15.93 19.30 -0.46
CA PRO A 246 -15.94 18.57 -1.74
C PRO A 246 -17.18 17.66 -1.86
N SER A 247 -17.77 17.60 -3.07
CA SER A 247 -18.94 16.81 -3.45
C SER A 247 -20.22 17.20 -2.66
N PRO A 248 -20.73 18.44 -2.78
CA PRO A 248 -21.91 18.91 -2.02
C PRO A 248 -23.23 18.31 -2.55
N ALA A 249 -23.33 18.02 -3.85
CA ALA A 249 -24.42 17.35 -4.53
C ALA A 249 -23.86 16.64 -5.78
N PRO A 250 -24.44 15.51 -6.24
CA PRO A 250 -23.96 14.81 -7.44
C PRO A 250 -24.43 15.53 -8.71
N SER A 251 -23.48 16.10 -9.46
CA SER A 251 -23.70 16.82 -10.71
C SER A 251 -22.86 16.22 -11.88
N SER A 252 -22.18 15.10 -11.61
CA SER A 252 -21.33 14.35 -12.53
C SER A 252 -21.23 12.89 -12.04
N GLY A 253 -20.87 11.96 -12.92
CA GLY A 253 -20.66 10.55 -12.60
C GLY A 253 -21.68 9.62 -13.25
N ASN A 254 -22.04 9.89 -14.53
CA ASN A 254 -23.05 9.14 -15.28
C ASN A 254 -22.56 7.75 -15.73
N GLY A 255 -21.24 7.56 -15.85
CA GLY A 255 -20.58 6.32 -16.24
C GLY A 255 -19.82 6.51 -17.56
N ALA A 256 -19.73 5.43 -18.35
CA ALA A 256 -19.16 5.34 -19.70
C ALA A 256 -17.64 5.05 -19.75
N SER A 257 -17.01 4.84 -18.59
CA SER A 257 -15.60 4.49 -18.42
C SER A 257 -15.43 3.65 -17.14
N THR A 258 -14.65 2.57 -17.21
CA THR A 258 -14.29 1.69 -16.12
C THR A 258 -12.94 1.03 -16.48
N ALA A 259 -12.05 0.83 -15.49
CA ALA A 259 -10.77 0.12 -15.58
C ALA A 259 -9.69 0.93 -16.34
N ALA A 260 -9.80 2.27 -16.34
CA ALA A 260 -8.92 3.19 -17.05
C ALA A 260 -7.55 3.26 -16.36
N SER A 261 -6.51 2.82 -17.07
CA SER A 261 -5.09 2.71 -16.69
C SER A 261 -4.82 1.39 -15.92
N PRO A 262 -3.89 0.52 -16.38
CA PRO A 262 -3.59 -0.75 -15.69
C PRO A 262 -2.73 -0.53 -14.43
N THR A 263 -3.07 -1.22 -13.34
CA THR A 263 -2.33 -1.25 -12.09
C THR A 263 -2.61 -2.61 -11.41
N GLN A 264 -1.60 -3.22 -10.79
CA GLN A 264 -1.69 -4.42 -9.97
C GLN A 264 -0.51 -4.42 -8.96
N PRO A 265 -0.69 -4.94 -7.73
CA PRO A 265 0.40 -5.08 -6.74
C PRO A 265 1.28 -6.32 -7.03
N ILE A 266 1.86 -6.41 -8.23
CA ILE A 266 2.76 -7.46 -8.70
C ILE A 266 4.01 -7.55 -7.80
N GLN A 267 4.16 -8.67 -7.08
CA GLN A 267 5.16 -9.00 -6.05
C GLN A 267 4.86 -8.28 -4.71
N LEU A 268 4.44 -7.01 -4.80
CA LEU A 268 4.04 -6.13 -3.70
C LEU A 268 2.93 -6.73 -2.80
N SER A 269 2.02 -7.53 -3.36
CA SER A 269 0.97 -8.28 -2.66
C SER A 269 1.52 -9.26 -1.61
N ASP A 270 2.77 -9.75 -1.76
CA ASP A 270 3.48 -10.53 -0.75
C ASP A 270 4.31 -9.57 0.11
N LEU A 271 5.13 -8.71 -0.51
CA LEU A 271 6.11 -7.85 0.18
C LEU A 271 5.49 -6.88 1.20
N GLN A 272 4.34 -6.26 0.88
CA GLN A 272 3.66 -5.29 1.74
C GLN A 272 3.05 -5.93 3.01
N SER A 273 2.83 -7.25 3.01
CA SER A 273 2.50 -8.01 4.21
C SER A 273 3.79 -8.30 4.99
N ILE A 274 4.83 -8.83 4.33
CA ILE A 274 6.12 -9.24 4.90
C ILE A 274 6.84 -8.10 5.64
N LEU A 275 6.92 -6.89 5.06
CA LEU A 275 7.61 -5.76 5.68
C LEU A 275 6.84 -5.17 6.88
N ALA A 276 5.50 -5.33 6.89
CA ALA A 276 4.62 -4.74 7.88
C ALA A 276 4.43 -5.68 9.09
N THR A 277 4.22 -6.98 8.87
CA THR A 277 3.87 -7.99 9.88
C THR A 277 4.97 -8.22 10.95
N MET A 278 6.13 -7.58 10.82
CA MET A 278 7.22 -7.59 11.79
C MET A 278 6.88 -6.75 13.04
N ASN A 279 6.02 -5.72 12.89
CA ASN A 279 5.65 -4.76 13.96
C ASN A 279 4.18 -4.33 13.90
N VAL A 280 3.62 -4.16 12.71
CA VAL A 280 2.36 -3.45 12.47
C VAL A 280 1.18 -4.47 12.52
N PRO A 281 0.07 -4.18 13.23
CA PRO A 281 -1.16 -5.00 13.22
C PRO A 281 -1.79 -5.20 11.82
N ALA A 282 -1.72 -4.18 10.96
CA ALA A 282 -2.11 -4.22 9.56
C ALA A 282 -0.99 -4.85 8.73
N GLY A 283 -1.32 -5.62 7.69
CA GLY A 283 -0.36 -6.34 6.86
C GLY A 283 -0.62 -7.85 6.69
N PRO A 284 -0.71 -8.67 7.76
CA PRO A 284 -0.85 -10.13 7.65
C PRO A 284 -2.24 -10.58 7.16
N ALA A 285 -2.41 -11.90 6.97
CA ALA A 285 -3.58 -12.56 6.38
C ALA A 285 -4.94 -12.31 7.06
N GLY A 286 -4.94 -11.81 8.30
CA GLY A 286 -6.13 -11.38 9.05
C GLY A 286 -6.14 -9.87 9.33
N GLY A 287 -5.18 -9.11 8.78
CA GLY A 287 -5.01 -7.67 8.93
C GLY A 287 -4.95 -6.96 7.57
N GLN A 288 -5.62 -7.52 6.55
CA GLN A 288 -5.56 -7.04 5.17
C GLN A 288 -6.63 -5.96 4.87
N GLN A 289 -7.73 -5.93 5.64
CA GLN A 289 -8.90 -5.11 5.37
C GLN A 289 -8.67 -3.67 5.86
N VAL A 290 -8.84 -3.41 7.16
CA VAL A 290 -8.56 -2.17 7.91
C VAL A 290 -9.61 -1.07 7.61
N ASP A 291 -9.77 -0.72 6.33
CA ASP A 291 -10.61 0.35 5.79
C ASP A 291 -12.12 0.15 6.04
N LEU A 292 -12.55 -1.10 6.24
CA LEU A 292 -13.93 -1.50 6.54
C LEU A 292 -14.50 -0.87 7.82
N ALA A 293 -13.63 -0.42 8.74
CA ALA A 293 -14.01 0.32 9.94
C ALA A 293 -14.63 1.70 9.64
N SER A 294 -14.46 2.21 8.43
CA SER A 294 -15.08 3.44 7.93
C SER A 294 -16.54 3.17 7.46
N VAL A 295 -16.86 1.91 7.11
CA VAL A 295 -18.20 1.47 6.70
C VAL A 295 -18.92 0.90 7.95
N LEU A 296 -18.31 -0.11 8.58
CA LEU A 296 -18.77 -0.82 9.77
C LEU A 296 -18.24 -0.04 10.99
N THR A 297 -18.76 1.19 11.16
CA THR A 297 -18.36 2.16 12.18
C THR A 297 -18.66 1.67 13.62
N PRO A 298 -17.96 2.20 14.65
CA PRO A 298 -18.17 1.90 16.08
C PRO A 298 -19.63 1.83 16.56
N GLU A 299 -20.48 2.80 16.17
CA GLU A 299 -21.89 2.86 16.57
C GLU A 299 -22.77 1.76 15.95
N ILE A 300 -22.37 1.18 14.79
CA ILE A 300 -23.05 0.06 14.15
C ILE A 300 -22.57 -1.26 14.80
N MET A 301 -21.27 -1.37 15.07
CA MET A 301 -20.65 -2.61 15.57
C MET A 301 -20.78 -2.76 17.10
N ALA A 302 -20.97 -1.65 17.84
CA ALA A 302 -21.19 -1.58 19.29
C ALA A 302 -22.04 -2.69 19.95
N PRO A 303 -23.32 -2.91 19.56
CA PRO A 303 -24.14 -3.98 20.14
C PRO A 303 -23.75 -5.40 19.67
N ILE A 304 -23.04 -5.53 18.54
CA ILE A 304 -22.59 -6.80 17.98
C ILE A 304 -21.35 -7.26 18.77
N LEU A 305 -20.36 -6.37 18.94
CA LEU A 305 -19.11 -6.61 19.66
C LEU A 305 -19.31 -6.66 21.19
N ALA A 306 -20.43 -6.16 21.72
CA ALA A 306 -20.80 -6.22 23.13
C ALA A 306 -21.34 -7.60 23.55
N ASN A 307 -21.55 -8.52 22.60
CA ASN A 307 -21.92 -9.91 22.85
C ASN A 307 -20.64 -10.68 23.22
N ALA A 308 -20.68 -11.42 24.33
CA ALA A 308 -19.55 -12.16 24.87
C ALA A 308 -19.07 -13.32 23.99
N ASP A 309 -19.95 -13.92 23.17
CA ASP A 309 -19.59 -15.02 22.27
C ASP A 309 -18.72 -14.53 21.10
N VAL A 310 -18.88 -13.26 20.70
CA VAL A 310 -18.04 -12.59 19.70
C VAL A 310 -16.67 -12.25 20.35
N GLN A 311 -16.66 -11.74 21.59
CA GLN A 311 -15.44 -11.42 22.34
C GLN A 311 -14.58 -12.67 22.61
N GLU A 312 -15.21 -13.80 22.95
CA GLU A 312 -14.56 -15.10 23.16
C GLU A 312 -14.07 -15.76 21.84
N ARG A 313 -14.35 -15.18 20.67
CA ARG A 313 -13.69 -15.52 19.41
C ARG A 313 -12.56 -14.51 19.17
N LEU A 314 -12.88 -13.21 19.19
CA LEU A 314 -11.96 -12.11 18.89
C LEU A 314 -10.72 -12.06 19.78
N LEU A 315 -10.88 -12.14 21.11
CA LEU A 315 -9.78 -12.13 22.09
C LEU A 315 -8.73 -13.25 21.90
N PRO A 316 -9.06 -14.55 21.80
CA PRO A 316 -8.08 -15.59 21.46
C PRO A 316 -7.57 -15.57 20.01
N TYR A 317 -8.30 -14.97 19.05
CA TYR A 317 -7.84 -14.78 17.66
C TYR A 317 -6.91 -13.54 17.54
N LEU A 318 -6.76 -12.72 18.59
CA LEU A 318 -5.96 -11.50 18.63
C LEU A 318 -4.46 -11.90 18.70
N PRO A 319 -3.56 -11.31 17.87
CA PRO A 319 -2.13 -11.67 17.83
C PRO A 319 -1.27 -11.14 19.01
N SER A 320 -1.88 -10.55 20.04
CA SER A 320 -1.29 -9.94 21.25
C SER A 320 -1.03 -8.44 21.02
N GLY A 321 -1.07 -7.65 22.10
CA GLY A 321 -1.03 -6.19 22.09
C GLY A 321 -2.26 -5.65 22.80
N GLU A 322 -3.13 -4.96 22.04
CA GLU A 322 -4.39 -4.34 22.48
C GLU A 322 -5.44 -5.40 22.89
N SER A 323 -6.55 -4.94 23.46
CA SER A 323 -7.74 -5.72 23.82
C SER A 323 -8.96 -4.80 23.80
N LEU A 324 -10.11 -5.33 23.37
CA LEU A 324 -11.37 -4.59 23.23
C LEU A 324 -12.05 -4.31 24.60
N PRO A 325 -12.85 -3.24 24.72
CA PRO A 325 -13.79 -3.04 25.84
C PRO A 325 -15.00 -3.98 25.72
N GLN A 326 -15.83 -4.08 26.77
CA GLN A 326 -16.76 -5.19 26.94
C GLN A 326 -18.25 -4.82 26.70
N THR A 327 -18.61 -3.54 26.74
CA THR A 327 -20.00 -3.07 26.62
C THR A 327 -20.14 -1.98 25.53
N ALA A 328 -21.33 -1.89 24.93
CA ALA A 328 -21.64 -1.15 23.71
C ALA A 328 -21.31 0.35 23.77
N ASP A 329 -21.59 1.01 24.90
CA ASP A 329 -21.35 2.44 25.12
C ASP A 329 -19.85 2.73 25.33
N GLU A 330 -19.02 1.73 25.64
CA GLU A 330 -17.56 1.85 25.65
C GLU A 330 -17.04 1.72 24.21
N ILE A 331 -17.49 0.68 23.47
CA ILE A 331 -17.10 0.37 22.10
C ILE A 331 -17.46 1.53 21.13
N GLN A 332 -18.61 2.18 21.35
CA GLN A 332 -19.09 3.30 20.55
C GLN A 332 -18.25 4.59 20.75
N ASN A 333 -17.72 4.82 21.96
CA ASN A 333 -17.24 6.14 22.40
C ASN A 333 -15.77 6.16 22.84
N THR A 334 -15.22 5.06 23.34
CA THR A 334 -13.97 5.01 24.11
C THR A 334 -13.03 3.96 23.49
N LEU A 335 -12.58 4.22 22.25
CA LEU A 335 -11.50 3.51 21.58
C LEU A 335 -10.75 4.45 20.62
N THR A 336 -9.44 4.22 20.44
CA THR A 336 -8.48 5.15 19.84
C THR A 336 -8.48 5.05 18.29
N SER A 337 -9.05 3.98 17.72
CA SER A 337 -9.10 3.57 16.31
C SER A 337 -8.25 2.31 15.98
N PRO A 338 -6.90 2.27 16.19
CA PRO A 338 -6.06 1.09 15.91
C PRO A 338 -6.58 -0.26 16.45
N GLN A 339 -7.04 -0.30 17.71
CA GLN A 339 -7.64 -1.46 18.36
C GLN A 339 -8.92 -1.93 17.65
N PHE A 340 -9.76 -0.99 17.21
CA PHE A 340 -11.03 -1.25 16.53
C PHE A 340 -10.74 -1.79 15.11
N GLN A 341 -9.80 -1.19 14.39
CA GLN A 341 -9.37 -1.61 13.05
C GLN A 341 -8.68 -2.99 13.07
N GLN A 342 -7.96 -3.32 14.15
CA GLN A 342 -7.39 -4.63 14.41
C GLN A 342 -8.52 -5.65 14.69
N ALA A 343 -9.46 -5.33 15.60
CA ALA A 343 -10.64 -6.14 15.93
C ALA A 343 -11.55 -6.42 14.71
N LEU A 344 -11.65 -5.45 13.79
CA LEU A 344 -12.31 -5.55 12.48
C LEU A 344 -11.72 -6.68 11.61
N GLY A 345 -10.47 -7.08 11.85
CA GLY A 345 -9.74 -8.06 11.06
C GLY A 345 -9.94 -9.47 11.63
N MET A 346 -10.01 -9.62 12.96
CA MET A 346 -10.44 -10.86 13.62
C MET A 346 -11.94 -11.13 13.35
N PHE A 347 -12.75 -10.07 13.32
CA PHE A 347 -14.16 -10.08 12.92
C PHE A 347 -14.29 -10.52 11.44
N SER A 348 -13.55 -9.90 10.52
CA SER A 348 -13.54 -10.24 9.09
C SER A 348 -13.05 -11.68 8.83
N ALA A 349 -12.11 -12.20 9.62
CA ALA A 349 -11.61 -13.57 9.52
C ALA A 349 -12.70 -14.59 9.92
N ALA A 350 -13.44 -14.33 11.01
CA ALA A 350 -14.56 -15.16 11.46
C ALA A 350 -15.76 -15.05 10.49
N LEU A 351 -15.99 -13.87 9.92
CA LEU A 351 -17.03 -13.59 8.94
C LEU A 351 -16.72 -14.28 7.59
N ALA A 352 -15.44 -14.27 7.15
CA ALA A 352 -14.98 -14.92 5.93
C ALA A 352 -14.97 -16.45 6.05
N SER A 353 -14.62 -16.97 7.24
CA SER A 353 -14.70 -18.38 7.61
C SER A 353 -16.16 -18.89 7.58
N GLY A 354 -17.12 -18.06 7.99
CA GLY A 354 -18.57 -18.29 7.88
C GLY A 354 -19.21 -18.58 9.23
N GLN A 355 -18.37 -18.85 10.24
CA GLN A 355 -18.70 -19.23 11.61
C GLN A 355 -19.45 -18.14 12.40
N LEU A 356 -19.30 -16.87 12.02
CA LEU A 356 -19.91 -15.71 12.68
C LEU A 356 -21.33 -15.47 12.15
N GLY A 357 -21.57 -15.80 10.86
CA GLY A 357 -22.86 -15.95 10.16
C GLY A 357 -24.11 -16.16 11.02
N PRO A 358 -24.26 -17.34 11.68
CA PRO A 358 -25.35 -17.66 12.61
C PRO A 358 -25.70 -16.64 13.71
N LEU A 359 -24.76 -15.77 14.13
CA LEU A 359 -24.99 -14.77 15.18
C LEU A 359 -25.71 -13.54 14.60
N MET A 360 -25.49 -13.23 13.32
CA MET A 360 -26.04 -12.06 12.62
C MET A 360 -27.58 -12.09 12.55
N CYS A 361 -28.13 -13.31 12.52
CA CYS A 361 -29.55 -13.64 12.53
C CYS A 361 -30.20 -13.32 13.90
N GLN A 362 -29.42 -13.33 14.99
CA GLN A 362 -29.91 -13.16 16.36
C GLN A 362 -29.97 -11.67 16.71
N PHE A 363 -29.02 -10.87 16.21
CA PHE A 363 -28.96 -9.41 16.40
C PHE A 363 -30.03 -8.71 15.57
N GLY A 364 -30.36 -9.23 14.39
CA GLY A 364 -31.44 -8.76 13.53
C GLY A 364 -30.91 -8.01 12.31
N LEU A 365 -29.69 -8.30 11.86
CA LEU A 365 -29.03 -7.63 10.73
C LEU A 365 -29.68 -8.01 9.37
N PRO A 366 -29.54 -7.18 8.31
CA PRO A 366 -30.15 -7.37 6.99
C PRO A 366 -29.97 -8.77 6.38
N ALA A 367 -31.00 -9.29 5.69
CA ALA A 367 -31.03 -10.63 5.10
C ALA A 367 -29.90 -10.90 4.10
N GLU A 368 -29.50 -9.89 3.32
CA GLU A 368 -28.40 -9.93 2.37
C GLU A 368 -27.03 -9.96 3.08
N ALA A 369 -26.92 -9.29 4.24
CA ALA A 369 -25.74 -9.30 5.09
C ALA A 369 -25.62 -10.64 5.82
N VAL A 370 -26.73 -11.17 6.36
CA VAL A 370 -26.84 -12.51 6.95
C VAL A 370 -26.41 -13.61 5.97
N GLU A 371 -26.88 -13.56 4.71
CA GLU A 371 -26.47 -14.45 3.62
C GLU A 371 -24.95 -14.37 3.36
N ALA A 372 -24.44 -13.14 3.18
CA ALA A 372 -23.04 -12.84 2.94
C ALA A 372 -22.11 -13.31 4.08
N ALA A 373 -22.55 -13.14 5.33
CA ALA A 373 -21.82 -13.50 6.55
C ALA A 373 -21.75 -15.02 6.76
N ASN A 374 -22.70 -15.78 6.22
CA ASN A 374 -22.71 -17.24 6.24
C ASN A 374 -21.91 -17.81 5.06
N LYS A 375 -21.99 -17.20 3.88
CA LYS A 375 -21.29 -17.62 2.66
C LYS A 375 -19.79 -17.26 2.70
N GLY A 376 -19.41 -16.15 3.34
CA GLY A 376 -18.03 -15.73 3.55
C GLY A 376 -17.66 -14.44 2.82
N ASP A 377 -18.64 -13.71 2.28
CA ASP A 377 -18.44 -12.53 1.44
C ASP A 377 -18.43 -11.29 2.35
N VAL A 378 -17.24 -10.92 2.85
CA VAL A 378 -16.98 -9.73 3.67
C VAL A 378 -17.35 -8.44 2.88
N GLU A 379 -17.02 -8.43 1.58
CA GLU A 379 -17.32 -7.39 0.60
C GLU A 379 -18.84 -7.09 0.51
N ALA A 380 -19.65 -8.15 0.40
CA ALA A 380 -21.10 -8.05 0.25
C ALA A 380 -21.79 -7.68 1.57
N PHE A 381 -21.26 -8.15 2.71
CA PHE A 381 -21.70 -7.77 4.05
C PHE A 381 -21.54 -6.25 4.27
N ALA A 382 -20.35 -5.71 3.94
CA ALA A 382 -20.03 -4.29 4.03
C ALA A 382 -20.89 -3.45 3.07
N LYS A 383 -21.05 -3.90 1.82
CA LYS A 383 -21.83 -3.23 0.76
C LYS A 383 -23.34 -3.15 1.09
N ALA A 384 -23.88 -4.14 1.82
CA ALA A 384 -25.24 -4.10 2.36
C ALA A 384 -25.31 -3.08 3.50
N MET A 385 -24.40 -3.19 4.49
CA MET A 385 -24.39 -2.35 5.69
C MET A 385 -24.15 -0.86 5.37
N GLN A 386 -23.37 -0.55 4.33
CA GLN A 386 -23.11 0.81 3.82
C GLN A 386 -24.37 1.50 3.26
N ASN A 387 -25.40 0.72 2.90
CA ASN A 387 -26.66 1.19 2.34
C ASN A 387 -27.79 1.11 3.38
N ASN A 388 -27.74 0.15 4.31
CA ASN A 388 -28.67 0.08 5.45
C ASN A 388 -28.33 1.10 6.56
N ALA A 389 -27.10 1.63 6.59
CA ALA A 389 -26.65 2.68 7.51
C ALA A 389 -27.11 4.08 7.07
N LYS A 390 -27.59 4.24 5.83
CA LYS A 390 -28.18 5.49 5.31
C LYS A 390 -29.60 5.66 5.90
N PRO A 391 -30.06 6.90 6.20
CA PRO A 391 -31.34 7.13 6.88
C PRO A 391 -32.57 6.87 5.98
N GLU A 392 -32.53 7.31 4.72
CA GLU A 392 -33.49 7.02 3.64
C GLU A 392 -34.89 7.63 3.93
N GLN A 393 -34.91 8.87 4.41
CA GLN A 393 -36.10 9.62 4.83
C GLN A 393 -35.89 11.11 4.53
N LYS A 394 -36.96 11.81 4.12
CA LYS A 394 -36.98 13.21 3.72
C LYS A 394 -38.34 13.87 4.07
N GLU A 395 -38.98 13.39 5.14
CA GLU A 395 -40.34 13.75 5.58
C GLU A 395 -40.40 15.09 6.37
N GLY A 396 -39.31 15.86 6.38
CA GLY A 396 -39.15 17.11 7.12
C GLY A 396 -39.22 18.35 6.23
N ASP A 397 -39.37 18.17 4.91
CA ASP A 397 -39.68 19.24 3.95
C ASP A 397 -41.20 19.41 3.93
N THR A 398 -41.68 20.66 3.82
CA THR A 398 -43.10 21.02 3.76
C THR A 398 -43.75 20.67 2.40
N LYS A 399 -42.93 20.45 1.37
CA LYS A 399 -43.29 19.95 0.05
C LYS A 399 -42.10 19.14 -0.46
N ASP A 400 -42.30 17.84 -0.70
CA ASP A 400 -41.36 16.93 -1.34
C ASP A 400 -41.58 17.02 -2.86
N LYS A 401 -40.49 16.83 -3.62
CA LYS A 401 -40.43 16.88 -5.08
C LYS A 401 -39.26 16.03 -5.58
N LYS A 402 -39.33 15.61 -6.84
CA LYS A 402 -38.24 14.97 -7.59
C LYS A 402 -37.36 16.06 -8.23
N ASP A 403 -36.20 15.66 -8.76
CA ASP A 403 -35.30 16.51 -9.54
C ASP A 403 -35.83 16.58 -10.98
N GLU A 404 -36.71 17.55 -11.25
CA GLU A 404 -37.38 17.76 -12.54
C GLU A 404 -36.45 18.56 -13.47
N GLU A 405 -36.57 18.32 -14.78
CA GLU A 405 -35.82 18.98 -15.84
C GLU A 405 -36.67 19.21 -17.12
N GLU A 406 -37.79 18.49 -17.25
CA GLU A 406 -38.66 18.44 -18.41
C GLU A 406 -39.53 19.71 -18.57
N ASP A 407 -39.85 20.37 -17.45
CA ASP A 407 -40.74 21.55 -17.32
C ASP A 407 -42.22 21.15 -17.44
N MET A 408 -42.54 19.90 -17.06
CA MET A 408 -43.81 19.19 -17.16
C MET A 408 -43.96 18.42 -18.49
N SER A 409 -44.74 17.34 -18.46
CA SER A 409 -45.10 16.39 -19.51
C SER A 409 -44.14 15.19 -19.56
N LEU A 410 -44.68 13.97 -19.68
CA LEU A 410 -43.93 12.72 -19.86
C LEU A 410 -43.82 12.48 -21.37
N ASP A 411 -42.60 12.49 -21.90
CA ASP A 411 -42.24 12.37 -23.30
C ASP A 411 -40.95 11.54 -23.39
N MET A 5 54.39 25.26 34.81
CA MET A 5 53.60 26.34 34.19
C MET A 5 52.60 25.71 33.22
N THR A 6 51.42 26.33 33.07
CA THR A 6 50.38 25.97 32.11
C THR A 6 50.81 26.34 30.68
N THR A 7 50.50 25.48 29.71
CA THR A 7 50.96 25.58 28.32
C THR A 7 50.00 26.40 27.42
N SER A 8 48.83 26.79 27.94
CA SER A 8 47.85 27.68 27.29
C SER A 8 47.18 28.50 28.40
N GLY A 9 47.01 29.80 28.19
CA GLY A 9 46.48 30.77 29.17
C GLY A 9 45.14 31.38 28.75
N ALA A 10 44.58 30.94 27.62
CA ALA A 10 43.27 31.29 27.08
C ALA A 10 42.69 30.09 26.34
N LEU A 11 41.38 30.11 26.08
CA LEU A 11 40.63 29.12 25.31
C LEU A 11 40.14 29.79 24.01
N PHE A 12 40.15 29.04 22.90
CA PHE A 12 39.55 29.40 21.63
C PHE A 12 39.08 28.09 20.94
N PRO A 13 37.77 27.91 20.64
CA PRO A 13 37.24 26.63 20.16
C PRO A 13 37.42 26.37 18.65
N SER A 14 37.46 27.41 17.82
CA SER A 14 37.45 27.31 16.35
C SER A 14 38.88 27.06 15.82
N LEU A 15 38.98 26.35 14.70
CA LEU A 15 40.24 26.10 13.96
C LEU A 15 40.56 27.31 13.06
N VAL A 16 39.55 27.85 12.36
CA VAL A 16 39.59 28.93 11.38
C VAL A 16 40.47 28.50 10.16
N PRO A 17 40.04 27.51 9.35
CA PRO A 17 40.86 26.97 8.24
C PRO A 17 40.91 27.89 7.01
N GLY A 18 39.84 28.65 6.73
CA GLY A 18 39.74 29.58 5.61
C GLY A 18 38.69 29.09 4.60
N SER A 19 37.43 28.95 5.04
CA SER A 19 36.30 28.51 4.23
C SER A 19 35.88 29.65 3.28
N ARG A 20 35.68 29.33 1.99
CA ARG A 20 35.25 30.24 0.93
C ARG A 20 34.48 29.50 -0.17
N GLY A 21 34.97 28.31 -0.56
CA GLY A 21 34.44 27.50 -1.65
C GLY A 21 33.89 26.17 -1.14
N ALA A 22 32.89 26.24 -0.26
CA ALA A 22 32.19 25.09 0.32
C ALA A 22 30.70 25.40 0.50
N SER A 23 30.38 26.51 1.19
CA SER A 23 29.06 27.08 1.45
C SER A 23 28.25 26.31 2.52
N ASN A 24 28.24 24.98 2.43
CA ASN A 24 27.61 24.02 3.36
C ASN A 24 26.08 23.95 3.15
N LYS A 25 25.60 24.31 1.96
CA LYS A 25 24.20 24.36 1.57
C LYS A 25 23.70 22.97 1.12
N TYR A 26 22.38 22.78 1.18
CA TYR A 26 21.65 21.59 0.76
C TYR A 26 21.38 21.67 -0.76
N LEU A 27 21.14 20.52 -1.40
CA LEU A 27 20.92 20.38 -2.84
C LEU A 27 19.48 20.81 -3.21
N VAL A 28 18.51 20.35 -2.41
CA VAL A 28 17.09 20.70 -2.47
C VAL A 28 16.66 20.93 -1.02
N GLU A 29 15.75 21.88 -0.79
CA GLU A 29 15.16 22.23 0.49
C GLU A 29 13.72 22.71 0.21
N PHE A 30 12.72 22.18 0.91
CA PHE A 30 11.30 22.53 0.76
C PHE A 30 10.53 22.29 2.06
N ARG A 31 9.48 23.08 2.31
CA ARG A 31 8.60 22.92 3.46
C ARG A 31 7.60 21.78 3.15
N ALA A 32 7.55 20.77 4.02
CA ALA A 32 6.69 19.60 3.87
C ALA A 32 6.47 18.89 5.21
N GLY A 33 5.35 18.18 5.29
CA GLY A 33 4.97 17.27 6.35
C GLY A 33 4.97 15.85 5.80
N LYS A 34 4.62 14.88 6.64
CA LYS A 34 4.59 13.47 6.32
C LYS A 34 3.36 12.79 6.92
N MET A 35 3.31 11.45 6.89
CA MET A 35 2.25 10.62 7.43
C MET A 35 2.91 9.50 8.24
N SER A 36 2.35 9.21 9.43
CA SER A 36 2.84 8.21 10.38
C SER A 36 1.64 7.43 10.94
N LEU A 37 1.89 6.26 11.52
CA LEU A 37 0.89 5.44 12.21
C LEU A 37 0.58 6.04 13.58
N LYS A 38 -0.71 6.24 13.88
CA LYS A 38 -1.27 6.67 15.16
C LYS A 38 -2.05 5.46 15.72
N GLY A 39 -1.37 4.31 15.80
CA GLY A 39 -1.93 3.01 16.17
C GLY A 39 -1.94 2.15 14.92
N THR A 40 -3.12 1.68 14.52
CA THR A 40 -3.34 0.91 13.28
C THR A 40 -3.69 1.86 12.10
N THR A 41 -4.15 3.09 12.38
CA THR A 41 -4.55 4.08 11.37
C THR A 41 -3.34 4.98 11.08
N VAL A 42 -3.14 5.33 9.81
CA VAL A 42 -2.14 6.30 9.34
C VAL A 42 -2.79 7.69 9.41
N THR A 43 -2.07 8.68 9.95
CA THR A 43 -2.51 10.05 10.20
C THR A 43 -1.41 11.01 9.67
N PRO A 44 -1.76 12.17 9.07
CA PRO A 44 -0.78 13.17 8.62
C PRO A 44 -0.18 13.97 9.79
N ASP A 45 1.15 14.16 9.74
CA ASP A 45 1.96 14.95 10.66
C ASP A 45 2.05 16.36 10.07
N LYS A 46 1.36 17.31 10.71
CA LYS A 46 1.00 18.63 10.18
C LYS A 46 1.91 19.75 10.75
N ARG A 47 3.07 19.41 11.33
CA ARG A 47 4.04 20.34 11.89
C ARG A 47 4.82 21.09 10.78
N LYS A 48 5.44 22.22 11.13
CA LYS A 48 6.34 22.99 10.27
C LYS A 48 7.66 22.21 10.14
N GLY A 49 7.81 21.48 9.03
CA GLY A 49 8.95 20.61 8.74
C GLY A 49 9.63 21.08 7.46
N LEU A 50 10.96 21.05 7.45
CA LEU A 50 11.80 21.20 6.27
C LEU A 50 12.21 19.78 5.86
N VAL A 51 11.91 19.37 4.62
CA VAL A 51 12.55 18.24 3.96
C VAL A 51 13.73 18.85 3.18
N TYR A 52 14.90 18.20 3.23
CA TYR A 52 16.10 18.60 2.51
C TYR A 52 16.95 17.41 2.10
N ILE A 53 17.76 17.62 1.05
CA ILE A 53 18.61 16.63 0.40
C ILE A 53 20.05 17.19 0.40
N GLN A 54 21.04 16.33 0.68
CA GLN A 54 22.47 16.63 0.67
C GLN A 54 23.24 15.39 0.18
N GLN A 55 24.46 15.54 -0.31
CA GLN A 55 25.34 14.41 -0.66
C GLN A 55 26.38 14.24 0.47
N THR A 56 26.61 13.00 0.89
CA THR A 56 27.54 12.62 1.97
C THR A 56 29.00 12.59 1.45
N ASP A 57 29.97 12.48 2.37
CA ASP A 57 31.40 12.27 2.09
C ASP A 57 31.67 10.95 1.32
N ASP A 58 30.79 9.95 1.49
CA ASP A 58 30.82 8.66 0.80
C ASP A 58 30.22 8.74 -0.62
N SER A 59 29.65 9.88 -1.01
CA SER A 59 29.09 10.20 -2.34
C SER A 59 27.61 9.78 -2.48
N LEU A 60 27.05 9.13 -1.47
CA LEU A 60 25.65 8.71 -1.38
C LEU A 60 24.80 9.93 -0.97
N ILE A 61 23.50 9.93 -1.29
CA ILE A 61 22.59 11.04 -1.00
C ILE A 61 21.99 10.81 0.40
N HIS A 62 21.93 11.87 1.21
CA HIS A 62 21.26 11.93 2.50
C HIS A 62 19.92 12.66 2.26
N PHE A 63 18.81 12.04 2.64
CA PHE A 63 17.46 12.63 2.64
C PHE A 63 17.09 12.80 4.12
N CYS A 64 16.59 13.99 4.50
CA CYS A 64 16.44 14.43 5.88
C CYS A 64 15.15 15.24 6.04
N TRP A 65 14.38 15.00 7.11
CA TRP A 65 13.24 15.80 7.57
C TRP A 65 13.58 16.37 8.94
N LYS A 66 13.37 17.68 9.13
CA LYS A 66 13.73 18.45 10.31
C LYS A 66 12.54 19.34 10.69
N ASP A 67 12.08 19.25 11.95
CA ASP A 67 11.01 20.08 12.52
C ASP A 67 11.60 21.46 12.82
N ARG A 68 11.01 22.50 12.24
CA ARG A 68 11.45 23.89 12.37
C ARG A 68 10.97 24.50 13.71
N THR A 69 9.89 23.96 14.29
CA THR A 69 9.35 24.36 15.59
C THR A 69 10.28 23.88 16.72
N SER A 70 10.82 22.65 16.61
CA SER A 70 11.67 22.02 17.61
C SER A 70 13.15 22.39 17.35
N GLY A 71 13.61 22.31 16.10
CA GLY A 71 14.96 22.70 15.67
C GLY A 71 15.87 21.50 15.44
N ASN A 72 15.33 20.29 15.24
CA ASN A 72 16.05 19.02 15.29
C ASN A 72 15.56 18.07 14.18
N VAL A 73 16.48 17.25 13.66
CA VAL A 73 16.24 16.16 12.72
C VAL A 73 15.62 14.98 13.50
N GLU A 74 14.47 14.49 13.02
CA GLU A 74 13.69 13.43 13.66
C GLU A 74 13.44 12.24 12.71
N ASP A 75 13.75 12.38 11.41
CA ASP A 75 13.65 11.31 10.40
C ASP A 75 14.66 11.61 9.27
N ASP A 76 15.55 10.67 8.97
CA ASP A 76 16.60 10.79 7.95
C ASP A 76 17.03 9.40 7.49
N LEU A 77 17.41 9.28 6.21
CA LEU A 77 17.90 8.07 5.53
C LEU A 77 19.00 8.44 4.54
N ILE A 78 19.97 7.54 4.34
CA ILE A 78 20.99 7.62 3.29
C ILE A 78 20.50 6.73 2.13
N ILE A 79 20.52 7.28 0.92
CA ILE A 79 20.01 6.73 -0.32
C ILE A 79 21.21 6.41 -1.23
N PHE A 80 21.23 5.21 -1.81
CA PHE A 80 22.17 4.80 -2.85
C PHE A 80 21.63 5.23 -4.24
N PRO A 81 22.50 5.61 -5.21
CA PRO A 81 22.13 6.01 -6.58
C PRO A 81 21.10 5.10 -7.27
N ASP A 82 19.87 5.60 -7.47
CA ASP A 82 18.77 4.95 -8.21
C ASP A 82 18.04 3.85 -7.41
N ASP A 83 18.32 3.75 -6.11
CA ASP A 83 17.70 2.76 -5.21
C ASP A 83 16.32 3.25 -4.71
N CYS A 84 16.04 4.55 -4.84
CA CYS A 84 14.84 5.22 -4.37
C CYS A 84 14.31 6.15 -5.47
N GLU A 85 13.00 6.12 -5.69
CA GLU A 85 12.22 6.99 -6.58
C GLU A 85 11.46 8.00 -5.69
N PHE A 86 11.08 9.15 -6.25
CA PHE A 86 10.14 10.12 -5.68
C PHE A 86 9.10 10.43 -6.77
N LYS A 87 7.81 10.27 -6.45
CA LYS A 87 6.68 10.37 -7.38
C LYS A 87 5.50 11.08 -6.70
N ARG A 88 4.64 11.75 -7.49
CA ARG A 88 3.39 12.36 -7.03
C ARG A 88 2.29 11.29 -6.96
N VAL A 89 1.44 11.36 -5.92
CA VAL A 89 0.33 10.44 -5.71
C VAL A 89 -0.82 10.82 -6.67
N PRO A 90 -1.36 9.89 -7.48
CA PRO A 90 -2.35 10.20 -8.53
C PRO A 90 -3.77 10.41 -7.99
N GLN A 91 -4.13 9.77 -6.87
CA GLN A 91 -5.45 9.86 -6.22
C GLN A 91 -5.58 11.10 -5.32
N CYS A 92 -4.56 11.95 -5.25
CA CYS A 92 -4.56 13.21 -4.51
C CYS A 92 -5.41 14.25 -5.29
N PRO A 93 -6.36 14.97 -4.65
CA PRO A 93 -7.22 15.94 -5.33
C PRO A 93 -6.51 17.26 -5.66
N SER A 94 -5.57 17.72 -4.82
CA SER A 94 -4.79 18.93 -5.02
C SER A 94 -3.53 18.64 -5.87
N GLY A 95 -2.82 17.56 -5.54
CA GLY A 95 -1.55 17.14 -6.12
C GLY A 95 -0.38 17.28 -5.12
N ARG A 96 -0.64 17.79 -3.91
CA ARG A 96 0.38 18.18 -2.95
C ARG A 96 1.04 17.00 -2.22
N VAL A 97 0.47 15.79 -2.28
CA VAL A 97 1.01 14.59 -1.65
C VAL A 97 1.88 13.86 -2.68
N TYR A 98 3.07 13.46 -2.23
CA TYR A 98 4.11 12.73 -2.95
C TYR A 98 4.48 11.50 -2.13
N VAL A 99 5.17 10.54 -2.76
CA VAL A 99 5.66 9.32 -2.14
C VAL A 99 7.12 9.12 -2.56
N LEU A 100 7.98 8.97 -1.56
CA LEU A 100 9.36 8.51 -1.65
C LEU A 100 9.26 6.98 -1.52
N LYS A 101 9.76 6.24 -2.51
CA LYS A 101 9.55 4.80 -2.67
C LYS A 101 10.86 4.11 -3.01
N PHE A 102 11.30 3.19 -2.14
CA PHE A 102 12.52 2.40 -2.30
C PHE A 102 12.20 1.19 -3.19
N LYS A 103 13.00 0.99 -4.24
CA LYS A 103 12.80 -0.04 -5.27
C LYS A 103 13.17 -1.43 -4.74
N ALA A 104 14.25 -1.51 -3.94
CA ALA A 104 14.63 -2.68 -3.15
C ALA A 104 14.06 -2.47 -1.74
N GLY A 105 13.25 -3.42 -1.26
CA GLY A 105 12.70 -3.45 0.09
C GLY A 105 11.18 -3.19 0.09
N SER A 106 10.70 -2.36 -0.86
CA SER A 106 9.31 -2.02 -1.12
C SER A 106 8.73 -1.01 -0.10
N LYS A 107 9.60 -0.28 0.62
CA LYS A 107 9.27 0.72 1.62
C LYS A 107 8.77 2.00 0.92
N ARG A 108 7.63 2.53 1.38
CA ARG A 108 6.98 3.74 0.91
C ARG A 108 6.91 4.72 2.09
N LEU A 109 7.35 5.97 1.89
CA LEU A 109 7.22 7.07 2.83
C LEU A 109 6.48 8.21 2.10
N PHE A 110 5.28 8.55 2.57
CA PHE A 110 4.42 9.58 1.98
C PHE A 110 4.74 10.92 2.64
N PHE A 111 5.00 11.94 1.80
CA PHE A 111 5.31 13.31 2.16
C PHE A 111 4.30 14.23 1.47
N TRP A 112 4.00 15.39 2.04
CA TRP A 112 3.06 16.35 1.49
C TRP A 112 3.54 17.78 1.73
N MET A 113 3.56 18.60 0.67
CA MET A 113 4.21 19.90 0.66
C MET A 113 3.36 20.96 1.36
N GLN A 114 4.03 21.88 2.05
CA GLN A 114 3.48 22.92 2.91
C GLN A 114 3.97 24.29 2.39
N GLU A 115 3.79 24.52 1.09
CA GLU A 115 4.06 25.74 0.35
C GLU A 115 2.82 26.08 -0.49
N PRO A 116 2.38 27.36 -0.58
CA PRO A 116 1.09 27.71 -1.17
C PRO A 116 1.10 27.77 -2.72
N LYS A 117 2.24 28.04 -3.35
CA LYS A 117 2.37 28.21 -4.79
C LYS A 117 2.67 26.86 -5.46
N THR A 118 1.87 26.51 -6.47
CA THR A 118 2.11 25.40 -7.41
C THR A 118 3.40 25.62 -8.23
N ASP A 119 3.78 26.88 -8.44
CA ASP A 119 5.02 27.35 -9.09
C ASP A 119 6.28 26.95 -8.30
N GLN A 120 6.15 26.66 -7.00
CA GLN A 120 7.20 26.08 -6.18
C GLN A 120 7.00 24.56 -6.12
N ASP A 121 5.79 24.10 -5.75
CA ASP A 121 5.42 22.67 -5.58
C ASP A 121 5.83 21.77 -6.78
N GLU A 122 5.40 22.12 -8.00
CA GLU A 122 5.66 21.35 -9.21
C GLU A 122 7.09 21.59 -9.77
N GLU A 123 7.81 22.60 -9.25
CA GLU A 123 9.19 22.90 -9.64
C GLU A 123 10.19 22.07 -8.79
N HIS A 124 9.86 21.75 -7.53
CA HIS A 124 10.74 21.04 -6.60
C HIS A 124 10.86 19.55 -6.97
N CYS A 125 9.72 18.88 -7.18
CA CYS A 125 9.59 17.42 -7.24
C CYS A 125 10.48 16.71 -8.28
N ARG A 126 10.77 17.37 -9.40
CA ARG A 126 11.69 16.88 -10.43
C ARG A 126 13.14 16.85 -9.92
N LYS A 127 13.56 17.86 -9.13
CA LYS A 127 14.91 17.96 -8.59
C LYS A 127 15.15 16.86 -7.55
N VAL A 128 14.14 16.59 -6.71
CA VAL A 128 14.10 15.50 -5.75
C VAL A 128 14.34 14.15 -6.45
N ASN A 129 13.51 13.85 -7.47
CA ASN A 129 13.61 12.68 -8.34
C ASN A 129 15.00 12.58 -9.00
N GLU A 130 15.45 13.63 -9.72
CA GLU A 130 16.74 13.64 -10.41
C GLU A 130 17.95 13.45 -9.48
N TYR A 131 17.98 14.04 -8.27
CA TYR A 131 19.08 13.80 -7.32
C TYR A 131 19.06 12.39 -6.71
N LEU A 132 17.90 11.78 -6.47
CA LEU A 132 17.81 10.41 -5.95
C LEU A 132 18.14 9.37 -7.05
N ASN A 133 17.60 9.57 -8.26
CA ASN A 133 17.72 8.63 -9.38
C ASN A 133 19.02 8.82 -10.18
N ASN A 134 19.64 10.01 -10.16
CA ASN A 134 20.86 10.33 -10.89
C ASN A 134 21.72 11.35 -10.11
N PRO A 135 22.36 10.96 -8.98
CA PRO A 135 23.24 11.85 -8.22
C PRO A 135 24.57 12.12 -8.98
N PRO A 136 25.22 13.29 -8.75
CA PRO A 136 26.47 13.66 -9.42
C PRO A 136 27.69 12.87 -8.87
N MET A 137 28.69 12.68 -9.73
CA MET A 137 29.96 11.97 -9.55
C MET A 137 29.85 10.49 -9.99
N PRO A 138 30.72 9.98 -10.91
CA PRO A 138 30.79 8.55 -11.30
C PRO A 138 30.95 7.55 -10.14
N GLY A 139 30.61 6.28 -10.39
CA GLY A 139 30.67 5.16 -9.46
C GLY A 139 31.73 4.15 -9.91
N ALA A 140 32.96 4.63 -10.14
CA ALA A 140 34.11 3.88 -10.67
C ALA A 140 34.56 2.69 -9.80
N LEU A 141 34.17 2.67 -8.51
CA LEU A 141 34.36 1.57 -7.56
C LEU A 141 33.53 0.32 -7.94
N GLY A 142 32.49 0.48 -8.77
CA GLY A 142 31.59 -0.58 -9.23
C GLY A 142 31.76 -0.89 -10.73
N ALA A 143 32.80 -0.36 -11.38
CA ALA A 143 33.12 -0.61 -12.79
C ALA A 143 33.83 -1.96 -13.00
N SER A 144 34.35 -2.57 -11.93
CA SER A 144 34.90 -3.92 -11.88
C SER A 144 34.15 -4.70 -10.79
N GLY A 145 33.78 -5.95 -11.07
CA GLY A 145 33.00 -6.83 -10.19
C GLY A 145 31.68 -7.20 -10.86
N SER A 146 30.61 -7.37 -10.07
CA SER A 146 29.23 -7.60 -10.50
C SER A 146 28.99 -9.04 -11.01
N SER A 147 29.68 -10.03 -10.41
CA SER A 147 29.64 -11.44 -10.78
C SER A 147 29.64 -12.34 -9.52
N GLY A 148 29.15 -11.81 -8.39
CA GLY A 148 29.11 -12.46 -7.08
C GLY A 148 29.91 -11.68 -6.05
N HIS A 149 29.65 -11.92 -4.76
CA HIS A 149 30.38 -11.35 -3.62
C HIS A 149 31.47 -12.33 -3.19
N GLU A 150 32.64 -11.80 -2.80
CA GLU A 150 33.76 -12.56 -2.21
C GLU A 150 33.67 -12.60 -0.67
N LEU A 151 32.72 -11.87 -0.08
CA LEU A 151 32.45 -11.80 1.35
C LEU A 151 31.63 -13.03 1.79
N SER A 152 31.92 -13.53 3.00
CA SER A 152 31.27 -14.63 3.71
C SER A 152 31.86 -16.01 3.37
N ALA A 153 31.66 -16.97 4.28
CA ALA A 153 31.88 -18.40 4.06
C ALA A 153 30.65 -19.05 3.39
N LEU A 154 29.49 -18.37 3.43
CA LEU A 154 28.21 -18.76 2.85
C LEU A 154 27.71 -17.58 2.01
N GLY A 155 26.56 -16.99 2.36
CA GLY A 155 25.99 -15.79 1.77
C GLY A 155 25.88 -14.69 2.83
N GLY A 156 25.16 -13.61 2.50
CA GLY A 156 25.00 -12.41 3.34
C GLY A 156 23.57 -12.26 3.87
N GLU A 157 22.74 -13.29 3.71
CA GLU A 157 21.36 -13.38 4.19
C GLU A 157 21.02 -14.85 4.47
N GLY A 158 21.24 -15.71 3.48
CA GLY A 158 21.00 -17.15 3.52
C GLY A 158 22.27 -17.95 3.22
N GLY A 159 22.10 -19.20 2.82
CA GLY A 159 23.15 -20.20 2.59
C GLY A 159 22.83 -21.47 3.40
N LEU A 160 23.23 -22.63 2.86
CA LEU A 160 22.98 -24.00 3.31
C LEU A 160 21.61 -24.52 2.83
N GLN A 161 21.55 -25.80 2.46
CA GLN A 161 20.40 -26.52 1.95
C GLN A 161 20.57 -28.00 2.30
N SER A 162 19.49 -28.70 2.68
CA SER A 162 19.45 -30.14 2.81
C SER A 162 19.14 -30.75 1.42
N LEU A 163 19.92 -31.77 1.01
CA LEU A 163 19.85 -32.35 -0.34
C LEU A 163 18.62 -33.26 -0.49
N LEU A 164 18.19 -33.89 0.62
CA LEU A 164 16.98 -34.72 0.79
C LEU A 164 17.19 -36.19 0.36
N GLY A 165 18.39 -36.53 -0.13
CA GLY A 165 18.77 -37.84 -0.63
C GLY A 165 19.91 -38.42 0.21
N ASN A 166 19.55 -39.16 1.27
CA ASN A 166 20.49 -39.93 2.11
C ASN A 166 19.79 -41.19 2.63
N MET A 167 18.66 -41.02 3.34
CA MET A 167 17.88 -42.10 3.95
C MET A 167 16.83 -42.70 2.98
N SER A 168 16.54 -42.01 1.87
CA SER A 168 15.63 -42.46 0.82
C SER A 168 16.36 -43.42 -0.14
N HIS A 169 15.60 -44.37 -0.73
CA HIS A 169 16.09 -45.37 -1.67
C HIS A 169 16.19 -44.76 -3.09
N SER A 170 17.00 -45.39 -3.94
CA SER A 170 17.29 -45.05 -5.34
C SER A 170 16.13 -45.44 -6.29
N GLN A 171 14.90 -45.05 -5.95
CA GLN A 171 13.68 -45.23 -6.74
C GLN A 171 13.72 -44.32 -7.98
N LEU A 172 13.32 -44.85 -9.14
CA LEU A 172 13.33 -44.18 -10.44
C LEU A 172 12.09 -43.28 -10.59
N MET A 173 12.24 -42.20 -11.36
CA MET A 173 11.17 -41.31 -11.81
C MET A 173 10.52 -41.89 -13.09
N GLN A 174 9.47 -41.23 -13.59
CA GLN A 174 8.77 -41.58 -14.83
C GLN A 174 9.68 -41.29 -16.04
N LEU A 175 10.10 -42.35 -16.75
CA LEU A 175 10.99 -42.30 -17.90
C LEU A 175 10.16 -42.03 -19.17
N ILE A 176 10.77 -41.32 -20.13
CA ILE A 176 10.23 -41.00 -21.45
C ILE A 176 11.41 -40.92 -22.44
N GLY A 177 11.12 -41.00 -23.73
CA GLY A 177 12.08 -40.89 -24.83
C GLY A 177 11.90 -39.54 -25.56
N PRO A 178 10.72 -39.28 -26.19
CA PRO A 178 10.31 -37.95 -26.69
C PRO A 178 10.42 -36.81 -25.66
N ALA A 179 10.47 -35.56 -26.16
CA ALA A 179 10.52 -34.34 -25.36
C ALA A 179 9.20 -34.10 -24.62
N GLY A 180 9.29 -33.67 -23.35
CA GLY A 180 8.17 -33.40 -22.45
C GLY A 180 8.21 -31.96 -21.95
N LEU A 181 7.90 -31.77 -20.66
CA LEU A 181 7.85 -30.52 -19.90
C LEU A 181 6.52 -29.79 -20.15
N GLY A 182 5.50 -30.14 -19.37
CA GLY A 182 4.11 -29.68 -19.49
C GLY A 182 3.20 -30.89 -19.59
N GLY A 183 2.09 -30.76 -20.34
CA GLY A 183 1.06 -31.78 -20.52
C GLY A 183 -0.29 -31.26 -20.04
N LEU A 184 -0.84 -30.28 -20.76
CA LEU A 184 -2.15 -29.65 -20.55
C LEU A 184 -2.16 -28.72 -19.32
N GLY A 185 -0.99 -28.18 -18.96
CA GLY A 185 -0.71 -27.40 -17.76
C GLY A 185 0.42 -28.05 -16.96
N GLY A 186 0.38 -27.92 -15.64
CA GLY A 186 1.33 -28.52 -14.69
C GLY A 186 2.15 -27.50 -13.90
N LEU A 187 2.02 -26.20 -14.23
CA LEU A 187 2.69 -25.09 -13.55
C LEU A 187 1.83 -24.65 -12.35
N GLY A 188 2.49 -24.42 -11.20
CA GLY A 188 1.88 -24.00 -9.94
C GLY A 188 2.06 -25.09 -8.88
N ALA A 189 2.60 -24.72 -7.72
CA ALA A 189 2.79 -25.59 -6.55
C ALA A 189 2.84 -24.78 -5.25
N LEU A 190 3.53 -23.63 -5.25
CA LEU A 190 3.68 -22.72 -4.12
C LEU A 190 2.41 -21.83 -4.02
N THR A 191 1.27 -22.47 -3.75
CA THR A 191 -0.07 -21.87 -3.69
C THR A 191 -0.93 -22.53 -2.59
N GLY A 192 -0.31 -23.35 -1.72
CA GLY A 192 -0.94 -24.14 -0.67
C GLY A 192 -0.69 -25.65 -0.87
N PRO A 193 -1.27 -26.52 -0.02
CA PRO A 193 -1.09 -27.99 -0.11
C PRO A 193 -1.93 -28.56 -1.27
N GLY A 194 -1.30 -28.76 -2.43
CA GLY A 194 -1.86 -29.37 -3.63
C GLY A 194 -1.01 -30.54 -4.11
N LEU A 195 -1.34 -31.09 -5.29
CA LEU A 195 -0.61 -32.11 -6.04
C LEU A 195 -0.91 -33.55 -5.58
N ALA A 196 -2.06 -33.75 -4.91
CA ALA A 196 -2.64 -35.03 -4.51
C ALA A 196 -1.90 -35.67 -3.33
N SER A 197 -1.89 -34.97 -2.18
CA SER A 197 -1.22 -35.25 -0.91
C SER A 197 0.08 -34.44 -0.77
N LEU A 198 1.21 -35.12 -0.51
CA LEU A 198 2.56 -34.56 -0.44
C LEU A 198 3.55 -35.67 -0.83
N LEU A 199 3.43 -36.83 -0.17
CA LEU A 199 4.15 -38.07 -0.45
C LEU A 199 3.20 -39.21 -0.09
N GLY A 200 3.11 -40.23 -0.95
CA GLY A 200 2.15 -41.32 -0.88
C GLY A 200 1.31 -41.28 -2.15
N SER A 201 0.18 -40.56 -2.11
CA SER A 201 -0.73 -40.28 -3.22
C SER A 201 -1.58 -41.53 -3.57
N SER A 202 -2.04 -41.65 -4.82
CA SER A 202 -2.73 -42.80 -5.39
C SER A 202 -2.48 -42.88 -6.91
N GLY A 203 -2.46 -44.09 -7.45
CA GLY A 203 -2.22 -44.41 -8.87
C GLY A 203 -0.95 -45.26 -9.01
N PRO A 204 -1.03 -46.61 -8.89
CA PRO A 204 0.15 -47.47 -8.92
C PRO A 204 0.69 -47.71 -10.35
N PRO A 205 2.02 -47.87 -10.54
CA PRO A 205 2.62 -48.21 -11.84
C PRO A 205 2.50 -49.72 -12.16
N GLY A 206 2.94 -50.11 -13.36
CA GLY A 206 2.96 -51.48 -13.85
C GLY A 206 2.23 -51.62 -15.19
N SER A 207 1.91 -52.86 -15.57
CA SER A 207 1.18 -53.27 -16.79
C SER A 207 2.11 -53.51 -18.00
N SER A 208 3.43 -53.45 -17.80
CA SER A 208 4.46 -53.80 -18.77
C SER A 208 4.82 -55.30 -18.62
N SER A 209 5.23 -55.95 -19.72
CA SER A 209 5.62 -57.36 -19.78
C SER A 209 6.95 -57.47 -20.54
N SER A 210 7.90 -58.24 -20.00
CA SER A 210 9.22 -58.53 -20.56
C SER A 210 9.74 -59.85 -19.97
N SER A 211 10.72 -60.48 -20.61
CA SER A 211 11.42 -61.68 -20.13
C SER A 211 12.51 -61.23 -19.15
N SER A 212 12.54 -61.83 -17.95
CA SER A 212 13.55 -61.56 -16.92
C SER A 212 14.80 -62.46 -17.08
N SER A 213 14.75 -63.45 -17.97
CA SER A 213 15.82 -64.42 -18.23
C SER A 213 16.89 -63.88 -19.20
N ARG A 214 16.57 -62.79 -19.93
CA ARG A 214 17.47 -62.10 -20.86
C ARG A 214 18.28 -61.06 -20.07
N SER A 215 19.60 -61.06 -20.23
CA SER A 215 20.55 -60.17 -19.55
C SER A 215 20.67 -58.83 -20.34
N GLN A 216 19.52 -58.20 -20.60
CA GLN A 216 19.33 -56.94 -21.34
C GLN A 216 19.54 -57.14 -22.86
N SER A 217 19.71 -56.05 -23.61
CA SER A 217 20.12 -56.03 -25.02
C SER A 217 21.63 -56.32 -25.09
N ALA A 218 22.06 -57.14 -26.05
CA ALA A 218 23.44 -57.62 -26.18
C ALA A 218 24.43 -56.52 -26.61
N ALA A 219 23.98 -55.61 -27.50
CA ALA A 219 24.64 -54.37 -27.92
C ALA A 219 25.94 -54.64 -28.70
N VAL A 220 25.89 -55.59 -29.65
CA VAL A 220 27.02 -56.06 -30.46
C VAL A 220 27.28 -55.02 -31.59
N THR A 221 27.86 -53.88 -31.21
CA THR A 221 28.25 -52.77 -32.08
C THR A 221 29.70 -52.34 -31.72
N PRO A 222 30.74 -53.10 -32.15
CA PRO A 222 32.13 -52.85 -31.73
C PRO A 222 32.80 -51.66 -32.44
N SER A 223 32.18 -51.11 -33.49
CA SER A 223 32.64 -49.96 -34.27
C SER A 223 32.60 -48.63 -33.48
N SER A 224 31.81 -48.57 -32.40
CA SER A 224 31.60 -47.46 -31.46
C SER A 224 30.76 -46.34 -32.07
N THR A 225 31.19 -45.79 -33.22
CA THR A 225 30.43 -44.95 -34.15
C THR A 225 30.14 -43.57 -33.52
N THR A 226 31.20 -42.93 -33.00
CA THR A 226 31.18 -41.61 -32.36
C THR A 226 30.77 -40.50 -33.38
N SER A 227 30.01 -39.51 -32.92
CA SER A 227 29.53 -38.35 -33.66
C SER A 227 29.26 -37.21 -32.66
N SER A 228 28.74 -36.08 -33.16
CA SER A 228 28.36 -34.91 -32.38
C SER A 228 27.14 -34.26 -33.06
N THR A 229 26.02 -34.17 -32.35
CA THR A 229 24.74 -33.61 -32.79
C THR A 229 24.75 -32.08 -32.68
N ARG A 230 25.71 -31.43 -33.36
CA ARG A 230 25.97 -29.98 -33.33
C ARG A 230 24.88 -29.16 -34.03
N ALA A 231 24.02 -29.79 -34.85
CA ALA A 231 22.88 -29.20 -35.55
C ALA A 231 21.68 -29.02 -34.57
N THR A 232 21.92 -28.29 -33.48
CA THR A 232 21.04 -27.93 -32.36
C THR A 232 20.97 -29.05 -31.30
N PRO A 233 21.95 -29.17 -30.37
CA PRO A 233 21.91 -30.16 -29.28
C PRO A 233 20.93 -29.77 -28.15
N ALA A 234 20.54 -28.49 -28.09
CA ALA A 234 19.53 -27.89 -27.22
C ALA A 234 18.79 -26.81 -28.01
N PRO A 235 17.52 -26.48 -27.68
CA PRO A 235 16.75 -25.43 -28.38
C PRO A 235 17.17 -24.01 -27.96
N SER A 236 16.75 -23.01 -28.74
CA SER A 236 16.97 -21.58 -28.45
C SER A 236 16.06 -21.10 -27.29
N ALA A 237 14.88 -21.71 -27.14
CA ALA A 237 13.89 -21.55 -26.08
C ALA A 237 13.24 -20.15 -26.06
N PRO A 238 12.32 -19.82 -27.00
CA PRO A 238 11.57 -18.55 -27.05
C PRO A 238 10.89 -18.15 -25.72
N ALA A 239 10.83 -16.84 -25.44
CA ALA A 239 10.21 -16.27 -24.25
C ALA A 239 8.68 -16.17 -24.36
N ALA A 240 8.14 -16.25 -25.59
CA ALA A 240 6.73 -16.22 -25.97
C ALA A 240 6.13 -14.80 -26.04
N ALA A 241 7.01 -13.78 -26.08
CA ALA A 241 6.80 -12.34 -26.01
C ALA A 241 6.97 -11.83 -24.57
N SER A 242 6.16 -10.86 -24.14
CA SER A 242 6.26 -10.17 -22.85
C SER A 242 5.65 -10.99 -21.70
N ALA A 243 4.93 -12.08 -21.98
CA ALA A 243 4.31 -13.00 -21.03
C ALA A 243 4.16 -14.39 -21.65
N THR A 244 3.97 -15.41 -20.82
CA THR A 244 3.76 -16.81 -21.22
C THR A 244 2.26 -17.09 -21.53
N SER A 245 1.36 -16.13 -21.23
CA SER A 245 -0.08 -16.15 -21.48
C SER A 245 -0.53 -14.75 -21.91
N PRO A 246 -1.68 -14.59 -22.62
CA PRO A 246 -2.19 -13.27 -23.03
C PRO A 246 -2.88 -12.48 -21.91
N SER A 247 -3.38 -13.18 -20.88
CA SER A 247 -4.13 -12.69 -19.72
C SER A 247 -3.67 -11.36 -19.04
N PRO A 248 -2.38 -11.15 -18.70
CA PRO A 248 -1.93 -9.92 -18.01
C PRO A 248 -1.74 -8.69 -18.94
N ALA A 249 -1.92 -8.81 -20.25
CA ALA A 249 -1.70 -7.71 -21.21
C ALA A 249 -2.83 -6.66 -21.14
N PRO A 250 -2.54 -5.34 -21.23
CA PRO A 250 -3.54 -4.24 -21.31
C PRO A 250 -4.66 -4.44 -22.34
N SER A 251 -5.85 -3.90 -22.06
CA SER A 251 -7.04 -3.94 -22.91
C SER A 251 -6.92 -2.93 -24.08
N SER A 252 -6.16 -1.85 -23.90
CA SER A 252 -5.80 -0.85 -24.91
C SER A 252 -4.38 -0.33 -24.63
N GLY A 253 -4.24 0.96 -24.34
CA GLY A 253 -3.01 1.63 -23.91
C GLY A 253 -3.19 2.30 -22.56
N ASN A 254 -4.39 2.84 -22.29
CA ASN A 254 -4.82 3.57 -21.09
C ASN A 254 -4.19 4.97 -21.06
N GLY A 255 -4.75 5.89 -21.84
CA GLY A 255 -4.33 7.30 -21.92
C GLY A 255 -5.39 8.25 -21.33
N ALA A 256 -6.53 7.70 -20.90
CA ALA A 256 -7.62 8.33 -20.19
C ALA A 256 -8.38 7.23 -19.43
N SER A 257 -9.18 7.60 -18.43
CA SER A 257 -10.11 6.76 -17.69
C SER A 257 -11.24 7.65 -17.15
N THR A 258 -12.50 7.22 -17.29
CA THR A 258 -13.70 7.98 -16.93
C THR A 258 -14.81 7.09 -16.34
N ALA A 259 -14.45 5.87 -15.89
CA ALA A 259 -15.33 4.88 -15.28
C ALA A 259 -14.54 4.07 -14.23
N ALA A 260 -13.68 4.77 -13.48
CA ALA A 260 -12.69 4.31 -12.50
C ALA A 260 -11.35 3.96 -13.17
N SER A 261 -10.24 4.18 -12.46
CA SER A 261 -8.89 3.89 -12.92
C SER A 261 -8.57 2.41 -12.63
N PRO A 262 -8.04 1.62 -13.58
CA PRO A 262 -7.69 0.21 -13.36
C PRO A 262 -6.38 0.07 -12.56
N THR A 263 -6.25 -1.03 -11.81
CA THR A 263 -5.04 -1.42 -11.09
C THR A 263 -5.01 -2.95 -10.98
N GLN A 264 -3.80 -3.54 -10.98
CA GLN A 264 -3.52 -4.96 -10.80
C GLN A 264 -2.32 -5.09 -9.84
N PRO A 265 -2.54 -5.39 -8.54
CA PRO A 265 -1.48 -5.66 -7.54
C PRO A 265 -0.43 -6.71 -7.97
N ILE A 266 0.84 -6.49 -7.64
CA ILE A 266 1.96 -7.36 -7.98
C ILE A 266 2.86 -7.71 -6.76
N GLN A 267 2.79 -6.92 -5.67
CA GLN A 267 3.66 -7.05 -4.48
C GLN A 267 2.88 -6.87 -3.16
N LEU A 268 1.57 -6.60 -3.23
CA LEU A 268 0.76 -6.25 -2.06
C LEU A 268 0.24 -7.51 -1.33
N SER A 269 0.04 -8.60 -2.09
CA SER A 269 -0.55 -9.85 -1.61
C SER A 269 0.52 -10.80 -1.01
N ASP A 270 1.80 -10.43 -1.03
CA ASP A 270 2.93 -11.25 -0.59
C ASP A 270 3.93 -10.38 0.20
N LEU A 271 4.73 -9.55 -0.46
CA LEU A 271 5.83 -8.77 0.15
C LEU A 271 5.32 -7.78 1.23
N GLN A 272 4.25 -7.03 0.94
CA GLN A 272 3.65 -6.12 1.92
C GLN A 272 2.87 -6.88 3.02
N SER A 273 2.48 -8.14 2.79
CA SER A 273 1.85 -9.00 3.80
C SER A 273 2.92 -9.54 4.76
N ILE A 274 4.12 -9.90 4.26
CA ILE A 274 5.29 -10.28 5.07
C ILE A 274 5.73 -9.09 5.93
N LEU A 275 5.78 -7.86 5.38
CA LEU A 275 6.09 -6.64 6.10
C LEU A 275 5.01 -6.24 7.14
N ALA A 276 3.78 -6.76 7.02
CA ALA A 276 2.73 -6.61 8.04
C ALA A 276 2.97 -7.61 9.18
N THR A 277 3.23 -8.89 8.86
CA THR A 277 3.58 -9.94 9.84
C THR A 277 4.85 -9.60 10.65
N MET A 278 5.84 -8.96 10.01
CA MET A 278 7.10 -8.56 10.63
C MET A 278 7.03 -7.15 11.27
N ASN A 279 5.96 -6.37 11.06
CA ASN A 279 5.81 -5.02 11.62
C ASN A 279 4.34 -4.63 11.88
N VAL A 280 3.67 -3.99 10.91
CA VAL A 280 2.39 -3.30 11.12
C VAL A 280 1.23 -4.31 11.22
N PRO A 281 0.44 -4.34 12.32
CA PRO A 281 -0.69 -5.27 12.49
C PRO A 281 -1.90 -4.83 11.64
N ALA A 282 -1.93 -5.23 10.37
CA ALA A 282 -2.91 -4.82 9.35
C ALA A 282 -4.26 -5.58 9.44
N GLY A 283 -4.44 -6.42 10.47
CA GLY A 283 -5.62 -7.25 10.73
C GLY A 283 -5.18 -8.73 10.76
N PRO A 284 -5.26 -9.43 11.92
CA PRO A 284 -4.88 -10.85 12.09
C PRO A 284 -5.49 -11.81 11.03
N ALA A 285 -4.74 -12.07 9.97
CA ALA A 285 -5.04 -12.81 8.74
C ALA A 285 -4.16 -12.27 7.59
N GLY A 286 -3.78 -10.99 7.67
CA GLY A 286 -3.03 -10.25 6.64
C GLY A 286 -3.80 -9.00 6.17
N GLY A 287 -5.08 -8.87 6.58
CA GLY A 287 -5.98 -7.78 6.27
C GLY A 287 -7.21 -8.30 5.52
N GLN A 288 -8.35 -7.61 5.67
CA GLN A 288 -9.59 -7.87 4.96
C GLN A 288 -10.38 -6.56 4.85
N GLN A 289 -10.84 -6.03 5.99
CA GLN A 289 -11.37 -4.68 6.12
C GLN A 289 -10.22 -3.80 6.67
N VAL A 290 -10.43 -3.12 7.81
CA VAL A 290 -9.47 -2.21 8.47
C VAL A 290 -9.36 -0.88 7.67
N ASP A 291 -10.47 -0.51 7.00
CA ASP A 291 -10.65 0.66 6.15
C ASP A 291 -12.13 1.07 6.16
N LEU A 292 -13.02 0.07 6.04
CA LEU A 292 -14.49 0.20 6.06
C LEU A 292 -15.07 0.57 7.45
N ALA A 293 -14.25 0.83 8.46
CA ALA A 293 -14.63 1.31 9.78
C ALA A 293 -15.30 2.70 9.78
N SER A 294 -15.16 3.45 8.68
CA SER A 294 -15.86 4.72 8.43
C SER A 294 -17.28 4.51 7.85
N VAL A 295 -17.61 3.29 7.39
CA VAL A 295 -18.94 2.87 6.93
C VAL A 295 -19.59 2.06 8.08
N LEU A 296 -18.89 1.04 8.56
CA LEU A 296 -19.29 0.18 9.67
C LEU A 296 -18.75 0.82 10.97
N THR A 297 -19.31 1.98 11.32
CA THR A 297 -18.94 2.78 12.48
C THR A 297 -19.39 2.11 13.80
N PRO A 298 -18.82 2.50 14.97
CA PRO A 298 -19.12 1.93 16.30
C PRO A 298 -20.61 1.79 16.66
N GLU A 299 -21.50 2.66 16.16
CA GLU A 299 -22.95 2.62 16.39
C GLU A 299 -23.63 1.34 15.88
N ILE A 300 -23.11 0.71 14.82
CA ILE A 300 -23.60 -0.55 14.27
C ILE A 300 -22.84 -1.72 14.92
N MET A 301 -21.54 -1.57 15.16
CA MET A 301 -20.64 -2.66 15.53
C MET A 301 -20.62 -2.94 17.04
N ALA A 302 -20.81 -1.92 17.90
CA ALA A 302 -20.84 -2.01 19.36
C ALA A 302 -21.66 -3.16 19.99
N PRO A 303 -22.96 -3.35 19.66
CA PRO A 303 -23.76 -4.44 20.24
C PRO A 303 -23.38 -5.85 19.70
N ILE A 304 -22.68 -5.93 18.56
CA ILE A 304 -22.18 -7.18 17.98
C ILE A 304 -20.90 -7.57 18.75
N LEU A 305 -19.96 -6.62 18.92
CA LEU A 305 -18.69 -6.79 19.61
C LEU A 305 -18.86 -6.92 21.15
N ALA A 306 -20.02 -6.54 21.71
CA ALA A 306 -20.35 -6.65 23.11
C ALA A 306 -20.85 -8.05 23.51
N ASN A 307 -21.06 -8.96 22.55
CA ASN A 307 -21.50 -10.33 22.83
C ASN A 307 -20.29 -11.24 23.09
N ALA A 308 -20.42 -12.10 24.11
CA ALA A 308 -19.39 -13.03 24.57
C ALA A 308 -18.96 -14.06 23.51
N ASP A 309 -19.89 -14.54 22.68
CA ASP A 309 -19.63 -15.56 21.66
C ASP A 309 -18.75 -15.03 20.52
N VAL A 310 -18.74 -13.70 20.31
CA VAL A 310 -17.87 -13.00 19.37
C VAL A 310 -16.51 -12.74 20.07
N GLN A 311 -16.53 -12.20 21.31
CA GLN A 311 -15.34 -11.87 22.10
C GLN A 311 -14.37 -13.04 22.30
N GLU A 312 -14.89 -14.23 22.63
CA GLU A 312 -14.10 -15.45 22.85
C GLU A 312 -13.44 -15.99 21.56
N ARG A 313 -13.86 -15.53 20.37
CA ARG A 313 -13.22 -15.83 19.09
C ARG A 313 -12.21 -14.72 18.75
N LEU A 314 -12.57 -13.44 18.96
CA LEU A 314 -11.75 -12.27 18.66
C LEU A 314 -10.52 -12.18 19.58
N LEU A 315 -10.71 -12.09 20.90
CA LEU A 315 -9.67 -11.90 21.92
C LEU A 315 -8.39 -12.75 21.82
N PRO A 316 -8.41 -14.08 21.55
CA PRO A 316 -7.19 -14.87 21.33
C PRO A 316 -6.46 -14.61 20.00
N TYR A 317 -7.04 -13.89 19.02
CA TYR A 317 -6.37 -13.53 17.75
C TYR A 317 -5.65 -12.17 17.89
N LEU A 318 -5.87 -11.43 18.99
CA LEU A 318 -5.45 -10.04 19.19
C LEU A 318 -3.92 -9.96 19.38
N PRO A 319 -3.19 -9.03 18.71
CA PRO A 319 -1.75 -8.78 18.85
C PRO A 319 -1.18 -8.67 20.28
N SER A 320 -1.98 -8.21 21.26
CA SER A 320 -1.70 -8.05 22.69
C SER A 320 -1.15 -6.63 23.00
N GLY A 321 -1.43 -6.14 24.21
CA GLY A 321 -1.02 -4.83 24.73
C GLY A 321 -2.22 -3.95 25.08
N GLU A 322 -3.40 -4.28 24.54
CA GLU A 322 -4.70 -3.67 24.77
C GLU A 322 -5.78 -4.74 24.51
N SER A 323 -7.05 -4.46 24.83
CA SER A 323 -8.22 -5.26 24.51
C SER A 323 -9.43 -4.33 24.42
N LEU A 324 -10.42 -4.66 23.57
CA LEU A 324 -11.66 -3.90 23.41
C LEU A 324 -12.57 -4.05 24.67
N PRO A 325 -13.36 -3.01 25.04
CA PRO A 325 -14.34 -3.09 26.13
C PRO A 325 -15.36 -4.22 25.95
N GLN A 326 -15.91 -4.74 27.07
CA GLN A 326 -16.89 -5.83 27.05
C GLN A 326 -18.34 -5.29 26.96
N THR A 327 -18.59 -4.07 27.46
CA THR A 327 -19.88 -3.39 27.47
C THR A 327 -19.99 -2.45 26.24
N ALA A 328 -21.10 -2.54 25.49
CA ALA A 328 -21.38 -1.83 24.24
C ALA A 328 -21.23 -0.30 24.33
N ASP A 329 -21.61 0.29 25.47
CA ASP A 329 -21.58 1.73 25.77
C ASP A 329 -20.17 2.33 25.65
N GLU A 330 -19.15 1.53 26.00
CA GLU A 330 -17.74 1.90 25.95
C GLU A 330 -17.18 1.66 24.54
N ILE A 331 -17.59 0.59 23.85
CA ILE A 331 -17.18 0.30 22.46
C ILE A 331 -17.67 1.41 21.50
N GLN A 332 -18.88 1.91 21.75
CA GLN A 332 -19.57 2.92 20.95
C GLN A 332 -19.03 4.35 21.17
N ASN A 333 -18.23 4.60 22.22
CA ASN A 333 -17.86 5.95 22.68
C ASN A 333 -16.37 6.12 23.03
N THR A 334 -15.80 5.23 23.84
CA THR A 334 -14.49 5.39 24.46
C THR A 334 -13.35 4.97 23.50
N LEU A 335 -13.64 4.14 22.49
CA LEU A 335 -12.69 3.78 21.43
C LEU A 335 -12.66 4.91 20.38
N THR A 336 -11.49 5.51 20.16
CA THR A 336 -11.25 6.56 19.17
C THR A 336 -11.10 5.89 17.79
N SER A 337 -10.06 5.07 17.59
CA SER A 337 -9.83 4.24 16.40
C SER A 337 -8.90 3.01 16.59
N PRO A 338 -7.72 3.07 17.26
CA PRO A 338 -6.70 2.00 17.28
C PRO A 338 -7.19 0.56 17.52
N GLN A 339 -7.86 0.29 18.64
CA GLN A 339 -8.34 -1.03 19.01
C GLN A 339 -9.65 -1.39 18.26
N PHE A 340 -10.40 -0.40 17.78
CA PHE A 340 -11.60 -0.61 16.96
C PHE A 340 -11.20 -1.15 15.56
N GLN A 341 -10.13 -0.62 14.99
CA GLN A 341 -9.53 -1.07 13.73
C GLN A 341 -9.00 -2.52 13.83
N GLN A 342 -8.47 -2.91 15.01
CA GLN A 342 -8.07 -4.29 15.29
C GLN A 342 -9.29 -5.20 15.48
N ALA A 343 -10.33 -4.74 16.20
CA ALA A 343 -11.62 -5.43 16.37
C ALA A 343 -12.26 -5.76 15.01
N LEU A 344 -12.35 -4.75 14.12
CA LEU A 344 -12.80 -4.85 12.74
C LEU A 344 -11.91 -5.75 11.87
N GLY A 345 -10.66 -6.03 12.26
CA GLY A 345 -9.69 -6.82 11.50
C GLY A 345 -9.61 -8.28 11.98
N MET A 346 -10.02 -8.54 13.22
CA MET A 346 -10.23 -9.88 13.76
C MET A 346 -11.66 -10.37 13.41
N PHE A 347 -12.64 -9.45 13.41
CA PHE A 347 -14.02 -9.66 12.99
C PHE A 347 -14.07 -10.09 11.51
N SER A 348 -13.48 -9.30 10.61
CA SER A 348 -13.48 -9.57 9.17
C SER A 348 -12.70 -10.84 8.79
N ALA A 349 -11.73 -11.29 9.61
CA ALA A 349 -11.02 -12.56 9.44
C ALA A 349 -11.93 -13.77 9.75
N ALA A 350 -12.73 -13.67 10.81
CA ALA A 350 -13.74 -14.67 11.20
C ALA A 350 -14.94 -14.66 10.24
N LEU A 351 -15.25 -13.50 9.63
CA LEU A 351 -16.31 -13.32 8.66
C LEU A 351 -15.89 -13.86 7.28
N ALA A 352 -14.62 -13.67 6.88
CA ALA A 352 -14.09 -14.11 5.58
C ALA A 352 -13.91 -15.64 5.52
N SER A 353 -13.46 -16.26 6.63
CA SER A 353 -13.36 -17.71 6.78
C SER A 353 -14.76 -18.35 6.89
N GLY A 354 -15.75 -17.62 7.42
CA GLY A 354 -17.18 -17.94 7.34
C GLY A 354 -17.75 -18.36 8.70
N GLN A 355 -16.89 -18.60 9.70
CA GLN A 355 -17.22 -19.14 11.01
C GLN A 355 -18.14 -18.24 11.85
N LEU A 356 -18.09 -16.91 11.64
CA LEU A 356 -18.90 -15.93 12.37
C LEU A 356 -20.33 -15.84 11.79
N GLY A 357 -20.49 -16.21 10.51
CA GLY A 357 -21.73 -16.46 9.75
C GLY A 357 -23.03 -16.64 10.54
N PRO A 358 -23.23 -17.77 11.25
CA PRO A 358 -24.47 -18.08 11.97
C PRO A 358 -24.74 -17.24 13.24
N LEU A 359 -23.79 -16.41 13.70
CA LEU A 359 -24.02 -15.48 14.81
C LEU A 359 -24.78 -14.23 14.31
N MET A 360 -24.61 -13.86 13.03
CA MET A 360 -25.23 -12.69 12.40
C MET A 360 -26.77 -12.79 12.35
N CYS A 361 -27.27 -14.03 12.31
CA CYS A 361 -28.69 -14.40 12.32
C CYS A 361 -29.33 -14.16 13.70
N GLN A 362 -28.54 -14.15 14.78
CA GLN A 362 -29.02 -14.05 16.15
C GLN A 362 -29.21 -12.58 16.54
N PHE A 363 -28.38 -11.67 16.00
CA PHE A 363 -28.44 -10.24 16.24
C PHE A 363 -29.57 -9.59 15.42
N GLY A 364 -29.90 -10.14 14.24
CA GLY A 364 -31.03 -9.73 13.42
C GLY A 364 -30.60 -8.92 12.19
N LEU A 365 -29.35 -9.09 11.74
CA LEU A 365 -28.75 -8.35 10.62
C LEU A 365 -29.41 -8.73 9.26
N PRO A 366 -29.36 -7.85 8.23
CA PRO A 366 -29.97 -8.06 6.90
C PRO A 366 -29.69 -9.42 6.25
N ALA A 367 -30.71 -10.02 5.62
CA ALA A 367 -30.66 -11.36 5.02
C ALA A 367 -29.56 -11.51 3.94
N GLU A 368 -29.33 -10.45 3.16
CA GLU A 368 -28.28 -10.37 2.14
C GLU A 368 -26.88 -10.31 2.76
N ALA A 369 -26.74 -9.66 3.92
CA ALA A 369 -25.49 -9.56 4.67
C ALA A 369 -25.20 -10.90 5.39
N VAL A 370 -26.22 -11.52 5.98
CA VAL A 370 -26.18 -12.86 6.58
C VAL A 370 -25.77 -13.93 5.55
N GLU A 371 -26.35 -13.89 4.35
CA GLU A 371 -26.02 -14.74 3.19
C GLU A 371 -24.52 -14.60 2.81
N ALA A 372 -24.03 -13.36 2.72
CA ALA A 372 -22.65 -13.01 2.41
C ALA A 372 -21.67 -13.44 3.52
N ALA A 373 -22.04 -13.25 4.80
CA ALA A 373 -21.24 -13.54 5.99
C ALA A 373 -20.99 -15.05 6.20
N ASN A 374 -21.96 -15.89 5.82
CA ASN A 374 -21.85 -17.35 5.91
C ASN A 374 -20.99 -17.93 4.79
N LYS A 375 -21.00 -17.30 3.60
CA LYS A 375 -20.22 -17.73 2.43
C LYS A 375 -18.81 -17.13 2.41
N GLY A 376 -18.60 -15.93 2.99
CA GLY A 376 -17.30 -15.31 3.18
C GLY A 376 -17.09 -14.03 2.38
N ASP A 377 -18.15 -13.45 1.79
CA ASP A 377 -18.10 -12.28 0.91
C ASP A 377 -18.22 -11.00 1.77
N VAL A 378 -17.11 -10.63 2.44
CA VAL A 378 -17.01 -9.49 3.35
C VAL A 378 -17.30 -8.14 2.66
N GLU A 379 -16.96 -8.01 1.37
CA GLU A 379 -17.26 -6.83 0.55
C GLU A 379 -18.77 -6.67 0.33
N ALA A 380 -19.48 -7.78 0.06
CA ALA A 380 -20.92 -7.82 -0.18
C ALA A 380 -21.70 -7.57 1.13
N PHE A 381 -21.18 -8.07 2.27
CA PHE A 381 -21.66 -7.77 3.62
C PHE A 381 -21.63 -6.26 3.90
N ALA A 382 -20.47 -5.63 3.66
CA ALA A 382 -20.25 -4.20 3.87
C ALA A 382 -21.14 -3.33 2.95
N LYS A 383 -21.20 -3.66 1.66
CA LYS A 383 -22.02 -2.96 0.66
C LYS A 383 -23.53 -3.11 0.91
N ALA A 384 -24.00 -4.26 1.40
CA ALA A 384 -25.38 -4.49 1.79
C ALA A 384 -25.76 -3.67 3.02
N MET A 385 -24.89 -3.66 4.05
CA MET A 385 -25.11 -2.93 5.30
C MET A 385 -24.99 -1.41 5.10
N GLN A 386 -24.16 -0.95 4.16
CA GLN A 386 -24.04 0.44 3.72
C GLN A 386 -25.33 0.95 3.07
N ASN A 387 -26.00 0.12 2.27
CA ASN A 387 -27.28 0.44 1.61
C ASN A 387 -28.46 0.38 2.61
N ASN A 388 -28.39 -0.50 3.61
CA ASN A 388 -29.41 -0.69 4.65
C ASN A 388 -29.38 0.45 5.70
N ALA A 389 -28.30 1.24 5.75
CA ALA A 389 -28.09 2.33 6.72
C ALA A 389 -29.01 3.54 6.50
N LYS A 390 -29.56 3.73 5.29
CA LYS A 390 -30.53 4.78 4.98
C LYS A 390 -31.97 4.31 5.31
N PRO A 391 -32.87 5.24 5.73
CA PRO A 391 -34.29 4.95 5.97
C PRO A 391 -35.11 4.91 4.66
N GLU A 392 -36.45 5.01 4.79
CA GLU A 392 -37.49 4.98 3.77
C GLU A 392 -38.01 3.54 3.60
N GLN A 393 -38.94 3.16 4.50
CA GLN A 393 -39.54 1.83 4.63
C GLN A 393 -41.07 1.92 4.57
N LYS A 394 -41.59 3.03 4.04
CA LYS A 394 -42.99 3.44 4.05
C LYS A 394 -43.92 2.46 3.28
N GLU A 395 -43.42 1.87 2.19
CA GLU A 395 -44.10 0.90 1.33
C GLU A 395 -43.80 -0.55 1.77
N GLY A 396 -43.18 -0.75 2.94
CA GLY A 396 -42.83 -2.04 3.53
C GLY A 396 -43.71 -2.26 4.76
N ASP A 397 -43.12 -2.30 5.95
CA ASP A 397 -43.80 -2.42 7.24
C ASP A 397 -44.29 -1.02 7.66
N THR A 398 -45.43 -0.60 7.08
CA THR A 398 -46.10 0.68 7.27
C THR A 398 -46.80 0.76 8.66
N LYS A 399 -46.93 -0.38 9.35
CA LYS A 399 -47.67 -0.64 10.60
C LYS A 399 -49.15 -0.98 10.32
N ASP A 400 -49.49 -1.23 9.05
CA ASP A 400 -50.81 -1.65 8.55
C ASP A 400 -50.95 -3.18 8.49
N LYS A 401 -50.02 -3.90 9.16
CA LYS A 401 -49.93 -5.36 9.18
C LYS A 401 -50.98 -5.92 10.15
N LYS A 402 -52.12 -6.33 9.59
CA LYS A 402 -53.30 -6.95 10.20
C LYS A 402 -54.32 -5.90 10.69
N ASP A 403 -55.61 -6.13 10.43
CA ASP A 403 -56.74 -5.23 10.71
C ASP A 403 -57.46 -5.62 12.02
N GLU A 404 -57.04 -6.70 12.68
CA GLU A 404 -57.57 -7.21 13.96
C GLU A 404 -57.18 -6.27 15.12
N GLU A 405 -57.96 -6.35 16.21
CA GLU A 405 -57.73 -5.72 17.50
C GLU A 405 -58.03 -6.74 18.61
N GLU A 406 -57.48 -6.54 19.81
CA GLU A 406 -57.54 -7.44 20.97
C GLU A 406 -58.33 -6.78 22.11
N ASP A 407 -58.87 -7.60 23.02
CA ASP A 407 -59.65 -7.23 24.20
C ASP A 407 -59.24 -8.04 25.44
N MET A 408 -58.09 -8.73 25.37
CA MET A 408 -57.44 -9.52 26.41
C MET A 408 -58.10 -10.91 26.55
N SER A 409 -58.12 -11.47 27.77
CA SER A 409 -58.63 -12.79 28.11
C SER A 409 -59.31 -12.78 29.49
N LEU A 410 -60.20 -11.80 29.71
CA LEU A 410 -60.93 -11.57 30.96
C LEU A 410 -62.39 -11.21 30.64
N ASP A 411 -63.03 -12.05 29.81
CA ASP A 411 -64.44 -11.99 29.44
C ASP A 411 -65.30 -12.65 30.54
N MET A 5 -3.20 56.50 18.28
CA MET A 5 -3.79 55.31 18.92
C MET A 5 -3.81 54.07 17.99
N THR A 6 -3.62 54.22 16.67
CA THR A 6 -3.67 53.13 15.68
C THR A 6 -2.28 52.44 15.65
N THR A 7 -1.98 51.64 16.67
CA THR A 7 -0.75 50.86 16.82
C THR A 7 -0.81 49.54 16.02
N SER A 8 -2.02 49.05 15.68
CA SER A 8 -2.28 47.85 14.89
C SER A 8 -2.20 48.19 13.39
N GLY A 9 -1.06 48.75 12.96
CA GLY A 9 -0.68 49.05 11.59
C GLY A 9 0.69 48.44 11.29
N ALA A 10 1.34 48.90 10.22
CA ALA A 10 2.74 48.60 9.92
C ALA A 10 3.58 49.73 10.53
N LEU A 11 4.47 49.40 11.47
CA LEU A 11 5.37 50.35 12.13
C LEU A 11 6.61 50.60 11.26
N PHE A 12 7.01 49.61 10.46
CA PHE A 12 8.08 49.60 9.46
C PHE A 12 9.49 49.63 10.10
N PRO A 13 10.02 48.48 10.61
CA PRO A 13 11.40 48.37 11.12
C PRO A 13 12.48 48.84 10.12
N SER A 14 12.32 48.49 8.84
CA SER A 14 13.11 48.87 7.65
C SER A 14 14.31 47.93 7.39
N LEU A 15 14.69 47.12 8.38
CA LEU A 15 15.78 46.17 8.36
C LEU A 15 15.24 44.73 8.19
N VAL A 16 16.10 43.85 7.68
CA VAL A 16 15.92 42.40 7.45
C VAL A 16 15.19 42.14 6.10
N PRO A 17 15.69 41.25 5.20
CA PRO A 17 15.03 40.89 3.94
C PRO A 17 13.55 40.43 4.01
N GLY A 18 13.15 39.80 5.12
CA GLY A 18 11.85 39.16 5.31
C GLY A 18 12.14 37.68 5.56
N SER A 19 12.29 36.92 4.46
CA SER A 19 12.88 35.58 4.46
C SER A 19 14.41 35.80 4.47
N ARG A 20 15.01 35.75 5.67
CA ARG A 20 16.37 36.20 5.93
C ARG A 20 17.44 35.24 5.36
N GLY A 21 17.18 33.93 5.43
CA GLY A 21 18.05 32.87 4.93
C GLY A 21 17.27 31.93 4.02
N ALA A 22 17.81 31.66 2.82
CA ALA A 22 17.35 30.70 1.82
C ALA A 22 18.53 30.39 0.90
N SER A 23 18.70 29.12 0.53
CA SER A 23 19.63 28.59 -0.49
C SER A 23 21.13 28.72 -0.14
N ASN A 24 21.45 29.04 1.12
CA ASN A 24 22.80 29.28 1.64
C ASN A 24 23.59 27.96 1.82
N LYS A 25 22.87 26.85 2.04
CA LYS A 25 23.36 25.48 2.07
C LYS A 25 22.29 24.54 1.48
N TYR A 26 22.63 23.26 1.32
CA TYR A 26 21.77 22.14 0.89
C TYR A 26 21.65 22.06 -0.64
N LEU A 27 21.35 20.86 -1.16
CA LEU A 27 21.10 20.62 -2.59
C LEU A 27 19.65 21.00 -2.92
N VAL A 28 18.71 20.66 -2.03
CA VAL A 28 17.29 20.94 -2.11
C VAL A 28 16.81 21.31 -0.70
N GLU A 29 15.85 22.23 -0.59
CA GLU A 29 15.12 22.58 0.62
C GLU A 29 13.70 23.03 0.21
N PHE A 30 12.65 22.51 0.85
CA PHE A 30 11.26 22.85 0.61
C PHE A 30 10.42 22.52 1.85
N ARG A 31 9.38 23.33 2.13
CA ARG A 31 8.51 23.16 3.28
C ARG A 31 7.42 22.15 2.94
N ALA A 32 7.49 20.98 3.57
CA ALA A 32 6.61 19.84 3.34
C ALA A 32 6.51 19.00 4.61
N GLY A 33 5.35 18.36 4.79
CA GLY A 33 5.02 17.49 5.90
C GLY A 33 4.98 16.05 5.40
N LYS A 34 4.63 15.13 6.31
CA LYS A 34 4.62 13.69 6.07
C LYS A 34 3.48 13.01 6.83
N MET A 35 3.51 11.68 6.89
CA MET A 35 2.53 10.82 7.53
C MET A 35 3.25 9.79 8.41
N SER A 36 2.57 9.29 9.43
CA SER A 36 3.06 8.32 10.40
C SER A 36 1.92 7.38 10.78
N LEU A 37 2.26 6.15 11.17
CA LEU A 37 1.33 5.20 11.80
C LEU A 37 1.15 5.60 13.27
N LYS A 38 -0.08 5.49 13.77
CA LYS A 38 -0.51 5.79 15.13
C LYS A 38 -1.14 4.52 15.74
N GLY A 39 -0.65 3.35 15.31
CA GLY A 39 -1.22 2.03 15.51
C GLY A 39 -1.50 1.47 14.11
N THR A 40 -2.70 0.95 13.87
CA THR A 40 -3.16 0.45 12.57
C THR A 40 -3.54 1.63 11.64
N THR A 41 -3.86 2.80 12.21
CA THR A 41 -4.34 4.00 11.53
C THR A 41 -3.12 4.85 11.13
N VAL A 42 -3.08 5.31 9.88
CA VAL A 42 -2.12 6.30 9.37
C VAL A 42 -2.68 7.69 9.70
N THR A 43 -1.85 8.58 10.23
CA THR A 43 -2.17 9.96 10.61
C THR A 43 -1.16 10.90 9.92
N PRO A 44 -1.57 12.08 9.40
CA PRO A 44 -0.64 13.08 8.88
C PRO A 44 0.09 13.82 10.01
N ASP A 45 1.36 14.18 9.80
CA ASP A 45 2.18 14.98 10.70
C ASP A 45 1.92 16.44 10.33
N LYS A 46 0.89 17.04 10.96
CA LYS A 46 0.29 18.34 10.64
C LYS A 46 1.09 19.55 11.18
N ARG A 47 2.27 19.33 11.76
CA ARG A 47 3.24 20.38 12.13
C ARG A 47 3.90 20.98 10.88
N LYS A 48 4.52 22.16 11.02
CA LYS A 48 5.32 22.79 9.97
C LYS A 48 6.64 21.99 9.80
N GLY A 49 6.86 21.41 8.62
CA GLY A 49 8.00 20.56 8.32
C GLY A 49 8.86 21.16 7.20
N LEU A 50 10.15 20.82 7.19
CA LEU A 50 11.09 21.13 6.10
C LEU A 50 11.70 19.80 5.66
N VAL A 51 11.57 19.45 4.37
CA VAL A 51 12.34 18.39 3.72
C VAL A 51 13.57 19.11 3.13
N TYR A 52 14.75 18.53 3.29
CA TYR A 52 16.00 19.04 2.73
C TYR A 52 16.95 17.89 2.40
N ILE A 53 17.81 18.10 1.41
CA ILE A 53 18.72 17.11 0.84
C ILE A 53 20.13 17.73 0.79
N GLN A 54 21.16 16.97 1.15
CA GLN A 54 22.55 17.38 1.25
C GLN A 54 23.46 16.30 0.67
N GLN A 55 24.64 16.67 0.16
CA GLN A 55 25.68 15.73 -0.28
C GLN A 55 26.63 15.49 0.91
N THR A 56 26.96 14.22 1.17
CA THR A 56 27.95 13.77 2.16
C THR A 56 29.34 13.82 1.49
N ASP A 57 30.42 13.95 2.27
CA ASP A 57 31.84 14.00 1.84
C ASP A 57 32.27 12.87 0.86
N ASP A 58 31.68 11.67 1.01
CA ASP A 58 31.86 10.49 0.15
C ASP A 58 31.13 10.61 -1.21
N SER A 59 30.27 11.62 -1.37
CA SER A 59 29.49 11.98 -2.56
C SER A 59 28.11 11.28 -2.60
N LEU A 60 27.72 10.63 -1.49
CA LEU A 60 26.40 10.06 -1.27
C LEU A 60 25.42 11.17 -0.90
N ILE A 61 24.17 11.04 -1.34
CA ILE A 61 23.10 12.01 -1.16
C ILE A 61 22.34 11.60 0.12
N HIS A 62 22.16 12.55 1.05
CA HIS A 62 21.51 12.36 2.33
C HIS A 62 20.22 13.19 2.34
N PHE A 63 19.10 12.55 2.67
CA PHE A 63 17.76 13.12 2.77
C PHE A 63 17.49 13.36 4.27
N CYS A 64 16.87 14.50 4.62
CA CYS A 64 16.68 14.97 5.99
C CYS A 64 15.28 15.61 6.13
N TRP A 65 14.62 15.45 7.28
CA TRP A 65 13.37 16.10 7.64
C TRP A 65 13.38 16.54 9.11
N LYS A 66 12.89 17.75 9.39
CA LYS A 66 12.78 18.34 10.72
C LYS A 66 11.46 19.10 10.88
N ASP A 67 11.01 19.26 12.14
CA ASP A 67 9.90 20.14 12.51
C ASP A 67 10.47 21.56 12.61
N ARG A 68 9.82 22.51 11.93
CA ARG A 68 10.20 23.93 11.94
C ARG A 68 9.66 24.63 13.20
N THR A 69 8.74 24.00 13.91
CA THR A 69 8.11 24.45 15.15
C THR A 69 9.10 24.38 16.34
N SER A 70 10.14 23.51 16.25
CA SER A 70 11.13 23.28 17.30
C SER A 70 12.57 23.30 16.76
N GLY A 71 12.84 22.72 15.58
CA GLY A 71 14.13 22.75 14.91
C GLY A 71 14.85 21.40 14.89
N ASN A 72 14.30 20.38 15.58
CA ASN A 72 14.92 19.07 15.78
C ASN A 72 14.66 18.18 14.55
N VAL A 73 15.72 17.53 14.05
CA VAL A 73 15.68 16.50 13.00
C VAL A 73 15.09 15.21 13.59
N GLU A 74 13.96 14.77 13.02
CA GLU A 74 13.20 13.62 13.49
C GLU A 74 13.52 12.37 12.66
N ASP A 75 13.93 12.54 11.40
CA ASP A 75 14.30 11.45 10.48
C ASP A 75 15.31 11.95 9.44
N ASP A 76 16.31 11.13 9.12
CA ASP A 76 17.38 11.39 8.15
C ASP A 76 17.90 10.04 7.64
N LEU A 77 18.15 9.94 6.33
CA LEU A 77 18.56 8.72 5.62
C LEU A 77 19.57 9.03 4.51
N ILE A 78 20.46 8.09 4.22
CA ILE A 78 21.34 8.09 3.05
C ILE A 78 20.52 7.45 1.90
N ILE A 79 20.51 8.09 0.73
CA ILE A 79 19.89 7.58 -0.49
C ILE A 79 21.05 7.27 -1.46
N PHE A 80 21.17 6.00 -1.87
CA PHE A 80 22.12 5.56 -2.89
C PHE A 80 21.47 5.76 -4.29
N PRO A 81 22.26 6.03 -5.36
CA PRO A 81 21.79 6.25 -6.74
C PRO A 81 20.70 5.29 -7.24
N ASP A 82 19.47 5.80 -7.41
CA ASP A 82 18.28 5.16 -7.98
C ASP A 82 17.55 4.22 -6.97
N ASP A 83 18.12 4.00 -5.79
CA ASP A 83 17.62 3.07 -4.76
C ASP A 83 16.26 3.50 -4.17
N CYS A 84 16.01 4.80 -4.15
CA CYS A 84 14.72 5.42 -3.89
C CYS A 84 14.39 6.35 -5.07
N GLU A 85 13.09 6.56 -5.32
CA GLU A 85 12.54 7.45 -6.33
C GLU A 85 11.35 8.21 -5.73
N PHE A 86 11.29 9.53 -5.96
CA PHE A 86 10.26 10.43 -5.46
C PHE A 86 9.29 10.73 -6.61
N LYS A 87 7.99 10.54 -6.38
CA LYS A 87 6.92 10.64 -7.37
C LYS A 87 5.65 11.26 -6.73
N ARG A 88 4.79 11.86 -7.55
CA ARG A 88 3.49 12.41 -7.16
C ARG A 88 2.45 11.27 -7.06
N VAL A 89 1.58 11.31 -6.05
CA VAL A 89 0.53 10.32 -5.83
C VAL A 89 -0.64 10.62 -6.81
N PRO A 90 -1.07 9.65 -7.65
CA PRO A 90 -2.10 9.88 -8.69
C PRO A 90 -3.53 9.91 -8.15
N GLN A 91 -3.80 9.25 -7.01
CA GLN A 91 -5.12 9.20 -6.37
C GLN A 91 -5.38 10.44 -5.48
N CYS A 92 -4.44 11.40 -5.42
CA CYS A 92 -4.61 12.70 -4.77
C CYS A 92 -5.47 13.59 -5.70
N PRO A 93 -6.53 14.28 -5.20
CA PRO A 93 -7.41 15.09 -6.04
C PRO A 93 -6.78 16.42 -6.49
N SER A 94 -5.96 17.05 -5.64
CA SER A 94 -5.28 18.31 -5.95
C SER A 94 -3.90 18.01 -6.59
N GLY A 95 -3.14 17.08 -6.02
CA GLY A 95 -1.82 16.66 -6.50
C GLY A 95 -0.67 17.00 -5.52
N ARG A 96 -0.97 17.61 -4.37
CA ARG A 96 0.03 18.16 -3.43
C ARG A 96 0.72 17.08 -2.57
N VAL A 97 0.24 15.83 -2.62
CA VAL A 97 0.79 14.68 -1.91
C VAL A 97 1.73 13.93 -2.87
N TYR A 98 2.91 13.57 -2.37
CA TYR A 98 4.03 12.93 -3.04
C TYR A 98 4.47 11.71 -2.20
N VAL A 99 5.21 10.77 -2.80
CA VAL A 99 5.67 9.55 -2.18
C VAL A 99 7.14 9.29 -2.58
N LEU A 100 7.98 9.00 -1.58
CA LEU A 100 9.32 8.46 -1.75
C LEU A 100 9.16 6.94 -1.68
N LYS A 101 9.28 6.27 -2.83
CA LYS A 101 9.21 4.83 -2.97
C LYS A 101 10.65 4.30 -2.94
N PHE A 102 10.91 3.34 -2.07
CA PHE A 102 12.16 2.60 -1.93
C PHE A 102 12.00 1.35 -2.83
N LYS A 103 12.90 1.15 -3.79
CA LYS A 103 12.77 0.11 -4.80
C LYS A 103 13.19 -1.27 -4.25
N ALA A 104 14.03 -1.29 -3.21
CA ALA A 104 14.32 -2.46 -2.39
C ALA A 104 13.38 -2.40 -1.18
N GLY A 105 12.45 -3.35 -1.08
CA GLY A 105 11.62 -3.61 0.09
C GLY A 105 10.14 -3.28 -0.11
N SER A 106 9.82 -2.39 -1.07
CA SER A 106 8.49 -1.91 -1.45
C SER A 106 8.01 -0.72 -0.59
N LYS A 107 8.79 -0.33 0.43
CA LYS A 107 8.56 0.76 1.37
C LYS A 107 8.23 2.09 0.66
N ARG A 108 7.22 2.80 1.16
CA ARG A 108 6.64 4.02 0.61
C ARG A 108 6.43 5.00 1.77
N LEU A 109 7.23 6.07 1.84
CA LEU A 109 7.05 7.17 2.78
C LEU A 109 6.35 8.30 2.02
N PHE A 110 5.18 8.72 2.52
CA PHE A 110 4.31 9.72 1.90
C PHE A 110 4.62 11.10 2.51
N PHE A 111 4.75 12.10 1.64
CA PHE A 111 5.06 13.49 1.92
C PHE A 111 3.97 14.37 1.30
N TRP A 112 3.80 15.60 1.79
CA TRP A 112 2.80 16.54 1.28
C TRP A 112 3.30 17.98 1.42
N MET A 113 3.13 18.78 0.35
CA MET A 113 3.66 20.14 0.21
C MET A 113 2.87 21.11 1.10
N GLN A 114 3.57 22.00 1.82
CA GLN A 114 2.97 22.93 2.79
C GLN A 114 3.10 24.41 2.35
N GLU A 115 3.77 24.67 1.22
CA GLU A 115 3.99 26.00 0.66
C GLU A 115 2.70 26.52 -0.02
N PRO A 116 2.30 27.80 0.17
CA PRO A 116 1.04 28.34 -0.35
C PRO A 116 1.08 28.62 -1.87
N LYS A 117 2.27 28.91 -2.42
CA LYS A 117 2.52 29.03 -3.84
C LYS A 117 2.81 27.61 -4.39
N THR A 118 2.28 27.31 -5.56
CA THR A 118 2.33 25.99 -6.20
C THR A 118 2.91 26.04 -7.63
N ASP A 119 3.58 27.15 -7.98
CA ASP A 119 4.27 27.35 -9.26
C ASP A 119 5.52 26.45 -9.41
N GLN A 120 6.13 26.06 -8.28
CA GLN A 120 7.30 25.20 -8.19
C GLN A 120 6.96 23.84 -7.55
N ASP A 121 5.68 23.48 -7.45
CA ASP A 121 5.17 22.26 -6.82
C ASP A 121 5.77 20.97 -7.44
N GLU A 122 5.71 20.86 -8.77
CA GLU A 122 6.31 19.78 -9.54
C GLU A 122 7.83 20.00 -9.71
N GLU A 123 8.29 21.26 -9.68
CA GLU A 123 9.72 21.61 -9.81
C GLU A 123 10.52 21.06 -8.62
N HIS A 124 9.95 21.09 -7.39
CA HIS A 124 10.53 20.49 -6.18
C HIS A 124 10.73 18.98 -6.34
N CYS A 125 9.73 18.26 -6.87
CA CYS A 125 9.76 16.82 -7.15
C CYS A 125 10.86 16.45 -8.15
N ARG A 126 11.03 17.25 -9.21
CA ARG A 126 12.11 17.10 -10.19
C ARG A 126 13.48 17.37 -9.56
N LYS A 127 13.62 18.49 -8.81
CA LYS A 127 14.82 18.89 -8.08
C LYS A 127 15.30 17.83 -7.08
N VAL A 128 14.38 17.20 -6.33
CA VAL A 128 14.64 16.02 -5.51
C VAL A 128 15.15 14.84 -6.37
N ASN A 129 14.31 14.34 -7.28
CA ASN A 129 14.47 13.04 -7.92
C ASN A 129 15.70 12.97 -8.85
N GLU A 130 16.13 14.11 -9.43
CA GLU A 130 17.36 14.23 -10.21
C GLU A 130 18.61 13.85 -9.39
N TYR A 131 18.70 14.32 -8.13
CA TYR A 131 19.82 13.99 -7.24
C TYR A 131 19.72 12.55 -6.69
N LEU A 132 18.50 12.04 -6.44
CA LEU A 132 18.31 10.66 -5.97
C LEU A 132 18.68 9.63 -7.06
N ASN A 133 18.49 9.98 -8.33
CA ASN A 133 18.85 9.18 -9.49
C ASN A 133 20.35 9.34 -9.81
N ASN A 134 20.82 10.57 -10.04
CA ASN A 134 22.13 10.87 -10.62
C ASN A 134 23.05 11.56 -9.60
N PRO A 135 24.15 10.94 -9.15
CA PRO A 135 25.22 11.62 -8.38
C PRO A 135 26.09 12.52 -9.31
N PRO A 136 26.90 13.45 -8.75
CA PRO A 136 27.74 14.36 -9.56
C PRO A 136 28.97 13.68 -10.19
N MET A 137 29.61 12.74 -9.48
CA MET A 137 30.59 11.79 -10.03
C MET A 137 29.85 10.58 -10.64
N PRO A 138 30.47 9.74 -11.50
CA PRO A 138 29.89 8.49 -12.02
C PRO A 138 29.20 7.59 -10.97
N GLY A 139 28.04 7.03 -11.32
CA GLY A 139 27.13 6.32 -10.43
C GLY A 139 26.98 4.84 -10.80
N ALA A 140 28.06 4.23 -11.31
CA ALA A 140 28.14 2.82 -11.68
C ALA A 140 28.14 1.90 -10.45
N LEU A 141 27.69 0.65 -10.63
CA LEU A 141 27.53 -0.36 -9.59
C LEU A 141 28.84 -1.16 -9.33
N GLY A 142 29.95 -0.79 -9.99
CA GLY A 142 31.24 -1.46 -9.97
C GLY A 142 31.73 -1.69 -11.40
N ALA A 143 32.54 -2.73 -11.60
CA ALA A 143 33.10 -3.12 -12.90
C ALA A 143 32.05 -3.79 -13.79
N SER A 144 32.20 -3.65 -15.11
CA SER A 144 31.31 -4.19 -16.14
C SER A 144 31.46 -5.72 -16.23
N GLY A 145 30.35 -6.44 -16.03
CA GLY A 145 30.22 -7.89 -16.16
C GLY A 145 29.07 -8.22 -17.13
N SER A 146 28.95 -9.49 -17.53
CA SER A 146 27.86 -9.99 -18.36
C SER A 146 26.65 -10.24 -17.43
N SER A 147 25.77 -9.24 -17.30
CA SER A 147 24.56 -9.25 -16.49
C SER A 147 23.41 -9.77 -17.39
N GLY A 148 22.87 -10.96 -17.06
CA GLY A 148 21.83 -11.64 -17.81
C GLY A 148 20.57 -11.94 -16.98
N HIS A 149 20.52 -11.51 -15.71
CA HIS A 149 19.41 -11.75 -14.78
C HIS A 149 18.27 -10.72 -14.94
N GLU A 150 18.51 -9.61 -15.64
CA GLU A 150 17.62 -8.46 -15.80
C GLU A 150 16.52 -8.73 -16.86
N LEU A 151 15.90 -9.91 -16.81
CA LEU A 151 14.85 -10.35 -17.73
C LEU A 151 13.48 -9.86 -17.22
N SER A 152 13.18 -10.08 -15.94
CA SER A 152 11.99 -9.70 -15.16
C SER A 152 10.80 -10.66 -15.36
N ALA A 153 9.95 -10.82 -14.34
CA ALA A 153 8.68 -11.54 -14.41
C ALA A 153 7.60 -10.54 -14.85
N LEU A 154 6.90 -10.84 -15.94
CA LEU A 154 5.84 -10.04 -16.58
C LEU A 154 6.44 -8.76 -17.21
N GLY A 155 7.41 -8.95 -18.11
CA GLY A 155 8.23 -7.89 -18.71
C GLY A 155 8.02 -7.70 -20.21
N GLY A 156 7.16 -8.50 -20.84
CA GLY A 156 6.73 -8.38 -22.23
C GLY A 156 5.21 -8.16 -22.22
N GLU A 157 4.45 -9.09 -22.82
CA GLU A 157 3.03 -9.34 -22.57
C GLU A 157 2.12 -8.24 -23.17
N GLY A 158 2.64 -7.46 -24.12
CA GLY A 158 2.02 -6.26 -24.69
C GLY A 158 1.73 -6.37 -26.19
N GLY A 159 1.56 -7.60 -26.69
CA GLY A 159 1.35 -7.92 -28.10
C GLY A 159 2.33 -9.01 -28.52
N LEU A 160 1.88 -9.91 -29.41
CA LEU A 160 2.53 -11.15 -29.87
C LEU A 160 2.46 -12.24 -28.79
N GLN A 161 3.00 -11.91 -27.59
CA GLN A 161 2.80 -12.62 -26.34
C GLN A 161 1.69 -11.84 -25.60
N SER A 162 0.73 -12.55 -24.99
CA SER A 162 -0.33 -12.01 -24.14
C SER A 162 -0.83 -13.03 -23.08
N LEU A 163 -0.18 -14.18 -22.95
CA LEU A 163 -0.52 -15.25 -22.00
C LEU A 163 0.31 -15.08 -20.71
N LEU A 164 -0.10 -15.74 -19.63
CA LEU A 164 0.56 -15.74 -18.32
C LEU A 164 1.70 -16.80 -18.29
N GLY A 165 2.50 -16.86 -19.36
CA GLY A 165 3.57 -17.82 -19.61
C GLY A 165 3.29 -18.63 -20.87
N ASN A 166 4.30 -19.39 -21.34
CA ASN A 166 4.27 -20.26 -22.50
C ASN A 166 5.17 -21.49 -22.24
N MET A 167 4.89 -22.61 -22.91
CA MET A 167 5.55 -23.90 -22.66
C MET A 167 7.00 -23.92 -23.17
N SER A 168 7.26 -23.29 -24.32
CA SER A 168 8.56 -23.15 -24.97
C SER A 168 8.42 -22.12 -26.11
N HIS A 169 9.48 -21.36 -26.38
CA HIS A 169 9.62 -20.48 -27.55
C HIS A 169 10.32 -21.22 -28.72
N SER A 170 11.02 -22.32 -28.43
CA SER A 170 11.80 -23.14 -29.36
C SER A 170 10.90 -23.72 -30.47
N GLN A 171 11.36 -23.63 -31.73
CA GLN A 171 10.73 -24.08 -32.97
C GLN A 171 9.79 -23.02 -33.60
N LEU A 172 9.31 -22.06 -32.79
CA LEU A 172 8.42 -20.97 -33.20
C LEU A 172 9.21 -19.73 -33.64
N MET A 173 10.53 -19.70 -33.45
CA MET A 173 11.45 -18.61 -33.77
C MET A 173 11.73 -18.56 -35.29
N GLN A 174 10.66 -18.37 -36.07
CA GLN A 174 10.65 -18.23 -37.52
C GLN A 174 9.50 -17.30 -37.94
N LEU A 175 8.28 -17.56 -37.42
CA LEU A 175 7.09 -16.75 -37.63
C LEU A 175 7.08 -15.61 -36.60
N ILE A 176 7.10 -14.37 -37.08
CA ILE A 176 7.15 -13.13 -36.29
C ILE A 176 6.11 -12.08 -36.75
N GLY A 177 5.35 -12.41 -37.80
CA GLY A 177 4.20 -11.66 -38.32
C GLY A 177 3.01 -12.59 -38.53
N PRO A 178 1.94 -12.14 -39.23
CA PRO A 178 0.79 -12.95 -39.66
C PRO A 178 1.16 -14.28 -40.36
N ALA A 179 0.36 -15.33 -40.15
CA ALA A 179 0.51 -16.65 -40.72
C ALA A 179 -0.86 -17.25 -41.03
N GLY A 180 -0.89 -18.25 -41.92
CA GLY A 180 -2.08 -18.89 -42.47
C GLY A 180 -2.07 -18.79 -44.00
N LEU A 181 -3.25 -18.84 -44.63
CA LEU A 181 -3.43 -18.79 -46.08
C LEU A 181 -3.48 -17.34 -46.61
N GLY A 182 -3.64 -16.35 -45.72
CA GLY A 182 -3.71 -14.92 -46.02
C GLY A 182 -2.58 -14.15 -45.33
N GLY A 183 -2.78 -12.84 -45.14
CA GLY A 183 -1.84 -11.93 -44.48
C GLY A 183 -1.36 -10.79 -45.38
N LEU A 184 -1.81 -10.75 -46.65
CA LEU A 184 -1.45 -9.75 -47.65
C LEU A 184 -2.37 -8.51 -47.48
N GLY A 185 -3.54 -8.49 -48.13
CA GLY A 185 -4.54 -7.44 -48.06
C GLY A 185 -4.75 -6.76 -49.42
N GLY A 186 -5.80 -5.93 -49.53
CA GLY A 186 -6.21 -5.19 -50.72
C GLY A 186 -7.62 -5.59 -51.17
N LEU A 187 -8.01 -5.15 -52.38
CA LEU A 187 -9.23 -5.51 -53.10
C LEU A 187 -10.48 -4.77 -52.56
N GLY A 188 -10.29 -3.55 -52.03
CA GLY A 188 -11.36 -2.70 -51.48
C GLY A 188 -11.21 -2.43 -49.98
N ALA A 189 -10.10 -2.87 -49.36
CA ALA A 189 -9.83 -2.78 -47.92
C ALA A 189 -9.45 -1.36 -47.45
N LEU A 190 -9.22 -0.42 -48.38
CA LEU A 190 -9.00 1.00 -48.13
C LEU A 190 -10.36 1.70 -48.01
N THR A 191 -10.36 3.00 -47.68
CA THR A 191 -11.54 3.87 -47.65
C THR A 191 -12.11 4.05 -49.09
N GLY A 192 -13.24 3.36 -49.36
CA GLY A 192 -13.94 3.13 -50.63
C GLY A 192 -13.28 3.59 -51.95
N PRO A 193 -12.28 2.86 -52.48
CA PRO A 193 -11.63 3.19 -53.75
C PRO A 193 -12.50 2.78 -54.94
N GLY A 194 -12.89 3.75 -55.79
CA GLY A 194 -13.68 3.55 -57.00
C GLY A 194 -15.07 4.18 -56.84
N LEU A 195 -16.06 3.65 -57.55
CA LEU A 195 -17.47 4.05 -57.50
C LEU A 195 -18.11 3.36 -56.27
N ALA A 196 -17.84 3.90 -55.07
CA ALA A 196 -18.31 3.39 -53.79
C ALA A 196 -19.74 3.88 -53.45
N SER A 197 -20.22 4.91 -54.13
CA SER A 197 -21.54 5.55 -54.02
C SER A 197 -21.57 6.63 -52.89
N LEU A 198 -20.51 6.69 -52.09
CA LEU A 198 -20.17 7.70 -51.08
C LEU A 198 -20.92 7.54 -49.74
N LEU A 199 -21.85 6.58 -49.67
CA LEU A 199 -22.60 6.12 -48.49
C LEU A 199 -23.71 7.10 -48.05
N GLY A 200 -24.21 7.92 -48.99
CA GLY A 200 -25.26 8.90 -48.81
C GLY A 200 -26.47 8.59 -49.70
N SER A 201 -27.64 9.17 -49.35
CA SER A 201 -28.89 9.06 -50.09
C SER A 201 -29.72 10.34 -49.81
N SER A 202 -30.86 10.49 -50.52
CA SER A 202 -31.79 11.63 -50.48
C SER A 202 -31.23 12.86 -51.22
N GLY A 203 -30.40 12.61 -52.24
CA GLY A 203 -29.56 13.57 -52.95
C GLY A 203 -28.08 13.13 -52.86
N PRO A 204 -27.16 13.78 -53.59
CA PRO A 204 -25.73 13.44 -53.55
C PRO A 204 -25.07 13.98 -52.25
N PRO A 205 -24.13 13.23 -51.63
CA PRO A 205 -23.41 13.70 -50.43
C PRO A 205 -22.34 14.75 -50.78
N GLY A 206 -21.64 14.59 -51.91
CA GLY A 206 -20.69 15.54 -52.48
C GLY A 206 -19.28 14.95 -52.55
N SER A 207 -18.70 14.91 -53.76
CA SER A 207 -17.34 14.41 -53.99
C SER A 207 -16.28 15.51 -53.77
N SER A 208 -16.65 16.78 -53.94
CA SER A 208 -15.84 17.97 -53.69
C SER A 208 -16.73 19.19 -53.39
N SER A 209 -17.84 19.32 -54.12
CA SER A 209 -18.93 20.25 -53.87
C SER A 209 -19.86 19.64 -52.81
N SER A 210 -20.05 20.30 -51.66
CA SER A 210 -20.80 19.86 -50.49
C SER A 210 -19.90 19.05 -49.55
N SER A 211 -20.07 17.72 -49.51
CA SER A 211 -19.38 16.74 -48.67
C SER A 211 -19.96 16.74 -47.24
N SER A 212 -21.26 17.07 -47.13
CA SER A 212 -22.02 17.25 -45.89
C SER A 212 -22.04 15.94 -45.06
N SER A 213 -21.35 15.98 -43.92
CA SER A 213 -21.04 14.85 -43.06
C SER A 213 -20.84 15.38 -41.63
N ARG A 214 -19.61 15.28 -41.14
CA ARG A 214 -19.05 15.94 -39.95
C ARG A 214 -17.58 16.34 -40.20
N SER A 215 -17.06 16.13 -41.42
CA SER A 215 -15.64 16.22 -41.75
C SER A 215 -15.21 17.65 -42.15
N GLN A 216 -16.18 18.55 -42.43
CA GLN A 216 -15.96 19.92 -42.92
C GLN A 216 -16.83 20.95 -42.18
N SER A 217 -17.31 20.60 -40.98
CA SER A 217 -18.18 21.43 -40.15
C SER A 217 -17.35 22.51 -39.43
N ALA A 218 -17.76 23.78 -39.59
CA ALA A 218 -17.23 24.97 -38.92
C ALA A 218 -18.38 25.96 -38.77
N ALA A 219 -18.31 26.83 -37.75
CA ALA A 219 -19.33 27.78 -37.28
C ALA A 219 -20.46 27.05 -36.54
N VAL A 220 -21.09 26.09 -37.21
CA VAL A 220 -22.01 25.09 -36.67
C VAL A 220 -21.16 24.15 -35.79
N THR A 221 -21.33 24.26 -34.47
CA THR A 221 -20.52 23.67 -33.42
C THR A 221 -21.44 23.24 -32.24
N PRO A 222 -21.01 22.31 -31.34
CA PRO A 222 -21.78 21.85 -30.17
C PRO A 222 -22.40 22.96 -29.31
N SER A 223 -23.63 22.75 -28.85
CA SER A 223 -24.46 23.71 -28.12
C SER A 223 -25.21 23.05 -26.95
N SER A 224 -24.68 21.93 -26.43
CA SER A 224 -25.23 21.12 -25.34
C SER A 224 -25.24 21.89 -23.99
N THR A 225 -24.29 22.80 -23.81
CA THR A 225 -24.29 23.86 -22.79
C THR A 225 -24.27 25.17 -23.61
N THR A 226 -25.19 26.09 -23.35
CA THR A 226 -25.31 27.40 -23.98
C THR A 226 -26.04 28.37 -23.02
N SER A 227 -27.25 28.01 -22.56
CA SER A 227 -28.02 28.78 -21.59
C SER A 227 -27.59 28.38 -20.17
N SER A 228 -27.49 29.36 -19.27
CA SER A 228 -27.13 29.22 -17.86
C SER A 228 -27.84 30.30 -17.01
N THR A 229 -29.06 30.72 -17.40
CA THR A 229 -29.80 31.84 -16.82
C THR A 229 -31.28 31.51 -16.48
N ARG A 230 -31.69 30.23 -16.61
CA ARG A 230 -33.05 29.76 -16.37
C ARG A 230 -33.00 28.30 -15.89
N ALA A 231 -33.54 28.03 -14.69
CA ALA A 231 -33.61 26.70 -14.08
C ALA A 231 -35.02 26.07 -14.21
N THR A 232 -36.06 26.89 -14.39
CA THR A 232 -37.46 26.44 -14.49
C THR A 232 -37.80 26.31 -15.99
N PRO A 233 -38.16 25.11 -16.50
CA PRO A 233 -38.57 24.94 -17.90
C PRO A 233 -39.99 25.49 -18.14
N ALA A 234 -40.91 25.18 -17.23
CA ALA A 234 -42.33 25.49 -17.18
C ALA A 234 -42.78 25.28 -15.71
N PRO A 235 -44.02 25.64 -15.28
CA PRO A 235 -44.51 25.34 -13.92
C PRO A 235 -44.91 23.84 -13.76
N SER A 236 -43.99 22.94 -14.08
CA SER A 236 -44.05 21.48 -13.99
C SER A 236 -42.59 21.00 -13.98
N ALA A 237 -42.33 19.84 -13.35
CA ALA A 237 -41.02 19.20 -13.11
C ALA A 237 -40.39 19.69 -11.78
N PRO A 238 -39.56 18.88 -11.08
CA PRO A 238 -38.98 19.26 -9.79
C PRO A 238 -37.83 20.27 -9.92
N ALA A 239 -37.50 20.96 -8.83
CA ALA A 239 -36.45 21.96 -8.70
C ALA A 239 -35.07 21.29 -8.54
N ALA A 240 -34.64 20.59 -9.59
CA ALA A 240 -33.34 19.94 -9.70
C ALA A 240 -32.23 20.97 -10.02
N ALA A 241 -30.99 20.68 -9.62
CA ALA A 241 -29.81 21.52 -9.85
C ALA A 241 -29.22 21.30 -11.26
N SER A 242 -29.53 20.16 -11.90
CA SER A 242 -29.18 19.82 -13.27
C SER A 242 -30.43 19.99 -14.16
N ALA A 243 -30.33 19.56 -15.43
CA ALA A 243 -31.41 19.58 -16.41
C ALA A 243 -32.38 18.41 -16.18
N THR A 244 -33.63 18.57 -16.64
CA THR A 244 -34.71 17.60 -16.52
C THR A 244 -34.66 16.51 -17.63
N SER A 245 -33.80 16.69 -18.64
CA SER A 245 -33.48 15.77 -19.75
C SER A 245 -34.69 15.55 -20.69
N PRO A 246 -35.00 16.50 -21.61
CA PRO A 246 -36.12 16.42 -22.57
C PRO A 246 -36.21 15.13 -23.41
N SER A 247 -35.07 14.53 -23.77
CA SER A 247 -34.92 13.31 -24.56
C SER A 247 -33.77 12.40 -24.08
N PRO A 248 -32.57 12.89 -23.66
CA PRO A 248 -31.46 12.06 -23.17
C PRO A 248 -31.82 11.07 -22.04
N ALA A 249 -31.23 9.87 -22.08
CA ALA A 249 -31.38 8.82 -21.08
C ALA A 249 -30.03 8.08 -20.96
N PRO A 250 -29.16 8.40 -19.98
CA PRO A 250 -27.85 7.76 -19.76
C PRO A 250 -27.90 6.22 -19.67
N SER A 251 -26.84 5.56 -20.15
CA SER A 251 -26.65 4.11 -20.14
C SER A 251 -25.26 3.72 -19.57
N SER A 252 -24.66 4.63 -18.79
CA SER A 252 -23.38 4.48 -18.09
C SER A 252 -23.52 3.52 -16.88
N GLY A 253 -22.49 2.72 -16.62
CA GLY A 253 -22.40 1.78 -15.50
C GLY A 253 -21.21 2.11 -14.61
N ASN A 254 -21.24 1.63 -13.35
CA ASN A 254 -20.22 1.87 -12.32
C ASN A 254 -18.92 1.06 -12.54
N GLY A 255 -18.97 0.00 -13.35
CA GLY A 255 -17.85 -0.88 -13.68
C GLY A 255 -18.07 -2.32 -13.20
N ALA A 256 -19.13 -2.57 -12.43
CA ALA A 256 -19.63 -3.86 -11.92
C ALA A 256 -18.81 -4.40 -10.74
N SER A 257 -17.49 -4.38 -10.89
CA SER A 257 -16.48 -4.77 -9.91
C SER A 257 -15.32 -3.77 -10.03
N THR A 258 -14.35 -4.09 -10.89
CA THR A 258 -13.15 -3.31 -11.20
C THR A 258 -12.86 -3.30 -12.71
N ALA A 259 -13.83 -3.65 -13.56
CA ALA A 259 -13.66 -3.90 -14.99
C ALA A 259 -13.30 -2.63 -15.80
N ALA A 260 -13.67 -1.45 -15.29
CA ALA A 260 -13.40 -0.14 -15.88
C ALA A 260 -12.27 0.60 -15.13
N SER A 261 -11.70 0.03 -14.07
CA SER A 261 -10.69 0.67 -13.21
C SER A 261 -9.28 0.29 -13.73
N PRO A 262 -8.34 1.26 -13.90
CA PRO A 262 -6.91 0.99 -14.14
C PRO A 262 -6.27 0.13 -13.03
N THR A 263 -5.39 -0.81 -13.40
CA THR A 263 -4.65 -1.70 -12.51
C THR A 263 -3.20 -1.83 -13.01
N GLN A 264 -2.25 -2.05 -12.09
CA GLN A 264 -0.83 -2.26 -12.37
C GLN A 264 -0.24 -3.21 -11.30
N PRO A 265 0.07 -4.49 -11.62
CA PRO A 265 0.72 -5.45 -10.69
C PRO A 265 2.03 -4.97 -10.07
N ILE A 266 2.28 -5.36 -8.82
CA ILE A 266 3.54 -5.23 -8.08
C ILE A 266 3.59 -6.37 -7.06
N GLN A 267 4.78 -6.72 -6.57
CA GLN A 267 5.07 -7.85 -5.68
C GLN A 267 4.69 -7.56 -4.21
N LEU A 268 3.67 -6.71 -3.96
CA LEU A 268 3.16 -6.35 -2.63
C LEU A 268 2.64 -7.54 -1.81
N SER A 269 2.18 -8.61 -2.48
CA SER A 269 1.70 -9.85 -1.87
C SER A 269 2.85 -10.63 -1.18
N ASP A 270 4.11 -10.34 -1.54
CA ASP A 270 5.31 -10.77 -0.83
C ASP A 270 5.78 -9.60 0.03
N LEU A 271 6.25 -8.51 -0.60
CA LEU A 271 7.08 -7.48 0.03
C LEU A 271 6.34 -6.61 1.05
N GLN A 272 5.11 -6.17 0.75
CA GLN A 272 4.28 -5.36 1.66
C GLN A 272 3.69 -6.25 2.77
N SER A 273 3.43 -7.54 2.46
CA SER A 273 3.00 -8.55 3.42
C SER A 273 4.12 -8.88 4.43
N ILE A 274 5.40 -8.91 4.00
CA ILE A 274 6.58 -9.00 4.85
C ILE A 274 6.68 -7.78 5.78
N LEU A 275 6.53 -6.55 5.26
CA LEU A 275 6.50 -5.31 6.05
C LEU A 275 5.34 -5.28 7.08
N ALA A 276 4.19 -5.86 6.74
CA ALA A 276 3.05 -6.01 7.64
C ALA A 276 3.32 -7.06 8.73
N THR A 277 3.96 -8.18 8.38
CA THR A 277 4.35 -9.25 9.31
C THR A 277 5.43 -8.77 10.31
N MET A 278 6.37 -7.93 9.85
CA MET A 278 7.43 -7.36 10.68
C MET A 278 6.93 -6.17 11.53
N ASN A 279 5.96 -5.38 11.02
CA ASN A 279 5.51 -4.12 11.63
C ASN A 279 3.99 -3.95 11.62
N VAL A 280 3.42 -3.56 10.48
CA VAL A 280 2.11 -2.91 10.39
C VAL A 280 0.95 -3.94 10.51
N PRO A 281 0.01 -3.80 11.47
CA PRO A 281 -1.13 -4.72 11.66
C PRO A 281 -2.24 -4.62 10.58
N ALA A 282 -1.86 -4.46 9.32
CA ALA A 282 -2.73 -4.54 8.13
C ALA A 282 -2.71 -5.96 7.52
N GLY A 283 -1.84 -6.84 8.03
CA GLY A 283 -1.69 -8.25 7.68
C GLY A 283 -2.05 -9.11 8.91
N PRO A 284 -1.28 -9.03 10.01
CA PRO A 284 -1.66 -9.55 11.34
C PRO A 284 -3.09 -9.18 11.77
N ALA A 285 -3.77 -10.12 12.44
CA ALA A 285 -5.16 -10.09 12.91
C ALA A 285 -6.18 -10.69 11.93
N GLY A 286 -5.76 -10.97 10.69
CA GLY A 286 -6.60 -11.55 9.63
C GLY A 286 -6.82 -10.60 8.45
N GLY A 287 -5.90 -9.63 8.26
CA GLY A 287 -5.75 -8.59 7.22
C GLY A 287 -6.74 -8.60 6.05
N GLN A 288 -7.90 -7.95 6.25
CA GLN A 288 -9.03 -7.88 5.32
C GLN A 288 -9.78 -6.54 5.47
N GLN A 289 -9.16 -5.56 6.14
CA GLN A 289 -9.77 -4.34 6.67
C GLN A 289 -8.88 -3.11 6.40
N VAL A 290 -8.93 -2.12 7.32
CA VAL A 290 -8.29 -0.80 7.31
C VAL A 290 -9.18 0.26 6.60
N ASP A 291 -10.20 -0.18 5.85
CA ASP A 291 -11.15 0.64 5.09
C ASP A 291 -12.62 0.30 5.44
N LEU A 292 -12.91 -0.98 5.72
CA LEU A 292 -14.25 -1.48 6.05
C LEU A 292 -14.84 -0.87 7.33
N ALA A 293 -13.98 -0.39 8.25
CA ALA A 293 -14.34 0.31 9.48
C ALA A 293 -15.06 1.66 9.23
N SER A 294 -14.94 2.22 8.01
CA SER A 294 -15.65 3.43 7.59
C SER A 294 -17.06 3.08 7.05
N VAL A 295 -17.37 1.81 6.80
CA VAL A 295 -18.65 1.31 6.33
C VAL A 295 -19.35 0.64 7.53
N LEU A 296 -18.71 -0.35 8.13
CA LEU A 296 -19.12 -1.07 9.33
C LEU A 296 -18.63 -0.26 10.54
N THR A 297 -19.25 0.89 10.78
CA THR A 297 -18.88 1.86 11.81
C THR A 297 -19.21 1.37 13.24
N PRO A 298 -18.56 1.91 14.29
CA PRO A 298 -18.86 1.61 15.71
C PRO A 298 -20.34 1.72 16.10
N GLU A 299 -21.08 2.66 15.48
CA GLU A 299 -22.52 2.88 15.65
C GLU A 299 -23.37 1.63 15.34
N ILE A 300 -22.92 0.80 14.39
CA ILE A 300 -23.55 -0.46 14.00
C ILE A 300 -22.91 -1.60 14.82
N MET A 301 -21.58 -1.62 14.93
CA MET A 301 -20.82 -2.80 15.36
C MET A 301 -20.67 -2.93 16.88
N ALA A 302 -20.68 -1.83 17.66
CA ALA A 302 -20.54 -1.83 19.13
C ALA A 302 -21.34 -2.89 19.93
N PRO A 303 -22.68 -3.02 19.75
CA PRO A 303 -23.46 -4.07 20.43
C PRO A 303 -23.28 -5.48 19.86
N ILE A 304 -22.72 -5.64 18.65
CA ILE A 304 -22.37 -6.93 18.07
C ILE A 304 -21.07 -7.41 18.74
N LEU A 305 -20.04 -6.55 18.75
CA LEU A 305 -18.70 -6.80 19.30
C LEU A 305 -18.69 -7.03 20.83
N ALA A 306 -19.70 -6.50 21.55
CA ALA A 306 -19.83 -6.59 23.00
C ALA A 306 -20.42 -7.93 23.47
N ASN A 307 -20.89 -8.78 22.56
CA ASN A 307 -21.53 -10.07 22.89
C ASN A 307 -20.43 -11.11 23.18
N ALA A 308 -20.61 -11.91 24.24
CA ALA A 308 -19.67 -12.92 24.71
C ALA A 308 -19.39 -14.04 23.68
N ASP A 309 -20.41 -14.44 22.91
CA ASP A 309 -20.29 -15.48 21.88
C ASP A 309 -19.60 -14.97 20.61
N VAL A 310 -19.56 -13.64 20.40
CA VAL A 310 -18.73 -12.99 19.39
C VAL A 310 -17.28 -12.91 19.94
N GLN A 311 -17.08 -12.39 21.16
CA GLN A 311 -15.77 -12.23 21.81
C GLN A 311 -14.91 -13.50 21.81
N GLU A 312 -15.49 -14.66 22.17
CA GLU A 312 -14.80 -15.96 22.21
C GLU A 312 -14.37 -16.46 20.81
N ARG A 313 -14.91 -15.92 19.72
CA ARG A 313 -14.53 -16.24 18.34
C ARG A 313 -13.53 -15.19 17.80
N LEU A 314 -13.62 -13.93 18.24
CA LEU A 314 -12.77 -12.82 17.78
C LEU A 314 -11.43 -12.79 18.53
N LEU A 315 -11.44 -12.82 19.89
CA LEU A 315 -10.27 -12.73 20.76
C LEU A 315 -9.08 -13.66 20.47
N PRO A 316 -9.23 -14.97 20.14
CA PRO A 316 -8.09 -15.83 19.78
C PRO A 316 -7.44 -15.51 18.42
N TYR A 317 -8.04 -14.62 17.59
CA TYR A 317 -7.44 -14.15 16.34
C TYR A 317 -6.76 -12.78 16.53
N LEU A 318 -6.68 -12.25 17.77
CA LEU A 318 -5.90 -11.06 18.11
C LEU A 318 -4.40 -11.46 18.14
N PRO A 319 -3.48 -10.72 17.48
CA PRO A 319 -2.03 -11.01 17.41
C PRO A 319 -1.27 -11.33 18.72
N SER A 320 -1.77 -10.87 19.88
CA SER A 320 -1.23 -10.99 21.24
C SER A 320 -0.35 -9.77 21.58
N GLY A 321 -0.52 -9.23 22.78
CA GLY A 321 0.17 -8.02 23.27
C GLY A 321 -0.79 -6.82 23.41
N GLU A 322 -2.07 -7.02 23.13
CA GLU A 322 -3.16 -6.06 23.13
C GLU A 322 -4.45 -6.75 23.59
N SER A 323 -5.42 -5.98 24.08
CA SER A 323 -6.75 -6.38 24.53
C SER A 323 -7.66 -5.13 24.46
N LEU A 324 -8.98 -5.29 24.65
CA LEU A 324 -9.97 -4.22 24.51
C LEU A 324 -11.11 -4.34 25.54
N PRO A 325 -11.75 -3.22 25.95
CA PRO A 325 -13.04 -3.17 26.67
C PRO A 325 -14.18 -4.03 26.09
N GLN A 326 -15.22 -4.31 26.89
CA GLN A 326 -16.20 -5.36 26.62
C GLN A 326 -17.65 -4.86 26.44
N THR A 327 -18.07 -3.72 27.02
CA THR A 327 -19.45 -3.24 26.85
C THR A 327 -19.54 -2.36 25.58
N ALA A 328 -20.74 -2.26 25.00
CA ALA A 328 -21.03 -1.45 23.81
C ALA A 328 -20.85 0.06 24.09
N ASP A 329 -21.03 0.48 25.35
CA ASP A 329 -20.77 1.83 25.86
C ASP A 329 -19.28 2.18 25.76
N GLU A 330 -18.38 1.25 26.11
CA GLU A 330 -16.94 1.43 26.04
C GLU A 330 -16.45 1.33 24.58
N ILE A 331 -16.96 0.38 23.78
CA ILE A 331 -16.60 0.20 22.37
C ILE A 331 -17.06 1.42 21.51
N GLN A 332 -18.12 2.12 21.93
CA GLN A 332 -18.57 3.37 21.34
C GLN A 332 -17.65 4.55 21.75
N ASN A 333 -17.41 4.74 23.05
CA ASN A 333 -16.87 5.99 23.60
C ASN A 333 -15.37 5.96 23.91
N THR A 334 -14.75 4.78 24.06
CA THR A 334 -13.43 4.61 24.67
C THR A 334 -12.46 3.95 23.65
N LEU A 335 -12.49 4.41 22.39
CA LEU A 335 -11.50 4.12 21.36
C LEU A 335 -11.31 5.33 20.43
N THR A 336 -10.14 5.41 19.79
CA THR A 336 -9.79 6.42 18.79
C THR A 336 -10.09 5.81 17.41
N SER A 337 -9.26 4.87 16.94
CA SER A 337 -9.43 4.12 15.68
C SER A 337 -8.71 2.75 15.69
N PRO A 338 -7.40 2.63 16.02
CA PRO A 338 -6.61 1.38 15.92
C PRO A 338 -7.24 0.12 16.54
N GLN A 339 -7.75 0.23 17.77
CA GLN A 339 -8.46 -0.81 18.52
C GLN A 339 -9.67 -1.39 17.75
N PHE A 340 -10.40 -0.53 17.05
CA PHE A 340 -11.57 -0.90 16.27
C PHE A 340 -11.14 -1.57 14.94
N GLN A 341 -10.05 -1.11 14.31
CA GLN A 341 -9.51 -1.69 13.08
C GLN A 341 -8.89 -3.07 13.32
N GLN A 342 -8.34 -3.33 14.52
CA GLN A 342 -7.92 -4.64 15.00
C GLN A 342 -9.14 -5.56 15.15
N ALA A 343 -10.18 -5.08 15.85
CA ALA A 343 -11.45 -5.77 16.07
C ALA A 343 -12.17 -6.12 14.75
N LEU A 344 -12.15 -5.21 13.76
CA LEU A 344 -12.69 -5.40 12.41
C LEU A 344 -11.96 -6.52 11.65
N GLY A 345 -10.72 -6.85 12.02
CA GLY A 345 -9.90 -7.87 11.36
C GLY A 345 -10.10 -9.23 12.03
N MET A 346 -10.21 -9.23 13.37
CA MET A 346 -10.65 -10.36 14.17
C MET A 346 -12.07 -10.80 13.78
N PHE A 347 -12.96 -9.81 13.56
CA PHE A 347 -14.32 -9.95 13.06
C PHE A 347 -14.32 -10.53 11.64
N SER A 348 -13.52 -9.96 10.72
CA SER A 348 -13.40 -10.44 9.33
C SER A 348 -12.89 -11.89 9.25
N ALA A 349 -11.96 -12.30 10.13
CA ALA A 349 -11.43 -13.66 10.21
C ALA A 349 -12.50 -14.68 10.61
N ALA A 350 -13.34 -14.34 11.62
CA ALA A 350 -14.45 -15.16 12.08
C ALA A 350 -15.61 -15.18 11.06
N LEU A 351 -15.87 -14.05 10.41
CA LEU A 351 -16.93 -13.87 9.41
C LEU A 351 -16.59 -14.61 8.11
N ALA A 352 -15.36 -14.48 7.59
CA ALA A 352 -14.90 -15.08 6.33
C ALA A 352 -14.86 -16.61 6.38
N SER A 353 -14.61 -17.18 7.58
CA SER A 353 -14.63 -18.62 7.81
C SER A 353 -16.07 -19.14 8.03
N GLY A 354 -17.05 -18.26 8.25
CA GLY A 354 -18.48 -18.57 8.32
C GLY A 354 -18.97 -18.75 9.76
N GLN A 355 -18.07 -18.64 10.74
CA GLN A 355 -18.24 -19.08 12.13
C GLN A 355 -18.95 -18.02 12.99
N LEU A 356 -18.95 -16.75 12.55
CA LEU A 356 -19.71 -15.67 13.18
C LEU A 356 -21.16 -15.70 12.68
N GLY A 357 -21.36 -16.00 11.37
CA GLY A 357 -22.57 -16.31 10.62
C GLY A 357 -23.85 -16.61 11.42
N PRO A 358 -23.93 -17.76 12.13
CA PRO A 358 -25.08 -18.16 12.98
C PRO A 358 -25.60 -17.11 13.98
N LEU A 359 -24.73 -16.24 14.53
CA LEU A 359 -25.12 -15.23 15.52
C LEU A 359 -25.79 -14.03 14.84
N MET A 360 -25.43 -13.74 13.59
CA MET A 360 -25.90 -12.60 12.80
C MET A 360 -27.40 -12.71 12.47
N CYS A 361 -27.92 -13.94 12.45
CA CYS A 361 -29.33 -14.30 12.31
C CYS A 361 -30.14 -13.89 13.56
N GLN A 362 -29.51 -13.83 14.74
CA GLN A 362 -30.14 -13.52 16.02
C GLN A 362 -30.09 -12.02 16.32
N PHE A 363 -29.04 -11.31 15.86
CA PHE A 363 -28.85 -9.87 16.09
C PHE A 363 -29.85 -8.99 15.33
N GLY A 364 -30.36 -9.44 14.18
CA GLY A 364 -31.45 -8.78 13.45
C GLY A 364 -30.98 -8.01 12.21
N LEU A 365 -29.76 -8.28 11.74
CA LEU A 365 -29.10 -7.63 10.59
C LEU A 365 -29.81 -7.97 9.25
N PRO A 366 -29.64 -7.17 8.18
CA PRO A 366 -30.26 -7.37 6.85
C PRO A 366 -30.10 -8.79 6.27
N ALA A 367 -31.14 -9.30 5.60
CA ALA A 367 -31.20 -10.67 5.06
C ALA A 367 -30.06 -11.00 4.09
N GLU A 368 -29.66 -10.03 3.25
CA GLU A 368 -28.54 -10.15 2.31
C GLU A 368 -27.18 -10.14 3.03
N ALA A 369 -27.09 -9.45 4.18
CA ALA A 369 -25.88 -9.41 5.01
C ALA A 369 -25.75 -10.73 5.80
N VAL A 370 -26.84 -11.21 6.40
CA VAL A 370 -26.89 -12.48 7.14
C VAL A 370 -26.60 -13.68 6.22
N GLU A 371 -27.08 -13.66 4.96
CA GLU A 371 -26.72 -14.62 3.91
C GLU A 371 -25.20 -14.58 3.62
N ALA A 372 -24.67 -13.38 3.35
CA ALA A 372 -23.26 -13.11 3.09
C ALA A 372 -22.33 -13.52 4.25
N ALA A 373 -22.77 -13.33 5.51
CA ALA A 373 -22.05 -13.66 6.73
C ALA A 373 -21.92 -15.18 6.96
N ASN A 374 -22.92 -15.95 6.50
CA ASN A 374 -22.93 -17.41 6.59
C ASN A 374 -22.19 -18.04 5.40
N LYS A 375 -22.10 -17.36 4.25
CA LYS A 375 -21.30 -17.76 3.10
C LYS A 375 -19.80 -17.45 3.34
N GLY A 376 -19.50 -16.26 3.86
CA GLY A 376 -18.15 -15.76 4.12
C GLY A 376 -17.78 -14.55 3.25
N ASP A 377 -18.76 -13.88 2.62
CA ASP A 377 -18.58 -12.75 1.72
C ASP A 377 -18.56 -11.45 2.56
N VAL A 378 -17.39 -11.12 3.10
CA VAL A 378 -17.12 -9.94 3.95
C VAL A 378 -17.49 -8.62 3.24
N GLU A 379 -17.19 -8.50 1.94
CA GLU A 379 -17.51 -7.34 1.12
C GLU A 379 -19.03 -7.16 0.96
N ALA A 380 -19.78 -8.24 0.70
CA ALA A 380 -21.23 -8.21 0.51
C ALA A 380 -21.97 -7.91 1.82
N PHE A 381 -21.43 -8.38 2.96
CA PHE A 381 -21.88 -8.04 4.31
C PHE A 381 -21.77 -6.52 4.56
N ALA A 382 -20.64 -5.91 4.21
CA ALA A 382 -20.40 -4.47 4.33
C ALA A 382 -21.25 -3.67 3.32
N LYS A 383 -21.31 -4.10 2.07
CA LYS A 383 -22.05 -3.46 0.98
C LYS A 383 -23.57 -3.38 1.24
N ALA A 384 -24.16 -4.43 1.84
CA ALA A 384 -25.58 -4.47 2.20
C ALA A 384 -26.00 -3.31 3.13
N MET A 385 -25.17 -3.01 4.13
CA MET A 385 -25.39 -1.92 5.08
C MET A 385 -24.79 -0.58 4.61
N GLN A 386 -24.03 -0.57 3.50
CA GLN A 386 -23.58 0.66 2.82
C GLN A 386 -24.73 1.15 1.91
N ASN A 387 -25.50 0.24 1.30
CA ASN A 387 -26.72 0.52 0.55
C ASN A 387 -27.88 0.83 1.51
N ASN A 388 -28.17 -0.06 2.47
CA ASN A 388 -29.19 0.12 3.52
C ASN A 388 -28.54 0.84 4.72
N ALA A 389 -28.02 2.04 4.47
CA ALA A 389 -27.36 2.92 5.43
C ALA A 389 -28.34 3.91 6.08
N LYS A 390 -29.56 4.00 5.56
CA LYS A 390 -30.62 4.88 6.06
C LYS A 390 -31.23 4.28 7.35
N PRO A 391 -31.54 5.08 8.39
CA PRO A 391 -32.23 4.70 9.66
C PRO A 391 -33.58 3.91 9.60
N GLU A 392 -33.79 3.02 8.62
CA GLU A 392 -34.99 2.22 8.41
C GLU A 392 -35.30 1.30 9.61
N GLN A 393 -36.57 1.21 10.00
CA GLN A 393 -37.07 0.33 11.06
C GLN A 393 -38.47 -0.19 10.71
N LYS A 394 -39.41 0.73 10.43
CA LYS A 394 -40.79 0.54 9.96
C LYS A 394 -41.77 0.06 11.04
N GLU A 395 -41.27 -0.65 12.06
CA GLU A 395 -42.03 -1.13 13.22
C GLU A 395 -42.13 -0.06 14.33
N GLY A 396 -41.39 1.04 14.23
CA GLY A 396 -41.45 2.20 15.10
C GLY A 396 -41.69 3.46 14.26
N ASP A 397 -42.43 4.43 14.81
CA ASP A 397 -42.73 5.73 14.18
C ASP A 397 -41.62 6.72 14.53
N THR A 398 -41.35 7.67 13.64
CA THR A 398 -40.34 8.72 13.75
C THR A 398 -40.92 9.87 14.62
N LYS A 399 -41.10 9.59 15.92
CA LYS A 399 -41.61 10.45 17.00
C LYS A 399 -43.15 10.51 17.03
N ASP A 400 -43.72 10.57 18.24
CA ASP A 400 -45.16 10.70 18.48
C ASP A 400 -45.62 12.17 18.27
N LYS A 401 -44.79 13.13 18.69
CA LYS A 401 -45.02 14.56 18.56
C LYS A 401 -44.53 15.05 17.19
N LYS A 402 -45.28 15.98 16.59
CA LYS A 402 -44.97 16.70 15.35
C LYS A 402 -44.63 18.16 15.72
N ASP A 403 -44.94 19.12 14.84
CA ASP A 403 -44.75 20.58 14.98
C ASP A 403 -43.36 21.04 14.54
N GLU A 404 -43.20 22.36 14.32
CA GLU A 404 -41.98 23.04 13.93
C GLU A 404 -42.01 24.48 14.47
N GLU A 405 -40.91 24.95 15.07
CA GLU A 405 -40.70 26.30 15.58
C GLU A 405 -39.20 26.64 15.54
N GLU A 406 -38.87 27.93 15.47
CA GLU A 406 -37.53 28.48 15.41
C GLU A 406 -36.81 28.39 16.78
N ASP A 407 -35.47 28.37 16.76
CA ASP A 407 -34.61 28.48 17.94
C ASP A 407 -34.64 29.91 18.47
N MET A 408 -34.73 30.07 19.79
CA MET A 408 -34.92 31.35 20.50
C MET A 408 -33.65 32.20 20.53
N SER A 409 -32.48 31.59 20.33
CA SER A 409 -31.18 32.21 20.20
C SER A 409 -30.33 31.30 19.30
N LEU A 410 -29.54 31.87 18.39
CA LEU A 410 -28.69 31.19 17.42
C LEU A 410 -27.51 32.12 17.08
N ASP A 411 -26.32 31.54 16.86
CA ASP A 411 -25.10 32.26 16.48
C ASP A 411 -25.08 32.42 14.95
N MET A 5 38.54 2.59 22.98
CA MET A 5 39.32 2.53 21.74
C MET A 5 38.88 3.58 20.68
N THR A 6 37.95 4.49 21.02
CA THR A 6 37.41 5.56 20.15
C THR A 6 38.55 6.50 19.71
N THR A 7 38.94 6.40 18.44
CA THR A 7 40.07 7.11 17.84
C THR A 7 39.52 8.39 17.17
N SER A 8 40.13 9.53 17.47
CA SER A 8 39.83 10.83 16.83
C SER A 8 40.70 10.99 15.57
N GLY A 9 40.23 11.80 14.62
CA GLY A 9 40.91 12.13 13.38
C GLY A 9 41.22 13.63 13.32
N ALA A 10 42.17 14.02 12.45
CA ALA A 10 42.62 15.41 12.25
C ALA A 10 41.65 16.16 11.32
N LEU A 11 40.40 16.31 11.76
CA LEU A 11 39.31 16.95 11.04
C LEU A 11 39.50 18.48 10.96
N PHE A 12 40.12 19.08 11.98
CA PHE A 12 40.50 20.49 12.04
C PHE A 12 42.03 20.56 11.84
N PRO A 13 42.54 21.25 10.79
CA PRO A 13 43.98 21.46 10.59
C PRO A 13 44.47 22.67 11.42
N SER A 14 45.53 23.36 10.98
CA SER A 14 46.11 24.56 11.58
C SER A 14 45.24 25.83 11.37
N LEU A 15 44.17 25.74 10.56
CA LEU A 15 43.19 26.79 10.30
C LEU A 15 42.18 26.88 11.46
N VAL A 16 41.44 28.00 11.54
CA VAL A 16 40.34 28.24 12.47
C VAL A 16 39.17 27.26 12.23
N PRO A 17 38.37 26.91 13.27
CA PRO A 17 37.26 25.95 13.14
C PRO A 17 36.01 26.54 12.45
N GLY A 18 35.81 27.86 12.50
CA GLY A 18 34.67 28.57 11.94
C GLY A 18 33.90 29.29 13.05
N SER A 19 32.61 29.57 12.80
CA SER A 19 31.67 30.16 13.73
C SER A 19 30.24 29.73 13.32
N ARG A 20 29.25 30.02 14.15
CA ARG A 20 27.84 29.65 13.98
C ARG A 20 27.12 30.65 13.03
N GLY A 21 27.66 30.80 11.81
CA GLY A 21 27.17 31.69 10.76
C GLY A 21 26.77 30.94 9.48
N ALA A 22 26.79 29.60 9.51
CA ALA A 22 26.43 28.64 8.45
C ALA A 22 27.59 28.34 7.49
N SER A 23 27.53 27.19 6.82
CA SER A 23 28.47 26.71 5.81
C SER A 23 27.76 25.73 4.85
N ASN A 24 26.73 25.01 5.33
CA ASN A 24 25.89 24.11 4.55
C ASN A 24 24.91 24.94 3.72
N LYS A 25 24.63 24.51 2.48
CA LYS A 25 23.76 25.20 1.52
C LYS A 25 22.70 24.28 0.89
N TYR A 26 22.92 22.95 0.94
CA TYR A 26 21.99 21.87 0.59
C TYR A 26 21.87 21.68 -0.94
N LEU A 27 21.38 20.52 -1.37
CA LEU A 27 21.09 20.24 -2.78
C LEU A 27 19.66 20.70 -3.11
N VAL A 28 18.71 20.37 -2.24
CA VAL A 28 17.30 20.76 -2.31
C VAL A 28 16.86 21.07 -0.87
N GLU A 29 15.95 22.03 -0.71
CA GLU A 29 15.23 22.35 0.52
C GLU A 29 13.82 22.86 0.15
N PHE A 30 12.78 22.40 0.85
CA PHE A 30 11.38 22.77 0.65
C PHE A 30 10.56 22.50 1.92
N ARG A 31 9.53 23.33 2.18
CA ARG A 31 8.65 23.22 3.33
C ARG A 31 7.58 22.15 3.02
N ALA A 32 7.57 21.07 3.81
CA ALA A 32 6.66 19.95 3.69
C ALA A 32 6.58 19.21 5.04
N GLY A 33 5.45 18.56 5.27
CA GLY A 33 5.18 17.69 6.40
C GLY A 33 5.08 16.24 5.92
N LYS A 34 4.90 15.28 6.83
CA LYS A 34 4.88 13.84 6.52
C LYS A 34 3.75 13.11 7.24
N MET A 35 3.40 11.94 6.71
CA MET A 35 2.45 11.00 7.30
C MET A 35 3.25 9.90 8.03
N SER A 36 2.65 9.31 9.06
CA SER A 36 3.20 8.21 9.87
C SER A 36 2.07 7.45 10.57
N LEU A 37 2.41 6.34 11.23
CA LEU A 37 1.49 5.52 12.01
C LEU A 37 1.21 6.20 13.37
N LYS A 38 -0.02 6.05 13.85
CA LYS A 38 -0.52 6.51 15.15
C LYS A 38 -1.30 5.34 15.81
N GLY A 39 -0.75 4.13 15.69
CA GLY A 39 -1.34 2.86 16.07
C GLY A 39 -1.55 2.04 14.80
N THR A 40 -2.74 1.43 14.65
CA THR A 40 -3.17 0.74 13.43
C THR A 40 -3.64 1.77 12.36
N THR A 41 -3.89 3.03 12.75
CA THR A 41 -4.32 4.13 11.90
C THR A 41 -3.06 4.89 11.42
N VAL A 42 -3.04 5.29 10.13
CA VAL A 42 -2.05 6.20 9.55
C VAL A 42 -2.63 7.62 9.69
N THR A 43 -1.80 8.61 10.03
CA THR A 43 -2.19 9.99 10.32
C THR A 43 -1.18 10.97 9.65
N PRO A 44 -1.63 12.09 9.03
CA PRO A 44 -0.74 13.17 8.60
C PRO A 44 -0.32 14.03 9.80
N ASP A 45 0.97 14.37 9.92
CA ASP A 45 1.46 15.28 10.96
C ASP A 45 1.06 16.73 10.61
N LYS A 46 0.71 17.50 11.63
CA LYS A 46 0.25 18.87 11.58
C LYS A 46 1.37 19.86 11.97
N ARG A 47 2.54 19.39 12.42
CA ARG A 47 3.73 20.22 12.63
C ARG A 47 4.26 20.73 11.28
N LYS A 48 4.70 22.00 11.26
CA LYS A 48 5.32 22.64 10.10
C LYS A 48 6.74 22.10 9.98
N GLY A 49 7.09 21.50 8.84
CA GLY A 49 8.37 20.85 8.59
C GLY A 49 9.13 21.45 7.41
N LEU A 50 10.37 21.01 7.25
CA LEU A 50 11.24 21.27 6.11
C LEU A 50 11.94 19.95 5.75
N VAL A 51 11.81 19.53 4.48
CA VAL A 51 12.60 18.46 3.88
C VAL A 51 13.87 19.13 3.33
N TYR A 52 15.02 18.49 3.47
CA TYR A 52 16.30 18.94 2.96
C TYR A 52 17.18 17.74 2.54
N ILE A 53 18.02 17.95 1.52
CA ILE A 53 18.86 16.93 0.90
C ILE A 53 20.29 17.48 0.82
N GLN A 54 21.29 16.64 1.10
CA GLN A 54 22.71 16.94 1.07
C GLN A 54 23.49 15.71 0.58
N GLN A 55 24.58 15.91 -0.16
CA GLN A 55 25.55 14.88 -0.51
C GLN A 55 26.67 14.91 0.54
N THR A 56 27.06 13.75 1.05
CA THR A 56 28.27 13.55 1.83
C THR A 56 29.38 13.15 0.83
N ASP A 57 30.61 13.66 1.06
CA ASP A 57 31.81 13.59 0.21
C ASP A 57 32.19 12.18 -0.30
N ASP A 58 31.75 11.13 0.41
CA ASP A 58 31.91 9.72 0.05
C ASP A 58 31.00 9.28 -1.13
N SER A 59 30.07 10.16 -1.56
CA SER A 59 29.13 10.11 -2.68
C SER A 59 27.69 9.73 -2.30
N LEU A 60 27.42 9.53 -1.01
CA LEU A 60 26.11 9.20 -0.46
C LEU A 60 25.23 10.46 -0.40
N ILE A 61 23.97 10.35 -0.82
CA ILE A 61 22.93 11.36 -0.67
C ILE A 61 22.21 11.05 0.65
N HIS A 62 22.09 12.05 1.52
CA HIS A 62 21.33 12.01 2.76
C HIS A 62 20.08 12.85 2.52
N PHE A 63 18.90 12.23 2.67
CA PHE A 63 17.58 12.85 2.64
C PHE A 63 17.14 12.94 4.10
N CYS A 64 16.75 14.12 4.58
CA CYS A 64 16.39 14.37 5.97
C CYS A 64 15.24 15.36 6.10
N TRP A 65 14.56 15.34 7.26
CA TRP A 65 13.40 16.16 7.61
C TRP A 65 13.54 16.67 9.03
N LYS A 66 13.21 17.95 9.24
CA LYS A 66 13.18 18.63 10.53
C LYS A 66 11.84 19.33 10.72
N ASP A 67 11.35 19.37 11.96
CA ASP A 67 10.21 20.17 12.40
C ASP A 67 10.72 21.60 12.58
N ARG A 68 9.99 22.60 12.06
CA ARG A 68 10.37 24.02 12.14
C ARG A 68 9.90 24.65 13.45
N THR A 69 9.06 23.98 14.24
CA THR A 69 8.54 24.48 15.50
C THR A 69 9.65 24.40 16.59
N SER A 70 10.41 23.30 16.65
CA SER A 70 11.55 23.12 17.55
C SER A 70 12.90 23.30 16.80
N GLY A 71 13.04 22.82 15.55
CA GLY A 71 14.17 23.13 14.67
C GLY A 71 15.15 21.97 14.44
N ASN A 72 15.00 20.86 15.18
CA ASN A 72 15.93 19.71 15.16
C ASN A 72 15.46 18.67 14.12
N VAL A 73 16.39 17.88 13.59
CA VAL A 73 16.14 16.78 12.65
C VAL A 73 15.36 15.65 13.36
N GLU A 74 14.26 15.22 12.75
CA GLU A 74 13.36 14.20 13.26
C GLU A 74 13.43 12.92 12.41
N ASP A 75 13.93 12.99 11.18
CA ASP A 75 14.04 11.88 10.24
C ASP A 75 15.25 12.10 9.32
N ASP A 76 15.99 11.04 9.00
CA ASP A 76 17.25 11.05 8.25
C ASP A 76 17.49 9.64 7.67
N LEU A 77 17.63 9.52 6.34
CA LEU A 77 17.89 8.28 5.61
C LEU A 77 18.88 8.53 4.47
N ILE A 78 19.72 7.54 4.18
CA ILE A 78 20.71 7.54 3.10
C ILE A 78 20.00 7.00 1.85
N ILE A 79 20.18 7.67 0.70
CA ILE A 79 19.71 7.28 -0.61
C ILE A 79 20.94 6.90 -1.45
N PHE A 80 20.80 5.83 -2.24
CA PHE A 80 21.76 5.35 -3.24
C PHE A 80 21.12 5.56 -4.64
N PRO A 81 21.92 5.67 -5.73
CA PRO A 81 21.43 5.98 -7.08
C PRO A 81 20.41 4.97 -7.62
N ASP A 82 19.14 5.39 -7.70
CA ASP A 82 17.98 4.66 -8.21
C ASP A 82 17.48 3.58 -7.23
N ASP A 83 17.91 3.65 -5.97
CA ASP A 83 17.48 2.73 -4.90
C ASP A 83 16.18 3.24 -4.23
N CYS A 84 15.92 4.54 -4.36
CA CYS A 84 14.72 5.25 -3.94
C CYS A 84 14.27 6.16 -5.08
N GLU A 85 12.98 6.51 -5.13
CA GLU A 85 12.36 7.35 -6.14
C GLU A 85 11.25 8.19 -5.50
N PHE A 86 11.21 9.49 -5.83
CA PHE A 86 10.23 10.45 -5.34
C PHE A 86 9.23 10.72 -6.47
N LYS A 87 7.93 10.63 -6.17
CA LYS A 87 6.83 10.75 -7.13
C LYS A 87 5.64 11.46 -6.47
N ARG A 88 4.73 12.02 -7.28
CA ARG A 88 3.45 12.60 -6.86
C ARG A 88 2.44 11.45 -6.70
N VAL A 89 1.55 11.53 -5.70
CA VAL A 89 0.45 10.58 -5.54
C VAL A 89 -0.64 10.96 -6.58
N PRO A 90 -1.02 10.06 -7.51
CA PRO A 90 -1.96 10.39 -8.60
C PRO A 90 -3.43 10.49 -8.15
N GLN A 91 -3.80 9.79 -7.07
CA GLN A 91 -5.15 9.75 -6.49
C GLN A 91 -5.39 10.89 -5.47
N CYS A 92 -4.43 11.80 -5.30
CA CYS A 92 -4.54 13.00 -4.45
C CYS A 92 -5.51 14.01 -5.12
N PRO A 93 -6.56 14.51 -4.43
CA PRO A 93 -7.50 15.50 -4.97
C PRO A 93 -6.86 16.78 -5.54
N SER A 94 -5.93 17.38 -4.80
CA SER A 94 -5.28 18.65 -5.11
C SER A 94 -3.98 18.44 -5.91
N GLY A 95 -3.18 17.44 -5.53
CA GLY A 95 -1.86 17.13 -6.07
C GLY A 95 -0.74 17.42 -5.06
N ARG A 96 -1.08 17.86 -3.84
CA ARG A 96 -0.13 18.35 -2.83
C ARG A 96 0.62 17.23 -2.08
N VAL A 97 0.15 15.97 -2.17
CA VAL A 97 0.80 14.83 -1.53
C VAL A 97 1.74 14.16 -2.54
N TYR A 98 2.96 13.88 -2.09
CA TYR A 98 4.06 13.24 -2.79
C TYR A 98 4.53 12.06 -1.93
N VAL A 99 5.24 11.09 -2.54
CA VAL A 99 5.69 9.87 -1.91
C VAL A 99 7.13 9.56 -2.32
N LEU A 100 7.98 9.28 -1.34
CA LEU A 100 9.31 8.72 -1.51
C LEU A 100 9.15 7.20 -1.34
N LYS A 101 9.30 6.45 -2.43
CA LYS A 101 9.31 5.00 -2.48
C LYS A 101 10.77 4.54 -2.35
N PHE A 102 11.02 3.55 -1.49
CA PHE A 102 12.29 2.86 -1.32
C PHE A 102 12.11 1.51 -2.03
N LYS A 103 12.89 1.25 -3.09
CA LYS A 103 12.72 0.09 -3.97
C LYS A 103 13.33 -1.16 -3.32
N ALA A 104 14.40 -1.00 -2.53
CA ALA A 104 14.89 -1.99 -1.58
C ALA A 104 14.27 -1.63 -0.21
N GLY A 105 13.51 -2.56 0.37
CA GLY A 105 12.92 -2.44 1.71
C GLY A 105 11.39 -2.27 1.67
N SER A 106 10.85 -1.84 0.51
CA SER A 106 9.44 -1.70 0.16
C SER A 106 8.67 -0.66 1.00
N LYS A 107 9.41 0.31 1.57
CA LYS A 107 8.87 1.42 2.36
C LYS A 107 8.37 2.51 1.40
N ARG A 108 7.29 3.19 1.80
CA ARG A 108 6.76 4.40 1.17
C ARG A 108 6.55 5.42 2.29
N LEU A 109 7.31 6.53 2.25
CA LEU A 109 7.13 7.68 3.13
C LEU A 109 6.38 8.74 2.31
N PHE A 110 5.18 9.09 2.76
CA PHE A 110 4.29 10.06 2.11
C PHE A 110 4.51 11.43 2.79
N PHE A 111 4.70 12.46 1.96
CA PHE A 111 4.97 13.84 2.32
C PHE A 111 3.85 14.73 1.75
N TRP A 112 3.53 15.85 2.42
CA TRP A 112 2.54 16.83 1.98
C TRP A 112 3.20 18.21 1.94
N MET A 113 3.08 18.91 0.81
CA MET A 113 3.75 20.17 0.50
C MET A 113 3.08 21.34 1.25
N GLN A 114 3.86 22.16 1.95
CA GLN A 114 3.40 23.38 2.62
C GLN A 114 3.73 24.63 1.76
N GLU A 115 4.44 24.47 0.63
CA GLU A 115 4.86 25.55 -0.27
C GLU A 115 3.64 26.27 -0.88
N PRO A 116 3.64 27.63 -0.96
CA PRO A 116 2.45 28.42 -1.33
C PRO A 116 2.16 28.39 -2.84
N LYS A 117 3.16 28.56 -3.70
CA LYS A 117 3.00 28.53 -5.15
C LYS A 117 3.16 27.06 -5.60
N THR A 118 2.04 26.40 -5.89
CA THR A 118 1.98 24.96 -6.26
C THR A 118 2.72 24.62 -7.58
N ASP A 119 3.10 25.64 -8.35
CA ASP A 119 4.00 25.59 -9.51
C ASP A 119 5.41 25.07 -9.14
N GLN A 120 5.85 25.32 -7.90
CA GLN A 120 7.15 24.90 -7.39
C GLN A 120 7.19 23.38 -7.10
N ASP A 121 6.05 22.78 -6.72
CA ASP A 121 5.93 21.41 -6.23
C ASP A 121 6.39 20.39 -7.29
N GLU A 122 6.04 20.65 -8.56
CA GLU A 122 6.40 19.85 -9.72
C GLU A 122 7.89 20.00 -10.06
N GLU A 123 8.48 21.18 -9.84
CA GLU A 123 9.90 21.46 -10.04
C GLU A 123 10.72 20.81 -8.91
N HIS A 124 10.26 20.93 -7.66
CA HIS A 124 10.86 20.32 -6.47
C HIS A 124 10.92 18.78 -6.59
N CYS A 125 9.82 18.16 -7.03
CA CYS A 125 9.71 16.72 -7.30
C CYS A 125 10.81 16.21 -8.25
N ARG A 126 11.05 16.93 -9.36
CA ARG A 126 12.09 16.62 -10.33
C ARG A 126 13.49 16.90 -9.75
N LYS A 127 13.69 18.05 -9.08
CA LYS A 127 14.94 18.43 -8.42
C LYS A 127 15.40 17.41 -7.36
N VAL A 128 14.48 16.88 -6.55
CA VAL A 128 14.71 15.75 -5.65
C VAL A 128 15.11 14.50 -6.46
N ASN A 129 14.19 14.01 -7.31
CA ASN A 129 14.27 12.70 -7.96
C ASN A 129 15.49 12.55 -8.88
N GLU A 130 15.97 13.63 -9.51
CA GLU A 130 17.19 13.66 -10.32
C GLU A 130 18.44 13.33 -9.47
N TYR A 131 18.55 13.86 -8.24
CA TYR A 131 19.64 13.54 -7.32
C TYR A 131 19.50 12.14 -6.71
N LEU A 132 18.26 11.62 -6.54
CA LEU A 132 18.03 10.26 -6.04
C LEU A 132 18.34 9.21 -7.13
N ASN A 133 18.16 9.58 -8.41
CA ASN A 133 18.52 8.77 -9.58
C ASN A 133 20.04 8.83 -9.82
N ASN A 134 20.63 10.03 -9.81
CA ASN A 134 22.04 10.26 -10.10
C ASN A 134 22.59 11.39 -9.19
N PRO A 135 23.34 11.07 -8.11
CA PRO A 135 24.09 12.04 -7.28
C PRO A 135 25.01 12.99 -8.08
N PRO A 136 25.43 14.15 -7.53
CA PRO A 136 26.28 15.13 -8.23
C PRO A 136 27.72 14.65 -8.53
N MET A 137 28.16 13.54 -7.94
CA MET A 137 29.32 12.76 -8.33
C MET A 137 28.91 11.28 -8.20
N PRO A 138 28.80 10.48 -9.29
CA PRO A 138 28.48 9.05 -9.21
C PRO A 138 29.73 8.24 -8.82
N GLY A 139 29.78 7.75 -7.58
CA GLY A 139 30.85 6.92 -7.02
C GLY A 139 30.33 5.55 -6.56
N ALA A 140 29.22 5.07 -7.14
CA ALA A 140 28.50 3.86 -6.75
C ALA A 140 29.31 2.56 -6.95
N LEU A 141 30.28 2.58 -7.87
CA LEU A 141 31.24 1.50 -8.12
C LEU A 141 32.42 1.51 -7.11
N GLY A 142 32.52 2.52 -6.24
CA GLY A 142 33.52 2.67 -5.19
C GLY A 142 34.40 3.91 -5.41
N ALA A 143 35.36 4.10 -4.50
CA ALA A 143 36.36 5.18 -4.51
C ALA A 143 37.67 4.60 -3.97
N SER A 144 38.37 3.83 -4.81
CA SER A 144 39.64 3.11 -4.62
C SER A 144 39.45 1.67 -4.12
N GLY A 145 38.46 1.43 -3.25
CA GLY A 145 38.03 0.13 -2.76
C GLY A 145 38.29 0.03 -1.26
N SER A 146 37.23 0.22 -0.45
CA SER A 146 37.19 0.08 1.02
C SER A 146 37.84 1.24 1.78
N SER A 147 37.76 1.21 3.11
CA SER A 147 38.38 2.15 4.04
C SER A 147 38.91 1.37 5.26
N GLY A 148 38.10 1.28 6.32
CA GLY A 148 38.36 0.48 7.52
C GLY A 148 37.25 -0.54 7.73
N HIS A 149 35.99 -0.07 7.81
CA HIS A 149 34.74 -0.80 8.05
C HIS A 149 34.57 -1.13 9.54
N GLU A 150 35.44 -2.01 10.03
CA GLU A 150 35.54 -2.51 11.40
C GLU A 150 36.99 -2.96 11.64
N LEU A 151 37.22 -3.90 12.57
CA LEU A 151 38.50 -4.56 12.79
C LEU A 151 38.67 -5.63 11.68
N SER A 152 39.72 -5.48 10.87
CA SER A 152 40.01 -6.29 9.69
C SER A 152 41.50 -6.72 9.69
N ALA A 153 41.99 -7.11 10.86
CA ALA A 153 43.33 -7.64 11.12
C ALA A 153 43.23 -8.75 12.17
N LEU A 154 42.66 -8.41 13.33
CA LEU A 154 42.28 -9.28 14.46
C LEU A 154 43.48 -9.65 15.36
N GLY A 155 44.62 -9.94 14.74
CA GLY A 155 45.93 -10.11 15.36
C GLY A 155 46.91 -9.08 14.79
N GLY A 156 47.94 -8.73 15.56
CA GLY A 156 48.97 -7.76 15.20
C GLY A 156 50.37 -8.41 15.25
N GLU A 157 51.40 -7.57 15.28
CA GLU A 157 52.81 -7.94 15.38
C GLU A 157 53.50 -6.93 16.30
N GLY A 158 54.39 -6.08 15.75
CA GLY A 158 55.17 -5.07 16.47
C GLY A 158 56.65 -5.40 16.34
N GLY A 159 57.40 -5.24 17.43
CA GLY A 159 58.81 -5.62 17.57
C GLY A 159 58.97 -6.65 18.70
N LEU A 160 60.21 -6.82 19.18
CA LEU A 160 60.56 -7.73 20.28
C LEU A 160 60.34 -7.08 21.67
N GLN A 161 59.90 -5.81 21.69
CA GLN A 161 59.55 -5.03 22.87
C GLN A 161 58.33 -4.15 22.50
N SER A 162 57.41 -3.96 23.45
CA SER A 162 56.27 -3.05 23.33
C SER A 162 56.78 -1.63 23.64
N LEU A 163 56.40 -0.64 22.82
CA LEU A 163 56.85 0.74 22.90
C LEU A 163 56.13 1.46 24.07
N LEU A 164 56.88 2.25 24.84
CA LEU A 164 56.39 3.00 26.01
C LEU A 164 55.56 4.21 25.56
N GLY A 165 56.02 4.93 24.54
CA GLY A 165 55.46 6.18 24.06
C GLY A 165 56.46 7.30 24.39
N ASN A 166 56.02 8.28 25.18
CA ASN A 166 56.80 9.38 25.79
C ASN A 166 57.11 10.50 24.79
N MET A 167 57.74 10.16 23.66
CA MET A 167 58.16 11.07 22.60
C MET A 167 58.20 10.28 21.29
N SER A 168 57.46 10.71 20.27
CA SER A 168 57.36 10.10 18.94
C SER A 168 58.55 10.54 18.05
N HIS A 169 59.78 10.38 18.57
CA HIS A 169 61.09 10.73 18.01
C HIS A 169 61.33 12.24 17.94
N SER A 170 60.41 12.94 17.30
CA SER A 170 60.28 14.40 17.20
C SER A 170 59.85 14.99 18.57
N GLN A 171 60.54 16.04 19.02
CA GLN A 171 60.35 16.66 20.33
C GLN A 171 59.33 17.80 20.25
N LEU A 172 59.56 18.76 19.34
CA LEU A 172 58.81 20.01 19.11
C LEU A 172 59.10 21.06 20.21
N MET A 173 58.69 22.31 19.97
CA MET A 173 58.85 23.43 20.90
C MET A 173 57.81 23.30 22.04
N GLN A 174 58.24 23.61 23.26
CA GLN A 174 57.46 23.54 24.51
C GLN A 174 57.66 24.84 25.29
N LEU A 175 56.72 25.15 26.20
CA LEU A 175 56.75 26.32 27.08
C LEU A 175 57.67 26.03 28.28
N ILE A 176 58.41 27.06 28.71
CA ILE A 176 59.32 27.03 29.87
C ILE A 176 58.48 27.10 31.18
N GLY A 177 57.35 27.81 31.15
CA GLY A 177 56.41 28.00 32.25
C GLY A 177 56.28 29.50 32.58
N PRO A 178 55.06 30.03 32.86
CA PRO A 178 54.81 31.43 33.26
C PRO A 178 55.66 31.92 34.46
N ALA A 179 56.11 33.18 34.40
CA ALA A 179 56.80 33.86 35.49
C ALA A 179 55.82 34.57 36.45
N GLY A 180 54.57 34.75 36.02
CA GLY A 180 53.46 35.35 36.77
C GLY A 180 52.30 34.35 36.89
N LEU A 181 51.07 34.86 36.95
CA LEU A 181 49.83 34.09 37.05
C LEU A 181 48.78 34.74 36.14
N GLY A 182 48.66 34.25 34.91
CA GLY A 182 47.65 34.60 33.92
C GLY A 182 46.95 33.34 33.40
N GLY A 183 46.20 33.48 32.30
CA GLY A 183 45.48 32.41 31.61
C GLY A 183 43.98 32.69 31.53
N LEU A 184 43.23 31.78 30.88
CA LEU A 184 41.79 31.86 30.65
C LEU A 184 41.00 31.51 31.93
N GLY A 185 41.58 30.68 32.81
CA GLY A 185 41.00 30.18 34.05
C GLY A 185 41.01 28.65 34.06
N GLY A 186 41.17 28.07 35.26
CA GLY A 186 41.26 26.63 35.52
C GLY A 186 40.16 26.15 36.46
N LEU A 187 38.97 26.78 36.41
CA LEU A 187 37.81 26.53 37.25
C LEU A 187 37.05 25.28 36.74
N GLY A 188 37.70 24.12 36.80
CA GLY A 188 37.19 22.79 36.45
C GLY A 188 37.34 21.83 37.64
N ALA A 189 36.55 20.76 37.65
CA ALA A 189 36.58 19.67 38.63
C ALA A 189 36.35 18.31 37.95
N LEU A 190 35.31 18.23 37.12
CA LEU A 190 34.95 17.07 36.27
C LEU A 190 35.82 16.96 34.99
N THR A 191 36.93 17.71 34.94
CA THR A 191 37.88 17.81 33.82
C THR A 191 38.93 16.67 33.88
N GLY A 192 38.95 15.87 34.96
CA GLY A 192 39.82 14.70 35.15
C GLY A 192 39.02 13.40 35.09
N PRO A 193 39.68 12.22 34.97
CA PRO A 193 39.01 10.93 34.78
C PRO A 193 38.34 10.38 36.05
N GLY A 194 38.99 10.53 37.22
CA GLY A 194 38.52 10.08 38.52
C GLY A 194 39.41 8.96 39.06
N LEU A 195 38.82 8.01 39.79
CA LEU A 195 39.47 6.83 40.34
C LEU A 195 39.53 5.72 39.26
N ALA A 196 40.44 4.76 39.43
CA ALA A 196 40.65 3.60 38.55
C ALA A 196 39.59 2.51 38.76
N SER A 197 38.30 2.89 38.70
CA SER A 197 37.13 2.04 38.83
C SER A 197 36.83 1.38 37.46
N LEU A 198 37.77 0.56 36.98
CA LEU A 198 37.73 -0.15 35.70
C LEU A 198 36.74 -1.33 35.78
N LEU A 199 36.04 -1.59 34.67
CA LEU A 199 35.01 -2.61 34.51
C LEU A 199 35.00 -3.14 33.07
N GLY A 200 33.86 -3.67 32.61
CA GLY A 200 33.65 -4.27 31.29
C GLY A 200 32.99 -5.62 31.46
N SER A 201 31.66 -5.62 31.56
CA SER A 201 30.79 -6.79 31.66
C SER A 201 30.55 -7.41 30.28
N SER A 202 30.02 -8.64 30.26
CA SER A 202 29.60 -9.37 29.06
C SER A 202 28.39 -8.69 28.37
N GLY A 203 28.31 -8.81 27.03
CA GLY A 203 27.30 -8.22 26.17
C GLY A 203 26.54 -9.30 25.39
N PRO A 204 27.10 -9.85 24.28
CA PRO A 204 26.52 -10.95 23.49
C PRO A 204 26.05 -12.18 24.30
N PRO A 205 25.01 -12.93 23.84
CA PRO A 205 24.49 -14.16 24.47
C PRO A 205 25.53 -15.22 24.88
N GLY A 206 26.57 -15.44 24.06
CA GLY A 206 27.70 -16.33 24.33
C GLY A 206 27.77 -17.52 23.36
N SER A 207 26.74 -17.73 22.54
CA SER A 207 26.65 -18.77 21.52
C SER A 207 27.48 -18.36 20.28
N SER A 208 28.63 -19.01 20.07
CA SER A 208 29.58 -18.71 18.99
C SER A 208 29.09 -19.24 17.62
N SER A 209 28.22 -20.26 17.62
CA SER A 209 27.62 -20.87 16.44
C SER A 209 26.32 -20.11 16.08
N SER A 210 25.17 -20.56 16.58
CA SER A 210 23.81 -20.08 16.33
C SER A 210 23.35 -20.48 14.90
N SER A 211 22.21 -19.93 14.44
CA SER A 211 21.65 -20.00 13.08
C SER A 211 20.90 -21.32 12.79
N SER A 212 20.42 -21.99 13.85
CA SER A 212 19.76 -23.31 13.92
C SER A 212 18.75 -23.58 12.79
N SER A 213 18.98 -24.67 12.04
CA SER A 213 18.32 -25.04 10.78
C SER A 213 16.90 -25.61 11.02
N ARG A 214 16.05 -24.87 11.74
CA ARG A 214 14.65 -25.20 12.01
C ARG A 214 13.75 -24.84 10.81
N SER A 215 14.18 -23.89 9.97
CA SER A 215 13.51 -23.47 8.74
C SER A 215 14.05 -24.32 7.57
N GLN A 216 13.21 -24.50 6.55
CA GLN A 216 13.58 -24.94 5.20
C GLN A 216 14.37 -23.83 4.48
N SER A 217 15.09 -24.19 3.41
CA SER A 217 15.88 -23.29 2.58
C SER A 217 15.86 -23.78 1.12
N ALA A 218 16.52 -23.04 0.22
CA ALA A 218 16.61 -23.28 -1.22
C ALA A 218 17.77 -24.22 -1.62
N ALA A 219 18.54 -24.71 -0.63
CA ALA A 219 19.63 -25.67 -0.79
C ALA A 219 19.11 -27.07 -1.18
N VAL A 220 19.98 -27.88 -1.78
CA VAL A 220 19.75 -29.25 -2.23
C VAL A 220 19.77 -30.24 -1.04
N THR A 221 18.80 -30.10 -0.13
CA THR A 221 18.55 -30.96 1.03
C THR A 221 18.06 -32.37 0.60
N PRO A 222 18.18 -33.41 1.48
CA PRO A 222 17.69 -34.78 1.23
C PRO A 222 16.23 -34.87 0.74
N SER A 223 16.00 -35.72 -0.26
CA SER A 223 14.74 -36.19 -0.83
C SER A 223 14.18 -35.32 -1.98
N SER A 224 14.83 -34.21 -2.33
CA SER A 224 14.42 -33.30 -3.40
C SER A 224 14.69 -33.87 -4.82
N THR A 225 15.39 -35.00 -4.93
CA THR A 225 15.65 -35.76 -6.17
C THR A 225 15.18 -37.22 -5.96
N THR A 226 14.16 -37.45 -5.12
CA THR A 226 13.51 -38.74 -4.87
C THR A 226 12.02 -38.44 -4.57
N SER A 227 11.22 -38.32 -5.62
CA SER A 227 9.78 -38.08 -5.58
C SER A 227 9.10 -38.78 -6.76
N SER A 228 9.64 -38.58 -7.98
CA SER A 228 9.37 -39.32 -9.21
C SER A 228 8.07 -38.90 -9.93
N THR A 229 7.77 -39.51 -11.08
CA THR A 229 6.54 -39.38 -11.85
C THR A 229 5.31 -39.89 -11.04
N ARG A 230 4.12 -39.42 -11.39
CA ARG A 230 2.85 -39.70 -10.70
C ARG A 230 1.68 -39.62 -11.70
N ALA A 231 0.49 -40.01 -11.24
CA ALA A 231 -0.75 -40.09 -12.00
C ALA A 231 -1.92 -39.44 -11.24
N THR A 232 -1.63 -38.38 -10.47
CA THR A 232 -2.60 -37.54 -9.76
C THR A 232 -3.45 -36.72 -10.75
N PRO A 233 -4.74 -36.42 -10.44
CA PRO A 233 -5.61 -35.66 -11.34
C PRO A 233 -5.25 -34.16 -11.36
N ALA A 234 -5.34 -33.54 -12.54
CA ALA A 234 -5.14 -32.11 -12.78
C ALA A 234 -6.01 -31.68 -13.97
N PRO A 235 -7.11 -30.92 -13.79
CA PRO A 235 -8.00 -30.53 -14.88
C PRO A 235 -7.47 -29.35 -15.72
N SER A 236 -6.66 -28.47 -15.12
CA SER A 236 -6.07 -27.27 -15.71
C SER A 236 -4.66 -27.07 -15.13
N ALA A 237 -3.80 -26.35 -15.86
CA ALA A 237 -2.47 -25.92 -15.40
C ALA A 237 -2.61 -24.68 -14.51
N PRO A 238 -1.70 -24.44 -13.53
CA PRO A 238 -1.74 -23.28 -12.63
C PRO A 238 -1.25 -21.97 -13.30
N ALA A 239 -1.89 -21.56 -14.40
CA ALA A 239 -1.62 -20.35 -15.17
C ALA A 239 -2.90 -19.88 -15.85
N ALA A 240 -3.13 -18.57 -15.87
CA ALA A 240 -4.24 -17.90 -16.56
C ALA A 240 -3.70 -17.21 -17.82
N ALA A 241 -4.60 -16.91 -18.78
CA ALA A 241 -4.29 -16.17 -20.00
C ALA A 241 -4.12 -14.66 -19.73
N SER A 242 -4.83 -14.15 -18.70
CA SER A 242 -4.79 -12.80 -18.13
C SER A 242 -5.78 -11.85 -18.82
N ALA A 243 -5.31 -10.67 -19.22
CA ALA A 243 -6.07 -9.61 -19.90
C ALA A 243 -6.03 -9.80 -21.43
N THR A 244 -6.43 -8.76 -22.17
CA THR A 244 -6.33 -8.57 -23.63
C THR A 244 -7.38 -9.37 -24.41
N SER A 245 -8.63 -9.41 -23.91
CA SER A 245 -9.79 -9.97 -24.58
C SER A 245 -10.18 -9.05 -25.78
N PRO A 246 -10.58 -9.59 -26.95
CA PRO A 246 -10.99 -8.82 -28.15
C PRO A 246 -11.99 -7.68 -27.87
N SER A 247 -11.70 -6.50 -28.44
CA SER A 247 -12.49 -5.26 -28.35
C SER A 247 -12.50 -4.68 -26.91
N PRO A 248 -11.35 -4.32 -26.30
CA PRO A 248 -11.30 -3.74 -24.95
C PRO A 248 -11.77 -2.26 -24.93
N ALA A 249 -12.30 -1.81 -23.80
CA ALA A 249 -12.80 -0.46 -23.56
C ALA A 249 -12.49 -0.06 -22.10
N PRO A 250 -11.52 0.83 -21.82
CA PRO A 250 -11.17 1.25 -20.45
C PRO A 250 -12.31 1.99 -19.71
N SER A 251 -12.34 1.86 -18.38
CA SER A 251 -13.09 2.71 -17.46
C SER A 251 -12.41 4.09 -17.43
N SER A 252 -13.11 5.13 -17.87
CA SER A 252 -12.63 6.52 -18.05
C SER A 252 -11.91 6.70 -19.41
N GLY A 253 -12.07 5.74 -20.33
CA GLY A 253 -11.58 5.75 -21.71
C GLY A 253 -12.79 5.74 -22.63
N ASN A 254 -12.97 4.65 -23.37
CA ASN A 254 -14.09 4.45 -24.30
C ASN A 254 -15.41 4.15 -23.55
N GLY A 255 -15.34 3.66 -22.31
CA GLY A 255 -16.47 3.43 -21.42
C GLY A 255 -16.63 1.95 -21.09
N ALA A 256 -16.95 1.63 -19.83
CA ALA A 256 -17.23 0.30 -19.31
C ALA A 256 -18.17 0.41 -18.10
N SER A 257 -18.80 -0.71 -17.72
CA SER A 257 -19.70 -0.83 -16.56
C SER A 257 -19.07 -0.35 -15.23
N THR A 258 -17.77 -0.61 -15.03
CA THR A 258 -16.91 -0.11 -13.96
C THR A 258 -17.35 -0.69 -12.59
N ALA A 259 -17.70 -1.99 -12.58
CA ALA A 259 -18.28 -2.72 -11.47
C ALA A 259 -17.44 -3.98 -11.12
N ALA A 260 -16.18 -4.03 -11.54
CA ALA A 260 -15.23 -5.12 -11.26
C ALA A 260 -14.61 -5.02 -9.87
N SER A 261 -14.76 -3.86 -9.19
CA SER A 261 -14.31 -3.51 -7.84
C SER A 261 -12.82 -3.84 -7.55
N PRO A 262 -11.85 -3.23 -8.26
CA PRO A 262 -10.41 -3.50 -8.05
C PRO A 262 -9.93 -2.87 -6.74
N THR A 263 -9.37 -3.70 -5.84
CA THR A 263 -8.88 -3.32 -4.52
C THR A 263 -7.58 -4.06 -4.13
N GLN A 264 -7.24 -5.15 -4.85
CA GLN A 264 -6.01 -5.91 -4.67
C GLN A 264 -4.89 -5.23 -5.51
N PRO A 265 -3.71 -4.92 -4.93
CA PRO A 265 -2.57 -4.36 -5.68
C PRO A 265 -1.80 -5.47 -6.42
N ILE A 266 -0.69 -5.10 -7.09
CA ILE A 266 0.16 -6.01 -7.87
C ILE A 266 1.24 -6.56 -6.89
N GLN A 267 2.51 -6.15 -7.02
CA GLN A 267 3.67 -6.72 -6.29
C GLN A 267 3.60 -6.47 -4.77
N LEU A 268 2.92 -5.39 -4.36
CA LEU A 268 2.72 -5.00 -2.97
C LEU A 268 1.86 -6.00 -2.18
N SER A 269 1.10 -6.87 -2.87
CA SER A 269 0.29 -7.94 -2.27
C SER A 269 1.16 -8.95 -1.48
N ASP A 270 2.41 -9.19 -1.91
CA ASP A 270 3.39 -10.02 -1.19
C ASP A 270 4.15 -9.17 -0.17
N LEU A 271 4.61 -7.98 -0.57
CA LEU A 271 5.53 -7.13 0.20
C LEU A 271 4.87 -6.52 1.45
N GLN A 272 3.57 -6.19 1.40
CA GLN A 272 2.81 -5.69 2.54
C GLN A 272 2.39 -6.83 3.48
N SER A 273 2.28 -8.08 2.97
CA SER A 273 1.86 -9.25 3.75
C SER A 273 2.99 -9.71 4.70
N ILE A 274 4.26 -9.73 4.24
CA ILE A 274 5.40 -10.16 5.05
C ILE A 274 5.67 -9.17 6.22
N LEU A 275 5.65 -7.85 5.98
CA LEU A 275 5.81 -6.86 7.04
C LEU A 275 4.62 -6.82 8.03
N ALA A 276 3.44 -7.29 7.60
CA ALA A 276 2.25 -7.47 8.46
C ALA A 276 2.24 -8.85 9.14
N THR A 277 3.20 -9.74 8.83
CA THR A 277 3.43 -10.99 9.55
C THR A 277 4.53 -10.74 10.62
N MET A 278 5.57 -9.96 10.29
CA MET A 278 6.72 -9.67 11.13
C MET A 278 6.46 -8.53 12.15
N ASN A 279 5.42 -7.72 11.92
CA ASN A 279 5.00 -6.57 12.72
C ASN A 279 3.48 -6.40 12.57
N VAL A 280 2.87 -5.43 13.25
CA VAL A 280 1.46 -5.04 13.15
C VAL A 280 1.37 -3.51 12.87
N PRO A 281 1.70 -3.03 11.65
CA PRO A 281 1.71 -1.60 11.34
C PRO A 281 0.30 -1.04 11.04
N ALA A 282 -0.53 -1.79 10.31
CA ALA A 282 -1.87 -1.40 9.84
C ALA A 282 -2.80 -2.62 9.82
N GLY A 283 -2.64 -3.50 10.81
CA GLY A 283 -3.37 -4.75 10.96
C GLY A 283 -2.43 -5.96 10.86
N PRO A 284 -2.92 -7.18 11.12
CA PRO A 284 -2.18 -8.43 10.93
C PRO A 284 -2.15 -8.83 9.43
N ALA A 285 -1.50 -9.95 9.10
CA ALA A 285 -1.35 -10.51 7.76
C ALA A 285 -2.73 -10.82 7.14
N GLY A 286 -3.04 -10.13 6.03
CA GLY A 286 -4.38 -9.99 5.47
C GLY A 286 -4.69 -8.50 5.43
N GLY A 287 -5.83 -8.08 5.99
CA GLY A 287 -6.24 -6.68 6.13
C GLY A 287 -7.56 -6.43 5.39
N GLN A 288 -7.64 -5.29 4.70
CA GLN A 288 -8.74 -4.83 3.83
C GLN A 288 -9.90 -4.18 4.59
N GLN A 289 -10.23 -4.71 5.79
CA GLN A 289 -11.31 -4.20 6.64
C GLN A 289 -10.88 -2.93 7.42
N VAL A 290 -9.59 -2.62 7.45
CA VAL A 290 -8.96 -1.44 8.08
C VAL A 290 -9.16 -0.17 7.18
N ASP A 291 -10.31 -0.12 6.52
CA ASP A 291 -10.88 0.93 5.67
C ASP A 291 -12.41 0.85 5.81
N LEU A 292 -12.96 -0.37 5.65
CA LEU A 292 -14.39 -0.68 5.78
C LEU A 292 -14.93 -0.54 7.21
N ALA A 293 -14.07 -0.38 8.22
CA ALA A 293 -14.42 0.04 9.58
C ALA A 293 -15.04 1.45 9.63
N SER A 294 -14.84 2.29 8.59
CA SER A 294 -15.49 3.58 8.41
C SER A 294 -16.87 3.44 7.72
N VAL A 295 -17.23 2.24 7.23
CA VAL A 295 -18.56 1.89 6.72
C VAL A 295 -19.30 1.18 7.86
N LEU A 296 -18.69 0.12 8.43
CA LEU A 296 -19.17 -0.67 9.55
C LEU A 296 -18.73 0.02 10.85
N THR A 297 -19.30 1.20 11.12
CA THR A 297 -18.95 2.10 12.22
C THR A 297 -19.36 1.54 13.61
N PRO A 298 -18.75 2.01 14.73
CA PRO A 298 -19.10 1.61 16.11
C PRO A 298 -20.60 1.66 16.46
N GLU A 299 -21.34 2.62 15.90
CA GLU A 299 -22.80 2.79 16.01
C GLU A 299 -23.59 1.54 15.60
N ILE A 300 -23.05 0.74 14.67
CA ILE A 300 -23.64 -0.50 14.16
C ILE A 300 -22.99 -1.69 14.89
N MET A 301 -21.65 -1.71 14.99
CA MET A 301 -20.88 -2.91 15.35
C MET A 301 -20.70 -3.09 16.86
N ALA A 302 -20.76 -2.04 17.69
CA ALA A 302 -20.58 -2.09 19.15
C ALA A 302 -21.33 -3.21 19.92
N PRO A 303 -22.66 -3.38 19.76
CA PRO A 303 -23.40 -4.48 20.42
C PRO A 303 -23.15 -5.87 19.80
N ILE A 304 -22.58 -5.94 18.58
CA ILE A 304 -22.21 -7.18 17.91
C ILE A 304 -20.85 -7.63 18.48
N LEU A 305 -19.88 -6.72 18.57
CA LEU A 305 -18.54 -6.94 19.10
C LEU A 305 -18.51 -7.18 20.62
N ALA A 306 -19.50 -6.67 21.35
CA ALA A 306 -19.65 -6.83 22.81
C ALA A 306 -20.29 -8.17 23.21
N ASN A 307 -20.57 -9.06 22.26
CA ASN A 307 -21.08 -10.41 22.51
C ASN A 307 -19.89 -11.32 22.89
N ALA A 308 -20.05 -12.12 23.95
CA ALA A 308 -19.04 -13.01 24.51
C ALA A 308 -18.48 -14.05 23.52
N ASP A 309 -19.33 -14.61 22.63
CA ASP A 309 -18.93 -15.61 21.65
C ASP A 309 -18.12 -14.98 20.51
N VAL A 310 -18.32 -13.69 20.21
CA VAL A 310 -17.52 -12.92 19.28
C VAL A 310 -16.19 -12.53 19.96
N GLN A 311 -16.20 -12.06 21.22
CA GLN A 311 -15.02 -11.73 22.01
C GLN A 311 -14.03 -12.90 22.12
N GLU A 312 -14.52 -14.11 22.45
CA GLU A 312 -13.72 -15.33 22.59
C GLU A 312 -13.18 -15.86 21.25
N ARG A 313 -13.61 -15.33 20.10
CA ARG A 313 -13.00 -15.57 18.80
C ARG A 313 -12.00 -14.46 18.46
N LEU A 314 -12.32 -13.18 18.72
CA LEU A 314 -11.45 -12.05 18.45
C LEU A 314 -10.19 -12.01 19.35
N LEU A 315 -10.33 -12.25 20.66
CA LEU A 315 -9.24 -12.28 21.65
C LEU A 315 -8.03 -13.18 21.34
N PRO A 316 -8.18 -14.44 20.85
CA PRO A 316 -7.05 -15.24 20.35
C PRO A 316 -6.58 -14.89 18.92
N TYR A 317 -7.38 -14.20 18.09
CA TYR A 317 -7.05 -13.93 16.67
C TYR A 317 -6.15 -12.69 16.49
N LEU A 318 -6.07 -11.78 17.46
CA LEU A 318 -5.16 -10.62 17.45
C LEU A 318 -3.68 -11.07 17.64
N PRO A 319 -2.68 -10.31 17.12
CA PRO A 319 -1.27 -10.71 17.16
C PRO A 319 -0.55 -10.58 18.52
N SER A 320 -1.25 -10.09 19.56
CA SER A 320 -0.86 -9.90 20.97
C SER A 320 -0.38 -8.45 21.25
N GLY A 321 -0.78 -7.91 22.40
CA GLY A 321 -0.46 -6.55 22.86
C GLY A 321 -1.73 -5.69 22.93
N GLU A 322 -2.65 -5.91 22.00
CA GLU A 322 -3.96 -5.29 21.88
C GLU A 322 -5.02 -6.18 22.58
N SER A 323 -6.24 -5.64 22.72
CA SER A 323 -7.41 -6.29 23.30
C SER A 323 -8.66 -5.57 22.75
N LEU A 324 -9.84 -5.91 23.27
CA LEU A 324 -11.12 -5.28 22.99
C LEU A 324 -11.98 -5.21 24.27
N PRO A 325 -12.79 -4.14 24.48
CA PRO A 325 -13.66 -3.96 25.66
C PRO A 325 -14.69 -5.08 25.93
N GLN A 326 -15.39 -4.98 27.08
CA GLN A 326 -16.37 -5.96 27.54
C GLN A 326 -17.81 -5.55 27.18
N THR A 327 -18.09 -4.25 27.01
CA THR A 327 -19.43 -3.70 26.81
C THR A 327 -19.46 -2.77 25.57
N ALA A 328 -20.64 -2.58 24.99
CA ALA A 328 -20.86 -1.78 23.78
C ALA A 328 -20.61 -0.28 24.00
N ASP A 329 -20.84 0.22 25.22
CA ASP A 329 -20.58 1.61 25.62
C ASP A 329 -19.09 1.97 25.50
N GLU A 330 -18.20 1.04 25.88
CA GLU A 330 -16.75 1.22 25.80
C GLU A 330 -16.26 1.22 24.34
N ILE A 331 -16.85 0.39 23.47
CA ILE A 331 -16.52 0.30 22.04
C ILE A 331 -17.07 1.55 21.30
N GLN A 332 -18.19 2.11 21.76
CA GLN A 332 -18.83 3.30 21.21
C GLN A 332 -18.12 4.59 21.67
N ASN A 333 -17.83 4.71 22.97
CA ASN A 333 -17.50 5.99 23.63
C ASN A 333 -16.09 6.05 24.23
N THR A 334 -15.30 4.97 24.20
CA THR A 334 -14.01 4.86 24.92
C THR A 334 -12.90 4.28 24.01
N LEU A 335 -12.91 4.63 22.72
CA LEU A 335 -11.83 4.43 21.76
C LEU A 335 -11.79 5.58 20.76
N THR A 336 -10.59 5.89 20.23
CA THR A 336 -10.36 7.00 19.30
C THR A 336 -10.53 6.47 17.86
N SER A 337 -9.77 5.43 17.48
CA SER A 337 -9.83 4.73 16.18
C SER A 337 -9.04 3.39 16.18
N PRO A 338 -7.71 3.37 16.46
CA PRO A 338 -6.84 2.18 16.34
C PRO A 338 -7.37 0.84 16.88
N GLN A 339 -7.95 0.83 18.08
CA GLN A 339 -8.50 -0.34 18.76
C GLN A 339 -9.67 -0.97 17.98
N PHE A 340 -10.50 -0.14 17.34
CA PHE A 340 -11.64 -0.56 16.52
C PHE A 340 -11.15 -0.98 15.13
N GLN A 341 -10.22 -0.23 14.54
CA GLN A 341 -9.58 -0.49 13.24
C GLN A 341 -8.83 -1.83 13.24
N GLN A 342 -8.18 -2.18 14.36
CA GLN A 342 -7.56 -3.47 14.61
C GLN A 342 -8.64 -4.57 14.73
N ALA A 343 -9.64 -4.38 15.60
CA ALA A 343 -10.71 -5.34 15.92
C ALA A 343 -11.50 -5.82 14.69
N LEU A 344 -11.84 -4.90 13.77
CA LEU A 344 -12.49 -5.19 12.50
C LEU A 344 -11.67 -6.11 11.57
N GLY A 345 -10.34 -6.22 11.78
CA GLY A 345 -9.44 -7.02 10.97
C GLY A 345 -9.24 -8.43 11.54
N MET A 346 -9.71 -8.70 12.77
CA MET A 346 -9.93 -10.04 13.30
C MET A 346 -11.36 -10.49 12.93
N PHE A 347 -12.34 -9.56 13.00
CA PHE A 347 -13.75 -9.79 12.68
C PHE A 347 -13.94 -10.27 11.22
N SER A 348 -13.20 -9.68 10.27
CA SER A 348 -13.23 -10.04 8.85
C SER A 348 -12.71 -11.48 8.58
N ALA A 349 -11.78 -12.00 9.41
CA ALA A 349 -11.26 -13.36 9.30
C ALA A 349 -12.28 -14.38 9.84
N ALA A 350 -13.00 -14.02 10.90
CA ALA A 350 -14.09 -14.81 11.47
C ALA A 350 -15.30 -14.83 10.51
N LEU A 351 -15.60 -13.68 9.89
CA LEU A 351 -16.63 -13.51 8.86
C LEU A 351 -16.29 -14.32 7.59
N ALA A 352 -15.01 -14.32 7.17
CA ALA A 352 -14.51 -15.08 6.02
C ALA A 352 -14.53 -16.60 6.26
N SER A 353 -14.41 -17.03 7.52
CA SER A 353 -14.49 -18.44 7.91
C SER A 353 -15.96 -18.92 7.91
N GLY A 354 -16.92 -18.05 8.22
CA GLY A 354 -18.36 -18.27 8.08
C GLY A 354 -19.07 -18.48 9.43
N GLN A 355 -18.31 -18.57 10.52
CA GLN A 355 -18.75 -18.91 11.87
C GLN A 355 -19.63 -17.81 12.53
N LEU A 356 -19.66 -16.60 11.97
CA LEU A 356 -20.53 -15.50 12.40
C LEU A 356 -21.97 -15.70 11.88
N GLY A 357 -22.14 -16.33 10.71
CA GLY A 357 -23.37 -16.85 10.09
C GLY A 357 -24.60 -17.03 10.99
N PRO A 358 -24.63 -18.05 11.87
CA PRO A 358 -25.77 -18.35 12.74
C PRO A 358 -25.95 -17.36 13.91
N LEU A 359 -24.93 -16.57 14.27
CA LEU A 359 -25.06 -15.48 15.24
C LEU A 359 -25.70 -14.26 14.56
N MET A 360 -25.33 -13.99 13.30
CA MET A 360 -25.83 -12.91 12.44
C MET A 360 -27.36 -12.93 12.32
N CYS A 361 -27.95 -14.13 12.24
CA CYS A 361 -29.39 -14.40 12.23
C CYS A 361 -30.10 -13.97 13.54
N GLN A 362 -29.40 -14.03 14.67
CA GLN A 362 -29.94 -13.74 16.00
C GLN A 362 -29.72 -12.26 16.37
N PHE A 363 -28.67 -11.60 15.86
CA PHE A 363 -28.35 -10.20 16.13
C PHE A 363 -29.38 -9.24 15.51
N GLY A 364 -29.86 -9.52 14.28
CA GLY A 364 -30.94 -8.76 13.64
C GLY A 364 -30.44 -7.85 12.52
N LEU A 365 -29.21 -8.08 12.03
CA LEU A 365 -28.56 -7.35 10.94
C LEU A 365 -29.29 -7.58 9.59
N PRO A 366 -29.13 -6.69 8.57
CA PRO A 366 -29.76 -6.80 7.23
C PRO A 366 -29.67 -8.19 6.58
N ALA A 367 -30.76 -8.67 5.98
CA ALA A 367 -30.91 -10.04 5.47
C ALA A 367 -29.84 -10.47 4.46
N GLU A 368 -29.40 -9.54 3.60
CA GLU A 368 -28.36 -9.77 2.60
C GLU A 368 -26.95 -9.82 3.24
N ALA A 369 -26.75 -9.15 4.40
CA ALA A 369 -25.51 -9.23 5.16
C ALA A 369 -25.46 -10.55 5.96
N VAL A 370 -26.60 -10.97 6.52
CA VAL A 370 -26.77 -12.27 7.20
C VAL A 370 -26.56 -13.44 6.21
N GLU A 371 -27.08 -13.34 4.98
CA GLU A 371 -26.85 -14.31 3.90
C GLU A 371 -25.36 -14.36 3.49
N ALA A 372 -24.71 -13.19 3.36
CA ALA A 372 -23.28 -13.05 3.07
C ALA A 372 -22.40 -13.66 4.17
N ALA A 373 -22.74 -13.42 5.45
CA ALA A 373 -22.03 -13.94 6.61
C ALA A 373 -22.14 -15.46 6.76
N ASN A 374 -23.25 -16.06 6.30
CA ASN A 374 -23.46 -17.51 6.27
C ASN A 374 -22.72 -18.18 5.10
N LYS A 375 -22.56 -17.49 3.96
CA LYS A 375 -21.75 -17.96 2.83
C LYS A 375 -20.24 -17.80 3.13
N GLY A 376 -19.85 -16.69 3.77
CA GLY A 376 -18.49 -16.34 4.13
C GLY A 376 -17.96 -15.16 3.31
N ASP A 377 -18.86 -14.37 2.71
CA ASP A 377 -18.55 -13.23 1.84
C ASP A 377 -18.43 -11.97 2.71
N VAL A 378 -17.28 -11.31 2.62
CA VAL A 378 -16.93 -10.11 3.38
C VAL A 378 -17.27 -8.82 2.58
N GLU A 379 -17.37 -8.91 1.24
CA GLU A 379 -17.63 -7.78 0.34
C GLU A 379 -19.11 -7.40 0.40
N ALA A 380 -20.00 -8.40 0.25
CA ALA A 380 -21.45 -8.22 0.24
C ALA A 380 -21.99 -7.81 1.61
N PHE A 381 -21.31 -8.22 2.69
CA PHE A 381 -21.59 -7.85 4.08
C PHE A 381 -21.49 -6.32 4.29
N ALA A 382 -20.38 -5.72 3.84
CA ALA A 382 -20.14 -4.28 3.91
C ALA A 382 -21.05 -3.51 2.95
N LYS A 383 -21.26 -4.04 1.72
CA LYS A 383 -22.10 -3.44 0.68
C LYS A 383 -23.58 -3.33 1.10
N ALA A 384 -24.11 -4.35 1.79
CA ALA A 384 -25.49 -4.40 2.28
C ALA A 384 -25.73 -3.32 3.35
N MET A 385 -24.84 -3.21 4.34
CA MET A 385 -24.95 -2.21 5.40
C MET A 385 -24.60 -0.79 4.92
N GLN A 386 -23.81 -0.63 3.86
CA GLN A 386 -23.56 0.64 3.18
C GLN A 386 -24.83 1.14 2.45
N ASN A 387 -25.61 0.22 1.85
CA ASN A 387 -26.90 0.51 1.21
C ASN A 387 -27.95 0.85 2.28
N ASN A 388 -28.09 0.01 3.30
CA ASN A 388 -29.09 0.10 4.37
C ASN A 388 -28.81 1.22 5.38
N ALA A 389 -27.69 1.95 5.24
CA ALA A 389 -27.38 3.18 5.98
C ALA A 389 -28.22 4.37 5.46
N LYS A 390 -28.70 4.31 4.21
CA LYS A 390 -29.66 5.25 3.64
C LYS A 390 -31.08 4.75 3.98
N PRO A 391 -32.03 5.62 4.34
CA PRO A 391 -33.36 5.20 4.82
C PRO A 391 -34.33 4.73 3.71
N GLU A 392 -34.13 5.17 2.46
CA GLU A 392 -34.88 4.79 1.25
C GLU A 392 -36.29 5.42 1.23
N GLN A 393 -36.38 6.70 1.58
CA GLN A 393 -37.63 7.49 1.72
C GLN A 393 -38.39 7.73 0.40
N LYS A 394 -37.84 7.28 -0.74
CA LYS A 394 -38.52 7.23 -2.03
C LYS A 394 -39.44 5.98 -2.12
N GLU A 395 -39.19 4.96 -1.29
CA GLU A 395 -40.02 3.77 -1.03
C GLU A 395 -40.03 2.73 -2.18
N GLY A 396 -39.23 2.94 -3.22
CA GLY A 396 -39.11 2.08 -4.39
C GLY A 396 -39.53 2.77 -5.69
N ASP A 397 -40.19 3.93 -5.60
CA ASP A 397 -40.57 4.78 -6.73
C ASP A 397 -39.39 5.70 -7.11
N THR A 398 -39.46 6.30 -8.30
CA THR A 398 -38.45 7.19 -8.86
C THR A 398 -39.15 8.52 -9.21
N LYS A 399 -39.31 8.87 -10.50
CA LYS A 399 -39.97 10.06 -11.01
C LYS A 399 -40.56 9.71 -12.38
N ASP A 400 -41.85 9.98 -12.57
CA ASP A 400 -42.64 9.73 -13.79
C ASP A 400 -43.53 10.95 -14.06
N LYS A 401 -44.86 10.74 -14.09
CA LYS A 401 -45.89 11.76 -14.24
C LYS A 401 -45.93 12.77 -13.07
N LYS A 402 -46.43 13.97 -13.34
CA LYS A 402 -46.59 15.06 -12.38
C LYS A 402 -47.92 14.83 -11.64
N ASP A 403 -47.85 14.45 -10.37
CA ASP A 403 -48.98 13.95 -9.57
C ASP A 403 -48.72 14.25 -8.08
N GLU A 404 -49.07 15.46 -7.65
CA GLU A 404 -49.06 15.97 -6.29
C GLU A 404 -50.05 17.15 -6.24
N GLU A 405 -50.35 17.64 -5.04
CA GLU A 405 -51.22 18.80 -4.80
C GLU A 405 -50.78 19.60 -3.57
N GLU A 406 -51.00 20.92 -3.59
CA GLU A 406 -50.74 21.84 -2.49
C GLU A 406 -52.00 21.89 -1.60
N ASP A 407 -51.84 21.60 -0.30
CA ASP A 407 -52.88 21.63 0.72
C ASP A 407 -52.27 22.00 2.08
N MET A 408 -53.08 22.53 3.00
CA MET A 408 -52.70 22.95 4.34
C MET A 408 -52.44 21.70 5.20
N SER A 409 -51.18 21.51 5.60
CA SER A 409 -50.66 20.29 6.21
C SER A 409 -49.58 20.56 7.27
N LEU A 410 -49.51 21.80 7.78
CA LEU A 410 -48.62 22.23 8.86
C LEU A 410 -49.34 21.97 10.20
N ASP A 411 -49.32 20.71 10.64
CA ASP A 411 -49.84 20.25 11.92
C ASP A 411 -48.70 20.26 12.93
N MET A 5 13.41 9.32 25.36
CA MET A 5 13.83 8.23 26.24
C MET A 5 15.35 8.31 26.44
N THR A 6 15.84 8.06 27.66
CA THR A 6 17.26 7.95 27.99
C THR A 6 17.64 6.46 27.80
N THR A 7 18.76 6.17 27.12
CA THR A 7 19.24 4.80 26.89
C THR A 7 20.17 4.41 28.06
N SER A 8 21.23 5.20 28.29
CA SER A 8 22.18 5.16 29.40
C SER A 8 22.90 6.52 29.42
N GLY A 9 22.12 7.57 29.18
CA GLY A 9 22.51 8.84 28.59
C GLY A 9 21.77 8.97 27.25
N ALA A 10 22.13 9.97 26.45
CA ALA A 10 21.69 10.16 25.07
C ALA A 10 22.84 10.81 24.29
N LEU A 11 23.16 10.27 23.11
CA LEU A 11 24.27 10.63 22.21
C LEU A 11 25.61 10.17 22.80
N PHE A 12 26.06 10.85 23.87
CA PHE A 12 27.29 10.68 24.62
C PHE A 12 28.53 10.98 23.74
N PRO A 13 28.86 12.27 23.47
CA PRO A 13 30.02 12.71 22.67
C PRO A 13 31.35 12.03 23.06
N SER A 14 31.73 10.98 22.33
CA SER A 14 32.90 10.14 22.60
C SER A 14 34.11 10.60 21.79
N LEU A 15 33.88 11.36 20.70
CA LEU A 15 34.85 12.01 19.84
C LEU A 15 34.34 13.45 19.60
N VAL A 16 33.97 13.77 18.36
CA VAL A 16 33.42 15.06 17.94
C VAL A 16 32.19 14.82 17.04
N PRO A 17 30.95 14.75 17.59
CA PRO A 17 29.72 14.59 16.80
C PRO A 17 29.32 15.90 16.10
N GLY A 18 29.64 17.05 16.70
CA GLY A 18 29.58 18.40 16.14
C GLY A 18 30.99 18.99 16.22
N SER A 19 31.10 20.26 16.66
CA SER A 19 32.35 20.94 17.05
C SER A 19 33.23 21.37 15.85
N ARG A 20 32.64 21.40 14.65
CA ARG A 20 33.25 21.81 13.38
C ARG A 20 32.83 23.26 13.04
N GLY A 21 33.16 23.73 11.84
CA GLY A 21 33.05 25.14 11.45
C GLY A 21 31.86 25.44 10.52
N ALA A 22 31.06 24.42 10.18
CA ALA A 22 29.79 24.49 9.45
C ALA A 22 30.00 24.71 7.94
N SER A 23 29.23 25.62 7.32
CA SER A 23 29.28 26.04 5.92
C SER A 23 28.56 25.03 4.99
N ASN A 24 27.44 24.47 5.47
CA ASN A 24 26.59 23.51 4.74
C ASN A 24 25.87 24.18 3.56
N LYS A 25 25.62 23.40 2.51
CA LYS A 25 24.85 23.77 1.32
C LYS A 25 23.99 22.56 0.97
N TYR A 26 22.66 22.74 0.98
CA TYR A 26 21.67 21.70 0.69
C TYR A 26 21.36 21.73 -0.82
N LEU A 27 21.07 20.56 -1.39
CA LEU A 27 20.79 20.36 -2.80
C LEU A 27 19.31 20.68 -3.11
N VAL A 28 18.41 20.31 -2.19
CA VAL A 28 16.99 20.64 -2.21
C VAL A 28 16.57 20.93 -0.75
N GLU A 29 15.58 21.81 -0.58
CA GLU A 29 14.95 22.19 0.68
C GLU A 29 13.51 22.62 0.34
N PHE A 30 12.49 22.05 1.01
CA PHE A 30 11.08 22.36 0.79
C PHE A 30 10.24 22.07 2.04
N ARG A 31 9.20 22.89 2.30
CA ARG A 31 8.32 22.78 3.46
C ARG A 31 7.25 21.71 3.16
N ALA A 32 7.33 20.58 3.88
CA ALA A 32 6.49 19.41 3.70
C ALA A 32 6.36 18.63 5.01
N GLY A 33 5.22 17.94 5.15
CA GLY A 33 4.90 17.02 6.22
C GLY A 33 4.87 15.59 5.66
N LYS A 34 4.56 14.62 6.51
CA LYS A 34 4.50 13.20 6.17
C LYS A 34 3.36 12.50 6.94
N MET A 35 3.42 11.17 6.98
CA MET A 35 2.52 10.30 7.72
C MET A 35 3.32 9.46 8.73
N SER A 36 2.61 8.98 9.74
CA SER A 36 3.01 8.03 10.77
C SER A 36 1.76 7.20 11.15
N LEU A 37 1.80 6.43 12.23
CA LEU A 37 0.71 5.57 12.68
C LEU A 37 0.42 5.79 14.17
N LYS A 38 -0.85 5.58 14.56
CA LYS A 38 -1.34 5.59 15.94
C LYS A 38 -1.53 4.13 16.44
N GLY A 39 -1.00 3.14 15.71
CA GLY A 39 -1.25 1.72 15.85
C GLY A 39 -1.61 1.18 14.47
N THR A 40 -2.76 0.53 14.31
CA THR A 40 -3.26 0.01 13.03
C THR A 40 -3.60 1.16 12.04
N THR A 41 -4.04 2.31 12.57
CA THR A 41 -4.48 3.49 11.83
C THR A 41 -3.25 4.34 11.45
N VAL A 42 -3.17 4.73 10.17
CA VAL A 42 -2.21 5.69 9.63
C VAL A 42 -2.77 7.10 9.87
N THR A 43 -1.91 8.06 10.24
CA THR A 43 -2.24 9.42 10.64
C THR A 43 -1.24 10.39 9.99
N PRO A 44 -1.64 11.56 9.46
CA PRO A 44 -0.71 12.58 8.97
C PRO A 44 -0.07 13.35 10.14
N ASP A 45 1.21 13.71 10.02
CA ASP A 45 1.95 14.47 11.03
C ASP A 45 1.60 15.95 10.84
N LYS A 46 0.81 16.50 11.76
CA LYS A 46 0.29 17.87 11.75
C LYS A 46 1.31 18.93 12.23
N ARG A 47 2.52 18.50 12.61
CA ARG A 47 3.69 19.36 12.87
C ARG A 47 4.17 19.93 11.53
N LYS A 48 4.55 21.21 11.48
CA LYS A 48 5.03 21.85 10.26
C LYS A 48 6.50 21.47 10.08
N GLY A 49 6.84 20.91 8.91
CA GLY A 49 8.13 20.30 8.65
C GLY A 49 8.85 20.93 7.44
N LEU A 50 10.10 20.52 7.26
CA LEU A 50 10.95 20.81 6.12
C LEU A 50 11.70 19.52 5.75
N VAL A 51 11.55 19.08 4.49
CA VAL A 51 12.35 18.02 3.88
C VAL A 51 13.54 18.72 3.22
N TYR A 52 14.74 18.15 3.36
CA TYR A 52 15.97 18.69 2.80
C TYR A 52 16.95 17.57 2.45
N ILE A 53 17.79 17.82 1.44
CA ILE A 53 18.70 16.86 0.82
C ILE A 53 20.11 17.50 0.76
N GLN A 54 21.13 16.69 1.04
CA GLN A 54 22.55 17.02 1.00
C GLN A 54 23.32 15.80 0.45
N GLN A 55 24.65 15.87 0.38
CA GLN A 55 25.54 14.82 -0.11
C GLN A 55 26.75 14.72 0.84
N THR A 56 27.15 13.49 1.18
CA THR A 56 28.15 13.17 2.20
C THR A 56 29.58 13.25 1.63
N ASP A 57 30.60 13.18 2.51
CA ASP A 57 32.03 13.10 2.16
C ASP A 57 32.37 11.78 1.45
N ASP A 58 31.55 10.74 1.64
CA ASP A 58 31.62 9.45 0.95
C ASP A 58 30.99 9.53 -0.46
N SER A 59 30.33 10.64 -0.79
CA SER A 59 29.78 11.05 -2.10
C SER A 59 28.35 10.55 -2.36
N LEU A 60 27.71 9.95 -1.35
CA LEU A 60 26.34 9.44 -1.39
C LEU A 60 25.39 10.59 -1.02
N ILE A 61 24.15 10.54 -1.52
CA ILE A 61 23.09 11.48 -1.21
C ILE A 61 22.57 11.17 0.21
N HIS A 62 22.11 12.19 0.95
CA HIS A 62 21.46 12.04 2.25
C HIS A 62 20.19 12.90 2.27
N PHE A 63 19.07 12.26 2.61
CA PHE A 63 17.72 12.79 2.69
C PHE A 63 17.40 12.92 4.19
N CYS A 64 16.78 14.02 4.62
CA CYS A 64 16.36 14.25 6.00
C CYS A 64 15.10 15.11 6.10
N TRP A 65 14.42 15.04 7.25
CA TRP A 65 13.19 15.75 7.59
C TRP A 65 13.33 16.33 8.99
N LYS A 66 13.05 17.63 9.16
CA LYS A 66 13.05 18.35 10.41
C LYS A 66 11.67 18.97 10.66
N ASP A 67 11.35 19.24 11.93
CA ASP A 67 10.22 20.07 12.32
C ASP A 67 10.67 21.53 12.24
N ARG A 68 9.84 22.39 11.66
CA ARG A 68 9.94 23.85 11.78
C ARG A 68 9.26 24.32 13.09
N THR A 69 8.37 23.50 13.66
CA THR A 69 7.67 23.70 14.93
C THR A 69 8.61 23.56 16.16
N SER A 70 9.86 23.09 15.98
CA SER A 70 10.87 22.96 17.05
C SER A 70 12.32 23.13 16.57
N GLY A 71 12.67 22.64 15.37
CA GLY A 71 13.97 22.82 14.73
C GLY A 71 14.76 21.51 14.59
N ASN A 72 14.41 20.48 15.37
CA ASN A 72 15.12 19.20 15.46
C ASN A 72 14.83 18.33 14.22
N VAL A 73 15.81 17.49 13.83
CA VAL A 73 15.71 16.51 12.75
C VAL A 73 15.02 15.27 13.32
N GLU A 74 13.93 14.84 12.67
CA GLU A 74 13.06 13.76 13.12
C GLU A 74 13.30 12.48 12.30
N ASP A 75 13.92 12.57 11.12
CA ASP A 75 14.36 11.44 10.30
C ASP A 75 15.54 11.86 9.41
N ASP A 76 16.48 10.94 9.15
CA ASP A 76 17.64 11.10 8.27
C ASP A 76 18.06 9.71 7.75
N LEU A 77 18.36 9.63 6.44
CA LEU A 77 18.81 8.43 5.73
C LEU A 77 19.88 8.83 4.69
N ILE A 78 20.95 8.05 4.57
CA ILE A 78 21.92 8.12 3.48
C ILE A 78 21.39 7.16 2.38
N ILE A 79 21.32 7.65 1.14
CA ILE A 79 20.73 7.00 -0.02
C ILE A 79 21.87 6.76 -1.04
N PHE A 80 21.97 5.53 -1.55
CA PHE A 80 22.87 5.18 -2.66
C PHE A 80 22.21 5.55 -4.01
N PRO A 81 22.99 5.81 -5.09
CA PRO A 81 22.47 6.20 -6.42
C PRO A 81 21.34 5.29 -6.94
N ASP A 82 20.12 5.84 -7.08
CA ASP A 82 18.91 5.18 -7.59
C ASP A 82 18.33 4.11 -6.64
N ASP A 83 18.71 4.13 -5.36
CA ASP A 83 18.22 3.19 -4.33
C ASP A 83 16.79 3.56 -3.89
N CYS A 84 16.49 4.86 -3.89
CA CYS A 84 15.16 5.43 -3.70
C CYS A 84 14.85 6.36 -4.89
N GLU A 85 13.57 6.63 -5.13
CA GLU A 85 13.06 7.60 -6.08
C GLU A 85 11.81 8.29 -5.50
N PHE A 86 11.67 9.60 -5.72
CA PHE A 86 10.55 10.41 -5.29
C PHE A 86 9.67 10.67 -6.53
N LYS A 87 8.36 10.45 -6.39
CA LYS A 87 7.35 10.57 -7.44
C LYS A 87 6.01 11.06 -6.86
N ARG A 88 5.08 11.47 -7.73
CA ARG A 88 3.76 11.98 -7.38
C ARG A 88 2.78 10.80 -7.24
N VAL A 89 1.81 10.92 -6.31
CA VAL A 89 0.73 9.96 -6.14
C VAL A 89 -0.36 10.32 -7.20
N PRO A 90 -0.72 9.41 -8.13
CA PRO A 90 -1.67 9.71 -9.22
C PRO A 90 -3.15 9.70 -8.77
N GLN A 91 -3.47 9.02 -7.66
CA GLN A 91 -4.82 8.91 -7.10
C GLN A 91 -5.15 10.09 -6.16
N CYS A 92 -4.22 11.03 -5.95
CA CYS A 92 -4.42 12.22 -5.12
C CYS A 92 -5.27 13.26 -5.87
N PRO A 93 -6.35 13.81 -5.27
CA PRO A 93 -7.19 14.82 -5.91
C PRO A 93 -6.58 16.24 -5.87
N SER A 94 -5.82 16.58 -4.81
CA SER A 94 -5.22 17.90 -4.64
C SER A 94 -3.91 18.04 -5.46
N GLY A 95 -3.14 16.96 -5.61
CA GLY A 95 -1.91 16.88 -6.38
C GLY A 95 -0.66 17.04 -5.49
N ARG A 96 -0.85 17.49 -4.24
CA ARG A 96 0.20 17.98 -3.34
C ARG A 96 0.75 16.88 -2.41
N VAL A 97 0.34 15.61 -2.60
CA VAL A 97 0.88 14.45 -1.91
C VAL A 97 1.80 13.72 -2.90
N TYR A 98 2.99 13.35 -2.43
CA TYR A 98 4.09 12.72 -3.14
C TYR A 98 4.56 11.51 -2.33
N VAL A 99 5.34 10.61 -2.94
CA VAL A 99 5.81 9.37 -2.34
C VAL A 99 7.29 9.17 -2.66
N LEU A 100 8.11 8.92 -1.63
CA LEU A 100 9.47 8.42 -1.74
C LEU A 100 9.34 6.89 -1.70
N LYS A 101 9.64 6.24 -2.82
CA LYS A 101 9.66 4.79 -2.96
C LYS A 101 11.11 4.34 -2.81
N PHE A 102 11.32 3.26 -2.06
CA PHE A 102 12.58 2.52 -1.95
C PHE A 102 12.50 1.40 -3.00
N LYS A 103 13.53 1.22 -3.82
CA LYS A 103 13.53 0.21 -4.89
C LYS A 103 14.05 -1.15 -4.37
N ALA A 104 14.75 -1.17 -3.23
CA ALA A 104 15.08 -2.37 -2.46
C ALA A 104 13.97 -2.54 -1.40
N GLY A 105 13.09 -3.53 -1.58
CA GLY A 105 12.10 -3.97 -0.60
C GLY A 105 10.68 -3.52 -0.97
N SER A 106 10.56 -2.31 -1.54
CA SER A 106 9.34 -1.70 -2.09
C SER A 106 8.53 -0.89 -1.06
N LYS A 107 9.20 -0.42 0.00
CA LYS A 107 8.71 0.54 1.01
C LYS A 107 8.37 1.88 0.34
N ARG A 108 7.30 2.52 0.82
CA ARG A 108 6.69 3.74 0.28
C ARG A 108 6.42 4.68 1.46
N LEU A 109 7.17 5.79 1.58
CA LEU A 109 6.95 6.85 2.55
C LEU A 109 6.27 8.01 1.83
N PHE A 110 5.07 8.38 2.27
CA PHE A 110 4.23 9.41 1.68
C PHE A 110 4.51 10.75 2.38
N PHE A 111 4.79 11.78 1.58
CA PHE A 111 5.10 13.15 1.97
C PHE A 111 4.06 14.07 1.34
N TRP A 112 3.79 15.23 1.94
CA TRP A 112 2.80 16.20 1.45
C TRP A 112 3.31 17.63 1.67
N MET A 113 3.24 18.45 0.62
CA MET A 113 3.79 19.80 0.56
C MET A 113 2.88 20.79 1.29
N GLN A 114 3.49 21.71 2.04
CA GLN A 114 2.80 22.78 2.76
C GLN A 114 2.79 24.08 1.91
N GLU A 115 3.62 24.15 0.86
CA GLU A 115 3.78 25.29 -0.03
C GLU A 115 2.64 25.29 -1.08
N PRO A 116 1.84 26.37 -1.20
CA PRO A 116 0.65 26.39 -2.07
C PRO A 116 0.96 26.67 -3.55
N LYS A 117 2.10 27.30 -3.87
CA LYS A 117 2.48 27.72 -5.22
C LYS A 117 2.96 26.51 -6.02
N THR A 118 2.11 25.96 -6.89
CA THR A 118 2.35 24.78 -7.71
C THR A 118 3.57 24.92 -8.65
N ASP A 119 3.89 26.15 -9.07
CA ASP A 119 5.09 26.53 -9.84
C ASP A 119 6.41 26.17 -9.12
N GLN A 120 6.37 26.10 -7.79
CA GLN A 120 7.46 25.68 -6.92
C GLN A 120 7.21 24.22 -6.47
N ASP A 121 6.01 23.91 -5.97
CA ASP A 121 5.60 22.59 -5.44
C ASP A 121 5.85 21.42 -6.42
N GLU A 122 5.48 21.57 -7.69
CA GLU A 122 5.66 20.54 -8.72
C GLU A 122 7.12 20.49 -9.24
N GLU A 123 7.88 21.59 -9.09
CA GLU A 123 9.30 21.69 -9.47
C GLU A 123 10.19 20.94 -8.47
N HIS A 124 9.79 20.87 -7.19
CA HIS A 124 10.53 20.17 -6.13
C HIS A 124 10.66 18.67 -6.43
N CYS A 125 9.60 18.05 -6.95
CA CYS A 125 9.58 16.64 -7.36
C CYS A 125 10.64 16.35 -8.44
N ARG A 126 10.79 17.25 -9.42
CA ARG A 126 11.78 17.15 -10.50
C ARG A 126 13.21 17.29 -9.94
N LYS A 127 13.43 18.27 -9.05
CA LYS A 127 14.69 18.51 -8.35
C LYS A 127 15.15 17.31 -7.51
N VAL A 128 14.27 16.77 -6.65
CA VAL A 128 14.53 15.60 -5.80
C VAL A 128 14.80 14.35 -6.66
N ASN A 129 13.94 14.07 -7.66
CA ASN A 129 14.04 12.92 -8.57
C ASN A 129 15.39 12.89 -9.32
N GLU A 130 15.84 14.05 -9.83
CA GLU A 130 17.12 14.22 -10.52
C GLU A 130 18.30 13.85 -9.62
N TYR A 131 18.38 14.37 -8.38
CA TYR A 131 19.48 14.10 -7.46
C TYR A 131 19.50 12.65 -6.94
N LEU A 132 18.32 12.02 -6.73
CA LEU A 132 18.22 10.62 -6.31
C LEU A 132 18.61 9.66 -7.44
N ASN A 133 18.20 9.95 -8.68
CA ASN A 133 18.48 9.16 -9.88
C ASN A 133 19.94 9.34 -10.33
N ASN A 134 20.43 10.59 -10.33
CA ASN A 134 21.76 10.98 -10.83
C ASN A 134 22.40 11.95 -9.80
N PRO A 135 23.24 11.46 -8.87
CA PRO A 135 24.05 12.32 -7.96
C PRO A 135 24.99 13.28 -8.72
N PRO A 136 25.55 14.32 -8.04
CA PRO A 136 26.48 15.27 -8.68
C PRO A 136 27.83 14.62 -9.05
N MET A 137 28.50 15.24 -10.03
CA MET A 137 29.72 14.79 -10.74
C MET A 137 30.81 14.01 -9.96
N PRO A 138 31.43 14.55 -8.89
CA PRO A 138 32.54 13.88 -8.21
C PRO A 138 32.08 12.69 -7.34
N GLY A 139 32.76 11.55 -7.50
CA GLY A 139 32.54 10.31 -6.77
C GLY A 139 33.82 9.95 -6.00
N ALA A 140 33.69 9.63 -4.71
CA ALA A 140 34.76 9.20 -3.82
C ALA A 140 34.67 7.69 -3.59
N LEU A 141 35.83 7.03 -3.52
CA LEU A 141 36.03 5.62 -3.20
C LEU A 141 37.29 5.49 -2.33
N GLY A 142 37.37 4.42 -1.53
CA GLY A 142 38.50 4.14 -0.63
C GLY A 142 39.32 2.91 -1.04
N ALA A 143 38.74 2.05 -1.91
CA ALA A 143 39.36 0.94 -2.64
C ALA A 143 39.60 -0.35 -1.83
N SER A 144 39.34 -0.32 -0.51
CA SER A 144 39.49 -1.40 0.47
C SER A 144 40.98 -1.63 0.80
N GLY A 145 41.50 -0.89 1.78
CA GLY A 145 42.88 -0.96 2.26
C GLY A 145 42.95 -1.37 3.73
N SER A 146 44.12 -1.84 4.17
CA SER A 146 44.41 -2.25 5.53
C SER A 146 44.68 -1.03 6.43
N SER A 147 43.91 -0.88 7.51
CA SER A 147 44.05 0.16 8.53
C SER A 147 43.48 -0.31 9.88
N GLY A 148 42.33 -1.01 9.83
CA GLY A 148 41.68 -1.70 10.95
C GLY A 148 41.47 -3.17 10.60
N HIS A 149 40.48 -3.82 11.23
CA HIS A 149 40.06 -5.20 10.99
C HIS A 149 38.53 -5.23 11.01
N GLU A 150 37.92 -5.81 9.96
CA GLU A 150 36.47 -5.95 9.80
C GLU A 150 36.01 -7.31 10.37
N LEU A 151 34.72 -7.41 10.72
CA LEU A 151 34.07 -8.62 11.22
C LEU A 151 33.72 -9.55 10.04
N SER A 152 33.73 -10.86 10.29
CA SER A 152 33.41 -11.91 9.32
C SER A 152 31.89 -11.95 9.05
N ALA A 153 31.50 -12.15 7.79
CA ALA A 153 30.10 -12.28 7.36
C ALA A 153 29.60 -13.73 7.50
N LEU A 154 30.52 -14.71 7.51
CA LEU A 154 30.29 -16.16 7.53
C LEU A 154 29.83 -16.61 6.13
N GLY A 155 30.72 -16.48 5.14
CA GLY A 155 30.37 -16.54 3.72
C GLY A 155 30.72 -17.89 3.08
N GLY A 156 31.72 -18.60 3.60
CA GLY A 156 31.97 -20.01 3.30
C GLY A 156 33.09 -20.25 2.30
N GLU A 157 33.77 -19.18 1.85
CA GLU A 157 34.77 -19.10 0.77
C GLU A 157 34.09 -19.06 -0.60
N GLY A 158 33.17 -20.01 -0.85
CA GLY A 158 32.23 -20.05 -1.96
C GLY A 158 30.81 -20.23 -1.40
N GLY A 159 29.84 -19.48 -1.94
CA GLY A 159 28.44 -19.50 -1.52
C GLY A 159 28.05 -18.14 -0.91
N LEU A 160 26.82 -18.05 -0.39
CA LEU A 160 26.32 -16.90 0.34
C LEU A 160 26.42 -17.19 1.86
N GLN A 161 25.80 -18.29 2.32
CA GLN A 161 25.89 -18.98 3.63
C GLN A 161 25.55 -18.17 4.91
N SER A 162 25.64 -16.83 4.86
CA SER A 162 25.49 -15.89 5.97
C SER A 162 24.08 -16.00 6.59
N LEU A 163 24.00 -15.98 7.93
CA LEU A 163 22.81 -16.25 8.74
C LEU A 163 21.83 -15.05 8.72
N LEU A 164 21.39 -14.69 7.51
CA LEU A 164 20.47 -13.61 7.17
C LEU A 164 18.99 -14.06 7.25
N GLY A 165 18.74 -15.33 7.57
CA GLY A 165 17.43 -15.97 7.69
C GLY A 165 17.35 -17.22 6.82
N ASN A 166 16.14 -17.57 6.37
CA ASN A 166 15.85 -18.76 5.55
C ASN A 166 16.28 -18.54 4.08
N MET A 167 16.44 -17.28 3.66
CA MET A 167 16.94 -16.83 2.36
C MET A 167 17.81 -15.59 2.54
N SER A 168 18.57 -15.26 1.51
CA SER A 168 19.57 -14.19 1.47
C SER A 168 19.47 -13.44 0.13
N HIS A 169 19.70 -14.17 -0.97
CA HIS A 169 19.51 -13.77 -2.36
C HIS A 169 19.05 -14.99 -3.16
N SER A 170 19.91 -16.02 -3.18
CA SER A 170 19.76 -17.34 -3.79
C SER A 170 20.14 -17.33 -5.28
N GLN A 171 21.21 -18.05 -5.65
CA GLN A 171 21.65 -18.22 -7.02
C GLN A 171 22.43 -19.53 -7.14
N LEU A 172 21.72 -20.64 -7.37
CA LEU A 172 22.27 -21.99 -7.55
C LEU A 172 22.81 -22.17 -8.98
N MET A 173 22.33 -21.37 -9.94
CA MET A 173 22.77 -21.33 -11.32
C MET A 173 24.12 -20.58 -11.39
N GLN A 174 25.02 -21.03 -12.29
CA GLN A 174 26.35 -20.43 -12.49
C GLN A 174 26.30 -19.04 -13.16
N LEU A 175 25.20 -18.76 -13.89
CA LEU A 175 24.82 -17.49 -14.50
C LEU A 175 25.67 -17.26 -15.77
N ILE A 176 26.87 -16.69 -15.61
CA ILE A 176 27.84 -16.47 -16.69
C ILE A 176 28.64 -17.78 -16.91
N GLY A 177 29.13 -18.38 -15.82
CA GLY A 177 29.98 -19.58 -15.82
C GLY A 177 31.40 -19.22 -15.33
N PRO A 178 31.76 -19.52 -14.06
CA PRO A 178 33.12 -19.34 -13.50
C PRO A 178 34.23 -20.05 -14.33
N ALA A 179 35.46 -19.54 -14.23
CA ALA A 179 36.68 -20.10 -14.82
C ALA A 179 37.87 -19.84 -13.90
N GLY A 180 38.84 -20.76 -13.89
CA GLY A 180 40.09 -20.69 -13.13
C GLY A 180 41.30 -20.82 -14.05
N LEU A 181 42.49 -20.55 -13.50
CA LEU A 181 43.79 -20.55 -14.18
C LEU A 181 44.68 -21.67 -13.60
N GLY A 182 45.92 -21.78 -14.11
CA GLY A 182 46.99 -22.64 -13.61
C GLY A 182 47.44 -23.68 -14.63
N GLY A 183 46.60 -23.99 -15.63
CA GLY A 183 46.84 -24.94 -16.71
C GLY A 183 45.89 -26.13 -16.63
N LEU A 184 45.58 -26.58 -15.41
CA LEU A 184 44.64 -27.66 -15.11
C LEU A 184 43.19 -27.12 -15.17
N GLY A 185 42.97 -25.92 -14.64
CA GLY A 185 41.71 -25.18 -14.66
C GLY A 185 41.12 -25.00 -13.26
N GLY A 186 41.35 -25.96 -12.37
CA GLY A 186 40.89 -25.96 -10.97
C GLY A 186 42.03 -26.02 -9.95
N LEU A 187 43.27 -26.23 -10.41
CA LEU A 187 44.51 -26.36 -9.64
C LEU A 187 44.53 -27.68 -8.83
N GLY A 188 45.35 -27.78 -7.78
CA GLY A 188 45.47 -28.93 -6.90
C GLY A 188 46.89 -29.52 -6.91
N ALA A 189 47.08 -30.61 -6.15
CA ALA A 189 48.36 -31.32 -5.99
C ALA A 189 48.59 -32.38 -7.08
N LEU A 190 47.63 -32.57 -8.00
CA LEU A 190 47.62 -33.44 -9.18
C LEU A 190 47.32 -34.91 -8.81
N THR A 191 48.05 -35.44 -7.83
CA THR A 191 47.89 -36.75 -7.18
C THR A 191 48.59 -37.88 -7.96
N GLY A 192 49.23 -37.56 -9.10
CA GLY A 192 50.07 -38.50 -9.86
C GLY A 192 49.19 -39.47 -10.68
N PRO A 193 49.54 -40.78 -10.72
CA PRO A 193 48.75 -41.86 -11.36
C PRO A 193 47.25 -41.88 -11.02
N GLY A 194 46.44 -42.36 -11.97
CA GLY A 194 44.97 -42.36 -11.89
C GLY A 194 44.38 -43.76 -11.71
N LEU A 195 45.22 -44.78 -11.48
CA LEU A 195 44.82 -46.16 -11.20
C LEU A 195 44.26 -46.27 -9.77
N ALA A 196 44.85 -45.53 -8.82
CA ALA A 196 44.36 -45.18 -7.49
C ALA A 196 44.49 -46.27 -6.40
N SER A 197 44.64 -47.53 -6.79
CA SER A 197 44.72 -48.68 -5.89
C SER A 197 45.55 -49.79 -6.56
N LEU A 198 46.51 -50.36 -5.82
CA LEU A 198 47.31 -51.53 -6.22
C LEU A 198 46.54 -52.82 -5.84
N LEU A 199 45.89 -52.81 -4.67
CA LEU A 199 45.16 -53.93 -4.09
C LEU A 199 43.65 -53.78 -4.40
N GLY A 200 42.84 -54.68 -3.84
CA GLY A 200 41.42 -54.87 -4.09
C GLY A 200 41.09 -56.36 -4.18
N SER A 201 39.80 -56.69 -4.18
CA SER A 201 39.21 -58.03 -4.21
C SER A 201 37.73 -57.90 -4.61
N SER A 202 37.00 -59.02 -4.70
CA SER A 202 35.57 -59.09 -5.00
C SER A 202 34.85 -59.99 -3.96
N GLY A 203 33.54 -60.17 -4.10
CA GLY A 203 32.66 -60.82 -3.12
C GLY A 203 31.45 -59.92 -2.82
N PRO A 204 30.96 -59.85 -1.56
CA PRO A 204 29.80 -59.05 -1.14
C PRO A 204 29.76 -57.59 -1.68
N PRO A 205 28.59 -57.07 -2.12
CA PRO A 205 28.47 -55.71 -2.67
C PRO A 205 28.49 -54.62 -1.58
N GLY A 206 28.56 -53.35 -2.02
CA GLY A 206 28.72 -52.16 -1.19
C GLY A 206 29.93 -51.37 -1.68
N SER A 207 30.69 -50.77 -0.75
CA SER A 207 31.88 -49.96 -0.99
C SER A 207 33.07 -50.72 -1.62
N SER A 208 32.98 -52.04 -1.71
CA SER A 208 33.83 -52.97 -2.43
C SER A 208 33.62 -52.86 -3.96
N SER A 209 32.38 -52.59 -4.39
CA SER A 209 31.95 -52.50 -5.78
C SER A 209 31.76 -51.01 -6.17
N SER A 210 31.18 -50.21 -5.25
CA SER A 210 30.87 -48.78 -5.33
C SER A 210 29.56 -48.51 -6.10
N SER A 211 28.70 -47.64 -5.55
CA SER A 211 27.44 -47.21 -6.15
C SER A 211 27.10 -45.80 -5.60
N SER A 212 26.11 -45.15 -6.21
CA SER A 212 25.59 -43.83 -5.87
C SER A 212 24.11 -43.75 -6.30
N SER A 213 23.44 -42.62 -6.04
CA SER A 213 22.11 -42.31 -6.58
C SER A 213 22.26 -41.92 -8.07
N ARG A 214 21.24 -42.24 -8.88
CA ARG A 214 21.18 -41.98 -10.32
C ARG A 214 20.63 -40.56 -10.57
N SER A 215 20.87 -40.04 -11.79
CA SER A 215 20.32 -38.81 -12.36
C SER A 215 20.19 -38.97 -13.89
N GLN A 216 19.71 -40.15 -14.30
CA GLN A 216 19.55 -40.62 -15.68
C GLN A 216 18.07 -40.93 -15.93
N SER A 217 17.67 -40.94 -17.21
CA SER A 217 16.37 -41.41 -17.74
C SER A 217 15.18 -40.55 -17.26
N ALA A 218 15.39 -39.24 -17.04
CA ALA A 218 14.44 -38.31 -16.42
C ALA A 218 13.25 -37.91 -17.32
N ALA A 219 13.25 -38.33 -18.59
CA ALA A 219 12.13 -38.26 -19.54
C ALA A 219 11.71 -39.66 -20.01
N VAL A 220 12.14 -40.71 -19.28
CA VAL A 220 12.01 -42.13 -19.54
C VAL A 220 13.10 -42.52 -20.57
N THR A 221 12.71 -42.92 -21.78
CA THR A 221 13.61 -43.25 -22.89
C THR A 221 14.35 -41.99 -23.43
N PRO A 222 15.54 -42.14 -24.08
CA PRO A 222 16.35 -41.04 -24.68
C PRO A 222 15.60 -40.04 -25.57
N SER A 223 14.52 -40.47 -26.23
CA SER A 223 13.54 -39.65 -26.92
C SER A 223 12.14 -40.23 -26.65
N SER A 224 11.10 -39.41 -26.82
CA SER A 224 9.69 -39.76 -26.69
C SER A 224 8.88 -38.80 -27.57
N THR A 225 7.65 -39.19 -27.95
CA THR A 225 6.72 -38.44 -28.78
C THR A 225 5.31 -38.54 -28.16
N THR A 226 4.43 -39.34 -28.75
CA THR A 226 3.07 -39.69 -28.31
C THR A 226 2.72 -41.03 -28.97
N SER A 227 2.03 -41.93 -28.25
CA SER A 227 1.55 -43.24 -28.71
C SER A 227 0.25 -43.65 -27.98
N SER A 228 -0.54 -42.66 -27.55
CA SER A 228 -1.79 -42.77 -26.81
C SER A 228 -2.78 -41.71 -27.32
N THR A 229 -4.04 -41.82 -26.92
CA THR A 229 -5.17 -40.90 -27.19
C THR A 229 -5.98 -41.28 -28.45
N ARG A 230 -5.62 -42.39 -29.12
CA ARG A 230 -6.31 -42.98 -30.29
C ARG A 230 -7.60 -43.75 -29.89
N ALA A 231 -8.19 -43.42 -28.74
CA ALA A 231 -9.50 -43.84 -28.27
C ALA A 231 -10.52 -42.69 -28.44
N THR A 232 -10.20 -41.72 -29.32
CA THR A 232 -11.04 -40.61 -29.78
C THR A 232 -11.37 -40.84 -31.27
N PRO A 233 -12.47 -40.27 -31.81
CA PRO A 233 -12.85 -40.38 -33.24
C PRO A 233 -12.00 -39.45 -34.15
N ALA A 234 -10.68 -39.46 -33.99
CA ALA A 234 -9.68 -38.68 -34.72
C ALA A 234 -8.33 -39.43 -34.67
N PRO A 235 -7.39 -39.19 -35.63
CA PRO A 235 -6.02 -39.74 -35.62
C PRO A 235 -5.25 -39.49 -34.31
N SER A 236 -5.38 -38.27 -33.75
CA SER A 236 -4.77 -37.72 -32.55
C SER A 236 -3.36 -37.15 -32.83
N ALA A 237 -3.05 -35.96 -32.32
CA ALA A 237 -1.81 -35.23 -32.54
C ALA A 237 -1.60 -34.23 -31.39
N PRO A 238 -0.35 -33.82 -31.06
CA PRO A 238 -0.07 -32.76 -30.08
C PRO A 238 -0.36 -31.36 -30.68
N ALA A 239 -0.49 -30.35 -29.82
CA ALA A 239 -0.72 -28.96 -30.18
C ALA A 239 0.04 -28.01 -29.25
N ALA A 240 0.40 -26.83 -29.75
CA ALA A 240 1.11 -25.75 -29.08
C ALA A 240 0.80 -24.43 -29.80
N ALA A 241 1.60 -23.40 -29.53
CA ALA A 241 1.61 -22.07 -30.17
C ALA A 241 0.61 -21.08 -29.55
N SER A 242 0.26 -21.27 -28.27
CA SER A 242 -0.62 -20.41 -27.48
C SER A 242 0.07 -19.06 -27.20
N ALA A 243 -0.65 -17.95 -27.40
CA ALA A 243 -0.20 -16.58 -27.15
C ALA A 243 -0.36 -16.23 -25.66
N THR A 244 0.43 -15.26 -25.18
CA THR A 244 0.34 -14.72 -23.83
C THR A 244 -0.87 -13.76 -23.68
N SER A 245 -1.28 -13.12 -24.78
CA SER A 245 -2.45 -12.26 -24.90
C SER A 245 -3.04 -12.39 -26.33
N PRO A 246 -3.90 -13.40 -26.60
CA PRO A 246 -4.53 -13.64 -27.91
C PRO A 246 -5.20 -12.42 -28.58
N SER A 247 -5.83 -11.55 -27.78
CA SER A 247 -6.39 -10.25 -28.12
C SER A 247 -6.50 -9.42 -26.82
N PRO A 248 -6.69 -8.08 -26.87
CA PRO A 248 -6.90 -7.22 -25.69
C PRO A 248 -8.00 -7.70 -24.72
N ALA A 249 -9.14 -8.15 -25.26
CA ALA A 249 -10.24 -8.80 -24.55
C ALA A 249 -10.97 -9.72 -25.54
N PRO A 250 -10.68 -11.05 -25.59
CA PRO A 250 -11.35 -12.00 -26.47
C PRO A 250 -12.72 -12.40 -25.87
N SER A 251 -12.89 -13.67 -25.44
CA SER A 251 -14.04 -14.19 -24.70
C SER A 251 -13.92 -13.91 -23.18
N SER A 252 -12.87 -13.20 -22.76
CA SER A 252 -12.50 -12.87 -21.39
C SER A 252 -11.89 -11.45 -21.34
N GLY A 253 -11.45 -11.01 -20.15
CA GLY A 253 -10.95 -9.67 -19.87
C GLY A 253 -11.66 -9.10 -18.63
N ASN A 254 -11.58 -7.78 -18.45
CA ASN A 254 -12.10 -7.07 -17.26
C ASN A 254 -13.62 -6.93 -17.29
N GLY A 255 -14.23 -6.82 -18.48
CA GLY A 255 -15.67 -6.84 -18.70
C GLY A 255 -16.23 -5.48 -19.13
N ALA A 256 -15.44 -4.41 -18.99
CA ALA A 256 -15.70 -3.01 -19.38
C ALA A 256 -16.60 -2.24 -18.38
N SER A 257 -16.96 -2.86 -17.25
CA SER A 257 -17.77 -2.27 -16.17
C SER A 257 -16.92 -1.37 -15.25
N THR A 258 -15.60 -1.60 -15.21
CA THR A 258 -14.60 -0.80 -14.50
C THR A 258 -13.96 0.14 -15.56
N ALA A 259 -13.51 1.33 -15.12
CA ALA A 259 -12.85 2.35 -15.93
C ALA A 259 -11.45 1.91 -16.42
N ALA A 260 -10.93 2.59 -17.43
CA ALA A 260 -9.61 2.38 -18.02
C ALA A 260 -8.48 2.68 -17.01
N SER A 261 -7.40 1.88 -17.07
CA SER A 261 -6.22 1.87 -16.20
C SER A 261 -6.48 1.08 -14.90
N PRO A 262 -6.47 -0.28 -14.92
CA PRO A 262 -6.65 -1.14 -13.73
C PRO A 262 -5.74 -0.79 -12.54
N THR A 263 -6.28 -0.86 -11.33
CA THR A 263 -5.64 -0.52 -10.05
C THR A 263 -4.96 -1.76 -9.39
N GLN A 264 -4.66 -2.80 -10.16
CA GLN A 264 -4.11 -4.08 -9.71
C GLN A 264 -2.60 -3.96 -9.36
N PRO A 265 -2.10 -4.65 -8.32
CA PRO A 265 -0.68 -4.65 -7.94
C PRO A 265 0.17 -5.58 -8.84
N ILE A 266 1.50 -5.50 -8.66
CA ILE A 266 2.52 -6.32 -9.29
C ILE A 266 3.55 -6.70 -8.20
N GLN A 267 3.09 -7.51 -7.24
CA GLN A 267 3.79 -7.99 -6.02
C GLN A 267 3.74 -6.96 -4.87
N LEU A 268 3.39 -5.70 -5.18
CA LEU A 268 3.39 -4.53 -4.31
C LEU A 268 2.60 -4.73 -3.00
N SER A 269 1.48 -5.44 -3.07
CA SER A 269 0.58 -5.73 -1.95
C SER A 269 1.18 -6.78 -1.01
N ASP A 270 1.99 -7.71 -1.54
CA ASP A 270 2.70 -8.74 -0.76
C ASP A 270 3.91 -8.09 -0.08
N LEU A 271 4.64 -7.24 -0.80
CA LEU A 271 5.84 -6.55 -0.33
C LEU A 271 5.57 -5.60 0.85
N GLN A 272 4.49 -4.79 0.79
CA GLN A 272 4.09 -3.92 1.92
C GLN A 272 3.60 -4.74 3.13
N SER A 273 2.96 -5.89 2.91
CA SER A 273 2.49 -6.79 3.95
C SER A 273 3.70 -7.43 4.69
N ILE A 274 4.72 -7.88 3.94
CA ILE A 274 5.99 -8.40 4.46
C ILE A 274 6.75 -7.32 5.29
N LEU A 275 6.79 -6.08 4.81
CA LEU A 275 7.40 -4.95 5.51
C LEU A 275 6.61 -4.56 6.79
N ALA A 276 5.27 -4.57 6.71
CA ALA A 276 4.38 -4.19 7.79
C ALA A 276 4.39 -5.22 8.93
N THR A 277 4.23 -6.52 8.65
CA THR A 277 4.04 -7.56 9.65
C THR A 277 5.26 -7.76 10.60
N MET A 278 6.43 -7.25 10.23
CA MET A 278 7.64 -7.22 11.05
C MET A 278 7.68 -6.00 12.00
N ASN A 279 6.72 -5.08 11.90
CA ASN A 279 6.65 -3.82 12.65
C ASN A 279 5.28 -3.63 13.34
N VAL A 280 4.17 -3.90 12.65
CA VAL A 280 2.80 -3.65 13.10
C VAL A 280 1.84 -4.70 12.48
N PRO A 281 0.92 -5.32 13.25
CA PRO A 281 -0.12 -6.19 12.70
C PRO A 281 -1.25 -5.36 12.07
N ALA A 282 -0.99 -4.76 10.90
CA ALA A 282 -1.87 -3.87 10.12
C ALA A 282 -3.07 -4.59 9.46
N GLY A 283 -3.70 -5.50 10.21
CA GLY A 283 -4.80 -6.38 9.83
C GLY A 283 -4.27 -7.81 9.83
N PRO A 284 -4.51 -8.63 10.88
CA PRO A 284 -3.94 -9.99 10.97
C PRO A 284 -4.54 -11.00 9.99
N ALA A 285 -5.72 -10.72 9.42
CA ALA A 285 -6.34 -11.48 8.33
C ALA A 285 -5.73 -11.16 6.95
N GLY A 286 -4.92 -10.08 6.85
CA GLY A 286 -4.17 -9.70 5.65
C GLY A 286 -4.58 -8.33 5.08
N GLY A 287 -5.59 -7.68 5.69
CA GLY A 287 -6.16 -6.42 5.24
C GLY A 287 -7.67 -6.57 5.05
N GLN A 288 -8.23 -5.94 4.01
CA GLN A 288 -9.63 -5.95 3.58
C GLN A 288 -10.49 -5.01 4.44
N GLN A 289 -10.96 -5.51 5.58
CA GLN A 289 -11.99 -4.87 6.42
C GLN A 289 -11.42 -3.71 7.26
N VAL A 290 -10.09 -3.54 7.27
CA VAL A 290 -9.35 -2.48 7.94
C VAL A 290 -9.77 -1.09 7.40
N ASP A 291 -10.01 -0.98 6.08
CA ASP A 291 -10.48 0.23 5.42
C ASP A 291 -12.00 0.40 5.60
N LEU A 292 -12.76 -0.71 5.45
CA LEU A 292 -14.22 -0.75 5.54
C LEU A 292 -14.75 -0.52 6.97
N ALA A 293 -13.88 -0.53 7.99
CA ALA A 293 -14.15 -0.07 9.36
C ALA A 293 -14.56 1.43 9.43
N SER A 294 -14.28 2.20 8.38
CA SER A 294 -14.75 3.58 8.20
C SER A 294 -16.25 3.60 7.81
N VAL A 295 -16.73 2.58 7.10
CA VAL A 295 -18.11 2.42 6.66
C VAL A 295 -18.88 1.67 7.77
N LEU A 296 -18.32 0.57 8.26
CA LEU A 296 -18.80 -0.25 9.36
C LEU A 296 -18.37 0.43 10.68
N THR A 297 -18.88 1.63 10.91
CA THR A 297 -18.63 2.51 12.04
C THR A 297 -19.04 1.86 13.38
N PRO A 298 -18.39 2.19 14.54
CA PRO A 298 -18.80 1.75 15.88
C PRO A 298 -20.29 1.93 16.21
N GLU A 299 -20.96 2.96 15.67
CA GLU A 299 -22.39 3.22 15.82
C GLU A 299 -23.29 2.06 15.31
N ILE A 300 -22.79 1.24 14.37
CA ILE A 300 -23.44 0.03 13.89
C ILE A 300 -22.83 -1.18 14.64
N MET A 301 -21.50 -1.28 14.70
CA MET A 301 -20.79 -2.51 15.06
C MET A 301 -20.59 -2.72 16.57
N ALA A 302 -20.50 -1.66 17.39
CA ALA A 302 -20.25 -1.72 18.84
C ALA A 302 -21.11 -2.72 19.65
N PRO A 303 -22.46 -2.75 19.53
CA PRO A 303 -23.28 -3.75 20.22
C PRO A 303 -23.18 -5.17 19.63
N ILE A 304 -22.68 -5.35 18.40
CA ILE A 304 -22.44 -6.65 17.78
C ILE A 304 -21.12 -7.22 18.36
N LEU A 305 -20.07 -6.38 18.41
CA LEU A 305 -18.75 -6.70 18.94
C LEU A 305 -18.75 -6.91 20.47
N ALA A 306 -19.73 -6.37 21.19
CA ALA A 306 -19.86 -6.47 22.64
C ALA A 306 -20.47 -7.82 23.10
N ASN A 307 -20.94 -8.66 22.17
CA ASN A 307 -21.57 -9.94 22.44
C ASN A 307 -20.50 -10.99 22.78
N ALA A 308 -20.73 -11.78 23.84
CA ALA A 308 -19.82 -12.77 24.41
C ALA A 308 -19.29 -13.79 23.39
N ASP A 309 -20.17 -14.30 22.51
CA ASP A 309 -19.85 -15.28 21.48
C ASP A 309 -19.04 -14.68 20.32
N VAL A 310 -19.02 -13.35 20.15
CA VAL A 310 -18.17 -12.63 19.19
C VAL A 310 -16.85 -12.26 19.89
N GLN A 311 -16.89 -11.82 21.16
CA GLN A 311 -15.71 -11.55 22.00
C GLN A 311 -14.78 -12.77 22.07
N GLU A 312 -15.32 -13.96 22.34
CA GLU A 312 -14.59 -15.23 22.40
C GLU A 312 -14.12 -15.76 21.02
N ARG A 313 -14.56 -15.16 19.90
CA ARG A 313 -14.00 -15.44 18.57
C ARG A 313 -12.82 -14.49 18.31
N LEU A 314 -12.96 -13.20 18.63
CA LEU A 314 -11.94 -12.17 18.41
C LEU A 314 -10.74 -12.33 19.36
N LEU A 315 -10.97 -12.33 20.68
CA LEU A 315 -9.95 -12.40 21.74
C LEU A 315 -8.77 -13.39 21.57
N PRO A 316 -8.96 -14.68 21.20
CA PRO A 316 -7.84 -15.59 20.95
C PRO A 316 -7.05 -15.34 19.65
N TYR A 317 -7.58 -14.55 18.70
CA TYR A 317 -6.89 -14.20 17.45
C TYR A 317 -6.08 -12.89 17.61
N LEU A 318 -6.17 -12.23 18.77
CA LEU A 318 -5.58 -10.92 19.06
C LEU A 318 -4.06 -11.08 19.27
N PRO A 319 -3.20 -10.27 18.61
CA PRO A 319 -1.73 -10.25 18.75
C PRO A 319 -1.13 -10.26 20.18
N SER A 320 -1.82 -9.67 21.17
CA SER A 320 -1.46 -9.54 22.58
C SER A 320 -0.65 -8.26 22.86
N GLY A 321 -0.55 -7.87 24.14
CA GLY A 321 0.12 -6.67 24.63
C GLY A 321 -0.91 -5.70 25.25
N GLU A 322 -2.09 -5.63 24.63
CA GLU A 322 -3.31 -4.95 25.05
C GLU A 322 -4.49 -5.89 24.74
N SER A 323 -5.70 -5.49 25.12
CA SER A 323 -6.95 -6.25 24.96
C SER A 323 -8.09 -5.31 24.50
N LEU A 324 -9.18 -5.88 23.98
CA LEU A 324 -10.33 -5.12 23.46
C LEU A 324 -11.24 -4.63 24.61
N PRO A 325 -11.98 -3.51 24.40
CA PRO A 325 -13.12 -3.13 25.23
C PRO A 325 -14.29 -4.13 25.08
N GLN A 326 -15.10 -4.31 26.13
CA GLN A 326 -16.02 -5.43 26.28
C GLN A 326 -17.48 -5.05 26.02
N THR A 327 -17.89 -3.82 26.36
CA THR A 327 -19.26 -3.31 26.22
C THR A 327 -19.31 -2.24 25.12
N ALA A 328 -20.50 -2.03 24.51
CA ALA A 328 -20.70 -1.11 23.39
C ALA A 328 -20.41 0.36 23.76
N ASP A 329 -20.69 0.71 25.03
CA ASP A 329 -20.40 2.01 25.65
C ASP A 329 -18.89 2.28 25.73
N GLU A 330 -18.07 1.23 25.87
CA GLU A 330 -16.61 1.33 25.84
C GLU A 330 -16.13 1.34 24.37
N ILE A 331 -16.55 0.38 23.54
CA ILE A 331 -16.09 0.16 22.16
C ILE A 331 -16.20 1.42 21.26
N GLN A 332 -17.23 2.25 21.49
CA GLN A 332 -17.47 3.49 20.75
C GLN A 332 -16.67 4.69 21.30
N ASN A 333 -16.07 4.59 22.50
CA ASN A 333 -15.54 5.75 23.27
C ASN A 333 -14.09 5.60 23.76
N THR A 334 -13.58 4.38 23.94
CA THR A 334 -12.30 4.08 24.60
C THR A 334 -11.11 4.15 23.60
N LEU A 335 -11.37 4.37 22.32
CA LEU A 335 -10.41 4.33 21.22
C LEU A 335 -10.68 5.45 20.20
N THR A 336 -9.67 5.79 19.39
CA THR A 336 -9.82 6.65 18.21
C THR A 336 -10.30 5.75 17.04
N SER A 337 -9.51 4.73 16.71
CA SER A 337 -9.72 3.76 15.64
C SER A 337 -8.82 2.49 15.75
N PRO A 338 -7.51 2.56 16.14
CA PRO A 338 -6.55 1.43 16.09
C PRO A 338 -7.03 0.04 16.54
N GLN A 339 -7.59 -0.10 17.75
CA GLN A 339 -8.08 -1.39 18.28
C GLN A 339 -9.44 -1.79 17.67
N PHE A 340 -10.19 -0.86 17.07
CA PHE A 340 -11.43 -1.15 16.35
C PHE A 340 -11.10 -1.72 14.96
N GLN A 341 -10.00 -1.25 14.33
CA GLN A 341 -9.47 -1.84 13.10
C GLN A 341 -8.91 -3.25 13.35
N GLN A 342 -8.36 -3.53 14.55
CA GLN A 342 -7.99 -4.89 14.98
C GLN A 342 -9.24 -5.76 15.15
N ALA A 343 -10.29 -5.25 15.83
CA ALA A 343 -11.58 -5.91 16.01
C ALA A 343 -12.22 -6.29 14.66
N LEU A 344 -12.39 -5.31 13.76
CA LEU A 344 -12.92 -5.50 12.41
C LEU A 344 -12.04 -6.41 11.53
N GLY A 345 -10.73 -6.50 11.79
CA GLY A 345 -9.77 -7.28 11.02
C GLY A 345 -9.52 -8.67 11.61
N MET A 346 -10.14 -8.99 12.74
CA MET A 346 -10.29 -10.33 13.31
C MET A 346 -11.71 -10.85 13.02
N PHE A 347 -12.72 -9.96 13.11
CA PHE A 347 -14.12 -10.17 12.75
C PHE A 347 -14.27 -10.67 11.29
N SER A 348 -13.51 -10.06 10.36
CA SER A 348 -13.48 -10.42 8.94
C SER A 348 -13.01 -11.87 8.67
N ALA A 349 -12.15 -12.43 9.52
CA ALA A 349 -11.69 -13.82 9.40
C ALA A 349 -12.79 -14.79 9.85
N ALA A 350 -13.50 -14.47 10.94
CA ALA A 350 -14.65 -15.23 11.44
C ALA A 350 -15.85 -15.14 10.48
N LEU A 351 -16.03 -13.98 9.85
CA LEU A 351 -17.00 -13.68 8.79
C LEU A 351 -16.66 -14.49 7.53
N ALA A 352 -15.38 -14.51 7.11
CA ALA A 352 -14.90 -15.19 5.91
C ALA A 352 -14.97 -16.72 6.01
N SER A 353 -14.59 -17.30 7.17
CA SER A 353 -14.67 -18.73 7.42
C SER A 353 -16.12 -19.22 7.57
N GLY A 354 -17.03 -18.35 8.03
CA GLY A 354 -18.47 -18.59 8.07
C GLY A 354 -18.99 -18.82 9.49
N GLN A 355 -18.09 -18.94 10.47
CA GLN A 355 -18.34 -19.28 11.87
C GLN A 355 -19.05 -18.16 12.64
N LEU A 356 -18.97 -16.91 12.16
CA LEU A 356 -19.71 -15.76 12.70
C LEU A 356 -21.16 -15.76 12.18
N GLY A 357 -21.36 -16.16 10.91
CA GLY A 357 -22.61 -16.51 10.22
C GLY A 357 -23.85 -16.81 11.08
N PRO A 358 -23.90 -17.95 11.80
CA PRO A 358 -25.04 -18.33 12.63
C PRO A 358 -25.21 -17.51 13.93
N LEU A 359 -24.22 -16.72 14.35
CA LEU A 359 -24.36 -15.75 15.44
C LEU A 359 -25.00 -14.48 14.87
N MET A 360 -24.63 -14.07 13.65
CA MET A 360 -25.12 -12.90 12.91
C MET A 360 -26.65 -12.83 12.82
N CYS A 361 -27.31 -13.99 12.76
CA CYS A 361 -28.76 -14.18 12.73
C CYS A 361 -29.49 -13.71 14.01
N GLN A 362 -28.81 -13.68 15.17
CA GLN A 362 -29.47 -13.51 16.48
C GLN A 362 -29.65 -12.03 16.85
N PHE A 363 -28.94 -11.12 16.18
CA PHE A 363 -28.90 -9.69 16.52
C PHE A 363 -30.06 -8.90 15.89
N GLY A 364 -30.46 -9.27 14.66
CA GLY A 364 -31.44 -8.54 13.87
C GLY A 364 -30.80 -7.75 12.72
N LEU A 365 -29.54 -8.04 12.39
CA LEU A 365 -28.76 -7.44 11.29
C LEU A 365 -29.40 -7.74 9.90
N PRO A 366 -29.15 -6.91 8.86
CA PRO A 366 -29.70 -7.06 7.50
C PRO A 366 -29.57 -8.49 6.92
N ALA A 367 -30.66 -9.02 6.34
CA ALA A 367 -30.76 -10.39 5.83
C ALA A 367 -29.69 -10.74 4.79
N GLU A 368 -29.32 -9.77 3.94
CA GLU A 368 -28.28 -9.91 2.92
C GLU A 368 -26.87 -9.92 3.54
N ALA A 369 -26.67 -9.21 4.67
CA ALA A 369 -25.41 -9.20 5.42
C ALA A 369 -25.25 -10.49 6.21
N VAL A 370 -26.32 -10.99 6.83
CA VAL A 370 -26.38 -12.28 7.52
C VAL A 370 -26.17 -13.46 6.55
N GLU A 371 -26.72 -13.37 5.32
CA GLU A 371 -26.47 -14.33 4.24
C GLU A 371 -24.98 -14.31 3.81
N ALA A 372 -24.42 -13.11 3.59
CA ALA A 372 -23.01 -12.89 3.26
C ALA A 372 -22.05 -13.41 4.34
N ALA A 373 -22.41 -13.25 5.62
CA ALA A 373 -21.67 -13.70 6.80
C ALA A 373 -21.65 -15.24 6.94
N ASN A 374 -22.67 -15.93 6.40
CA ASN A 374 -22.75 -17.38 6.35
C ASN A 374 -22.02 -17.94 5.12
N LYS A 375 -22.09 -17.23 3.98
CA LYS A 375 -21.43 -17.61 2.73
C LYS A 375 -19.91 -17.38 2.78
N GLY A 376 -19.45 -16.27 3.37
CA GLY A 376 -18.04 -15.93 3.56
C GLY A 376 -17.59 -14.70 2.77
N ASP A 377 -18.53 -13.95 2.17
CA ASP A 377 -18.26 -12.81 1.30
C ASP A 377 -18.16 -11.54 2.16
N VAL A 378 -16.93 -11.16 2.53
CA VAL A 378 -16.58 -10.02 3.38
C VAL A 378 -16.99 -8.68 2.74
N GLU A 379 -16.86 -8.55 1.41
CA GLU A 379 -17.21 -7.33 0.67
C GLU A 379 -18.73 -7.17 0.57
N ALA A 380 -19.49 -8.28 0.42
CA ALA A 380 -20.95 -8.27 0.29
C ALA A 380 -21.64 -7.91 1.61
N PHE A 381 -21.01 -8.24 2.75
CA PHE A 381 -21.43 -7.82 4.10
C PHE A 381 -21.43 -6.29 4.22
N ALA A 382 -20.34 -5.63 3.78
CA ALA A 382 -20.21 -4.18 3.76
C ALA A 382 -21.18 -3.54 2.75
N LYS A 383 -21.35 -4.16 1.56
CA LYS A 383 -22.29 -3.73 0.52
C LYS A 383 -23.76 -3.72 1.02
N ALA A 384 -24.15 -4.77 1.75
CA ALA A 384 -25.46 -4.90 2.38
C ALA A 384 -25.68 -3.85 3.48
N MET A 385 -24.64 -3.54 4.26
CA MET A 385 -24.67 -2.53 5.32
C MET A 385 -24.74 -1.10 4.74
N GLN A 386 -24.11 -0.84 3.58
CA GLN A 386 -24.20 0.42 2.84
C GLN A 386 -25.62 0.63 2.25
N ASN A 387 -26.26 -0.45 1.76
CA ASN A 387 -27.60 -0.42 1.18
C ASN A 387 -28.68 -0.14 2.25
N ASN A 388 -28.44 -0.59 3.49
CA ASN A 388 -29.36 -0.46 4.63
C ASN A 388 -28.95 0.70 5.56
N ALA A 389 -28.02 1.57 5.13
CA ALA A 389 -27.41 2.63 5.94
C ALA A 389 -28.34 3.82 6.22
N LYS A 390 -29.34 4.06 5.36
CA LYS A 390 -30.42 5.03 5.60
C LYS A 390 -31.39 4.48 6.67
N PRO A 391 -32.07 5.33 7.47
CA PRO A 391 -32.99 4.88 8.52
C PRO A 391 -34.22 4.17 7.93
N GLU A 392 -34.95 4.83 7.03
CA GLU A 392 -35.91 4.26 6.06
C GLU A 392 -37.26 3.87 6.68
N GLN A 393 -37.30 3.65 8.00
CA GLN A 393 -38.46 3.35 8.84
C GLN A 393 -38.86 1.87 8.73
N LYS A 394 -37.85 0.98 8.71
CA LYS A 394 -37.94 -0.46 8.45
C LYS A 394 -38.71 -1.26 9.52
N GLU A 395 -39.00 -0.64 10.67
CA GLU A 395 -39.75 -1.20 11.79
C GLU A 395 -41.27 -1.30 11.51
N GLY A 396 -41.77 -0.66 10.45
CA GLY A 396 -43.16 -0.69 10.00
C GLY A 396 -43.26 -1.35 8.62
N ASP A 397 -44.37 -2.06 8.36
CA ASP A 397 -44.68 -2.69 7.06
C ASP A 397 -45.27 -1.63 6.12
N THR A 398 -45.05 -1.81 4.82
CA THR A 398 -45.66 -1.02 3.74
C THR A 398 -46.22 -1.90 2.59
N LYS A 399 -46.35 -3.21 2.84
CA LYS A 399 -46.90 -4.23 1.94
C LYS A 399 -48.08 -4.94 2.62
N ASP A 400 -48.96 -5.55 1.82
CA ASP A 400 -50.03 -6.45 2.25
C ASP A 400 -49.46 -7.84 2.58
N LYS A 401 -50.20 -8.63 3.36
CA LYS A 401 -49.85 -9.99 3.79
C LYS A 401 -51.10 -10.87 3.88
N LYS A 402 -50.93 -12.18 3.66
CA LYS A 402 -51.93 -13.24 3.70
C LYS A 402 -51.21 -14.57 3.99
N ASP A 403 -51.98 -15.65 4.23
CA ASP A 403 -51.52 -17.04 4.39
C ASP A 403 -51.05 -17.31 5.83
N GLU A 404 -51.80 -16.81 6.82
CA GLU A 404 -51.57 -16.93 8.25
C GLU A 404 -52.92 -17.13 8.97
N GLU A 405 -52.88 -17.58 10.24
CA GLU A 405 -54.02 -17.87 11.12
C GLU A 405 -54.68 -19.22 10.76
N GLU A 406 -53.90 -20.16 10.22
CA GLU A 406 -54.30 -21.50 9.80
C GLU A 406 -54.57 -22.40 11.04
N ASP A 407 -55.55 -23.29 10.93
CA ASP A 407 -56.02 -24.14 12.04
C ASP A 407 -55.13 -25.37 12.27
N MET A 408 -54.64 -25.99 11.19
CA MET A 408 -53.94 -27.28 11.24
C MET A 408 -52.48 -27.21 10.74
N SER A 409 -52.12 -26.19 9.95
CA SER A 409 -50.76 -25.99 9.44
C SER A 409 -49.93 -25.24 10.51
N LEU A 410 -48.68 -25.67 10.70
CA LEU A 410 -47.68 -25.11 11.61
C LEU A 410 -46.30 -25.33 10.96
N ASP A 411 -45.35 -24.44 11.22
CA ASP A 411 -43.96 -24.55 10.74
C ASP A 411 -43.18 -25.49 11.69
N MET A 5 25.97 69.03 -10.12
CA MET A 5 26.89 68.05 -9.51
C MET A 5 26.15 66.88 -8.81
N THR A 6 24.81 66.78 -8.90
CA THR A 6 23.97 65.78 -8.21
C THR A 6 24.19 64.35 -8.77
N THR A 7 24.59 64.23 -10.04
CA THR A 7 25.05 62.97 -10.65
C THR A 7 26.56 62.86 -10.34
N SER A 8 26.93 61.83 -9.57
CA SER A 8 28.29 61.48 -9.14
C SER A 8 28.26 60.04 -8.59
N GLY A 9 29.42 59.40 -8.47
CA GLY A 9 29.60 58.08 -7.87
C GLY A 9 30.48 58.22 -6.62
N ALA A 10 30.07 57.59 -5.52
CA ALA A 10 30.75 57.58 -4.22
C ALA A 10 30.49 56.23 -3.53
N LEU A 11 29.72 56.24 -2.45
CA LEU A 11 29.33 55.07 -1.67
C LEU A 11 28.25 54.28 -2.45
N PHE A 12 28.34 52.95 -2.39
CA PHE A 12 27.44 51.96 -3.00
C PHE A 12 27.48 51.96 -4.55
N PRO A 13 28.64 51.63 -5.18
CA PRO A 13 28.76 51.55 -6.64
C PRO A 13 28.12 50.26 -7.19
N SER A 14 28.15 50.08 -8.52
CA SER A 14 27.65 48.90 -9.24
C SER A 14 28.54 47.66 -9.06
N LEU A 15 29.78 47.84 -8.59
CA LEU A 15 30.71 46.78 -8.20
C LEU A 15 30.41 46.42 -6.74
N VAL A 16 30.05 45.16 -6.49
CA VAL A 16 29.66 44.61 -5.18
C VAL A 16 30.31 43.22 -4.99
N PRO A 17 30.60 42.78 -3.74
CA PRO A 17 31.20 41.45 -3.48
C PRO A 17 30.19 40.30 -3.60
N GLY A 18 28.90 40.55 -3.33
CA GLY A 18 27.81 39.57 -3.42
C GLY A 18 27.22 39.21 -2.05
N SER A 19 27.77 39.78 -0.96
CA SER A 19 27.42 39.52 0.43
C SER A 19 25.97 39.96 0.74
N ARG A 20 25.10 38.98 0.99
CA ARG A 20 23.69 39.12 1.36
C ARG A 20 23.22 37.84 2.08
N GLY A 21 23.64 36.68 1.55
CA GLY A 21 23.30 35.35 2.03
C GLY A 21 22.68 34.58 0.87
N ALA A 22 23.47 33.69 0.25
CA ALA A 22 23.09 32.88 -0.92
C ALA A 22 23.70 31.46 -0.85
N SER A 23 24.18 31.05 0.33
CA SER A 23 24.77 29.74 0.60
C SER A 23 23.62 28.73 0.82
N ASN A 24 23.24 28.00 -0.23
CA ASN A 24 22.10 27.08 -0.23
C ASN A 24 22.42 25.77 0.50
N LYS A 25 23.67 25.29 0.36
CA LYS A 25 24.28 24.10 0.97
C LYS A 25 23.74 22.78 0.37
N TYR A 26 22.42 22.63 0.38
CA TYR A 26 21.67 21.44 0.03
C TYR A 26 21.29 21.49 -1.46
N LEU A 27 21.09 20.30 -2.05
CA LEU A 27 20.84 20.08 -3.47
C LEU A 27 19.40 20.47 -3.83
N VAL A 28 18.46 20.17 -2.93
CA VAL A 28 17.10 20.69 -2.88
C VAL A 28 16.81 21.00 -1.40
N GLU A 29 16.04 22.05 -1.15
CA GLU A 29 15.47 22.42 0.14
C GLU A 29 14.06 22.96 -0.18
N PHE A 30 13.04 22.40 0.46
CA PHE A 30 11.63 22.69 0.16
C PHE A 30 10.77 22.48 1.41
N ARG A 31 9.73 23.30 1.56
CA ARG A 31 8.80 23.24 2.69
C ARG A 31 7.73 22.21 2.33
N ALA A 32 7.77 21.06 3.00
CA ALA A 32 6.88 19.93 2.83
C ALA A 32 6.75 19.20 4.15
N GLY A 33 5.56 18.62 4.39
CA GLY A 33 5.22 17.83 5.55
C GLY A 33 5.13 16.37 5.16
N LYS A 34 4.80 15.50 6.13
CA LYS A 34 4.77 14.05 5.99
C LYS A 34 3.50 13.48 6.63
N MET A 35 3.35 12.15 6.54
CA MET A 35 2.25 11.36 7.10
C MET A 35 2.83 10.18 7.87
N SER A 36 2.13 9.76 8.92
CA SER A 36 2.46 8.65 9.82
C SER A 36 1.16 8.00 10.33
N LEU A 37 1.28 6.83 10.96
CA LEU A 37 0.18 6.09 11.57
C LEU A 37 -0.12 6.72 12.94
N LYS A 38 -1.35 7.20 13.13
CA LYS A 38 -1.92 7.69 14.39
C LYS A 38 -2.68 6.50 15.01
N GLY A 39 -1.93 5.43 15.30
CA GLY A 39 -2.46 4.15 15.73
C GLY A 39 -2.27 3.17 14.58
N THR A 40 -3.38 2.88 13.87
CA THR A 40 -3.41 2.04 12.67
C THR A 40 -3.95 2.86 11.46
N THR A 41 -4.51 4.06 11.70
CA THR A 41 -5.03 4.95 10.67
C THR A 41 -3.89 5.93 10.32
N VAL A 42 -3.63 6.16 9.02
CA VAL A 42 -2.64 7.13 8.53
C VAL A 42 -3.25 8.55 8.63
N THR A 43 -2.47 9.51 9.13
CA THR A 43 -2.83 10.91 9.33
C THR A 43 -1.61 11.77 8.92
N PRO A 44 -1.79 12.98 8.34
CA PRO A 44 -0.69 13.91 8.08
C PRO A 44 -0.18 14.57 9.37
N ASP A 45 1.12 14.84 9.45
CA ASP A 45 1.77 15.60 10.52
C ASP A 45 1.62 17.08 10.17
N LYS A 46 0.56 17.72 10.70
CA LYS A 46 0.01 19.02 10.30
C LYS A 46 0.88 20.25 10.66
N ARG A 47 2.08 20.04 11.21
CA ARG A 47 3.07 21.08 11.52
C ARG A 47 3.79 21.55 10.24
N LYS A 48 4.50 22.67 10.35
CA LYS A 48 5.34 23.22 9.28
C LYS A 48 6.61 22.36 9.18
N GLY A 49 6.91 21.85 7.99
CA GLY A 49 8.02 20.93 7.73
C GLY A 49 8.99 21.51 6.71
N LEU A 50 10.19 20.95 6.64
CA LEU A 50 11.24 21.28 5.68
C LEU A 50 12.02 20.01 5.36
N VAL A 51 12.01 19.58 4.09
CA VAL A 51 12.87 18.52 3.56
C VAL A 51 14.14 19.23 3.03
N TYR A 52 15.30 18.61 3.22
CA TYR A 52 16.60 19.08 2.74
C TYR A 52 17.50 17.89 2.40
N ILE A 53 18.17 17.96 1.24
CA ILE A 53 18.93 16.86 0.64
C ILE A 53 20.41 17.29 0.52
N GLN A 54 21.32 16.55 1.16
CA GLN A 54 22.75 16.79 1.26
C GLN A 54 23.50 15.71 0.44
N GLN A 55 24.71 16.02 -0.06
CA GLN A 55 25.67 15.06 -0.62
C GLN A 55 26.72 14.78 0.47
N THR A 56 27.08 13.51 0.69
CA THR A 56 28.11 13.10 1.65
C THR A 56 29.50 13.11 0.98
N ASP A 57 30.57 13.12 1.79
CA ASP A 57 31.98 13.00 1.37
C ASP A 57 32.27 11.63 0.71
N ASP A 58 31.52 10.60 1.10
CA ASP A 58 31.58 9.23 0.57
C ASP A 58 30.95 9.10 -0.83
N SER A 59 30.22 10.12 -1.29
CA SER A 59 29.59 10.33 -2.60
C SER A 59 28.14 9.84 -2.68
N LEU A 60 27.64 9.26 -1.59
CA LEU A 60 26.23 8.94 -1.37
C LEU A 60 25.47 10.23 -1.04
N ILE A 61 24.14 10.18 -1.08
CA ILE A 61 23.25 11.29 -0.77
C ILE A 61 22.70 11.04 0.65
N HIS A 62 22.22 12.10 1.31
CA HIS A 62 21.60 12.09 2.61
C HIS A 62 20.33 12.94 2.57
N PHE A 63 19.18 12.36 2.92
CA PHE A 63 17.88 13.00 3.03
C PHE A 63 17.70 13.33 4.52
N CYS A 64 17.16 14.51 4.82
CA CYS A 64 16.91 15.00 6.16
C CYS A 64 15.60 15.80 6.16
N TRP A 65 14.85 15.73 7.27
CA TRP A 65 13.60 16.45 7.50
C TRP A 65 13.60 17.05 8.91
N LYS A 66 13.14 18.29 9.03
CA LYS A 66 12.98 19.01 10.28
C LYS A 66 11.57 19.61 10.37
N ASP A 67 11.06 19.68 11.60
CA ASP A 67 9.81 20.33 11.98
C ASP A 67 10.18 21.78 12.29
N ARG A 68 9.54 22.74 11.62
CA ARG A 68 9.78 24.18 11.75
C ARG A 68 8.87 24.83 12.83
N THR A 69 7.88 24.11 13.36
CA THR A 69 6.96 24.57 14.40
C THR A 69 7.66 24.37 15.78
N SER A 70 8.38 23.25 15.96
CA SER A 70 9.25 22.99 17.11
C SER A 70 10.64 23.57 16.85
N GLY A 71 11.23 23.33 15.66
CA GLY A 71 12.51 23.86 15.20
C GLY A 71 13.58 22.76 15.01
N ASN A 72 13.35 21.56 15.53
CA ASN A 72 14.33 20.46 15.60
C ASN A 72 14.23 19.56 14.36
N VAL A 73 15.34 18.88 14.02
CA VAL A 73 15.41 17.75 13.10
C VAL A 73 14.59 16.57 13.65
N GLU A 74 13.85 15.86 12.80
CA GLU A 74 12.91 14.81 13.20
C GLU A 74 13.10 13.49 12.44
N ASP A 75 13.73 13.49 11.25
CA ASP A 75 14.10 12.27 10.52
C ASP A 75 15.30 12.52 9.61
N ASP A 76 16.16 11.50 9.42
CA ASP A 76 17.34 11.55 8.56
C ASP A 76 17.66 10.12 8.05
N LEU A 77 18.02 10.00 6.77
CA LEU A 77 18.34 8.74 6.08
C LEU A 77 19.47 8.95 5.07
N ILE A 78 20.39 7.98 4.97
CA ILE A 78 21.40 7.88 3.90
C ILE A 78 20.69 7.27 2.69
N ILE A 79 20.97 7.82 1.50
CA ILE A 79 20.32 7.54 0.23
C ILE A 79 21.42 6.97 -0.69
N PHE A 80 21.26 5.70 -1.07
CA PHE A 80 22.15 4.98 -1.99
C PHE A 80 21.58 5.09 -3.43
N PRO A 81 22.44 5.25 -4.47
CA PRO A 81 22.02 5.36 -5.88
C PRO A 81 21.04 4.28 -6.37
N ASP A 82 20.02 4.70 -7.12
CA ASP A 82 19.00 3.93 -7.85
C ASP A 82 17.91 3.31 -6.97
N ASP A 83 18.09 3.25 -5.65
CA ASP A 83 17.15 2.65 -4.70
C ASP A 83 15.94 3.59 -4.48
N CYS A 84 16.21 4.85 -4.11
CA CYS A 84 15.19 5.82 -3.73
C CYS A 84 14.63 6.51 -4.99
N GLU A 85 13.29 6.54 -5.11
CA GLU A 85 12.55 7.19 -6.20
C GLU A 85 11.38 7.97 -5.61
N PHE A 86 11.26 9.26 -5.95
CA PHE A 86 10.27 10.21 -5.45
C PHE A 86 9.29 10.51 -6.61
N LYS A 87 7.98 10.40 -6.38
CA LYS A 87 6.94 10.51 -7.40
C LYS A 87 5.68 11.18 -6.81
N ARG A 88 4.94 11.94 -7.64
CA ARG A 88 3.63 12.53 -7.34
C ARG A 88 2.57 11.40 -7.30
N VAL A 89 1.68 11.42 -6.30
CA VAL A 89 0.59 10.45 -6.16
C VAL A 89 -0.56 10.86 -7.12
N PRO A 90 -0.97 10.02 -8.09
CA PRO A 90 -2.01 10.36 -9.07
C PRO A 90 -3.44 10.20 -8.52
N GLN A 91 -3.62 9.43 -7.44
CA GLN A 91 -4.91 9.13 -6.82
C GLN A 91 -5.36 10.24 -5.85
N CYS A 92 -4.53 11.25 -5.61
CA CYS A 92 -4.80 12.38 -4.72
C CYS A 92 -5.73 13.39 -5.45
N PRO A 93 -6.87 13.81 -4.83
CA PRO A 93 -7.77 14.85 -5.36
C PRO A 93 -7.08 16.18 -5.73
N SER A 94 -6.20 16.70 -4.86
CA SER A 94 -5.51 17.97 -5.06
C SER A 94 -4.25 17.79 -5.94
N GLY A 95 -3.50 16.69 -5.72
CA GLY A 95 -2.29 16.32 -6.44
C GLY A 95 -1.03 16.60 -5.61
N ARG A 96 -1.14 17.33 -4.49
CA ARG A 96 -0.01 17.93 -3.77
C ARG A 96 0.78 16.92 -2.91
N VAL A 97 0.35 15.66 -2.87
CA VAL A 97 0.96 14.57 -2.12
C VAL A 97 1.93 13.82 -3.06
N TYR A 98 3.11 13.52 -2.53
CA TYR A 98 4.20 12.79 -3.15
C TYR A 98 4.51 11.55 -2.29
N VAL A 99 5.15 10.56 -2.89
CA VAL A 99 5.61 9.34 -2.24
C VAL A 99 7.07 9.09 -2.62
N LEU A 100 7.91 8.88 -1.62
CA LEU A 100 9.27 8.37 -1.73
C LEU A 100 9.15 6.86 -1.54
N LYS A 101 9.46 6.09 -2.57
CA LYS A 101 9.59 4.64 -2.53
C LYS A 101 11.08 4.30 -2.43
N PHE A 102 11.42 3.37 -1.54
CA PHE A 102 12.70 2.68 -1.45
C PHE A 102 12.44 1.30 -2.08
N LYS A 103 13.27 0.88 -3.02
CA LYS A 103 13.11 -0.38 -3.76
C LYS A 103 13.77 -1.53 -2.96
N ALA A 104 14.89 -1.28 -2.28
CA ALA A 104 15.54 -2.23 -1.39
C ALA A 104 14.86 -2.15 -0.02
N GLY A 105 13.89 -3.06 0.20
CA GLY A 105 13.13 -3.22 1.43
C GLY A 105 11.62 -2.99 1.23
N SER A 106 11.24 -2.28 0.15
CA SER A 106 9.87 -2.05 -0.36
C SER A 106 9.10 -0.93 0.38
N LYS A 107 9.79 -0.19 1.25
CA LYS A 107 9.27 0.90 2.09
C LYS A 107 8.75 2.08 1.24
N ARG A 108 7.68 2.73 1.70
CA ARG A 108 7.14 3.98 1.19
C ARG A 108 7.07 4.98 2.35
N LEU A 109 7.38 6.25 2.07
CA LEU A 109 7.10 7.41 2.91
C LEU A 109 6.33 8.42 2.07
N PHE A 110 5.18 8.89 2.56
CA PHE A 110 4.32 9.86 1.89
C PHE A 110 4.64 11.26 2.45
N PHE A 111 4.78 12.22 1.53
CA PHE A 111 5.12 13.62 1.77
C PHE A 111 4.08 14.50 1.08
N TRP A 112 3.92 15.75 1.51
CA TRP A 112 2.95 16.70 0.95
C TRP A 112 3.52 18.11 0.97
N MET A 113 3.40 18.82 -0.15
CA MET A 113 3.95 20.15 -0.38
C MET A 113 3.21 21.21 0.44
N GLN A 114 3.95 22.12 1.06
CA GLN A 114 3.44 23.24 1.87
C GLN A 114 3.75 24.59 1.17
N GLU A 115 4.28 24.56 -0.06
CA GLU A 115 4.55 25.74 -0.90
C GLU A 115 3.23 26.21 -1.54
N PRO A 116 2.95 27.54 -1.61
CA PRO A 116 1.61 28.04 -1.96
C PRO A 116 1.23 27.96 -3.44
N LYS A 117 2.18 28.08 -4.39
CA LYS A 117 1.89 27.99 -5.81
C LYS A 117 2.14 26.53 -6.25
N THR A 118 1.18 25.92 -6.94
CA THR A 118 1.23 24.54 -7.43
C THR A 118 2.31 24.30 -8.53
N ASP A 119 2.90 25.38 -9.06
CA ASP A 119 4.02 25.38 -9.99
C ASP A 119 5.34 25.08 -9.28
N GLN A 120 5.46 25.37 -7.97
CA GLN A 120 6.69 25.14 -7.19
C GLN A 120 6.91 23.65 -6.90
N ASP A 121 5.85 22.84 -6.87
CA ASP A 121 5.83 21.40 -6.58
C ASP A 121 6.80 20.61 -7.47
N GLU A 122 6.51 20.54 -8.78
CA GLU A 122 7.28 19.77 -9.75
C GLU A 122 8.64 20.44 -10.03
N GLU A 123 8.73 21.76 -9.90
CA GLU A 123 9.95 22.57 -10.01
C GLU A 123 10.99 22.16 -8.94
N HIS A 124 10.55 21.80 -7.74
CA HIS A 124 11.38 21.19 -6.71
C HIS A 124 11.52 19.68 -7.00
N CYS A 125 10.41 18.94 -7.08
CA CYS A 125 10.37 17.48 -7.03
C CYS A 125 11.02 16.76 -8.23
N ARG A 126 11.19 17.43 -9.38
CA ARG A 126 11.96 16.94 -10.52
C ARG A 126 13.46 16.83 -10.17
N LYS A 127 13.97 17.74 -9.32
CA LYS A 127 15.34 17.72 -8.81
C LYS A 127 15.49 16.60 -7.77
N VAL A 128 14.48 16.41 -6.91
CA VAL A 128 14.44 15.35 -5.89
C VAL A 128 14.46 13.96 -6.55
N ASN A 129 13.61 13.75 -7.56
CA ASN A 129 13.54 12.55 -8.41
C ASN A 129 14.91 12.23 -9.05
N GLU A 130 15.64 13.25 -9.52
CA GLU A 130 16.99 13.13 -10.05
C GLU A 130 18.00 12.83 -8.93
N TYR A 131 18.15 13.73 -7.95
CA TYR A 131 19.20 13.71 -6.93
C TYR A 131 19.14 12.50 -5.99
N LEU A 132 17.95 12.03 -5.59
CA LEU A 132 17.83 10.86 -4.71
C LEU A 132 18.09 9.55 -5.49
N ASN A 133 17.91 9.54 -6.81
CA ASN A 133 18.19 8.36 -7.64
C ASN A 133 19.68 8.36 -8.04
N ASN A 134 20.25 9.51 -8.44
CA ASN A 134 21.60 9.64 -8.99
C ASN A 134 22.29 10.90 -8.42
N PRO A 135 23.49 10.79 -7.81
CA PRO A 135 24.20 11.96 -7.26
C PRO A 135 24.83 12.84 -8.37
N PRO A 136 25.19 14.11 -8.06
CA PRO A 136 25.86 15.00 -9.04
C PRO A 136 27.34 14.61 -9.29
N MET A 137 27.97 13.89 -8.36
CA MET A 137 29.31 13.32 -8.48
C MET A 137 29.32 11.96 -7.77
N PRO A 138 29.22 10.82 -8.48
CA PRO A 138 29.37 9.47 -7.89
C PRO A 138 30.86 9.09 -7.73
N GLY A 139 31.11 7.84 -7.33
CA GLY A 139 32.45 7.26 -7.16
C GLY A 139 32.64 6.66 -5.77
N ALA A 140 31.65 5.87 -5.29
CA ALA A 140 31.66 5.22 -3.98
C ALA A 140 32.36 3.85 -4.11
N LEU A 141 33.69 3.89 -4.26
CA LEU A 141 34.59 2.73 -4.41
C LEU A 141 34.83 2.01 -3.06
N GLY A 142 33.76 1.47 -2.47
CA GLY A 142 33.75 0.68 -1.24
C GLY A 142 33.43 -0.77 -1.59
N ALA A 143 34.34 -1.68 -1.26
CA ALA A 143 34.35 -3.12 -1.53
C ALA A 143 34.84 -3.47 -2.95
N SER A 144 35.26 -4.72 -3.13
CA SER A 144 35.73 -5.30 -4.41
C SER A 144 35.30 -6.76 -4.59
N GLY A 145 34.28 -7.19 -3.83
CA GLY A 145 33.76 -8.56 -3.76
C GLY A 145 33.86 -9.08 -2.32
N SER A 146 34.99 -8.82 -1.66
CA SER A 146 35.27 -9.11 -0.24
C SER A 146 34.36 -8.22 0.63
N SER A 147 33.26 -8.80 1.12
CA SER A 147 32.16 -8.12 1.81
C SER A 147 31.38 -9.07 2.74
N GLY A 148 31.92 -10.27 2.98
CA GLY A 148 31.28 -11.42 3.64
C GLY A 148 31.19 -12.61 2.67
N HIS A 149 31.02 -12.31 1.38
CA HIS A 149 30.97 -13.19 0.21
C HIS A 149 29.55 -13.77 0.01
N GLU A 150 29.42 -14.96 -0.57
CA GLU A 150 28.18 -15.68 -0.80
C GLU A 150 27.70 -16.29 0.53
N LEU A 151 26.64 -15.71 1.11
CA LEU A 151 26.00 -16.02 2.39
C LEU A 151 26.81 -15.48 3.59
N SER A 152 26.23 -15.58 4.79
CA SER A 152 26.87 -15.22 6.06
C SER A 152 27.92 -16.29 6.42
N ALA A 153 29.09 -15.86 6.89
CA ALA A 153 30.24 -16.69 7.25
C ALA A 153 31.07 -15.99 8.33
N LEU A 154 31.94 -16.77 9.00
CA LEU A 154 32.89 -16.30 10.00
C LEU A 154 34.15 -15.75 9.30
N GLY A 155 34.95 -14.95 10.01
CA GLY A 155 36.14 -14.28 9.50
C GLY A 155 37.45 -14.83 10.09
N GLY A 156 37.37 -15.84 10.96
CA GLY A 156 38.49 -16.55 11.56
C GLY A 156 38.47 -16.38 13.08
N GLU A 157 37.97 -17.39 13.80
CA GLU A 157 37.95 -17.44 15.27
C GLU A 157 39.24 -18.08 15.83
N GLY A 158 40.00 -18.77 14.97
CA GLY A 158 41.31 -19.36 15.24
C GLY A 158 42.32 -18.77 14.25
N GLY A 159 43.58 -18.62 14.68
CA GLY A 159 44.67 -18.04 13.89
C GLY A 159 45.11 -16.67 14.42
N LEU A 160 44.45 -16.16 15.46
CA LEU A 160 44.69 -14.86 16.10
C LEU A 160 45.94 -14.95 16.99
N GLN A 161 46.72 -13.88 17.06
CA GLN A 161 47.95 -13.76 17.83
C GLN A 161 47.61 -13.34 19.28
N SER A 162 46.98 -14.24 20.03
CA SER A 162 46.61 -14.09 21.43
C SER A 162 46.63 -15.45 22.15
N LEU A 163 46.57 -15.42 23.49
CA LEU A 163 46.50 -16.60 24.36
C LEU A 163 45.04 -17.02 24.64
N LEU A 164 44.06 -16.36 24.03
CA LEU A 164 42.62 -16.60 24.17
C LEU A 164 42.23 -17.90 23.43
N GLY A 165 41.37 -18.71 24.06
CA GLY A 165 40.78 -19.93 23.51
C GLY A 165 39.26 -19.79 23.48
N ASN A 166 38.53 -20.77 24.02
CA ASN A 166 37.07 -20.78 24.16
C ASN A 166 36.56 -19.87 25.30
N MET A 167 37.48 -19.42 26.18
CA MET A 167 37.31 -18.44 27.26
C MET A 167 36.88 -19.07 28.60
N SER A 168 36.74 -20.39 28.64
CA SER A 168 36.45 -21.28 29.78
C SER A 168 34.94 -21.45 30.03
N HIS A 169 34.56 -22.57 30.67
CA HIS A 169 33.20 -22.86 31.11
C HIS A 169 33.01 -22.38 32.56
N SER A 170 31.78 -22.03 32.92
CA SER A 170 31.36 -21.68 34.28
C SER A 170 31.06 -22.96 35.10
N GLN A 171 30.99 -22.83 36.43
CA GLN A 171 30.65 -23.90 37.37
C GLN A 171 29.14 -24.17 37.31
N LEU A 172 28.76 -25.45 37.33
CA LEU A 172 27.37 -25.92 37.26
C LEU A 172 26.74 -25.81 38.67
N MET A 173 26.29 -24.60 39.00
CA MET A 173 25.64 -24.22 40.26
C MET A 173 24.17 -23.79 40.00
N GLN A 174 23.66 -24.08 38.79
CA GLN A 174 22.37 -23.69 38.22
C GLN A 174 22.46 -22.26 37.67
N LEU A 175 21.51 -21.39 38.00
CA LEU A 175 21.51 -19.96 37.63
C LEU A 175 22.40 -19.20 38.61
N ILE A 176 23.23 -18.28 38.09
CA ILE A 176 24.25 -17.53 38.83
C ILE A 176 24.17 -16.01 38.56
N GLY A 177 23.00 -15.53 38.12
CA GLY A 177 22.66 -14.11 38.00
C GLY A 177 21.44 -13.82 38.89
N PRO A 178 21.61 -13.22 40.09
CA PRO A 178 20.53 -12.94 41.05
C PRO A 178 19.32 -12.17 40.47
N ALA A 179 19.59 -11.12 39.69
CA ALA A 179 18.62 -10.29 38.96
C ALA A 179 19.39 -9.52 37.86
N GLY A 180 20.51 -8.93 38.25
CA GLY A 180 21.54 -8.35 37.39
C GLY A 180 22.87 -9.07 37.63
N LEU A 181 23.87 -8.79 36.80
CA LEU A 181 25.20 -9.40 36.83
C LEU A 181 26.07 -8.64 37.85
N GLY A 182 25.74 -8.78 39.14
CA GLY A 182 26.39 -8.10 40.26
C GLY A 182 27.16 -9.05 41.19
N GLY A 183 26.75 -10.33 41.25
CA GLY A 183 27.41 -11.39 42.01
C GLY A 183 26.53 -11.91 43.15
N LEU A 184 26.77 -13.15 43.58
CA LEU A 184 26.14 -13.80 44.73
C LEU A 184 26.87 -13.35 46.01
N GLY A 185 26.11 -13.17 47.10
CA GLY A 185 26.58 -12.65 48.38
C GLY A 185 25.85 -11.34 48.64
N GLY A 186 26.58 -10.23 48.68
CA GLY A 186 26.07 -8.87 48.75
C GLY A 186 26.48 -8.12 47.48
N LEU A 187 25.63 -7.20 47.03
CA LEU A 187 25.79 -6.45 45.77
C LEU A 187 26.79 -5.27 45.90
N GLY A 188 27.13 -4.88 47.14
CA GLY A 188 28.17 -3.90 47.46
C GLY A 188 27.65 -2.63 48.14
N ALA A 189 26.33 -2.52 48.33
CA ALA A 189 25.59 -1.40 48.93
C ALA A 189 25.40 -0.26 47.91
N LEU A 190 25.59 0.99 48.32
CA LEU A 190 25.45 2.20 47.51
C LEU A 190 26.51 3.20 47.95
N THR A 191 27.52 3.44 47.10
CA THR A 191 28.64 4.36 47.33
C THR A 191 28.73 5.39 46.17
N GLY A 192 28.02 5.16 45.06
CA GLY A 192 27.88 6.05 43.91
C GLY A 192 26.39 6.24 43.55
N PRO A 193 26.07 6.70 42.31
CA PRO A 193 24.72 6.73 41.74
C PRO A 193 23.93 5.41 41.84
N GLY A 194 22.60 5.46 41.79
CA GLY A 194 21.70 4.34 42.01
C GLY A 194 21.05 3.86 40.71
N LEU A 195 20.53 2.63 40.73
CA LEU A 195 20.02 1.87 39.58
C LEU A 195 18.55 2.24 39.28
N ALA A 196 18.26 3.54 39.16
CA ALA A 196 16.98 4.12 38.78
C ALA A 196 17.23 5.44 38.03
N SER A 197 16.47 5.68 36.96
CA SER A 197 16.43 6.93 36.20
C SER A 197 15.12 6.96 35.41
N LEU A 198 15.05 6.16 34.33
CA LEU A 198 13.87 6.00 33.48
C LEU A 198 13.12 4.71 33.80
N LEU A 199 13.85 3.65 34.18
CA LEU A 199 13.34 2.34 34.57
C LEU A 199 13.45 2.19 36.12
N GLY A 200 13.03 1.04 36.63
CA GLY A 200 12.81 0.75 38.05
C GLY A 200 11.48 0.00 38.17
N SER A 201 10.68 0.33 39.20
CA SER A 201 9.36 -0.26 39.48
C SER A 201 8.35 0.04 38.36
N SER A 202 7.77 -1.01 37.77
CA SER A 202 6.86 -0.95 36.62
C SER A 202 5.40 -0.67 37.00
N GLY A 203 5.06 -0.73 38.30
CA GLY A 203 3.75 -0.41 38.86
C GLY A 203 3.87 0.81 39.79
N PRO A 204 3.02 1.86 39.66
CA PRO A 204 3.00 3.04 40.55
C PRO A 204 2.90 2.70 42.05
N PRO A 205 3.48 3.52 42.96
CA PRO A 205 3.49 3.27 44.42
C PRO A 205 2.14 3.61 45.13
N GLY A 206 0.99 3.36 44.49
CA GLY A 206 -0.35 3.54 45.06
C GLY A 206 -1.12 4.70 44.42
N SER A 207 -0.65 5.22 43.28
CA SER A 207 -1.17 6.40 42.57
C SER A 207 -2.52 6.10 41.86
N SER A 208 -3.59 5.93 42.64
CA SER A 208 -4.98 5.79 42.22
C SER A 208 -5.90 6.36 43.31
N SER A 209 -7.20 6.46 43.03
CA SER A 209 -8.26 6.89 43.94
C SER A 209 -9.61 6.21 43.64
N SER A 210 -9.63 5.14 42.82
CA SER A 210 -10.81 4.39 42.43
C SER A 210 -10.46 2.93 42.15
N SER A 211 -11.43 2.01 42.33
CA SER A 211 -11.35 0.59 42.04
C SER A 211 -12.79 0.07 41.84
N SER A 212 -12.94 -1.12 41.27
CA SER A 212 -14.21 -1.82 41.04
C SER A 212 -13.99 -3.34 41.17
N SER A 213 -14.04 -4.06 40.05
CA SER A 213 -13.72 -5.49 39.87
C SER A 213 -14.85 -6.44 40.32
N ARG A 214 -16.06 -5.92 40.55
CA ARG A 214 -17.24 -6.67 40.97
C ARG A 214 -18.00 -7.20 39.73
N SER A 215 -18.65 -8.35 39.89
CA SER A 215 -19.48 -9.01 38.89
C SER A 215 -20.86 -8.32 38.76
N GLN A 216 -21.53 -8.52 37.62
CA GLN A 216 -22.87 -8.02 37.32
C GLN A 216 -23.93 -8.82 38.12
N SER A 217 -25.06 -8.17 38.44
CA SER A 217 -26.24 -8.72 39.10
C SER A 217 -27.06 -9.64 38.17
N ALA A 218 -28.12 -10.27 38.71
CA ALA A 218 -29.04 -11.15 38.00
C ALA A 218 -29.85 -10.43 36.91
N ALA A 219 -30.25 -11.17 35.87
CA ALA A 219 -30.94 -10.68 34.68
C ALA A 219 -32.37 -10.23 34.99
N VAL A 220 -32.80 -9.15 34.32
CA VAL A 220 -34.11 -8.52 34.37
C VAL A 220 -34.33 -7.80 33.04
N THR A 221 -35.58 -7.46 32.69
CA THR A 221 -35.98 -6.77 31.48
C THR A 221 -36.65 -5.42 31.85
N PRO A 222 -35.90 -4.29 31.92
CA PRO A 222 -36.46 -2.93 32.12
C PRO A 222 -37.53 -2.53 31.09
N SER A 223 -38.39 -1.58 31.47
CA SER A 223 -39.45 -0.99 30.64
C SER A 223 -38.83 0.12 29.74
N SER A 224 -38.03 -0.29 28.75
CA SER A 224 -37.37 0.56 27.77
C SER A 224 -38.37 1.12 26.73
N THR A 225 -38.04 2.26 26.14
CA THR A 225 -38.82 2.96 25.11
C THR A 225 -38.53 2.38 23.71
N THR A 226 -39.46 2.57 22.76
CA THR A 226 -39.30 2.37 21.32
C THR A 226 -39.46 0.88 20.90
N SER A 227 -40.03 0.04 21.79
CA SER A 227 -40.35 -1.36 21.57
C SER A 227 -41.60 -1.48 20.68
N SER A 228 -41.49 -2.19 19.55
CA SER A 228 -42.55 -2.35 18.55
C SER A 228 -42.43 -3.73 17.88
N THR A 229 -43.48 -4.54 18.00
CA THR A 229 -43.69 -5.80 17.29
C THR A 229 -45.21 -6.00 17.02
N ARG A 230 -45.96 -4.90 17.00
CA ARG A 230 -47.41 -4.81 16.77
C ARG A 230 -47.69 -4.46 15.30
N ALA A 231 -48.93 -4.69 14.86
CA ALA A 231 -49.40 -4.42 13.50
C ALA A 231 -49.57 -2.91 13.24
N THR A 232 -49.35 -2.49 11.99
CA THR A 232 -49.49 -1.12 11.50
C THR A 232 -49.83 -1.14 10.00
N PRO A 233 -50.59 -0.16 9.46
CA PRO A 233 -50.70 0.09 8.01
C PRO A 233 -49.31 0.32 7.34
N ALA A 234 -49.18 -0.11 6.09
CA ALA A 234 -48.03 0.08 5.19
C ALA A 234 -46.71 -0.48 5.78
N PRO A 235 -46.54 -1.81 5.95
CA PRO A 235 -45.34 -2.42 6.52
C PRO A 235 -44.11 -2.40 5.57
N SER A 236 -44.33 -2.21 4.26
CA SER A 236 -43.33 -1.99 3.24
C SER A 236 -43.96 -1.15 2.11
N ALA A 237 -43.12 -0.56 1.24
CA ALA A 237 -43.52 0.23 0.08
C ALA A 237 -42.51 -0.01 -1.06
N PRO A 238 -42.82 -0.86 -2.07
CA PRO A 238 -41.89 -1.14 -3.18
C PRO A 238 -41.90 -0.03 -4.24
N ALA A 239 -40.94 -0.08 -5.17
CA ALA A 239 -40.81 0.78 -6.34
C ALA A 239 -40.19 -0.04 -7.48
N ALA A 240 -40.51 0.32 -8.72
CA ALA A 240 -40.00 -0.32 -9.95
C ALA A 240 -38.65 0.32 -10.33
N ALA A 241 -38.69 1.44 -11.06
CA ALA A 241 -37.53 2.20 -11.54
C ALA A 241 -37.80 3.70 -11.63
N SER A 242 -39.04 4.14 -11.37
CA SER A 242 -39.54 5.50 -11.54
C SER A 242 -39.09 6.42 -10.38
N ALA A 243 -39.43 6.05 -9.14
CA ALA A 243 -39.21 6.84 -7.92
C ALA A 243 -37.83 6.60 -7.29
N THR A 244 -37.03 5.67 -7.83
CA THR A 244 -35.78 5.16 -7.27
C THR A 244 -34.61 6.19 -7.22
N SER A 245 -34.77 7.35 -7.86
CA SER A 245 -33.85 8.49 -7.82
C SER A 245 -34.67 9.81 -7.94
N PRO A 246 -35.19 10.38 -6.83
CA PRO A 246 -35.99 11.62 -6.83
C PRO A 246 -35.32 12.83 -7.52
N SER A 247 -34.00 12.99 -7.31
CA SER A 247 -33.12 14.01 -7.90
C SER A 247 -33.35 15.39 -7.24
N PRO A 248 -32.97 15.58 -5.94
CA PRO A 248 -33.23 16.84 -5.22
C PRO A 248 -32.25 17.97 -5.61
N ALA A 249 -30.99 17.63 -5.94
CA ALA A 249 -29.97 18.56 -6.42
C ALA A 249 -30.09 18.71 -7.95
N PRO A 250 -29.86 19.92 -8.52
CA PRO A 250 -29.89 20.13 -9.98
C PRO A 250 -28.62 19.61 -10.68
N SER A 251 -27.48 19.66 -9.99
CA SER A 251 -26.17 19.18 -10.41
C SER A 251 -26.02 17.67 -10.13
N SER A 252 -25.14 17.00 -10.88
CA SER A 252 -24.81 15.59 -10.74
C SER A 252 -23.80 15.44 -9.58
N GLY A 253 -24.27 14.96 -8.43
CA GLY A 253 -23.50 14.78 -7.19
C GLY A 253 -23.53 13.34 -6.68
N ASN A 254 -23.83 12.37 -7.55
CA ASN A 254 -24.04 10.95 -7.22
C ASN A 254 -22.74 10.25 -6.75
N GLY A 255 -21.59 10.60 -7.36
CA GLY A 255 -20.27 10.11 -6.98
C GLY A 255 -19.66 9.14 -8.01
N ALA A 256 -20.26 9.03 -9.20
CA ALA A 256 -19.87 8.16 -10.32
C ALA A 256 -18.40 8.34 -10.71
N SER A 257 -17.59 7.31 -10.48
CA SER A 257 -16.13 7.31 -10.62
C SER A 257 -15.71 6.27 -11.65
N THR A 258 -14.85 6.66 -12.60
CA THR A 258 -14.20 5.80 -13.59
C THR A 258 -12.99 5.12 -12.91
N ALA A 259 -12.63 3.91 -13.35
CA ALA A 259 -11.49 3.09 -12.90
C ALA A 259 -11.78 2.39 -11.56
N ALA A 260 -13.03 1.94 -11.37
CA ALA A 260 -13.55 1.34 -10.14
C ALA A 260 -13.17 -0.15 -9.97
N SER A 261 -12.56 -0.76 -11.00
CA SER A 261 -12.06 -2.14 -10.97
C SER A 261 -10.68 -2.18 -10.25
N PRO A 262 -10.36 -3.20 -9.44
CA PRO A 262 -9.05 -3.41 -8.79
C PRO A 262 -7.83 -3.32 -9.74
N THR A 263 -6.73 -2.79 -9.24
CA THR A 263 -5.43 -2.72 -9.90
C THR A 263 -4.71 -4.09 -9.80
N GLN A 264 -3.80 -4.39 -10.74
CA GLN A 264 -3.02 -5.63 -10.79
C GLN A 264 -1.88 -5.56 -9.74
N PRO A 265 -1.66 -6.61 -8.92
CA PRO A 265 -0.56 -6.65 -7.96
C PRO A 265 0.76 -6.95 -8.69
N ILE A 266 1.59 -5.92 -8.89
CA ILE A 266 2.91 -6.01 -9.52
C ILE A 266 3.88 -6.68 -8.52
N GLN A 267 3.87 -6.18 -7.28
CA GLN A 267 4.55 -6.72 -6.09
C GLN A 267 3.72 -6.47 -4.82
N LEU A 268 2.50 -5.92 -4.99
CA LEU A 268 1.60 -5.43 -3.94
C LEU A 268 0.71 -6.60 -3.46
N SER A 269 1.36 -7.62 -2.91
CA SER A 269 0.75 -8.82 -2.34
C SER A 269 1.58 -9.28 -1.15
N ASP A 270 2.77 -9.80 -1.44
CA ASP A 270 3.65 -10.51 -0.52
C ASP A 270 4.46 -9.50 0.29
N LEU A 271 5.15 -8.56 -0.38
CA LEU A 271 6.08 -7.60 0.23
C LEU A 271 5.41 -6.70 1.28
N GLN A 272 4.19 -6.23 0.98
CA GLN A 272 3.36 -5.42 1.87
C GLN A 272 2.86 -6.20 3.11
N SER A 273 2.81 -7.54 3.04
CA SER A 273 2.48 -8.40 4.18
C SER A 273 3.77 -8.70 4.97
N ILE A 274 4.89 -8.98 4.29
CA ILE A 274 6.21 -9.25 4.87
C ILE A 274 6.70 -8.09 5.76
N LEU A 275 6.59 -6.82 5.31
CA LEU A 275 6.98 -5.65 6.10
C LEU A 275 6.05 -5.41 7.31
N ALA A 276 4.76 -5.79 7.21
CA ALA A 276 3.77 -5.59 8.26
C ALA A 276 3.89 -6.66 9.36
N THR A 277 4.35 -7.87 9.01
CA THR A 277 4.59 -9.00 9.91
C THR A 277 5.69 -8.70 10.96
N MET A 278 6.52 -7.66 10.73
CA MET A 278 7.63 -7.27 11.61
C MET A 278 7.14 -6.49 12.84
N ASN A 279 5.98 -5.83 12.81
CA ASN A 279 5.52 -4.92 13.86
C ASN A 279 4.00 -4.83 14.08
N VAL A 280 3.17 -5.30 13.13
CA VAL A 280 1.69 -5.27 13.15
C VAL A 280 1.17 -3.80 13.05
N PRO A 281 1.41 -3.08 11.93
CA PRO A 281 0.90 -1.70 11.75
C PRO A 281 -0.60 -1.69 11.39
N ALA A 282 -1.02 -2.58 10.48
CA ALA A 282 -2.35 -2.63 9.87
C ALA A 282 -2.70 -4.07 9.49
N GLY A 283 -2.80 -4.95 10.49
CA GLY A 283 -3.15 -6.36 10.35
C GLY A 283 -2.06 -7.27 10.95
N PRO A 284 -2.41 -8.41 11.59
CA PRO A 284 -1.47 -9.38 12.20
C PRO A 284 -0.28 -9.84 11.35
N ALA A 285 -0.47 -9.99 10.04
CA ALA A 285 0.56 -10.36 9.07
C ALA A 285 0.17 -9.83 7.68
N GLY A 286 -1.07 -10.12 7.27
CA GLY A 286 -1.71 -9.59 6.08
C GLY A 286 -2.93 -8.74 6.48
N GLY A 287 -3.58 -8.13 5.49
CA GLY A 287 -4.75 -7.28 5.65
C GLY A 287 -5.97 -7.89 4.96
N GLN A 288 -7.17 -7.51 5.40
CA GLN A 288 -8.46 -7.98 4.89
C GLN A 288 -9.50 -6.85 4.84
N GLN A 289 -9.44 -5.91 5.79
CA GLN A 289 -10.27 -4.71 5.87
C GLN A 289 -9.37 -3.50 6.13
N VAL A 290 -9.57 -2.80 7.26
CA VAL A 290 -8.85 -1.59 7.69
C VAL A 290 -9.33 -0.35 6.88
N ASP A 291 -10.51 -0.46 6.25
CA ASP A 291 -11.19 0.54 5.44
C ASP A 291 -12.71 0.45 5.66
N LEU A 292 -13.26 -0.77 5.61
CA LEU A 292 -14.68 -1.08 5.88
C LEU A 292 -15.09 -0.82 7.35
N ALA A 293 -14.13 -0.52 8.25
CA ALA A 293 -14.36 0.02 9.58
C ALA A 293 -14.92 1.46 9.54
N SER A 294 -14.81 2.16 8.40
CA SER A 294 -15.42 3.46 8.13
C SER A 294 -16.86 3.30 7.58
N VAL A 295 -17.30 2.07 7.24
CA VAL A 295 -18.66 1.73 6.84
C VAL A 295 -19.36 1.17 8.10
N LEU A 296 -18.75 0.14 8.71
CA LEU A 296 -19.20 -0.53 9.92
C LEU A 296 -18.52 0.18 11.11
N THR A 297 -18.94 1.41 11.41
CA THR A 297 -18.39 2.26 12.46
C THR A 297 -18.84 1.80 13.86
N PRO A 298 -18.18 2.23 14.97
CA PRO A 298 -18.45 1.77 16.34
C PRO A 298 -19.92 1.78 16.81
N GLU A 299 -20.76 2.69 16.31
CA GLU A 299 -22.18 2.79 16.63
C GLU A 299 -22.99 1.56 16.17
N ILE A 300 -22.53 0.86 15.13
CA ILE A 300 -23.09 -0.40 14.63
C ILE A 300 -22.38 -1.55 15.36
N MET A 301 -21.04 -1.52 15.45
CA MET A 301 -20.23 -2.67 15.82
C MET A 301 -20.07 -2.87 17.33
N ALA A 302 -20.06 -1.81 18.16
CA ALA A 302 -19.91 -1.88 19.62
C ALA A 302 -20.80 -2.89 20.37
N PRO A 303 -22.15 -2.95 20.13
CA PRO A 303 -23.00 -3.99 20.72
C PRO A 303 -22.82 -5.41 20.13
N ILE A 304 -22.22 -5.54 18.94
CA ILE A 304 -21.88 -6.83 18.32
C ILE A 304 -20.60 -7.36 18.99
N LEU A 305 -19.58 -6.50 19.12
CA LEU A 305 -18.28 -6.77 19.74
C LEU A 305 -18.39 -7.00 21.27
N ALA A 306 -19.47 -6.53 21.90
CA ALA A 306 -19.78 -6.72 23.32
C ALA A 306 -20.41 -8.10 23.61
N ASN A 307 -20.71 -8.92 22.59
CA ASN A 307 -21.26 -10.26 22.73
C ASN A 307 -20.11 -11.25 22.98
N ALA A 308 -20.31 -12.17 23.93
CA ALA A 308 -19.34 -13.17 24.37
C ALA A 308 -18.98 -14.18 23.27
N ASP A 309 -19.91 -14.58 22.41
CA ASP A 309 -19.69 -15.57 21.35
C ASP A 309 -18.88 -14.98 20.19
N VAL A 310 -18.91 -13.66 20.00
CA VAL A 310 -18.05 -12.93 19.07
C VAL A 310 -16.64 -12.80 19.69
N GLN A 311 -16.54 -12.51 20.99
CA GLN A 311 -15.28 -12.46 21.74
C GLN A 311 -14.55 -13.82 21.76
N GLU A 312 -15.29 -14.94 21.80
CA GLU A 312 -14.79 -16.31 21.63
C GLU A 312 -14.35 -16.64 20.17
N ARG A 313 -14.37 -15.69 19.24
CA ARG A 313 -13.65 -15.74 17.97
C ARG A 313 -12.52 -14.71 18.00
N LEU A 314 -12.78 -13.46 18.42
CA LEU A 314 -11.81 -12.37 18.44
C LEU A 314 -10.62 -12.63 19.40
N LEU A 315 -10.87 -12.93 20.68
CA LEU A 315 -9.85 -13.18 21.71
C LEU A 315 -8.81 -14.27 21.36
N PRO A 316 -9.17 -15.50 20.91
CA PRO A 316 -8.18 -16.48 20.44
C PRO A 316 -7.50 -16.13 19.10
N TYR A 317 -8.03 -15.20 18.30
CA TYR A 317 -7.45 -14.75 17.04
C TYR A 317 -6.61 -13.47 17.21
N LEU A 318 -6.37 -12.99 18.44
CA LEU A 318 -5.48 -11.86 18.74
C LEU A 318 -4.00 -12.24 18.45
N PRO A 319 -3.15 -11.30 17.98
CA PRO A 319 -1.68 -11.47 17.86
C PRO A 319 -0.97 -11.94 19.16
N SER A 320 -1.51 -11.59 20.33
CA SER A 320 -1.12 -11.90 21.71
C SER A 320 -0.22 -10.81 22.32
N GLY A 321 -0.36 -10.56 23.63
CA GLY A 321 0.43 -9.59 24.39
C GLY A 321 -0.39 -8.37 24.84
N GLU A 322 -1.67 -8.30 24.44
CA GLU A 322 -2.62 -7.21 24.70
C GLU A 322 -4.01 -7.79 24.92
N SER A 323 -4.87 -7.02 25.61
CA SER A 323 -6.28 -7.29 25.87
C SER A 323 -7.11 -6.13 25.29
N LEU A 324 -8.45 -6.27 25.28
CA LEU A 324 -9.39 -5.27 24.78
C LEU A 324 -10.66 -5.18 25.66
N PRO A 325 -11.38 -4.03 25.65
CA PRO A 325 -12.74 -3.85 26.22
C PRO A 325 -13.76 -4.92 25.81
N GLN A 326 -14.87 -5.04 26.57
CA GLN A 326 -15.84 -6.13 26.43
C GLN A 326 -17.31 -5.72 26.56
N THR A 327 -17.61 -4.44 26.80
CA THR A 327 -18.96 -3.90 26.89
C THR A 327 -19.09 -2.67 25.97
N ALA A 328 -20.30 -2.46 25.40
CA ALA A 328 -20.54 -1.57 24.26
C ALA A 328 -20.24 -0.09 24.56
N ASP A 329 -20.50 0.36 25.79
CA ASP A 329 -20.24 1.72 26.25
C ASP A 329 -18.73 1.98 26.51
N GLU A 330 -17.87 0.96 26.46
CA GLU A 330 -16.42 1.11 26.37
C GLU A 330 -16.05 1.22 24.88
N ILE A 331 -16.47 0.24 24.05
CA ILE A 331 -16.06 0.05 22.66
C ILE A 331 -16.53 1.21 21.75
N GLN A 332 -17.70 1.80 22.02
CA GLN A 332 -18.27 2.90 21.23
C GLN A 332 -17.59 4.25 21.53
N ASN A 333 -16.80 4.34 22.62
CA ASN A 333 -16.32 5.61 23.19
C ASN A 333 -14.79 5.68 23.37
N THR A 334 -14.15 4.60 23.83
CA THR A 334 -12.83 4.63 24.44
C THR A 334 -11.83 3.81 23.59
N LEU A 335 -11.52 4.31 22.38
CA LEU A 335 -10.44 3.83 21.51
C LEU A 335 -9.97 4.97 20.58
N THR A 336 -8.73 4.87 20.08
CA THR A 336 -8.18 5.74 19.05
C THR A 336 -8.51 5.10 17.69
N SER A 337 -7.83 4.00 17.31
CA SER A 337 -8.17 3.14 16.17
C SER A 337 -7.73 1.66 16.33
N PRO A 338 -6.49 1.32 16.74
CA PRO A 338 -5.92 -0.05 16.71
C PRO A 338 -6.81 -1.19 17.22
N GLN A 339 -7.44 -1.00 18.40
CA GLN A 339 -8.33 -1.96 19.05
C GLN A 339 -9.58 -2.27 18.20
N PHE A 340 -10.09 -1.28 17.46
CA PHE A 340 -11.22 -1.45 16.56
C PHE A 340 -10.74 -2.02 15.22
N GLN A 341 -9.62 -1.52 14.70
CA GLN A 341 -9.06 -1.89 13.40
C GLN A 341 -8.57 -3.36 13.37
N GLN A 342 -8.02 -3.88 14.48
CA GLN A 342 -7.71 -5.31 14.64
C GLN A 342 -9.00 -6.13 14.80
N ALA A 343 -9.96 -5.67 15.62
CA ALA A 343 -11.23 -6.35 15.90
C ALA A 343 -12.07 -6.55 14.63
N LEU A 344 -12.17 -5.53 13.78
CA LEU A 344 -12.81 -5.57 12.47
C LEU A 344 -12.07 -6.46 11.45
N GLY A 345 -10.86 -6.96 11.75
CA GLY A 345 -10.10 -7.87 10.91
C GLY A 345 -10.20 -9.31 11.43
N MET A 346 -10.15 -9.49 12.76
CA MET A 346 -10.44 -10.74 13.47
C MET A 346 -11.91 -11.18 13.27
N PHE A 347 -12.84 -10.20 13.22
CA PHE A 347 -14.25 -10.35 12.85
C PHE A 347 -14.37 -10.85 11.40
N SER A 348 -13.61 -10.24 10.47
CA SER A 348 -13.63 -10.54 9.04
C SER A 348 -13.13 -11.98 8.76
N ALA A 349 -12.15 -12.47 9.53
CA ALA A 349 -11.63 -13.83 9.45
C ALA A 349 -12.69 -14.90 9.79
N ALA A 350 -13.56 -14.62 10.77
CA ALA A 350 -14.68 -15.48 11.14
C ALA A 350 -15.86 -15.33 10.16
N LEU A 351 -16.09 -14.11 9.65
CA LEU A 351 -17.13 -13.77 8.68
C LEU A 351 -16.85 -14.46 7.33
N ALA A 352 -15.61 -14.41 6.85
CA ALA A 352 -15.18 -14.90 5.53
C ALA A 352 -15.26 -16.43 5.41
N SER A 353 -14.98 -17.16 6.49
CA SER A 353 -15.08 -18.62 6.57
C SER A 353 -16.56 -19.08 6.72
N GLY A 354 -17.43 -18.24 7.30
CA GLY A 354 -18.87 -18.46 7.37
C GLY A 354 -19.36 -18.80 8.79
N GLN A 355 -18.41 -19.03 9.72
CA GLN A 355 -18.64 -19.51 11.09
C GLN A 355 -19.29 -18.46 12.01
N LEU A 356 -19.16 -17.17 11.66
CA LEU A 356 -19.77 -16.07 12.41
C LEU A 356 -21.27 -15.94 12.05
N GLY A 357 -21.64 -16.33 10.82
CA GLY A 357 -22.97 -16.57 10.26
C GLY A 357 -24.14 -16.71 11.25
N PRO A 358 -24.23 -17.85 11.98
CA PRO A 358 -25.23 -18.10 13.04
C PRO A 358 -25.41 -16.99 14.11
N LEU A 359 -24.37 -16.22 14.44
CA LEU A 359 -24.45 -15.12 15.40
C LEU A 359 -25.09 -13.89 14.71
N MET A 360 -24.71 -13.62 13.44
CA MET A 360 -25.24 -12.52 12.64
C MET A 360 -26.76 -12.66 12.38
N CYS A 361 -27.27 -13.89 12.38
CA CYS A 361 -28.70 -14.22 12.33
C CYS A 361 -29.46 -13.77 13.59
N GLN A 362 -28.79 -13.69 14.76
CA GLN A 362 -29.43 -13.51 16.06
C GLN A 362 -29.54 -12.01 16.42
N PHE A 363 -28.63 -11.16 15.91
CA PHE A 363 -28.57 -9.74 16.25
C PHE A 363 -29.67 -8.91 15.57
N GLY A 364 -30.15 -9.33 14.40
CA GLY A 364 -31.29 -8.70 13.71
C GLY A 364 -30.85 -7.86 12.50
N LEU A 365 -29.68 -8.16 11.92
CA LEU A 365 -29.09 -7.48 10.76
C LEU A 365 -29.93 -7.71 9.47
N PRO A 366 -29.77 -6.85 8.42
CA PRO A 366 -30.42 -7.01 7.10
C PRO A 366 -30.26 -8.43 6.50
N ALA A 367 -31.31 -8.95 5.85
CA ALA A 367 -31.36 -10.32 5.30
C ALA A 367 -30.24 -10.64 4.31
N GLU A 368 -29.84 -9.65 3.51
CA GLU A 368 -28.72 -9.71 2.56
C GLU A 368 -27.37 -9.84 3.29
N ALA A 369 -27.20 -9.16 4.43
CA ALA A 369 -26.00 -9.22 5.27
C ALA A 369 -25.95 -10.55 6.03
N VAL A 370 -27.08 -11.02 6.55
CA VAL A 370 -27.22 -12.33 7.21
C VAL A 370 -26.89 -13.49 6.24
N GLU A 371 -27.35 -13.40 4.98
CA GLU A 371 -26.99 -14.33 3.90
C GLU A 371 -25.48 -14.29 3.61
N ALA A 372 -24.93 -13.08 3.41
CA ALA A 372 -23.53 -12.82 3.12
C ALA A 372 -22.57 -13.31 4.21
N ALA A 373 -22.96 -13.16 5.49
CA ALA A 373 -22.19 -13.60 6.67
C ALA A 373 -22.10 -15.12 6.80
N ASN A 374 -23.10 -15.85 6.29
CA ASN A 374 -23.14 -17.32 6.30
C ASN A 374 -22.42 -17.89 5.07
N LYS A 375 -22.55 -17.24 3.90
CA LYS A 375 -21.91 -17.64 2.65
C LYS A 375 -20.42 -17.25 2.59
N GLY A 376 -20.03 -16.12 3.21
CA GLY A 376 -18.63 -15.70 3.37
C GLY A 376 -18.28 -14.44 2.58
N ASP A 377 -19.27 -13.70 2.08
CA ASP A 377 -19.09 -12.53 1.21
C ASP A 377 -18.95 -11.28 2.07
N VAL A 378 -17.69 -10.98 2.45
CA VAL A 378 -17.28 -9.85 3.29
C VAL A 378 -17.71 -8.49 2.69
N GLU A 379 -17.60 -8.34 1.36
CA GLU A 379 -18.00 -7.15 0.62
C GLU A 379 -19.51 -6.91 0.74
N ALA A 380 -20.33 -7.95 0.48
CA ALA A 380 -21.78 -7.87 0.45
C ALA A 380 -22.38 -7.58 1.84
N PHE A 381 -21.73 -8.05 2.90
CA PHE A 381 -22.04 -7.74 4.29
C PHE A 381 -21.90 -6.23 4.58
N ALA A 382 -20.75 -5.64 4.21
CA ALA A 382 -20.47 -4.22 4.42
C ALA A 382 -21.30 -3.33 3.46
N LYS A 383 -21.41 -3.73 2.19
CA LYS A 383 -22.13 -3.01 1.13
C LYS A 383 -23.63 -2.86 1.43
N ALA A 384 -24.27 -3.86 2.07
CA ALA A 384 -25.66 -3.80 2.52
C ALA A 384 -25.89 -2.67 3.54
N MET A 385 -24.95 -2.49 4.48
CA MET A 385 -25.00 -1.45 5.51
C MET A 385 -24.36 -0.13 5.05
N GLN A 386 -23.73 -0.08 3.86
CA GLN A 386 -23.34 1.16 3.18
C GLN A 386 -24.55 1.74 2.44
N ASN A 387 -25.38 0.87 1.83
CA ASN A 387 -26.66 1.25 1.22
C ASN A 387 -27.68 1.64 2.29
N ASN A 388 -27.87 0.81 3.31
CA ASN A 388 -28.73 1.06 4.48
C ASN A 388 -27.90 1.75 5.59
N ALA A 389 -27.10 2.76 5.22
CA ALA A 389 -26.37 3.63 6.15
C ALA A 389 -27.31 4.71 6.71
N LYS A 390 -28.24 5.18 5.89
CA LYS A 390 -29.40 5.99 6.28
C LYS A 390 -30.55 5.03 6.67
N PRO A 391 -31.52 5.47 7.52
CA PRO A 391 -32.65 4.64 7.94
C PRO A 391 -33.75 4.48 6.87
N GLU A 392 -33.77 5.36 5.84
CA GLU A 392 -34.62 5.33 4.64
C GLU A 392 -36.04 5.88 4.88
N GLN A 393 -36.31 6.39 6.10
CA GLN A 393 -37.62 6.81 6.58
C GLN A 393 -38.15 8.07 5.88
N LYS A 394 -37.26 8.92 5.34
CA LYS A 394 -37.58 10.14 4.59
C LYS A 394 -38.32 9.82 3.26
N GLU A 395 -38.12 8.61 2.72
CA GLU A 395 -38.77 8.12 1.50
C GLU A 395 -40.07 7.33 1.82
N GLY A 396 -40.38 7.11 3.11
CA GLY A 396 -41.54 6.34 3.58
C GLY A 396 -42.54 7.18 4.39
N ASP A 397 -42.13 8.35 4.87
CA ASP A 397 -42.93 9.32 5.62
C ASP A 397 -42.64 10.71 5.04
N THR A 398 -43.58 11.23 4.26
CA THR A 398 -43.56 12.53 3.58
C THR A 398 -45.01 12.96 3.32
N LYS A 399 -45.24 13.95 2.44
CA LYS A 399 -46.54 14.44 2.03
C LYS A 399 -46.55 14.77 0.53
N ASP A 400 -47.74 14.69 -0.09
CA ASP A 400 -48.00 14.93 -1.51
C ASP A 400 -48.25 16.43 -1.78
N LYS A 401 -48.17 16.82 -3.06
CA LYS A 401 -48.50 18.13 -3.59
C LYS A 401 -49.03 17.99 -5.02
N LYS A 402 -49.68 19.02 -5.55
CA LYS A 402 -50.15 19.09 -6.93
C LYS A 402 -48.95 19.44 -7.82
N ASP A 403 -48.43 18.45 -8.56
CA ASP A 403 -47.26 18.54 -9.42
C ASP A 403 -47.35 17.51 -10.56
N GLU A 404 -47.66 16.25 -10.21
CA GLU A 404 -47.96 15.16 -11.11
C GLU A 404 -49.06 14.28 -10.46
N GLU A 405 -50.02 13.83 -11.27
CA GLU A 405 -51.16 13.01 -10.86
C GLU A 405 -50.97 11.56 -11.35
N GLU A 406 -51.65 10.62 -10.70
CA GLU A 406 -51.73 9.19 -11.03
C GLU A 406 -53.22 8.82 -11.10
N ASP A 407 -53.98 9.54 -11.93
CA ASP A 407 -55.45 9.45 -12.07
C ASP A 407 -55.91 8.09 -12.64
N MET A 408 -55.00 7.33 -13.29
CA MET A 408 -55.25 5.99 -13.82
C MET A 408 -55.39 4.93 -12.70
N SER A 409 -54.86 5.20 -11.50
CA SER A 409 -54.96 4.33 -10.33
C SER A 409 -56.29 4.54 -9.58
N LEU A 410 -57.00 5.64 -9.86
CA LEU A 410 -58.33 6.02 -9.34
C LEU A 410 -58.28 6.52 -7.88
N ASP A 411 -59.43 6.92 -7.33
CA ASP A 411 -59.66 7.33 -5.95
C ASP A 411 -61.12 6.97 -5.63
N MET A 5 -0.10 42.14 -7.36
CA MET A 5 1.19 41.43 -7.34
C MET A 5 1.96 41.72 -8.65
N THR A 6 3.16 41.13 -8.79
CA THR A 6 4.17 41.34 -9.85
C THR A 6 3.68 41.35 -11.32
N THR A 7 2.54 40.70 -11.61
CA THR A 7 1.94 40.57 -12.93
C THR A 7 1.13 41.84 -13.30
N SER A 8 0.69 42.62 -12.30
CA SER A 8 -0.27 43.73 -12.44
C SER A 8 0.14 44.90 -11.53
N GLY A 9 1.41 45.31 -11.63
CA GLY A 9 2.05 46.32 -10.78
C GLY A 9 3.35 45.76 -10.18
N ALA A 10 3.99 46.53 -9.29
CA ALA A 10 5.22 46.17 -8.60
C ALA A 10 4.89 45.58 -7.22
N LEU A 11 5.75 44.68 -6.74
CA LEU A 11 5.79 44.15 -5.38
C LEU A 11 7.24 43.75 -5.08
N PHE A 12 7.71 44.00 -3.85
CA PHE A 12 9.04 43.67 -3.36
C PHE A 12 8.98 43.34 -1.86
N PRO A 13 9.05 42.06 -1.44
CA PRO A 13 9.20 41.67 -0.02
C PRO A 13 10.40 42.34 0.67
N SER A 14 10.21 42.81 1.91
CA SER A 14 11.23 43.48 2.72
C SER A 14 10.96 43.22 4.20
N LEU A 15 10.05 44.02 4.80
CA LEU A 15 9.60 43.99 6.18
C LEU A 15 10.69 44.57 7.11
N VAL A 16 11.18 45.77 6.75
CA VAL A 16 12.28 46.56 7.32
C VAL A 16 13.63 46.12 6.67
N PRO A 17 14.49 47.04 6.18
CA PRO A 17 15.83 46.75 5.64
C PRO A 17 16.74 45.86 6.54
N GLY A 18 17.60 45.08 5.92
CA GLY A 18 18.55 44.16 6.55
C GLY A 18 18.37 42.73 6.02
N SER A 19 19.03 41.77 6.70
CA SER A 19 19.07 40.33 6.43
C SER A 19 20.10 39.95 5.36
N ARG A 20 20.76 38.79 5.52
CA ARG A 20 21.74 38.21 4.60
C ARG A 20 21.74 36.67 4.73
N GLY A 21 22.32 35.99 3.74
CA GLY A 21 22.48 34.54 3.67
C GLY A 21 21.83 33.96 2.41
N ALA A 22 22.03 32.66 2.20
CA ALA A 22 21.51 31.84 1.11
C ALA A 22 21.41 30.38 1.61
N SER A 23 21.27 29.42 0.70
CA SER A 23 21.31 27.97 0.96
C SER A 23 22.69 27.56 1.53
N ASN A 24 22.68 26.86 2.67
CA ASN A 24 23.86 26.67 3.53
C ASN A 24 24.80 25.57 3.01
N LYS A 25 24.24 24.42 2.62
CA LYS A 25 24.97 23.21 2.22
C LYS A 25 24.06 22.22 1.47
N TYR A 26 22.74 22.25 1.75
CA TYR A 26 21.74 21.31 1.23
C TYR A 26 21.55 21.50 -0.29
N LEU A 27 21.40 20.39 -1.02
CA LEU A 27 21.24 20.34 -2.47
C LEU A 27 19.80 20.71 -2.85
N VAL A 28 18.84 20.22 -2.06
CA VAL A 28 17.41 20.53 -2.12
C VAL A 28 16.92 20.64 -0.68
N GLU A 29 15.90 21.49 -0.45
CA GLU A 29 15.18 21.67 0.80
C GLU A 29 13.75 22.10 0.44
N PHE A 30 12.72 21.52 1.06
CA PHE A 30 11.31 21.84 0.86
C PHE A 30 10.51 21.59 2.15
N ARG A 31 9.50 22.43 2.41
CA ARG A 31 8.68 22.35 3.62
C ARG A 31 7.61 21.27 3.39
N ALA A 32 7.68 20.16 4.13
CA ALA A 32 6.80 19.00 4.00
C ALA A 32 6.70 18.20 5.30
N GLY A 33 5.54 17.55 5.47
CA GLY A 33 5.20 16.61 6.54
C GLY A 33 5.00 15.21 5.93
N LYS A 34 4.66 14.23 6.75
CA LYS A 34 4.65 12.81 6.40
C LYS A 34 3.47 12.05 7.01
N MET A 35 3.04 10.99 6.32
CA MET A 35 2.05 10.02 6.80
C MET A 35 2.80 8.92 7.56
N SER A 36 2.34 8.60 8.78
CA SER A 36 2.98 7.66 9.70
C SER A 36 1.93 6.87 10.49
N LEU A 37 2.32 5.73 11.07
CA LEU A 37 1.46 4.83 11.83
C LEU A 37 1.22 5.39 13.24
N LYS A 38 -0.06 5.46 13.63
CA LYS A 38 -0.57 5.88 14.93
C LYS A 38 -0.92 4.63 15.79
N GLY A 39 -0.49 3.44 15.35
CA GLY A 39 -0.98 2.14 15.75
C GLY A 39 -1.36 1.42 14.44
N THR A 40 -2.57 0.84 14.37
CA THR A 40 -3.12 0.19 13.18
C THR A 40 -3.44 1.22 12.07
N THR A 41 -3.78 2.45 12.47
CA THR A 41 -4.23 3.56 11.64
C THR A 41 -3.01 4.37 11.17
N VAL A 42 -2.97 4.78 9.89
CA VAL A 42 -2.02 5.74 9.33
C VAL A 42 -2.64 7.15 9.48
N THR A 43 -1.85 8.17 9.81
CA THR A 43 -2.26 9.57 10.00
C THR A 43 -1.12 10.52 9.54
N PRO A 44 -1.42 11.67 8.89
CA PRO A 44 -0.42 12.71 8.59
C PRO A 44 -0.07 13.55 9.84
N ASP A 45 1.23 13.82 10.06
CA ASP A 45 1.73 14.77 11.07
C ASP A 45 1.54 16.22 10.57
N LYS A 46 1.44 17.16 11.52
CA LYS A 46 0.88 18.51 11.31
C LYS A 46 1.69 19.64 11.93
N ARG A 47 2.91 19.36 12.43
CA ARG A 47 3.92 20.36 12.73
C ARG A 47 4.66 20.71 11.41
N LYS A 48 5.28 21.89 11.37
CA LYS A 48 6.04 22.37 10.21
C LYS A 48 7.36 21.58 10.12
N GLY A 49 7.59 20.91 8.99
CA GLY A 49 8.72 20.03 8.73
C GLY A 49 9.51 20.51 7.52
N LEU A 50 10.79 20.18 7.45
CA LEU A 50 11.65 20.39 6.28
C LEU A 50 12.18 19.01 5.87
N VAL A 51 11.92 18.60 4.63
CA VAL A 51 12.61 17.49 3.95
C VAL A 51 13.79 18.16 3.22
N TYR A 52 14.98 17.56 3.26
CA TYR A 52 16.19 18.09 2.65
C TYR A 52 17.15 16.98 2.19
N ILE A 53 18.01 17.32 1.23
CA ILE A 53 18.91 16.42 0.51
C ILE A 53 20.34 16.99 0.59
N GLN A 54 21.32 16.13 0.81
CA GLN A 54 22.75 16.37 0.88
C GLN A 54 23.48 15.18 0.22
N GLN A 55 24.82 15.20 0.18
CA GLN A 55 25.68 14.15 -0.38
C GLN A 55 26.89 13.95 0.55
N THR A 56 27.28 12.69 0.79
CA THR A 56 28.36 12.29 1.70
C THR A 56 29.74 12.46 1.04
N ASP A 57 30.82 12.36 1.83
CA ASP A 57 32.21 12.39 1.34
C ASP A 57 32.59 11.13 0.53
N ASP A 58 31.84 10.03 0.69
CA ASP A 58 31.97 8.80 -0.11
C ASP A 58 31.17 8.91 -1.43
N SER A 59 30.28 9.89 -1.53
CA SER A 59 29.54 10.35 -2.72
C SER A 59 28.21 9.64 -2.94
N LEU A 60 27.57 9.18 -1.86
CA LEU A 60 26.17 8.73 -1.83
C LEU A 60 25.31 9.94 -1.42
N ILE A 61 24.04 9.96 -1.84
CA ILE A 61 23.08 11.00 -1.46
C ILE A 61 22.60 10.71 -0.03
N HIS A 62 22.36 11.76 0.76
CA HIS A 62 21.93 11.73 2.14
C HIS A 62 20.60 12.50 2.23
N PHE A 63 19.50 11.77 2.40
CA PHE A 63 18.14 12.28 2.54
C PHE A 63 17.86 12.40 4.05
N CYS A 64 17.24 13.50 4.49
CA CYS A 64 16.96 13.77 5.90
C CYS A 64 15.74 14.67 6.11
N TRP A 65 15.22 14.70 7.35
CA TRP A 65 14.06 15.46 7.78
C TRP A 65 14.25 15.99 9.22
N LYS A 66 13.78 17.23 9.46
CA LYS A 66 13.70 17.87 10.76
C LYS A 66 12.35 18.56 10.95
N ASP A 67 11.92 18.69 12.21
CA ASP A 67 10.83 19.58 12.64
C ASP A 67 11.39 21.01 12.64
N ARG A 68 10.69 21.96 12.02
CA ARG A 68 11.03 23.38 12.04
C ARG A 68 10.52 24.04 13.33
N THR A 69 9.63 23.36 14.06
CA THR A 69 9.07 23.70 15.36
C THR A 69 10.11 23.56 16.50
N SER A 70 11.25 22.92 16.26
CA SER A 70 12.35 22.75 17.24
C SER A 70 13.72 22.92 16.57
N GLY A 71 13.96 22.21 15.46
CA GLY A 71 15.17 22.26 14.64
C GLY A 71 15.96 20.95 14.67
N ASN A 72 15.53 19.95 15.46
CA ASN A 72 16.23 18.68 15.65
C ASN A 72 15.89 17.72 14.49
N VAL A 73 16.91 17.03 13.98
CA VAL A 73 16.82 16.07 12.86
C VAL A 73 16.40 14.72 13.46
N GLU A 74 15.22 14.24 13.07
CA GLU A 74 14.58 13.05 13.63
C GLU A 74 14.76 11.82 12.72
N ASP A 75 15.11 12.00 11.44
CA ASP A 75 15.29 10.93 10.46
C ASP A 75 16.35 11.30 9.41
N ASP A 76 17.17 10.33 9.01
CA ASP A 76 18.21 10.44 7.99
C ASP A 76 18.41 9.05 7.34
N LEU A 77 18.57 9.02 6.01
CA LEU A 77 18.81 7.83 5.19
C LEU A 77 19.89 8.15 4.15
N ILE A 78 20.89 7.29 3.99
CA ILE A 78 21.91 7.36 2.95
C ILE A 78 21.38 6.51 1.77
N ILE A 79 21.29 7.13 0.59
CA ILE A 79 20.63 6.65 -0.61
C ILE A 79 21.71 6.27 -1.64
N PHE A 80 21.59 5.07 -2.23
CA PHE A 80 22.40 4.59 -3.34
C PHE A 80 21.71 4.95 -4.68
N PRO A 81 22.46 5.15 -5.79
CA PRO A 81 21.94 5.47 -7.13
C PRO A 81 20.73 4.62 -7.61
N ASP A 82 19.76 5.29 -8.25
CA ASP A 82 18.59 4.78 -8.97
C ASP A 82 17.43 4.31 -8.08
N ASP A 83 17.75 3.69 -6.93
CA ASP A 83 16.84 3.05 -5.96
C ASP A 83 15.63 3.91 -5.56
N CYS A 84 15.88 5.15 -5.11
CA CYS A 84 14.83 6.08 -4.73
C CYS A 84 14.23 6.75 -5.98
N GLU A 85 12.92 6.62 -6.16
CA GLU A 85 12.10 7.33 -7.13
C GLU A 85 11.03 8.10 -6.34
N PHE A 86 10.90 9.40 -6.61
CA PHE A 86 9.94 10.30 -5.98
C PHE A 86 8.89 10.66 -7.04
N LYS A 87 7.60 10.54 -6.68
CA LYS A 87 6.45 10.74 -7.55
C LYS A 87 5.35 11.49 -6.79
N ARG A 88 4.43 12.11 -7.51
CA ARG A 88 3.17 12.63 -6.97
C ARG A 88 2.20 11.44 -6.85
N VAL A 89 1.30 11.45 -5.85
CA VAL A 89 0.17 10.52 -5.78
C VAL A 89 -0.86 11.01 -6.82
N PRO A 90 -1.15 10.26 -7.90
CA PRO A 90 -1.86 10.80 -9.07
C PRO A 90 -3.37 11.00 -8.84
N GLN A 91 -3.96 10.24 -7.92
CA GLN A 91 -5.38 10.29 -7.56
C GLN A 91 -5.65 11.34 -6.46
N CYS A 92 -4.63 12.11 -6.04
CA CYS A 92 -4.76 13.25 -5.14
C CYS A 92 -5.37 14.43 -5.94
N PRO A 93 -6.49 15.04 -5.48
CA PRO A 93 -7.20 16.08 -6.25
C PRO A 93 -6.53 17.46 -6.19
N SER A 94 -5.94 17.84 -5.05
CA SER A 94 -5.23 19.10 -4.83
C SER A 94 -3.83 19.04 -5.49
N GLY A 95 -3.09 17.96 -5.22
CA GLY A 95 -1.82 17.61 -5.83
C GLY A 95 -0.64 17.65 -4.86
N ARG A 96 -0.88 17.97 -3.58
CA ARG A 96 0.19 18.24 -2.60
C ARG A 96 0.72 16.98 -1.89
N VAL A 97 0.14 15.79 -2.12
CA VAL A 97 0.64 14.52 -1.57
C VAL A 97 1.57 13.88 -2.60
N TYR A 98 2.77 13.47 -2.15
CA TYR A 98 3.86 12.87 -2.90
C TYR A 98 4.31 11.59 -2.18
N VAL A 99 5.03 10.70 -2.87
CA VAL A 99 5.51 9.43 -2.36
C VAL A 99 6.94 9.18 -2.85
N LEU A 100 7.82 8.80 -1.93
CA LEU A 100 9.16 8.32 -2.17
C LEU A 100 9.06 6.78 -2.13
N LYS A 101 9.26 6.12 -3.26
CA LYS A 101 9.31 4.67 -3.39
C LYS A 101 10.79 4.28 -3.56
N PHE A 102 11.21 3.29 -2.77
CA PHE A 102 12.50 2.61 -2.88
C PHE A 102 12.25 1.36 -3.74
N LYS A 103 13.24 0.94 -4.53
CA LYS A 103 13.19 -0.27 -5.35
C LYS A 103 13.73 -1.45 -4.54
N ALA A 104 14.77 -1.21 -3.72
CA ALA A 104 15.32 -2.18 -2.77
C ALA A 104 14.56 -2.04 -1.43
N GLY A 105 13.77 -3.05 -1.08
CA GLY A 105 13.15 -3.20 0.24
C GLY A 105 11.64 -3.04 0.24
N SER A 106 11.04 -2.50 -0.83
CA SER A 106 9.60 -2.26 -1.03
C SER A 106 9.02 -1.14 -0.14
N LYS A 107 9.87 -0.28 0.43
CA LYS A 107 9.52 0.85 1.28
C LYS A 107 8.89 1.96 0.41
N ARG A 108 7.80 2.54 0.90
CA ARG A 108 7.00 3.58 0.27
C ARG A 108 6.66 4.61 1.37
N LEU A 109 7.36 5.74 1.40
CA LEU A 109 7.15 6.81 2.38
C LEU A 109 6.34 7.91 1.69
N PHE A 110 5.15 8.21 2.22
CA PHE A 110 4.21 9.20 1.68
C PHE A 110 4.40 10.52 2.45
N PHE A 111 4.60 11.60 1.71
CA PHE A 111 4.86 12.97 2.17
C PHE A 111 3.73 13.88 1.70
N TRP A 112 3.54 15.01 2.40
CA TRP A 112 2.60 16.06 2.03
C TRP A 112 3.30 17.42 2.08
N MET A 113 3.19 18.20 1.00
CA MET A 113 3.82 19.51 0.82
C MET A 113 3.06 20.56 1.65
N GLN A 114 3.80 21.35 2.43
CA GLN A 114 3.27 22.36 3.36
C GLN A 114 3.48 23.78 2.81
N GLU A 115 3.83 23.91 1.52
CA GLU A 115 4.02 25.16 0.79
C GLU A 115 2.73 25.48 0.00
N PRO A 116 2.33 26.77 -0.16
CA PRO A 116 1.04 27.14 -0.75
C PRO A 116 1.02 27.12 -2.29
N LYS A 117 2.14 27.43 -2.95
CA LYS A 117 2.27 27.54 -4.40
C LYS A 117 2.49 26.15 -5.00
N THR A 118 1.39 25.47 -5.37
CA THR A 118 1.34 24.13 -5.95
C THR A 118 2.17 23.93 -7.25
N ASP A 119 2.56 25.04 -7.91
CA ASP A 119 3.45 25.09 -9.07
C ASP A 119 4.89 24.71 -8.67
N GLN A 120 5.31 25.06 -7.45
CA GLN A 120 6.66 24.87 -6.96
C GLN A 120 6.88 23.43 -6.43
N ASP A 121 5.79 22.70 -6.14
CA ASP A 121 5.80 21.29 -5.75
C ASP A 121 6.39 20.41 -6.88
N GLU A 122 6.12 20.77 -8.15
CA GLU A 122 6.61 20.08 -9.34
C GLU A 122 8.10 20.39 -9.58
N GLU A 123 8.52 21.65 -9.33
CA GLU A 123 9.92 22.11 -9.38
C GLU A 123 10.78 21.38 -8.31
N HIS A 124 10.22 21.19 -7.11
CA HIS A 124 10.81 20.36 -6.06
C HIS A 124 10.89 18.90 -6.52
N CYS A 125 9.74 18.29 -6.85
CA CYS A 125 9.58 16.90 -7.28
C CYS A 125 10.61 16.45 -8.34
N ARG A 126 10.83 17.27 -9.38
CA ARG A 126 11.83 17.00 -10.41
C ARG A 126 13.27 16.94 -9.82
N LYS A 127 13.71 18.01 -9.14
CA LYS A 127 15.05 18.10 -8.53
C LYS A 127 15.30 17.03 -7.46
N VAL A 128 14.30 16.77 -6.59
CA VAL A 128 14.25 15.67 -5.63
C VAL A 128 14.49 14.32 -6.34
N ASN A 129 13.68 13.99 -7.35
CA ASN A 129 13.79 12.74 -8.11
C ASN A 129 15.12 12.62 -8.87
N GLU A 130 15.57 13.69 -9.54
CA GLU A 130 16.85 13.74 -10.27
C GLU A 130 18.04 13.49 -9.33
N TYR A 131 18.13 14.19 -8.19
CA TYR A 131 19.19 14.01 -7.19
C TYR A 131 19.14 12.61 -6.53
N LEU A 132 17.95 12.11 -6.16
CA LEU A 132 17.78 10.80 -5.54
C LEU A 132 18.10 9.64 -6.50
N ASN A 133 17.79 9.79 -7.80
CA ASN A 133 18.12 8.82 -8.82
C ASN A 133 19.63 8.88 -9.15
N ASN A 134 20.19 10.09 -9.36
CA ASN A 134 21.56 10.30 -9.80
C ASN A 134 22.26 11.36 -8.92
N PRO A 135 23.19 10.98 -8.02
CA PRO A 135 24.08 11.91 -7.29
C PRO A 135 24.85 12.89 -8.23
N PRO A 136 25.36 14.03 -7.73
CA PRO A 136 26.09 15.02 -8.54
C PRO A 136 27.49 14.55 -9.00
N MET A 137 28.04 13.50 -8.39
CA MET A 137 29.25 12.79 -8.79
C MET A 137 29.02 11.28 -8.53
N PRO A 138 28.33 10.55 -9.44
CA PRO A 138 27.86 9.18 -9.19
C PRO A 138 28.96 8.13 -9.41
N GLY A 139 28.66 6.88 -9.09
CA GLY A 139 29.51 5.71 -9.26
C GLY A 139 29.72 5.04 -7.90
N ALA A 140 28.83 4.10 -7.56
CA ALA A 140 28.80 3.37 -6.28
C ALA A 140 28.52 1.87 -6.44
N LEU A 141 28.53 1.36 -7.69
CA LEU A 141 28.41 -0.05 -8.07
C LEU A 141 27.00 -0.60 -7.78
N GLY A 142 25.97 0.11 -8.26
CA GLY A 142 24.55 -0.13 -7.99
C GLY A 142 23.78 -0.63 -9.22
N ALA A 143 24.50 -1.17 -10.21
CA ALA A 143 23.99 -1.77 -11.44
C ALA A 143 24.80 -3.04 -11.76
N SER A 144 24.25 -3.91 -12.59
CA SER A 144 24.84 -5.16 -13.04
C SER A 144 24.38 -5.43 -14.49
N GLY A 145 25.23 -6.10 -15.28
CA GLY A 145 24.96 -6.54 -16.64
C GLY A 145 25.25 -8.03 -16.75
N SER A 146 26.30 -8.38 -17.51
CA SER A 146 26.79 -9.74 -17.78
C SER A 146 27.27 -10.48 -16.50
N SER A 147 27.49 -9.76 -15.40
CA SER A 147 27.91 -10.24 -14.09
C SER A 147 26.79 -11.02 -13.34
N GLY A 148 25.55 -10.99 -13.84
CA GLY A 148 24.39 -11.74 -13.33
C GLY A 148 23.24 -10.82 -12.91
N HIS A 149 22.03 -11.37 -12.81
CA HIS A 149 20.81 -10.72 -12.30
C HIS A 149 19.97 -11.63 -11.40
N GLU A 150 20.40 -12.88 -11.23
CA GLU A 150 19.81 -13.98 -10.48
C GLU A 150 19.57 -13.67 -9.00
N LEU A 151 18.72 -14.49 -8.37
CA LEU A 151 18.24 -14.44 -6.98
C LEU A 151 16.92 -13.63 -6.88
N SER A 152 16.02 -13.85 -7.84
CA SER A 152 14.66 -13.35 -8.01
C SER A 152 14.60 -12.03 -8.81
N ALA A 153 13.91 -12.04 -9.96
CA ALA A 153 13.72 -10.91 -10.87
C ALA A 153 12.47 -11.15 -11.74
N LEU A 154 11.41 -11.67 -11.13
CA LEU A 154 10.18 -12.21 -11.73
C LEU A 154 10.43 -13.65 -12.25
N GLY A 155 9.64 -14.11 -13.22
CA GLY A 155 9.74 -15.43 -13.84
C GLY A 155 10.01 -15.28 -15.34
N GLY A 156 10.80 -16.21 -15.92
CA GLY A 156 11.12 -16.31 -17.33
C GLY A 156 10.76 -17.71 -17.87
N GLU A 157 10.84 -17.88 -19.19
CA GLU A 157 10.54 -19.15 -19.89
C GLU A 157 11.74 -20.12 -19.82
N GLY A 158 12.97 -19.60 -19.73
CA GLY A 158 14.21 -20.35 -19.58
C GLY A 158 15.14 -20.23 -20.80
N GLY A 159 14.61 -19.76 -21.94
CA GLY A 159 15.32 -19.51 -23.19
C GLY A 159 15.17 -18.05 -23.62
N LEU A 160 15.97 -17.64 -24.61
CA LEU A 160 15.97 -16.30 -25.21
C LEU A 160 14.84 -16.20 -26.25
N GLN A 161 14.34 -14.99 -26.48
CA GLN A 161 13.33 -14.65 -27.48
C GLN A 161 13.52 -13.18 -27.91
N SER A 162 13.06 -12.83 -29.11
CA SER A 162 13.06 -11.48 -29.66
C SER A 162 12.09 -10.55 -28.88
N LEU A 163 12.45 -9.27 -28.77
CA LEU A 163 11.68 -8.23 -28.09
C LEU A 163 10.48 -7.82 -28.97
N LEU A 164 9.28 -7.79 -28.38
CA LEU A 164 8.06 -7.22 -28.97
C LEU A 164 7.92 -5.81 -28.38
N GLY A 165 7.60 -4.83 -29.22
CA GLY A 165 7.54 -3.41 -28.90
C GLY A 165 8.47 -2.61 -29.83
N ASN A 166 8.18 -1.32 -30.00
CA ASN A 166 8.93 -0.37 -30.82
C ASN A 166 8.80 1.05 -30.25
N MET A 167 9.77 1.91 -30.57
CA MET A 167 9.74 3.35 -30.33
C MET A 167 9.54 4.07 -31.67
N SER A 168 9.05 5.30 -31.64
CA SER A 168 8.93 6.19 -32.80
C SER A 168 10.19 7.07 -32.92
N HIS A 169 10.56 7.40 -34.16
CA HIS A 169 11.67 8.29 -34.53
C HIS A 169 11.39 8.91 -35.90
N SER A 170 11.19 8.05 -36.90
CA SER A 170 10.84 8.37 -38.28
C SER A 170 10.07 7.18 -38.88
N GLN A 171 9.71 7.27 -40.16
CA GLN A 171 9.03 6.23 -40.94
C GLN A 171 10.02 5.12 -41.33
N LEU A 172 9.52 3.87 -41.40
CA LEU A 172 10.20 2.62 -41.76
C LEU A 172 11.06 2.08 -40.60
N MET A 173 11.29 0.76 -40.60
CA MET A 173 12.10 0.02 -39.63
C MET A 173 12.65 -1.26 -40.26
N GLN A 174 13.75 -1.78 -39.73
CA GLN A 174 14.57 -2.88 -40.28
C GLN A 174 13.97 -4.27 -39.97
N LEU A 175 12.69 -4.45 -40.28
CA LEU A 175 11.94 -5.71 -40.18
C LEU A 175 11.97 -6.48 -41.52
N ILE A 176 12.97 -6.19 -42.38
CA ILE A 176 13.15 -6.71 -43.73
C ILE A 176 14.67 -6.89 -43.98
N GLY A 177 15.02 -7.79 -44.89
CA GLY A 177 16.40 -8.20 -45.22
C GLY A 177 16.56 -9.73 -45.12
N PRO A 178 17.76 -10.27 -45.41
CA PRO A 178 18.02 -11.72 -45.41
C PRO A 178 18.16 -12.28 -43.99
N ALA A 179 17.81 -13.57 -43.82
CA ALA A 179 17.93 -14.34 -42.58
C ALA A 179 19.32 -15.00 -42.43
N GLY A 180 20.18 -14.89 -43.46
CA GLY A 180 21.46 -15.57 -43.60
C GLY A 180 21.45 -16.35 -44.91
N LEU A 181 22.13 -17.49 -44.95
CA LEU A 181 22.14 -18.44 -46.07
C LEU A 181 20.90 -19.35 -45.97
N GLY A 182 20.31 -19.70 -47.12
CA GLY A 182 19.20 -20.63 -47.26
C GLY A 182 19.62 -21.78 -48.17
N GLY A 183 19.15 -23.00 -47.87
CA GLY A 183 19.40 -24.23 -48.63
C GLY A 183 18.10 -24.90 -49.05
N LEU A 184 18.21 -26.10 -49.63
CA LEU A 184 17.11 -26.96 -50.06
C LEU A 184 17.19 -28.32 -49.32
N GLY A 185 17.73 -28.30 -48.09
CA GLY A 185 17.87 -29.43 -47.18
C GLY A 185 17.16 -29.13 -45.87
N GLY A 186 17.67 -29.70 -44.77
CA GLY A 186 17.16 -29.54 -43.41
C GLY A 186 18.19 -28.86 -42.50
N LEU A 187 19.47 -29.24 -42.60
CA LEU A 187 20.57 -28.77 -41.75
C LEU A 187 21.85 -28.38 -42.52
N GLY A 188 21.91 -28.59 -43.84
CA GLY A 188 22.89 -27.96 -44.72
C GLY A 188 23.96 -28.90 -45.30
N ALA A 189 23.77 -30.23 -45.20
CA ALA A 189 24.71 -31.26 -45.64
C ALA A 189 23.96 -32.35 -46.43
N LEU A 190 23.11 -31.92 -47.36
CA LEU A 190 22.07 -32.65 -48.09
C LEU A 190 20.86 -32.78 -47.16
N THR A 191 20.95 -33.63 -46.14
CA THR A 191 20.10 -33.70 -44.95
C THR A 191 18.67 -34.17 -45.26
N GLY A 192 18.56 -35.28 -46.02
CA GLY A 192 17.32 -35.95 -46.36
C GLY A 192 17.27 -37.37 -45.73
N PRO A 193 16.12 -38.07 -45.86
CA PRO A 193 15.92 -39.41 -45.26
C PRO A 193 16.63 -40.52 -46.07
N GLY A 194 16.88 -41.65 -45.40
CA GLY A 194 17.53 -42.85 -45.96
C GLY A 194 18.81 -43.20 -45.19
N LEU A 195 19.42 -44.35 -45.54
CA LEU A 195 20.67 -44.86 -44.98
C LEU A 195 21.46 -45.56 -46.10
N ALA A 196 21.61 -44.86 -47.23
CA ALA A 196 22.28 -45.31 -48.46
C ALA A 196 23.16 -44.21 -49.05
N SER A 197 23.72 -43.34 -48.21
CA SER A 197 24.66 -42.29 -48.58
C SER A 197 26.07 -42.90 -48.69
N LEU A 198 26.71 -42.74 -49.86
CA LEU A 198 28.07 -43.16 -50.23
C LEU A 198 28.17 -44.67 -50.51
N LEU A 199 27.73 -45.49 -49.55
CA LEU A 199 27.68 -46.95 -49.59
C LEU A 199 26.21 -47.39 -49.52
N GLY A 200 25.88 -48.52 -50.15
CA GLY A 200 24.55 -49.11 -50.22
C GLY A 200 24.09 -49.26 -51.67
N SER A 201 23.05 -50.07 -51.89
CA SER A 201 22.40 -50.32 -53.17
C SER A 201 20.93 -50.72 -52.91
N SER A 202 20.12 -50.80 -53.97
CA SER A 202 18.71 -51.18 -53.94
C SER A 202 18.63 -52.72 -53.99
N GLY A 203 17.84 -53.30 -53.08
CA GLY A 203 17.58 -54.74 -52.96
C GLY A 203 18.10 -55.27 -51.62
N PRO A 204 17.25 -55.55 -50.62
CA PRO A 204 17.68 -56.06 -49.30
C PRO A 204 18.00 -57.57 -49.36
N PRO A 205 18.93 -58.08 -48.50
CA PRO A 205 19.23 -59.51 -48.43
C PRO A 205 18.15 -60.31 -47.66
N GLY A 206 17.53 -59.70 -46.65
CA GLY A 206 16.46 -60.24 -45.83
C GLY A 206 15.27 -59.29 -45.83
N SER A 207 14.76 -58.95 -44.64
CA SER A 207 13.67 -58.00 -44.38
C SER A 207 13.93 -56.60 -44.96
N SER A 208 12.86 -55.92 -45.41
CA SER A 208 12.92 -54.61 -46.09
C SER A 208 12.85 -53.43 -45.10
N SER A 209 12.49 -53.67 -43.83
CA SER A 209 12.37 -52.68 -42.77
C SER A 209 12.58 -53.36 -41.41
N SER A 210 13.12 -52.63 -40.44
CA SER A 210 13.37 -53.01 -39.05
C SER A 210 13.33 -51.73 -38.19
N SER A 211 13.17 -51.86 -36.88
CA SER A 211 13.09 -50.77 -35.92
C SER A 211 13.81 -51.18 -34.62
N SER A 212 14.48 -50.23 -33.96
CA SER A 212 15.23 -50.41 -32.72
C SER A 212 14.30 -50.29 -31.50
N SER A 213 14.75 -50.81 -30.35
CA SER A 213 14.10 -50.78 -29.03
C SER A 213 13.18 -52.01 -28.82
N ARG A 214 12.46 -52.03 -27.71
CA ARG A 214 11.57 -53.09 -27.24
C ARG A 214 10.39 -52.49 -26.47
N SER A 215 9.28 -53.22 -26.34
CA SER A 215 8.09 -52.89 -25.58
C SER A 215 7.31 -54.17 -25.27
N GLN A 216 6.74 -54.30 -24.06
CA GLN A 216 5.93 -55.43 -23.62
C GLN A 216 4.45 -55.25 -24.06
N SER A 217 4.01 -54.00 -24.24
CA SER A 217 2.69 -53.64 -24.77
C SER A 217 2.70 -53.81 -26.30
N ALA A 218 1.63 -54.40 -26.85
CA ALA A 218 1.44 -54.71 -28.26
C ALA A 218 -0.06 -54.80 -28.59
N ALA A 219 -0.38 -55.04 -29.87
CA ALA A 219 -1.69 -55.24 -30.48
C ALA A 219 -2.32 -53.93 -31.01
N VAL A 220 -3.04 -54.05 -32.13
CA VAL A 220 -3.81 -52.97 -32.76
C VAL A 220 -5.21 -52.96 -32.11
N THR A 221 -5.77 -51.76 -31.91
CA THR A 221 -7.08 -51.42 -31.33
C THR A 221 -7.48 -52.26 -30.07
N PRO A 222 -6.71 -52.16 -28.95
CA PRO A 222 -6.90 -52.99 -27.73
C PRO A 222 -8.32 -53.07 -27.13
N SER A 223 -9.03 -51.95 -27.06
CA SER A 223 -10.37 -51.81 -26.47
C SER A 223 -11.17 -50.67 -27.12
N SER A 224 -11.02 -50.51 -28.43
CA SER A 224 -11.69 -49.50 -29.25
C SER A 224 -13.18 -49.84 -29.47
N THR A 225 -13.98 -48.86 -29.89
CA THR A 225 -15.44 -48.94 -30.00
C THR A 225 -15.93 -48.36 -31.35
N THR A 226 -15.13 -48.56 -32.40
CA THR A 226 -15.41 -48.13 -33.78
C THR A 226 -16.52 -49.00 -34.44
N SER A 227 -16.76 -50.22 -33.93
CA SER A 227 -17.71 -51.23 -34.38
C SER A 227 -17.12 -52.04 -35.54
N SER A 228 -16.70 -51.34 -36.60
CA SER A 228 -15.89 -51.81 -37.71
C SER A 228 -15.09 -50.62 -38.28
N THR A 229 -14.26 -50.85 -39.31
CA THR A 229 -13.52 -49.81 -40.04
C THR A 229 -14.44 -49.07 -41.06
N ARG A 230 -15.63 -49.60 -41.35
CA ARG A 230 -16.61 -49.07 -42.28
C ARG A 230 -17.35 -47.87 -41.65
N ALA A 231 -17.54 -46.80 -42.44
CA ALA A 231 -18.30 -45.61 -42.07
C ALA A 231 -19.79 -45.81 -42.36
N THR A 232 -20.65 -45.13 -41.62
CA THR A 232 -22.10 -45.09 -41.82
C THR A 232 -22.47 -44.25 -43.07
N PRO A 233 -23.64 -44.47 -43.72
CA PRO A 233 -24.05 -43.73 -44.93
C PRO A 233 -24.56 -42.30 -44.65
N ALA A 234 -24.91 -41.97 -43.40
CA ALA A 234 -25.28 -40.63 -42.96
C ALA A 234 -24.01 -39.77 -42.75
N PRO A 235 -24.08 -38.43 -42.90
CA PRO A 235 -22.93 -37.55 -42.67
C PRO A 235 -22.61 -37.40 -41.17
N SER A 236 -21.33 -37.20 -40.84
CA SER A 236 -20.83 -37.17 -39.46
C SER A 236 -21.24 -35.88 -38.72
N ALA A 237 -21.43 -34.77 -39.46
CA ALA A 237 -21.86 -33.44 -39.04
C ALA A 237 -21.03 -32.88 -37.84
N PRO A 238 -19.75 -32.49 -38.05
CA PRO A 238 -18.83 -32.01 -37.00
C PRO A 238 -19.38 -30.95 -36.03
N ALA A 239 -20.09 -29.94 -36.56
CA ALA A 239 -20.72 -28.82 -35.84
C ALA A 239 -19.65 -27.96 -35.16
N ALA A 240 -19.84 -27.62 -33.87
CA ALA A 240 -18.81 -27.04 -33.02
C ALA A 240 -17.91 -28.19 -32.53
N ALA A 241 -16.71 -28.30 -33.13
CA ALA A 241 -15.73 -29.36 -32.87
C ALA A 241 -14.86 -29.06 -31.64
N SER A 242 -15.02 -27.86 -31.06
CA SER A 242 -14.39 -27.38 -29.84
C SER A 242 -15.39 -26.43 -29.15
N ALA A 243 -14.94 -25.67 -28.15
CA ALA A 243 -15.69 -24.68 -27.38
C ALA A 243 -15.91 -23.39 -28.19
N THR A 244 -16.62 -23.52 -29.32
CA THR A 244 -17.06 -22.52 -30.29
C THR A 244 -15.89 -21.95 -31.13
N SER A 245 -16.12 -20.87 -31.89
CA SER A 245 -15.09 -20.15 -32.64
C SER A 245 -14.30 -19.25 -31.66
N PRO A 246 -12.95 -19.20 -31.73
CA PRO A 246 -12.12 -18.39 -30.82
C PRO A 246 -12.20 -16.90 -31.18
N SER A 247 -12.20 -16.03 -30.16
CA SER A 247 -12.29 -14.58 -30.28
C SER A 247 -11.69 -13.94 -29.02
N PRO A 248 -10.99 -12.79 -29.10
CA PRO A 248 -10.52 -12.05 -27.91
C PRO A 248 -11.67 -11.31 -27.21
N ALA A 249 -12.65 -10.82 -27.98
CA ALA A 249 -13.90 -10.21 -27.54
C ALA A 249 -14.89 -10.27 -28.73
N PRO A 250 -16.08 -10.91 -28.61
CA PRO A 250 -17.11 -10.96 -29.67
C PRO A 250 -17.55 -9.60 -30.24
N SER A 251 -17.61 -8.56 -29.40
CA SER A 251 -17.91 -7.17 -29.78
C SER A 251 -16.61 -6.36 -29.84
N SER A 252 -16.60 -5.26 -30.62
CA SER A 252 -15.46 -4.39 -30.86
C SER A 252 -15.42 -3.20 -29.86
N GLY A 253 -16.19 -3.26 -28.76
CA GLY A 253 -16.30 -2.26 -27.71
C GLY A 253 -15.87 -2.83 -26.35
N ASN A 254 -16.38 -2.23 -25.28
CA ASN A 254 -16.13 -2.49 -23.85
C ASN A 254 -14.88 -1.70 -23.41
N GLY A 255 -15.09 -0.52 -22.83
CA GLY A 255 -14.09 0.34 -22.24
C GLY A 255 -14.43 0.62 -20.76
N ALA A 256 -13.60 1.42 -20.09
CA ALA A 256 -13.83 1.84 -18.70
C ALA A 256 -14.80 3.03 -18.70
N SER A 257 -15.98 2.85 -18.09
CA SER A 257 -17.06 3.84 -18.00
C SER A 257 -16.70 5.09 -17.18
N THR A 258 -15.68 4.98 -16.31
CA THR A 258 -15.13 6.06 -15.49
C THR A 258 -13.97 6.78 -16.22
N ALA A 259 -13.49 6.23 -17.36
CA ALA A 259 -12.35 6.69 -18.17
C ALA A 259 -11.00 6.44 -17.46
N ALA A 260 -10.96 5.42 -16.59
CA ALA A 260 -9.84 5.04 -15.74
C ALA A 260 -8.74 4.26 -16.50
N SER A 261 -7.62 4.00 -15.83
CA SER A 261 -6.47 3.23 -16.29
C SER A 261 -5.88 2.41 -15.11
N PRO A 262 -5.10 1.33 -15.36
CA PRO A 262 -4.51 0.44 -14.32
C PRO A 262 -3.80 1.18 -13.16
N THR A 263 -4.09 0.78 -11.92
CA THR A 263 -3.69 1.44 -10.69
C THR A 263 -3.40 0.42 -9.56
N GLN A 264 -3.10 -0.83 -9.92
CA GLN A 264 -2.84 -1.94 -9.02
C GLN A 264 -1.49 -2.59 -9.37
N PRO A 265 -0.47 -2.59 -8.46
CA PRO A 265 0.79 -3.35 -8.62
C PRO A 265 0.59 -4.86 -8.87
N ILE A 266 1.60 -5.51 -9.44
CA ILE A 266 1.66 -6.95 -9.68
C ILE A 266 2.85 -7.48 -8.85
N GLN A 267 2.54 -8.21 -7.77
CA GLN A 267 3.46 -8.95 -6.90
C GLN A 267 4.33 -8.03 -6.00
N LEU A 268 3.79 -6.87 -5.62
CA LEU A 268 4.41 -5.91 -4.69
C LEU A 268 3.49 -5.62 -3.49
N SER A 269 2.16 -5.74 -3.67
CA SER A 269 1.13 -5.38 -2.70
C SER A 269 1.16 -6.28 -1.43
N ASP A 270 1.58 -7.54 -1.59
CA ASP A 270 1.83 -8.49 -0.51
C ASP A 270 3.16 -8.13 0.16
N LEU A 271 4.26 -7.97 -0.59
CA LEU A 271 5.60 -7.65 -0.11
C LEU A 271 5.67 -6.41 0.79
N GLN A 272 5.01 -5.31 0.39
CA GLN A 272 4.96 -4.07 1.16
C GLN A 272 4.06 -4.19 2.42
N SER A 273 3.11 -5.14 2.45
CA SER A 273 2.21 -5.38 3.57
C SER A 273 2.83 -6.35 4.59
N ILE A 274 3.55 -7.39 4.13
CA ILE A 274 4.24 -8.41 4.94
C ILE A 274 5.22 -7.79 5.95
N LEU A 275 5.89 -6.70 5.57
CA LEU A 275 6.82 -5.95 6.42
C LEU A 275 6.09 -5.24 7.57
N ALA A 276 4.92 -4.67 7.30
CA ALA A 276 4.09 -3.94 8.28
C ALA A 276 3.32 -4.91 9.20
N THR A 277 2.99 -6.11 8.70
CA THR A 277 2.27 -7.17 9.42
C THR A 277 3.03 -7.67 10.68
N MET A 278 4.35 -7.45 10.74
CA MET A 278 5.21 -7.80 11.86
C MET A 278 5.13 -6.74 13.00
N ASN A 279 4.70 -5.50 12.69
CA ASN A 279 4.60 -4.40 13.67
C ASN A 279 3.21 -4.37 14.31
N VAL A 280 2.16 -4.61 13.51
CA VAL A 280 0.76 -4.71 13.92
C VAL A 280 0.10 -5.74 12.99
N PRO A 281 -0.77 -6.67 13.48
CA PRO A 281 -1.42 -7.70 12.65
C PRO A 281 -2.10 -7.21 11.35
N ALA A 282 -2.76 -6.05 11.39
CA ALA A 282 -3.38 -5.31 10.28
C ALA A 282 -4.69 -5.93 9.76
N GLY A 283 -5.09 -7.07 10.33
CA GLY A 283 -6.28 -7.83 10.01
C GLY A 283 -5.90 -9.23 9.50
N PRO A 284 -5.95 -10.29 10.34
CA PRO A 284 -5.79 -11.68 9.91
C PRO A 284 -6.77 -12.05 8.78
N ALA A 285 -6.25 -12.59 7.67
CA ALA A 285 -6.97 -13.00 6.44
C ALA A 285 -7.23 -11.84 5.46
N GLY A 286 -6.71 -10.63 5.74
CA GLY A 286 -6.87 -9.44 4.92
C GLY A 286 -7.42 -8.26 5.73
N GLY A 287 -7.21 -7.04 5.22
CA GLY A 287 -7.48 -5.77 5.89
C GLY A 287 -8.55 -4.94 5.17
N GLN A 288 -9.49 -5.59 4.46
CA GLN A 288 -10.56 -4.95 3.69
C GLN A 288 -11.52 -4.16 4.59
N GLN A 289 -11.84 -4.72 5.77
CA GLN A 289 -12.77 -4.13 6.73
C GLN A 289 -12.19 -2.93 7.49
N VAL A 290 -10.87 -2.69 7.41
CA VAL A 290 -10.18 -1.56 8.03
C VAL A 290 -10.56 -0.26 7.28
N ASP A 291 -10.76 -0.32 5.96
CA ASP A 291 -11.22 0.80 5.14
C ASP A 291 -12.73 1.01 5.33
N LEU A 292 -13.50 -0.08 5.40
CA LEU A 292 -14.95 -0.10 5.57
C LEU A 292 -15.40 0.21 7.02
N ALA A 293 -14.47 0.41 7.97
CA ALA A 293 -14.74 0.89 9.32
C ALA A 293 -15.25 2.35 9.34
N SER A 294 -15.06 3.08 8.23
CA SER A 294 -15.61 4.41 7.99
C SER A 294 -17.09 4.32 7.50
N VAL A 295 -17.57 3.12 7.13
CA VAL A 295 -18.96 2.83 6.80
C VAL A 295 -19.59 2.14 8.02
N LEU A 296 -18.95 1.08 8.52
CA LEU A 296 -19.35 0.28 9.68
C LEU A 296 -18.75 0.93 10.94
N THR A 297 -19.19 2.15 11.25
CA THR A 297 -18.81 2.94 12.42
C THR A 297 -19.34 2.31 13.74
N PRO A 298 -18.76 2.66 14.92
CA PRO A 298 -19.09 2.08 16.24
C PRO A 298 -20.58 1.85 16.57
N GLU A 299 -21.49 2.73 16.15
CA GLU A 299 -22.93 2.63 16.36
C GLU A 299 -23.58 1.35 15.80
N ILE A 300 -23.01 0.77 14.74
CA ILE A 300 -23.49 -0.48 14.11
C ILE A 300 -22.76 -1.69 14.73
N MET A 301 -21.48 -1.55 15.09
CA MET A 301 -20.61 -2.66 15.47
C MET A 301 -20.58 -2.90 16.99
N ALA A 302 -20.82 -1.88 17.82
CA ALA A 302 -20.89 -1.95 19.28
C ALA A 302 -21.73 -3.10 19.89
N PRO A 303 -22.98 -3.37 19.46
CA PRO A 303 -23.75 -4.51 19.97
C PRO A 303 -23.26 -5.89 19.48
N ILE A 304 -22.47 -5.95 18.40
CA ILE A 304 -21.86 -7.17 17.89
C ILE A 304 -20.62 -7.47 18.74
N LEU A 305 -19.74 -6.48 18.92
CA LEU A 305 -18.50 -6.53 19.70
C LEU A 305 -18.74 -6.67 21.22
N ALA A 306 -19.99 -6.50 21.69
CA ALA A 306 -20.42 -6.70 23.06
C ALA A 306 -20.78 -8.17 23.36
N ASN A 307 -20.90 -9.02 22.32
CA ASN A 307 -21.25 -10.44 22.47
C ASN A 307 -19.97 -11.23 22.78
N ALA A 308 -20.04 -12.12 23.77
CA ALA A 308 -18.95 -12.95 24.26
C ALA A 308 -18.36 -13.88 23.19
N ASP A 309 -19.20 -14.43 22.29
CA ASP A 309 -18.77 -15.33 21.20
C ASP A 309 -18.04 -14.58 20.08
N VAL A 310 -18.21 -13.25 19.98
CA VAL A 310 -17.41 -12.40 19.10
C VAL A 310 -16.10 -12.04 19.85
N GLN A 311 -16.18 -11.59 21.10
CA GLN A 311 -15.05 -11.20 21.95
C GLN A 311 -13.97 -12.30 22.07
N GLU A 312 -14.38 -13.54 22.37
CA GLU A 312 -13.51 -14.71 22.53
C GLU A 312 -12.85 -15.17 21.20
N ARG A 313 -13.22 -14.57 20.05
CA ARG A 313 -12.62 -14.79 18.74
C ARG A 313 -11.80 -13.56 18.28
N LEU A 314 -11.76 -12.48 19.08
CA LEU A 314 -10.93 -11.30 18.88
C LEU A 314 -9.79 -11.30 19.92
N LEU A 315 -10.12 -11.50 21.21
CA LEU A 315 -9.22 -11.59 22.36
C LEU A 315 -7.92 -12.42 22.20
N PRO A 316 -7.93 -13.65 21.62
CA PRO A 316 -6.69 -14.41 21.40
C PRO A 316 -5.86 -13.94 20.19
N TYR A 317 -6.41 -13.13 19.27
CA TYR A 317 -5.74 -12.73 18.03
C TYR A 317 -4.98 -11.39 18.23
N LEU A 318 -5.48 -10.49 19.08
CA LEU A 318 -4.80 -9.22 19.42
C LEU A 318 -3.52 -9.49 20.27
N PRO A 319 -2.42 -8.73 20.09
CA PRO A 319 -1.17 -8.80 20.88
C PRO A 319 -1.33 -8.89 22.41
N SER A 320 -2.28 -8.14 23.00
CA SER A 320 -2.69 -8.14 24.40
C SER A 320 -2.05 -7.00 25.22
N GLY A 321 -1.81 -5.87 24.56
CA GLY A 321 -1.46 -4.60 25.19
C GLY A 321 -2.66 -3.64 25.13
N GLU A 322 -3.53 -3.85 24.13
CA GLU A 322 -4.86 -3.31 23.98
C GLU A 322 -5.87 -4.34 24.55
N SER A 323 -7.13 -3.92 24.69
CA SER A 323 -8.28 -4.76 24.99
C SER A 323 -9.52 -4.02 24.48
N LEU A 324 -10.53 -4.75 23.99
CA LEU A 324 -11.84 -4.19 23.65
C LEU A 324 -12.63 -3.86 24.94
N PRO A 325 -13.40 -2.73 24.99
CA PRO A 325 -14.40 -2.48 26.03
C PRO A 325 -15.46 -3.61 26.09
N GLN A 326 -16.12 -3.83 27.24
CA GLN A 326 -16.82 -5.08 27.50
C GLN A 326 -18.29 -5.10 27.03
N THR A 327 -18.96 -3.93 26.96
CA THR A 327 -20.37 -3.79 26.63
C THR A 327 -20.59 -2.63 25.65
N ALA A 328 -21.67 -2.69 24.85
CA ALA A 328 -21.99 -1.78 23.75
C ALA A 328 -22.05 -0.29 24.16
N ASP A 329 -22.47 -0.04 25.40
CA ASP A 329 -22.53 1.26 26.07
C ASP A 329 -21.16 1.93 26.19
N GLU A 330 -20.09 1.13 26.26
CA GLU A 330 -18.70 1.59 26.23
C GLU A 330 -18.22 1.63 24.76
N ILE A 331 -18.36 0.53 24.01
CA ILE A 331 -17.77 0.32 22.68
C ILE A 331 -18.22 1.39 21.64
N GLN A 332 -19.44 1.92 21.79
CA GLN A 332 -20.00 2.94 20.91
C GLN A 332 -19.35 4.34 21.10
N ASN A 333 -18.64 4.59 22.21
CA ASN A 333 -18.13 5.91 22.60
C ASN A 333 -16.68 5.90 23.11
N THR A 334 -16.31 4.93 23.95
CA THR A 334 -15.10 4.90 24.75
C THR A 334 -14.01 4.08 24.01
N LEU A 335 -13.67 4.52 22.80
CA LEU A 335 -12.50 4.08 22.01
C LEU A 335 -12.04 5.21 21.09
N THR A 336 -10.77 5.16 20.66
CA THR A 336 -10.11 6.18 19.86
C THR A 336 -10.25 5.80 18.37
N SER A 337 -9.30 5.05 17.80
CA SER A 337 -9.32 4.54 16.42
C SER A 337 -8.55 3.19 16.27
N PRO A 338 -7.22 3.10 16.51
CA PRO A 338 -6.41 1.87 16.40
C PRO A 338 -6.99 0.55 16.94
N GLN A 339 -7.68 0.55 18.10
CA GLN A 339 -8.38 -0.59 18.69
C GLN A 339 -9.52 -1.08 17.78
N PHE A 340 -10.40 -0.16 17.37
CA PHE A 340 -11.57 -0.43 16.54
C PHE A 340 -11.15 -0.84 15.12
N GLN A 341 -10.09 -0.20 14.60
CA GLN A 341 -9.50 -0.49 13.30
C GLN A 341 -8.80 -1.87 13.28
N GLN A 342 -8.28 -2.35 14.41
CA GLN A 342 -7.77 -3.72 14.55
C GLN A 342 -8.96 -4.69 14.72
N ALA A 343 -9.98 -4.34 15.54
CA ALA A 343 -11.18 -5.12 15.81
C ALA A 343 -11.95 -5.51 14.54
N LEU A 344 -12.17 -4.54 13.64
CA LEU A 344 -12.78 -4.73 12.32
C LEU A 344 -11.99 -5.69 11.41
N GLY A 345 -10.67 -5.85 11.63
CA GLY A 345 -9.81 -6.70 10.82
C GLY A 345 -9.67 -8.10 11.42
N MET A 346 -9.84 -8.25 12.75
CA MET A 346 -9.94 -9.55 13.42
C MET A 346 -11.35 -10.14 13.23
N PHE A 347 -12.38 -9.29 13.20
CA PHE A 347 -13.77 -9.59 12.81
C PHE A 347 -13.83 -10.14 11.37
N SER A 348 -13.02 -9.57 10.46
CA SER A 348 -12.88 -9.99 9.06
C SER A 348 -12.44 -11.46 8.91
N ALA A 349 -11.61 -11.97 9.83
CA ALA A 349 -11.07 -13.33 9.81
C ALA A 349 -12.18 -14.39 9.95
N ALA A 350 -13.09 -14.19 10.91
CA ALA A 350 -14.22 -15.06 11.19
C ALA A 350 -15.33 -14.88 10.14
N LEU A 351 -15.54 -13.65 9.67
CA LEU A 351 -16.52 -13.29 8.64
C LEU A 351 -16.14 -13.89 7.28
N ALA A 352 -14.87 -13.78 6.85
CA ALA A 352 -14.37 -14.26 5.57
C ALA A 352 -14.31 -15.79 5.50
N SER A 353 -14.10 -16.46 6.64
CA SER A 353 -14.10 -17.92 6.74
C SER A 353 -15.55 -18.46 6.71
N GLY A 354 -16.53 -17.67 7.16
CA GLY A 354 -17.97 -17.96 7.07
C GLY A 354 -18.57 -18.38 8.42
N GLN A 355 -17.70 -18.69 9.40
CA GLN A 355 -18.04 -19.29 10.69
C GLN A 355 -18.76 -18.32 11.65
N LEU A 356 -18.71 -17.01 11.37
CA LEU A 356 -19.42 -15.98 12.12
C LEU A 356 -20.92 -15.96 11.74
N GLY A 357 -21.25 -16.36 10.50
CA GLY A 357 -22.56 -16.70 9.93
C GLY A 357 -23.70 -17.00 10.92
N PRO A 358 -23.69 -18.17 11.60
CA PRO A 358 -24.65 -18.55 12.67
C PRO A 358 -24.92 -17.51 13.77
N LEU A 359 -23.92 -16.71 14.18
CA LEU A 359 -24.07 -15.65 15.17
C LEU A 359 -24.69 -14.41 14.53
N MET A 360 -24.32 -14.07 13.27
CA MET A 360 -24.84 -12.94 12.50
C MET A 360 -26.37 -13.01 12.28
N CYS A 361 -26.94 -14.22 12.31
CA CYS A 361 -28.38 -14.48 12.25
C CYS A 361 -29.14 -14.02 13.52
N GLN A 362 -28.48 -13.95 14.69
CA GLN A 362 -29.15 -13.76 15.98
C GLN A 362 -29.38 -12.27 16.31
N PHE A 363 -28.55 -11.37 15.76
CA PHE A 363 -28.54 -9.95 16.12
C PHE A 363 -29.66 -9.16 15.41
N GLY A 364 -30.14 -9.63 14.25
CA GLY A 364 -31.24 -9.02 13.51
C GLY A 364 -30.77 -8.30 12.23
N LEU A 365 -29.58 -8.62 11.73
CA LEU A 365 -28.93 -8.01 10.56
C LEU A 365 -29.67 -8.34 9.25
N PRO A 366 -29.55 -7.50 8.18
CA PRO A 366 -30.20 -7.70 6.88
C PRO A 366 -30.02 -9.10 6.27
N ALA A 367 -31.05 -9.64 5.61
CA ALA A 367 -31.06 -10.97 5.00
C ALA A 367 -29.95 -11.17 3.96
N GLU A 368 -29.64 -10.10 3.20
CA GLU A 368 -28.57 -10.06 2.20
C GLU A 368 -27.17 -10.02 2.85
N ALA A 369 -27.06 -9.49 4.07
CA ALA A 369 -25.82 -9.47 4.85
C ALA A 369 -25.60 -10.82 5.52
N VAL A 370 -26.64 -11.41 6.12
CA VAL A 370 -26.64 -12.75 6.72
C VAL A 370 -26.30 -13.85 5.67
N GLU A 371 -26.85 -13.73 4.45
CA GLU A 371 -26.54 -14.56 3.27
C GLU A 371 -25.04 -14.54 2.92
N ALA A 372 -24.48 -13.33 2.84
CA ALA A 372 -23.07 -13.07 2.54
C ALA A 372 -22.14 -13.56 3.66
N ALA A 373 -22.51 -13.32 4.93
CA ALA A 373 -21.72 -13.65 6.12
C ALA A 373 -21.62 -15.16 6.38
N ASN A 374 -22.63 -15.95 5.98
CA ASN A 374 -22.63 -17.41 6.09
C ASN A 374 -21.79 -18.07 4.99
N LYS A 375 -21.78 -17.50 3.78
CA LYS A 375 -21.01 -18.00 2.65
C LYS A 375 -19.54 -17.52 2.67
N GLY A 376 -19.28 -16.34 3.25
CA GLY A 376 -17.96 -15.82 3.57
C GLY A 376 -17.57 -14.58 2.76
N ASP A 377 -18.54 -13.87 2.16
CA ASP A 377 -18.30 -12.70 1.33
C ASP A 377 -18.35 -11.44 2.21
N VAL A 378 -17.21 -10.78 2.37
CA VAL A 378 -17.03 -9.55 3.16
C VAL A 378 -17.53 -8.32 2.38
N GLU A 379 -17.38 -8.31 1.04
CA GLU A 379 -17.75 -7.21 0.14
C GLU A 379 -19.28 -7.06 0.09
N ALA A 380 -19.99 -8.18 -0.15
CA ALA A 380 -21.45 -8.24 -0.20
C ALA A 380 -22.08 -7.98 1.19
N PHE A 381 -21.42 -8.40 2.27
CA PHE A 381 -21.80 -8.10 3.67
C PHE A 381 -21.83 -6.58 3.91
N ALA A 382 -20.70 -5.90 3.66
CA ALA A 382 -20.54 -4.46 3.89
C ALA A 382 -21.44 -3.62 2.96
N LYS A 383 -21.63 -4.08 1.71
CA LYS A 383 -22.52 -3.46 0.73
C LYS A 383 -23.99 -3.58 1.15
N ALA A 384 -24.42 -4.77 1.61
CA ALA A 384 -25.77 -5.04 2.11
C ALA A 384 -26.08 -4.22 3.38
N MET A 385 -25.11 -4.09 4.28
CA MET A 385 -25.22 -3.29 5.50
C MET A 385 -25.30 -1.78 5.18
N GLN A 386 -24.49 -1.31 4.23
CA GLN A 386 -24.46 0.08 3.75
C GLN A 386 -25.76 0.46 3.02
N ASN A 387 -26.33 -0.44 2.22
CA ASN A 387 -27.58 -0.22 1.48
C ASN A 387 -28.77 -0.10 2.46
N ASN A 388 -28.78 -0.89 3.53
CA ASN A 388 -29.82 -0.93 4.56
C ASN A 388 -29.54 0.03 5.74
N ALA A 389 -28.52 0.91 5.62
CA ALA A 389 -28.18 1.92 6.62
C ALA A 389 -29.02 3.20 6.48
N LYS A 390 -30.09 3.19 5.67
CA LYS A 390 -31.02 4.28 5.42
C LYS A 390 -32.48 3.78 5.33
N PRO A 391 -33.49 4.63 5.63
CA PRO A 391 -34.92 4.28 5.47
C PRO A 391 -35.37 4.36 4.00
N GLU A 392 -36.62 3.94 3.73
CA GLU A 392 -37.27 4.01 2.43
C GLU A 392 -37.57 5.49 2.10
N GLN A 393 -36.96 5.99 1.01
CA GLN A 393 -36.95 7.38 0.59
C GLN A 393 -36.89 7.47 -0.94
N LYS A 394 -37.24 8.67 -1.45
CA LYS A 394 -37.04 9.17 -2.81
C LYS A 394 -38.23 8.97 -3.77
N GLU A 395 -39.38 8.44 -3.28
CA GLU A 395 -40.64 8.40 -4.03
C GLU A 395 -41.57 9.54 -3.59
N GLY A 396 -41.47 9.98 -2.32
CA GLY A 396 -42.33 10.99 -1.69
C GLY A 396 -42.89 10.45 -0.38
N ASP A 397 -42.02 9.82 0.40
CA ASP A 397 -42.30 8.85 1.46
C ASP A 397 -42.47 9.49 2.84
N THR A 398 -42.41 10.82 2.93
CA THR A 398 -42.48 11.63 4.16
C THR A 398 -43.95 11.69 4.64
N LYS A 399 -44.45 10.58 5.20
CA LYS A 399 -45.75 10.38 5.82
C LYS A 399 -46.86 10.23 4.77
N ASP A 400 -46.69 9.29 3.82
CA ASP A 400 -47.65 8.96 2.76
C ASP A 400 -48.79 8.11 3.35
N LYS A 401 -49.98 8.20 2.74
CA LYS A 401 -51.19 7.49 3.14
C LYS A 401 -51.21 6.16 2.38
N LYS A 402 -50.94 5.06 3.09
CA LYS A 402 -50.92 3.71 2.55
C LYS A 402 -52.34 3.12 2.63
N ASP A 403 -53.04 3.36 3.74
CA ASP A 403 -54.40 2.93 4.02
C ASP A 403 -55.39 3.96 3.45
N GLU A 404 -56.64 3.54 3.27
CA GLU A 404 -57.75 4.34 2.75
C GLU A 404 -58.37 5.14 3.92
N GLU A 405 -58.35 6.47 3.81
CA GLU A 405 -58.72 7.44 4.84
C GLU A 405 -60.25 7.56 5.05
N GLU A 406 -61.03 7.40 3.98
CA GLU A 406 -62.47 7.57 3.97
C GLU A 406 -63.15 6.27 4.48
N ASP A 407 -63.80 6.35 5.64
CA ASP A 407 -64.67 5.31 6.22
C ASP A 407 -66.14 5.55 5.82
N MET A 408 -66.43 6.68 5.17
CA MET A 408 -67.75 7.19 4.83
C MET A 408 -68.36 6.54 3.56
N SER A 409 -67.76 5.44 3.08
CA SER A 409 -68.12 4.70 1.87
C SER A 409 -68.14 3.18 2.12
N LEU A 410 -68.39 2.77 3.37
CA LEU A 410 -68.50 1.37 3.81
C LEU A 410 -69.82 0.73 3.34
N ASP A 411 -70.86 1.54 3.12
CA ASP A 411 -72.14 1.20 2.49
C ASP A 411 -72.37 2.25 1.40
N MET A 5 34.18 26.16 -24.66
CA MET A 5 34.23 26.77 -23.31
C MET A 5 35.30 26.08 -22.46
N THR A 6 35.11 24.79 -22.13
CA THR A 6 35.91 23.95 -21.21
C THR A 6 37.37 23.66 -21.66
N THR A 7 38.04 24.64 -22.27
CA THR A 7 39.43 24.62 -22.71
C THR A 7 40.13 25.99 -22.47
N SER A 8 39.37 27.03 -22.11
CA SER A 8 39.87 28.38 -21.83
C SER A 8 39.16 28.92 -20.58
N GLY A 9 39.91 29.35 -19.56
CA GLY A 9 39.42 29.86 -18.29
C GLY A 9 39.93 29.01 -17.12
N ALA A 10 40.18 29.65 -15.98
CA ALA A 10 40.68 29.03 -14.74
C ALA A 10 40.17 29.77 -13.49
N LEU A 11 39.06 30.52 -13.61
CA LEU A 11 38.52 31.42 -12.58
C LEU A 11 36.98 31.44 -12.59
N PHE A 12 36.34 30.31 -12.93
CA PHE A 12 34.88 30.15 -13.00
C PHE A 12 34.26 30.24 -11.59
N PRO A 13 33.32 31.19 -11.32
CA PRO A 13 32.65 31.34 -10.01
C PRO A 13 31.99 30.04 -9.49
N SER A 14 32.41 29.57 -8.31
CA SER A 14 31.90 28.42 -7.56
C SER A 14 32.77 28.26 -6.29
N LEU A 15 34.10 28.20 -6.47
CA LEU A 15 35.10 28.01 -5.43
C LEU A 15 35.85 29.32 -5.19
N VAL A 16 36.54 29.42 -4.05
CA VAL A 16 37.48 30.48 -3.70
C VAL A 16 38.67 29.88 -2.92
N PRO A 17 39.67 29.26 -3.61
CA PRO A 17 40.85 28.63 -3.00
C PRO A 17 41.60 29.54 -2.00
N GLY A 18 41.72 29.08 -0.74
CA GLY A 18 42.47 29.74 0.33
C GLY A 18 41.56 30.31 1.43
N SER A 19 40.26 30.42 1.19
CA SER A 19 39.28 31.05 2.08
C SER A 19 37.92 30.34 2.03
N ARG A 20 37.93 29.00 2.02
CA ARG A 20 36.74 28.15 2.13
C ARG A 20 36.13 28.24 3.55
N GLY A 21 34.81 28.18 3.66
CA GLY A 21 34.06 28.29 4.91
C GLY A 21 33.30 26.99 5.24
N ALA A 22 32.57 26.45 4.28
CA ALA A 22 31.85 25.18 4.37
C ALA A 22 31.72 24.52 2.99
N SER A 23 31.07 25.24 2.06
CA SER A 23 30.94 24.95 0.62
C SER A 23 30.16 23.64 0.31
N ASN A 24 29.23 23.26 1.21
CA ASN A 24 28.41 22.05 1.14
C ASN A 24 27.04 22.35 1.74
N LYS A 25 26.33 23.33 1.16
CA LYS A 25 24.96 23.72 1.53
C LYS A 25 23.92 22.67 1.07
N TYR A 26 22.65 22.90 1.36
CA TYR A 26 21.52 22.03 1.00
C TYR A 26 21.31 22.06 -0.52
N LEU A 27 21.05 20.87 -1.10
CA LEU A 27 20.86 20.64 -2.53
C LEU A 27 19.39 20.91 -2.91
N VAL A 28 18.45 20.55 -2.03
CA VAL A 28 17.02 20.81 -2.11
C VAL A 28 16.52 21.13 -0.69
N GLU A 29 15.50 21.97 -0.57
CA GLU A 29 14.76 22.29 0.66
C GLU A 29 13.32 22.63 0.26
N PHE A 30 12.31 22.04 0.91
CA PHE A 30 10.89 22.31 0.69
C PHE A 30 10.08 22.01 1.95
N ARG A 31 9.00 22.77 2.19
CA ARG A 31 8.14 22.59 3.37
C ARG A 31 7.13 21.47 3.07
N ALA A 32 7.21 20.38 3.83
CA ALA A 32 6.39 19.19 3.70
C ALA A 32 6.28 18.45 5.03
N GLY A 33 5.18 17.72 5.21
CA GLY A 33 4.91 16.80 6.31
C GLY A 33 4.84 15.37 5.77
N LYS A 34 4.56 14.40 6.64
CA LYS A 34 4.56 12.98 6.33
C LYS A 34 3.41 12.22 7.02
N MET A 35 3.29 10.93 6.68
CA MET A 35 2.39 9.96 7.32
C MET A 35 3.19 9.12 8.32
N SER A 36 2.52 8.60 9.36
CA SER A 36 3.04 7.69 10.36
C SER A 36 1.91 6.84 10.97
N LEU A 37 2.25 5.78 11.70
CA LEU A 37 1.31 4.87 12.36
C LEU A 37 0.98 5.39 13.77
N LYS A 38 -0.29 5.27 14.19
CA LYS A 38 -0.74 5.41 15.58
C LYS A 38 -0.98 4.01 16.21
N GLY A 39 -0.53 2.95 15.54
CA GLY A 39 -0.87 1.55 15.76
C GLY A 39 -1.39 1.02 14.42
N THR A 40 -2.43 0.18 14.42
CA THR A 40 -3.08 -0.37 13.23
C THR A 40 -4.02 0.70 12.58
N THR A 41 -3.52 1.93 12.46
CA THR A 41 -4.13 3.12 11.87
C THR A 41 -2.96 4.00 11.37
N VAL A 42 -2.96 4.36 10.08
CA VAL A 42 -2.04 5.34 9.49
C VAL A 42 -2.71 6.72 9.65
N THR A 43 -1.93 7.74 10.02
CA THR A 43 -2.38 9.12 10.27
C THR A 43 -1.33 10.10 9.71
N PRO A 44 -1.72 11.25 9.12
CA PRO A 44 -0.79 12.32 8.75
C PRO A 44 -0.32 13.08 10.01
N ASP A 45 0.94 13.54 10.03
CA ASP A 45 1.48 14.41 11.09
C ASP A 45 0.83 15.81 11.00
N LYS A 46 0.93 16.59 12.08
CA LYS A 46 0.31 17.90 12.25
C LYS A 46 1.31 18.97 12.74
N ARG A 47 2.62 18.76 12.55
CA ARG A 47 3.64 19.78 12.77
C ARG A 47 3.88 20.56 11.47
N LYS A 48 4.60 21.68 11.58
CA LYS A 48 5.21 22.38 10.46
C LYS A 48 6.55 21.65 10.19
N GLY A 49 6.80 21.25 8.95
CA GLY A 49 7.93 20.42 8.55
C GLY A 49 8.74 21.02 7.39
N LEU A 50 9.98 20.57 7.23
CA LEU A 50 10.89 20.86 6.13
C LEU A 50 11.58 19.55 5.74
N VAL A 51 11.37 19.08 4.51
CA VAL A 51 12.20 18.06 3.87
C VAL A 51 13.37 18.83 3.25
N TYR A 52 14.59 18.31 3.41
CA TYR A 52 15.81 18.87 2.85
C TYR A 52 16.77 17.76 2.45
N ILE A 53 17.65 18.06 1.49
CA ILE A 53 18.60 17.16 0.89
C ILE A 53 19.96 17.86 0.95
N GLN A 54 21.01 17.13 1.33
CA GLN A 54 22.39 17.58 1.42
C GLN A 54 23.31 16.43 0.96
N GLN A 55 24.53 16.73 0.51
CA GLN A 55 25.51 15.72 0.13
C GLN A 55 26.36 15.37 1.38
N THR A 56 26.73 14.10 1.55
CA THR A 56 27.68 13.65 2.56
C THR A 56 29.11 13.93 2.06
N ASP A 57 30.12 13.86 2.95
CA ASP A 57 31.54 13.98 2.63
C ASP A 57 32.08 12.69 1.96
N ASP A 58 31.29 11.59 1.95
CA ASP A 58 31.55 10.37 1.19
C ASP A 58 30.97 10.48 -0.25
N SER A 59 30.21 11.53 -0.54
CA SER A 59 29.63 11.95 -1.83
C SER A 59 28.29 11.28 -2.17
N LEU A 60 27.58 10.76 -1.16
CA LEU A 60 26.23 10.21 -1.26
C LEU A 60 25.23 11.33 -0.90
N ILE A 61 23.95 11.10 -1.19
CA ILE A 61 22.86 12.04 -0.94
C ILE A 61 22.22 11.67 0.40
N HIS A 62 22.18 12.62 1.34
CA HIS A 62 21.53 12.50 2.65
C HIS A 62 20.17 13.21 2.51
N PHE A 63 19.08 12.45 2.61
CA PHE A 63 17.70 12.93 2.58
C PHE A 63 17.26 13.00 4.05
N CYS A 64 16.65 14.10 4.47
CA CYS A 64 16.31 14.36 5.87
C CYS A 64 15.07 15.25 6.02
N TRP A 65 14.33 15.06 7.12
CA TRP A 65 13.17 15.86 7.50
C TRP A 65 13.48 16.55 8.83
N LYS A 66 13.35 17.88 8.86
CA LYS A 66 13.44 18.72 10.03
C LYS A 66 12.01 19.17 10.37
N ASP A 67 11.63 19.10 11.65
CA ASP A 67 10.39 19.70 12.16
C ASP A 67 10.70 21.19 12.43
N ARG A 68 9.73 22.06 12.21
CA ARG A 68 9.83 23.51 12.42
C ARG A 68 9.00 23.95 13.64
N THR A 69 8.31 23.04 14.34
CA THR A 69 7.47 23.33 15.50
C THR A 69 8.34 23.28 16.78
N SER A 70 9.26 22.32 16.90
CA SER A 70 10.25 22.22 17.97
C SER A 70 11.65 22.58 17.45
N GLY A 71 12.06 22.04 16.28
CA GLY A 71 13.30 22.34 15.59
C GLY A 71 14.20 21.11 15.39
N ASN A 72 13.68 19.89 15.56
CA ASN A 72 14.41 18.63 15.59
C ASN A 72 14.48 18.01 14.18
N VAL A 73 15.59 17.36 13.85
CA VAL A 73 15.73 16.50 12.68
C VAL A 73 15.43 15.08 13.19
N GLU A 74 14.16 14.66 13.08
CA GLU A 74 13.62 13.43 13.65
C GLU A 74 13.77 12.23 12.67
N ASP A 75 14.06 12.47 11.39
CA ASP A 75 14.12 11.45 10.34
C ASP A 75 15.19 11.80 9.30
N ASP A 76 16.08 10.85 8.98
CA ASP A 76 17.17 10.97 8.02
C ASP A 76 17.51 9.59 7.44
N LEU A 77 17.81 9.54 6.13
CA LEU A 77 18.24 8.36 5.37
C LEU A 77 19.26 8.79 4.31
N ILE A 78 20.31 7.99 4.07
CA ILE A 78 21.29 8.23 3.01
C ILE A 78 20.88 7.36 1.80
N ILE A 79 20.84 7.98 0.61
CA ILE A 79 20.38 7.41 -0.64
C ILE A 79 21.62 7.20 -1.55
N PHE A 80 21.66 6.04 -2.21
CA PHE A 80 22.62 5.66 -3.25
C PHE A 80 22.01 5.95 -4.64
N PRO A 81 22.82 6.16 -5.70
CA PRO A 81 22.32 6.56 -7.03
C PRO A 81 21.42 5.50 -7.69
N ASP A 82 20.18 5.91 -7.99
CA ASP A 82 19.08 5.17 -8.63
C ASP A 82 18.31 4.25 -7.68
N ASP A 83 18.75 4.10 -6.43
CA ASP A 83 18.28 3.09 -5.47
C ASP A 83 16.90 3.41 -4.86
N CYS A 84 16.47 4.67 -4.97
CA CYS A 84 15.23 5.21 -4.47
C CYS A 84 14.66 6.17 -5.51
N GLU A 85 13.34 6.13 -5.74
CA GLU A 85 12.59 7.00 -6.63
C GLU A 85 11.64 7.85 -5.77
N PHE A 86 11.48 9.14 -6.10
CA PHE A 86 10.48 10.04 -5.55
C PHE A 86 9.47 10.32 -6.67
N LYS A 87 8.17 10.12 -6.41
CA LYS A 87 7.08 10.21 -7.38
C LYS A 87 5.85 10.87 -6.72
N ARG A 88 5.00 11.53 -7.53
CA ARG A 88 3.71 12.07 -7.11
C ARG A 88 2.68 10.93 -7.03
N VAL A 89 1.76 10.97 -6.06
CA VAL A 89 0.66 10.00 -5.95
C VAL A 89 -0.40 10.34 -7.04
N PRO A 90 -0.79 9.39 -7.92
CA PRO A 90 -1.68 9.68 -9.06
C PRO A 90 -3.16 9.84 -8.66
N GLN A 91 -3.59 9.23 -7.54
CA GLN A 91 -4.95 9.32 -7.00
C GLN A 91 -5.16 10.58 -6.14
N CYS A 92 -4.15 11.47 -6.03
CA CYS A 92 -4.25 12.76 -5.38
C CYS A 92 -4.97 13.74 -6.33
N PRO A 93 -6.03 14.45 -5.89
CA PRO A 93 -6.78 15.40 -6.75
C PRO A 93 -6.05 16.74 -6.95
N SER A 94 -5.30 17.22 -5.95
CA SER A 94 -4.61 18.52 -6.00
C SER A 94 -3.19 18.37 -6.59
N GLY A 95 -2.49 17.27 -6.28
CA GLY A 95 -1.13 16.99 -6.76
C GLY A 95 -0.06 17.22 -5.68
N ARG A 96 -0.48 17.39 -4.42
CA ARG A 96 0.35 17.82 -3.29
C ARG A 96 0.95 16.63 -2.49
N VAL A 97 0.49 15.39 -2.72
CA VAL A 97 0.94 14.20 -2.00
C VAL A 97 1.91 13.42 -2.91
N TYR A 98 3.05 13.01 -2.33
CA TYR A 98 4.19 12.39 -2.97
C TYR A 98 4.61 11.15 -2.17
N VAL A 99 5.33 10.23 -2.82
CA VAL A 99 5.84 9.00 -2.25
C VAL A 99 7.30 8.82 -2.66
N LEU A 100 8.15 8.60 -1.66
CA LEU A 100 9.54 8.18 -1.77
C LEU A 100 9.49 6.64 -1.64
N LYS A 101 9.99 5.91 -2.63
CA LYS A 101 9.90 4.45 -2.75
C LYS A 101 11.29 3.88 -3.03
N PHE A 102 11.77 3.07 -2.09
CA PHE A 102 13.09 2.45 -2.06
C PHE A 102 12.99 1.09 -2.78
N LYS A 103 13.87 0.83 -3.74
CA LYS A 103 13.83 -0.35 -4.59
C LYS A 103 14.53 -1.53 -3.90
N ALA A 104 15.53 -1.27 -3.06
CA ALA A 104 16.13 -2.23 -2.13
C ALA A 104 15.37 -2.11 -0.81
N GLY A 105 14.59 -3.13 -0.46
CA GLY A 105 13.86 -3.26 0.81
C GLY A 105 12.35 -3.11 0.63
N SER A 106 11.91 -2.44 -0.45
CA SER A 106 10.52 -2.24 -0.88
C SER A 106 9.77 -1.19 -0.05
N LYS A 107 10.49 -0.43 0.79
CA LYS A 107 9.99 0.58 1.72
C LYS A 107 9.37 1.77 0.95
N ARG A 108 8.26 2.31 1.48
CA ARG A 108 7.56 3.49 0.99
C ARG A 108 7.41 4.47 2.14
N LEU A 109 7.72 5.76 1.91
CA LEU A 109 7.45 6.87 2.81
C LEU A 109 6.64 7.89 2.01
N PHE A 110 5.43 8.21 2.49
CA PHE A 110 4.49 9.15 1.87
C PHE A 110 4.66 10.51 2.55
N PHE A 111 4.80 11.55 1.73
CA PHE A 111 5.01 12.95 2.11
C PHE A 111 3.91 13.80 1.48
N TRP A 112 3.63 14.97 2.05
CA TRP A 112 2.64 15.94 1.56
C TRP A 112 3.17 17.36 1.74
N MET A 113 3.11 18.17 0.68
CA MET A 113 3.67 19.53 0.63
C MET A 113 2.80 20.51 1.43
N GLN A 114 3.45 21.37 2.22
CA GLN A 114 2.82 22.37 3.09
C GLN A 114 2.92 23.79 2.50
N GLU A 115 3.55 23.95 1.33
CA GLU A 115 3.66 25.21 0.58
C GLU A 115 2.32 25.49 -0.14
N PRO A 116 1.82 26.75 -0.15
CA PRO A 116 0.46 27.07 -0.61
C PRO A 116 0.29 27.08 -2.15
N LYS A 117 1.33 27.50 -2.89
CA LYS A 117 1.36 27.48 -4.35
C LYS A 117 1.87 26.09 -4.79
N THR A 118 1.09 25.40 -5.64
CA THR A 118 1.25 23.99 -5.95
C THR A 118 2.09 23.73 -7.23
N ASP A 119 2.45 24.79 -7.97
CA ASP A 119 3.29 24.71 -9.18
C ASP A 119 4.73 24.29 -8.83
N GLN A 120 5.21 24.74 -7.67
CA GLN A 120 6.50 24.47 -7.07
C GLN A 120 6.69 22.98 -6.70
N ASP A 121 5.61 22.25 -6.41
CA ASP A 121 5.63 20.85 -5.95
C ASP A 121 6.25 19.91 -7.02
N GLU A 122 5.93 20.15 -8.30
CA GLU A 122 6.45 19.42 -9.45
C GLU A 122 7.93 19.78 -9.71
N GLU A 123 8.27 21.07 -9.59
CA GLU A 123 9.63 21.63 -9.65
C GLU A 123 10.55 21.01 -8.57
N HIS A 124 10.04 20.87 -7.34
CA HIS A 124 10.69 20.18 -6.22
C HIS A 124 10.89 18.70 -6.53
N CYS A 125 9.83 17.99 -6.95
CA CYS A 125 9.84 16.57 -7.31
C CYS A 125 10.90 16.20 -8.36
N ARG A 126 11.04 17.03 -9.42
CA ARG A 126 12.10 16.95 -10.43
C ARG A 126 13.49 17.08 -9.77
N LYS A 127 13.74 18.18 -9.05
CA LYS A 127 14.99 18.46 -8.35
C LYS A 127 15.41 17.36 -7.36
N VAL A 128 14.48 16.84 -6.55
CA VAL A 128 14.67 15.67 -5.68
C VAL A 128 15.13 14.44 -6.50
N ASN A 129 14.30 13.98 -7.43
CA ASN A 129 14.49 12.70 -8.13
C ASN A 129 15.75 12.71 -9.04
N GLU A 130 16.13 13.88 -9.58
CA GLU A 130 17.37 14.09 -10.32
C GLU A 130 18.61 13.86 -9.44
N TYR A 131 18.58 14.26 -8.16
CA TYR A 131 19.69 13.99 -7.22
C TYR A 131 19.67 12.54 -6.74
N LEU A 132 18.50 11.90 -6.57
CA LEU A 132 18.41 10.48 -6.21
C LEU A 132 18.90 9.58 -7.37
N ASN A 133 18.73 10.02 -8.62
CA ASN A 133 19.30 9.43 -9.83
C ASN A 133 20.82 9.70 -9.88
N ASN A 134 21.24 10.98 -9.84
CA ASN A 134 22.62 11.40 -10.10
C ASN A 134 23.08 12.46 -9.07
N PRO A 135 23.87 12.07 -8.05
CA PRO A 135 24.57 13.01 -7.14
C PRO A 135 25.42 14.08 -7.89
N PRO A 136 25.72 15.24 -7.26
CA PRO A 136 26.41 16.35 -7.95
C PRO A 136 27.90 16.08 -8.25
N MET A 137 28.60 15.36 -7.38
CA MET A 137 29.95 14.84 -7.63
C MET A 137 29.82 13.41 -8.18
N PRO A 138 30.70 12.97 -9.11
CA PRO A 138 30.72 11.59 -9.61
C PRO A 138 31.32 10.63 -8.56
N GLY A 139 30.74 9.43 -8.45
CA GLY A 139 31.20 8.35 -7.58
C GLY A 139 31.43 7.08 -8.41
N ALA A 140 32.41 6.26 -8.01
CA ALA A 140 32.71 4.97 -8.62
C ALA A 140 31.78 3.92 -7.99
N LEU A 141 30.82 3.41 -8.76
CA LEU A 141 29.82 2.42 -8.37
C LEU A 141 29.52 1.57 -9.61
N GLY A 142 30.47 0.71 -9.98
CA GLY A 142 30.45 -0.12 -11.18
C GLY A 142 31.68 0.18 -12.05
N ALA A 143 31.87 -0.60 -13.12
CA ALA A 143 33.00 -0.52 -14.06
C ALA A 143 32.60 -0.70 -15.53
N SER A 144 31.29 -0.73 -15.83
CA SER A 144 30.69 -0.73 -17.17
C SER A 144 30.82 -2.09 -17.90
N GLY A 145 31.07 -3.18 -17.17
CA GLY A 145 31.36 -4.52 -17.69
C GLY A 145 30.33 -5.57 -17.26
N SER A 146 29.15 -5.14 -16.78
CA SER A 146 28.06 -6.01 -16.36
C SER A 146 27.32 -6.59 -17.58
N SER A 147 26.73 -7.78 -17.41
CA SER A 147 25.81 -8.42 -18.36
C SER A 147 24.37 -7.89 -18.20
N GLY A 148 24.09 -7.10 -17.15
CA GLY A 148 22.81 -6.46 -16.87
C GLY A 148 22.96 -4.94 -16.85
N HIS A 149 22.06 -4.26 -16.13
CA HIS A 149 22.00 -2.81 -15.89
C HIS A 149 21.47 -2.07 -17.13
N GLU A 150 20.19 -2.30 -17.44
CA GLU A 150 19.43 -1.68 -18.52
C GLU A 150 18.03 -1.34 -18.01
N LEU A 151 17.43 -0.28 -18.54
CA LEU A 151 16.15 0.32 -18.15
C LEU A 151 15.25 0.60 -19.37
N SER A 152 15.81 0.70 -20.59
CA SER A 152 15.09 0.97 -21.83
C SER A 152 14.73 -0.32 -22.58
N ALA A 153 14.93 -1.50 -21.97
CA ALA A 153 14.52 -2.81 -22.48
C ALA A 153 13.00 -2.96 -22.29
N LEU A 154 12.29 -3.28 -23.38
CA LEU A 154 10.85 -3.48 -23.43
C LEU A 154 10.52 -4.50 -24.53
N GLY A 155 10.94 -4.20 -25.77
CA GLY A 155 10.89 -5.09 -26.93
C GLY A 155 12.30 -5.28 -27.47
N GLY A 156 12.68 -6.53 -27.79
CA GLY A 156 13.93 -6.92 -28.41
C GLY A 156 13.65 -7.76 -29.67
N GLU A 157 14.58 -7.75 -30.62
CA GLU A 157 14.51 -8.53 -31.85
C GLU A 157 14.85 -10.02 -31.61
N GLY A 158 15.65 -10.31 -30.59
CA GLY A 158 15.97 -11.63 -30.07
C GLY A 158 15.69 -11.66 -28.56
N GLY A 159 15.25 -12.82 -28.05
CA GLY A 159 14.96 -13.06 -26.63
C GLY A 159 15.77 -14.22 -26.04
N LEU A 160 16.73 -14.77 -26.80
CA LEU A 160 17.58 -15.89 -26.42
C LEU A 160 18.58 -15.46 -25.33
N GLN A 161 18.61 -16.20 -24.22
CA GLN A 161 19.44 -15.91 -23.04
C GLN A 161 20.81 -16.63 -23.13
N SER A 162 20.90 -17.66 -23.98
CA SER A 162 22.12 -18.43 -24.26
C SER A 162 23.00 -17.67 -25.28
N LEU A 163 24.30 -17.98 -25.31
CA LEU A 163 25.26 -17.44 -26.27
C LEU A 163 25.07 -18.14 -27.62
N LEU A 164 24.64 -17.40 -28.65
CA LEU A 164 24.49 -17.86 -30.03
C LEU A 164 25.89 -17.84 -30.69
N GLY A 165 26.63 -16.73 -30.50
CA GLY A 165 28.03 -16.55 -30.85
C GLY A 165 28.83 -16.20 -29.59
N ASN A 166 30.16 -16.32 -29.66
CA ASN A 166 31.13 -15.99 -28.63
C ASN A 166 32.45 -15.61 -29.32
N MET A 167 33.35 -14.91 -28.64
CA MET A 167 34.64 -14.43 -29.14
C MET A 167 35.49 -15.58 -29.72
N SER A 168 35.80 -15.49 -31.02
CA SER A 168 36.51 -16.44 -31.89
C SER A 168 35.62 -17.56 -32.48
N HIS A 169 34.41 -17.76 -31.95
CA HIS A 169 33.31 -18.62 -32.42
C HIS A 169 33.63 -20.13 -32.36
N SER A 170 34.59 -20.52 -31.51
CA SER A 170 35.09 -21.89 -31.34
C SER A 170 33.99 -22.88 -30.87
N GLN A 171 33.93 -24.06 -31.49
CA GLN A 171 33.02 -25.16 -31.17
C GLN A 171 33.73 -26.47 -31.56
N LEU A 172 34.83 -26.79 -30.87
CA LEU A 172 35.60 -28.02 -31.08
C LEU A 172 34.97 -29.18 -30.28
N MET A 173 34.29 -28.87 -29.17
CA MET A 173 33.50 -29.77 -28.35
C MET A 173 32.01 -29.48 -28.59
N GLN A 174 31.16 -30.46 -28.29
CA GLN A 174 29.70 -30.43 -28.50
C GLN A 174 28.92 -29.70 -27.39
N LEU A 175 29.63 -29.05 -26.44
CA LEU A 175 29.16 -28.31 -25.27
C LEU A 175 28.91 -29.24 -24.06
N ILE A 176 28.53 -28.65 -22.92
CA ILE A 176 28.20 -29.29 -21.64
C ILE A 176 26.89 -30.12 -21.72
N GLY A 177 26.57 -30.82 -20.62
CA GLY A 177 25.48 -31.77 -20.51
C GLY A 177 25.97 -33.06 -19.85
N PRO A 178 26.66 -33.98 -20.57
CA PRO A 178 27.16 -35.26 -20.03
C PRO A 178 28.40 -35.08 -19.13
N ALA A 179 28.24 -34.42 -17.99
CA ALA A 179 29.24 -34.21 -16.95
C ALA A 179 28.55 -34.09 -15.59
N GLY A 180 27.76 -33.03 -15.40
CA GLY A 180 27.04 -32.69 -14.18
C GLY A 180 27.59 -31.39 -13.59
N LEU A 181 27.48 -31.24 -12.26
CA LEU A 181 28.08 -30.19 -11.42
C LEU A 181 27.33 -28.84 -11.58
N GLY A 182 26.01 -28.88 -11.42
CA GLY A 182 25.09 -27.75 -11.57
C GLY A 182 23.93 -28.09 -12.52
N GLY A 183 23.05 -27.11 -12.75
CA GLY A 183 21.84 -27.21 -13.57
C GLY A 183 21.86 -26.21 -14.73
N LEU A 184 20.72 -26.08 -15.40
CA LEU A 184 20.47 -25.20 -16.55
C LEU A 184 18.99 -24.76 -16.55
N GLY A 185 18.58 -24.01 -17.58
CA GLY A 185 17.23 -23.49 -17.78
C GLY A 185 16.59 -24.16 -19.00
N GLY A 186 16.21 -23.37 -20.01
CA GLY A 186 15.47 -23.79 -21.19
C GLY A 186 14.24 -22.90 -21.36
N LEU A 187 13.06 -23.51 -21.54
CA LEU A 187 11.75 -22.88 -21.69
C LEU A 187 11.52 -22.36 -23.13
N GLY A 188 11.97 -23.12 -24.12
CA GLY A 188 11.90 -22.81 -25.55
C GLY A 188 10.99 -23.80 -26.27
N ALA A 189 11.58 -24.68 -27.08
CA ALA A 189 10.97 -25.70 -27.96
C ALA A 189 10.68 -25.17 -29.37
N LEU A 190 10.41 -26.09 -30.31
CA LEU A 190 10.23 -25.80 -31.74
C LEU A 190 8.79 -25.37 -32.06
N THR A 191 7.83 -25.64 -31.16
CA THR A 191 6.40 -25.35 -31.24
C THR A 191 5.72 -26.33 -32.21
N GLY A 192 5.33 -27.49 -31.69
CA GLY A 192 4.88 -28.67 -32.44
C GLY A 192 5.70 -29.90 -32.00
N PRO A 193 5.68 -31.01 -32.78
CA PRO A 193 6.37 -32.25 -32.41
C PRO A 193 7.90 -32.15 -32.52
N GLY A 194 8.41 -31.72 -33.67
CA GLY A 194 9.83 -31.53 -33.94
C GLY A 194 10.39 -32.70 -34.75
N LEU A 195 11.72 -32.89 -34.67
CA LEU A 195 12.42 -34.00 -35.34
C LEU A 195 12.35 -35.28 -34.49
N ALA A 196 12.29 -35.17 -33.15
CA ALA A 196 12.25 -36.28 -32.21
C ALA A 196 10.80 -36.78 -32.00
N SER A 197 9.84 -35.86 -31.96
CA SER A 197 8.38 -36.03 -31.85
C SER A 197 7.90 -36.27 -30.40
N LEU A 198 6.59 -36.19 -30.19
CA LEU A 198 5.90 -36.75 -29.02
C LEU A 198 5.67 -38.26 -29.29
N LEU A 199 5.30 -39.01 -28.23
CA LEU A 199 5.15 -40.46 -28.26
C LEU A 199 3.93 -40.89 -29.09
N GLY A 200 2.76 -40.29 -28.84
CA GLY A 200 1.53 -40.48 -29.61
C GLY A 200 0.52 -41.33 -28.85
N SER A 201 -0.44 -41.91 -29.60
CA SER A 201 -1.48 -42.87 -29.23
C SER A 201 -2.78 -42.20 -28.75
N SER A 202 -3.94 -42.75 -29.13
CA SER A 202 -5.27 -42.36 -28.66
C SER A 202 -5.59 -43.14 -27.38
N GLY A 203 -5.96 -42.44 -26.31
CA GLY A 203 -6.33 -42.98 -25.00
C GLY A 203 -7.73 -42.53 -24.57
N PRO A 204 -8.22 -42.98 -23.39
CA PRO A 204 -9.50 -42.55 -22.81
C PRO A 204 -9.43 -41.10 -22.27
N PRO A 205 -10.59 -40.43 -22.04
CA PRO A 205 -10.62 -39.03 -21.60
C PRO A 205 -10.21 -38.86 -20.12
N GLY A 206 -9.57 -37.73 -19.81
CA GLY A 206 -9.02 -37.40 -18.50
C GLY A 206 -7.52 -37.11 -18.60
N SER A 207 -6.79 -37.31 -17.50
CA SER A 207 -5.35 -37.10 -17.36
C SER A 207 -4.84 -38.14 -16.35
N SER A 208 -4.19 -37.71 -15.27
CA SER A 208 -3.75 -38.53 -14.13
C SER A 208 -4.93 -39.05 -13.28
N SER A 209 -6.15 -38.55 -13.53
CA SER A 209 -7.43 -39.00 -13.01
C SER A 209 -8.48 -38.86 -14.13
N SER A 210 -9.67 -39.42 -13.94
CA SER A 210 -10.80 -39.41 -14.86
C SER A 210 -12.11 -39.38 -14.02
N SER A 211 -13.23 -39.06 -14.68
CA SER A 211 -14.61 -38.89 -14.19
C SER A 211 -14.89 -37.44 -13.77
N SER A 212 -16.03 -36.89 -14.19
CA SER A 212 -16.52 -35.55 -13.91
C SER A 212 -17.62 -35.58 -12.83
N SER A 213 -18.07 -34.40 -12.38
CA SER A 213 -19.15 -34.20 -11.42
C SER A 213 -20.51 -34.60 -12.05
N ARG A 214 -21.44 -35.12 -11.26
CA ARG A 214 -22.72 -35.68 -11.67
C ARG A 214 -23.75 -34.55 -11.95
N SER A 215 -23.46 -33.72 -12.96
CA SER A 215 -24.32 -32.72 -13.61
C SER A 215 -24.56 -31.45 -12.76
N GLN A 216 -24.08 -31.45 -11.51
CA GLN A 216 -24.34 -30.48 -10.43
C GLN A 216 -25.77 -30.67 -9.86
N SER A 217 -26.29 -31.90 -9.92
CA SER A 217 -27.62 -32.30 -9.48
C SER A 217 -27.81 -32.21 -7.94
N ALA A 218 -29.07 -32.13 -7.50
CA ALA A 218 -29.47 -32.04 -6.10
C ALA A 218 -29.31 -33.40 -5.36
N ALA A 219 -29.22 -33.34 -4.03
CA ALA A 219 -29.06 -34.50 -3.15
C ALA A 219 -30.34 -35.32 -3.04
N VAL A 220 -30.19 -36.64 -2.90
CA VAL A 220 -31.21 -37.67 -2.73
C VAL A 220 -30.69 -38.68 -1.67
N THR A 221 -31.41 -39.79 -1.48
CA THR A 221 -31.12 -40.84 -0.50
C THR A 221 -31.07 -42.24 -1.18
N PRO A 222 -29.97 -42.60 -1.91
CA PRO A 222 -29.87 -43.85 -2.68
C PRO A 222 -30.14 -45.16 -1.91
N SER A 223 -29.56 -45.33 -0.73
CA SER A 223 -29.66 -46.53 0.12
C SER A 223 -29.60 -46.21 1.62
N SER A 224 -29.65 -44.93 1.98
CA SER A 224 -29.60 -44.38 3.34
C SER A 224 -31.01 -44.27 3.99
N THR A 225 -32.02 -44.90 3.38
CA THR A 225 -33.39 -45.07 3.86
C THR A 225 -33.78 -46.55 3.65
N THR A 226 -34.67 -47.08 4.50
CA THR A 226 -35.07 -48.49 4.55
C THR A 226 -35.94 -48.88 3.33
N SER A 227 -35.99 -50.20 3.04
CA SER A 227 -36.78 -50.85 1.99
C SER A 227 -38.26 -50.40 1.96
N SER A 228 -38.65 -49.71 0.88
CA SER A 228 -39.95 -49.10 0.69
C SER A 228 -40.24 -48.99 -0.81
N THR A 229 -39.65 -47.98 -1.46
CA THR A 229 -39.69 -47.72 -2.90
C THR A 229 -38.28 -47.31 -3.37
N ARG A 230 -37.87 -47.79 -4.55
CA ARG A 230 -36.59 -47.49 -5.20
C ARG A 230 -36.86 -46.58 -6.41
N ALA A 231 -35.92 -45.68 -6.72
CA ALA A 231 -35.85 -44.85 -7.93
C ALA A 231 -36.98 -43.80 -8.00
N THR A 232 -37.35 -43.23 -6.85
CA THR A 232 -38.45 -42.28 -6.65
C THR A 232 -38.43 -40.97 -7.50
N PRO A 233 -37.28 -40.32 -7.84
CA PRO A 233 -37.25 -39.14 -8.74
C PRO A 233 -37.93 -39.36 -10.11
N ALA A 234 -38.60 -38.33 -10.63
CA ALA A 234 -39.22 -38.32 -11.95
C ALA A 234 -38.15 -38.14 -13.05
N PRO A 235 -38.38 -38.66 -14.28
CA PRO A 235 -37.43 -38.52 -15.40
C PRO A 235 -37.43 -37.09 -15.98
N SER A 236 -36.26 -36.63 -16.43
CA SER A 236 -36.03 -35.32 -17.04
C SER A 236 -36.50 -35.30 -18.51
N ALA A 237 -37.05 -34.17 -18.95
CA ALA A 237 -37.42 -33.89 -20.34
C ALA A 237 -36.16 -33.51 -21.17
N PRO A 238 -36.16 -33.71 -22.51
CA PRO A 238 -35.01 -33.38 -23.37
C PRO A 238 -34.83 -31.86 -23.63
N ALA A 239 -35.84 -31.04 -23.30
CA ALA A 239 -35.80 -29.58 -23.30
C ALA A 239 -36.60 -29.09 -22.08
N ALA A 240 -36.10 -28.05 -21.40
CA ALA A 240 -36.65 -27.48 -20.17
C ALA A 240 -36.41 -25.97 -20.12
N ALA A 241 -36.55 -25.29 -21.27
CA ALA A 241 -36.29 -23.87 -21.49
C ALA A 241 -37.07 -22.92 -20.56
N SER A 242 -38.28 -23.33 -20.15
CA SER A 242 -39.11 -22.74 -19.09
C SER A 242 -39.82 -21.44 -19.52
N ALA A 243 -40.74 -20.93 -18.69
CA ALA A 243 -41.48 -19.69 -18.90
C ALA A 243 -40.60 -18.44 -18.71
N THR A 244 -39.56 -18.55 -17.89
CA THR A 244 -38.46 -17.61 -17.71
C THR A 244 -37.17 -18.38 -18.01
N SER A 245 -36.31 -17.87 -18.90
CA SER A 245 -35.10 -18.57 -19.35
C SER A 245 -34.02 -18.57 -18.24
N PRO A 246 -33.40 -19.73 -17.90
CA PRO A 246 -32.23 -19.81 -17.01
C PRO A 246 -31.07 -18.88 -17.40
N SER A 247 -30.41 -18.27 -16.41
CA SER A 247 -29.25 -17.37 -16.52
C SER A 247 -29.55 -16.09 -17.34
N PRO A 248 -30.28 -15.10 -16.79
CA PRO A 248 -30.61 -13.81 -17.45
C PRO A 248 -29.43 -13.07 -18.11
N ALA A 249 -28.25 -13.10 -17.47
CA ALA A 249 -26.96 -12.67 -18.00
C ALA A 249 -25.99 -13.85 -17.85
N PRO A 250 -25.67 -14.63 -18.91
CA PRO A 250 -24.71 -15.75 -18.88
C PRO A 250 -23.31 -15.37 -18.36
N SER A 251 -22.79 -14.21 -18.78
CA SER A 251 -21.53 -13.62 -18.32
C SER A 251 -21.83 -12.67 -17.14
N SER A 252 -20.91 -12.61 -16.17
CA SER A 252 -20.93 -11.82 -14.94
C SER A 252 -21.64 -12.58 -13.79
N GLY A 253 -21.76 -11.92 -12.64
CA GLY A 253 -22.38 -12.41 -11.40
C GLY A 253 -21.39 -12.48 -10.24
N ASN A 254 -20.08 -12.37 -10.52
CA ASN A 254 -18.96 -12.32 -9.59
C ASN A 254 -17.97 -11.26 -10.06
N GLY A 255 -16.97 -11.66 -10.85
CA GLY A 255 -15.95 -10.80 -11.45
C GLY A 255 -14.56 -11.18 -10.94
N ALA A 256 -13.55 -11.15 -11.83
CA ALA A 256 -12.18 -11.54 -11.53
C ALA A 256 -11.36 -10.34 -10.98
N SER A 257 -11.36 -9.21 -11.70
CA SER A 257 -10.58 -8.02 -11.38
C SER A 257 -11.26 -6.72 -11.88
N THR A 258 -12.58 -6.75 -12.07
CA THR A 258 -13.41 -5.63 -12.54
C THR A 258 -13.74 -4.68 -11.36
N ALA A 259 -12.69 -4.09 -10.78
CA ALA A 259 -12.73 -3.08 -9.71
C ALA A 259 -13.09 -1.70 -10.27
N ALA A 260 -13.45 -0.76 -9.39
CA ALA A 260 -13.72 0.63 -9.73
C ALA A 260 -12.39 1.38 -9.90
N SER A 261 -12.10 1.76 -11.14
CA SER A 261 -10.89 2.41 -11.69
C SER A 261 -9.81 1.38 -12.07
N PRO A 262 -9.01 1.60 -13.15
CA PRO A 262 -7.88 0.74 -13.54
C PRO A 262 -6.84 0.51 -12.42
N THR A 263 -6.32 -0.71 -12.29
CA THR A 263 -5.27 -1.09 -11.36
C THR A 263 -4.51 -2.29 -11.95
N GLN A 264 -3.17 -2.29 -11.83
CA GLN A 264 -2.27 -3.38 -12.22
C GLN A 264 -0.98 -3.26 -11.36
N PRO A 265 -0.99 -3.72 -10.09
CA PRO A 265 0.15 -3.53 -9.17
C PRO A 265 1.29 -4.52 -9.45
N ILE A 266 2.42 -4.04 -10.00
CA ILE A 266 3.56 -4.87 -10.40
C ILE A 266 4.51 -5.10 -9.20
N GLN A 267 4.79 -4.04 -8.43
CA GLN A 267 5.69 -4.02 -7.27
C GLN A 267 5.06 -3.19 -6.14
N LEU A 268 3.75 -3.37 -5.94
CA LEU A 268 2.92 -2.73 -4.92
C LEU A 268 1.77 -3.66 -4.52
N SER A 269 2.09 -4.95 -4.38
CA SER A 269 1.16 -6.04 -4.07
C SER A 269 1.76 -6.83 -2.89
N ASP A 270 2.28 -8.03 -3.14
CA ASP A 270 2.69 -9.06 -2.18
C ASP A 270 3.88 -8.68 -1.30
N LEU A 271 4.55 -7.56 -1.61
CA LEU A 271 5.61 -6.93 -0.83
C LEU A 271 5.03 -6.13 0.34
N GLN A 272 3.82 -5.57 0.18
CA GLN A 272 3.17 -4.69 1.16
C GLN A 272 2.66 -5.51 2.36
N SER A 273 2.14 -6.72 2.11
CA SER A 273 1.62 -7.65 3.10
C SER A 273 2.72 -8.29 3.98
N ILE A 274 3.99 -8.14 3.62
CA ILE A 274 5.14 -8.46 4.49
C ILE A 274 5.32 -7.25 5.42
N LEU A 275 5.60 -6.06 4.84
CA LEU A 275 5.95 -4.81 5.52
C LEU A 275 4.87 -4.33 6.50
N ALA A 276 3.59 -4.49 6.16
CA ALA A 276 2.42 -4.17 6.98
C ALA A 276 2.22 -5.14 8.16
N THR A 277 3.09 -6.14 8.33
CA THR A 277 3.10 -7.13 9.40
C THR A 277 4.46 -7.11 10.15
N MET A 278 5.40 -6.22 9.78
CA MET A 278 6.72 -6.11 10.43
C MET A 278 6.66 -5.14 11.63
N ASN A 279 6.29 -3.87 11.39
CA ASN A 279 6.38 -2.77 12.37
C ASN A 279 5.17 -2.75 13.32
N VAL A 280 4.06 -3.34 12.88
CA VAL A 280 2.78 -3.55 13.55
C VAL A 280 2.28 -4.89 12.96
N PRO A 281 1.66 -5.82 13.71
CA PRO A 281 1.22 -7.11 13.16
C PRO A 281 0.00 -6.99 12.22
N ALA A 282 -1.00 -6.20 12.64
CA ALA A 282 -2.11 -5.67 11.83
C ALA A 282 -3.25 -6.67 11.57
N GLY A 283 -3.42 -7.68 12.44
CA GLY A 283 -4.55 -8.61 12.44
C GLY A 283 -4.14 -10.06 12.21
N PRO A 284 -5.09 -11.03 12.34
CA PRO A 284 -4.80 -12.47 12.16
C PRO A 284 -4.71 -12.89 10.67
N ALA A 285 -5.52 -12.26 9.80
CA ALA A 285 -5.59 -12.48 8.37
C ALA A 285 -5.94 -11.15 7.70
N GLY A 286 -7.19 -10.71 7.84
CA GLY A 286 -7.64 -9.38 7.48
C GLY A 286 -8.58 -9.40 6.29
N GLY A 287 -8.15 -8.78 5.19
CA GLY A 287 -8.92 -8.55 3.97
C GLY A 287 -8.89 -7.05 3.65
N GLN A 288 -9.81 -6.29 4.24
CA GLN A 288 -10.05 -4.86 3.97
C GLN A 288 -10.32 -4.07 5.26
N GLN A 289 -9.98 -4.65 6.42
CA GLN A 289 -10.34 -4.25 7.80
C GLN A 289 -10.25 -2.75 8.13
N VAL A 290 -9.18 -2.09 7.67
CA VAL A 290 -8.88 -0.67 7.89
C VAL A 290 -9.90 0.23 7.17
N ASP A 291 -10.30 -0.15 5.96
CA ASP A 291 -11.28 0.57 5.15
C ASP A 291 -12.71 0.17 5.55
N LEU A 292 -12.95 -1.12 5.85
CA LEU A 292 -14.23 -1.67 6.34
C LEU A 292 -14.72 -0.99 7.62
N ALA A 293 -13.80 -0.54 8.50
CA ALA A 293 -14.09 0.22 9.71
C ALA A 293 -14.70 1.62 9.45
N SER A 294 -14.58 2.15 8.23
CA SER A 294 -15.20 3.41 7.80
C SER A 294 -16.62 3.14 7.26
N VAL A 295 -16.93 1.92 6.83
CA VAL A 295 -18.23 1.50 6.32
C VAL A 295 -19.07 0.96 7.51
N LEU A 296 -18.52 0.00 8.24
CA LEU A 296 -19.07 -0.64 9.42
C LEU A 296 -18.48 0.10 10.63
N THR A 297 -19.04 1.27 10.95
CA THR A 297 -18.55 2.18 11.99
C THR A 297 -18.94 1.68 13.41
N PRO A 298 -18.29 2.19 14.49
CA PRO A 298 -18.65 1.87 15.89
C PRO A 298 -20.12 2.07 16.25
N GLU A 299 -20.83 3.00 15.59
CA GLU A 299 -22.26 3.27 15.71
C GLU A 299 -23.12 2.03 15.40
N ILE A 300 -22.66 1.21 14.44
CA ILE A 300 -23.29 -0.02 13.99
C ILE A 300 -22.69 -1.20 14.78
N MET A 301 -21.35 -1.26 14.90
CA MET A 301 -20.62 -2.46 15.30
C MET A 301 -20.43 -2.61 16.82
N ALA A 302 -20.42 -1.53 17.61
CA ALA A 302 -20.20 -1.57 19.07
C ALA A 302 -21.03 -2.62 19.86
N PRO A 303 -22.37 -2.70 19.73
CA PRO A 303 -23.17 -3.74 20.42
C PRO A 303 -23.03 -5.14 19.80
N ILE A 304 -22.52 -5.28 18.58
CA ILE A 304 -22.26 -6.55 17.91
C ILE A 304 -20.95 -7.12 18.48
N LEU A 305 -19.88 -6.32 18.52
CA LEU A 305 -18.55 -6.69 19.00
C LEU A 305 -18.52 -6.93 20.52
N ALA A 306 -19.42 -6.28 21.28
CA ALA A 306 -19.52 -6.40 22.73
C ALA A 306 -20.32 -7.64 23.18
N ASN A 307 -20.93 -8.40 22.27
CA ASN A 307 -21.68 -9.63 22.57
C ASN A 307 -20.69 -10.74 22.97
N ALA A 308 -20.97 -11.45 24.08
CA ALA A 308 -20.08 -12.41 24.72
C ALA A 308 -19.62 -13.55 23.79
N ASP A 309 -20.53 -14.05 22.95
CA ASP A 309 -20.28 -15.11 21.96
C ASP A 309 -19.40 -14.64 20.78
N VAL A 310 -19.25 -13.32 20.59
CA VAL A 310 -18.32 -12.71 19.63
C VAL A 310 -17.00 -12.42 20.39
N GLN A 311 -17.05 -11.80 21.59
CA GLN A 311 -15.89 -11.44 22.41
C GLN A 311 -14.92 -12.61 22.66
N GLU A 312 -15.45 -13.77 23.06
CA GLU A 312 -14.67 -14.97 23.38
C GLU A 312 -14.04 -15.64 22.15
N ARG A 313 -14.40 -15.23 20.93
CA ARG A 313 -13.73 -15.62 19.69
C ARG A 313 -12.68 -14.54 19.36
N LEU A 314 -13.05 -13.26 19.42
CA LEU A 314 -12.20 -12.11 19.06
C LEU A 314 -10.97 -11.97 19.97
N LEU A 315 -11.14 -12.01 21.30
CA LEU A 315 -10.08 -11.90 22.32
C LEU A 315 -8.82 -12.78 22.07
N PRO A 316 -8.93 -14.13 21.91
CA PRO A 316 -7.78 -14.98 21.59
C PRO A 316 -7.28 -14.90 20.12
N TYR A 317 -8.04 -14.29 19.19
CA TYR A 317 -7.65 -14.13 17.79
C TYR A 317 -6.85 -12.82 17.55
N LEU A 318 -6.62 -12.01 18.58
CA LEU A 318 -5.66 -10.89 18.56
C LEU A 318 -4.20 -11.41 18.61
N PRO A 319 -3.21 -10.63 18.13
CA PRO A 319 -1.76 -10.97 18.16
C PRO A 319 -1.20 -11.52 19.48
N SER A 320 -1.71 -11.04 20.62
CA SER A 320 -1.47 -11.40 22.02
C SER A 320 -0.60 -10.35 22.73
N GLY A 321 -1.10 -9.81 23.84
CA GLY A 321 -0.55 -8.68 24.59
C GLY A 321 -1.55 -7.51 24.66
N GLU A 322 -2.63 -7.55 23.87
CA GLU A 322 -3.70 -6.57 23.77
C GLU A 322 -5.06 -7.26 23.85
N SER A 323 -6.11 -6.47 24.13
CA SER A 323 -7.51 -6.86 24.25
C SER A 323 -8.35 -5.70 23.69
N LEU A 324 -9.44 -5.98 22.96
CA LEU A 324 -10.46 -4.99 22.61
C LEU A 324 -11.30 -4.65 23.87
N PRO A 325 -11.83 -3.41 24.01
CA PRO A 325 -12.71 -3.01 25.12
C PRO A 325 -13.92 -3.95 25.34
N GLN A 326 -14.24 -4.25 26.61
CA GLN A 326 -15.12 -5.36 27.00
C GLN A 326 -16.62 -5.01 27.02
N THR A 327 -17.01 -3.79 26.65
CA THR A 327 -18.39 -3.31 26.61
C THR A 327 -18.53 -2.24 25.52
N ALA A 328 -19.70 -2.15 24.88
CA ALA A 328 -20.00 -1.33 23.70
C ALA A 328 -19.75 0.17 23.90
N ASP A 329 -20.00 0.69 25.11
CA ASP A 329 -19.74 2.08 25.52
C ASP A 329 -18.25 2.46 25.35
N GLU A 330 -17.35 1.55 25.73
CA GLU A 330 -15.91 1.74 25.66
C GLU A 330 -15.40 1.50 24.21
N ILE A 331 -16.00 0.58 23.45
CA ILE A 331 -15.71 0.36 22.02
C ILE A 331 -16.07 1.62 21.20
N GLN A 332 -17.19 2.28 21.54
CA GLN A 332 -17.66 3.50 20.89
C GLN A 332 -16.80 4.73 21.26
N ASN A 333 -16.44 4.90 22.54
CA ASN A 333 -15.97 6.18 23.08
C ASN A 333 -14.51 6.20 23.56
N THR A 334 -13.85 5.05 23.73
CA THR A 334 -12.57 4.93 24.44
C THR A 334 -11.48 4.31 23.53
N LEU A 335 -11.46 4.72 22.26
CA LEU A 335 -10.38 4.47 21.29
C LEU A 335 -10.36 5.59 20.24
N THR A 336 -9.26 5.68 19.49
CA THR A 336 -9.18 6.53 18.29
C THR A 336 -9.71 5.70 17.10
N SER A 337 -9.09 4.53 16.84
CA SER A 337 -9.31 3.62 15.73
C SER A 337 -8.54 2.29 15.84
N PRO A 338 -7.25 2.22 16.27
CA PRO A 338 -6.41 1.00 16.25
C PRO A 338 -7.06 -0.31 16.74
N GLN A 339 -7.66 -0.35 17.93
CA GLN A 339 -8.29 -1.57 18.47
C GLN A 339 -9.59 -1.95 17.75
N PHE A 340 -10.29 -0.97 17.14
CA PHE A 340 -11.49 -1.20 16.34
C PHE A 340 -11.08 -1.70 14.93
N GLN A 341 -10.03 -1.12 14.34
CA GLN A 341 -9.45 -1.55 13.06
C GLN A 341 -8.71 -2.89 13.16
N GLN A 342 -8.29 -3.31 14.37
CA GLN A 342 -7.89 -4.69 14.67
C GLN A 342 -9.13 -5.59 14.72
N ALA A 343 -10.15 -5.22 15.51
CA ALA A 343 -11.41 -5.96 15.72
C ALA A 343 -12.15 -6.32 14.42
N LEU A 344 -12.16 -5.38 13.45
CA LEU A 344 -12.65 -5.58 12.09
C LEU A 344 -11.91 -6.68 11.30
N GLY A 345 -10.71 -7.11 11.73
CA GLY A 345 -9.88 -8.09 11.04
C GLY A 345 -10.07 -9.49 11.62
N MET A 346 -10.34 -9.59 12.94
CA MET A 346 -10.83 -10.82 13.57
C MET A 346 -12.27 -11.11 13.10
N PHE A 347 -13.09 -10.04 13.00
CA PHE A 347 -14.45 -10.07 12.45
C PHE A 347 -14.43 -10.54 10.99
N SER A 348 -13.60 -9.94 10.12
CA SER A 348 -13.45 -10.34 8.72
C SER A 348 -12.97 -11.80 8.55
N ALA A 349 -12.05 -12.27 9.40
CA ALA A 349 -11.55 -13.65 9.37
C ALA A 349 -12.65 -14.67 9.75
N ALA A 350 -13.42 -14.39 10.80
CA ALA A 350 -14.53 -15.23 11.25
C ALA A 350 -15.71 -15.19 10.26
N LEU A 351 -16.00 -14.01 9.70
CA LEU A 351 -17.03 -13.77 8.69
C LEU A 351 -16.67 -14.48 7.36
N ALA A 352 -15.40 -14.44 6.93
CA ALA A 352 -14.89 -15.10 5.73
C ALA A 352 -14.90 -16.62 5.85
N SER A 353 -14.56 -17.16 7.04
CA SER A 353 -14.56 -18.58 7.34
C SER A 353 -16.01 -19.14 7.40
N GLY A 354 -16.97 -18.33 7.86
CA GLY A 354 -18.41 -18.60 7.82
C GLY A 354 -18.98 -18.89 9.21
N GLN A 355 -18.10 -19.11 10.20
CA GLN A 355 -18.39 -19.53 11.57
C GLN A 355 -19.13 -18.46 12.39
N LEU A 356 -19.07 -17.19 11.96
CA LEU A 356 -19.72 -16.05 12.60
C LEU A 356 -21.20 -15.99 12.19
N GLY A 357 -21.54 -16.46 10.97
CA GLY A 357 -22.85 -16.74 10.39
C GLY A 357 -24.04 -16.88 11.38
N PRO A 358 -24.10 -17.97 12.18
CA PRO A 358 -25.08 -18.20 13.23
C PRO A 358 -25.35 -17.04 14.22
N LEU A 359 -24.34 -16.21 14.54
CA LEU A 359 -24.51 -15.06 15.44
C LEU A 359 -25.11 -13.88 14.66
N MET A 360 -24.74 -13.69 13.39
CA MET A 360 -25.30 -12.66 12.50
C MET A 360 -26.81 -12.86 12.27
N CYS A 361 -27.28 -14.13 12.31
CA CYS A 361 -28.70 -14.50 12.30
C CYS A 361 -29.41 -14.12 13.62
N GLN A 362 -28.70 -14.13 14.76
CA GLN A 362 -29.26 -13.95 16.10
C GLN A 362 -29.48 -12.45 16.39
N PHE A 363 -28.65 -11.55 15.83
CA PHE A 363 -28.75 -10.10 16.02
C PHE A 363 -29.94 -9.50 15.25
N GLY A 364 -30.32 -10.09 14.11
CA GLY A 364 -31.50 -9.69 13.33
C GLY A 364 -31.11 -8.88 12.08
N LEU A 365 -29.87 -9.05 11.59
CA LEU A 365 -29.28 -8.32 10.47
C LEU A 365 -29.97 -8.64 9.11
N PRO A 366 -29.82 -7.78 8.07
CA PRO A 366 -30.42 -7.97 6.73
C PRO A 366 -30.20 -9.36 6.12
N ALA A 367 -31.20 -9.89 5.39
CA ALA A 367 -31.21 -11.22 4.80
C ALA A 367 -30.03 -11.45 3.83
N GLU A 368 -29.68 -10.43 3.02
CA GLU A 368 -28.55 -10.43 2.10
C GLU A 368 -27.20 -10.42 2.86
N ALA A 369 -27.13 -9.77 4.03
CA ALA A 369 -25.94 -9.74 4.89
C ALA A 369 -25.79 -11.08 5.63
N VAL A 370 -26.88 -11.63 6.17
CA VAL A 370 -26.95 -12.96 6.78
C VAL A 370 -26.56 -14.08 5.79
N GLU A 371 -27.01 -14.00 4.54
CA GLU A 371 -26.62 -14.89 3.44
C GLU A 371 -25.11 -14.78 3.17
N ALA A 372 -24.60 -13.55 2.98
CA ALA A 372 -23.18 -13.24 2.77
C ALA A 372 -22.27 -13.73 3.90
N ALA A 373 -22.71 -13.59 5.17
CA ALA A 373 -21.99 -14.00 6.38
C ALA A 373 -21.86 -15.52 6.52
N ASN A 374 -22.86 -16.27 6.02
CA ASN A 374 -22.87 -17.73 6.04
C ASN A 374 -22.15 -18.31 4.82
N LYS A 375 -22.09 -17.58 3.69
CA LYS A 375 -21.32 -17.94 2.50
C LYS A 375 -19.82 -17.67 2.70
N GLY A 376 -19.47 -16.50 3.25
CA GLY A 376 -18.08 -16.06 3.45
C GLY A 376 -17.74 -14.77 2.67
N ASP A 377 -18.75 -14.04 2.16
CA ASP A 377 -18.57 -12.87 1.30
C ASP A 377 -18.52 -11.61 2.18
N VAL A 378 -17.32 -11.27 2.67
CA VAL A 378 -17.04 -10.11 3.52
C VAL A 378 -17.40 -8.77 2.82
N GLU A 379 -17.10 -8.68 1.52
CA GLU A 379 -17.41 -7.50 0.70
C GLU A 379 -18.94 -7.31 0.56
N ALA A 380 -19.70 -8.38 0.29
CA ALA A 380 -21.15 -8.33 0.07
C ALA A 380 -21.92 -7.99 1.36
N PHE A 381 -21.41 -8.44 2.52
CA PHE A 381 -21.90 -8.06 3.85
C PHE A 381 -21.82 -6.55 4.07
N ALA A 382 -20.64 -5.97 3.77
CA ALA A 382 -20.37 -4.54 3.90
C ALA A 382 -21.16 -3.73 2.86
N LYS A 383 -21.25 -4.21 1.60
CA LYS A 383 -21.97 -3.56 0.50
C LYS A 383 -23.48 -3.44 0.79
N ALA A 384 -24.07 -4.47 1.39
CA ALA A 384 -25.46 -4.49 1.82
C ALA A 384 -25.69 -3.50 2.98
N MET A 385 -24.87 -3.60 4.04
CA MET A 385 -25.02 -2.79 5.26
C MET A 385 -24.67 -1.30 5.02
N GLN A 386 -23.88 -0.98 3.99
CA GLN A 386 -23.57 0.38 3.53
C GLN A 386 -24.81 1.02 2.87
N ASN A 387 -25.54 0.25 2.05
CA ASN A 387 -26.71 0.69 1.29
C ASN A 387 -28.00 0.74 2.13
N ASN A 388 -28.00 0.11 3.31
CA ASN A 388 -29.12 0.08 4.26
C ASN A 388 -28.64 0.24 5.71
N ALA A 389 -27.79 1.25 5.96
CA ALA A 389 -27.37 1.67 7.30
C ALA A 389 -28.48 2.47 8.01
N LYS A 390 -29.40 3.05 7.23
CA LYS A 390 -30.64 3.69 7.65
C LYS A 390 -31.70 2.63 8.05
N PRO A 391 -32.74 2.99 8.83
CA PRO A 391 -33.81 2.05 9.22
C PRO A 391 -34.80 1.71 8.09
N GLU A 392 -34.85 2.50 7.01
CA GLU A 392 -35.60 2.30 5.76
C GLU A 392 -37.07 2.76 5.80
N GLN A 393 -37.62 2.96 7.01
CA GLN A 393 -39.00 3.37 7.29
C GLN A 393 -40.01 2.21 7.09
N LYS A 394 -39.51 0.96 7.17
CA LYS A 394 -40.28 -0.28 6.99
C LYS A 394 -41.14 -0.65 8.22
N GLU A 395 -40.88 -0.02 9.38
CA GLU A 395 -41.68 -0.13 10.59
C GLU A 395 -42.90 0.79 10.44
N GLY A 396 -44.10 0.23 10.58
CA GLY A 396 -45.38 0.86 10.26
C GLY A 396 -46.05 0.03 9.16
N ASP A 397 -46.59 0.69 8.14
CA ASP A 397 -47.10 0.10 6.91
C ASP A 397 -46.82 1.01 5.71
N THR A 398 -47.59 2.10 5.59
CA THR A 398 -47.54 3.06 4.48
C THR A 398 -47.51 4.48 5.06
N LYS A 399 -48.58 4.87 5.78
CA LYS A 399 -48.73 6.15 6.47
C LYS A 399 -48.70 5.86 7.97
N ASP A 400 -47.79 6.49 8.71
CA ASP A 400 -47.64 6.42 10.16
C ASP A 400 -46.98 7.70 10.68
N LYS A 401 -47.01 7.94 12.00
CA LYS A 401 -46.42 9.11 12.65
C LYS A 401 -44.88 9.05 12.67
N LYS A 402 -44.23 10.23 12.63
CA LYS A 402 -42.83 10.43 12.99
C LYS A 402 -42.81 11.14 14.35
N ASP A 403 -41.89 10.72 15.23
CA ASP A 403 -41.64 11.19 16.60
C ASP A 403 -42.60 10.56 17.62
N GLU A 404 -42.11 10.34 18.84
CA GLU A 404 -42.83 9.82 20.02
C GLU A 404 -43.25 8.36 19.78
N GLU A 405 -42.27 7.46 19.68
CA GLU A 405 -42.45 6.01 19.67
C GLU A 405 -42.71 5.52 21.10
N GLU A 406 -43.41 4.39 21.25
CA GLU A 406 -43.90 3.84 22.51
C GLU A 406 -43.79 2.30 22.51
N ASP A 407 -44.11 1.71 23.66
CA ASP A 407 -44.24 0.27 23.92
C ASP A 407 -45.55 0.07 24.71
N MET A 408 -46.17 -1.09 24.55
CA MET A 408 -47.39 -1.56 25.24
C MET A 408 -48.66 -0.88 24.67
N SER A 409 -49.82 -1.09 25.31
CA SER A 409 -51.10 -0.50 24.96
C SER A 409 -51.18 0.98 25.40
N LEU A 410 -52.02 1.76 24.71
CA LEU A 410 -52.19 3.22 24.91
C LEU A 410 -53.19 3.53 26.04
N ASP A 411 -53.71 2.53 26.75
CA ASP A 411 -54.63 2.62 27.87
C ASP A 411 -54.41 1.40 28.77
N MET A 5 27.86 33.18 -25.02
CA MET A 5 28.08 33.60 -26.42
C MET A 5 28.23 35.12 -26.46
N THR A 6 29.09 35.63 -27.36
CA THR A 6 29.31 37.05 -27.63
C THR A 6 28.01 37.73 -28.12
N THR A 7 27.72 38.92 -27.59
CA THR A 7 26.56 39.77 -27.92
C THR A 7 27.07 41.20 -28.26
N SER A 8 28.37 41.34 -28.54
CA SER A 8 29.07 42.59 -28.80
C SER A 8 28.62 43.18 -30.15
N GLY A 9 27.87 44.29 -30.12
CA GLY A 9 27.29 44.98 -31.26
C GLY A 9 25.76 44.96 -31.24
N ALA A 10 25.16 44.07 -30.43
CA ALA A 10 23.72 43.95 -30.19
C ALA A 10 23.37 44.50 -28.80
N LEU A 11 22.07 44.57 -28.49
CA LEU A 11 21.54 44.92 -27.18
C LEU A 11 21.57 43.68 -26.26
N PHE A 12 21.70 43.92 -24.95
CA PHE A 12 21.70 42.90 -23.90
C PHE A 12 21.04 43.47 -22.62
N PRO A 13 20.17 42.71 -21.91
CA PRO A 13 19.61 43.09 -20.60
C PRO A 13 20.66 43.48 -19.54
N SER A 14 20.26 44.34 -18.60
CA SER A 14 21.01 44.76 -17.42
C SER A 14 20.06 44.75 -16.21
N LEU A 15 20.60 44.61 -15.00
CA LEU A 15 19.90 44.65 -13.70
C LEU A 15 19.13 43.35 -13.41
N VAL A 16 19.65 42.21 -13.89
CA VAL A 16 19.14 40.86 -13.69
C VAL A 16 19.15 40.45 -12.18
N PRO A 17 18.22 39.60 -11.70
CA PRO A 17 18.09 39.27 -10.28
C PRO A 17 19.16 38.30 -9.74
N GLY A 18 19.70 37.42 -10.59
CA GLY A 18 20.71 36.42 -10.24
C GLY A 18 20.14 35.02 -10.45
N SER A 19 20.30 34.15 -9.43
CA SER A 19 19.83 32.78 -9.38
C SER A 19 19.46 32.44 -7.93
N ARG A 20 18.59 31.45 -7.75
CA ARG A 20 18.25 30.86 -6.45
C ARG A 20 19.36 29.89 -6.01
N GLY A 21 19.40 29.56 -4.71
CA GLY A 21 20.44 28.74 -4.07
C GLY A 21 21.19 29.48 -2.95
N ALA A 22 20.75 30.70 -2.60
CA ALA A 22 21.36 31.62 -1.64
C ALA A 22 21.34 31.15 -0.16
N SER A 23 20.69 30.02 0.14
CA SER A 23 20.65 29.36 1.45
C SER A 23 22.02 28.79 1.86
N ASN A 24 22.91 28.53 0.88
CA ASN A 24 24.31 28.08 1.00
C ASN A 24 24.41 26.59 1.35
N LYS A 25 23.72 26.18 2.41
CA LYS A 25 23.56 24.80 2.84
C LYS A 25 22.35 24.17 2.12
N TYR A 26 22.43 22.86 1.88
CA TYR A 26 21.39 21.97 1.35
C TYR A 26 21.33 22.00 -0.19
N LEU A 27 20.97 20.86 -0.81
CA LEU A 27 20.80 20.71 -2.25
C LEU A 27 19.36 21.12 -2.62
N VAL A 28 18.37 20.71 -1.83
CA VAL A 28 16.96 21.11 -1.91
C VAL A 28 16.42 21.24 -0.48
N GLU A 29 15.38 22.05 -0.30
CA GLU A 29 14.59 22.25 0.92
C GLU A 29 13.15 22.55 0.47
N PHE A 30 12.15 21.91 1.08
CA PHE A 30 10.73 22.12 0.83
C PHE A 30 9.89 21.81 2.08
N ARG A 31 8.82 22.57 2.31
CA ARG A 31 7.96 22.45 3.49
C ARG A 31 6.92 21.33 3.22
N ALA A 32 6.97 20.26 4.01
CA ALA A 32 6.12 19.09 3.90
C ALA A 32 6.11 18.29 5.21
N GLY A 33 5.06 17.51 5.42
CA GLY A 33 4.89 16.56 6.52
C GLY A 33 4.76 15.15 5.95
N LYS A 34 5.13 14.12 6.72
CA LYS A 34 5.08 12.72 6.30
C LYS A 34 3.88 11.99 6.93
N MET A 35 3.47 10.89 6.29
CA MET A 35 2.50 9.92 6.79
C MET A 35 3.26 8.73 7.38
N SER A 36 2.67 8.05 8.37
CA SER A 36 3.20 6.86 9.03
C SER A 36 2.06 6.05 9.66
N LEU A 37 2.34 4.79 10.03
CA LEU A 37 1.45 3.91 10.77
C LEU A 37 1.50 4.31 12.25
N LYS A 38 0.33 4.60 12.84
CA LYS A 38 0.11 4.96 14.23
C LYS A 38 -0.52 3.74 14.97
N GLY A 39 -0.16 2.53 14.53
CA GLY A 39 -0.79 1.27 14.85
C GLY A 39 -1.28 0.69 13.53
N THR A 40 -2.55 0.26 13.46
CA THR A 40 -3.19 -0.21 12.23
C THR A 40 -3.58 0.97 11.31
N THR A 41 -3.75 2.19 11.85
CA THR A 41 -4.18 3.38 11.13
C THR A 41 -2.94 4.07 10.52
N VAL A 42 -2.97 4.36 9.21
CA VAL A 42 -2.02 5.23 8.52
C VAL A 42 -2.51 6.67 8.78
N THR A 43 -1.66 7.52 9.37
CA THR A 43 -2.01 8.87 9.83
C THR A 43 -0.96 9.88 9.30
N PRO A 44 -1.37 11.08 8.82
CA PRO A 44 -0.44 12.19 8.52
C PRO A 44 -0.02 12.89 9.83
N ASP A 45 1.25 13.31 9.94
CA ASP A 45 1.69 14.20 11.03
C ASP A 45 1.17 15.62 10.76
N LYS A 46 0.92 16.36 11.84
CA LYS A 46 0.35 17.71 11.87
C LYS A 46 1.37 18.74 12.38
N ARG A 47 2.60 18.34 12.75
CA ARG A 47 3.73 19.23 12.96
C ARG A 47 4.13 19.90 11.62
N LYS A 48 4.58 21.15 11.68
CA LYS A 48 5.03 21.91 10.50
C LYS A 48 6.47 21.44 10.22
N GLY A 49 6.70 20.79 9.09
CA GLY A 49 7.95 20.12 8.77
C GLY A 49 8.64 20.75 7.56
N LEU A 50 9.94 20.48 7.42
CA LEU A 50 10.78 20.80 6.29
C LEU A 50 11.49 19.51 5.91
N VAL A 51 11.28 19.03 4.68
CA VAL A 51 12.06 17.98 4.04
C VAL A 51 13.24 18.69 3.36
N TYR A 52 14.44 18.13 3.47
CA TYR A 52 15.67 18.70 2.97
C TYR A 52 16.62 17.60 2.49
N ILE A 53 17.48 17.94 1.53
CA ILE A 53 18.40 17.04 0.85
C ILE A 53 19.80 17.66 1.01
N GLN A 54 20.75 16.85 1.46
CA GLN A 54 22.15 17.18 1.71
C GLN A 54 23.01 16.07 1.09
N GLN A 55 24.33 16.11 1.31
CA GLN A 55 25.33 15.18 0.77
C GLN A 55 26.41 14.97 1.83
N THR A 56 26.91 13.74 1.98
CA THR A 56 28.00 13.37 2.89
C THR A 56 29.34 13.39 2.10
N ASP A 57 30.46 13.40 2.83
CA ASP A 57 31.84 13.36 2.31
C ASP A 57 32.16 12.08 1.50
N ASP A 58 31.31 11.05 1.61
CA ASP A 58 31.38 9.78 0.89
C ASP A 58 30.92 9.92 -0.57
N SER A 59 30.21 11.01 -0.90
CA SER A 59 29.57 11.32 -2.19
C SER A 59 28.16 10.68 -2.28
N LEU A 60 27.60 10.27 -1.15
CA LEU A 60 26.23 9.76 -1.01
C LEU A 60 25.34 10.95 -0.62
N ILE A 61 24.08 10.90 -1.05
CA ILE A 61 23.06 11.91 -0.80
C ILE A 61 22.40 11.57 0.55
N HIS A 62 22.01 12.59 1.31
CA HIS A 62 21.42 12.47 2.64
C HIS A 62 20.05 13.16 2.60
N PHE A 63 18.97 12.36 2.55
CA PHE A 63 17.59 12.83 2.59
C PHE A 63 17.18 12.88 4.07
N CYS A 64 16.56 13.97 4.50
CA CYS A 64 16.21 14.21 5.90
C CYS A 64 14.97 15.11 6.06
N TRP A 65 14.33 15.03 7.24
CA TRP A 65 13.11 15.72 7.61
C TRP A 65 13.25 16.27 9.03
N LYS A 66 12.94 17.54 9.23
CA LYS A 66 12.99 18.24 10.51
C LYS A 66 11.69 19.03 10.75
N ASP A 67 11.34 19.21 12.02
CA ASP A 67 10.22 20.06 12.46
C ASP A 67 10.69 21.52 12.38
N ARG A 68 9.86 22.39 11.81
CA ARG A 68 9.99 23.85 11.85
C ARG A 68 9.39 24.37 13.18
N THR A 69 8.57 23.55 13.86
CA THR A 69 7.96 23.78 15.16
C THR A 69 9.01 23.74 16.31
N SER A 70 10.23 23.24 16.07
CA SER A 70 11.31 23.11 17.05
C SER A 70 12.69 23.40 16.45
N GLY A 71 13.00 22.74 15.33
CA GLY A 71 14.30 22.73 14.66
C GLY A 71 14.94 21.35 14.67
N ASN A 72 14.35 20.37 15.39
CA ASN A 72 14.91 19.02 15.58
C ASN A 72 14.62 18.16 14.34
N VAL A 73 15.63 17.38 13.91
CA VAL A 73 15.53 16.38 12.85
C VAL A 73 14.82 15.13 13.40
N GLU A 74 13.83 14.62 12.67
CA GLU A 74 12.95 13.53 13.10
C GLU A 74 13.05 12.30 12.19
N ASP A 75 13.65 12.44 10.99
CA ASP A 75 13.90 11.35 10.04
C ASP A 75 15.12 11.71 9.18
N ASP A 76 15.97 10.72 8.87
CA ASP A 76 17.16 10.85 8.03
C ASP A 76 17.51 9.48 7.41
N LEU A 77 17.84 9.48 6.11
CA LEU A 77 18.26 8.32 5.32
C LEU A 77 19.43 8.74 4.41
N ILE A 78 20.51 7.97 4.39
CA ILE A 78 21.61 8.11 3.43
C ILE A 78 21.20 7.28 2.19
N ILE A 79 21.13 7.95 1.04
CA ILE A 79 20.58 7.47 -0.22
C ILE A 79 21.75 7.16 -1.16
N PHE A 80 21.75 5.93 -1.69
CA PHE A 80 22.63 5.46 -2.76
C PHE A 80 21.95 5.77 -4.11
N PRO A 81 22.73 5.94 -5.21
CA PRO A 81 22.18 6.26 -6.53
C PRO A 81 21.36 5.09 -7.14
N ASP A 82 20.36 5.44 -7.95
CA ASP A 82 19.42 4.59 -8.68
C ASP A 82 18.28 4.03 -7.81
N ASP A 83 18.40 4.10 -6.48
CA ASP A 83 17.55 3.36 -5.53
C ASP A 83 16.17 4.01 -5.33
N CYS A 84 16.09 5.35 -5.35
CA CYS A 84 14.87 6.12 -5.09
C CYS A 84 14.14 6.49 -6.40
N GLU A 85 12.84 6.80 -6.28
CA GLU A 85 12.01 7.51 -7.24
C GLU A 85 11.03 8.38 -6.44
N PHE A 86 11.08 9.70 -6.64
CA PHE A 86 10.16 10.66 -6.03
C PHE A 86 9.06 10.96 -7.05
N LYS A 87 7.79 10.92 -6.63
CA LYS A 87 6.61 11.03 -7.48
C LYS A 87 5.50 11.77 -6.75
N ARG A 88 4.65 12.48 -7.51
CA ARG A 88 3.39 13.05 -7.05
C ARG A 88 2.32 11.96 -7.21
N VAL A 89 1.44 11.78 -6.23
CA VAL A 89 0.42 10.73 -6.25
C VAL A 89 -0.69 11.13 -7.26
N PRO A 90 -0.99 10.29 -8.28
CA PRO A 90 -1.97 10.63 -9.34
C PRO A 90 -3.43 10.49 -8.88
N GLN A 91 -3.69 9.80 -7.77
CA GLN A 91 -5.00 9.62 -7.15
C GLN A 91 -5.40 10.86 -6.31
N CYS A 92 -4.48 11.81 -6.09
CA CYS A 92 -4.74 13.08 -5.41
C CYS A 92 -5.38 14.04 -6.42
N PRO A 93 -6.50 14.72 -6.08
CA PRO A 93 -7.17 15.66 -6.99
C PRO A 93 -6.46 17.01 -7.10
N SER A 94 -5.89 17.53 -6.00
CA SER A 94 -5.23 18.84 -5.95
C SER A 94 -3.74 18.72 -6.30
N GLY A 95 -3.09 17.60 -5.97
CA GLY A 95 -1.68 17.32 -6.27
C GLY A 95 -0.77 17.38 -5.03
N ARG A 96 -1.33 17.71 -3.86
CA ARG A 96 -0.57 18.02 -2.63
C ARG A 96 0.04 16.78 -1.94
N VAL A 97 -0.41 15.57 -2.27
CA VAL A 97 0.14 14.33 -1.72
C VAL A 97 1.24 13.83 -2.68
N TYR A 98 2.38 13.47 -2.11
CA TYR A 98 3.61 13.03 -2.75
C TYR A 98 4.08 11.71 -2.13
N VAL A 99 4.95 10.98 -2.83
CA VAL A 99 5.52 9.71 -2.41
C VAL A 99 6.99 9.62 -2.84
N LEU A 100 7.86 9.21 -1.91
CA LEU A 100 9.21 8.74 -2.20
C LEU A 100 9.10 7.21 -2.18
N LYS A 101 9.24 6.59 -3.34
CA LYS A 101 9.27 5.14 -3.54
C LYS A 101 10.75 4.72 -3.62
N PHE A 102 11.08 3.57 -3.04
CA PHE A 102 12.36 2.90 -3.17
C PHE A 102 12.14 1.74 -4.16
N LYS A 103 13.00 1.62 -5.17
CA LYS A 103 12.89 0.63 -6.24
C LYS A 103 13.21 -0.78 -5.73
N ALA A 104 14.16 -0.91 -4.80
CA ALA A 104 14.44 -2.15 -4.09
C ALA A 104 13.57 -2.19 -2.83
N GLY A 105 12.69 -3.19 -2.73
CA GLY A 105 11.93 -3.52 -1.53
C GLY A 105 10.43 -3.18 -1.64
N SER A 106 10.08 -2.27 -2.56
CA SER A 106 8.72 -1.80 -2.88
C SER A 106 8.17 -0.79 -1.83
N LYS A 107 9.05 -0.32 -0.94
CA LYS A 107 8.81 0.63 0.14
C LYS A 107 8.42 2.01 -0.43
N ARG A 108 7.42 2.64 0.19
CA ARG A 108 6.82 3.92 -0.19
C ARG A 108 6.64 4.76 1.08
N LEU A 109 7.33 5.90 1.18
CA LEU A 109 7.11 6.91 2.21
C LEU A 109 6.26 8.01 1.56
N PHE A 110 5.03 8.20 2.07
CA PHE A 110 4.08 9.19 1.57
C PHE A 110 4.20 10.48 2.38
N PHE A 111 4.07 11.62 1.69
CA PHE A 111 4.24 12.98 2.18
C PHE A 111 3.05 13.84 1.74
N TRP A 112 2.82 14.95 2.45
CA TRP A 112 1.85 15.98 2.14
C TRP A 112 2.55 17.35 2.12
N MET A 113 2.34 18.12 1.05
CA MET A 113 2.99 19.41 0.79
C MET A 113 2.35 20.52 1.62
N GLN A 114 3.17 21.33 2.31
CA GLN A 114 2.75 22.56 2.99
C GLN A 114 3.03 23.78 2.08
N GLU A 115 3.75 23.60 0.96
CA GLU A 115 4.07 24.62 -0.03
C GLU A 115 2.77 25.14 -0.71
N PRO A 116 2.43 26.45 -0.61
CA PRO A 116 1.16 26.97 -1.12
C PRO A 116 1.17 27.27 -2.64
N LYS A 117 2.33 27.53 -3.24
CA LYS A 117 2.47 27.91 -4.64
C LYS A 117 2.56 26.64 -5.49
N THR A 118 1.53 26.39 -6.32
CA THR A 118 1.42 25.27 -7.24
C THR A 118 2.34 25.39 -8.46
N ASP A 119 2.93 26.57 -8.70
CA ASP A 119 3.91 26.85 -9.76
C ASP A 119 5.27 26.19 -9.48
N GLN A 120 5.59 25.98 -8.19
CA GLN A 120 6.85 25.38 -7.75
C GLN A 120 6.76 23.84 -7.65
N ASP A 121 5.54 23.28 -7.77
CA ASP A 121 5.18 21.88 -7.52
C ASP A 121 6.00 20.88 -8.37
N GLU A 122 5.81 20.92 -9.70
CA GLU A 122 6.51 20.08 -10.67
C GLU A 122 7.99 20.52 -10.82
N GLU A 123 8.26 21.82 -10.65
CA GLU A 123 9.56 22.46 -10.73
C GLU A 123 10.54 21.87 -9.69
N HIS A 124 10.14 21.79 -8.41
CA HIS A 124 10.97 21.18 -7.36
C HIS A 124 11.03 19.64 -7.50
N CYS A 125 9.92 18.99 -7.87
CA CYS A 125 9.79 17.53 -8.07
C CYS A 125 10.88 16.96 -9.00
N ARG A 126 11.13 17.64 -10.13
CA ARG A 126 12.17 17.31 -11.10
C ARG A 126 13.56 17.23 -10.44
N LYS A 127 13.94 18.28 -9.71
CA LYS A 127 15.25 18.43 -9.08
C LYS A 127 15.44 17.45 -7.92
N VAL A 128 14.42 17.27 -7.08
CA VAL A 128 14.37 16.27 -6.00
C VAL A 128 14.59 14.86 -6.55
N ASN A 129 13.84 14.47 -7.59
CA ASN A 129 13.94 13.16 -8.22
C ASN A 129 15.32 12.96 -8.90
N GLU A 130 15.85 13.99 -9.56
CA GLU A 130 17.19 14.00 -10.15
C GLU A 130 18.28 13.81 -9.08
N TYR A 131 18.25 14.57 -7.98
CA TYR A 131 19.21 14.48 -6.87
C TYR A 131 19.17 13.12 -6.14
N LEU A 132 17.99 12.51 -5.97
CA LEU A 132 17.86 11.24 -5.25
C LEU A 132 18.11 10.03 -6.17
N ASN A 133 17.85 10.14 -7.48
CA ASN A 133 18.06 9.04 -8.44
C ASN A 133 19.52 9.07 -8.94
N ASN A 134 20.01 10.21 -9.44
CA ASN A 134 21.35 10.35 -10.05
C ASN A 134 22.37 10.65 -8.93
N PRO A 135 23.62 10.17 -9.00
CA PRO A 135 24.69 10.59 -8.08
C PRO A 135 25.14 12.05 -8.35
N PRO A 136 25.83 12.73 -7.40
CA PRO A 136 26.31 14.12 -7.52
C PRO A 136 27.00 14.48 -8.85
N MET A 137 28.02 13.70 -9.25
CA MET A 137 28.65 13.74 -10.57
C MET A 137 29.33 12.40 -10.92
N PRO A 138 30.25 11.84 -10.08
CA PRO A 138 30.89 10.52 -10.31
C PRO A 138 29.87 9.38 -10.47
N GLY A 139 30.13 8.44 -11.39
CA GLY A 139 29.33 7.23 -11.60
C GLY A 139 30.20 6.00 -11.42
N ALA A 140 29.72 5.00 -10.67
CA ALA A 140 30.33 3.70 -10.44
C ALA A 140 29.22 2.68 -10.13
N LEU A 141 29.34 1.47 -10.67
CA LEU A 141 28.33 0.40 -10.55
C LEU A 141 28.56 -0.49 -9.33
N GLY A 142 29.77 -0.45 -8.74
CA GLY A 142 30.17 -1.27 -7.59
C GLY A 142 31.21 -2.34 -7.96
N ALA A 143 31.86 -2.22 -9.12
CA ALA A 143 32.78 -3.19 -9.72
C ALA A 143 34.18 -2.58 -9.86
N SER A 144 34.65 -1.89 -8.81
CA SER A 144 35.95 -1.22 -8.72
C SER A 144 36.57 -1.40 -7.33
N GLY A 145 35.79 -1.11 -6.28
CA GLY A 145 36.17 -1.17 -4.88
C GLY A 145 36.07 0.24 -4.30
N SER A 146 36.93 1.14 -4.79
CA SER A 146 37.01 2.58 -4.50
C SER A 146 37.68 2.89 -3.14
N SER A 147 38.10 4.14 -2.93
CA SER A 147 38.76 4.64 -1.72
C SER A 147 37.71 4.92 -0.62
N GLY A 148 37.01 3.87 -0.18
CA GLY A 148 35.92 3.90 0.81
C GLY A 148 36.24 3.10 2.08
N HIS A 149 37.51 2.73 2.28
CA HIS A 149 38.01 1.99 3.44
C HIS A 149 38.22 2.95 4.62
N GLU A 150 37.99 2.45 5.84
CA GLU A 150 38.17 3.17 7.10
C GLU A 150 39.64 3.08 7.56
N LEU A 151 40.05 4.02 8.42
CA LEU A 151 41.39 4.15 8.99
C LEU A 151 41.61 3.22 10.21
N SER A 152 40.63 2.41 10.58
CA SER A 152 40.64 1.43 11.65
C SER A 152 39.78 0.23 11.21
N ALA A 153 39.98 -0.94 11.84
CA ALA A 153 39.22 -2.16 11.58
C ALA A 153 37.95 -2.16 12.46
N LEU A 154 36.80 -1.88 11.83
CA LEU A 154 35.48 -1.87 12.46
C LEU A 154 34.83 -3.28 12.44
N GLY A 155 35.41 -4.22 11.69
CA GLY A 155 34.89 -5.56 11.43
C GLY A 155 34.79 -5.76 9.91
N GLY A 156 33.80 -6.55 9.47
CA GLY A 156 33.52 -6.87 8.07
C GLY A 156 33.59 -8.39 7.80
N GLU A 157 34.22 -9.15 8.69
CA GLU A 157 34.31 -10.60 8.72
C GLU A 157 34.40 -11.05 10.19
N GLY A 158 33.68 -12.11 10.55
CA GLY A 158 33.56 -12.64 11.91
C GLY A 158 32.10 -12.57 12.36
N GLY A 159 31.87 -12.43 13.67
CA GLY A 159 30.57 -12.23 14.29
C GLY A 159 30.56 -10.91 15.06
N LEU A 160 29.49 -10.12 14.92
CA LEU A 160 29.25 -8.86 15.63
C LEU A 160 28.46 -9.15 16.92
N GLN A 161 28.42 -8.18 17.84
CA GLN A 161 27.71 -8.24 19.11
C GLN A 161 26.21 -8.02 18.88
N SER A 162 25.44 -9.11 18.85
CA SER A 162 23.99 -9.15 18.67
C SER A 162 23.25 -8.83 19.98
N LEU A 163 22.04 -8.26 19.87
CA LEU A 163 21.08 -7.97 20.95
C LEU A 163 21.48 -6.72 21.75
N LEU A 164 22.15 -5.75 21.10
CA LEU A 164 22.57 -4.47 21.66
C LEU A 164 21.38 -3.54 22.00
N GLY A 165 20.26 -3.70 21.29
CA GLY A 165 18.95 -3.12 21.58
C GLY A 165 17.94 -4.26 21.63
N ASN A 166 16.93 -4.20 20.75
CA ASN A 166 15.99 -5.28 20.39
C ASN A 166 14.90 -5.50 21.43
N MET A 167 15.33 -5.80 22.67
CA MET A 167 14.51 -5.99 23.87
C MET A 167 15.27 -5.43 25.07
N SER A 168 16.52 -5.86 25.25
CA SER A 168 17.49 -5.42 26.26
C SER A 168 17.26 -6.08 27.65
N HIS A 169 16.42 -7.12 27.71
CA HIS A 169 16.09 -7.88 28.92
C HIS A 169 17.21 -8.93 29.15
N SER A 170 18.31 -8.47 29.74
CA SER A 170 19.55 -9.21 29.96
C SER A 170 20.07 -8.91 31.38
N GLN A 171 19.18 -9.07 32.38
CA GLN A 171 19.30 -8.74 33.80
C GLN A 171 18.77 -7.31 34.07
N LEU A 172 18.36 -7.04 35.31
CA LEU A 172 17.80 -5.78 35.79
C LEU A 172 18.35 -5.47 37.20
N MET A 173 18.26 -4.20 37.60
CA MET A 173 18.80 -3.67 38.84
C MET A 173 17.90 -4.06 40.04
N GLN A 174 18.53 -4.24 41.22
CA GLN A 174 17.90 -4.55 42.50
C GLN A 174 17.46 -3.27 43.25
N LEU A 175 17.63 -2.09 42.64
CA LEU A 175 17.35 -0.77 43.19
C LEU A 175 15.83 -0.52 43.34
N ILE A 176 15.47 0.27 44.35
CA ILE A 176 14.10 0.68 44.68
C ILE A 176 13.79 2.04 44.00
N GLY A 177 12.90 2.84 44.59
CA GLY A 177 12.46 4.16 44.12
C GLY A 177 13.02 5.27 45.02
N PRO A 178 12.26 6.37 45.26
CA PRO A 178 12.66 7.54 46.07
C PRO A 178 13.28 7.22 47.45
N ALA A 179 14.28 8.02 47.85
CA ALA A 179 14.89 8.00 49.18
C ALA A 179 13.93 8.68 50.18
N GLY A 180 13.70 8.02 51.32
CA GLY A 180 12.64 8.34 52.28
C GLY A 180 11.70 7.15 52.30
N LEU A 181 10.41 7.37 52.05
CA LEU A 181 9.42 6.32 51.79
C LEU A 181 9.45 6.04 50.28
N GLY A 182 9.63 4.76 49.90
CA GLY A 182 9.73 4.32 48.51
C GLY A 182 8.60 3.37 48.10
N GLY A 183 7.90 2.77 49.07
CA GLY A 183 6.76 1.86 48.86
C GLY A 183 5.46 2.38 49.49
N LEU A 184 5.55 3.35 50.39
CA LEU A 184 4.43 4.08 50.99
C LEU A 184 4.43 5.51 50.40
N GLY A 185 3.28 6.19 50.48
CA GLY A 185 3.01 7.51 49.91
C GLY A 185 1.79 7.47 48.98
N GLY A 186 1.45 8.62 48.40
CA GLY A 186 0.30 8.81 47.50
C GLY A 186 -0.78 9.72 48.09
N LEU A 187 -0.64 10.10 49.36
CA LEU A 187 -1.51 11.01 50.10
C LEU A 187 -1.25 12.47 49.64
N GLY A 188 -2.26 13.34 49.77
CA GLY A 188 -2.21 14.74 49.39
C GLY A 188 -2.25 15.64 50.62
N ALA A 189 -1.77 16.88 50.47
CA ALA A 189 -1.59 17.85 51.56
C ALA A 189 -2.90 18.49 52.04
N LEU A 190 -3.98 18.39 51.25
CA LEU A 190 -5.32 18.86 51.55
C LEU A 190 -6.37 17.96 50.87
N THR A 191 -7.59 17.97 51.40
CA THR A 191 -8.76 17.24 50.90
C THR A 191 -10.02 18.14 50.94
N GLY A 192 -10.15 18.96 51.99
CA GLY A 192 -11.28 19.85 52.26
C GLY A 192 -11.99 19.45 53.55
N PRO A 193 -12.80 20.34 54.17
CA PRO A 193 -13.53 20.09 55.43
C PRO A 193 -14.82 19.25 55.23
N GLY A 194 -14.76 18.16 54.47
CA GLY A 194 -15.85 17.25 54.16
C GLY A 194 -15.51 15.82 54.59
N LEU A 195 -16.54 15.01 54.86
CA LEU A 195 -16.47 13.61 55.23
C LEU A 195 -17.69 12.87 54.65
N ALA A 196 -17.90 13.05 53.34
CA ALA A 196 -19.02 12.50 52.56
C ALA A 196 -18.52 12.21 51.13
N SER A 197 -19.16 12.78 50.12
CA SER A 197 -18.76 12.77 48.71
C SER A 197 -19.24 14.05 47.99
N LEU A 198 -20.47 14.50 48.30
CA LEU A 198 -21.02 15.81 47.94
C LEU A 198 -21.30 15.95 46.43
N LEU A 199 -21.94 14.93 45.83
CA LEU A 199 -22.15 14.83 44.38
C LEU A 199 -23.21 15.83 43.85
N GLY A 200 -24.12 16.30 44.72
CA GLY A 200 -25.20 17.23 44.41
C GLY A 200 -26.56 16.59 44.72
N SER A 201 -27.64 17.22 44.25
CA SER A 201 -29.02 16.77 44.35
C SER A 201 -29.25 15.55 43.42
N SER A 202 -29.60 14.39 43.99
CA SER A 202 -29.74 13.12 43.29
C SER A 202 -30.95 12.31 43.83
N GLY A 203 -31.88 12.97 44.51
CA GLY A 203 -33.13 12.39 45.02
C GLY A 203 -34.32 13.15 44.41
N PRO A 204 -34.92 12.68 43.29
CA PRO A 204 -36.00 13.39 42.61
C PRO A 204 -37.37 13.22 43.30
N PRO A 205 -38.33 14.15 43.09
CA PRO A 205 -39.71 14.02 43.56
C PRO A 205 -40.54 13.09 42.65
N GLY A 206 -41.84 12.96 42.93
CA GLY A 206 -42.81 12.21 42.15
C GLY A 206 -43.81 13.18 41.52
N SER A 207 -44.13 12.98 40.24
CA SER A 207 -45.03 13.82 39.44
C SER A 207 -46.50 13.52 39.81
N SER A 208 -46.94 12.28 39.60
CA SER A 208 -48.28 11.74 39.86
C SER A 208 -49.30 12.19 38.79
N SER A 209 -50.58 11.89 39.02
CA SER A 209 -51.76 12.21 38.23
C SER A 209 -52.01 11.18 37.11
N SER A 210 -52.55 11.64 35.97
CA SER A 210 -52.76 10.88 34.74
C SER A 210 -52.76 11.80 33.50
N SER A 211 -53.07 13.09 33.68
CA SER A 211 -53.20 14.12 32.64
C SER A 211 -51.83 14.71 32.22
N SER A 212 -50.72 14.22 32.76
CA SER A 212 -49.35 14.66 32.49
C SER A 212 -48.95 14.30 31.04
N SER A 213 -48.41 15.27 30.30
CA SER A 213 -48.06 15.19 28.88
C SER A 213 -46.96 14.14 28.62
N ARG A 214 -47.25 13.17 27.74
CA ARG A 214 -46.35 12.15 27.18
C ARG A 214 -46.13 10.96 28.14
N SER A 215 -46.84 10.93 29.28
CA SER A 215 -46.75 9.92 30.32
C SER A 215 -47.29 8.58 29.79
N GLN A 216 -46.41 7.60 29.59
CA GLN A 216 -46.63 6.26 29.04
C GLN A 216 -46.80 6.27 27.51
N SER A 217 -46.35 7.33 26.84
CA SER A 217 -46.43 7.64 25.41
C SER A 217 -47.71 8.42 25.09
N ALA A 218 -48.59 7.86 24.26
CA ALA A 218 -49.89 8.41 23.87
C ALA A 218 -50.96 7.31 23.73
N ALA A 219 -50.56 6.11 23.31
CA ALA A 219 -51.38 4.90 23.17
C ALA A 219 -52.36 5.04 21.98
N VAL A 220 -53.66 4.82 22.23
CA VAL A 220 -54.77 4.89 21.27
C VAL A 220 -55.99 5.53 21.96
N THR A 221 -55.80 6.71 22.56
CA THR A 221 -56.82 7.50 23.25
C THR A 221 -56.59 9.01 22.97
N PRO A 222 -57.60 9.80 22.56
CA PRO A 222 -57.46 11.24 22.28
C PRO A 222 -57.61 12.02 23.59
N SER A 223 -56.53 12.17 24.36
CA SER A 223 -56.57 12.60 25.77
C SER A 223 -55.73 13.85 26.04
N SER A 224 -55.50 14.67 25.01
CA SER A 224 -54.73 15.91 25.02
C SER A 224 -55.50 16.97 24.21
N THR A 225 -56.07 17.98 24.89
CA THR A 225 -56.92 19.04 24.32
C THR A 225 -56.21 19.94 23.28
N THR A 226 -54.86 19.99 23.33
CA THR A 226 -53.99 20.74 22.42
C THR A 226 -53.86 20.06 21.03
N SER A 227 -54.35 18.82 20.87
CA SER A 227 -54.33 18.07 19.60
C SER A 227 -55.33 18.69 18.59
N SER A 228 -54.94 18.74 17.31
CA SER A 228 -55.69 19.37 16.23
C SER A 228 -57.00 18.62 15.88
N THR A 229 -57.13 17.35 16.30
CA THR A 229 -58.36 16.54 16.35
C THR A 229 -58.87 16.10 14.95
N ARG A 230 -58.13 16.48 13.89
CA ARG A 230 -58.44 16.34 12.45
C ARG A 230 -59.46 17.40 11.99
N ALA A 231 -59.68 18.45 12.79
CA ALA A 231 -60.71 19.48 12.61
C ALA A 231 -60.28 20.60 11.65
N THR A 232 -59.00 20.65 11.27
CA THR A 232 -58.40 21.67 10.41
C THR A 232 -57.31 21.03 9.51
N PRO A 233 -57.67 20.33 8.41
CA PRO A 233 -56.67 19.73 7.50
C PRO A 233 -56.04 20.79 6.58
N ALA A 234 -54.74 20.62 6.27
CA ALA A 234 -53.99 21.48 5.36
C ALA A 234 -54.23 21.04 3.90
N PRO A 235 -54.34 21.97 2.93
CA PRO A 235 -54.49 21.64 1.51
C PRO A 235 -53.16 21.18 0.90
N SER A 236 -53.22 20.32 -0.13
CA SER A 236 -52.10 19.76 -0.88
C SER A 236 -52.60 19.25 -2.23
N ALA A 237 -51.71 19.17 -3.22
CA ALA A 237 -51.95 18.65 -4.57
C ALA A 237 -50.72 17.85 -5.02
N PRO A 238 -50.70 16.50 -4.86
CA PRO A 238 -49.57 15.63 -5.25
C PRO A 238 -49.10 15.79 -6.70
N ALA A 239 -50.05 15.83 -7.65
CA ALA A 239 -49.85 16.17 -9.05
C ALA A 239 -50.44 17.58 -9.27
N ALA A 240 -49.70 18.45 -9.95
CA ALA A 240 -50.10 19.83 -10.28
C ALA A 240 -49.58 20.32 -11.65
N ALA A 241 -48.82 19.47 -12.37
CA ALA A 241 -48.29 19.68 -13.72
C ALA A 241 -47.11 20.68 -13.77
N SER A 242 -46.48 20.95 -12.62
CA SER A 242 -45.46 21.99 -12.43
C SER A 242 -44.09 21.63 -13.02
N ALA A 243 -43.81 20.32 -13.20
CA ALA A 243 -42.62 19.74 -13.84
C ALA A 243 -41.34 19.91 -12.99
N THR A 244 -41.49 19.92 -11.66
CA THR A 244 -40.45 20.18 -10.66
C THR A 244 -39.60 18.92 -10.45
N SER A 245 -38.73 18.62 -11.43
CA SER A 245 -37.73 17.53 -11.48
C SER A 245 -38.37 16.12 -11.52
N PRO A 246 -38.96 15.70 -12.68
CA PRO A 246 -39.50 14.34 -12.87
C PRO A 246 -38.51 13.20 -12.52
N SER A 247 -39.00 12.16 -11.85
CA SER A 247 -38.24 10.96 -11.49
C SER A 247 -39.13 9.69 -11.50
N PRO A 248 -39.65 9.25 -12.66
CA PRO A 248 -40.56 8.09 -12.77
C PRO A 248 -39.81 6.73 -12.70
N ALA A 249 -39.04 6.50 -11.63
CA ALA A 249 -38.19 5.35 -11.33
C ALA A 249 -37.08 5.16 -12.39
N PRO A 250 -36.08 6.06 -12.48
CA PRO A 250 -35.03 6.04 -13.52
C PRO A 250 -33.96 4.96 -13.24
N SER A 251 -34.33 3.68 -13.39
CA SER A 251 -33.47 2.51 -13.27
C SER A 251 -32.62 2.36 -14.55
N SER A 252 -31.39 1.86 -14.40
CA SER A 252 -30.42 1.63 -15.47
C SER A 252 -29.59 0.39 -15.09
N GLY A 253 -28.28 0.42 -15.38
CA GLY A 253 -27.31 -0.65 -15.12
C GLY A 253 -26.54 -1.10 -16.38
N ASN A 254 -26.88 -0.55 -17.55
CA ASN A 254 -26.23 -0.81 -18.85
C ASN A 254 -25.01 0.13 -19.02
N GLY A 255 -24.22 0.29 -17.96
CA GLY A 255 -23.02 1.10 -17.87
C GLY A 255 -21.85 0.25 -17.36
N ALA A 256 -21.10 0.78 -16.39
CA ALA A 256 -19.99 0.14 -15.69
C ALA A 256 -19.99 0.58 -14.22
N SER A 257 -19.23 -0.10 -13.38
CA SER A 257 -19.04 0.16 -11.95
C SER A 257 -17.70 -0.43 -11.49
N THR A 258 -17.19 0.01 -10.34
CA THR A 258 -15.93 -0.41 -9.71
C THR A 258 -16.04 -1.82 -9.08
N ALA A 259 -16.40 -2.81 -9.91
CA ALA A 259 -16.50 -4.24 -9.60
C ALA A 259 -15.75 -5.09 -10.63
N ALA A 260 -15.14 -4.45 -11.64
CA ALA A 260 -14.29 -5.04 -12.67
C ALA A 260 -13.05 -4.15 -12.96
N SER A 261 -12.81 -3.15 -12.12
CA SER A 261 -11.66 -2.25 -12.16
C SER A 261 -10.41 -2.94 -11.57
N PRO A 262 -9.20 -2.76 -12.15
CA PRO A 262 -7.99 -3.44 -11.69
C PRO A 262 -7.45 -2.83 -10.37
N THR A 263 -7.16 -3.69 -9.40
CA THR A 263 -6.60 -3.36 -8.08
C THR A 263 -5.67 -4.50 -7.59
N GLN A 264 -5.12 -5.29 -8.53
CA GLN A 264 -4.28 -6.46 -8.24
C GLN A 264 -2.84 -6.03 -7.90
N PRO A 265 -2.17 -6.65 -6.91
CA PRO A 265 -0.79 -6.33 -6.52
C PRO A 265 0.25 -6.98 -7.46
N ILE A 266 1.53 -6.67 -7.24
CA ILE A 266 2.71 -7.19 -7.94
C ILE A 266 3.64 -7.78 -6.86
N GLN A 267 4.94 -7.47 -6.86
CA GLN A 267 5.96 -8.02 -5.93
C GLN A 267 5.68 -7.69 -4.45
N LEU A 268 4.99 -6.57 -4.22
CA LEU A 268 4.44 -6.11 -2.95
C LEU A 268 3.55 -7.14 -2.23
N SER A 269 2.94 -8.09 -2.95
CA SER A 269 2.16 -9.20 -2.38
C SER A 269 3.00 -10.13 -1.47
N ASP A 270 4.32 -10.21 -1.71
CA ASP A 270 5.29 -10.78 -0.78
C ASP A 270 5.81 -9.63 0.10
N LEU A 271 6.47 -8.63 -0.52
CA LEU A 271 7.33 -7.66 0.15
C LEU A 271 6.60 -6.75 1.16
N GLN A 272 5.48 -6.13 0.77
CA GLN A 272 4.70 -5.24 1.65
C GLN A 272 3.93 -6.04 2.72
N SER A 273 3.57 -7.29 2.42
CA SER A 273 2.95 -8.21 3.39
C SER A 273 3.95 -8.54 4.52
N ILE A 274 5.21 -8.86 4.16
CA ILE A 274 6.33 -9.08 5.08
C ILE A 274 6.63 -7.80 5.89
N LEU A 275 6.79 -6.64 5.23
CA LEU A 275 7.09 -5.36 5.86
C LEU A 275 5.98 -4.88 6.82
N ALA A 276 4.70 -5.13 6.47
CA ALA A 276 3.55 -4.82 7.32
C ALA A 276 3.50 -5.71 8.56
N THR A 277 3.75 -7.03 8.42
CA THR A 277 3.71 -8.04 9.48
C THR A 277 4.66 -7.72 10.67
N MET A 278 5.72 -6.95 10.43
CA MET A 278 6.68 -6.50 11.44
C MET A 278 6.12 -5.37 12.34
N ASN A 279 4.94 -4.82 12.05
CA ASN A 279 4.27 -3.76 12.81
C ASN A 279 2.78 -4.06 13.03
N VAL A 280 2.06 -4.47 11.97
CA VAL A 280 0.63 -4.76 11.96
C VAL A 280 0.47 -6.23 11.52
N PRO A 281 0.15 -7.19 12.44
CA PRO A 281 -0.07 -8.62 12.12
C PRO A 281 -1.03 -8.93 10.96
N ALA A 282 -2.08 -8.11 10.77
CA ALA A 282 -3.02 -8.07 9.65
C ALA A 282 -4.14 -9.14 9.72
N GLY A 283 -3.82 -10.30 10.27
CA GLY A 283 -4.74 -11.42 10.49
C GLY A 283 -4.35 -12.64 9.62
N PRO A 284 -5.04 -13.80 9.81
CA PRO A 284 -4.80 -15.02 9.02
C PRO A 284 -5.43 -14.99 7.62
N ALA A 285 -6.44 -14.12 7.39
CA ALA A 285 -7.14 -13.94 6.13
C ALA A 285 -7.60 -12.49 5.98
N GLY A 286 -8.62 -12.10 6.76
CA GLY A 286 -9.41 -10.86 6.75
C GLY A 286 -9.43 -10.08 5.41
N GLY A 287 -8.99 -8.83 5.42
CA GLY A 287 -8.80 -7.99 4.22
C GLY A 287 -9.76 -6.80 4.25
N GLN A 288 -9.22 -5.59 4.09
CA GLN A 288 -9.92 -4.31 3.88
C GLN A 288 -10.45 -3.68 5.19
N GLN A 289 -10.24 -4.35 6.34
CA GLN A 289 -10.80 -4.04 7.66
C GLN A 289 -10.53 -2.61 8.18
N VAL A 290 -9.46 -1.97 7.70
CA VAL A 290 -9.03 -0.62 8.08
C VAL A 290 -9.93 0.43 7.38
N ASP A 291 -10.39 0.12 6.16
CA ASP A 291 -11.23 0.99 5.33
C ASP A 291 -12.72 0.67 5.59
N LEU A 292 -13.08 -0.62 5.72
CA LEU A 292 -14.44 -1.07 6.01
C LEU A 292 -14.93 -0.66 7.42
N ALA A 293 -14.00 -0.29 8.32
CA ALA A 293 -14.30 0.33 9.62
C ALA A 293 -14.95 1.72 9.50
N SER A 294 -14.91 2.36 8.32
CA SER A 294 -15.63 3.59 8.03
C SER A 294 -17.11 3.27 7.70
N VAL A 295 -17.39 2.13 7.06
CA VAL A 295 -18.73 1.68 6.68
C VAL A 295 -19.38 1.01 7.90
N LEU A 296 -18.66 0.08 8.54
CA LEU A 296 -19.02 -0.63 9.75
C LEU A 296 -18.43 0.14 10.94
N THR A 297 -18.83 1.40 11.10
CA THR A 297 -18.43 2.34 12.15
C THR A 297 -18.97 1.90 13.55
N PRO A 298 -18.40 2.43 14.66
CA PRO A 298 -18.73 2.05 16.05
C PRO A 298 -20.23 2.01 16.41
N GLU A 299 -21.05 2.91 15.87
CA GLU A 299 -22.50 2.97 16.13
C GLU A 299 -23.27 1.74 15.60
N ILE A 300 -22.72 1.02 14.61
CA ILE A 300 -23.28 -0.22 14.08
C ILE A 300 -22.66 -1.41 14.83
N MET A 301 -21.36 -1.37 15.13
CA MET A 301 -20.61 -2.50 15.67
C MET A 301 -20.68 -2.61 17.20
N ALA A 302 -20.91 -1.52 17.94
CA ALA A 302 -21.04 -1.48 19.41
C ALA A 302 -21.91 -2.57 20.07
N PRO A 303 -23.18 -2.79 19.66
CA PRO A 303 -24.00 -3.88 20.22
C PRO A 303 -23.61 -5.28 19.70
N ILE A 304 -22.88 -5.39 18.58
CA ILE A 304 -22.40 -6.66 18.02
C ILE A 304 -21.18 -7.10 18.84
N LEU A 305 -20.22 -6.20 19.06
CA LEU A 305 -18.99 -6.41 19.83
C LEU A 305 -19.25 -6.51 21.35
N ALA A 306 -20.45 -6.17 21.82
CA ALA A 306 -20.91 -6.33 23.20
C ALA A 306 -21.45 -7.75 23.49
N ASN A 307 -21.59 -8.61 22.47
CA ASN A 307 -22.04 -10.00 22.61
C ASN A 307 -20.82 -10.86 23.01
N ALA A 308 -21.01 -11.69 24.04
CA ALA A 308 -20.01 -12.63 24.57
C ALA A 308 -19.53 -13.65 23.53
N ASP A 309 -20.41 -14.12 22.63
CA ASP A 309 -20.08 -15.08 21.57
C ASP A 309 -19.21 -14.47 20.47
N VAL A 310 -19.28 -13.15 20.25
CA VAL A 310 -18.37 -12.43 19.37
C VAL A 310 -17.04 -12.22 20.12
N GLN A 311 -17.09 -11.72 21.38
CA GLN A 311 -15.93 -11.48 22.24
C GLN A 311 -15.02 -12.71 22.42
N GLU A 312 -15.59 -13.89 22.73
CA GLU A 312 -14.84 -15.14 22.94
C GLU A 312 -14.24 -15.71 21.64
N ARG A 313 -14.64 -15.23 20.45
CA ARG A 313 -14.00 -15.56 19.17
C ARG A 313 -12.97 -14.49 18.80
N LEU A 314 -13.19 -13.22 19.13
CA LEU A 314 -12.27 -12.10 18.88
C LEU A 314 -11.06 -12.16 19.83
N LEU A 315 -11.29 -12.16 21.15
CA LEU A 315 -10.28 -12.11 22.22
C LEU A 315 -9.05 -13.04 22.10
N PRO A 316 -9.18 -14.37 21.80
CA PRO A 316 -8.01 -15.23 21.63
C PRO A 316 -7.24 -15.01 20.31
N TYR A 317 -7.79 -14.25 19.34
CA TYR A 317 -7.11 -13.87 18.10
C TYR A 317 -6.51 -12.45 18.20
N LEU A 318 -6.62 -11.79 19.37
CA LEU A 318 -5.93 -10.55 19.70
C LEU A 318 -4.46 -10.90 20.04
N PRO A 319 -3.43 -10.22 19.45
CA PRO A 319 -2.00 -10.52 19.65
C PRO A 319 -1.52 -10.69 21.11
N SER A 320 -2.07 -9.94 22.06
CA SER A 320 -1.97 -10.05 23.52
C SER A 320 -0.95 -9.08 24.15
N GLY A 321 -0.79 -7.91 23.53
CA GLY A 321 -0.03 -6.77 24.04
C GLY A 321 -0.95 -5.57 24.34
N GLU A 322 -2.25 -5.73 24.09
CA GLU A 322 -3.32 -4.75 24.10
C GLU A 322 -4.57 -5.33 24.78
N SER A 323 -5.66 -4.55 24.80
CA SER A 323 -6.99 -4.89 25.29
C SER A 323 -8.01 -4.01 24.56
N LEU A 324 -9.30 -4.26 24.76
CA LEU A 324 -10.44 -3.52 24.22
C LEU A 324 -11.63 -3.55 25.21
N PRO A 325 -12.52 -2.52 25.24
CA PRO A 325 -13.78 -2.54 25.99
C PRO A 325 -14.73 -3.71 25.65
N GLN A 326 -15.71 -3.98 26.51
CA GLN A 326 -16.60 -5.14 26.45
C GLN A 326 -18.09 -4.83 26.65
N THR A 327 -18.48 -3.54 26.67
CA THR A 327 -19.84 -3.05 26.83
C THR A 327 -20.10 -1.95 25.78
N ALA A 328 -21.26 -1.96 25.12
CA ALA A 328 -21.61 -1.15 23.95
C ALA A 328 -21.41 0.37 24.14
N ASP A 329 -21.77 0.87 25.33
CA ASP A 329 -21.64 2.27 25.75
C ASP A 329 -20.16 2.75 25.76
N GLU A 330 -19.23 1.86 26.15
CA GLU A 330 -17.80 2.12 26.13
C GLU A 330 -17.25 1.88 24.71
N ILE A 331 -17.62 0.78 24.04
CA ILE A 331 -17.15 0.43 22.68
C ILE A 331 -17.44 1.55 21.65
N GLN A 332 -18.58 2.23 21.76
CA GLN A 332 -18.99 3.30 20.85
C GLN A 332 -18.23 4.63 21.09
N ASN A 333 -17.52 4.78 22.23
CA ASN A 333 -16.96 6.05 22.70
C ASN A 333 -15.47 5.98 23.01
N THR A 334 -15.05 4.97 23.78
CA THR A 334 -13.71 4.81 24.32
C THR A 334 -12.92 3.94 23.32
N LEU A 335 -12.36 4.58 22.30
CA LEU A 335 -11.51 3.98 21.27
C LEU A 335 -10.47 4.98 20.76
N THR A 336 -9.26 4.50 20.48
CA THR A 336 -8.13 5.31 20.00
C THR A 336 -8.16 5.39 18.45
N SER A 337 -8.87 4.46 17.79
CA SER A 337 -8.98 4.19 16.35
C SER A 337 -8.26 2.89 15.90
N PRO A 338 -6.92 2.73 16.03
CA PRO A 338 -6.19 1.48 15.69
C PRO A 338 -6.79 0.19 16.27
N GLN A 339 -7.12 0.20 17.57
CA GLN A 339 -7.76 -0.89 18.31
C GLN A 339 -9.12 -1.31 17.71
N PHE A 340 -9.91 -0.35 17.18
CA PHE A 340 -11.21 -0.64 16.57
C PHE A 340 -10.99 -1.30 15.20
N GLN A 341 -10.03 -0.80 14.40
CA GLN A 341 -9.67 -1.37 13.10
C GLN A 341 -9.02 -2.76 13.22
N GLN A 342 -8.26 -3.00 14.30
CA GLN A 342 -7.72 -4.30 14.73
C GLN A 342 -8.86 -5.27 15.09
N ALA A 343 -9.84 -4.82 15.91
CA ALA A 343 -11.03 -5.57 16.30
C ALA A 343 -11.93 -5.91 15.10
N LEU A 344 -12.05 -4.98 14.13
CA LEU A 344 -12.71 -5.16 12.84
C LEU A 344 -11.98 -6.21 11.98
N GLY A 345 -10.68 -6.48 12.25
CA GLY A 345 -9.86 -7.42 11.49
C GLY A 345 -9.93 -8.82 12.10
N MET A 346 -10.00 -8.92 13.43
CA MET A 346 -10.35 -10.14 14.17
C MET A 346 -11.79 -10.60 13.82
N PHE A 347 -12.71 -9.64 13.70
CA PHE A 347 -14.08 -9.82 13.20
C PHE A 347 -14.07 -10.29 11.73
N SER A 348 -13.37 -9.57 10.83
CA SER A 348 -13.27 -9.89 9.40
C SER A 348 -12.67 -11.27 9.13
N ALA A 349 -11.69 -11.72 9.93
CA ALA A 349 -11.06 -13.04 9.82
C ALA A 349 -12.05 -14.17 10.13
N ALA A 350 -12.86 -14.01 11.19
CA ALA A 350 -13.90 -14.97 11.58
C ALA A 350 -15.09 -14.93 10.61
N LEU A 351 -15.44 -13.75 10.10
CA LEU A 351 -16.50 -13.53 9.13
C LEU A 351 -16.10 -14.12 7.76
N ALA A 352 -14.84 -13.96 7.32
CA ALA A 352 -14.30 -14.48 6.06
C ALA A 352 -14.21 -16.02 6.06
N SER A 353 -13.90 -16.63 7.21
CA SER A 353 -13.85 -18.07 7.40
C SER A 353 -15.28 -18.67 7.40
N GLY A 354 -16.29 -17.89 7.83
CA GLY A 354 -17.71 -18.22 7.75
C GLY A 354 -18.30 -18.61 9.11
N GLN A 355 -17.44 -18.85 10.10
CA GLN A 355 -17.74 -19.38 11.42
C GLN A 355 -18.52 -18.39 12.30
N LEU A 356 -18.40 -17.08 12.03
CA LEU A 356 -19.10 -16.02 12.76
C LEU A 356 -20.56 -15.91 12.26
N GLY A 357 -20.78 -16.13 10.95
CA GLY A 357 -22.03 -16.28 10.20
C GLY A 357 -23.33 -16.50 11.00
N PRO A 358 -23.50 -17.67 11.69
CA PRO A 358 -24.63 -17.97 12.58
C PRO A 358 -25.03 -16.91 13.62
N LEU A 359 -24.11 -16.04 14.08
CA LEU A 359 -24.41 -14.99 15.06
C LEU A 359 -25.16 -13.82 14.39
N MET A 360 -24.89 -13.53 13.11
CA MET A 360 -25.57 -12.48 12.32
C MET A 360 -27.08 -12.78 12.16
N CYS A 361 -27.43 -14.07 12.14
CA CYS A 361 -28.81 -14.58 12.12
C CYS A 361 -29.50 -14.34 13.48
N GLN A 362 -28.75 -14.37 14.59
CA GLN A 362 -29.24 -14.21 15.96
C GLN A 362 -29.44 -12.72 16.29
N PHE A 363 -28.61 -11.83 15.75
CA PHE A 363 -28.72 -10.38 15.92
C PHE A 363 -29.94 -9.81 15.16
N GLY A 364 -30.26 -10.36 13.99
CA GLY A 364 -31.46 -10.02 13.22
C GLY A 364 -31.14 -9.11 12.02
N LEU A 365 -29.91 -9.17 11.52
CA LEU A 365 -29.37 -8.32 10.45
C LEU A 365 -29.99 -8.67 9.06
N PRO A 366 -29.90 -7.78 8.05
CA PRO A 366 -30.44 -7.97 6.68
C PRO A 366 -30.07 -9.32 6.04
N ALA A 367 -31.02 -9.96 5.35
CA ALA A 367 -30.92 -11.31 4.78
C ALA A 367 -29.72 -11.50 3.83
N GLU A 368 -29.43 -10.48 3.01
CA GLU A 368 -28.31 -10.48 2.06
C GLU A 368 -26.95 -10.29 2.77
N ALA A 369 -26.93 -9.59 3.92
CA ALA A 369 -25.75 -9.43 4.76
C ALA A 369 -25.50 -10.73 5.53
N VAL A 370 -26.55 -11.36 6.08
CA VAL A 370 -26.53 -12.66 6.75
C VAL A 370 -26.04 -13.78 5.80
N GLU A 371 -26.51 -13.79 4.54
CA GLU A 371 -26.06 -14.71 3.50
C GLU A 371 -24.56 -14.53 3.20
N ALA A 372 -24.11 -13.28 3.02
CA ALA A 372 -22.72 -12.89 2.80
C ALA A 372 -21.81 -13.28 3.98
N ALA A 373 -22.29 -13.10 5.22
CA ALA A 373 -21.59 -13.43 6.46
C ALA A 373 -21.37 -14.94 6.65
N ASN A 374 -22.31 -15.77 6.16
CA ASN A 374 -22.24 -17.23 6.22
C ASN A 374 -21.42 -17.79 5.05
N LYS A 375 -21.48 -17.17 3.86
CA LYS A 375 -20.70 -17.57 2.69
C LYS A 375 -19.22 -17.14 2.80
N GLY A 376 -18.94 -15.99 3.42
CA GLY A 376 -17.60 -15.52 3.75
C GLY A 376 -17.19 -14.24 3.02
N ASP A 377 -18.15 -13.48 2.47
CA ASP A 377 -17.92 -12.26 1.69
C ASP A 377 -18.05 -11.05 2.62
N VAL A 378 -16.93 -10.63 3.21
CA VAL A 378 -16.81 -9.50 4.15
C VAL A 378 -17.20 -8.17 3.46
N GLU A 379 -16.81 -7.99 2.19
CA GLU A 379 -17.11 -6.82 1.38
C GLU A 379 -18.62 -6.71 1.10
N ALA A 380 -19.29 -7.83 0.80
CA ALA A 380 -20.72 -7.88 0.51
C ALA A 380 -21.57 -7.69 1.78
N PHE A 381 -21.09 -8.15 2.94
CA PHE A 381 -21.65 -7.84 4.25
C PHE A 381 -21.62 -6.32 4.52
N ALA A 382 -20.46 -5.68 4.33
CA ALA A 382 -20.25 -4.25 4.51
C ALA A 382 -21.09 -3.41 3.53
N LYS A 383 -21.09 -3.76 2.23
CA LYS A 383 -21.84 -3.08 1.18
C LYS A 383 -23.37 -3.25 1.32
N ALA A 384 -23.84 -4.34 1.93
CA ALA A 384 -25.25 -4.54 2.29
C ALA A 384 -25.62 -3.63 3.48
N MET A 385 -24.78 -3.63 4.54
CA MET A 385 -24.98 -2.84 5.77
C MET A 385 -24.92 -1.33 5.52
N GLN A 386 -24.23 -0.90 4.45
CA GLN A 386 -24.11 0.47 3.98
C GLN A 386 -25.45 1.05 3.48
N ASN A 387 -26.39 0.20 3.04
CA ASN A 387 -27.70 0.59 2.52
C ASN A 387 -28.61 1.03 3.68
N ASN A 388 -28.74 0.19 4.72
CA ASN A 388 -29.55 0.44 5.93
C ASN A 388 -28.79 1.26 6.99
N ALA A 389 -27.72 1.96 6.61
CA ALA A 389 -27.00 2.91 7.45
C ALA A 389 -27.82 4.21 7.66
N LYS A 390 -28.67 4.55 6.69
CA LYS A 390 -29.74 5.56 6.81
C LYS A 390 -31.06 4.85 7.17
N PRO A 391 -32.00 5.54 7.87
CA PRO A 391 -33.31 4.98 8.20
C PRO A 391 -34.29 5.01 7.00
N GLU A 392 -35.36 4.22 7.08
CA GLU A 392 -36.55 4.21 6.21
C GLU A 392 -36.35 3.46 4.88
N GLN A 393 -35.16 2.90 4.65
CA GLN A 393 -34.71 2.36 3.36
C GLN A 393 -35.27 0.95 3.06
N LYS A 394 -35.96 0.33 4.04
CA LYS A 394 -36.63 -0.97 3.93
C LYS A 394 -37.83 -0.97 2.94
N GLU A 395 -38.30 0.22 2.56
CA GLU A 395 -39.35 0.48 1.56
C GLU A 395 -38.80 1.41 0.46
N GLY A 396 -37.49 1.40 0.23
CA GLY A 396 -36.76 2.27 -0.68
C GLY A 396 -36.01 1.49 -1.78
N ASP A 397 -36.36 0.22 -2.02
CA ASP A 397 -35.74 -0.67 -3.01
C ASP A 397 -36.83 -1.53 -3.68
N THR A 398 -37.62 -2.24 -2.87
CA THR A 398 -38.62 -3.21 -3.26
C THR A 398 -39.91 -2.47 -3.66
N LYS A 399 -40.46 -2.80 -4.83
CA LYS A 399 -41.71 -2.26 -5.36
C LYS A 399 -42.84 -3.19 -4.90
N ASP A 400 -43.84 -2.63 -4.19
CA ASP A 400 -45.11 -3.29 -3.86
C ASP A 400 -46.04 -3.07 -5.06
N LYS A 401 -46.58 -4.16 -5.61
CA LYS A 401 -47.38 -4.26 -6.83
C LYS A 401 -46.46 -4.09 -8.05
N LYS A 402 -46.02 -5.21 -8.64
CA LYS A 402 -45.07 -5.27 -9.76
C LYS A 402 -45.65 -4.57 -11.01
N ASP A 403 -46.85 -4.98 -11.43
CA ASP A 403 -47.66 -4.33 -12.45
C ASP A 403 -48.52 -3.25 -11.76
N GLU A 404 -48.59 -2.07 -12.37
CA GLU A 404 -49.44 -0.94 -12.01
C GLU A 404 -50.06 -0.31 -13.29
N GLU A 405 -50.03 -1.00 -14.43
CA GLU A 405 -50.47 -0.48 -15.74
C GLU A 405 -51.97 -0.78 -15.96
N GLU A 406 -52.80 -0.44 -14.97
CA GLU A 406 -54.26 -0.60 -14.98
C GLU A 406 -54.88 0.60 -15.74
N ASP A 407 -55.83 0.31 -16.65
CA ASP A 407 -56.64 1.30 -17.38
C ASP A 407 -57.85 1.69 -16.52
N MET A 408 -58.39 2.89 -16.75
CA MET A 408 -59.56 3.44 -16.06
C MET A 408 -60.84 2.81 -16.67
N SER A 409 -61.09 1.55 -16.33
CA SER A 409 -62.23 0.75 -16.74
C SER A 409 -62.52 -0.26 -15.60
N LEU A 410 -63.81 -0.57 -15.38
CA LEU A 410 -64.31 -1.48 -14.35
C LEU A 410 -65.25 -2.51 -14.99
N ASP A 411 -65.39 -3.67 -14.35
CA ASP A 411 -66.34 -4.74 -14.73
C ASP A 411 -67.68 -4.43 -14.06
N MET A 5 37.47 23.07 -6.83
CA MET A 5 37.45 24.43 -7.38
C MET A 5 36.92 24.40 -8.82
N THR A 6 35.59 24.20 -8.99
CA THR A 6 34.88 24.02 -10.28
C THR A 6 35.32 22.69 -10.95
N THR A 7 35.56 21.67 -10.12
CA THR A 7 36.19 20.40 -10.44
C THR A 7 35.08 19.43 -10.91
N SER A 8 34.70 19.53 -12.20
CA SER A 8 33.73 18.71 -12.94
C SER A 8 32.26 19.10 -12.70
N GLY A 9 32.01 20.16 -11.90
CA GLY A 9 30.71 20.74 -11.60
C GLY A 9 30.68 22.23 -11.96
N ALA A 10 29.90 23.01 -11.20
CA ALA A 10 29.76 24.45 -11.30
C ALA A 10 29.64 25.05 -9.89
N LEU A 11 30.01 26.32 -9.73
CA LEU A 11 29.93 27.09 -8.50
C LEU A 11 29.41 28.49 -8.89
N PHE A 12 28.09 28.61 -8.95
CA PHE A 12 27.23 29.71 -9.44
C PHE A 12 27.81 31.15 -9.41
N PRO A 13 28.41 31.66 -10.51
CA PRO A 13 28.93 33.03 -10.56
C PRO A 13 27.78 34.03 -10.85
N SER A 14 27.44 34.86 -9.87
CA SER A 14 26.40 35.89 -9.95
C SER A 14 26.71 37.01 -8.93
N LEU A 15 27.93 37.54 -9.01
CA LEU A 15 28.62 38.38 -8.02
C LEU A 15 29.13 37.46 -6.90
N VAL A 16 29.06 37.86 -5.63
CA VAL A 16 29.38 37.02 -4.47
C VAL A 16 28.25 35.96 -4.31
N PRO A 17 28.56 34.64 -4.28
CA PRO A 17 27.54 33.58 -4.23
C PRO A 17 26.95 33.36 -2.82
N GLY A 18 27.81 33.33 -1.78
CA GLY A 18 27.45 33.08 -0.39
C GLY A 18 28.03 34.16 0.52
N SER A 19 28.80 33.74 1.52
CA SER A 19 29.47 34.55 2.54
C SER A 19 30.84 33.94 2.85
N ARG A 20 31.25 33.86 4.13
CA ARG A 20 32.55 33.33 4.58
C ARG A 20 32.69 31.80 4.39
N GLY A 21 31.56 31.07 4.26
CA GLY A 21 31.48 29.64 4.02
C GLY A 21 30.69 28.95 5.13
N ALA A 22 29.73 28.10 4.76
CA ALA A 22 28.91 27.29 5.65
C ALA A 22 29.42 25.84 5.63
N SER A 23 29.32 25.15 6.77
CA SER A 23 29.71 23.74 6.96
C SER A 23 28.55 22.77 6.59
N ASN A 24 27.45 23.31 6.07
CA ASN A 24 26.21 22.63 5.69
C ASN A 24 25.73 23.30 4.39
N LYS A 25 25.40 22.51 3.36
CA LYS A 25 24.91 22.97 2.08
C LYS A 25 24.01 21.90 1.45
N TYR A 26 22.69 22.09 1.53
CA TYR A 26 21.68 21.15 1.03
C TYR A 26 21.63 21.17 -0.51
N LEU A 27 21.37 20.00 -1.12
CA LEU A 27 21.20 19.82 -2.56
C LEU A 27 19.77 20.18 -2.97
N VAL A 28 18.79 19.83 -2.12
CA VAL A 28 17.37 20.16 -2.25
C VAL A 28 16.88 20.55 -0.85
N GLU A 29 15.94 21.50 -0.76
CA GLU A 29 15.35 22.04 0.46
C GLU A 29 13.93 22.53 0.12
N PHE A 30 12.89 22.06 0.82
CA PHE A 30 11.49 22.44 0.61
C PHE A 30 10.65 22.25 1.87
N ARG A 31 9.61 23.07 2.07
CA ARG A 31 8.72 23.00 3.23
C ARG A 31 7.59 22.00 2.93
N ALA A 32 7.56 20.90 3.67
CA ALA A 32 6.61 19.80 3.52
C ALA A 32 6.42 19.09 4.86
N GLY A 33 5.26 18.47 5.04
CA GLY A 33 4.90 17.60 6.15
C GLY A 33 4.83 16.17 5.65
N LYS A 34 4.53 15.22 6.54
CA LYS A 34 4.47 13.80 6.27
C LYS A 34 3.26 13.14 6.93
N MET A 35 3.12 11.83 6.78
CA MET A 35 2.09 10.98 7.36
C MET A 35 2.77 9.83 8.08
N SER A 36 2.24 9.45 9.24
CA SER A 36 2.74 8.40 10.13
C SER A 36 1.56 7.54 10.63
N LEU A 37 1.86 6.34 11.12
CA LEU A 37 0.90 5.46 11.78
C LEU A 37 0.77 5.88 13.26
N LYS A 38 -0.46 5.97 13.74
CA LYS A 38 -0.85 6.29 15.12
C LYS A 38 -1.28 4.99 15.85
N GLY A 39 -0.95 3.83 15.28
CA GLY A 39 -1.50 2.52 15.59
C GLY A 39 -2.05 1.96 14.27
N THR A 40 -3.17 1.27 14.30
CA THR A 40 -3.92 0.69 13.17
C THR A 40 -4.65 1.78 12.33
N THR A 41 -4.12 3.00 12.29
CA THR A 41 -4.68 4.23 11.75
C THR A 41 -3.48 5.06 11.23
N VAL A 42 -3.57 5.57 9.99
CA VAL A 42 -2.61 6.51 9.41
C VAL A 42 -3.15 7.93 9.70
N THR A 43 -2.25 8.87 10.06
CA THR A 43 -2.56 10.26 10.40
C THR A 43 -1.50 11.20 9.79
N PRO A 44 -1.85 12.39 9.25
CA PRO A 44 -0.87 13.40 8.83
C PRO A 44 -0.24 14.10 10.04
N ASP A 45 1.08 14.32 10.00
CA ASP A 45 1.86 15.01 11.03
C ASP A 45 1.81 16.51 10.72
N LYS A 46 0.86 17.22 11.36
CA LYS A 46 0.48 18.62 11.12
C LYS A 46 1.46 19.66 11.73
N ARG A 47 2.71 19.27 11.96
CA ARG A 47 3.79 20.16 12.38
C ARG A 47 4.34 20.90 11.14
N LYS A 48 5.00 22.05 11.37
CA LYS A 48 5.67 22.81 10.32
C LYS A 48 6.99 22.09 10.00
N GLY A 49 7.15 21.62 8.77
CA GLY A 49 8.22 20.71 8.37
C GLY A 49 9.08 21.27 7.25
N LEU A 50 10.30 20.74 7.12
CA LEU A 50 11.28 21.02 6.08
C LEU A 50 11.88 19.67 5.67
N VAL A 51 11.73 19.28 4.41
CA VAL A 51 12.48 18.18 3.80
C VAL A 51 13.75 18.81 3.23
N TYR A 52 14.88 18.11 3.36
CA TYR A 52 16.13 18.42 2.69
C TYR A 52 16.81 17.14 2.21
N ILE A 53 17.68 17.30 1.21
CA ILE A 53 18.60 16.29 0.69
C ILE A 53 20.01 16.89 0.78
N GLN A 54 20.98 16.10 1.22
CA GLN A 54 22.40 16.43 1.27
C GLN A 54 23.21 15.17 0.94
N GLN A 55 24.53 15.28 0.84
CA GLN A 55 25.47 14.19 0.59
C GLN A 55 26.24 13.90 1.89
N THR A 56 26.41 12.62 2.22
CA THR A 56 27.24 12.08 3.28
C THR A 56 28.66 11.90 2.71
N ASP A 57 29.71 12.08 3.52
CA ASP A 57 31.13 12.09 3.13
C ASP A 57 31.66 10.71 2.63
N ASP A 58 30.86 9.65 2.74
CA ASP A 58 31.08 8.35 2.07
C ASP A 58 30.71 8.40 0.57
N SER A 59 30.13 9.51 0.09
CA SER A 59 29.74 9.84 -1.28
C SER A 59 28.29 9.41 -1.61
N LEU A 60 27.52 9.01 -0.58
CA LEU A 60 26.12 8.62 -0.67
C LEU A 60 25.25 9.86 -0.40
N ILE A 61 24.02 9.86 -0.93
CA ILE A 61 22.99 10.86 -0.70
C ILE A 61 22.29 10.50 0.63
N HIS A 62 21.74 11.48 1.34
CA HIS A 62 20.87 11.29 2.50
C HIS A 62 19.70 12.28 2.44
N PHE A 63 18.51 11.75 2.71
CA PHE A 63 17.23 12.43 2.74
C PHE A 63 16.86 12.62 4.22
N CYS A 64 16.30 13.78 4.58
CA CYS A 64 15.96 14.14 5.96
C CYS A 64 14.68 14.99 5.98
N TRP A 65 13.79 14.71 6.94
CA TRP A 65 12.69 15.58 7.34
C TRP A 65 13.07 16.18 8.71
N LYS A 66 13.23 17.50 8.73
CA LYS A 66 13.42 18.34 9.91
C LYS A 66 12.05 18.95 10.25
N ASP A 67 11.73 19.03 11.53
CA ASP A 67 10.60 19.78 12.08
C ASP A 67 11.10 21.22 12.29
N ARG A 68 10.37 22.22 11.79
CA ARG A 68 10.70 23.63 11.99
C ARG A 68 10.05 24.17 13.27
N THR A 69 9.15 23.42 13.93
CA THR A 69 8.48 23.83 15.16
C THR A 69 9.50 23.88 16.33
N SER A 70 10.33 22.84 16.47
CA SER A 70 11.46 22.74 17.39
C SER A 70 12.78 23.12 16.70
N GLY A 71 13.03 22.61 15.48
CA GLY A 71 14.29 22.68 14.75
C GLY A 71 14.97 21.31 14.59
N ASN A 72 14.38 20.25 15.16
CA ASN A 72 14.96 18.91 15.28
C ASN A 72 14.77 18.07 14.01
N VAL A 73 15.76 17.19 13.72
CA VAL A 73 15.71 16.13 12.73
C VAL A 73 14.87 14.98 13.31
N GLU A 74 13.68 14.72 12.73
CA GLU A 74 12.74 13.74 13.25
C GLU A 74 12.85 12.40 12.50
N ASP A 75 13.20 12.43 11.21
CA ASP A 75 13.19 11.26 10.32
C ASP A 75 14.23 11.47 9.22
N ASP A 76 15.18 10.54 9.02
CA ASP A 76 16.27 10.62 8.04
C ASP A 76 16.70 9.21 7.62
N LEU A 77 17.14 9.06 6.37
CA LEU A 77 17.67 7.84 5.77
C LEU A 77 18.79 8.20 4.77
N ILE A 78 19.83 7.35 4.70
CA ILE A 78 20.89 7.39 3.68
C ILE A 78 20.35 6.63 2.46
N ILE A 79 20.58 7.17 1.27
CA ILE A 79 19.99 6.76 0.00
C ILE A 79 21.09 6.28 -0.95
N PHE A 80 20.83 5.15 -1.62
CA PHE A 80 21.52 4.71 -2.84
C PHE A 80 20.62 5.07 -4.04
N PRO A 81 21.16 5.66 -5.14
CA PRO A 81 20.41 5.98 -6.37
C PRO A 81 19.59 4.80 -6.95
N ASP A 82 18.42 5.08 -7.52
CA ASP A 82 17.47 4.17 -8.19
C ASP A 82 16.61 3.36 -7.21
N ASP A 83 17.22 2.93 -6.10
CA ASP A 83 16.63 2.14 -5.01
C ASP A 83 15.64 2.96 -4.15
N CYS A 84 15.60 4.28 -4.34
CA CYS A 84 14.60 5.20 -3.82
C CYS A 84 14.15 6.10 -4.99
N GLU A 85 12.87 6.48 -5.01
CA GLU A 85 12.21 7.24 -6.06
C GLU A 85 11.05 8.04 -5.44
N PHE A 86 10.72 9.21 -6.02
CA PHE A 86 9.72 10.16 -5.54
C PHE A 86 8.82 10.56 -6.71
N LYS A 87 7.50 10.55 -6.51
CA LYS A 87 6.47 10.90 -7.48
C LYS A 87 5.25 11.52 -6.77
N ARG A 88 4.37 12.18 -7.53
CA ARG A 88 3.12 12.77 -7.06
C ARG A 88 2.04 11.67 -6.98
N VAL A 89 1.13 11.77 -6.01
CA VAL A 89 -0.02 10.87 -5.87
C VAL A 89 -1.13 11.43 -6.79
N PRO A 90 -1.59 10.69 -7.83
CA PRO A 90 -2.58 11.20 -8.79
C PRO A 90 -4.02 11.27 -8.25
N GLN A 91 -4.33 10.59 -7.15
CA GLN A 91 -5.64 10.60 -6.48
C GLN A 91 -5.86 11.88 -5.65
N CYS A 92 -4.82 12.72 -5.46
CA CYS A 92 -4.88 13.97 -4.72
C CYS A 92 -5.69 15.02 -5.52
N PRO A 93 -6.77 15.62 -4.95
CA PRO A 93 -7.57 16.68 -5.61
C PRO A 93 -6.77 17.92 -6.03
N SER A 94 -5.91 18.45 -5.13
CA SER A 94 -5.17 19.70 -5.34
C SER A 94 -3.79 19.44 -5.99
N GLY A 95 -3.13 18.32 -5.64
CA GLY A 95 -1.87 17.87 -6.23
C GLY A 95 -0.67 18.00 -5.29
N ARG A 96 -0.87 18.46 -4.04
CA ARG A 96 0.20 18.78 -3.10
C ARG A 96 0.71 17.56 -2.31
N VAL A 97 0.09 16.37 -2.45
CA VAL A 97 0.52 15.13 -1.80
C VAL A 97 1.40 14.34 -2.79
N TYR A 98 2.55 13.88 -2.29
CA TYR A 98 3.61 13.16 -2.99
C TYR A 98 3.97 11.90 -2.19
N VAL A 99 4.61 10.92 -2.84
CA VAL A 99 5.02 9.66 -2.24
C VAL A 99 6.47 9.37 -2.62
N LEU A 100 7.29 9.10 -1.61
CA LEU A 100 8.63 8.53 -1.69
C LEU A 100 8.44 7.01 -1.56
N LYS A 101 9.09 6.20 -2.41
CA LYS A 101 9.05 4.75 -2.38
C LYS A 101 10.47 4.18 -2.51
N PHE A 102 10.80 3.24 -1.64
CA PHE A 102 12.02 2.44 -1.66
C PHE A 102 11.73 1.15 -2.43
N LYS A 103 12.66 0.72 -3.30
CA LYS A 103 12.52 -0.46 -4.13
C LYS A 103 12.80 -1.73 -3.30
N ALA A 104 13.92 -1.77 -2.55
CA ALA A 104 14.25 -2.84 -1.62
C ALA A 104 13.31 -2.80 -0.40
N GLY A 105 12.33 -3.70 -0.37
CA GLY A 105 11.38 -3.92 0.73
C GLY A 105 9.96 -3.46 0.37
N SER A 106 9.86 -2.50 -0.56
CA SER A 106 8.62 -1.91 -1.08
C SER A 106 7.99 -0.89 -0.11
N LYS A 107 8.80 -0.32 0.80
CA LYS A 107 8.41 0.67 1.81
C LYS A 107 8.07 2.01 1.14
N ARG A 108 7.00 2.67 1.58
CA ARG A 108 6.55 3.98 1.14
C ARG A 108 6.55 4.97 2.31
N LEU A 109 6.78 6.25 2.02
CA LEU A 109 6.55 7.40 2.90
C LEU A 109 5.80 8.45 2.08
N PHE A 110 4.64 8.88 2.58
CA PHE A 110 3.81 9.90 1.95
C PHE A 110 4.15 11.27 2.58
N PHE A 111 4.36 12.26 1.72
CA PHE A 111 4.73 13.63 2.03
C PHE A 111 3.67 14.57 1.45
N TRP A 112 3.51 15.76 2.03
CA TRP A 112 2.56 16.77 1.58
C TRP A 112 3.18 18.16 1.70
N MET A 113 3.14 18.92 0.61
CA MET A 113 3.80 20.21 0.44
C MET A 113 3.04 21.29 1.24
N GLN A 114 3.76 22.10 2.03
CA GLN A 114 3.20 23.14 2.89
C GLN A 114 3.37 24.54 2.27
N GLU A 115 4.03 24.64 1.11
CA GLU A 115 4.22 25.88 0.35
C GLU A 115 2.93 26.20 -0.45
N PRO A 116 2.55 27.49 -0.60
CA PRO A 116 1.31 27.89 -1.26
C PRO A 116 1.39 27.92 -2.80
N LYS A 117 2.57 28.23 -3.36
CA LYS A 117 2.81 28.38 -4.80
C LYS A 117 3.11 26.99 -5.38
N THR A 118 2.10 26.32 -5.95
CA THR A 118 2.12 24.95 -6.44
C THR A 118 3.09 24.72 -7.64
N ASP A 119 3.59 25.80 -8.25
CA ASP A 119 4.65 25.79 -9.26
C ASP A 119 6.01 25.35 -8.65
N GLN A 120 6.26 25.67 -7.36
CA GLN A 120 7.47 25.29 -6.64
C GLN A 120 7.48 23.78 -6.38
N ASP A 121 6.31 23.17 -6.12
CA ASP A 121 6.10 21.74 -5.87
C ASP A 121 6.60 20.85 -7.02
N GLU A 122 6.35 21.28 -8.27
CA GLU A 122 6.77 20.63 -9.50
C GLU A 122 8.31 20.65 -9.61
N GLU A 123 8.92 21.82 -9.40
CA GLU A 123 10.37 22.02 -9.38
C GLU A 123 11.04 21.17 -8.29
N HIS A 124 10.46 21.15 -7.07
CA HIS A 124 10.93 20.33 -5.95
C HIS A 124 10.90 18.83 -6.30
N CYS A 125 9.77 18.34 -6.82
CA CYS A 125 9.58 16.96 -7.29
C CYS A 125 10.62 16.56 -8.35
N ARG A 126 10.85 17.43 -9.34
CA ARG A 126 11.86 17.26 -10.38
C ARG A 126 13.28 17.19 -9.81
N LYS A 127 13.66 18.10 -8.88
CA LYS A 127 14.96 18.09 -8.20
C LYS A 127 15.17 16.80 -7.39
N VAL A 128 14.20 16.40 -6.57
CA VAL A 128 14.21 15.17 -5.78
C VAL A 128 14.34 13.94 -6.71
N ASN A 129 13.45 13.80 -7.69
CA ASN A 129 13.40 12.68 -8.65
C ASN A 129 14.73 12.52 -9.42
N GLU A 130 15.37 13.63 -9.82
CA GLU A 130 16.70 13.64 -10.43
C GLU A 130 17.79 13.16 -9.45
N TYR A 131 17.91 13.78 -8.27
CA TYR A 131 18.93 13.42 -7.27
C TYR A 131 18.81 11.99 -6.71
N LEU A 132 17.60 11.42 -6.73
CA LEU A 132 17.33 10.03 -6.33
C LEU A 132 17.69 9.01 -7.45
N ASN A 133 18.12 9.43 -8.64
CA ASN A 133 18.54 8.53 -9.73
C ASN A 133 19.92 8.88 -10.30
N ASN A 134 20.24 10.18 -10.42
CA ASN A 134 21.53 10.69 -10.86
C ASN A 134 22.28 11.18 -9.60
N PRO A 135 23.37 10.51 -9.15
CA PRO A 135 24.18 10.98 -8.03
C PRO A 135 25.05 12.21 -8.42
N PRO A 136 25.51 13.03 -7.44
CA PRO A 136 26.29 14.24 -7.73
C PRO A 136 27.74 13.94 -8.20
N MET A 137 28.35 12.88 -7.68
CA MET A 137 29.62 12.31 -8.15
C MET A 137 29.29 11.00 -8.92
N PRO A 138 30.17 10.54 -9.86
CA PRO A 138 30.06 9.23 -10.53
C PRO A 138 29.84 8.02 -9.58
N GLY A 139 29.19 6.97 -10.08
CA GLY A 139 28.85 5.77 -9.33
C GLY A 139 29.70 4.59 -9.79
N ALA A 140 30.29 3.87 -8.82
CA ALA A 140 31.14 2.70 -8.99
C ALA A 140 31.13 1.89 -7.68
N LEU A 141 31.85 0.77 -7.65
CA LEU A 141 32.04 -0.19 -6.56
C LEU A 141 30.95 -1.29 -6.58
N GLY A 142 31.33 -2.50 -6.15
CA GLY A 142 30.45 -3.68 -6.05
C GLY A 142 30.92 -4.85 -6.92
N ALA A 143 31.85 -4.61 -7.86
CA ALA A 143 32.39 -5.60 -8.81
C ALA A 143 33.21 -6.70 -8.12
N SER A 144 33.80 -6.41 -6.96
CA SER A 144 34.54 -7.35 -6.11
C SER A 144 33.59 -8.26 -5.29
N GLY A 145 32.26 -8.10 -5.45
CA GLY A 145 31.20 -8.85 -4.81
C GLY A 145 30.35 -9.62 -5.84
N SER A 146 30.97 -10.09 -6.92
CA SER A 146 30.34 -10.84 -8.03
C SER A 146 30.07 -12.33 -7.66
N SER A 147 30.18 -12.71 -6.39
CA SER A 147 29.85 -14.01 -5.81
C SER A 147 28.31 -14.14 -5.69
N GLY A 148 27.65 -14.51 -6.79
CA GLY A 148 26.20 -14.57 -6.94
C GLY A 148 25.75 -13.75 -8.16
N HIS A 149 24.54 -14.02 -8.66
CA HIS A 149 23.98 -13.45 -9.89
C HIS A 149 22.50 -13.04 -9.78
N GLU A 150 21.99 -12.93 -8.54
CA GLU A 150 20.64 -12.47 -8.24
C GLU A 150 20.65 -10.93 -8.19
N LEU A 151 19.63 -10.29 -8.77
CA LEU A 151 19.46 -8.84 -8.83
C LEU A 151 17.97 -8.48 -8.89
N SER A 152 17.27 -8.95 -9.93
CA SER A 152 15.86 -8.64 -10.19
C SER A 152 15.04 -9.84 -10.73
N ALA A 153 15.64 -11.04 -10.75
CA ALA A 153 15.00 -12.31 -11.09
C ALA A 153 14.42 -12.96 -9.82
N LEU A 154 13.43 -13.84 -10.00
CA LEU A 154 12.77 -14.61 -8.93
C LEU A 154 13.66 -15.76 -8.39
N GLY A 155 14.66 -16.19 -9.17
CA GLY A 155 15.63 -17.23 -8.85
C GLY A 155 15.52 -18.43 -9.82
N GLY A 156 14.35 -18.64 -10.39
CA GLY A 156 14.02 -19.68 -11.37
C GLY A 156 13.01 -20.70 -10.82
N GLU A 157 12.95 -20.84 -9.50
CA GLU A 157 12.01 -21.68 -8.76
C GLU A 157 10.79 -20.83 -8.35
N GLY A 158 9.72 -21.49 -7.86
CA GLY A 158 8.50 -20.88 -7.34
C GLY A 158 7.23 -21.35 -8.06
N GLY A 159 7.37 -22.04 -9.20
CA GLY A 159 6.31 -22.68 -9.95
C GLY A 159 6.62 -24.17 -10.14
N LEU A 160 5.59 -25.01 -10.25
CA LEU A 160 5.71 -26.46 -10.47
C LEU A 160 5.95 -26.79 -11.96
N GLN A 161 5.57 -25.86 -12.86
CA GLN A 161 5.81 -25.87 -14.30
C GLN A 161 6.18 -24.44 -14.71
N SER A 162 6.82 -24.28 -15.88
CA SER A 162 7.26 -23.02 -16.45
C SER A 162 6.85 -22.98 -17.93
N LEU A 163 6.21 -21.90 -18.37
CA LEU A 163 5.79 -21.67 -19.76
C LEU A 163 7.00 -21.21 -20.61
N LEU A 164 7.91 -20.44 -20.00
CA LEU A 164 9.18 -20.02 -20.59
C LEU A 164 10.21 -21.12 -20.27
N GLY A 165 10.91 -21.61 -21.29
CA GLY A 165 12.02 -22.55 -21.19
C GLY A 165 13.25 -21.99 -21.90
N ASN A 166 14.43 -22.61 -21.66
CA ASN A 166 15.72 -22.20 -22.23
C ASN A 166 15.79 -22.53 -23.74
N MET A 167 15.07 -23.55 -24.19
CA MET A 167 14.87 -23.93 -25.59
C MET A 167 13.41 -24.30 -25.93
N SER A 168 12.58 -24.58 -24.91
CA SER A 168 11.14 -24.81 -24.98
C SER A 168 10.81 -26.15 -25.70
N HIS A 169 11.29 -27.26 -25.13
CA HIS A 169 11.17 -28.62 -25.66
C HIS A 169 10.63 -29.55 -24.57
N SER A 170 11.50 -30.00 -23.67
CA SER A 170 11.26 -30.81 -22.48
C SER A 170 11.03 -32.30 -22.83
N GLN A 171 9.89 -32.63 -23.45
CA GLN A 171 9.49 -33.95 -23.90
C GLN A 171 8.44 -33.86 -25.01
N LEU A 172 8.31 -34.92 -25.81
CA LEU A 172 7.22 -35.13 -26.77
C LEU A 172 6.11 -35.95 -26.07
N MET A 173 4.89 -35.90 -26.62
CA MET A 173 3.75 -36.71 -26.19
C MET A 173 3.94 -38.13 -26.75
N GLN A 174 4.39 -39.06 -25.91
CA GLN A 174 4.82 -40.43 -26.25
C GLN A 174 4.32 -41.42 -25.19
N LEU A 175 3.07 -41.25 -24.74
CA LEU A 175 2.41 -42.08 -23.74
C LEU A 175 2.02 -43.45 -24.35
N ILE A 176 2.13 -44.51 -23.55
CA ILE A 176 1.83 -45.89 -23.91
C ILE A 176 0.31 -46.17 -23.87
N GLY A 177 -0.11 -47.25 -24.54
CA GLY A 177 -1.46 -47.79 -24.53
C GLY A 177 -1.48 -49.23 -24.01
N PRO A 178 -2.63 -49.94 -24.09
CA PRO A 178 -2.75 -51.33 -23.59
C PRO A 178 -2.08 -52.37 -24.51
N ALA A 179 -2.00 -52.10 -25.83
CA ALA A 179 -1.36 -52.86 -26.89
C ALA A 179 -2.21 -54.04 -27.40
N GLY A 180 -1.86 -54.54 -28.59
CA GLY A 180 -2.38 -55.75 -29.21
C GLY A 180 -1.21 -56.67 -29.55
N LEU A 181 -1.43 -57.99 -29.55
CA LEU A 181 -0.45 -59.03 -29.84
C LEU A 181 -1.15 -60.25 -30.46
N GLY A 182 -0.41 -61.02 -31.26
CA GLY A 182 -0.86 -62.23 -31.95
C GLY A 182 -0.77 -62.04 -33.46
N GLY A 183 -0.05 -62.93 -34.15
CA GLY A 183 0.06 -63.02 -35.60
C GLY A 183 -0.26 -64.44 -36.06
N LEU A 184 -0.69 -64.60 -37.32
CA LEU A 184 -0.96 -65.85 -38.03
C LEU A 184 -2.25 -66.51 -37.47
N GLY A 185 -3.36 -65.76 -37.51
CA GLY A 185 -4.64 -66.11 -36.92
C GLY A 185 -5.69 -66.40 -38.00
N GLY A 186 -5.35 -67.32 -38.91
CA GLY A 186 -6.18 -67.78 -40.04
C GLY A 186 -6.56 -69.26 -39.90
N LEU A 187 -6.43 -69.81 -38.70
CA LEU A 187 -6.74 -71.19 -38.31
C LEU A 187 -7.24 -71.16 -36.85
N GLY A 188 -7.96 -72.20 -36.43
CA GLY A 188 -8.52 -72.36 -35.09
C GLY A 188 -7.82 -73.50 -34.34
N ALA A 189 -8.57 -74.21 -33.47
CA ALA A 189 -8.15 -75.34 -32.64
C ALA A 189 -7.44 -74.90 -31.33
N LEU A 190 -7.71 -73.66 -30.88
CA LEU A 190 -7.21 -73.06 -29.64
C LEU A 190 -7.91 -73.72 -28.42
N THR A 191 -7.21 -73.78 -27.29
CA THR A 191 -7.67 -74.27 -25.99
C THR A 191 -8.97 -73.56 -25.53
N GLY A 192 -10.02 -74.34 -25.29
CA GLY A 192 -11.34 -73.91 -24.83
C GLY A 192 -11.80 -74.72 -23.60
N PRO A 193 -13.10 -74.66 -23.24
CA PRO A 193 -13.75 -75.45 -22.17
C PRO A 193 -13.53 -76.99 -22.23
N GLY A 194 -13.19 -77.55 -23.38
CA GLY A 194 -13.07 -78.97 -23.67
C GLY A 194 -13.77 -79.29 -25.00
N LEU A 195 -13.85 -80.58 -25.34
CA LEU A 195 -14.48 -81.07 -26.57
C LEU A 195 -16.02 -81.11 -26.41
N ALA A 196 -16.73 -80.98 -27.53
CA ALA A 196 -18.19 -80.96 -27.63
C ALA A 196 -18.86 -82.28 -27.20
N SER A 197 -18.12 -83.39 -27.20
CA SER A 197 -18.44 -84.69 -26.60
C SER A 197 -19.41 -85.53 -27.44
N LEU A 198 -19.54 -85.22 -28.74
CA LEU A 198 -20.35 -85.93 -29.73
C LEU A 198 -19.64 -87.24 -30.15
N LEU A 199 -18.31 -87.24 -30.17
CA LEU A 199 -17.44 -88.38 -30.43
C LEU A 199 -17.25 -89.19 -29.13
N GLY A 200 -16.83 -90.46 -29.26
CA GLY A 200 -16.68 -91.43 -28.18
C GLY A 200 -15.20 -91.75 -27.94
N SER A 201 -14.34 -90.74 -28.03
CA SER A 201 -12.87 -90.82 -27.91
C SER A 201 -12.38 -90.80 -26.44
N SER A 202 -13.27 -91.04 -25.47
CA SER A 202 -13.02 -91.11 -24.03
C SER A 202 -13.95 -92.17 -23.40
N GLY A 203 -13.80 -92.40 -22.09
CA GLY A 203 -14.50 -93.41 -21.31
C GLY A 203 -15.39 -92.80 -20.22
N PRO A 204 -15.77 -93.58 -19.17
CA PRO A 204 -16.59 -93.15 -18.03
C PRO A 204 -16.11 -91.84 -17.33
N PRO A 205 -17.02 -91.07 -16.67
CA PRO A 205 -16.71 -89.87 -15.87
C PRO A 205 -15.57 -90.03 -14.83
N GLY A 206 -14.96 -88.91 -14.45
CA GLY A 206 -13.82 -88.80 -13.54
C GLY A 206 -12.74 -87.89 -14.13
N SER A 207 -11.72 -87.62 -13.31
CA SER A 207 -10.56 -86.72 -13.48
C SER A 207 -10.88 -85.29 -12.98
N SER A 208 -9.88 -84.59 -12.43
CA SER A 208 -9.98 -83.25 -11.88
C SER A 208 -8.60 -82.56 -11.93
N SER A 209 -8.48 -81.41 -11.28
CA SER A 209 -7.33 -80.51 -11.09
C SER A 209 -7.27 -79.39 -12.15
N SER A 210 -6.97 -78.17 -11.71
CA SER A 210 -6.79 -76.96 -12.49
C SER A 210 -5.67 -76.12 -11.85
N SER A 211 -4.93 -75.34 -12.64
CA SER A 211 -3.95 -74.33 -12.20
C SER A 211 -2.67 -74.92 -11.57
N SER A 212 -2.45 -76.23 -11.72
CA SER A 212 -1.38 -77.02 -11.08
C SER A 212 -0.07 -77.01 -11.91
N SER A 213 0.05 -76.09 -12.88
CA SER A 213 1.21 -75.85 -13.72
C SER A 213 1.49 -74.33 -13.84
N ARG A 214 1.05 -73.54 -12.84
CA ARG A 214 1.21 -72.09 -12.76
C ARG A 214 2.65 -71.70 -12.38
N SER A 215 3.39 -72.61 -11.73
CA SER A 215 4.79 -72.47 -11.34
C SER A 215 5.44 -73.88 -11.33
N GLN A 216 6.70 -73.96 -10.91
CA GLN A 216 7.52 -75.16 -10.83
C GLN A 216 8.52 -75.03 -9.68
N SER A 217 9.17 -76.14 -9.29
CA SER A 217 10.24 -76.18 -8.30
C SER A 217 11.53 -75.68 -9.01
N ALA A 218 12.03 -74.52 -8.59
CA ALA A 218 13.19 -73.82 -9.12
C ALA A 218 13.82 -72.98 -8.00
N ALA A 219 14.10 -71.70 -8.27
CA ALA A 219 14.75 -70.74 -7.37
C ALA A 219 14.02 -69.39 -7.37
N VAL A 220 12.70 -69.40 -7.54
CA VAL A 220 11.82 -68.23 -7.59
C VAL A 220 11.55 -67.78 -6.13
N THR A 221 12.48 -67.02 -5.56
CA THR A 221 12.42 -66.36 -4.26
C THR A 221 13.30 -65.10 -4.35
N PRO A 222 12.74 -63.89 -4.61
CA PRO A 222 13.48 -62.62 -4.64
C PRO A 222 14.28 -62.33 -3.34
N SER A 223 15.45 -61.70 -3.46
CA SER A 223 16.29 -61.30 -2.34
C SER A 223 15.81 -59.98 -1.71
N SER A 224 15.01 -59.19 -2.44
CA SER A 224 14.30 -58.00 -1.99
C SER A 224 13.04 -57.82 -2.86
N THR A 225 12.01 -57.15 -2.34
CA THR A 225 10.70 -56.97 -2.97
C THR A 225 10.24 -55.49 -2.98
N THR A 226 11.12 -54.56 -2.60
CA THR A 226 10.89 -53.12 -2.40
C THR A 226 10.82 -52.36 -3.76
N SER A 227 10.21 -52.97 -4.77
CA SER A 227 10.06 -52.46 -6.14
C SER A 227 8.59 -52.09 -6.43
N SER A 228 7.63 -52.76 -5.79
CA SER A 228 6.17 -52.60 -6.00
C SER A 228 5.40 -52.68 -4.67
N THR A 229 6.06 -52.35 -3.56
CA THR A 229 5.49 -52.35 -2.20
C THR A 229 4.41 -51.25 -2.08
N ARG A 230 3.22 -51.61 -1.57
CA ARG A 230 2.05 -50.77 -1.32
C ARG A 230 1.34 -50.40 -2.66
N ALA A 231 1.08 -51.42 -3.49
CA ALA A 231 0.41 -51.28 -4.79
C ALA A 231 -1.13 -51.17 -4.66
N THR A 232 -1.68 -51.44 -3.46
CA THR A 232 -3.10 -51.34 -3.12
C THR A 232 -3.59 -49.87 -3.11
N PRO A 233 -4.83 -49.57 -3.56
CA PRO A 233 -5.45 -48.22 -3.49
C PRO A 233 -5.39 -47.56 -2.10
N ALA A 234 -5.19 -46.23 -2.09
CA ALA A 234 -5.19 -45.39 -0.89
C ALA A 234 -5.74 -44.00 -1.26
N PRO A 235 -7.08 -43.77 -1.18
CA PRO A 235 -7.73 -42.47 -1.46
C PRO A 235 -7.06 -41.28 -0.73
N SER A 236 -6.47 -40.37 -1.51
CA SER A 236 -5.64 -39.27 -1.03
C SER A 236 -5.77 -37.97 -1.85
N ALA A 237 -6.78 -37.90 -2.74
CA ALA A 237 -7.14 -36.74 -3.54
C ALA A 237 -8.66 -36.71 -3.78
N PRO A 238 -9.50 -36.28 -2.80
CA PRO A 238 -10.97 -36.22 -2.91
C PRO A 238 -11.52 -35.46 -4.14
N ALA A 239 -10.92 -34.29 -4.44
CA ALA A 239 -11.29 -33.32 -5.48
C ALA A 239 -12.46 -32.42 -5.06
N ALA A 240 -12.64 -31.29 -5.76
CA ALA A 240 -13.74 -30.35 -5.53
C ALA A 240 -15.04 -30.89 -6.16
N ALA A 241 -14.96 -31.28 -7.45
CA ALA A 241 -15.97 -31.94 -8.28
C ALA A 241 -17.09 -31.01 -8.77
N SER A 242 -17.55 -31.25 -10.01
CA SER A 242 -18.79 -30.80 -10.66
C SER A 242 -18.90 -29.29 -10.98
N ALA A 243 -18.28 -28.42 -10.18
CA ALA A 243 -18.29 -26.96 -10.32
C ALA A 243 -17.30 -26.54 -11.42
N THR A 244 -17.71 -25.56 -12.24
CA THR A 244 -16.95 -25.00 -13.37
C THR A 244 -17.11 -23.47 -13.34
N SER A 245 -18.29 -22.98 -13.75
CA SER A 245 -18.73 -21.58 -13.82
C SER A 245 -17.89 -20.74 -14.82
N PRO A 246 -17.89 -21.07 -16.13
CA PRO A 246 -17.00 -20.44 -17.11
C PRO A 246 -17.48 -19.03 -17.52
N SER A 247 -16.58 -18.04 -17.44
CA SER A 247 -16.73 -16.68 -17.94
C SER A 247 -15.32 -16.07 -18.04
N PRO A 248 -14.98 -15.29 -19.10
CA PRO A 248 -13.70 -14.57 -19.17
C PRO A 248 -13.70 -13.33 -18.25
N ALA A 249 -14.80 -12.57 -18.25
CA ALA A 249 -15.12 -11.47 -17.36
C ALA A 249 -16.65 -11.24 -17.45
N PRO A 250 -17.41 -11.23 -16.33
CA PRO A 250 -18.86 -11.04 -16.37
C PRO A 250 -19.23 -9.55 -16.59
N SER A 251 -19.64 -9.20 -17.81
CA SER A 251 -20.16 -7.90 -18.21
C SER A 251 -21.05 -8.07 -19.45
N SER A 252 -21.42 -6.94 -20.07
CA SER A 252 -22.14 -6.83 -21.33
C SER A 252 -21.61 -5.60 -22.11
N GLY A 253 -21.42 -4.46 -21.41
CA GLY A 253 -20.81 -3.23 -21.91
C GLY A 253 -19.62 -2.84 -21.05
N ASN A 254 -19.42 -1.53 -20.84
CA ASN A 254 -18.44 -0.94 -19.94
C ASN A 254 -19.04 0.38 -19.43
N GLY A 255 -19.34 0.45 -18.13
CA GLY A 255 -19.80 1.64 -17.42
C GLY A 255 -18.94 1.83 -16.17
N ALA A 256 -18.67 3.09 -15.80
CA ALA A 256 -17.90 3.47 -14.62
C ALA A 256 -18.80 3.44 -13.37
N SER A 257 -19.26 2.25 -12.98
CA SER A 257 -20.14 1.99 -11.85
C SER A 257 -19.86 0.61 -11.24
N THR A 258 -19.80 -0.44 -12.07
CA THR A 258 -19.56 -1.83 -11.67
C THR A 258 -18.93 -2.61 -12.85
N ALA A 259 -18.54 -3.87 -12.61
CA ALA A 259 -18.01 -4.86 -13.55
C ALA A 259 -16.51 -4.70 -13.84
N ALA A 260 -15.81 -3.89 -13.04
CA ALA A 260 -14.38 -3.61 -13.10
C ALA A 260 -13.87 -3.26 -11.68
N SER A 261 -12.55 -3.26 -11.49
CA SER A 261 -11.85 -2.86 -10.28
C SER A 261 -10.44 -2.37 -10.67
N PRO A 262 -10.18 -1.04 -10.75
CA PRO A 262 -8.88 -0.45 -11.11
C PRO A 262 -7.67 -0.94 -10.29
N THR A 263 -7.83 -1.12 -8.98
CA THR A 263 -6.80 -1.53 -8.03
C THR A 263 -6.50 -3.03 -8.24
N GLN A 264 -5.35 -3.34 -8.83
CA GLN A 264 -4.87 -4.69 -9.13
C GLN A 264 -3.41 -4.80 -8.65
N PRO A 265 -3.14 -5.21 -7.39
CA PRO A 265 -1.77 -5.33 -6.87
C PRO A 265 -1.09 -6.60 -7.40
N ILE A 266 0.16 -6.49 -7.86
CA ILE A 266 0.98 -7.60 -8.33
C ILE A 266 2.11 -7.80 -7.29
N GLN A 267 2.98 -6.80 -7.14
CA GLN A 267 4.15 -6.82 -6.27
C GLN A 267 3.78 -6.81 -4.77
N LEU A 268 2.71 -6.10 -4.41
CA LEU A 268 2.30 -5.87 -3.02
C LEU A 268 1.46 -7.03 -2.45
N SER A 269 0.96 -7.92 -3.33
CA SER A 269 -0.01 -8.99 -3.08
C SER A 269 0.31 -9.88 -1.87
N ASP A 270 1.55 -10.38 -1.77
CA ASP A 270 2.05 -11.19 -0.66
C ASP A 270 2.80 -10.29 0.35
N LEU A 271 3.60 -9.32 -0.13
CA LEU A 271 4.44 -8.43 0.67
C LEU A 271 3.73 -7.74 1.86
N GLN A 272 2.51 -7.23 1.66
CA GLN A 272 1.72 -6.55 2.69
C GLN A 272 1.41 -7.46 3.90
N SER A 273 1.20 -8.76 3.67
CA SER A 273 0.93 -9.74 4.72
C SER A 273 2.25 -10.25 5.36
N ILE A 274 3.35 -10.30 4.59
CA ILE A 274 4.69 -10.66 5.08
C ILE A 274 5.25 -9.52 5.97
N LEU A 275 5.06 -8.25 5.56
CA LEU A 275 5.44 -7.06 6.31
C LEU A 275 4.72 -6.99 7.67
N ALA A 276 3.41 -7.26 7.68
CA ALA A 276 2.53 -7.20 8.86
C ALA A 276 2.93 -8.12 10.03
N THR A 277 3.72 -9.17 9.78
CA THR A 277 4.29 -10.06 10.80
C THR A 277 5.45 -9.37 11.55
N MET A 278 6.13 -8.40 10.92
CA MET A 278 7.26 -7.67 11.47
C MET A 278 6.82 -6.27 11.95
N ASN A 279 6.18 -5.49 11.06
CA ASN A 279 5.68 -4.13 11.29
C ASN A 279 4.40 -3.93 10.50
N VAL A 280 3.30 -3.56 11.17
CA VAL A 280 1.97 -3.31 10.59
C VAL A 280 2.04 -2.16 9.55
N PRO A 281 1.71 -2.39 8.26
CA PRO A 281 1.76 -1.34 7.23
C PRO A 281 0.52 -0.42 7.27
N ALA A 282 -0.64 -0.95 7.66
CA ALA A 282 -1.90 -0.21 7.87
C ALA A 282 -2.75 -0.94 8.91
N GLY A 283 -3.17 -2.17 8.61
CA GLY A 283 -3.96 -3.04 9.48
C GLY A 283 -3.36 -4.44 9.63
N PRO A 284 -4.03 -5.35 10.38
CA PRO A 284 -3.57 -6.74 10.55
C PRO A 284 -3.73 -7.52 9.23
N ALA A 285 -2.67 -8.25 8.84
CA ALA A 285 -2.50 -9.02 7.60
C ALA A 285 -2.27 -8.12 6.36
N GLY A 286 -2.07 -6.82 6.57
CA GLY A 286 -1.95 -5.77 5.56
C GLY A 286 -2.96 -4.68 5.87
N GLY A 287 -4.25 -5.05 5.98
CA GLY A 287 -5.36 -4.19 6.36
C GLY A 287 -6.37 -4.12 5.22
N GLN A 288 -7.28 -5.11 5.15
CA GLN A 288 -8.28 -5.23 4.10
C GLN A 288 -9.58 -4.46 4.44
N GLN A 289 -9.91 -4.35 5.74
CA GLN A 289 -11.18 -3.81 6.23
C GLN A 289 -11.06 -2.32 6.61
N VAL A 290 -9.86 -1.73 6.51
CA VAL A 290 -9.52 -0.37 6.97
C VAL A 290 -10.40 0.74 6.34
N ASP A 291 -10.85 0.56 5.10
CA ASP A 291 -11.79 1.45 4.41
C ASP A 291 -13.25 1.14 4.83
N LEU A 292 -13.61 -0.14 4.90
CA LEU A 292 -14.95 -0.64 5.25
C LEU A 292 -15.35 -0.34 6.70
N ALA A 293 -14.38 -0.11 7.60
CA ALA A 293 -14.56 0.37 8.96
C ALA A 293 -15.16 1.80 9.03
N SER A 294 -15.09 2.57 7.93
CA SER A 294 -15.71 3.89 7.80
C SER A 294 -17.16 3.76 7.28
N VAL A 295 -17.59 2.57 6.84
CA VAL A 295 -18.97 2.25 6.45
C VAL A 295 -19.63 1.56 7.66
N LEU A 296 -19.01 0.51 8.17
CA LEU A 296 -19.41 -0.24 9.36
C LEU A 296 -18.81 0.46 10.59
N THR A 297 -19.32 1.66 10.88
CA THR A 297 -18.89 2.55 11.96
C THR A 297 -19.24 1.99 13.37
N PRO A 298 -18.62 2.50 14.47
CA PRO A 298 -18.90 2.09 15.86
C PRO A 298 -20.39 2.02 16.27
N GLU A 299 -21.24 2.88 15.71
CA GLU A 299 -22.69 2.91 15.93
C GLU A 299 -23.40 1.64 15.44
N ILE A 300 -22.81 0.92 14.47
CA ILE A 300 -23.32 -0.33 13.92
C ILE A 300 -22.81 -1.51 14.78
N MET A 301 -21.51 -1.54 15.07
CA MET A 301 -20.82 -2.76 15.53
C MET A 301 -20.52 -2.81 17.03
N ALA A 302 -20.66 -1.70 17.78
CA ALA A 302 -20.50 -1.65 19.24
C ALA A 302 -21.17 -2.78 20.06
N PRO A 303 -22.47 -3.10 19.88
CA PRO A 303 -23.11 -4.22 20.61
C PRO A 303 -22.73 -5.61 20.08
N ILE A 304 -22.21 -5.71 18.85
CA ILE A 304 -21.75 -6.95 18.23
C ILE A 304 -20.38 -7.31 18.83
N LEU A 305 -19.44 -6.35 18.82
CA LEU A 305 -18.07 -6.49 19.30
C LEU A 305 -17.98 -6.55 20.85
N ALA A 306 -19.07 -6.24 21.57
CA ALA A 306 -19.16 -6.34 23.02
C ALA A 306 -19.54 -7.76 23.48
N ASN A 307 -20.06 -8.62 22.59
CA ASN A 307 -20.59 -9.93 22.93
C ASN A 307 -19.44 -10.95 23.05
N ALA A 308 -19.43 -11.71 24.15
CA ALA A 308 -18.39 -12.69 24.52
C ALA A 308 -18.14 -13.78 23.46
N ASP A 309 -19.19 -14.20 22.74
CA ASP A 309 -19.12 -15.23 21.69
C ASP A 309 -18.35 -14.73 20.46
N VAL A 310 -18.28 -13.41 20.25
CA VAL A 310 -17.50 -12.77 19.21
C VAL A 310 -16.07 -12.52 19.77
N GLN A 311 -15.95 -11.92 20.97
CA GLN A 311 -14.70 -11.52 21.59
C GLN A 311 -13.67 -12.66 21.74
N GLU A 312 -14.12 -13.85 22.15
CA GLU A 312 -13.27 -15.04 22.33
C GLU A 312 -12.72 -15.61 21.00
N ARG A 313 -13.27 -15.20 19.85
CA ARG A 313 -12.77 -15.55 18.51
C ARG A 313 -11.82 -14.46 18.01
N LEU A 314 -12.12 -13.18 18.28
CA LEU A 314 -11.34 -12.02 17.84
C LEU A 314 -10.03 -11.91 18.64
N LEU A 315 -10.10 -11.80 19.97
CA LEU A 315 -8.95 -11.60 20.88
C LEU A 315 -7.68 -12.46 20.65
N PRO A 316 -7.75 -13.79 20.41
CA PRO A 316 -6.55 -14.58 20.07
C PRO A 316 -5.94 -14.31 18.67
N TYR A 317 -6.56 -13.49 17.80
CA TYR A 317 -5.98 -13.07 16.52
C TYR A 317 -5.15 -11.78 16.68
N LEU A 318 -5.04 -11.19 17.88
CA LEU A 318 -4.24 -9.99 18.15
C LEU A 318 -2.73 -10.25 17.97
N PRO A 319 -1.94 -9.27 17.45
CA PRO A 319 -0.47 -9.39 17.33
C PRO A 319 0.30 -9.11 18.64
N SER A 320 -0.40 -8.83 19.74
CA SER A 320 0.10 -8.50 21.07
C SER A 320 -0.97 -8.87 22.12
N GLY A 321 -0.79 -8.50 23.38
CA GLY A 321 -1.67 -8.88 24.50
C GLY A 321 -2.55 -7.70 24.91
N GLU A 322 -3.22 -7.09 23.93
CA GLU A 322 -4.19 -6.01 24.10
C GLU A 322 -5.58 -6.57 24.49
N SER A 323 -6.53 -5.68 24.78
CA SER A 323 -7.90 -5.99 25.14
C SER A 323 -8.83 -4.84 24.70
N LEU A 324 -10.15 -5.07 24.75
CA LEU A 324 -11.21 -4.09 24.45
C LEU A 324 -12.39 -4.30 25.43
N PRO A 325 -13.23 -3.27 25.70
CA PRO A 325 -14.34 -3.32 26.68
C PRO A 325 -15.33 -4.50 26.51
N GLN A 326 -15.95 -4.92 27.61
CA GLN A 326 -17.09 -5.85 27.60
C GLN A 326 -18.42 -5.07 27.48
N THR A 327 -18.43 -3.78 27.85
CA THR A 327 -19.57 -2.87 27.81
C THR A 327 -19.57 -2.11 26.47
N ALA A 328 -20.64 -2.26 25.68
CA ALA A 328 -20.81 -1.70 24.33
C ALA A 328 -20.79 -0.16 24.30
N ASP A 329 -21.20 0.49 25.40
CA ASP A 329 -21.26 1.94 25.61
C ASP A 329 -19.90 2.62 25.40
N GLU A 330 -18.82 1.93 25.78
CA GLU A 330 -17.44 2.38 25.64
C GLU A 330 -16.95 2.16 24.19
N ILE A 331 -17.30 1.03 23.56
CA ILE A 331 -16.92 0.66 22.19
C ILE A 331 -17.59 1.62 21.16
N GLN A 332 -18.76 2.16 21.49
CA GLN A 332 -19.50 3.11 20.67
C GLN A 332 -18.88 4.52 20.71
N ASN A 333 -18.15 4.88 21.78
CA ASN A 333 -17.84 6.28 22.14
C ASN A 333 -16.36 6.57 22.39
N THR A 334 -15.59 5.66 22.99
CA THR A 334 -14.33 5.95 23.67
C THR A 334 -13.29 4.87 23.32
N LEU A 335 -12.84 4.86 22.05
CA LEU A 335 -11.82 3.94 21.52
C LEU A 335 -10.91 4.58 20.45
N THR A 336 -11.19 5.82 20.06
CA THR A 336 -10.43 6.67 19.12
C THR A 336 -10.60 6.15 17.68
N SER A 337 -9.67 5.32 17.19
CA SER A 337 -9.68 4.68 15.88
C SER A 337 -8.88 3.35 15.88
N PRO A 338 -7.59 3.30 16.29
CA PRO A 338 -6.75 2.07 16.26
C PRO A 338 -7.37 0.80 16.87
N GLN A 339 -8.07 0.93 18.01
CA GLN A 339 -8.70 -0.15 18.76
C GLN A 339 -9.95 -0.69 18.04
N PHE A 340 -10.61 0.12 17.21
CA PHE A 340 -11.75 -0.30 16.39
C PHE A 340 -11.22 -0.92 15.08
N GLN A 341 -10.22 -0.30 14.45
CA GLN A 341 -9.71 -0.72 13.14
C GLN A 341 -8.86 -2.01 13.21
N GLN A 342 -8.35 -2.40 14.39
CA GLN A 342 -7.80 -3.75 14.60
C GLN A 342 -8.94 -4.77 14.81
N ALA A 343 -10.00 -4.40 15.55
CA ALA A 343 -11.16 -5.25 15.84
C ALA A 343 -11.92 -5.62 14.55
N LEU A 344 -12.14 -4.65 13.67
CA LEU A 344 -12.68 -4.81 12.33
C LEU A 344 -11.86 -5.75 11.44
N GLY A 345 -10.55 -5.84 11.64
CA GLY A 345 -9.66 -6.67 10.81
C GLY A 345 -9.61 -8.11 11.34
N MET A 346 -9.73 -8.29 12.66
CA MET A 346 -9.91 -9.61 13.28
C MET A 346 -11.33 -10.15 13.02
N PHE A 347 -12.35 -9.26 13.01
CA PHE A 347 -13.73 -9.55 12.62
C PHE A 347 -13.78 -9.98 11.14
N SER A 348 -13.11 -9.25 10.24
CA SER A 348 -12.96 -9.56 8.82
C SER A 348 -12.38 -10.96 8.60
N ALA A 349 -11.32 -11.34 9.33
CA ALA A 349 -10.71 -12.67 9.28
C ALA A 349 -11.67 -13.78 9.75
N ALA A 350 -12.38 -13.56 10.87
CA ALA A 350 -13.36 -14.50 11.43
C ALA A 350 -14.59 -14.66 10.52
N LEU A 351 -15.04 -13.58 9.86
CA LEU A 351 -16.17 -13.59 8.93
C LEU A 351 -15.74 -14.23 7.60
N ALA A 352 -14.53 -13.95 7.09
CA ALA A 352 -13.99 -14.43 5.81
C ALA A 352 -13.81 -15.96 5.78
N SER A 353 -13.38 -16.56 6.89
CA SER A 353 -13.28 -18.01 7.06
C SER A 353 -14.67 -18.69 7.17
N GLY A 354 -15.70 -17.92 7.58
CA GLY A 354 -17.11 -18.32 7.57
C GLY A 354 -17.63 -18.64 8.97
N GLN A 355 -16.71 -18.93 9.90
CA GLN A 355 -16.97 -19.44 11.26
C GLN A 355 -17.79 -18.49 12.13
N LEU A 356 -17.68 -17.16 11.93
CA LEU A 356 -18.40 -16.15 12.69
C LEU A 356 -19.85 -16.00 12.19
N GLY A 357 -20.07 -16.20 10.88
CA GLY A 357 -21.34 -16.34 10.13
C GLY A 357 -22.61 -16.61 10.96
N PRO A 358 -22.75 -17.82 11.57
CA PRO A 358 -23.85 -18.21 12.46
C PRO A 358 -24.26 -17.24 13.58
N LEU A 359 -23.37 -16.37 14.08
CA LEU A 359 -23.69 -15.39 15.13
C LEU A 359 -24.45 -14.19 14.54
N MET A 360 -24.24 -13.85 13.26
CA MET A 360 -24.87 -12.72 12.58
C MET A 360 -26.39 -12.91 12.44
N CYS A 361 -26.83 -14.18 12.40
CA CYS A 361 -28.21 -14.63 12.38
C CYS A 361 -28.92 -14.37 13.74
N GLN A 362 -28.17 -14.28 14.84
CA GLN A 362 -28.70 -14.18 16.20
C GLN A 362 -28.92 -12.70 16.58
N PHE A 363 -28.05 -11.80 16.10
CA PHE A 363 -28.12 -10.36 16.38
C PHE A 363 -29.27 -9.68 15.60
N GLY A 364 -29.65 -10.22 14.44
CA GLY A 364 -30.83 -9.78 13.68
C GLY A 364 -30.46 -8.95 12.45
N LEU A 365 -29.23 -9.08 11.95
CA LEU A 365 -28.67 -8.32 10.83
C LEU A 365 -29.35 -8.68 9.48
N PRO A 366 -29.30 -7.80 8.45
CA PRO A 366 -29.91 -8.01 7.12
C PRO A 366 -29.60 -9.37 6.47
N ALA A 367 -30.63 -10.05 5.92
CA ALA A 367 -30.55 -11.41 5.39
C ALA A 367 -29.49 -11.61 4.30
N GLU A 368 -29.33 -10.61 3.41
CA GLU A 368 -28.35 -10.61 2.33
C GLU A 368 -26.91 -10.42 2.87
N ALA A 369 -26.75 -9.68 3.97
CA ALA A 369 -25.46 -9.51 4.65
C ALA A 369 -25.09 -10.77 5.44
N VAL A 370 -26.07 -11.37 6.14
CA VAL A 370 -25.93 -12.62 6.87
C VAL A 370 -25.59 -13.81 5.93
N GLU A 371 -26.19 -13.85 4.73
CA GLU A 371 -25.85 -14.83 3.68
C GLU A 371 -24.40 -14.65 3.21
N ALA A 372 -23.99 -13.41 2.92
CA ALA A 372 -22.64 -13.04 2.54
C ALA A 372 -21.60 -13.35 3.63
N ALA A 373 -21.94 -13.17 4.91
CA ALA A 373 -21.11 -13.47 6.07
C ALA A 373 -20.89 -14.98 6.26
N ASN A 374 -21.91 -15.80 5.98
CA ASN A 374 -21.84 -17.25 6.05
C ASN A 374 -21.07 -17.84 4.84
N LYS A 375 -21.12 -17.18 3.68
CA LYS A 375 -20.31 -17.52 2.50
C LYS A 375 -18.85 -17.09 2.69
N GLY A 376 -18.62 -15.90 3.26
CA GLY A 376 -17.30 -15.35 3.59
C GLY A 376 -16.95 -14.09 2.77
N ASP A 377 -17.94 -13.46 2.12
CA ASP A 377 -17.77 -12.27 1.29
C ASP A 377 -18.00 -11.04 2.18
N VAL A 378 -16.94 -10.59 2.86
CA VAL A 378 -16.96 -9.50 3.84
C VAL A 378 -17.29 -8.14 3.18
N GLU A 379 -16.87 -7.94 1.92
CA GLU A 379 -17.18 -6.76 1.11
C GLU A 379 -18.68 -6.68 0.79
N ALA A 380 -19.31 -7.82 0.47
CA ALA A 380 -20.74 -7.92 0.16
C ALA A 380 -21.59 -7.76 1.43
N PHE A 381 -21.12 -8.28 2.58
CA PHE A 381 -21.66 -8.03 3.92
C PHE A 381 -21.72 -6.52 4.24
N ALA A 382 -20.60 -5.81 4.03
CA ALA A 382 -20.49 -4.36 4.24
C ALA A 382 -21.39 -3.56 3.28
N LYS A 383 -21.38 -3.92 1.98
CA LYS A 383 -22.17 -3.29 0.92
C LYS A 383 -23.69 -3.47 1.15
N ALA A 384 -24.12 -4.68 1.55
CA ALA A 384 -25.52 -5.01 1.81
C ALA A 384 -26.07 -4.24 3.02
N MET A 385 -25.26 -4.06 4.07
CA MET A 385 -25.65 -3.33 5.28
C MET A 385 -25.61 -1.81 5.05
N GLN A 386 -24.74 -1.32 4.15
CA GLN A 386 -24.66 0.08 3.72
C GLN A 386 -25.98 0.59 3.14
N ASN A 387 -26.70 -0.24 2.38
CA ASN A 387 -28.04 0.03 1.82
C ASN A 387 -29.17 0.21 2.86
N ASN A 388 -28.89 0.01 4.16
CA ASN A 388 -29.79 0.26 5.28
C ASN A 388 -29.12 1.03 6.43
N ALA A 389 -28.00 1.71 6.14
CA ALA A 389 -27.31 2.63 7.05
C ALA A 389 -28.03 4.01 7.12
N LYS A 390 -29.11 4.17 6.36
CA LYS A 390 -30.05 5.28 6.33
C LYS A 390 -31.47 4.67 6.16
N PRO A 391 -32.53 5.21 6.80
CA PRO A 391 -33.89 4.64 6.75
C PRO A 391 -34.62 4.90 5.42
N GLU A 392 -34.65 6.16 4.95
CA GLU A 392 -35.12 6.62 3.64
C GLU A 392 -36.67 6.63 3.50
N GLN A 393 -37.28 5.44 3.58
CA GLN A 393 -38.67 5.12 3.27
C GLN A 393 -39.70 5.75 4.24
N LYS A 394 -39.26 6.27 5.41
CA LYS A 394 -40.10 6.93 6.41
C LYS A 394 -40.62 8.32 5.96
N GLU A 395 -40.02 8.92 4.92
CA GLU A 395 -40.45 10.17 4.32
C GLU A 395 -41.53 9.87 3.24
N GLY A 396 -42.58 10.70 3.20
CA GLY A 396 -43.64 10.66 2.21
C GLY A 396 -45.00 10.42 2.88
N ASP A 397 -45.14 9.27 3.53
CA ASP A 397 -46.31 8.83 4.28
C ASP A 397 -45.85 7.86 5.40
N THR A 398 -46.78 7.49 6.28
CA THR A 398 -46.57 6.62 7.44
C THR A 398 -47.58 5.44 7.43
N LYS A 399 -48.28 5.18 6.32
CA LYS A 399 -49.29 4.12 6.19
C LYS A 399 -48.57 2.80 5.81
N ASP A 400 -47.85 2.24 6.79
CA ASP A 400 -47.12 0.97 6.73
C ASP A 400 -47.23 0.24 8.07
N LYS A 401 -47.04 0.97 9.18
CA LYS A 401 -47.28 0.50 10.54
C LYS A 401 -48.79 0.53 10.84
N LYS A 402 -49.25 -0.40 11.68
CA LYS A 402 -50.64 -0.52 12.11
C LYS A 402 -50.94 0.50 13.22
N ASP A 403 -52.18 1.01 13.26
CA ASP A 403 -52.72 1.85 14.31
C ASP A 403 -53.19 0.95 15.48
N GLU A 404 -53.13 1.49 16.70
CA GLU A 404 -53.50 0.86 17.96
C GLU A 404 -54.31 1.86 18.80
N GLU A 405 -55.07 1.36 19.78
CA GLU A 405 -55.99 2.10 20.64
C GLU A 405 -55.26 2.94 21.72
N GLU A 406 -53.98 2.62 22.00
CA GLU A 406 -53.05 3.34 22.87
C GLU A 406 -53.34 3.09 24.38
N ASP A 407 -54.09 2.03 24.70
CA ASP A 407 -54.46 1.58 26.04
C ASP A 407 -54.59 0.06 26.03
N MET A 408 -54.31 -0.59 27.17
CA MET A 408 -54.53 -2.00 27.45
C MET A 408 -55.00 -2.21 28.89
N SER A 409 -55.88 -1.33 29.40
CA SER A 409 -56.34 -1.29 30.78
C SER A 409 -57.86 -0.99 30.88
N LEU A 410 -58.45 -0.31 29.89
CA LEU A 410 -59.89 0.04 29.84
C LEU A 410 -60.78 -1.21 29.67
N ASP A 411 -60.27 -2.26 29.03
CA ASP A 411 -60.84 -3.60 28.91
C ASP A 411 -59.70 -4.59 29.14
N MET A 5 27.73 57.05 23.56
CA MET A 5 29.19 56.98 23.33
C MET A 5 29.49 57.31 21.86
N THR A 6 30.71 57.78 21.57
CA THR A 6 31.24 58.00 20.23
C THR A 6 32.02 56.74 19.78
N THR A 7 32.15 56.53 18.47
CA THR A 7 32.87 55.44 17.83
C THR A 7 33.69 55.98 16.64
N SER A 8 34.81 55.33 16.31
CA SER A 8 35.72 55.68 15.22
C SER A 8 36.38 54.41 14.65
N GLY A 9 35.61 53.31 14.62
CA GLY A 9 36.00 52.00 14.08
C GLY A 9 35.05 51.54 12.98
N ALA A 10 35.32 50.38 12.38
CA ALA A 10 34.48 49.74 11.38
C ALA A 10 33.32 49.01 12.07
N LEU A 11 32.12 49.08 11.48
CA LEU A 11 30.92 48.38 11.94
C LEU A 11 31.00 46.94 11.41
N PHE A 12 31.51 46.04 12.27
CA PHE A 12 31.71 44.60 12.07
C PHE A 12 32.85 44.33 11.06
N PRO A 13 34.14 44.40 11.48
CA PRO A 13 35.32 44.23 10.60
C PRO A 13 35.32 42.98 9.69
N SER A 14 34.84 41.84 10.19
CA SER A 14 34.62 40.57 9.46
C SER A 14 35.99 39.86 9.23
N LEU A 15 36.64 39.47 10.33
CA LEU A 15 38.00 38.91 10.34
C LEU A 15 38.05 37.48 9.79
N VAL A 16 36.97 36.71 9.97
CA VAL A 16 36.80 35.32 9.52
C VAL A 16 35.30 35.05 9.29
N PRO A 17 34.90 34.28 8.25
CA PRO A 17 33.53 33.77 8.09
C PRO A 17 33.32 32.52 8.98
N GLY A 18 32.88 31.39 8.41
CA GLY A 18 32.73 30.09 9.07
C GLY A 18 31.30 29.55 9.01
N SER A 19 30.32 30.42 8.74
CA SER A 19 28.90 30.08 8.57
C SER A 19 28.64 29.50 7.17
N ARG A 20 29.20 30.12 6.13
CA ARG A 20 29.22 29.69 4.73
C ARG A 20 30.63 29.89 4.15
N GLY A 21 31.65 29.53 4.94
CA GLY A 21 33.08 29.70 4.62
C GLY A 21 33.80 28.36 4.46
N ALA A 22 33.06 27.24 4.45
CA ALA A 22 33.54 25.88 4.24
C ALA A 22 32.39 25.02 3.69
N SER A 23 31.27 25.01 4.42
CA SER A 23 29.99 24.41 4.04
C SER A 23 29.22 25.35 3.08
N ASN A 24 28.48 24.77 2.13
CA ASN A 24 27.61 25.49 1.19
C ASN A 24 26.19 25.48 1.78
N LYS A 25 25.24 24.72 1.20
CA LYS A 25 23.88 24.51 1.66
C LYS A 25 23.38 23.13 1.22
N TYR A 26 22.09 22.88 1.42
CA TYR A 26 21.34 21.70 0.97
C TYR A 26 21.17 21.74 -0.57
N LEU A 27 21.07 20.58 -1.22
CA LEU A 27 20.93 20.42 -2.67
C LEU A 27 19.51 20.82 -3.11
N VAL A 28 18.52 20.37 -2.35
CA VAL A 28 17.11 20.78 -2.43
C VAL A 28 16.64 20.91 -0.98
N GLU A 29 15.74 21.85 -0.72
CA GLU A 29 15.01 22.02 0.54
C GLU A 29 13.63 22.60 0.22
N PHE A 30 12.60 22.11 0.90
CA PHE A 30 11.19 22.48 0.69
C PHE A 30 10.37 22.24 1.96
N ARG A 31 9.36 23.08 2.20
CA ARG A 31 8.39 22.95 3.28
C ARG A 31 7.42 21.81 2.94
N ALA A 32 7.36 20.78 3.80
CA ALA A 32 6.48 19.62 3.64
C ALA A 32 6.32 18.88 4.97
N GLY A 33 5.18 18.22 5.12
CA GLY A 33 4.83 17.35 6.23
C GLY A 33 4.74 15.91 5.71
N LYS A 34 4.48 14.96 6.62
CA LYS A 34 4.35 13.54 6.34
C LYS A 34 3.22 12.92 7.19
N MET A 35 3.28 11.61 7.40
CA MET A 35 2.30 10.80 8.12
C MET A 35 3.01 9.89 9.14
N SER A 36 2.25 9.42 10.12
CA SER A 36 2.65 8.45 11.13
C SER A 36 1.47 7.53 11.47
N LEU A 37 1.76 6.37 12.10
CA LEU A 37 0.76 5.45 12.61
C LEU A 37 0.45 5.86 14.06
N LYS A 38 -0.78 6.31 14.32
CA LYS A 38 -1.26 6.77 15.61
C LYS A 38 -1.94 5.57 16.31
N GLY A 39 -1.14 4.52 16.58
CA GLY A 39 -1.54 3.28 17.22
C GLY A 39 -1.48 2.13 16.22
N THR A 40 -2.23 2.27 15.11
CA THR A 40 -2.26 1.38 13.95
C THR A 40 -2.79 2.17 12.73
N THR A 41 -3.77 3.06 12.94
CA THR A 41 -4.38 3.93 11.94
C THR A 41 -3.38 5.03 11.52
N VAL A 42 -3.33 5.33 10.21
CA VAL A 42 -2.46 6.36 9.63
C VAL A 42 -3.09 7.74 9.90
N THR A 43 -2.27 8.72 10.31
CA THR A 43 -2.67 10.11 10.59
C THR A 43 -1.57 11.04 10.01
N PRO A 44 -1.91 12.22 9.45
CA PRO A 44 -0.92 13.21 9.00
C PRO A 44 -0.25 13.91 10.19
N ASP A 45 1.04 14.25 10.04
CA ASP A 45 1.85 14.96 11.04
C ASP A 45 1.69 16.46 10.75
N LYS A 46 0.63 17.05 11.31
CA LYS A 46 0.13 18.41 11.05
C LYS A 46 0.98 19.53 11.71
N ARG A 47 2.28 19.28 11.91
CA ARG A 47 3.29 20.27 12.30
C ARG A 47 3.90 20.87 11.01
N LYS A 48 4.55 22.03 11.14
CA LYS A 48 5.30 22.66 10.05
C LYS A 48 6.63 21.90 9.92
N GLY A 49 6.93 21.33 8.75
CA GLY A 49 8.12 20.53 8.48
C GLY A 49 8.90 21.08 7.30
N LEU A 50 10.19 20.73 7.23
CA LEU A 50 11.08 21.01 6.10
C LEU A 50 11.73 19.67 5.72
N VAL A 51 11.60 19.27 4.46
CA VAL A 51 12.40 18.21 3.84
C VAL A 51 13.65 18.90 3.28
N TYR A 52 14.80 18.24 3.37
CA TYR A 52 16.06 18.68 2.80
C TYR A 52 16.90 17.49 2.32
N ILE A 53 17.67 17.69 1.27
CA ILE A 53 18.53 16.70 0.62
C ILE A 53 19.96 17.25 0.66
N GLN A 54 20.93 16.43 1.05
CA GLN A 54 22.33 16.81 1.24
C GLN A 54 23.27 15.68 0.82
N GLN A 55 24.43 16.03 0.22
CA GLN A 55 25.50 15.12 -0.17
C GLN A 55 26.46 14.92 1.03
N THR A 56 26.89 13.67 1.25
CA THR A 56 28.09 13.32 2.01
C THR A 56 29.22 13.10 0.98
N ASP A 57 30.45 13.54 1.29
CA ASP A 57 31.65 13.59 0.44
C ASP A 57 32.05 12.27 -0.23
N ASP A 58 31.61 11.13 0.32
CA ASP A 58 31.78 9.77 -0.22
C ASP A 58 30.85 9.48 -1.42
N SER A 59 29.99 10.44 -1.79
CA SER A 59 29.08 10.49 -2.93
C SER A 59 27.68 9.88 -2.66
N LEU A 60 27.40 9.57 -1.40
CA LEU A 60 26.09 9.17 -0.90
C LEU A 60 25.27 10.43 -0.62
N ILE A 61 23.97 10.38 -0.94
CA ILE A 61 23.02 11.48 -0.73
C ILE A 61 22.11 11.05 0.44
N HIS A 62 21.91 11.95 1.41
CA HIS A 62 20.97 11.80 2.51
C HIS A 62 19.71 12.59 2.16
N PHE A 63 18.54 11.97 2.35
CA PHE A 63 17.24 12.60 2.36
C PHE A 63 16.88 12.73 3.85
N CYS A 64 16.40 13.90 4.28
CA CYS A 64 16.20 14.27 5.67
C CYS A 64 14.90 15.05 5.83
N TRP A 65 14.22 14.89 6.97
CA TRP A 65 13.05 15.68 7.37
C TRP A 65 13.32 16.23 8.77
N LYS A 66 13.09 17.53 8.95
CA LYS A 66 13.12 18.22 10.23
C LYS A 66 11.79 18.97 10.45
N ASP A 67 11.46 19.16 11.73
CA ASP A 67 10.33 19.97 12.18
C ASP A 67 10.81 21.43 12.18
N ARG A 68 9.96 22.35 11.70
CA ARG A 68 10.20 23.80 11.72
C ARG A 68 9.62 24.44 13.01
N THR A 69 8.91 23.70 13.87
CA THR A 69 8.30 24.26 15.08
C THR A 69 9.39 24.44 16.17
N SER A 70 10.10 23.37 16.55
CA SER A 70 11.19 23.37 17.52
C SER A 70 12.53 23.63 16.80
N GLY A 71 12.73 22.96 15.66
CA GLY A 71 13.94 22.96 14.84
C GLY A 71 14.58 21.56 14.77
N ASN A 72 14.02 20.57 15.48
CA ASN A 72 14.58 19.21 15.63
C ASN A 72 14.50 18.40 14.33
N VAL A 73 15.56 17.65 14.03
CA VAL A 73 15.63 16.66 12.96
C VAL A 73 14.92 15.38 13.45
N GLU A 74 13.89 14.96 12.71
CA GLU A 74 12.96 13.92 13.12
C GLU A 74 13.35 12.57 12.50
N ASP A 75 13.80 12.54 11.23
CA ASP A 75 14.24 11.33 10.53
C ASP A 75 15.21 11.66 9.39
N ASP A 76 16.13 10.73 9.08
CA ASP A 76 17.16 10.85 8.05
C ASP A 76 17.46 9.45 7.48
N LEU A 77 17.58 9.36 6.15
CA LEU A 77 17.81 8.14 5.39
C LEU A 77 18.83 8.41 4.27
N ILE A 78 19.76 7.47 4.05
CA ILE A 78 20.69 7.48 2.92
C ILE A 78 19.93 6.93 1.70
N ILE A 79 20.02 7.62 0.57
CA ILE A 79 19.53 7.18 -0.72
C ILE A 79 20.77 6.68 -1.49
N PHE A 80 20.77 5.40 -1.83
CA PHE A 80 21.79 4.75 -2.65
C PHE A 80 21.38 4.83 -4.13
N PRO A 81 22.33 4.83 -5.10
CA PRO A 81 22.07 4.91 -6.54
C PRO A 81 20.99 3.93 -7.04
N ASP A 82 19.93 4.47 -7.67
CA ASP A 82 18.82 3.78 -8.33
C ASP A 82 17.76 3.19 -7.38
N ASP A 83 17.99 3.26 -6.05
CA ASP A 83 17.31 2.44 -5.04
C ASP A 83 15.99 3.04 -4.52
N CYS A 84 15.72 4.32 -4.83
CA CYS A 84 14.57 5.08 -4.34
C CYS A 84 14.02 5.98 -5.44
N GLU A 85 12.72 6.26 -5.39
CA GLU A 85 11.95 7.07 -6.34
C GLU A 85 11.02 8.00 -5.55
N PHE A 86 11.18 9.32 -5.72
CA PHE A 86 10.26 10.34 -5.23
C PHE A 86 9.35 10.72 -6.41
N LYS A 87 8.03 10.72 -6.19
CA LYS A 87 7.01 10.94 -7.21
C LYS A 87 5.75 11.55 -6.57
N ARG A 88 4.93 12.26 -7.35
CA ARG A 88 3.62 12.78 -6.95
C ARG A 88 2.61 11.61 -6.97
N VAL A 89 1.67 11.55 -6.01
CA VAL A 89 0.61 10.56 -5.99
C VAL A 89 -0.45 10.97 -7.04
N PRO A 90 -0.79 10.13 -8.05
CA PRO A 90 -1.73 10.48 -9.11
C PRO A 90 -3.21 10.41 -8.68
N GLN A 91 -3.51 9.69 -7.60
CA GLN A 91 -4.85 9.49 -7.06
C GLN A 91 -5.26 10.64 -6.11
N CYS A 92 -4.36 11.61 -5.85
CA CYS A 92 -4.64 12.82 -5.09
C CYS A 92 -5.40 13.81 -6.01
N PRO A 93 -6.57 14.35 -5.61
CA PRO A 93 -7.34 15.27 -6.46
C PRO A 93 -6.75 16.69 -6.47
N SER A 94 -6.08 17.11 -5.39
CA SER A 94 -5.43 18.42 -5.27
C SER A 94 -4.04 18.38 -5.93
N GLY A 95 -3.26 17.32 -5.69
CA GLY A 95 -1.96 17.05 -6.32
C GLY A 95 -0.78 17.25 -5.35
N ARG A 96 -1.07 17.64 -4.11
CA ARG A 96 -0.09 18.12 -3.13
C ARG A 96 0.57 16.97 -2.32
N VAL A 97 0.10 15.73 -2.47
CA VAL A 97 0.64 14.55 -1.79
C VAL A 97 1.65 13.87 -2.74
N TYR A 98 2.81 13.53 -2.19
CA TYR A 98 3.96 12.90 -2.84
C TYR A 98 4.31 11.62 -2.06
N VAL A 99 5.05 10.70 -2.69
CA VAL A 99 5.49 9.45 -2.12
C VAL A 99 6.98 9.24 -2.46
N LEU A 100 7.77 8.90 -1.43
CA LEU A 100 9.15 8.46 -1.52
C LEU A 100 9.09 6.93 -1.36
N LYS A 101 9.24 6.22 -2.48
CA LYS A 101 9.14 4.77 -2.59
C LYS A 101 10.56 4.21 -2.67
N PHE A 102 10.95 3.42 -1.67
CA PHE A 102 12.21 2.67 -1.61
C PHE A 102 11.96 1.29 -2.19
N LYS A 103 12.83 0.85 -3.11
CA LYS A 103 12.71 -0.43 -3.80
C LYS A 103 13.21 -1.58 -2.93
N ALA A 104 14.24 -1.33 -2.09
CA ALA A 104 14.71 -2.26 -1.07
C ALA A 104 13.80 -2.11 0.16
N GLY A 105 12.95 -3.12 0.39
CA GLY A 105 12.11 -3.26 1.57
C GLY A 105 10.61 -3.05 1.28
N SER A 106 10.29 -2.35 0.18
CA SER A 106 8.96 -2.00 -0.32
C SER A 106 8.31 -0.82 0.42
N LYS A 107 9.10 -0.09 1.23
CA LYS A 107 8.72 1.03 2.08
C LYS A 107 8.32 2.25 1.21
N ARG A 108 7.12 2.78 1.48
CA ARG A 108 6.56 3.98 0.86
C ARG A 108 6.32 4.97 2.00
N LEU A 109 7.08 6.07 2.04
CA LEU A 109 6.82 7.20 2.94
C LEU A 109 6.05 8.24 2.12
N PHE A 110 4.84 8.59 2.57
CA PHE A 110 3.96 9.57 1.95
C PHE A 110 4.19 10.92 2.63
N PHE A 111 4.52 11.93 1.81
CA PHE A 111 4.77 13.32 2.19
C PHE A 111 3.67 14.18 1.57
N TRP A 112 3.45 15.39 2.10
CA TRP A 112 2.50 16.36 1.60
C TRP A 112 3.08 17.78 1.69
N MET A 113 2.89 18.57 0.62
CA MET A 113 3.48 19.89 0.43
C MET A 113 2.93 20.93 1.42
N GLN A 114 3.81 21.78 1.93
CA GLN A 114 3.51 22.96 2.75
C GLN A 114 4.06 24.24 2.09
N GLU A 115 4.48 24.16 0.82
CA GLU A 115 4.82 25.31 -0.04
C GLU A 115 3.52 25.81 -0.70
N PRO A 116 3.29 27.13 -0.81
CA PRO A 116 2.04 27.68 -1.36
C PRO A 116 1.96 27.60 -2.90
N LYS A 117 3.04 27.96 -3.61
CA LYS A 117 3.09 28.10 -5.07
C LYS A 117 3.03 26.73 -5.76
N THR A 118 2.04 26.53 -6.64
CA THR A 118 1.80 25.33 -7.44
C THR A 118 2.81 25.19 -8.61
N ASP A 119 3.53 26.26 -8.98
CA ASP A 119 4.55 26.26 -10.01
C ASP A 119 5.82 25.57 -9.50
N GLN A 120 6.24 25.91 -8.27
CA GLN A 120 7.43 25.35 -7.62
C GLN A 120 7.22 23.89 -7.19
N ASP A 121 5.98 23.56 -6.80
CA ASP A 121 5.43 22.25 -6.43
C ASP A 121 5.88 21.13 -7.39
N GLU A 122 5.49 21.25 -8.66
CA GLU A 122 5.82 20.30 -9.72
C GLU A 122 7.28 20.43 -10.18
N GLU A 123 7.85 21.64 -10.14
CA GLU A 123 9.20 21.94 -10.64
C GLU A 123 10.30 21.31 -9.76
N HIS A 124 10.21 21.44 -8.43
CA HIS A 124 11.23 20.95 -7.50
C HIS A 124 11.36 19.41 -7.51
N CYS A 125 10.27 18.70 -7.82
CA CYS A 125 10.21 17.24 -7.91
C CYS A 125 11.19 16.71 -8.99
N ARG A 126 11.42 17.48 -10.06
CA ARG A 126 12.38 17.16 -11.11
C ARG A 126 13.83 17.30 -10.60
N LYS A 127 14.09 18.29 -9.74
CA LYS A 127 15.40 18.54 -9.12
C LYS A 127 15.72 17.42 -8.11
N VAL A 128 14.75 17.04 -7.27
CA VAL A 128 14.82 15.88 -6.37
C VAL A 128 15.12 14.60 -7.17
N ASN A 129 14.33 14.32 -8.21
CA ASN A 129 14.48 13.16 -9.10
C ASN A 129 15.89 13.10 -9.71
N GLU A 130 16.40 14.20 -10.29
CA GLU A 130 17.75 14.29 -10.86
C GLU A 130 18.85 14.03 -9.82
N TYR A 131 18.80 14.65 -8.64
CA TYR A 131 19.81 14.47 -7.58
C TYR A 131 19.85 13.06 -7.00
N LEU A 132 18.70 12.37 -6.86
CA LEU A 132 18.65 11.01 -6.35
C LEU A 132 18.92 9.96 -7.44
N ASN A 133 18.57 10.25 -8.71
CA ASN A 133 18.77 9.32 -9.84
C ASN A 133 20.22 9.37 -10.34
N ASN A 134 20.86 10.55 -10.36
CA ASN A 134 22.23 10.75 -10.84
C ASN A 134 23.11 11.23 -9.67
N PRO A 135 23.92 10.34 -9.04
CA PRO A 135 24.98 10.69 -8.07
C PRO A 135 25.99 11.75 -8.59
N PRO A 136 26.76 12.42 -7.69
CA PRO A 136 27.81 13.41 -8.02
C PRO A 136 28.76 13.02 -9.17
N MET A 137 29.05 13.99 -10.05
CA MET A 137 29.85 13.92 -11.28
C MET A 137 31.10 13.00 -11.28
N PRO A 138 32.11 13.20 -10.41
CA PRO A 138 33.31 12.36 -10.38
C PRO A 138 33.03 10.98 -9.76
N GLY A 139 32.70 10.93 -8.47
CA GLY A 139 32.37 9.72 -7.72
C GLY A 139 33.50 9.36 -6.74
N ALA A 140 33.30 8.28 -5.98
CA ALA A 140 34.31 7.62 -5.16
C ALA A 140 34.89 6.43 -5.93
N LEU A 141 36.08 5.96 -5.54
CA LEU A 141 36.78 4.82 -6.11
C LEU A 141 36.19 3.51 -5.54
N GLY A 142 35.01 3.13 -6.02
CA GLY A 142 34.26 1.94 -5.61
C GLY A 142 34.29 0.84 -6.67
N ALA A 143 34.74 1.16 -7.89
CA ALA A 143 35.00 0.24 -9.00
C ALA A 143 36.49 -0.21 -9.02
N SER A 144 37.23 0.05 -7.94
CA SER A 144 38.65 -0.24 -7.74
C SER A 144 38.91 -0.59 -6.26
N GLY A 145 38.05 -1.44 -5.69
CA GLY A 145 38.13 -1.98 -4.34
C GLY A 145 38.37 -3.48 -4.42
N SER A 146 37.40 -4.28 -3.97
CA SER A 146 37.38 -5.75 -4.01
C SER A 146 36.93 -6.27 -5.39
N SER A 147 37.54 -5.75 -6.45
CA SER A 147 37.34 -6.12 -7.85
C SER A 147 38.14 -7.39 -8.21
N GLY A 148 37.68 -8.10 -9.24
CA GLY A 148 38.23 -9.37 -9.72
C GLY A 148 37.20 -10.50 -9.66
N HIS A 149 35.97 -10.22 -9.20
CA HIS A 149 34.90 -11.18 -8.89
C HIS A 149 33.49 -10.77 -9.36
N GLU A 150 33.31 -9.57 -9.93
CA GLU A 150 32.04 -9.06 -10.47
C GLU A 150 31.70 -9.65 -11.85
N LEU A 151 32.57 -10.48 -12.43
CA LEU A 151 32.47 -11.06 -13.78
C LEU A 151 31.25 -11.99 -14.02
N SER A 152 30.61 -12.50 -12.96
CA SER A 152 29.43 -13.38 -13.02
C SER A 152 28.17 -12.59 -13.44
N ALA A 153 27.22 -13.26 -14.10
CA ALA A 153 25.92 -12.71 -14.49
C ALA A 153 24.99 -12.56 -13.26
N LEU A 154 23.98 -11.69 -13.38
CA LEU A 154 22.97 -11.43 -12.35
C LEU A 154 21.96 -12.60 -12.31
N GLY A 155 21.49 -12.93 -11.10
CA GLY A 155 20.61 -14.07 -10.83
C GLY A 155 21.33 -14.99 -9.84
N GLY A 156 21.71 -16.19 -10.29
CA GLY A 156 22.37 -17.23 -9.51
C GLY A 156 21.59 -18.55 -9.63
N GLU A 157 22.31 -19.66 -9.80
CA GLU A 157 21.77 -21.00 -10.05
C GLU A 157 21.61 -21.82 -8.76
N GLY A 158 21.96 -21.26 -7.59
CA GLY A 158 21.92 -21.92 -6.28
C GLY A 158 20.92 -21.23 -5.36
N GLY A 159 20.20 -22.02 -4.57
CA GLY A 159 19.23 -21.60 -3.55
C GLY A 159 19.61 -22.21 -2.20
N LEU A 160 18.67 -22.95 -1.60
CA LEU A 160 18.79 -23.70 -0.34
C LEU A 160 18.54 -22.82 0.90
N GLN A 161 18.52 -23.45 2.09
CA GLN A 161 18.29 -22.89 3.43
C GLN A 161 16.77 -22.77 3.70
N SER A 162 16.36 -22.01 4.71
CA SER A 162 14.97 -21.75 5.06
C SER A 162 14.35 -20.78 4.04
N LEU A 163 13.13 -21.09 3.57
CA LEU A 163 12.35 -20.35 2.58
C LEU A 163 10.99 -19.98 3.21
N LEU A 164 10.02 -19.58 2.37
CA LEU A 164 8.65 -19.22 2.74
C LEU A 164 7.69 -19.83 1.71
N GLY A 165 6.46 -20.16 2.15
CA GLY A 165 5.43 -20.80 1.34
C GLY A 165 5.14 -22.24 1.80
N ASN A 166 5.68 -22.66 2.95
CA ASN A 166 5.53 -23.99 3.56
C ASN A 166 4.07 -24.35 3.90
N MET A 167 3.79 -25.65 3.97
CA MET A 167 2.49 -26.26 4.25
C MET A 167 2.66 -27.37 5.30
N SER A 168 1.60 -28.17 5.53
CA SER A 168 1.58 -29.33 6.44
C SER A 168 2.53 -30.45 5.96
N HIS A 169 2.77 -30.53 4.65
CA HIS A 169 3.82 -31.31 4.00
C HIS A 169 4.33 -30.51 2.80
N SER A 170 5.58 -30.08 2.85
CA SER A 170 6.25 -29.27 1.83
C SER A 170 7.76 -29.56 1.72
N GLN A 171 8.21 -30.66 2.32
CA GLN A 171 9.57 -31.20 2.32
C GLN A 171 9.48 -32.73 2.25
N LEU A 172 10.57 -33.38 1.84
CA LEU A 172 10.70 -34.83 1.81
C LEU A 172 11.02 -35.34 3.23
N MET A 173 10.40 -36.44 3.66
CA MET A 173 10.58 -37.05 4.97
C MET A 173 11.92 -37.82 5.01
N GLN A 174 12.22 -38.58 3.96
CA GLN A 174 13.48 -39.28 3.74
C GLN A 174 14.36 -38.40 2.84
N LEU A 175 15.67 -38.36 3.12
CA LEU A 175 16.68 -37.69 2.31
C LEU A 175 16.98 -38.50 1.03
N ILE A 176 17.42 -37.80 -0.02
CA ILE A 176 17.87 -38.37 -1.29
C ILE A 176 19.27 -37.78 -1.53
N GLY A 177 20.29 -38.64 -1.57
CA GLY A 177 21.70 -38.28 -1.73
C GLY A 177 22.51 -38.61 -0.46
N PRO A 178 23.82 -38.25 -0.43
CA PRO A 178 24.71 -38.38 0.75
C PRO A 178 24.14 -37.82 2.06
N ALA A 179 24.39 -38.49 3.18
CA ALA A 179 23.93 -38.11 4.52
C ALA A 179 24.85 -37.06 5.19
N GLY A 180 26.04 -36.82 4.63
CA GLY A 180 26.99 -35.78 5.03
C GLY A 180 27.29 -34.87 3.84
N LEU A 181 27.83 -33.68 4.10
CA LEU A 181 28.20 -32.68 3.09
C LEU A 181 29.57 -33.08 2.50
N GLY A 182 29.55 -33.70 1.32
CA GLY A 182 30.70 -34.14 0.55
C GLY A 182 30.67 -33.50 -0.84
N GLY A 183 30.81 -34.32 -1.89
CA GLY A 183 30.73 -33.93 -3.30
C GLY A 183 29.55 -34.64 -3.98
N LEU A 184 29.60 -34.78 -5.30
CA LEU A 184 28.58 -35.42 -6.13
C LEU A 184 28.69 -36.95 -5.97
N GLY A 185 27.67 -37.56 -5.35
CA GLY A 185 27.58 -38.99 -5.05
C GLY A 185 26.36 -39.66 -5.68
N GLY A 186 25.69 -38.98 -6.62
CA GLY A 186 24.46 -39.43 -7.28
C GLY A 186 24.64 -39.69 -8.78
N LEU A 187 25.90 -39.67 -9.27
CA LEU A 187 26.30 -39.84 -10.67
C LEU A 187 25.80 -41.13 -11.35
N GLY A 188 25.50 -42.17 -10.58
CA GLY A 188 24.93 -43.45 -11.03
C GLY A 188 23.55 -43.74 -10.41
N ALA A 189 22.99 -42.80 -9.64
CA ALA A 189 21.68 -42.94 -8.99
C ALA A 189 20.55 -42.37 -9.88
N LEU A 190 20.89 -41.58 -10.90
CA LEU A 190 20.00 -41.04 -11.92
C LEU A 190 20.53 -41.44 -13.30
N THR A 191 19.62 -41.66 -14.26
CA THR A 191 19.87 -42.09 -15.63
C THR A 191 19.83 -40.89 -16.63
N GLY A 192 19.83 -39.65 -16.11
CA GLY A 192 19.66 -38.40 -16.85
C GLY A 192 20.95 -37.58 -16.90
N PRO A 193 21.39 -36.95 -15.79
CA PRO A 193 22.60 -36.12 -15.75
C PRO A 193 23.87 -37.00 -15.87
N GLY A 194 24.70 -36.70 -16.88
CA GLY A 194 25.84 -37.50 -17.31
C GLY A 194 25.55 -37.98 -18.72
N LEU A 195 25.79 -39.27 -19.01
CA LEU A 195 25.30 -40.03 -20.17
C LEU A 195 26.11 -39.79 -21.46
N ALA A 196 27.24 -39.08 -21.36
CA ALA A 196 28.14 -38.77 -22.47
C ALA A 196 29.11 -39.95 -22.72
N SER A 197 29.55 -40.10 -23.98
CA SER A 197 30.46 -41.15 -24.45
C SER A 197 31.47 -40.61 -25.47
N LEU A 198 31.77 -39.30 -25.39
CA LEU A 198 32.71 -38.58 -26.25
C LEU A 198 34.14 -38.72 -25.71
N LEU A 199 35.12 -38.35 -26.54
CA LEU A 199 36.55 -38.34 -26.22
C LEU A 199 36.97 -37.04 -25.48
N GLY A 200 36.01 -36.14 -25.23
CA GLY A 200 36.18 -34.79 -24.69
C GLY A 200 35.52 -33.79 -25.64
N SER A 201 35.83 -32.49 -25.47
CA SER A 201 35.33 -31.37 -26.26
C SER A 201 36.07 -31.25 -27.60
N SER A 202 35.99 -32.30 -28.44
CA SER A 202 36.59 -32.39 -29.76
C SER A 202 35.69 -33.27 -30.65
N GLY A 203 35.42 -32.81 -31.87
CA GLY A 203 34.74 -33.54 -32.96
C GLY A 203 35.60 -33.55 -34.23
N PRO A 204 35.03 -33.93 -35.40
CA PRO A 204 35.69 -33.86 -36.72
C PRO A 204 36.31 -32.47 -37.02
N PRO A 205 37.49 -32.39 -37.68
CA PRO A 205 38.19 -31.13 -37.92
C PRO A 205 37.57 -30.25 -39.03
N GLY A 206 36.93 -30.85 -40.04
CA GLY A 206 36.26 -30.16 -41.14
C GLY A 206 37.01 -30.28 -42.48
N SER A 207 38.13 -31.01 -42.48
CA SER A 207 39.08 -31.24 -43.57
C SER A 207 40.16 -30.15 -43.55
N SER A 208 39.93 -29.04 -44.25
CA SER A 208 40.86 -27.92 -44.41
C SER A 208 40.08 -26.64 -44.74
N SER A 209 40.41 -25.52 -44.08
CA SER A 209 39.80 -24.20 -44.24
C SER A 209 40.38 -23.46 -45.47
N SER A 210 40.25 -24.06 -46.65
CA SER A 210 40.73 -23.55 -47.92
C SER A 210 39.71 -22.51 -48.46
N SER A 211 40.20 -21.37 -48.94
CA SER A 211 39.43 -20.27 -49.52
C SER A 211 40.34 -19.49 -50.48
N SER A 212 39.78 -19.00 -51.59
CA SER A 212 40.45 -18.16 -52.60
C SER A 212 39.53 -17.08 -53.19
N SER A 213 38.32 -16.91 -52.63
CA SER A 213 37.31 -15.95 -53.03
C SER A 213 37.59 -14.57 -52.38
N ARG A 214 37.00 -13.50 -52.94
CA ARG A 214 37.03 -12.13 -52.40
C ARG A 214 36.00 -12.04 -51.26
N SER A 215 36.41 -12.51 -50.07
CA SER A 215 35.61 -12.71 -48.84
C SER A 215 34.78 -14.01 -48.95
N GLN A 216 34.00 -14.35 -47.91
CA GLN A 216 33.13 -15.52 -47.88
C GLN A 216 31.94 -15.30 -48.83
N SER A 217 31.64 -16.29 -49.67
CA SER A 217 30.62 -16.24 -50.73
C SER A 217 29.18 -16.28 -50.16
N ALA A 218 29.03 -16.57 -48.86
CA ALA A 218 27.78 -16.48 -48.10
C ALA A 218 27.44 -15.03 -47.69
N ALA A 219 28.42 -14.10 -47.79
CA ALA A 219 28.34 -12.68 -47.45
C ALA A 219 28.26 -12.50 -45.93
N VAL A 220 27.32 -11.68 -45.45
CA VAL A 220 26.95 -11.49 -44.05
C VAL A 220 25.42 -11.63 -43.95
N THR A 221 24.94 -12.35 -42.93
CA THR A 221 23.54 -12.72 -42.66
C THR A 221 22.98 -13.61 -43.81
N PRO A 222 23.46 -14.87 -43.96
CA PRO A 222 23.00 -15.78 -45.03
C PRO A 222 21.63 -16.42 -44.75
N SER A 223 21.15 -16.38 -43.51
CA SER A 223 19.91 -16.96 -43.01
C SER A 223 19.32 -16.05 -41.92
N SER A 224 18.09 -16.34 -41.47
CA SER A 224 17.38 -15.66 -40.38
C SER A 224 16.54 -16.69 -39.62
N THR A 225 15.72 -16.23 -38.67
CA THR A 225 14.92 -17.06 -37.77
C THR A 225 13.60 -17.46 -38.49
N THR A 226 13.69 -18.53 -39.29
CA THR A 226 12.62 -19.41 -39.79
C THR A 226 11.71 -18.81 -40.89
N SER A 227 11.92 -17.55 -41.28
CA SER A 227 11.07 -16.77 -42.17
C SER A 227 11.41 -16.93 -43.67
N SER A 228 12.44 -17.73 -43.99
CA SER A 228 12.93 -18.02 -45.34
C SER A 228 11.82 -18.45 -46.32
N THR A 229 11.80 -17.84 -47.51
CA THR A 229 10.83 -18.01 -48.60
C THR A 229 9.52 -17.19 -48.39
N ARG A 230 9.59 -16.17 -47.50
CA ARG A 230 8.57 -15.21 -47.09
C ARG A 230 7.48 -15.84 -46.19
N ALA A 231 7.88 -16.87 -45.42
CA ALA A 231 7.02 -17.62 -44.52
C ALA A 231 6.82 -16.86 -43.19
N THR A 232 5.63 -17.00 -42.59
CA THR A 232 5.21 -16.48 -41.29
C THR A 232 5.08 -14.93 -41.30
N PRO A 233 3.97 -14.35 -41.84
CA PRO A 233 3.62 -12.92 -41.69
C PRO A 233 3.57 -12.45 -40.22
N ALA A 234 3.75 -11.14 -39.99
CA ALA A 234 3.64 -10.52 -38.67
C ALA A 234 2.15 -10.45 -38.25
N PRO A 235 1.79 -10.77 -36.98
CA PRO A 235 0.39 -10.82 -36.53
C PRO A 235 -0.23 -9.42 -36.31
N SER A 236 0.58 -8.40 -36.03
CA SER A 236 0.22 -6.99 -35.85
C SER A 236 -0.52 -6.72 -34.51
N ALA A 237 -0.34 -7.63 -33.53
CA ALA A 237 -0.97 -7.68 -32.20
C ALA A 237 -1.28 -6.35 -31.47
N PRO A 238 -0.34 -5.39 -31.34
CA PRO A 238 -0.59 -4.04 -30.76
C PRO A 238 -1.78 -3.25 -31.34
N ALA A 239 -2.03 -3.31 -32.65
CA ALA A 239 -3.10 -2.59 -33.34
C ALA A 239 -3.44 -3.27 -34.67
N ALA A 240 -4.69 -3.74 -34.80
CA ALA A 240 -5.24 -4.33 -36.01
C ALA A 240 -5.68 -3.24 -37.02
N ALA A 241 -6.02 -3.65 -38.24
CA ALA A 241 -6.42 -2.77 -39.35
C ALA A 241 -7.84 -2.20 -39.18
N SER A 242 -8.63 -2.74 -38.24
CA SER A 242 -9.93 -2.26 -37.80
C SER A 242 -10.17 -2.73 -36.36
N ALA A 243 -10.78 -1.88 -35.53
CA ALA A 243 -11.09 -2.18 -34.13
C ALA A 243 -12.46 -2.87 -34.03
N THR A 244 -12.61 -3.78 -33.07
CA THR A 244 -13.83 -4.52 -32.75
C THR A 244 -13.94 -4.66 -31.21
N SER A 245 -13.69 -3.55 -30.49
CA SER A 245 -13.67 -3.41 -29.03
C SER A 245 -12.46 -4.14 -28.40
N PRO A 246 -11.22 -3.59 -28.50
CA PRO A 246 -9.99 -4.22 -27.98
C PRO A 246 -9.86 -4.09 -26.45
N SER A 247 -10.84 -4.61 -25.72
CA SER A 247 -10.96 -4.59 -24.26
C SER A 247 -11.67 -5.88 -23.78
N PRO A 248 -11.03 -7.07 -23.88
CA PRO A 248 -11.68 -8.36 -23.58
C PRO A 248 -11.86 -8.61 -22.07
N ALA A 249 -10.93 -8.16 -21.22
CA ALA A 249 -11.02 -8.25 -19.77
C ALA A 249 -11.78 -7.01 -19.22
N PRO A 250 -12.73 -7.18 -18.28
CA PRO A 250 -13.45 -6.05 -17.67
C PRO A 250 -12.56 -5.30 -16.65
N SER A 251 -12.26 -5.91 -15.51
CA SER A 251 -11.33 -5.47 -14.47
C SER A 251 -11.87 -4.22 -13.74
N SER A 252 -11.61 -3.03 -14.28
CA SER A 252 -12.10 -1.74 -13.84
C SER A 252 -12.33 -0.80 -15.05
N GLY A 253 -12.52 -1.38 -16.25
CA GLY A 253 -12.70 -0.69 -17.53
C GLY A 253 -14.13 -0.91 -18.02
N ASN A 254 -15.10 -0.49 -17.19
CA ASN A 254 -16.54 -0.75 -17.34
C ASN A 254 -17.22 0.22 -18.32
N GLY A 255 -16.49 1.20 -18.88
CA GLY A 255 -16.97 2.16 -19.87
C GLY A 255 -16.95 3.62 -19.39
N ALA A 256 -16.35 3.88 -18.21
CA ALA A 256 -16.30 5.20 -17.57
C ALA A 256 -15.35 6.19 -18.25
N SER A 257 -14.41 5.69 -19.06
CA SER A 257 -13.47 6.39 -19.95
C SER A 257 -12.22 6.96 -19.24
N THR A 258 -11.97 6.52 -18.00
CA THR A 258 -10.84 6.88 -17.15
C THR A 258 -9.56 6.18 -17.68
N ALA A 259 -8.38 6.77 -17.42
CA ALA A 259 -7.06 6.21 -17.74
C ALA A 259 -6.77 4.94 -16.92
N ALA A 260 -5.94 4.05 -17.47
CA ALA A 260 -5.62 2.75 -16.90
C ALA A 260 -4.64 2.88 -15.72
N SER A 261 -5.15 2.70 -14.50
CA SER A 261 -4.40 2.63 -13.25
C SER A 261 -5.17 1.69 -12.28
N PRO A 262 -5.10 0.36 -12.44
CA PRO A 262 -5.95 -0.58 -11.70
C PRO A 262 -5.52 -0.75 -10.23
N THR A 263 -4.27 -1.18 -10.00
CA THR A 263 -3.69 -1.44 -8.68
C THR A 263 -2.15 -1.39 -8.81
N GLN A 264 -1.45 -1.62 -7.70
CA GLN A 264 0.00 -1.76 -7.60
C GLN A 264 0.44 -3.19 -8.02
N PRO A 265 1.72 -3.37 -8.46
CA PRO A 265 2.36 -4.69 -8.71
C PRO A 265 2.17 -5.74 -7.59
N ILE A 266 2.17 -7.02 -7.98
CA ILE A 266 1.90 -8.20 -7.16
C ILE A 266 2.84 -8.32 -5.92
N GLN A 267 4.09 -7.86 -6.03
CA GLN A 267 5.09 -7.83 -4.96
C GLN A 267 4.72 -6.85 -3.83
N LEU A 268 3.93 -5.83 -4.15
CA LEU A 268 3.38 -4.84 -3.21
C LEU A 268 2.01 -5.32 -2.71
N SER A 269 1.91 -6.62 -2.41
CA SER A 269 0.81 -7.31 -1.74
C SER A 269 1.36 -8.47 -0.88
N ASP A 270 2.61 -8.36 -0.39
CA ASP A 270 3.36 -9.37 0.35
C ASP A 270 4.26 -8.73 1.42
N LEU A 271 5.51 -8.43 1.04
CA LEU A 271 6.69 -8.15 1.88
C LEU A 271 6.45 -7.16 3.03
N GLN A 272 5.83 -6.02 2.71
CA GLN A 272 5.47 -4.93 3.60
C GLN A 272 4.51 -5.36 4.73
N SER A 273 3.67 -6.39 4.54
CA SER A 273 2.78 -6.92 5.56
C SER A 273 3.59 -7.76 6.58
N ILE A 274 4.62 -8.48 6.12
CA ILE A 274 5.49 -9.32 6.94
C ILE A 274 6.39 -8.39 7.80
N LEU A 275 6.97 -7.36 7.17
CA LEU A 275 7.82 -6.35 7.80
C LEU A 275 7.02 -5.45 8.77
N ALA A 276 5.74 -5.19 8.49
CA ALA A 276 4.82 -4.50 9.39
C ALA A 276 4.53 -5.37 10.62
N THR A 277 4.17 -6.64 10.44
CA THR A 277 3.85 -7.60 11.51
C THR A 277 5.03 -7.83 12.50
N MET A 278 6.26 -7.59 12.05
CA MET A 278 7.48 -7.66 12.85
C MET A 278 7.71 -6.39 13.71
N ASN A 279 6.90 -5.33 13.54
CA ASN A 279 7.08 -4.00 14.14
C ASN A 279 5.79 -3.50 14.80
N VAL A 280 4.73 -3.32 14.01
CA VAL A 280 3.38 -2.89 14.39
C VAL A 280 2.41 -3.46 13.33
N PRO A 281 1.57 -4.47 13.65
CA PRO A 281 0.77 -5.18 12.64
C PRO A 281 -0.41 -4.33 12.13
N ALA A 282 -0.55 -4.23 10.81
CA ALA A 282 -1.66 -3.58 10.11
C ALA A 282 -2.84 -4.55 9.89
N GLY A 283 -2.62 -5.85 10.11
CA GLY A 283 -3.55 -6.95 9.86
C GLY A 283 -2.88 -7.93 8.88
N PRO A 284 -2.16 -8.96 9.36
CA PRO A 284 -1.37 -9.92 8.55
C PRO A 284 -2.10 -10.49 7.31
N ALA A 285 -1.83 -9.89 6.13
CA ALA A 285 -2.39 -10.22 4.81
C ALA A 285 -3.90 -9.93 4.68
N GLY A 286 -4.51 -9.22 5.63
CA GLY A 286 -5.94 -8.97 5.73
C GLY A 286 -6.21 -7.46 5.80
N GLY A 287 -6.61 -6.86 4.68
CA GLY A 287 -6.90 -5.43 4.54
C GLY A 287 -8.35 -5.15 4.14
N GLN A 288 -9.20 -6.19 4.04
CA GLN A 288 -10.57 -6.17 3.54
C GLN A 288 -11.49 -5.16 4.27
N GLN A 289 -11.63 -5.31 5.59
CA GLN A 289 -12.47 -4.44 6.43
C GLN A 289 -11.71 -3.19 6.91
N VAL A 290 -10.39 -3.11 6.68
CA VAL A 290 -9.49 -2.01 7.08
C VAL A 290 -9.65 -0.81 6.09
N ASP A 291 -10.90 -0.51 5.72
CA ASP A 291 -11.39 0.61 4.92
C ASP A 291 -12.89 0.74 5.21
N LEU A 292 -13.63 -0.37 5.06
CA LEU A 292 -15.07 -0.50 5.32
C LEU A 292 -15.47 -0.25 6.79
N ALA A 293 -14.52 -0.26 7.73
CA ALA A 293 -14.65 0.22 9.11
C ALA A 293 -15.08 1.70 9.23
N SER A 294 -14.86 2.50 8.18
CA SER A 294 -15.31 3.88 8.07
C SER A 294 -16.80 3.96 7.61
N VAL A 295 -17.37 2.86 7.12
CA VAL A 295 -18.77 2.74 6.72
C VAL A 295 -19.52 2.01 7.86
N LEU A 296 -19.00 0.85 8.28
CA LEU A 296 -19.49 0.04 9.40
C LEU A 296 -18.77 0.51 10.67
N THR A 297 -19.15 1.68 11.17
CA THR A 297 -18.57 2.32 12.37
C THR A 297 -19.09 1.63 13.65
N PRO A 298 -18.46 1.89 14.84
CA PRO A 298 -18.94 1.41 16.15
C PRO A 298 -20.43 1.62 16.46
N GLU A 299 -21.07 2.66 15.88
CA GLU A 299 -22.50 2.95 15.97
C GLU A 299 -23.40 1.78 15.52
N ILE A 300 -22.94 0.97 14.56
CA ILE A 300 -23.62 -0.24 14.10
C ILE A 300 -22.95 -1.47 14.77
N MET A 301 -21.61 -1.51 14.83
CA MET A 301 -20.85 -2.73 15.12
C MET A 301 -20.57 -2.98 16.60
N ALA A 302 -20.49 -1.95 17.47
CA ALA A 302 -20.19 -2.09 18.90
C ALA A 302 -21.04 -3.10 19.69
N PRO A 303 -22.39 -3.13 19.58
CA PRO A 303 -23.20 -4.15 20.27
C PRO A 303 -23.10 -5.56 19.65
N ILE A 304 -22.61 -5.70 18.42
CA ILE A 304 -22.36 -6.97 17.77
C ILE A 304 -21.03 -7.54 18.30
N LEU A 305 -19.98 -6.69 18.35
CA LEU A 305 -18.64 -7.03 18.83
C LEU A 305 -18.59 -7.28 20.35
N ALA A 306 -19.55 -6.73 21.12
CA ALA A 306 -19.65 -6.84 22.57
C ALA A 306 -20.22 -8.19 23.06
N ASN A 307 -20.64 -9.08 22.16
CA ASN A 307 -21.19 -10.38 22.52
C ASN A 307 -20.02 -11.38 22.73
N ALA A 308 -20.09 -12.18 23.80
CA ALA A 308 -19.07 -13.13 24.23
C ALA A 308 -18.71 -14.19 23.18
N ASP A 309 -19.69 -14.66 22.40
CA ASP A 309 -19.51 -15.68 21.35
C ASP A 309 -18.72 -15.15 20.15
N VAL A 310 -18.63 -13.82 19.99
CA VAL A 310 -17.80 -13.14 19.01
C VAL A 310 -16.43 -12.86 19.66
N GLN A 311 -16.40 -12.27 20.87
CA GLN A 311 -15.17 -11.90 21.60
C GLN A 311 -14.16 -13.03 21.76
N GLU A 312 -14.63 -14.24 22.10
CA GLU A 312 -13.81 -15.43 22.28
C GLU A 312 -13.23 -15.99 20.95
N ARG A 313 -13.63 -15.45 19.79
CA ARG A 313 -13.01 -15.74 18.49
C ARG A 313 -11.97 -14.65 18.17
N LEU A 314 -12.24 -13.38 18.51
CA LEU A 314 -11.34 -12.25 18.28
C LEU A 314 -10.12 -12.30 19.20
N LEU A 315 -10.31 -12.41 20.52
CA LEU A 315 -9.28 -12.42 21.55
C LEU A 315 -8.06 -13.37 21.30
N PRO A 316 -8.23 -14.66 20.94
CA PRO A 316 -7.11 -15.54 20.60
C PRO A 316 -6.49 -15.32 19.20
N TYR A 317 -7.10 -14.51 18.31
CA TYR A 317 -6.54 -14.19 16.99
C TYR A 317 -5.55 -13.01 17.08
N LEU A 318 -5.45 -12.32 18.23
CA LEU A 318 -4.47 -11.26 18.49
C LEU A 318 -3.06 -11.87 18.65
N PRO A 319 -1.98 -11.16 18.25
CA PRO A 319 -0.60 -11.63 18.41
C PRO A 319 -0.09 -11.63 19.86
N SER A 320 -0.72 -10.88 20.78
CA SER A 320 -0.51 -10.82 22.22
C SER A 320 0.40 -9.64 22.59
N GLY A 321 0.03 -8.89 23.64
CA GLY A 321 0.62 -7.62 24.06
C GLY A 321 -0.40 -6.47 24.03
N GLU A 322 -1.62 -6.75 23.54
CA GLU A 322 -2.74 -5.84 23.35
C GLU A 322 -4.06 -6.56 23.67
N SER A 323 -5.16 -5.81 23.67
CA SER A 323 -6.54 -6.26 23.87
C SER A 323 -7.50 -5.20 23.28
N LEU A 324 -8.81 -5.47 23.28
CA LEU A 324 -9.89 -4.57 22.89
C LEU A 324 -10.92 -4.48 24.03
N PRO A 325 -11.66 -3.35 24.19
CA PRO A 325 -12.79 -3.22 25.15
C PRO A 325 -13.86 -4.33 24.97
N GLN A 326 -14.58 -4.66 26.05
CA GLN A 326 -15.47 -5.83 26.14
C GLN A 326 -16.93 -5.50 26.50
N THR A 327 -17.33 -4.23 26.37
CA THR A 327 -18.73 -3.77 26.47
C THR A 327 -18.96 -2.69 25.40
N ALA A 328 -20.18 -2.62 24.83
CA ALA A 328 -20.54 -1.80 23.68
C ALA A 328 -20.29 -0.29 23.87
N ASP A 329 -20.51 0.21 25.09
CA ASP A 329 -20.27 1.61 25.48
C ASP A 329 -18.77 1.93 25.44
N GLU A 330 -17.93 1.02 25.92
CA GLU A 330 -16.48 1.19 25.99
C GLU A 330 -15.84 0.99 24.59
N ILE A 331 -16.37 0.09 23.75
CA ILE A 331 -15.97 -0.11 22.35
C ILE A 331 -16.20 1.19 21.53
N GLN A 332 -17.26 1.95 21.83
CA GLN A 332 -17.56 3.22 21.18
C GLN A 332 -16.64 4.34 21.71
N ASN A 333 -16.40 4.40 23.02
CA ASN A 333 -15.77 5.55 23.69
C ASN A 333 -14.25 5.46 23.85
N THR A 334 -13.66 4.27 24.03
CA THR A 334 -12.27 4.14 24.51
C THR A 334 -11.25 4.36 23.36
N LEU A 335 -11.52 3.78 22.19
CA LEU A 335 -10.67 3.87 21.00
C LEU A 335 -11.14 5.02 20.10
N THR A 336 -10.22 5.56 19.30
CA THR A 336 -10.50 6.48 18.21
C THR A 336 -10.79 5.64 16.93
N SER A 337 -9.88 4.72 16.59
CA SER A 337 -9.97 3.79 15.47
C SER A 337 -9.09 2.50 15.63
N PRO A 338 -7.80 2.56 16.02
CA PRO A 338 -6.80 1.47 15.95
C PRO A 338 -7.24 0.03 16.26
N GLN A 339 -7.85 -0.22 17.43
CA GLN A 339 -8.22 -1.57 17.85
C GLN A 339 -9.49 -2.06 17.14
N PHE A 340 -10.36 -1.15 16.70
CA PHE A 340 -11.60 -1.47 15.97
C PHE A 340 -11.27 -1.93 14.53
N GLN A 341 -10.24 -1.36 13.90
CA GLN A 341 -9.74 -1.75 12.58
C GLN A 341 -9.27 -3.21 12.57
N GLN A 342 -8.61 -3.65 13.65
CA GLN A 342 -8.12 -5.01 13.82
C GLN A 342 -9.24 -5.94 14.31
N ALA A 343 -10.14 -5.48 15.19
CA ALA A 343 -11.31 -6.21 15.66
C ALA A 343 -12.22 -6.64 14.50
N LEU A 344 -12.55 -5.70 13.61
CA LEU A 344 -13.37 -5.92 12.41
C LEU A 344 -12.62 -6.77 11.35
N GLY A 345 -11.30 -6.91 11.47
CA GLY A 345 -10.45 -7.69 10.57
C GLY A 345 -10.27 -9.12 11.05
N MET A 346 -10.30 -9.35 12.37
CA MET A 346 -10.35 -10.68 12.99
C MET A 346 -11.78 -11.25 12.92
N PHE A 347 -12.79 -10.39 13.04
CA PHE A 347 -14.22 -10.68 12.85
C PHE A 347 -14.50 -11.19 11.44
N SER A 348 -14.04 -10.47 10.41
CA SER A 348 -14.25 -10.82 9.01
C SER A 348 -13.50 -12.09 8.56
N ALA A 349 -12.47 -12.55 9.30
CA ALA A 349 -11.79 -13.82 9.04
C ALA A 349 -12.69 -15.02 9.38
N ALA A 350 -13.45 -14.93 10.49
CA ALA A 350 -14.44 -15.93 10.89
C ALA A 350 -15.69 -15.85 10.01
N LEU A 351 -16.06 -14.65 9.55
CA LEU A 351 -17.16 -14.38 8.63
C LEU A 351 -16.87 -14.99 7.25
N ALA A 352 -15.65 -14.75 6.70
CA ALA A 352 -15.22 -15.21 5.38
C ALA A 352 -15.07 -16.74 5.29
N SER A 353 -14.70 -17.39 6.39
CA SER A 353 -14.65 -18.84 6.55
C SER A 353 -16.08 -19.42 6.66
N GLY A 354 -17.03 -18.66 7.23
CA GLY A 354 -18.46 -18.97 7.30
C GLY A 354 -18.91 -19.34 8.71
N GLN A 355 -17.99 -19.32 9.69
CA GLN A 355 -18.15 -19.88 11.03
C GLN A 355 -18.94 -18.92 11.94
N LEU A 356 -18.94 -17.62 11.63
CA LEU A 356 -19.60 -16.57 12.41
C LEU A 356 -21.09 -16.50 12.06
N GLY A 357 -21.45 -16.81 10.81
CA GLY A 357 -22.77 -17.05 10.21
C GLY A 357 -23.96 -17.24 11.17
N PRO A 358 -24.02 -18.39 11.90
CA PRO A 358 -25.03 -18.70 12.93
C PRO A 358 -25.34 -17.60 13.97
N LEU A 359 -24.37 -16.77 14.37
CA LEU A 359 -24.55 -15.69 15.34
C LEU A 359 -25.19 -14.46 14.67
N MET A 360 -24.82 -14.18 13.41
CA MET A 360 -25.25 -13.02 12.63
C MET A 360 -26.77 -13.02 12.38
N CYS A 361 -27.38 -14.22 12.37
CA CYS A 361 -28.82 -14.45 12.29
C CYS A 361 -29.57 -13.99 13.56
N GLN A 362 -28.90 -13.90 14.72
CA GLN A 362 -29.54 -13.70 16.02
C GLN A 362 -29.64 -12.21 16.38
N PHE A 363 -28.73 -11.36 15.89
CA PHE A 363 -28.60 -9.96 16.27
C PHE A 363 -29.70 -9.06 15.66
N GLY A 364 -30.23 -9.43 14.50
CA GLY A 364 -31.31 -8.69 13.81
C GLY A 364 -30.81 -7.93 12.58
N LEU A 365 -29.64 -8.31 12.04
CA LEU A 365 -28.99 -7.71 10.87
C LEU A 365 -29.83 -7.93 9.58
N PRO A 366 -29.68 -7.09 8.52
CA PRO A 366 -30.39 -7.23 7.23
C PRO A 366 -30.32 -8.64 6.62
N ALA A 367 -31.41 -9.12 6.01
CA ALA A 367 -31.53 -10.47 5.46
C ALA A 367 -30.47 -10.80 4.40
N GLU A 368 -30.10 -9.81 3.58
CA GLU A 368 -29.05 -9.90 2.56
C GLU A 368 -27.64 -9.93 3.21
N ALA A 369 -27.47 -9.27 4.37
CA ALA A 369 -26.22 -9.27 5.13
C ALA A 369 -26.04 -10.63 5.83
N VAL A 370 -27.10 -11.17 6.44
CA VAL A 370 -27.15 -12.48 7.09
C VAL A 370 -26.87 -13.62 6.07
N GLU A 371 -27.42 -13.52 4.85
CA GLU A 371 -27.17 -14.43 3.74
C GLU A 371 -25.69 -14.37 3.31
N ALA A 372 -25.16 -13.15 3.10
CA ALA A 372 -23.77 -12.89 2.73
C ALA A 372 -22.77 -13.34 3.81
N ALA A 373 -23.12 -13.20 5.09
CA ALA A 373 -22.33 -13.60 6.25
C ALA A 373 -22.18 -15.11 6.39
N ASN A 374 -23.22 -15.86 6.02
CA ASN A 374 -23.24 -17.32 6.04
C ASN A 374 -22.55 -17.92 4.80
N LYS A 375 -22.55 -17.19 3.67
CA LYS A 375 -21.79 -17.55 2.47
C LYS A 375 -20.30 -17.21 2.64
N GLY A 376 -19.99 -16.01 3.17
CA GLY A 376 -18.66 -15.52 3.46
C GLY A 376 -18.26 -14.33 2.58
N ASP A 377 -19.23 -13.62 1.99
CA ASP A 377 -19.01 -12.47 1.09
C ASP A 377 -18.95 -11.21 1.94
N VAL A 378 -17.74 -10.85 2.39
CA VAL A 378 -17.46 -9.76 3.32
C VAL A 378 -17.88 -8.39 2.76
N GLU A 379 -17.68 -8.14 1.45
CA GLU A 379 -18.09 -6.91 0.79
C GLU A 379 -19.63 -6.79 0.71
N ALA A 380 -20.34 -7.87 0.37
CA ALA A 380 -21.80 -7.90 0.23
C ALA A 380 -22.50 -7.73 1.60
N PHE A 381 -21.91 -8.30 2.65
CA PHE A 381 -22.26 -8.09 4.06
C PHE A 381 -22.22 -6.60 4.44
N ALA A 382 -21.16 -5.88 4.05
CA ALA A 382 -21.02 -4.45 4.27
C ALA A 382 -21.99 -3.63 3.40
N LYS A 383 -22.16 -4.01 2.12
CA LYS A 383 -23.03 -3.34 1.13
C LYS A 383 -24.51 -3.35 1.56
N ALA A 384 -24.96 -4.47 2.14
CA ALA A 384 -26.32 -4.68 2.63
C ALA A 384 -26.64 -3.80 3.85
N MET A 385 -25.65 -3.52 4.71
CA MET A 385 -25.79 -2.64 5.86
C MET A 385 -25.60 -1.16 5.45
N GLN A 386 -24.68 -0.86 4.53
CA GLN A 386 -24.40 0.47 3.97
C GLN A 386 -25.66 1.16 3.39
N ASN A 387 -26.53 0.38 2.76
CA ASN A 387 -27.79 0.82 2.15
C ASN A 387 -28.98 0.78 3.13
N ASN A 388 -28.76 0.44 4.41
CA ASN A 388 -29.80 0.26 5.43
C ASN A 388 -29.55 1.11 6.70
N ALA A 389 -28.28 1.41 7.02
CA ALA A 389 -27.84 2.10 8.24
C ALA A 389 -28.38 3.53 8.36
N LYS A 390 -28.53 4.23 7.23
CA LYS A 390 -29.27 5.49 7.11
C LYS A 390 -30.68 5.14 6.59
N PRO A 391 -31.78 5.51 7.29
CA PRO A 391 -33.15 5.18 6.87
C PRO A 391 -33.61 6.08 5.71
N GLU A 392 -33.95 7.34 6.00
CA GLU A 392 -34.27 8.40 5.06
C GLU A 392 -34.02 9.75 5.75
N GLN A 393 -33.60 10.76 4.97
CA GLN A 393 -33.43 12.16 5.31
C GLN A 393 -33.09 12.90 4.01
N LYS A 394 -33.98 13.74 3.50
CA LYS A 394 -33.81 14.51 2.25
C LYS A 394 -34.51 15.88 2.29
N GLU A 395 -35.61 16.01 3.05
CA GLU A 395 -36.38 17.24 3.27
C GLU A 395 -37.27 17.61 2.06
N GLY A 396 -37.80 16.59 1.37
CA GLY A 396 -38.63 16.70 0.18
C GLY A 396 -40.04 16.20 0.50
N ASP A 397 -40.28 14.91 0.29
CA ASP A 397 -41.53 14.20 0.64
C ASP A 397 -41.21 12.79 1.17
N THR A 398 -42.17 12.22 1.88
CA THR A 398 -42.22 10.92 2.53
C THR A 398 -41.93 9.73 1.58
N LYS A 399 -42.53 9.75 0.38
CA LYS A 399 -42.42 8.74 -0.67
C LYS A 399 -42.33 9.43 -2.03
N ASP A 400 -41.16 9.98 -2.35
CA ASP A 400 -40.80 10.58 -3.64
C ASP A 400 -40.28 9.50 -4.63
N LYS A 401 -40.46 8.21 -4.30
CA LYS A 401 -39.87 7.06 -4.95
C LYS A 401 -40.63 6.66 -6.24
N LYS A 402 -39.97 5.84 -7.07
CA LYS A 402 -40.50 5.30 -8.33
C LYS A 402 -41.46 4.12 -8.02
N ASP A 403 -42.38 3.84 -8.94
CA ASP A 403 -43.43 2.81 -8.85
C ASP A 403 -42.87 1.37 -8.75
N GLU A 404 -41.67 1.13 -9.28
CA GLU A 404 -40.93 -0.12 -9.24
C GLU A 404 -39.44 0.18 -9.08
N GLU A 405 -38.74 -0.61 -8.26
CA GLU A 405 -37.37 -0.36 -7.81
C GLU A 405 -36.29 -0.88 -8.79
N GLU A 406 -36.66 -1.80 -9.71
CA GLU A 406 -35.76 -2.48 -10.64
C GLU A 406 -35.06 -1.49 -11.61
N ASP A 407 -33.73 -1.59 -11.70
CA ASP A 407 -32.87 -0.77 -12.57
C ASP A 407 -32.95 -1.27 -14.02
N MET A 408 -32.63 -0.36 -14.97
CA MET A 408 -32.48 -0.58 -16.41
C MET A 408 -33.82 -0.52 -17.17
N SER A 409 -34.90 -0.13 -16.50
CA SER A 409 -36.21 0.15 -17.09
C SER A 409 -36.21 1.60 -17.61
N LEU A 410 -36.75 1.83 -18.81
CA LEU A 410 -36.89 3.14 -19.44
C LEU A 410 -38.17 3.81 -18.93
N ASP A 411 -38.12 5.14 -18.75
CA ASP A 411 -39.17 6.06 -18.31
C ASP A 411 -39.24 6.13 -16.78
N MET A 5 54.88 21.05 21.09
CA MET A 5 53.69 20.82 21.94
C MET A 5 52.47 20.31 21.14
N THR A 6 52.27 20.80 19.90
CA THR A 6 51.26 20.31 18.94
C THR A 6 51.72 18.97 18.33
N THR A 7 53.04 18.81 18.18
CA THR A 7 53.79 17.57 18.03
C THR A 7 55.09 17.74 18.84
N SER A 8 55.99 16.75 18.79
CA SER A 8 57.25 16.72 19.55
C SER A 8 58.38 17.47 18.80
N GLY A 9 58.15 17.91 17.57
CA GLY A 9 59.05 18.72 16.74
C GLY A 9 58.37 20.04 16.35
N ALA A 10 59.11 20.91 15.64
CA ALA A 10 58.63 22.21 15.17
C ALA A 10 57.74 22.09 13.93
N LEU A 11 57.97 21.06 13.10
CA LEU A 11 57.14 20.63 11.95
C LEU A 11 57.31 21.56 10.74
N PHE A 12 58.50 22.16 10.57
CA PHE A 12 58.89 23.06 9.47
C PHE A 12 58.50 22.60 8.05
N PRO A 13 58.86 21.38 7.58
CA PRO A 13 58.37 20.85 6.29
C PRO A 13 56.91 20.34 6.42
N SER A 14 55.94 21.24 6.28
CA SER A 14 54.51 20.92 6.23
C SER A 14 54.17 20.38 4.83
N LEU A 15 54.72 21.00 3.78
CA LEU A 15 54.73 20.61 2.37
C LEU A 15 53.38 20.83 1.66
N VAL A 16 52.30 20.27 2.20
CA VAL A 16 50.94 20.37 1.69
C VAL A 16 50.33 21.74 2.09
N PRO A 17 49.56 22.42 1.20
CA PRO A 17 48.86 23.67 1.53
C PRO A 17 47.56 23.43 2.31
N GLY A 18 46.83 24.50 2.62
CA GLY A 18 45.49 24.49 3.20
C GLY A 18 44.51 25.09 2.18
N SER A 19 43.34 24.48 2.01
CA SER A 19 42.31 24.84 1.04
C SER A 19 40.91 24.39 1.53
N ARG A 20 40.60 24.63 2.80
CA ARG A 20 39.30 24.33 3.42
C ARG A 20 38.28 25.41 2.99
N GLY A 21 37.05 24.97 2.69
CA GLY A 21 35.93 25.80 2.25
C GLY A 21 34.73 25.65 3.19
N ALA A 22 33.53 25.97 2.69
CA ALA A 22 32.26 25.83 3.40
C ALA A 22 31.81 24.37 3.34
N SER A 23 31.62 23.75 4.51
CA SER A 23 31.26 22.35 4.68
C SER A 23 29.75 22.13 4.45
N ASN A 24 28.92 22.52 5.41
CA ASN A 24 27.47 22.27 5.48
C ASN A 24 26.71 23.05 4.40
N LYS A 25 25.93 22.33 3.59
CA LYS A 25 25.02 22.80 2.56
C LYS A 25 23.96 21.72 2.32
N TYR A 26 22.79 22.10 1.82
CA TYR A 26 21.70 21.20 1.43
C TYR A 26 21.64 21.17 -0.10
N LEU A 27 21.24 20.03 -0.68
CA LEU A 27 21.09 19.83 -2.11
C LEU A 27 19.71 20.32 -2.58
N VAL A 28 18.65 20.02 -1.81
CA VAL A 28 17.27 20.45 -1.99
C VAL A 28 16.68 20.71 -0.58
N GLU A 29 15.69 21.60 -0.49
CA GLU A 29 14.91 21.94 0.69
C GLU A 29 13.49 22.35 0.22
N PHE A 30 12.44 21.87 0.88
CA PHE A 30 11.03 22.23 0.61
C PHE A 30 10.18 22.09 1.89
N ARG A 31 9.17 22.95 2.06
CA ARG A 31 8.32 22.99 3.25
C ARG A 31 7.19 21.96 3.09
N ALA A 32 7.16 20.94 3.96
CA ALA A 32 6.26 19.80 3.87
C ALA A 32 6.04 19.14 5.24
N GLY A 33 4.92 18.43 5.35
CA GLY A 33 4.56 17.52 6.44
C GLY A 33 4.55 16.08 5.92
N LYS A 34 4.43 15.12 6.84
CA LYS A 34 4.46 13.69 6.55
C LYS A 34 3.13 13.03 6.93
N MET A 35 2.91 11.81 6.43
CA MET A 35 1.96 10.84 6.96
C MET A 35 2.77 9.85 7.81
N SER A 36 2.20 9.35 8.90
CA SER A 36 2.81 8.40 9.83
C SER A 36 1.75 7.54 10.52
N LEU A 37 2.15 6.35 10.97
CA LEU A 37 1.30 5.38 11.67
C LEU A 37 1.18 5.78 13.14
N LYS A 38 -0.06 5.84 13.63
CA LYS A 38 -0.42 6.10 15.04
C LYS A 38 -0.87 4.77 15.70
N GLY A 39 -0.37 3.65 15.19
CA GLY A 39 -0.86 2.30 15.41
C GLY A 39 -1.21 1.75 14.03
N THR A 40 -2.39 1.13 13.87
CA THR A 40 -2.90 0.62 12.60
C THR A 40 -3.26 1.78 11.63
N THR A 41 -3.68 2.92 12.17
CA THR A 41 -4.21 4.06 11.45
C THR A 41 -3.05 4.97 11.00
N VAL A 42 -2.98 5.26 9.69
CA VAL A 42 -2.09 6.24 9.07
C VAL A 42 -2.76 7.62 9.29
N THR A 43 -2.02 8.56 9.89
CA THR A 43 -2.46 9.90 10.26
C THR A 43 -1.51 10.93 9.62
N PRO A 44 -1.99 12.10 9.14
CA PRO A 44 -1.12 13.20 8.70
C PRO A 44 -0.54 13.92 9.93
N ASP A 45 0.78 14.12 9.98
CA ASP A 45 1.47 14.79 11.08
C ASP A 45 1.36 16.31 10.85
N LYS A 46 0.60 16.99 11.71
CA LYS A 46 0.16 18.38 11.55
C LYS A 46 1.24 19.43 11.92
N ARG A 47 2.43 18.99 12.35
CA ARG A 47 3.59 19.86 12.58
C ARG A 47 4.12 20.37 11.23
N LYS A 48 4.37 21.67 11.12
CA LYS A 48 4.92 22.31 9.93
C LYS A 48 6.43 22.04 9.92
N GLY A 49 6.91 21.38 8.87
CA GLY A 49 8.28 20.91 8.73
C GLY A 49 8.92 21.35 7.42
N LEU A 50 10.20 21.01 7.28
CA LEU A 50 11.02 21.15 6.08
C LEU A 50 11.58 19.76 5.78
N VAL A 51 11.34 19.24 4.57
CA VAL A 51 12.06 18.11 4.01
C VAL A 51 13.32 18.71 3.35
N TYR A 52 14.46 18.06 3.53
CA TYR A 52 15.75 18.48 2.99
C TYR A 52 16.61 17.27 2.62
N ILE A 53 17.53 17.48 1.67
CA ILE A 53 18.40 16.46 1.11
C ILE A 53 19.86 16.94 1.30
N GLN A 54 20.74 16.03 1.73
CA GLN A 54 22.15 16.25 2.00
C GLN A 54 22.95 15.03 1.52
N GLN A 55 24.28 15.07 1.65
CA GLN A 55 25.21 14.02 1.22
C GLN A 55 26.41 13.97 2.17
N THR A 56 26.92 12.77 2.45
CA THR A 56 28.16 12.50 3.17
C THR A 56 29.26 12.26 2.11
N ASP A 57 30.53 12.55 2.44
CA ASP A 57 31.70 12.46 1.55
C ASP A 57 32.03 11.02 1.08
N ASP A 58 31.38 9.99 1.65
CA ASP A 58 31.36 8.61 1.14
C ASP A 58 30.52 8.47 -0.15
N SER A 59 29.74 9.50 -0.50
CA SER A 59 28.94 9.68 -1.71
C SER A 59 27.50 9.14 -1.60
N LEU A 60 27.10 8.71 -0.40
CA LEU A 60 25.73 8.33 -0.05
C LEU A 60 24.94 9.59 0.30
N ILE A 61 23.69 9.65 -0.15
CA ILE A 61 22.78 10.77 -0.01
C ILE A 61 21.97 10.52 1.29
N HIS A 62 21.56 11.59 1.97
CA HIS A 62 20.66 11.57 3.12
C HIS A 62 19.38 12.33 2.73
N PHE A 63 18.22 11.71 2.95
CA PHE A 63 16.91 12.35 2.96
C PHE A 63 16.55 12.54 4.44
N CYS A 64 16.07 13.72 4.82
CA CYS A 64 15.76 14.08 6.20
C CYS A 64 14.62 15.09 6.31
N TRP A 65 13.98 15.14 7.48
CA TRP A 65 12.84 15.99 7.81
C TRP A 65 13.02 16.57 9.21
N LYS A 66 12.80 17.88 9.34
CA LYS A 66 12.86 18.63 10.59
C LYS A 66 11.64 19.54 10.71
N ASP A 67 11.27 19.87 11.95
CA ASP A 67 10.20 20.80 12.27
C ASP A 67 10.67 22.24 12.00
N ARG A 68 9.80 23.04 11.39
CA ARG A 68 9.88 24.51 11.40
C ARG A 68 9.11 25.06 12.61
N THR A 69 8.40 24.18 13.33
CA THR A 69 7.61 24.46 14.53
C THR A 69 8.52 24.45 15.80
N SER A 70 9.80 24.07 15.68
CA SER A 70 10.82 24.08 16.73
C SER A 70 12.22 24.31 16.16
N GLY A 71 12.61 23.45 15.22
CA GLY A 71 13.96 23.36 14.62
C GLY A 71 14.56 21.96 14.76
N ASN A 72 13.93 21.06 15.53
CA ASN A 72 14.40 19.70 15.81
C ASN A 72 14.21 18.78 14.59
N VAL A 73 15.23 17.96 14.30
CA VAL A 73 15.21 16.95 13.24
C VAL A 73 14.57 15.68 13.84
N GLU A 74 13.54 15.16 13.16
CA GLU A 74 12.72 14.05 13.64
C GLU A 74 13.01 12.77 12.85
N ASP A 75 13.32 12.86 11.54
CA ASP A 75 13.53 11.73 10.64
C ASP A 75 14.74 11.98 9.75
N ASP A 76 15.55 10.95 9.54
CA ASP A 76 16.71 10.90 8.64
C ASP A 76 16.88 9.46 8.15
N LEU A 77 17.14 9.28 6.86
CA LEU A 77 17.37 8.01 6.18
C LEU A 77 18.52 8.17 5.18
N ILE A 78 19.38 7.15 5.07
CA ILE A 78 20.47 7.04 4.09
C ILE A 78 19.83 6.50 2.79
N ILE A 79 20.15 7.13 1.67
CA ILE A 79 19.63 6.88 0.34
C ILE A 79 20.82 6.47 -0.54
N PHE A 80 20.71 5.29 -1.16
CA PHE A 80 21.71 4.71 -2.06
C PHE A 80 21.29 4.98 -3.53
N PRO A 81 22.24 5.22 -4.46
CA PRO A 81 22.02 5.39 -5.91
C PRO A 81 21.05 4.36 -6.54
N ASP A 82 20.08 4.85 -7.33
CA ASP A 82 19.09 4.13 -8.13
C ASP A 82 17.96 3.47 -7.32
N ASP A 83 18.11 3.33 -5.99
CA ASP A 83 17.32 2.45 -5.13
C ASP A 83 16.05 3.13 -4.58
N CYS A 84 15.97 4.47 -4.66
CA CYS A 84 14.87 5.28 -4.16
C CYS A 84 14.37 6.17 -5.32
N GLU A 85 13.05 6.34 -5.41
CA GLU A 85 12.36 7.12 -6.43
C GLU A 85 11.22 7.93 -5.78
N PHE A 86 11.17 9.22 -6.07
CA PHE A 86 10.20 10.19 -5.56
C PHE A 86 9.22 10.53 -6.70
N LYS A 87 7.92 10.52 -6.42
CA LYS A 87 6.86 10.78 -7.40
C LYS A 87 5.69 11.51 -6.72
N ARG A 88 4.99 12.37 -7.48
CA ARG A 88 3.74 13.02 -7.10
C ARG A 88 2.59 11.99 -7.19
N VAL A 89 1.66 11.98 -6.23
CA VAL A 89 0.51 11.07 -6.21
C VAL A 89 -0.55 11.58 -7.23
N PRO A 90 -0.89 10.80 -8.29
CA PRO A 90 -1.82 11.27 -9.33
C PRO A 90 -3.30 11.22 -8.93
N GLN A 91 -3.66 10.36 -7.96
CA GLN A 91 -5.02 10.15 -7.48
C GLN A 91 -5.47 11.23 -6.47
N CYS A 92 -4.57 12.12 -6.04
CA CYS A 92 -4.83 13.17 -5.07
C CYS A 92 -5.60 14.34 -5.75
N PRO A 93 -6.77 14.76 -5.23
CA PRO A 93 -7.52 15.93 -5.72
C PRO A 93 -6.71 17.24 -5.76
N SER A 94 -5.94 17.52 -4.70
CA SER A 94 -5.21 18.77 -4.52
C SER A 94 -3.90 18.77 -5.34
N GLY A 95 -3.20 17.63 -5.39
CA GLY A 95 -2.05 17.37 -6.26
C GLY A 95 -0.73 17.38 -5.49
N ARG A 96 -0.61 18.24 -4.47
CA ARG A 96 0.61 18.57 -3.73
C ARG A 96 1.00 17.51 -2.67
N VAL A 97 0.64 16.24 -2.89
CA VAL A 97 1.01 15.08 -2.09
C VAL A 97 1.94 14.23 -2.97
N TYR A 98 3.04 13.75 -2.37
CA TYR A 98 4.14 13.02 -3.00
C TYR A 98 4.42 11.76 -2.19
N VAL A 99 5.07 10.78 -2.81
CA VAL A 99 5.50 9.53 -2.22
C VAL A 99 6.96 9.26 -2.60
N LEU A 100 7.77 8.91 -1.60
CA LEU A 100 9.12 8.38 -1.76
C LEU A 100 8.96 6.85 -1.68
N LYS A 101 9.22 6.16 -2.79
CA LYS A 101 9.20 4.71 -2.91
C LYS A 101 10.66 4.23 -2.85
N PHE A 102 10.93 3.31 -1.92
CA PHE A 102 12.20 2.61 -1.77
C PHE A 102 12.01 1.25 -2.47
N LYS A 103 12.86 0.94 -3.46
CA LYS A 103 12.70 -0.24 -4.32
C LYS A 103 13.10 -1.53 -3.57
N ALA A 104 14.16 -1.49 -2.75
CA ALA A 104 14.53 -2.55 -1.82
C ALA A 104 13.74 -2.32 -0.52
N GLY A 105 12.85 -3.26 -0.17
CA GLY A 105 12.07 -3.29 1.07
C GLY A 105 10.60 -2.93 0.83
N SER A 106 10.33 -2.10 -0.18
CA SER A 106 9.03 -1.68 -0.71
C SER A 106 8.40 -0.48 0.01
N LYS A 107 9.13 0.17 0.93
CA LYS A 107 8.67 1.28 1.78
C LYS A 107 8.10 2.45 0.94
N ARG A 108 6.92 2.92 1.34
CA ARG A 108 6.12 3.95 0.70
C ARG A 108 5.89 5.05 1.75
N LEU A 109 6.77 6.06 1.81
CA LEU A 109 6.64 7.19 2.72
C LEU A 109 5.98 8.33 1.93
N PHE A 110 4.80 8.76 2.38
CA PHE A 110 4.00 9.81 1.78
C PHE A 110 4.24 11.14 2.52
N PHE A 111 4.37 12.23 1.77
CA PHE A 111 4.64 13.59 2.22
C PHE A 111 3.68 14.57 1.50
N TRP A 112 3.37 15.69 2.14
CA TRP A 112 2.40 16.69 1.66
C TRP A 112 2.96 18.09 1.93
N MET A 113 2.99 18.94 0.90
CA MET A 113 3.66 20.24 0.93
C MET A 113 2.82 21.30 1.66
N GLN A 114 3.50 22.20 2.38
CA GLN A 114 2.93 23.38 3.02
C GLN A 114 2.93 24.57 2.04
N GLU A 115 3.76 24.51 0.99
CA GLU A 115 3.93 25.55 -0.04
C GLU A 115 2.65 25.66 -0.90
N PRO A 116 2.04 26.85 -1.06
CA PRO A 116 0.78 27.03 -1.80
C PRO A 116 0.97 27.15 -3.32
N LYS A 117 2.18 27.48 -3.79
CA LYS A 117 2.49 27.78 -5.18
C LYS A 117 2.53 26.49 -6.01
N THR A 118 1.58 26.33 -6.94
CA THR A 118 1.46 25.23 -7.88
C THR A 118 2.45 25.36 -9.06
N ASP A 119 3.15 26.49 -9.17
CA ASP A 119 4.18 26.79 -10.18
C ASP A 119 5.41 25.88 -10.02
N GLN A 120 5.77 25.53 -8.78
CA GLN A 120 6.95 24.73 -8.44
C GLN A 120 6.59 23.26 -8.19
N ASP A 121 5.31 22.87 -8.32
CA ASP A 121 4.80 21.50 -8.19
C ASP A 121 5.49 20.53 -9.17
N GLU A 122 5.68 20.99 -10.41
CA GLU A 122 6.36 20.30 -11.51
C GLU A 122 7.89 20.30 -11.30
N GLU A 123 8.44 21.37 -10.72
CA GLU A 123 9.88 21.58 -10.53
C GLU A 123 10.43 20.68 -9.41
N HIS A 124 9.74 20.61 -8.27
CA HIS A 124 10.10 19.80 -7.10
C HIS A 124 10.09 18.30 -7.44
N CYS A 125 9.14 17.87 -8.27
CA CYS A 125 8.95 16.48 -8.71
C CYS A 125 10.17 15.96 -9.51
N ARG A 126 10.90 16.85 -10.22
CA ARG A 126 12.18 16.54 -10.84
C ARG A 126 13.30 16.70 -9.80
N LYS A 127 13.47 17.90 -9.22
CA LYS A 127 14.62 18.26 -8.37
C LYS A 127 14.89 17.31 -7.19
N VAL A 128 13.85 16.92 -6.45
CA VAL A 128 13.95 16.01 -5.32
C VAL A 128 14.34 14.60 -5.80
N ASN A 129 13.68 14.10 -6.87
CA ASN A 129 13.90 12.77 -7.44
C ASN A 129 15.31 12.62 -8.02
N GLU A 130 15.80 13.62 -8.75
CA GLU A 130 17.11 13.63 -9.41
C GLU A 130 18.26 13.37 -8.41
N TYR A 131 18.33 14.12 -7.31
CA TYR A 131 19.39 13.99 -6.31
C TYR A 131 19.30 12.71 -5.46
N LEU A 132 18.10 12.14 -5.26
CA LEU A 132 17.91 10.89 -4.52
C LEU A 132 18.22 9.68 -5.41
N ASN A 133 17.84 9.72 -6.69
CA ASN A 133 18.03 8.63 -7.64
C ASN A 133 19.48 8.61 -8.15
N ASN A 134 20.00 9.74 -8.68
CA ASN A 134 21.30 9.83 -9.34
C ASN A 134 22.29 10.59 -8.41
N PRO A 135 23.49 10.03 -8.11
CA PRO A 135 24.54 10.73 -7.36
C PRO A 135 25.31 11.72 -8.28
N PRO A 136 26.14 12.63 -7.72
CA PRO A 136 26.95 13.56 -8.53
C PRO A 136 28.16 12.92 -9.23
N MET A 137 28.52 11.67 -8.90
CA MET A 137 29.59 10.88 -9.52
C MET A 137 29.08 9.46 -9.81
N PRO A 138 28.24 9.24 -10.85
CA PRO A 138 27.70 7.92 -11.18
C PRO A 138 28.74 7.05 -11.94
N GLY A 139 28.63 5.73 -11.84
CA GLY A 139 29.42 4.76 -12.59
C GLY A 139 30.36 3.94 -11.70
N ALA A 140 30.47 4.27 -10.40
CA ALA A 140 31.29 3.57 -9.42
C ALA A 140 30.56 2.29 -8.97
N LEU A 141 31.28 1.17 -8.94
CA LEU A 141 30.76 -0.17 -8.61
C LEU A 141 30.86 -0.46 -7.09
N GLY A 142 31.49 0.43 -6.32
CA GLY A 142 31.70 0.34 -4.88
C GLY A 142 33.18 0.33 -4.50
N ALA A 143 34.07 0.06 -5.47
CA ALA A 143 35.54 0.11 -5.42
C ALA A 143 36.19 -1.14 -4.79
N SER A 144 35.37 -2.15 -4.44
CA SER A 144 35.73 -3.44 -3.85
C SER A 144 36.11 -3.28 -2.36
N GLY A 145 37.40 -3.05 -2.05
CA GLY A 145 37.91 -2.76 -0.72
C GLY A 145 38.77 -1.49 -0.78
N SER A 146 38.33 -0.43 -0.10
CA SER A 146 39.02 0.87 -0.05
C SER A 146 40.01 0.95 1.14
N SER A 147 39.94 0.00 2.09
CA SER A 147 40.73 -0.13 3.32
C SER A 147 40.13 0.72 4.46
N GLY A 148 40.87 0.88 5.56
CA GLY A 148 40.48 1.57 6.79
C GLY A 148 40.58 0.65 8.00
N HIS A 149 40.07 1.10 9.15
CA HIS A 149 40.05 0.40 10.44
C HIS A 149 38.84 0.87 11.26
N GLU A 150 38.38 0.01 12.17
CA GLU A 150 37.33 0.30 13.15
C GLU A 150 37.96 0.97 14.39
N LEU A 151 37.17 1.77 15.12
CA LEU A 151 37.58 2.50 16.31
C LEU A 151 37.70 1.56 17.53
N SER A 152 36.89 0.50 17.57
CA SER A 152 36.82 -0.57 18.56
C SER A 152 35.97 -0.17 19.79
N ALA A 153 35.53 -1.16 20.56
CA ALA A 153 34.74 -1.04 21.78
C ALA A 153 34.98 -2.26 22.69
N LEU A 154 34.71 -2.10 23.99
CA LEU A 154 34.89 -3.11 25.04
C LEU A 154 33.62 -3.13 25.92
N GLY A 155 32.48 -3.48 25.32
CA GLY A 155 31.16 -3.44 25.96
C GLY A 155 30.56 -4.84 26.21
N GLY A 156 31.08 -5.88 25.54
CA GLY A 156 30.72 -7.28 25.78
C GLY A 156 29.90 -7.91 24.64
N GLU A 157 29.46 -7.10 23.67
CA GLU A 157 28.63 -7.50 22.54
C GLU A 157 29.48 -8.22 21.46
N GLY A 158 28.82 -9.00 20.61
CA GLY A 158 29.41 -9.88 19.59
C GLY A 158 28.90 -11.31 19.80
N GLY A 159 29.75 -12.30 19.50
CA GLY A 159 29.44 -13.73 19.61
C GLY A 159 30.25 -14.37 20.74
N LEU A 160 31.57 -14.19 20.72
CA LEU A 160 32.48 -14.61 21.78
C LEU A 160 32.57 -13.46 22.80
N GLN A 161 31.76 -13.53 23.85
CA GLN A 161 31.59 -12.49 24.85
C GLN A 161 32.75 -12.50 25.87
N SER A 162 33.28 -13.69 26.17
CA SER A 162 34.36 -13.95 27.14
C SER A 162 35.19 -15.19 26.76
N LEU A 163 35.35 -15.44 25.45
CA LEU A 163 36.04 -16.59 24.83
C LEU A 163 35.11 -17.82 24.81
N LEU A 164 33.93 -17.66 24.20
CA LEU A 164 32.86 -18.65 24.13
C LEU A 164 33.11 -19.63 22.95
N GLY A 165 32.20 -20.60 22.77
CA GLY A 165 32.24 -21.65 21.76
C GLY A 165 32.10 -23.01 22.42
N ASN A 166 30.96 -23.25 23.07
CA ASN A 166 30.64 -24.43 23.89
C ASN A 166 30.02 -25.59 23.08
N MET A 167 30.34 -25.71 21.78
CA MET A 167 29.97 -26.80 20.88
C MET A 167 30.84 -28.04 21.20
N SER A 168 30.72 -28.56 22.42
CA SER A 168 31.47 -29.70 22.95
C SER A 168 30.70 -31.01 22.70
N HIS A 169 29.37 -30.93 22.58
CA HIS A 169 28.43 -32.03 22.35
C HIS A 169 27.29 -31.51 21.48
N SER A 170 26.72 -32.35 20.62
CA SER A 170 25.60 -32.05 19.73
C SER A 170 24.80 -33.32 19.44
N GLN A 171 23.46 -33.21 19.46
CA GLN A 171 22.49 -34.23 19.06
C GLN A 171 21.29 -33.55 18.38
N LEU A 172 20.57 -32.71 19.14
CA LEU A 172 19.33 -32.05 18.74
C LEU A 172 19.48 -30.52 18.65
N MET A 173 20.72 -30.02 18.68
CA MET A 173 21.10 -28.62 18.56
C MET A 173 22.47 -28.56 17.87
N GLN A 174 22.67 -27.56 17.00
CA GLN A 174 23.92 -27.22 16.34
C GLN A 174 24.16 -25.72 16.59
N LEU A 175 25.33 -25.34 17.12
CA LEU A 175 25.71 -23.94 17.36
C LEU A 175 26.45 -23.36 16.12
N ILE A 176 26.82 -24.21 15.17
CA ILE A 176 27.58 -23.92 13.95
C ILE A 176 26.96 -24.68 12.76
N GLY A 177 27.72 -24.87 11.68
CA GLY A 177 27.34 -25.56 10.45
C GLY A 177 27.66 -24.70 9.22
N PRO A 178 28.31 -25.26 8.17
CA PRO A 178 28.68 -24.52 6.95
C PRO A 178 27.48 -24.36 5.99
N ALA A 179 27.72 -23.67 4.85
CA ALA A 179 26.74 -23.36 3.80
C ALA A 179 26.45 -24.56 2.86
N GLY A 180 27.05 -25.72 3.11
CA GLY A 180 26.87 -26.95 2.35
C GLY A 180 26.13 -27.98 3.23
N LEU A 181 26.74 -28.38 4.35
CA LEU A 181 26.17 -29.10 5.50
C LEU A 181 26.04 -30.62 5.26
N GLY A 182 25.76 -31.04 4.02
CA GLY A 182 25.63 -32.43 3.58
C GLY A 182 26.70 -32.82 2.56
N GLY A 183 27.80 -32.06 2.51
CA GLY A 183 28.87 -32.12 1.52
C GLY A 183 28.98 -30.77 0.83
N LEU A 184 29.60 -30.73 -0.36
CA LEU A 184 29.79 -29.53 -1.18
C LEU A 184 29.62 -29.80 -2.69
N GLY A 185 29.08 -30.97 -3.05
CA GLY A 185 28.84 -31.43 -4.42
C GLY A 185 27.38 -31.79 -4.72
N GLY A 186 26.46 -31.58 -3.76
CA GLY A 186 25.05 -31.93 -3.85
C GLY A 186 24.16 -30.70 -3.64
N LEU A 187 23.07 -30.61 -4.41
CA LEU A 187 21.99 -29.65 -4.27
C LEU A 187 20.80 -30.34 -3.57
N GLY A 188 19.95 -29.58 -2.88
CA GLY A 188 18.77 -30.06 -2.16
C GLY A 188 17.45 -29.54 -2.74
N ALA A 189 17.50 -28.84 -3.89
CA ALA A 189 16.36 -28.24 -4.58
C ALA A 189 15.59 -29.26 -5.44
N LEU A 190 16.18 -30.44 -5.69
CA LEU A 190 15.69 -31.52 -6.53
C LEU A 190 14.46 -32.16 -5.85
N THR A 191 13.26 -31.81 -6.35
CA THR A 191 11.95 -32.14 -5.82
C THR A 191 10.98 -32.37 -7.02
N GLY A 192 9.97 -33.24 -6.85
CA GLY A 192 9.00 -33.61 -7.87
C GLY A 192 9.06 -35.10 -8.22
N PRO A 193 8.37 -35.56 -9.28
CA PRO A 193 8.36 -36.98 -9.70
C PRO A 193 9.66 -37.42 -10.42
N GLY A 194 10.43 -36.47 -10.97
CA GLY A 194 11.68 -36.68 -11.67
C GLY A 194 11.58 -36.19 -13.12
N LEU A 195 12.69 -35.72 -13.68
CA LEU A 195 12.79 -35.24 -15.06
C LEU A 195 12.81 -36.47 -16.00
N ALA A 196 11.83 -36.56 -16.90
CA ALA A 196 11.62 -37.62 -17.89
C ALA A 196 11.09 -38.92 -17.23
N SER A 197 10.31 -38.80 -16.15
CA SER A 197 9.71 -39.89 -15.39
C SER A 197 8.50 -40.48 -16.14
N LEU A 198 7.27 -40.12 -15.73
CA LEU A 198 6.02 -40.66 -16.27
C LEU A 198 5.52 -39.80 -17.45
N LEU A 199 5.72 -38.47 -17.39
CA LEU A 199 5.19 -37.48 -18.31
C LEU A 199 6.31 -36.57 -18.84
N GLY A 200 6.14 -36.04 -20.05
CA GLY A 200 6.96 -35.01 -20.67
C GLY A 200 6.07 -33.86 -21.16
N SER A 201 6.65 -32.67 -21.34
CA SER A 201 5.98 -31.47 -21.84
C SER A 201 5.80 -31.47 -23.37
N SER A 202 6.69 -32.18 -24.09
CA SER A 202 6.59 -32.46 -25.52
C SER A 202 5.63 -33.64 -25.73
N GLY A 203 4.73 -33.53 -26.69
CA GLY A 203 3.56 -34.38 -26.89
C GLY A 203 2.27 -33.58 -26.66
N PRO A 204 1.09 -34.23 -26.54
CA PRO A 204 -0.22 -33.60 -26.30
C PRO A 204 -0.31 -32.48 -25.22
N PRO A 205 0.36 -32.56 -24.04
CA PRO A 205 0.39 -31.48 -23.04
C PRO A 205 0.80 -30.07 -23.53
N GLY A 206 1.67 -29.98 -24.55
CA GLY A 206 2.17 -28.73 -25.12
C GLY A 206 1.86 -28.63 -26.61
N SER A 207 2.23 -27.50 -27.22
CA SER A 207 2.15 -27.26 -28.66
C SER A 207 3.44 -27.84 -29.28
N SER A 208 3.34 -29.06 -29.84
CA SER A 208 4.42 -29.80 -30.51
C SER A 208 3.77 -30.77 -31.52
N SER A 209 4.46 -31.05 -32.64
CA SER A 209 3.95 -31.88 -33.74
C SER A 209 5.09 -32.65 -34.46
N SER A 210 6.20 -32.91 -33.75
CA SER A 210 7.38 -33.59 -34.29
C SER A 210 7.19 -35.13 -34.36
N SER A 211 6.28 -35.66 -33.55
CA SER A 211 5.86 -37.06 -33.53
C SER A 211 4.56 -37.17 -34.38
N SER A 212 4.40 -38.28 -35.11
CA SER A 212 3.22 -38.62 -35.88
C SER A 212 3.14 -40.16 -35.99
N SER A 213 2.19 -40.66 -36.79
CA SER A 213 1.99 -42.07 -37.11
C SER A 213 3.13 -42.61 -38.01
N ARG A 214 3.41 -43.91 -37.89
CA ARG A 214 4.36 -44.67 -38.69
C ARG A 214 3.82 -46.09 -38.85
N SER A 215 4.09 -46.74 -40.00
CA SER A 215 3.65 -48.07 -40.37
C SER A 215 2.12 -48.02 -40.68
N GLN A 216 1.39 -49.06 -40.25
CA GLN A 216 -0.07 -49.19 -40.31
C GLN A 216 -0.60 -49.80 -39.00
N SER A 217 0.14 -49.62 -37.89
CA SER A 217 -0.10 -50.25 -36.59
C SER A 217 -1.24 -49.55 -35.80
N ALA A 218 -1.55 -48.29 -36.13
CA ALA A 218 -2.62 -47.48 -35.52
C ALA A 218 -3.28 -46.56 -36.54
N ALA A 219 -2.47 -45.92 -37.39
CA ALA A 219 -2.87 -45.09 -38.53
C ALA A 219 -1.80 -45.21 -39.62
N VAL A 220 -2.16 -44.82 -40.85
CA VAL A 220 -1.33 -44.90 -42.06
C VAL A 220 -1.38 -43.59 -42.88
N THR A 221 -1.99 -42.54 -42.32
CA THR A 221 -2.25 -41.25 -42.97
C THR A 221 -1.78 -40.10 -42.04
N PRO A 222 -0.50 -39.66 -42.10
CA PRO A 222 0.02 -38.56 -41.27
C PRO A 222 -0.36 -37.16 -41.79
N SER A 223 -0.86 -37.05 -43.03
CA SER A 223 -1.29 -35.82 -43.69
C SER A 223 -2.44 -36.14 -44.66
N SER A 224 -3.18 -35.11 -45.09
CA SER A 224 -4.32 -35.18 -46.00
C SER A 224 -3.87 -34.99 -47.47
N THR A 225 -2.71 -35.58 -47.83
CA THR A 225 -2.06 -35.55 -49.15
C THR A 225 -1.33 -34.20 -49.38
N THR A 226 -0.90 -33.55 -48.29
CA THR A 226 -0.17 -32.28 -48.20
C THR A 226 -1.13 -31.08 -48.25
N SER A 227 -0.79 -30.01 -48.99
CA SER A 227 -1.57 -28.79 -49.16
C SER A 227 -2.75 -29.06 -50.13
N SER A 228 -3.97 -29.09 -49.59
CA SER A 228 -5.22 -29.35 -50.31
C SER A 228 -6.37 -28.53 -49.69
N THR A 229 -6.06 -27.33 -49.16
CA THR A 229 -6.99 -26.42 -48.50
C THR A 229 -7.97 -25.78 -49.51
N ARG A 230 -9.19 -25.51 -49.06
CA ARG A 230 -10.27 -24.83 -49.77
C ARG A 230 -11.10 -24.13 -48.69
N ALA A 231 -10.87 -22.83 -48.47
CA ALA A 231 -11.39 -22.05 -47.33
C ALA A 231 -11.76 -20.61 -47.70
N THR A 232 -12.08 -20.36 -48.98
CA THR A 232 -12.48 -19.06 -49.52
C THR A 232 -13.76 -19.22 -50.38
N PRO A 233 -14.97 -19.28 -49.78
CA PRO A 233 -16.26 -19.42 -50.50
C PRO A 233 -16.52 -18.36 -51.58
N ALA A 234 -16.27 -17.08 -51.25
CA ALA A 234 -16.52 -15.87 -52.04
C ALA A 234 -18.02 -15.70 -52.39
N PRO A 235 -18.90 -15.38 -51.41
CA PRO A 235 -20.37 -15.31 -51.57
C PRO A 235 -20.89 -14.52 -52.79
N SER A 236 -20.37 -13.30 -52.99
CA SER A 236 -20.61 -12.40 -54.13
C SER A 236 -21.98 -11.68 -54.06
N ALA A 237 -22.67 -11.76 -52.91
CA ALA A 237 -23.97 -11.16 -52.67
C ALA A 237 -23.81 -9.67 -52.25
N PRO A 238 -24.72 -8.76 -52.66
CA PRO A 238 -24.68 -7.34 -52.26
C PRO A 238 -25.18 -7.13 -50.82
N ALA A 239 -24.78 -6.01 -50.21
CA ALA A 239 -25.24 -5.52 -48.91
C ALA A 239 -25.12 -3.99 -48.88
N ALA A 240 -25.95 -3.34 -48.06
CA ALA A 240 -25.93 -1.90 -47.82
C ALA A 240 -26.39 -1.59 -46.39
N ALA A 241 -27.63 -1.95 -46.07
CA ALA A 241 -28.23 -1.78 -44.75
C ALA A 241 -27.64 -2.84 -43.79
N SER A 242 -26.89 -2.38 -42.79
CA SER A 242 -26.20 -3.17 -41.76
C SER A 242 -24.84 -3.74 -42.23
N ALA A 243 -24.37 -3.35 -43.42
CA ALA A 243 -23.15 -3.84 -44.05
C ALA A 243 -21.92 -3.29 -43.31
N THR A 244 -21.00 -4.20 -42.92
CA THR A 244 -19.73 -3.97 -42.25
C THR A 244 -19.88 -3.59 -40.75
N SER A 245 -21.13 -3.57 -40.25
CA SER A 245 -21.52 -3.11 -38.92
C SER A 245 -22.74 -3.88 -38.35
N PRO A 246 -22.65 -5.21 -38.15
CA PRO A 246 -23.75 -6.00 -37.56
C PRO A 246 -23.87 -5.75 -36.03
N SER A 247 -25.07 -5.95 -35.49
CA SER A 247 -25.40 -5.80 -34.07
C SER A 247 -26.49 -6.81 -33.70
N PRO A 248 -26.16 -8.12 -33.51
CA PRO A 248 -27.15 -9.19 -33.27
C PRO A 248 -27.65 -9.24 -31.81
N ALA A 249 -28.13 -8.11 -31.29
CA ALA A 249 -28.66 -7.86 -29.94
C ALA A 249 -27.67 -8.22 -28.81
N PRO A 250 -26.50 -7.54 -28.71
CA PRO A 250 -25.48 -7.84 -27.69
C PRO A 250 -25.89 -7.35 -26.28
N SER A 251 -25.29 -7.95 -25.26
CA SER A 251 -25.51 -7.62 -23.84
C SER A 251 -24.73 -6.34 -23.44
N SER A 252 -23.63 -6.04 -24.14
CA SER A 252 -22.84 -4.82 -23.98
C SER A 252 -23.47 -3.70 -24.82
N GLY A 253 -23.44 -2.46 -24.30
CA GLY A 253 -23.94 -1.25 -24.94
C GLY A 253 -22.80 -0.25 -25.16
N ASN A 254 -23.12 1.05 -25.20
CA ASN A 254 -22.18 2.16 -25.37
C ASN A 254 -21.52 2.45 -24.00
N GLY A 255 -20.36 1.84 -23.75
CA GLY A 255 -19.52 2.02 -22.57
C GLY A 255 -18.11 2.42 -23.00
N ALA A 256 -17.44 3.24 -22.19
CA ALA A 256 -16.06 3.69 -22.34
C ALA A 256 -15.49 4.02 -20.95
N SER A 257 -14.16 4.08 -20.84
CA SER A 257 -13.45 4.47 -19.62
C SER A 257 -13.51 5.99 -19.42
N THR A 258 -13.29 6.41 -18.17
CA THR A 258 -13.18 7.78 -17.70
C THR A 258 -12.01 7.87 -16.70
N ALA A 259 -10.91 7.16 -17.03
CA ALA A 259 -9.67 6.96 -16.27
C ALA A 259 -9.73 5.72 -15.36
N ALA A 260 -10.52 4.71 -15.75
CA ALA A 260 -10.62 3.41 -15.10
C ALA A 260 -9.49 2.51 -15.63
N SER A 261 -8.69 1.97 -14.72
CA SER A 261 -7.62 1.00 -14.98
C SER A 261 -8.19 -0.43 -14.90
N PRO A 262 -7.50 -1.44 -15.48
CA PRO A 262 -7.68 -2.87 -15.13
C PRO A 262 -7.56 -3.18 -13.62
N THR A 263 -6.74 -2.40 -12.88
CA THR A 263 -6.48 -2.43 -11.43
C THR A 263 -5.70 -3.66 -10.94
N GLN A 264 -5.15 -4.47 -11.86
CA GLN A 264 -4.38 -5.68 -11.57
C GLN A 264 -2.97 -5.27 -11.08
N PRO A 265 -2.52 -5.73 -9.89
CA PRO A 265 -1.23 -5.35 -9.32
C PRO A 265 -0.06 -6.17 -9.90
N ILE A 266 1.16 -5.80 -9.52
CA ILE A 266 2.39 -6.56 -9.69
C ILE A 266 2.99 -6.75 -8.28
N GLN A 267 3.46 -5.65 -7.68
CA GLN A 267 4.13 -5.66 -6.36
C GLN A 267 3.12 -5.65 -5.21
N LEU A 268 1.98 -4.98 -5.37
CA LEU A 268 0.95 -4.77 -4.34
C LEU A 268 0.07 -6.02 -4.19
N SER A 269 0.69 -7.13 -3.76
CA SER A 269 0.10 -8.45 -3.60
C SER A 269 0.55 -9.02 -2.25
N ASP A 270 1.81 -9.47 -2.15
CA ASP A 270 2.42 -10.08 -0.95
C ASP A 270 3.14 -9.00 -0.11
N LEU A 271 3.61 -7.91 -0.71
CA LEU A 271 4.29 -6.78 -0.06
C LEU A 271 3.31 -5.87 0.70
N GLN A 272 2.45 -6.49 1.52
CA GLN A 272 1.51 -5.90 2.47
C GLN A 272 1.30 -6.89 3.63
N SER A 273 1.05 -8.17 3.33
CA SER A 273 0.95 -9.26 4.30
C SER A 273 2.32 -9.65 4.90
N ILE A 274 3.43 -9.44 4.16
CA ILE A 274 4.79 -9.55 4.66
C ILE A 274 5.06 -8.40 5.66
N LEU A 275 4.65 -7.17 5.32
CA LEU A 275 4.84 -5.98 6.16
C LEU A 275 4.02 -6.05 7.45
N ALA A 276 2.84 -6.70 7.42
CA ALA A 276 1.99 -6.98 8.59
C ALA A 276 2.59 -8.03 9.54
N THR A 277 3.59 -8.80 9.09
CA THR A 277 4.35 -9.76 9.91
C THR A 277 5.68 -9.11 10.38
N MET A 278 6.35 -8.34 9.52
CA MET A 278 7.66 -7.72 9.80
C MET A 278 7.53 -6.48 10.70
N ASN A 279 6.46 -5.71 10.56
CA ASN A 279 6.10 -4.50 11.30
C ASN A 279 4.60 -4.59 11.67
N VAL A 280 3.93 -3.46 11.91
CA VAL A 280 2.48 -3.39 12.14
C VAL A 280 1.81 -2.18 11.44
N PRO A 281 1.87 -2.06 10.09
CA PRO A 281 1.09 -1.06 9.33
C PRO A 281 -0.37 -1.48 9.10
N ALA A 282 -0.73 -2.71 9.46
CA ALA A 282 -2.00 -3.38 9.21
C ALA A 282 -2.34 -4.29 10.41
N GLY A 283 -3.37 -5.12 10.28
CA GLY A 283 -3.83 -6.07 11.29
C GLY A 283 -3.68 -7.52 10.82
N PRO A 284 -4.48 -8.47 11.36
CA PRO A 284 -4.34 -9.90 11.06
C PRO A 284 -4.88 -10.33 9.68
N ALA A 285 -5.70 -9.51 9.00
CA ALA A 285 -6.07 -9.69 7.60
C ALA A 285 -5.03 -8.96 6.72
N GLY A 286 -5.07 -9.17 5.40
CA GLY A 286 -4.08 -8.67 4.45
C GLY A 286 -4.58 -7.42 3.71
N GLY A 287 -5.29 -6.55 4.43
CA GLY A 287 -5.97 -5.36 3.94
C GLY A 287 -7.44 -5.42 4.35
N GLN A 288 -8.24 -4.48 3.83
CA GLN A 288 -9.72 -4.41 3.90
C GLN A 288 -10.23 -3.89 5.26
N GLN A 289 -9.65 -4.41 6.35
CA GLN A 289 -9.90 -4.13 7.76
C GLN A 289 -9.87 -2.63 8.13
N VAL A 290 -8.99 -1.88 7.45
CA VAL A 290 -8.77 -0.45 7.63
C VAL A 290 -9.90 0.38 6.99
N ASP A 291 -10.54 -0.13 5.93
CA ASP A 291 -11.60 0.55 5.18
C ASP A 291 -12.98 0.20 5.76
N LEU A 292 -13.19 -1.07 6.17
CA LEU A 292 -14.43 -1.58 6.77
C LEU A 292 -14.81 -0.86 8.08
N ALA A 293 -13.84 -0.26 8.79
CA ALA A 293 -14.05 0.57 9.96
C ALA A 293 -14.82 1.88 9.66
N SER A 294 -14.87 2.32 8.39
CA SER A 294 -15.64 3.47 7.94
C SER A 294 -17.06 3.02 7.50
N VAL A 295 -17.22 1.77 7.06
CA VAL A 295 -18.49 1.18 6.62
C VAL A 295 -19.28 0.76 7.89
N LEU A 296 -18.67 -0.09 8.70
CA LEU A 296 -19.18 -0.59 9.98
C LEU A 296 -18.57 0.29 11.08
N THR A 297 -19.00 1.55 11.09
CA THR A 297 -18.67 2.60 12.05
C THR A 297 -18.99 2.16 13.51
N PRO A 298 -18.25 2.60 14.56
CA PRO A 298 -18.42 2.18 15.96
C PRO A 298 -19.85 2.05 16.51
N GLU A 299 -20.78 2.92 16.10
CA GLU A 299 -22.20 2.88 16.45
C GLU A 299 -22.93 1.59 15.99
N ILE A 300 -22.44 0.93 14.93
CA ILE A 300 -22.96 -0.34 14.42
C ILE A 300 -22.32 -1.50 15.21
N MET A 301 -21.04 -1.38 15.56
CA MET A 301 -20.23 -2.45 16.16
C MET A 301 -20.35 -2.53 17.69
N ALA A 302 -20.77 -1.45 18.36
CA ALA A 302 -21.01 -1.32 19.80
C ALA A 302 -21.62 -2.54 20.54
N PRO A 303 -22.81 -3.06 20.16
CA PRO A 303 -23.38 -4.26 20.78
C PRO A 303 -22.75 -5.58 20.29
N ILE A 304 -22.07 -5.58 19.14
CA ILE A 304 -21.57 -6.77 18.45
C ILE A 304 -20.25 -7.20 19.10
N LEU A 305 -19.26 -6.29 19.18
CA LEU A 305 -17.92 -6.59 19.68
C LEU A 305 -17.89 -6.73 21.22
N ALA A 306 -18.95 -6.28 21.91
CA ALA A 306 -19.15 -6.40 23.35
C ALA A 306 -19.88 -7.70 23.74
N ASN A 307 -20.16 -8.59 22.78
CA ASN A 307 -20.78 -9.90 23.02
C ASN A 307 -19.64 -10.91 23.29
N ALA A 308 -19.81 -11.74 24.33
CA ALA A 308 -18.83 -12.73 24.80
C ALA A 308 -18.40 -13.76 23.74
N ASP A 309 -19.33 -14.20 22.88
CA ASP A 309 -19.07 -15.18 21.81
C ASP A 309 -18.26 -14.57 20.66
N VAL A 310 -18.26 -13.24 20.50
CA VAL A 310 -17.41 -12.51 19.57
C VAL A 310 -16.06 -12.24 20.25
N GLN A 311 -16.05 -11.78 21.52
CA GLN A 311 -14.84 -11.47 22.30
C GLN A 311 -13.85 -12.64 22.35
N GLU A 312 -14.32 -13.84 22.69
CA GLU A 312 -13.50 -15.06 22.82
C GLU A 312 -13.04 -15.64 21.47
N ARG A 313 -13.50 -15.09 20.33
CA ARG A 313 -12.94 -15.36 19.01
C ARG A 313 -11.91 -14.27 18.65
N LEU A 314 -12.18 -13.00 18.97
CA LEU A 314 -11.27 -11.88 18.72
C LEU A 314 -9.99 -11.96 19.58
N LEU A 315 -10.11 -12.22 20.89
CA LEU A 315 -9.02 -12.38 21.86
C LEU A 315 -7.83 -13.29 21.45
N PRO A 316 -8.02 -14.52 20.94
CA PRO A 316 -6.92 -15.34 20.38
C PRO A 316 -6.49 -14.95 18.95
N TYR A 317 -7.34 -14.32 18.13
CA TYR A 317 -7.07 -14.07 16.71
C TYR A 317 -6.24 -12.79 16.45
N LEU A 318 -6.11 -11.87 17.42
CA LEU A 318 -5.24 -10.69 17.34
C LEU A 318 -3.74 -11.06 17.25
N PRO A 319 -2.87 -10.24 16.61
CA PRO A 319 -1.45 -10.57 16.44
C PRO A 319 -0.58 -10.54 17.72
N SER A 320 -1.05 -9.92 18.82
CA SER A 320 -0.51 -9.91 20.17
C SER A 320 0.32 -8.63 20.43
N GLY A 321 0.03 -7.96 21.55
CA GLY A 321 0.57 -6.66 21.94
C GLY A 321 -0.53 -5.60 22.10
N GLU A 322 -1.79 -5.96 21.86
CA GLU A 322 -2.99 -5.12 21.90
C GLU A 322 -4.14 -5.86 22.59
N SER A 323 -5.21 -5.11 22.87
CA SER A 323 -6.45 -5.52 23.52
C SER A 323 -7.64 -4.95 22.73
N LEU A 324 -8.88 -5.28 23.12
CA LEU A 324 -10.13 -4.79 22.53
C LEU A 324 -11.12 -4.38 23.64
N PRO A 325 -12.07 -3.44 23.37
CA PRO A 325 -13.20 -3.11 24.26
C PRO A 325 -14.04 -4.33 24.72
N GLN A 326 -14.76 -4.20 25.82
CA GLN A 326 -15.59 -5.24 26.42
C GLN A 326 -17.03 -4.78 26.74
N THR A 327 -17.34 -3.50 26.51
CA THR A 327 -18.64 -2.88 26.68
C THR A 327 -18.96 -1.98 25.47
N ALA A 328 -20.26 -1.79 25.18
CA ALA A 328 -20.75 -0.86 24.17
C ALA A 328 -20.45 0.60 24.55
N ASP A 329 -20.43 0.89 25.86
CA ASP A 329 -20.12 2.15 26.51
C ASP A 329 -18.73 2.69 26.15
N GLU A 330 -17.74 1.80 25.95
CA GLU A 330 -16.40 2.15 25.48
C GLU A 330 -16.45 2.54 24.01
N ILE A 331 -16.98 1.64 23.15
CA ILE A 331 -17.05 1.77 21.69
C ILE A 331 -17.83 3.03 21.25
N GLN A 332 -18.83 3.44 22.05
CA GLN A 332 -19.63 4.64 21.86
C GLN A 332 -18.86 5.94 22.21
N ASN A 333 -17.84 5.90 23.08
CA ASN A 333 -17.31 7.09 23.76
C ASN A 333 -15.78 7.27 23.69
N THR A 334 -14.99 6.20 23.77
CA THR A 334 -13.52 6.24 23.86
C THR A 334 -12.95 4.94 23.28
N LEU A 335 -12.32 5.02 22.11
CA LEU A 335 -11.69 3.91 21.40
C LEU A 335 -10.55 4.40 20.49
N THR A 336 -10.74 5.57 19.87
CA THR A 336 -9.85 6.26 18.95
C THR A 336 -10.01 5.66 17.54
N SER A 337 -9.10 4.79 17.10
CA SER A 337 -9.09 4.16 15.79
C SER A 337 -8.26 2.85 15.75
N PRO A 338 -6.97 2.83 16.17
CA PRO A 338 -6.03 1.71 16.02
C PRO A 338 -6.54 0.28 16.30
N GLN A 339 -7.03 -0.01 17.51
CA GLN A 339 -7.42 -1.37 17.91
C GLN A 339 -8.80 -1.77 17.33
N PHE A 340 -9.61 -0.80 16.88
CA PHE A 340 -10.87 -1.03 16.18
C PHE A 340 -10.59 -1.53 14.75
N GLN A 341 -9.55 -0.99 14.09
CA GLN A 341 -9.08 -1.45 12.78
C GLN A 341 -8.33 -2.80 12.87
N GLN A 342 -7.83 -3.19 14.05
CA GLN A 342 -7.37 -4.54 14.32
C GLN A 342 -8.59 -5.47 14.48
N ALA A 343 -9.56 -5.09 15.33
CA ALA A 343 -10.82 -5.82 15.57
C ALA A 343 -11.62 -6.12 14.30
N LEU A 344 -11.71 -5.15 13.39
CA LEU A 344 -12.27 -5.30 12.03
C LEU A 344 -11.50 -6.31 11.15
N GLY A 345 -10.30 -6.73 11.53
CA GLY A 345 -9.45 -7.66 10.81
C GLY A 345 -9.62 -9.08 11.35
N MET A 346 -9.80 -9.23 12.67
CA MET A 346 -10.25 -10.47 13.30
C MET A 346 -11.69 -10.79 12.85
N PHE A 347 -12.53 -9.75 12.74
CA PHE A 347 -13.88 -9.80 12.18
C PHE A 347 -13.84 -10.22 10.70
N SER A 348 -12.95 -9.65 9.88
CA SER A 348 -12.77 -10.00 8.47
C SER A 348 -12.34 -11.46 8.27
N ALA A 349 -11.47 -11.99 9.16
CA ALA A 349 -11.04 -13.40 9.15
C ALA A 349 -12.21 -14.36 9.41
N ALA A 350 -13.07 -14.03 10.38
CA ALA A 350 -14.27 -14.81 10.72
C ALA A 350 -15.35 -14.68 9.63
N LEU A 351 -15.52 -13.47 9.07
CA LEU A 351 -16.45 -13.14 8.01
C LEU A 351 -16.08 -13.86 6.69
N ALA A 352 -14.79 -13.91 6.35
CA ALA A 352 -14.27 -14.58 5.16
C ALA A 352 -14.31 -16.11 5.28
N SER A 353 -14.16 -16.64 6.51
CA SER A 353 -14.30 -18.06 6.84
C SER A 353 -15.77 -18.50 6.70
N GLY A 354 -16.71 -17.70 7.24
CA GLY A 354 -18.15 -17.95 7.22
C GLY A 354 -18.68 -18.34 8.60
N GLN A 355 -17.77 -18.53 9.57
CA GLN A 355 -18.03 -18.93 10.95
C GLN A 355 -18.76 -17.83 11.77
N LEU A 356 -18.71 -16.59 11.29
CA LEU A 356 -19.34 -15.42 11.91
C LEU A 356 -20.87 -15.44 11.71
N GLY A 357 -21.32 -15.86 10.51
CA GLY A 357 -22.67 -16.24 10.10
C GLY A 357 -23.68 -16.56 11.21
N PRO A 358 -23.54 -17.72 11.90
CA PRO A 358 -24.34 -18.13 13.08
C PRO A 358 -24.54 -17.07 14.18
N LEU A 359 -23.53 -16.22 14.47
CA LEU A 359 -23.64 -15.13 15.44
C LEU A 359 -24.32 -13.93 14.77
N MET A 360 -24.01 -13.64 13.50
CA MET A 360 -24.62 -12.60 12.68
C MET A 360 -26.16 -12.73 12.60
N CYS A 361 -26.66 -13.97 12.58
CA CYS A 361 -28.08 -14.34 12.64
C CYS A 361 -28.75 -13.97 13.98
N GLN A 362 -28.01 -13.93 15.10
CA GLN A 362 -28.55 -13.77 16.46
C GLN A 362 -28.78 -12.28 16.78
N PHE A 363 -27.96 -11.37 16.22
CA PHE A 363 -27.97 -9.96 16.55
C PHE A 363 -29.13 -9.19 15.88
N GLY A 364 -29.60 -9.64 14.71
CA GLY A 364 -30.73 -9.06 14.00
C GLY A 364 -30.30 -8.19 12.81
N LEU A 365 -29.05 -8.34 12.36
CA LEU A 365 -28.41 -7.61 11.26
C LEU A 365 -29.06 -7.90 9.89
N PRO A 366 -28.88 -7.03 8.85
CA PRO A 366 -29.51 -7.15 7.52
C PRO A 366 -29.43 -8.54 6.88
N ALA A 367 -30.55 -9.05 6.34
CA ALA A 367 -30.69 -10.40 5.80
C ALA A 367 -29.70 -10.73 4.67
N GLU A 368 -29.43 -9.75 3.80
CA GLU A 368 -28.49 -9.86 2.69
C GLU A 368 -27.02 -9.90 3.18
N ALA A 369 -26.73 -9.22 4.30
CA ALA A 369 -25.41 -9.21 4.94
C ALA A 369 -25.21 -10.52 5.73
N VAL A 370 -26.22 -10.95 6.50
CA VAL A 370 -26.23 -12.20 7.26
C VAL A 370 -26.07 -13.43 6.34
N GLU A 371 -26.70 -13.44 5.16
CA GLU A 371 -26.51 -14.46 4.13
C GLU A 371 -25.05 -14.49 3.62
N ALA A 372 -24.49 -13.31 3.28
CA ALA A 372 -23.10 -13.15 2.85
C ALA A 372 -22.08 -13.59 3.93
N ALA A 373 -22.37 -13.28 5.20
CA ALA A 373 -21.55 -13.64 6.36
C ALA A 373 -21.60 -15.14 6.71
N ASN A 374 -22.63 -15.86 6.26
CA ASN A 374 -22.73 -17.33 6.36
C ASN A 374 -22.04 -17.99 5.17
N LYS A 375 -22.16 -17.42 3.96
CA LYS A 375 -21.54 -17.93 2.73
C LYS A 375 -20.02 -17.70 2.72
N GLY A 376 -19.54 -16.58 3.26
CA GLY A 376 -18.13 -16.25 3.42
C GLY A 376 -17.69 -15.05 2.58
N ASP A 377 -18.63 -14.25 2.04
CA ASP A 377 -18.36 -13.13 1.15
C ASP A 377 -18.29 -11.83 1.98
N VAL A 378 -17.15 -11.14 1.92
CA VAL A 378 -16.86 -9.90 2.63
C VAL A 378 -17.39 -8.68 1.84
N GLU A 379 -17.45 -8.76 0.50
CA GLU A 379 -17.81 -7.65 -0.37
C GLU A 379 -19.34 -7.47 -0.41
N ALA A 380 -20.09 -8.57 -0.50
CA ALA A 380 -21.56 -8.58 -0.47
C ALA A 380 -22.09 -8.17 0.92
N PHE A 381 -21.35 -8.53 1.98
CA PHE A 381 -21.60 -8.09 3.36
C PHE A 381 -21.44 -6.57 3.48
N ALA A 382 -20.31 -6.02 3.03
CA ALA A 382 -20.00 -4.59 3.07
C ALA A 382 -21.00 -3.76 2.25
N LYS A 383 -21.35 -4.21 1.04
CA LYS A 383 -22.34 -3.59 0.18
C LYS A 383 -23.76 -3.59 0.78
N ALA A 384 -24.16 -4.72 1.39
CA ALA A 384 -25.45 -4.85 2.06
C ALA A 384 -25.54 -3.94 3.31
N MET A 385 -24.49 -3.90 4.13
CA MET A 385 -24.43 -3.10 5.34
C MET A 385 -24.37 -1.60 5.03
N GLN A 386 -23.63 -1.20 3.98
CA GLN A 386 -23.53 0.18 3.49
C GLN A 386 -24.88 0.68 2.95
N ASN A 387 -25.63 -0.17 2.23
CA ASN A 387 -26.96 0.16 1.70
C ASN A 387 -28.04 0.24 2.80
N ASN A 388 -27.90 -0.51 3.90
CA ASN A 388 -28.83 -0.46 5.04
C ASN A 388 -28.45 0.68 6.02
N ALA A 389 -27.34 1.39 5.78
CA ALA A 389 -26.94 2.58 6.54
C ALA A 389 -27.53 3.88 5.92
N LYS A 390 -28.21 3.80 4.77
CA LYS A 390 -28.82 4.94 4.07
C LYS A 390 -30.15 5.38 4.75
N PRO A 391 -30.51 6.68 4.71
CA PRO A 391 -31.76 7.19 5.28
C PRO A 391 -32.98 6.91 4.37
N GLU A 392 -34.18 7.12 4.93
CA GLU A 392 -35.50 7.07 4.27
C GLU A 392 -36.09 5.65 4.16
N GLN A 393 -35.40 4.65 4.72
CA GLN A 393 -35.80 3.24 4.80
C GLN A 393 -37.02 3.06 5.73
N LYS A 394 -37.92 2.14 5.34
CA LYS A 394 -39.23 1.90 5.94
C LYS A 394 -39.50 0.40 6.14
N GLU A 395 -38.46 -0.43 6.12
CA GLU A 395 -38.54 -1.90 6.20
C GLU A 395 -38.85 -2.40 7.64
N GLY A 396 -38.57 -1.60 8.67
CA GLY A 396 -38.90 -1.86 10.07
C GLY A 396 -37.64 -2.07 10.92
N ASP A 397 -37.67 -1.59 12.17
CA ASP A 397 -36.56 -1.72 13.13
C ASP A 397 -36.60 -3.11 13.79
N THR A 398 -37.79 -3.57 14.20
CA THR A 398 -38.06 -4.81 14.91
C THR A 398 -39.40 -5.40 14.45
N LYS A 399 -39.56 -6.72 14.56
CA LYS A 399 -40.83 -7.43 14.40
C LYS A 399 -41.64 -7.35 15.71
N ASP A 400 -42.97 -7.53 15.60
CA ASP A 400 -43.93 -7.55 16.71
C ASP A 400 -45.03 -8.58 16.43
N LYS A 401 -45.55 -8.56 15.20
CA LYS A 401 -46.63 -9.39 14.63
C LYS A 401 -48.02 -8.80 14.97
N LYS A 402 -48.10 -7.49 15.26
CA LYS A 402 -49.32 -6.80 15.64
C LYS A 402 -50.16 -6.50 14.39
N ASP A 403 -51.16 -7.34 14.13
CA ASP A 403 -52.18 -7.19 13.09
C ASP A 403 -53.51 -7.77 13.57
N GLU A 404 -53.46 -9.01 14.11
CA GLU A 404 -54.47 -9.63 14.96
C GLU A 404 -55.73 -10.09 14.19
N GLU A 405 -55.55 -10.99 13.22
CA GLU A 405 -56.63 -11.52 12.38
C GLU A 405 -57.53 -12.52 13.17
N GLU A 406 -56.93 -13.33 14.05
CA GLU A 406 -57.59 -14.40 14.82
C GLU A 406 -57.24 -14.37 16.31
N ASP A 407 -56.40 -13.40 16.73
CA ASP A 407 -55.86 -13.25 18.08
C ASP A 407 -56.87 -12.54 19.00
N MET A 408 -58.08 -13.10 19.12
CA MET A 408 -59.19 -12.63 19.94
C MET A 408 -59.02 -13.17 21.37
N SER A 409 -59.29 -12.32 22.37
CA SER A 409 -59.37 -12.69 23.78
C SER A 409 -60.88 -12.85 24.08
N LEU A 410 -61.31 -14.07 24.41
CA LEU A 410 -62.71 -14.44 24.64
C LEU A 410 -63.18 -14.10 26.07
N ASP A 411 -62.25 -13.69 26.94
CA ASP A 411 -62.44 -13.13 28.28
C ASP A 411 -61.32 -12.10 28.45
N MET A 5 35.32 37.89 -31.22
CA MET A 5 34.93 36.82 -32.14
C MET A 5 34.45 37.43 -33.47
N THR A 6 34.29 36.61 -34.53
CA THR A 6 33.93 37.06 -35.89
C THR A 6 32.48 37.62 -35.94
N THR A 7 31.58 37.11 -35.09
CA THR A 7 30.18 37.54 -34.94
C THR A 7 30.08 38.60 -33.81
N SER A 8 31.20 39.24 -33.45
CA SER A 8 31.43 40.17 -32.33
C SER A 8 31.75 39.35 -31.08
N GLY A 9 30.74 38.65 -30.52
CA GLY A 9 30.86 37.71 -29.42
C GLY A 9 29.96 38.14 -28.24
N ALA A 10 29.34 37.14 -27.60
CA ALA A 10 28.65 37.27 -26.31
C ALA A 10 29.64 36.93 -25.18
N LEU A 11 29.24 37.17 -23.93
CA LEU A 11 30.02 36.89 -22.71
C LEU A 11 29.97 35.37 -22.38
N PHE A 12 30.51 34.57 -23.29
CA PHE A 12 30.77 33.13 -23.12
C PHE A 12 32.03 32.85 -22.25
N PRO A 13 33.19 33.57 -22.38
CA PRO A 13 34.41 33.31 -21.60
C PRO A 13 34.31 33.25 -20.06
N SER A 14 33.32 33.89 -19.45
CA SER A 14 33.14 33.95 -18.00
C SER A 14 31.65 33.85 -17.64
N LEU A 15 31.38 33.11 -16.56
CA LEU A 15 30.10 32.98 -15.88
C LEU A 15 30.03 33.92 -14.66
N VAL A 16 31.10 34.69 -14.38
CA VAL A 16 31.34 35.54 -13.21
C VAL A 16 31.65 34.64 -11.98
N PRO A 17 32.83 33.98 -11.92
CA PRO A 17 33.19 33.07 -10.82
C PRO A 17 33.70 33.82 -9.57
N GLY A 18 34.07 33.07 -8.53
CA GLY A 18 34.68 33.54 -7.29
C GLY A 18 33.90 33.12 -6.04
N SER A 19 32.60 32.84 -6.17
CA SER A 19 31.68 32.31 -5.15
C SER A 19 31.28 33.37 -4.12
N ARG A 20 30.43 32.96 -3.16
CA ARG A 20 30.22 33.59 -1.85
C ARG A 20 31.28 33.09 -0.85
N GLY A 21 32.02 32.02 -1.20
CA GLY A 21 33.04 31.36 -0.39
C GLY A 21 32.66 29.90 -0.10
N ALA A 22 32.01 29.23 -1.08
CA ALA A 22 31.35 27.92 -1.04
C ALA A 22 29.89 28.06 -0.58
N SER A 23 29.02 27.18 -1.05
CA SER A 23 27.58 27.19 -0.81
C SER A 23 27.08 25.73 -0.78
N ASN A 24 27.30 25.06 0.35
CA ASN A 24 26.96 23.64 0.59
C ASN A 24 25.67 23.53 1.43
N LYS A 25 24.87 24.61 1.50
CA LYS A 25 23.63 24.77 2.27
C LYS A 25 22.43 23.99 1.69
N TYR A 26 22.61 22.67 1.50
CA TYR A 26 21.64 21.65 1.10
C TYR A 26 21.46 21.57 -0.42
N LEU A 27 21.12 20.39 -0.92
CA LEU A 27 20.87 20.11 -2.34
C LEU A 27 19.44 20.52 -2.70
N VAL A 28 18.47 20.21 -1.82
CA VAL A 28 17.07 20.62 -1.88
C VAL A 28 16.60 20.91 -0.44
N GLU A 29 15.63 21.82 -0.29
CA GLU A 29 14.86 22.10 0.92
C GLU A 29 13.47 22.59 0.47
N PHE A 30 12.39 21.99 0.99
CA PHE A 30 11.00 22.35 0.70
C PHE A 30 10.09 22.02 1.88
N ARG A 31 9.04 22.83 2.12
CA ARG A 31 8.13 22.64 3.26
C ARG A 31 7.08 21.59 2.87
N ALA A 32 7.16 20.41 3.50
CA ALA A 32 6.26 19.29 3.33
C ALA A 32 6.25 18.48 4.63
N GLY A 33 5.12 17.84 4.92
CA GLY A 33 4.89 17.03 6.11
C GLY A 33 4.83 15.57 5.70
N LYS A 34 5.29 14.67 6.58
CA LYS A 34 5.29 13.23 6.36
C LYS A 34 3.94 12.61 6.79
N MET A 35 3.86 11.29 6.71
CA MET A 35 2.80 10.46 7.26
C MET A 35 3.47 9.33 8.05
N SER A 36 2.84 8.89 9.14
CA SER A 36 3.39 7.93 10.09
C SER A 36 2.30 6.98 10.62
N LEU A 37 2.71 5.82 11.16
CA LEU A 37 1.82 4.85 11.79
C LEU A 37 1.56 5.28 13.25
N LYS A 38 0.29 5.25 13.66
CA LYS A 38 -0.20 5.56 15.00
C LYS A 38 -0.76 4.27 15.65
N GLY A 39 -0.27 3.11 15.19
CA GLY A 39 -0.79 1.78 15.45
C GLY A 39 -1.15 1.19 14.09
N THR A 40 -2.32 0.55 13.98
CA THR A 40 -2.90 -0.01 12.76
C THR A 40 -3.21 1.09 11.71
N THR A 41 -3.47 2.32 12.19
CA THR A 41 -3.84 3.49 11.41
C THR A 41 -2.55 4.17 10.91
N VAL A 42 -2.49 4.48 9.60
CA VAL A 42 -1.53 5.40 9.01
C VAL A 42 -2.20 6.78 9.06
N THR A 43 -1.51 7.77 9.62
CA THR A 43 -2.01 9.11 9.93
C THR A 43 -1.05 10.14 9.30
N PRO A 44 -1.54 11.22 8.67
CA PRO A 44 -0.69 12.32 8.20
C PRO A 44 -0.24 13.20 9.38
N ASP A 45 1.04 13.57 9.42
CA ASP A 45 1.60 14.42 10.47
C ASP A 45 1.19 15.87 10.18
N LYS A 46 0.57 16.51 11.17
CA LYS A 46 0.07 17.88 11.12
C LYS A 46 1.12 18.88 11.63
N ARG A 47 2.35 18.41 11.86
CA ARG A 47 3.54 19.22 12.18
C ARG A 47 3.96 20.04 10.95
N LYS A 48 4.53 21.23 11.19
CA LYS A 48 5.09 22.10 10.17
C LYS A 48 6.45 21.51 9.79
N GLY A 49 6.57 20.92 8.60
CA GLY A 49 7.68 20.07 8.22
C GLY A 49 8.53 20.71 7.14
N LEU A 50 9.82 20.35 7.12
CA LEU A 50 10.75 20.62 6.02
C LEU A 50 11.34 19.27 5.63
N VAL A 51 11.19 18.88 4.36
CA VAL A 51 11.96 17.82 3.71
C VAL A 51 13.22 18.53 3.18
N TYR A 52 14.40 17.96 3.41
CA TYR A 52 15.68 18.53 3.00
C TYR A 52 16.66 17.41 2.64
N ILE A 53 17.61 17.72 1.75
CA ILE A 53 18.54 16.76 1.15
C ILE A 53 19.96 17.34 1.27
N GLN A 54 20.88 16.54 1.81
CA GLN A 54 22.31 16.79 1.95
C GLN A 54 23.06 15.63 1.28
N GLN A 55 24.35 15.48 1.59
CA GLN A 55 25.26 14.46 1.06
C GLN A 55 26.23 14.04 2.18
N THR A 56 26.57 12.75 2.22
CA THR A 56 27.52 12.15 3.15
C THR A 56 28.97 12.41 2.69
N ASP A 57 29.95 12.18 3.57
CA ASP A 57 31.40 12.23 3.26
C ASP A 57 31.83 11.09 2.32
N ASP A 58 31.02 10.03 2.20
CA ASP A 58 31.19 8.89 1.28
C ASP A 58 30.65 9.21 -0.13
N SER A 59 29.97 10.35 -0.31
CA SER A 59 29.45 10.95 -1.54
C SER A 59 28.04 10.47 -1.95
N LEU A 60 27.40 9.65 -1.09
CA LEU A 60 26.01 9.23 -1.21
C LEU A 60 25.11 10.36 -0.69
N ILE A 61 23.96 10.55 -1.32
CA ILE A 61 22.95 11.57 -1.02
C ILE A 61 22.24 11.20 0.31
N HIS A 62 21.87 12.20 1.12
CA HIS A 62 21.34 12.04 2.47
C HIS A 62 20.03 12.82 2.57
N PHE A 63 18.91 12.10 2.55
CA PHE A 63 17.54 12.64 2.63
C PHE A 63 17.14 12.69 4.11
N CYS A 64 16.50 13.78 4.55
CA CYS A 64 16.11 14.01 5.95
C CYS A 64 14.85 14.87 6.08
N TRP A 65 14.21 14.85 7.26
CA TRP A 65 13.00 15.60 7.60
C TRP A 65 13.11 16.14 9.03
N LYS A 66 12.69 17.40 9.21
CA LYS A 66 12.63 18.10 10.49
C LYS A 66 11.32 18.86 10.66
N ASP A 67 10.88 18.99 11.92
CA ASP A 67 9.74 19.79 12.34
C ASP A 67 10.26 21.22 12.56
N ARG A 68 9.67 22.19 11.87
CA ARG A 68 10.00 23.60 11.87
C ARG A 68 9.49 24.33 13.13
N THR A 69 8.68 23.68 13.98
CA THR A 69 8.12 24.27 15.20
C THR A 69 9.23 24.53 16.25
N SER A 70 10.27 23.69 16.28
CA SER A 70 11.41 23.79 17.19
C SER A 70 12.77 23.54 16.51
N GLY A 71 12.80 22.87 15.34
CA GLY A 71 14.01 22.66 14.54
C GLY A 71 14.51 21.21 14.60
N ASN A 72 13.85 20.36 15.39
CA ASN A 72 14.15 18.96 15.66
C ASN A 72 13.99 18.07 14.41
N VAL A 73 15.07 17.37 14.05
CA VAL A 73 15.12 16.36 12.99
C VAL A 73 14.55 15.05 13.55
N GLU A 74 13.69 14.38 12.77
CA GLU A 74 12.93 13.20 13.19
C GLU A 74 13.08 12.02 12.23
N ASP A 75 13.78 12.20 11.10
CA ASP A 75 14.12 11.14 10.14
C ASP A 75 15.35 11.55 9.30
N ASP A 76 16.23 10.60 9.00
CA ASP A 76 17.37 10.73 8.09
C ASP A 76 17.68 9.36 7.49
N LEU A 77 17.90 9.29 6.17
CA LEU A 77 18.22 8.10 5.39
C LEU A 77 19.24 8.44 4.30
N ILE A 78 20.26 7.58 4.12
CA ILE A 78 21.26 7.69 3.06
C ILE A 78 20.70 6.95 1.83
N ILE A 79 20.76 7.59 0.67
CA ILE A 79 20.22 7.16 -0.61
C ILE A 79 21.39 6.64 -1.47
N PHE A 80 21.19 5.49 -2.13
CA PHE A 80 22.06 4.98 -3.20
C PHE A 80 21.41 5.33 -4.56
N PRO A 81 22.19 5.57 -5.64
CA PRO A 81 21.73 5.96 -6.99
C PRO A 81 20.49 5.20 -7.53
N ASP A 82 19.33 5.87 -7.54
CA ASP A 82 18.03 5.44 -8.05
C ASP A 82 17.29 4.42 -7.15
N ASP A 83 17.87 4.05 -6.00
CA ASP A 83 17.34 3.02 -5.08
C ASP A 83 16.05 3.48 -4.39
N CYS A 84 15.90 4.79 -4.22
CA CYS A 84 14.66 5.49 -3.90
C CYS A 84 14.26 6.34 -5.11
N GLU A 85 12.96 6.53 -5.33
CA GLU A 85 12.38 7.39 -6.36
C GLU A 85 11.15 8.10 -5.77
N PHE A 86 11.04 9.41 -6.03
CA PHE A 86 10.00 10.30 -5.53
C PHE A 86 9.03 10.62 -6.67
N LYS A 87 7.72 10.57 -6.40
CA LYS A 87 6.64 10.74 -7.37
C LYS A 87 5.41 11.36 -6.67
N ARG A 88 4.54 12.01 -7.44
CA ARG A 88 3.22 12.49 -6.99
C ARG A 88 2.25 11.30 -7.03
N VAL A 89 1.32 11.24 -6.06
CA VAL A 89 0.25 10.24 -6.05
C VAL A 89 -0.85 10.73 -7.03
N PRO A 90 -1.18 9.96 -8.10
CA PRO A 90 -2.10 10.42 -9.15
C PRO A 90 -3.59 10.38 -8.74
N GLN A 91 -3.93 9.64 -7.67
CA GLN A 91 -5.27 9.52 -7.11
C GLN A 91 -5.63 10.70 -6.17
N CYS A 92 -4.69 11.62 -5.92
CA CYS A 92 -4.93 12.86 -5.16
C CYS A 92 -5.67 13.86 -6.08
N PRO A 93 -6.79 14.49 -5.63
CA PRO A 93 -7.55 15.43 -6.46
C PRO A 93 -6.87 16.81 -6.60
N SER A 94 -6.20 17.29 -5.55
CA SER A 94 -5.52 18.59 -5.54
C SER A 94 -4.08 18.47 -6.09
N GLY A 95 -3.40 17.36 -5.81
CA GLY A 95 -2.07 17.03 -6.32
C GLY A 95 -0.97 17.15 -5.26
N ARG A 96 -1.31 17.52 -4.02
CA ARG A 96 -0.36 17.88 -2.96
C ARG A 96 0.25 16.67 -2.24
N VAL A 97 -0.27 15.45 -2.44
CA VAL A 97 0.23 14.23 -1.81
C VAL A 97 1.26 13.59 -2.76
N TYR A 98 2.42 13.24 -2.20
CA TYR A 98 3.61 12.68 -2.85
C TYR A 98 4.05 11.43 -2.10
N VAL A 99 4.86 10.59 -2.73
CA VAL A 99 5.38 9.33 -2.19
C VAL A 99 6.83 9.13 -2.63
N LEU A 100 7.69 8.72 -1.70
CA LEU A 100 9.03 8.21 -1.94
C LEU A 100 8.90 6.68 -1.88
N LYS A 101 9.08 6.02 -3.02
CA LYS A 101 9.10 4.57 -3.17
C LYS A 101 10.58 4.14 -3.07
N PHE A 102 10.84 3.10 -2.29
CA PHE A 102 12.12 2.40 -2.19
C PHE A 102 11.98 1.16 -3.11
N LYS A 103 12.87 1.02 -4.10
CA LYS A 103 12.82 -0.04 -5.11
C LYS A 103 13.37 -1.37 -4.57
N ALA A 104 14.27 -1.32 -3.60
CA ALA A 104 14.69 -2.45 -2.77
C ALA A 104 13.80 -2.44 -1.50
N GLY A 105 12.99 -3.47 -1.31
CA GLY A 105 12.23 -3.73 -0.09
C GLY A 105 10.73 -3.47 -0.27
N SER A 106 10.36 -2.54 -1.16
CA SER A 106 9.00 -2.14 -1.52
C SER A 106 8.34 -1.19 -0.51
N LYS A 107 9.15 -0.59 0.38
CA LYS A 107 8.79 0.44 1.36
C LYS A 107 8.33 1.72 0.61
N ARG A 108 7.35 2.43 1.17
CA ARG A 108 6.75 3.64 0.63
C ARG A 108 6.54 4.63 1.78
N LEU A 109 7.20 5.79 1.75
CA LEU A 109 6.98 6.90 2.68
C LEU A 109 6.18 7.96 1.93
N PHE A 110 4.99 8.31 2.44
CA PHE A 110 4.09 9.29 1.86
C PHE A 110 4.33 10.64 2.54
N PHE A 111 4.18 11.73 1.76
CA PHE A 111 4.38 13.12 2.16
C PHE A 111 3.22 13.97 1.61
N TRP A 112 2.98 15.14 2.21
CA TRP A 112 2.03 16.14 1.76
C TRP A 112 2.68 17.52 1.76
N MET A 113 2.54 18.27 0.65
CA MET A 113 3.16 19.57 0.41
C MET A 113 2.47 20.65 1.25
N GLN A 114 3.25 21.51 1.92
CA GLN A 114 2.77 22.52 2.87
C GLN A 114 3.00 23.97 2.38
N GLU A 115 3.65 24.16 1.22
CA GLU A 115 3.84 25.48 0.61
C GLU A 115 2.54 25.93 -0.10
N PRO A 116 2.18 27.23 -0.07
CA PRO A 116 0.84 27.70 -0.50
C PRO A 116 0.67 27.82 -2.03
N LYS A 117 1.74 28.14 -2.77
CA LYS A 117 1.75 28.18 -4.23
C LYS A 117 2.18 26.78 -4.71
N THR A 118 1.40 26.19 -5.62
CA THR A 118 1.46 24.77 -6.00
C THR A 118 2.25 24.54 -7.30
N ASP A 119 2.71 25.60 -7.99
CA ASP A 119 3.52 25.52 -9.21
C ASP A 119 4.91 24.92 -8.92
N GLN A 120 5.47 25.28 -7.76
CA GLN A 120 6.75 24.85 -7.23
C GLN A 120 6.77 23.35 -6.86
N ASP A 121 5.61 22.71 -6.64
CA ASP A 121 5.48 21.29 -6.26
C ASP A 121 5.95 20.35 -7.38
N GLU A 122 5.86 20.80 -8.64
CA GLU A 122 6.37 20.12 -9.84
C GLU A 122 7.90 20.25 -9.89
N GLU A 123 8.42 21.46 -9.62
CA GLU A 123 9.84 21.81 -9.64
C GLU A 123 10.60 21.11 -8.49
N HIS A 124 10.00 21.04 -7.30
CA HIS A 124 10.54 20.35 -6.13
C HIS A 124 10.73 18.86 -6.40
N CYS A 125 9.70 18.20 -6.95
CA CYS A 125 9.72 16.79 -7.33
C CYS A 125 10.82 16.49 -8.37
N ARG A 126 10.95 17.36 -9.38
CA ARG A 126 12.01 17.33 -10.39
C ARG A 126 13.41 17.43 -9.75
N LYS A 127 13.63 18.46 -8.92
CA LYS A 127 14.87 18.69 -8.18
C LYS A 127 15.26 17.52 -7.25
N VAL A 128 14.30 17.01 -6.46
CA VAL A 128 14.45 15.82 -5.61
C VAL A 128 14.86 14.59 -6.43
N ASN A 129 14.02 14.17 -7.39
CA ASN A 129 14.18 12.90 -8.10
C ASN A 129 15.42 12.90 -9.02
N GLU A 130 15.85 14.07 -9.50
CA GLU A 130 17.12 14.27 -10.19
C GLU A 130 18.33 13.87 -9.33
N TYR A 131 18.39 14.31 -8.06
CA TYR A 131 19.46 13.97 -7.12
C TYR A 131 19.34 12.53 -6.59
N LEU A 132 18.13 11.95 -6.50
CA LEU A 132 17.94 10.55 -6.13
C LEU A 132 18.45 9.61 -7.24
N ASN A 133 18.21 9.96 -8.51
CA ASN A 133 18.62 9.19 -9.69
C ASN A 133 20.12 9.42 -10.00
N ASN A 134 20.55 10.68 -10.17
CA ASN A 134 21.88 11.03 -10.66
C ASN A 134 22.81 11.39 -9.48
N PRO A 135 23.90 10.63 -9.23
CA PRO A 135 24.91 11.00 -8.24
C PRO A 135 25.91 12.04 -8.81
N PRO A 136 26.69 12.75 -7.96
CA PRO A 136 27.78 13.66 -8.37
C PRO A 136 28.78 13.07 -9.39
N MET A 137 29.18 11.81 -9.19
CA MET A 137 29.96 10.96 -10.11
C MET A 137 29.38 9.54 -10.05
N PRO A 138 29.42 8.74 -11.15
CA PRO A 138 28.86 7.37 -11.22
C PRO A 138 29.22 6.41 -10.07
N GLY A 139 30.48 6.43 -9.60
CA GLY A 139 31.02 5.57 -8.54
C GLY A 139 32.17 4.73 -9.07
N ALA A 140 32.37 3.54 -8.48
CA ALA A 140 33.39 2.56 -8.83
C ALA A 140 32.88 1.14 -8.53
N LEU A 141 33.69 0.13 -8.89
CA LEU A 141 33.41 -1.30 -8.74
C LEU A 141 33.66 -1.78 -7.29
N GLY A 142 34.41 -1.00 -6.49
CA GLY A 142 34.83 -1.30 -5.12
C GLY A 142 36.34 -1.20 -4.98
N ALA A 143 36.86 -1.45 -3.77
CA ALA A 143 38.29 -1.38 -3.45
C ALA A 143 39.05 -2.63 -3.94
N SER A 144 38.43 -3.80 -3.85
CA SER A 144 38.96 -5.08 -4.33
C SER A 144 37.79 -6.03 -4.65
N GLY A 145 37.90 -6.81 -5.74
CA GLY A 145 36.88 -7.72 -6.23
C GLY A 145 36.44 -7.32 -7.65
N SER A 146 35.49 -8.04 -8.22
CA SER A 146 34.84 -7.77 -9.51
C SER A 146 33.40 -8.32 -9.46
N SER A 147 32.50 -7.71 -10.25
CA SER A 147 31.06 -7.98 -10.35
C SER A 147 30.25 -7.29 -9.22
N GLY A 148 28.94 -7.23 -9.35
CA GLY A 148 27.98 -6.75 -8.36
C GLY A 148 27.14 -7.93 -7.86
N HIS A 149 25.83 -7.72 -7.68
CA HIS A 149 24.89 -8.76 -7.24
C HIS A 149 24.51 -9.69 -8.42
N GLU A 150 24.31 -9.10 -9.62
CA GLU A 150 24.08 -9.75 -10.91
C GLU A 150 22.67 -10.36 -11.05
N LEU A 151 22.38 -10.96 -12.21
CA LEU A 151 21.14 -11.64 -12.56
C LEU A 151 21.26 -13.17 -12.27
N SER A 152 22.24 -13.55 -11.43
CA SER A 152 22.71 -14.89 -11.06
C SER A 152 23.87 -15.35 -11.96
N ALA A 153 24.80 -16.11 -11.39
CA ALA A 153 25.93 -16.72 -12.09
C ALA A 153 25.54 -18.08 -12.72
N LEU A 154 24.46 -18.70 -12.21
CA LEU A 154 23.81 -19.95 -12.65
C LEU A 154 24.52 -21.20 -12.10
N GLY A 155 23.78 -22.30 -11.97
CA GLY A 155 24.25 -23.64 -11.60
C GLY A 155 23.99 -24.57 -12.79
N GLY A 156 23.00 -25.47 -12.65
CA GLY A 156 22.51 -26.34 -13.72
C GLY A 156 22.70 -27.83 -13.44
N GLU A 157 23.34 -28.19 -12.32
CA GLU A 157 23.60 -29.57 -11.90
C GLU A 157 22.33 -30.25 -11.35
N GLY A 158 21.39 -29.47 -10.81
CA GLY A 158 20.09 -29.91 -10.32
C GLY A 158 20.05 -29.80 -8.80
N GLY A 159 20.78 -30.70 -8.14
CA GLY A 159 20.82 -30.91 -6.70
C GLY A 159 20.43 -32.35 -6.35
N LEU A 160 20.33 -32.64 -5.06
CA LEU A 160 19.90 -33.94 -4.54
C LEU A 160 18.36 -34.02 -4.48
N GLN A 161 17.70 -32.86 -4.39
CA GLN A 161 16.26 -32.65 -4.32
C GLN A 161 15.63 -33.07 -5.67
N SER A 162 14.78 -34.09 -5.63
CA SER A 162 14.16 -34.73 -6.78
C SER A 162 12.81 -35.35 -6.38
N LEU A 163 11.93 -35.60 -7.36
CA LEU A 163 10.66 -36.28 -7.18
C LEU A 163 10.93 -37.80 -7.22
N LEU A 164 11.11 -38.40 -6.03
CA LEU A 164 11.42 -39.81 -5.85
C LEU A 164 10.10 -40.61 -5.78
N GLY A 165 9.98 -41.65 -6.60
CA GLY A 165 8.88 -42.60 -6.64
C GLY A 165 9.46 -44.01 -6.51
N ASN A 166 9.60 -44.50 -5.26
CA ASN A 166 10.17 -45.79 -4.90
C ASN A 166 9.62 -46.25 -3.54
N MET A 167 9.94 -47.49 -3.15
CA MET A 167 9.72 -48.04 -1.82
C MET A 167 10.69 -47.36 -0.83
N SER A 168 10.19 -46.97 0.34
CA SER A 168 10.94 -46.36 1.43
C SER A 168 11.64 -47.48 2.23
N HIS A 169 12.85 -47.87 1.78
CA HIS A 169 13.72 -48.83 2.47
C HIS A 169 14.44 -48.18 3.67
N SER A 170 14.49 -46.84 3.68
CA SER A 170 14.83 -45.96 4.78
C SER A 170 14.02 -44.66 4.59
N GLN A 171 14.14 -43.74 5.54
CA GLN A 171 13.56 -42.39 5.54
C GLN A 171 14.58 -41.41 6.10
N LEU A 172 15.20 -41.77 7.23
CA LEU A 172 16.33 -41.14 7.88
C LEU A 172 17.11 -42.25 8.58
N MET A 173 18.44 -42.25 8.48
CA MET A 173 19.32 -43.21 9.16
C MET A 173 19.46 -42.83 10.65
N GLN A 174 19.59 -41.52 10.92
CA GLN A 174 19.51 -40.83 12.22
C GLN A 174 20.83 -40.91 13.01
N LEU A 175 21.19 -39.83 13.71
CA LEU A 175 22.33 -39.76 14.63
C LEU A 175 21.89 -40.26 16.02
N ILE A 176 22.83 -40.82 16.78
CA ILE A 176 22.60 -41.34 18.13
C ILE A 176 22.37 -40.18 19.13
N GLY A 177 21.50 -40.40 20.11
CA GLY A 177 21.16 -39.46 21.18
C GLY A 177 21.44 -40.09 22.55
N PRO A 178 22.68 -40.01 23.07
CA PRO A 178 23.00 -40.48 24.43
C PRO A 178 22.49 -39.51 25.51
N ALA A 179 22.53 -38.21 25.23
CA ALA A 179 21.87 -37.13 25.96
C ALA A 179 20.58 -36.74 25.22
N GLY A 180 19.82 -35.79 25.77
CA GLY A 180 18.66 -35.18 25.15
C GLY A 180 19.09 -33.77 24.71
N LEU A 181 19.30 -33.60 23.40
CA LEU A 181 19.99 -32.47 22.81
C LEU A 181 19.03 -31.29 22.62
N GLY A 182 19.48 -30.08 23.00
CA GLY A 182 18.81 -28.80 22.83
C GLY A 182 19.76 -27.84 22.10
N GLY A 183 19.95 -26.65 22.67
CA GLY A 183 20.77 -25.56 22.13
C GLY A 183 19.94 -24.29 21.96
N LEU A 184 20.62 -23.13 21.90
CA LEU A 184 20.02 -21.79 21.73
C LEU A 184 19.72 -21.56 20.23
N GLY A 185 18.79 -22.35 19.70
CA GLY A 185 18.28 -22.32 18.33
C GLY A 185 16.78 -22.07 18.39
N GLY A 186 15.98 -23.08 18.07
CA GLY A 186 14.51 -23.05 18.06
C GLY A 186 13.98 -23.47 16.68
N LEU A 187 12.84 -22.92 16.30
CA LEU A 187 12.15 -23.15 15.03
C LEU A 187 12.66 -22.15 13.96
N GLY A 188 11.94 -22.02 12.85
CA GLY A 188 12.27 -21.18 11.70
C GLY A 188 11.98 -21.94 10.40
N ALA A 189 11.30 -21.26 9.48
CA ALA A 189 10.89 -21.72 8.16
C ALA A 189 10.62 -20.48 7.29
N LEU A 190 10.89 -20.58 5.98
CA LEU A 190 10.63 -19.58 4.93
C LEU A 190 11.54 -18.34 5.09
N THR A 191 11.20 -17.48 6.05
CA THR A 191 11.91 -16.25 6.42
C THR A 191 13.11 -16.58 7.34
N GLY A 192 13.09 -17.74 8.01
CA GLY A 192 14.16 -18.28 8.84
C GLY A 192 14.66 -19.62 8.28
N PRO A 193 15.86 -20.11 8.69
CA PRO A 193 16.46 -21.34 8.16
C PRO A 193 15.75 -22.59 8.70
N GLY A 194 15.20 -23.40 7.80
CA GLY A 194 14.54 -24.68 8.09
C GLY A 194 15.20 -25.82 7.30
N LEU A 195 15.30 -25.66 5.98
CA LEU A 195 15.95 -26.56 5.01
C LEU A 195 15.08 -27.78 4.65
N ALA A 196 13.76 -27.65 4.81
CA ALA A 196 12.73 -28.62 4.47
C ALA A 196 11.44 -27.91 4.06
N SER A 197 11.02 -26.92 4.86
CA SER A 197 9.84 -26.08 4.68
C SER A 197 10.12 -24.95 3.65
N LEU A 198 10.50 -25.34 2.42
CA LEU A 198 10.73 -24.45 1.28
C LEU A 198 9.40 -24.04 0.62
N LEU A 199 8.35 -24.86 0.79
CA LEU A 199 6.95 -24.66 0.40
C LEU A 199 6.67 -24.98 -1.09
N GLY A 200 7.61 -25.66 -1.76
CA GLY A 200 7.51 -26.20 -3.10
C GLY A 200 7.79 -27.71 -3.09
N SER A 201 7.71 -28.37 -4.25
CA SER A 201 7.98 -29.79 -4.43
C SER A 201 8.59 -30.02 -5.82
N SER A 202 7.80 -29.83 -6.88
CA SER A 202 8.21 -29.96 -8.28
C SER A 202 8.84 -28.63 -8.77
N GLY A 203 8.02 -27.60 -8.94
CA GLY A 203 8.39 -26.26 -9.40
C GLY A 203 7.78 -25.96 -10.78
N PRO A 204 8.09 -24.79 -11.39
CA PRO A 204 7.68 -24.41 -12.75
C PRO A 204 8.04 -25.48 -13.82
N PRO A 205 7.15 -25.76 -14.82
CA PRO A 205 7.39 -26.71 -15.92
C PRO A 205 8.73 -26.54 -16.67
N GLY A 206 9.14 -25.30 -16.98
CA GLY A 206 10.41 -24.94 -17.60
C GLY A 206 10.26 -24.38 -19.02
N SER A 207 9.02 -24.36 -19.55
CA SER A 207 8.57 -23.83 -20.84
C SER A 207 8.75 -24.82 -22.02
N SER A 208 9.20 -26.04 -21.73
CA SER A 208 9.40 -27.16 -22.64
C SER A 208 9.42 -28.44 -21.79
N SER A 209 9.19 -29.60 -22.40
CA SER A 209 9.39 -30.93 -21.81
C SER A 209 10.88 -31.32 -21.77
N SER A 210 11.69 -30.72 -22.67
CA SER A 210 13.10 -31.00 -22.92
C SER A 210 13.29 -32.29 -23.75
N SER A 211 12.21 -32.80 -24.36
CA SER A 211 12.16 -34.05 -25.12
C SER A 211 11.12 -33.88 -26.25
N SER A 212 11.47 -33.10 -27.27
CA SER A 212 10.67 -32.87 -28.48
C SER A 212 10.81 -34.08 -29.43
N SER A 213 9.68 -34.60 -29.93
CA SER A 213 9.63 -35.71 -30.89
C SER A 213 9.90 -35.16 -32.31
N ARG A 214 10.54 -35.97 -33.17
CA ARG A 214 10.86 -35.65 -34.56
C ARG A 214 9.63 -35.90 -35.44
N SER A 215 9.28 -34.91 -36.27
CA SER A 215 8.28 -34.96 -37.33
C SER A 215 8.82 -34.05 -38.44
N GLN A 216 8.76 -34.51 -39.70
CA GLN A 216 9.37 -33.97 -40.92
C GLN A 216 10.83 -34.43 -41.07
N SER A 217 11.26 -34.72 -42.30
CA SER A 217 12.61 -35.14 -42.65
C SER A 217 13.07 -34.62 -44.03
N ALA A 218 12.26 -33.80 -44.73
CA ALA A 218 12.61 -33.13 -45.99
C ALA A 218 13.39 -31.82 -45.76
N ALA A 219 13.56 -31.39 -44.50
CA ALA A 219 14.32 -30.20 -44.10
C ALA A 219 15.84 -30.44 -44.29
N VAL A 220 16.55 -29.39 -44.71
CA VAL A 220 17.98 -29.38 -45.04
C VAL A 220 18.67 -28.15 -44.43
N THR A 221 20.01 -28.21 -44.35
CA THR A 221 20.98 -27.17 -44.00
C THR A 221 20.89 -26.77 -42.50
N PRO A 222 21.56 -27.52 -41.57
CA PRO A 222 21.64 -27.20 -40.14
C PRO A 222 22.07 -25.77 -39.79
N SER A 223 21.67 -25.30 -38.59
CA SER A 223 21.97 -23.99 -38.00
C SER A 223 21.06 -22.88 -38.55
N SER A 224 19.83 -23.26 -38.95
CA SER A 224 18.77 -22.42 -39.49
C SER A 224 18.13 -21.54 -38.39
N THR A 225 18.90 -20.59 -37.85
CA THR A 225 18.61 -19.70 -36.71
C THR A 225 17.44 -18.70 -36.95
N THR A 226 16.83 -18.71 -38.14
CA THR A 226 15.69 -17.88 -38.56
C THR A 226 14.59 -18.78 -39.17
N SER A 227 14.23 -19.84 -38.44
CA SER A 227 13.17 -20.79 -38.77
C SER A 227 12.37 -21.16 -37.52
N SER A 228 11.22 -21.81 -37.71
CA SER A 228 10.32 -22.32 -36.67
C SER A 228 9.64 -23.59 -37.23
N THR A 229 9.17 -24.46 -36.33
CA THR A 229 8.24 -25.55 -36.63
C THR A 229 6.86 -24.95 -36.99
N ARG A 230 6.09 -25.64 -37.84
CA ARG A 230 4.72 -25.26 -38.19
C ARG A 230 3.80 -25.60 -37.01
N ALA A 231 3.15 -24.58 -36.43
CA ALA A 231 2.13 -24.68 -35.40
C ALA A 231 1.16 -23.50 -35.51
N THR A 232 0.16 -23.46 -34.63
CA THR A 232 -0.74 -22.34 -34.39
C THR A 232 -1.14 -22.37 -32.90
N PRO A 233 -0.93 -21.30 -32.08
CA PRO A 233 -1.32 -21.24 -30.67
C PRO A 233 -2.81 -21.55 -30.41
N ALA A 234 -3.09 -22.51 -29.52
CA ALA A 234 -4.42 -22.83 -29.03
C ALA A 234 -5.08 -21.73 -28.16
N PRO A 235 -4.39 -21.03 -27.22
CA PRO A 235 -4.97 -19.95 -26.40
C PRO A 235 -5.69 -18.82 -27.17
N SER A 236 -5.12 -18.42 -28.33
CA SER A 236 -5.58 -17.38 -29.25
C SER A 236 -5.24 -15.96 -28.74
N ALA A 237 -5.26 -14.96 -29.63
CA ALA A 237 -5.00 -13.55 -29.33
C ALA A 237 -5.90 -12.62 -30.17
N PRO A 238 -7.23 -12.55 -29.89
CA PRO A 238 -8.15 -11.67 -30.63
C PRO A 238 -8.10 -10.20 -30.18
N ALA A 239 -7.63 -9.92 -28.96
CA ALA A 239 -7.51 -8.59 -28.37
C ALA A 239 -6.28 -7.85 -28.91
N ALA A 240 -6.38 -6.52 -29.02
CA ALA A 240 -5.33 -5.59 -29.45
C ALA A 240 -5.57 -4.23 -28.80
N ALA A 241 -4.59 -3.33 -28.88
CA ALA A 241 -4.60 -1.97 -28.34
C ALA A 241 -5.42 -1.02 -29.26
N SER A 242 -6.69 -1.36 -29.48
CA SER A 242 -7.64 -0.71 -30.38
C SER A 242 -9.03 -0.52 -29.73
N ALA A 243 -9.20 -0.95 -28.47
CA ALA A 243 -10.41 -0.97 -27.66
C ALA A 243 -11.37 -2.06 -28.16
N THR A 244 -12.06 -1.78 -29.28
CA THR A 244 -12.82 -2.70 -30.14
C THR A 244 -14.17 -3.14 -29.52
N SER A 245 -14.20 -3.40 -28.21
CA SER A 245 -15.36 -3.76 -27.41
C SER A 245 -15.25 -3.13 -26.00
N PRO A 246 -15.54 -1.83 -25.81
CA PRO A 246 -15.41 -1.14 -24.51
C PRO A 246 -16.56 -1.42 -23.51
N SER A 247 -17.39 -2.45 -23.74
CA SER A 247 -18.48 -2.93 -22.91
C SER A 247 -18.32 -2.94 -21.36
N PRO A 248 -17.17 -3.36 -20.74
CA PRO A 248 -16.98 -3.27 -19.29
C PRO A 248 -16.54 -1.87 -18.76
N ALA A 249 -16.25 -0.89 -19.62
CA ALA A 249 -15.73 0.43 -19.21
C ALA A 249 -16.69 1.31 -18.37
N PRO A 250 -18.02 1.41 -18.63
CA PRO A 250 -18.98 2.21 -17.82
C PRO A 250 -18.95 1.91 -16.30
N SER A 251 -19.16 2.93 -15.48
CA SER A 251 -19.21 2.87 -14.03
C SER A 251 -20.20 3.93 -13.50
N SER A 252 -20.77 3.71 -12.31
CA SER A 252 -21.76 4.58 -11.66
C SER A 252 -21.57 4.70 -10.13
N GLY A 253 -20.40 4.31 -9.61
CA GLY A 253 -20.05 4.33 -8.19
C GLY A 253 -18.88 5.29 -7.88
N ASN A 254 -18.34 5.96 -8.91
CA ASN A 254 -17.28 6.98 -8.85
C ASN A 254 -17.68 8.11 -9.82
N GLY A 255 -16.72 8.71 -10.53
CA GLY A 255 -16.95 9.73 -11.56
C GLY A 255 -16.36 11.11 -11.19
N ALA A 256 -15.52 11.17 -10.16
CA ALA A 256 -14.93 12.41 -9.62
C ALA A 256 -13.83 13.01 -10.54
N SER A 257 -13.32 12.24 -11.50
CA SER A 257 -12.40 12.66 -12.56
C SER A 257 -12.57 11.70 -13.75
N THR A 258 -12.63 12.24 -14.96
CA THR A 258 -12.73 11.52 -16.23
C THR A 258 -11.31 11.24 -16.79
N ALA A 259 -11.14 10.09 -17.44
CA ALA A 259 -9.94 9.62 -18.15
C ALA A 259 -8.87 9.02 -17.20
N ALA A 260 -7.70 8.68 -17.76
CA ALA A 260 -6.51 8.07 -17.15
C ALA A 260 -6.57 6.54 -17.15
N SER A 261 -5.40 5.90 -17.03
CA SER A 261 -5.26 4.44 -16.91
C SER A 261 -5.47 4.00 -15.44
N PRO A 262 -5.96 2.77 -15.18
CA PRO A 262 -6.19 2.26 -13.82
C PRO A 262 -4.88 1.79 -13.16
N THR A 263 -4.85 1.79 -11.82
CA THR A 263 -3.75 1.24 -11.01
C THR A 263 -3.88 -0.30 -11.05
N GLN A 264 -2.81 -1.00 -11.42
CA GLN A 264 -2.70 -2.46 -11.43
C GLN A 264 -1.55 -2.86 -10.48
N PRO A 265 -1.84 -3.26 -9.21
CA PRO A 265 -0.84 -3.73 -8.23
C PRO A 265 0.06 -4.86 -8.75
N ILE A 266 1.37 -4.78 -8.47
CA ILE A 266 2.36 -5.82 -8.68
C ILE A 266 2.99 -6.06 -7.29
N GLN A 267 4.00 -5.25 -6.91
CA GLN A 267 4.64 -5.27 -5.59
C GLN A 267 3.71 -4.69 -4.49
N LEU A 268 2.71 -3.91 -4.91
CA LEU A 268 1.81 -3.12 -4.08
C LEU A 268 0.68 -3.98 -3.45
N SER A 269 1.02 -5.22 -3.05
CA SER A 269 0.13 -6.21 -2.48
C SER A 269 0.88 -7.05 -1.43
N ASP A 270 1.40 -8.22 -1.84
CA ASP A 270 2.12 -9.19 -1.03
C ASP A 270 3.30 -8.58 -0.24
N LEU A 271 4.25 -7.92 -0.92
CA LEU A 271 5.43 -7.30 -0.30
C LEU A 271 5.07 -6.19 0.71
N GLN A 272 4.03 -5.39 0.43
CA GLN A 272 3.49 -4.39 1.36
C GLN A 272 2.90 -5.05 2.62
N SER A 273 2.16 -6.16 2.47
CA SER A 273 1.59 -6.91 3.60
C SER A 273 2.69 -7.55 4.47
N ILE A 274 3.77 -8.05 3.87
CA ILE A 274 4.92 -8.66 4.54
C ILE A 274 5.64 -7.62 5.43
N LEU A 275 6.08 -6.47 4.87
CA LEU A 275 6.78 -5.43 5.63
C LEU A 275 5.89 -4.76 6.69
N ALA A 276 4.57 -4.76 6.50
CA ALA A 276 3.60 -4.32 7.50
C ALA A 276 3.51 -5.34 8.64
N THR A 277 3.30 -6.64 8.34
CA THR A 277 3.17 -7.74 9.31
C THR A 277 4.42 -7.91 10.21
N MET A 278 5.59 -7.46 9.75
CA MET A 278 6.85 -7.43 10.50
C MET A 278 6.92 -6.28 11.54
N ASN A 279 5.91 -5.40 11.61
CA ASN A 279 5.87 -4.24 12.51
C ASN A 279 4.48 -4.09 13.16
N VAL A 280 3.43 -3.89 12.35
CA VAL A 280 2.02 -3.81 12.74
C VAL A 280 1.18 -4.26 11.52
N PRO A 281 0.61 -5.49 11.49
CA PRO A 281 -0.15 -6.01 10.34
C PRO A 281 -1.33 -5.13 9.89
N ALA A 282 -1.50 -5.00 8.57
CA ALA A 282 -2.69 -4.44 7.92
C ALA A 282 -3.77 -5.52 7.74
N GLY A 283 -3.39 -6.80 7.87
CA GLY A 283 -4.22 -7.98 7.69
C GLY A 283 -3.58 -8.93 6.67
N PRO A 284 -2.98 -10.06 7.10
CA PRO A 284 -2.40 -11.05 6.18
C PRO A 284 -3.47 -11.97 5.56
N ALA A 285 -4.51 -12.32 6.32
CA ALA A 285 -5.63 -13.18 5.90
C ALA A 285 -6.79 -12.36 5.29
N GLY A 286 -6.80 -11.05 5.52
CA GLY A 286 -7.76 -10.09 4.99
C GLY A 286 -7.00 -8.98 4.28
N GLY A 287 -6.91 -7.81 4.91
CA GLY A 287 -6.16 -6.63 4.48
C GLY A 287 -7.03 -5.38 4.40
N GLN A 288 -8.36 -5.55 4.31
CA GLN A 288 -9.32 -4.48 4.10
C GLN A 288 -9.87 -3.91 5.43
N GLN A 289 -9.63 -4.58 6.58
CA GLN A 289 -10.13 -4.21 7.91
C GLN A 289 -9.77 -2.79 8.39
N VAL A 290 -8.69 -2.22 7.87
CA VAL A 290 -8.23 -0.85 8.15
C VAL A 290 -9.20 0.16 7.47
N ASP A 291 -9.70 -0.16 6.27
CA ASP A 291 -10.62 0.66 5.48
C ASP A 291 -12.07 0.37 5.88
N LEU A 292 -12.42 -0.89 6.16
CA LEU A 292 -13.78 -1.32 6.55
C LEU A 292 -14.28 -0.66 7.84
N ALA A 293 -13.37 -0.23 8.72
CA ALA A 293 -13.67 0.55 9.94
C ALA A 293 -14.37 1.89 9.67
N SER A 294 -14.23 2.46 8.46
CA SER A 294 -14.89 3.69 8.03
C SER A 294 -16.25 3.40 7.36
N VAL A 295 -16.53 2.14 6.98
CA VAL A 295 -17.78 1.69 6.37
C VAL A 295 -18.67 1.12 7.50
N LEU A 296 -18.14 0.13 8.21
CA LEU A 296 -18.74 -0.57 9.34
C LEU A 296 -18.24 0.15 10.60
N THR A 297 -18.79 1.33 10.85
CA THR A 297 -18.39 2.25 11.93
C THR A 297 -18.82 1.73 13.32
N PRO A 298 -18.24 2.24 14.44
CA PRO A 298 -18.65 1.92 15.81
C PRO A 298 -20.16 2.04 16.09
N GLU A 299 -20.86 2.94 15.41
CA GLU A 299 -22.31 3.15 15.46
C GLU A 299 -23.11 1.89 15.05
N ILE A 300 -22.58 1.13 14.10
CA ILE A 300 -23.17 -0.10 13.57
C ILE A 300 -22.61 -1.31 14.36
N MET A 301 -21.30 -1.32 14.65
CA MET A 301 -20.58 -2.51 15.10
C MET A 301 -20.56 -2.68 16.62
N ALA A 302 -20.62 -1.60 17.42
CA ALA A 302 -20.52 -1.62 18.89
C ALA A 302 -21.35 -2.69 19.64
N PRO A 303 -22.67 -2.84 19.42
CA PRO A 303 -23.46 -3.89 20.09
C PRO A 303 -23.21 -5.31 19.55
N ILE A 304 -22.63 -5.45 18.35
CA ILE A 304 -22.26 -6.73 17.75
C ILE A 304 -20.96 -7.22 18.41
N LEU A 305 -19.96 -6.32 18.54
CA LEU A 305 -18.66 -6.58 19.15
C LEU A 305 -18.76 -6.78 20.68
N ALA A 306 -19.75 -6.18 21.33
CA ALA A 306 -19.95 -6.21 22.78
C ALA A 306 -20.61 -7.51 23.29
N ASN A 307 -21.10 -8.39 22.43
CA ASN A 307 -21.73 -9.65 22.83
C ASN A 307 -20.64 -10.62 23.35
N ALA A 308 -20.88 -11.26 24.50
CA ALA A 308 -19.96 -12.17 25.19
C ALA A 308 -19.51 -13.36 24.32
N ASP A 309 -20.41 -13.89 23.48
CA ASP A 309 -20.14 -15.00 22.57
C ASP A 309 -19.37 -14.55 21.30
N VAL A 310 -19.13 -13.26 21.13
CA VAL A 310 -18.25 -12.66 20.13
C VAL A 310 -16.93 -12.27 20.83
N GLN A 311 -16.97 -11.64 22.02
CA GLN A 311 -15.80 -11.24 22.82
C GLN A 311 -14.83 -12.41 23.10
N GLU A 312 -15.36 -13.57 23.48
CA GLU A 312 -14.60 -14.79 23.78
C GLU A 312 -14.00 -15.45 22.52
N ARG A 313 -14.36 -15.00 21.31
CA ARG A 313 -13.71 -15.38 20.06
C ARG A 313 -12.65 -14.33 19.73
N LEU A 314 -13.01 -13.04 19.79
CA LEU A 314 -12.15 -11.90 19.48
C LEU A 314 -10.90 -11.80 20.38
N LEU A 315 -11.05 -11.92 21.70
CA LEU A 315 -9.96 -11.93 22.69
C LEU A 315 -8.76 -12.85 22.36
N PRO A 316 -8.93 -14.18 22.16
CA PRO A 316 -7.84 -15.07 21.73
C PRO A 316 -7.41 -14.92 20.24
N TYR A 317 -8.16 -14.22 19.39
CA TYR A 317 -7.78 -13.96 17.99
C TYR A 317 -6.86 -12.72 17.86
N LEU A 318 -6.62 -11.95 18.94
CA LEU A 318 -5.65 -10.85 18.99
C LEU A 318 -4.19 -11.39 18.97
N PRO A 319 -3.21 -10.60 18.50
CA PRO A 319 -1.78 -10.97 18.54
C PRO A 319 -1.14 -10.83 19.94
N SER A 320 -1.82 -10.13 20.86
CA SER A 320 -1.48 -9.78 22.25
C SER A 320 -0.82 -8.40 22.34
N GLY A 321 -1.10 -7.65 23.42
CA GLY A 321 -0.59 -6.31 23.67
C GLY A 321 -1.69 -5.24 23.70
N GLU A 322 -2.93 -5.61 23.32
CA GLU A 322 -4.13 -4.80 23.33
C GLU A 322 -5.27 -5.60 23.97
N SER A 323 -6.34 -4.92 24.39
CA SER A 323 -7.59 -5.49 24.90
C SER A 323 -8.75 -4.64 24.35
N LEU A 324 -9.83 -5.29 23.90
CA LEU A 324 -11.08 -4.62 23.53
C LEU A 324 -11.84 -4.19 24.80
N PRO A 325 -12.53 -3.03 24.82
CA PRO A 325 -13.43 -2.65 25.92
C PRO A 325 -14.67 -3.57 25.97
N GLN A 326 -15.20 -3.81 27.18
CA GLN A 326 -16.08 -4.94 27.47
C GLN A 326 -17.58 -4.67 27.20
N THR A 327 -17.98 -3.43 26.93
CA THR A 327 -19.38 -3.01 26.79
C THR A 327 -19.54 -2.08 25.56
N ALA A 328 -20.72 -2.09 24.93
CA ALA A 328 -21.02 -1.37 23.68
C ALA A 328 -20.87 0.15 23.83
N ASP A 329 -21.25 0.69 25.00
CA ASP A 329 -21.14 2.09 25.38
C ASP A 329 -19.68 2.58 25.37
N GLU A 330 -18.75 1.75 25.84
CA GLU A 330 -17.33 2.06 25.87
C GLU A 330 -16.70 1.87 24.48
N ILE A 331 -17.10 0.84 23.72
CA ILE A 331 -16.69 0.61 22.33
C ILE A 331 -17.11 1.80 21.42
N GLN A 332 -18.35 2.30 21.58
CA GLN A 332 -18.88 3.38 20.76
C GLN A 332 -18.25 4.75 21.11
N ASN A 333 -18.00 5.04 22.39
CA ASN A 333 -17.52 6.35 22.85
C ASN A 333 -15.98 6.46 22.89
N THR A 334 -15.28 5.41 23.33
CA THR A 334 -13.95 5.52 23.94
C THR A 334 -13.00 4.46 23.35
N LEU A 335 -12.47 4.74 22.16
CA LEU A 335 -11.30 4.11 21.59
C LEU A 335 -10.61 5.09 20.62
N THR A 336 -9.29 4.94 20.44
CA THR A 336 -8.44 5.85 19.66
C THR A 336 -8.45 5.47 18.16
N SER A 337 -8.99 4.28 17.81
CA SER A 337 -9.19 3.67 16.49
C SER A 337 -8.32 2.46 16.08
N PRO A 338 -6.99 2.36 16.38
CA PRO A 338 -6.16 1.18 16.08
C PRO A 338 -6.74 -0.19 16.52
N GLN A 339 -7.27 -0.28 17.75
CA GLN A 339 -7.88 -1.48 18.30
C GLN A 339 -9.22 -1.81 17.62
N PHE A 340 -9.95 -0.79 17.10
CA PHE A 340 -11.18 -1.00 16.35
C PHE A 340 -10.85 -1.58 14.96
N GLN A 341 -9.76 -1.13 14.32
CA GLN A 341 -9.25 -1.68 13.06
C GLN A 341 -8.63 -3.09 13.24
N GLN A 342 -8.14 -3.42 14.44
CA GLN A 342 -7.76 -4.78 14.83
C GLN A 342 -9.04 -5.63 14.99
N ALA A 343 -10.04 -5.15 15.75
CA ALA A 343 -11.32 -5.80 16.01
C ALA A 343 -12.10 -6.13 14.74
N LEU A 344 -12.11 -5.22 13.76
CA LEU A 344 -12.63 -5.42 12.40
C LEU A 344 -11.86 -6.50 11.63
N GLY A 345 -10.65 -6.88 12.03
CA GLY A 345 -9.80 -7.87 11.38
C GLY A 345 -10.00 -9.24 12.02
N MET A 346 -10.19 -9.29 13.35
CA MET A 346 -10.70 -10.47 14.06
C MET A 346 -12.11 -10.85 13.57
N PHE A 347 -12.95 -9.83 13.31
CA PHE A 347 -14.27 -9.94 12.68
C PHE A 347 -14.13 -10.49 11.25
N SER A 348 -13.41 -9.80 10.35
CA SER A 348 -13.21 -10.18 8.94
C SER A 348 -12.63 -11.59 8.74
N ALA A 349 -11.72 -12.05 9.61
CA ALA A 349 -11.13 -13.39 9.55
C ALA A 349 -12.17 -14.51 9.78
N ALA A 350 -13.07 -14.33 10.77
CA ALA A 350 -14.14 -15.26 11.09
C ALA A 350 -15.29 -15.13 10.08
N LEU A 351 -15.56 -13.90 9.61
CA LEU A 351 -16.57 -13.58 8.59
C LEU A 351 -16.21 -14.21 7.24
N ALA A 352 -14.92 -14.17 6.84
CA ALA A 352 -14.41 -14.74 5.60
C ALA A 352 -14.40 -16.27 5.61
N SER A 353 -14.17 -16.88 6.78
CA SER A 353 -14.21 -18.33 6.97
C SER A 353 -15.67 -18.83 6.97
N GLY A 354 -16.63 -18.01 7.43
CA GLY A 354 -18.07 -18.24 7.36
C GLY A 354 -18.69 -18.57 8.72
N GLN A 355 -17.83 -18.80 9.73
CA GLN A 355 -18.19 -19.30 11.07
C GLN A 355 -18.83 -18.22 11.96
N LEU A 356 -18.71 -16.94 11.61
CA LEU A 356 -19.34 -15.83 12.34
C LEU A 356 -20.82 -15.70 11.94
N GLY A 357 -21.14 -15.97 10.65
CA GLY A 357 -22.45 -16.17 10.02
C GLY A 357 -23.66 -16.39 10.94
N PRO A 358 -23.77 -17.57 11.60
CA PRO A 358 -24.85 -17.92 12.55
C PRO A 358 -25.19 -16.90 13.66
N LEU A 359 -24.22 -16.05 14.06
CA LEU A 359 -24.41 -15.05 15.11
C LEU A 359 -25.12 -13.80 14.54
N MET A 360 -24.96 -13.51 13.25
CA MET A 360 -25.55 -12.35 12.56
C MET A 360 -27.08 -12.48 12.47
N CYS A 361 -27.58 -13.72 12.46
CA CYS A 361 -28.99 -14.11 12.48
C CYS A 361 -29.66 -13.78 13.82
N GLN A 362 -28.89 -13.66 14.92
CA GLN A 362 -29.40 -13.47 16.28
C GLN A 362 -29.58 -11.97 16.56
N PHE A 363 -28.71 -11.11 16.02
CA PHE A 363 -28.76 -9.66 16.19
C PHE A 363 -29.87 -9.03 15.32
N GLY A 364 -30.14 -9.60 14.14
CA GLY A 364 -31.26 -9.20 13.28
C GLY A 364 -30.81 -8.41 12.06
N LEU A 365 -29.56 -8.60 11.61
CA LEU A 365 -28.93 -7.88 10.50
C LEU A 365 -29.56 -8.26 9.13
N PRO A 366 -29.43 -7.41 8.08
CA PRO A 366 -29.99 -7.64 6.73
C PRO A 366 -29.71 -9.03 6.14
N ALA A 367 -30.72 -9.67 5.53
CA ALA A 367 -30.68 -11.06 5.04
C ALA A 367 -29.56 -11.32 4.02
N GLU A 368 -29.26 -10.33 3.17
CA GLU A 368 -28.21 -10.37 2.16
C GLU A 368 -26.80 -10.31 2.81
N ALA A 369 -26.66 -9.58 3.93
CA ALA A 369 -25.44 -9.51 4.71
C ALA A 369 -25.26 -10.80 5.54
N VAL A 370 -26.34 -11.32 6.15
CA VAL A 370 -26.37 -12.60 6.85
C VAL A 370 -25.98 -13.78 5.94
N GLU A 371 -26.48 -13.82 4.69
CA GLU A 371 -26.08 -14.79 3.67
C GLU A 371 -24.58 -14.68 3.33
N ALA A 372 -24.09 -13.45 3.09
CA ALA A 372 -22.69 -13.14 2.78
C ALA A 372 -21.73 -13.53 3.93
N ALA A 373 -22.15 -13.30 5.18
CA ALA A 373 -21.42 -13.64 6.40
C ALA A 373 -21.32 -15.15 6.65
N ASN A 374 -22.26 -15.94 6.11
CA ASN A 374 -22.25 -17.40 6.17
C ASN A 374 -21.44 -17.98 5.01
N LYS A 375 -21.58 -17.42 3.79
CA LYS A 375 -20.89 -17.88 2.58
C LYS A 375 -19.40 -17.47 2.54
N GLY A 376 -19.01 -16.35 3.16
CA GLY A 376 -17.61 -15.95 3.35
C GLY A 376 -17.25 -14.66 2.60
N ASP A 377 -18.23 -13.89 2.11
CA ASP A 377 -18.05 -12.74 1.24
C ASP A 377 -18.05 -11.45 2.09
N VAL A 378 -16.86 -11.04 2.54
CA VAL A 378 -16.61 -9.83 3.34
C VAL A 378 -17.04 -8.56 2.57
N GLU A 379 -16.74 -8.51 1.26
CA GLU A 379 -17.07 -7.40 0.37
C GLU A 379 -18.60 -7.23 0.22
N ALA A 380 -19.33 -8.34 0.06
CA ALA A 380 -20.78 -8.35 -0.12
C ALA A 380 -21.51 -8.03 1.20
N PHE A 381 -20.97 -8.46 2.34
CA PHE A 381 -21.41 -8.08 3.68
C PHE A 381 -21.29 -6.56 3.87
N ALA A 382 -20.11 -6.00 3.55
CA ALA A 382 -19.79 -4.58 3.65
C ALA A 382 -20.70 -3.73 2.76
N LYS A 383 -20.81 -4.08 1.47
CA LYS A 383 -21.65 -3.41 0.48
C LYS A 383 -23.16 -3.47 0.83
N ALA A 384 -23.65 -4.60 1.35
CA ALA A 384 -25.04 -4.77 1.77
C ALA A 384 -25.35 -3.93 3.02
N MET A 385 -24.45 -3.91 4.01
CA MET A 385 -24.63 -3.15 5.24
C MET A 385 -24.40 -1.63 5.02
N GLN A 386 -23.59 -1.25 4.03
CA GLN A 386 -23.37 0.12 3.58
C GLN A 386 -24.62 0.67 2.85
N ASN A 387 -25.34 -0.18 2.10
CA ASN A 387 -26.59 0.18 1.43
C ASN A 387 -27.73 0.33 2.46
N ASN A 388 -27.69 -0.44 3.55
CA ASN A 388 -28.66 -0.43 4.66
C ASN A 388 -28.16 0.44 5.84
N ALA A 389 -27.22 1.35 5.60
CA ALA A 389 -26.63 2.26 6.60
C ALA A 389 -27.52 3.48 6.91
N LYS A 390 -28.72 3.53 6.33
CA LYS A 390 -29.76 4.54 6.56
C LYS A 390 -31.11 3.81 6.62
N PRO A 391 -32.12 4.32 7.37
CA PRO A 391 -33.44 3.67 7.46
C PRO A 391 -34.31 3.90 6.20
N GLU A 392 -34.01 4.95 5.42
CA GLU A 392 -34.67 5.35 4.16
C GLU A 392 -35.92 6.22 4.42
N GLN A 393 -36.03 6.77 5.64
CA GLN A 393 -37.11 7.65 6.08
C GLN A 393 -36.89 9.05 5.48
N LYS A 394 -37.94 9.60 4.84
CA LYS A 394 -37.94 10.86 4.10
C LYS A 394 -39.30 11.58 4.13
N GLU A 395 -40.38 10.90 4.53
CA GLU A 395 -41.77 11.33 4.48
C GLU A 395 -42.14 12.37 5.57
N GLY A 396 -41.27 12.60 6.55
CA GLY A 396 -41.51 13.45 7.71
C GLY A 396 -40.73 14.77 7.67
N ASP A 397 -40.00 15.01 6.57
CA ASP A 397 -39.23 16.21 6.22
C ASP A 397 -38.07 16.40 7.21
N THR A 398 -37.14 15.43 7.21
CA THR A 398 -35.97 15.35 8.08
C THR A 398 -34.82 16.26 7.61
N LYS A 399 -34.92 16.84 6.41
CA LYS A 399 -34.00 17.85 5.85
C LYS A 399 -34.36 19.28 6.34
N ASP A 400 -35.47 19.40 7.08
CA ASP A 400 -36.07 20.61 7.67
C ASP A 400 -37.17 21.22 6.79
N LYS A 401 -38.11 21.93 7.42
CA LYS A 401 -39.31 22.51 6.84
C LYS A 401 -39.01 23.94 6.34
N LYS A 402 -39.88 24.44 5.46
CA LYS A 402 -39.89 25.85 5.00
C LYS A 402 -40.67 26.72 6.01
N ASP A 403 -40.52 28.04 5.90
CA ASP A 403 -41.16 29.06 6.76
C ASP A 403 -42.68 29.05 6.57
N GLU A 404 -43.43 28.82 7.65
CA GLU A 404 -44.89 28.81 7.70
C GLU A 404 -45.43 30.16 8.19
N GLU A 405 -46.76 30.30 8.13
CA GLU A 405 -47.55 31.42 8.64
C GLU A 405 -48.81 30.83 9.33
N GLU A 406 -48.58 29.91 10.26
CA GLU A 406 -49.58 29.11 10.97
C GLU A 406 -50.40 29.94 12.01
N ASP A 407 -49.96 31.16 12.33
CA ASP A 407 -50.52 32.05 13.34
C ASP A 407 -51.93 32.55 13.00
N MET A 408 -52.20 32.79 11.70
CA MET A 408 -53.47 33.24 11.12
C MET A 408 -53.85 34.68 11.55
N SER A 409 -52.85 35.55 11.69
CA SER A 409 -52.97 36.95 12.15
C SER A 409 -53.49 37.83 10.99
N LEU A 410 -54.74 37.61 10.57
CA LEU A 410 -55.46 38.33 9.53
C LEU A 410 -56.02 39.64 10.10
N ASP A 411 -56.04 40.69 9.27
CA ASP A 411 -56.65 41.99 9.52
C ASP A 411 -57.04 42.56 8.16
N MET A 5 35.32 49.09 -8.31
CA MET A 5 35.74 48.31 -9.50
C MET A 5 35.15 46.90 -9.43
N THR A 6 35.00 46.25 -10.58
CA THR A 6 34.56 44.85 -10.75
C THR A 6 35.47 44.19 -11.78
N THR A 7 35.91 42.95 -11.51
CA THR A 7 36.79 42.15 -12.38
C THR A 7 35.96 41.62 -13.58
N SER A 8 36.55 41.62 -14.78
CA SER A 8 35.94 41.14 -16.03
C SER A 8 36.03 39.60 -16.10
N GLY A 9 35.22 38.92 -15.27
CA GLY A 9 35.08 37.47 -15.19
C GLY A 9 33.65 37.05 -15.49
N ALA A 10 33.45 35.79 -15.92
CA ALA A 10 32.16 35.22 -16.29
C ALA A 10 31.35 34.75 -15.06
N LEU A 11 32.00 34.55 -13.92
CA LEU A 11 31.43 34.13 -12.65
C LEU A 11 32.24 34.77 -11.51
N PHE A 12 31.58 35.08 -10.39
CA PHE A 12 32.19 35.66 -9.19
C PHE A 12 32.82 34.55 -8.31
N PRO A 13 33.83 34.86 -7.45
CA PRO A 13 34.49 33.91 -6.54
C PRO A 13 33.58 32.95 -5.74
N SER A 14 32.44 33.45 -5.26
CA SER A 14 31.31 32.72 -4.68
C SER A 14 31.51 32.31 -3.20
N LEU A 15 30.40 31.99 -2.53
CA LEU A 15 30.24 31.47 -1.16
C LEU A 15 30.22 32.59 -0.11
N VAL A 16 29.27 32.49 0.84
CA VAL A 16 29.05 33.34 2.02
C VAL A 16 28.63 34.78 1.60
N PRO A 17 27.35 35.01 1.21
CA PRO A 17 26.81 36.33 0.81
C PRO A 17 27.04 37.47 1.83
N GLY A 18 26.89 37.18 3.13
CA GLY A 18 27.06 38.11 4.23
C GLY A 18 28.12 37.55 5.18
N SER A 19 27.68 36.86 6.23
CA SER A 19 28.50 36.17 7.22
C SER A 19 27.68 34.96 7.72
N ARG A 20 28.36 33.86 8.09
CA ARG A 20 27.81 32.59 8.57
C ARG A 20 27.29 31.73 7.41
N GLY A 21 26.87 30.48 7.70
CA GLY A 21 26.22 29.58 6.73
C GLY A 21 27.07 28.35 6.39
N ALA A 22 28.13 28.07 7.14
CA ALA A 22 29.05 26.95 6.95
C ALA A 22 28.33 25.59 7.09
N SER A 23 28.34 24.80 6.02
CA SER A 23 27.67 23.52 5.84
C SER A 23 28.30 22.81 4.63
N ASN A 24 27.87 21.57 4.37
CA ASN A 24 28.09 20.85 3.11
C ASN A 24 27.18 21.46 2.01
N LYS A 25 26.02 22.01 2.40
CA LYS A 25 24.97 22.68 1.62
C LYS A 25 23.86 21.70 1.19
N TYR A 26 22.63 22.21 1.07
CA TYR A 26 21.46 21.44 0.64
C TYR A 26 21.49 21.28 -0.89
N LEU A 27 21.15 20.08 -1.38
CA LEU A 27 21.00 19.78 -2.80
C LEU A 27 19.54 20.08 -3.22
N VAL A 28 18.58 19.77 -2.34
CA VAL A 28 17.15 20.07 -2.48
C VAL A 28 16.65 20.53 -1.10
N GLU A 29 15.63 21.40 -1.07
CA GLU A 29 15.02 22.01 0.11
C GLU A 29 13.55 22.35 -0.24
N PHE A 30 12.57 21.94 0.56
CA PHE A 30 11.15 22.33 0.42
C PHE A 30 10.38 22.18 1.72
N ARG A 31 9.41 23.07 1.97
CA ARG A 31 8.53 23.01 3.13
C ARG A 31 7.43 21.97 2.86
N ALA A 32 7.40 20.92 3.68
CA ALA A 32 6.46 19.82 3.59
C ALA A 32 6.30 19.13 4.94
N GLY A 33 5.14 18.52 5.14
CA GLY A 33 4.79 17.69 6.29
C GLY A 33 4.70 16.23 5.83
N LYS A 34 4.33 15.33 6.74
CA LYS A 34 4.41 13.88 6.59
C LYS A 34 3.20 13.16 7.20
N MET A 35 3.13 11.85 6.99
CA MET A 35 2.14 10.95 7.56
C MET A 35 2.85 9.96 8.48
N SER A 36 2.22 9.65 9.63
CA SER A 36 2.74 8.76 10.66
C SER A 36 1.59 7.88 11.19
N LEU A 37 1.93 6.68 11.71
CA LEU A 37 0.97 5.79 12.35
C LEU A 37 0.69 6.27 13.78
N LYS A 38 -0.58 6.18 14.18
CA LYS A 38 -1.12 6.50 15.50
C LYS A 38 -1.78 5.24 16.09
N GLY A 39 -1.21 4.08 15.78
CA GLY A 39 -1.75 2.74 16.01
C GLY A 39 -1.88 2.08 14.64
N THR A 40 -3.06 1.54 14.31
CA THR A 40 -3.40 1.02 12.99
C THR A 40 -3.65 2.18 11.99
N THR A 41 -4.09 3.33 12.49
CA THR A 41 -4.52 4.51 11.77
C THR A 41 -3.29 5.33 11.31
N VAL A 42 -3.20 5.63 10.01
CA VAL A 42 -2.22 6.56 9.44
C VAL A 42 -2.83 7.97 9.57
N THR A 43 -2.11 8.90 10.20
CA THR A 43 -2.52 10.27 10.46
C THR A 43 -1.55 11.23 9.74
N PRO A 44 -2.03 12.20 8.92
CA PRO A 44 -1.20 13.29 8.40
C PRO A 44 -0.97 14.34 9.50
N ASP A 45 0.29 14.79 9.68
CA ASP A 45 0.72 15.72 10.72
C ASP A 45 0.17 17.16 10.47
N LYS A 46 0.41 18.06 11.43
CA LYS A 46 -0.06 19.45 11.44
C LYS A 46 1.03 20.46 11.84
N ARG A 47 2.32 20.09 11.85
CA ARG A 47 3.43 21.00 12.14
C ARG A 47 3.99 21.59 10.84
N LYS A 48 4.69 22.72 10.93
CA LYS A 48 5.50 23.27 9.85
C LYS A 48 6.82 22.48 9.77
N GLY A 49 7.07 21.84 8.64
CA GLY A 49 8.20 20.95 8.39
C GLY A 49 9.02 21.42 7.20
N LEU A 50 10.25 20.91 7.08
CA LEU A 50 11.15 21.12 5.97
C LEU A 50 11.77 19.76 5.61
N VAL A 51 11.58 19.30 4.37
CA VAL A 51 12.34 18.21 3.76
C VAL A 51 13.58 18.87 3.13
N TYR A 52 14.72 18.20 3.24
CA TYR A 52 15.95 18.58 2.55
C TYR A 52 16.76 17.34 2.17
N ILE A 53 17.60 17.49 1.15
CA ILE A 53 18.52 16.48 0.66
C ILE A 53 19.92 17.10 0.72
N GLN A 54 20.90 16.33 1.17
CA GLN A 54 22.29 16.70 1.37
C GLN A 54 23.17 15.50 1.01
N GLN A 55 24.48 15.72 0.82
CA GLN A 55 25.46 14.67 0.56
C GLN A 55 26.20 14.35 1.89
N THR A 56 26.54 13.08 2.12
CA THR A 56 27.33 12.63 3.26
C THR A 56 28.82 12.94 3.00
N ASP A 57 29.65 12.90 4.04
CA ASP A 57 31.12 12.99 3.95
C ASP A 57 31.72 11.79 3.18
N ASP A 58 31.03 10.64 3.19
CA ASP A 58 31.34 9.40 2.48
C ASP A 58 31.05 9.51 0.96
N SER A 59 30.27 10.52 0.55
CA SER A 59 29.89 10.90 -0.82
C SER A 59 28.62 10.20 -1.35
N LEU A 60 27.76 9.71 -0.44
CA LEU A 60 26.42 9.20 -0.72
C LEU A 60 25.42 10.36 -0.51
N ILE A 61 24.18 10.19 -0.94
CA ILE A 61 23.09 11.15 -0.73
C ILE A 61 22.36 10.74 0.56
N HIS A 62 21.83 11.71 1.30
CA HIS A 62 20.92 11.50 2.43
C HIS A 62 19.72 12.46 2.34
N PHE A 63 18.54 11.90 2.54
CA PHE A 63 17.23 12.56 2.53
C PHE A 63 16.81 12.67 4.00
N CYS A 64 16.42 13.86 4.45
CA CYS A 64 16.14 14.15 5.85
C CYS A 64 15.03 15.21 6.00
N TRP A 65 14.45 15.29 7.21
CA TRP A 65 13.34 16.16 7.56
C TRP A 65 13.56 16.73 8.97
N LYS A 66 13.19 18.00 9.16
CA LYS A 66 13.21 18.72 10.43
C LYS A 66 11.92 19.52 10.63
N ASP A 67 11.50 19.70 11.89
CA ASP A 67 10.42 20.58 12.33
C ASP A 67 10.95 22.03 12.28
N ARG A 68 10.22 22.95 11.64
CA ARG A 68 10.59 24.37 11.56
C ARG A 68 10.26 25.13 12.86
N THR A 69 9.55 24.48 13.79
CA THR A 69 9.20 24.97 15.13
C THR A 69 10.40 24.91 16.10
N SER A 70 11.47 24.18 15.75
CA SER A 70 12.64 23.93 16.59
C SER A 70 13.96 23.97 15.79
N GLY A 71 14.02 23.22 14.68
CA GLY A 71 15.20 23.02 13.84
C GLY A 71 15.80 21.63 13.99
N ASN A 72 15.23 20.79 14.87
CA ASN A 72 15.69 19.44 15.19
C ASN A 72 15.34 18.47 14.06
N VAL A 73 16.33 17.70 13.58
CA VAL A 73 16.16 16.63 12.60
C VAL A 73 15.72 15.38 13.37
N GLU A 74 14.59 14.79 12.97
CA GLU A 74 13.96 13.63 13.61
C GLU A 74 13.68 12.49 12.61
N ASP A 75 14.05 12.66 11.34
CA ASP A 75 13.90 11.69 10.26
C ASP A 75 15.05 11.92 9.27
N ASP A 76 15.87 10.89 9.02
CA ASP A 76 17.12 10.96 8.24
C ASP A 76 17.45 9.55 7.73
N LEU A 77 17.58 9.37 6.41
CA LEU A 77 17.96 8.12 5.75
C LEU A 77 18.93 8.41 4.59
N ILE A 78 19.99 7.58 4.47
CA ILE A 78 20.96 7.59 3.38
C ILE A 78 20.34 6.84 2.18
N ILE A 79 20.50 7.39 0.98
CA ILE A 79 19.93 6.92 -0.27
C ILE A 79 21.08 6.56 -1.22
N PHE A 80 21.00 5.39 -1.85
CA PHE A 80 21.88 4.90 -2.91
C PHE A 80 21.18 5.06 -4.28
N PRO A 81 21.92 5.14 -5.40
CA PRO A 81 21.32 5.35 -6.73
C PRO A 81 20.48 4.15 -7.19
N ASP A 82 19.23 4.43 -7.60
CA ASP A 82 18.21 3.51 -8.13
C ASP A 82 17.40 2.79 -7.03
N ASP A 83 17.83 2.92 -5.77
CA ASP A 83 17.33 2.16 -4.62
C ASP A 83 15.98 2.72 -4.08
N CYS A 84 15.74 4.01 -4.29
CA CYS A 84 14.52 4.74 -3.90
C CYS A 84 14.03 5.57 -5.10
N GLU A 85 12.74 5.89 -5.13
CA GLU A 85 12.09 6.72 -6.15
C GLU A 85 11.04 7.61 -5.48
N PHE A 86 11.06 8.91 -5.78
CA PHE A 86 10.08 9.90 -5.33
C PHE A 86 9.12 10.16 -6.50
N LYS A 87 7.82 10.13 -6.23
CA LYS A 87 6.72 10.25 -7.18
C LYS A 87 5.52 10.94 -6.51
N ARG A 88 4.61 11.50 -7.31
CA ARG A 88 3.35 12.10 -6.84
C ARG A 88 2.31 10.99 -6.61
N VAL A 89 1.42 11.16 -5.63
CA VAL A 89 0.26 10.29 -5.44
C VAL A 89 -0.80 10.73 -6.47
N PRO A 90 -1.25 9.85 -7.40
CA PRO A 90 -2.12 10.23 -8.52
C PRO A 90 -3.58 10.47 -8.13
N GLN A 91 -4.03 9.92 -6.98
CA GLN A 91 -5.39 10.03 -6.46
C GLN A 91 -5.60 11.37 -5.70
N CYS A 92 -4.54 12.17 -5.50
CA CYS A 92 -4.59 13.48 -4.87
C CYS A 92 -5.20 14.48 -5.88
N PRO A 93 -6.27 15.24 -5.51
CA PRO A 93 -6.98 16.12 -6.45
C PRO A 93 -6.23 17.43 -6.75
N SER A 94 -5.55 18.01 -5.75
CA SER A 94 -4.71 19.20 -5.87
C SER A 94 -3.34 18.84 -6.50
N GLY A 95 -2.75 17.74 -6.04
CA GLY A 95 -1.47 17.19 -6.46
C GLY A 95 -0.40 17.28 -5.37
N ARG A 96 -0.74 17.84 -4.20
CA ARG A 96 0.20 18.25 -3.16
C ARG A 96 0.81 17.09 -2.34
N VAL A 97 0.23 15.88 -2.39
CA VAL A 97 0.74 14.71 -1.69
C VAL A 97 1.69 13.95 -2.64
N TYR A 98 2.88 13.66 -2.15
CA TYR A 98 3.98 12.96 -2.81
C TYR A 98 4.43 11.79 -1.92
N VAL A 99 5.12 10.81 -2.50
CA VAL A 99 5.57 9.59 -1.83
C VAL A 99 6.99 9.24 -2.27
N LEU A 100 7.87 8.97 -1.31
CA LEU A 100 9.17 8.33 -1.49
C LEU A 100 8.92 6.84 -1.24
N LYS A 101 9.13 6.00 -2.27
CA LYS A 101 9.05 4.56 -2.19
C LYS A 101 10.50 4.03 -2.19
N PHE A 102 10.80 3.15 -1.23
CA PHE A 102 12.08 2.47 -1.08
C PHE A 102 11.88 1.08 -1.74
N LYS A 103 12.64 0.76 -2.78
CA LYS A 103 12.48 -0.47 -3.56
C LYS A 103 13.11 -1.67 -2.83
N ALA A 104 14.15 -1.44 -2.02
CA ALA A 104 14.66 -2.39 -1.04
C ALA A 104 13.92 -2.12 0.28
N GLY A 105 13.11 -3.08 0.72
CA GLY A 105 12.40 -3.06 2.00
C GLY A 105 10.90 -2.88 1.82
N SER A 106 10.48 -2.21 0.74
CA SER A 106 9.09 -1.96 0.31
C SER A 106 8.40 -0.80 1.06
N LYS A 107 9.17 -0.06 1.87
CA LYS A 107 8.74 1.09 2.67
C LYS A 107 8.25 2.24 1.78
N ARG A 108 7.21 2.96 2.26
CA ARG A 108 6.63 4.15 1.66
C ARG A 108 6.65 5.25 2.73
N LEU A 109 7.20 6.43 2.42
CA LEU A 109 7.06 7.64 3.23
C LEU A 109 6.26 8.64 2.39
N PHE A 110 5.04 8.96 2.84
CA PHE A 110 4.14 9.92 2.21
C PHE A 110 4.38 11.30 2.85
N PHE A 111 4.52 12.31 1.99
CA PHE A 111 4.77 13.71 2.32
C PHE A 111 3.67 14.57 1.68
N TRP A 112 3.37 15.74 2.27
CA TRP A 112 2.40 16.71 1.79
C TRP A 112 3.03 18.10 1.75
N MET A 113 2.98 18.77 0.59
CA MET A 113 3.61 20.06 0.31
C MET A 113 2.89 21.19 1.07
N GLN A 114 3.66 22.06 1.73
CA GLN A 114 3.16 23.20 2.51
C GLN A 114 3.41 24.53 1.77
N GLU A 115 4.06 24.49 0.59
CA GLU A 115 4.29 25.63 -0.30
C GLU A 115 3.13 25.70 -1.32
N PRO A 116 2.51 26.88 -1.56
CA PRO A 116 1.31 27.00 -2.40
C PRO A 116 1.59 27.09 -3.92
N LYS A 117 2.83 27.38 -4.35
CA LYS A 117 3.19 27.60 -5.75
C LYS A 117 3.27 26.25 -6.50
N THR A 118 2.35 26.06 -7.45
CA THR A 118 2.17 24.86 -8.27
C THR A 118 3.39 24.52 -9.15
N ASP A 119 4.10 25.54 -9.64
CA ASP A 119 5.28 25.43 -10.49
C ASP A 119 6.47 24.90 -9.67
N GLN A 120 6.64 25.43 -8.44
CA GLN A 120 7.68 25.04 -7.51
C GLN A 120 7.43 23.62 -6.96
N ASP A 121 6.17 23.30 -6.63
CA ASP A 121 5.65 21.98 -6.24
C ASP A 121 6.11 20.84 -7.19
N GLU A 122 5.92 21.03 -8.50
CA GLU A 122 6.35 20.11 -9.55
C GLU A 122 7.88 20.11 -9.73
N GLU A 123 8.52 21.29 -9.71
CA GLU A 123 9.98 21.47 -9.81
C GLU A 123 10.74 20.77 -8.66
N HIS A 124 10.19 20.78 -7.44
CA HIS A 124 10.74 20.09 -6.27
C HIS A 124 10.76 18.58 -6.48
N CYS A 125 9.67 18.01 -7.03
CA CYS A 125 9.58 16.59 -7.38
C CYS A 125 10.66 16.19 -8.39
N ARG A 126 10.87 17.00 -9.45
CA ARG A 126 11.94 16.83 -10.43
C ARG A 126 13.33 16.89 -9.75
N LYS A 127 13.60 17.89 -8.90
CA LYS A 127 14.85 18.02 -8.15
C LYS A 127 15.20 16.78 -7.31
N VAL A 128 14.25 16.25 -6.53
CA VAL A 128 14.42 15.00 -5.78
C VAL A 128 14.64 13.81 -6.73
N ASN A 129 13.76 13.64 -7.73
CA ASN A 129 13.75 12.53 -8.68
C ASN A 129 15.06 12.46 -9.51
N GLU A 130 15.70 13.61 -9.81
CA GLU A 130 17.04 13.66 -10.39
C GLU A 130 18.11 13.28 -9.34
N TYR A 131 18.23 14.02 -8.22
CA TYR A 131 19.32 13.86 -7.25
C TYR A 131 19.42 12.48 -6.59
N LEU A 132 18.30 11.81 -6.30
CA LEU A 132 18.32 10.49 -5.65
C LEU A 132 18.70 9.37 -6.64
N ASN A 133 18.42 9.54 -7.95
CA ASN A 133 18.75 8.55 -8.98
C ASN A 133 20.12 8.84 -9.61
N ASN A 134 20.50 10.11 -9.76
CA ASN A 134 21.76 10.56 -10.36
C ASN A 134 22.52 11.41 -9.33
N PRO A 135 23.35 10.79 -8.45
CA PRO A 135 24.25 11.51 -7.54
C PRO A 135 25.51 12.00 -8.26
N PRO A 136 26.36 12.85 -7.62
CA PRO A 136 27.73 13.17 -8.07
C PRO A 136 28.58 11.91 -8.37
N MET A 137 29.45 11.99 -9.39
CA MET A 137 30.33 10.95 -9.94
C MET A 137 29.60 10.05 -10.96
N PRO A 138 30.30 9.31 -11.85
CA PRO A 138 29.73 8.34 -12.82
C PRO A 138 28.70 7.28 -12.32
N GLY A 139 28.53 7.10 -11.00
CA GLY A 139 27.60 6.16 -10.38
C GLY A 139 28.28 5.39 -9.24
N ALA A 140 27.47 4.71 -8.43
CA ALA A 140 27.86 3.96 -7.23
C ALA A 140 27.07 2.64 -7.10
N LEU A 141 26.67 2.07 -8.24
CA LEU A 141 25.85 0.86 -8.36
C LEU A 141 26.69 -0.44 -8.44
N GLY A 142 28.02 -0.34 -8.28
CA GLY A 142 28.97 -1.45 -8.36
C GLY A 142 29.66 -1.72 -7.02
N ALA A 143 30.44 -2.80 -6.96
CA ALA A 143 31.14 -3.27 -5.76
C ALA A 143 32.37 -2.40 -5.45
N SER A 144 32.71 -2.28 -4.16
CA SER A 144 33.86 -1.56 -3.65
C SER A 144 35.12 -2.46 -3.73
N GLY A 145 36.31 -1.84 -3.60
CA GLY A 145 37.62 -2.49 -3.54
C GLY A 145 38.29 -2.33 -2.17
N SER A 146 37.61 -1.71 -1.21
CA SER A 146 38.05 -1.51 0.17
C SER A 146 36.85 -1.54 1.13
N SER A 147 37.12 -1.69 2.43
CA SER A 147 36.15 -1.69 3.52
C SER A 147 35.88 -0.25 4.06
N GLY A 148 36.44 0.77 3.40
CA GLY A 148 36.46 2.16 3.83
C GLY A 148 37.90 2.68 3.87
N HIS A 149 38.08 4.00 3.82
CA HIS A 149 39.35 4.71 3.77
C HIS A 149 39.19 6.13 4.35
N GLU A 150 40.29 6.88 4.38
CA GLU A 150 40.44 8.31 4.71
C GLU A 150 40.47 8.56 6.23
N LEU A 151 39.45 8.05 6.94
CA LEU A 151 39.30 8.15 8.40
C LEU A 151 40.30 7.24 9.15
N SER A 152 40.99 6.36 8.43
CA SER A 152 42.07 5.48 8.88
C SER A 152 43.41 6.24 9.04
N ALA A 153 43.56 7.41 8.41
CA ALA A 153 44.74 8.27 8.52
C ALA A 153 44.53 9.29 9.66
N LEU A 154 45.59 9.59 10.40
CA LEU A 154 45.65 10.62 11.44
C LEU A 154 46.19 11.91 10.81
N GLY A 155 45.66 13.06 11.24
CA GLY A 155 46.13 14.40 10.88
C GLY A 155 46.57 15.12 12.16
N GLY A 156 47.87 15.44 12.25
CA GLY A 156 48.50 16.10 13.39
C GLY A 156 49.49 15.14 14.06
N GLU A 157 50.70 15.63 14.33
CA GLU A 157 51.85 14.96 14.97
C GLU A 157 52.57 14.08 13.93
N GLY A 158 53.80 14.47 13.56
CA GLY A 158 54.64 13.79 12.57
C GLY A 158 54.80 14.62 11.28
N GLY A 159 54.17 15.79 11.22
CA GLY A 159 54.02 16.65 10.05
C GLY A 159 52.53 16.91 9.79
N LEU A 160 52.22 17.38 8.57
CA LEU A 160 50.90 17.70 8.02
C LEU A 160 50.43 19.10 8.42
N GLN A 161 49.76 19.81 7.50
CA GLN A 161 49.19 21.15 7.66
C GLN A 161 47.75 21.03 8.24
N SER A 162 47.59 20.25 9.31
CA SER A 162 46.32 19.95 9.97
C SER A 162 45.94 21.08 10.95
N LEU A 163 45.69 22.27 10.41
CA LEU A 163 45.20 23.45 11.13
C LEU A 163 43.72 23.23 11.46
N LEU A 164 43.35 23.32 12.74
CA LEU A 164 42.00 23.06 13.26
C LEU A 164 41.70 23.91 14.50
N GLY A 165 42.64 23.97 15.46
CA GLY A 165 42.45 24.60 16.77
C GLY A 165 43.29 25.86 16.99
N ASN A 166 44.10 26.25 16.00
CA ASN A 166 44.86 27.51 16.00
C ASN A 166 43.99 28.59 15.35
N MET A 167 43.91 29.78 15.97
CA MET A 167 43.07 30.90 15.56
C MET A 167 43.81 31.76 14.50
N SER A 168 44.31 31.12 13.45
CA SER A 168 45.03 31.75 12.34
C SER A 168 44.02 32.47 11.40
N HIS A 169 42.84 31.86 11.19
CA HIS A 169 41.66 32.38 10.47
C HIS A 169 41.97 32.62 8.98
N SER A 170 41.21 33.50 8.33
CA SER A 170 41.42 33.97 6.96
C SER A 170 42.34 35.22 6.91
N GLN A 171 42.76 35.74 8.07
CA GLN A 171 43.58 36.94 8.25
C GLN A 171 45.08 36.60 8.00
N LEU A 172 45.38 36.09 6.80
CA LEU A 172 46.69 35.64 6.35
C LEU A 172 46.91 35.89 4.84
N MET A 173 46.09 36.76 4.23
CA MET A 173 46.12 37.10 2.82
C MET A 173 47.36 37.97 2.52
N GLN A 174 48.18 37.54 1.55
CA GLN A 174 49.43 38.19 1.15
C GLN A 174 49.14 39.19 0.02
N LEU A 175 49.91 40.27 -0.05
CA LEU A 175 49.89 41.23 -1.14
C LEU A 175 50.90 40.76 -2.21
N ILE A 176 50.48 40.71 -3.48
CA ILE A 176 51.29 40.28 -4.62
C ILE A 176 52.18 41.42 -5.17
N GLY A 177 51.92 42.66 -4.76
CA GLY A 177 52.49 43.89 -5.30
C GLY A 177 51.36 44.81 -5.81
N PRO A 178 51.66 45.80 -6.68
CA PRO A 178 50.65 46.71 -7.23
C PRO A 178 49.79 46.03 -8.32
N ALA A 179 48.59 46.58 -8.56
CA ALA A 179 47.58 46.13 -9.52
C ALA A 179 46.86 44.87 -9.02
N GLY A 180 46.67 43.87 -9.90
CA GLY A 180 46.10 42.57 -9.57
C GLY A 180 44.75 42.29 -10.26
N LEU A 181 44.25 43.26 -11.05
CA LEU A 181 42.95 43.19 -11.73
C LEU A 181 42.99 42.20 -12.92
N GLY A 182 44.12 42.11 -13.62
CA GLY A 182 44.36 41.19 -14.73
C GLY A 182 45.53 40.23 -14.48
N GLY A 183 46.34 40.48 -13.44
CA GLY A 183 47.54 39.72 -13.08
C GLY A 183 48.77 40.62 -13.15
N LEU A 184 49.93 40.05 -13.49
CA LEU A 184 51.20 40.73 -13.76
C LEU A 184 52.00 39.88 -14.75
N GLY A 185 52.13 38.58 -14.47
CA GLY A 185 52.78 37.57 -15.30
C GLY A 185 51.76 36.52 -15.75
N GLY A 186 52.17 35.26 -15.83
CA GLY A 186 51.38 34.14 -16.32
C GLY A 186 52.12 33.49 -17.48
N LEU A 187 51.57 33.58 -18.69
CA LEU A 187 52.18 33.10 -19.93
C LEU A 187 53.33 34.03 -20.33
N GLY A 188 54.50 33.47 -20.63
CA GLY A 188 55.72 34.17 -21.05
C GLY A 188 56.22 33.63 -22.39
N ALA A 189 57.00 34.44 -23.11
CA ALA A 189 57.62 34.08 -24.39
C ALA A 189 59.04 33.49 -24.21
N LEU A 190 59.69 33.75 -23.06
CA LEU A 190 61.08 33.41 -22.78
C LEU A 190 61.25 31.92 -22.41
N THR A 191 60.22 31.30 -21.84
CA THR A 191 60.18 29.90 -21.42
C THR A 191 58.82 29.28 -21.81
N GLY A 192 58.78 27.96 -21.99
CA GLY A 192 57.65 27.19 -22.51
C GLY A 192 58.07 26.40 -23.76
N PRO A 193 57.13 25.80 -24.52
CA PRO A 193 57.38 25.06 -25.76
C PRO A 193 58.20 25.87 -26.79
N GLY A 194 59.36 25.34 -27.20
CA GLY A 194 60.29 25.95 -28.17
C GLY A 194 61.58 26.38 -27.48
N LEU A 195 62.70 26.34 -28.22
CA LEU A 195 64.01 26.81 -27.78
C LEU A 195 64.74 27.38 -29.00
N ALA A 196 65.38 26.49 -29.80
CA ALA A 196 66.03 26.75 -31.08
C ALA A 196 67.29 27.61 -30.93
N SER A 197 68.30 27.11 -30.21
CA SER A 197 69.60 27.75 -30.03
C SER A 197 70.40 27.75 -31.36
N LEU A 198 70.15 26.74 -32.22
CA LEU A 198 70.53 26.66 -33.62
C LEU A 198 69.23 26.39 -34.38
N LEU A 199 68.99 27.11 -35.48
CA LEU A 199 67.78 26.97 -36.31
C LEU A 199 68.00 25.85 -37.34
N GLY A 200 69.15 25.85 -38.02
CA GLY A 200 69.56 24.83 -38.98
C GLY A 200 69.48 25.32 -40.43
N SER A 201 68.97 26.53 -40.66
CA SER A 201 68.68 27.12 -41.96
C SER A 201 69.99 27.62 -42.61
N SER A 202 70.43 26.92 -43.67
CA SER A 202 71.55 27.32 -44.54
C SER A 202 71.03 28.18 -45.73
N GLY A 203 69.71 28.23 -45.93
CA GLY A 203 69.02 28.82 -47.07
C GLY A 203 68.09 27.79 -47.73
N PRO A 204 67.31 28.17 -48.76
CA PRO A 204 66.35 27.27 -49.43
C PRO A 204 67.08 26.25 -50.35
N PRO A 205 66.68 24.96 -50.36
CA PRO A 205 67.29 23.96 -51.25
C PRO A 205 66.77 24.06 -52.70
N GLY A 206 65.52 24.47 -52.89
CA GLY A 206 64.86 24.68 -54.18
C GLY A 206 63.65 23.74 -54.36
N SER A 207 63.74 22.53 -53.81
CA SER A 207 62.74 21.47 -53.86
C SER A 207 62.94 20.49 -52.69
N SER A 208 61.98 19.59 -52.48
CA SER A 208 62.00 18.41 -51.59
C SER A 208 61.51 18.67 -50.15
N SER A 209 61.29 19.94 -49.79
CA SER A 209 60.74 20.36 -48.50
C SER A 209 59.21 20.35 -48.61
N SER A 210 58.59 19.17 -48.56
CA SER A 210 57.16 18.93 -48.75
C SER A 210 56.33 19.38 -47.52
N SER A 211 56.97 19.55 -46.35
CA SER A 211 56.42 20.12 -45.14
C SER A 211 56.50 21.67 -45.23
N SER A 212 55.52 22.29 -45.90
CA SER A 212 55.37 23.74 -46.04
C SER A 212 54.81 24.39 -44.77
N SER A 213 54.12 23.61 -43.94
CA SER A 213 53.46 23.96 -42.69
C SER A 213 53.40 22.71 -41.80
N ARG A 214 53.33 22.88 -40.47
CA ARG A 214 53.31 21.80 -39.48
C ARG A 214 52.21 22.01 -38.42
N SER A 215 51.64 23.22 -38.31
CA SER A 215 50.72 23.60 -37.24
C SER A 215 49.25 23.20 -37.55
N GLN A 216 48.93 22.95 -38.83
CA GLN A 216 47.59 22.66 -39.35
C GLN A 216 47.63 21.53 -40.39
N SER A 217 48.49 20.53 -40.16
CA SER A 217 48.72 19.38 -41.03
C SER A 217 48.93 18.12 -40.18
N ALA A 218 48.46 16.96 -40.68
CA ALA A 218 48.57 15.61 -40.09
C ALA A 218 47.66 15.42 -38.85
N ALA A 219 46.63 16.27 -38.70
CA ALA A 219 45.74 16.37 -37.55
C ALA A 219 44.66 15.26 -37.56
N VAL A 220 45.10 13.99 -37.50
CA VAL A 220 44.31 12.76 -37.40
C VAL A 220 43.62 12.48 -38.76
N THR A 221 44.34 12.76 -39.86
CA THR A 221 43.93 12.58 -41.25
C THR A 221 43.85 11.08 -41.62
N PRO A 222 42.78 10.62 -42.31
CA PRO A 222 42.62 9.20 -42.67
C PRO A 222 43.46 8.75 -43.88
N SER A 223 43.97 9.69 -44.69
CA SER A 223 44.84 9.51 -45.84
C SER A 223 45.59 10.82 -46.08
N SER A 224 46.79 10.75 -46.69
CA SER A 224 47.66 11.90 -46.94
C SER A 224 47.47 12.46 -48.37
N THR A 225 46.59 11.86 -49.19
CA THR A 225 46.23 12.28 -50.55
C THR A 225 44.70 12.13 -50.71
N THR A 226 44.09 12.96 -51.56
CA THR A 226 42.69 12.91 -51.96
C THR A 226 42.67 12.54 -53.47
N SER A 227 41.76 11.65 -53.87
CA SER A 227 41.61 11.17 -55.25
C SER A 227 40.83 12.19 -56.11
N SER A 228 39.69 12.69 -55.60
CA SER A 228 38.78 13.66 -56.21
C SER A 228 37.89 13.05 -57.34
N THR A 229 37.86 11.71 -57.46
CA THR A 229 37.14 10.99 -58.52
C THR A 229 35.62 10.98 -58.23
N ARG A 230 35.21 11.04 -56.96
CA ARG A 230 33.82 11.08 -56.50
C ARG A 230 33.66 12.16 -55.41
N ALA A 231 34.42 12.01 -54.32
CA ALA A 231 34.48 12.90 -53.14
C ALA A 231 33.35 12.66 -52.12
N THR A 232 32.56 11.60 -52.31
CA THR A 232 31.44 11.16 -51.49
C THR A 232 31.53 9.64 -51.25
N PRO A 233 31.08 9.10 -50.09
CA PRO A 233 31.09 7.67 -49.81
C PRO A 233 29.95 6.92 -50.53
N ALA A 234 30.05 5.59 -50.59
CA ALA A 234 29.02 4.68 -51.08
C ALA A 234 29.05 3.39 -50.23
N PRO A 235 28.40 3.36 -49.04
CA PRO A 235 28.38 2.21 -48.12
C PRO A 235 27.98 0.86 -48.78
N SER A 236 28.70 -0.21 -48.42
CA SER A 236 28.43 -1.59 -48.80
C SER A 236 28.97 -2.46 -47.66
N ALA A 237 28.07 -3.17 -46.95
CA ALA A 237 28.32 -4.00 -45.77
C ALA A 237 28.97 -3.21 -44.60
N PRO A 238 28.29 -2.20 -44.01
CA PRO A 238 28.86 -1.36 -42.94
C PRO A 238 28.88 -2.09 -41.58
N ALA A 239 29.79 -3.07 -41.46
CA ALA A 239 30.05 -3.99 -40.35
C ALA A 239 29.07 -5.17 -40.38
N ALA A 240 29.60 -6.39 -40.56
CA ALA A 240 28.83 -7.64 -40.69
C ALA A 240 28.36 -8.20 -39.34
N ALA A 241 28.81 -7.62 -38.22
CA ALA A 241 28.51 -7.98 -36.84
C ALA A 241 28.32 -6.74 -35.98
N SER A 242 27.59 -5.73 -36.51
CA SER A 242 27.29 -4.46 -35.85
C SER A 242 26.42 -4.67 -34.59
N ALA A 243 25.40 -5.54 -34.70
CA ALA A 243 24.53 -6.08 -33.64
C ALA A 243 23.43 -5.11 -33.19
N THR A 244 22.26 -5.67 -32.84
CA THR A 244 21.15 -4.98 -32.20
C THR A 244 21.33 -5.20 -30.68
N SER A 245 21.46 -4.11 -29.92
CA SER A 245 21.73 -4.10 -28.47
C SER A 245 20.92 -3.08 -27.66
N PRO A 246 20.79 -1.79 -28.05
CA PRO A 246 20.00 -0.77 -27.31
C PRO A 246 18.54 -1.17 -27.02
N SER A 247 18.07 -0.92 -25.80
CA SER A 247 16.71 -1.16 -25.35
C SER A 247 16.29 -0.14 -24.26
N PRO A 248 16.09 1.15 -24.61
CA PRO A 248 15.72 2.21 -23.63
C PRO A 248 14.23 2.11 -23.23
N ALA A 249 13.91 1.17 -22.34
CA ALA A 249 12.58 0.92 -21.78
C ALA A 249 12.71 0.51 -20.31
N PRO A 250 12.73 1.46 -19.34
CA PRO A 250 12.84 1.19 -17.89
C PRO A 250 11.79 0.21 -17.32
N SER A 251 10.57 0.22 -17.86
CA SER A 251 9.43 -0.60 -17.43
C SER A 251 8.54 -0.93 -18.65
N SER A 252 7.79 -2.03 -18.57
CA SER A 252 6.94 -2.55 -19.65
C SER A 252 5.55 -1.89 -19.68
N GLY A 253 5.22 -1.05 -18.70
CA GLY A 253 3.93 -0.38 -18.50
C GLY A 253 3.39 -0.65 -17.09
N ASN A 254 2.11 -0.36 -16.85
CA ASN A 254 1.46 -0.43 -15.54
C ASN A 254 0.09 -1.14 -15.56
N GLY A 255 -0.27 -1.77 -16.68
CA GLY A 255 -1.53 -2.50 -16.84
C GLY A 255 -2.51 -1.81 -17.81
N ALA A 256 -1.99 -1.05 -18.78
CA ALA A 256 -2.71 -0.32 -19.83
C ALA A 256 -3.49 0.88 -19.24
N SER A 257 -2.79 1.68 -18.42
CA SER A 257 -3.24 2.88 -17.72
C SER A 257 -4.12 2.53 -16.50
N THR A 258 -5.28 1.92 -16.74
CA THR A 258 -6.29 1.55 -15.73
C THR A 258 -6.95 0.18 -15.96
N ALA A 259 -6.68 -0.52 -17.08
CA ALA A 259 -7.43 -1.71 -17.50
C ALA A 259 -7.25 -2.92 -16.57
N ALA A 260 -6.10 -3.04 -15.92
CA ALA A 260 -5.79 -4.08 -14.93
C ALA A 260 -6.44 -3.83 -13.55
N SER A 261 -6.95 -2.61 -13.31
CA SER A 261 -7.65 -2.08 -12.14
C SER A 261 -6.66 -1.59 -11.06
N PRO A 262 -6.44 -0.26 -10.87
CA PRO A 262 -5.58 0.31 -9.81
C PRO A 262 -5.82 -0.20 -8.38
N THR A 263 -7.05 -0.61 -8.06
CA THR A 263 -7.50 -1.15 -6.78
C THR A 263 -6.99 -2.58 -6.51
N GLN A 264 -6.45 -3.28 -7.52
CA GLN A 264 -5.81 -4.59 -7.41
C GLN A 264 -4.33 -4.42 -7.84
N PRO A 265 -3.40 -4.11 -6.91
CA PRO A 265 -1.99 -3.85 -7.25
C PRO A 265 -1.23 -5.16 -7.54
N ILE A 266 -0.22 -5.07 -8.41
CA ILE A 266 0.55 -6.21 -8.92
C ILE A 266 1.46 -6.79 -7.82
N GLN A 267 2.30 -5.94 -7.22
CA GLN A 267 3.34 -6.36 -6.27
C GLN A 267 2.83 -6.26 -4.82
N LEU A 268 2.11 -5.17 -4.49
CA LEU A 268 1.74 -4.81 -3.11
C LEU A 268 0.78 -5.82 -2.45
N SER A 269 0.06 -6.62 -3.26
CA SER A 269 -0.76 -7.75 -2.83
C SER A 269 0.07 -8.83 -2.09
N ASP A 270 1.36 -8.98 -2.42
CA ASP A 270 2.32 -9.82 -1.68
C ASP A 270 3.07 -8.96 -0.65
N LEU A 271 3.61 -7.80 -1.06
CA LEU A 271 4.55 -7.02 -0.25
C LEU A 271 3.94 -6.43 1.04
N GLN A 272 2.64 -6.09 1.06
CA GLN A 272 1.97 -5.55 2.24
C GLN A 272 1.78 -6.61 3.34
N SER A 273 1.70 -7.91 2.99
CA SER A 273 1.67 -9.01 3.94
C SER A 273 3.08 -9.27 4.51
N ILE A 274 4.13 -9.10 3.69
CA ILE A 274 5.54 -9.24 4.09
C ILE A 274 5.94 -8.05 5.00
N LEU A 275 5.50 -6.83 4.69
CA LEU A 275 5.66 -5.64 5.54
C LEU A 275 5.03 -5.82 6.93
N ALA A 276 3.91 -6.55 7.02
CA ALA A 276 3.23 -6.86 8.28
C ALA A 276 3.93 -7.98 9.07
N THR A 277 4.85 -8.75 8.47
CA THR A 277 5.73 -9.68 9.16
C THR A 277 7.00 -8.94 9.64
N MET A 278 7.49 -7.97 8.84
CA MET A 278 8.69 -7.17 9.13
C MET A 278 8.42 -6.15 10.25
N ASN A 279 7.43 -5.28 10.05
CA ASN A 279 6.98 -4.21 10.94
C ASN A 279 5.45 -4.16 10.84
N VAL A 280 4.87 -3.05 10.37
CA VAL A 280 3.46 -2.88 10.07
C VAL A 280 3.30 -1.76 9.02
N PRO A 281 2.53 -1.95 7.91
CA PRO A 281 2.17 -0.86 7.00
C PRO A 281 1.04 0.00 7.60
N ALA A 282 -0.08 -0.63 7.97
CA ALA A 282 -1.28 -0.09 8.62
C ALA A 282 -2.19 -1.29 8.93
N GLY A 283 -1.85 -2.01 10.02
CA GLY A 283 -2.36 -3.31 10.51
C GLY A 283 -3.35 -4.10 9.65
N PRO A 284 -2.89 -4.80 8.58
CA PRO A 284 -3.75 -5.55 7.67
C PRO A 284 -4.15 -6.90 8.27
N ALA A 285 -5.41 -7.29 8.08
CA ALA A 285 -6.03 -8.53 8.52
C ALA A 285 -7.15 -8.93 7.53
N GLY A 286 -6.85 -8.87 6.23
CA GLY A 286 -7.77 -9.16 5.12
C GLY A 286 -7.78 -8.07 4.06
N GLY A 287 -7.38 -6.84 4.40
CA GLY A 287 -7.07 -5.77 3.45
C GLY A 287 -8.06 -4.61 3.55
N GLN A 288 -9.33 -4.87 3.20
CA GLN A 288 -10.37 -3.84 3.08
C GLN A 288 -10.87 -3.35 4.46
N GLN A 289 -10.84 -4.23 5.46
CA GLN A 289 -11.29 -4.07 6.85
C GLN A 289 -10.97 -2.73 7.54
N VAL A 290 -9.78 -2.17 7.28
CA VAL A 290 -9.30 -0.92 7.86
C VAL A 290 -10.05 0.31 7.27
N ASP A 291 -10.54 0.20 6.03
CA ASP A 291 -11.34 1.22 5.36
C ASP A 291 -12.84 0.97 5.61
N LEU A 292 -13.27 -0.30 5.65
CA LEU A 292 -14.65 -0.72 5.94
C LEU A 292 -15.13 -0.33 7.34
N ALA A 293 -14.21 -0.02 8.27
CA ALA A 293 -14.47 0.56 9.58
C ALA A 293 -15.21 1.91 9.52
N SER A 294 -15.02 2.68 8.44
CA SER A 294 -15.69 3.96 8.19
C SER A 294 -17.04 3.77 7.46
N VAL A 295 -17.39 2.55 7.06
CA VAL A 295 -18.65 2.17 6.43
C VAL A 295 -19.50 1.47 7.52
N LEU A 296 -18.97 0.40 8.10
CA LEU A 296 -19.56 -0.38 9.19
C LEU A 296 -19.14 0.26 10.53
N THR A 297 -19.64 1.47 10.77
CA THR A 297 -19.29 2.32 11.92
C THR A 297 -19.80 1.75 13.28
N PRO A 298 -19.23 2.20 14.44
CA PRO A 298 -19.67 1.81 15.79
C PRO A 298 -21.18 1.90 16.08
N GLU A 299 -21.91 2.80 15.40
CA GLU A 299 -23.36 2.96 15.48
C GLU A 299 -24.15 1.67 15.15
N ILE A 300 -23.59 0.83 14.28
CA ILE A 300 -24.13 -0.49 13.95
C ILE A 300 -23.44 -1.53 14.85
N MET A 301 -22.10 -1.52 14.92
CA MET A 301 -21.32 -2.68 15.35
C MET A 301 -20.94 -2.72 16.84
N ALA A 302 -20.99 -1.61 17.59
CA ALA A 302 -20.66 -1.57 19.04
C ALA A 302 -21.32 -2.67 19.91
N PRO A 303 -22.65 -2.94 19.83
CA PRO A 303 -23.27 -4.04 20.58
C PRO A 303 -22.99 -5.45 20.00
N ILE A 304 -22.58 -5.55 18.73
CA ILE A 304 -22.25 -6.82 18.06
C ILE A 304 -20.84 -7.26 18.52
N LEU A 305 -19.88 -6.32 18.55
CA LEU A 305 -18.49 -6.54 18.98
C LEU A 305 -18.37 -6.75 20.50
N ALA A 306 -19.35 -6.27 21.28
CA ALA A 306 -19.42 -6.39 22.74
C ALA A 306 -20.01 -7.73 23.21
N ASN A 307 -20.41 -8.61 22.29
CA ASN A 307 -20.96 -9.94 22.57
C ASN A 307 -19.81 -10.88 22.98
N ALA A 308 -19.99 -11.64 24.06
CA ALA A 308 -19.01 -12.54 24.66
C ALA A 308 -18.48 -13.61 23.69
N ASP A 309 -19.35 -14.21 22.87
CA ASP A 309 -19.01 -15.25 21.90
C ASP A 309 -18.23 -14.70 20.70
N VAL A 310 -18.36 -13.39 20.42
CA VAL A 310 -17.56 -12.68 19.42
C VAL A 310 -16.21 -12.28 20.07
N GLN A 311 -16.22 -11.72 21.31
CA GLN A 311 -15.02 -11.33 22.07
C GLN A 311 -14.04 -12.50 22.28
N GLU A 312 -14.53 -13.68 22.65
CA GLU A 312 -13.74 -14.89 22.85
C GLU A 312 -13.21 -15.51 21.54
N ARG A 313 -13.55 -14.95 20.38
CA ARG A 313 -12.88 -15.21 19.10
C ARG A 313 -11.93 -14.04 18.80
N LEU A 314 -12.42 -12.78 18.85
CA LEU A 314 -11.66 -11.56 18.57
C LEU A 314 -10.37 -11.41 19.40
N LEU A 315 -10.46 -11.55 20.73
CA LEU A 315 -9.32 -11.43 21.65
C LEU A 315 -8.15 -12.42 21.38
N PRO A 316 -8.35 -13.76 21.27
CA PRO A 316 -7.28 -14.68 20.87
C PRO A 316 -6.87 -14.60 19.38
N TYR A 317 -7.72 -14.10 18.47
CA TYR A 317 -7.38 -13.89 17.05
C TYR A 317 -6.59 -12.58 16.84
N LEU A 318 -6.40 -11.76 17.88
CA LEU A 318 -5.64 -10.50 17.84
C LEU A 318 -4.14 -10.83 17.67
N PRO A 319 -3.39 -10.15 16.76
CA PRO A 319 -1.94 -10.31 16.55
C PRO A 319 -1.03 -10.30 17.80
N SER A 320 -1.47 -9.68 18.90
CA SER A 320 -0.91 -9.60 20.25
C SER A 320 -0.10 -8.30 20.48
N GLY A 321 -0.13 -7.77 21.71
CA GLY A 321 0.56 -6.57 22.15
C GLY A 321 -0.41 -5.46 22.62
N GLU A 322 -1.67 -5.53 22.16
CA GLU A 322 -2.78 -4.64 22.51
C GLU A 322 -4.04 -5.48 22.78
N SER A 323 -5.15 -4.83 23.13
CA SER A 323 -6.45 -5.42 23.48
C SER A 323 -7.57 -4.41 23.17
N LEU A 324 -8.83 -4.77 23.48
CA LEU A 324 -10.04 -3.96 23.33
C LEU A 324 -10.94 -4.13 24.57
N PRO A 325 -11.85 -3.18 24.90
CA PRO A 325 -12.81 -3.25 26.02
C PRO A 325 -13.75 -4.47 26.06
N GLN A 326 -14.66 -4.48 27.04
CA GLN A 326 -15.51 -5.62 27.40
C GLN A 326 -17.02 -5.33 27.35
N THR A 327 -17.44 -4.08 27.17
CA THR A 327 -18.83 -3.65 27.01
C THR A 327 -18.97 -2.66 25.84
N ALA A 328 -20.19 -2.53 25.30
CA ALA A 328 -20.51 -1.63 24.18
C ALA A 328 -20.44 -0.14 24.60
N ASP A 329 -20.64 0.14 25.90
CA ASP A 329 -20.56 1.45 26.52
C ASP A 329 -19.13 2.04 26.42
N GLU A 330 -18.12 1.19 26.62
CA GLU A 330 -16.70 1.54 26.52
C GLU A 330 -16.30 1.74 25.04
N ILE A 331 -16.75 0.85 24.14
CA ILE A 331 -16.51 0.92 22.69
C ILE A 331 -17.13 2.20 22.08
N GLN A 332 -18.28 2.63 22.59
CA GLN A 332 -18.98 3.84 22.17
C GLN A 332 -18.25 5.11 22.65
N ASN A 333 -17.89 5.19 23.94
CA ASN A 333 -17.41 6.42 24.58
C ASN A 333 -15.88 6.58 24.54
N THR A 334 -15.12 5.49 24.60
CA THR A 334 -13.67 5.49 24.83
C THR A 334 -13.01 4.81 23.61
N LEU A 335 -13.05 5.47 22.46
CA LEU A 335 -12.53 5.03 21.17
C LEU A 335 -11.96 6.23 20.42
N THR A 336 -10.73 6.10 19.90
CA THR A 336 -10.11 7.02 18.95
C THR A 336 -10.32 6.42 17.55
N SER A 337 -9.56 5.37 17.18
CA SER A 337 -9.64 4.67 15.90
C SER A 337 -9.07 3.23 15.94
N PRO A 338 -7.79 3.00 16.33
CA PRO A 338 -7.11 1.68 16.26
C PRO A 338 -7.85 0.48 16.87
N GLN A 339 -8.45 0.67 18.05
CA GLN A 339 -9.28 -0.28 18.80
C GLN A 339 -10.40 -0.91 17.94
N PHE A 340 -11.06 -0.10 17.12
CA PHE A 340 -12.16 -0.52 16.27
C PHE A 340 -11.62 -1.07 14.95
N GLN A 341 -10.58 -0.44 14.38
CA GLN A 341 -9.97 -0.86 13.10
C GLN A 341 -9.30 -2.24 13.17
N GLN A 342 -8.67 -2.60 14.31
CA GLN A 342 -8.14 -3.94 14.55
C GLN A 342 -9.30 -4.95 14.70
N ALA A 343 -10.34 -4.60 15.47
CA ALA A 343 -11.50 -5.44 15.76
C ALA A 343 -12.30 -5.77 14.49
N LEU A 344 -12.39 -4.81 13.55
CA LEU A 344 -12.94 -4.98 12.20
C LEU A 344 -12.19 -6.07 11.41
N GLY A 345 -10.89 -6.28 11.70
CA GLY A 345 -10.03 -7.19 10.95
C GLY A 345 -10.09 -8.59 11.53
N MET A 346 -10.16 -8.74 12.87
CA MET A 346 -10.45 -10.01 13.52
C MET A 346 -11.90 -10.47 13.25
N PHE A 347 -12.85 -9.52 13.13
CA PHE A 347 -14.22 -9.75 12.69
C PHE A 347 -14.22 -10.25 11.23
N SER A 348 -13.58 -9.52 10.30
CA SER A 348 -13.46 -9.90 8.88
C SER A 348 -12.77 -11.26 8.64
N ALA A 349 -11.83 -11.68 9.50
CA ALA A 349 -11.19 -12.99 9.45
C ALA A 349 -12.19 -14.12 9.76
N ALA A 350 -13.01 -13.95 10.80
CA ALA A 350 -14.06 -14.89 11.21
C ALA A 350 -15.24 -14.88 10.20
N LEU A 351 -15.54 -13.70 9.64
CA LEU A 351 -16.55 -13.48 8.60
C LEU A 351 -16.14 -14.19 7.30
N ALA A 352 -14.88 -14.02 6.85
CA ALA A 352 -14.34 -14.62 5.63
C ALA A 352 -14.19 -16.15 5.74
N SER A 353 -13.82 -16.64 6.93
CA SER A 353 -13.77 -18.06 7.29
C SER A 353 -15.18 -18.70 7.22
N GLY A 354 -16.21 -17.98 7.67
CA GLY A 354 -17.62 -18.34 7.54
C GLY A 354 -18.23 -18.73 8.90
N GLN A 355 -17.38 -18.95 9.90
CA GLN A 355 -17.69 -19.35 11.27
C GLN A 355 -18.55 -18.33 12.06
N LEU A 356 -18.53 -17.05 11.65
CA LEU A 356 -19.30 -15.98 12.25
C LEU A 356 -20.75 -15.99 11.72
N GLY A 357 -20.95 -16.39 10.46
CA GLY A 357 -22.19 -16.77 9.77
C GLY A 357 -23.42 -17.09 10.63
N PRO A 358 -23.43 -18.25 11.34
CA PRO A 358 -24.57 -18.67 12.16
C PRO A 358 -24.77 -17.86 13.47
N LEU A 359 -23.77 -17.11 13.95
CA LEU A 359 -23.94 -16.16 15.05
C LEU A 359 -24.60 -14.88 14.52
N MET A 360 -24.24 -14.45 13.29
CA MET A 360 -24.77 -13.29 12.58
C MET A 360 -26.30 -13.28 12.46
N CYS A 361 -26.91 -14.47 12.41
CA CYS A 361 -28.35 -14.71 12.37
C CYS A 361 -29.06 -14.34 13.69
N GLN A 362 -28.38 -14.39 14.84
CA GLN A 362 -29.00 -14.30 16.16
C GLN A 362 -29.17 -12.84 16.62
N PHE A 363 -28.41 -11.91 16.04
CA PHE A 363 -28.39 -10.49 16.40
C PHE A 363 -29.57 -9.72 15.80
N GLY A 364 -30.09 -10.16 14.64
CA GLY A 364 -31.21 -9.54 13.94
C GLY A 364 -30.76 -8.72 12.74
N LEU A 365 -29.49 -8.86 12.33
CA LEU A 365 -28.83 -8.12 11.24
C LEU A 365 -29.45 -8.44 9.86
N PRO A 366 -29.37 -7.51 8.87
CA PRO A 366 -29.91 -7.65 7.50
C PRO A 366 -29.65 -9.00 6.82
N ALA A 367 -30.72 -9.63 6.31
CA ALA A 367 -30.72 -11.00 5.77
C ALA A 367 -29.74 -11.22 4.61
N GLU A 368 -29.58 -10.22 3.74
CA GLU A 368 -28.67 -10.24 2.60
C GLU A 368 -27.19 -10.15 3.04
N ALA A 369 -26.91 -9.50 4.19
CA ALA A 369 -25.58 -9.43 4.78
C ALA A 369 -25.29 -10.75 5.52
N VAL A 370 -26.24 -11.26 6.31
CA VAL A 370 -26.16 -12.55 7.00
C VAL A 370 -25.96 -13.74 6.03
N GLU A 371 -26.57 -13.69 4.83
CA GLU A 371 -26.35 -14.65 3.75
C GLU A 371 -24.89 -14.61 3.26
N ALA A 372 -24.33 -13.41 3.05
CA ALA A 372 -22.94 -13.18 2.65
C ALA A 372 -21.94 -13.56 3.75
N ALA A 373 -22.31 -13.41 5.03
CA ALA A 373 -21.52 -13.77 6.21
C ALA A 373 -21.35 -15.29 6.36
N ASN A 374 -22.33 -16.08 5.89
CA ASN A 374 -22.30 -17.54 5.87
C ASN A 374 -21.52 -18.07 4.66
N LYS A 375 -21.50 -17.32 3.54
CA LYS A 375 -20.73 -17.65 2.33
C LYS A 375 -19.25 -17.26 2.50
N GLY A 376 -18.97 -16.09 3.08
CA GLY A 376 -17.63 -15.57 3.36
C GLY A 376 -17.29 -14.30 2.58
N ASP A 377 -18.29 -13.62 2.00
CA ASP A 377 -18.11 -12.46 1.13
C ASP A 377 -18.19 -11.18 1.99
N VAL A 378 -17.02 -10.73 2.47
CA VAL A 378 -16.83 -9.55 3.33
C VAL A 378 -17.32 -8.26 2.64
N GLU A 379 -17.06 -8.11 1.33
CA GLU A 379 -17.47 -6.97 0.53
C GLU A 379 -19.01 -6.91 0.39
N ALA A 380 -19.64 -8.05 0.06
CA ALA A 380 -21.10 -8.15 -0.12
C ALA A 380 -21.85 -7.93 1.20
N PHE A 381 -21.29 -8.43 2.32
CA PHE A 381 -21.72 -8.15 3.69
C PHE A 381 -21.75 -6.64 3.97
N ALA A 382 -20.64 -5.94 3.71
CA ALA A 382 -20.47 -4.51 3.97
C ALA A 382 -21.44 -3.66 3.15
N LYS A 383 -21.58 -3.96 1.85
CA LYS A 383 -22.46 -3.26 0.92
C LYS A 383 -23.94 -3.48 1.27
N ALA A 384 -24.33 -4.71 1.66
CA ALA A 384 -25.69 -5.05 2.06
C ALA A 384 -26.09 -4.39 3.37
N MET A 385 -25.19 -4.35 4.36
CA MET A 385 -25.45 -3.73 5.67
C MET A 385 -25.44 -2.20 5.56
N GLN A 386 -24.64 -1.61 4.65
CA GLN A 386 -24.63 -0.18 4.35
C GLN A 386 -25.93 0.25 3.64
N ASN A 387 -26.47 -0.59 2.74
CA ASN A 387 -27.73 -0.35 2.02
C ASN A 387 -28.93 -0.33 2.98
N ASN A 388 -28.92 -1.22 3.98
CA ASN A 388 -29.97 -1.38 4.99
C ASN A 388 -29.75 -0.48 6.23
N ALA A 389 -28.74 0.40 6.23
CA ALA A 389 -28.39 1.27 7.35
C ALA A 389 -29.36 2.46 7.49
N LYS A 390 -30.09 2.81 6.42
CA LYS A 390 -31.10 3.87 6.41
C LYS A 390 -32.40 3.35 7.07
N PRO A 391 -33.01 4.08 8.02
CA PRO A 391 -34.25 3.66 8.69
C PRO A 391 -35.52 3.91 7.85
N GLU A 392 -35.47 4.83 6.88
CA GLU A 392 -36.56 5.25 6.01
C GLU A 392 -36.10 5.23 4.55
N GLN A 393 -37.05 5.39 3.61
CA GLN A 393 -36.87 5.53 2.16
C GLN A 393 -36.77 4.17 1.43
N LYS A 394 -37.57 3.19 1.87
CA LYS A 394 -37.71 1.86 1.25
C LYS A 394 -38.63 1.96 0.01
N GLU A 395 -38.26 2.85 -0.93
CA GLU A 395 -38.97 3.19 -2.15
C GLU A 395 -38.00 3.66 -3.26
N GLY A 396 -36.75 3.18 -3.22
CA GLY A 396 -35.67 3.56 -4.13
C GLY A 396 -35.21 2.39 -5.03
N ASP A 397 -35.91 1.27 -4.96
CA ASP A 397 -35.65 -0.06 -5.57
C ASP A 397 -35.80 -0.08 -7.11
N THR A 398 -35.70 1.07 -7.79
CA THR A 398 -35.89 1.23 -9.23
C THR A 398 -34.62 0.77 -9.99
N LYS A 399 -33.42 1.14 -9.52
CA LYS A 399 -32.12 0.80 -10.08
C LYS A 399 -31.07 0.71 -8.96
N ASP A 400 -29.92 0.08 -9.25
CA ASP A 400 -28.80 -0.15 -8.34
C ASP A 400 -27.46 -0.06 -9.08
N LYS A 401 -27.27 1.04 -9.83
CA LYS A 401 -26.05 1.53 -10.50
C LYS A 401 -25.64 0.72 -11.75
N LYS A 402 -25.56 -0.61 -11.62
CA LYS A 402 -25.04 -1.56 -12.61
C LYS A 402 -25.92 -2.82 -12.69
N ASP A 403 -27.21 -2.67 -12.36
CA ASP A 403 -28.24 -3.70 -12.57
C ASP A 403 -28.57 -3.74 -14.08
N GLU A 404 -28.74 -4.95 -14.61
CA GLU A 404 -29.05 -5.27 -16.00
C GLU A 404 -30.05 -6.44 -16.01
N GLU A 405 -30.89 -6.52 -17.05
CA GLU A 405 -31.97 -7.49 -17.20
C GLU A 405 -31.47 -8.95 -17.35
N GLU A 406 -30.34 -9.15 -18.04
CA GLU A 406 -29.63 -10.41 -18.23
C GLU A 406 -28.13 -10.12 -18.44
N ASP A 407 -27.29 -11.16 -18.34
CA ASP A 407 -25.86 -11.14 -18.65
C ASP A 407 -25.70 -11.25 -20.18
N MET A 408 -24.87 -10.39 -20.77
CA MET A 408 -24.69 -10.27 -22.22
C MET A 408 -23.81 -11.42 -22.76
N SER A 409 -22.80 -11.84 -21.99
CA SER A 409 -21.83 -12.90 -22.29
C SER A 409 -20.69 -12.36 -23.18
N LEU A 410 -20.36 -13.07 -24.26
CA LEU A 410 -19.38 -12.73 -25.29
C LEU A 410 -19.97 -13.06 -26.68
N ASP A 411 -19.53 -12.33 -27.71
CA ASP A 411 -19.89 -12.55 -29.12
C ASP A 411 -18.99 -13.65 -29.69
N MET A 5 52.02 46.42 -22.31
CA MET A 5 53.03 45.42 -22.72
C MET A 5 53.05 44.33 -21.63
N THR A 6 54.23 43.77 -21.30
CA THR A 6 54.50 42.85 -20.19
C THR A 6 54.22 43.49 -18.80
N THR A 7 54.00 44.81 -18.78
CA THR A 7 53.49 45.69 -17.73
C THR A 7 52.14 45.22 -17.14
N SER A 8 51.31 44.56 -17.95
CA SER A 8 49.94 44.14 -17.69
C SER A 8 48.96 45.32 -17.89
N GLY A 9 47.71 45.15 -17.47
CA GLY A 9 46.63 46.14 -17.51
C GLY A 9 46.08 46.43 -16.11
N ALA A 10 45.35 47.54 -15.96
CA ALA A 10 44.69 47.94 -14.72
C ALA A 10 43.30 47.27 -14.63
N LEU A 11 43.30 45.97 -14.29
CA LEU A 11 42.09 45.18 -14.04
C LEU A 11 41.72 45.38 -12.55
N PHE A 12 40.67 46.17 -12.30
CA PHE A 12 40.17 46.49 -10.96
C PHE A 12 39.19 45.40 -10.47
N PRO A 13 39.02 45.22 -9.14
CA PRO A 13 38.01 44.31 -8.52
C PRO A 13 36.58 44.45 -9.06
N SER A 14 35.83 43.35 -9.07
CA SER A 14 34.44 43.27 -9.50
C SER A 14 33.70 42.23 -8.64
N LEU A 15 33.48 41.03 -9.19
CA LEU A 15 32.92 39.83 -8.54
C LEU A 15 31.38 39.91 -8.38
N VAL A 16 30.74 40.83 -9.13
CA VAL A 16 29.33 41.24 -9.14
C VAL A 16 28.26 40.14 -8.82
N PRO A 17 28.23 38.98 -9.53
CA PRO A 17 27.30 37.87 -9.23
C PRO A 17 27.24 37.41 -7.76
N GLY A 18 28.39 37.28 -7.10
CA GLY A 18 28.52 37.03 -5.66
C GLY A 18 28.93 35.58 -5.35
N SER A 19 28.69 34.66 -6.28
CA SER A 19 28.97 33.23 -6.16
C SER A 19 30.37 32.91 -6.74
N ARG A 20 30.93 31.76 -6.32
CA ARG A 20 32.20 31.21 -6.75
C ARG A 20 32.06 29.68 -6.91
N GLY A 21 33.14 28.93 -6.63
CA GLY A 21 33.35 27.48 -6.59
C GLY A 21 32.12 26.56 -6.62
N ALA A 22 31.19 26.75 -5.67
CA ALA A 22 29.88 26.10 -5.62
C ALA A 22 28.84 27.08 -5.05
N SER A 23 29.10 27.60 -3.84
CA SER A 23 28.32 28.64 -3.15
C SER A 23 26.92 28.14 -2.75
N ASN A 24 26.81 26.83 -2.42
CA ASN A 24 25.57 26.10 -2.19
C ASN A 24 25.76 25.17 -0.98
N LYS A 25 24.81 25.18 -0.04
CA LYS A 25 24.78 24.32 1.14
C LYS A 25 23.75 23.18 1.01
N TYR A 26 22.65 23.39 0.29
CA TYR A 26 21.53 22.45 0.16
C TYR A 26 21.15 22.35 -1.33
N LEU A 27 20.99 21.12 -1.84
CA LEU A 27 20.68 20.84 -3.25
C LEU A 27 19.20 21.15 -3.56
N VAL A 28 18.30 20.81 -2.63
CA VAL A 28 16.89 21.15 -2.63
C VAL A 28 16.50 21.43 -1.16
N GLU A 29 15.54 22.33 -0.94
CA GLU A 29 14.84 22.57 0.32
C GLU A 29 13.38 22.93 0.01
N PHE A 30 12.41 22.30 0.68
CA PHE A 30 10.98 22.52 0.49
C PHE A 30 10.21 22.27 1.79
N ARG A 31 9.14 23.05 2.01
CA ARG A 31 8.28 22.96 3.19
C ARG A 31 7.27 21.84 2.96
N ALA A 32 7.45 20.74 3.68
CA ALA A 32 6.64 19.52 3.61
C ALA A 32 6.61 18.82 4.97
N GLY A 33 5.56 18.04 5.18
CA GLY A 33 5.36 17.12 6.30
C GLY A 33 5.29 15.70 5.76
N LYS A 34 5.03 14.72 6.64
CA LYS A 34 5.00 13.31 6.32
C LYS A 34 3.88 12.57 7.05
N MET A 35 3.61 11.33 6.62
CA MET A 35 2.73 10.40 7.32
C MET A 35 3.52 9.64 8.40
N SER A 36 2.81 9.20 9.43
CA SER A 36 3.31 8.53 10.63
C SER A 36 2.32 7.42 11.02
N LEU A 37 2.79 6.39 11.72
CA LEU A 37 1.95 5.33 12.28
C LEU A 37 1.52 5.76 13.69
N LYS A 38 0.25 5.51 14.03
CA LYS A 38 -0.38 5.79 15.32
C LYS A 38 -1.01 4.49 15.85
N GLY A 39 -0.39 3.35 15.51
CA GLY A 39 -0.88 2.00 15.74
C GLY A 39 -1.14 1.37 14.37
N THR A 40 -2.32 0.77 14.20
CA THR A 40 -2.87 0.28 12.94
C THR A 40 -3.18 1.44 11.97
N THR A 41 -3.50 2.63 12.50
CA THR A 41 -3.86 3.83 11.78
C THR A 41 -2.58 4.53 11.28
N VAL A 42 -2.58 4.95 10.01
CA VAL A 42 -1.61 5.86 9.43
C VAL A 42 -2.23 7.26 9.56
N THR A 43 -1.47 8.24 10.04
CA THR A 43 -1.90 9.58 10.40
C THR A 43 -0.88 10.60 9.85
N PRO A 44 -1.28 11.79 9.33
CA PRO A 44 -0.34 12.85 8.95
C PRO A 44 0.24 13.52 10.20
N ASP A 45 1.58 13.73 10.21
CA ASP A 45 2.30 14.43 11.27
C ASP A 45 2.07 15.93 11.07
N LYS A 46 1.39 16.57 12.02
CA LYS A 46 0.83 17.92 11.90
C LYS A 46 1.85 19.02 12.25
N ARG A 47 3.09 18.66 12.60
CA ARG A 47 4.19 19.59 12.83
C ARG A 47 4.65 20.20 11.50
N LYS A 48 5.10 21.46 11.53
CA LYS A 48 5.67 22.16 10.39
C LYS A 48 7.12 21.67 10.23
N GLY A 49 7.48 21.18 9.05
CA GLY A 49 8.81 20.66 8.73
C GLY A 49 9.38 21.29 7.47
N LEU A 50 10.66 21.04 7.22
CA LEU A 50 11.39 21.31 6.00
C LEU A 50 12.04 19.98 5.59
N VAL A 51 11.73 19.49 4.38
CA VAL A 51 12.49 18.43 3.74
C VAL A 51 13.63 19.15 2.99
N TYR A 52 14.85 18.62 3.07
CA TYR A 52 16.01 19.10 2.36
C TYR A 52 16.88 17.94 1.87
N ILE A 53 17.67 18.22 0.82
CA ILE A 53 18.55 17.28 0.14
C ILE A 53 19.95 17.94 0.14
N GLN A 54 20.99 17.16 0.40
CA GLN A 54 22.38 17.58 0.52
C GLN A 54 23.29 16.51 -0.08
N GLN A 55 24.53 16.85 -0.44
CA GLN A 55 25.55 15.92 -0.90
C GLN A 55 26.39 15.48 0.32
N THR A 56 26.62 14.18 0.47
CA THR A 56 27.54 13.57 1.43
C THR A 56 28.95 13.61 0.80
N ASP A 57 30.01 13.71 1.60
CA ASP A 57 31.42 13.80 1.15
C ASP A 57 31.94 12.51 0.47
N ASP A 58 31.20 11.40 0.58
CA ASP A 58 31.40 10.15 -0.19
C ASP A 58 30.86 10.28 -1.64
N SER A 59 30.12 11.36 -1.94
CA SER A 59 29.48 11.71 -3.22
C SER A 59 28.09 11.09 -3.39
N LEU A 60 27.54 10.50 -2.33
CA LEU A 60 26.16 10.06 -2.20
C LEU A 60 25.28 11.27 -1.86
N ILE A 61 23.96 11.12 -2.04
CA ILE A 61 22.96 12.12 -1.67
C ILE A 61 22.49 11.80 -0.24
N HIS A 62 22.32 12.82 0.59
CA HIS A 62 21.68 12.78 1.90
C HIS A 62 20.30 13.42 1.75
N PHE A 63 19.27 12.79 2.32
CA PHE A 63 17.89 13.25 2.37
C PHE A 63 17.54 13.42 3.86
N CYS A 64 16.90 14.53 4.23
CA CYS A 64 16.65 14.90 5.63
C CYS A 64 15.31 15.64 5.75
N TRP A 65 14.54 15.33 6.81
CA TRP A 65 13.38 16.08 7.26
C TRP A 65 13.74 16.68 8.63
N LYS A 66 13.78 18.01 8.70
CA LYS A 66 13.97 18.78 9.92
C LYS A 66 12.61 19.39 10.26
N ASP A 67 12.23 19.33 11.54
CA ASP A 67 11.05 20.01 12.10
C ASP A 67 11.38 21.52 12.25
N ARG A 68 10.37 22.38 12.11
CA ARG A 68 10.45 23.83 12.30
C ARG A 68 9.72 24.28 13.58
N THR A 69 9.01 23.38 14.28
CA THR A 69 8.19 23.70 15.46
C THR A 69 9.08 23.78 16.72
N SER A 70 10.08 22.90 16.84
CA SER A 70 11.09 22.85 17.88
C SER A 70 12.48 23.07 17.26
N GLY A 71 12.72 22.56 16.04
CA GLY A 71 13.92 22.81 15.24
C GLY A 71 14.78 21.57 14.99
N ASN A 72 14.31 20.39 15.41
CA ASN A 72 15.08 19.15 15.49
C ASN A 72 15.06 18.38 14.16
N VAL A 73 16.13 17.64 13.88
CA VAL A 73 16.22 16.65 12.80
C VAL A 73 15.55 15.36 13.34
N GLU A 74 14.43 14.99 12.74
CA GLU A 74 13.58 13.90 13.19
C GLU A 74 13.79 12.64 12.32
N ASP A 75 14.15 12.80 11.05
CA ASP A 75 14.30 11.71 10.07
C ASP A 75 15.35 12.12 9.03
N ASP A 76 16.36 11.27 8.78
CA ASP A 76 17.44 11.49 7.81
C ASP A 76 17.94 10.13 7.30
N LEU A 77 18.33 10.06 6.02
CA LEU A 77 18.83 8.89 5.32
C LEU A 77 19.92 9.32 4.32
N ILE A 78 20.97 8.50 4.16
CA ILE A 78 21.90 8.57 3.04
C ILE A 78 21.29 7.67 1.94
N ILE A 79 21.15 8.22 0.74
CA ILE A 79 20.52 7.60 -0.43
C ILE A 79 21.64 7.00 -1.29
N PHE A 80 21.49 5.75 -1.70
CA PHE A 80 22.30 5.09 -2.72
C PHE A 80 21.65 5.35 -4.10
N PRO A 81 22.43 5.55 -5.20
CA PRO A 81 21.96 5.90 -6.55
C PRO A 81 20.75 5.09 -7.06
N ASP A 82 19.70 5.81 -7.52
CA ASP A 82 18.51 5.31 -8.22
C ASP A 82 17.46 4.65 -7.30
N ASP A 83 17.90 3.94 -6.25
CA ASP A 83 17.11 3.14 -5.31
C ASP A 83 15.85 3.85 -4.79
N CYS A 84 16.03 5.04 -4.22
CA CYS A 84 14.94 5.92 -3.81
C CYS A 84 14.51 6.75 -5.02
N GLU A 85 13.21 6.76 -5.34
CA GLU A 85 12.60 7.45 -6.47
C GLU A 85 11.32 8.14 -5.97
N PHE A 86 11.11 9.41 -6.35
CA PHE A 86 10.06 10.29 -5.84
C PHE A 86 9.00 10.47 -6.93
N LYS A 87 7.73 10.24 -6.57
CA LYS A 87 6.56 10.34 -7.42
C LYS A 87 5.40 11.02 -6.67
N ARG A 88 4.40 11.52 -7.40
CA ARG A 88 3.15 12.04 -6.87
C ARG A 88 2.19 10.86 -6.65
N VAL A 89 1.37 10.90 -5.60
CA VAL A 89 0.33 9.90 -5.35
C VAL A 89 -0.86 10.19 -6.30
N PRO A 90 -1.29 9.23 -7.15
CA PRO A 90 -2.36 9.47 -8.15
C PRO A 90 -3.77 9.52 -7.56
N GLN A 91 -3.95 9.00 -6.33
CA GLN A 91 -5.21 9.01 -5.59
C GLN A 91 -5.45 10.36 -4.87
N CYS A 92 -4.49 11.29 -4.91
CA CYS A 92 -4.61 12.65 -4.37
C CYS A 92 -5.38 13.50 -5.40
N PRO A 93 -6.47 14.21 -5.02
CA PRO A 93 -7.23 15.05 -5.94
C PRO A 93 -6.53 16.39 -6.23
N SER A 94 -5.87 16.99 -5.22
CA SER A 94 -5.23 18.30 -5.30
C SER A 94 -3.82 18.21 -5.91
N GLY A 95 -3.08 17.14 -5.60
CA GLY A 95 -1.76 16.83 -6.18
C GLY A 95 -0.60 17.10 -5.21
N ARG A 96 -0.89 17.41 -3.94
CA ARG A 96 0.05 17.89 -2.93
C ARG A 96 0.73 16.75 -2.14
N VAL A 97 0.27 15.50 -2.28
CA VAL A 97 0.82 14.33 -1.59
C VAL A 97 1.74 13.59 -2.58
N TYR A 98 2.94 13.27 -2.12
CA TYR A 98 4.03 12.64 -2.85
C TYR A 98 4.55 11.44 -2.06
N VAL A 99 5.26 10.53 -2.73
CA VAL A 99 5.78 9.29 -2.19
C VAL A 99 7.21 9.08 -2.69
N LEU A 100 8.14 8.85 -1.75
CA LEU A 100 9.49 8.37 -2.00
C LEU A 100 9.40 6.85 -1.85
N LYS A 101 9.52 6.12 -2.97
CA LYS A 101 9.51 4.67 -3.03
C LYS A 101 10.96 4.18 -3.10
N PHE A 102 11.27 3.15 -2.31
CA PHE A 102 12.55 2.45 -2.26
C PHE A 102 12.41 1.19 -3.12
N LYS A 103 13.39 0.90 -3.97
CA LYS A 103 13.41 -0.25 -4.87
C LYS A 103 14.01 -1.47 -4.13
N ALA A 104 15.04 -1.28 -3.31
CA ALA A 104 15.58 -2.30 -2.41
C ALA A 104 14.74 -2.29 -1.11
N GLY A 105 13.84 -3.26 -0.97
CA GLY A 105 13.07 -3.53 0.24
C GLY A 105 11.57 -3.28 0.06
N SER A 106 11.18 -2.47 -0.94
CA SER A 106 9.80 -2.19 -1.37
C SER A 106 9.05 -1.22 -0.43
N LYS A 107 9.79 -0.49 0.40
CA LYS A 107 9.31 0.53 1.34
C LYS A 107 8.82 1.78 0.58
N ARG A 108 7.89 2.51 1.19
CA ARG A 108 7.39 3.82 0.77
C ARG A 108 7.38 4.75 1.99
N LEU A 109 7.85 5.99 1.81
CA LEU A 109 7.65 7.10 2.72
C LEU A 109 6.80 8.14 1.99
N PHE A 110 5.64 8.50 2.56
CA PHE A 110 4.67 9.43 2.00
C PHE A 110 4.88 10.81 2.65
N PHE A 111 4.94 11.84 1.81
CA PHE A 111 5.20 13.24 2.13
C PHE A 111 4.04 14.11 1.61
N TRP A 112 3.79 15.25 2.25
CA TRP A 112 2.74 16.20 1.86
C TRP A 112 3.30 17.63 1.89
N MET A 113 3.04 18.42 0.85
CA MET A 113 3.56 19.78 0.65
C MET A 113 2.75 20.80 1.46
N GLN A 114 3.42 21.73 2.16
CA GLN A 114 2.78 22.81 2.93
C GLN A 114 2.51 24.05 2.04
N GLU A 115 3.14 24.13 0.87
CA GLU A 115 3.09 25.28 -0.04
C GLU A 115 1.68 25.44 -0.66
N PRO A 116 1.08 26.66 -0.66
CA PRO A 116 -0.26 26.88 -1.22
C PRO A 116 -0.27 27.00 -2.76
N LYS A 117 0.84 27.45 -3.36
CA LYS A 117 1.02 27.61 -4.80
C LYS A 117 1.49 26.25 -5.36
N THR A 118 0.53 25.36 -5.67
CA THR A 118 0.76 23.99 -6.14
C THR A 118 1.60 23.87 -7.43
N ASP A 119 1.77 24.97 -8.17
CA ASP A 119 2.67 25.15 -9.32
C ASP A 119 4.14 24.90 -8.95
N GLN A 120 4.53 25.16 -7.69
CA GLN A 120 5.88 24.97 -7.17
C GLN A 120 6.19 23.48 -6.93
N ASP A 121 5.17 22.68 -6.62
CA ASP A 121 5.29 21.26 -6.23
C ASP A 121 5.81 20.40 -7.39
N GLU A 122 5.44 20.77 -8.63
CA GLU A 122 5.91 20.17 -9.88
C GLU A 122 7.43 20.37 -10.06
N GLU A 123 7.91 21.61 -9.81
CA GLU A 123 9.31 21.99 -9.92
C GLU A 123 10.13 21.38 -8.76
N HIS A 124 9.53 21.27 -7.56
CA HIS A 124 10.14 20.59 -6.40
C HIS A 124 10.31 19.10 -6.70
N CYS A 125 9.26 18.41 -7.16
CA CYS A 125 9.26 16.99 -7.55
C CYS A 125 10.31 16.70 -8.64
N ARG A 126 10.41 17.58 -9.65
CA ARG A 126 11.44 17.57 -10.70
C ARG A 126 12.86 17.66 -10.10
N LYS A 127 13.14 18.70 -9.30
CA LYS A 127 14.42 18.91 -8.63
C LYS A 127 14.83 17.75 -7.71
N VAL A 128 13.91 17.28 -6.85
CA VAL A 128 14.09 16.14 -5.96
C VAL A 128 14.49 14.88 -6.75
N ASN A 129 13.63 14.43 -7.69
CA ASN A 129 13.80 13.14 -8.37
C ASN A 129 15.07 13.11 -9.25
N GLU A 130 15.41 14.22 -9.93
CA GLU A 130 16.60 14.29 -10.79
C GLU A 130 17.92 14.26 -10.00
N TYR A 131 17.95 14.67 -8.72
CA TYR A 131 19.12 14.46 -7.86
C TYR A 131 19.16 13.01 -7.32
N LEU A 132 18.00 12.37 -7.10
CA LEU A 132 17.91 10.99 -6.61
C LEU A 132 18.26 9.97 -7.71
N ASN A 133 17.80 10.19 -8.97
CA ASN A 133 18.06 9.27 -10.09
C ASN A 133 19.44 9.50 -10.74
N ASN A 134 20.09 10.65 -10.49
CA ASN A 134 21.38 11.04 -11.08
C ASN A 134 22.25 11.73 -10.02
N PRO A 135 23.18 11.00 -9.35
CA PRO A 135 24.21 11.54 -8.44
C PRO A 135 25.07 12.68 -9.05
N PRO A 136 25.75 13.52 -8.24
CA PRO A 136 26.51 14.69 -8.70
C PRO A 136 27.75 14.33 -9.54
N MET A 137 28.83 13.83 -8.92
CA MET A 137 30.05 13.38 -9.59
C MET A 137 30.80 12.34 -8.74
N PRO A 138 30.25 11.12 -8.52
CA PRO A 138 30.91 10.08 -7.73
C PRO A 138 32.06 9.38 -8.48
N GLY A 139 33.16 9.12 -7.78
CA GLY A 139 34.32 8.35 -8.23
C GLY A 139 34.60 7.15 -7.32
N ALA A 140 33.67 6.83 -6.41
CA ALA A 140 33.75 5.73 -5.45
C ALA A 140 33.31 4.42 -6.13
N LEU A 141 34.22 3.83 -6.91
CA LEU A 141 33.97 2.62 -7.70
C LEU A 141 34.05 1.34 -6.85
N GLY A 142 34.74 1.38 -5.70
CA GLY A 142 34.82 0.30 -4.71
C GLY A 142 36.19 -0.38 -4.67
N ALA A 143 37.17 0.14 -5.42
CA ALA A 143 38.48 -0.47 -5.66
C ALA A 143 39.48 -0.30 -4.50
N SER A 144 39.21 0.60 -3.55
CA SER A 144 40.05 0.85 -2.37
C SER A 144 39.17 1.28 -1.18
N GLY A 145 38.89 2.58 -1.05
CA GLY A 145 38.23 3.21 0.09
C GLY A 145 39.12 4.34 0.63
N SER A 146 38.96 4.72 1.89
CA SER A 146 39.76 5.75 2.57
C SER A 146 39.90 5.51 4.08
N SER A 147 38.77 5.21 4.76
CA SER A 147 38.62 5.03 6.21
C SER A 147 38.57 6.38 6.95
N GLY A 148 38.19 6.38 8.24
CA GLY A 148 38.06 7.58 9.07
C GLY A 148 36.62 7.81 9.55
N HIS A 149 35.86 6.73 9.76
CA HIS A 149 34.45 6.74 10.20
C HIS A 149 34.15 5.68 11.27
N GLU A 150 35.08 4.73 11.50
CA GLU A 150 34.98 3.63 12.44
C GLU A 150 34.88 4.12 13.91
N LEU A 151 33.97 3.54 14.69
CA LEU A 151 33.73 3.86 16.09
C LEU A 151 34.68 3.00 16.94
N SER A 152 35.86 3.54 17.25
CA SER A 152 36.86 2.94 18.14
C SER A 152 37.67 4.08 18.74
N ALA A 153 37.35 4.49 19.97
CA ALA A 153 38.03 5.58 20.69
C ALA A 153 39.38 5.10 21.26
N LEU A 154 39.44 3.86 21.72
CA LEU A 154 40.64 3.13 22.11
C LEU A 154 41.03 2.20 20.94
N GLY A 155 42.26 1.68 20.99
CA GLY A 155 42.78 0.64 20.10
C GLY A 155 43.18 -0.57 20.95
N GLY A 156 42.87 -1.79 20.47
CA GLY A 156 43.07 -3.04 21.19
C GLY A 156 44.02 -4.02 20.50
N GLU A 157 44.57 -3.65 19.32
CA GLU A 157 45.58 -4.38 18.54
C GLU A 157 45.02 -5.64 17.85
N GLY A 158 43.71 -5.66 17.57
CA GLY A 158 42.98 -6.76 16.94
C GLY A 158 42.37 -6.34 15.61
N GLY A 159 41.26 -6.96 15.23
CA GLY A 159 40.49 -6.70 14.01
C GLY A 159 40.41 -7.92 13.08
N LEU A 160 41.23 -8.95 13.33
CA LEU A 160 41.24 -10.28 12.71
C LEU A 160 41.94 -10.32 11.33
N GLN A 161 42.41 -9.18 10.83
CA GLN A 161 43.04 -8.99 9.52
C GLN A 161 44.21 -7.98 9.60
N SER A 162 44.81 -7.84 10.80
CA SER A 162 45.91 -6.91 11.07
C SER A 162 47.29 -7.53 10.70
N LEU A 163 47.36 -8.84 10.47
CA LEU A 163 48.56 -9.55 10.03
C LEU A 163 48.66 -9.42 8.50
N LEU A 164 49.84 -9.06 7.99
CA LEU A 164 50.14 -8.91 6.58
C LEU A 164 50.67 -10.26 6.04
N GLY A 165 50.16 -10.68 4.87
CA GLY A 165 50.52 -11.92 4.19
C GLY A 165 51.05 -11.69 2.76
N ASN A 166 51.31 -10.42 2.40
CA ASN A 166 51.81 -10.01 1.09
C ASN A 166 53.35 -10.15 1.09
N MET A 167 53.92 -10.71 0.00
CA MET A 167 55.34 -11.02 -0.16
C MET A 167 56.06 -9.96 -1.04
N SER A 168 55.41 -8.82 -1.31
CA SER A 168 55.82 -7.69 -2.13
C SER A 168 55.28 -7.81 -3.58
N HIS A 169 55.30 -6.70 -4.32
CA HIS A 169 54.76 -6.55 -5.67
C HIS A 169 55.79 -7.02 -6.72
N SER A 170 55.31 -7.21 -7.95
CA SER A 170 56.10 -7.49 -9.15
C SER A 170 55.44 -6.82 -10.37
N GLN A 171 56.23 -6.55 -11.42
CA GLN A 171 55.83 -5.82 -12.62
C GLN A 171 55.01 -6.75 -13.53
N LEU A 172 53.93 -6.23 -14.12
CA LEU A 172 53.05 -6.94 -15.06
C LEU A 172 53.75 -7.10 -16.42
N MET A 173 54.41 -6.03 -16.88
CA MET A 173 55.26 -5.94 -18.06
C MET A 173 56.30 -4.86 -17.73
N GLN A 174 56.02 -3.61 -18.13
CA GLN A 174 56.64 -2.36 -17.67
C GLN A 174 58.03 -2.05 -18.26
N LEU A 175 58.54 -2.94 -19.13
CA LEU A 175 59.86 -2.96 -19.78
C LEU A 175 60.91 -3.64 -18.88
N ILE A 176 61.92 -4.28 -19.50
CA ILE A 176 63.06 -4.91 -18.83
C ILE A 176 64.08 -3.80 -18.49
N GLY A 177 63.74 -2.97 -17.51
CA GLY A 177 64.47 -1.78 -17.07
C GLY A 177 63.64 -0.51 -17.26
N PRO A 178 64.08 0.65 -16.70
CA PRO A 178 63.34 1.92 -16.80
C PRO A 178 63.51 2.66 -18.16
N ALA A 179 64.46 2.21 -19.00
CA ALA A 179 64.92 2.78 -20.27
C ALA A 179 66.07 3.78 -20.07
N GLY A 180 66.93 3.90 -21.08
CA GLY A 180 68.08 4.80 -21.12
C GLY A 180 67.98 5.75 -22.33
N LEU A 181 69.13 6.13 -22.89
CA LEU A 181 69.24 6.97 -24.09
C LEU A 181 68.98 6.12 -25.36
N GLY A 182 68.61 6.78 -26.46
CA GLY A 182 68.21 6.17 -27.72
C GLY A 182 66.82 6.70 -28.08
N GLY A 183 65.78 5.92 -27.78
CA GLY A 183 64.37 6.29 -27.99
C GLY A 183 63.64 5.36 -28.97
N LEU A 184 64.30 4.30 -29.45
CA LEU A 184 63.72 3.27 -30.33
C LEU A 184 62.75 2.40 -29.52
N GLY A 185 61.52 2.26 -30.03
CA GLY A 185 60.43 1.47 -29.44
C GLY A 185 59.90 0.42 -30.43
N GLY A 186 58.78 -0.21 -30.08
CA GLY A 186 58.11 -1.25 -30.86
C GLY A 186 56.70 -0.84 -31.31
N LEU A 187 56.43 0.48 -31.35
CA LEU A 187 55.15 1.07 -31.76
C LEU A 187 54.92 0.84 -33.27
N GLY A 188 53.72 0.35 -33.62
CA GLY A 188 53.32 -0.06 -34.96
C GLY A 188 52.98 -1.56 -35.01
N ALA A 189 53.45 -2.33 -34.02
CA ALA A 189 53.12 -3.73 -33.79
C ALA A 189 51.83 -3.79 -32.92
N LEU A 190 51.87 -4.45 -31.76
CA LEU A 190 50.79 -4.63 -30.77
C LEU A 190 49.75 -5.65 -31.26
N THR A 191 49.03 -5.29 -32.32
CA THR A 191 48.12 -6.11 -33.11
C THR A 191 48.32 -5.92 -34.63
N GLY A 192 49.19 -4.98 -35.04
CA GLY A 192 49.48 -4.62 -36.43
C GLY A 192 49.11 -3.16 -36.71
N PRO A 193 49.49 -2.61 -37.90
CA PRO A 193 49.11 -1.25 -38.35
C PRO A 193 47.60 -0.95 -38.25
N GLY A 194 47.25 0.13 -37.55
CA GLY A 194 45.87 0.55 -37.27
C GLY A 194 45.59 1.99 -37.71
N LEU A 195 46.31 2.50 -38.71
CA LEU A 195 46.23 3.89 -39.20
C LEU A 195 44.86 4.18 -39.85
N ALA A 196 44.36 3.23 -40.66
CA ALA A 196 43.01 3.18 -41.25
C ALA A 196 42.75 4.23 -42.34
N SER A 197 43.83 4.81 -42.90
CA SER A 197 43.88 5.97 -43.81
C SER A 197 42.88 6.01 -44.99
N LEU A 198 42.50 4.85 -45.54
CA LEU A 198 41.49 4.68 -46.58
C LEU A 198 40.73 3.35 -46.38
N LEU A 199 40.58 2.93 -45.12
CA LEU A 199 39.89 1.71 -44.71
C LEU A 199 38.40 2.04 -44.51
N GLY A 200 37.51 1.14 -44.97
CA GLY A 200 36.06 1.28 -44.94
C GLY A 200 35.49 1.22 -46.36
N SER A 201 34.21 1.56 -46.50
CA SER A 201 33.46 1.57 -47.76
C SER A 201 32.40 2.70 -47.73
N SER A 202 31.95 3.13 -48.91
CA SER A 202 30.90 4.12 -49.13
C SER A 202 30.25 3.86 -50.49
N GLY A 203 29.00 4.27 -50.66
CA GLY A 203 28.19 4.14 -51.87
C GLY A 203 26.91 3.35 -51.56
N PRO A 204 25.75 4.01 -51.41
CA PRO A 204 24.48 3.33 -51.11
C PRO A 204 23.87 2.68 -52.37
N PRO A 205 23.03 1.64 -52.24
CA PRO A 205 22.32 0.99 -53.36
C PRO A 205 21.09 1.81 -53.82
N GLY A 206 21.29 3.08 -54.19
CA GLY A 206 20.30 4.03 -54.67
C GLY A 206 20.66 4.56 -56.05
N SER A 207 19.74 5.32 -56.66
CA SER A 207 19.91 6.00 -57.94
C SER A 207 19.06 7.28 -57.95
N SER A 208 17.73 7.15 -57.78
CA SER A 208 16.77 8.26 -57.70
C SER A 208 15.70 8.00 -56.63
N SER A 209 15.12 6.79 -56.60
CA SER A 209 14.15 6.25 -55.62
C SER A 209 12.67 6.57 -55.92
N SER A 210 12.39 7.16 -57.08
CA SER A 210 11.05 7.58 -57.54
C SER A 210 10.30 6.38 -58.16
N SER A 211 10.11 5.33 -57.36
CA SER A 211 9.43 4.08 -57.71
C SER A 211 7.91 4.29 -57.81
N SER A 212 7.23 3.44 -58.60
CA SER A 212 5.79 3.48 -58.88
C SER A 212 4.91 3.13 -57.65
N SER A 213 5.48 2.50 -56.62
CA SER A 213 4.89 2.22 -55.33
C SER A 213 5.98 2.28 -54.26
N ARG A 214 5.59 2.59 -53.01
CA ARG A 214 6.43 2.52 -51.82
C ARG A 214 6.26 1.16 -51.10
N SER A 215 5.35 0.29 -51.56
CA SER A 215 5.10 -1.07 -51.08
C SER A 215 4.41 -1.08 -49.70
N GLN A 216 3.44 -0.17 -49.50
CA GLN A 216 2.70 0.04 -48.26
C GLN A 216 1.73 -1.10 -47.89
N SER A 217 1.48 -2.04 -48.82
CA SER A 217 0.63 -3.21 -48.68
C SER A 217 1.26 -4.37 -49.47
N ALA A 218 0.97 -5.61 -49.07
CA ALA A 218 1.53 -6.85 -49.62
C ALA A 218 0.48 -7.97 -49.69
N ALA A 219 -0.76 -7.61 -50.07
CA ALA A 219 -1.88 -8.53 -50.26
C ALA A 219 -1.69 -9.38 -51.53
N VAL A 220 -2.28 -10.58 -51.53
CA VAL A 220 -2.18 -11.68 -52.49
C VAL A 220 -2.67 -11.39 -53.94
N THR A 221 -2.74 -10.11 -54.31
CA THR A 221 -3.04 -9.54 -55.63
C THR A 221 -2.46 -10.27 -56.88
N PRO A 222 -1.17 -10.70 -56.93
CA PRO A 222 -0.69 -11.59 -58.00
C PRO A 222 -1.11 -13.05 -57.75
N SER A 223 -2.36 -13.39 -58.06
CA SER A 223 -2.93 -14.74 -58.03
C SER A 223 -4.07 -14.84 -59.06
N SER A 224 -4.52 -16.07 -59.33
CA SER A 224 -5.67 -16.39 -60.20
C SER A 224 -6.57 -17.49 -59.61
N THR A 225 -6.33 -17.87 -58.35
CA THR A 225 -7.14 -18.78 -57.54
C THR A 225 -8.30 -18.00 -56.88
N THR A 226 -9.32 -18.71 -56.39
CA THR A 226 -10.53 -18.21 -55.73
C THR A 226 -10.29 -17.67 -54.30
N SER A 227 -9.15 -17.01 -54.09
CA SER A 227 -8.62 -16.53 -52.82
C SER A 227 -9.18 -15.14 -52.44
N SER A 228 -9.89 -14.47 -53.35
CA SER A 228 -10.51 -13.15 -53.18
C SER A 228 -11.83 -13.26 -52.36
N THR A 229 -11.70 -13.76 -51.13
CA THR A 229 -12.76 -13.98 -50.16
C THR A 229 -13.12 -12.64 -49.46
N ARG A 230 -14.36 -12.52 -48.99
CA ARG A 230 -14.91 -11.34 -48.31
C ARG A 230 -14.72 -11.47 -46.77
N ALA A 231 -13.58 -12.01 -46.34
CA ALA A 231 -13.25 -12.31 -44.95
C ALA A 231 -12.84 -11.06 -44.15
N THR A 232 -12.46 -9.98 -44.84
CA THR A 232 -12.05 -8.69 -44.30
C THR A 232 -12.91 -7.57 -44.93
N PRO A 233 -13.15 -6.43 -44.24
CA PRO A 233 -13.96 -5.33 -44.77
C PRO A 233 -13.18 -4.53 -45.84
N ALA A 234 -13.30 -4.95 -47.09
CA ALA A 234 -12.61 -4.41 -48.27
C ALA A 234 -13.47 -4.47 -49.55
N PRO A 235 -13.85 -5.65 -50.08
CA PRO A 235 -14.71 -5.76 -51.27
C PRO A 235 -16.20 -5.44 -50.98
N SER A 236 -16.63 -5.62 -49.74
CA SER A 236 -17.95 -5.29 -49.21
C SER A 236 -18.10 -3.76 -49.02
N ALA A 237 -17.07 -3.11 -48.49
CA ALA A 237 -16.87 -1.67 -48.26
C ALA A 237 -17.95 -1.07 -47.33
N PRO A 238 -17.90 -1.33 -46.00
CA PRO A 238 -18.85 -0.80 -45.00
C PRO A 238 -19.11 0.72 -45.08
N ALA A 239 -20.38 1.13 -44.93
CA ALA A 239 -20.83 2.52 -44.97
C ALA A 239 -20.76 3.21 -43.60
N ALA A 240 -20.41 2.46 -42.54
CA ALA A 240 -20.30 2.91 -41.15
C ALA A 240 -19.19 2.14 -40.43
N ALA A 241 -18.84 2.58 -39.21
CA ALA A 241 -17.85 1.97 -38.32
C ALA A 241 -18.21 0.51 -37.99
N SER A 242 -17.22 -0.37 -38.11
CA SER A 242 -17.36 -1.83 -38.06
C SER A 242 -16.30 -2.42 -37.09
N ALA A 243 -15.81 -3.64 -37.36
CA ALA A 243 -14.92 -4.48 -36.55
C ALA A 243 -15.72 -5.44 -35.65
N THR A 244 -15.01 -6.33 -34.93
CA THR A 244 -15.62 -7.37 -34.09
C THR A 244 -16.25 -6.76 -32.82
N SER A 245 -15.53 -5.86 -32.13
CA SER A 245 -15.91 -5.16 -30.90
C SER A 245 -16.20 -6.16 -29.75
N PRO A 246 -15.18 -6.87 -29.21
CA PRO A 246 -15.36 -7.97 -28.26
C PRO A 246 -15.79 -7.48 -26.86
N SER A 247 -14.89 -6.82 -26.12
CA SER A 247 -15.10 -6.23 -24.81
C SER A 247 -13.97 -5.20 -24.53
N PRO A 248 -14.01 -3.98 -25.10
CA PRO A 248 -12.96 -2.95 -24.93
C PRO A 248 -13.05 -2.20 -23.56
N ALA A 249 -13.27 -2.96 -22.47
CA ALA A 249 -13.44 -2.52 -21.08
C ALA A 249 -12.47 -1.45 -20.54
N PRO A 250 -11.13 -1.53 -20.75
CA PRO A 250 -10.16 -0.48 -20.37
C PRO A 250 -10.49 0.95 -20.83
N SER A 251 -11.12 1.10 -22.02
CA SER A 251 -11.56 2.34 -22.66
C SER A 251 -10.37 3.08 -23.30
N SER A 252 -10.05 4.28 -22.80
CA SER A 252 -8.92 5.15 -23.14
C SER A 252 -9.22 6.05 -24.37
N GLY A 253 -8.27 6.91 -24.71
CA GLY A 253 -8.30 7.86 -25.84
C GLY A 253 -8.25 9.31 -25.37
N ASN A 254 -8.67 9.59 -24.14
CA ASN A 254 -8.62 10.89 -23.48
C ASN A 254 -7.30 10.98 -22.70
N GLY A 255 -6.79 12.20 -22.48
CA GLY A 255 -5.52 12.49 -21.81
C GLY A 255 -5.68 13.21 -20.47
N ALA A 256 -6.91 13.49 -20.02
CA ALA A 256 -7.23 14.11 -18.73
C ALA A 256 -7.38 13.06 -17.60
N SER A 257 -7.11 11.78 -17.90
CA SER A 257 -7.16 10.63 -17.00
C SER A 257 -5.98 9.69 -17.31
N THR A 258 -5.57 8.87 -16.33
CA THR A 258 -4.40 7.99 -16.43
C THR A 258 -4.76 6.67 -17.16
N ALA A 259 -3.77 6.06 -17.81
CA ALA A 259 -3.88 4.78 -18.53
C ALA A 259 -3.82 3.56 -17.60
N ALA A 260 -3.70 3.78 -16.29
CA ALA A 260 -3.62 2.77 -15.23
C ALA A 260 -5.00 2.20 -14.85
N SER A 261 -6.08 2.77 -15.39
CA SER A 261 -7.51 2.47 -15.21
C SER A 261 -7.91 1.00 -14.90
N PRO A 262 -7.46 -0.02 -15.67
CA PRO A 262 -7.66 -1.45 -15.34
C PRO A 262 -7.27 -1.90 -13.92
N THR A 263 -6.20 -1.34 -13.34
CA THR A 263 -5.63 -1.58 -12.01
C THR A 263 -4.90 -2.95 -11.97
N GLN A 264 -3.55 -2.92 -11.95
CA GLN A 264 -2.68 -4.10 -11.88
C GLN A 264 -1.39 -3.87 -11.07
N PRO A 265 -1.45 -3.73 -9.72
CA PRO A 265 -0.27 -3.74 -8.83
C PRO A 265 0.62 -4.99 -9.00
N ILE A 266 1.92 -4.85 -8.70
CA ILE A 266 2.92 -5.91 -8.72
C ILE A 266 3.92 -5.66 -7.58
N GLN A 267 4.13 -6.65 -6.72
CA GLN A 267 5.03 -6.65 -5.55
C GLN A 267 4.52 -5.76 -4.39
N LEU A 268 3.20 -5.53 -4.35
CA LEU A 268 2.48 -4.62 -3.45
C LEU A 268 1.35 -5.36 -2.72
N SER A 269 1.59 -6.62 -2.34
CA SER A 269 0.66 -7.45 -1.59
C SER A 269 1.44 -8.45 -0.71
N ASP A 270 2.29 -9.26 -1.35
CA ASP A 270 3.12 -10.31 -0.74
C ASP A 270 4.23 -9.69 0.12
N LEU A 271 5.04 -8.79 -0.45
CA LEU A 271 6.12 -8.10 0.26
C LEU A 271 5.56 -7.10 1.30
N GLN A 272 4.39 -6.52 1.01
CA GLN A 272 3.66 -5.64 1.93
C GLN A 272 3.16 -6.39 3.17
N SER A 273 2.75 -7.67 3.03
CA SER A 273 2.36 -8.53 4.15
C SER A 273 3.56 -8.91 5.03
N ILE A 274 4.74 -9.14 4.42
CA ILE A 274 6.01 -9.38 5.10
C ILE A 274 6.42 -8.13 5.91
N LEU A 275 6.39 -6.93 5.29
CA LEU A 275 6.70 -5.65 5.94
C LEU A 275 5.72 -5.30 7.08
N ALA A 276 4.45 -5.71 6.96
CA ALA A 276 3.43 -5.55 7.99
C ALA A 276 3.67 -6.53 9.16
N THR A 277 3.72 -7.84 8.91
CA THR A 277 3.80 -8.86 9.98
C THR A 277 5.11 -8.78 10.80
N MET A 278 6.18 -8.20 10.23
CA MET A 278 7.45 -7.95 10.90
C MET A 278 7.50 -6.57 11.60
N ASN A 279 6.53 -5.66 11.37
CA ASN A 279 6.54 -4.31 11.92
C ASN A 279 5.13 -3.74 12.15
N VAL A 280 4.47 -3.24 11.09
CA VAL A 280 3.24 -2.44 11.18
C VAL A 280 2.03 -3.33 11.56
N PRO A 281 1.34 -3.08 12.69
CA PRO A 281 0.20 -3.90 13.15
C PRO A 281 -1.09 -3.58 12.36
N ALA A 282 -1.13 -3.97 11.08
CA ALA A 282 -2.26 -3.76 10.17
C ALA A 282 -3.46 -4.65 10.55
N GLY A 283 -3.18 -5.84 11.09
CA GLY A 283 -4.09 -6.72 11.79
C GLY A 283 -3.41 -7.25 13.06
N PRO A 284 -3.93 -8.33 13.67
CA PRO A 284 -3.30 -8.97 14.85
C PRO A 284 -2.05 -9.80 14.51
N ALA A 285 -1.88 -10.21 13.24
CA ALA A 285 -0.71 -10.88 12.70
C ALA A 285 -0.50 -10.48 11.24
N GLY A 286 -1.55 -10.63 10.43
CA GLY A 286 -1.72 -10.06 9.10
C GLY A 286 -3.06 -9.32 9.05
N GLY A 287 -3.16 -8.26 8.25
CA GLY A 287 -4.39 -7.47 8.04
C GLY A 287 -4.67 -7.30 6.55
N GLN A 288 -5.95 -7.21 6.19
CA GLN A 288 -6.46 -6.99 4.83
C GLN A 288 -7.75 -6.13 4.88
N GLN A 289 -7.87 -5.29 5.90
CA GLN A 289 -9.09 -4.59 6.31
C GLN A 289 -8.77 -3.11 6.60
N VAL A 290 -9.15 -2.61 7.78
CA VAL A 290 -8.92 -1.27 8.34
C VAL A 290 -9.95 -0.26 7.77
N ASP A 291 -10.04 -0.17 6.44
CA ASP A 291 -10.97 0.69 5.69
C ASP A 291 -12.45 0.37 5.97
N LEU A 292 -12.75 -0.92 6.23
CA LEU A 292 -14.07 -1.45 6.58
C LEU A 292 -14.62 -0.89 7.90
N ALA A 293 -13.77 -0.32 8.77
CA ALA A 293 -14.16 0.32 10.03
C ALA A 293 -14.82 1.70 9.79
N SER A 294 -14.76 2.23 8.56
CA SER A 294 -15.51 3.43 8.15
C SER A 294 -16.97 3.01 7.81
N VAL A 295 -17.15 1.90 7.10
CA VAL A 295 -18.45 1.35 6.70
C VAL A 295 -19.17 0.75 7.92
N LEU A 296 -18.50 -0.16 8.63
CA LEU A 296 -18.97 -0.80 9.84
C LEU A 296 -18.40 0.00 11.02
N THR A 297 -18.84 1.27 11.15
CA THR A 297 -18.46 2.24 12.18
C THR A 297 -18.98 1.79 13.58
N PRO A 298 -18.36 2.25 14.69
CA PRO A 298 -18.66 1.82 16.08
C PRO A 298 -20.14 1.77 16.47
N GLU A 299 -20.98 2.73 16.02
CA GLU A 299 -22.41 2.78 16.30
C GLU A 299 -23.21 1.58 15.71
N ILE A 300 -22.69 0.90 14.68
CA ILE A 300 -23.28 -0.31 14.11
C ILE A 300 -22.71 -1.55 14.81
N MET A 301 -21.40 -1.56 15.10
CA MET A 301 -20.68 -2.74 15.59
C MET A 301 -20.72 -2.90 17.12
N ALA A 302 -20.95 -1.82 17.88
CA ALA A 302 -21.08 -1.78 19.34
C ALA A 302 -21.83 -2.94 20.03
N PRO A 303 -23.11 -3.22 19.70
CA PRO A 303 -23.85 -4.35 20.30
C PRO A 303 -23.43 -5.73 19.76
N ILE A 304 -22.75 -5.80 18.61
CA ILE A 304 -22.26 -7.03 18.00
C ILE A 304 -20.99 -7.46 18.77
N LEU A 305 -20.02 -6.55 18.90
CA LEU A 305 -18.72 -6.79 19.53
C LEU A 305 -18.82 -6.93 21.06
N ALA A 306 -19.91 -6.47 21.68
CA ALA A 306 -20.19 -6.59 23.11
C ALA A 306 -20.79 -7.96 23.50
N ASN A 307 -21.20 -8.79 22.53
CA ASN A 307 -21.82 -10.08 22.79
C ASN A 307 -20.72 -11.14 22.96
N ALA A 308 -20.87 -11.99 23.99
CA ALA A 308 -19.92 -13.02 24.40
C ALA A 308 -19.58 -14.03 23.31
N ASP A 309 -20.55 -14.42 22.46
CA ASP A 309 -20.38 -15.39 21.37
C ASP A 309 -19.49 -14.84 20.25
N VAL A 310 -19.45 -13.51 20.07
CA VAL A 310 -18.57 -12.83 19.13
C VAL A 310 -17.19 -12.64 19.81
N GLN A 311 -17.16 -12.18 21.07
CA GLN A 311 -15.93 -12.00 21.85
C GLN A 311 -15.05 -13.27 21.92
N GLU A 312 -15.66 -14.44 22.19
CA GLU A 312 -14.97 -15.73 22.26
C GLU A 312 -14.46 -16.23 20.89
N ARG A 313 -14.93 -15.67 19.77
CA ARG A 313 -14.39 -15.94 18.43
C ARG A 313 -13.25 -14.96 18.12
N LEU A 314 -13.39 -13.68 18.51
CA LEU A 314 -12.43 -12.60 18.25
C LEU A 314 -11.18 -12.72 19.15
N LEU A 315 -11.35 -12.69 20.48
CA LEU A 315 -10.29 -12.66 21.49
C LEU A 315 -9.09 -13.61 21.30
N PRO A 316 -9.25 -14.92 21.00
CA PRO A 316 -8.10 -15.82 20.78
C PRO A 316 -7.29 -15.57 19.49
N TYR A 317 -7.71 -14.65 18.60
CA TYR A 317 -6.94 -14.27 17.42
C TYR A 317 -5.93 -13.14 17.74
N LEU A 318 -6.00 -12.51 18.93
CA LEU A 318 -5.09 -11.43 19.34
C LEU A 318 -3.65 -11.94 19.59
N PRO A 319 -2.61 -11.09 19.44
CA PRO A 319 -1.22 -11.47 19.70
C PRO A 319 -0.87 -11.49 21.21
N SER A 320 -1.69 -10.83 22.05
CA SER A 320 -1.58 -10.65 23.50
C SER A 320 -0.80 -9.35 23.82
N GLY A 321 -1.23 -8.63 24.86
CA GLY A 321 -0.63 -7.38 25.35
C GLY A 321 -1.54 -6.17 25.19
N GLU A 322 -2.67 -6.32 24.49
CA GLU A 322 -3.68 -5.31 24.21
C GLU A 322 -5.06 -5.99 24.12
N SER A 323 -6.12 -5.25 24.44
CA SER A 323 -7.52 -5.64 24.33
C SER A 323 -8.36 -4.34 24.20
N LEU A 324 -9.70 -4.48 24.17
CA LEU A 324 -10.68 -3.41 23.98
C LEU A 324 -11.90 -3.63 24.90
N PRO A 325 -12.77 -2.60 25.12
CA PRO A 325 -13.99 -2.71 25.95
C PRO A 325 -14.94 -3.88 25.59
N GLN A 326 -15.85 -4.22 26.52
CA GLN A 326 -16.74 -5.38 26.45
C GLN A 326 -18.21 -5.02 26.68
N THR A 327 -18.56 -3.73 26.62
CA THR A 327 -19.90 -3.18 26.76
C THR A 327 -20.11 -2.14 25.64
N ALA A 328 -21.28 -2.19 24.97
CA ALA A 328 -21.59 -1.47 23.73
C ALA A 328 -21.38 0.04 23.80
N ASP A 329 -21.80 0.66 24.91
CA ASP A 329 -21.67 2.09 25.19
C ASP A 329 -20.19 2.55 25.24
N GLU A 330 -19.31 1.70 25.76
CA GLU A 330 -17.87 1.96 25.87
C GLU A 330 -17.16 1.59 24.55
N ILE A 331 -17.59 0.56 23.80
CA ILE A 331 -17.06 0.24 22.47
C ILE A 331 -17.34 1.39 21.47
N GLN A 332 -18.50 2.06 21.62
CA GLN A 332 -18.92 3.18 20.77
C GLN A 332 -18.16 4.49 21.08
N ASN A 333 -17.59 4.65 22.29
CA ASN A 333 -17.11 5.94 22.82
C ASN A 333 -15.70 5.94 23.40
N THR A 334 -15.20 4.81 23.91
CA THR A 334 -14.05 4.72 24.82
C THR A 334 -13.00 3.78 24.23
N LEU A 335 -12.59 4.04 22.98
CA LEU A 335 -11.44 3.43 22.31
C LEU A 335 -10.74 4.45 21.40
N THR A 336 -9.46 4.23 21.12
CA THR A 336 -8.56 5.16 20.44
C THR A 336 -8.62 5.04 18.90
N SER A 337 -9.29 3.99 18.37
CA SER A 337 -9.49 3.62 16.97
C SER A 337 -8.69 2.38 16.48
N PRO A 338 -7.34 2.29 16.62
CA PRO A 338 -6.53 1.12 16.21
C PRO A 338 -7.05 -0.27 16.62
N GLN A 339 -7.48 -0.44 17.88
CA GLN A 339 -8.03 -1.71 18.39
C GLN A 339 -9.39 -2.05 17.76
N PHE A 340 -10.19 -1.06 17.37
CA PHE A 340 -11.46 -1.27 16.67
C PHE A 340 -11.20 -1.72 15.23
N GLN A 341 -10.21 -1.13 14.56
CA GLN A 341 -9.78 -1.47 13.20
C GLN A 341 -9.13 -2.88 13.15
N GLN A 342 -8.40 -3.26 14.22
CA GLN A 342 -7.84 -4.59 14.42
C GLN A 342 -8.98 -5.60 14.68
N ALA A 343 -9.94 -5.27 15.55
CA ALA A 343 -11.14 -6.06 15.84
C ALA A 343 -12.03 -6.29 14.62
N LEU A 344 -12.07 -5.31 13.69
CA LEU A 344 -12.73 -5.38 12.39
C LEU A 344 -12.12 -6.49 11.50
N GLY A 345 -10.83 -6.79 11.67
CA GLY A 345 -10.12 -7.79 10.88
C GLY A 345 -10.20 -9.17 11.54
N MET A 346 -10.26 -9.21 12.87
CA MET A 346 -10.57 -10.41 13.67
C MET A 346 -12.03 -10.85 13.42
N PHE A 347 -12.97 -9.89 13.34
CA PHE A 347 -14.37 -10.08 12.94
C PHE A 347 -14.46 -10.59 11.49
N SER A 348 -13.75 -9.96 10.54
CA SER A 348 -13.73 -10.36 9.14
C SER A 348 -13.16 -11.78 8.93
N ALA A 349 -12.16 -12.20 9.72
CA ALA A 349 -11.59 -13.54 9.70
C ALA A 349 -12.61 -14.61 10.12
N ALA A 350 -13.37 -14.35 11.20
CA ALA A 350 -14.41 -15.25 11.70
C ALA A 350 -15.63 -15.29 10.75
N LEU A 351 -15.97 -14.15 10.14
CA LEU A 351 -17.04 -13.99 9.16
C LEU A 351 -16.68 -14.71 7.84
N ALA A 352 -15.43 -14.57 7.36
CA ALA A 352 -14.93 -15.21 6.14
C ALA A 352 -14.76 -16.73 6.30
N SER A 353 -14.43 -17.19 7.51
CA SER A 353 -14.38 -18.61 7.89
C SER A 353 -15.80 -19.22 7.86
N GLY A 354 -16.80 -18.49 8.36
CA GLY A 354 -18.22 -18.81 8.26
C GLY A 354 -18.83 -19.20 9.61
N GLN A 355 -17.98 -19.49 10.60
CA GLN A 355 -18.31 -19.90 11.98
C GLN A 355 -19.07 -18.82 12.78
N LEU A 356 -18.91 -17.55 12.41
CA LEU A 356 -19.63 -16.42 13.03
C LEU A 356 -21.06 -16.32 12.47
N GLY A 357 -21.25 -16.75 11.20
CA GLY A 357 -22.46 -16.93 10.40
C GLY A 357 -23.83 -16.77 11.08
N PRO A 358 -24.27 -17.75 11.92
CA PRO A 358 -25.61 -17.73 12.52
C PRO A 358 -25.83 -16.67 13.63
N LEU A 359 -24.79 -15.99 14.11
CA LEU A 359 -24.93 -14.89 15.08
C LEU A 359 -25.50 -13.64 14.39
N MET A 360 -25.18 -13.40 13.11
CA MET A 360 -25.69 -12.29 12.29
C MET A 360 -27.23 -12.34 12.15
N CYS A 361 -27.81 -13.54 12.19
CA CYS A 361 -29.25 -13.80 12.18
C CYS A 361 -29.91 -13.47 13.54
N GLN A 362 -29.13 -13.49 14.64
CA GLN A 362 -29.62 -13.30 16.01
C GLN A 362 -29.72 -11.80 16.33
N PHE A 363 -28.79 -10.98 15.82
CA PHE A 363 -28.71 -9.55 16.11
C PHE A 363 -29.79 -8.75 15.36
N GLY A 364 -30.10 -9.12 14.11
CA GLY A 364 -31.22 -8.55 13.35
C GLY A 364 -30.78 -7.56 12.28
N LEU A 365 -29.47 -7.46 11.99
CA LEU A 365 -28.86 -6.65 10.94
C LEU A 365 -29.37 -7.05 9.52
N PRO A 366 -29.31 -6.15 8.50
CA PRO A 366 -29.93 -6.31 7.17
C PRO A 366 -29.78 -7.70 6.51
N ALA A 367 -30.89 -8.27 6.03
CA ALA A 367 -30.98 -9.64 5.47
C ALA A 367 -30.03 -9.89 4.29
N GLU A 368 -29.75 -8.85 3.50
CA GLU A 368 -28.81 -8.85 2.37
C GLU A 368 -27.35 -9.01 2.84
N ALA A 369 -27.03 -8.62 4.08
CA ALA A 369 -25.72 -8.84 4.70
C ALA A 369 -25.68 -10.25 5.33
N VAL A 370 -26.79 -10.71 5.95
CA VAL A 370 -26.93 -12.07 6.50
C VAL A 370 -26.77 -13.15 5.39
N GLU A 371 -27.27 -12.88 4.17
CA GLU A 371 -27.10 -13.71 2.98
C GLU A 371 -25.63 -13.79 2.50
N ALA A 372 -24.79 -12.80 2.84
CA ALA A 372 -23.36 -12.79 2.52
C ALA A 372 -22.55 -13.42 3.68
N ALA A 373 -23.00 -13.26 4.93
CA ALA A 373 -22.33 -13.65 6.17
C ALA A 373 -22.14 -15.17 6.30
N ASN A 374 -23.13 -15.95 5.85
CA ASN A 374 -23.08 -17.43 5.90
C ASN A 374 -22.18 -18.01 4.79
N LYS A 375 -21.96 -17.26 3.70
CA LYS A 375 -21.11 -17.65 2.57
C LYS A 375 -19.66 -17.20 2.84
N GLY A 376 -19.47 -16.01 3.42
CA GLY A 376 -18.19 -15.48 3.88
C GLY A 376 -17.72 -14.26 3.08
N ASP A 377 -18.60 -13.64 2.27
CA ASP A 377 -18.29 -12.52 1.40
C ASP A 377 -18.36 -11.21 2.22
N VAL A 378 -17.25 -10.85 2.85
CA VAL A 378 -17.08 -9.66 3.69
C VAL A 378 -17.34 -8.34 2.91
N GLU A 379 -16.96 -8.31 1.62
CA GLU A 379 -17.18 -7.19 0.70
C GLU A 379 -18.69 -6.97 0.43
N ALA A 380 -19.45 -8.06 0.26
CA ALA A 380 -20.90 -8.02 0.04
C ALA A 380 -21.65 -7.69 1.33
N PHE A 381 -21.15 -8.15 2.49
CA PHE A 381 -21.63 -7.79 3.83
C PHE A 381 -21.52 -6.27 4.06
N ALA A 382 -20.34 -5.69 3.74
CA ALA A 382 -20.07 -4.26 3.82
C ALA A 382 -20.94 -3.46 2.84
N LYS A 383 -21.03 -3.88 1.56
CA LYS A 383 -21.82 -3.23 0.51
C LYS A 383 -23.34 -3.24 0.83
N ALA A 384 -23.85 -4.33 1.42
CA ALA A 384 -25.23 -4.45 1.89
C ALA A 384 -25.51 -3.46 3.04
N MET A 385 -24.54 -3.23 3.93
CA MET A 385 -24.63 -2.26 5.02
C MET A 385 -24.60 -0.82 4.49
N GLN A 386 -23.80 -0.53 3.43
CA GLN A 386 -23.75 0.79 2.77
C GLN A 386 -25.10 1.18 2.16
N ASN A 387 -25.81 0.21 1.57
CA ASN A 387 -27.12 0.41 0.93
C ASN A 387 -28.23 0.60 1.97
N ASN A 388 -28.21 -0.18 3.06
CA ASN A 388 -29.28 -0.24 4.06
C ASN A 388 -29.10 0.76 5.22
N ALA A 389 -27.92 1.38 5.36
CA ALA A 389 -27.64 2.42 6.38
C ALA A 389 -28.26 3.77 6.00
N LYS A 390 -28.56 3.98 4.71
CA LYS A 390 -29.29 5.12 4.18
C LYS A 390 -30.79 4.87 4.45
N PRO A 391 -31.53 5.80 5.11
CA PRO A 391 -32.94 5.62 5.58
C PRO A 391 -33.91 4.88 4.65
N GLU A 392 -34.11 5.40 3.43
CA GLU A 392 -34.94 4.82 2.38
C GLU A 392 -34.13 4.58 1.08
N GLN A 393 -32.80 4.68 1.17
CA GLN A 393 -31.81 4.56 0.09
C GLN A 393 -31.92 5.76 -0.88
N LYS A 394 -32.02 6.98 -0.32
CA LYS A 394 -32.25 8.25 -0.99
C LYS A 394 -30.96 8.76 -1.70
N GLU A 395 -30.27 7.88 -2.42
CA GLU A 395 -29.05 8.14 -3.18
C GLU A 395 -29.44 8.75 -4.54
N GLY A 396 -29.82 10.02 -4.52
CA GLY A 396 -30.36 10.80 -5.63
C GLY A 396 -31.77 11.32 -5.30
N ASP A 397 -32.17 12.39 -5.98
CA ASP A 397 -33.46 13.07 -5.87
C ASP A 397 -34.49 12.39 -6.81
N THR A 398 -35.74 12.86 -6.72
CA THR A 398 -36.86 12.52 -7.62
C THR A 398 -37.43 13.85 -8.16
N LYS A 399 -38.03 13.81 -9.35
CA LYS A 399 -38.45 14.98 -10.12
C LYS A 399 -39.81 15.50 -9.58
N ASP A 400 -39.75 16.41 -8.62
CA ASP A 400 -40.88 17.22 -8.12
C ASP A 400 -40.93 18.53 -8.94
N LYS A 401 -41.97 19.33 -8.69
CA LYS A 401 -42.24 20.64 -9.29
C LYS A 401 -42.94 21.61 -8.32
N LYS A 402 -43.42 21.15 -7.15
CA LYS A 402 -44.10 21.95 -6.15
C LYS A 402 -43.09 22.53 -5.12
N ASP A 403 -41.91 21.91 -4.98
CA ASP A 403 -40.82 22.30 -4.09
C ASP A 403 -39.48 21.88 -4.72
N GLU A 404 -38.47 22.75 -4.68
CA GLU A 404 -37.11 22.54 -5.19
C GLU A 404 -36.11 23.17 -4.21
N GLU A 405 -35.06 22.43 -3.83
CA GLU A 405 -33.96 22.91 -2.99
C GLU A 405 -32.87 23.49 -3.90
N GLU A 406 -32.24 24.59 -3.47
CA GLU A 406 -31.11 25.23 -4.12
C GLU A 406 -30.21 25.86 -3.05
N ASP A 407 -30.16 27.20 -2.98
CA ASP A 407 -29.35 27.97 -2.03
C ASP A 407 -30.04 28.10 -0.66
N MET A 408 -31.37 27.93 -0.63
CA MET A 408 -32.25 27.92 0.54
C MET A 408 -32.53 29.35 1.07
N SER A 409 -32.40 30.37 0.21
CA SER A 409 -32.73 31.78 0.47
C SER A 409 -34.16 32.00 1.01
N LEU A 410 -34.33 33.04 1.83
CA LEU A 410 -35.57 33.36 2.54
C LEU A 410 -36.59 34.05 1.61
N ASP A 411 -37.88 33.88 1.92
CA ASP A 411 -39.01 34.56 1.28
C ASP A 411 -39.61 35.52 2.33
N MET A 5 44.56 46.02 -13.70
CA MET A 5 44.58 45.77 -15.15
C MET A 5 46.01 45.51 -15.65
N THR A 6 46.92 46.50 -15.51
CA THR A 6 48.35 46.37 -15.83
C THR A 6 49.06 45.39 -14.86
N THR A 7 48.56 45.31 -13.62
CA THR A 7 48.83 44.29 -12.61
C THR A 7 47.48 43.84 -12.03
N SER A 8 47.49 42.77 -11.20
CA SER A 8 46.35 42.22 -10.49
C SER A 8 46.79 41.66 -9.13
N GLY A 9 45.86 41.49 -8.19
CA GLY A 9 46.12 41.00 -6.83
C GLY A 9 45.77 42.04 -5.77
N ALA A 10 44.66 42.77 -5.95
CA ALA A 10 44.19 43.85 -5.07
C ALA A 10 43.56 43.32 -3.76
N LEU A 11 43.16 42.05 -3.74
CA LEU A 11 42.66 41.30 -2.59
C LEU A 11 43.57 40.08 -2.36
N PHE A 12 43.58 39.57 -1.12
CA PHE A 12 44.33 38.38 -0.69
C PHE A 12 43.72 37.08 -1.27
N PRO A 13 44.52 36.02 -1.51
CA PRO A 13 44.05 34.74 -2.04
C PRO A 13 43.37 33.88 -0.96
N SER A 14 42.66 32.82 -1.40
CA SER A 14 42.03 31.82 -0.54
C SER A 14 43.08 30.76 -0.14
N LEU A 15 42.99 30.26 1.09
CA LEU A 15 43.80 29.17 1.63
C LEU A 15 43.05 27.82 1.58
N VAL A 16 41.87 27.76 0.93
CA VAL A 16 41.12 26.52 0.70
C VAL A 16 41.86 25.70 -0.39
N PRO A 17 42.17 24.40 -0.16
CA PRO A 17 42.95 23.60 -1.12
C PRO A 17 42.14 23.09 -2.32
N GLY A 18 40.82 22.96 -2.19
CA GLY A 18 39.88 22.54 -3.23
C GLY A 18 38.81 23.60 -3.46
N SER A 19 37.54 23.20 -3.47
CA SER A 19 36.37 24.04 -3.69
C SER A 19 35.21 23.67 -2.75
N ARG A 20 35.55 23.09 -1.59
CA ARG A 20 34.66 22.66 -0.52
C ARG A 20 35.36 22.86 0.83
N GLY A 21 34.62 22.77 1.92
CA GLY A 21 35.09 22.94 3.29
C GLY A 21 34.28 24.04 3.99
N ALA A 22 33.86 23.78 5.23
CA ALA A 22 33.17 24.68 6.17
C ALA A 22 31.71 25.00 5.79
N SER A 23 31.18 24.32 4.77
CA SER A 23 29.86 24.54 4.18
C SER A 23 29.01 23.26 4.36
N ASN A 24 27.72 23.43 4.69
CA ASN A 24 26.70 22.38 4.84
C ASN A 24 25.43 22.83 4.11
N LYS A 25 25.60 23.20 2.84
CA LYS A 25 24.53 23.67 1.95
C LYS A 25 23.67 22.49 1.49
N TYR A 26 22.34 22.70 1.44
CA TYR A 26 21.36 21.69 1.03
C TYR A 26 21.32 21.65 -0.52
N LEU A 27 21.15 20.46 -1.10
CA LEU A 27 21.04 20.24 -2.55
C LEU A 27 19.59 20.45 -3.00
N VAL A 28 18.61 20.06 -2.17
CA VAL A 28 17.18 20.25 -2.31
C VAL A 28 16.63 20.61 -0.92
N GLU A 29 15.56 21.39 -0.85
CA GLU A 29 14.94 21.93 0.34
C GLU A 29 13.48 22.26 0.01
N PHE A 30 12.50 21.73 0.76
CA PHE A 30 11.08 22.03 0.61
C PHE A 30 10.30 21.79 1.90
N ARG A 31 9.22 22.56 2.13
CA ARG A 31 8.37 22.41 3.31
C ARG A 31 7.35 21.30 3.04
N ALA A 32 7.33 20.27 3.90
CA ALA A 32 6.41 19.14 3.83
C ALA A 32 6.29 18.45 5.19
N GLY A 33 5.11 17.90 5.46
CA GLY A 33 4.77 17.13 6.65
C GLY A 33 4.55 15.69 6.23
N LYS A 34 5.07 14.74 7.01
CA LYS A 34 5.01 13.31 6.71
C LYS A 34 3.68 12.72 7.20
N MET A 35 3.34 11.52 6.72
CA MET A 35 2.27 10.67 7.21
C MET A 35 2.92 9.38 7.70
N SER A 36 2.53 8.90 8.88
CA SER A 36 3.07 7.70 9.51
C SER A 36 1.99 7.09 10.44
N LEU A 37 2.32 5.96 11.08
CA LEU A 37 1.43 5.20 11.96
C LEU A 37 1.20 5.93 13.29
N LYS A 38 -0.03 5.87 13.79
CA LYS A 38 -0.49 6.37 15.08
C LYS A 38 -1.25 5.23 15.78
N GLY A 39 -0.73 4.00 15.65
CA GLY A 39 -1.37 2.74 15.99
C GLY A 39 -1.53 1.97 14.68
N THR A 40 -2.68 1.33 14.48
CA THR A 40 -3.05 0.61 13.26
C THR A 40 -3.34 1.59 12.11
N THR A 41 -3.79 2.81 12.44
CA THR A 41 -4.16 3.88 11.53
C THR A 41 -2.89 4.65 11.11
N VAL A 42 -2.76 4.98 9.82
CA VAL A 42 -1.76 5.91 9.28
C VAL A 42 -2.43 7.30 9.27
N THR A 43 -1.73 8.31 9.78
CA THR A 43 -2.23 9.65 10.06
C THR A 43 -1.22 10.69 9.54
N PRO A 44 -1.65 11.83 8.93
CA PRO A 44 -0.76 12.93 8.55
C PRO A 44 -0.35 13.78 9.78
N ASP A 45 0.90 14.25 9.80
CA ASP A 45 1.38 15.23 10.77
C ASP A 45 0.94 16.63 10.31
N LYS A 46 0.53 17.46 11.27
CA LYS A 46 -0.01 18.81 11.06
C LYS A 46 1.02 19.91 11.40
N ARG A 47 2.16 19.56 12.02
CA ARG A 47 3.23 20.49 12.39
C ARG A 47 4.07 20.87 11.15
N LYS A 48 4.74 22.03 11.22
CA LYS A 48 5.52 22.61 10.14
C LYS A 48 6.86 21.85 10.01
N GLY A 49 7.06 21.15 8.90
CA GLY A 49 8.19 20.28 8.62
C GLY A 49 8.96 20.77 7.39
N LEU A 50 10.25 20.47 7.32
CA LEU A 50 11.16 20.77 6.21
C LEU A 50 11.84 19.46 5.82
N VAL A 51 11.68 19.03 4.56
CA VAL A 51 12.47 18.00 3.92
C VAL A 51 13.68 18.73 3.32
N TYR A 52 14.86 18.12 3.41
CA TYR A 52 16.08 18.60 2.80
C TYR A 52 16.98 17.43 2.39
N ILE A 53 17.78 17.64 1.34
CA ILE A 53 18.67 16.64 0.75
C ILE A 53 20.09 17.20 0.78
N GLN A 54 21.05 16.34 1.14
CA GLN A 54 22.49 16.57 1.19
C GLN A 54 23.17 15.30 0.63
N GLN A 55 24.48 15.15 0.80
CA GLN A 55 25.28 14.00 0.36
C GLN A 55 26.31 13.70 1.45
N THR A 56 26.64 12.42 1.66
CA THR A 56 27.68 11.94 2.56
C THR A 56 29.07 12.14 1.90
N ASP A 57 30.15 12.09 2.69
CA ASP A 57 31.54 12.08 2.19
C ASP A 57 31.87 10.72 1.52
N ASP A 58 31.11 9.67 1.83
CA ASP A 58 31.15 8.35 1.17
C ASP A 58 30.53 8.40 -0.24
N SER A 59 29.82 9.48 -0.57
CA SER A 59 29.33 9.89 -1.89
C SER A 59 27.95 9.33 -2.27
N LEU A 60 27.09 9.07 -1.28
CA LEU A 60 25.69 8.69 -1.43
C LEU A 60 24.82 9.89 -0.98
N ILE A 61 23.60 9.99 -1.51
CA ILE A 61 22.64 11.03 -1.15
C ILE A 61 22.15 10.78 0.30
N HIS A 62 21.99 11.86 1.06
CA HIS A 62 21.44 11.87 2.41
C HIS A 62 20.13 12.66 2.34
N PHE A 63 19.01 12.00 2.61
CA PHE A 63 17.67 12.58 2.72
C PHE A 63 17.41 12.80 4.21
N CYS A 64 16.86 13.95 4.59
CA CYS A 64 16.69 14.39 5.97
C CYS A 64 15.38 15.16 6.13
N TRP A 65 14.74 15.06 7.30
CA TRP A 65 13.53 15.79 7.67
C TRP A 65 13.69 16.35 9.10
N LYS A 66 13.25 17.60 9.30
CA LYS A 66 13.27 18.31 10.57
C LYS A 66 12.02 19.16 10.75
N ASP A 67 11.64 19.43 12.00
CA ASP A 67 10.56 20.35 12.36
C ASP A 67 11.07 21.78 12.20
N ARG A 68 10.28 22.66 11.59
CA ARG A 68 10.56 24.10 11.47
C ARG A 68 10.14 24.85 12.74
N THR A 69 9.27 24.25 13.56
CA THR A 69 8.76 24.84 14.80
C THR A 69 9.76 24.61 15.95
N SER A 70 10.39 23.42 16.03
CA SER A 70 11.34 23.06 17.08
C SER A 70 12.80 23.21 16.61
N GLY A 71 13.13 22.77 15.38
CA GLY A 71 14.46 22.90 14.77
C GLY A 71 15.21 21.56 14.66
N ASN A 72 14.74 20.53 15.39
CA ASN A 72 15.45 19.26 15.58
C ASN A 72 15.15 18.30 14.42
N VAL A 73 16.17 17.52 14.02
CA VAL A 73 16.09 16.44 13.05
C VAL A 73 15.47 15.21 13.75
N GLU A 74 14.38 14.69 13.17
CA GLU A 74 13.62 13.57 13.71
C GLU A 74 13.74 12.30 12.83
N ASP A 75 14.20 12.43 11.58
CA ASP A 75 14.28 11.33 10.59
C ASP A 75 15.32 11.68 9.52
N ASP A 76 16.20 10.73 9.18
CA ASP A 76 17.25 10.86 8.18
C ASP A 76 17.59 9.48 7.62
N LEU A 77 17.81 9.37 6.31
CA LEU A 77 18.11 8.15 5.57
C LEU A 77 19.17 8.43 4.50
N ILE A 78 20.12 7.51 4.32
CA ILE A 78 21.08 7.51 3.21
C ILE A 78 20.40 6.76 2.05
N ILE A 79 20.40 7.37 0.87
CA ILE A 79 19.76 6.87 -0.36
C ILE A 79 20.88 6.43 -1.32
N PHE A 80 20.78 5.21 -1.83
CA PHE A 80 21.63 4.69 -2.91
C PHE A 80 21.05 5.10 -4.28
N PRO A 81 21.88 5.43 -5.30
CA PRO A 81 21.47 5.78 -6.66
C PRO A 81 20.40 4.84 -7.28
N ASP A 82 19.24 5.40 -7.65
CA ASP A 82 18.09 4.77 -8.34
C ASP A 82 17.15 3.96 -7.44
N ASP A 83 17.58 3.60 -6.22
CA ASP A 83 16.94 2.63 -5.33
C ASP A 83 15.70 3.20 -4.59
N CYS A 84 15.58 4.53 -4.57
CA CYS A 84 14.49 5.29 -3.99
C CYS A 84 14.05 6.34 -5.02
N GLU A 85 12.75 6.63 -5.10
CA GLU A 85 12.12 7.48 -6.10
C GLU A 85 10.92 8.21 -5.46
N PHE A 86 10.70 9.48 -5.82
CA PHE A 86 9.67 10.36 -5.29
C PHE A 86 8.64 10.65 -6.38
N LYS A 87 7.34 10.53 -6.09
CA LYS A 87 6.25 10.74 -7.04
C LYS A 87 5.01 11.33 -6.34
N ARG A 88 4.17 12.03 -7.09
CA ARG A 88 2.87 12.55 -6.67
C ARG A 88 1.86 11.38 -6.61
N VAL A 89 1.00 11.35 -5.60
CA VAL A 89 -0.06 10.34 -5.46
C VAL A 89 -1.22 10.74 -6.40
N PRO A 90 -1.65 9.86 -7.35
CA PRO A 90 -2.64 10.21 -8.37
C PRO A 90 -4.09 10.26 -7.86
N GLN A 91 -4.36 9.70 -6.67
CA GLN A 91 -5.68 9.71 -6.02
C GLN A 91 -5.95 11.04 -5.29
N CYS A 92 -4.96 11.94 -5.19
CA CYS A 92 -5.10 13.29 -4.63
C CYS A 92 -5.76 14.20 -5.69
N PRO A 93 -6.86 14.92 -5.38
CA PRO A 93 -7.53 15.80 -6.34
C PRO A 93 -6.81 17.15 -6.54
N SER A 94 -6.12 17.67 -5.51
CA SER A 94 -5.43 18.96 -5.56
C SER A 94 -3.97 18.82 -6.02
N GLY A 95 -3.31 17.69 -5.68
CA GLY A 95 -1.96 17.35 -6.14
C GLY A 95 -0.88 17.48 -5.05
N ARG A 96 -1.27 17.82 -3.82
CA ARG A 96 -0.39 18.21 -2.72
C ARG A 96 0.26 17.01 -2.00
N VAL A 97 -0.27 15.80 -2.18
CA VAL A 97 0.18 14.58 -1.51
C VAL A 97 1.16 13.84 -2.44
N TYR A 98 2.33 13.48 -1.88
CA TYR A 98 3.47 12.83 -2.55
C TYR A 98 3.88 11.60 -1.74
N VAL A 99 4.66 10.72 -2.37
CA VAL A 99 5.21 9.50 -1.78
C VAL A 99 6.67 9.34 -2.23
N LEU A 100 7.56 9.15 -1.25
CA LEU A 100 8.92 8.67 -1.45
C LEU A 100 8.82 7.15 -1.25
N LYS A 101 9.18 6.35 -2.26
CA LYS A 101 9.12 4.90 -2.24
C LYS A 101 10.53 4.34 -2.43
N PHE A 102 10.96 3.48 -1.49
CA PHE A 102 12.15 2.64 -1.59
C PHE A 102 11.72 1.35 -2.30
N LYS A 103 12.43 0.99 -3.38
CA LYS A 103 12.10 -0.13 -4.25
C LYS A 103 12.51 -1.47 -3.62
N ALA A 104 13.51 -1.47 -2.75
CA ALA A 104 13.92 -2.59 -1.92
C ALA A 104 13.03 -2.62 -0.67
N GLY A 105 11.95 -3.41 -0.72
CA GLY A 105 11.08 -3.72 0.41
C GLY A 105 9.66 -3.16 0.25
N SER A 106 9.48 -2.12 -0.57
CA SER A 106 8.22 -1.45 -0.89
C SER A 106 7.80 -0.46 0.21
N LYS A 107 8.75 0.01 1.03
CA LYS A 107 8.57 1.02 2.07
C LYS A 107 8.25 2.37 1.40
N ARG A 108 7.09 2.93 1.76
CA ARG A 108 6.55 4.18 1.23
C ARG A 108 6.41 5.15 2.40
N LEU A 109 7.09 6.30 2.32
CA LEU A 109 6.93 7.42 3.23
C LEU A 109 6.12 8.45 2.44
N PHE A 110 4.87 8.65 2.85
CA PHE A 110 3.94 9.60 2.26
C PHE A 110 4.13 10.96 2.93
N PHE A 111 4.02 12.04 2.15
CA PHE A 111 4.19 13.43 2.54
C PHE A 111 3.05 14.26 1.96
N TRP A 112 2.75 15.41 2.58
CA TRP A 112 1.92 16.47 2.02
C TRP A 112 2.75 17.77 2.02
N MET A 113 2.71 18.50 0.89
CA MET A 113 3.49 19.71 0.64
C MET A 113 2.87 20.90 1.42
N GLN A 114 3.70 21.66 2.13
CA GLN A 114 3.32 22.76 3.01
C GLN A 114 3.77 24.10 2.39
N GLU A 115 3.53 24.27 1.08
CA GLU A 115 3.87 25.46 0.28
C GLU A 115 2.63 25.91 -0.52
N PRO A 116 2.36 27.23 -0.64
CA PRO A 116 1.10 27.73 -1.22
C PRO A 116 1.05 27.68 -2.77
N LYS A 117 2.16 27.99 -3.45
CA LYS A 117 2.27 27.97 -4.91
C LYS A 117 2.58 26.54 -5.35
N THR A 118 1.56 25.80 -5.82
CA THR A 118 1.64 24.38 -6.22
C THR A 118 2.58 24.09 -7.41
N ASP A 119 3.05 25.14 -8.10
CA ASP A 119 4.10 25.11 -9.12
C ASP A 119 5.47 24.68 -8.54
N GLN A 120 5.72 25.03 -7.27
CA GLN A 120 6.93 24.68 -6.53
C GLN A 120 6.99 23.17 -6.27
N ASP A 121 5.85 22.53 -5.94
CA ASP A 121 5.67 21.10 -5.69
C ASP A 121 6.16 20.24 -6.87
N GLU A 122 5.77 20.62 -8.10
CA GLU A 122 6.14 19.96 -9.34
C GLU A 122 7.62 20.17 -9.69
N GLU A 123 8.19 21.34 -9.37
CA GLU A 123 9.60 21.65 -9.50
C GLU A 123 10.44 20.82 -8.49
N HIS A 124 10.00 20.73 -7.22
CA HIS A 124 10.63 19.93 -6.17
C HIS A 124 10.68 18.44 -6.55
N CYS A 125 9.59 17.91 -7.13
CA CYS A 125 9.49 16.55 -7.65
C CYS A 125 10.51 16.26 -8.78
N ARG A 126 10.95 17.28 -9.54
CA ARG A 126 12.05 17.14 -10.49
C ARG A 126 13.39 17.22 -9.74
N LYS A 127 13.60 18.23 -8.89
CA LYS A 127 14.86 18.46 -8.14
C LYS A 127 15.32 17.25 -7.32
N VAL A 128 14.40 16.63 -6.56
CA VAL A 128 14.63 15.41 -5.76
C VAL A 128 15.18 14.28 -6.65
N ASN A 129 14.40 13.83 -7.62
CA ASN A 129 14.67 12.65 -8.44
C ASN A 129 15.95 12.77 -9.29
N GLU A 130 16.29 13.97 -9.77
CA GLU A 130 17.54 14.26 -10.49
C GLU A 130 18.79 14.07 -9.61
N TYR A 131 18.68 14.17 -8.29
CA TYR A 131 19.74 13.81 -7.34
C TYR A 131 19.63 12.34 -6.92
N LEU A 132 18.42 11.77 -6.77
CA LEU A 132 18.23 10.37 -6.36
C LEU A 132 18.74 9.35 -7.42
N ASN A 133 18.80 9.73 -8.71
CA ASN A 133 19.40 8.89 -9.76
C ASN A 133 20.90 9.15 -9.97
N ASN A 134 21.46 10.26 -9.47
CA ASN A 134 22.86 10.67 -9.71
C ASN A 134 23.33 11.68 -8.65
N PRO A 135 24.19 11.29 -7.67
CA PRO A 135 24.77 12.24 -6.70
C PRO A 135 25.85 13.13 -7.35
N PRO A 136 26.13 14.35 -6.80
CA PRO A 136 27.08 15.30 -7.38
C PRO A 136 28.55 14.84 -7.35
N MET A 137 28.99 14.12 -6.31
CA MET A 137 30.17 13.25 -6.37
C MET A 137 29.65 11.87 -6.81
N PRO A 138 30.26 11.18 -7.80
CA PRO A 138 29.61 10.07 -8.52
C PRO A 138 29.47 8.75 -7.75
N GLY A 139 30.29 8.49 -6.73
CA GLY A 139 30.22 7.29 -5.90
C GLY A 139 31.41 6.34 -6.08
N ALA A 140 32.33 6.69 -6.98
CA ALA A 140 33.50 5.93 -7.46
C ALA A 140 33.13 5.00 -8.62
N LEU A 141 34.15 4.43 -9.29
CA LEU A 141 34.00 3.56 -10.46
C LEU A 141 33.53 2.14 -10.05
N GLY A 142 33.90 1.69 -8.86
CA GLY A 142 33.46 0.43 -8.24
C GLY A 142 34.61 -0.56 -8.15
N ALA A 143 34.90 -1.08 -6.95
CA ALA A 143 35.90 -2.12 -6.70
C ALA A 143 35.27 -3.52 -6.89
N SER A 144 33.99 -3.68 -6.52
CA SER A 144 33.20 -4.90 -6.65
C SER A 144 32.47 -4.90 -8.01
N GLY A 145 32.19 -6.09 -8.55
CA GLY A 145 31.39 -6.31 -9.75
C GLY A 145 30.20 -7.21 -9.40
N SER A 146 29.04 -6.93 -10.00
CA SER A 146 27.75 -7.59 -9.72
C SER A 146 26.88 -7.75 -10.99
N SER A 147 27.52 -7.79 -12.17
CA SER A 147 26.89 -7.89 -13.49
C SER A 147 26.37 -9.33 -13.76
N GLY A 148 26.94 -10.33 -13.08
CA GLY A 148 26.54 -11.73 -13.11
C GLY A 148 26.16 -12.22 -11.71
N HIS A 149 25.62 -13.45 -11.63
CA HIS A 149 25.27 -14.20 -10.42
C HIS A 149 23.91 -13.77 -9.82
N GLU A 150 23.01 -13.26 -10.66
CA GLU A 150 21.63 -12.89 -10.33
C GLU A 150 20.80 -14.15 -10.03
N LEU A 151 19.88 -14.07 -9.04
CA LEU A 151 19.03 -15.16 -8.60
C LEU A 151 17.95 -15.45 -9.65
N SER A 152 17.89 -16.70 -10.12
CA SER A 152 16.89 -17.27 -11.01
C SER A 152 15.63 -17.69 -10.22
N ALA A 153 14.52 -17.92 -10.92
CA ALA A 153 13.24 -18.36 -10.34
C ALA A 153 13.33 -19.81 -9.81
N LEU A 154 14.07 -20.67 -10.50
CA LEU A 154 14.50 -21.98 -10.01
C LEU A 154 15.69 -21.77 -9.05
N GLY A 155 15.67 -22.47 -7.91
CA GLY A 155 16.64 -22.35 -6.83
C GLY A 155 15.98 -21.78 -5.56
N GLY A 156 14.92 -20.98 -5.74
CA GLY A 156 14.03 -20.45 -4.71
C GLY A 156 12.58 -20.83 -5.04
N GLU A 157 11.63 -20.10 -4.43
CA GLU A 157 10.19 -20.23 -4.64
C GLU A 157 9.81 -19.73 -6.05
N GLY A 158 8.94 -20.48 -6.74
CA GLY A 158 8.41 -20.19 -8.06
C GLY A 158 6.89 -20.04 -7.98
N GLY A 159 6.16 -20.77 -8.82
CA GLY A 159 4.70 -20.80 -8.83
C GLY A 159 4.21 -22.14 -8.29
N LEU A 160 4.67 -23.26 -8.89
CA LEU A 160 4.59 -24.64 -8.39
C LEU A 160 3.18 -25.26 -8.53
N GLN A 161 2.29 -24.62 -9.31
CA GLN A 161 0.87 -24.96 -9.44
C GLN A 161 0.62 -26.14 -10.40
N SER A 162 1.53 -26.36 -11.36
CA SER A 162 1.46 -27.35 -12.43
C SER A 162 2.88 -27.64 -12.97
N LEU A 163 2.97 -28.24 -14.16
CA LEU A 163 4.13 -28.74 -14.91
C LEU A 163 4.26 -30.27 -14.73
N LEU A 164 4.16 -31.00 -15.84
CA LEU A 164 4.14 -32.47 -15.95
C LEU A 164 5.56 -33.02 -16.25
N GLY A 165 6.51 -32.13 -16.57
CA GLY A 165 7.87 -32.43 -17.02
C GLY A 165 8.90 -31.96 -15.99
N ASN A 166 9.80 -31.06 -16.40
CA ASN A 166 10.92 -30.49 -15.65
C ASN A 166 12.18 -31.39 -15.74
N MET A 167 12.34 -32.10 -16.86
CA MET A 167 13.45 -32.98 -17.18
C MET A 167 14.75 -32.20 -17.46
N SER A 168 15.90 -32.77 -17.07
CA SER A 168 17.24 -32.19 -17.15
C SER A 168 17.84 -32.29 -18.58
N HIS A 169 17.05 -31.93 -19.60
CA HIS A 169 17.42 -31.94 -21.02
C HIS A 169 18.09 -30.61 -21.37
N SER A 170 19.29 -30.37 -20.82
CA SER A 170 20.13 -29.21 -21.06
C SER A 170 20.82 -29.35 -22.45
N GLN A 171 20.51 -28.43 -23.38
CA GLN A 171 20.96 -28.42 -24.77
C GLN A 171 21.34 -26.98 -25.18
N LEU A 172 21.93 -26.22 -24.25
CA LEU A 172 22.22 -24.78 -24.32
C LEU A 172 23.51 -24.47 -25.13
N MET A 173 23.80 -25.28 -26.16
CA MET A 173 24.90 -25.10 -27.10
C MET A 173 24.44 -24.08 -28.16
N GLN A 174 25.27 -23.07 -28.43
CA GLN A 174 25.03 -21.93 -29.35
C GLN A 174 24.05 -20.91 -28.74
N LEU A 175 24.13 -20.74 -27.41
CA LEU A 175 23.28 -19.93 -26.53
C LEU A 175 22.04 -20.71 -26.07
N ILE A 176 21.20 -20.09 -25.22
CA ILE A 176 19.99 -20.66 -24.62
C ILE A 176 18.94 -20.95 -25.73
N GLY A 177 18.69 -19.97 -26.59
CA GLY A 177 17.75 -20.03 -27.71
C GLY A 177 16.57 -19.08 -27.47
N PRO A 178 16.45 -17.93 -28.18
CA PRO A 178 15.32 -16.99 -28.08
C PRO A 178 13.94 -17.66 -28.23
N ALA A 179 13.02 -17.41 -27.31
CA ALA A 179 11.70 -18.05 -27.25
C ALA A 179 10.70 -17.40 -28.21
N GLY A 180 10.81 -16.09 -28.44
CA GLY A 180 10.03 -15.32 -29.40
C GLY A 180 10.96 -14.46 -30.28
N LEU A 181 10.55 -14.18 -31.52
CA LEU A 181 11.27 -13.31 -32.45
C LEU A 181 11.00 -11.82 -32.10
N GLY A 182 9.73 -11.47 -31.93
CA GLY A 182 9.23 -10.11 -31.74
C GLY A 182 8.26 -9.73 -32.87
N GLY A 183 8.03 -8.43 -33.05
CA GLY A 183 7.18 -7.85 -34.09
C GLY A 183 7.95 -6.82 -34.93
N LEU A 184 7.22 -6.01 -35.70
CA LEU A 184 7.73 -4.97 -36.60
C LEU A 184 7.86 -3.60 -35.89
N GLY A 185 7.91 -3.59 -34.55
CA GLY A 185 7.88 -2.42 -33.68
C GLY A 185 6.81 -2.61 -32.60
N GLY A 186 6.16 -1.52 -32.19
CA GLY A 186 5.18 -1.47 -31.09
C GLY A 186 3.77 -1.14 -31.56
N LEU A 187 3.50 -1.28 -32.86
CA LEU A 187 2.28 -1.07 -33.65
C LEU A 187 0.99 -1.80 -33.17
N GLY A 188 0.69 -1.71 -31.87
CA GLY A 188 -0.42 -2.38 -31.20
C GLY A 188 0.03 -3.23 -30.01
N ALA A 189 1.13 -2.84 -29.34
CA ALA A 189 1.74 -3.52 -28.20
C ALA A 189 0.83 -3.65 -26.96
N LEU A 190 -0.26 -2.87 -26.90
CA LEU A 190 -1.32 -2.91 -25.89
C LEU A 190 -2.30 -4.09 -26.10
N THR A 191 -2.09 -4.92 -27.14
CA THR A 191 -2.87 -6.07 -27.60
C THR A 191 -3.87 -5.65 -28.69
N GLY A 192 -3.35 -5.07 -29.78
CA GLY A 192 -4.09 -4.64 -30.97
C GLY A 192 -4.00 -3.11 -31.16
N PRO A 193 -3.91 -2.59 -32.41
CA PRO A 193 -3.89 -1.14 -32.72
C PRO A 193 -5.05 -0.31 -32.11
N GLY A 194 -6.27 -0.86 -32.14
CA GLY A 194 -7.51 -0.22 -31.68
C GLY A 194 -8.48 0.04 -32.85
N LEU A 195 -7.98 -0.07 -34.09
CA LEU A 195 -8.72 0.14 -35.34
C LEU A 195 -9.51 -1.13 -35.69
N ALA A 196 -10.71 -0.95 -36.24
CA ALA A 196 -11.64 -1.98 -36.68
C ALA A 196 -12.54 -1.40 -37.78
N SER A 197 -13.63 -2.11 -38.11
CA SER A 197 -14.67 -1.69 -39.07
C SER A 197 -16.09 -1.85 -38.48
N LEU A 198 -16.18 -2.00 -37.16
CA LEU A 198 -17.41 -1.99 -36.36
C LEU A 198 -17.62 -0.55 -35.86
N LEU A 199 -18.89 -0.15 -35.67
CA LEU A 199 -19.28 1.17 -35.19
C LEU A 199 -19.23 1.19 -33.64
N GLY A 200 -18.72 2.29 -33.08
CA GLY A 200 -18.53 2.52 -31.65
C GLY A 200 -17.04 2.70 -31.38
N SER A 201 -16.64 3.93 -30.99
CA SER A 201 -15.25 4.30 -30.70
C SER A 201 -15.03 4.27 -29.18
N SER A 202 -15.48 5.29 -28.46
CA SER A 202 -15.35 5.46 -27.01
C SER A 202 -16.38 4.60 -26.23
N GLY A 203 -17.55 4.36 -26.83
CA GLY A 203 -18.70 3.68 -26.24
C GLY A 203 -19.87 4.67 -26.05
N PRO A 204 -21.04 4.20 -25.58
CA PRO A 204 -22.23 5.02 -25.28
C PRO A 204 -21.96 6.22 -24.34
N PRO A 205 -22.67 7.36 -24.50
CA PRO A 205 -22.56 8.52 -23.60
C PRO A 205 -23.28 8.28 -22.26
N GLY A 206 -23.09 9.20 -21.30
CA GLY A 206 -23.65 9.11 -19.95
C GLY A 206 -24.76 10.14 -19.71
N SER A 207 -25.01 11.05 -20.67
CA SER A 207 -26.00 12.13 -20.65
C SER A 207 -27.43 11.59 -20.88
N SER A 208 -27.82 10.55 -20.13
CA SER A 208 -29.09 9.83 -20.21
C SER A 208 -30.27 10.65 -19.63
N SER A 209 -30.01 11.51 -18.64
CA SER A 209 -30.96 12.46 -18.07
C SER A 209 -30.83 13.75 -18.90
N SER A 210 -31.93 14.16 -19.56
CA SER A 210 -32.02 15.40 -20.33
C SER A 210 -32.54 16.53 -19.42
N SER A 211 -32.12 17.78 -19.68
CA SER A 211 -32.65 18.99 -19.04
C SER A 211 -33.93 19.41 -19.78
N SER A 212 -34.97 19.81 -19.04
CA SER A 212 -36.29 20.18 -19.51
C SER A 212 -36.23 21.43 -20.42
N SER A 213 -36.28 21.20 -21.74
CA SER A 213 -36.06 22.21 -22.79
C SER A 213 -36.93 21.99 -24.04
N ARG A 214 -37.84 21.00 -24.02
CA ARG A 214 -38.71 20.60 -25.12
C ARG A 214 -39.93 21.55 -25.19
N SER A 215 -39.65 22.83 -25.44
CA SER A 215 -40.60 23.93 -25.58
C SER A 215 -40.21 24.87 -26.74
N GLN A 216 -39.01 24.69 -27.32
CA GLN A 216 -38.54 25.39 -28.52
C GLN A 216 -39.21 24.79 -29.77
N SER A 217 -39.54 25.64 -30.75
CA SER A 217 -40.10 25.31 -32.05
C SER A 217 -39.90 26.48 -33.02
N ALA A 218 -39.72 26.19 -34.31
CA ALA A 218 -39.56 27.15 -35.40
C ALA A 218 -40.24 26.65 -36.69
N ALA A 219 -41.12 25.65 -36.59
CA ALA A 219 -41.87 24.98 -37.64
C ALA A 219 -43.09 24.28 -37.02
N VAL A 220 -43.79 23.47 -37.81
CA VAL A 220 -44.90 22.60 -37.43
C VAL A 220 -44.72 21.26 -38.18
N THR A 221 -45.10 20.14 -37.56
CA THR A 221 -44.92 18.78 -38.05
C THR A 221 -46.23 17.96 -37.91
N PRO A 222 -46.44 16.90 -38.73
CA PRO A 222 -47.52 15.90 -38.55
C PRO A 222 -47.54 15.26 -37.14
N SER A 223 -48.71 14.77 -36.72
CA SER A 223 -48.93 14.00 -35.49
C SER A 223 -50.20 13.13 -35.64
N SER A 224 -50.20 11.94 -35.04
CA SER A 224 -51.32 10.99 -34.92
C SER A 224 -51.45 10.01 -36.10
N THR A 225 -50.61 10.15 -37.13
CA THR A 225 -50.65 9.40 -38.39
C THR A 225 -49.83 8.09 -38.25
N THR A 226 -50.08 7.33 -37.18
CA THR A 226 -49.45 6.03 -36.90
C THR A 226 -50.35 4.96 -37.55
N SER A 227 -50.08 4.69 -38.84
CA SER A 227 -50.71 3.71 -39.74
C SER A 227 -52.04 4.24 -40.34
N SER A 228 -52.30 3.91 -41.61
CA SER A 228 -53.54 4.23 -42.33
C SER A 228 -54.10 3.02 -43.11
N THR A 229 -53.35 1.92 -43.18
CA THR A 229 -53.62 0.60 -43.75
C THR A 229 -52.56 -0.33 -43.11
N ARG A 230 -52.73 -1.66 -43.20
CA ARG A 230 -51.83 -2.71 -42.72
C ARG A 230 -52.04 -3.02 -41.22
N ALA A 231 -53.31 -3.07 -40.78
CA ALA A 231 -53.77 -3.41 -39.44
C ALA A 231 -53.55 -2.23 -38.47
N THR A 232 -52.89 -2.47 -37.33
CA THR A 232 -52.59 -1.54 -36.23
C THR A 232 -53.88 -1.25 -35.43
N PRO A 233 -54.27 -2.11 -34.45
CA PRO A 233 -55.53 -1.95 -33.69
C PRO A 233 -55.45 -0.83 -32.62
N ALA A 234 -54.25 -0.47 -32.18
CA ALA A 234 -53.91 0.64 -31.31
C ALA A 234 -52.53 1.17 -31.74
N PRO A 235 -52.22 2.47 -31.58
CA PRO A 235 -50.94 3.04 -32.01
C PRO A 235 -49.75 2.66 -31.09
N SER A 236 -50.00 2.58 -29.78
CA SER A 236 -49.11 2.13 -28.69
C SER A 236 -47.74 2.87 -28.71
N ALA A 237 -46.65 2.16 -29.04
CA ALA A 237 -45.30 2.66 -29.22
C ALA A 237 -44.56 1.74 -30.22
N PRO A 238 -43.58 2.26 -31.01
CA PRO A 238 -42.81 1.45 -31.96
C PRO A 238 -41.76 0.55 -31.28
N ALA A 239 -41.15 1.03 -30.20
CA ALA A 239 -40.29 0.28 -29.29
C ALA A 239 -41.13 -0.22 -28.10
N ALA A 240 -40.78 -1.38 -27.56
CA ALA A 240 -41.42 -1.96 -26.38
C ALA A 240 -40.81 -1.35 -25.11
N ALA A 241 -41.65 -0.98 -24.14
CA ALA A 241 -41.24 -0.43 -22.84
C ALA A 241 -40.84 -1.55 -21.86
N SER A 242 -41.43 -2.74 -22.01
CA SER A 242 -41.13 -3.97 -21.29
C SER A 242 -41.51 -5.18 -22.18
N ALA A 243 -40.97 -6.36 -21.87
CA ALA A 243 -41.23 -7.62 -22.56
C ALA A 243 -41.23 -8.77 -21.55
N THR A 244 -41.88 -9.88 -21.88
CA THR A 244 -41.96 -11.10 -21.10
C THR A 244 -40.59 -11.84 -21.10
N SER A 245 -40.27 -12.46 -19.96
CA SER A 245 -39.03 -13.20 -19.67
C SER A 245 -37.77 -12.28 -19.66
N PRO A 246 -37.70 -11.24 -18.80
CA PRO A 246 -36.53 -10.35 -18.72
C PRO A 246 -35.33 -11.03 -18.02
N SER A 247 -34.12 -10.58 -18.35
CA SER A 247 -32.81 -11.01 -17.85
C SER A 247 -32.63 -12.55 -17.78
N PRO A 248 -32.65 -13.28 -18.91
CA PRO A 248 -32.55 -14.74 -18.93
C PRO A 248 -31.13 -15.25 -18.61
N ALA A 249 -31.04 -16.40 -17.94
CA ALA A 249 -29.84 -17.10 -17.50
C ALA A 249 -29.00 -16.29 -16.47
N PRO A 250 -29.46 -16.13 -15.20
CA PRO A 250 -28.74 -15.41 -14.12
C PRO A 250 -27.26 -15.78 -14.00
N SER A 251 -26.37 -14.84 -14.31
CA SER A 251 -24.92 -15.02 -14.38
C SER A 251 -24.14 -13.70 -14.25
N SER A 252 -24.75 -12.56 -14.62
CA SER A 252 -24.17 -11.22 -14.58
C SER A 252 -25.29 -10.17 -14.40
N GLY A 253 -24.92 -8.93 -14.05
CA GLY A 253 -25.82 -7.81 -13.83
C GLY A 253 -25.76 -7.26 -12.40
N ASN A 254 -25.04 -7.93 -11.50
CA ASN A 254 -24.75 -7.54 -10.12
C ASN A 254 -23.36 -8.08 -9.78
N GLY A 255 -22.55 -7.29 -9.07
CA GLY A 255 -21.17 -7.58 -8.71
C GLY A 255 -20.25 -6.54 -9.35
N ALA A 256 -19.06 -6.96 -9.79
CA ALA A 256 -18.07 -6.17 -10.51
C ALA A 256 -17.32 -7.07 -11.49
N SER A 257 -16.83 -6.50 -12.59
CA SER A 257 -16.18 -7.20 -13.70
C SER A 257 -15.02 -6.38 -14.32
N THR A 258 -14.39 -5.52 -13.52
CA THR A 258 -13.25 -4.69 -13.90
C THR A 258 -11.99 -5.58 -14.06
N ALA A 259 -11.56 -5.80 -15.32
CA ALA A 259 -10.43 -6.64 -15.71
C ALA A 259 -9.72 -6.14 -16.98
N ALA A 260 -9.92 -4.87 -17.34
CA ALA A 260 -9.39 -4.20 -18.52
C ALA A 260 -9.12 -2.72 -18.21
N SER A 261 -8.48 -2.45 -17.07
CA SER A 261 -8.25 -1.14 -16.48
C SER A 261 -6.84 -1.07 -15.84
N PRO A 262 -6.23 0.13 -15.69
CA PRO A 262 -4.90 0.29 -15.10
C PRO A 262 -4.92 0.20 -13.56
N THR A 263 -3.72 0.21 -12.96
CA THR A 263 -3.42 0.34 -11.52
C THR A 263 -3.59 -0.98 -10.73
N GLN A 264 -3.60 -2.12 -11.43
CA GLN A 264 -3.67 -3.47 -10.86
C GLN A 264 -2.35 -3.84 -10.15
N PRO A 265 -2.37 -4.66 -9.08
CA PRO A 265 -1.17 -5.01 -8.30
C PRO A 265 -0.28 -6.01 -9.06
N ILE A 266 0.92 -5.58 -9.46
CA ILE A 266 1.91 -6.40 -10.18
C ILE A 266 2.61 -7.37 -9.20
N GLN A 267 3.01 -6.87 -8.02
CA GLN A 267 3.64 -7.62 -6.91
C GLN A 267 3.07 -7.19 -5.54
N LEU A 268 2.11 -6.25 -5.53
CA LEU A 268 1.56 -5.61 -4.33
C LEU A 268 0.48 -6.52 -3.69
N SER A 269 0.91 -7.71 -3.28
CA SER A 269 0.18 -8.68 -2.50
C SER A 269 1.21 -9.36 -1.57
N ASP A 270 2.21 -10.03 -2.17
CA ASP A 270 3.30 -10.75 -1.50
C ASP A 270 4.22 -9.81 -0.71
N LEU A 271 4.45 -8.60 -1.22
CA LEU A 271 5.26 -7.57 -0.56
C LEU A 271 4.50 -6.97 0.64
N GLN A 272 3.17 -6.81 0.51
CA GLN A 272 2.32 -6.10 1.46
C GLN A 272 2.12 -6.91 2.76
N SER A 273 2.10 -8.24 2.69
CA SER A 273 2.06 -9.12 3.86
C SER A 273 3.40 -9.10 4.63
N ILE A 274 4.53 -9.00 3.92
CA ILE A 274 5.90 -8.88 4.46
C ILE A 274 6.04 -7.58 5.28
N LEU A 275 5.75 -6.41 4.69
CA LEU A 275 5.88 -5.11 5.39
C LEU A 275 4.80 -4.90 6.48
N ALA A 276 3.72 -5.68 6.47
CA ALA A 276 2.72 -5.70 7.55
C ALA A 276 3.25 -6.52 8.75
N THR A 277 3.73 -7.75 8.54
CA THR A 277 4.15 -8.65 9.61
C THR A 277 5.51 -8.21 10.23
N MET A 278 6.37 -7.54 9.46
CA MET A 278 7.68 -7.02 9.91
C MET A 278 7.56 -5.70 10.70
N ASN A 279 6.37 -5.08 10.72
CA ASN A 279 6.05 -3.83 11.42
C ASN A 279 4.73 -4.05 12.19
N VAL A 280 3.88 -3.03 12.29
CA VAL A 280 2.53 -3.12 12.88
C VAL A 280 1.59 -3.68 11.79
N PRO A 281 0.87 -4.80 12.02
CA PRO A 281 -0.07 -5.35 11.05
C PRO A 281 -1.38 -4.55 11.03
N ALA A 282 -2.02 -4.45 9.84
CA ALA A 282 -3.30 -3.78 9.64
C ALA A 282 -4.46 -4.62 10.21
N GLY A 283 -4.46 -5.92 9.89
CA GLY A 283 -5.18 -6.97 10.58
C GLY A 283 -4.16 -8.10 10.83
N PRO A 284 -4.07 -8.69 12.05
CA PRO A 284 -3.16 -9.82 12.37
C PRO A 284 -3.20 -10.97 11.34
N ALA A 285 -2.19 -11.03 10.46
CA ALA A 285 -2.00 -11.99 9.37
C ALA A 285 -3.00 -11.83 8.21
N GLY A 286 -3.66 -10.67 8.12
CA GLY A 286 -4.68 -10.32 7.14
C GLY A 286 -4.26 -9.07 6.37
N GLY A 287 -5.09 -8.02 6.44
CA GLY A 287 -4.88 -6.74 5.76
C GLY A 287 -6.02 -6.35 4.82
N GLN A 288 -7.17 -7.06 4.87
CA GLN A 288 -8.39 -6.75 4.11
C GLN A 288 -9.06 -5.46 4.62
N GLN A 289 -8.88 -5.12 5.90
CA GLN A 289 -9.46 -3.98 6.58
C GLN A 289 -8.42 -2.87 6.81
N VAL A 290 -8.86 -1.81 7.51
CA VAL A 290 -8.28 -0.48 7.68
C VAL A 290 -8.82 0.43 6.55
N ASP A 291 -10.07 0.20 6.12
CA ASP A 291 -10.73 0.91 5.02
C ASP A 291 -12.26 0.96 5.20
N LEU A 292 -12.90 -0.18 5.48
CA LEU A 292 -14.36 -0.34 5.49
C LEU A 292 -14.99 0.08 6.84
N ALA A 293 -14.19 0.49 7.83
CA ALA A 293 -14.61 1.01 9.13
C ALA A 293 -15.43 2.31 9.03
N SER A 294 -15.42 2.98 7.87
CA SER A 294 -16.27 4.13 7.54
C SER A 294 -17.71 3.71 7.18
N VAL A 295 -17.94 2.44 6.81
CA VAL A 295 -19.26 1.83 6.63
C VAL A 295 -19.61 1.14 7.96
N LEU A 296 -18.71 0.26 8.43
CA LEU A 296 -18.85 -0.58 9.62
C LEU A 296 -18.47 0.24 10.86
N THR A 297 -19.20 1.33 11.11
CA THR A 297 -18.93 2.30 12.18
C THR A 297 -19.35 1.77 13.57
N PRO A 298 -18.76 2.29 14.68
CA PRO A 298 -19.07 1.88 16.07
C PRO A 298 -20.56 1.77 16.46
N GLU A 299 -21.43 2.61 15.90
CA GLU A 299 -22.86 2.67 16.20
C GLU A 299 -23.61 1.34 15.92
N ILE A 300 -23.20 0.60 14.89
CA ILE A 300 -23.76 -0.72 14.54
C ILE A 300 -22.88 -1.83 15.16
N MET A 301 -21.57 -1.62 15.23
CA MET A 301 -20.61 -2.67 15.61
C MET A 301 -20.54 -2.89 17.13
N ALA A 302 -20.69 -1.84 17.95
CA ALA A 302 -20.65 -1.88 19.41
C ALA A 302 -21.43 -3.02 20.12
N PRO A 303 -22.74 -3.24 19.86
CA PRO A 303 -23.49 -4.36 20.45
C PRO A 303 -23.12 -5.75 19.89
N ILE A 304 -22.57 -5.83 18.68
CA ILE A 304 -22.10 -7.07 18.05
C ILE A 304 -20.74 -7.44 18.67
N LEU A 305 -19.81 -6.50 18.77
CA LEU A 305 -18.48 -6.67 19.37
C LEU A 305 -18.54 -6.86 20.90
N ALA A 306 -19.68 -6.54 21.54
CA ALA A 306 -19.95 -6.77 22.96
C ALA A 306 -20.44 -8.20 23.23
N ASN A 307 -20.75 -9.00 22.20
CA ASN A 307 -21.21 -10.38 22.36
C ASN A 307 -19.99 -11.30 22.56
N ALA A 308 -20.10 -12.21 23.54
CA ALA A 308 -19.04 -13.13 23.97
C ALA A 308 -18.58 -14.10 22.87
N ASP A 309 -19.49 -14.56 22.01
CA ASP A 309 -19.21 -15.52 20.94
C ASP A 309 -18.36 -14.92 19.81
N VAL A 310 -18.35 -13.58 19.69
CA VAL A 310 -17.47 -12.83 18.80
C VAL A 310 -16.12 -12.62 19.53
N GLN A 311 -16.14 -12.15 20.79
CA GLN A 311 -14.95 -11.89 21.62
C GLN A 311 -14.04 -13.11 21.79
N GLU A 312 -14.61 -14.31 21.96
CA GLU A 312 -13.88 -15.59 22.07
C GLU A 312 -13.19 -16.00 20.74
N ARG A 313 -13.47 -15.32 19.62
CA ARG A 313 -12.75 -15.46 18.36
C ARG A 313 -11.77 -14.30 18.17
N LEU A 314 -12.19 -13.05 18.47
CA LEU A 314 -11.36 -11.85 18.30
C LEU A 314 -10.18 -11.79 19.29
N LEU A 315 -10.42 -11.97 20.60
CA LEU A 315 -9.39 -11.89 21.65
C LEU A 315 -8.16 -12.83 21.45
N PRO A 316 -8.29 -14.13 21.12
CA PRO A 316 -7.13 -14.99 20.81
C PRO A 316 -6.46 -14.71 19.45
N TYR A 317 -7.04 -13.89 18.55
CA TYR A 317 -6.41 -13.48 17.29
C TYR A 317 -5.47 -12.27 17.51
N LEU A 318 -5.47 -11.63 18.69
CA LEU A 318 -4.60 -10.49 19.01
C LEU A 318 -3.11 -10.93 19.09
N PRO A 319 -2.15 -10.11 18.63
CA PRO A 319 -0.72 -10.42 18.69
C PRO A 319 -0.11 -10.28 20.10
N SER A 320 -0.78 -9.56 21.01
CA SER A 320 -0.50 -9.36 22.43
C SER A 320 0.31 -8.08 22.68
N GLY A 321 0.00 -7.40 23.78
CA GLY A 321 0.50 -6.07 24.16
C GLY A 321 -0.64 -5.07 24.34
N GLU A 322 -1.79 -5.34 23.71
CA GLU A 322 -3.01 -4.54 23.71
C GLU A 322 -4.21 -5.41 24.15
N SER A 323 -5.41 -4.83 24.07
CA SER A 323 -6.72 -5.40 24.37
C SER A 323 -7.79 -4.52 23.66
N LEU A 324 -9.07 -4.91 23.75
CA LEU A 324 -10.22 -4.20 23.20
C LEU A 324 -11.32 -4.08 24.28
N PRO A 325 -12.09 -2.96 24.38
CA PRO A 325 -13.20 -2.80 25.34
C PRO A 325 -14.25 -3.93 25.27
N GLN A 326 -14.82 -4.31 26.41
CA GLN A 326 -15.61 -5.54 26.56
C GLN A 326 -17.13 -5.35 26.37
N THR A 327 -17.66 -4.12 26.50
CA THR A 327 -19.09 -3.82 26.54
C THR A 327 -19.42 -2.59 25.67
N ALA A 328 -20.65 -2.54 25.14
CA ALA A 328 -21.05 -1.70 24.00
C ALA A 328 -20.94 -0.18 24.25
N ASP A 329 -21.24 0.28 25.47
CA ASP A 329 -21.13 1.69 25.85
C ASP A 329 -19.66 2.16 25.81
N GLU A 330 -18.75 1.31 26.29
CA GLU A 330 -17.31 1.52 26.26
C GLU A 330 -16.75 1.38 24.84
N ILE A 331 -17.12 0.33 24.08
CA ILE A 331 -16.70 0.10 22.67
C ILE A 331 -17.00 1.31 21.76
N GLN A 332 -18.14 1.99 21.98
CA GLN A 332 -18.58 3.13 21.19
C GLN A 332 -17.86 4.45 21.58
N ASN A 333 -17.09 4.48 22.69
CA ASN A 333 -16.55 5.71 23.29
C ASN A 333 -15.05 5.68 23.64
N THR A 334 -14.45 4.53 23.94
CA THR A 334 -13.13 4.42 24.58
C THR A 334 -11.97 4.46 23.56
N LEU A 335 -12.26 4.40 22.25
CA LEU A 335 -11.27 4.30 21.17
C LEU A 335 -11.64 5.22 20.00
N THR A 336 -10.62 5.81 19.36
CA THR A 336 -10.77 6.74 18.25
C THR A 336 -10.78 5.96 16.91
N SER A 337 -9.82 5.05 16.70
CA SER A 337 -9.66 4.24 15.48
C SER A 337 -8.79 2.97 15.65
N PRO A 338 -7.50 3.06 16.11
CA PRO A 338 -6.54 1.94 16.12
C PRO A 338 -7.02 0.55 16.55
N GLN A 339 -7.51 0.39 17.79
CA GLN A 339 -7.95 -0.89 18.34
C GLN A 339 -9.28 -1.35 17.74
N PHE A 340 -10.10 -0.40 17.24
CA PHE A 340 -11.37 -0.67 16.55
C PHE A 340 -11.07 -1.24 15.15
N GLN A 341 -10.16 -0.62 14.40
CA GLN A 341 -9.73 -1.07 13.08
C GLN A 341 -9.01 -2.44 13.13
N GLN A 342 -8.29 -2.72 14.24
CA GLN A 342 -7.70 -4.02 14.54
C GLN A 342 -8.80 -5.06 14.83
N ALA A 343 -9.76 -4.73 15.72
CA ALA A 343 -10.94 -5.53 16.05
C ALA A 343 -11.77 -5.88 14.81
N LEU A 344 -12.05 -4.88 13.97
CA LEU A 344 -12.76 -5.02 12.71
C LEU A 344 -12.01 -5.89 11.66
N GLY A 345 -10.69 -6.07 11.78
CA GLY A 345 -9.91 -6.88 10.85
C GLY A 345 -9.84 -8.34 11.33
N MET A 346 -9.87 -8.56 12.65
CA MET A 346 -10.03 -9.87 13.27
C MET A 346 -11.48 -10.37 13.12
N PHE A 347 -12.46 -9.45 13.18
CA PHE A 347 -13.87 -9.62 12.81
C PHE A 347 -13.98 -10.06 11.34
N SER A 348 -13.41 -9.31 10.39
CA SER A 348 -13.39 -9.66 8.96
C SER A 348 -12.75 -11.03 8.66
N ALA A 349 -11.71 -11.44 9.43
CA ALA A 349 -11.09 -12.76 9.30
C ALA A 349 -12.04 -13.89 9.77
N ALA A 350 -12.74 -13.69 10.89
CA ALA A 350 -13.72 -14.64 11.45
C ALA A 350 -15.00 -14.70 10.59
N LEU A 351 -15.40 -13.55 10.01
CA LEU A 351 -16.50 -13.39 9.07
C LEU A 351 -16.17 -14.11 7.75
N ALA A 352 -14.96 -13.91 7.19
CA ALA A 352 -14.47 -14.55 5.97
C ALA A 352 -14.32 -16.07 6.12
N SER A 353 -14.05 -16.55 7.33
CA SER A 353 -14.01 -17.98 7.66
C SER A 353 -15.43 -18.58 7.76
N GLY A 354 -16.45 -17.76 7.99
CA GLY A 354 -17.87 -18.12 7.98
C GLY A 354 -18.46 -18.25 9.38
N GLN A 355 -17.63 -18.12 10.42
CA GLN A 355 -17.93 -18.51 11.80
C GLN A 355 -18.83 -17.50 12.51
N LEU A 356 -18.84 -16.24 12.05
CA LEU A 356 -19.69 -15.18 12.57
C LEU A 356 -21.10 -15.24 11.94
N GLY A 357 -21.23 -15.82 10.73
CA GLY A 357 -22.46 -16.29 10.06
C GLY A 357 -23.62 -16.71 10.97
N PRO A 358 -23.52 -17.86 11.67
CA PRO A 358 -24.50 -18.33 12.68
C PRO A 358 -24.91 -17.32 13.76
N LEU A 359 -24.00 -16.43 14.19
CA LEU A 359 -24.26 -15.41 15.23
C LEU A 359 -25.07 -14.26 14.62
N MET A 360 -24.78 -13.90 13.36
CA MET A 360 -25.44 -12.86 12.57
C MET A 360 -26.96 -13.07 12.45
N CYS A 361 -27.40 -14.35 12.43
CA CYS A 361 -28.80 -14.78 12.43
C CYS A 361 -29.53 -14.42 13.74
N GLN A 362 -28.81 -14.29 14.86
CA GLN A 362 -29.38 -14.06 16.19
C GLN A 362 -29.50 -12.56 16.49
N PHE A 363 -28.65 -11.71 15.89
CA PHE A 363 -28.60 -10.27 16.16
C PHE A 363 -29.76 -9.52 15.50
N GLY A 364 -30.32 -10.04 14.40
CA GLY A 364 -31.54 -9.54 13.76
C GLY A 364 -31.26 -8.74 12.48
N LEU A 365 -30.02 -8.81 11.98
CA LEU A 365 -29.50 -8.06 10.83
C LEU A 365 -30.11 -8.52 9.49
N PRO A 366 -30.05 -7.69 8.41
CA PRO A 366 -30.59 -7.98 7.07
C PRO A 366 -30.20 -9.36 6.51
N ALA A 367 -31.15 -10.05 5.86
CA ALA A 367 -31.00 -11.40 5.31
C ALA A 367 -29.84 -11.52 4.30
N GLU A 368 -29.63 -10.47 3.49
CA GLU A 368 -28.56 -10.35 2.51
C GLU A 368 -27.17 -10.30 3.18
N ALA A 369 -27.07 -9.60 4.32
CA ALA A 369 -25.85 -9.49 5.11
C ALA A 369 -25.59 -10.79 5.89
N VAL A 370 -26.64 -11.40 6.46
CA VAL A 370 -26.59 -12.70 7.14
C VAL A 370 -26.16 -13.83 6.17
N GLU A 371 -26.65 -13.82 4.92
CA GLU A 371 -26.25 -14.75 3.86
C GLU A 371 -24.76 -14.54 3.50
N ALA A 372 -24.33 -13.28 3.32
CA ALA A 372 -22.95 -12.89 3.04
C ALA A 372 -21.98 -13.28 4.17
N ALA A 373 -22.42 -13.16 5.43
CA ALA A 373 -21.66 -13.52 6.63
C ALA A 373 -21.48 -15.03 6.79
N ASN A 374 -22.45 -15.82 6.32
CA ASN A 374 -22.38 -17.30 6.31
C ASN A 374 -21.52 -17.80 5.13
N LYS A 375 -21.56 -17.12 3.98
CA LYS A 375 -20.74 -17.45 2.80
C LYS A 375 -19.28 -17.00 2.99
N GLY A 376 -19.06 -15.81 3.56
CA GLY A 376 -17.73 -15.25 3.87
C GLY A 376 -17.39 -14.04 3.01
N ASP A 377 -18.38 -13.43 2.35
CA ASP A 377 -18.21 -12.30 1.44
C ASP A 377 -18.29 -11.00 2.25
N VAL A 378 -17.14 -10.55 2.77
CA VAL A 378 -16.95 -9.33 3.55
C VAL A 378 -17.34 -8.08 2.72
N GLU A 379 -17.05 -8.12 1.41
CA GLU A 379 -17.46 -7.17 0.38
C GLU A 379 -18.99 -6.99 0.35
N ALA A 380 -19.73 -8.09 0.23
CA ALA A 380 -21.18 -8.11 0.14
C ALA A 380 -21.84 -7.76 1.48
N PHE A 381 -21.23 -8.15 2.61
CA PHE A 381 -21.64 -7.79 3.97
C PHE A 381 -21.65 -6.26 4.18
N ALA A 382 -20.53 -5.59 3.82
CA ALA A 382 -20.37 -4.15 3.94
C ALA A 382 -21.27 -3.41 2.94
N LYS A 383 -21.36 -3.89 1.69
CA LYS A 383 -22.19 -3.31 0.63
C LYS A 383 -23.70 -3.42 0.95
N ALA A 384 -24.14 -4.52 1.59
CA ALA A 384 -25.50 -4.68 2.10
C ALA A 384 -25.78 -3.70 3.24
N MET A 385 -24.86 -3.57 4.20
CA MET A 385 -24.98 -2.67 5.35
C MET A 385 -24.94 -1.18 4.91
N GLN A 386 -24.13 -0.83 3.91
CA GLN A 386 -24.03 0.50 3.30
C GLN A 386 -25.36 0.90 2.61
N ASN A 387 -26.05 -0.05 1.96
CA ASN A 387 -27.34 0.16 1.31
C ASN A 387 -28.47 0.23 2.36
N ASN A 388 -28.39 -0.58 3.44
CA ASN A 388 -29.36 -0.62 4.53
C ASN A 388 -29.26 0.61 5.45
N ALA A 389 -28.12 1.32 5.45
CA ALA A 389 -27.88 2.56 6.21
C ALA A 389 -28.64 3.77 5.62
N LYS A 390 -29.19 3.66 4.41
CA LYS A 390 -30.07 4.64 3.77
C LYS A 390 -31.50 4.49 4.36
N PRO A 391 -32.32 5.57 4.41
CA PRO A 391 -33.71 5.51 4.88
C PRO A 391 -34.64 4.81 3.87
N GLU A 392 -35.83 4.40 4.33
CA GLU A 392 -36.86 3.73 3.54
C GLU A 392 -37.67 4.74 2.71
N GLN A 393 -37.68 6.02 3.10
CA GLN A 393 -38.23 7.17 2.38
C GLN A 393 -39.77 7.15 2.38
N LYS A 394 -40.36 7.09 3.58
CA LYS A 394 -41.80 6.99 3.80
C LYS A 394 -42.51 8.34 3.54
N GLU A 395 -41.92 9.46 4.00
CA GLU A 395 -42.38 10.84 3.85
C GLU A 395 -43.74 11.05 4.55
N GLY A 396 -43.85 10.60 5.81
CA GLY A 396 -45.02 10.73 6.68
C GLY A 396 -44.67 11.54 7.92
N ASP A 397 -45.69 12.12 8.58
CA ASP A 397 -45.59 12.92 9.80
C ASP A 397 -46.84 12.67 10.67
N THR A 398 -46.78 13.09 11.93
CA THR A 398 -47.76 12.85 13.00
C THR A 398 -49.01 13.74 12.79
N LYS A 399 -49.77 13.47 11.72
CA LYS A 399 -50.88 14.26 11.23
C LYS A 399 -52.06 13.40 10.73
N ASP A 400 -51.82 12.12 10.40
CA ASP A 400 -52.83 11.21 9.85
C ASP A 400 -53.72 10.61 10.95
N LYS A 401 -53.16 10.38 12.15
CA LYS A 401 -53.85 9.76 13.28
C LYS A 401 -54.46 10.85 14.19
N LYS A 402 -53.61 11.68 14.81
CA LYS A 402 -53.89 12.73 15.79
C LYS A 402 -54.12 12.16 17.20
N ASP A 403 -53.73 12.92 18.23
CA ASP A 403 -53.85 12.61 19.66
C ASP A 403 -54.31 13.88 20.39
N GLU A 404 -55.25 13.74 21.33
CA GLU A 404 -55.89 14.82 22.09
C GLU A 404 -55.10 15.19 23.37
N GLU A 405 -53.79 14.86 23.42
CA GLU A 405 -52.85 14.95 24.54
C GLU A 405 -52.89 16.24 25.40
N GLU A 406 -53.22 17.39 24.81
CA GLU A 406 -53.39 18.68 25.47
C GLU A 406 -54.68 19.40 25.01
N ASP A 407 -55.64 18.66 24.43
CA ASP A 407 -56.92 19.13 23.90
C ASP A 407 -58.06 18.60 24.79
N MET A 408 -57.90 18.75 26.11
CA MET A 408 -58.85 18.48 27.18
C MET A 408 -58.95 16.98 27.46
N SER A 409 -58.05 16.47 28.31
CA SER A 409 -57.99 15.10 28.81
C SER A 409 -57.49 15.11 30.28
N LEU A 410 -57.73 14.04 31.02
CA LEU A 410 -57.38 13.86 32.43
C LEU A 410 -57.08 12.37 32.66
N ASP A 411 -56.20 12.05 33.62
CA ASP A 411 -55.81 10.69 33.98
C ASP A 411 -56.88 10.06 34.91
N MET A 5 38.14 20.61 -21.01
CA MET A 5 37.85 19.71 -19.87
C MET A 5 38.81 19.90 -18.67
N THR A 6 39.76 20.85 -18.71
CA THR A 6 40.77 21.06 -17.66
C THR A 6 40.20 21.70 -16.37
N THR A 7 38.96 22.23 -16.42
CA THR A 7 38.19 22.87 -15.34
C THR A 7 38.14 22.08 -14.01
N SER A 8 38.19 20.75 -14.07
CA SER A 8 38.16 19.83 -12.91
C SER A 8 39.51 19.75 -12.17
N GLY A 9 40.58 20.32 -12.74
CA GLY A 9 42.00 20.41 -12.35
C GLY A 9 42.45 19.58 -11.13
N ALA A 10 42.57 20.25 -9.97
CA ALA A 10 42.97 19.66 -8.70
C ALA A 10 42.29 20.36 -7.52
N LEU A 11 42.28 21.70 -7.52
CA LEU A 11 41.64 22.55 -6.52
C LEU A 11 40.16 22.73 -6.90
N PHE A 12 39.28 22.67 -5.89
CA PHE A 12 37.84 22.88 -6.03
C PHE A 12 37.50 24.38 -5.99
N PRO A 13 36.45 24.87 -6.68
CA PRO A 13 36.05 26.28 -6.65
C PRO A 13 35.35 26.62 -5.32
N SER A 14 35.81 27.68 -4.63
CA SER A 14 35.29 28.15 -3.36
C SER A 14 34.15 29.16 -3.63
N LEU A 15 32.91 28.65 -3.73
CA LEU A 15 31.69 29.46 -3.86
C LEU A 15 31.31 30.08 -2.51
N VAL A 16 31.69 29.44 -1.39
CA VAL A 16 31.56 29.93 -0.02
C VAL A 16 32.68 30.97 0.28
N PRO A 17 32.38 32.03 1.05
CA PRO A 17 33.38 33.06 1.40
C PRO A 17 34.35 32.56 2.48
N GLY A 18 35.64 32.92 2.35
CA GLY A 18 36.72 32.60 3.29
C GLY A 18 37.68 31.54 2.75
N SER A 19 37.39 30.99 1.57
CA SER A 19 38.07 29.93 0.81
C SER A 19 37.67 28.54 1.34
N ARG A 20 37.86 28.32 2.64
CA ARG A 20 37.36 27.19 3.42
C ARG A 20 36.03 27.64 4.07
N GLY A 21 35.00 26.80 3.97
CA GLY A 21 33.68 27.00 4.59
C GLY A 21 33.34 25.81 5.46
N ALA A 22 32.89 24.72 4.82
CA ALA A 22 32.49 23.42 5.37
C ALA A 22 31.02 23.34 5.82
N SER A 23 30.28 24.44 5.68
CA SER A 23 28.85 24.56 5.97
C SER A 23 28.01 23.85 4.90
N ASN A 24 26.84 23.32 5.29
CA ASN A 24 25.81 22.78 4.40
C ASN A 24 25.09 23.91 3.62
N LYS A 25 24.58 23.58 2.43
CA LYS A 25 23.84 24.51 1.55
C LYS A 25 22.62 23.86 0.86
N TYR A 26 22.51 22.52 0.91
CA TYR A 26 21.40 21.68 0.44
C TYR A 26 21.44 21.44 -1.09
N LEU A 27 20.98 20.28 -1.55
CA LEU A 27 20.74 19.98 -2.96
C LEU A 27 19.27 20.31 -3.31
N VAL A 28 18.34 19.96 -2.41
CA VAL A 28 16.90 20.25 -2.49
C VAL A 28 16.42 20.61 -1.07
N GLU A 29 15.39 21.46 -0.97
CA GLU A 29 14.72 21.87 0.26
C GLU A 29 13.26 22.24 -0.07
N PHE A 30 12.29 21.76 0.72
CA PHE A 30 10.88 22.15 0.65
C PHE A 30 10.17 21.84 1.98
N ARG A 31 9.14 22.63 2.30
CA ARG A 31 8.44 22.58 3.60
C ARG A 31 7.30 21.56 3.47
N ALA A 32 7.36 20.46 4.23
CA ALA A 32 6.45 19.33 4.13
C ALA A 32 6.30 18.58 5.46
N GLY A 33 5.13 18.00 5.66
CA GLY A 33 4.74 17.14 6.76
C GLY A 33 4.57 15.71 6.23
N LYS A 34 4.11 14.81 7.10
CA LYS A 34 4.09 13.36 6.88
C LYS A 34 2.81 12.71 7.41
N MET A 35 2.43 11.60 6.78
CA MET A 35 1.35 10.71 7.21
C MET A 35 2.03 9.51 7.87
N SER A 36 1.56 9.12 9.06
CA SER A 36 2.17 8.11 9.91
C SER A 36 1.08 7.19 10.48
N LEU A 37 1.42 5.91 10.66
CA LEU A 37 0.57 4.92 11.32
C LEU A 37 0.70 5.09 12.85
N LYS A 38 -0.45 5.15 13.53
CA LYS A 38 -0.62 5.31 14.97
C LYS A 38 -1.16 3.98 15.55
N GLY A 39 -0.71 2.85 14.99
CA GLY A 39 -1.28 1.52 15.15
C GLY A 39 -1.73 1.07 13.77
N THR A 40 -3.00 0.68 13.63
CA THR A 40 -3.66 0.35 12.37
C THR A 40 -4.26 1.60 11.69
N THR A 41 -4.43 2.70 12.44
CA THR A 41 -5.01 3.98 12.04
C THR A 41 -3.86 4.86 11.50
N VAL A 42 -4.07 5.52 10.35
CA VAL A 42 -3.15 6.52 9.79
C VAL A 42 -3.58 7.90 10.32
N THR A 43 -2.61 8.74 10.67
CA THR A 43 -2.77 10.09 11.19
C THR A 43 -1.75 11.02 10.49
N PRO A 44 -2.13 12.24 10.06
CA PRO A 44 -1.20 13.24 9.55
C PRO A 44 -0.50 13.98 10.71
N ASP A 45 0.82 14.13 10.62
CA ASP A 45 1.66 14.93 11.51
C ASP A 45 1.49 16.41 11.11
N LYS A 46 1.20 17.26 12.09
CA LYS A 46 0.79 18.65 11.93
C LYS A 46 1.89 19.63 12.40
N ARG A 47 3.08 19.14 12.75
CA ARG A 47 4.27 19.96 12.99
C ARG A 47 4.76 20.58 11.67
N LYS A 48 5.30 21.80 11.73
CA LYS A 48 5.86 22.50 10.58
C LYS A 48 7.22 21.86 10.26
N GLY A 49 7.37 21.26 9.09
CA GLY A 49 8.52 20.41 8.74
C GLY A 49 9.27 20.95 7.53
N LEU A 50 10.55 20.58 7.42
CA LEU A 50 11.37 20.78 6.24
C LEU A 50 11.91 19.41 5.82
N VAL A 51 11.64 19.00 4.57
CA VAL A 51 12.37 17.95 3.88
C VAL A 51 13.57 18.66 3.24
N TYR A 52 14.75 18.04 3.30
CA TYR A 52 15.95 18.47 2.60
C TYR A 52 16.78 17.29 2.14
N ILE A 53 17.59 17.52 1.10
CA ILE A 53 18.47 16.55 0.47
C ILE A 53 19.87 17.16 0.47
N GLN A 54 20.87 16.33 0.74
CA GLN A 54 22.29 16.63 0.78
C GLN A 54 23.04 15.38 0.25
N GLN A 55 24.37 15.38 0.27
CA GLN A 55 25.23 14.31 -0.26
C GLN A 55 26.41 14.05 0.68
N THR A 56 26.81 12.78 0.82
CA THR A 56 27.83 12.30 1.74
C THR A 56 29.24 12.46 1.12
N ASP A 57 30.29 12.26 1.94
CA ASP A 57 31.70 12.23 1.54
C ASP A 57 32.03 11.06 0.58
N ASP A 58 31.23 9.98 0.64
CA ASP A 58 31.28 8.81 -0.24
C ASP A 58 30.58 9.08 -1.59
N SER A 59 29.91 10.23 -1.75
CA SER A 59 29.30 10.76 -2.96
C SER A 59 27.88 10.23 -3.23
N LEU A 60 27.25 9.61 -2.23
CA LEU A 60 25.87 9.13 -2.26
C LEU A 60 24.97 10.28 -1.76
N ILE A 61 23.71 10.31 -2.22
CA ILE A 61 22.71 11.28 -1.79
C ILE A 61 22.17 10.83 -0.42
N HIS A 62 21.76 11.78 0.43
CA HIS A 62 21.04 11.52 1.68
C HIS A 62 19.86 12.47 1.82
N PHE A 63 18.69 11.89 2.11
CA PHE A 63 17.41 12.54 2.33
C PHE A 63 17.27 12.71 3.86
N CYS A 64 16.69 13.83 4.31
CA CYS A 64 16.59 14.20 5.71
C CYS A 64 15.30 15.00 5.95
N TRP A 65 14.74 14.90 7.16
CA TRP A 65 13.62 15.69 7.64
C TRP A 65 13.93 16.24 9.03
N LYS A 66 13.58 17.52 9.25
CA LYS A 66 13.66 18.19 10.53
C LYS A 66 12.38 18.96 10.79
N ASP A 67 11.96 18.99 12.06
CA ASP A 67 10.82 19.75 12.55
C ASP A 67 11.32 21.19 12.76
N ARG A 68 10.63 22.17 12.18
CA ARG A 68 10.91 23.59 12.32
C ARG A 68 10.28 24.14 13.61
N THR A 69 9.36 23.41 14.25
CA THR A 69 8.68 23.83 15.48
C THR A 69 9.67 23.70 16.65
N SER A 70 10.35 22.55 16.77
CA SER A 70 11.38 22.32 17.80
C SER A 70 12.76 22.77 17.30
N GLY A 71 13.10 22.48 16.04
CA GLY A 71 14.39 22.77 15.41
C GLY A 71 15.23 21.51 15.18
N ASN A 72 14.76 20.34 15.64
CA ASN A 72 15.51 19.09 15.72
C ASN A 72 15.28 18.22 14.47
N VAL A 73 16.33 17.50 14.07
CA VAL A 73 16.34 16.48 13.01
C VAL A 73 15.76 15.18 13.60
N GLU A 74 14.72 14.62 12.96
CA GLU A 74 14.02 13.43 13.43
C GLU A 74 14.27 12.21 12.53
N ASP A 75 14.73 12.38 11.28
CA ASP A 75 15.01 11.28 10.34
C ASP A 75 16.08 11.68 9.31
N ASP A 76 16.96 10.74 8.94
CA ASP A 76 17.94 10.85 7.88
C ASP A 76 18.21 9.44 7.31
N LEU A 77 18.31 9.32 5.98
CA LEU A 77 18.61 8.09 5.24
C LEU A 77 19.49 8.41 4.04
N ILE A 78 20.59 7.66 3.88
CA ILE A 78 21.49 7.69 2.70
C ILE A 78 20.85 6.77 1.65
N ILE A 79 20.78 7.23 0.40
CA ILE A 79 20.11 6.60 -0.72
C ILE A 79 21.15 6.28 -1.82
N PHE A 80 21.10 5.06 -2.35
CA PHE A 80 21.91 4.60 -3.48
C PHE A 80 21.19 4.92 -4.82
N PRO A 81 21.91 5.06 -5.96
CA PRO A 81 21.35 5.39 -7.29
C PRO A 81 20.11 4.56 -7.69
N ASP A 82 18.97 5.24 -7.88
CA ASP A 82 17.67 4.72 -8.35
C ASP A 82 16.90 3.87 -7.31
N ASP A 83 17.51 3.54 -6.17
CA ASP A 83 17.07 2.52 -5.21
C ASP A 83 15.85 2.94 -4.37
N CYS A 84 15.65 4.26 -4.25
CA CYS A 84 14.50 4.92 -3.69
C CYS A 84 14.15 6.07 -4.65
N GLU A 85 12.87 6.38 -4.78
CA GLU A 85 12.35 7.36 -5.72
C GLU A 85 11.14 8.10 -5.12
N PHE A 86 11.06 9.41 -5.34
CA PHE A 86 10.02 10.30 -4.87
C PHE A 86 9.09 10.62 -6.05
N LYS A 87 7.77 10.55 -5.84
CA LYS A 87 6.73 10.71 -6.84
C LYS A 87 5.53 11.47 -6.23
N ARG A 88 4.82 12.29 -7.03
CA ARG A 88 3.57 12.95 -6.66
C ARG A 88 2.43 11.91 -6.76
N VAL A 89 1.55 11.83 -5.76
CA VAL A 89 0.45 10.85 -5.71
C VAL A 89 -0.69 11.33 -6.65
N PRO A 90 -1.15 10.50 -7.62
CA PRO A 90 -2.16 10.91 -8.61
C PRO A 90 -3.59 10.93 -8.07
N GLN A 91 -3.84 10.30 -6.92
CA GLN A 91 -5.15 10.22 -6.25
C GLN A 91 -5.47 11.52 -5.47
N CYS A 92 -4.50 12.43 -5.30
CA CYS A 92 -4.64 13.71 -4.63
C CYS A 92 -5.34 14.71 -5.59
N PRO A 93 -6.36 15.47 -5.14
CA PRO A 93 -7.03 16.47 -5.99
C PRO A 93 -6.18 17.76 -6.14
N SER A 94 -5.50 18.19 -5.06
CA SER A 94 -4.75 19.44 -5.01
C SER A 94 -3.33 19.28 -5.59
N GLY A 95 -2.71 18.12 -5.38
CA GLY A 95 -1.44 17.72 -5.99
C GLY A 95 -0.25 17.74 -5.02
N ARG A 96 -0.46 18.13 -3.76
CA ARG A 96 0.59 18.39 -2.77
C ARG A 96 0.92 17.17 -1.90
N VAL A 97 0.33 15.99 -2.15
CA VAL A 97 0.69 14.73 -1.48
C VAL A 97 1.67 13.98 -2.41
N TYR A 98 2.75 13.47 -1.82
CA TYR A 98 3.86 12.78 -2.47
C TYR A 98 4.16 11.47 -1.72
N VAL A 99 4.82 10.53 -2.38
CA VAL A 99 5.25 9.26 -1.83
C VAL A 99 6.74 9.05 -2.17
N LEU A 100 7.54 8.71 -1.15
CA LEU A 100 8.92 8.29 -1.25
C LEU A 100 8.90 6.76 -1.12
N LYS A 101 9.10 6.05 -2.24
CA LYS A 101 9.04 4.60 -2.34
C LYS A 101 10.46 4.05 -2.39
N PHE A 102 10.82 3.20 -1.41
CA PHE A 102 12.06 2.46 -1.33
C PHE A 102 11.81 1.12 -2.03
N LYS A 103 12.51 0.87 -3.13
CA LYS A 103 12.27 -0.27 -4.02
C LYS A 103 12.89 -1.56 -3.44
N ALA A 104 14.01 -1.42 -2.70
CA ALA A 104 14.54 -2.44 -1.81
C ALA A 104 14.03 -2.08 -0.41
N GLY A 105 13.27 -3.00 0.21
CA GLY A 105 12.71 -2.88 1.55
C GLY A 105 11.19 -2.79 1.51
N SER A 106 10.63 -2.14 0.46
CA SER A 106 9.22 -2.03 0.08
C SER A 106 8.46 -0.88 0.77
N LYS A 107 9.16 -0.11 1.62
CA LYS A 107 8.67 1.02 2.41
C LYS A 107 8.17 2.16 1.49
N ARG A 108 7.03 2.75 1.83
CA ARG A 108 6.35 3.83 1.13
C ARG A 108 5.99 4.88 2.17
N LEU A 109 6.81 5.93 2.31
CA LEU A 109 6.56 7.04 3.22
C LEU A 109 5.82 8.12 2.43
N PHE A 110 4.61 8.47 2.89
CA PHE A 110 3.75 9.47 2.27
C PHE A 110 3.99 10.80 2.99
N PHE A 111 4.37 11.81 2.21
CA PHE A 111 4.65 13.19 2.62
C PHE A 111 3.56 14.08 2.03
N TRP A 112 3.33 15.25 2.65
CA TRP A 112 2.39 16.26 2.19
C TRP A 112 3.02 17.65 2.32
N MET A 113 3.01 18.43 1.25
CA MET A 113 3.62 19.76 1.18
C MET A 113 2.77 20.76 1.97
N GLN A 114 3.43 21.55 2.82
CA GLN A 114 2.82 22.56 3.69
C GLN A 114 2.92 23.96 3.03
N GLU A 115 3.47 24.04 1.81
CA GLU A 115 3.62 25.24 1.00
C GLU A 115 2.27 25.57 0.31
N PRO A 116 1.81 26.84 0.31
CA PRO A 116 0.49 27.21 -0.24
C PRO A 116 0.46 27.33 -1.77
N LYS A 117 1.61 27.58 -2.42
CA LYS A 117 1.73 27.72 -3.87
C LYS A 117 1.84 26.32 -4.49
N THR A 118 0.84 25.94 -5.29
CA THR A 118 0.76 24.66 -6.02
C THR A 118 1.49 24.74 -7.38
N ASP A 119 1.97 25.92 -7.77
CA ASP A 119 2.53 26.29 -9.08
C ASP A 119 3.89 25.63 -9.39
N GLN A 120 4.54 25.05 -8.38
CA GLN A 120 5.87 24.44 -8.43
C GLN A 120 5.85 22.99 -7.90
N ASP A 121 4.71 22.30 -7.98
CA ASP A 121 4.50 20.92 -7.51
C ASP A 121 5.45 19.92 -8.21
N GLU A 122 5.54 19.97 -9.55
CA GLU A 122 6.38 19.10 -10.36
C GLU A 122 7.85 19.56 -10.30
N GLU A 123 8.09 20.87 -10.24
CA GLU A 123 9.39 21.54 -10.08
C GLU A 123 10.18 21.01 -8.85
N HIS A 124 9.48 20.82 -7.72
CA HIS A 124 10.04 20.28 -6.48
C HIS A 124 10.51 18.81 -6.65
N CYS A 125 9.59 17.89 -7.02
CA CYS A 125 9.90 16.46 -7.08
C CYS A 125 10.81 16.08 -8.28
N ARG A 126 10.84 16.87 -9.36
CA ARG A 126 11.75 16.70 -10.49
C ARG A 126 13.22 16.72 -10.05
N LYS A 127 13.62 17.70 -9.24
CA LYS A 127 14.99 17.83 -8.75
C LYS A 127 15.41 16.69 -7.82
N VAL A 128 14.48 16.18 -6.99
CA VAL A 128 14.67 14.96 -6.19
C VAL A 128 14.94 13.76 -7.11
N ASN A 129 14.06 13.54 -8.09
CA ASN A 129 14.11 12.45 -9.06
C ASN A 129 15.41 12.49 -9.90
N GLU A 130 15.83 13.68 -10.34
CA GLU A 130 17.10 13.94 -11.02
C GLU A 130 18.30 13.56 -10.13
N TYR A 131 18.38 14.05 -8.88
CA TYR A 131 19.51 13.78 -7.98
C TYR A 131 19.60 12.29 -7.55
N LEU A 132 18.47 11.62 -7.30
CA LEU A 132 18.44 10.21 -6.91
C LEU A 132 18.72 9.27 -8.10
N ASN A 133 18.49 9.71 -9.34
CA ASN A 133 18.85 9.00 -10.57
C ASN A 133 20.32 9.30 -10.94
N ASN A 134 20.72 10.57 -10.93
CA ASN A 134 22.04 11.06 -11.36
C ASN A 134 22.71 11.80 -10.19
N PRO A 135 23.44 11.11 -9.29
CA PRO A 135 24.25 11.75 -8.24
C PRO A 135 25.50 12.46 -8.84
N PRO A 136 26.22 13.29 -8.07
CA PRO A 136 27.36 14.09 -8.57
C PRO A 136 28.63 13.30 -8.93
N MET A 137 28.67 11.98 -8.72
CA MET A 137 29.61 11.04 -9.33
C MET A 137 28.78 9.93 -10.01
N PRO A 138 29.18 9.39 -11.19
CA PRO A 138 28.50 8.28 -11.89
C PRO A 138 28.19 7.06 -10.99
N GLY A 139 26.95 6.56 -11.05
CA GLY A 139 26.46 5.41 -10.29
C GLY A 139 25.96 4.26 -11.17
N ALA A 140 26.07 4.39 -12.50
CA ALA A 140 25.64 3.41 -13.49
C ALA A 140 26.80 2.46 -13.83
N LEU A 141 26.47 1.19 -14.07
CA LEU A 141 27.32 0.11 -14.57
C LEU A 141 28.24 -0.44 -13.46
N GLY A 142 27.71 -1.34 -12.64
CA GLY A 142 28.40 -2.01 -11.52
C GLY A 142 28.53 -3.52 -11.72
N ALA A 143 28.31 -4.00 -12.95
CA ALA A 143 28.42 -5.39 -13.37
C ALA A 143 29.89 -5.77 -13.61
N SER A 144 30.21 -7.07 -13.49
CA SER A 144 31.55 -7.63 -13.62
C SER A 144 32.06 -7.68 -15.09
N GLY A 145 31.15 -7.51 -16.06
CA GLY A 145 31.44 -7.31 -17.48
C GLY A 145 30.91 -5.93 -17.84
N SER A 146 31.81 -4.99 -18.11
CA SER A 146 31.52 -3.58 -18.35
C SER A 146 31.07 -3.38 -19.81
N SER A 147 29.75 -3.27 -20.02
CA SER A 147 29.10 -2.92 -21.28
C SER A 147 27.69 -2.39 -20.95
N GLY A 148 27.32 -1.23 -21.50
CA GLY A 148 26.00 -0.63 -21.43
C GLY A 148 25.48 -0.39 -22.85
N HIS A 149 24.17 -0.64 -23.08
CA HIS A 149 23.53 -0.57 -24.40
C HIS A 149 22.57 0.62 -24.53
N GLU A 150 22.48 1.48 -23.50
CA GLU A 150 21.65 2.69 -23.47
C GLU A 150 22.42 3.84 -22.80
N LEU A 151 22.71 3.72 -21.50
CA LEU A 151 23.51 4.59 -20.63
C LEU A 151 22.81 5.91 -20.25
N SER A 152 21.81 6.37 -21.01
CA SER A 152 20.98 7.54 -20.82
C SER A 152 19.71 7.41 -21.68
N ALA A 153 18.70 8.26 -21.43
CA ALA A 153 17.44 8.35 -22.18
C ALA A 153 17.64 9.12 -23.50
N LEU A 154 18.52 8.59 -24.36
CA LEU A 154 18.89 9.12 -25.67
C LEU A 154 17.84 8.70 -26.72
N GLY A 155 17.77 9.45 -27.83
CA GLY A 155 16.85 9.21 -28.94
C GLY A 155 15.86 10.37 -29.14
N GLY A 156 16.29 11.60 -28.85
CA GLY A 156 15.50 12.83 -28.97
C GLY A 156 16.08 13.76 -30.04
N GLU A 157 15.79 15.06 -29.93
CA GLU A 157 16.24 16.11 -30.85
C GLU A 157 16.58 17.40 -30.09
N GLY A 158 15.58 17.94 -29.36
CA GLY A 158 15.68 19.17 -28.59
C GLY A 158 14.69 20.20 -29.12
N GLY A 159 15.12 21.46 -29.24
CA GLY A 159 14.36 22.58 -29.79
C GLY A 159 15.04 23.14 -31.05
N LEU A 160 14.39 24.08 -31.73
CA LEU A 160 14.85 24.71 -32.96
C LEU A 160 16.01 25.68 -32.65
N GLN A 161 15.72 26.73 -31.87
CA GLN A 161 16.63 27.75 -31.31
C GLN A 161 17.08 28.79 -32.35
N SER A 162 17.16 30.06 -31.94
CA SER A 162 17.75 31.14 -32.70
C SER A 162 19.21 31.28 -32.20
N LEU A 163 20.19 31.21 -33.11
CA LEU A 163 21.61 31.39 -32.83
C LEU A 163 21.93 32.86 -33.13
N LEU A 164 22.27 33.63 -32.09
CA LEU A 164 22.59 35.07 -32.16
C LEU A 164 24.09 35.29 -32.44
N GLY A 165 24.93 34.27 -32.24
CA GLY A 165 26.39 34.33 -32.36
C GLY A 165 27.00 33.96 -31.01
N ASN A 166 27.56 34.94 -30.30
CA ASN A 166 28.10 34.85 -28.95
C ASN A 166 27.88 36.16 -28.19
N MET A 167 28.05 36.13 -26.86
CA MET A 167 27.99 37.27 -25.91
C MET A 167 26.58 37.53 -25.37
N SER A 168 25.64 36.61 -25.60
CA SER A 168 24.30 36.56 -25.00
C SER A 168 24.39 35.78 -23.66
N HIS A 169 23.24 35.33 -23.13
CA HIS A 169 23.12 34.45 -21.96
C HIS A 169 23.72 33.06 -22.23
N SER A 170 24.16 32.37 -21.17
CA SER A 170 24.78 31.05 -21.23
C SER A 170 24.52 30.26 -19.94
N GLN A 171 24.74 30.90 -18.78
CA GLN A 171 24.56 30.33 -17.44
C GLN A 171 24.13 31.45 -16.49
N LEU A 172 23.05 31.24 -15.74
CA LEU A 172 22.48 32.22 -14.80
C LEU A 172 23.16 32.13 -13.42
N MET A 173 23.77 30.97 -13.10
CA MET A 173 24.52 30.71 -11.88
C MET A 173 25.96 31.26 -12.07
N GLN A 174 26.11 32.57 -11.84
CA GLN A 174 27.37 33.29 -11.90
C GLN A 174 28.03 33.25 -10.51
N LEU A 175 29.37 33.14 -10.48
CA LEU A 175 30.15 32.96 -9.26
C LEU A 175 30.44 34.30 -8.53
N ILE A 176 30.33 35.43 -9.24
CA ILE A 176 30.54 36.78 -8.73
C ILE A 176 29.30 37.29 -7.96
N GLY A 177 29.53 38.18 -6.98
CA GLY A 177 28.50 38.91 -6.24
C GLY A 177 28.76 40.41 -6.37
N PRO A 178 28.14 41.13 -7.35
CA PRO A 178 28.36 42.57 -7.54
C PRO A 178 27.63 43.44 -6.50
N ALA A 179 26.44 43.01 -6.05
CA ALA A 179 25.54 43.63 -5.07
C ALA A 179 24.70 44.77 -5.67
N GLY A 180 23.57 45.07 -5.01
CA GLY A 180 22.68 46.18 -5.32
C GLY A 180 22.48 47.05 -4.07
N LEU A 181 22.03 48.30 -4.27
CA LEU A 181 21.65 49.24 -3.22
C LEU A 181 20.30 48.86 -2.58
N GLY A 182 20.10 49.24 -1.32
CA GLY A 182 18.86 49.01 -0.57
C GLY A 182 19.02 48.03 0.59
N GLY A 183 20.25 47.57 0.87
CA GLY A 183 20.58 46.61 1.92
C GLY A 183 21.47 47.23 3.00
N LEU A 184 21.94 46.40 3.93
CA LEU A 184 22.78 46.75 5.07
C LEU A 184 23.75 45.59 5.34
N GLY A 185 24.97 45.89 5.77
CA GLY A 185 26.05 44.93 6.03
C GLY A 185 26.46 44.86 7.51
N GLY A 186 25.68 45.49 8.38
CA GLY A 186 25.77 45.44 9.84
C GLY A 186 24.45 44.95 10.43
N LEU A 187 24.33 44.98 11.77
CA LEU A 187 23.18 44.58 12.57
C LEU A 187 23.15 43.04 12.69
N GLY A 188 24.19 42.49 13.33
CA GLY A 188 24.43 41.05 13.49
C GLY A 188 24.40 40.64 14.96
N ALA A 189 25.19 39.62 15.32
CA ALA A 189 25.22 38.99 16.65
C ALA A 189 26.01 39.80 17.70
N LEU A 190 26.73 40.85 17.27
CA LEU A 190 27.52 41.79 18.06
C LEU A 190 28.94 41.26 18.29
N THR A 191 29.42 41.25 19.54
CA THR A 191 30.79 40.94 19.95
C THR A 191 30.74 39.91 21.10
N GLY A 192 31.69 38.98 21.12
CA GLY A 192 31.91 37.99 22.18
C GLY A 192 33.32 38.12 22.78
N PRO A 193 33.71 37.25 23.75
CA PRO A 193 35.03 37.25 24.42
C PRO A 193 36.26 37.26 23.49
N GLY A 194 36.22 36.50 22.39
CA GLY A 194 37.26 36.42 21.36
C GLY A 194 37.93 35.04 21.31
N LEU A 195 37.70 34.19 22.31
CA LEU A 195 38.32 32.87 22.52
C LEU A 195 37.59 31.78 21.71
N ALA A 196 37.25 32.06 20.45
CA ALA A 196 36.50 31.19 19.54
C ALA A 196 37.34 29.99 19.05
N SER A 197 38.67 30.14 19.02
CA SER A 197 39.64 29.16 18.58
C SER A 197 40.21 28.31 19.74
N LEU A 198 39.77 28.57 20.99
CA LEU A 198 40.23 27.88 22.20
C LEU A 198 39.46 26.55 22.36
N LEU A 199 40.18 25.50 22.75
CA LEU A 199 39.73 24.16 23.14
C LEU A 199 39.56 23.22 21.92
N GLY A 200 39.71 21.92 22.13
CA GLY A 200 39.53 20.84 21.15
C GLY A 200 38.42 19.90 21.58
N SER A 201 37.87 19.11 20.64
CA SER A 201 36.72 18.23 20.85
C SER A 201 36.82 16.89 20.08
N SER A 202 38.04 16.47 19.71
CA SER A 202 38.34 15.20 19.06
C SER A 202 39.73 14.73 19.53
N GLY A 203 39.87 13.42 19.82
CA GLY A 203 41.10 12.76 20.25
C GLY A 203 40.98 12.28 21.71
N PRO A 204 41.17 10.97 22.03
CA PRO A 204 41.20 10.47 23.42
C PRO A 204 42.24 11.19 24.31
N PRO A 205 41.88 11.71 25.50
CA PRO A 205 42.80 12.37 26.45
C PRO A 205 44.09 11.57 26.75
N GLY A 206 45.20 11.92 26.09
CA GLY A 206 46.53 11.37 26.32
C GLY A 206 47.01 10.39 25.24
N SER A 207 46.16 10.04 24.26
CA SER A 207 46.42 9.00 23.26
C SER A 207 45.96 9.45 21.87
N SER A 208 46.85 9.37 20.86
CA SER A 208 46.53 9.65 19.46
C SER A 208 45.82 8.44 18.81
N SER A 209 46.10 7.23 19.28
CA SER A 209 45.49 5.97 18.86
C SER A 209 44.16 5.77 19.60
N SER A 210 43.22 5.04 18.98
CA SER A 210 41.88 4.76 19.48
C SER A 210 41.48 3.33 19.08
N SER A 211 40.48 2.75 19.76
CA SER A 211 39.96 1.41 19.55
C SER A 211 38.43 1.38 19.81
N SER A 212 37.80 0.22 19.59
CA SER A 212 36.38 -0.11 19.73
C SER A 212 35.60 0.04 18.41
N SER A 213 36.10 -0.58 17.34
CA SER A 213 35.52 -0.63 15.99
C SER A 213 34.10 -1.22 15.98
N ARG A 214 33.12 -0.50 15.43
CA ARG A 214 31.70 -0.89 15.34
C ARG A 214 31.43 -1.84 14.16
N SER A 215 32.38 -2.00 13.24
CA SER A 215 32.36 -2.99 12.16
C SER A 215 33.79 -3.53 11.96
N GLN A 216 33.95 -4.86 11.95
CA GLN A 216 35.22 -5.58 11.85
C GLN A 216 35.02 -6.95 11.15
N SER A 217 33.90 -7.14 10.44
CA SER A 217 33.50 -8.37 9.75
C SER A 217 32.57 -8.00 8.58
N ALA A 218 32.49 -8.88 7.57
CA ALA A 218 31.59 -8.82 6.43
C ALA A 218 31.19 -10.25 6.04
N ALA A 219 29.97 -10.43 5.54
CA ALA A 219 29.38 -11.70 5.11
C ALA A 219 28.27 -11.44 4.10
N VAL A 220 27.77 -12.51 3.46
CA VAL A 220 26.52 -12.65 2.68
C VAL A 220 26.43 -11.75 1.41
N THR A 221 27.53 -11.11 1.01
CA THR A 221 27.59 -10.14 -0.08
C THR A 221 27.92 -10.90 -1.39
N PRO A 222 27.10 -10.76 -2.46
CA PRO A 222 27.35 -11.41 -3.76
C PRO A 222 28.36 -10.61 -4.62
N SER A 223 28.63 -11.11 -5.83
CA SER A 223 29.44 -10.57 -6.93
C SER A 223 30.88 -11.10 -6.93
N SER A 224 31.37 -11.50 -8.11
CA SER A 224 32.71 -12.01 -8.39
C SER A 224 32.94 -11.88 -9.91
N THR A 225 34.10 -12.36 -10.40
CA THR A 225 34.34 -12.72 -11.79
C THR A 225 33.46 -13.94 -12.17
N THR A 226 33.08 -14.06 -13.45
CA THR A 226 32.24 -15.15 -13.96
C THR A 226 33.03 -16.49 -13.94
N SER A 227 32.44 -17.53 -13.33
CA SER A 227 33.10 -18.82 -13.10
C SER A 227 32.93 -19.77 -14.31
N SER A 228 31.86 -19.59 -15.10
CA SER A 228 31.43 -20.46 -16.19
C SER A 228 31.06 -19.61 -17.40
N THR A 229 32.07 -19.22 -18.20
CA THR A 229 31.93 -18.41 -19.40
C THR A 229 31.14 -19.11 -20.53
N ARG A 230 31.12 -20.45 -20.53
CA ARG A 230 30.36 -21.31 -21.44
C ARG A 230 28.84 -21.28 -21.17
N ALA A 231 28.42 -20.86 -19.96
CA ALA A 231 27.03 -20.66 -19.56
C ALA A 231 26.68 -19.16 -19.75
N THR A 232 26.95 -18.66 -20.96
CA THR A 232 26.86 -17.26 -21.38
C THR A 232 25.45 -16.61 -21.23
N PRO A 233 24.31 -17.27 -21.56
CA PRO A 233 22.95 -16.73 -21.34
C PRO A 233 22.65 -16.30 -19.89
N ALA A 234 21.71 -15.36 -19.71
CA ALA A 234 21.24 -14.88 -18.41
C ALA A 234 20.35 -15.94 -17.73
N PRO A 235 20.36 -16.05 -16.37
CA PRO A 235 19.56 -17.05 -15.65
C PRO A 235 18.07 -16.68 -15.55
N SER A 236 17.72 -15.39 -15.67
CA SER A 236 16.38 -14.84 -15.74
C SER A 236 16.48 -13.53 -16.54
N ALA A 237 15.36 -13.07 -17.11
CA ALA A 237 15.24 -11.85 -17.91
C ALA A 237 13.89 -11.11 -17.77
N PRO A 238 12.70 -11.78 -17.73
CA PRO A 238 11.39 -11.13 -17.58
C PRO A 238 11.27 -10.14 -16.39
N ALA A 239 10.53 -9.05 -16.61
CA ALA A 239 10.12 -8.05 -15.62
C ALA A 239 8.80 -7.44 -16.07
N ALA A 240 8.75 -7.00 -17.34
CA ALA A 240 7.57 -6.60 -18.09
C ALA A 240 7.82 -6.95 -19.55
N ALA A 241 6.78 -7.38 -20.28
CA ALA A 241 6.86 -7.78 -21.69
C ALA A 241 5.53 -7.56 -22.43
N SER A 242 4.40 -7.89 -21.80
CA SER A 242 3.06 -7.82 -22.41
C SER A 242 2.56 -6.36 -22.51
N ALA A 243 2.98 -5.49 -21.58
CA ALA A 243 2.67 -4.05 -21.46
C ALA A 243 1.23 -3.79 -20.99
N THR A 244 0.90 -2.50 -20.81
CA THR A 244 -0.42 -2.00 -20.44
C THR A 244 -0.75 -0.82 -21.36
N SER A 245 -1.84 -0.90 -22.12
CA SER A 245 -2.31 0.13 -23.04
C SER A 245 -3.86 0.15 -23.13
N PRO A 246 -4.52 -0.83 -23.80
CA PRO A 246 -5.99 -0.87 -23.89
C PRO A 246 -6.63 -1.38 -22.58
N SER A 247 -7.86 -0.92 -22.32
CA SER A 247 -8.73 -1.36 -21.22
C SER A 247 -10.16 -1.49 -21.77
N PRO A 248 -10.57 -2.64 -22.34
CA PRO A 248 -11.90 -2.88 -22.93
C PRO A 248 -13.09 -2.46 -22.03
N ALA A 249 -13.79 -1.40 -22.42
CA ALA A 249 -14.93 -0.80 -21.74
C ALA A 249 -15.68 0.12 -22.72
N PRO A 250 -16.63 -0.40 -23.55
CA PRO A 250 -17.36 0.39 -24.55
C PRO A 250 -18.48 1.25 -23.91
N SER A 251 -18.09 2.20 -23.07
CA SER A 251 -18.93 3.13 -22.33
C SER A 251 -18.13 4.42 -22.12
N SER A 252 -17.81 4.77 -20.86
CA SER A 252 -17.02 5.94 -20.46
C SER A 252 -15.52 5.82 -20.82
N GLY A 253 -15.02 4.59 -20.99
CA GLY A 253 -13.66 4.26 -21.42
C GLY A 253 -12.87 3.45 -20.38
N ASN A 254 -13.40 3.29 -19.16
CA ASN A 254 -12.81 2.50 -18.08
C ASN A 254 -13.85 1.94 -17.11
N GLY A 255 -14.62 2.83 -16.47
CA GLY A 255 -15.60 2.51 -15.42
C GLY A 255 -15.16 3.10 -14.09
N ALA A 256 -16.12 3.39 -13.20
CA ALA A 256 -15.91 3.95 -11.87
C ALA A 256 -16.96 3.41 -10.89
N SER A 257 -17.80 4.30 -10.33
CA SER A 257 -18.77 4.02 -9.26
C SER A 257 -19.93 3.09 -9.68
N THR A 258 -20.13 2.88 -11.00
CA THR A 258 -21.13 1.97 -11.57
C THR A 258 -20.43 0.68 -12.10
N ALA A 259 -19.13 0.49 -11.79
CA ALA A 259 -18.34 -0.70 -12.10
C ALA A 259 -17.84 -1.35 -10.79
N ALA A 260 -17.13 -0.58 -9.95
CA ALA A 260 -16.70 -0.90 -8.58
C ALA A 260 -15.72 -2.10 -8.53
N SER A 261 -14.81 -2.18 -9.50
CA SER A 261 -13.91 -3.31 -9.74
C SER A 261 -12.92 -3.54 -8.56
N PRO A 262 -12.76 -4.79 -8.05
CA PRO A 262 -11.84 -5.11 -6.94
C PRO A 262 -10.38 -5.24 -7.45
N THR A 263 -9.76 -4.12 -7.83
CA THR A 263 -8.41 -4.01 -8.37
C THR A 263 -7.38 -4.38 -7.28
N GLN A 264 -6.56 -5.40 -7.55
CA GLN A 264 -5.57 -5.96 -6.63
C GLN A 264 -4.25 -5.15 -6.70
N PRO A 265 -3.46 -5.07 -5.60
CA PRO A 265 -2.19 -4.33 -5.59
C PRO A 265 -1.10 -5.10 -6.34
N ILE A 266 -0.53 -4.48 -7.38
CA ILE A 266 0.61 -5.00 -8.14
C ILE A 266 1.89 -4.85 -7.29
N GLN A 267 2.72 -5.90 -7.26
CA GLN A 267 4.04 -6.00 -6.63
C GLN A 267 3.97 -6.17 -5.10
N LEU A 268 3.13 -5.40 -4.41
CA LEU A 268 3.14 -5.21 -2.96
C LEU A 268 2.36 -6.27 -2.18
N SER A 269 1.59 -7.14 -2.87
CA SER A 269 0.64 -8.11 -2.31
C SER A 269 1.22 -9.04 -1.22
N ASP A 270 2.46 -9.54 -1.38
CA ASP A 270 3.15 -10.39 -0.41
C ASP A 270 4.14 -9.55 0.43
N LEU A 271 4.63 -8.41 -0.08
CA LEU A 271 5.59 -7.53 0.58
C LEU A 271 4.95 -6.78 1.77
N GLN A 272 3.67 -6.41 1.66
CA GLN A 272 2.90 -5.78 2.72
C GLN A 272 2.66 -6.72 3.92
N SER A 273 2.70 -8.04 3.71
CA SER A 273 2.45 -9.05 4.73
C SER A 273 3.66 -9.18 5.68
N ILE A 274 4.90 -9.15 5.14
CA ILE A 274 6.12 -9.20 5.96
C ILE A 274 6.31 -7.87 6.73
N LEU A 275 5.96 -6.71 6.16
CA LEU A 275 5.95 -5.41 6.86
C LEU A 275 4.98 -5.42 8.06
N ALA A 276 3.79 -6.00 7.88
CA ALA A 276 2.76 -6.14 8.90
C ALA A 276 3.14 -7.14 10.01
N THR A 277 4.03 -8.09 9.71
CA THR A 277 4.54 -9.09 10.66
C THR A 277 5.74 -8.49 11.43
N MET A 278 6.64 -7.76 10.74
CA MET A 278 7.90 -7.25 11.30
C MET A 278 7.70 -6.00 12.17
N ASN A 279 6.80 -5.09 11.79
CA ASN A 279 6.59 -3.78 12.42
C ASN A 279 5.10 -3.49 12.62
N VAL A 280 4.66 -2.26 12.31
CA VAL A 280 3.30 -1.73 12.48
C VAL A 280 2.22 -2.60 11.78
N PRO A 281 1.05 -2.84 12.42
CA PRO A 281 0.02 -3.75 11.89
C PRO A 281 -0.79 -3.10 10.76
N ALA A 282 -0.98 -3.82 9.65
CA ALA A 282 -1.80 -3.42 8.50
C ALA A 282 -3.23 -3.99 8.60
N GLY A 283 -3.50 -4.85 9.59
CA GLY A 283 -4.75 -5.57 9.80
C GLY A 283 -4.49 -7.09 9.77
N PRO A 284 -4.34 -7.76 10.93
CA PRO A 284 -4.18 -9.22 11.02
C PRO A 284 -5.33 -9.97 10.32
N ALA A 285 -5.00 -10.78 9.31
CA ALA A 285 -5.90 -11.70 8.60
C ALA A 285 -6.94 -10.98 7.70
N GLY A 286 -6.55 -9.84 7.11
CA GLY A 286 -7.35 -9.03 6.21
C GLY A 286 -7.29 -7.55 6.59
N GLY A 287 -7.00 -6.69 5.61
CA GLY A 287 -6.73 -5.26 5.79
C GLY A 287 -7.74 -4.34 5.10
N GLN A 288 -8.68 -4.88 4.32
CA GLN A 288 -9.70 -4.10 3.60
C GLN A 288 -10.79 -3.59 4.58
N GLN A 289 -11.11 -4.41 5.60
CA GLN A 289 -12.12 -4.09 6.61
C GLN A 289 -11.62 -3.02 7.61
N VAL A 290 -10.31 -2.76 7.60
CA VAL A 290 -9.64 -1.68 8.34
C VAL A 290 -9.77 -0.35 7.56
N ASP A 291 -10.43 -0.33 6.40
CA ASP A 291 -10.91 0.89 5.71
C ASP A 291 -12.45 0.92 5.71
N LEU A 292 -13.13 -0.22 5.46
CA LEU A 292 -14.59 -0.35 5.52
C LEU A 292 -15.17 -0.19 6.95
N ALA A 293 -14.33 -0.09 7.99
CA ALA A 293 -14.67 0.38 9.33
C ALA A 293 -15.22 1.82 9.37
N SER A 294 -15.00 2.60 8.30
CA SER A 294 -15.59 3.92 8.08
C SER A 294 -17.06 3.82 7.59
N VAL A 295 -17.49 2.65 7.08
CA VAL A 295 -18.87 2.33 6.71
C VAL A 295 -19.51 1.60 7.91
N LEU A 296 -18.83 0.56 8.44
CA LEU A 296 -19.22 -0.25 9.58
C LEU A 296 -18.76 0.47 10.87
N THR A 297 -19.34 1.64 11.15
CA THR A 297 -18.95 2.57 12.22
C THR A 297 -19.25 2.03 13.64
N PRO A 298 -18.51 2.51 14.69
CA PRO A 298 -18.64 2.09 16.10
C PRO A 298 -20.07 1.91 16.66
N GLU A 299 -20.98 2.87 16.42
CA GLU A 299 -22.35 2.84 16.91
C GLU A 299 -23.21 1.69 16.32
N ILE A 300 -22.82 1.12 15.17
CA ILE A 300 -23.50 0.00 14.51
C ILE A 300 -22.89 -1.32 15.02
N MET A 301 -21.56 -1.37 15.17
CA MET A 301 -20.82 -2.59 15.53
C MET A 301 -20.77 -2.83 17.05
N ALA A 302 -20.97 -1.79 17.86
CA ALA A 302 -21.06 -1.79 19.33
C ALA A 302 -21.75 -3.00 20.01
N PRO A 303 -23.04 -3.30 19.74
CA PRO A 303 -23.72 -4.46 20.34
C PRO A 303 -23.31 -5.81 19.72
N ILE A 304 -22.68 -5.81 18.53
CA ILE A 304 -22.19 -7.01 17.85
C ILE A 304 -20.87 -7.44 18.53
N LEU A 305 -19.94 -6.49 18.68
CA LEU A 305 -18.61 -6.71 19.26
C LEU A 305 -18.65 -6.96 20.78
N ALA A 306 -19.71 -6.51 21.47
CA ALA A 306 -19.91 -6.69 22.91
C ALA A 306 -20.50 -8.07 23.26
N ASN A 307 -20.81 -8.92 22.27
CA ASN A 307 -21.37 -10.25 22.46
C ASN A 307 -20.23 -11.25 22.73
N ALA A 308 -20.38 -12.09 23.75
CA ALA A 308 -19.36 -13.02 24.26
C ALA A 308 -18.82 -13.99 23.19
N ASP A 309 -19.70 -14.50 22.32
CA ASP A 309 -19.38 -15.44 21.24
C ASP A 309 -18.60 -14.78 20.08
N VAL A 310 -18.52 -13.44 20.04
CA VAL A 310 -17.65 -12.67 19.15
C VAL A 310 -16.36 -12.34 19.92
N GLN A 311 -16.44 -11.90 21.19
CA GLN A 311 -15.30 -11.58 22.06
C GLN A 311 -14.30 -12.74 22.20
N GLU A 312 -14.79 -13.97 22.39
CA GLU A 312 -13.99 -15.19 22.49
C GLU A 312 -13.27 -15.59 21.19
N ARG A 313 -13.64 -14.98 20.04
CA ARG A 313 -12.93 -15.14 18.77
C ARG A 313 -11.91 -14.00 18.63
N LEU A 314 -12.28 -12.76 18.97
CA LEU A 314 -11.45 -11.56 18.81
C LEU A 314 -10.28 -11.52 19.81
N LEU A 315 -10.57 -11.62 21.12
CA LEU A 315 -9.61 -11.48 22.22
C LEU A 315 -8.35 -12.38 22.16
N PRO A 316 -8.40 -13.68 21.79
CA PRO A 316 -7.16 -14.48 21.60
C PRO A 316 -6.44 -14.22 20.26
N TYR A 317 -7.07 -13.62 19.25
CA TYR A 317 -6.53 -13.46 17.90
C TYR A 317 -5.77 -12.12 17.72
N LEU A 318 -5.97 -11.12 18.59
CA LEU A 318 -5.15 -9.90 18.61
C LEU A 318 -3.73 -10.18 19.20
N PRO A 319 -2.71 -9.32 18.93
CA PRO A 319 -1.34 -9.44 19.45
C PRO A 319 -1.17 -9.72 20.97
N SER A 320 -2.11 -9.29 21.82
CA SER A 320 -2.22 -9.61 23.24
C SER A 320 -1.42 -8.65 24.14
N GLY A 321 -1.28 -7.39 23.70
CA GLY A 321 -0.63 -6.30 24.45
C GLY A 321 -1.64 -5.25 24.91
N GLU A 322 -2.82 -5.20 24.28
CA GLU A 322 -4.00 -4.42 24.61
C GLU A 322 -5.24 -5.28 24.27
N SER A 323 -6.42 -4.86 24.72
CA SER A 323 -7.72 -5.47 24.44
C SER A 323 -8.74 -4.35 24.16
N LEU A 324 -9.75 -4.62 23.33
CA LEU A 324 -10.89 -3.73 23.08
C LEU A 324 -11.86 -3.73 24.30
N PRO A 325 -12.67 -2.66 24.52
CA PRO A 325 -13.75 -2.64 25.52
C PRO A 325 -14.75 -3.80 25.37
N GLN A 326 -15.46 -4.15 26.46
CA GLN A 326 -16.33 -5.34 26.56
C GLN A 326 -17.77 -4.99 26.96
N THR A 327 -18.17 -3.72 26.79
CA THR A 327 -19.54 -3.22 26.92
C THR A 327 -19.78 -2.23 25.76
N ALA A 328 -20.95 -2.35 25.10
CA ALA A 328 -21.31 -1.68 23.84
C ALA A 328 -21.15 -0.16 23.86
N ASP A 329 -21.54 0.48 24.96
CA ASP A 329 -21.45 1.92 25.21
C ASP A 329 -20.00 2.43 25.13
N GLU A 330 -19.04 1.64 25.62
CA GLU A 330 -17.62 1.98 25.65
C GLU A 330 -16.93 1.62 24.33
N ILE A 331 -17.41 0.62 23.59
CA ILE A 331 -16.96 0.31 22.22
C ILE A 331 -17.35 1.46 21.27
N GLN A 332 -18.54 2.06 21.48
CA GLN A 332 -19.03 3.20 20.72
C GLN A 332 -18.26 4.50 21.07
N ASN A 333 -18.11 4.82 22.36
CA ASN A 333 -17.71 6.16 22.82
C ASN A 333 -16.26 6.26 23.33
N THR A 334 -15.63 5.15 23.73
CA THR A 334 -14.45 5.17 24.60
C THR A 334 -13.31 4.33 23.97
N LEU A 335 -12.94 4.65 22.73
CA LEU A 335 -11.73 4.16 22.08
C LEU A 335 -11.14 5.23 21.14
N THR A 336 -9.82 5.16 20.94
CA THR A 336 -9.01 6.17 20.25
C THR A 336 -8.93 5.88 18.73
N SER A 337 -9.54 4.78 18.26
CA SER A 337 -9.60 4.20 16.92
C SER A 337 -8.82 2.87 16.70
N PRO A 338 -7.49 2.78 16.94
CA PRO A 338 -6.67 1.58 16.69
C PRO A 338 -7.25 0.21 17.07
N GLN A 339 -7.83 0.06 18.28
CA GLN A 339 -8.40 -1.20 18.73
C GLN A 339 -9.72 -1.58 18.04
N PHE A 340 -10.50 -0.60 17.56
CA PHE A 340 -11.72 -0.85 16.77
C PHE A 340 -11.31 -1.28 15.36
N GLN A 341 -10.38 -0.52 14.77
CA GLN A 341 -9.80 -0.71 13.46
C GLN A 341 -9.06 -2.06 13.35
N GLN A 342 -8.42 -2.51 14.44
CA GLN A 342 -7.82 -3.83 14.60
C GLN A 342 -8.91 -4.92 14.75
N ALA A 343 -9.92 -4.71 15.62
CA ALA A 343 -11.02 -5.65 15.89
C ALA A 343 -11.80 -6.06 14.63
N LEU A 344 -12.02 -5.11 13.71
CA LEU A 344 -12.61 -5.36 12.39
C LEU A 344 -11.74 -6.28 11.49
N GLY A 345 -10.47 -6.52 11.81
CA GLY A 345 -9.59 -7.39 11.04
C GLY A 345 -9.72 -8.85 11.54
N MET A 346 -9.87 -9.05 12.85
CA MET A 346 -10.22 -10.35 13.44
C MET A 346 -11.66 -10.75 13.08
N PHE A 347 -12.57 -9.76 12.96
CA PHE A 347 -13.93 -9.92 12.44
C PHE A 347 -13.89 -10.38 10.96
N SER A 348 -13.10 -9.69 10.12
CA SER A 348 -12.88 -9.99 8.71
C SER A 348 -12.38 -11.43 8.48
N ALA A 349 -11.54 -11.97 9.37
CA ALA A 349 -10.98 -13.31 9.29
C ALA A 349 -12.07 -14.39 9.41
N ALA A 350 -12.98 -14.23 10.37
CA ALA A 350 -14.10 -15.15 10.61
C ALA A 350 -15.20 -14.95 9.54
N LEU A 351 -15.43 -13.70 9.12
CA LEU A 351 -16.39 -13.31 8.08
C LEU A 351 -15.98 -13.88 6.71
N ALA A 352 -14.67 -13.90 6.39
CA ALA A 352 -14.11 -14.47 5.17
C ALA A 352 -14.11 -16.00 5.19
N SER A 353 -13.96 -16.61 6.37
CA SER A 353 -13.96 -18.07 6.54
C SER A 353 -15.39 -18.63 6.42
N GLY A 354 -16.40 -17.90 6.89
CA GLY A 354 -17.82 -18.25 6.81
C GLY A 354 -18.41 -18.67 8.16
N GLN A 355 -17.56 -18.80 9.19
CA GLN A 355 -17.87 -19.35 10.50
C GLN A 355 -18.52 -18.30 11.44
N LEU A 356 -18.54 -17.03 11.04
CA LEU A 356 -19.15 -15.93 11.80
C LEU A 356 -20.67 -15.90 11.53
N GLY A 357 -21.08 -16.20 10.30
CA GLY A 357 -22.42 -16.49 9.77
C GLY A 357 -23.54 -16.76 10.80
N PRO A 358 -23.53 -17.93 11.49
CA PRO A 358 -24.48 -18.30 12.55
C PRO A 358 -24.79 -17.24 13.63
N LEU A 359 -23.84 -16.37 14.00
CA LEU A 359 -24.06 -15.30 14.97
C LEU A 359 -24.78 -14.11 14.30
N MET A 360 -24.46 -13.81 13.03
CA MET A 360 -25.06 -12.72 12.26
C MET A 360 -26.57 -12.95 12.03
N CYS A 361 -27.00 -14.22 11.99
CA CYS A 361 -28.39 -14.67 11.96
C CYS A 361 -29.17 -14.29 13.24
N GLN A 362 -28.49 -14.17 14.40
CA GLN A 362 -29.12 -14.01 15.71
C GLN A 362 -29.29 -12.52 16.08
N PHE A 363 -28.46 -11.62 15.50
CA PHE A 363 -28.50 -10.18 15.78
C PHE A 363 -29.62 -9.48 14.99
N GLY A 364 -30.01 -10.00 13.82
CA GLY A 364 -31.13 -9.50 13.02
C GLY A 364 -30.66 -8.70 11.79
N LEU A 365 -29.42 -8.90 11.35
CA LEU A 365 -28.78 -8.22 10.22
C LEU A 365 -29.44 -8.55 8.85
N PRO A 366 -29.23 -7.72 7.80
CA PRO A 366 -29.79 -7.92 6.44
C PRO A 366 -29.57 -9.33 5.87
N ALA A 367 -30.55 -9.86 5.13
CA ALA A 367 -30.53 -11.20 4.53
C ALA A 367 -29.29 -11.43 3.64
N GLU A 368 -28.92 -10.43 2.85
CA GLU A 368 -27.76 -10.42 1.97
C GLU A 368 -26.44 -10.36 2.76
N ALA A 369 -26.42 -9.70 3.92
CA ALA A 369 -25.26 -9.61 4.81
C ALA A 369 -25.08 -10.93 5.56
N VAL A 370 -26.18 -11.54 6.04
CA VAL A 370 -26.22 -12.85 6.68
C VAL A 370 -25.79 -13.96 5.71
N GLU A 371 -26.23 -13.91 4.43
CA GLU A 371 -25.77 -14.82 3.38
C GLU A 371 -24.26 -14.63 3.13
N ALA A 372 -23.78 -13.39 2.95
CA ALA A 372 -22.38 -13.03 2.76
C ALA A 372 -21.48 -13.58 3.89
N ALA A 373 -21.91 -13.41 5.16
CA ALA A 373 -21.18 -13.84 6.35
C ALA A 373 -21.14 -15.37 6.54
N ASN A 374 -22.11 -16.11 5.97
CA ASN A 374 -22.15 -17.57 5.98
C ASN A 374 -21.36 -18.14 4.79
N LYS A 375 -21.47 -17.52 3.60
CA LYS A 375 -20.83 -17.97 2.37
C LYS A 375 -19.33 -17.63 2.32
N GLY A 376 -18.90 -16.55 2.99
CA GLY A 376 -17.49 -16.19 3.17
C GLY A 376 -17.11 -14.89 2.46
N ASP A 377 -18.07 -14.01 2.17
CA ASP A 377 -17.88 -12.77 1.42
C ASP A 377 -17.80 -11.59 2.41
N VAL A 378 -16.70 -10.83 2.35
CA VAL A 378 -16.45 -9.62 3.14
C VAL A 378 -16.81 -8.36 2.32
N GLU A 379 -16.87 -8.47 0.99
CA GLU A 379 -16.98 -7.35 0.06
C GLU A 379 -18.42 -6.83 0.00
N ALA A 380 -19.40 -7.74 -0.07
CA ALA A 380 -20.83 -7.41 -0.18
C ALA A 380 -21.45 -7.05 1.18
N PHE A 381 -20.84 -7.50 2.29
CA PHE A 381 -21.32 -7.35 3.67
C PHE A 381 -21.56 -5.88 4.05
N ALA A 382 -20.59 -5.00 3.75
CA ALA A 382 -20.64 -3.57 4.06
C ALA A 382 -21.68 -2.83 3.19
N LYS A 383 -21.90 -3.30 1.95
CA LYS A 383 -22.86 -2.70 1.01
C LYS A 383 -24.30 -3.09 1.40
N ALA A 384 -24.52 -4.35 1.83
CA ALA A 384 -25.78 -4.86 2.35
C ALA A 384 -26.20 -4.15 3.64
N MET A 385 -25.21 -3.85 4.51
CA MET A 385 -25.38 -3.03 5.70
C MET A 385 -25.76 -1.57 5.31
N GLN A 386 -24.95 -0.92 4.47
CA GLN A 386 -25.09 0.49 4.10
C GLN A 386 -26.43 0.82 3.39
N ASN A 387 -26.96 -0.13 2.60
CA ASN A 387 -28.27 -0.01 1.95
C ASN A 387 -29.43 -0.14 2.94
N ASN A 388 -29.27 -0.89 4.04
CA ASN A 388 -30.26 -1.08 5.10
C ASN A 388 -30.16 0.06 6.14
N ALA A 389 -28.99 0.71 6.25
CA ALA A 389 -28.73 1.85 7.14
C ALA A 389 -29.47 3.13 6.71
N LYS A 390 -29.89 3.21 5.44
CA LYS A 390 -30.78 4.26 4.92
C LYS A 390 -32.23 3.98 5.39
N PRO A 391 -32.97 4.97 5.92
CA PRO A 391 -34.31 4.75 6.49
C PRO A 391 -35.42 4.53 5.45
N GLU A 392 -35.28 5.11 4.26
CA GLU A 392 -36.14 5.02 3.07
C GLU A 392 -37.32 6.01 3.15
N GLN A 393 -37.40 6.94 2.19
CA GLN A 393 -38.33 8.07 2.18
C GLN A 393 -39.73 7.73 1.61
N LYS A 394 -40.00 6.45 1.32
CA LYS A 394 -41.27 5.98 0.74
C LYS A 394 -42.42 5.97 1.76
N GLU A 395 -42.08 5.83 3.06
CA GLU A 395 -42.96 5.98 4.22
C GLU A 395 -43.93 4.78 4.40
N GLY A 396 -43.52 3.59 3.95
CA GLY A 396 -44.27 2.33 4.04
C GLY A 396 -43.50 1.33 4.89
N ASP A 397 -44.16 0.78 5.92
CA ASP A 397 -43.69 -0.18 6.92
C ASP A 397 -42.88 0.49 8.04
N THR A 398 -43.00 -0.03 9.26
CA THR A 398 -42.29 0.42 10.46
C THR A 398 -42.19 -0.74 11.46
N LYS A 399 -41.77 -0.46 12.69
CA LYS A 399 -41.71 -1.36 13.83
C LYS A 399 -42.14 -0.54 15.06
N ASP A 400 -43.03 -1.10 15.88
CA ASP A 400 -43.61 -0.43 17.06
C ASP A 400 -42.64 -0.53 18.24
N LYS A 401 -42.41 0.60 18.90
CA LYS A 401 -41.78 0.71 20.22
C LYS A 401 -42.90 0.80 21.29
N LYS A 402 -42.53 0.80 22.58
CA LYS A 402 -43.45 1.09 23.68
C LYS A 402 -43.78 2.59 23.69
N ASP A 403 -45.08 2.92 23.61
CA ASP A 403 -45.61 4.28 23.39
C ASP A 403 -47.07 4.44 23.87
N GLU A 404 -47.72 3.37 24.35
CA GLU A 404 -49.16 3.31 24.62
C GLU A 404 -49.57 3.96 25.95
N GLU A 405 -48.61 4.13 26.88
CA GLU A 405 -48.72 4.52 28.29
C GLU A 405 -49.23 3.32 29.11
N GLU A 406 -48.42 2.84 30.06
CA GLU A 406 -48.77 1.79 31.01
C GLU A 406 -49.45 2.47 32.21
N ASP A 407 -50.78 2.52 32.21
CA ASP A 407 -51.65 3.13 33.22
C ASP A 407 -52.98 2.36 33.29
N MET A 408 -53.86 2.76 34.20
CA MET A 408 -55.19 2.21 34.46
C MET A 408 -56.24 3.32 34.68
N SER A 409 -55.85 4.60 34.60
CA SER A 409 -56.72 5.77 34.76
C SER A 409 -57.65 5.94 33.54
N LEU A 410 -58.76 6.67 33.74
CA LEU A 410 -59.76 7.09 32.74
C LEU A 410 -60.82 5.99 32.52
N ASP A 411 -61.56 5.65 33.58
CA ASP A 411 -62.66 4.67 33.66
C ASP A 411 -62.11 3.28 33.94
#